data_6HCG
#
_entry.id   6HCG
#
_cell.length_a   1.00
_cell.length_b   1.00
_cell.length_c   1.00
_cell.angle_alpha   90.00
_cell.angle_beta   90.00
_cell.angle_gamma   90.00
#
_symmetry.space_group_name_H-M   'P 1'
#
loop_
_entity.id
_entity.type
_entity.pdbx_description
1 polymer 'Type II secretion system protein D'
2 polymer Pullulanase
3 polymer 'Pectic enzymes secretion protein OutC'
#
loop_
_entity_poly.entity_id
_entity_poly.type
_entity_poly.pdbx_seq_one_letter_code
_entity_poly.pdbx_strand_id
1 'polypeptide(L)'
;MKSLRKMLPALLILTPLLFSPAAAEEFSASFKGTDIQEFINTVSKNLNKTVIIDPSVRGTITVRSYDMLNEEQYYQFFLS
VLDVYGFAVINMNNGVLKVVRAKDAKTSAVPVASAAAPGEGDEVVTRVVPLTNVAARDLAPLLRQLNDNAGAGSVVHYEP
SNVLLMTGRAAVIKRLLTIVERVDNAGDRSVVTVPLSWASAAEVVKLVTELNKDTSKSALPGSMVANVVADERTNAVLVS
GEPNSRQRIIAMIKQLDRQQAVQGNTKVIYLKYAKAADLVEVLTGISSSLQSDKQSARPVAAIDKNIIIKAHGQTNALIV
TAAPDVMNDLERVIAQLDIRRPQVLVEAIIAEVQDADGLNLGIQWANKNAGMTQFTNSGLPISTAIAGANQYNKDGTISS
SLASALGSFNGIAAGFYQGNWAMLLTALSSSTKNDILATPSIVTLDNMQATFNVGQEVPVLTGSQTTSGDNIFNTVERKT
VGIKLKVKPQINEGDAVLLEIEQEVSSVADSASSTSSDLGATFNTRTVNNAVLVGSGETVVVGGLLDKTVTDTADKVPLL
GDIPVIGALFRSDSKKVSKRNLMLFIRPTIIRDRDEYRQASSGQYTAFNNAQTKQRGKESSEASLSNDLLHIYPQQETQA
FRQVSAAIDAFNLGGRP
;
A,B,C,D,E,F,G,H,I,J,K,L,M,N,O
2 'polypeptide(L)'
;MIHYFDYSMMRIPLIFPLCMVALLSGCQQKPASTLSPAISSQAQLEQLSSVAAGTRYLKNKCNRSDLPADETIYRAAVNV
GKARGWGNIDVATLSQNSDRLYQQLLQDSTPEATQCSQFNRQLAPFIASLRSDGSDYKDDDDK
;
P,Q,R,S,T,U,V,W,X,Y,Z,a,b,c,d
3 'polypeptide(L)'
;MPVSVMRLTNINKGIIKLLPQIVTLIILITAIPQLAKLTWRVVFPVSPEDISALPLTMPPAADPELKNVRPAFTLFGLAV
KNSPTPTDAASLNQVPVSSLKLRLAGLLASSNPARSIAIIEKGNQQVSLSTGDPLPGYDARIAAILPDRIIVNYQGRKEA
ILLFNDSRAPSPPPTAAGNPPLVKRLREQPQNILTYLSISPVLSGDKLLGYRLNPGKDASLFRQSGLQANDLAIALNGID
LRDQEQAQQALQNLADMTEITLTVEREGQRHDIAFALGDE
;
e,f,g,h,i,j,k,l,m,n,o,p,q,r,s
#
# COMPACT_ATOMS: atom_id res chain seq x y z
N SER A 28 92.57 59.02 -31.92
CA SER A 28 92.76 57.62 -31.57
C SER A 28 92.53 57.45 -30.08
N ALA A 29 92.00 56.29 -29.71
CA ALA A 29 91.61 56.02 -28.33
C ALA A 29 92.77 55.42 -27.54
N SER A 30 93.85 56.23 -27.41
CA SER A 30 95.04 55.77 -26.70
C SER A 30 95.02 56.28 -25.27
N PHE A 31 94.33 55.54 -24.40
CA PHE A 31 94.19 55.91 -23.01
C PHE A 31 94.83 54.85 -22.12
N LYS A 32 95.82 55.27 -21.34
CA LYS A 32 96.54 54.37 -20.45
C LYS A 32 96.35 54.79 -19.01
N GLY A 33 95.74 53.90 -18.22
CA GLY A 33 95.47 54.16 -16.82
C GLY A 33 94.70 55.42 -16.57
N THR A 34 94.03 55.95 -17.58
CA THR A 34 93.34 57.23 -17.46
C THR A 34 92.15 57.11 -16.51
N ASP A 35 92.05 58.04 -15.55
CA ASP A 35 90.94 58.01 -14.62
C ASP A 35 89.62 58.32 -15.32
N ILE A 36 88.56 57.66 -14.83
CA ILE A 36 87.24 57.85 -15.42
C ILE A 36 86.84 59.31 -15.36
N GLN A 37 87.25 60.03 -14.32
CA GLN A 37 86.93 61.45 -14.24
C GLN A 37 87.62 62.24 -15.34
N GLU A 38 88.95 62.17 -15.39
CA GLU A 38 89.64 62.82 -16.49
C GLU A 38 89.28 62.22 -17.84
N PHE A 39 88.73 61.00 -17.85
CA PHE A 39 88.18 60.43 -19.07
C PHE A 39 87.00 61.26 -19.56
N ILE A 40 86.01 61.49 -18.70
CA ILE A 40 84.86 62.28 -19.08
C ILE A 40 85.26 63.74 -19.32
N ASN A 41 86.19 64.23 -18.52
CA ASN A 41 86.54 65.64 -18.56
C ASN A 41 87.46 65.97 -19.71
N THR A 42 88.10 64.98 -20.31
CA THR A 42 88.95 65.17 -21.48
C THR A 42 88.25 64.76 -22.78
N VAL A 43 87.76 63.52 -22.83
CA VAL A 43 86.96 63.07 -23.96
C VAL A 43 85.79 64.03 -24.18
N SER A 44 85.17 64.50 -23.10
CA SER A 44 84.16 65.56 -23.22
C SER A 44 84.71 66.75 -23.98
N LYS A 45 85.86 67.25 -23.55
CA LYS A 45 86.51 68.37 -24.25
C LYS A 45 86.57 68.11 -25.75
N ASN A 46 87.08 66.94 -26.12
CA ASN A 46 87.17 66.60 -27.55
C ASN A 46 85.82 66.56 -28.21
N LEU A 47 84.82 66.02 -27.51
CA LEU A 47 83.48 65.92 -28.06
C LEU A 47 82.82 67.28 -28.13
N ASN A 48 83.14 68.18 -27.19
CA ASN A 48 82.61 69.53 -27.11
C ASN A 48 81.19 69.57 -26.54
N LYS A 49 80.81 68.55 -25.80
CA LYS A 49 79.49 68.46 -25.20
C LYS A 49 79.56 68.56 -23.68
N THR A 50 78.58 69.27 -23.09
CA THR A 50 78.52 69.44 -21.64
C THR A 50 78.25 68.08 -20.98
N VAL A 51 78.67 67.93 -19.73
CA VAL A 51 78.36 66.68 -19.06
C VAL A 51 78.42 66.85 -17.56
N ILE A 52 77.42 66.33 -16.85
CA ILE A 52 77.41 66.37 -15.40
C ILE A 52 77.68 64.96 -14.87
N ILE A 53 78.75 64.83 -14.11
CA ILE A 53 79.12 63.60 -13.45
C ILE A 53 78.45 63.59 -12.09
N ASP A 54 78.08 62.40 -11.61
CA ASP A 54 77.59 62.27 -10.25
C ASP A 54 78.66 61.69 -9.33
N PRO A 55 78.52 61.86 -7.99
CA PRO A 55 79.55 61.33 -7.11
C PRO A 55 79.57 59.80 -7.08
N SER A 56 80.41 59.25 -6.20
CA SER A 56 80.52 57.81 -6.02
C SER A 56 80.91 57.13 -7.33
N VAL A 57 81.68 57.82 -8.15
CA VAL A 57 82.15 57.33 -9.43
C VAL A 57 83.67 57.33 -9.34
N ARG A 58 84.26 56.19 -9.02
CA ARG A 58 85.70 56.11 -8.74
C ARG A 58 86.27 54.95 -9.52
N GLY A 59 87.27 55.22 -10.35
CA GLY A 59 87.88 54.16 -11.11
C GLY A 59 88.68 54.71 -12.28
N THR A 60 89.09 53.78 -13.16
CA THR A 60 89.99 54.07 -14.27
C THR A 60 89.87 52.97 -15.31
N ILE A 61 90.40 53.26 -16.50
CA ILE A 61 90.47 52.31 -17.58
C ILE A 61 91.90 52.30 -18.09
N THR A 62 92.15 51.46 -19.08
CA THR A 62 93.39 51.50 -19.84
C THR A 62 93.18 50.70 -21.10
N VAL A 63 93.73 51.21 -22.20
CA VAL A 63 93.46 50.59 -23.48
C VAL A 63 94.45 51.11 -24.50
N ARG A 64 94.89 50.24 -25.42
CA ARG A 64 95.65 50.67 -26.57
C ARG A 64 94.81 50.50 -27.82
N SER A 65 94.76 51.55 -28.64
CA SER A 65 94.00 51.52 -29.88
C SER A 65 94.94 51.85 -31.03
N TYR A 66 94.67 51.21 -32.16
CA TYR A 66 95.47 51.38 -33.36
C TYR A 66 94.79 52.20 -34.44
N ASP A 67 93.47 52.12 -34.56
CA ASP A 67 92.70 52.88 -35.54
C ASP A 67 92.02 54.09 -34.91
N MET A 68 91.68 55.05 -35.76
CA MET A 68 91.18 56.35 -35.31
C MET A 68 89.66 56.37 -35.28
N LEU A 69 89.09 56.98 -34.22
CA LEU A 69 87.66 56.92 -33.93
C LEU A 69 87.18 58.29 -33.51
N ASN A 70 86.93 59.20 -34.46
CA ASN A 70 86.25 60.44 -34.12
C ASN A 70 84.88 60.63 -34.76
N GLU A 71 84.63 60.06 -35.95
CA GLU A 71 83.47 60.53 -36.69
C GLU A 71 82.17 60.20 -35.96
N GLU A 72 81.81 58.93 -35.88
CA GLU A 72 80.62 58.54 -35.13
C GLU A 72 81.05 57.46 -34.15
N GLN A 73 82.09 56.73 -34.53
CA GLN A 73 82.55 55.64 -33.70
C GLN A 73 83.21 56.17 -32.44
N TYR A 74 83.50 57.46 -32.41
CA TYR A 74 83.94 58.14 -31.19
C TYR A 74 82.88 58.02 -30.08
N TYR A 75 81.74 58.67 -30.30
CA TYR A 75 80.64 58.60 -29.33
C TYR A 75 80.19 57.15 -29.14
N GLN A 76 80.20 56.36 -30.21
CA GLN A 76 79.84 54.97 -30.11
C GLN A 76 80.68 54.26 -29.05
N PHE A 77 81.99 54.23 -29.29
CA PHE A 77 82.89 53.49 -28.41
C PHE A 77 82.97 54.12 -27.04
N PHE A 78 82.83 55.44 -26.95
CA PHE A 78 82.76 56.11 -25.67
C PHE A 78 81.69 55.49 -24.80
N LEU A 79 80.45 55.49 -25.31
CA LEU A 79 79.37 54.88 -24.56
C LEU A 79 79.60 53.40 -24.30
N SER A 80 80.26 52.70 -25.24
CA SER A 80 80.58 51.31 -24.96
C SER A 80 81.48 51.17 -23.74
N VAL A 81 82.47 52.06 -23.60
CA VAL A 81 83.39 51.95 -22.49
C VAL A 81 82.69 52.21 -21.19
N LEU A 82 81.86 53.26 -21.15
CA LEU A 82 81.03 53.46 -19.99
C LEU A 82 80.18 52.23 -19.70
N ASP A 83 79.77 51.52 -20.74
CA ASP A 83 78.94 50.35 -20.58
C ASP A 83 79.68 49.20 -19.93
N VAL A 84 80.98 49.07 -20.18
CA VAL A 84 81.72 47.94 -19.64
C VAL A 84 81.70 47.96 -18.12
N TYR A 85 82.09 49.09 -17.54
CA TYR A 85 82.02 49.20 -16.09
C TYR A 85 80.60 49.21 -15.56
N GLY A 86 79.61 49.28 -16.47
CA GLY A 86 78.25 49.37 -16.03
C GLY A 86 77.84 50.73 -15.53
N PHE A 87 78.75 51.68 -15.37
CA PHE A 87 78.35 53.05 -15.12
C PHE A 87 77.65 53.54 -16.38
N ALA A 88 76.39 53.89 -16.27
CA ALA A 88 75.59 54.12 -17.45
C ALA A 88 75.29 55.60 -17.58
N VAL A 89 74.99 56.01 -18.79
CA VAL A 89 74.65 57.40 -19.05
C VAL A 89 73.42 57.48 -19.97
N ILE A 90 72.69 58.58 -19.82
CA ILE A 90 71.55 58.93 -20.64
C ILE A 90 71.78 60.30 -21.26
N ASN A 91 71.56 60.42 -22.56
CA ASN A 91 71.77 61.69 -23.25
C ASN A 91 70.44 62.36 -23.50
N MET A 92 70.47 63.69 -23.55
CA MET A 92 69.26 64.47 -23.71
C MET A 92 69.40 65.38 -24.92
N ASN A 93 68.32 66.06 -25.28
CA ASN A 93 68.25 66.82 -26.50
C ASN A 93 68.77 68.25 -26.30
N ASN A 94 68.17 68.97 -25.37
CA ASN A 94 68.53 70.37 -25.12
C ASN A 94 69.94 70.49 -24.52
N GLY A 95 70.20 69.74 -23.46
CA GLY A 95 71.54 69.62 -22.94
C GLY A 95 72.09 68.23 -23.25
N VAL A 96 73.34 68.01 -22.89
CA VAL A 96 74.02 66.76 -23.21
C VAL A 96 73.74 65.75 -22.09
N LEU A 97 74.34 64.58 -22.21
CA LEU A 97 74.08 63.44 -21.35
C LEU A 97 74.52 63.71 -19.91
N LYS A 98 74.32 62.69 -19.07
CA LYS A 98 74.66 62.70 -17.66
C LYS A 98 75.14 61.32 -17.29
N VAL A 99 75.73 61.19 -16.11
CA VAL A 99 76.24 59.93 -15.58
C VAL A 99 75.45 59.59 -14.33
N VAL A 100 74.88 58.39 -14.31
CA VAL A 100 74.11 57.94 -13.16
C VAL A 100 74.86 56.84 -12.42
N ARG A 101 74.54 56.72 -11.15
CA ARG A 101 75.03 55.64 -10.30
C ARG A 101 73.92 54.64 -9.96
N ALA A 102 72.66 54.93 -10.32
CA ALA A 102 71.53 54.03 -10.14
C ALA A 102 71.39 53.02 -11.28
N LYS A 103 71.99 53.30 -12.43
CA LYS A 103 72.08 52.37 -13.56
C LYS A 103 70.73 51.94 -14.10
N ASP A 104 69.63 52.53 -13.66
CA ASP A 104 68.32 51.98 -14.01
C ASP A 104 67.60 52.87 -15.00
N ALA A 105 66.60 52.25 -15.65
CA ALA A 105 65.62 53.00 -16.42
C ALA A 105 64.76 53.91 -15.53
N LYS A 106 64.76 53.67 -14.23
CA LYS A 106 63.96 54.47 -13.30
C LYS A 106 64.32 55.95 -13.27
N THR A 107 65.35 56.33 -14.02
CA THR A 107 65.79 57.73 -14.08
C THR A 107 64.93 58.81 -14.70
N SER A 108 63.68 58.46 -15.03
CA SER A 108 62.76 59.41 -15.64
C SER A 108 63.14 59.70 -17.09
N ALA A 109 64.14 58.98 -17.59
CA ALA A 109 64.60 59.16 -18.96
C ALA A 109 64.75 57.76 -19.53
N VAL A 110 63.99 57.47 -20.58
CA VAL A 110 64.04 56.16 -21.22
C VAL A 110 63.56 56.31 -22.65
N PRO A 111 64.39 56.73 -23.61
CA PRO A 111 63.88 56.88 -24.98
C PRO A 111 63.52 55.50 -25.52
N VAL A 112 62.27 55.36 -25.95
CA VAL A 112 61.71 54.04 -26.27
C VAL A 112 61.62 53.92 -27.79
N ALA A 113 62.27 52.90 -28.33
CA ALA A 113 62.17 52.62 -29.76
C ALA A 113 60.76 52.15 -30.12
N SER A 114 60.41 52.34 -31.39
CA SER A 114 59.11 51.96 -31.89
C SER A 114 59.23 50.93 -33.02
N ALA A 115 60.24 50.07 -32.94
CA ALA A 115 60.44 48.90 -33.79
C ALA A 115 61.03 49.28 -35.15
N ALA A 116 61.21 50.57 -35.42
CA ALA A 116 61.96 50.97 -36.59
C ALA A 116 63.38 51.40 -36.25
N ALA A 117 63.59 51.99 -35.07
CA ALA A 117 64.93 52.31 -34.59
C ALA A 117 65.34 51.35 -33.49
N PRO A 118 65.99 50.23 -33.81
CA PRO A 118 66.57 49.40 -32.75
C PRO A 118 67.76 50.06 -32.06
N GLY A 119 68.29 51.14 -32.60
CA GLY A 119 69.43 51.76 -31.98
C GLY A 119 70.67 50.91 -32.17
N GLU A 120 71.50 50.86 -31.14
CA GLU A 120 72.72 50.07 -31.15
C GLU A 120 73.10 49.78 -29.71
N GLY A 121 73.89 48.74 -29.50
CA GLY A 121 74.02 48.08 -28.22
C GLY A 121 74.28 49.02 -27.06
N ASP A 122 74.83 50.18 -27.37
CA ASP A 122 75.32 51.06 -26.33
C ASP A 122 74.19 51.69 -25.53
N GLU A 123 73.10 52.09 -26.20
CA GLU A 123 72.09 52.90 -25.53
C GLU A 123 71.09 52.03 -24.77
N VAL A 124 70.31 52.68 -23.92
CA VAL A 124 69.29 52.03 -23.11
C VAL A 124 67.92 52.51 -23.59
N VAL A 125 67.05 51.58 -23.95
CA VAL A 125 65.69 51.90 -24.39
C VAL A 125 64.72 51.19 -23.46
N THR A 126 63.43 51.28 -23.77
CA THR A 126 62.42 50.49 -23.07
C THR A 126 61.40 50.03 -24.11
N ARG A 127 61.48 48.78 -24.49
CA ARG A 127 60.68 48.27 -25.60
C ARG A 127 59.52 47.46 -25.07
N VAL A 128 58.56 47.22 -25.96
CA VAL A 128 57.34 46.53 -25.60
C VAL A 128 56.75 45.88 -26.82
N VAL A 129 56.13 44.73 -26.64
CA VAL A 129 55.46 44.12 -27.78
C VAL A 129 54.20 43.41 -27.28
N PRO A 130 53.08 43.52 -28.00
CA PRO A 130 51.93 42.70 -27.68
C PRO A 130 52.02 41.27 -28.21
N LEU A 131 52.56 40.38 -27.37
CA LEU A 131 52.66 38.97 -27.71
C LEU A 131 51.28 38.33 -27.86
N THR A 132 51.03 37.69 -28.99
CA THR A 132 49.67 37.39 -29.41
C THR A 132 49.27 35.92 -29.32
N ASN A 133 50.18 35.01 -29.04
CA ASN A 133 49.83 33.59 -29.14
C ASN A 133 50.07 32.77 -27.88
N VAL A 134 50.79 33.28 -26.90
CA VAL A 134 51.35 32.46 -25.84
C VAL A 134 51.09 33.13 -24.50
N ALA A 135 50.94 32.32 -23.47
CA ALA A 135 50.89 32.86 -22.12
C ALA A 135 52.18 33.63 -21.85
N ALA A 136 52.03 34.90 -21.48
CA ALA A 136 53.15 35.76 -21.17
C ALA A 136 53.64 35.63 -19.73
N ARG A 137 53.22 34.60 -18.99
CA ARG A 137 53.80 34.40 -17.68
C ARG A 137 55.07 33.55 -17.73
N ASP A 138 55.02 32.39 -18.39
CA ASP A 138 56.08 31.42 -18.16
C ASP A 138 57.41 31.81 -18.81
N LEU A 139 57.37 32.51 -19.93
CA LEU A 139 58.63 32.98 -20.50
C LEU A 139 59.23 34.12 -19.70
N ALA A 140 58.53 34.59 -18.70
CA ALA A 140 58.97 35.72 -17.88
C ALA A 140 60.01 35.28 -16.86
N PRO A 141 59.90 34.13 -16.19
CA PRO A 141 61.00 33.71 -15.35
C PRO A 141 62.24 33.38 -16.15
N LEU A 142 62.06 32.59 -17.22
CA LEU A 142 63.24 32.26 -18.04
C LEU A 142 63.90 33.49 -18.62
N LEU A 143 63.12 34.54 -18.89
CA LEU A 143 63.71 35.72 -19.50
C LEU A 143 64.23 36.69 -18.45
N ARG A 144 63.52 36.81 -17.35
CA ARG A 144 64.04 37.53 -16.21
C ARG A 144 65.31 36.90 -15.67
N GLN A 145 65.56 35.62 -15.97
CA GLN A 145 66.84 35.00 -15.63
C GLN A 145 67.87 35.20 -16.74
N LEU A 146 67.55 34.75 -17.94
CA LEU A 146 68.50 34.84 -19.05
C LEU A 146 69.01 36.26 -19.15
N ASN A 147 68.13 37.22 -18.94
CA ASN A 147 68.42 38.64 -19.03
C ASN A 147 68.29 39.30 -17.66
N ASP A 148 68.72 38.63 -16.61
CA ASP A 148 68.71 39.32 -15.33
C ASP A 148 69.97 40.14 -15.29
N ASN A 149 69.91 41.34 -15.80
CA ASN A 149 71.09 42.18 -15.80
C ASN A 149 71.30 42.66 -14.37
N ALA A 150 72.43 42.33 -13.79
CA ALA A 150 72.65 42.66 -12.39
C ALA A 150 73.18 44.06 -12.20
N GLY A 151 73.08 44.89 -13.21
CA GLY A 151 73.40 46.29 -13.11
C GLY A 151 72.18 47.17 -13.24
N ALA A 152 71.08 46.70 -12.65
CA ALA A 152 69.75 47.35 -12.74
C ALA A 152 69.18 47.22 -14.16
N GLY A 153 69.34 46.04 -14.75
CA GLY A 153 68.80 45.73 -16.07
C GLY A 153 67.28 45.63 -16.06
N SER A 154 66.77 45.23 -17.22
CA SER A 154 65.33 45.23 -17.50
C SER A 154 64.55 44.36 -16.52
N VAL A 155 63.23 44.44 -16.64
CA VAL A 155 62.28 43.60 -15.94
C VAL A 155 61.23 43.12 -16.97
N VAL A 156 60.34 42.26 -16.50
CA VAL A 156 59.33 41.65 -17.36
C VAL A 156 58.02 41.53 -16.61
N HIS A 157 56.94 42.02 -17.21
CA HIS A 157 55.65 41.96 -16.54
C HIS A 157 54.52 41.59 -17.49
N TYR A 158 53.47 41.06 -16.88
CA TYR A 158 52.31 40.57 -17.59
C TYR A 158 51.10 41.44 -17.28
N GLU A 159 50.37 41.84 -18.32
CA GLU A 159 49.05 42.43 -18.16
C GLU A 159 48.04 41.61 -18.94
N PRO A 160 46.78 41.51 -18.49
CA PRO A 160 45.82 40.65 -19.19
C PRO A 160 45.61 41.06 -20.62
N SER A 161 46.13 42.20 -21.03
CA SER A 161 46.22 42.56 -22.43
C SER A 161 47.49 42.05 -23.09
N ASN A 162 48.24 41.17 -22.43
CA ASN A 162 49.41 40.50 -23.00
C ASN A 162 50.46 41.45 -23.48
N VAL A 163 50.54 42.61 -22.85
CA VAL A 163 51.65 43.47 -23.10
C VAL A 163 52.88 42.70 -22.72
N LEU A 164 53.94 42.86 -23.49
CA LEU A 164 55.22 42.28 -23.14
C LEU A 164 56.24 43.39 -23.30
N LEU A 165 56.77 43.85 -22.16
CA LEU A 165 57.57 45.05 -22.09
C LEU A 165 58.89 44.74 -21.42
N MET A 166 59.90 45.53 -21.76
CA MET A 166 61.17 45.44 -21.08
C MET A 166 61.94 46.72 -21.40
N THR A 167 63.01 46.94 -20.67
CA THR A 167 63.89 48.06 -21.01
C THR A 167 65.29 47.62 -21.45
N GLY A 168 66.04 46.92 -20.61
CA GLY A 168 67.28 46.29 -21.02
C GLY A 168 68.28 47.24 -21.63
N ARG A 169 68.92 46.80 -22.70
CA ARG A 169 69.87 47.55 -23.51
C ARG A 169 69.38 47.53 -24.94
N ALA A 170 70.14 48.11 -25.85
CA ALA A 170 69.69 48.13 -27.23
C ALA A 170 70.17 46.90 -28.01
N ALA A 171 71.26 46.30 -27.58
CA ALA A 171 71.70 45.05 -28.19
C ALA A 171 70.82 43.88 -27.76
N VAL A 172 70.45 43.85 -26.49
CA VAL A 172 69.49 42.87 -25.98
C VAL A 172 68.23 42.83 -26.87
N ILE A 173 67.83 43.99 -27.38
CA ILE A 173 66.62 44.05 -28.19
C ILE A 173 66.71 43.04 -29.34
N LYS A 174 67.82 43.05 -30.07
CA LYS A 174 68.02 42.11 -31.17
C LYS A 174 67.78 40.67 -30.73
N ARG A 175 68.49 40.24 -29.68
CA ARG A 175 68.40 38.85 -29.28
C ARG A 175 66.98 38.49 -28.89
N LEU A 176 66.27 39.39 -28.18
CA LEU A 176 64.96 38.97 -27.66
C LEU A 176 63.84 39.06 -28.69
N LEU A 177 63.79 40.16 -29.46
CA LEU A 177 62.96 40.19 -30.65
C LEU A 177 63.11 38.92 -31.46
N THR A 178 64.36 38.56 -31.73
CA THR A 178 64.59 37.31 -32.46
C THR A 178 64.03 36.11 -31.70
N ILE A 179 64.10 36.15 -30.37
CA ILE A 179 63.60 35.03 -29.60
C ILE A 179 62.11 34.86 -29.86
N VAL A 180 61.32 35.88 -29.51
CA VAL A 180 59.87 35.72 -29.62
C VAL A 180 59.46 35.45 -31.05
N GLU A 181 59.99 36.23 -31.99
CA GLU A 181 59.68 36.03 -33.41
C GLU A 181 59.97 34.62 -33.86
N ARG A 182 60.96 33.94 -33.28
CA ARG A 182 61.10 32.54 -33.68
C ARG A 182 60.15 31.64 -32.91
N VAL A 183 60.06 31.82 -31.59
CA VAL A 183 59.28 30.90 -30.77
C VAL A 183 57.78 31.09 -30.98
N ASP A 184 57.33 32.30 -31.26
CA ASP A 184 55.92 32.49 -31.54
C ASP A 184 55.56 32.00 -32.94
N ASN A 185 56.47 32.12 -33.88
CA ASN A 185 56.25 31.65 -35.25
C ASN A 185 56.36 30.15 -35.35
N ALA A 186 56.39 29.44 -34.23
CA ALA A 186 56.47 27.98 -34.24
C ALA A 186 55.06 27.40 -34.36
N GLY A 187 54.53 27.48 -35.57
CA GLY A 187 53.39 26.68 -36.01
C GLY A 187 52.19 26.65 -35.11
N ASP A 188 51.68 27.82 -34.74
CA ASP A 188 50.48 27.92 -33.92
C ASP A 188 49.25 27.42 -34.68
N ARG A 189 48.13 27.39 -33.97
CA ARG A 189 46.90 26.73 -34.42
C ARG A 189 46.55 27.04 -35.87
N SER A 190 46.34 26.00 -36.65
CA SER A 190 45.75 26.12 -37.96
C SER A 190 44.82 24.94 -38.18
N VAL A 191 43.81 25.15 -39.02
CA VAL A 191 42.70 24.21 -39.20
C VAL A 191 42.71 23.69 -40.62
N VAL A 192 42.32 22.42 -40.77
CA VAL A 192 42.14 21.83 -42.10
C VAL A 192 41.28 20.59 -41.92
N THR A 193 40.64 20.16 -43.00
CA THR A 193 39.68 19.08 -42.95
C THR A 193 40.04 18.00 -43.95
N VAL A 194 39.28 16.93 -43.94
CA VAL A 194 39.37 15.90 -44.97
C VAL A 194 37.99 15.35 -45.22
N PRO A 195 37.55 15.28 -46.45
CA PRO A 195 36.29 14.59 -46.71
C PRO A 195 36.45 13.09 -46.58
N LEU A 196 35.42 12.35 -46.89
CA LEU A 196 35.49 10.91 -46.79
C LEU A 196 34.53 10.29 -47.77
N SER A 197 35.03 9.35 -48.58
CA SER A 197 34.24 8.68 -49.60
C SER A 197 33.02 7.94 -49.07
N TRP A 198 33.20 6.87 -48.30
CA TRP A 198 32.06 6.07 -47.92
C TRP A 198 31.98 5.68 -46.45
N ALA A 199 33.08 5.68 -45.70
CA ALA A 199 33.04 5.16 -44.35
C ALA A 199 32.26 6.05 -43.39
N SER A 200 31.93 5.49 -42.24
CA SER A 200 31.20 6.19 -41.20
C SER A 200 32.01 7.35 -40.65
N ALA A 201 31.32 8.44 -40.29
CA ALA A 201 32.02 9.62 -39.74
C ALA A 201 32.12 9.54 -38.22
N ALA A 202 31.00 9.75 -37.53
CA ALA A 202 31.01 9.79 -36.07
C ALA A 202 31.66 8.57 -35.46
N GLU A 203 31.73 7.48 -36.20
CA GLU A 203 32.29 6.26 -35.67
C GLU A 203 33.81 6.33 -35.61
N VAL A 204 34.42 6.98 -36.59
CA VAL A 204 35.88 7.06 -36.63
C VAL A 204 36.40 7.89 -35.47
N VAL A 205 36.04 9.17 -35.42
CA VAL A 205 36.48 10.00 -34.31
C VAL A 205 36.01 9.39 -32.98
N LYS A 206 34.77 8.94 -32.94
CA LYS A 206 34.32 8.10 -31.83
C LYS A 206 35.32 6.99 -31.53
N LEU A 207 36.18 6.63 -32.48
CA LEU A 207 37.24 5.64 -32.24
C LEU A 207 38.65 6.18 -32.50
N VAL A 208 38.89 7.48 -32.38
CA VAL A 208 40.27 7.91 -32.54
C VAL A 208 40.86 8.22 -31.18
N THR A 209 40.06 8.85 -30.31
CA THR A 209 40.51 9.20 -28.99
C THR A 209 40.57 8.00 -28.07
N GLU A 210 40.57 6.81 -28.65
CA GLU A 210 40.83 5.58 -27.92
C GLU A 210 42.13 4.93 -28.36
N LEU A 211 42.52 5.15 -29.60
CA LEU A 211 43.80 4.65 -30.09
C LEU A 211 44.94 5.63 -29.89
N ASN A 212 44.69 6.94 -29.91
CA ASN A 212 45.72 7.95 -29.67
C ASN A 212 45.22 8.94 -28.65
N LYS A 213 45.15 8.53 -27.40
CA LYS A 213 44.58 9.39 -26.37
C LYS A 213 45.58 9.93 -25.35
N ASP A 214 46.39 9.06 -24.74
CA ASP A 214 47.20 9.49 -23.62
C ASP A 214 48.24 8.41 -23.33
N THR A 215 48.95 8.62 -22.23
CA THR A 215 49.93 7.68 -21.71
C THR A 215 50.01 7.90 -20.21
N SER A 216 50.73 7.01 -19.53
CA SER A 216 50.96 7.13 -18.10
C SER A 216 51.47 8.50 -17.70
N LYS A 217 52.14 9.18 -18.61
CA LYS A 217 52.60 10.54 -18.41
C LYS A 217 52.31 11.27 -19.70
N SER A 218 51.72 12.46 -19.59
CA SER A 218 51.34 13.25 -20.75
C SER A 218 52.52 13.49 -21.69
N ALA A 219 52.25 13.40 -22.99
CA ALA A 219 53.29 13.64 -23.99
C ALA A 219 53.79 15.05 -23.73
N LEU A 220 52.85 15.93 -23.38
CA LEU A 220 53.19 17.32 -23.07
C LEU A 220 51.96 18.14 -22.68
N PRO A 221 52.16 19.41 -22.39
CA PRO A 221 51.04 20.30 -22.04
C PRO A 221 50.01 20.30 -23.15
N GLY A 222 48.86 20.92 -22.91
CA GLY A 222 47.81 20.98 -23.88
C GLY A 222 48.09 21.49 -25.29
N SER A 223 49.24 22.09 -25.54
CA SER A 223 49.55 22.57 -26.87
C SER A 223 50.46 21.58 -27.58
N MET A 224 50.64 21.81 -28.88
CA MET A 224 51.38 20.90 -29.75
C MET A 224 50.74 19.50 -29.81
N VAL A 225 49.42 19.44 -29.66
CA VAL A 225 48.66 18.19 -29.77
C VAL A 225 47.24 18.58 -30.19
N ALA A 226 46.68 17.78 -31.06
CA ALA A 226 45.50 18.20 -31.80
C ALA A 226 44.26 17.56 -31.21
N ASN A 227 43.14 18.27 -31.33
CA ASN A 227 41.84 17.73 -30.97
C ASN A 227 41.00 17.52 -32.23
N VAL A 228 40.02 16.64 -32.11
CA VAL A 228 39.28 16.18 -33.29
C VAL A 228 37.80 16.17 -32.94
N VAL A 229 36.97 16.78 -33.78
CA VAL A 229 35.53 16.64 -33.78
C VAL A 229 35.07 16.45 -35.21
N ALA A 230 33.76 16.25 -35.38
CA ALA A 230 33.22 16.01 -36.70
C ALA A 230 31.74 16.30 -36.66
N ASP A 231 31.23 16.74 -37.80
CA ASP A 231 29.79 16.82 -37.99
C ASP A 231 29.34 15.60 -38.75
N GLU A 232 28.06 15.35 -38.70
CA GLU A 232 27.49 14.28 -39.48
C GLU A 232 26.91 14.79 -40.78
N ARG A 233 27.14 16.05 -41.09
CA ARG A 233 26.35 16.67 -42.13
C ARG A 233 27.00 16.49 -43.49
N THR A 234 28.27 16.81 -43.62
CA THR A 234 29.00 16.60 -44.86
C THR A 234 29.87 15.37 -44.85
N ASN A 235 29.88 14.62 -43.75
CA ASN A 235 30.63 13.35 -43.70
C ASN A 235 32.13 13.64 -43.82
N ALA A 236 32.58 14.72 -43.21
CA ALA A 236 34.01 14.96 -43.07
C ALA A 236 34.33 15.20 -41.60
N VAL A 237 35.62 15.28 -41.31
CA VAL A 237 36.12 15.31 -39.96
C VAL A 237 37.07 16.49 -39.79
N LEU A 238 37.14 17.02 -38.57
CA LEU A 238 37.84 18.27 -38.29
C LEU A 238 39.11 17.99 -37.50
N VAL A 239 40.20 18.69 -37.84
CA VAL A 239 41.41 18.65 -37.04
C VAL A 239 41.97 20.05 -36.92
N SER A 240 42.74 20.27 -35.85
CA SER A 240 43.40 21.56 -35.65
C SER A 240 44.63 21.32 -34.80
N GLY A 241 45.72 22.02 -35.11
CA GLY A 241 46.97 21.72 -34.42
C GLY A 241 48.17 22.20 -35.21
N GLU A 242 49.27 21.48 -35.04
CA GLU A 242 50.58 21.94 -35.47
C GLU A 242 51.12 21.11 -36.62
N PRO A 243 51.94 21.72 -37.47
CA PRO A 243 52.33 21.06 -38.71
C PRO A 243 53.17 19.82 -38.56
N ASN A 244 53.51 19.41 -37.35
CA ASN A 244 54.06 18.08 -37.13
C ASN A 244 53.22 17.26 -36.16
N SER A 245 52.00 17.70 -35.88
CA SER A 245 51.02 16.91 -35.12
C SER A 245 49.89 16.38 -35.98
N ARG A 246 49.39 17.22 -36.90
CA ARG A 246 48.21 16.84 -37.66
C ARG A 246 48.55 15.72 -38.63
N GLN A 247 49.78 15.73 -39.15
CA GLN A 247 50.16 14.76 -40.16
C GLN A 247 49.90 13.35 -39.68
N ARG A 248 50.13 13.12 -38.39
CA ARG A 248 49.78 11.84 -37.81
C ARG A 248 48.29 11.54 -37.97
N ILE A 249 47.44 12.52 -37.65
CA ILE A 249 46.00 12.29 -37.75
C ILE A 249 45.62 11.92 -39.18
N ILE A 250 46.14 12.67 -40.14
CA ILE A 250 45.87 12.33 -41.52
C ILE A 250 46.40 10.95 -41.86
N ALA A 251 47.49 10.54 -41.19
CA ALA A 251 48.01 9.21 -41.44
C ALA A 251 46.98 8.18 -41.05
N MET A 252 46.46 8.26 -39.82
CA MET A 252 45.50 7.27 -39.41
C MET A 252 44.29 7.29 -40.32
N ILE A 253 43.74 8.46 -40.63
CA ILE A 253 42.54 8.42 -41.45
C ILE A 253 42.86 7.83 -42.83
N LYS A 254 44.06 8.07 -43.36
CA LYS A 254 44.41 7.43 -44.63
C LYS A 254 44.36 5.91 -44.49
N GLN A 255 44.78 5.41 -43.32
CA GLN A 255 44.76 3.97 -43.08
C GLN A 255 43.35 3.48 -42.78
N LEU A 256 42.61 4.24 -41.96
CA LEU A 256 41.26 3.91 -41.59
C LEU A 256 40.36 3.91 -42.81
N ASP A 257 40.61 4.85 -43.73
CA ASP A 257 39.74 5.01 -44.88
C ASP A 257 40.09 3.95 -45.92
N ARG A 258 39.67 2.74 -45.61
CA ARG A 258 39.89 1.60 -46.49
C ARG A 258 38.58 1.18 -47.12
N GLN A 259 38.70 0.35 -48.15
CA GLN A 259 37.55 -0.15 -48.89
C GLN A 259 37.22 -1.55 -48.38
N GLN A 260 35.94 -1.88 -48.39
CA GLN A 260 35.52 -3.21 -47.91
C GLN A 260 35.53 -4.29 -48.98
N ALA A 261 36.19 -5.41 -48.72
CA ALA A 261 36.21 -6.50 -49.69
C ALA A 261 34.77 -6.87 -49.99
N VAL A 262 34.02 -7.15 -48.93
CA VAL A 262 32.61 -7.51 -49.01
C VAL A 262 32.03 -7.16 -47.66
N GLN A 263 30.90 -6.48 -47.62
CA GLN A 263 30.28 -6.11 -46.36
C GLN A 263 29.68 -7.37 -45.76
N GLY A 264 30.17 -7.78 -44.60
CA GLY A 264 29.67 -8.99 -43.99
C GLY A 264 28.86 -8.72 -42.74
N ASN A 265 28.67 -7.45 -42.42
CA ASN A 265 27.84 -7.10 -41.27
C ASN A 265 26.48 -7.78 -41.34
N THR A 266 25.91 -7.87 -42.54
CA THR A 266 24.67 -8.62 -42.78
C THR A 266 24.76 -9.31 -44.11
N LYS A 267 24.39 -10.59 -44.15
CA LYS A 267 24.30 -11.30 -45.41
C LYS A 267 23.01 -12.12 -45.47
N VAL A 268 22.43 -12.18 -46.66
CA VAL A 268 21.09 -12.70 -46.88
C VAL A 268 21.20 -14.05 -47.54
N ILE A 269 20.65 -15.08 -46.92
CA ILE A 269 20.71 -16.39 -47.48
C ILE A 269 19.35 -16.72 -48.09
N TYR A 270 19.32 -17.80 -48.89
CA TYR A 270 18.10 -18.27 -49.53
C TYR A 270 18.02 -19.76 -49.23
N LEU A 271 16.98 -20.17 -48.51
CA LEU A 271 16.82 -21.57 -48.16
C LEU A 271 15.95 -22.29 -49.19
N LYS A 272 16.28 -23.56 -49.46
CA LYS A 272 15.73 -24.19 -50.65
C LYS A 272 14.52 -25.09 -50.39
N TYR A 273 14.57 -25.98 -49.38
CA TYR A 273 13.47 -26.94 -49.19
C TYR A 273 12.63 -26.79 -47.94
N ALA A 274 13.14 -26.21 -46.88
CA ALA A 274 12.34 -25.98 -45.68
C ALA A 274 11.78 -24.57 -45.71
N LYS A 275 10.65 -24.38 -45.05
CA LYS A 275 10.18 -23.03 -44.94
C LYS A 275 11.00 -22.31 -43.87
N ALA A 276 10.84 -21.00 -43.77
CA ALA A 276 11.63 -20.22 -42.84
C ALA A 276 10.85 -19.85 -41.60
N ALA A 277 9.54 -19.98 -41.63
CA ALA A 277 8.73 -19.65 -40.47
C ALA A 277 9.14 -20.52 -39.28
N ASP A 278 9.16 -21.84 -39.45
CA ASP A 278 9.60 -22.69 -38.35
C ASP A 278 11.03 -22.35 -37.94
N LEU A 279 11.89 -22.12 -38.92
CA LEU A 279 13.31 -21.94 -38.63
C LEU A 279 13.56 -20.73 -37.75
N VAL A 280 12.88 -19.61 -37.99
CA VAL A 280 13.12 -18.46 -37.13
C VAL A 280 12.98 -18.85 -35.66
N GLU A 281 11.90 -19.55 -35.32
CA GLU A 281 11.63 -19.76 -33.90
C GLU A 281 12.47 -20.91 -33.34
N VAL A 282 12.64 -21.99 -34.12
CA VAL A 282 13.56 -23.05 -33.70
C VAL A 282 14.94 -22.49 -33.42
N LEU A 283 15.44 -21.67 -34.32
CA LEU A 283 16.76 -21.07 -34.14
C LEU A 283 16.58 -19.73 -33.45
N THR A 284 16.74 -19.72 -32.13
CA THR A 284 16.84 -18.44 -31.45
C THR A 284 18.10 -18.25 -30.61
N GLY A 285 18.79 -19.33 -30.20
CA GLY A 285 19.81 -19.06 -29.20
C GLY A 285 21.18 -19.68 -29.28
N ILE A 286 21.92 -19.53 -30.39
CA ILE A 286 23.24 -20.16 -30.49
C ILE A 286 24.17 -19.65 -29.40
N SER A 287 24.48 -18.36 -29.43
CA SER A 287 25.64 -17.83 -28.73
C SER A 287 25.32 -16.80 -27.68
N SER A 288 24.10 -16.29 -27.65
CA SER A 288 23.66 -15.44 -26.54
C SER A 288 23.71 -16.19 -25.22
N LYS A 305 26.10 -8.63 -29.16
CA LYS A 305 25.05 -8.64 -28.12
C LYS A 305 24.25 -9.93 -28.20
N ASN A 306 23.63 -10.12 -29.36
CA ASN A 306 22.73 -11.23 -29.59
C ASN A 306 22.72 -11.46 -31.09
N ILE A 307 21.99 -12.49 -31.48
CA ILE A 307 21.81 -12.81 -32.89
C ILE A 307 20.33 -12.61 -33.19
N ILE A 308 20.04 -11.69 -34.09
CA ILE A 308 18.67 -11.38 -34.46
C ILE A 308 18.42 -12.01 -35.81
N ILE A 309 17.62 -13.07 -35.84
CA ILE A 309 17.26 -13.67 -37.11
C ILE A 309 15.90 -13.17 -37.52
N LYS A 310 15.80 -12.75 -38.77
CA LYS A 310 14.55 -12.31 -39.36
C LYS A 310 14.26 -13.16 -40.59
N ALA A 311 13.00 -13.49 -40.79
CA ALA A 311 12.59 -14.30 -41.94
C ALA A 311 11.61 -13.50 -42.80
N HIS A 312 11.73 -13.64 -44.12
CA HIS A 312 10.90 -12.76 -44.94
C HIS A 312 9.50 -13.32 -45.14
N GLY A 313 9.41 -14.54 -45.69
CA GLY A 313 8.13 -15.16 -45.99
C GLY A 313 7.52 -14.78 -47.30
N GLN A 314 7.92 -13.66 -47.89
CA GLN A 314 7.30 -13.28 -49.15
C GLN A 314 8.18 -13.59 -50.36
N THR A 315 9.48 -13.73 -50.15
CA THR A 315 10.33 -14.45 -51.08
C THR A 315 10.81 -15.77 -50.49
N ASN A 316 10.38 -16.12 -49.28
CA ASN A 316 10.86 -17.32 -48.60
C ASN A 316 12.38 -17.30 -48.47
N ALA A 317 12.89 -16.21 -47.94
CA ALA A 317 14.31 -16.14 -47.62
C ALA A 317 14.46 -15.47 -46.26
N LEU A 318 15.56 -15.80 -45.58
CA LEU A 318 15.79 -15.35 -44.23
C LEU A 318 17.12 -14.60 -44.15
N ILE A 319 17.21 -13.72 -43.15
CA ILE A 319 18.40 -12.92 -42.94
C ILE A 319 19.14 -13.33 -41.67
N VAL A 320 20.34 -12.76 -41.53
CA VAL A 320 21.22 -13.00 -40.39
C VAL A 320 21.93 -11.66 -40.26
N THR A 321 21.56 -10.88 -39.25
CA THR A 321 22.22 -9.63 -38.94
C THR A 321 22.69 -9.89 -37.54
N ALA A 322 23.75 -10.67 -37.41
CA ALA A 322 24.23 -11.06 -36.11
C ALA A 322 25.72 -11.01 -36.27
N ALA A 323 26.42 -11.74 -35.42
CA ALA A 323 27.87 -11.76 -35.54
C ALA A 323 28.49 -11.88 -36.93
N PRO A 324 29.33 -10.93 -37.30
CA PRO A 324 30.00 -10.93 -38.61
C PRO A 324 31.29 -11.74 -38.65
N ASP A 325 31.49 -12.64 -37.70
CA ASP A 325 32.68 -13.47 -37.66
C ASP A 325 32.45 -14.93 -37.41
N VAL A 326 31.28 -15.33 -36.94
CA VAL A 326 31.15 -16.75 -36.66
C VAL A 326 29.98 -17.30 -37.45
N MET A 327 29.48 -16.48 -38.38
CA MET A 327 28.36 -16.87 -39.22
C MET A 327 28.58 -18.26 -39.78
N ASN A 328 29.85 -18.66 -39.90
CA ASN A 328 30.16 -19.98 -40.42
C ASN A 328 29.48 -21.07 -39.62
N ASP A 329 29.28 -20.83 -38.33
CA ASP A 329 28.52 -21.75 -37.50
C ASP A 329 27.04 -21.76 -37.84
N LEU A 330 26.61 -20.86 -38.71
CA LEU A 330 25.25 -20.84 -39.18
C LEU A 330 25.17 -21.39 -40.58
N GLU A 331 26.08 -21.00 -41.46
CA GLU A 331 26.09 -21.66 -42.76
C GLU A 331 26.18 -23.17 -42.64
N ARG A 332 27.02 -23.68 -41.73
CA ARG A 332 27.08 -25.13 -41.62
C ARG A 332 25.75 -25.70 -41.14
N VAL A 333 25.11 -25.03 -40.19
CA VAL A 333 23.94 -25.68 -39.64
C VAL A 333 22.77 -25.58 -40.60
N ILE A 334 22.57 -24.44 -41.26
CA ILE A 334 21.50 -24.39 -42.23
C ILE A 334 21.77 -25.36 -43.38
N ALA A 335 23.03 -25.48 -43.80
CA ALA A 335 23.37 -26.46 -44.83
C ALA A 335 23.02 -27.87 -44.39
N GLN A 336 23.19 -28.18 -43.10
CA GLN A 336 22.68 -29.43 -42.60
C GLN A 336 21.20 -29.40 -42.29
N LEU A 337 20.53 -28.29 -42.52
CA LEU A 337 19.11 -28.22 -42.26
C LEU A 337 18.22 -27.98 -43.49
N ASP A 338 18.80 -27.93 -44.70
CA ASP A 338 18.00 -27.80 -45.91
C ASP A 338 18.25 -29.02 -46.79
N ILE A 339 17.27 -29.93 -46.88
CA ILE A 339 17.51 -31.24 -47.48
C ILE A 339 16.20 -31.79 -48.04
N ARG A 340 16.24 -32.27 -49.29
CA ARG A 340 15.08 -32.91 -49.90
C ARG A 340 14.55 -34.01 -49.00
N ARG A 341 13.23 -34.17 -48.94
CA ARG A 341 12.68 -35.20 -48.07
C ARG A 341 11.86 -36.23 -48.83
N PRO A 342 12.14 -37.50 -48.62
CA PRO A 342 11.37 -38.59 -49.23
C PRO A 342 10.03 -38.79 -48.56
N GLN A 343 9.08 -39.28 -49.32
CA GLN A 343 7.72 -39.47 -48.87
C GLN A 343 7.26 -40.89 -49.15
N VAL A 344 6.32 -41.36 -48.35
CA VAL A 344 5.97 -42.77 -48.27
C VAL A 344 4.50 -42.98 -48.65
N LEU A 345 4.20 -44.08 -49.34
CA LEU A 345 2.86 -44.41 -49.76
C LEU A 345 2.27 -45.46 -48.83
N VAL A 346 1.16 -45.15 -48.19
CA VAL A 346 0.52 -46.04 -47.24
C VAL A 346 -0.82 -46.48 -47.82
N GLU A 347 -1.06 -47.78 -47.85
CA GLU A 347 -2.36 -48.34 -48.15
C GLU A 347 -2.70 -49.45 -47.14
N ALA A 348 -3.93 -49.43 -46.67
CA ALA A 348 -4.41 -50.48 -45.79
C ALA A 348 -5.61 -51.15 -46.43
N ILE A 349 -5.86 -52.38 -46.05
CA ILE A 349 -6.93 -53.17 -46.64
C ILE A 349 -7.67 -53.84 -45.50
N ILE A 350 -8.97 -54.02 -45.68
CA ILE A 350 -9.78 -54.75 -44.71
C ILE A 350 -10.77 -55.61 -45.45
N ALA A 351 -11.21 -56.67 -44.79
CA ALA A 351 -12.23 -57.50 -45.39
C ALA A 351 -12.78 -58.42 -44.33
N GLU A 352 -14.05 -58.76 -44.46
CA GLU A 352 -14.70 -59.62 -43.51
C GLU A 352 -15.82 -60.38 -44.21
N VAL A 353 -16.45 -61.29 -43.49
CA VAL A 353 -17.62 -61.98 -43.97
C VAL A 353 -18.58 -62.09 -42.80
N GLN A 354 -19.86 -62.09 -43.10
CA GLN A 354 -20.89 -62.23 -42.09
C GLN A 354 -21.89 -63.23 -42.63
N ASP A 355 -22.08 -64.31 -41.89
CA ASP A 355 -22.90 -65.41 -42.34
C ASP A 355 -23.74 -65.91 -41.19
N ALA A 356 -24.91 -66.42 -41.51
CA ALA A 356 -25.78 -66.96 -40.48
C ALA A 356 -26.65 -68.03 -41.08
N ASP A 357 -26.75 -69.15 -40.39
CA ASP A 357 -27.61 -70.25 -40.80
C ASP A 357 -28.71 -70.43 -39.77
N GLY A 358 -29.83 -70.99 -40.23
CA GLY A 358 -30.97 -71.18 -39.38
C GLY A 358 -31.89 -72.28 -39.86
N LEU A 359 -32.46 -73.04 -38.95
CA LEU A 359 -33.36 -74.12 -39.32
C LEU A 359 -34.47 -74.20 -38.28
N ASN A 360 -35.56 -74.83 -38.63
CA ASN A 360 -36.62 -75.11 -37.66
C ASN A 360 -37.48 -76.24 -38.20
N LEU A 361 -38.29 -76.81 -37.31
CA LEU A 361 -39.17 -77.91 -37.65
C LEU A 361 -40.10 -78.21 -36.50
N GLY A 362 -41.34 -78.58 -36.82
CA GLY A 362 -42.34 -78.89 -35.82
C GLY A 362 -43.74 -79.15 -36.38
N ILE A 363 -44.54 -79.96 -35.69
CA ILE A 363 -45.88 -80.33 -36.11
C ILE A 363 -46.89 -79.94 -35.01
N GLN A 364 -48.18 -80.10 -35.32
CA GLN A 364 -49.22 -79.86 -34.34
C GLN A 364 -50.46 -80.65 -34.69
N TRP A 365 -51.22 -81.05 -33.65
CA TRP A 365 -52.38 -81.93 -33.78
C TRP A 365 -53.59 -81.31 -33.12
N ALA A 366 -54.76 -81.82 -33.51
CA ALA A 366 -56.02 -81.26 -33.05
C ALA A 366 -57.14 -82.27 -33.26
N ASN A 367 -58.07 -82.33 -32.31
CA ASN A 367 -59.22 -83.21 -32.46
C ASN A 367 -60.30 -82.73 -31.52
N LYS A 368 -61.54 -82.68 -32.04
CA LYS A 368 -62.67 -82.20 -31.23
C LYS A 368 -62.80 -83.02 -29.97
N ASN A 369 -62.68 -84.34 -30.06
CA ASN A 369 -62.82 -85.20 -28.90
C ASN A 369 -61.52 -85.40 -28.15
N ALA A 370 -60.40 -84.92 -28.67
CA ALA A 370 -59.10 -85.26 -28.14
C ALA A 370 -58.31 -84.01 -27.80
N GLY A 371 -57.02 -84.19 -27.55
CA GLY A 371 -56.21 -83.11 -26.99
C GLY A 371 -55.89 -81.98 -27.93
N MET A 372 -54.76 -81.32 -27.66
CA MET A 372 -54.36 -80.17 -28.46
C MET A 372 -52.87 -79.93 -28.28
N THR A 373 -52.10 -80.01 -29.37
CA THR A 373 -50.64 -79.89 -29.34
C THR A 373 -50.25 -78.59 -30.04
N GLN A 374 -49.97 -77.58 -29.24
CA GLN A 374 -49.74 -76.24 -29.78
C GLN A 374 -48.27 -75.86 -29.69
N PHE A 375 -47.81 -75.03 -30.62
CA PHE A 375 -46.47 -74.49 -30.55
C PHE A 375 -46.49 -73.08 -31.10
N THR A 376 -46.17 -72.09 -30.26
CA THR A 376 -46.29 -70.70 -30.68
C THR A 376 -45.07 -70.24 -31.44
N ASN A 377 -43.90 -70.81 -31.13
CA ASN A 377 -42.70 -70.39 -31.85
C ASN A 377 -42.86 -70.57 -33.35
N SER A 378 -43.73 -71.50 -33.75
CA SER A 378 -43.84 -71.86 -35.16
C SER A 378 -44.34 -70.73 -36.02
N GLY A 379 -45.02 -69.76 -35.43
CA GLY A 379 -45.62 -68.69 -36.18
C GLY A 379 -47.12 -68.79 -36.32
N LEU A 380 -47.70 -69.96 -36.01
CA LEU A 380 -49.12 -70.18 -36.17
C LEU A 380 -49.62 -71.22 -35.18
N PRO A 381 -50.54 -70.85 -34.31
CA PRO A 381 -51.18 -71.85 -33.45
C PRO A 381 -52.14 -72.74 -34.22
N ILE A 382 -52.71 -73.71 -33.51
CA ILE A 382 -53.89 -74.37 -34.07
C ILE A 382 -55.04 -73.38 -34.07
N SER A 383 -55.02 -72.40 -33.16
CA SER A 383 -56.05 -71.38 -33.11
C SER A 383 -56.29 -70.77 -34.48
N THR A 384 -55.21 -70.55 -35.23
CA THR A 384 -55.35 -70.11 -36.60
C THR A 384 -56.17 -71.06 -37.44
N ALA A 385 -56.10 -72.35 -37.13
CA ALA A 385 -56.80 -73.32 -37.95
C ALA A 385 -58.24 -73.49 -37.52
N ILE A 386 -58.47 -73.85 -36.26
CA ILE A 386 -59.82 -73.98 -35.77
C ILE A 386 -60.61 -72.71 -36.01
N ALA A 387 -59.95 -71.55 -35.90
CA ALA A 387 -60.62 -70.32 -36.27
C ALA A 387 -60.59 -70.05 -37.75
N GLY A 388 -59.82 -70.79 -38.54
CA GLY A 388 -59.72 -70.46 -39.95
C GLY A 388 -60.80 -71.17 -40.74
N ALA A 389 -61.11 -72.40 -40.32
CA ALA A 389 -61.99 -73.24 -41.12
C ALA A 389 -63.44 -73.14 -40.68
N ASN A 390 -63.72 -73.11 -39.39
CA ASN A 390 -65.08 -72.87 -38.94
C ASN A 390 -65.55 -71.46 -39.30
N GLN A 391 -64.66 -70.48 -39.28
CA GLN A 391 -65.01 -69.17 -39.82
C GLN A 391 -65.11 -69.17 -41.32
N TYR A 392 -64.23 -69.94 -41.97
CA TYR A 392 -64.27 -70.00 -43.42
C TYR A 392 -65.61 -70.57 -43.87
N ASN A 393 -65.81 -71.85 -43.56
CA ASN A 393 -67.01 -72.59 -43.97
C ASN A 393 -68.27 -72.10 -43.26
N LYS A 394 -68.13 -71.34 -42.16
CA LYS A 394 -69.29 -70.59 -41.69
C LYS A 394 -69.63 -69.47 -42.66
N ASP A 395 -68.67 -68.56 -42.91
CA ASP A 395 -68.87 -67.51 -43.89
C ASP A 395 -68.90 -68.05 -45.31
N GLY A 396 -68.47 -69.27 -45.53
CA GLY A 396 -68.29 -69.80 -46.88
C GLY A 396 -66.89 -69.55 -47.40
N THR A 397 -66.34 -68.38 -47.10
CA THR A 397 -65.03 -68.00 -47.66
C THR A 397 -64.23 -67.26 -46.60
N ILE A 398 -63.09 -66.72 -47.02
CA ILE A 398 -62.20 -66.03 -46.09
C ILE A 398 -62.90 -64.78 -45.58
N SER A 399 -62.68 -64.48 -44.30
CA SER A 399 -63.01 -63.18 -43.75
C SER A 399 -61.77 -62.63 -43.06
N SER A 400 -61.49 -61.33 -43.29
CA SER A 400 -60.27 -60.70 -42.80
C SER A 400 -60.10 -60.80 -41.28
N SER A 401 -61.14 -61.21 -40.56
CA SER A 401 -61.03 -61.43 -39.12
C SER A 401 -59.95 -62.45 -38.78
N LEU A 402 -59.55 -63.28 -39.73
CA LEU A 402 -58.63 -64.35 -39.46
C LEU A 402 -57.25 -63.81 -39.15
N ALA A 403 -56.40 -64.70 -38.65
CA ALA A 403 -55.11 -64.29 -38.09
C ALA A 403 -54.27 -63.60 -39.15
N SER A 404 -54.02 -62.30 -38.98
CA SER A 404 -53.18 -61.58 -39.94
C SER A 404 -51.75 -62.06 -39.96
N ALA A 405 -51.39 -63.01 -39.09
CA ALA A 405 -50.03 -63.53 -39.07
C ALA A 405 -49.64 -64.16 -40.39
N LEU A 406 -50.61 -64.68 -41.14
CA LEU A 406 -50.32 -65.29 -42.43
C LEU A 406 -49.54 -64.35 -43.34
N GLY A 407 -49.75 -63.04 -43.20
CA GLY A 407 -49.02 -62.06 -43.99
C GLY A 407 -47.53 -62.10 -43.80
N SER A 408 -47.07 -62.70 -42.72
CA SER A 408 -45.65 -62.73 -42.44
C SER A 408 -45.03 -64.11 -42.55
N PHE A 409 -45.85 -65.16 -42.62
CA PHE A 409 -45.34 -66.52 -42.56
C PHE A 409 -44.40 -66.79 -43.73
N ASN A 410 -43.49 -67.73 -43.52
CA ASN A 410 -42.61 -68.22 -44.56
C ASN A 410 -42.38 -69.71 -44.36
N GLY A 411 -42.20 -70.43 -45.47
CA GLY A 411 -42.01 -71.86 -45.42
C GLY A 411 -43.15 -72.65 -46.02
N ILE A 412 -43.32 -73.87 -45.55
CA ILE A 412 -44.36 -74.76 -46.04
C ILE A 412 -45.12 -75.35 -44.87
N ALA A 413 -46.35 -75.74 -45.14
CA ALA A 413 -47.16 -76.50 -44.21
C ALA A 413 -48.24 -77.21 -45.01
N ALA A 414 -48.52 -78.45 -44.66
CA ALA A 414 -49.31 -79.34 -45.52
C ALA A 414 -50.60 -79.69 -44.80
N GLY A 415 -51.73 -79.40 -45.44
CA GLY A 415 -53.04 -79.62 -44.82
C GLY A 415 -53.51 -81.04 -45.04
N PHE A 416 -53.95 -81.65 -43.93
CA PHE A 416 -54.51 -83.00 -43.97
C PHE A 416 -55.71 -83.09 -43.05
N TYR A 417 -56.68 -83.89 -43.46
CA TYR A 417 -57.89 -84.11 -42.66
C TYR A 417 -58.45 -85.50 -42.96
N GLN A 418 -58.59 -86.32 -41.93
CA GLN A 418 -59.25 -87.63 -42.05
C GLN A 418 -60.13 -87.81 -40.82
N GLY A 419 -61.37 -87.36 -40.95
CA GLY A 419 -62.28 -87.46 -39.83
C GLY A 419 -61.92 -86.50 -38.74
N ASN A 420 -61.57 -87.02 -37.57
CA ASN A 420 -61.49 -86.24 -36.36
C ASN A 420 -60.15 -85.55 -36.15
N TRP A 421 -59.10 -85.99 -36.85
CA TRP A 421 -57.77 -85.52 -36.53
C TRP A 421 -57.32 -84.48 -37.56
N ALA A 422 -56.10 -83.99 -37.36
CA ALA A 422 -55.43 -83.04 -38.25
C ALA A 422 -53.97 -82.98 -37.84
N MET A 423 -53.15 -82.45 -38.73
CA MET A 423 -51.75 -82.24 -38.38
C MET A 423 -51.16 -81.25 -39.37
N LEU A 424 -50.22 -80.44 -38.89
CA LEU A 424 -49.55 -79.43 -39.69
C LEU A 424 -48.05 -79.57 -39.50
N LEU A 425 -47.35 -79.87 -40.59
CA LEU A 425 -45.89 -79.87 -40.61
C LEU A 425 -45.38 -78.47 -40.89
N THR A 426 -44.24 -78.11 -40.29
CA THR A 426 -43.72 -76.76 -40.38
C THR A 426 -42.20 -76.80 -40.40
N ALA A 427 -41.61 -76.15 -41.38
CA ALA A 427 -40.16 -76.09 -41.46
C ALA A 427 -39.79 -74.99 -42.42
N LEU A 428 -38.51 -74.62 -42.36
CA LEU A 428 -37.94 -73.63 -43.26
C LEU A 428 -36.46 -73.62 -43.09
N SER A 429 -35.76 -73.21 -44.12
CA SER A 429 -34.33 -72.97 -44.03
C SER A 429 -34.06 -71.57 -44.52
N SER A 430 -33.15 -70.90 -43.83
CA SER A 430 -32.81 -69.54 -44.18
C SER A 430 -31.33 -69.33 -43.91
N SER A 431 -30.70 -68.57 -44.81
CA SER A 431 -29.29 -68.27 -44.67
C SER A 431 -29.05 -66.89 -45.23
N THR A 432 -27.92 -66.32 -44.87
CA THR A 432 -27.58 -64.97 -45.30
C THR A 432 -26.08 -64.82 -45.28
N LYS A 433 -25.54 -64.14 -46.29
CA LYS A 433 -24.10 -63.99 -46.43
C LYS A 433 -23.77 -62.54 -46.80
N ASN A 434 -22.66 -62.05 -46.24
CA ASN A 434 -22.28 -60.66 -46.40
C ASN A 434 -20.78 -60.53 -46.47
N ASP A 435 -20.29 -59.67 -47.37
CA ASP A 435 -18.87 -59.42 -47.58
C ASP A 435 -18.66 -57.93 -47.75
N ILE A 436 -17.40 -57.52 -47.59
CA ILE A 436 -16.99 -56.13 -47.69
C ILE A 436 -15.50 -56.14 -48.06
N LEU A 437 -15.02 -54.97 -48.46
CA LEU A 437 -13.61 -54.83 -48.80
C LEU A 437 -13.31 -53.36 -48.87
N ALA A 438 -12.14 -52.96 -48.36
CA ALA A 438 -11.81 -51.54 -48.34
C ALA A 438 -10.32 -51.35 -48.50
N THR A 439 -9.91 -50.71 -49.60
CA THR A 439 -8.50 -50.47 -49.88
C THR A 439 -8.29 -49.00 -50.18
N PRO A 440 -7.98 -48.17 -49.17
CA PRO A 440 -7.52 -46.82 -49.47
C PRO A 440 -6.02 -46.65 -49.45
N SER A 441 -5.53 -45.63 -50.17
CA SER A 441 -4.09 -45.40 -50.33
C SER A 441 -3.84 -43.90 -50.40
N ILE A 442 -2.65 -43.50 -49.94
CA ILE A 442 -2.35 -42.08 -49.86
C ILE A 442 -0.84 -41.82 -49.80
N VAL A 443 -0.43 -40.56 -49.98
CA VAL A 443 0.95 -40.12 -49.92
C VAL A 443 0.99 -38.83 -49.14
N THR A 444 2.13 -38.56 -48.54
CA THR A 444 2.34 -37.36 -47.76
C THR A 444 3.83 -37.28 -47.43
N LEU A 445 4.19 -36.25 -46.71
CA LEU A 445 5.56 -36.21 -46.23
C LEU A 445 5.59 -36.92 -44.88
N ASP A 446 6.77 -36.98 -44.26
CA ASP A 446 6.85 -37.77 -43.04
C ASP A 446 6.16 -37.05 -41.88
N ASN A 447 6.63 -35.87 -41.54
CA ASN A 447 6.25 -35.27 -40.27
C ASN A 447 4.81 -34.75 -40.28
N MET A 448 4.32 -34.26 -41.42
CA MET A 448 2.97 -33.72 -41.45
C MET A 448 1.96 -34.85 -41.64
N GLN A 449 0.87 -34.80 -40.91
CA GLN A 449 -0.13 -35.85 -40.94
C GLN A 449 -1.08 -35.62 -42.11
N ALA A 450 -1.39 -36.68 -42.83
CA ALA A 450 -2.50 -36.61 -43.77
C ALA A 450 -3.67 -37.41 -43.22
N THR A 451 -4.87 -37.03 -43.62
CA THR A 451 -6.06 -37.75 -43.22
C THR A 451 -7.01 -37.85 -44.40
N PHE A 452 -7.90 -38.82 -44.35
CA PHE A 452 -8.64 -39.24 -45.51
C PHE A 452 -9.95 -39.87 -45.08
N ASN A 453 -11.01 -39.63 -45.83
CA ASN A 453 -12.26 -40.24 -45.46
C ASN A 453 -13.26 -40.19 -46.60
N VAL A 454 -14.15 -41.18 -46.62
CA VAL A 454 -15.18 -41.30 -47.63
C VAL A 454 -16.46 -41.63 -46.87
N GLY A 455 -17.60 -41.24 -47.43
CA GLY A 455 -18.86 -41.64 -46.85
C GLY A 455 -19.76 -40.46 -46.57
N GLN A 456 -20.99 -40.79 -46.21
CA GLN A 456 -22.00 -39.77 -46.04
C GLN A 456 -21.88 -39.13 -44.66
N GLU A 457 -22.76 -38.16 -44.41
CA GLU A 457 -22.73 -37.41 -43.15
C GLU A 457 -24.15 -37.16 -42.67
N VAL A 458 -24.39 -37.40 -41.39
CA VAL A 458 -25.79 -37.41 -40.96
C VAL A 458 -25.89 -36.79 -39.56
N PRO A 459 -26.91 -36.03 -39.29
CA PRO A 459 -26.99 -35.35 -38.00
C PRO A 459 -27.84 -36.01 -36.94
N VAL A 460 -27.29 -36.01 -35.74
CA VAL A 460 -27.91 -36.59 -34.58
C VAL A 460 -28.39 -35.45 -33.70
N LEU A 461 -29.26 -35.75 -32.72
CA LEU A 461 -29.82 -34.69 -31.86
C LEU A 461 -29.10 -34.64 -30.51
N THR A 462 -27.93 -34.07 -30.52
CA THR A 462 -27.18 -33.78 -29.30
C THR A 462 -27.03 -32.28 -29.17
N THR A 475 -31.65 -28.63 -31.84
CA THR A 475 -30.25 -28.67 -31.43
C THR A 475 -29.54 -29.96 -31.83
N VAL A 476 -28.65 -29.88 -32.80
CA VAL A 476 -27.90 -31.04 -33.26
C VAL A 476 -26.56 -30.65 -33.89
N GLU A 477 -25.76 -31.65 -34.25
CA GLU A 477 -24.46 -31.40 -34.86
C GLU A 477 -24.22 -32.30 -36.07
N ARG A 478 -23.06 -32.16 -36.71
CA ARG A 478 -22.77 -32.97 -37.89
C ARG A 478 -22.08 -34.28 -37.52
N LYS A 479 -22.49 -35.38 -38.16
CA LYS A 479 -21.86 -36.65 -37.84
C LYS A 479 -21.53 -37.36 -39.15
N THR A 480 -20.36 -38.00 -39.19
CA THR A 480 -19.84 -38.63 -40.38
C THR A 480 -19.81 -40.13 -40.20
N VAL A 481 -20.08 -40.84 -41.28
CA VAL A 481 -20.09 -42.30 -41.28
C VAL A 481 -19.38 -42.79 -42.53
N GLY A 482 -18.22 -43.38 -42.36
CA GLY A 482 -17.54 -43.94 -43.50
C GLY A 482 -16.24 -44.67 -43.23
N ILE A 483 -15.14 -44.24 -43.84
CA ILE A 483 -13.86 -44.90 -43.67
C ILE A 483 -12.82 -43.82 -43.39
N LYS A 484 -12.69 -43.40 -42.14
CA LYS A 484 -11.79 -42.32 -41.75
C LYS A 484 -10.43 -42.89 -41.43
N LEU A 485 -9.57 -42.97 -42.44
CA LEU A 485 -8.23 -43.50 -42.25
C LEU A 485 -7.16 -42.40 -42.22
N LYS A 486 -6.58 -42.19 -41.05
CA LYS A 486 -5.55 -41.18 -40.87
C LYS A 486 -4.29 -41.78 -40.27
N VAL A 487 -3.12 -41.24 -40.64
CA VAL A 487 -1.86 -41.76 -40.13
C VAL A 487 -0.77 -40.71 -39.93
N LYS A 488 0.39 -41.18 -39.47
CA LYS A 488 1.55 -40.35 -39.22
C LYS A 488 2.80 -41.14 -39.54
N PRO A 489 3.46 -40.87 -40.64
CA PRO A 489 4.60 -41.68 -41.05
C PRO A 489 5.93 -41.11 -40.61
N GLN A 490 6.76 -41.92 -39.97
CA GLN A 490 8.10 -41.53 -39.56
C GLN A 490 9.09 -42.52 -40.16
N ILE A 491 9.99 -42.02 -41.00
CA ILE A 491 11.00 -42.86 -41.65
C ILE A 491 12.28 -42.78 -40.82
N ASN A 492 12.76 -43.94 -40.39
CA ASN A 492 13.82 -43.93 -39.39
C ASN A 492 15.15 -44.37 -39.99
N GLU A 493 15.27 -45.67 -40.16
CA GLU A 493 16.38 -46.34 -40.79
C GLU A 493 16.34 -46.04 -42.29
N GLY A 494 17.36 -46.52 -43.01
CA GLY A 494 17.28 -46.63 -44.44
C GLY A 494 15.94 -47.15 -44.91
N ASP A 495 15.50 -48.29 -44.37
CA ASP A 495 14.18 -48.85 -44.66
C ASP A 495 13.51 -49.29 -43.38
N ALA A 496 12.65 -48.44 -42.85
CA ALA A 496 11.69 -48.80 -41.81
C ALA A 496 10.78 -47.59 -41.62
N VAL A 497 9.60 -47.82 -41.07
CA VAL A 497 8.62 -46.75 -40.93
C VAL A 497 7.81 -46.95 -39.66
N LEU A 498 7.07 -45.90 -39.28
CA LEU A 498 6.34 -45.87 -38.02
C LEU A 498 4.98 -45.26 -38.31
N LEU A 499 3.94 -45.93 -37.88
CA LEU A 499 2.60 -45.62 -38.35
C LEU A 499 1.65 -45.64 -37.16
N GLU A 500 1.30 -44.44 -36.66
CA GLU A 500 0.29 -44.33 -35.61
C GLU A 500 -1.05 -44.08 -36.27
N ILE A 501 -1.60 -45.15 -36.76
CA ILE A 501 -2.77 -45.11 -37.63
C ILE A 501 -4.02 -45.31 -36.82
N GLU A 502 -5.10 -44.68 -37.25
CA GLU A 502 -6.40 -44.98 -36.68
C GLU A 502 -7.50 -44.80 -37.70
N GLN A 503 -8.54 -45.63 -37.60
CA GLN A 503 -9.58 -45.58 -38.60
C GLN A 503 -10.75 -46.43 -38.19
N GLU A 504 -11.83 -46.31 -38.96
CA GLU A 504 -13.04 -47.07 -38.71
C GLU A 504 -13.81 -47.20 -39.99
N VAL A 505 -14.47 -48.34 -40.16
CA VAL A 505 -15.41 -48.49 -41.24
C VAL A 505 -16.79 -48.52 -40.65
N SER A 506 -17.54 -47.44 -40.82
CA SER A 506 -18.82 -47.30 -40.18
C SER A 506 -19.92 -47.29 -41.21
N SER A 507 -21.08 -47.81 -40.82
CA SER A 507 -22.26 -47.64 -41.65
C SER A 507 -23.48 -47.55 -40.75
N VAL A 508 -24.66 -47.49 -41.35
CA VAL A 508 -25.91 -47.43 -40.62
C VAL A 508 -26.83 -48.47 -41.20
N ALA A 509 -27.43 -49.29 -40.35
CA ALA A 509 -28.28 -50.38 -40.85
C ALA A 509 -29.76 -50.01 -40.68
N ASP A 510 -30.26 -50.15 -39.46
CA ASP A 510 -31.58 -49.67 -39.12
C ASP A 510 -32.66 -50.48 -39.84
N SER A 511 -32.41 -51.77 -40.12
CA SER A 511 -33.52 -52.65 -40.44
C SER A 511 -34.63 -52.43 -39.41
N ALA A 512 -34.30 -52.62 -38.14
CA ALA A 512 -35.18 -52.29 -37.02
C ALA A 512 -34.30 -52.10 -35.80
N SER A 513 -34.51 -51.01 -35.06
CA SER A 513 -33.61 -50.68 -33.97
C SER A 513 -34.37 -49.84 -32.96
N SER A 514 -33.69 -49.46 -31.90
CA SER A 514 -34.28 -48.65 -30.86
C SER A 514 -34.18 -47.18 -31.24
N THR A 515 -35.26 -46.66 -31.82
CA THR A 515 -35.48 -45.22 -31.93
C THR A 515 -36.76 -44.89 -31.22
N SER A 516 -36.67 -44.05 -30.20
CA SER A 516 -37.81 -43.77 -29.35
C SER A 516 -38.46 -42.45 -29.74
N SER A 517 -38.36 -42.11 -31.03
CA SER A 517 -38.76 -40.82 -31.55
C SER A 517 -37.83 -39.73 -31.05
N ASP A 518 -36.60 -40.13 -30.79
CA ASP A 518 -35.61 -39.23 -30.24
C ASP A 518 -34.50 -39.07 -31.27
N LEU A 519 -33.62 -40.06 -31.34
CA LEU A 519 -32.42 -40.04 -32.14
C LEU A 519 -32.37 -41.42 -32.78
N GLY A 520 -32.45 -41.45 -34.09
CA GLY A 520 -32.65 -42.74 -34.75
C GLY A 520 -31.37 -43.24 -35.37
N ALA A 521 -30.72 -44.23 -34.75
CA ALA A 521 -29.35 -44.43 -35.18
C ALA A 521 -28.78 -45.68 -34.56
N THR A 522 -27.93 -46.34 -35.33
CA THR A 522 -27.21 -47.53 -34.89
C THR A 522 -25.71 -47.39 -35.02
N PHE A 523 -25.24 -46.84 -36.13
CA PHE A 523 -23.84 -46.46 -36.26
C PHE A 523 -22.92 -47.66 -36.02
N ASN A 524 -23.19 -48.76 -36.72
CA ASN A 524 -22.27 -49.88 -36.69
C ASN A 524 -20.86 -49.41 -37.04
N THR A 525 -19.87 -49.87 -36.29
CA THR A 525 -18.50 -49.32 -36.39
C THR A 525 -17.48 -50.33 -35.93
N ARG A 526 -16.29 -50.24 -36.51
CA ARG A 526 -15.11 -50.86 -35.96
C ARG A 526 -13.96 -49.86 -35.99
N THR A 527 -13.22 -49.72 -34.89
CA THR A 527 -12.27 -48.62 -34.73
C THR A 527 -10.94 -49.15 -34.25
N VAL A 528 -9.88 -48.94 -35.02
CA VAL A 528 -8.54 -49.39 -34.68
C VAL A 528 -7.61 -48.20 -34.46
N ASN A 529 -6.62 -48.37 -33.61
CA ASN A 529 -5.54 -47.41 -33.48
C ASN A 529 -4.37 -48.08 -32.78
N ASN A 530 -3.17 -47.80 -33.26
CA ASN A 530 -1.97 -48.39 -32.69
C ASN A 530 -0.76 -47.77 -33.37
N ALA A 531 0.41 -48.28 -33.06
CA ALA A 531 1.67 -47.83 -33.61
C ALA A 531 2.49 -49.06 -33.94
N VAL A 532 3.26 -49.01 -35.02
CA VAL A 532 3.97 -50.19 -35.48
C VAL A 532 5.23 -49.78 -36.22
N LEU A 533 6.25 -50.63 -36.16
CA LEU A 533 7.42 -50.53 -36.99
C LEU A 533 7.29 -51.50 -38.13
N VAL A 534 7.59 -51.06 -39.34
CA VAL A 534 7.36 -51.86 -40.53
C VAL A 534 8.47 -51.63 -41.54
N GLY A 535 8.84 -52.69 -42.24
CA GLY A 535 9.81 -52.56 -43.31
C GLY A 535 9.15 -51.98 -44.53
N SER A 536 9.96 -51.60 -45.52
CA SER A 536 9.45 -50.76 -46.60
C SER A 536 8.35 -51.43 -47.40
N GLY A 537 8.71 -52.43 -48.20
CA GLY A 537 7.74 -53.21 -48.94
C GLY A 537 7.35 -54.51 -48.28
N GLU A 538 6.27 -54.48 -47.49
CA GLU A 538 5.93 -55.58 -46.60
C GLU A 538 4.44 -55.61 -46.35
N THR A 539 3.87 -56.81 -46.40
CA THR A 539 2.50 -57.07 -45.97
C THR A 539 2.47 -57.34 -44.46
N VAL A 540 1.62 -56.61 -43.74
CA VAL A 540 1.69 -56.58 -42.30
C VAL A 540 0.30 -56.81 -41.72
N VAL A 541 0.17 -57.79 -40.82
CA VAL A 541 -1.09 -58.02 -40.12
C VAL A 541 -1.19 -57.09 -38.92
N VAL A 542 -2.21 -56.26 -38.91
CA VAL A 542 -2.38 -55.31 -37.83
C VAL A 542 -3.38 -55.77 -36.81
N GLY A 543 -4.59 -56.13 -37.24
CA GLY A 543 -5.66 -56.36 -36.29
C GLY A 543 -6.62 -57.41 -36.80
N GLY A 544 -7.18 -58.17 -35.86
CA GLY A 544 -7.92 -59.35 -36.27
C GLY A 544 -9.02 -59.81 -35.34
N LEU A 545 -10.13 -60.30 -35.89
CA LEU A 545 -11.24 -60.80 -35.09
C LEU A 545 -11.91 -61.96 -35.84
N LEU A 546 -12.26 -63.02 -35.13
CA LEU A 546 -12.97 -64.15 -35.74
C LEU A 546 -13.85 -64.85 -34.72
N ASP A 547 -15.14 -64.99 -35.00
CA ASP A 547 -16.10 -65.35 -33.94
C ASP A 547 -17.35 -66.04 -34.50
N LYS A 548 -17.77 -67.13 -33.88
CA LYS A 548 -19.03 -67.79 -34.13
C LYS A 548 -19.99 -67.61 -32.93
N THR A 549 -21.28 -67.85 -33.19
CA THR A 549 -22.30 -67.67 -32.15
C THR A 549 -23.50 -68.53 -32.48
N VAL A 550 -23.76 -69.52 -31.64
CA VAL A 550 -24.82 -70.50 -31.86
C VAL A 550 -25.83 -70.44 -30.73
N THR A 551 -27.08 -70.72 -31.07
CA THR A 551 -28.12 -70.84 -30.07
C THR A 551 -29.14 -71.86 -30.55
N ASP A 552 -29.77 -72.54 -29.58
CA ASP A 552 -30.72 -73.61 -29.82
C ASP A 552 -31.97 -73.40 -29.00
N THR A 553 -33.10 -73.90 -29.53
CA THR A 553 -34.37 -73.81 -28.83
C THR A 553 -35.18 -75.08 -29.06
N ALA A 554 -35.49 -75.81 -27.98
CA ALA A 554 -36.26 -77.04 -28.09
C ALA A 554 -37.40 -77.07 -27.08
N ASP A 555 -38.44 -77.82 -27.42
CA ASP A 555 -39.58 -78.04 -26.54
C ASP A 555 -40.36 -79.25 -27.03
N LYS A 556 -40.78 -80.11 -26.10
CA LYS A 556 -41.47 -81.33 -26.45
C LYS A 556 -42.34 -81.78 -25.28
N VAL A 557 -43.45 -82.44 -25.61
CA VAL A 557 -44.26 -83.04 -24.56
C VAL A 557 -43.43 -84.06 -23.81
N PRO A 558 -43.44 -84.03 -22.47
CA PRO A 558 -42.51 -84.88 -21.71
C PRO A 558 -42.76 -86.35 -21.99
N LEU A 559 -41.70 -87.15 -21.78
CA LEU A 559 -41.70 -88.60 -21.93
C LEU A 559 -41.83 -89.04 -23.37
N LEU A 560 -42.03 -88.11 -24.28
CA LEU A 560 -42.29 -88.46 -25.66
C LEU A 560 -41.16 -87.96 -26.52
N GLY A 561 -41.25 -88.19 -27.82
CA GLY A 561 -40.15 -87.86 -28.72
C GLY A 561 -38.86 -88.64 -28.43
N ASP A 562 -38.90 -89.62 -27.54
CA ASP A 562 -37.67 -90.24 -27.11
C ASP A 562 -37.16 -91.27 -28.11
N ILE A 563 -38.04 -91.94 -28.85
CA ILE A 563 -37.58 -92.80 -29.92
C ILE A 563 -37.22 -91.94 -31.13
N PRO A 564 -35.93 -91.76 -31.40
CA PRO A 564 -35.52 -90.75 -32.38
C PRO A 564 -36.20 -90.93 -33.73
N VAL A 565 -36.19 -92.16 -34.26
CA VAL A 565 -36.81 -92.38 -35.56
C VAL A 565 -38.31 -92.19 -35.50
N ILE A 566 -38.96 -92.66 -34.44
CA ILE A 566 -40.41 -92.57 -34.39
C ILE A 566 -40.79 -91.27 -33.71
N GLY A 567 -40.34 -91.08 -32.48
CA GLY A 567 -40.81 -89.99 -31.65
C GLY A 567 -40.50 -88.61 -32.20
N ALA A 568 -39.75 -88.53 -33.28
CA ALA A 568 -39.38 -87.23 -33.88
C ALA A 568 -40.60 -86.39 -34.20
N LEU A 569 -41.80 -86.94 -34.07
CA LEU A 569 -43.02 -86.25 -34.40
C LEU A 569 -43.55 -85.36 -33.26
N PHE A 570 -42.85 -85.24 -32.15
CA PHE A 570 -43.34 -84.38 -31.10
C PHE A 570 -42.40 -83.25 -30.73
N ARG A 571 -41.10 -83.37 -30.95
CA ARG A 571 -40.17 -82.27 -30.75
C ARG A 571 -40.58 -81.07 -31.60
N SER A 572 -40.03 -79.92 -31.22
CA SER A 572 -40.17 -78.71 -32.03
C SER A 572 -38.90 -77.90 -31.88
N ASP A 573 -38.19 -77.68 -32.99
CA ASP A 573 -36.79 -77.32 -32.99
C ASP A 573 -36.60 -75.98 -33.69
N SER A 574 -35.81 -75.12 -33.09
CA SER A 574 -35.34 -73.94 -33.81
C SER A 574 -33.87 -73.72 -33.47
N LYS A 575 -33.00 -73.81 -34.47
CA LYS A 575 -31.57 -73.66 -34.28
C LYS A 575 -31.05 -72.63 -35.26
N LYS A 576 -30.01 -71.92 -34.84
CA LYS A 576 -29.42 -70.92 -35.71
C LYS A 576 -27.99 -70.63 -35.22
N VAL A 577 -27.16 -70.19 -36.15
CA VAL A 577 -25.77 -69.87 -35.88
C VAL A 577 -25.41 -68.56 -36.55
N SER A 578 -24.30 -67.96 -36.10
CA SER A 578 -23.70 -66.82 -36.78
C SER A 578 -22.19 -66.89 -36.63
N LYS A 579 -21.48 -66.74 -37.73
CA LYS A 579 -20.03 -66.74 -37.74
C LYS A 579 -19.53 -65.40 -38.27
N ARG A 580 -18.33 -65.00 -37.87
CA ARG A 580 -17.80 -63.68 -38.20
C ARG A 580 -16.30 -63.67 -38.11
N ASN A 581 -15.67 -62.83 -38.91
CA ASN A 581 -14.21 -62.72 -38.91
C ASN A 581 -13.84 -61.36 -39.44
N LEU A 582 -12.68 -60.84 -39.03
CA LEU A 582 -12.27 -59.51 -39.44
C LEU A 582 -10.76 -59.42 -39.45
N MET A 583 -10.19 -58.87 -40.52
CA MET A 583 -8.75 -58.83 -40.69
C MET A 583 -8.26 -57.50 -41.22
N LEU A 584 -7.15 -57.03 -40.66
CA LEU A 584 -6.57 -55.73 -40.99
C LEU A 584 -5.13 -55.91 -41.48
N PHE A 585 -4.81 -55.26 -42.61
CA PHE A 585 -3.46 -55.27 -43.14
C PHE A 585 -3.05 -53.89 -43.65
N ILE A 586 -1.78 -53.56 -43.43
CA ILE A 586 -1.18 -52.32 -43.88
C ILE A 586 0.09 -52.61 -44.64
N ARG A 587 0.46 -51.73 -45.55
CA ARG A 587 1.75 -51.85 -46.22
C ARG A 587 2.20 -50.52 -46.79
N PRO A 588 3.33 -50.00 -46.36
CA PRO A 588 3.86 -48.78 -46.95
C PRO A 588 4.78 -49.08 -48.13
N THR A 589 5.34 -48.02 -48.72
CA THR A 589 6.47 -48.07 -49.63
C THR A 589 7.17 -46.74 -49.59
N ILE A 590 8.47 -46.78 -49.52
CA ILE A 590 9.23 -45.54 -49.58
C ILE A 590 9.38 -45.10 -51.03
N ILE A 591 9.49 -43.79 -51.25
CA ILE A 591 9.72 -43.24 -52.58
C ILE A 591 10.74 -42.12 -52.45
N ARG A 592 11.86 -42.22 -53.17
CA ARG A 592 12.92 -41.24 -52.99
C ARG A 592 12.83 -40.10 -53.99
N ASP A 593 12.66 -40.42 -55.26
CA ASP A 593 12.76 -39.40 -56.30
C ASP A 593 11.82 -39.76 -57.47
N ARG A 594 11.96 -38.98 -58.53
CA ARG A 594 11.11 -39.11 -59.72
C ARG A 594 11.02 -40.54 -60.22
N ASP A 595 12.18 -41.15 -60.44
CA ASP A 595 12.23 -42.48 -61.01
C ASP A 595 11.36 -43.43 -60.20
N GLU A 596 11.72 -43.66 -58.93
CA GLU A 596 10.90 -44.46 -58.05
C GLU A 596 9.44 -44.07 -58.07
N TYR A 597 9.16 -42.81 -58.38
CA TYR A 597 7.75 -42.38 -58.39
C TYR A 597 7.00 -42.97 -59.58
N ARG A 598 7.63 -42.99 -60.75
CA ARG A 598 6.91 -43.40 -61.96
C ARG A 598 6.33 -44.80 -61.80
N GLN A 599 7.14 -45.76 -61.34
CA GLN A 599 6.62 -47.12 -61.20
C GLN A 599 5.43 -47.16 -60.25
N ALA A 600 5.53 -46.46 -59.13
CA ALA A 600 4.47 -46.55 -58.14
C ALA A 600 3.16 -46.03 -58.72
N SER A 601 3.23 -44.84 -59.31
CA SER A 601 2.01 -44.27 -59.86
C SER A 601 1.48 -45.12 -61.01
N SER A 602 2.27 -45.24 -62.08
CA SER A 602 1.81 -45.96 -63.26
C SER A 602 1.24 -47.31 -62.88
N GLY A 603 2.06 -48.16 -62.26
CA GLY A 603 1.58 -49.48 -61.88
C GLY A 603 0.28 -49.44 -61.10
N GLN A 604 0.24 -48.62 -60.04
CA GLN A 604 -0.97 -48.54 -59.22
C GLN A 604 -2.17 -48.16 -60.07
N TYR A 605 -2.01 -47.14 -60.91
CA TYR A 605 -3.07 -46.72 -61.82
C TYR A 605 -3.56 -47.86 -62.68
N THR A 606 -2.62 -48.68 -63.16
CA THR A 606 -3.00 -49.90 -63.87
C THR A 606 -3.86 -50.79 -63.01
N ALA A 607 -3.47 -51.00 -61.75
CA ALA A 607 -4.31 -51.72 -60.82
C ALA A 607 -5.73 -51.16 -60.82
N PHE A 608 -5.87 -49.85 -60.97
CA PHE A 608 -7.19 -49.26 -61.11
C PHE A 608 -7.88 -49.73 -62.40
N ASN A 609 -7.21 -49.50 -63.53
CA ASN A 609 -7.81 -49.81 -64.83
C ASN A 609 -8.16 -51.29 -64.95
N ASN A 610 -7.48 -52.16 -64.20
CA ASN A 610 -7.80 -53.58 -64.22
C ASN A 610 -9.26 -53.83 -63.91
N ALA A 611 -9.70 -53.37 -62.74
CA ALA A 611 -11.10 -53.58 -62.37
C ALA A 611 -12.01 -52.68 -63.18
N GLN A 612 -11.58 -51.45 -63.46
CA GLN A 612 -12.38 -50.53 -64.24
C GLN A 612 -12.83 -51.14 -65.57
N THR A 613 -11.86 -51.43 -66.43
CA THR A 613 -12.14 -52.02 -67.73
C THR A 613 -12.44 -53.52 -67.66
N LYS A 614 -12.45 -54.06 -66.44
CA LYS A 614 -12.69 -55.49 -66.23
C LYS A 614 -13.99 -56.10 -66.80
N GLN A 615 -15.11 -55.39 -66.63
CA GLN A 615 -16.40 -55.89 -67.08
C GLN A 615 -16.83 -55.19 -68.38
N ARG A 616 -17.33 -53.97 -68.24
CA ARG A 616 -17.77 -53.20 -69.40
C ARG A 616 -16.64 -52.59 -70.23
N GLY A 617 -16.59 -52.94 -71.50
CA GLY A 617 -15.56 -52.45 -72.39
C GLY A 617 -15.91 -51.15 -73.11
N LYS A 618 -15.67 -50.03 -72.44
CA LYS A 618 -15.94 -48.72 -73.02
C LYS A 618 -14.65 -47.95 -73.29
N GLU A 619 -14.72 -47.00 -74.22
CA GLU A 619 -13.57 -46.18 -74.57
C GLU A 619 -13.70 -44.99 -73.64
N SER A 620 -12.58 -44.56 -73.06
CA SER A 620 -12.63 -43.42 -72.13
C SER A 620 -11.64 -42.27 -72.30
N SER A 621 -12.17 -41.12 -72.72
CA SER A 621 -11.45 -39.87 -72.86
C SER A 621 -10.57 -39.52 -71.67
N GLU A 622 -11.18 -39.48 -70.49
CA GLU A 622 -10.41 -39.12 -69.32
C GLU A 622 -9.33 -40.14 -69.04
N ALA A 623 -9.71 -41.37 -68.75
CA ALA A 623 -8.75 -42.40 -68.40
C ALA A 623 -7.59 -42.43 -69.37
N SER A 624 -7.88 -42.69 -70.64
CA SER A 624 -6.84 -42.75 -71.65
C SER A 624 -5.93 -41.53 -71.62
N LEU A 625 -6.53 -40.33 -71.67
CA LEU A 625 -5.74 -39.12 -71.67
C LEU A 625 -4.81 -39.06 -70.46
N SER A 626 -5.37 -39.35 -69.29
CA SER A 626 -4.58 -39.39 -68.06
C SER A 626 -3.40 -40.33 -68.16
N ASN A 627 -3.63 -41.49 -68.79
CA ASN A 627 -2.53 -42.41 -69.10
C ASN A 627 -1.48 -41.73 -69.95
N ASP A 628 -1.90 -41.02 -70.99
CA ASP A 628 -0.97 -40.22 -71.76
C ASP A 628 -0.12 -39.33 -70.87
N LEU A 629 -0.71 -38.82 -69.78
CA LEU A 629 0.08 -38.07 -68.80
C LEU A 629 1.10 -38.97 -68.12
N LEU A 630 0.61 -40.05 -67.51
CA LEU A 630 1.50 -40.92 -66.73
C LEU A 630 2.63 -41.49 -67.59
N HIS A 631 2.42 -41.60 -68.90
CA HIS A 631 3.48 -42.09 -69.78
C HIS A 631 4.75 -41.29 -69.63
N ILE A 632 4.65 -39.98 -69.81
CA ILE A 632 5.80 -39.09 -69.69
C ILE A 632 6.39 -39.15 -68.29
N GLN A 639 4.94 -37.97 -79.67
CA GLN A 639 3.61 -37.87 -80.26
C GLN A 639 3.39 -38.95 -81.32
N ALA A 640 4.47 -39.34 -81.98
CA ALA A 640 4.39 -40.37 -83.01
C ALA A 640 4.13 -41.74 -82.42
N PHE A 641 4.84 -42.05 -81.32
CA PHE A 641 4.69 -43.33 -80.65
C PHE A 641 3.22 -43.52 -80.28
N ARG A 642 2.55 -42.42 -79.98
CA ARG A 642 1.14 -42.45 -79.61
C ARG A 642 0.26 -42.86 -80.78
N GLN A 643 0.82 -42.75 -81.99
CA GLN A 643 0.08 -43.11 -83.21
C GLN A 643 0.20 -44.57 -83.56
N VAL A 644 1.44 -45.03 -83.59
CA VAL A 644 1.72 -46.41 -83.97
C VAL A 644 1.20 -47.42 -82.94
N SER A 645 1.45 -47.17 -81.64
CA SER A 645 0.97 -48.09 -80.56
C SER A 645 -0.57 -48.14 -80.56
N ALA A 646 -1.17 -46.98 -80.74
CA ALA A 646 -2.63 -46.91 -80.93
C ALA A 646 -3.09 -47.79 -82.08
N ALA A 647 -2.46 -47.63 -83.26
CA ALA A 647 -2.88 -48.39 -84.44
C ALA A 647 -2.77 -49.87 -84.20
N ILE A 648 -1.63 -50.31 -83.62
CA ILE A 648 -1.44 -51.74 -83.26
C ILE A 648 -2.63 -52.20 -82.38
N ASP A 649 -2.97 -51.39 -81.36
CA ASP A 649 -4.12 -51.67 -80.46
C ASP A 649 -5.39 -51.86 -81.26
N ALA A 650 -5.68 -50.92 -82.16
CA ALA A 650 -6.85 -51.05 -83.02
C ALA A 650 -6.85 -52.41 -83.67
N PHE A 651 -5.73 -52.74 -84.31
CA PHE A 651 -5.65 -53.96 -85.07
C PHE A 651 -6.05 -55.15 -84.22
N ASN A 652 -5.56 -55.23 -82.99
CA ASN A 652 -5.79 -56.42 -82.17
C ASN A 652 -7.07 -56.31 -81.32
N LEU A 653 -8.21 -56.27 -82.03
CA LEU A 653 -9.54 -56.30 -81.44
C LEU A 653 -10.32 -57.42 -82.09
N SER B 28 78.23 81.19 -18.87
CA SER B 28 78.63 79.82 -19.06
C SER B 28 78.68 79.10 -17.72
N ALA B 29 78.36 77.81 -17.74
CA ALA B 29 78.25 77.02 -16.52
C ALA B 29 79.59 76.41 -16.14
N SER B 30 80.57 77.29 -15.86
CA SER B 30 81.91 76.82 -15.50
C SER B 30 82.07 76.81 -13.98
N PHE B 31 81.63 75.72 -13.38
CA PHE B 31 81.69 75.55 -11.94
C PHE B 31 82.59 74.38 -11.57
N LYS B 32 83.65 74.67 -10.82
CA LYS B 32 84.61 73.66 -10.41
C LYS B 32 84.62 73.51 -8.89
N GLY B 33 84.25 72.32 -8.42
CA GLY B 33 84.18 72.03 -7.01
C GLY B 33 83.32 72.99 -6.22
N THR B 34 82.44 73.71 -6.88
CA THR B 34 81.64 74.74 -6.22
C THR B 34 80.64 74.10 -5.25
N ASP B 35 80.60 74.61 -4.02
CA ASP B 35 79.68 74.08 -3.04
C ASP B 35 78.24 74.38 -3.41
N ILE B 36 77.36 73.42 -3.09
CA ILE B 36 75.94 73.58 -3.40
C ILE B 36 75.39 74.85 -2.77
N GLN B 37 75.88 75.22 -1.60
CA GLN B 37 75.42 76.45 -0.97
C GLN B 37 75.82 77.67 -1.79
N GLU B 38 77.11 77.85 -2.01
CA GLU B 38 77.52 78.95 -2.88
C GLU B 38 77.01 78.78 -4.30
N PHE B 39 76.61 77.57 -4.68
CA PHE B 39 75.94 77.37 -5.96
C PHE B 39 74.60 78.11 -5.98
N ILE B 40 73.76 77.85 -4.99
CA ILE B 40 72.47 78.53 -4.91
C ILE B 40 72.66 80.01 -4.64
N ASN B 41 73.64 80.36 -3.83
CA ASN B 41 73.81 81.72 -3.40
C ASN B 41 74.48 82.58 -4.46
N THR B 42 75.12 81.98 -5.45
CA THR B 42 75.72 82.70 -6.56
C THR B 42 74.87 82.64 -7.82
N VAL B 43 74.54 81.43 -8.27
CA VAL B 43 73.61 81.27 -9.37
C VAL B 43 72.32 82.04 -9.10
N SER B 44 71.83 81.99 -7.85
CA SER B 44 70.71 82.84 -7.47
C SER B 44 70.97 84.29 -7.81
N LYS B 45 72.12 84.81 -7.36
CA LYS B 45 72.49 86.19 -7.67
C LYS B 45 72.32 86.47 -9.16
N ASN B 46 72.90 85.61 -9.99
CA ASN B 46 72.80 85.79 -11.43
C ASN B 46 71.36 85.75 -11.91
N LEU B 47 70.57 84.85 -11.34
CA LEU B 47 69.18 84.72 -11.73
C LEU B 47 68.35 85.88 -11.23
N ASN B 48 68.72 86.45 -10.06
CA ASN B 48 68.05 87.58 -9.44
C ASN B 48 66.77 87.19 -8.74
N LYS B 49 66.63 85.93 -8.38
CA LYS B 49 65.47 85.41 -7.69
C LYS B 49 65.77 84.99 -6.26
N THR B 50 64.83 85.28 -5.35
CA THR B 50 64.99 84.94 -3.94
C THR B 50 65.00 83.41 -3.80
N VAL B 51 65.64 82.91 -2.74
CA VAL B 51 65.61 81.47 -2.54
C VAL B 51 65.90 81.13 -1.09
N ILE B 52 65.10 80.24 -0.51
CA ILE B 52 65.34 79.78 0.85
C ILE B 52 65.84 78.35 0.80
N ILE B 53 67.04 78.15 1.33
CA ILE B 53 67.66 76.84 1.44
C ILE B 53 67.23 76.25 2.77
N ASP B 54 67.09 74.92 2.84
CA ASP B 54 66.85 74.26 4.11
C ASP B 54 68.13 73.60 4.62
N PRO B 55 68.19 73.27 5.93
CA PRO B 55 69.42 72.66 6.44
C PRO B 55 69.62 71.23 5.91
N SER B 56 70.66 70.57 6.43
CA SER B 56 70.97 69.20 6.05
C SER B 56 71.20 69.08 4.55
N VAL B 57 71.73 70.13 3.96
CA VAL B 57 72.04 70.18 2.54
C VAL B 57 73.54 70.43 2.44
N ARG B 58 74.31 69.35 2.26
CA ARG B 58 75.77 69.42 2.33
C ARG B 58 76.33 68.72 1.11
N GLY B 59 77.14 69.42 0.32
CA GLY B 59 77.74 68.80 -0.84
C GLY B 59 78.25 69.85 -1.81
N THR B 60 78.61 69.36 -3.01
CA THR B 60 79.27 70.15 -4.03
C THR B 60 79.10 69.48 -5.38
N ILE B 61 79.39 70.23 -6.44
CA ILE B 61 79.39 69.75 -7.79
C ILE B 61 80.71 70.15 -8.43
N THR B 62 80.87 69.75 -9.68
CA THR B 62 81.96 70.26 -10.50
C THR B 62 81.63 69.92 -11.95
N VAL B 63 81.92 70.86 -12.84
CA VAL B 63 81.52 70.67 -14.22
C VAL B 63 82.25 71.67 -15.10
N ARG B 64 82.62 71.25 -16.30
CA ARG B 64 83.13 72.17 -17.31
C ARG B 64 82.11 72.30 -18.43
N SER B 65 81.79 73.54 -18.79
CA SER B 65 80.85 73.80 -19.86
C SER B 65 81.53 74.66 -20.91
N TYR B 66 81.15 74.41 -22.17
CA TYR B 66 81.71 75.11 -23.30
C TYR B 66 80.77 76.12 -23.92
N ASP B 67 79.47 75.87 -23.90
CA ASP B 67 78.46 76.76 -24.45
C ASP B 67 77.76 77.56 -23.35
N MET B 68 77.16 78.68 -23.74
CA MET B 68 76.61 79.64 -22.81
C MET B 68 75.12 79.40 -22.59
N LEU B 69 74.67 79.51 -21.32
CA LEU B 69 73.32 79.10 -20.92
C LEU B 69 72.76 80.15 -19.96
N ASN B 70 72.24 81.27 -20.49
CA ASN B 70 71.49 82.19 -19.65
C ASN B 70 70.03 82.35 -20.01
N GLU B 71 69.65 82.18 -21.29
CA GLU B 71 68.33 82.66 -21.67
C GLU B 71 67.21 81.90 -20.96
N GLU B 72 67.04 80.63 -21.31
CA GLU B 72 66.05 79.82 -20.61
C GLU B 72 66.75 78.56 -20.14
N GLN B 73 67.80 78.19 -20.88
CA GLN B 73 68.52 76.98 -20.56
C GLN B 73 69.31 77.15 -19.28
N TYR B 74 69.45 78.37 -18.81
CA TYR B 74 70.00 78.67 -17.51
C TYR B 74 69.17 78.00 -16.40
N TYR B 75 67.94 78.47 -16.23
CA TYR B 75 67.05 77.89 -15.23
C TYR B 75 66.81 76.41 -15.52
N GLN B 76 66.72 76.04 -16.80
CA GLN B 76 66.54 74.66 -17.17
C GLN B 76 67.64 73.79 -16.55
N PHE B 77 68.88 74.07 -16.94
CA PHE B 77 69.99 73.24 -16.50
C PHE B 77 70.24 73.37 -15.00
N PHE B 78 69.95 74.53 -14.43
CA PHE B 78 70.03 74.70 -12.99
C PHE B 78 69.20 73.65 -12.28
N LEU B 79 67.90 73.62 -12.61
CA LEU B 79 67.03 72.61 -12.01
C LEU B 79 67.48 71.19 -12.35
N SER B 80 68.05 70.99 -13.54
CA SER B 80 68.58 69.66 -13.82
C SER B 80 69.69 69.26 -12.84
N VAL B 81 70.58 70.21 -12.52
CA VAL B 81 71.68 69.88 -11.64
C VAL B 81 71.17 69.56 -10.25
N LEU B 82 70.24 70.37 -9.75
CA LEU B 82 69.61 70.03 -8.49
C LEU B 82 68.96 68.64 -8.57
N ASP B 83 68.48 68.27 -9.75
CA ASP B 83 67.83 67.00 -9.93
C ASP B 83 68.79 65.83 -9.83
N VAL B 84 70.04 66.02 -10.26
CA VAL B 84 70.99 64.92 -10.27
C VAL B 84 71.22 64.41 -8.84
N TYR B 85 71.56 65.33 -7.94
CA TYR B 85 71.74 64.93 -6.55
C TYR B 85 70.43 64.51 -5.90
N GLY B 86 69.32 64.72 -6.60
CA GLY B 86 68.04 64.43 -5.99
C GLY B 86 67.55 65.45 -5.00
N PHE B 87 68.37 66.42 -4.61
CA PHE B 87 67.85 67.52 -3.83
C PHE B 87 66.90 68.29 -4.74
N ALA B 88 65.64 68.36 -4.36
CA ALA B 88 64.64 68.84 -5.28
C ALA B 88 64.14 70.20 -4.83
N VAL B 89 63.59 70.95 -5.76
CA VAL B 89 63.06 72.27 -5.46
C VAL B 89 61.69 72.44 -6.12
N ILE B 90 60.88 73.29 -5.51
CA ILE B 90 59.57 73.69 -6.01
C ILE B 90 59.55 75.21 -6.11
N ASN B 91 59.10 75.73 -7.25
CA ASN B 91 59.03 77.17 -7.45
C ASN B 91 57.60 77.66 -7.28
N MET B 92 57.47 78.91 -6.85
CA MET B 92 56.16 79.47 -6.58
C MET B 92 55.99 80.75 -7.38
N ASN B 93 54.80 81.32 -7.34
CA ASN B 93 54.43 82.43 -8.19
C ASN B 93 54.81 83.77 -7.54
N ASN B 94 54.29 84.01 -6.35
CA ASN B 94 54.53 85.29 -5.66
C ASN B 94 55.99 85.44 -5.22
N GLY B 95 56.52 84.42 -4.54
CA GLY B 95 57.93 84.35 -4.26
C GLY B 95 58.57 83.28 -5.12
N VAL B 96 59.89 83.16 -5.01
CA VAL B 96 60.64 82.23 -5.83
C VAL B 96 60.68 80.87 -5.14
N LEU B 97 61.38 79.93 -5.75
CA LEU B 97 61.41 78.53 -5.33
C LEU B 97 62.05 78.36 -3.95
N LYS B 98 62.11 77.11 -3.52
CA LYS B 98 62.68 76.70 -2.25
C LYS B 98 63.38 75.37 -2.47
N VAL B 99 64.16 74.95 -1.49
CA VAL B 99 64.90 73.70 -1.51
C VAL B 99 64.39 72.81 -0.40
N VAL B 100 63.98 71.60 -0.74
CA VAL B 100 63.46 70.67 0.25
C VAL B 100 64.45 69.52 0.45
N ARG B 101 64.37 68.92 1.62
CA ARG B 101 65.12 67.72 1.95
C ARG B 101 64.21 66.50 2.04
N ALA B 102 62.88 66.67 1.95
CA ALA B 102 61.91 65.58 1.92
C ALA B 102 61.70 65.02 0.52
N LYS B 103 62.06 65.76 -0.51
CA LYS B 103 62.06 65.31 -1.90
C LYS B 103 60.70 64.86 -2.41
N ASP B 104 59.63 65.07 -1.66
CA ASP B 104 58.36 64.46 -2.03
C ASP B 104 57.37 65.50 -2.54
N ALA B 105 56.36 64.98 -3.24
CA ALA B 105 55.19 65.77 -3.56
C ALA B 105 54.39 66.16 -2.32
N LYS B 106 54.62 65.49 -1.20
CA LYS B 106 53.92 65.78 0.05
C LYS B 106 54.11 67.20 0.57
N THR B 107 54.93 67.98 -0.12
CA THR B 107 55.20 69.36 0.29
C THR B 107 54.11 70.44 0.21
N SER B 108 52.89 70.01 -0.09
CA SER B 108 51.77 70.94 -0.18
C SER B 108 51.86 71.77 -1.47
N ALA B 109 52.84 71.45 -2.30
CA ALA B 109 53.04 72.16 -3.56
C ALA B 109 53.25 71.07 -4.61
N VAL B 110 52.37 71.04 -5.61
CA VAL B 110 52.45 70.06 -6.67
C VAL B 110 51.71 70.60 -7.89
N PRO B 111 52.32 71.45 -8.71
CA PRO B 111 51.58 71.98 -9.88
C PRO B 111 51.29 70.83 -10.83
N VAL B 112 50.02 70.63 -11.13
CA VAL B 112 49.56 69.42 -11.84
C VAL B 112 49.23 69.81 -13.28
N ALA B 113 49.90 69.17 -14.22
CA ALA B 113 49.59 69.38 -15.63
C ALA B 113 48.20 68.83 -15.97
N SER B 114 47.63 69.38 -17.03
CA SER B 114 46.31 68.98 -17.49
C SER B 114 46.35 68.43 -18.91
N ALA B 115 47.46 67.78 -19.28
CA ALA B 115 47.65 67.02 -20.51
C ALA B 115 47.95 67.93 -21.70
N ALA B 116 47.93 69.24 -21.50
CA ALA B 116 48.42 70.15 -22.52
C ALA B 116 49.82 70.67 -22.22
N ALA B 117 50.15 70.85 -20.95
CA ALA B 117 51.50 71.21 -20.54
C ALA B 117 52.21 70.01 -19.92
N PRO B 118 52.92 69.20 -20.69
CA PRO B 118 53.77 68.17 -20.07
C PRO B 118 54.97 68.74 -19.35
N GLY B 119 55.27 70.02 -19.51
CA GLY B 119 56.43 70.58 -18.85
C GLY B 119 57.70 70.05 -19.48
N GLU B 120 58.70 69.80 -18.63
CA GLU B 120 59.98 69.27 -19.08
C GLU B 120 60.63 68.59 -17.89
N GLY B 121 61.55 67.69 -18.18
CA GLY B 121 61.98 66.67 -17.24
C GLY B 121 62.33 67.19 -15.86
N ASP B 122 62.67 68.47 -15.79
CA ASP B 122 63.22 69.00 -14.56
C ASP B 122 62.18 69.13 -13.47
N GLU B 123 60.96 69.54 -13.81
CA GLU B 123 59.98 69.87 -12.79
C GLU B 123 59.24 68.65 -12.28
N VAL B 124 58.54 68.82 -11.17
CA VAL B 124 57.75 67.77 -10.53
C VAL B 124 56.27 68.15 -10.63
N VAL B 125 55.48 67.25 -11.20
CA VAL B 125 54.03 67.48 -11.34
C VAL B 125 53.32 66.34 -10.63
N THR B 126 52.00 66.31 -10.73
CA THR B 126 51.22 65.17 -10.26
C THR B 126 50.10 64.93 -11.26
N ARG B 127 50.26 63.92 -12.08
CA ARG B 127 49.35 63.69 -13.19
C ARG B 127 48.39 62.57 -12.86
N VAL B 128 47.33 62.49 -13.67
CA VAL B 128 46.28 61.50 -13.43
C VAL B 128 45.59 61.23 -14.73
N VAL B 129 45.14 59.99 -14.91
CA VAL B 129 44.36 59.71 -16.10
C VAL B 129 43.29 58.67 -15.76
N PRO B 130 42.07 58.82 -16.25
CA PRO B 130 41.08 57.76 -16.11
C PRO B 130 41.25 56.63 -17.13
N LEU B 131 42.03 55.62 -16.75
CA LEU B 131 42.23 54.45 -17.58
C LEU B 131 40.93 53.67 -17.79
N THR B 132 40.56 53.43 -19.03
CA THR B 132 39.20 53.05 -19.37
C THR B 132 38.99 51.60 -19.78
N ASN B 133 40.05 50.81 -19.96
CA ASN B 133 39.85 49.48 -20.52
C ASN B 133 40.39 48.34 -19.69
N VAL B 134 41.20 48.59 -18.66
CA VAL B 134 42.03 47.56 -18.06
C VAL B 134 41.93 47.69 -16.56
N ALA B 135 42.04 46.55 -15.87
CA ALA B 135 42.17 46.59 -14.42
C ALA B 135 43.38 47.42 -14.04
N ALA B 136 43.15 48.44 -13.22
CA ALA B 136 44.20 49.32 -12.75
C ALA B 136 44.93 48.80 -11.53
N ARG B 137 44.76 47.53 -11.17
CA ARG B 137 45.59 46.99 -10.10
C ARG B 137 46.91 46.44 -10.60
N ASP B 138 46.90 45.59 -11.63
CA ASP B 138 48.08 44.79 -11.89
C ASP B 138 49.22 45.60 -12.50
N LEU B 139 48.92 46.62 -13.29
CA LEU B 139 50.00 47.47 -13.79
C LEU B 139 50.59 48.34 -12.71
N ALA B 140 50.03 48.33 -11.52
CA ALA B 140 50.45 49.15 -10.41
C ALA B 140 51.69 48.57 -9.74
N PRO B 141 51.82 47.27 -9.54
CA PRO B 141 53.11 46.78 -9.04
C PRO B 141 54.22 46.96 -10.04
N LEU B 142 53.96 46.56 -11.29
CA LEU B 142 55.01 46.74 -12.31
C LEU B 142 55.41 48.18 -12.48
N LEU B 143 54.49 49.11 -12.25
CA LEU B 143 54.83 50.52 -12.46
C LEU B 143 55.39 51.14 -11.20
N ARG B 144 54.87 50.75 -10.05
CA ARG B 144 55.49 51.13 -8.79
C ARG B 144 56.89 50.57 -8.68
N GLN B 145 57.23 49.54 -9.44
CA GLN B 145 58.61 49.07 -9.50
C GLN B 145 59.41 49.80 -10.58
N LEU B 146 58.95 49.74 -11.82
CA LEU B 146 59.69 50.36 -12.92
C LEU B 146 60.00 51.80 -12.55
N ASN B 147 59.06 52.46 -11.91
CA ASN B 147 59.16 53.85 -11.51
C ASN B 147 59.19 53.98 -10.00
N ASP B 148 59.88 53.07 -9.31
CA ASP B 148 59.99 53.27 -7.88
C ASP B 148 61.14 54.22 -7.70
N ASN B 149 60.85 55.50 -7.72
CA ASN B 149 61.91 56.47 -7.56
C ASN B 149 62.30 56.48 -6.08
N ALA B 150 63.54 56.15 -5.80
CA ALA B 150 63.96 56.02 -4.42
C ALA B 150 64.35 57.34 -3.79
N GLY B 151 63.98 58.45 -4.41
CA GLY B 151 64.15 59.76 -3.84
C GLY B 151 62.82 60.40 -3.51
N ALA B 152 61.90 59.59 -3.00
CA ALA B 152 60.51 59.99 -2.69
C ALA B 152 59.72 60.25 -3.99
N GLY B 153 59.92 59.38 -4.98
CA GLY B 153 59.20 59.47 -6.24
C GLY B 153 57.73 59.11 -6.10
N SER B 154 57.08 59.04 -7.26
CA SER B 154 55.63 58.90 -7.35
C SER B 154 55.12 57.62 -6.67
N VAL B 155 53.81 57.52 -6.60
CA VAL B 155 53.09 56.34 -6.15
C VAL B 155 51.95 56.07 -7.14
N VAL B 156 51.25 54.96 -6.92
CA VAL B 156 50.20 54.53 -7.82
C VAL B 156 49.05 53.93 -7.01
N HIS B 157 47.84 54.41 -7.27
CA HIS B 157 46.70 53.91 -6.52
C HIS B 157 45.48 53.70 -7.41
N TYR B 158 44.61 52.83 -6.91
CA TYR B 158 43.41 52.42 -7.59
C TYR B 158 42.18 52.91 -6.87
N GLU B 159 41.25 53.50 -7.59
CA GLU B 159 39.91 53.77 -7.08
C GLU B 159 38.88 53.10 -7.98
N PRO B 160 37.73 52.65 -7.45
CA PRO B 160 36.79 51.94 -8.30
C PRO B 160 36.28 52.76 -9.44
N SER B 161 36.59 54.04 -9.48
CA SER B 161 36.40 54.86 -10.65
C SER B 161 37.60 54.84 -11.59
N ASN B 162 38.54 53.93 -11.39
CA ASN B 162 39.67 53.70 -12.29
C ASN B 162 40.51 54.92 -12.52
N VAL B 163 40.56 55.79 -11.52
CA VAL B 163 41.50 56.87 -11.57
C VAL B 163 42.85 56.22 -11.64
N LEU B 164 43.74 56.82 -12.42
CA LEU B 164 45.12 56.39 -12.45
C LEU B 164 45.97 57.63 -12.32
N LEU B 165 46.61 57.76 -11.16
CA LEU B 165 47.27 58.98 -10.75
C LEU B 165 48.72 58.69 -10.41
N MET B 166 49.56 59.71 -10.54
CA MET B 166 50.93 59.61 -10.10
C MET B 166 51.47 61.03 -10.01
N THR B 167 52.62 61.17 -9.39
CA THR B 167 53.29 62.47 -9.41
C THR B 167 54.63 62.45 -10.13
N GLY B 168 55.59 61.63 -9.69
CA GLY B 168 56.81 61.41 -10.44
C GLY B 168 57.58 62.67 -10.78
N ARG B 169 58.09 62.74 -12.01
CA ARG B 169 58.78 63.86 -12.59
C ARG B 169 58.06 64.25 -13.87
N ALA B 170 58.58 65.23 -14.59
CA ALA B 170 57.90 65.63 -15.81
C ALA B 170 58.39 64.85 -17.02
N ALA B 171 59.61 64.34 -16.97
CA ALA B 171 60.08 63.46 -18.05
C ALA B 171 59.41 62.08 -17.97
N VAL B 172 59.27 61.56 -16.76
CA VAL B 172 58.53 60.32 -16.54
C VAL B 172 57.17 60.36 -17.21
N ILE B 173 56.55 61.55 -17.22
CA ILE B 173 55.23 61.68 -17.81
C ILE B 173 55.23 61.15 -19.24
N LYS B 174 56.19 61.60 -20.05
CA LYS B 174 56.31 61.14 -21.43
C LYS B 174 56.32 59.62 -21.52
N ARG B 175 57.23 58.98 -20.79
CA ARG B 175 57.37 57.54 -20.92
C ARG B 175 56.11 56.83 -20.50
N LEU B 176 55.42 57.30 -19.46
CA LEU B 176 54.27 56.52 -18.98
C LEU B 176 53.00 56.77 -19.76
N LEU B 177 52.69 58.04 -20.06
CA LEU B 177 51.67 58.33 -21.06
C LEU B 177 51.84 57.45 -22.28
N THR B 178 53.05 57.43 -22.81
CA THR B 178 53.30 56.56 -23.96
C THR B 178 53.02 55.10 -23.62
N ILE B 179 53.31 54.68 -22.39
CA ILE B 179 53.07 53.30 -22.02
C ILE B 179 51.60 52.98 -22.16
N VAL B 180 50.76 53.68 -21.38
CA VAL B 180 49.35 53.32 -21.36
C VAL B 180 48.73 53.49 -22.73
N GLU B 181 49.01 54.62 -23.39
CA GLU B 181 48.49 54.85 -24.73
C GLU B 181 48.86 53.76 -25.70
N ARG B 182 50.00 53.09 -25.52
CA ARG B 182 50.24 51.97 -26.41
C ARG B 182 49.54 50.71 -25.92
N VAL B 183 49.66 50.41 -24.62
CA VAL B 183 49.13 49.15 -24.11
C VAL B 183 47.61 49.15 -24.05
N ASP B 184 46.98 50.29 -23.83
CA ASP B 184 45.53 50.32 -23.85
C ASP B 184 45.00 50.28 -25.28
N ASN B 185 45.72 50.85 -26.22
CA ASN B 185 45.32 50.87 -27.61
C ASN B 185 45.60 49.53 -28.28
N ALA B 186 45.90 48.49 -27.50
CA ALA B 186 46.14 47.16 -28.05
C ALA B 186 44.81 46.43 -28.20
N GLY B 187 44.07 46.81 -29.24
CA GLY B 187 42.98 46.04 -29.80
C GLY B 187 41.96 45.50 -28.82
N ASP B 188 41.38 46.37 -28.02
CA ASP B 188 40.34 45.97 -27.08
C ASP B 188 39.07 45.57 -27.81
N ARG B 189 38.10 45.11 -27.04
CA ARG B 189 36.90 44.44 -27.55
C ARG B 189 36.27 45.17 -28.73
N SER B 190 36.05 44.44 -29.81
CA SER B 190 35.25 44.89 -30.92
C SER B 190 34.42 43.71 -31.43
N VAL B 191 33.27 44.02 -32.01
CA VAL B 191 32.28 43.03 -32.39
C VAL B 191 32.10 43.03 -33.90
N VAL B 192 31.83 41.85 -34.46
CA VAL B 192 31.51 41.73 -35.87
C VAL B 192 30.84 40.37 -36.06
N THR B 193 30.08 40.23 -37.14
CA THR B 193 29.27 39.05 -37.37
C THR B 193 29.59 38.46 -38.72
N VAL B 194 28.97 37.33 -39.02
CA VAL B 194 29.01 36.75 -40.36
C VAL B 194 27.68 36.09 -40.62
N PRO B 195 27.05 36.38 -41.73
CA PRO B 195 25.85 35.61 -42.08
C PRO B 195 26.21 34.21 -42.52
N LEU B 196 25.23 33.45 -42.95
CA LEU B 196 25.49 32.09 -43.39
C LEU B 196 24.45 31.70 -44.42
N SER B 197 24.91 31.19 -45.56
CA SER B 197 24.05 30.79 -46.65
C SER B 197 23.03 29.71 -46.29
N TRP B 198 23.46 28.49 -45.98
CA TRP B 198 22.50 27.43 -45.78
C TRP B 198 22.72 26.55 -44.56
N ALA B 199 23.93 26.48 -44.00
CA ALA B 199 24.18 25.53 -42.93
C ALA B 199 23.47 25.90 -41.64
N SER B 200 23.41 24.93 -40.73
CA SER B 200 22.79 25.10 -39.43
C SER B 200 23.54 26.12 -38.59
N ALA B 201 22.80 26.89 -37.79
CA ALA B 201 23.43 27.91 -36.93
C ALA B 201 23.80 27.34 -35.57
N ALA B 202 22.80 27.11 -34.72
CA ALA B 202 23.05 26.66 -33.36
C ALA B 202 23.93 25.42 -33.31
N GLU B 203 24.01 24.68 -34.41
CA GLU B 203 24.78 23.46 -34.44
C GLU B 203 26.27 23.77 -34.53
N VAL B 204 26.62 24.81 -35.26
CA VAL B 204 28.03 25.15 -35.44
C VAL B 204 28.64 25.60 -34.13
N VAL B 205 28.15 26.70 -33.59
CA VAL B 205 28.67 27.17 -32.31
C VAL B 205 28.51 26.07 -31.25
N LYS B 206 27.36 25.44 -31.21
CA LYS B 206 27.21 24.20 -30.45
C LYS B 206 28.37 23.24 -30.68
N LEU B 207 29.08 23.38 -31.80
CA LEU B 207 30.29 22.56 -32.05
C LEU B 207 31.55 23.39 -32.26
N VAL B 208 31.66 24.59 -31.70
CA VAL B 208 32.92 25.28 -31.86
C VAL B 208 33.70 25.20 -30.57
N THR B 209 32.99 25.35 -29.45
CA THR B 209 33.61 25.30 -28.13
C THR B 209 33.96 23.89 -27.74
N GLU B 210 34.01 22.98 -28.70
CA GLU B 210 34.53 21.64 -28.50
C GLU B 210 35.80 21.41 -29.29
N LEU B 211 35.96 22.10 -30.42
CA LEU B 211 37.17 22.03 -31.20
C LEU B 211 38.22 23.05 -30.78
N ASN B 212 37.80 24.23 -30.31
CA ASN B 212 38.74 25.25 -29.84
C ASN B 212 38.32 25.74 -28.47
N LYS B 213 38.49 24.93 -27.45
CA LYS B 213 38.02 25.27 -26.12
C LYS B 213 39.10 25.58 -25.10
N ASP B 214 40.10 24.72 -24.94
CA ASP B 214 41.04 24.87 -23.84
C ASP B 214 42.23 23.95 -24.08
N THR B 215 43.08 23.88 -23.08
CA THR B 215 44.24 23.01 -23.05
C THR B 215 44.55 22.71 -21.61
N SER B 216 45.47 21.78 -21.38
CA SER B 216 45.93 21.44 -20.04
C SER B 216 46.33 22.65 -19.24
N LYS B 217 46.75 23.71 -19.91
CA LYS B 217 47.08 24.98 -19.29
C LYS B 217 46.49 26.05 -20.18
N SER B 218 45.79 27.00 -19.58
CA SER B 218 45.13 28.07 -20.32
C SER B 218 46.09 28.81 -21.23
N ALA B 219 45.63 29.13 -22.44
CA ALA B 219 46.45 29.87 -23.39
C ALA B 219 46.81 31.17 -22.70
N LEU B 220 45.86 31.70 -21.95
CA LEU B 220 46.07 32.93 -21.20
C LEU B 220 44.84 33.35 -20.40
N PRO B 221 44.94 34.47 -19.69
CA PRO B 221 43.81 34.97 -18.91
C PRO B 221 42.59 35.18 -19.83
N GLY B 222 41.44 35.47 -19.23
CA GLY B 222 40.24 35.68 -20.00
C GLY B 222 40.22 36.68 -21.14
N SER B 223 41.24 37.52 -21.29
CA SER B 223 41.25 38.47 -22.39
C SER B 223 42.14 37.96 -23.51
N MET B 224 42.08 38.63 -24.65
CA MET B 224 42.75 38.20 -25.87
C MET B 224 42.28 36.84 -26.35
N VAL B 225 41.02 36.50 -26.09
CA VAL B 225 40.39 35.27 -26.55
C VAL B 225 38.90 35.52 -26.63
N ALA B 226 38.29 34.98 -27.67
CA ALA B 226 36.96 35.43 -28.06
C ALA B 226 35.93 34.42 -27.59
N ASN B 227 34.74 34.92 -27.32
CA ASN B 227 33.58 34.09 -27.03
C ASN B 227 32.58 34.17 -28.17
N VAL B 228 31.73 33.15 -28.28
CA VAL B 228 30.86 33.01 -29.44
C VAL B 228 29.47 32.63 -28.95
N VAL B 229 28.46 33.34 -29.41
CA VAL B 229 27.05 32.96 -29.30
C VAL B 229 26.39 33.20 -30.64
N ALA B 230 25.10 32.85 -30.70
CA ALA B 230 24.38 32.98 -31.96
C ALA B 230 22.90 32.98 -31.64
N ASP B 231 22.15 33.69 -32.47
CA ASP B 231 20.70 33.60 -32.45
C ASP B 231 20.28 32.65 -33.55
N GLU B 232 19.06 32.18 -33.44
CA GLU B 232 18.50 31.36 -34.48
C GLU B 232 17.66 32.18 -35.43
N ARG B 233 17.67 33.49 -35.28
CA ARG B 233 16.65 34.29 -35.93
C ARG B 233 17.07 34.69 -37.32
N THR B 234 18.27 35.25 -37.48
CA THR B 234 18.79 35.61 -38.79
C THR B 234 19.79 34.61 -39.32
N ASN B 235 20.08 33.54 -38.59
CA ASN B 235 20.95 32.48 -39.09
C ASN B 235 22.38 33.04 -39.27
N ALA B 236 22.80 33.90 -38.36
CA ALA B 236 24.19 34.33 -38.31
C ALA B 236 24.72 34.10 -36.91
N VAL B 237 26.03 34.29 -36.76
CA VAL B 237 26.74 33.94 -35.55
C VAL B 237 27.56 35.15 -35.09
N LEU B 238 27.78 35.23 -33.78
CA LEU B 238 28.36 36.40 -33.13
C LEU B 238 29.78 36.09 -32.65
N VAL B 239 30.71 37.04 -32.86
CA VAL B 239 32.03 36.93 -32.26
C VAL B 239 32.43 38.29 -31.70
N SER B 240 33.34 38.25 -30.73
CA SER B 240 33.86 39.48 -30.16
C SER B 240 35.24 39.19 -29.59
N GLY B 241 36.18 40.12 -29.76
CA GLY B 241 37.54 39.81 -29.38
C GLY B 241 38.53 40.74 -30.08
N GLU B 242 39.72 40.20 -30.30
CA GLU B 242 40.87 40.99 -30.70
C GLU B 242 41.31 40.71 -32.12
N PRO B 243 41.90 41.70 -32.78
CA PRO B 243 42.15 41.59 -34.22
C PRO B 243 43.14 40.53 -34.61
N ASN B 244 43.73 39.79 -33.68
CA ASN B 244 44.45 38.58 -34.03
C ASN B 244 43.89 37.35 -33.33
N SER B 245 42.68 37.45 -32.77
CA SER B 245 41.95 36.30 -32.24
C SER B 245 40.76 35.91 -33.09
N ARG B 246 40.02 36.92 -33.57
CA ARG B 246 38.79 36.62 -34.28
C ARG B 246 39.08 35.97 -35.63
N GLN B 247 40.20 36.37 -36.25
CA GLN B 247 40.51 35.89 -37.58
C GLN B 247 40.51 34.38 -37.62
N ARG B 248 40.98 33.75 -36.53
CA ARG B 248 40.89 32.31 -36.42
C ARG B 248 39.44 31.85 -36.50
N ILE B 249 38.54 32.50 -35.75
CA ILE B 249 37.14 32.07 -35.77
C ILE B 249 36.57 32.16 -37.17
N ILE B 250 36.83 33.27 -37.85
CA ILE B 250 36.37 33.37 -39.22
C ILE B 250 36.99 32.31 -40.09
N ALA B 251 38.21 31.88 -39.74
CA ALA B 251 38.84 30.83 -40.53
C ALA B 251 38.02 29.56 -40.42
N MET B 252 37.72 29.13 -39.19
CA MET B 252 36.95 27.91 -39.06
C MET B 252 35.62 28.04 -39.75
N ILE B 253 34.88 29.13 -39.54
CA ILE B 253 33.58 29.17 -40.18
C ILE B 253 33.72 29.16 -41.71
N LYS B 254 34.78 29.75 -42.25
CA LYS B 254 34.99 29.65 -43.70
C LYS B 254 35.14 28.20 -44.11
N GLN B 255 35.81 27.41 -43.27
CA GLN B 255 36.01 26.00 -43.56
C GLN B 255 34.72 25.20 -43.29
N LEU B 256 34.05 25.50 -42.18
CA LEU B 256 32.83 24.83 -41.79
C LEU B 256 31.76 25.09 -42.82
N ASP B 257 31.72 26.32 -43.36
CA ASP B 257 30.66 26.71 -44.27
C ASP B 257 30.94 26.15 -45.65
N ARG B 258 30.73 24.86 -45.76
CA ARG B 258 30.93 24.13 -46.99
C ARG B 258 29.59 23.75 -47.59
N GLN B 259 29.64 23.34 -48.86
CA GLN B 259 28.44 22.94 -49.58
C GLN B 259 28.36 21.42 -49.59
N GLN B 260 27.14 20.89 -49.56
CA GLN B 260 26.97 19.43 -49.55
C GLN B 260 26.94 18.81 -50.93
N ALA B 261 27.76 17.79 -51.17
CA ALA B 261 27.73 17.11 -52.46
C ALA B 261 26.32 16.63 -52.71
N VAL B 262 25.80 15.87 -51.74
CA VAL B 262 24.45 15.33 -51.79
C VAL B 262 24.07 15.11 -50.34
N GLN B 263 22.88 15.53 -49.94
CA GLN B 263 22.44 15.34 -48.56
C GLN B 263 22.11 13.87 -48.39
N GLY B 264 22.84 13.17 -47.52
CA GLY B 264 22.59 11.76 -47.34
C GLY B 264 21.98 11.44 -45.99
N ASN B 265 21.70 12.48 -45.21
CA ASN B 265 21.05 12.27 -43.93
C ASN B 265 19.78 11.44 -44.08
N THR B 266 19.03 11.66 -45.16
CA THR B 266 17.86 10.83 -45.50
C THR B 266 17.80 10.67 -46.99
N LYS B 267 17.59 9.45 -47.45
CA LYS B 267 17.36 9.20 -48.86
C LYS B 267 16.20 8.24 -49.06
N VAL B 268 15.43 8.49 -50.12
CA VAL B 268 14.14 7.85 -50.35
C VAL B 268 14.29 6.85 -51.47
N ILE B 269 13.98 5.59 -51.20
CA ILE B 269 14.10 4.58 -52.21
C ILE B 269 12.70 4.26 -52.73
N TYR B 270 12.66 3.53 -53.86
CA TYR B 270 11.42 3.10 -54.48
C TYR B 270 11.56 1.61 -54.73
N LEU B 271 10.72 0.81 -54.10
CA LEU B 271 10.79 -0.64 -54.26
C LEU B 271 9.84 -1.09 -55.37
N LYS B 272 10.27 -2.12 -56.12
CA LYS B 272 9.60 -2.39 -57.39
C LYS B 272 8.58 -3.51 -57.32
N TYR B 273 8.89 -4.68 -56.72
CA TYR B 273 7.96 -5.81 -56.77
C TYR B 273 7.34 -6.25 -55.45
N ALA B 274 7.95 -5.99 -54.32
CA ALA B 274 7.34 -6.31 -53.05
C ALA B 274 6.62 -5.09 -52.49
N LYS B 275 5.60 -5.35 -51.68
CA LYS B 275 5.00 -4.20 -51.03
C LYS B 275 5.91 -3.76 -49.88
N ALA B 276 5.61 -2.61 -49.29
CA ALA B 276 6.46 -2.09 -48.25
C ALA B 276 5.86 -2.29 -46.87
N ALA B 277 4.58 -2.63 -46.80
CA ALA B 277 3.96 -2.86 -45.51
C ALA B 277 4.65 -3.99 -44.76
N ASP B 278 4.81 -5.15 -45.41
CA ASP B 278 5.52 -6.23 -44.74
C ASP B 278 6.94 -5.83 -44.41
N LEU B 279 7.60 -5.13 -45.34
CA LEU B 279 9.01 -4.83 -45.17
C LEU B 279 9.27 -3.97 -43.94
N VAL B 280 8.43 -2.96 -43.69
CA VAL B 280 8.67 -2.14 -42.49
C VAL B 280 8.83 -3.03 -41.26
N GLU B 281 7.92 -3.98 -41.08
CA GLU B 281 7.91 -4.71 -39.81
C GLU B 281 8.96 -5.81 -39.81
N VAL B 282 9.13 -6.52 -40.94
CA VAL B 282 10.22 -7.49 -41.04
C VAL B 282 11.55 -6.83 -40.74
N LEU B 283 11.80 -5.68 -41.34
CA LEU B 283 13.05 -4.96 -41.10
C LEU B 283 12.82 -3.99 -39.95
N THR B 284 13.20 -4.40 -38.75
CA THR B 284 13.27 -3.44 -37.68
C THR B 284 14.62 -3.34 -36.98
N GLY B 285 15.49 -4.35 -37.07
CA GLY B 285 16.63 -4.27 -36.16
C GLY B 285 18.04 -4.59 -36.62
N ILE B 286 18.55 -3.95 -37.68
CA ILE B 286 19.90 -4.26 -38.16
C ILE B 286 20.93 -4.01 -37.07
N SER B 287 21.08 -2.75 -36.67
CA SER B 287 22.26 -2.31 -35.97
C SER B 287 22.01 -1.77 -34.58
N SER B 288 20.77 -1.51 -34.23
CA SER B 288 20.43 -1.18 -32.85
C SER B 288 20.78 -2.32 -31.90
N LYS B 305 21.57 6.42 -33.07
CA LYS B 305 20.72 5.88 -32.00
C LYS B 305 20.07 4.59 -32.45
N ASN B 306 19.29 4.70 -33.52
CA ASN B 306 18.51 3.60 -34.03
C ASN B 306 18.26 3.90 -35.50
N ILE B 307 17.62 2.95 -36.15
CA ILE B 307 17.23 3.10 -37.55
C ILE B 307 15.70 3.15 -37.58
N ILE B 308 15.16 4.25 -38.04
CA ILE B 308 13.72 4.43 -38.11
C ILE B 308 13.32 4.27 -39.56
N ILE B 309 12.67 3.17 -39.88
CA ILE B 309 12.16 2.98 -41.23
C ILE B 309 10.70 3.34 -41.27
N LYS B 310 10.34 4.15 -42.25
CA LYS B 310 8.98 4.55 -42.50
C LYS B 310 8.59 4.13 -43.92
N ALA B 311 7.35 3.67 -44.07
CA ALA B 311 6.84 3.26 -45.38
C ALA B 311 5.65 4.12 -45.76
N HIS B 312 5.55 4.46 -47.05
CA HIS B 312 4.50 5.41 -47.39
C HIS B 312 3.17 4.72 -47.62
N GLY B 313 3.13 3.77 -48.55
CA GLY B 313 1.91 3.08 -48.91
C GLY B 313 1.04 3.78 -49.92
N GLN B 314 1.18 5.08 -50.11
CA GLN B 314 0.33 5.76 -51.05
C GLN B 314 1.02 6.03 -52.38
N THR B 315 2.34 6.06 -52.40
CA THR B 315 3.11 5.85 -53.62
C THR B 315 3.83 4.51 -53.62
N ASN B 316 3.66 3.70 -52.57
CA ASN B 316 4.39 2.44 -52.43
C ASN B 316 5.90 2.67 -52.48
N ALA B 317 6.35 3.58 -51.66
CA ALA B 317 7.78 3.78 -51.49
C ALA B 317 8.09 3.95 -50.02
N LEU B 318 9.32 3.61 -49.64
CA LEU B 318 9.72 3.60 -48.25
C LEU B 318 10.94 4.50 -48.05
N ILE B 319 11.09 4.97 -46.83
CA ILE B 319 12.20 5.85 -46.47
C ILE B 319 13.20 5.17 -45.54
N VAL B 320 14.33 5.85 -45.34
CA VAL B 320 15.40 5.39 -44.48
C VAL B 320 15.97 6.71 -43.96
N THR B 321 15.68 7.01 -42.70
CA THR B 321 16.24 8.17 -42.04
C THR B 321 16.97 7.54 -40.88
N ALA B 322 18.11 6.95 -41.19
CA ALA B 322 18.85 6.23 -40.17
C ALA B 322 20.27 6.58 -40.47
N ALA B 323 21.19 5.74 -40.03
CA ALA B 323 22.58 6.01 -40.33
C ALA B 323 22.98 6.48 -41.72
N PRO B 324 23.63 7.62 -41.82
CA PRO B 324 24.05 8.19 -43.10
C PRO B 324 25.41 7.67 -43.60
N ASP B 325 25.87 6.55 -43.05
CA ASP B 325 27.13 5.97 -43.46
C ASP B 325 27.13 4.48 -43.73
N VAL B 326 26.10 3.76 -43.31
CA VAL B 326 26.20 2.33 -43.56
C VAL B 326 24.98 1.89 -44.35
N MET B 327 24.24 2.88 -44.85
CA MET B 327 23.05 2.62 -45.64
C MET B 327 23.33 1.56 -46.68
N ASN B 328 24.60 1.46 -47.09
CA ASN B 328 24.96 0.47 -48.08
C ASN B 328 24.56 -0.94 -47.65
N ASP B 329 24.56 -1.19 -46.35
CA ASP B 329 24.07 -2.45 -45.83
C ASP B 329 22.56 -2.60 -45.98
N LEU B 330 21.88 -1.54 -46.39
CA LEU B 330 20.47 -1.59 -46.67
C LEU B 330 20.22 -1.65 -48.16
N GLU B 331 20.91 -0.81 -48.93
CA GLU B 331 20.78 -0.98 -50.38
C GLU B 331 21.07 -2.40 -50.83
N ARG B 332 22.10 -3.05 -50.27
CA ARG B 332 22.35 -4.42 -50.70
C ARG B 332 21.20 -5.33 -50.31
N VAL B 333 20.66 -5.14 -49.11
CA VAL B 333 19.68 -6.12 -48.69
C VAL B 333 18.36 -5.90 -49.41
N ILE B 334 17.92 -4.66 -49.59
CA ILE B 334 16.70 -4.47 -50.34
C ILE B 334 16.88 -4.92 -51.78
N ALA B 335 18.06 -4.68 -52.37
CA ALA B 335 18.33 -5.18 -53.72
C ALA B 335 18.23 -6.70 -53.78
N GLN B 336 18.66 -7.38 -52.72
CA GLN B 336 18.38 -8.80 -52.65
C GLN B 336 16.99 -9.12 -52.18
N LEU B 337 16.15 -8.13 -51.91
CA LEU B 337 14.80 -8.41 -51.47
C LEU B 337 13.71 -7.91 -52.42
N ASP B 338 14.05 -7.36 -53.59
CA ASP B 338 13.05 -6.96 -54.57
C ASP B 338 13.29 -7.75 -55.86
N ILE B 339 12.43 -8.72 -56.16
CA ILE B 339 12.70 -9.69 -57.22
C ILE B 339 11.39 -10.23 -57.78
N ARG B 340 11.28 -10.24 -59.12
CA ARG B 340 10.11 -10.82 -59.77
C ARG B 340 9.88 -12.24 -59.28
N ARG B 341 8.61 -12.63 -59.13
CA ARG B 341 8.34 -13.96 -58.63
C ARG B 341 7.54 -14.81 -59.61
N PRO B 342 7.99 -16.01 -59.92
CA PRO B 342 7.26 -16.93 -60.78
C PRO B 342 6.09 -17.56 -60.07
N GLN B 343 5.09 -17.92 -60.85
CA GLN B 343 3.85 -18.48 -60.34
C GLN B 343 3.52 -19.79 -61.06
N VAL B 344 2.79 -20.65 -60.38
CA VAL B 344 2.63 -22.04 -60.79
C VAL B 344 1.16 -22.34 -61.03
N LEU B 345 0.87 -23.18 -62.04
CA LEU B 345 -0.47 -23.57 -62.40
C LEU B 345 -0.76 -24.95 -61.84
N VAL B 346 -1.79 -25.08 -61.01
CA VAL B 346 -2.14 -26.34 -60.38
C VAL B 346 -3.50 -26.77 -60.92
N GLU B 347 -3.58 -27.99 -61.39
CA GLU B 347 -4.85 -28.64 -61.71
C GLU B 347 -4.88 -30.07 -61.15
N ALA B 348 -6.00 -30.42 -60.56
CA ALA B 348 -6.19 -31.78 -60.08
C ALA B 348 -7.40 -32.37 -60.77
N ILE B 349 -7.44 -33.69 -60.83
CA ILE B 349 -8.49 -34.39 -61.54
C ILE B 349 -8.95 -35.52 -60.64
N ILE B 350 -10.23 -35.86 -60.72
CA ILE B 350 -10.78 -36.99 -60.00
C ILE B 350 -11.76 -37.71 -60.87
N ALA B 351 -11.96 -39.00 -60.59
CA ALA B 351 -12.96 -39.72 -61.33
C ALA B 351 -13.21 -41.03 -60.61
N GLU B 352 -14.44 -41.52 -60.72
CA GLU B 352 -14.81 -42.76 -60.07
C GLU B 352 -15.94 -43.39 -60.87
N VAL B 353 -16.33 -44.59 -60.46
CA VAL B 353 -17.47 -45.27 -61.02
C VAL B 353 -18.20 -45.94 -59.86
N GLN B 354 -19.51 -46.04 -59.99
CA GLN B 354 -20.32 -46.69 -58.98
C GLN B 354 -21.27 -47.60 -59.73
N ASP B 355 -21.21 -48.89 -59.41
CA ASP B 355 -21.96 -49.88 -60.14
C ASP B 355 -22.53 -50.89 -59.16
N ALA B 356 -23.67 -51.45 -59.50
CA ALA B 356 -24.28 -52.44 -58.64
C ALA B 356 -25.12 -53.38 -59.49
N ASP B 357 -24.96 -54.67 -59.24
CA ASP B 357 -25.74 -55.69 -59.92
C ASP B 357 -26.62 -56.39 -58.91
N GLY B 358 -27.73 -56.94 -59.40
CA GLY B 358 -28.68 -57.61 -58.55
C GLY B 358 -29.54 -58.62 -59.28
N LEU B 359 -29.85 -59.73 -58.65
CA LEU B 359 -30.67 -60.75 -59.28
C LEU B 359 -31.56 -61.35 -58.22
N ASN B 360 -32.63 -62.01 -58.65
CA ASN B 360 -33.45 -62.78 -57.73
C ASN B 360 -34.25 -63.79 -58.54
N LEU B 361 -34.84 -64.75 -57.83
CA LEU B 361 -35.62 -65.80 -58.44
C LEU B 361 -36.31 -66.64 -57.37
N GLY B 362 -37.52 -67.07 -57.65
CA GLY B 362 -38.31 -67.87 -56.72
C GLY B 362 -39.73 -68.16 -57.18
N ILE B 363 -40.31 -69.28 -56.74
CA ILE B 363 -41.65 -69.70 -57.11
C ILE B 363 -42.49 -69.89 -55.84
N GLN B 364 -43.79 -70.14 -56.03
CA GLN B 364 -44.67 -70.44 -54.91
C GLN B 364 -45.85 -71.26 -55.38
N TRP B 365 -46.37 -72.11 -54.47
CA TRP B 365 -47.42 -73.09 -54.77
C TRP B 365 -48.57 -72.94 -53.80
N ALA B 366 -49.72 -73.47 -54.21
CA ALA B 366 -50.94 -73.34 -53.43
C ALA B 366 -51.95 -74.38 -53.86
N ASN B 367 -52.70 -74.92 -52.89
CA ASN B 367 -53.74 -75.88 -53.21
C ASN B 367 -54.71 -75.94 -52.04
N LYS B 368 -56.00 -75.92 -52.37
CA LYS B 368 -57.03 -75.95 -51.32
C LYS B 368 -56.86 -77.16 -50.42
N ASN B 369 -56.59 -78.33 -51.00
CA ASN B 369 -56.43 -79.54 -50.23
C ASN B 369 -55.01 -79.77 -49.76
N ALA B 370 -54.06 -78.95 -50.20
CA ALA B 370 -52.65 -79.23 -49.98
C ALA B 370 -51.98 -78.05 -49.31
N GLY B 371 -50.65 -78.08 -49.30
CA GLY B 371 -49.88 -77.15 -48.48
C GLY B 371 -49.86 -75.71 -48.97
N MET B 372 -48.80 -75.00 -48.62
CA MET B 372 -48.67 -73.59 -48.99
C MET B 372 -47.21 -73.19 -48.90
N THR B 373 -46.63 -72.77 -50.03
CA THR B 373 -45.22 -72.42 -50.13
C THR B 373 -45.10 -70.92 -50.35
N GLN B 374 -44.80 -70.19 -49.28
CA GLN B 374 -44.84 -68.74 -49.32
C GLN B 374 -43.41 -68.16 -49.28
N PHE B 375 -43.23 -67.01 -49.89
CA PHE B 375 -41.96 -66.30 -49.79
C PHE B 375 -42.24 -64.81 -49.78
N THR B 376 -41.90 -64.13 -48.68
CA THR B 376 -42.25 -62.72 -48.54
C THR B 376 -41.24 -61.83 -49.22
N ASN B 377 -39.98 -62.26 -49.29
CA ASN B 377 -38.98 -61.43 -49.93
C ASN B 377 -39.37 -61.12 -51.36
N SER B 378 -40.18 -61.99 -51.97
CA SER B 378 -40.48 -61.86 -53.39
C SER B 378 -41.25 -60.59 -53.72
N GLY B 379 -41.93 -60.02 -52.75
CA GLY B 379 -42.77 -58.87 -52.97
C GLY B 379 -44.24 -59.18 -52.98
N LEU B 380 -44.62 -60.46 -53.04
CA LEU B 380 -46.01 -60.86 -53.11
C LEU B 380 -46.21 -62.23 -52.51
N PRO B 381 -47.02 -62.34 -51.46
CA PRO B 381 -47.37 -63.67 -50.95
C PRO B 381 -48.35 -64.39 -51.88
N ILE B 382 -48.67 -65.63 -51.51
CA ILE B 382 -49.83 -66.24 -52.13
C ILE B 382 -51.09 -65.54 -51.64
N SER B 383 -51.02 -64.92 -50.44
CA SER B 383 -52.15 -64.19 -49.90
C SER B 383 -52.68 -63.19 -50.92
N THR B 384 -51.77 -62.55 -51.65
CA THR B 384 -52.19 -61.70 -52.75
C THR B 384 -53.03 -62.43 -53.77
N ALA B 385 -52.76 -63.70 -53.96
CA ALA B 385 -53.47 -64.46 -55.00
C ALA B 385 -54.79 -65.00 -54.49
N ILE B 386 -54.75 -65.80 -53.43
CA ILE B 386 -55.97 -66.32 -52.86
C ILE B 386 -56.93 -65.19 -52.53
N ALA B 387 -56.41 -64.05 -52.10
CA ALA B 387 -57.27 -62.90 -51.90
C ALA B 387 -57.53 -62.15 -53.18
N GLY B 388 -56.82 -62.42 -54.27
CA GLY B 388 -56.99 -61.62 -55.46
C GLY B 388 -58.10 -62.19 -56.32
N ALA B 389 -58.21 -63.52 -56.35
CA ALA B 389 -59.09 -64.18 -57.29
C ALA B 389 -60.44 -64.48 -56.67
N ASN B 390 -60.50 -64.94 -55.44
CA ASN B 390 -61.78 -65.10 -54.77
C ASN B 390 -62.48 -63.76 -54.55
N GLN B 391 -61.72 -62.71 -54.27
CA GLN B 391 -62.30 -61.37 -54.25
C GLN B 391 -62.65 -60.87 -55.64
N TYR B 392 -61.82 -61.21 -56.63
CA TYR B 392 -62.09 -60.78 -57.98
C TYR B 392 -63.41 -61.39 -58.44
N ASN B 393 -63.40 -62.71 -58.60
CA ASN B 393 -64.57 -63.46 -59.10
C ASN B 393 -65.73 -63.46 -58.11
N LYS B 394 -65.49 -63.11 -56.85
CA LYS B 394 -66.64 -62.77 -56.01
C LYS B 394 -67.26 -61.45 -56.45
N ASP B 395 -66.48 -60.37 -56.46
CA ASP B 395 -66.97 -59.10 -56.97
C ASP B 395 -67.17 -59.13 -58.47
N GLY B 396 -66.64 -60.10 -59.17
CA GLY B 396 -66.63 -60.10 -60.63
C GLY B 396 -65.38 -59.45 -61.18
N THR B 397 -64.93 -58.38 -60.55
CA THR B 397 -63.79 -57.62 -61.07
C THR B 397 -62.91 -57.16 -59.92
N ILE B 398 -61.93 -56.32 -60.25
CA ILE B 398 -60.99 -55.85 -59.24
C ILE B 398 -61.73 -54.98 -58.23
N SER B 399 -61.32 -55.11 -56.98
CA SER B 399 -61.70 -54.16 -55.95
C SER B 399 -60.44 -53.67 -55.26
N SER B 400 -60.37 -52.35 -55.03
CA SER B 400 -59.16 -51.72 -54.49
C SER B 400 -58.72 -52.30 -53.15
N SER B 401 -59.58 -53.11 -52.50
CA SER B 401 -59.20 -53.77 -51.27
C SER B 401 -57.96 -54.65 -51.45
N LEU B 402 -57.63 -55.03 -52.67
CA LEU B 402 -56.57 -55.96 -52.92
C LEU B 402 -55.22 -55.32 -52.60
N ALA B 403 -54.20 -56.17 -52.56
CA ALA B 403 -52.89 -55.77 -52.05
C ALA B 403 -52.33 -54.62 -52.87
N SER B 404 -52.21 -53.44 -52.27
CA SER B 404 -51.63 -52.30 -53.00
C SER B 404 -50.18 -52.50 -53.36
N ALA B 405 -49.57 -53.61 -52.94
CA ALA B 405 -48.18 -53.87 -53.26
C ALA B 405 -47.94 -53.93 -54.76
N LEU B 406 -48.96 -54.33 -55.53
CA LEU B 406 -48.82 -54.40 -56.98
C LEU B 406 -48.32 -53.09 -57.57
N GLY B 407 -48.66 -51.96 -56.94
CA GLY B 407 -48.19 -50.66 -57.40
C GLY B 407 -46.70 -50.51 -57.42
N SER B 408 -45.99 -51.36 -56.68
CA SER B 408 -44.55 -51.24 -56.61
C SER B 408 -43.80 -52.37 -57.28
N PHE B 409 -44.49 -53.45 -57.62
CA PHE B 409 -43.82 -54.64 -58.13
C PHE B 409 -43.07 -54.34 -59.42
N ASN B 410 -42.04 -55.13 -59.66
CA ASN B 410 -41.30 -55.07 -60.92
C ASN B 410 -40.85 -56.47 -61.29
N GLY B 411 -40.80 -56.74 -62.60
CA GLY B 411 -40.43 -58.04 -63.09
C GLY B 411 -41.55 -58.76 -63.80
N ILE B 412 -41.50 -60.08 -63.78
CA ILE B 412 -42.49 -60.91 -64.45
C ILE B 412 -42.96 -61.98 -63.49
N ALA B 413 -44.18 -62.46 -63.73
CA ALA B 413 -44.71 -63.62 -63.05
C ALA B 413 -45.82 -64.19 -63.93
N ALA B 414 -45.90 -65.50 -64.03
CA ALA B 414 -46.72 -66.16 -65.04
C ALA B 414 -47.82 -66.95 -64.36
N GLY B 415 -49.06 -66.66 -64.72
CA GLY B 415 -50.21 -67.28 -64.07
C GLY B 415 -50.55 -68.61 -64.72
N PHE B 416 -50.72 -69.63 -63.88
CA PHE B 416 -51.10 -70.95 -64.34
C PHE B 416 -52.12 -71.56 -63.38
N TYR B 417 -53.05 -72.32 -63.94
CA TYR B 417 -54.06 -73.01 -63.13
C TYR B 417 -54.49 -74.27 -63.84
N GLN B 418 -54.36 -75.42 -63.17
CA GLN B 418 -54.88 -76.69 -63.68
C GLN B 418 -55.51 -77.44 -62.51
N GLY B 419 -56.80 -77.20 -62.32
CA GLY B 419 -57.49 -77.81 -61.22
C GLY B 419 -57.07 -77.23 -59.90
N ASN B 420 -56.46 -78.07 -59.04
CA ASN B 420 -56.27 -77.74 -57.65
C ASN B 420 -55.02 -76.93 -57.38
N TRP B 421 -54.04 -76.93 -58.29
CA TRP B 421 -52.74 -76.38 -57.99
C TRP B 421 -52.61 -74.99 -58.61
N ALA B 422 -51.43 -74.40 -58.39
CA ALA B 422 -51.04 -73.11 -58.95
C ALA B 422 -49.55 -72.94 -58.71
N MET B 423 -48.95 -72.00 -59.44
CA MET B 423 -47.55 -71.69 -59.20
C MET B 423 -47.25 -70.34 -59.83
N LEU B 424 -46.36 -69.59 -59.20
CA LEU B 424 -45.95 -68.27 -59.66
C LEU B 424 -44.43 -68.22 -59.72
N LEU B 425 -43.89 -67.99 -60.91
CA LEU B 425 -42.47 -67.75 -61.11
C LEU B 425 -42.18 -66.26 -60.91
N THR B 426 -41.02 -65.95 -60.35
CA THR B 426 -40.66 -64.59 -60.00
C THR B 426 -39.19 -64.36 -60.22
N ALA B 427 -38.84 -63.31 -60.96
CA ALA B 427 -37.45 -62.99 -61.19
C ALA B 427 -37.37 -61.58 -61.72
N LEU B 428 -36.17 -61.04 -61.67
CA LEU B 428 -35.88 -59.72 -62.21
C LEU B 428 -34.39 -59.53 -62.23
N SER B 429 -33.93 -58.67 -63.11
CA SER B 429 -32.55 -58.24 -63.11
C SER B 429 -32.52 -56.74 -63.08
N SER B 430 -31.60 -56.20 -62.32
CA SER B 430 -31.48 -54.76 -62.18
C SER B 430 -30.01 -54.41 -62.04
N SER B 431 -29.64 -53.29 -62.66
CA SER B 431 -28.28 -52.81 -62.58
C SER B 431 -28.30 -51.32 -62.63
N THR B 432 -27.19 -50.72 -62.22
CA THR B 432 -27.10 -49.26 -62.16
C THR B 432 -25.64 -48.88 -62.28
N LYS B 433 -25.36 -47.81 -63.02
CA LYS B 433 -24.00 -47.38 -63.27
C LYS B 433 -23.90 -45.87 -63.12
N ASN B 434 -22.78 -45.40 -62.55
CA ASN B 434 -22.59 -44.00 -62.24
C ASN B 434 -21.16 -43.61 -62.44
N ASP B 435 -20.93 -42.42 -63.00
CA ASP B 435 -19.61 -41.88 -63.27
C ASP B 435 -19.60 -40.41 -62.93
N ILE B 436 -18.40 -39.86 -62.77
CA ILE B 436 -18.16 -38.48 -62.41
C ILE B 436 -16.78 -38.11 -62.93
N LEU B 437 -16.50 -36.81 -62.93
CA LEU B 437 -15.20 -36.33 -63.36
C LEU B 437 -15.09 -34.90 -62.92
N ALA B 438 -13.91 -34.49 -62.45
CA ALA B 438 -13.75 -33.13 -61.94
C ALA B 438 -12.34 -32.64 -62.21
N THR B 439 -12.20 -31.62 -63.03
CA THR B 439 -10.90 -31.06 -63.37
C THR B 439 -10.92 -29.56 -63.15
N PRO B 440 -10.54 -29.10 -61.93
CA PRO B 440 -10.30 -27.65 -61.79
C PRO B 440 -8.85 -27.25 -61.87
N SER B 441 -8.61 -25.98 -62.23
CA SER B 441 -7.26 -25.47 -62.46
C SER B 441 -7.20 -24.02 -62.01
N ILE B 442 -6.00 -23.61 -61.58
CA ILE B 442 -5.86 -22.27 -61.02
C ILE B 442 -4.40 -21.79 -61.05
N VAL B 443 -4.18 -20.49 -60.82
CA VAL B 443 -2.87 -19.87 -60.76
C VAL B 443 -2.85 -18.94 -59.57
N THR B 444 -1.66 -18.70 -59.05
CA THR B 444 -1.47 -17.82 -57.92
C THR B 444 0.03 -17.62 -57.76
N LEU B 445 0.40 -16.84 -56.75
CA LEU B 445 1.81 -16.74 -56.46
C LEU B 445 2.16 -17.85 -55.49
N ASP B 446 3.42 -17.91 -55.07
CA ASP B 446 3.80 -19.04 -54.23
C ASP B 446 3.23 -18.89 -52.83
N ASN B 447 3.61 -17.84 -52.13
CA ASN B 447 3.38 -17.79 -50.70
C ASN B 447 1.91 -17.54 -50.35
N MET B 448 1.19 -16.78 -51.18
CA MET B 448 -0.21 -16.51 -50.85
C MET B 448 -1.09 -17.66 -51.31
N GLN B 449 -2.05 -18.03 -50.48
CA GLN B 449 -2.90 -19.17 -50.77
C GLN B 449 -4.05 -18.73 -51.67
N ALA B 450 -4.37 -19.51 -52.69
CA ALA B 450 -5.61 -19.31 -53.39
C ALA B 450 -6.58 -20.44 -53.04
N THR B 451 -7.85 -20.15 -53.14
CA THR B 451 -8.88 -21.15 -52.89
C THR B 451 -9.99 -21.00 -53.91
N PHE B 452 -10.73 -22.07 -54.10
CA PHE B 452 -11.61 -22.19 -55.25
C PHE B 452 -12.74 -23.14 -54.92
N ASN B 453 -13.94 -22.84 -55.41
CA ASN B 453 -15.03 -23.76 -55.14
C ASN B 453 -16.20 -23.48 -56.06
N VAL B 454 -16.96 -24.54 -56.32
CA VAL B 454 -18.13 -24.49 -57.19
C VAL B 454 -19.22 -25.26 -56.46
N GLY B 455 -20.47 -24.90 -56.71
CA GLY B 455 -21.56 -25.69 -56.15
C GLY B 455 -22.52 -24.85 -55.36
N GLN B 456 -23.63 -25.48 -55.02
CA GLN B 456 -24.71 -24.77 -54.37
C GLN B 456 -24.43 -24.63 -52.87
N GLU B 457 -25.37 -23.96 -52.19
CA GLU B 457 -25.21 -23.70 -50.77
C GLU B 457 -26.55 -23.87 -50.06
N VAL B 458 -26.54 -24.57 -48.93
CA VAL B 458 -27.84 -24.96 -48.37
C VAL B 458 -27.77 -24.88 -46.85
N PRO B 459 -28.81 -24.44 -46.20
CA PRO B 459 -28.75 -24.26 -44.75
C PRO B 459 -29.32 -25.39 -43.91
N VAL B 460 -28.59 -25.71 -42.87
CA VAL B 460 -28.93 -26.75 -41.93
C VAL B 460 -29.37 -26.07 -40.64
N LEU B 461 -30.03 -26.83 -39.75
CA LEU B 461 -30.56 -26.23 -38.51
C LEU B 461 -29.63 -26.54 -37.33
N THR B 462 -28.55 -25.80 -37.26
CA THR B 462 -27.65 -25.82 -36.11
C THR B 462 -27.65 -24.46 -35.46
N THR B 475 -33.06 -20.95 -36.08
CA THR B 475 -31.61 -20.89 -35.87
C THR B 475 -30.83 -21.83 -36.78
N VAL B 476 -30.13 -21.27 -37.76
CA VAL B 476 -29.34 -22.06 -38.70
C VAL B 476 -28.19 -21.26 -39.30
N GLU B 477 -27.35 -21.92 -40.08
CA GLU B 477 -26.20 -21.26 -40.71
C GLU B 477 -26.07 -21.64 -42.18
N ARG B 478 -25.06 -21.10 -42.86
CA ARG B 478 -24.88 -21.39 -44.28
C ARG B 478 -23.99 -22.60 -44.50
N LYS B 479 -24.37 -23.49 -45.43
CA LYS B 479 -23.55 -24.65 -45.67
C LYS B 479 -23.37 -24.81 -47.17
N THR B 480 -22.16 -25.19 -47.58
CA THR B 480 -21.77 -25.27 -48.97
C THR B 480 -21.53 -26.71 -49.35
N VAL B 481 -21.90 -27.06 -50.58
CA VAL B 481 -21.75 -28.41 -51.10
C VAL B 481 -21.21 -28.32 -52.52
N GLY B 482 -19.97 -28.73 -52.71
CA GLY B 482 -19.42 -28.73 -54.05
C GLY B 482 -18.02 -29.29 -54.22
N ILE B 483 -17.10 -28.49 -54.76
CA ILE B 483 -15.74 -28.94 -54.98
C ILE B 483 -14.80 -27.85 -54.47
N LYS B 484 -14.51 -27.88 -53.17
CA LYS B 484 -13.70 -26.86 -52.51
C LYS B 484 -12.23 -27.26 -52.58
N LEU B 485 -11.56 -26.85 -53.65
CA LEU B 485 -10.15 -27.17 -53.83
C LEU B 485 -9.24 -25.99 -53.53
N LYS B 486 -8.49 -26.09 -52.43
CA LYS B 486 -7.56 -25.04 -52.02
C LYS B 486 -6.16 -25.59 -51.83
N VAL B 487 -5.16 -24.77 -52.11
CA VAL B 487 -3.77 -25.20 -51.97
C VAL B 487 -2.78 -24.12 -51.53
N LYS B 488 -1.52 -24.52 -51.42
CA LYS B 488 -0.45 -23.63 -51.01
C LYS B 488 0.82 -24.05 -51.75
N PRO B 489 1.25 -23.31 -52.74
CA PRO B 489 2.39 -23.72 -53.54
C PRO B 489 3.70 -23.11 -53.10
N GLN B 490 4.72 -23.95 -52.89
CA GLN B 490 6.04 -23.49 -52.52
C GLN B 490 7.04 -24.04 -53.55
N ILE B 491 7.72 -23.14 -54.26
CA ILE B 491 8.69 -23.52 -55.27
C ILE B 491 10.07 -23.51 -54.64
N ASN B 492 10.75 -24.65 -54.70
CA ASN B 492 11.96 -24.81 -53.91
C ASN B 492 13.20 -24.78 -54.77
N GLU B 493 13.45 -25.91 -55.42
CA GLU B 493 14.51 -26.12 -56.38
C GLU B 493 14.18 -25.33 -57.64
N GLY B 494 15.12 -25.36 -58.61
CA GLY B 494 14.80 -24.99 -59.96
C GLY B 494 13.46 -25.54 -60.43
N ASP B 495 13.27 -26.85 -60.29
CA ASP B 495 11.99 -27.49 -60.61
C ASP B 495 11.62 -28.45 -59.50
N ALA B 496 10.76 -27.99 -58.60
CA ALA B 496 10.03 -28.84 -57.66
C ALA B 496 9.04 -27.94 -56.94
N VAL B 497 8.00 -28.54 -56.38
CA VAL B 497 6.93 -27.77 -55.74
C VAL B 497 6.38 -28.52 -54.55
N LEU B 498 5.60 -27.81 -53.74
CA LEU B 498 5.09 -28.34 -52.48
C LEU B 498 3.65 -27.91 -52.36
N LEU B 499 2.78 -28.85 -52.08
CA LEU B 499 1.35 -28.62 -52.24
C LEU B 499 0.63 -29.20 -51.04
N GLU B 500 0.23 -28.33 -50.11
CA GLU B 500 -0.59 -28.76 -48.98
C GLU B 500 -2.05 -28.54 -49.34
N ILE B 501 -2.55 -29.46 -50.12
CA ILE B 501 -3.84 -29.30 -50.77
C ILE B 501 -4.90 -29.98 -49.95
N GLU B 502 -6.11 -29.44 -49.99
CA GLU B 502 -7.25 -30.13 -49.42
C GLU B 502 -8.52 -29.80 -50.18
N GLN B 503 -9.41 -30.78 -50.27
CA GLN B 503 -10.61 -30.57 -51.04
C GLN B 503 -11.60 -31.70 -50.84
N GLU B 504 -12.80 -31.50 -51.38
CA GLU B 504 -13.84 -32.49 -51.27
C GLU B 504 -14.81 -32.31 -52.42
N VAL B 505 -15.34 -33.42 -52.91
CA VAL B 505 -16.43 -33.35 -53.86
C VAL B 505 -17.68 -33.82 -53.16
N SER B 506 -18.55 -32.88 -52.84
CA SER B 506 -19.73 -33.19 -52.06
C SER B 506 -20.98 -33.01 -52.88
N SER B 507 -21.98 -33.82 -52.56
CA SER B 507 -23.30 -33.59 -53.13
C SER B 507 -24.35 -34.02 -52.13
N VAL B 508 -25.62 -33.96 -52.53
CA VAL B 508 -26.72 -34.36 -51.66
C VAL B 508 -27.60 -35.28 -52.49
N ALA B 509 -27.94 -36.43 -51.93
CA ALA B 509 -28.73 -37.41 -52.67
C ALA B 509 -30.19 -37.38 -52.22
N ASP B 510 -30.46 -38.01 -51.08
CA ASP B 510 -31.76 -37.91 -50.44
C ASP B 510 -32.83 -38.59 -51.28
N SER B 511 -32.49 -39.65 -52.03
CA SER B 511 -33.53 -40.54 -52.51
C SER B 511 -34.47 -40.87 -51.36
N ALA B 512 -33.91 -41.43 -50.28
CA ALA B 512 -34.61 -41.66 -49.02
C ALA B 512 -33.58 -41.76 -47.93
N SER B 513 -33.78 -41.03 -46.83
CA SER B 513 -32.75 -40.95 -45.81
C SER B 513 -33.43 -40.64 -44.49
N SER B 514 -32.62 -40.54 -43.45
CA SER B 514 -33.12 -40.24 -42.11
C SER B 514 -33.25 -38.73 -41.95
N THR B 515 -34.46 -38.24 -42.16
CA THR B 515 -34.86 -36.91 -41.73
C THR B 515 -36.05 -37.06 -40.80
N SER B 516 -35.88 -36.61 -39.56
CA SER B 516 -36.89 -36.84 -38.54
C SER B 516 -37.75 -35.60 -38.34
N SER B 517 -37.90 -34.84 -39.43
CA SER B 517 -38.53 -33.52 -39.40
C SER B 517 -37.67 -32.53 -38.65
N ASP B 518 -36.37 -32.78 -38.69
CA ASP B 518 -35.41 -31.96 -37.97
C ASP B 518 -34.53 -31.28 -38.99
N LEU B 519 -33.55 -32.03 -39.53
CA LEU B 519 -32.52 -31.53 -40.40
C LEU B 519 -32.41 -32.57 -41.49
N GLY B 520 -32.72 -32.18 -42.71
CA GLY B 520 -32.87 -33.18 -43.76
C GLY B 520 -31.67 -33.21 -44.67
N ALA B 521 -30.82 -34.21 -44.52
CA ALA B 521 -29.53 -34.03 -45.16
C ALA B 521 -28.70 -35.30 -45.11
N THR B 522 -27.94 -35.51 -46.16
CA THR B 522 -27.01 -36.62 -46.26
C THR B 522 -25.57 -36.20 -46.51
N PHE B 523 -25.38 -35.23 -47.39
CA PHE B 523 -24.08 -34.60 -47.54
C PHE B 523 -22.99 -35.63 -47.86
N ASN B 524 -23.25 -36.46 -48.87
CA ASN B 524 -22.21 -37.35 -49.36
C ASN B 524 -20.94 -36.55 -49.67
N THR B 525 -19.80 -37.06 -49.26
CA THR B 525 -18.54 -36.30 -49.31
C THR B 525 -17.35 -37.21 -49.37
N ARG B 526 -16.27 -36.73 -50.01
CA ARG B 526 -14.96 -37.30 -49.88
C ARG B 526 -13.96 -36.16 -49.67
N THR B 527 -13.06 -36.29 -48.68
CA THR B 527 -12.23 -35.16 -48.25
C THR B 527 -10.79 -35.59 -48.15
N VAL B 528 -9.91 -34.95 -48.92
CA VAL B 528 -8.48 -35.25 -48.93
C VAL B 528 -7.68 -34.07 -48.41
N ASN B 529 -6.55 -34.36 -47.78
CA ASN B 529 -5.58 -33.32 -47.44
C ASN B 529 -4.23 -33.97 -47.17
N ASN B 530 -3.18 -33.36 -47.65
CA ASN B 530 -1.83 -33.89 -47.48
C ASN B 530 -0.84 -32.87 -48.03
N ALA B 531 0.41 -33.26 -48.07
CA ALA B 531 1.51 -32.44 -48.56
C ALA B 531 2.39 -33.33 -49.40
N VAL B 532 2.96 -32.78 -50.47
CA VAL B 532 3.72 -33.60 -51.42
C VAL B 532 4.78 -32.75 -52.09
N LEU B 533 5.88 -33.39 -52.46
CA LEU B 533 6.88 -32.80 -53.32
C LEU B 533 6.67 -33.34 -54.72
N VAL B 534 6.71 -32.46 -55.72
CA VAL B 534 6.37 -32.85 -57.08
C VAL B 534 7.26 -32.11 -58.06
N GLY B 535 7.63 -32.78 -59.14
CA GLY B 535 8.37 -32.12 -60.19
C GLY B 535 7.46 -31.28 -61.02
N SER B 536 8.04 -30.46 -61.89
CA SER B 536 7.26 -29.40 -62.54
C SER B 536 6.14 -29.94 -63.40
N GLY B 537 6.47 -30.53 -64.53
CA GLY B 537 5.48 -31.16 -65.39
C GLY B 537 5.35 -32.65 -65.19
N GLU B 538 4.43 -33.08 -64.34
CA GLU B 538 4.38 -34.46 -63.88
C GLU B 538 2.97 -34.83 -63.49
N THR B 539 2.54 -36.02 -63.90
CA THR B 539 1.32 -36.63 -63.43
C THR B 539 1.56 -37.40 -62.13
N VAL B 540 0.78 -37.12 -61.11
CA VAL B 540 1.07 -37.57 -59.76
C VAL B 540 -0.16 -38.21 -59.14
N VAL B 541 -0.02 -39.45 -58.66
CA VAL B 541 -1.10 -40.11 -57.95
C VAL B 541 -1.11 -39.67 -56.50
N VAL B 542 -2.21 -39.08 -56.06
CA VAL B 542 -2.30 -38.60 -54.71
C VAL B 542 -3.05 -39.55 -53.81
N GLY B 543 -4.26 -39.94 -54.18
CA GLY B 543 -5.13 -40.66 -53.27
C GLY B 543 -6.03 -41.62 -54.01
N GLY B 544 -6.33 -42.74 -53.36
CA GLY B 544 -7.00 -43.81 -54.08
C GLY B 544 -7.84 -44.75 -53.25
N LEU B 545 -8.98 -45.20 -53.81
CA LEU B 545 -9.86 -46.12 -53.12
C LEU B 545 -10.51 -47.04 -54.16
N LEU B 546 -10.61 -48.33 -53.85
CA LEU B 546 -11.28 -49.29 -54.73
C LEU B 546 -11.88 -50.44 -53.95
N ASP B 547 -13.17 -50.69 -54.11
CA ASP B 547 -13.89 -51.54 -53.15
C ASP B 547 -15.13 -52.20 -53.77
N LYS B 548 -15.30 -53.49 -53.54
CA LYS B 548 -16.52 -54.23 -53.85
C LYS B 548 -17.26 -54.64 -52.58
N THR B 549 -18.54 -54.98 -52.75
CA THR B 549 -19.38 -55.35 -51.60
C THR B 549 -20.52 -56.25 -52.08
N VAL B 550 -20.50 -57.49 -51.63
CA VAL B 550 -21.47 -58.50 -52.07
C VAL B 550 -22.27 -59.00 -50.88
N THR B 551 -23.53 -59.35 -51.16
CA THR B 551 -24.35 -59.97 -50.15
C THR B 551 -25.32 -60.94 -50.84
N ASP B 552 -25.69 -62.00 -50.12
CA ASP B 552 -26.53 -63.07 -50.62
C ASP B 552 -27.65 -63.36 -49.64
N THR B 553 -28.78 -63.85 -50.18
CA THR B 553 -29.91 -64.20 -49.35
C THR B 553 -30.59 -65.44 -49.93
N ALA B 554 -30.63 -66.54 -49.17
CA ALA B 554 -31.25 -67.77 -49.63
C ALA B 554 -32.19 -68.34 -48.57
N ASP B 555 -33.19 -69.09 -49.03
CA ASP B 555 -34.13 -69.78 -48.16
C ASP B 555 -34.84 -70.87 -48.95
N LYS B 556 -34.99 -72.06 -48.36
CA LYS B 556 -35.58 -73.19 -49.05
C LYS B 556 -36.17 -74.14 -48.03
N VAL B 557 -37.24 -74.82 -48.44
CA VAL B 557 -37.79 -75.87 -47.60
C VAL B 557 -36.72 -76.94 -47.36
N PRO B 558 -36.52 -77.38 -46.13
CA PRO B 558 -35.37 -78.25 -45.84
C PRO B 558 -35.50 -79.56 -46.59
N LEU B 559 -34.33 -80.19 -46.81
CA LEU B 559 -34.17 -81.49 -47.48
C LEU B 559 -34.50 -81.42 -48.95
N LEU B 560 -34.96 -80.28 -49.44
CA LEU B 560 -35.42 -80.18 -50.80
C LEU B 560 -34.51 -79.22 -51.56
N GLY B 561 -34.79 -79.02 -52.83
CA GLY B 561 -33.90 -78.23 -53.67
C GLY B 561 -32.50 -78.82 -53.83
N ASP B 562 -32.27 -80.04 -53.37
CA ASP B 562 -30.92 -80.55 -53.33
C ASP B 562 -30.47 -81.07 -54.69
N ILE B 563 -31.38 -81.59 -55.51
CA ILE B 563 -31.01 -81.95 -56.88
C ILE B 563 -30.97 -80.67 -57.71
N PRO B 564 -29.77 -80.20 -58.05
CA PRO B 564 -29.66 -78.86 -58.65
C PRO B 564 -30.52 -78.68 -59.87
N VAL B 565 -30.46 -79.63 -60.81
CA VAL B 565 -31.27 -79.50 -62.03
C VAL B 565 -32.75 -79.60 -61.71
N ILE B 566 -33.15 -80.51 -60.83
CA ILE B 566 -34.56 -80.69 -60.59
C ILE B 566 -34.98 -79.77 -59.45
N GLY B 567 -34.35 -79.96 -58.30
CA GLY B 567 -34.80 -79.29 -57.06
C GLY B 567 -34.75 -77.78 -57.12
N ALA B 568 -34.19 -77.21 -58.17
CA ALA B 568 -34.10 -75.76 -58.30
C ALA B 568 -35.45 -75.07 -58.15
N LEU B 569 -36.54 -75.82 -58.09
CA LEU B 569 -37.87 -75.28 -58.00
C LEU B 569 -38.29 -74.93 -56.57
N PHE B 570 -37.44 -75.08 -55.58
CA PHE B 570 -37.83 -74.73 -54.24
C PHE B 570 -36.99 -73.65 -53.59
N ARG B 571 -35.74 -73.47 -53.99
CA ARG B 571 -34.92 -72.36 -53.51
C ARG B 571 -35.61 -71.04 -53.82
N SER B 572 -35.14 -70.00 -53.12
CA SER B 572 -35.56 -68.64 -53.41
C SER B 572 -34.39 -67.72 -53.12
N ASP B 573 -33.91 -67.02 -54.16
CA ASP B 573 -32.58 -66.44 -54.18
C ASP B 573 -32.67 -64.94 -54.37
N SER B 574 -31.89 -64.21 -53.60
CA SER B 574 -31.69 -62.79 -53.89
C SER B 574 -30.22 -62.45 -53.66
N LYS B 575 -29.53 -62.05 -54.73
CA LYS B 575 -28.11 -61.74 -54.67
C LYS B 575 -27.90 -60.36 -55.26
N LYS B 576 -26.88 -59.67 -54.74
CA LYS B 576 -26.56 -58.35 -55.25
C LYS B 576 -25.13 -58.01 -54.86
N VAL B 577 -24.52 -57.14 -55.65
CA VAL B 577 -23.15 -56.70 -55.44
C VAL B 577 -23.07 -55.20 -55.64
N SER B 578 -21.98 -54.62 -55.13
CA SER B 578 -21.64 -53.22 -55.42
C SER B 578 -20.13 -53.08 -55.47
N LYS B 579 -19.64 -52.45 -56.52
CA LYS B 579 -18.21 -52.20 -56.71
C LYS B 579 -17.98 -50.70 -56.77
N ARG B 580 -16.78 -50.26 -56.38
CA ARG B 580 -16.49 -48.83 -56.27
C ARG B 580 -14.99 -48.61 -56.37
N ASN B 581 -14.60 -47.44 -56.87
CA ASN B 581 -13.20 -47.11 -57.01
C ASN B 581 -13.07 -45.60 -57.04
N LEU B 582 -11.93 -45.06 -56.61
CA LEU B 582 -11.76 -43.62 -56.56
C LEU B 582 -10.29 -43.28 -56.70
N MET B 583 -9.99 -42.31 -57.57
CA MET B 583 -8.60 -41.97 -57.87
C MET B 583 -8.38 -40.47 -57.95
N LEU B 584 -7.25 -40.04 -57.38
CA LEU B 584 -6.88 -38.64 -57.28
C LEU B 584 -5.54 -38.38 -57.97
N PHE B 585 -5.49 -37.34 -58.81
CA PHE B 585 -4.26 -36.94 -59.47
C PHE B 585 -4.11 -35.42 -59.48
N ILE B 586 -2.87 -34.98 -59.32
CA ILE B 586 -2.50 -33.57 -59.35
C ILE B 586 -1.35 -33.37 -60.31
N ARG B 587 -1.26 -32.18 -60.86
CA ARG B 587 -0.08 -31.84 -61.69
C ARG B 587 0.10 -30.34 -61.78
N PRO B 588 1.22 -29.82 -61.33
CA PRO B 588 1.50 -28.40 -61.50
C PRO B 588 2.24 -28.12 -62.79
N THR B 589 2.56 -26.84 -63.03
CA THR B 589 3.51 -26.39 -64.02
C THR B 589 4.05 -25.05 -63.57
N ILE B 590 5.34 -24.88 -63.67
CA ILE B 590 5.92 -23.59 -63.37
C ILE B 590 5.77 -22.67 -64.58
N ILE B 591 5.69 -21.37 -64.32
CA ILE B 591 5.63 -20.37 -65.37
C ILE B 591 6.52 -19.20 -64.96
N ARG B 592 7.51 -18.85 -65.80
CA ARG B 592 8.47 -17.83 -65.40
C ARG B 592 8.07 -16.45 -65.90
N ASP B 593 7.72 -16.34 -67.18
CA ASP B 593 7.53 -15.03 -67.78
C ASP B 593 6.46 -15.12 -68.88
N ARG B 594 6.32 -14.01 -69.59
CA ARG B 594 5.30 -13.87 -70.64
C ARG B 594 5.30 -15.04 -71.61
N ASP B 595 6.46 -15.33 -72.17
CA ASP B 595 6.57 -16.36 -73.18
C ASP B 595 5.96 -17.66 -72.68
N GLU B 596 6.56 -18.24 -71.64
CA GLU B 596 6.00 -19.43 -71.01
C GLU B 596 4.52 -19.30 -70.72
N TYR B 597 4.03 -18.08 -70.50
CA TYR B 597 2.62 -17.92 -70.20
C TYR B 597 1.75 -18.19 -71.43
N ARG B 598 2.17 -17.70 -72.60
CA ARG B 598 1.31 -17.79 -73.78
C ARG B 598 0.94 -19.23 -74.08
N GLN B 599 1.91 -20.14 -74.09
CA GLN B 599 1.59 -21.53 -74.39
C GLN B 599 0.59 -22.10 -73.39
N ALA B 600 0.79 -21.81 -72.11
CA ALA B 600 -0.07 -22.41 -71.09
C ALA B 600 -1.50 -21.96 -71.30
N SER B 601 -1.68 -20.65 -71.41
CA SER B 601 -3.03 -20.15 -71.59
C SER B 601 -3.64 -20.62 -72.89
N SER B 602 -3.04 -20.23 -74.00
CA SER B 602 -3.60 -20.58 -75.30
C SER B 602 -3.94 -22.05 -75.38
N GLY B 603 -2.94 -22.92 -75.21
CA GLY B 603 -3.18 -24.34 -75.28
C GLY B 603 -4.32 -24.79 -74.39
N GLN B 604 -4.28 -24.40 -73.11
CA GLN B 604 -5.33 -24.81 -72.18
C GLN B 604 -6.70 -24.37 -72.69
N TYR B 605 -6.80 -23.12 -73.13
CA TYR B 605 -8.05 -22.60 -73.68
C TYR B 605 -8.55 -23.44 -74.84
N THR B 606 -7.60 -23.88 -75.69
CA THR B 606 -7.96 -24.82 -76.74
C THR B 606 -8.55 -26.09 -76.17
N ALA B 607 -7.92 -26.64 -75.12
CA ALA B 607 -8.51 -27.77 -74.44
C ALA B 607 -9.96 -27.49 -74.06
N PHE B 608 -10.27 -26.25 -73.71
CA PHE B 608 -11.67 -25.89 -73.47
C PHE B 608 -12.49 -25.99 -74.75
N ASN B 609 -12.06 -25.28 -75.79
CA ASN B 609 -12.83 -25.23 -77.03
C ASN B 609 -13.02 -26.62 -77.63
N ASN B 610 -12.12 -27.56 -77.34
CA ASN B 610 -12.28 -28.92 -77.85
C ASN B 610 -13.62 -29.51 -77.47
N ALA B 611 -13.92 -29.56 -76.17
CA ALA B 611 -15.20 -30.11 -75.75
C ALA B 611 -16.32 -29.16 -76.06
N GLN B 612 -16.09 -27.86 -75.93
CA GLN B 612 -17.13 -26.87 -76.23
C GLN B 612 -17.72 -27.07 -77.61
N THR B 613 -16.88 -26.88 -78.63
CA THR B 613 -17.30 -27.02 -80.02
C THR B 613 -17.41 -28.48 -80.45
N LYS B 614 -17.14 -29.40 -79.53
CA LYS B 614 -17.18 -30.84 -79.82
C LYS B 614 -18.47 -31.42 -80.41
N GLN B 615 -19.62 -31.01 -79.87
CA GLN B 615 -20.91 -31.54 -80.33
C GLN B 615 -21.63 -30.53 -81.22
N ARG B 616 -22.23 -29.52 -80.59
CA ARG B 616 -22.96 -28.49 -81.32
C ARG B 616 -22.06 -27.47 -82.00
N GLY B 617 -22.18 -27.35 -83.32
CA GLY B 617 -21.39 -26.40 -84.08
C GLY B 617 -22.00 -25.02 -84.24
N LYS B 618 -21.78 -24.18 -83.24
CA LYS B 618 -22.30 -22.82 -83.26
C LYS B 618 -21.18 -21.78 -83.39
N GLU B 619 -21.52 -20.60 -83.88
CA GLU B 619 -20.55 -19.54 -84.06
C GLU B 619 -20.66 -18.76 -82.75
N SER B 620 -19.51 -18.37 -82.18
CA SER B 620 -19.53 -17.66 -80.91
C SER B 620 -18.73 -16.36 -80.76
N SER B 621 -19.46 -15.25 -80.68
CA SER B 621 -18.91 -13.92 -80.43
C SER B 621 -17.90 -13.84 -79.31
N GLU B 622 -18.30 -14.32 -78.14
CA GLU B 622 -17.39 -14.26 -77.01
C GLU B 622 -16.16 -15.12 -77.24
N ALA B 623 -16.35 -16.42 -77.38
CA ALA B 623 -15.22 -17.32 -77.52
C ALA B 623 -14.24 -16.81 -78.59
N SER B 624 -14.72 -16.68 -79.82
CA SER B 624 -13.87 -16.21 -80.89
C SER B 624 -13.11 -14.94 -80.53
N LEU B 625 -13.85 -13.92 -80.07
CA LEU B 625 -13.21 -12.66 -79.73
C LEU B 625 -12.11 -12.86 -78.69
N SER B 626 -12.42 -13.63 -77.65
CA SER B 626 -11.44 -13.95 -76.61
C SER B 626 -10.19 -14.59 -77.20
N ASN B 627 -10.39 -15.47 -78.18
CA ASN B 627 -9.26 -16.04 -78.91
C ASN B 627 -8.45 -14.94 -79.58
N ASP B 628 -9.13 -14.00 -80.23
CA ASP B 628 -8.43 -12.85 -80.77
C ASP B 628 -7.56 -12.18 -79.72
N LEU B 629 -8.02 -12.18 -78.46
CA LEU B 629 -7.16 -11.68 -77.37
C LEU B 629 -5.94 -12.57 -77.18
N LEU B 630 -6.18 -13.87 -76.96
CA LEU B 630 -5.08 -14.78 -76.66
C LEU B 630 -4.06 -14.83 -77.79
N HIS B 631 -4.47 -14.52 -79.02
CA HIS B 631 -3.53 -14.49 -80.12
C HIS B 631 -2.35 -13.59 -79.84
N ILE B 632 -2.64 -12.33 -79.53
CA ILE B 632 -1.59 -11.36 -79.24
C ILE B 632 -0.77 -11.79 -78.03
N GLN B 639 -4.26 -7.06 -87.95
CA GLN B 639 -5.67 -6.99 -88.30
C GLN B 639 -5.93 -7.67 -89.65
N ALA B 640 -4.94 -7.62 -90.53
CA ALA B 640 -5.07 -8.23 -91.86
C ALA B 640 -5.07 -9.75 -91.76
N PHE B 641 -4.15 -10.29 -90.95
CA PHE B 641 -4.04 -11.73 -90.77
C PHE B 641 -5.38 -12.27 -90.32
N ARG B 642 -6.13 -11.47 -89.57
CA ARG B 642 -7.44 -11.87 -89.07
C ARG B 642 -8.44 -11.99 -90.21
N GLN B 643 -8.13 -11.39 -91.35
CA GLN B 643 -9.01 -11.43 -92.52
C GLN B 643 -8.78 -12.63 -93.39
N VAL B 644 -7.52 -12.86 -93.73
CA VAL B 644 -7.15 -13.94 -94.61
C VAL B 644 -7.36 -15.31 -93.96
N SER B 645 -6.93 -15.49 -92.71
CA SER B 645 -7.11 -16.78 -91.98
C SER B 645 -8.60 -17.09 -91.82
N ALA B 646 -9.36 -16.06 -91.49
CA ALA B 646 -10.83 -16.17 -91.47
C ALA B 646 -11.38 -16.68 -92.81
N ALA B 647 -10.98 -16.03 -93.91
CA ALA B 647 -11.49 -16.39 -95.23
C ALA B 647 -11.17 -17.83 -95.55
N ILE B 648 -9.91 -18.24 -95.31
CA ILE B 648 -9.49 -19.64 -95.52
C ILE B 648 -10.45 -20.58 -94.73
N ASP B 649 -10.72 -20.23 -93.46
CA ASP B 649 -11.65 -20.99 -92.60
C ASP B 649 -13.01 -21.11 -93.25
N ALA B 650 -13.55 -19.99 -93.71
CA ALA B 650 -14.83 -20.02 -94.42
C ALA B 650 -14.78 -21.05 -95.50
N PHE B 651 -13.75 -20.94 -96.35
CA PHE B 651 -13.67 -21.80 -97.51
C PHE B 651 -13.77 -23.27 -97.10
N ASN B 652 -13.07 -23.66 -96.05
CA ASN B 652 -13.03 -25.08 -95.71
C ASN B 652 -14.14 -25.48 -94.72
N LEU B 653 -15.38 -25.40 -95.23
CA LEU B 653 -16.58 -25.86 -94.54
C LEU B 653 -17.33 -26.81 -95.47
N SER C 28 63.81 94.80 2.83
CA SER C 28 64.33 93.67 2.09
C SER C 28 64.70 92.56 3.07
N ALA C 29 64.53 91.33 2.62
CA ALA C 29 64.71 90.16 3.48
C ALA C 29 66.16 89.69 3.45
N SER C 30 67.07 90.57 3.92
CA SER C 30 68.50 90.25 3.91
C SER C 30 68.91 89.74 5.29
N PHE C 31 68.72 88.45 5.51
CA PHE C 31 69.03 87.82 6.77
C PHE C 31 70.13 86.76 6.57
N LYS C 32 71.25 86.95 7.25
CA LYS C 32 72.38 86.04 7.15
C LYS C 32 72.66 85.39 8.49
N GLY C 33 72.52 84.06 8.55
CA GLY C 33 72.74 83.31 9.76
C GLY C 33 71.92 83.77 10.94
N THR C 34 70.85 84.52 10.69
CA THR C 34 70.06 85.10 11.76
C THR C 34 69.33 84.01 12.54
N ASP C 35 69.44 84.06 13.86
CA ASP C 35 68.77 83.07 14.70
C ASP C 35 67.26 83.23 14.62
N ILE C 36 66.56 82.09 14.69
CA ILE C 36 65.11 82.10 14.62
C ILE C 36 64.53 82.96 15.72
N GLN C 37 65.17 82.99 16.88
CA GLN C 37 64.68 83.83 17.97
C GLN C 37 64.78 85.31 17.61
N GLU C 38 65.99 85.77 17.32
CA GLU C 38 66.12 87.14 16.87
C GLU C 38 65.40 87.39 15.56
N PHE C 39 65.08 86.35 14.80
CA PHE C 39 64.23 86.47 13.63
C PHE C 39 62.83 86.93 14.04
N ILE C 40 62.20 86.22 14.97
CA ILE C 40 60.88 86.59 15.44
C ILE C 40 60.93 87.91 16.20
N ASN C 41 61.99 88.12 16.96
CA ASN C 41 62.07 89.26 17.83
C ASN C 41 62.44 90.53 17.09
N THR C 42 62.97 90.42 15.88
CA THR C 42 63.29 91.57 15.05
C THR C 42 62.24 91.81 13.96
N VAL C 43 61.98 90.77 13.14
CA VAL C 43 60.90 90.84 12.17
C VAL C 43 59.59 91.24 12.86
N SER C 44 59.35 90.69 14.04
CA SER C 44 58.21 91.15 14.85
C SER C 44 58.24 92.65 15.03
N LYS C 45 59.37 93.18 15.50
CA LYS C 45 59.53 94.62 15.66
C LYS C 45 59.08 95.37 14.41
N ASN C 46 59.61 94.95 13.26
CA ASN C 46 59.23 95.60 12.00
C ASN C 46 57.76 95.47 11.72
N LEU C 47 57.18 94.30 12.01
CA LEU C 47 55.77 94.08 11.77
C LEU C 47 54.91 94.85 12.75
N ASN C 48 55.40 95.04 13.99
CA ASN C 48 54.72 95.75 15.06
C ASN C 48 53.62 94.93 15.72
N LYS C 49 53.71 93.62 15.60
CA LYS C 49 52.74 92.71 16.18
C LYS C 49 53.33 91.89 17.33
N THR C 50 52.53 91.69 18.39
CA THR C 50 52.98 90.91 19.55
C THR C 50 53.19 89.45 19.12
N VAL C 51 54.05 88.74 19.84
CA VAL C 51 54.22 87.34 19.50
C VAL C 51 54.79 86.58 20.68
N ILE C 52 54.21 85.41 20.99
CA ILE C 52 54.73 84.56 22.05
C ILE C 52 55.39 83.35 21.42
N ILE C 53 56.67 83.18 21.69
CA ILE C 53 57.46 82.04 21.26
C ILE C 53 57.33 80.97 22.33
N ASP C 54 57.36 79.70 21.91
CA ASP C 54 57.42 78.61 22.88
C ASP C 54 58.83 78.04 22.96
N PRO C 55 59.16 77.31 24.04
CA PRO C 55 60.52 76.77 24.14
C PRO C 55 60.79 75.66 23.12
N SER C 56 61.98 75.05 23.22
CA SER C 56 62.37 73.97 22.35
C SER C 56 62.36 74.41 20.90
N VAL C 57 62.66 75.67 20.65
CA VAL C 57 62.71 76.27 19.33
C VAL C 57 64.13 76.77 19.16
N ARG C 58 64.98 75.98 18.50
CA ARG C 58 66.40 76.27 18.42
C ARG C 58 66.83 76.13 16.97
N GLY C 59 67.40 77.18 16.41
CA GLY C 59 67.86 77.12 15.05
C GLY C 59 68.08 78.50 14.46
N THR C 60 68.29 78.52 13.13
CA THR C 60 68.67 79.72 12.39
C THR C 60 68.35 79.52 10.92
N ILE C 61 68.36 80.63 10.20
CA ILE C 61 68.17 80.64 8.76
C ILE C 61 69.31 81.45 8.16
N THR C 62 69.31 81.54 6.85
CA THR C 62 70.17 82.47 6.14
C THR C 62 69.65 82.60 4.71
N VAL C 63 69.67 83.82 4.21
CA VAL C 63 69.05 84.05 2.91
C VAL C 63 69.51 85.40 2.37
N ARG C 64 69.71 85.50 1.06
CA ARG C 64 69.93 86.78 0.42
C ARG C 64 68.73 87.10 -0.45
N SER C 65 68.21 88.32 -0.31
CA SER C 65 67.07 88.76 -1.09
C SER C 65 67.46 90.03 -1.83
N TYR C 66 66.90 90.17 -3.03
CA TYR C 66 67.18 91.29 -3.90
C TYR C 66 66.02 92.28 -3.98
N ASP C 67 64.78 91.82 -3.91
CA ASP C 67 63.60 92.66 -3.97
C ASP C 67 63.02 92.90 -2.58
N MET C 68 62.24 93.97 -2.47
CA MET C 68 61.74 94.44 -1.18
C MET C 68 60.35 93.89 -0.90
N LEU C 69 60.10 93.49 0.36
CA LEU C 69 58.91 92.74 0.74
C LEU C 69 58.40 93.29 2.08
N ASN C 70 57.68 94.41 2.06
CA ASN C 70 56.98 94.85 3.26
C ASN C 70 55.46 94.86 3.16
N GLU C 71 54.90 95.09 1.96
CA GLU C 71 53.48 95.44 1.94
C GLU C 71 52.60 94.31 2.45
N GLU C 72 52.51 93.22 1.69
CA GLU C 72 51.76 92.06 2.16
C GLU C 72 52.68 90.85 2.04
N GLN C 73 53.61 90.94 1.10
CA GLN C 73 54.51 89.84 0.87
C GLN C 73 55.49 89.69 2.03
N TYR C 74 55.56 90.70 2.88
CA TYR C 74 56.30 90.61 4.14
C TYR C 74 55.75 89.47 5.01
N TYR C 75 54.52 89.64 5.49
CA TYR C 75 53.88 88.61 6.30
C TYR C 75 53.77 87.30 5.53
N GLN C 76 53.51 87.39 4.22
CA GLN C 76 53.45 86.20 3.40
C GLN C 76 54.71 85.37 3.53
N PHE C 77 55.83 85.97 3.12
CA PHE C 77 57.10 85.25 3.09
C PHE C 77 57.57 84.89 4.50
N PHE C 78 57.26 85.73 5.48
CA PHE C 78 57.55 85.40 6.86
C PHE C 78 56.98 84.05 7.23
N LEU C 79 55.66 83.90 7.07
CA LEU C 79 55.04 82.63 7.36
C LEU C 79 55.59 81.51 6.49
N SER C 80 55.96 81.82 5.24
CA SER C 80 56.59 80.78 4.43
C SER C 80 57.87 80.27 5.06
N VAL C 81 58.69 81.18 5.60
CA VAL C 81 59.96 80.76 6.17
C VAL C 81 59.74 79.91 7.39
N LEU C 82 58.83 80.33 8.27
CA LEU C 82 58.45 79.48 9.36
C LEU C 82 57.98 78.11 8.87
N ASP C 83 57.34 78.09 7.70
CA ASP C 83 56.83 76.85 7.15
C ASP C 83 57.93 75.92 6.70
N VAL C 84 59.05 76.45 6.23
CA VAL C 84 60.11 75.59 5.71
C VAL C 84 60.64 74.68 6.81
N TYR C 85 61.02 75.28 7.94
CA TYR C 85 61.47 74.46 9.06
C TYR C 85 60.36 73.63 9.67
N GLY C 86 59.11 73.87 9.23
CA GLY C 86 58.00 73.17 9.83
C GLY C 86 57.58 73.69 11.17
N PHE C 87 58.33 74.60 11.80
CA PHE C 87 57.84 75.26 12.97
C PHE C 87 56.66 76.13 12.53
N ALA C 88 55.48 75.84 13.05
CA ALA C 88 54.29 76.44 12.49
C ALA C 88 53.72 77.45 13.46
N VAL C 89 52.94 78.37 12.93
CA VAL C 89 52.31 79.39 13.76
C VAL C 89 50.84 79.54 13.37
N ILE C 90 50.05 79.98 14.34
CA ILE C 90 48.64 80.30 14.17
C ILE C 90 48.41 81.73 14.64
N ASN C 91 47.71 82.53 13.83
CA ASN C 91 47.45 83.92 14.18
C ASN C 91 46.03 84.06 14.68
N MET C 92 45.82 85.06 15.55
CA MET C 92 44.53 85.26 16.17
C MET C 92 44.08 86.68 15.90
N ASN C 93 42.84 87.00 16.29
CA ASN C 93 42.21 88.24 15.94
C ASN C 93 42.53 89.33 16.98
N ASN C 94 42.20 89.06 18.24
CA ASN C 94 42.40 90.03 19.31
C ASN C 94 43.89 90.27 19.60
N GLY C 95 44.64 89.19 19.80
CA GLY C 95 46.08 89.27 19.87
C GLY C 95 46.68 88.68 18.60
N VAL C 96 48.00 88.77 18.51
CA VAL C 96 48.71 88.32 17.32
C VAL C 96 49.03 86.83 17.46
N LEU C 97 49.72 86.28 16.47
CA LEU C 97 49.98 84.86 16.35
C LEU C 97 50.86 84.34 17.49
N LYS C 98 51.15 83.04 17.42
CA LYS C 98 51.97 82.31 18.38
C LYS C 98 52.77 81.30 17.61
N VAL C 99 53.76 80.70 18.27
CA VAL C 99 54.61 79.68 17.71
C VAL C 99 54.41 78.39 18.48
N VAL C 100 54.09 77.31 17.77
CA VAL C 100 53.87 76.03 18.40
C VAL C 100 55.00 75.07 18.05
N ARG C 101 55.20 74.09 18.92
CA ARG C 101 56.12 73.00 18.71
C ARG C 101 55.39 71.69 18.45
N ALA C 102 54.05 71.65 18.59
CA ALA C 102 53.23 70.49 18.29
C ALA C 102 52.85 70.41 16.81
N LYS C 103 52.94 71.52 16.08
CA LYS C 103 52.76 71.57 14.63
C LYS C 103 51.39 71.10 14.17
N ASP C 104 50.45 70.85 15.05
CA ASP C 104 49.21 70.20 14.65
C ASP C 104 48.04 71.18 14.68
N ALA C 105 46.99 70.75 13.95
CA ALA C 105 45.69 71.39 14.07
C ALA C 105 45.08 71.20 15.46
N LYS C 106 45.59 70.24 16.23
CA LYS C 106 45.07 69.95 17.57
C LYS C 106 45.17 71.12 18.55
N THR C 107 45.78 72.22 18.10
CA THR C 107 45.93 73.40 18.95
C THR C 107 44.75 74.23 19.38
N SER C 108 43.54 73.74 19.11
CA SER C 108 42.32 74.43 19.48
C SER C 108 42.09 75.65 18.59
N ALA C 109 42.94 75.81 17.58
CA ALA C 109 42.84 76.93 16.65
C ALA C 109 43.00 76.33 15.26
N VAL C 110 41.96 76.49 14.44
CA VAL C 110 41.98 75.95 13.08
C VAL C 110 40.99 76.76 12.25
N PRO C 111 41.34 77.92 11.72
CA PRO C 111 40.36 78.67 10.92
C PRO C 111 40.05 77.89 9.67
N VAL C 112 38.77 77.60 9.45
CA VAL C 112 38.35 76.64 8.42
C VAL C 112 37.73 77.44 7.28
N ALA C 113 38.30 77.28 6.09
CA ALA C 113 37.73 77.91 4.90
C ALA C 113 36.38 77.27 4.55
N SER C 114 35.58 78.04 3.82
CA SER C 114 34.26 77.61 3.41
C SER C 114 34.12 77.59 1.90
N ALA C 115 35.22 77.31 1.19
CA ALA C 115 35.28 77.06 -0.24
C ALA C 115 35.26 78.36 -1.04
N ALA C 116 35.13 79.50 -0.38
CA ALA C 116 35.32 80.77 -1.06
C ALA C 116 36.67 81.39 -0.75
N ALA C 117 37.21 81.17 0.45
CA ALA C 117 38.56 81.60 0.80
C ALA C 117 39.49 80.41 0.86
N PRO C 118 40.15 80.04 -0.24
CA PRO C 118 41.21 79.01 -0.14
C PRO C 118 42.44 79.50 0.60
N GLY C 119 42.55 80.79 0.87
CA GLY C 119 43.73 81.27 1.54
C GLY C 119 44.93 81.22 0.63
N GLU C 120 46.08 80.87 1.20
CA GLU C 120 47.32 80.75 0.45
C GLU C 120 48.24 79.83 1.22
N GLY C 121 49.21 79.25 0.53
CA GLY C 121 49.90 78.06 0.97
C GLY C 121 50.41 78.12 2.40
N ASP C 122 50.60 79.33 2.88
CA ASP C 122 51.30 79.51 4.15
C ASP C 122 50.45 79.07 5.31
N GLU C 123 49.15 79.35 5.30
CA GLU C 123 48.33 79.16 6.49
C GLU C 123 47.83 77.72 6.59
N VAL C 124 47.32 77.39 7.76
CA VAL C 124 46.78 76.06 8.06
C VAL C 124 45.27 76.20 8.28
N VAL C 125 44.50 75.44 7.52
CA VAL C 125 43.04 75.43 7.64
C VAL C 125 42.59 74.02 7.97
N THR C 126 41.28 73.80 8.03
CA THR C 126 40.74 72.45 8.14
C THR C 126 39.50 72.38 7.26
N ARG C 127 39.64 71.75 6.11
CA ARG C 127 38.58 71.76 5.12
C ARG C 127 37.83 70.45 5.13
N VAL C 128 36.67 70.47 4.48
CA VAL C 128 35.80 69.31 4.46
C VAL C 128 34.92 69.38 3.23
N VAL C 129 34.61 68.22 2.67
CA VAL C 129 33.67 68.23 1.56
C VAL C 129 32.81 66.97 1.63
N PRO C 130 31.51 67.07 1.37
CA PRO C 130 30.69 65.87 1.23
C PRO C 130 30.81 65.22 -0.14
N LEU C 131 31.75 64.28 -0.24
CA LEU C 131 31.96 63.51 -1.47
C LEU C 131 30.73 62.64 -1.78
N THR C 132 30.19 62.78 -2.98
CA THR C 132 28.85 62.32 -3.27
C THR C 132 28.74 61.09 -4.15
N ASN C 133 29.84 60.59 -4.73
CA ASN C 133 29.70 59.52 -5.71
C ASN C 133 30.51 58.27 -5.42
N VAL C 134 31.45 58.29 -4.48
CA VAL C 134 32.48 57.27 -4.39
C VAL C 134 32.62 56.86 -2.93
N ALA C 135 32.98 55.60 -2.73
CA ALA C 135 33.35 55.16 -1.40
C ALA C 135 34.50 56.01 -0.88
N ALA C 136 34.30 56.64 0.27
CA ALA C 136 35.30 57.47 0.90
C ALA C 136 36.29 56.68 1.76
N ARG C 137 36.34 55.35 1.64
CA ARG C 137 37.38 54.64 2.34
C ARG C 137 38.66 54.53 1.52
N ASP C 138 38.57 54.09 0.27
CA ASP C 138 39.78 53.64 -0.41
C ASP C 138 40.70 54.78 -0.81
N LEU C 139 40.14 55.95 -1.13
CA LEU C 139 41.02 57.09 -1.41
C LEU C 139 41.68 57.63 -0.16
N ALA C 140 41.32 57.11 0.99
CA ALA C 140 41.84 57.57 2.27
C ALA C 140 43.24 57.02 2.53
N PRO C 141 43.56 55.77 2.23
CA PRO C 141 44.96 55.36 2.36
C PRO C 141 45.85 56.06 1.36
N LEU C 142 45.42 56.08 0.10
CA LEU C 142 46.26 56.76 -0.91
C LEU C 142 46.45 58.23 -0.58
N LEU C 143 45.48 58.85 0.08
CA LEU C 143 45.60 60.28 0.35
C LEU C 143 46.30 60.51 1.68
N ARG C 144 46.04 59.67 2.66
CA ARG C 144 46.81 59.70 3.89
C ARG C 144 48.27 59.39 3.62
N GLN C 145 48.59 58.76 2.50
CA GLN C 145 49.99 58.57 2.11
C GLN C 145 50.50 59.75 1.29
N LEU C 146 49.85 60.05 0.17
CA LEU C 146 50.30 61.12 -0.70
C LEU C 146 50.51 62.37 0.12
N ASN C 147 49.62 62.61 1.07
CA ASN C 147 49.62 63.78 1.94
C ASN C 147 49.90 63.37 3.37
N ASP C 148 50.78 62.42 3.60
CA ASP C 148 51.12 62.14 4.98
C ASP C 148 52.17 63.15 5.36
N ASN C 149 51.73 64.28 5.84
CA ASN C 149 52.68 65.31 6.22
C ASN C 149 53.31 64.88 7.54
N ALA C 150 54.61 64.70 7.53
CA ALA C 150 55.27 64.16 8.71
C ALA C 150 55.61 65.24 9.73
N GLY C 151 55.01 66.42 9.60
CA GLY C 151 55.12 67.47 10.57
C GLY C 151 53.80 67.72 11.28
N ALA C 152 53.08 66.63 11.56
CA ALA C 152 51.73 66.67 12.15
C ALA C 152 50.71 67.22 11.15
N GLY C 153 50.83 66.79 9.89
CA GLY C 153 49.91 67.17 8.84
C GLY C 153 48.53 66.54 9.01
N SER C 154 47.70 66.76 8.00
CA SER C 154 46.29 66.41 8.02
C SER C 154 46.06 64.92 8.25
N VAL C 155 44.79 64.57 8.44
CA VAL C 155 44.31 63.21 8.51
C VAL C 155 43.05 63.10 7.63
N VAL C 156 42.54 61.89 7.52
CA VAL C 156 41.41 61.61 6.64
C VAL C 156 40.50 60.58 7.31
N HIS C 157 39.21 60.91 7.39
CA HIS C 157 38.28 60.00 8.04
C HIS C 157 36.95 59.90 7.29
N TYR C 158 36.30 58.77 7.53
CA TYR C 158 35.05 58.42 6.89
C TYR C 158 33.92 58.42 7.89
N GLU C 159 32.81 59.06 7.54
CA GLU C 159 31.56 58.90 8.27
C GLU C 159 30.48 58.42 7.32
N PRO C 160 29.50 57.62 7.77
CA PRO C 160 28.50 57.09 6.83
C PRO C 160 27.72 58.17 6.14
N SER C 161 27.87 59.41 6.54
CA SER C 161 27.39 60.54 5.78
C SER C 161 28.40 61.04 4.76
N ASN C 162 29.46 60.29 4.51
CA ASN C 162 30.44 60.58 3.44
C ASN C 162 31.08 61.92 3.59
N VAL C 163 31.19 62.40 4.82
CA VAL C 163 31.98 63.57 5.05
C VAL C 163 33.37 63.24 4.60
N LEU C 164 34.03 64.20 3.99
CA LEU C 164 35.43 64.04 3.64
C LEU C 164 36.13 65.30 4.12
N LEU C 165 36.95 65.13 5.17
CA LEU C 165 37.52 66.23 5.90
C LEU C 165 39.03 66.08 5.95
N MET C 166 39.70 67.22 6.09
CA MET C 166 41.13 67.22 6.30
C MET C 166 41.51 68.59 6.83
N THR C 167 42.73 68.70 7.33
CA THR C 167 43.23 70.02 7.70
C THR C 167 44.42 70.48 6.86
N GLY C 168 45.53 69.74 6.87
CA GLY C 168 46.62 69.99 5.94
C GLY C 168 47.17 71.40 6.00
N ARG C 169 47.43 71.97 4.83
CA ARG C 169 47.89 73.33 4.61
C ARG C 169 46.92 74.00 3.66
N ALA C 170 47.20 75.25 3.29
CA ALA C 170 46.27 75.92 2.40
C ALA C 170 46.63 75.70 0.93
N ALA C 171 47.89 75.40 0.64
CA ALA C 171 48.27 75.04 -0.73
C ALA C 171 47.80 73.64 -1.08
N VAL C 172 47.93 72.70 -0.13
CA VAL C 172 47.39 71.36 -0.29
C VAL C 172 45.93 71.40 -0.74
N ILE C 173 45.19 72.39 -0.24
CA ILE C 173 43.77 72.49 -0.58
C ILE C 173 43.59 72.49 -2.10
N LYS C 174 44.35 73.35 -2.79
CA LYS C 174 44.28 73.42 -4.25
C LYS C 174 44.45 72.04 -4.90
N ARG C 175 45.55 71.35 -4.55
CA ARG C 175 45.84 70.09 -5.21
C ARG C 175 44.74 69.09 -4.94
N LEU C 176 44.21 69.04 -3.72
CA LEU C 176 43.25 67.96 -3.42
C LEU C 176 41.84 68.23 -3.90
N LEU C 177 41.34 69.45 -3.69
CA LEU C 177 40.13 69.89 -4.38
C LEU C 177 40.19 69.53 -5.85
N THR C 178 41.29 69.90 -6.50
CA THR C 178 41.44 69.53 -7.90
C THR C 178 41.39 68.02 -8.09
N ILE C 179 41.94 67.26 -7.13
CA ILE C 179 41.93 65.82 -7.27
C ILE C 179 40.50 65.32 -7.33
N VAL C 180 39.73 65.56 -6.26
CA VAL C 180 38.39 64.98 -6.20
C VAL C 180 37.54 65.49 -7.34
N GLU C 181 37.56 66.82 -7.57
CA GLU C 181 36.80 67.40 -8.66
C GLU C 181 37.12 66.78 -10.00
N ARG C 182 38.35 66.30 -10.21
CA ARG C 182 38.56 65.61 -11.47
C ARG C 182 38.12 64.15 -11.39
N VAL C 183 38.48 63.45 -10.31
CA VAL C 183 38.22 62.02 -10.24
C VAL C 183 36.73 61.74 -10.01
N ASP C 184 36.01 62.62 -9.31
CA ASP C 184 34.60 62.40 -9.16
C ASP C 184 33.83 62.76 -10.43
N ASN C 185 34.31 63.74 -11.16
CA ASN C 185 33.68 64.16 -12.41
C ASN C 185 33.99 63.19 -13.53
N ALA C 186 34.54 62.02 -13.23
CA ALA C 186 34.84 61.03 -14.25
C ALA C 186 33.60 60.17 -14.50
N GLY C 187 32.66 60.76 -15.23
CA GLY C 187 31.59 60.04 -15.90
C GLY C 187 30.81 59.04 -15.08
N ASP C 188 30.29 59.47 -13.94
CA ASP C 188 29.48 58.61 -13.10
C ASP C 188 28.15 58.26 -13.78
N ARG C 189 27.39 57.40 -13.11
CA ARG C 189 26.20 56.76 -13.69
C ARG C 189 25.30 57.72 -14.44
N SER C 190 24.99 57.38 -15.69
CA SER C 190 23.96 58.04 -16.44
C SER C 190 23.21 57.00 -17.25
N VAL C 191 21.94 57.28 -17.53
CA VAL C 191 21.02 56.32 -18.14
C VAL C 191 20.59 56.81 -19.50
N VAL C 192 20.38 55.87 -20.41
CA VAL C 192 19.83 56.18 -21.74
C VAL C 192 19.30 54.88 -22.31
N THR C 193 18.39 54.99 -23.28
CA THR C 193 17.70 53.84 -23.82
C THR C 193 17.85 53.80 -25.33
N VAL C 194 17.32 52.76 -25.94
CA VAL C 194 17.20 52.69 -27.39
C VAL C 194 15.93 51.94 -27.72
N PRO C 195 15.09 52.48 -28.57
CA PRO C 195 13.95 51.68 -29.03
C PRO C 195 14.39 50.60 -29.98
N LEU C 196 13.44 49.88 -30.54
CA LEU C 196 13.78 48.82 -31.47
C LEU C 196 12.64 48.63 -32.44
N SER C 197 12.96 48.62 -33.73
CA SER C 197 11.97 48.48 -34.79
C SER C 197 11.17 47.19 -34.72
N TRP C 198 11.79 46.03 -34.94
CA TRP C 198 11.00 44.81 -35.03
C TRP C 198 11.52 43.63 -34.24
N ALA C 199 12.81 43.58 -33.89
CA ALA C 199 13.35 42.37 -33.28
C ALA C 199 12.83 42.15 -31.86
N SER C 200 13.05 40.93 -31.37
CA SER C 200 12.64 40.55 -30.03
C SER C 200 13.40 41.33 -28.98
N ALA C 201 12.72 41.64 -27.87
CA ALA C 201 13.36 42.40 -26.78
C ALA C 201 14.02 41.46 -25.77
N ALA C 202 13.21 40.79 -24.95
CA ALA C 202 13.75 39.94 -23.90
C ALA C 202 14.77 38.94 -24.39
N GLU C 203 14.74 38.64 -25.69
CA GLU C 203 15.64 37.66 -26.25
C GLU C 203 17.04 38.23 -26.40
N VAL C 204 17.14 39.50 -26.74
CA VAL C 204 18.44 40.11 -26.94
C VAL C 204 19.21 40.19 -25.65
N VAL C 205 18.69 40.94 -24.67
CA VAL C 205 19.38 41.02 -23.39
C VAL C 205 19.53 39.62 -22.79
N LYS C 206 18.47 38.83 -22.86
CA LYS C 206 18.59 37.39 -22.58
C LYS C 206 19.80 36.78 -23.29
N LEU C 207 20.31 37.42 -24.34
CA LEU C 207 21.53 36.94 -25.03
C LEU C 207 22.63 38.01 -25.06
N VAL C 208 22.69 38.94 -24.12
CA VAL C 208 23.83 39.85 -24.17
C VAL C 208 24.82 39.46 -23.09
N THR C 209 24.30 39.10 -21.91
CA THR C 209 25.14 38.71 -20.80
C THR C 209 25.72 37.33 -20.98
N GLU C 210 25.70 36.83 -22.21
CA GLU C 210 26.40 35.61 -22.58
C GLU C 210 27.53 35.88 -23.54
N LEU C 211 27.41 36.94 -24.35
CA LEU C 211 28.48 37.34 -25.24
C LEU C 211 29.45 38.33 -24.60
N ASN C 212 28.99 39.18 -23.69
CA ASN C 212 29.87 40.13 -22.99
C ASN C 212 29.62 40.04 -21.50
N LYS C 213 30.07 38.96 -20.88
CA LYS C 213 29.79 38.76 -19.47
C LYS C 213 30.99 38.87 -18.54
N ASP C 214 32.10 38.18 -18.83
CA ASP C 214 33.17 38.12 -17.86
C ASP C 214 34.41 37.55 -18.57
N THR C 215 35.43 37.29 -17.76
CA THR C 215 36.67 36.67 -18.19
C THR C 215 37.26 35.96 -17.00
N SER C 216 38.31 35.17 -17.23
CA SER C 216 39.01 34.48 -16.17
C SER C 216 39.41 35.40 -15.04
N LYS C 217 39.58 36.68 -15.33
CA LYS C 217 39.86 37.69 -14.32
C LYS C 217 39.00 38.88 -14.69
N SER C 218 38.31 39.44 -13.71
CA SER C 218 37.41 40.57 -13.93
C SER C 218 38.11 41.73 -14.62
N ALA C 219 37.41 42.35 -15.57
CA ALA C 219 37.96 43.50 -16.27
C ALA C 219 38.29 44.53 -15.20
N LEU C 220 37.42 44.60 -14.20
CA LEU C 220 37.61 45.52 -13.08
C LEU C 220 36.49 45.42 -12.05
N PRO C 221 36.58 46.23 -11.00
CA PRO C 221 35.54 46.24 -9.96
C PRO C 221 34.18 46.54 -10.58
N GLY C 222 33.12 46.41 -9.80
CA GLY C 222 31.79 46.67 -10.28
C GLY C 222 31.46 47.98 -10.98
N SER C 223 32.33 48.97 -10.93
CA SER C 223 32.04 50.22 -11.60
C SER C 223 32.78 50.28 -12.93
N MET C 224 32.44 51.29 -13.73
CA MET C 224 32.95 51.43 -15.09
C MET C 224 32.56 50.25 -15.98
N VAL C 225 31.42 49.63 -15.71
CA VAL C 225 30.88 48.54 -16.51
C VAL C 225 29.37 48.54 -16.32
N ALA C 226 28.66 48.30 -17.40
CA ALA C 226 27.24 48.61 -17.44
C ALA C 226 26.42 47.35 -17.26
N ASN C 227 25.24 47.52 -16.67
CA ASN C 227 24.26 46.46 -16.58
C ASN C 227 23.07 46.75 -17.48
N VAL C 228 22.35 45.70 -17.85
CA VAL C 228 21.31 45.82 -18.88
C VAL C 228 20.09 45.06 -18.40
N VAL C 229 18.93 45.70 -18.45
CA VAL C 229 17.62 45.07 -18.31
C VAL C 229 16.71 45.64 -19.39
N ALA C 230 15.49 45.11 -19.42
CA ALA C 230 14.55 45.55 -20.45
C ALA C 230 13.15 45.19 -19.97
N ASP C 231 12.20 46.00 -20.40
CA ASP C 231 10.80 45.66 -20.24
C ASP C 231 10.31 45.08 -21.56
N GLU C 232 9.19 44.40 -21.48
CA GLU C 232 8.55 43.91 -22.67
C GLU C 232 7.47 44.84 -23.15
N ARG C 233 7.36 46.00 -22.55
CA ARG C 233 6.16 46.79 -22.73
C ARG C 233 6.29 47.72 -23.93
N THR C 234 7.36 48.48 -24.01
CA THR C 234 7.61 49.35 -25.15
C THR C 234 8.60 48.78 -26.12
N ASN C 235 9.14 47.59 -25.87
CA ASN C 235 10.04 46.93 -26.81
C ASN C 235 11.33 47.75 -26.94
N ALA C 236 11.80 48.31 -25.85
CA ALA C 236 13.12 48.93 -25.81
C ALA C 236 13.91 48.33 -24.65
N VAL C 237 15.19 48.68 -24.61
CA VAL C 237 16.13 48.06 -23.70
C VAL C 237 16.87 49.15 -22.93
N LEU C 238 17.30 48.82 -21.72
CA LEU C 238 17.85 49.78 -20.77
C LEU C 238 19.34 49.57 -20.61
N VAL C 239 20.11 50.68 -20.55
CA VAL C 239 21.51 50.60 -20.19
C VAL C 239 21.84 51.73 -19.24
N SER C 240 22.90 51.52 -18.46
CA SER C 240 23.38 52.56 -17.54
C SER C 240 24.85 52.33 -17.29
N GLY C 241 25.62 53.41 -17.21
CA GLY C 241 27.07 53.22 -17.14
C GLY C 241 27.80 54.48 -17.56
N GLU C 242 28.99 54.27 -18.10
CA GLU C 242 29.96 55.32 -18.31
C GLU C 242 30.17 55.62 -19.79
N PRO C 243 30.52 56.87 -20.11
CA PRO C 243 30.53 57.30 -21.50
C PRO C 243 31.56 56.63 -22.37
N ASN C 244 32.38 55.73 -21.85
CA ASN C 244 33.17 54.85 -22.69
C ASN C 244 32.89 53.37 -22.43
N SER C 245 31.80 53.07 -21.74
CA SER C 245 31.30 51.70 -21.57
C SER C 245 30.04 51.44 -22.37
N ARG C 246 29.11 52.40 -22.36
CA ARG C 246 27.82 52.16 -22.98
C ARG C 246 27.96 52.07 -24.49
N GLN C 247 28.90 52.83 -25.05
CA GLN C 247 29.03 52.90 -26.49
C GLN C 247 29.20 51.52 -27.08
N ARG C 248 29.91 50.65 -26.35
CA ARG C 248 30.01 49.27 -26.76
C ARG C 248 28.63 48.62 -26.84
N ILE C 249 27.81 48.81 -25.80
CA ILE C 249 26.49 48.18 -25.81
C ILE C 249 25.68 48.64 -27.00
N ILE C 250 25.69 49.94 -27.26
CA ILE C 250 24.98 50.43 -28.43
C ILE C 250 25.58 49.85 -29.70
N ALA C 251 26.88 49.55 -29.68
CA ALA C 251 27.49 48.94 -30.86
C ALA C 251 26.85 47.60 -31.12
N MET C 252 26.81 46.73 -30.11
CA MET C 252 26.23 45.42 -30.33
C MET C 252 24.79 45.55 -30.77
N ILE C 253 23.99 46.37 -30.10
CA ILE C 253 22.59 46.40 -30.51
C ILE C 253 22.47 46.93 -31.95
N LYS C 254 23.35 47.85 -32.37
CA LYS C 254 23.31 48.29 -33.77
C LYS C 254 23.56 47.11 -34.69
N GLN C 255 24.45 46.21 -34.27
CA GLN C 255 24.75 45.03 -35.08
C GLN C 255 23.65 43.99 -34.97
N LEU C 256 23.15 43.77 -33.76
CA LEU C 256 22.09 42.81 -33.50
C LEU C 256 20.83 43.23 -34.23
N ASP C 257 20.56 44.53 -34.27
CA ASP C 257 19.32 45.03 -34.85
C ASP C 257 19.43 45.03 -36.36
N ARG C 258 19.35 43.83 -36.90
CA ARG C 258 19.42 43.62 -38.33
C ARG C 258 18.06 43.24 -38.87
N GLN C 259 17.93 43.30 -40.19
CA GLN C 259 16.69 42.97 -40.87
C GLN C 259 16.79 41.57 -41.42
N GLN C 260 15.67 40.86 -41.44
CA GLN C 260 15.67 39.48 -41.94
C GLN C 260 15.47 39.36 -43.45
N ALA C 261 16.35 38.64 -44.13
CA ALA C 261 16.19 38.46 -45.56
C ALA C 261 14.81 37.85 -45.80
N VAL C 262 14.56 36.74 -45.12
CA VAL C 262 13.30 36.02 -45.20
C VAL C 262 13.20 35.24 -43.91
N GLN C 263 12.06 35.30 -43.23
CA GLN C 263 11.89 34.58 -41.98
C GLN C 263 11.76 33.10 -42.32
N GLY C 264 12.70 32.29 -41.85
CA GLY C 264 12.66 30.88 -42.17
C GLY C 264 12.33 30.02 -40.97
N ASN C 265 12.07 30.67 -39.84
CA ASN C 265 11.67 29.93 -38.65
C ASN C 265 10.50 28.98 -38.94
N THR C 266 9.56 29.43 -39.76
CA THR C 266 8.46 28.59 -40.25
C THR C 266 8.16 28.94 -41.68
N LYS C 267 8.02 27.92 -42.52
CA LYS C 267 7.58 28.14 -43.88
C LYS C 267 6.52 27.13 -44.29
N VAL C 268 5.56 27.59 -45.09
CA VAL C 268 4.34 26.86 -45.38
C VAL C 268 4.41 26.34 -46.79
N ILE C 269 4.30 25.03 -46.96
CA ILE C 269 4.36 24.47 -48.27
C ILE C 269 2.94 24.10 -48.71
N TYR C 270 2.80 23.80 -50.01
CA TYR C 270 1.52 23.42 -50.60
C TYR C 270 1.80 22.15 -51.40
N LEU C 271 1.17 21.04 -50.99
CA LEU C 271 1.38 19.77 -51.68
C LEU C 271 0.32 19.58 -52.75
N LYS C 272 0.73 18.95 -53.88
CA LYS C 272 -0.10 19.03 -55.07
C LYS C 272 -0.97 17.79 -55.30
N TYR C 273 -0.42 16.56 -55.20
CA TYR C 273 -1.20 15.37 -55.55
C TYR C 273 -1.55 14.41 -54.42
N ALA C 274 -0.78 14.37 -53.34
CA ALA C 274 -1.12 13.53 -52.21
C ALA C 274 -1.87 14.34 -51.17
N LYS C 275 -2.69 13.66 -50.40
CA LYS C 275 -3.31 14.38 -49.31
C LYS C 275 -2.28 14.56 -48.19
N ALA C 276 -2.60 15.36 -47.20
CA ALA C 276 -1.66 15.64 -46.14
C ALA C 276 -1.98 14.88 -44.86
N ALA C 277 -3.18 14.33 -44.78
CA ALA C 277 -3.55 13.56 -43.59
C ALA C 277 -2.60 12.39 -43.40
N ASP C 278 -2.43 11.56 -44.43
CA ASP C 278 -1.49 10.46 -44.30
C ASP C 278 -0.09 10.97 -44.01
N LEU C 279 0.31 12.04 -44.69
CA LEU C 279 1.68 12.50 -44.59
C LEU C 279 2.05 12.91 -43.18
N VAL C 280 1.15 13.61 -42.47
CA VAL C 280 1.50 14.00 -41.11
C VAL C 280 1.97 12.78 -40.31
N GLU C 281 1.22 11.69 -40.37
CA GLU C 281 1.51 10.59 -39.47
C GLU C 281 2.67 9.75 -39.99
N VAL C 282 2.72 9.50 -41.31
CA VAL C 282 3.89 8.83 -41.89
C VAL C 282 5.16 9.56 -41.52
N LEU C 283 5.17 10.87 -41.69
CA LEU C 283 6.35 11.67 -41.36
C LEU C 283 6.22 12.14 -39.92
N THR C 284 6.84 11.41 -39.01
CA THR C 284 6.98 11.95 -37.66
C THR C 284 8.41 12.03 -37.15
N GLY C 285 9.36 11.28 -37.69
CA GLY C 285 10.61 11.23 -36.97
C GLY C 285 11.95 11.33 -37.67
N ILE C 286 12.20 12.38 -38.47
CA ILE C 286 13.47 12.48 -39.19
C ILE C 286 14.64 12.52 -38.22
N SER C 287 14.70 13.56 -37.40
CA SER C 287 15.94 13.94 -36.74
C SER C 287 15.86 13.92 -35.23
N SER C 288 14.68 13.82 -34.66
CA SER C 288 14.54 13.60 -33.22
C SER C 288 15.18 12.28 -32.80
N LYS C 305 14.72 20.90 -30.81
CA LYS C 305 14.14 19.89 -29.91
C LYS C 305 13.58 18.73 -30.72
N ASN C 306 12.63 19.07 -31.58
CA ASN C 306 11.89 18.09 -32.36
C ASN C 306 11.37 18.83 -33.57
N ILE C 307 10.73 18.07 -34.45
CA ILE C 307 10.10 18.62 -35.63
C ILE C 307 8.60 18.41 -35.47
N ILE C 308 7.86 19.50 -35.43
CA ILE C 308 6.42 19.45 -35.26
C ILE C 308 5.80 19.71 -36.61
N ILE C 309 5.23 18.70 -37.23
CA ILE C 309 4.53 18.90 -38.48
C ILE C 309 3.05 19.00 -38.21
N LYS C 310 2.44 20.02 -38.79
CA LYS C 310 1.01 20.24 -38.71
C LYS C 310 0.43 20.27 -40.13
N ALA C 311 -0.74 19.70 -40.30
CA ALA C 311 -1.42 19.68 -41.59
C ALA C 311 -2.75 20.39 -41.50
N HIS C 312 -3.10 21.13 -42.54
CA HIS C 312 -4.30 21.96 -42.39
C HIS C 312 -5.57 21.16 -42.70
N GLY C 313 -5.65 20.59 -43.90
CA GLY C 313 -6.83 19.87 -44.34
C GLY C 313 -7.93 20.71 -44.91
N GLN C 314 -7.97 22.01 -44.63
CA GLN C 314 -9.05 22.81 -45.16
C GLN C 314 -8.63 23.63 -46.37
N THR C 315 -7.34 23.89 -46.54
CA THR C 315 -6.78 24.24 -47.83
C THR C 315 -5.92 23.12 -48.39
N ASN C 316 -5.81 22.00 -47.69
CA ASN C 316 -4.93 20.90 -48.11
C ASN C 316 -3.49 21.38 -48.26
N ALA C 317 -3.01 22.03 -47.22
CA ALA C 317 -1.60 22.40 -47.16
C ALA C 317 -1.08 22.11 -45.77
N LEU C 318 0.24 21.87 -45.69
CA LEU C 318 0.87 21.46 -44.46
C LEU C 318 1.99 22.43 -44.10
N ILE C 319 2.30 22.48 -42.80
CA ILE C 319 3.33 23.36 -42.29
C ILE C 319 4.54 22.58 -41.79
N VAL C 320 5.61 23.32 -41.50
CA VAL C 320 6.87 22.79 -40.99
C VAL C 320 7.35 23.92 -40.10
N THR C 321 7.25 23.73 -38.79
CA THR C 321 7.77 24.67 -37.82
C THR C 321 8.75 23.82 -37.07
N ALA C 322 9.89 23.57 -37.70
CA ALA C 322 10.87 22.68 -37.11
C ALA C 322 12.17 23.35 -37.43
N ALA C 323 13.24 22.58 -37.45
CA ALA C 323 14.53 23.17 -37.77
C ALA C 323 14.61 24.14 -38.95
N PRO C 324 15.11 25.34 -38.69
CA PRO C 324 15.23 26.38 -39.73
C PRO C 324 16.53 26.30 -40.53
N ASP C 325 17.21 25.16 -40.50
CA ASP C 325 18.45 24.98 -41.23
C ASP C 325 18.57 23.70 -42.02
N VAL C 326 17.72 22.71 -41.77
CA VAL C 326 17.94 21.48 -42.52
C VAL C 326 16.66 21.15 -43.28
N MET C 327 15.74 22.10 -43.28
CA MET C 327 14.47 21.94 -43.97
C MET C 327 14.69 21.36 -45.36
N ASN C 328 15.87 21.61 -45.92
CA ASN C 328 16.18 21.10 -47.24
C ASN C 328 16.02 19.59 -47.32
N ASP C 329 16.27 18.90 -46.19
CA ASP C 329 16.02 17.48 -46.11
C ASP C 329 14.54 17.14 -46.12
N LEU C 330 13.68 18.15 -46.05
CA LEU C 330 12.26 17.96 -46.16
C LEU C 330 11.77 18.37 -47.52
N GLU C 331 12.22 19.52 -48.01
CA GLU C 331 11.87 19.84 -49.40
C GLU C 331 12.24 18.73 -50.36
N ARG C 332 13.41 18.11 -50.19
CA ARG C 332 13.75 17.04 -51.12
C ARG C 332 12.80 15.86 -50.96
N VAL C 333 12.45 15.53 -49.72
CA VAL C 333 11.67 14.31 -49.58
C VAL C 333 10.24 14.54 -50.01
N ILE C 334 9.63 15.68 -49.66
CA ILE C 334 8.29 15.91 -50.16
C ILE C 334 8.27 16.01 -51.67
N ALA C 335 9.30 16.63 -52.26
CA ALA C 335 9.39 16.68 -53.71
C ALA C 335 9.46 15.28 -54.31
N GLN C 336 10.13 14.36 -53.63
CA GLN C 336 10.04 12.97 -54.06
C GLN C 336 8.79 12.28 -53.57
N LEU C 337 7.91 12.96 -52.87
CA LEU C 337 6.70 12.34 -52.40
C LEU C 337 5.40 12.92 -52.97
N ASP C 338 5.48 13.89 -53.88
CA ASP C 338 4.29 14.43 -54.53
C ASP C 338 4.39 14.18 -56.03
N ILE C 339 3.61 13.23 -56.56
CA ILE C 339 3.82 12.75 -57.93
C ILE C 339 2.50 12.22 -58.49
N ARG C 340 2.16 12.65 -59.72
CA ARG C 340 0.98 12.13 -60.40
C ARG C 340 0.99 10.62 -60.43
N ARG C 341 -0.17 9.99 -60.29
CA ARG C 341 -0.19 8.54 -60.28
C ARG C 341 -1.04 7.95 -61.40
N PRO C 342 -0.51 7.03 -62.16
CA PRO C 342 -1.26 6.35 -63.21
C PRO C 342 -2.23 5.32 -62.65
N GLN C 343 -3.29 5.09 -63.38
CA GLN C 343 -4.35 4.18 -62.97
C GLN C 343 -4.64 3.17 -64.07
N VAL C 344 -5.13 2.01 -63.67
CA VAL C 344 -5.20 0.83 -64.53
C VAL C 344 -6.65 0.38 -64.69
N LEU C 345 -7.00 -0.10 -65.89
CA LEU C 345 -8.33 -0.56 -66.21
C LEU C 345 -8.36 -2.07 -66.17
N VAL C 346 -9.20 -2.65 -65.32
CA VAL C 346 -9.29 -4.09 -65.15
C VAL C 346 -10.66 -4.54 -65.64
N GLU C 347 -10.69 -5.53 -66.51
CA GLU C 347 -11.90 -6.23 -66.90
C GLU C 347 -11.67 -7.73 -66.90
N ALA C 348 -12.62 -8.46 -66.35
CA ALA C 348 -12.57 -9.91 -66.37
C ALA C 348 -13.80 -10.43 -67.09
N ILE C 349 -13.70 -11.63 -67.61
CA ILE C 349 -14.76 -12.23 -68.40
C ILE C 349 -14.93 -13.65 -67.93
N ILE C 350 -16.15 -14.15 -67.97
CA ILE C 350 -16.43 -15.54 -67.65
C ILE C 350 -17.46 -16.07 -68.61
N ALA C 351 -17.46 -17.39 -68.79
CA ALA C 351 -18.48 -17.98 -69.62
C ALA C 351 -18.44 -19.48 -69.42
N GLU C 352 -19.61 -20.11 -69.53
CA GLU C 352 -19.72 -21.52 -69.34
C GLU C 352 -20.88 -22.03 -70.17
N VAL C 353 -21.05 -23.35 -70.18
CA VAL C 353 -22.19 -23.98 -70.82
C VAL C 353 -22.62 -25.11 -69.91
N GLN C 354 -23.91 -25.39 -69.91
CA GLN C 354 -24.46 -26.48 -69.12
C GLN C 354 -25.41 -27.23 -70.02
N ASP C 355 -25.15 -28.51 -70.21
CA ASP C 355 -25.89 -29.31 -71.15
C ASP C 355 -26.15 -30.68 -70.54
N ALA C 356 -27.26 -31.27 -70.92
CA ALA C 356 -27.60 -32.58 -70.43
C ALA C 356 -28.45 -33.30 -71.44
N ASP C 357 -28.11 -34.55 -71.71
CA ASP C 357 -28.86 -35.40 -72.61
C ASP C 357 -29.47 -36.55 -71.83
N GLY C 358 -30.58 -37.07 -72.35
CA GLY C 358 -31.28 -38.13 -71.70
C GLY C 358 -32.13 -38.96 -72.63
N LEU C 359 -32.19 -40.26 -72.42
CA LEU C 359 -32.98 -41.13 -73.28
C LEU C 359 -33.61 -42.21 -72.42
N ASN C 360 -34.64 -42.85 -72.93
CA ASN C 360 -35.21 -44.02 -72.26
C ASN C 360 -36.00 -44.81 -73.28
N LEU C 361 -36.34 -46.04 -72.90
CA LEU C 361 -37.09 -46.94 -73.76
C LEU C 361 -37.48 -48.18 -73.00
N GLY C 362 -38.68 -48.71 -73.27
CA GLY C 362 -39.18 -49.89 -72.61
C GLY C 362 -40.62 -50.25 -72.96
N ILE C 363 -40.98 -51.53 -72.90
CA ILE C 363 -42.30 -52.02 -73.23
C ILE C 363 -42.89 -52.78 -72.03
N GLN C 364 -44.16 -53.17 -72.14
CA GLN C 364 -44.80 -53.97 -71.11
C GLN C 364 -45.94 -54.77 -71.71
N TRP C 365 -46.19 -55.96 -71.11
CA TRP C 365 -47.15 -56.93 -71.63
C TRP C 365 -48.13 -57.33 -70.54
N ALA C 366 -49.26 -57.88 -70.97
CA ALA C 366 -50.34 -58.22 -70.06
C ALA C 366 -51.28 -59.22 -70.72
N ASN C 367 -51.78 -60.17 -69.93
CA ASN C 367 -52.74 -61.13 -70.46
C ASN C 367 -53.47 -61.75 -69.29
N LYS C 368 -54.81 -61.84 -69.42
CA LYS C 368 -55.62 -62.40 -68.35
C LYS C 368 -55.16 -63.80 -67.98
N ASN C 369 -54.86 -64.63 -68.98
CA ASN C 369 -54.43 -65.99 -68.71
C ASN C 369 -52.93 -66.12 -68.53
N ALA C 370 -52.17 -65.05 -68.75
CA ALA C 370 -50.73 -65.14 -68.82
C ALA C 370 -50.09 -64.16 -67.84
N GLY C 371 -48.79 -63.97 -68.00
CA GLY C 371 -48.01 -63.25 -67.00
C GLY C 371 -48.24 -61.76 -66.93
N MET C 372 -47.21 -61.05 -66.48
CA MET C 372 -47.33 -59.60 -66.32
C MET C 372 -45.93 -59.00 -66.27
N THR C 373 -45.60 -58.12 -67.22
CA THR C 373 -44.28 -57.53 -67.35
C THR C 373 -44.38 -56.04 -67.03
N GLN C 374 -43.99 -55.69 -65.81
CA GLN C 374 -44.19 -54.34 -65.31
C GLN C 374 -42.87 -53.59 -65.23
N PHE C 375 -42.93 -52.27 -65.40
CA PHE C 375 -41.75 -51.44 -65.20
C PHE C 375 -42.20 -50.11 -64.61
N THR C 376 -41.76 -49.79 -63.39
CA THR C 376 -42.25 -48.60 -62.71
C THR C 376 -41.48 -47.38 -63.14
N ASN C 377 -40.21 -47.54 -63.50
CA ASN C 377 -39.44 -46.38 -63.91
C ASN C 377 -40.09 -45.67 -65.08
N SER C 378 -40.89 -46.39 -65.85
CA SER C 378 -41.44 -45.84 -67.08
C SER C 378 -42.40 -44.69 -66.84
N GLY C 379 -42.97 -44.61 -65.65
CA GLY C 379 -43.96 -43.61 -65.35
C GLY C 379 -45.37 -44.15 -65.29
N LEU C 380 -45.60 -45.37 -65.77
CA LEU C 380 -46.93 -45.96 -65.80
C LEU C 380 -46.86 -47.47 -65.72
N PRO C 381 -47.45 -48.07 -64.71
CA PRO C 381 -47.56 -49.53 -64.68
C PRO C 381 -48.58 -50.04 -65.69
N ILE C 382 -48.69 -51.37 -65.76
CA ILE C 382 -49.87 -51.93 -66.41
C ILE C 382 -51.08 -51.65 -65.55
N SER C 383 -50.89 -51.48 -64.24
CA SER C 383 -51.98 -51.18 -63.33
C SER C 383 -52.79 -50.00 -63.84
N THR C 384 -52.11 -49.00 -64.39
CA THR C 384 -52.81 -47.90 -65.06
C THR C 384 -53.72 -48.38 -66.17
N ALA C 385 -53.33 -49.46 -66.84
CA ALA C 385 -54.11 -49.91 -67.98
C ALA C 385 -55.26 -50.81 -67.55
N ILE C 386 -54.95 -51.91 -66.88
CA ILE C 386 -55.98 -52.80 -66.39
C ILE C 386 -57.01 -52.03 -65.56
N ALA C 387 -56.54 -51.04 -64.80
CA ALA C 387 -57.49 -50.18 -64.12
C ALA C 387 -58.05 -49.08 -64.99
N GLY C 388 -57.51 -48.85 -66.17
CA GLY C 388 -57.98 -47.73 -66.97
C GLY C 388 -59.15 -48.16 -67.84
N ALA C 389 -59.09 -49.40 -68.33
CA ALA C 389 -60.05 -49.83 -69.33
C ALA C 389 -61.23 -50.54 -68.72
N ASN C 390 -61.02 -51.41 -67.74
CA ASN C 390 -62.14 -52.00 -67.03
C ASN C 390 -62.93 -50.96 -66.25
N GLN C 391 -62.27 -49.95 -65.70
CA GLN C 391 -63.00 -48.83 -65.13
C GLN C 391 -63.63 -47.95 -66.20
N TYR C 392 -62.94 -47.78 -67.32
CA TYR C 392 -63.49 -46.97 -68.39
C TYR C 392 -64.79 -47.60 -68.87
N ASN C 393 -64.66 -48.76 -69.51
CA ASN C 393 -65.79 -49.47 -70.10
C ASN C 393 -66.77 -50.01 -69.06
N LYS C 394 -66.36 -50.09 -67.79
CA LYS C 394 -67.38 -50.25 -66.75
C LYS C 394 -68.21 -49.00 -66.62
N ASP C 395 -67.57 -47.86 -66.33
CA ASP C 395 -68.29 -46.59 -66.27
C ASP C 395 -68.74 -46.13 -67.64
N GLY C 396 -68.23 -46.71 -68.71
CA GLY C 396 -68.47 -46.20 -70.06
C GLY C 396 -67.41 -45.20 -70.48
N THR C 397 -66.99 -44.35 -69.56
CA THR C 397 -66.06 -43.27 -69.90
C THR C 397 -65.05 -43.10 -68.77
N ILE C 398 -64.25 -42.05 -68.88
CA ILE C 398 -63.21 -41.78 -67.90
C ILE C 398 -63.87 -41.46 -66.56
N SER C 399 -63.24 -41.94 -65.49
CA SER C 399 -63.55 -41.47 -64.15
C SER C 399 -62.25 -41.03 -63.50
N SER C 400 -62.29 -39.87 -62.80
CA SER C 400 -61.10 -39.29 -62.22
C SER C 400 -60.37 -40.20 -61.24
N SER C 401 -60.99 -41.32 -60.83
CA SER C 401 -60.33 -42.28 -59.98
C SER C 401 -59.06 -42.83 -60.61
N LEU C 402 -58.90 -42.70 -61.92
CA LEU C 402 -57.79 -43.30 -62.61
C LEU C 402 -56.49 -42.59 -62.25
N ALA C 403 -55.39 -43.21 -62.63
CA ALA C 403 -54.07 -42.79 -62.17
C ALA C 403 -53.80 -41.36 -62.58
N SER C 404 -53.71 -40.45 -61.61
CA SER C 404 -53.41 -39.05 -61.94
C SER C 404 -52.02 -38.86 -62.51
N ALA C 405 -51.23 -39.92 -62.60
CA ALA C 405 -49.89 -39.82 -63.16
C ALA C 405 -49.90 -39.33 -64.60
N LEU C 406 -50.99 -39.59 -65.32
CA LEU C 406 -51.10 -39.14 -66.71
C LEU C 406 -50.86 -37.64 -66.84
N GLY C 407 -51.21 -36.88 -65.80
CA GLY C 407 -50.99 -35.43 -65.81
C GLY C 407 -49.54 -35.04 -65.95
N SER C 408 -48.63 -35.95 -65.67
CA SER C 408 -47.22 -35.62 -65.72
C SER C 408 -46.47 -36.31 -66.85
N PHE C 409 -47.09 -37.31 -67.47
CA PHE C 409 -46.38 -38.13 -68.45
C PHE C 409 -45.89 -37.28 -69.61
N ASN C 410 -44.83 -37.74 -70.26
CA ASN C 410 -44.33 -37.14 -71.47
C ASN C 410 -43.80 -38.23 -72.39
N GLY C 411 -43.93 -38.01 -73.70
CA GLY C 411 -43.50 -39.00 -74.67
C GLY C 411 -44.63 -39.60 -75.45
N ILE C 412 -44.43 -40.82 -75.92
CA ILE C 412 -45.42 -41.53 -76.72
C ILE C 412 -45.59 -42.93 -76.17
N ALA C 413 -46.76 -43.49 -76.42
CA ALA C 413 -47.03 -44.89 -76.16
C ALA C 413 -48.20 -45.31 -77.04
N ALA C 414 -48.13 -46.50 -77.60
CA ALA C 414 -49.02 -46.91 -78.69
C ALA C 414 -49.89 -48.05 -78.21
N GLY C 415 -51.21 -47.87 -78.29
CA GLY C 415 -52.15 -48.87 -77.78
C GLY C 415 -52.44 -49.93 -78.82
N PHE C 416 -52.34 -51.19 -78.40
CA PHE C 416 -52.65 -52.32 -79.26
C PHE C 416 -53.40 -53.38 -78.47
N TYR C 417 -54.31 -54.05 -79.15
CA TYR C 417 -55.09 -55.13 -78.54
C TYR C 417 -55.49 -56.14 -79.61
N GLN C 418 -55.11 -57.41 -79.42
CA GLN C 418 -55.55 -58.50 -80.30
C GLN C 418 -55.88 -59.69 -79.41
N GLY C 419 -57.14 -59.75 -78.98
CA GLY C 419 -57.55 -60.82 -78.12
C GLY C 419 -56.98 -60.65 -76.74
N ASN C 420 -56.15 -61.61 -76.32
CA ASN C 420 -55.76 -61.75 -74.94
C ASN C 420 -54.57 -60.89 -74.54
N TRP C 421 -53.78 -60.41 -75.50
CA TRP C 421 -52.52 -59.78 -75.17
C TRP C 421 -52.66 -58.27 -75.26
N ALA C 422 -51.55 -57.59 -74.97
CA ALA C 422 -51.41 -56.14 -75.07
C ALA C 422 -49.92 -55.81 -74.97
N MET C 423 -49.58 -54.60 -75.37
CA MET C 423 -48.20 -54.16 -75.20
C MET C 423 -48.18 -52.64 -75.33
N LEU C 424 -47.28 -52.01 -74.57
CA LEU C 424 -47.11 -50.56 -74.57
C LEU C 424 -45.64 -50.24 -74.78
N LEU C 425 -45.35 -49.53 -75.86
CA LEU C 425 -44.02 -48.99 -76.12
C LEU C 425 -43.88 -47.64 -75.44
N THR C 426 -42.67 -47.34 -74.95
CA THR C 426 -42.44 -46.14 -74.17
C THR C 426 -41.05 -45.61 -74.46
N ALA C 427 -40.97 -44.33 -74.81
CA ALA C 427 -39.68 -43.71 -75.06
C ALA C 427 -39.86 -42.22 -75.05
N LEU C 428 -38.73 -41.52 -74.95
CA LEU C 428 -38.70 -40.07 -75.00
C LEU C 428 -37.27 -39.63 -75.13
N SER C 429 -37.07 -38.46 -75.69
CA SER C 429 -35.77 -37.83 -75.69
C SER C 429 -35.92 -36.45 -75.12
N SER C 430 -34.94 -36.05 -74.32
CA SER C 430 -34.98 -34.75 -73.69
C SER C 430 -33.56 -34.22 -73.60
N SER C 431 -33.42 -32.91 -73.82
CA SER C 431 -32.13 -32.27 -73.72
C SER C 431 -32.34 -30.86 -73.23
N THR C 432 -31.26 -30.27 -72.76
CA THR C 432 -31.33 -28.92 -72.20
C THR C 432 -29.96 -28.28 -72.33
N LYS C 433 -29.95 -26.99 -72.66
CA LYS C 433 -28.71 -26.27 -72.89
C LYS C 433 -28.76 -24.91 -72.23
N ASN C 434 -27.63 -24.49 -71.66
CA ASN C 434 -27.56 -23.27 -70.88
C ASN C 434 -26.22 -22.59 -71.09
N ASP C 435 -26.24 -21.26 -71.21
CA ASP C 435 -25.06 -20.44 -71.42
C ASP C 435 -25.17 -19.20 -70.56
N ILE C 436 -24.02 -18.55 -70.36
CA ILE C 436 -23.89 -17.35 -69.55
C ILE C 436 -22.67 -16.59 -70.06
N LEU C 437 -22.56 -15.35 -69.62
CA LEU C 437 -21.41 -14.53 -70.00
C LEU C 437 -21.40 -13.33 -69.09
N ALA C 438 -20.21 -12.93 -68.64
CA ALA C 438 -20.12 -11.81 -67.70
C ALA C 438 -18.85 -11.04 -67.93
N THR C 439 -18.97 -9.77 -68.34
CA THR C 439 -17.81 -8.92 -68.61
C THR C 439 -17.98 -7.62 -67.84
N PRO C 440 -17.46 -7.53 -66.60
CA PRO C 440 -17.36 -6.22 -65.97
C PRO C 440 -16.00 -5.57 -66.07
N SER C 441 -15.98 -4.23 -65.97
CA SER C 441 -14.75 -3.45 -66.16
C SER C 441 -14.79 -2.25 -65.23
N ILE C 442 -13.60 -1.81 -64.81
CA ILE C 442 -13.52 -0.74 -63.84
C ILE C 442 -12.16 -0.04 -63.85
N VAL C 443 -12.05 1.11 -63.19
CA VAL C 443 -10.83 1.90 -63.07
C VAL C 443 -10.73 2.36 -61.63
N THR C 444 -9.50 2.60 -61.20
CA THR C 444 -9.22 3.05 -59.86
C THR C 444 -7.74 3.45 -59.82
N LEU C 445 -7.31 3.88 -58.65
CA LEU C 445 -5.89 4.13 -58.51
C LEU C 445 -5.25 2.82 -58.05
N ASP C 446 -3.94 2.83 -57.83
CA ASP C 446 -3.29 1.56 -57.53
C ASP C 446 -3.62 1.13 -56.10
N ASN C 447 -3.25 1.93 -55.13
CA ASN C 447 -3.23 1.45 -53.75
C ASN C 447 -4.65 1.30 -53.16
N MET C 448 -5.59 2.17 -53.56
CA MET C 448 -6.92 2.06 -53.00
C MET C 448 -7.74 1.01 -53.73
N GLN C 449 -8.49 0.22 -53.00
CA GLN C 449 -9.25 -0.88 -53.58
C GLN C 449 -10.57 -0.36 -54.11
N ALA C 450 -10.95 -0.79 -55.30
CA ALA C 450 -12.32 -0.58 -55.73
C ALA C 450 -13.07 -1.90 -55.70
N THR C 451 -14.38 -1.82 -55.53
CA THR C 451 -15.21 -3.00 -55.55
C THR C 451 -16.50 -2.71 -56.30
N PHE C 452 -17.13 -3.76 -56.79
CA PHE C 452 -18.17 -3.63 -57.78
C PHE C 452 -19.11 -4.81 -57.70
N ASN C 453 -20.40 -4.57 -57.89
CA ASN C 453 -21.31 -5.70 -57.85
C ASN C 453 -22.65 -5.33 -58.47
N VAL C 454 -23.31 -6.34 -59.01
CA VAL C 454 -24.61 -6.19 -59.63
C VAL C 454 -25.46 -7.34 -59.12
N GLY C 455 -26.77 -7.14 -59.08
CA GLY C 455 -27.65 -8.24 -58.73
C GLY C 455 -28.56 -7.90 -57.57
N GLN C 456 -29.51 -8.80 -57.36
CA GLN C 456 -30.53 -8.54 -56.37
C GLN C 456 -30.03 -8.87 -54.96
N GLU C 457 -30.89 -8.66 -53.98
CA GLU C 457 -30.53 -8.87 -52.59
C GLU C 457 -31.70 -9.49 -51.84
N VAL C 458 -31.42 -10.52 -51.05
CA VAL C 458 -32.55 -11.31 -50.52
C VAL C 458 -32.22 -11.74 -49.10
N PRO C 459 -33.19 -11.73 -48.21
CA PRO C 459 -32.90 -12.06 -46.82
C PRO C 459 -33.19 -13.47 -46.38
N VAL C 460 -32.24 -14.00 -45.63
CA VAL C 460 -32.30 -15.34 -45.09
C VAL C 460 -32.60 -15.23 -43.60
N LEU C 461 -33.00 -16.35 -42.98
CA LEU C 461 -33.36 -16.31 -41.55
C LEU C 461 -32.22 -16.84 -40.68
N THR C 462 -31.24 -15.99 -40.47
CA THR C 462 -30.16 -16.25 -39.54
C THR C 462 -30.22 -15.21 -38.44
N THR C 475 -36.01 -12.69 -37.09
CA THR C 475 -34.58 -12.46 -37.05
C THR C 475 -33.86 -12.88 -38.33
N VAL C 476 -33.41 -11.90 -39.11
CA VAL C 476 -32.71 -12.18 -40.36
C VAL C 476 -31.77 -11.04 -40.75
N GLU C 477 -31.00 -11.24 -41.81
CA GLU C 477 -30.07 -10.23 -42.29
C GLU C 477 -30.14 -10.04 -43.80
N ARG C 478 -29.34 -9.14 -44.36
CA ARG C 478 -29.37 -8.90 -45.80
C ARG C 478 -28.39 -9.79 -46.55
N LYS C 479 -28.82 -10.35 -47.68
CA LYS C 479 -27.92 -11.21 -48.43
C LYS C 479 -27.99 -10.81 -49.89
N THR C 480 -26.82 -10.83 -50.54
CA THR C 480 -26.68 -10.35 -51.91
C THR C 480 -26.34 -11.52 -52.81
N VAL C 481 -26.87 -11.47 -54.03
CA VAL C 481 -26.65 -12.52 -55.01
C VAL C 481 -26.37 -11.85 -56.35
N GLY C 482 -25.14 -11.96 -56.83
CA GLY C 482 -24.84 -11.41 -58.14
C GLY C 482 -23.43 -11.63 -58.67
N ILE C 483 -22.72 -10.55 -58.97
CA ILE C 483 -21.37 -10.66 -59.50
C ILE C 483 -20.49 -9.67 -58.74
N LYS C 484 -19.98 -10.09 -57.59
CA LYS C 484 -19.19 -9.23 -56.71
C LYS C 484 -17.74 -9.33 -57.09
N LEU C 485 -17.30 -8.47 -58.01
CA LEU C 485 -15.91 -8.47 -58.46
C LEU C 485 -15.11 -7.32 -57.85
N LYS C 486 -14.18 -7.67 -56.96
CA LYS C 486 -13.33 -6.67 -56.31
C LYS C 486 -11.86 -7.01 -56.50
N VAL C 487 -11.01 -5.97 -56.59
CA VAL C 487 -9.59 -6.19 -56.77
C VAL C 487 -8.67 -5.17 -56.10
N LYS C 488 -7.37 -5.37 -56.27
CA LYS C 488 -6.36 -4.50 -55.71
C LYS C 488 -5.20 -4.41 -56.69
N PRO C 489 -5.04 -3.31 -57.39
CA PRO C 489 -4.00 -3.24 -58.42
C PRO C 489 -2.72 -2.61 -57.93
N GLN C 490 -1.59 -3.27 -58.17
CA GLN C 490 -0.28 -2.75 -57.82
C GLN C 490 0.57 -2.74 -59.08
N ILE C 491 1.02 -1.54 -59.50
CA ILE C 491 1.83 -1.39 -60.69
C ILE C 491 3.30 -1.37 -60.25
N ASN C 492 4.08 -2.27 -60.81
CA ASN C 492 5.42 -2.48 -60.27
C ASN C 492 6.49 -1.95 -61.21
N GLU C 493 6.76 -2.74 -62.24
CA GLU C 493 7.65 -2.42 -63.34
C GLU C 493 7.02 -1.32 -64.19
N GLY C 494 7.77 -0.85 -65.20
CA GLY C 494 7.19 -0.09 -66.27
C GLY C 494 5.87 -0.68 -66.75
N ASP C 495 5.85 -1.98 -67.08
CA ASP C 495 4.62 -2.66 -67.45
C ASP C 495 4.56 -4.01 -66.73
N ALA C 496 3.81 -4.03 -65.63
CA ALA C 496 3.37 -5.26 -64.98
C ALA C 496 2.41 -4.84 -63.88
N VAL C 497 1.56 -5.76 -63.45
CA VAL C 497 0.54 -5.45 -62.46
C VAL C 497 0.30 -6.65 -61.56
N LEU C 498 -0.42 -6.40 -60.46
CA LEU C 498 -0.63 -7.40 -59.43
C LEU C 498 -2.08 -7.30 -58.99
N LEU C 499 -2.77 -8.41 -58.98
CA LEU C 499 -4.22 -8.39 -58.87
C LEU C 499 -4.66 -9.46 -57.89
N GLU C 500 -4.99 -9.05 -56.66
CA GLU C 500 -5.55 -9.96 -55.68
C GLU C 500 -7.06 -9.88 -55.76
N ILE C 501 -7.57 -10.54 -56.76
CA ILE C 501 -8.97 -10.40 -57.16
C ILE C 501 -9.79 -11.50 -56.51
N GLU C 502 -11.04 -11.18 -56.21
CA GLU C 502 -11.97 -12.21 -55.80
C GLU C 502 -13.38 -11.87 -56.22
N GLN C 503 -14.17 -12.89 -56.56
CA GLN C 503 -15.50 -12.64 -57.07
C GLN C 503 -16.28 -13.92 -57.17
N GLU C 504 -17.57 -13.76 -57.45
CA GLU C 504 -18.47 -14.89 -57.61
C GLU C 504 -19.63 -14.49 -58.48
N VAL C 505 -20.11 -15.43 -59.27
CA VAL C 505 -21.34 -15.23 -59.99
C VAL C 505 -22.39 -16.11 -59.37
N SER C 506 -23.30 -15.51 -58.64
CA SER C 506 -24.27 -16.26 -57.87
C SER C 506 -25.66 -16.03 -58.42
N SER C 507 -26.49 -17.06 -58.31
CA SER C 507 -27.91 -16.88 -58.59
C SER C 507 -28.72 -17.80 -57.70
N VAL C 508 -30.02 -17.82 -57.90
CA VAL C 508 -30.91 -18.67 -57.13
C VAL C 508 -31.80 -19.39 -58.11
N ALA C 509 -31.91 -20.70 -57.97
CA ALA C 509 -32.70 -21.49 -58.93
C ALA C 509 -34.05 -21.87 -58.32
N ASP C 510 -34.04 -22.88 -57.47
CA ASP C 510 -35.21 -23.23 -56.68
C ASP C 510 -36.33 -23.76 -57.58
N SER C 511 -36.00 -24.41 -58.70
CA SER C 511 -36.99 -25.26 -59.35
C SER C 511 -37.68 -26.11 -58.29
N ALA C 512 -36.88 -26.90 -57.56
CA ALA C 512 -37.33 -27.66 -56.40
C ALA C 512 -36.11 -27.95 -55.54
N SER C 513 -36.20 -27.70 -54.24
CA SER C 513 -35.03 -27.78 -53.39
C SER C 513 -35.50 -28.07 -51.97
N SER C 514 -34.55 -28.20 -51.07
CA SER C 514 -34.85 -28.46 -49.68
C SER C 514 -35.13 -27.15 -48.96
N THR C 515 -36.41 -26.82 -48.84
CA THR C 515 -36.89 -25.82 -47.89
C THR C 515 -37.87 -26.47 -46.95
N SER C 516 -37.55 -26.46 -45.66
CA SER C 516 -38.32 -27.19 -44.69
C SER C 516 -39.27 -26.25 -43.96
N SER C 517 -39.70 -25.20 -44.67
CA SER C 517 -40.46 -24.11 -44.08
C SER C 517 -39.61 -23.30 -43.13
N ASP C 518 -38.32 -23.29 -43.42
CA ASP C 518 -37.36 -22.62 -42.57
C ASP C 518 -36.75 -21.48 -43.37
N LEU C 519 -35.80 -21.83 -44.24
CA LEU C 519 -34.99 -20.90 -45.01
C LEU C 519 -34.95 -21.47 -46.40
N GLY C 520 -35.50 -20.74 -47.34
CA GLY C 520 -35.71 -21.33 -48.66
C GLY C 520 -34.69 -20.84 -49.65
N ALA C 521 -33.72 -21.68 -49.98
CA ALA C 521 -32.58 -21.07 -50.65
C ALA C 521 -31.62 -22.13 -51.17
N THR C 522 -31.02 -21.82 -52.30
CA THR C 522 -30.01 -22.66 -52.92
C THR C 522 -28.70 -21.95 -53.16
N PHE C 523 -28.76 -20.71 -53.64
CA PHE C 523 -27.59 -19.85 -53.71
C PHE C 523 -26.47 -20.51 -54.50
N ASN C 524 -26.79 -20.98 -55.71
CA ASN C 524 -25.75 -21.46 -56.60
C ASN C 524 -24.66 -20.39 -56.75
N THR C 525 -23.41 -20.81 -56.69
CA THR C 525 -22.27 -19.88 -56.61
C THR C 525 -21.01 -20.50 -57.14
N ARG C 526 -20.14 -19.65 -57.69
CA ARG C 526 -18.76 -19.98 -57.92
C ARG C 526 -17.87 -18.84 -57.44
N THR C 527 -16.81 -19.14 -56.68
CA THR C 527 -16.07 -18.11 -55.96
C THR C 527 -14.58 -18.30 -56.20
N VAL C 528 -13.93 -17.28 -56.77
CA VAL C 528 -12.50 -17.32 -57.06
C VAL C 528 -11.77 -16.27 -56.24
N ASN C 529 -10.52 -16.56 -55.90
CA ASN C 529 -9.63 -15.55 -55.34
C ASN C 529 -8.20 -16.02 -55.47
N ASN C 530 -7.32 -15.10 -55.83
CA ASN C 530 -5.91 -15.43 -56.02
C ASN C 530 -5.15 -14.13 -56.27
N ALA C 531 -3.88 -14.26 -56.59
CA ALA C 531 -2.99 -13.14 -56.88
C ALA C 531 -2.17 -13.53 -58.09
N VAL C 532 -1.86 -12.57 -58.94
CA VAL C 532 -1.19 -12.87 -60.19
C VAL C 532 -0.36 -11.67 -60.64
N LEU C 533 0.73 -11.95 -61.34
CA LEU C 533 1.48 -10.94 -62.05
C LEU C 533 1.11 -11.00 -63.51
N VAL C 534 0.87 -9.84 -64.12
CA VAL C 534 0.35 -9.78 -65.47
C VAL C 534 0.97 -8.62 -66.21
N GLY C 535 1.23 -8.81 -67.50
CA GLY C 535 1.70 -7.71 -68.31
C GLY C 535 0.56 -6.80 -68.68
N SER C 536 0.89 -5.65 -69.25
CA SER C 536 -0.12 -4.58 -69.37
C SER C 536 -1.30 -4.97 -70.23
N GLY C 537 -1.10 -5.08 -71.53
CA GLY C 537 -2.14 -5.53 -72.44
C GLY C 537 -2.05 -6.99 -72.78
N GLU C 538 -2.75 -7.84 -72.03
CA GLU C 538 -2.56 -9.29 -72.11
C GLU C 538 -3.83 -10.00 -71.70
N THR C 539 -4.18 -11.03 -72.47
CA THR C 539 -5.24 -11.96 -72.12
C THR C 539 -4.68 -13.08 -71.23
N VAL C 540 -5.31 -13.30 -70.09
CA VAL C 540 -4.73 -14.14 -69.05
C VAL C 540 -5.76 -15.15 -68.56
N VAL C 541 -5.39 -16.43 -68.58
CA VAL C 541 -6.26 -17.48 -68.04
C VAL C 541 -6.06 -17.56 -66.53
N VAL C 542 -7.13 -17.36 -65.79
CA VAL C 542 -7.05 -17.39 -64.34
C VAL C 542 -7.52 -18.70 -63.78
N GLY C 543 -8.72 -19.14 -64.12
CA GLY C 543 -9.32 -20.27 -63.44
C GLY C 543 -10.22 -21.06 -64.37
N GLY C 544 -10.27 -22.36 -64.13
CA GLY C 544 -10.92 -23.22 -65.10
C GLY C 544 -11.50 -24.51 -64.58
N LEU C 545 -12.64 -24.93 -65.13
CA LEU C 545 -13.29 -26.17 -64.73
C LEU C 545 -14.00 -26.78 -65.94
N LEU C 546 -13.88 -28.09 -66.11
CA LEU C 546 -14.58 -28.79 -67.20
C LEU C 546 -14.90 -30.21 -66.82
N ASP C 547 -16.17 -30.62 -66.90
CA ASP C 547 -16.60 -31.86 -66.25
C ASP C 547 -17.84 -32.47 -66.91
N LYS C 548 -17.82 -33.76 -67.15
CA LYS C 548 -18.97 -34.55 -67.57
C LYS C 548 -19.43 -35.49 -66.45
N THR C 549 -20.68 -35.97 -66.58
CA THR C 549 -21.27 -36.84 -65.56
C THR C 549 -22.35 -37.70 -66.19
N VAL C 550 -22.12 -39.01 -66.23
CA VAL C 550 -23.01 -39.95 -66.89
C VAL C 550 -23.54 -40.95 -65.88
N THR C 551 -24.77 -41.41 -66.11
CA THR C 551 -25.33 -42.46 -65.30
C THR C 551 -26.28 -43.27 -66.18
N ASP C 552 -26.40 -44.56 -65.85
CA ASP C 552 -27.18 -45.53 -66.61
C ASP C 552 -28.07 -46.33 -65.68
N THR C 553 -29.21 -46.78 -66.22
CA THR C 553 -30.14 -47.59 -65.45
C THR C 553 -30.76 -48.65 -66.36
N ALA C 554 -30.54 -49.94 -66.04
CA ALA C 554 -31.08 -51.02 -66.84
C ALA C 554 -31.76 -52.06 -65.96
N ASP C 555 -32.71 -52.78 -66.55
CA ASP C 555 -33.41 -53.87 -65.88
C ASP C 555 -34.11 -54.73 -66.92
N LYS C 556 -34.02 -56.05 -66.80
CA LYS C 556 -34.57 -56.96 -67.77
C LYS C 556 -34.88 -58.29 -67.11
N VAL C 557 -35.91 -58.97 -67.61
CA VAL C 557 -36.18 -60.33 -67.15
C VAL C 557 -34.97 -61.20 -67.44
N PRO C 558 -34.50 -61.99 -66.48
CA PRO C 558 -33.23 -62.71 -66.66
C PRO C 558 -33.33 -63.68 -67.82
N LEU C 559 -32.15 -63.99 -68.40
CA LEU C 559 -31.97 -64.93 -69.50
C LEU C 559 -32.55 -64.42 -70.80
N LEU C 560 -33.21 -63.28 -70.78
CA LEU C 560 -33.90 -62.79 -71.95
C LEU C 560 -33.25 -61.51 -72.41
N GLY C 561 -33.77 -60.93 -73.48
CA GLY C 561 -33.14 -59.75 -74.07
C GLY C 561 -31.72 -60.01 -74.60
N ASP C 562 -31.28 -61.25 -74.63
CA ASP C 562 -29.89 -61.51 -74.96
C ASP C 562 -29.62 -61.45 -76.45
N ILE C 563 -30.60 -61.81 -77.30
CA ILE C 563 -30.42 -61.61 -78.72
C ILE C 563 -30.67 -60.13 -79.04
N PRO C 564 -29.62 -59.38 -79.32
CA PRO C 564 -29.76 -57.91 -79.40
C PRO C 564 -30.84 -57.48 -80.36
N VAL C 565 -30.83 -58.03 -81.58
CA VAL C 565 -31.84 -57.63 -82.57
C VAL C 565 -33.22 -58.08 -82.14
N ILE C 566 -33.35 -59.29 -81.61
CA ILE C 566 -34.68 -59.77 -81.28
C ILE C 566 -35.00 -59.39 -79.85
N GLY C 567 -34.16 -59.85 -78.92
CA GLY C 567 -34.47 -59.73 -77.50
C GLY C 567 -34.60 -58.31 -76.99
N ALA C 568 -34.32 -57.32 -77.83
CA ALA C 568 -34.41 -55.92 -77.42
C ALA C 568 -35.78 -55.57 -76.87
N LEU C 569 -36.75 -56.46 -76.97
CA LEU C 569 -38.10 -56.23 -76.53
C LEU C 569 -38.32 -56.46 -75.03
N PHE C 570 -37.29 -56.80 -74.27
CA PHE C 570 -37.49 -57.00 -72.85
C PHE C 570 -36.68 -56.08 -71.98
N ARG C 571 -35.54 -55.56 -72.43
CA ARG C 571 -34.79 -54.56 -71.67
C ARG C 571 -35.68 -53.35 -71.39
N SER C 572 -35.22 -52.56 -70.42
CA SER C 572 -35.84 -51.26 -70.14
C SER C 572 -34.75 -50.31 -69.69
N ASP C 573 -34.53 -49.23 -70.44
CA ASP C 573 -33.31 -48.46 -70.43
C ASP C 573 -33.60 -47.02 -70.04
N SER C 574 -32.80 -46.48 -69.16
CA SER C 574 -32.82 -45.04 -68.94
C SER C 574 -31.39 -44.56 -68.78
N LYS C 575 -30.94 -43.70 -69.69
CA LYS C 575 -29.58 -43.19 -69.68
C LYS C 575 -29.62 -41.67 -69.75
N LYS C 576 -28.63 -41.04 -69.15
CA LYS C 576 -28.56 -39.60 -69.17
C LYS C 576 -27.12 -39.17 -68.85
N VAL C 577 -26.77 -38.00 -69.34
CA VAL C 577 -25.45 -37.42 -69.15
C VAL C 577 -25.58 -35.95 -68.79
N SER C 578 -24.49 -35.40 -68.24
CA SER C 578 -24.37 -33.96 -68.05
C SER C 578 -22.92 -33.56 -68.22
N LYS C 579 -22.69 -32.53 -69.02
CA LYS C 579 -21.37 -31.99 -69.26
C LYS C 579 -21.31 -30.54 -68.81
N ARG C 580 -20.13 -30.06 -68.43
CA ARG C 580 -19.99 -28.72 -67.84
C ARG C 580 -18.57 -28.23 -68.02
N ASN C 581 -18.42 -26.91 -68.12
CA ASN C 581 -17.09 -26.32 -68.28
C ASN C 581 -17.16 -24.90 -67.78
N LEU C 582 -16.04 -24.35 -67.33
CA LEU C 582 -16.03 -23.01 -66.77
C LEU C 582 -14.66 -22.39 -66.95
N MET C 583 -14.61 -21.15 -67.44
CA MET C 583 -13.36 -20.49 -67.76
C MET C 583 -13.32 -19.04 -67.30
N LEU C 584 -12.18 -18.65 -66.76
CA LEU C 584 -11.96 -17.32 -66.20
C LEU C 584 -10.80 -16.62 -66.91
N PHE C 585 -11.02 -15.36 -67.31
CA PHE C 585 -9.97 -14.55 -67.92
C PHE C 585 -10.00 -13.13 -67.39
N ILE C 586 -8.81 -12.57 -67.22
CA ILE C 586 -8.63 -11.19 -66.79
C ILE C 586 -7.69 -10.48 -67.73
N ARG C 587 -7.83 -9.17 -67.83
CA ARG C 587 -6.86 -8.39 -68.61
C ARG C 587 -6.87 -6.93 -68.17
N PRO C 588 -5.77 -6.42 -67.69
CA PRO C 588 -5.68 -5.00 -67.36
C PRO C 588 -5.22 -4.16 -68.55
N THR C 589 -5.10 -2.85 -68.33
CA THR C 589 -4.38 -1.93 -69.20
C THR C 589 -3.94 -0.75 -68.37
N ILE C 590 -2.72 -0.34 -68.56
CA ILE C 590 -2.25 0.84 -67.87
C ILE C 590 -2.70 2.08 -68.63
N ILE C 591 -2.89 3.19 -67.91
CA ILE C 591 -3.25 4.46 -68.51
C ILE C 591 -2.44 5.55 -67.82
N ARG C 592 -1.67 6.33 -68.58
CA ARG C 592 -0.78 7.30 -67.95
C ARG C 592 -1.42 8.68 -67.86
N ASP C 593 -1.98 9.15 -68.96
CA ASP C 593 -2.43 10.54 -69.02
C ASP C 593 -3.66 10.65 -69.95
N ARG C 594 -4.04 11.89 -70.18
CA ARG C 594 -5.23 12.21 -70.98
C ARG C 594 -5.27 11.46 -72.30
N ASP C 595 -4.19 11.58 -73.06
CA ASP C 595 -4.14 10.99 -74.38
C ASP C 595 -4.49 9.51 -74.32
N GLU C 596 -3.67 8.72 -73.63
CA GLU C 596 -3.96 7.32 -73.43
C GLU C 596 -5.37 7.08 -72.94
N TYR C 597 -5.95 8.05 -72.24
CA TYR C 597 -7.31 7.86 -71.73
C TYR C 597 -8.34 7.88 -72.86
N ARG C 598 -8.18 8.81 -73.81
CA ARG C 598 -9.21 8.98 -74.83
C ARG C 598 -9.46 7.68 -75.59
N GLN C 599 -8.40 7.01 -76.04
CA GLN C 599 -8.61 5.77 -76.80
C GLN C 599 -9.35 4.74 -75.96
N ALA C 600 -8.96 4.59 -74.69
CA ALA C 600 -9.56 3.55 -73.87
C ALA C 600 -11.05 3.79 -73.72
N SER C 601 -11.40 5.02 -73.33
CA SER C 601 -12.80 5.32 -73.15
C SER C 601 -13.57 5.22 -74.46
N SER C 602 -13.22 6.06 -75.42
CA SER C 602 -13.96 6.09 -76.68
C SER C 602 -14.13 4.69 -77.24
N GLY C 603 -13.01 4.01 -77.52
CA GLY C 603 -13.10 2.67 -78.07
C GLY C 603 -14.01 1.75 -77.28
N GLN C 604 -13.79 1.69 -75.96
CA GLN C 604 -14.62 0.81 -75.13
C GLN C 604 -16.09 1.15 -75.28
N TYR C 605 -16.41 2.44 -75.21
CA TYR C 605 -17.79 2.90 -75.39
C TYR C 605 -18.36 2.43 -76.71
N THR C 606 -17.55 2.48 -77.76
CA THR C 606 -17.96 1.91 -79.04
C THR C 606 -18.28 0.44 -78.90
N ALA C 607 -17.44 -0.31 -78.21
CA ALA C 607 -17.76 -1.70 -77.91
C ALA C 607 -19.15 -1.82 -77.29
N PHE C 608 -19.54 -0.84 -76.48
CA PHE C 608 -20.91 -0.82 -75.97
C PHE C 608 -21.92 -0.63 -77.08
N ASN C 609 -21.76 0.46 -77.84
CA ASN C 609 -22.73 0.79 -78.88
C ASN C 609 -22.86 -0.32 -79.92
N ASN C 610 -21.82 -1.12 -80.11
CA ASN C 610 -21.90 -2.24 -81.03
C ASN C 610 -23.08 -3.14 -80.75
N ALA C 611 -23.13 -3.68 -79.53
CA ALA C 611 -24.25 -4.55 -79.19
C ALA C 611 -25.52 -3.75 -79.00
N GLN C 612 -25.43 -2.55 -78.43
CA GLN C 612 -26.60 -1.72 -78.23
C GLN C 612 -27.39 -1.53 -79.51
N THR C 613 -26.77 -0.87 -80.48
CA THR C 613 -27.41 -0.60 -81.76
C THR C 613 -27.41 -1.81 -82.68
N LYS C 614 -26.89 -2.94 -82.19
CA LYS C 614 -26.80 -4.17 -82.99
C LYS C 614 -28.11 -4.72 -83.59
N GLN C 615 -29.18 -4.74 -82.81
CA GLN C 615 -30.46 -5.28 -83.26
C GLN C 615 -31.43 -4.17 -83.64
N ARG C 616 -32.04 -3.55 -82.62
CA ARG C 616 -32.99 -2.47 -82.83
C ARG C 616 -32.35 -1.14 -83.20
N GLY C 617 -32.71 -0.60 -84.35
CA GLY C 617 -32.17 0.67 -84.81
C GLY C 617 -32.95 1.89 -84.38
N LYS C 618 -32.67 2.37 -83.18
CA LYS C 618 -33.34 3.54 -82.64
C LYS C 618 -32.39 4.73 -82.52
N GLU C 619 -32.94 5.94 -82.51
CA GLU C 619 -32.14 7.15 -82.40
C GLU C 619 -32.12 7.40 -80.89
N SER C 620 -30.95 7.76 -80.36
CA SER C 620 -30.84 7.98 -78.92
C SER C 620 -30.18 9.26 -78.40
N SER C 621 -31.00 10.15 -77.84
CA SER C 621 -30.59 11.38 -77.20
C SER C 621 -29.41 11.24 -76.25
N GLU C 622 -29.55 10.32 -75.28
CA GLU C 622 -28.47 10.16 -74.33
C GLU C 622 -27.21 9.65 -75.00
N ALA C 623 -27.26 8.46 -75.58
CA ALA C 623 -26.08 7.87 -76.18
C ALA C 623 -25.37 8.87 -77.09
N SER C 624 -26.07 9.34 -78.12
CA SER C 624 -25.46 10.27 -79.04
C SER C 624 -24.81 11.46 -78.34
N LEU C 625 -25.57 12.12 -77.46
CA LEU C 625 -25.04 13.28 -76.76
C LEU C 625 -23.76 12.93 -76.01
N SER C 626 -23.79 11.80 -75.28
CA SER C 626 -22.62 11.32 -74.55
C SER C 626 -21.43 11.15 -75.48
N ASN C 627 -21.68 10.63 -76.68
CA ASN C 627 -20.64 10.55 -77.69
C ASN C 627 -20.09 11.92 -78.01
N ASP C 628 -20.97 12.91 -78.19
CA ASP C 628 -20.52 14.28 -78.35
C ASP C 628 -19.57 14.68 -77.24
N LEU C 629 -19.79 14.18 -76.02
CA LEU C 629 -18.83 14.40 -74.95
C LEU C 629 -17.50 13.73 -75.24
N LEU C 630 -17.55 12.41 -75.46
CA LEU C 630 -16.31 11.65 -75.65
C LEU C 630 -15.50 12.17 -76.83
N HIS C 631 -16.14 12.80 -77.81
CA HIS C 631 -15.42 13.37 -78.93
C HIS C 631 -14.33 14.31 -78.48
N ILE C 632 -14.70 15.32 -77.69
CA ILE C 632 -13.74 16.29 -77.19
C ILE C 632 -12.67 15.62 -76.34
N GLN C 639 -18.34 22.79 -83.38
CA GLN C 639 -19.80 22.74 -83.52
C GLN C 639 -20.20 22.52 -84.97
N ALA C 640 -19.39 23.03 -85.89
CA ALA C 640 -19.67 22.90 -87.31
C ALA C 640 -19.47 21.46 -87.78
N PHE C 641 -18.37 20.85 -87.33
CA PHE C 641 -18.06 19.48 -87.71
C PHE C 641 -19.24 18.58 -87.33
N ARG C 642 -19.93 18.95 -86.26
CA ARG C 642 -21.08 18.19 -85.78
C ARG C 642 -22.25 18.29 -86.76
N GLN C 643 -22.20 19.29 -87.63
CA GLN C 643 -23.26 19.50 -88.62
C GLN C 643 -23.04 18.73 -89.89
N VAL C 644 -21.83 18.85 -90.43
CA VAL C 644 -21.50 18.21 -91.69
C VAL C 644 -21.43 16.69 -91.57
N SER C 645 -20.78 16.17 -90.52
CA SER C 645 -20.68 14.69 -90.29
C SER C 645 -22.08 14.10 -90.09
N ALA C 646 -22.89 14.81 -89.32
CA ALA C 646 -24.30 14.45 -89.17
C ALA C 646 -25.00 14.35 -90.53
N ALA C 647 -24.88 15.39 -91.35
CA ALA C 647 -25.57 15.42 -92.64
C ALA C 647 -25.14 14.26 -93.50
N ILE C 648 -23.82 14.01 -93.58
CA ILE C 648 -23.28 12.85 -94.32
C ILE C 648 -23.98 11.56 -93.83
N ASP C 649 -24.05 11.40 -92.49
CA ASP C 649 -24.74 10.24 -91.86
C ASP C 649 -26.16 10.12 -92.34
N ALA C 650 -26.91 11.23 -92.30
CA ALA C 650 -28.27 11.23 -92.81
C ALA C 650 -28.29 10.65 -94.20
N PHE C 651 -27.44 11.22 -95.07
CA PHE C 651 -27.45 10.83 -96.45
C PHE C 651 -27.31 9.32 -96.60
N ASN C 652 -26.41 8.71 -95.86
CA ASN C 652 -26.13 7.29 -96.06
C ASN C 652 -27.01 6.39 -95.17
N LEU C 653 -28.31 6.43 -95.46
CA LEU C 653 -29.32 5.56 -94.85
C LEU C 653 -30.09 4.88 -95.95
N SER D 28 51.81 97.53 29.55
CA SER D 28 52.32 96.81 28.39
C SER D 28 52.98 95.52 28.85
N ALA D 29 52.89 94.50 28.01
CA ALA D 29 53.35 93.16 28.35
C ALA D 29 54.82 92.98 27.98
N SER D 30 55.68 93.79 28.62
CA SER D 30 57.11 93.74 28.34
C SER D 30 57.82 92.87 29.38
N PHE D 31 57.82 91.57 29.13
CA PHE D 31 58.42 90.61 30.04
C PHE D 31 59.57 89.89 29.34
N LYS D 32 60.77 90.02 29.90
CA LYS D 32 61.96 89.40 29.35
C LYS D 32 62.54 88.39 30.32
N GLY D 33 62.57 87.12 29.90
CA GLY D 33 63.07 86.06 30.73
C GLY D 33 62.42 85.94 32.08
N THR D 34 61.25 86.53 32.24
CA THR D 34 60.59 86.57 33.54
C THR D 34 60.13 85.18 33.95
N ASP D 35 60.46 84.78 35.18
CA ASP D 35 60.06 83.46 35.67
C ASP D 35 58.55 83.38 35.83
N ILE D 36 58.02 82.19 35.57
CA ILE D 36 56.59 81.97 35.66
C ILE D 36 56.09 82.29 37.07
N GLN D 37 56.92 82.02 38.08
CA GLN D 37 56.53 82.35 39.45
C GLN D 37 56.39 83.85 39.64
N GLU D 38 57.47 84.59 39.39
CA GLU D 38 57.36 86.04 39.47
C GLU D 38 56.40 86.59 38.43
N PHE D 39 56.09 85.82 37.39
CA PHE D 39 55.04 86.20 36.45
C PHE D 39 53.69 86.25 37.16
N ILE D 40 53.32 85.16 37.83
CA ILE D 40 52.06 85.13 38.55
C ILE D 40 52.08 86.09 39.73
N ASN D 41 53.22 86.21 40.39
CA ASN D 41 53.32 86.97 41.60
C ASN D 41 53.40 88.47 41.33
N THR D 42 53.73 88.87 40.12
CA THR D 42 53.75 90.27 39.72
C THR D 42 52.53 90.68 38.92
N VAL D 43 52.25 89.96 37.83
CA VAL D 43 51.02 90.18 37.08
C VAL D 43 49.82 90.08 38.01
N SER D 44 49.83 89.12 38.94
CA SER D 44 48.81 89.08 39.98
C SER D 44 48.69 90.41 40.69
N LYS D 45 49.82 90.93 41.18
CA LYS D 45 49.83 92.24 41.84
C LYS D 45 49.09 93.28 41.01
N ASN D 46 49.45 93.37 39.72
CA ASN D 46 48.80 94.34 38.84
C ASN D 46 47.32 94.07 38.72
N LEU D 47 46.95 92.79 38.63
CA LEU D 47 45.55 92.43 38.49
C LEU D 47 44.78 92.65 39.78
N ASN D 48 45.45 92.48 40.93
CA ASN D 48 44.90 92.67 42.26
C ASN D 48 44.03 91.50 42.70
N LYS D 49 44.25 90.34 42.11
CA LYS D 49 43.50 89.13 42.43
C LYS D 49 44.37 88.09 43.12
N THR D 50 43.80 87.40 44.11
CA THR D 50 44.52 86.36 44.85
C THR D 50 44.83 85.19 43.91
N VAL D 51 45.88 84.44 44.21
CA VAL D 51 46.14 83.29 43.37
C VAL D 51 47.00 82.27 44.11
N ILE D 52 46.62 81.00 44.04
CA ILE D 52 47.40 79.94 44.65
C ILE D 52 48.09 79.14 43.55
N ILE D 53 49.41 79.12 43.60
CA ILE D 53 50.23 78.34 42.69
C ILE D 53 50.42 76.97 43.29
N ASP D 54 50.52 75.94 42.45
CA ASP D 54 50.88 74.61 42.93
C ASP D 54 52.34 74.30 42.65
N PRO D 55 52.93 73.31 43.34
CA PRO D 55 54.34 73.00 43.07
C PRO D 55 54.56 72.39 41.69
N SER D 56 55.81 71.98 41.43
CA SER D 56 56.17 71.35 40.18
C SER D 56 55.86 72.25 38.99
N VAL D 57 55.96 73.55 39.20
CA VAL D 57 55.72 74.56 38.18
C VAL D 57 57.02 75.33 38.04
N ARG D 58 57.83 74.96 37.05
CA ARG D 58 59.18 75.51 36.91
C ARG D 58 59.37 75.94 35.48
N GLY D 59 59.71 77.20 35.27
CA GLY D 59 59.93 77.69 33.93
C GLY D 59 59.88 79.20 33.87
N THR D 60 59.86 79.72 32.63
CA THR D 60 59.96 81.14 32.33
C THR D 60 59.42 81.40 30.94
N ILE D 61 59.18 82.68 30.66
CA ILE D 61 58.75 83.15 29.37
C ILE D 61 59.67 84.30 28.97
N THR D 62 59.44 84.83 27.79
CA THR D 62 60.04 86.08 27.37
C THR D 62 59.27 86.60 26.17
N VAL D 63 59.07 87.91 26.14
CA VAL D 63 58.22 88.46 25.09
C VAL D 63 58.41 89.96 25.04
N ARG D 64 58.37 90.52 23.83
CA ARG D 64 58.33 91.97 23.68
C ARG D 64 56.96 92.36 23.13
N SER D 65 56.33 93.35 23.77
CA SER D 65 55.05 93.84 23.34
C SER D 65 55.15 95.33 23.07
N TYR D 66 54.38 95.77 22.08
CA TYR D 66 54.36 97.15 21.65
C TYR D 66 53.11 97.90 22.07
N ASP D 67 51.97 97.24 22.12
CA ASP D 67 50.69 97.83 22.50
C ASP D 67 50.33 97.48 23.94
N MET D 68 49.47 98.29 24.53
CA MET D 68 49.13 98.21 25.95
C MET D 68 47.89 97.36 26.18
N LEU D 69 47.92 96.52 27.22
CA LEU D 69 46.90 95.49 27.45
C LEU D 69 46.57 95.46 28.93
N ASN D 70 45.72 96.38 29.41
CA ASN D 70 45.19 96.24 30.77
C ASN D 70 43.68 96.04 30.85
N GLU D 71 42.90 96.56 29.89
CA GLU D 71 41.48 96.66 30.17
C GLU D 71 40.83 95.28 30.33
N GLU D 72 40.75 94.52 29.23
CA GLU D 72 40.22 93.15 29.34
C GLU D 72 41.25 92.24 28.70
N GLN D 73 41.99 92.79 27.74
CA GLN D 73 42.96 92.01 27.01
C GLN D 73 44.14 91.65 27.92
N TYR D 74 44.23 92.30 29.07
CA TYR D 74 45.17 91.91 30.11
C TYR D 74 44.92 90.47 30.57
N TYR D 75 43.78 90.25 31.21
CA TYR D 75 43.41 88.92 31.67
C TYR D 75 43.32 87.95 30.48
N GLN D 76 42.84 88.44 29.35
CA GLN D 76 42.77 87.60 28.15
C GLN D 76 44.14 87.01 27.83
N PHE D 77 45.10 87.90 27.54
CA PHE D 77 46.40 87.45 27.10
C PHE D 77 47.15 86.73 28.22
N PHE D 78 46.91 87.10 29.46
CA PHE D 78 47.48 86.39 30.59
C PHE D 78 47.15 84.91 30.50
N LEU D 79 45.85 84.61 30.46
CA LEU D 79 45.43 83.22 30.33
C LEU D 79 45.94 82.58 29.06
N SER D 80 46.07 83.36 27.97
CA SER D 80 46.66 82.78 26.78
C SER D 80 48.09 82.31 27.02
N VAL D 81 48.88 83.11 27.76
CA VAL D 81 50.26 82.75 27.98
C VAL D 81 50.36 81.50 28.82
N LEU D 82 49.56 81.45 29.89
CA LEU D 82 49.49 80.21 30.64
C LEU D 82 49.09 79.03 29.74
N ASP D 83 48.28 79.31 28.73
CA ASP D 83 47.82 78.27 27.83
C ASP D 83 48.93 77.74 26.96
N VAL D 84 49.89 78.58 26.58
CA VAL D 84 50.94 78.15 25.65
C VAL D 84 51.74 77.02 26.28
N TYR D 85 52.25 77.25 27.50
CA TYR D 85 52.97 76.19 28.18
C TYR D 85 52.09 75.03 28.57
N GLY D 86 50.76 75.18 28.40
CA GLY D 86 49.86 74.15 28.83
C GLY D 86 49.62 74.09 30.32
N PHE D 87 50.35 74.85 31.13
CA PHE D 87 49.99 74.98 32.52
C PHE D 87 48.66 75.73 32.56
N ALA D 88 47.63 75.08 33.07
CA ALA D 88 46.30 75.62 32.92
C ALA D 88 45.79 76.13 34.25
N VAL D 89 44.82 77.03 34.19
CA VAL D 89 44.24 77.58 35.39
C VAL D 89 42.71 77.61 35.26
N ILE D 90 42.05 77.54 36.41
CA ILE D 90 40.61 77.65 36.55
C ILE D 90 40.29 78.78 37.52
N ASN D 91 39.38 79.67 37.14
CA ASN D 91 39.01 80.79 38.00
C ASN D 91 37.69 80.51 38.69
N MET D 92 37.52 81.09 39.86
CA MET D 92 36.33 80.85 40.66
C MET D 92 35.69 82.19 40.99
N ASN D 93 34.51 82.13 41.61
CA ASN D 93 33.69 83.29 41.82
C ASN D 93 34.04 83.99 43.14
N ASN D 94 33.97 83.26 44.24
CA ASN D 94 34.24 83.83 45.56
C ASN D 94 35.70 84.20 45.73
N GLY D 95 36.60 83.27 45.44
CA GLY D 95 38.02 83.57 45.36
C GLY D 95 38.47 83.55 43.91
N VAL D 96 39.72 83.89 43.69
CA VAL D 96 40.27 83.99 42.35
C VAL D 96 40.78 82.62 41.91
N LEU D 97 41.35 82.58 40.72
CA LEU D 97 41.75 81.35 40.05
C LEU D 97 42.87 80.63 40.81
N LYS D 98 43.29 79.50 40.23
CA LYS D 98 44.35 78.65 40.77
C LYS D 98 45.12 78.09 39.59
N VAL D 99 46.25 77.49 39.87
CA VAL D 99 47.13 76.89 38.87
C VAL D 99 47.21 75.40 39.15
N VAL D 100 46.90 74.59 38.14
CA VAL D 100 46.94 73.15 38.28
C VAL D 100 48.10 72.58 37.47
N ARG D 101 48.55 71.41 37.91
CA ARG D 101 49.55 70.63 37.20
C ARG D 101 48.95 69.38 36.57
N ALA D 102 47.67 69.07 36.84
CA ALA D 102 46.95 67.97 36.23
C ALA D 102 46.33 68.33 34.88
N LYS D 103 46.17 69.62 34.60
CA LYS D 103 45.73 70.13 33.31
C LYS D 103 44.38 69.62 32.86
N ASP D 104 43.64 68.93 33.71
CA ASP D 104 42.44 68.26 33.24
C ASP D 104 41.18 68.94 33.76
N ALA D 105 40.07 68.62 33.05
CA ALA D 105 38.75 68.95 33.56
C ALA D 105 38.41 68.19 34.84
N LYS D 106 39.15 67.13 35.14
CA LYS D 106 38.90 66.32 36.33
C LYS D 106 39.03 67.09 37.65
N THR D 107 39.42 68.36 37.57
CA THR D 107 39.58 69.19 38.76
C THR D 107 38.40 69.60 39.61
N SER D 108 37.23 69.03 39.31
CA SER D 108 36.01 69.34 40.06
C SER D 108 35.50 70.73 39.70
N ALA D 109 36.14 71.37 38.72
CA ALA D 109 35.75 72.70 38.29
C ALA D 109 35.74 72.64 36.77
N VAL D 110 34.57 72.90 36.19
CA VAL D 110 34.42 72.88 34.73
C VAL D 110 33.21 73.73 34.36
N PRO D 111 33.33 75.05 34.25
CA PRO D 111 32.13 75.84 33.91
C PRO D 111 31.71 75.50 32.50
N VAL D 112 30.47 75.09 32.36
CA VAL D 112 29.98 74.48 31.10
C VAL D 112 29.09 75.51 30.40
N ALA D 113 29.47 75.87 29.18
CA ALA D 113 28.64 76.75 28.38
C ALA D 113 27.33 76.05 27.98
N SER D 114 26.33 76.88 27.69
CA SER D 114 25.01 76.39 27.30
C SER D 114 24.63 76.87 25.91
N ALA D 115 25.61 77.03 25.03
CA ALA D 115 25.46 77.30 23.61
C ALA D 115 25.15 78.77 23.34
N ALA D 116 24.99 79.59 24.38
CA ALA D 116 24.92 81.02 24.20
C ALA D 116 26.23 81.72 24.55
N ALA D 117 26.97 81.20 25.51
CA ALA D 117 28.30 81.70 25.83
C ALA D 117 29.37 80.75 25.35
N PRO D 118 29.88 80.88 24.12
CA PRO D 118 31.04 80.10 23.72
C PRO D 118 32.31 80.49 24.43
N GLY D 119 32.33 81.61 25.14
CA GLY D 119 33.54 82.03 25.80
C GLY D 119 34.56 82.51 24.79
N GLU D 120 35.82 82.18 25.06
CA GLU D 120 36.92 82.53 24.17
C GLU D 120 38.06 81.58 24.45
N GLY D 121 38.95 81.44 23.48
CA GLY D 121 39.85 80.30 23.37
C GLY D 121 40.58 79.97 24.65
N ASP D 122 40.71 80.96 25.52
CA ASP D 122 41.58 80.81 26.67
C ASP D 122 41.01 79.85 27.70
N GLU D 123 39.70 79.90 27.93
CA GLU D 123 39.12 79.17 29.05
C GLU D 123 38.82 77.72 28.68
N VAL D 124 38.56 76.93 29.71
CA VAL D 124 38.24 75.51 29.57
C VAL D 124 36.79 75.30 29.99
N VAL D 125 35.99 74.72 29.11
CA VAL D 125 34.59 74.43 29.39
C VAL D 125 34.37 72.94 29.24
N THR D 126 33.13 72.49 29.36
CA THR D 126 32.77 71.12 29.04
C THR D 126 31.42 71.14 28.34
N ARG D 127 31.43 70.97 27.04
CA ARG D 127 30.23 71.14 26.24
C ARG D 127 29.65 69.80 25.87
N VAL D 128 28.40 69.84 25.41
CA VAL D 128 27.68 68.63 25.08
C VAL D 128 26.60 68.96 24.07
N VAL D 129 26.33 68.02 23.17
CA VAL D 129 25.23 68.26 22.26
C VAL D 129 24.54 66.93 21.96
N PRO D 130 23.21 66.88 21.91
CA PRO D 130 22.53 65.69 21.44
C PRO D 130 22.49 65.57 19.92
N LEU D 131 23.51 64.89 19.37
CA LEU D 131 23.59 64.64 17.94
C LEU D 131 22.44 63.73 17.47
N THR D 132 21.69 64.19 16.48
CA THR D 132 20.38 63.62 16.21
C THR D 132 20.27 62.77 14.95
N ASN D 133 21.30 62.70 14.11
CA ASN D 133 21.13 62.02 12.84
C ASN D 133 22.11 60.90 12.56
N VAL D 134 23.19 60.76 13.32
CA VAL D 134 24.34 59.96 12.92
C VAL D 134 24.77 59.11 14.09
N ALA D 135 25.31 57.94 13.77
CA ALA D 135 25.94 57.13 14.81
C ALA D 135 27.06 57.94 15.45
N ALA D 136 26.98 58.09 16.77
CA ALA D 136 27.98 58.81 17.54
C ALA D 136 29.18 57.96 17.93
N ARG D 137 29.36 56.78 17.34
CA ARG D 137 30.60 56.06 17.60
C ARG D 137 31.71 56.45 16.65
N ASP D 138 31.46 56.47 15.34
CA ASP D 138 32.59 56.49 14.41
C ASP D 138 33.27 57.84 14.35
N LEU D 139 32.55 58.93 14.55
CA LEU D 139 33.22 60.22 14.59
C LEU D 139 34.01 60.42 15.87
N ALA D 140 33.93 59.48 16.79
CA ALA D 140 34.59 59.56 18.08
C ALA D 140 36.07 59.19 17.95
N PRO D 141 36.47 58.20 17.19
CA PRO D 141 37.91 58.01 16.99
C PRO D 141 38.53 59.15 16.22
N LEU D 142 37.90 59.52 15.10
CA LEU D 142 38.47 60.65 14.32
C LEU D 142 38.54 61.92 15.13
N LEU D 143 37.63 62.11 16.09
CA LEU D 143 37.64 63.35 16.85
C LEU D 143 38.51 63.24 18.08
N ARG D 144 38.52 62.09 18.71
CA ARG D 144 39.48 61.81 19.75
C ARG D 144 40.90 61.87 19.23
N GLN D 145 41.10 61.72 17.92
CA GLN D 145 42.42 61.92 17.34
C GLN D 145 42.64 63.38 16.94
N LEU D 146 41.78 63.92 16.10
CA LEU D 146 41.95 65.29 15.62
C LEU D 146 42.14 66.21 16.81
N ASN D 147 41.40 65.95 17.89
CA ASN D 147 41.42 66.73 19.11
C ASN D 147 41.98 65.92 20.25
N ASP D 148 43.01 65.11 20.01
CA ASP D 148 43.60 64.43 21.15
C ASP D 148 44.58 65.41 21.74
N ASN D 149 44.08 66.23 22.65
CA ASN D 149 44.96 67.21 23.26
C ASN D 149 45.85 66.47 24.25
N ALA D 150 47.16 66.52 24.02
CA ALA D 150 48.05 65.74 24.85
C ALA D 150 48.43 66.44 26.13
N GLY D 151 47.68 67.47 26.52
CA GLY D 151 47.83 68.13 27.79
C GLY D 151 46.64 67.90 28.67
N ALA D 152 46.11 66.67 28.64
CA ALA D 152 44.88 66.27 29.35
C ALA D 152 43.65 66.95 28.74
N GLY D 153 43.61 67.00 27.41
CA GLY D 153 42.48 67.56 26.69
C GLY D 153 41.24 66.68 26.78
N SER D 154 40.22 67.09 26.02
CA SER D 154 38.89 66.51 26.08
C SER D 154 38.88 65.02 25.78
N VAL D 155 37.71 64.42 25.97
CA VAL D 155 37.41 63.06 25.60
C VAL D 155 36.04 63.04 24.90
N VAL D 156 35.67 61.87 24.41
CA VAL D 156 34.44 61.71 23.64
C VAL D 156 33.78 60.39 23.99
N HIS D 157 32.50 60.43 24.33
CA HIS D 157 31.80 59.22 24.71
C HIS D 157 30.40 59.16 24.12
N TYR D 158 29.93 57.93 24.03
CA TYR D 158 28.63 57.61 23.45
C TYR D 158 27.70 57.06 24.50
N GLU D 159 26.48 57.58 24.54
CA GLU D 159 25.40 56.98 25.31
C GLU D 159 24.24 56.67 24.38
N PRO D 160 23.45 55.62 24.63
CA PRO D 160 22.38 55.28 23.69
C PRO D 160 21.37 56.37 23.53
N SER D 161 21.44 57.41 24.34
CA SER D 161 20.70 58.63 24.10
C SER D 161 21.45 59.63 23.22
N ASN D 162 22.55 59.19 22.58
CA ASN D 162 23.28 59.99 21.59
C ASN D 162 23.77 61.29 22.14
N VAL D 163 24.04 61.33 23.43
CA VAL D 163 24.71 62.47 23.99
C VAL D 163 26.04 62.55 23.28
N LEU D 164 26.47 63.77 22.99
CA LEU D 164 27.79 63.98 22.45
C LEU D 164 28.42 65.09 23.26
N LEU D 165 29.41 64.72 24.07
CA LEU D 165 29.97 65.58 25.09
C LEU D 165 31.47 65.68 24.90
N MET D 166 32.02 66.80 25.36
CA MET D 166 33.46 66.97 25.39
C MET D 166 33.75 68.12 26.33
N THR D 167 35.02 68.26 26.69
CA THR D 167 35.41 69.44 27.46
C THR D 167 36.39 70.35 26.71
N GLY D 168 37.56 69.86 26.31
CA GLY D 168 38.44 70.60 25.42
C GLY D 168 38.82 71.97 25.92
N ARG D 169 38.81 72.94 25.02
CA ARG D 169 39.06 74.35 25.25
C ARG D 169 37.87 75.13 24.74
N ALA D 170 37.92 76.45 24.81
CA ALA D 170 36.80 77.23 24.34
C ALA D 170 36.92 77.57 22.87
N ALA D 171 38.14 77.63 22.34
CA ALA D 171 38.32 77.83 20.90
C ALA D 171 37.97 76.57 20.12
N VAL D 172 38.35 75.40 20.64
CA VAL D 172 37.96 74.12 20.07
C VAL D 172 36.45 74.07 19.85
N ILE D 173 35.69 74.68 20.75
CA ILE D 173 34.24 74.64 20.64
C ILE D 173 33.81 75.13 19.25
N LYS D 174 34.33 76.29 18.84
CA LYS D 174 34.01 76.84 17.53
C LYS D 174 34.23 75.82 16.41
N ARG D 175 35.43 75.26 16.34
CA ARG D 175 35.76 74.37 15.24
C ARG D 175 34.85 73.16 15.25
N LEU D 176 34.54 72.60 16.43
CA LEU D 176 33.79 71.34 16.43
C LEU D 176 32.29 71.52 16.24
N LEU D 177 31.69 72.49 16.95
CA LEU D 177 30.34 72.93 16.61
C LEU D 177 30.19 73.10 15.11
N THR D 178 31.12 73.85 14.52
CA THR D 178 31.06 74.02 13.07
C THR D 178 31.16 72.68 12.35
N ILE D 179 31.95 71.74 12.89
CA ILE D 179 32.08 70.45 12.24
C ILE D 179 30.73 69.78 12.17
N VAL D 180 30.13 69.49 13.34
CA VAL D 180 28.91 68.71 13.33
C VAL D 180 27.81 69.43 12.58
N GLU D 181 27.65 70.73 12.85
CA GLU D 181 26.65 71.52 12.13
C GLU D 181 26.81 71.46 10.64
N ARG D 182 28.03 71.30 10.12
CA ARG D 182 28.10 71.12 8.68
C ARG D 182 27.85 69.67 8.28
N VAL D 183 28.47 68.72 8.98
CA VAL D 183 28.39 67.33 8.56
C VAL D 183 27.01 66.73 8.84
N ASP D 184 26.33 67.18 9.89
CA ASP D 184 24.99 66.69 10.12
C ASP D 184 23.99 67.32 9.17
N ASN D 185 24.22 68.57 8.78
CA ASN D 185 23.33 69.27 7.87
C ASN D 185 23.56 68.82 6.43
N ALA D 186 24.29 67.71 6.23
CA ALA D 186 24.53 67.20 4.88
C ALA D 186 23.36 66.28 4.49
N GLY D 187 22.25 66.91 4.13
CA GLY D 187 21.17 66.30 3.38
C GLY D 187 20.67 64.97 3.87
N ASP D 188 20.30 64.88 5.13
CA ASP D 188 19.75 63.66 5.70
C ASP D 188 18.38 63.35 5.11
N ARG D 189 17.85 62.20 5.49
CA ARG D 189 16.67 61.60 4.86
C ARG D 189 15.55 62.59 4.63
N SER D 190 15.07 62.64 3.39
CA SER D 190 13.85 63.34 3.05
C SER D 190 13.11 62.52 2.01
N VAL D 191 11.78 62.67 2.01
CA VAL D 191 10.90 61.82 1.20
C VAL D 191 10.18 62.67 0.18
N VAL D 192 9.92 62.07 -0.99
CA VAL D 192 9.13 62.72 -2.03
C VAL D 192 8.66 61.62 -2.98
N THR D 193 7.59 61.90 -3.72
CA THR D 193 6.96 60.90 -4.57
C THR D 193 6.86 61.41 -5.98
N VAL D 194 6.36 60.57 -6.87
CA VAL D 194 6.01 60.98 -8.22
C VAL D 194 4.79 60.19 -8.65
N PRO D 195 3.76 60.83 -9.14
CA PRO D 195 2.66 60.06 -9.72
C PRO D 195 3.06 59.45 -11.04
N LEU D 196 2.12 58.82 -11.71
CA LEU D 196 2.42 58.21 -12.99
C LEU D 196 1.16 58.17 -13.83
N SER D 197 1.25 58.67 -15.05
CA SER D 197 0.12 58.73 -15.97
C SER D 197 -0.50 57.38 -16.29
N TRP D 198 0.20 56.48 -16.97
CA TRP D 198 -0.44 55.26 -17.41
C TRP D 198 0.35 53.97 -17.18
N ALA D 199 1.67 54.03 -17.02
CA ALA D 199 2.45 52.80 -16.96
C ALA D 199 2.20 52.02 -15.67
N SER D 200 2.64 50.76 -15.68
CA SER D 200 2.51 49.88 -14.53
C SER D 200 3.34 50.38 -13.36
N ALA D 201 2.83 50.17 -12.16
CA ALA D 201 3.56 50.60 -10.96
C ALA D 201 4.49 49.51 -10.43
N ALA D 202 3.91 48.47 -9.83
CA ALA D 202 4.72 47.42 -9.22
C ALA D 202 5.75 46.83 -10.16
N GLU D 203 5.53 47.00 -11.47
CA GLU D 203 6.44 46.43 -12.44
C GLU D 203 7.71 47.24 -12.53
N VAL D 204 7.61 48.56 -12.41
CA VAL D 204 8.77 49.42 -12.53
C VAL D 204 9.73 49.18 -11.39
N VAL D 205 9.31 49.45 -10.16
CA VAL D 205 10.18 49.20 -9.02
C VAL D 205 10.60 47.73 -8.99
N LYS D 206 9.64 46.83 -9.22
CA LYS D 206 9.99 45.43 -9.50
C LYS D 206 11.12 45.32 -10.52
N LEU D 207 11.36 46.36 -11.33
CA LEU D 207 12.49 46.36 -12.26
C LEU D 207 13.44 47.54 -12.05
N VAL D 208 13.55 48.10 -10.85
CA VAL D 208 14.54 49.14 -10.69
C VAL D 208 15.74 48.59 -9.95
N THR D 209 15.48 47.76 -8.93
CA THR D 209 16.53 47.16 -8.14
C THR D 209 17.23 46.05 -8.88
N GLU D 210 17.07 46.00 -10.20
CA GLU D 210 17.82 45.12 -11.06
C GLU D 210 18.74 45.89 -11.99
N LEU D 211 18.35 47.12 -12.33
CA LEU D 211 19.21 47.98 -13.13
C LEU D 211 20.15 48.84 -12.30
N ASN D 212 19.76 49.24 -11.09
CA ASN D 212 20.63 50.03 -10.21
C ASN D 212 20.66 49.39 -8.83
N LYS D 213 21.32 48.26 -8.70
CA LYS D 213 21.31 47.54 -7.44
C LYS D 213 22.62 47.54 -6.68
N ASP D 214 23.74 47.19 -7.32
CA ASP D 214 24.98 46.98 -6.59
C ASP D 214 26.13 46.90 -7.59
N THR D 215 27.28 46.57 -7.06
CA THR D 215 28.50 46.35 -7.83
C THR D 215 29.36 45.38 -7.05
N SER D 216 30.44 44.92 -7.68
CA SER D 216 31.40 44.04 -7.03
C SER D 216 31.87 44.57 -5.69
N LYS D 217 31.84 45.87 -5.52
CA LYS D 217 32.16 46.51 -4.25
C LYS D 217 31.12 47.59 -4.07
N SER D 218 30.54 47.66 -2.87
CA SER D 218 29.49 48.62 -2.56
C SER D 218 29.92 50.05 -2.86
N ALA D 219 29.01 50.83 -3.42
CA ALA D 219 29.29 52.22 -3.73
C ALA D 219 29.67 52.87 -2.40
N LEU D 220 28.98 52.45 -1.34
CA LEU D 220 29.25 52.94 0.00
C LEU D 220 28.35 52.30 1.05
N PRO D 221 28.51 52.72 2.30
CA PRO D 221 27.69 52.19 3.39
C PRO D 221 26.20 52.44 3.08
N GLY D 222 25.31 51.87 3.88
CA GLY D 222 23.90 52.05 3.69
C GLY D 222 23.31 53.44 3.55
N SER D 223 24.04 54.49 3.87
CA SER D 223 23.50 55.83 3.74
C SER D 223 24.00 56.46 2.44
N MET D 224 23.41 57.62 2.10
CA MET D 224 23.65 58.30 0.84
C MET D 224 23.27 57.44 -0.37
N VAL D 225 22.26 56.58 -0.20
CA VAL D 225 21.72 55.76 -1.28
C VAL D 225 20.28 55.44 -0.92
N ALA D 226 19.43 55.45 -1.92
CA ALA D 226 18.00 55.52 -1.68
C ALA D 226 17.38 54.16 -1.88
N ASN D 227 16.30 53.91 -1.14
CA ASN D 227 15.48 52.73 -1.32
C ASN D 227 14.13 53.10 -1.92
N VAL D 228 13.49 52.14 -2.55
CA VAL D 228 12.29 52.42 -3.33
C VAL D 228 11.26 51.34 -3.03
N VAL D 229 10.04 51.76 -2.70
CA VAL D 229 8.86 50.91 -2.65
C VAL D 229 7.72 51.64 -3.33
N ALA D 230 6.57 50.96 -3.40
CA ALA D 230 5.43 51.55 -4.08
C ALA D 230 4.19 50.83 -3.62
N ASP D 231 3.09 51.56 -3.61
CA ASP D 231 1.78 50.95 -3.42
C ASP D 231 1.15 50.78 -4.78
N GLU D 232 0.15 49.94 -4.83
CA GLU D 232 -0.62 49.78 -6.04
C GLU D 232 -1.87 50.62 -6.02
N ARG D 233 -2.01 51.47 -5.03
CA ARG D 233 -3.32 52.05 -4.76
C ARG D 233 -3.51 53.33 -5.55
N THR D 234 -2.55 54.26 -5.47
CA THR D 234 -2.61 55.50 -6.24
C THR D 234 -1.73 55.47 -7.46
N ASN D 235 -1.02 54.38 -7.73
CA ASN D 235 -0.22 54.24 -8.94
C ASN D 235 0.92 55.27 -8.91
N ALA D 236 1.50 55.48 -7.75
CA ALA D 236 2.72 56.27 -7.65
C ALA D 236 3.76 55.46 -6.90
N VAL D 237 4.98 55.98 -6.87
CA VAL D 237 6.13 55.25 -6.36
C VAL D 237 6.86 56.13 -5.34
N LEU D 238 7.52 55.49 -4.40
CA LEU D 238 8.11 56.14 -3.23
C LEU D 238 9.62 56.15 -3.33
N VAL D 239 10.25 57.28 -2.97
CA VAL D 239 11.70 57.33 -2.84
C VAL D 239 12.05 58.10 -1.58
N SER D 240 13.24 57.83 -1.06
CA SER D 240 13.74 58.55 0.12
C SER D 240 15.25 58.49 0.08
N GLY D 241 15.89 59.59 0.46
CA GLY D 241 17.35 59.66 0.29
C GLY D 241 17.84 61.09 0.28
N GLU D 242 18.93 61.27 -0.44
CA GLU D 242 19.72 62.49 -0.37
C GLU D 242 19.65 63.30 -1.64
N PRO D 243 19.79 64.62 -1.53
CA PRO D 243 19.51 65.50 -2.67
C PRO D 243 20.44 65.36 -3.84
N ASN D 244 21.44 64.49 -3.78
CA ASN D 244 22.18 64.09 -4.97
C ASN D 244 22.11 62.60 -5.22
N SER D 245 21.19 61.89 -4.56
CA SER D 245 20.91 60.48 -4.86
C SER D 245 19.57 60.29 -5.54
N ARG D 246 18.55 61.02 -5.07
CA ARG D 246 17.21 60.80 -5.58
C ARG D 246 17.09 61.25 -7.02
N GLN D 247 17.83 62.31 -7.37
CA GLN D 247 17.70 62.88 -8.70
C GLN D 247 17.93 61.83 -9.76
N ARG D 248 18.85 60.92 -9.49
CA ARG D 248 19.04 59.78 -10.39
C ARG D 248 17.76 58.97 -10.52
N ILE D 249 17.11 58.66 -9.41
CA ILE D 249 15.89 57.86 -9.49
C ILE D 249 14.84 58.55 -10.32
N ILE D 250 14.66 59.84 -10.09
CA ILE D 250 13.71 60.58 -10.91
C ILE D 250 14.14 60.58 -12.36
N ALA D 251 15.46 60.51 -12.61
CA ALA D 251 15.91 60.46 -13.99
C ALA D 251 15.41 59.19 -14.66
N MET D 252 15.65 58.04 -14.03
CA MET D 252 15.18 56.81 -14.64
C MET D 252 13.69 56.84 -14.83
N ILE D 253 12.92 57.22 -13.82
CA ILE D 253 11.48 57.15 -14.03
C ILE D 253 11.06 58.11 -15.15
N LYS D 254 11.74 59.26 -15.30
CA LYS D 254 11.40 60.14 -16.43
C LYS D 254 11.64 59.40 -17.74
N GLN D 255 12.69 58.58 -17.79
CA GLN D 255 12.98 57.82 -19.00
C GLN D 255 12.04 56.63 -19.15
N LEU D 256 11.78 55.93 -18.04
CA LEU D 256 10.91 54.78 -18.04
C LEU D 256 9.49 55.19 -18.40
N ASP D 257 9.08 56.37 -17.94
CA ASP D 257 7.71 56.81 -18.14
C ASP D 257 7.56 57.34 -19.56
N ARG D 258 7.53 56.41 -20.48
CA ARG D 258 7.38 56.72 -21.89
C ARG D 258 6.00 56.31 -22.37
N GLN D 259 5.63 56.80 -23.55
CA GLN D 259 4.34 56.52 -24.15
C GLN D 259 4.52 55.42 -25.17
N GLN D 260 3.50 54.58 -25.32
CA GLN D 260 3.58 53.49 -26.28
C GLN D 260 3.13 53.86 -27.70
N ALA D 261 3.97 53.57 -28.70
CA ALA D 261 3.59 53.88 -30.07
C ALA D 261 2.28 53.15 -30.35
N VAL D 262 2.27 51.85 -30.09
CA VAL D 262 1.11 51.00 -30.28
C VAL D 262 1.32 49.82 -29.35
N GLN D 263 0.31 49.45 -28.57
CA GLN D 263 0.45 48.32 -27.66
C GLN D 263 0.44 47.05 -28.50
N GLY D 264 1.54 46.30 -28.47
CA GLY D 264 1.60 45.10 -29.27
C GLY D 264 1.58 43.85 -28.43
N ASN D 265 1.45 44.01 -27.12
CA ASN D 265 1.34 42.85 -26.25
C ASN D 265 0.26 41.88 -26.73
N THR D 266 -0.86 42.41 -27.21
CA THR D 266 -1.90 41.61 -27.83
C THR D 266 -2.49 42.37 -29.00
N LYS D 267 -2.65 41.69 -30.13
CA LYS D 267 -3.33 42.29 -31.26
C LYS D 267 -4.32 41.31 -31.88
N VAL D 268 -5.45 41.84 -32.33
CA VAL D 268 -6.62 41.07 -32.72
C VAL D 268 -6.72 41.08 -34.22
N ILE D 269 -6.71 39.91 -34.85
CA ILE D 269 -6.80 39.85 -36.28
C ILE D 269 -8.22 39.41 -36.64
N TYR D 270 -8.55 39.57 -37.94
CA TYR D 270 -9.85 39.19 -38.48
C TYR D 270 -9.57 38.33 -39.70
N LEU D 271 -9.98 37.07 -39.66
CA LEU D 271 -9.75 36.16 -40.77
C LEU D 271 -10.94 36.17 -41.72
N LYS D 272 -10.66 36.05 -43.03
CA LYS D 272 -11.69 36.38 -44.00
C LYS D 272 -12.44 35.16 -44.56
N TYR D 273 -11.73 34.09 -44.98
CA TYR D 273 -12.42 32.98 -45.65
C TYR D 273 -12.44 31.65 -44.90
N ALA D 274 -11.51 31.37 -44.02
CA ALA D 274 -11.55 30.15 -43.24
C ALA D 274 -12.20 30.41 -41.90
N LYS D 275 -12.80 29.37 -41.33
CA LYS D 275 -13.29 29.59 -39.99
C LYS D 275 -12.11 29.53 -39.01
N ALA D 276 -12.37 29.87 -37.77
CA ALA D 276 -11.29 29.94 -36.80
C ALA D 276 -11.31 28.75 -35.86
N ALA D 277 -12.40 27.99 -35.84
CA ALA D 277 -12.46 26.82 -34.98
C ALA D 277 -11.37 25.83 -35.34
N ASP D 278 -11.27 25.45 -36.61
CA ASP D 278 -10.20 24.55 -37.00
C ASP D 278 -8.85 25.15 -36.72
N LEU D 279 -8.70 26.44 -37.01
CA LEU D 279 -7.39 27.06 -36.91
C LEU D 279 -6.85 27.03 -35.49
N VAL D 280 -7.67 27.29 -34.48
CA VAL D 280 -7.15 27.24 -33.11
C VAL D 280 -6.41 25.92 -32.88
N GLU D 281 -7.04 24.80 -33.25
CA GLU D 281 -6.45 23.53 -32.84
C GLU D 281 -5.31 23.12 -33.77
N VAL D 282 -5.46 23.36 -35.09
CA VAL D 282 -4.35 23.14 -36.00
C VAL D 282 -3.11 23.91 -35.55
N LEU D 283 -3.30 25.17 -35.22
CA LEU D 283 -2.17 26.00 -34.77
C LEU D 283 -2.12 25.91 -33.25
N THR D 284 -1.26 25.04 -32.74
CA THR D 284 -0.97 25.09 -31.32
C THR D 284 0.51 25.24 -30.99
N GLY D 285 1.44 24.89 -31.87
CA GLY D 285 2.80 24.82 -31.37
C GLY D 285 3.97 25.38 -32.14
N ILE D 286 3.95 26.66 -32.53
CA ILE D 286 5.07 27.22 -33.30
C ILE D 286 6.36 27.12 -32.53
N SER D 287 6.45 27.82 -31.40
CA SER D 287 7.72 28.15 -30.80
C SER D 287 7.91 27.59 -29.41
N SER D 288 6.85 27.11 -28.76
CA SER D 288 6.99 26.39 -27.50
C SER D 288 7.84 25.15 -27.67
N LYS D 305 6.74 32.34 -22.64
CA LYS D 305 6.43 31.00 -22.11
C LYS D 305 5.88 30.11 -23.21
N ASN D 306 4.77 30.56 -23.77
CA ASN D 306 4.03 29.80 -24.76
C ASN D 306 3.22 30.80 -25.57
N ILE D 307 2.55 30.29 -26.56
CA ILE D 307 1.65 31.10 -27.38
C ILE D 307 0.24 30.59 -27.13
N ILE D 308 -0.61 31.46 -26.61
CA ILE D 308 -1.99 31.10 -26.31
C ILE D 308 -2.85 31.71 -27.39
N ILE D 309 -3.39 30.89 -28.26
CA ILE D 309 -4.31 31.38 -29.27
C ILE D 309 -5.73 31.13 -28.81
N LYS D 310 -6.54 32.17 -28.90
CA LYS D 310 -7.96 32.10 -28.58
C LYS D 310 -8.76 32.50 -29.80
N ALA D 311 -9.88 31.83 -30.03
CA ALA D 311 -10.76 32.14 -31.16
C ALA D 311 -12.13 32.55 -30.66
N HIS D 312 -12.74 33.53 -31.31
CA HIS D 312 -13.98 34.03 -30.73
C HIS D 312 -15.18 33.19 -31.16
N GLY D 313 -15.40 33.06 -32.46
CA GLY D 313 -16.54 32.35 -33.00
C GLY D 313 -17.82 33.13 -33.09
N GLN D 314 -17.95 34.22 -32.35
CA GLN D 314 -19.19 34.96 -32.42
C GLN D 314 -19.09 36.21 -33.29
N THR D 315 -17.89 36.72 -33.50
CA THR D 315 -17.60 37.58 -34.63
C THR D 315 -16.72 36.89 -35.66
N ASN D 316 -16.37 35.63 -35.44
CA ASN D 316 -15.44 34.91 -36.33
C ASN D 316 -14.12 35.66 -36.46
N ALA D 317 -13.55 35.98 -35.32
CA ALA D 317 -12.20 36.54 -35.30
C ALA D 317 -11.42 35.89 -34.17
N LEU D 318 -10.09 35.85 -34.34
CA LEU D 318 -9.22 35.17 -33.43
C LEU D 318 -8.18 36.13 -32.87
N ILE D 319 -7.66 35.79 -31.70
CA ILE D 319 -6.66 36.60 -31.03
C ILE D 319 -5.30 35.92 -30.98
N VAL D 320 -4.29 36.68 -30.57
CA VAL D 320 -2.92 36.24 -30.44
C VAL D 320 -2.42 37.06 -29.26
N THR D 321 -2.28 36.42 -28.12
CA THR D 321 -1.71 37.04 -26.94
C THR D 321 -0.52 36.16 -26.67
N ALA D 322 0.52 36.35 -27.48
CA ALA D 322 1.67 35.49 -27.36
C ALA D 322 2.81 36.44 -27.57
N ALA D 323 3.95 35.92 -27.99
CA ALA D 323 5.09 36.79 -28.23
C ALA D 323 4.85 38.11 -28.97
N PRO D 324 5.24 39.22 -28.35
CA PRO D 324 5.06 40.54 -28.95
C PRO D 324 6.21 40.97 -29.88
N ASP D 325 7.01 40.01 -30.34
CA ASP D 325 8.12 40.31 -31.22
C ASP D 325 8.24 39.42 -32.43
N VAL D 326 7.58 38.28 -32.47
CA VAL D 326 7.81 37.45 -33.63
C VAL D 326 6.47 37.17 -34.30
N MET D 327 5.45 37.90 -33.86
CA MET D 327 4.11 37.75 -34.39
C MET D 327 4.16 37.74 -35.91
N ASN D 328 5.20 38.36 -36.48
CA ASN D 328 5.33 38.39 -37.93
C ASN D 328 5.34 37.00 -38.52
N ASP D 329 5.86 36.03 -37.77
CA ASP D 329 5.79 34.64 -38.18
C ASP D 329 4.38 34.08 -38.14
N LEU D 330 3.44 34.84 -37.60
CA LEU D 330 2.05 34.45 -37.62
C LEU D 330 1.29 35.22 -38.66
N GLU D 331 1.51 36.53 -38.76
CA GLU D 331 0.89 37.23 -39.87
C GLU D 331 1.22 36.60 -41.21
N ARG D 332 2.47 36.18 -41.42
CA ARG D 332 2.76 35.56 -42.70
C ARG D 332 2.00 34.25 -42.87
N VAL D 333 1.91 33.46 -41.81
CA VAL D 333 1.32 32.16 -42.02
C VAL D 333 -0.19 32.27 -42.17
N ILE D 334 -0.85 33.09 -41.37
CA ILE D 334 -2.28 33.24 -41.58
C ILE D 334 -2.57 33.86 -42.95
N ALA D 335 -1.74 34.81 -43.38
CA ALA D 335 -1.91 35.37 -44.71
C ALA D 335 -1.77 34.29 -45.79
N GLN D 336 -0.89 33.32 -45.57
CA GLN D 336 -0.88 32.17 -46.46
C GLN D 336 -1.94 31.15 -46.12
N LEU D 337 -2.77 31.39 -45.11
CA LEU D 337 -3.80 30.44 -44.77
C LEU D 337 -5.23 30.96 -44.93
N ASP D 338 -5.43 32.18 -45.43
CA ASP D 338 -6.77 32.69 -45.69
C ASP D 338 -6.89 32.99 -47.19
N ILE D 339 -7.63 32.17 -47.93
CA ILE D 339 -7.61 32.22 -49.39
C ILE D 339 -8.93 31.70 -49.95
N ARG D 340 -9.52 32.46 -50.89
CA ARG D 340 -10.73 32.01 -51.56
C ARG D 340 -10.54 30.63 -52.15
N ARG D 341 -11.59 29.81 -52.10
CA ARG D 341 -11.43 28.45 -52.62
C ARG D 341 -12.40 28.15 -53.76
N PRO D 342 -11.90 27.65 -54.87
CA PRO D 342 -12.73 27.25 -56.00
C PRO D 342 -13.44 25.94 -55.74
N GLN D 343 -14.59 25.79 -56.37
CA GLN D 343 -15.45 24.64 -56.20
C GLN D 343 -15.80 24.02 -57.56
N VAL D 344 -16.09 22.74 -57.55
CA VAL D 344 -16.15 21.93 -58.76
C VAL D 344 -17.55 21.32 -58.90
N LEU D 345 -18.04 21.23 -60.15
CA LEU D 345 -19.34 20.68 -60.45
C LEU D 345 -19.18 19.26 -60.97
N VAL D 346 -19.79 18.30 -60.28
CA VAL D 346 -19.69 16.90 -60.65
C VAL D 346 -21.06 16.41 -61.11
N GLU D 347 -21.11 15.80 -62.26
CA GLU D 347 -22.28 15.08 -62.73
C GLU D 347 -21.87 13.73 -63.30
N ALA D 348 -22.64 12.70 -62.95
CA ALA D 348 -22.43 11.37 -63.50
C ALA D 348 -23.69 10.93 -64.21
N ILE D 349 -23.52 10.02 -65.15
CA ILE D 349 -24.63 9.56 -65.97
C ILE D 349 -24.54 8.05 -66.03
N ILE D 350 -25.70 7.39 -66.10
CA ILE D 350 -25.76 5.95 -66.28
C ILE D 350 -26.87 5.61 -67.23
N ALA D 351 -26.73 4.45 -67.88
CA ALA D 351 -27.80 4.01 -68.75
C ALA D 351 -27.56 2.57 -69.10
N GLU D 352 -28.64 1.84 -69.30
CA GLU D 352 -28.55 0.43 -69.63
C GLU D 352 -29.77 0.05 -70.46
N VAL D 353 -29.78 -1.20 -70.92
CA VAL D 353 -30.94 -1.75 -71.60
C VAL D 353 -31.07 -3.18 -71.12
N GLN D 354 -32.30 -3.66 -71.06
CA GLN D 354 -32.57 -5.02 -70.68
C GLN D 354 -33.57 -5.57 -71.66
N ASP D 355 -33.19 -6.65 -72.34
CA ASP D 355 -33.98 -7.20 -73.41
C ASP D 355 -33.97 -8.71 -73.31
N ALA D 356 -35.06 -9.32 -73.75
CA ALA D 356 -35.15 -10.76 -73.73
C ALA D 356 -36.08 -11.22 -74.84
N ASP D 357 -35.63 -12.23 -75.57
CA ASP D 357 -36.43 -12.83 -76.62
C ASP D 357 -36.76 -14.26 -76.24
N GLY D 358 -37.87 -14.75 -76.79
CA GLY D 358 -38.31 -16.08 -76.49
C GLY D 358 -39.21 -16.67 -77.56
N LEU D 359 -39.08 -17.96 -77.82
CA LEU D 359 -39.89 -18.60 -78.84
C LEU D 359 -40.23 -20.00 -78.37
N ASN D 360 -41.27 -20.59 -78.94
CA ASN D 360 -41.56 -22.00 -78.69
C ASN D 360 -42.42 -22.52 -79.83
N LEU D 361 -42.54 -23.84 -79.88
CA LEU D 361 -43.31 -24.50 -80.91
C LEU D 361 -43.42 -25.99 -80.61
N GLY D 362 -44.58 -26.58 -80.91
CA GLY D 362 -44.82 -27.98 -80.68
C GLY D 362 -46.25 -28.44 -80.96
N ILE D 363 -46.43 -29.71 -81.33
CA ILE D 363 -47.73 -30.28 -81.67
C ILE D 363 -48.00 -31.48 -80.75
N GLN D 364 -49.23 -32.02 -80.86
CA GLN D 364 -49.57 -33.22 -80.12
C GLN D 364 -50.70 -33.96 -80.83
N TRP D 365 -50.70 -35.29 -80.68
CA TRP D 365 -51.63 -36.19 -81.39
C TRP D 365 -52.35 -37.09 -80.42
N ALA D 366 -53.46 -37.65 -80.88
CA ALA D 366 -54.32 -38.45 -80.04
C ALA D 366 -55.23 -39.31 -80.90
N ASN D 367 -55.49 -40.54 -80.45
CA ASN D 367 -56.40 -41.41 -81.19
C ASN D 367 -56.85 -42.51 -80.24
N LYS D 368 -58.16 -42.78 -80.25
CA LYS D 368 -58.71 -43.80 -79.35
C LYS D 368 -58.03 -45.14 -79.58
N ASN D 369 -57.81 -45.52 -80.83
CA ASN D 369 -57.18 -46.80 -81.13
C ASN D 369 -55.68 -46.72 -81.19
N ALA D 370 -55.09 -45.53 -81.09
CA ALA D 370 -53.68 -45.34 -81.36
C ALA D 370 -53.00 -44.66 -80.18
N GLY D 371 -51.78 -44.21 -80.41
CA GLY D 371 -50.93 -43.75 -79.32
C GLY D 371 -51.31 -42.44 -78.68
N MET D 372 -50.33 -41.76 -78.12
CA MET D 372 -50.57 -40.49 -77.43
C MET D 372 -49.27 -39.72 -77.33
N THR D 373 -49.22 -38.53 -77.93
CA THR D 373 -48.02 -37.70 -78.00
C THR D 373 -48.24 -36.47 -77.14
N GLN D 374 -47.69 -36.49 -75.94
CA GLN D 374 -47.95 -35.45 -74.97
C GLN D 374 -46.74 -34.55 -74.77
N PHE D 375 -46.98 -33.29 -74.43
CA PHE D 375 -45.89 -32.39 -74.09
C PHE D 375 -46.39 -31.43 -73.01
N THR D 376 -45.79 -31.49 -71.82
CA THR D 376 -46.29 -30.70 -70.70
C THR D 376 -45.75 -29.29 -70.74
N ASN D 377 -44.55 -29.09 -71.28
CA ASN D 377 -44.00 -27.75 -71.34
C ASN D 377 -44.92 -26.81 -72.08
N SER D 378 -45.75 -27.35 -72.97
CA SER D 378 -46.57 -26.51 -73.83
C SER D 378 -47.60 -25.70 -73.08
N GLY D 379 -47.96 -26.13 -71.88
CA GLY D 379 -48.99 -25.48 -71.13
C GLY D 379 -50.30 -26.24 -71.10
N LEU D 380 -50.46 -27.24 -71.96
CA LEU D 380 -51.70 -28.00 -72.05
C LEU D 380 -51.45 -29.41 -72.53
N PRO D 381 -51.78 -30.41 -71.74
CA PRO D 381 -51.70 -31.79 -72.24
C PRO D 381 -52.81 -32.09 -73.24
N ILE D 382 -52.78 -33.31 -73.77
CA ILE D 382 -53.98 -33.80 -74.43
C ILE D 382 -55.06 -34.05 -73.39
N SER D 383 -54.66 -34.31 -72.15
CA SER D 383 -55.61 -34.53 -71.07
C SER D 383 -56.63 -33.40 -71.03
N THR D 384 -56.17 -32.18 -71.25
CA THR D 384 -57.10 -31.06 -71.38
C THR D 384 -58.12 -31.28 -72.47
N ALA D 385 -57.74 -31.96 -73.52
CA ALA D 385 -58.64 -32.13 -74.65
C ALA D 385 -59.58 -33.30 -74.45
N ILE D 386 -59.02 -34.49 -74.26
CA ILE D 386 -59.86 -35.66 -74.01
C ILE D 386 -60.80 -35.40 -72.84
N ALA D 387 -60.35 -34.66 -71.83
CA ALA D 387 -61.24 -34.28 -70.78
C ALA D 387 -62.08 -33.06 -71.12
N GLY D 388 -61.77 -32.35 -72.20
CA GLY D 388 -62.50 -31.12 -72.48
C GLY D 388 -63.74 -31.41 -73.29
N ALA D 389 -63.62 -32.38 -74.21
CA ALA D 389 -64.68 -32.60 -75.18
C ALA D 389 -65.65 -33.68 -74.73
N ASN D 390 -65.17 -34.77 -74.17
CA ASN D 390 -66.09 -35.75 -73.59
C ASN D 390 -66.85 -35.19 -72.40
N GLN D 391 -66.22 -34.33 -71.61
CA GLN D 391 -66.97 -33.61 -70.58
C GLN D 391 -67.87 -32.55 -71.17
N TYR D 392 -67.41 -31.88 -72.24
CA TYR D 392 -68.23 -30.86 -72.86
C TYR D 392 -69.51 -31.50 -73.38
N ASN D 393 -69.35 -32.34 -74.41
CA ASN D 393 -70.47 -32.99 -75.08
C ASN D 393 -71.19 -34.01 -74.20
N LYS D 394 -70.56 -34.45 -73.10
CA LYS D 394 -71.36 -35.13 -72.09
C LYS D 394 -72.31 -34.16 -71.40
N ASP D 395 -71.76 -33.09 -70.80
CA ASP D 395 -72.60 -32.06 -70.20
C ASP D 395 -73.34 -31.25 -71.25
N GLY D 396 -72.94 -31.32 -72.51
CA GLY D 396 -73.47 -30.44 -73.54
C GLY D 396 -72.62 -29.19 -73.69
N THR D 397 -72.16 -28.65 -72.58
CA THR D 397 -71.43 -27.37 -72.61
C THR D 397 -70.27 -27.43 -71.63
N ILE D 398 -69.63 -26.28 -71.43
CA ILE D 398 -68.47 -26.20 -70.56
C ILE D 398 -68.92 -26.47 -69.12
N SER D 399 -68.07 -27.17 -68.39
CA SER D 399 -68.21 -27.25 -66.94
C SER D 399 -66.88 -26.85 -66.32
N SER D 400 -66.94 -26.03 -65.26
CA SER D 400 -65.73 -25.47 -64.64
C SER D 400 -64.75 -26.53 -64.16
N SER D 401 -65.16 -27.80 -64.11
CA SER D 401 -64.25 -28.88 -63.76
C SER D 401 -63.05 -28.95 -64.69
N LEU D 402 -63.13 -28.36 -65.87
CA LEU D 402 -62.09 -28.48 -66.85
C LEU D 402 -60.85 -27.73 -66.41
N ALA D 403 -59.76 -27.98 -67.13
CA ALA D 403 -58.43 -27.53 -66.70
C ALA D 403 -58.42 -26.02 -66.59
N SER D 404 -58.27 -25.49 -65.38
CA SER D 404 -58.19 -24.04 -65.21
C SER D 404 -56.96 -23.42 -65.83
N ALA D 405 -56.07 -24.25 -66.39
CA ALA D 405 -54.87 -23.73 -67.02
C ALA D 405 -55.19 -22.79 -68.17
N LEU D 406 -56.34 -22.97 -68.82
CA LEU D 406 -56.73 -22.10 -69.91
C LEU D 406 -56.69 -20.63 -69.52
N GLY D 407 -56.95 -20.33 -68.25
CA GLY D 407 -56.91 -18.96 -67.76
C GLY D 407 -55.57 -18.30 -67.91
N SER D 408 -54.52 -19.09 -68.08
CA SER D 408 -53.18 -18.53 -68.18
C SER D 408 -52.57 -18.65 -69.56
N PHE D 409 -53.15 -19.47 -70.43
CA PHE D 409 -52.53 -19.76 -71.72
C PHE D 409 -52.35 -18.49 -72.54
N ASN D 410 -51.37 -18.52 -73.43
CA ASN D 410 -51.16 -17.46 -74.39
C ASN D 410 -50.66 -18.08 -75.69
N GLY D 411 -51.05 -17.44 -76.81
CA GLY D 411 -50.68 -17.94 -78.11
C GLY D 411 -51.84 -18.43 -78.93
N ILE D 412 -51.58 -19.37 -79.83
CA ILE D 412 -52.60 -19.91 -80.71
C ILE D 412 -52.51 -21.43 -80.69
N ALA D 413 -53.63 -22.06 -80.98
CA ALA D 413 -53.69 -23.49 -81.22
C ALA D 413 -54.94 -23.77 -82.05
N ALA D 414 -54.84 -24.67 -83.01
CA ALA D 414 -55.83 -24.83 -84.05
C ALA D 414 -56.47 -26.20 -83.93
N GLY D 415 -57.80 -26.24 -83.78
CA GLY D 415 -58.51 -27.48 -83.56
C GLY D 415 -58.84 -28.16 -84.88
N PHE D 416 -58.53 -29.45 -84.95
CA PHE D 416 -58.84 -30.25 -86.13
C PHE D 416 -59.32 -31.63 -85.70
N TYR D 417 -60.25 -32.18 -86.46
CA TYR D 417 -60.77 -33.51 -86.19
C TYR D 417 -61.23 -34.14 -87.50
N GLN D 418 -60.67 -35.31 -87.83
CA GLN D 418 -61.13 -36.10 -88.99
C GLN D 418 -61.17 -37.57 -88.56
N GLY D 419 -62.32 -37.97 -88.04
CA GLY D 419 -62.45 -39.33 -87.58
C GLY D 419 -61.66 -39.55 -86.31
N ASN D 420 -60.67 -40.44 -86.38
CA ASN D 420 -60.05 -40.98 -85.20
C ASN D 420 -58.91 -40.12 -84.65
N TRP D 421 -58.36 -39.21 -85.46
CA TRP D 421 -57.15 -38.52 -85.07
C TRP D 421 -57.47 -37.12 -84.59
N ALA D 422 -56.41 -36.40 -84.20
CA ALA D 422 -56.46 -35.00 -83.80
C ALA D 422 -55.03 -34.48 -83.74
N MET D 423 -54.90 -33.16 -83.72
CA MET D 423 -53.58 -32.58 -83.56
C MET D 423 -53.76 -31.12 -83.14
N LEU D 424 -52.83 -30.65 -82.31
CA LEU D 424 -52.83 -29.28 -81.80
C LEU D 424 -51.47 -28.66 -82.05
N LEU D 425 -51.45 -27.59 -82.84
CA LEU D 425 -50.25 -26.77 -83.03
C LEU D 425 -50.16 -25.73 -81.92
N THR D 426 -48.94 -25.41 -81.50
CA THR D 426 -48.72 -24.53 -80.37
C THR D 426 -47.47 -23.70 -80.61
N ALA D 427 -47.60 -22.40 -80.48
CA ALA D 427 -46.45 -21.52 -80.64
C ALA D 427 -46.80 -20.17 -80.06
N LEU D 428 -45.76 -19.37 -79.85
CA LEU D 428 -45.91 -18.00 -79.38
C LEU D 428 -44.58 -17.32 -79.50
N SER D 429 -44.62 -16.00 -79.61
CA SER D 429 -43.42 -15.20 -79.54
C SER D 429 -43.63 -14.14 -78.49
N SER D 430 -42.59 -13.88 -77.72
CA SER D 430 -42.67 -12.90 -76.66
C SER D 430 -41.32 -12.20 -76.55
N SER D 431 -41.38 -10.90 -76.30
CA SER D 431 -40.19 -10.11 -76.14
C SER D 431 -40.47 -9.02 -75.15
N THR D 432 -39.40 -8.44 -74.61
CA THR D 432 -39.52 -7.41 -73.60
C THR D 432 -38.29 -6.54 -73.65
N LYS D 433 -38.48 -5.23 -73.49
CA LYS D 433 -37.39 -4.27 -73.58
C LYS D 433 -37.49 -3.25 -72.46
N ASN D 434 -36.34 -2.87 -71.93
CA ASN D 434 -36.28 -1.99 -70.77
C ASN D 434 -35.09 -1.06 -70.88
N ASP D 435 -35.28 0.21 -70.49
CA ASP D 435 -34.27 1.24 -70.54
C ASP D 435 -34.36 2.08 -69.27
N ILE D 436 -33.29 2.80 -69.00
CA ILE D 436 -33.16 3.65 -67.82
C ILE D 436 -32.14 4.74 -68.16
N LEU D 437 -32.10 5.76 -67.32
CA LEU D 437 -31.15 6.83 -67.50
C LEU D 437 -31.12 7.63 -66.22
N ALA D 438 -29.93 8.06 -65.81
CA ALA D 438 -29.81 8.78 -64.54
C ALA D 438 -28.68 9.80 -64.62
N THR D 439 -29.04 11.08 -64.53
CA THR D 439 -28.05 12.16 -64.59
C THR D 439 -28.22 13.07 -63.39
N PRO D 440 -27.52 12.81 -62.29
CA PRO D 440 -27.47 13.83 -61.23
C PRO D 440 -26.24 14.70 -61.26
N SER D 441 -26.35 15.91 -60.67
CA SER D 441 -25.28 16.89 -60.70
C SER D 441 -25.29 17.69 -59.40
N ILE D 442 -24.10 18.15 -59.01
CA ILE D 442 -23.98 18.82 -57.71
C ILE D 442 -22.74 19.71 -57.64
N VAL D 443 -22.67 20.56 -56.62
CA VAL D 443 -21.54 21.45 -56.37
C VAL D 443 -21.25 21.40 -54.88
N THR D 444 -20.00 21.69 -54.55
CA THR D 444 -19.54 21.70 -53.16
C THR D 444 -18.15 22.30 -53.16
N LEU D 445 -17.57 22.38 -51.97
CA LEU D 445 -16.19 22.79 -51.92
C LEU D 445 -15.34 21.55 -52.04
N ASP D 446 -14.01 21.70 -52.00
CA ASP D 446 -13.17 20.53 -52.24
C ASP D 446 -13.21 19.59 -51.06
N ASN D 447 -12.78 20.06 -49.91
CA ASN D 447 -12.47 19.15 -48.81
C ASN D 447 -13.74 18.57 -48.15
N MET D 448 -14.82 19.35 -48.09
CA MET D 448 -16.02 18.83 -47.45
C MET D 448 -16.82 17.97 -48.42
N GLN D 449 -17.33 16.85 -47.95
CA GLN D 449 -18.05 15.92 -48.80
C GLN D 449 -19.49 16.35 -48.93
N ALA D 450 -20.02 16.30 -50.14
CA ALA D 450 -21.45 16.41 -50.31
C ALA D 450 -22.03 15.05 -50.67
N THR D 451 -23.28 14.84 -50.34
CA THR D 451 -23.96 13.60 -50.69
C THR D 451 -25.38 13.92 -51.12
N PHE D 452 -25.97 13.00 -51.88
CA PHE D 452 -27.17 13.29 -52.63
C PHE D 452 -27.93 12.00 -52.86
N ASN D 453 -29.26 12.07 -52.82
CA ASN D 453 -30.02 10.87 -53.07
C ASN D 453 -31.47 11.19 -53.35
N VAL D 454 -32.09 10.32 -54.14
CA VAL D 454 -33.48 10.45 -54.52
C VAL D 454 -34.09 9.07 -54.36
N GLY D 455 -35.39 9.01 -54.09
CA GLY D 455 -36.06 7.74 -54.06
C GLY D 455 -36.79 7.50 -52.77
N GLN D 456 -37.58 6.44 -52.77
CA GLN D 456 -38.45 6.16 -51.65
C GLN D 456 -37.67 5.46 -50.54
N GLU D 457 -38.37 5.17 -49.45
CA GLU D 457 -37.77 4.56 -48.28
C GLU D 457 -38.71 3.53 -47.68
N VAL D 458 -38.17 2.35 -47.35
CA VAL D 458 -39.09 1.26 -47.02
C VAL D 458 -38.49 0.43 -45.90
N PRO D 459 -39.28 -0.03 -44.96
CA PRO D 459 -38.72 -0.75 -43.83
C PRO D 459 -38.76 -2.27 -43.91
N VAL D 460 -37.65 -2.85 -43.50
CA VAL D 460 -37.46 -4.28 -43.49
C VAL D 460 -37.50 -4.74 -42.04
N LEU D 461 -37.65 -6.06 -41.83
CA LEU D 461 -37.78 -6.58 -40.45
C LEU D 461 -36.45 -7.16 -39.97
N THR D 462 -35.55 -6.29 -39.58
CA THR D 462 -34.31 -6.66 -38.95
C THR D 462 -34.30 -6.08 -37.54
N THR D 475 -40.03 -5.21 -34.70
CA THR D 475 -38.65 -4.75 -34.75
C THR D 475 -38.12 -4.58 -36.17
N VAL D 476 -37.92 -3.34 -36.59
CA VAL D 476 -37.41 -3.05 -37.92
C VAL D 476 -36.70 -1.70 -37.99
N GLU D 477 -36.11 -1.40 -39.13
CA GLU D 477 -35.40 -0.13 -39.31
C GLU D 477 -35.75 0.53 -40.64
N ARG D 478 -35.16 1.69 -40.91
CA ARG D 478 -35.46 2.42 -42.15
C ARG D 478 -34.53 2.01 -43.28
N LYS D 479 -35.07 1.80 -44.48
CA LYS D 479 -34.22 1.43 -45.59
C LYS D 479 -34.58 2.28 -46.79
N THR D 480 -33.55 2.69 -47.54
CA THR D 480 -33.70 3.62 -48.64
C THR D 480 -33.39 2.91 -49.94
N VAL D 481 -34.12 3.27 -50.98
CA VAL D 481 -33.95 2.68 -52.30
C VAL D 481 -33.98 3.81 -53.33
N GLY D 482 -32.84 4.08 -53.95
CA GLY D 482 -32.84 5.09 -55.00
C GLY D 482 -31.53 5.30 -55.73
N ILE D 483 -31.01 6.52 -55.71
CA ILE D 483 -29.78 6.84 -56.40
C ILE D 483 -28.90 7.64 -55.44
N LYS D 484 -28.16 6.94 -54.58
CA LYS D 484 -27.33 7.57 -53.55
C LYS D 484 -25.96 7.86 -54.11
N LEU D 485 -25.79 9.04 -54.69
CA LEU D 485 -24.51 9.44 -55.27
C LEU D 485 -23.75 10.42 -54.39
N LYS D 486 -22.65 9.96 -53.80
CA LYS D 486 -21.82 10.80 -52.95
C LYS D 486 -20.38 10.81 -53.41
N VAL D 487 -19.69 11.93 -53.21
CA VAL D 487 -18.29 12.04 -53.64
C VAL D 487 -17.41 12.90 -52.74
N LYS D 488 -16.15 13.01 -53.13
CA LYS D 488 -15.15 13.79 -52.41
C LYS D 488 -14.19 14.40 -53.42
N PRO D 489 -14.29 15.69 -53.69
CA PRO D 489 -13.46 16.29 -54.74
C PRO D 489 -12.19 16.93 -54.21
N GLN D 490 -11.06 16.58 -54.80
CA GLN D 490 -9.77 17.17 -54.45
C GLN D 490 -9.15 17.76 -55.71
N ILE D 491 -8.94 19.07 -55.71
CA ILE D 491 -8.35 19.77 -56.84
C ILE D 491 -6.86 19.89 -56.61
N ASN D 492 -6.07 19.38 -57.54
CA ASN D 492 -4.65 19.22 -57.28
C ASN D 492 -3.83 20.22 -58.08
N GLU D 493 -3.65 19.90 -59.35
CA GLU D 493 -3.00 20.70 -60.35
C GLU D 493 -3.89 21.91 -60.66
N GLY D 494 -3.39 22.81 -61.51
CA GLY D 494 -4.22 23.78 -62.16
C GLY D 494 -5.53 23.18 -62.66
N ASP D 495 -5.44 22.10 -63.44
CA ASP D 495 -6.63 21.38 -63.89
C ASP D 495 -6.41 19.88 -63.70
N ALA D 496 -6.94 19.35 -62.61
CA ALA D 496 -7.13 17.92 -62.40
C ALA D 496 -7.93 17.77 -61.11
N VAL D 497 -8.58 16.62 -60.96
CA VAL D 497 -9.44 16.39 -59.81
C VAL D 497 -9.40 14.94 -59.39
N LEU D 498 -9.92 14.67 -58.19
CA LEU D 498 -9.85 13.35 -57.57
C LEU D 498 -11.20 13.06 -56.96
N LEU D 499 -11.75 11.90 -57.27
CA LEU D 499 -13.15 11.64 -57.01
C LEU D 499 -13.28 10.24 -56.43
N GLU D 500 -13.45 10.15 -55.11
CA GLU D 500 -13.72 8.88 -54.47
C GLU D 500 -15.22 8.72 -54.34
N ILE D 501 -15.82 8.35 -55.44
CA ILE D 501 -17.26 8.38 -55.58
C ILE D 501 -17.83 7.01 -55.29
N GLU D 502 -19.04 6.98 -54.75
CA GLU D 502 -19.77 5.73 -54.64
C GLU D 502 -21.26 5.96 -54.75
N GLN D 503 -21.95 4.99 -55.34
CA GLN D 503 -23.37 5.18 -55.55
C GLN D 503 -24.01 3.89 -56.01
N GLU D 504 -25.35 3.92 -56.08
CA GLU D 504 -26.10 2.77 -56.52
C GLU D 504 -27.44 3.24 -57.04
N VAL D 505 -27.93 2.55 -58.06
CA VAL D 505 -29.28 2.77 -58.52
C VAL D 505 -30.10 1.57 -58.14
N SER D 506 -30.93 1.72 -57.13
CA SER D 506 -31.67 0.60 -56.59
C SER D 506 -33.15 0.77 -56.85
N SER D 507 -33.82 -0.37 -57.03
CA SER D 507 -35.27 -0.34 -57.05
C SER D 507 -35.80 -1.63 -56.46
N VAL D 508 -37.11 -1.81 -56.50
CA VAL D 508 -37.75 -3.02 -55.99
C VAL D 508 -38.72 -3.49 -57.06
N ALA D 509 -38.64 -4.77 -57.40
CA ALA D 509 -39.48 -5.31 -58.47
C ALA D 509 -40.65 -6.09 -57.89
N ASP D 510 -40.38 -7.32 -57.46
CA ASP D 510 -41.35 -8.11 -56.74
C ASP D 510 -42.53 -8.48 -57.63
N SER D 511 -42.33 -8.65 -58.93
CA SER D 511 -43.31 -9.38 -59.73
C SER D 511 -43.70 -10.65 -58.98
N ALA D 512 -42.70 -11.49 -58.69
CA ALA D 512 -42.86 -12.67 -57.84
C ALA D 512 -41.49 -13.02 -57.30
N SER D 513 -41.39 -13.24 -55.99
CA SER D 513 -40.09 -13.42 -55.37
C SER D 513 -40.26 -14.25 -54.11
N SER D 514 -39.16 -14.51 -53.42
CA SER D 514 -39.19 -15.27 -52.21
C SER D 514 -39.50 -14.36 -51.02
N THR D 515 -40.77 -14.32 -50.65
CA THR D 515 -41.19 -13.78 -49.36
C THR D 515 -41.91 -14.88 -48.61
N SER D 516 -41.38 -15.25 -47.45
CA SER D 516 -41.88 -16.40 -46.73
C SER D 516 -42.80 -15.94 -45.60
N SER D 517 -43.47 -14.80 -45.81
CA SER D 517 -44.25 -14.12 -44.79
C SER D 517 -43.34 -13.55 -43.72
N ASP D 518 -42.12 -13.23 -44.13
CA ASP D 518 -41.12 -12.73 -43.22
C ASP D 518 -40.78 -11.31 -43.62
N LEU D 519 -39.97 -11.17 -44.66
CA LEU D 519 -39.42 -9.90 -45.12
C LEU D 519 -39.55 -9.95 -46.62
N GLY D 520 -40.33 -9.05 -47.16
CA GLY D 520 -40.70 -9.18 -48.57
C GLY D 520 -39.93 -8.22 -49.43
N ALA D 521 -38.93 -8.71 -50.16
CA ALA D 521 -38.01 -7.72 -50.68
C ALA D 521 -37.04 -8.37 -51.66
N THR D 522 -36.68 -7.59 -52.67
CA THR D 522 -35.68 -7.99 -53.66
C THR D 522 -34.53 -7.02 -53.77
N PHE D 523 -34.82 -5.72 -53.77
CA PHE D 523 -33.79 -4.71 -53.65
C PHE D 523 -32.74 -4.85 -54.75
N ASN D 524 -33.21 -4.93 -56.00
CA ASN D 524 -32.29 -4.88 -57.13
C ASN D 524 -31.38 -3.67 -57.01
N THR D 525 -30.08 -3.86 -57.25
CA THR D 525 -29.08 -2.83 -56.96
C THR D 525 -27.86 -3.00 -57.82
N ARG D 526 -27.19 -1.89 -58.13
CA ARG D 526 -25.84 -1.89 -58.63
C ARG D 526 -25.04 -0.84 -57.87
N THR D 527 -23.83 -1.19 -57.40
CA THR D 527 -23.10 -0.36 -56.45
C THR D 527 -21.66 -0.20 -56.91
N VAL D 528 -21.25 1.05 -57.16
CA VAL D 528 -19.89 1.36 -57.59
C VAL D 528 -19.16 2.16 -56.55
N ASN D 529 -17.85 1.99 -56.49
CA ASN D 529 -17.00 2.88 -55.70
C ASN D 529 -15.56 2.75 -56.17
N ASN D 530 -14.87 3.86 -56.26
CA ASN D 530 -13.49 3.87 -56.72
C ASN D 530 -12.94 5.28 -56.57
N ALA D 531 -11.74 5.49 -57.07
CA ALA D 531 -11.05 6.77 -57.02
C ALA D 531 -10.40 6.97 -58.39
N VAL D 532 -10.35 8.21 -58.86
CA VAL D 532 -9.88 8.47 -60.20
C VAL D 532 -9.30 9.87 -60.28
N LEU D 533 -8.32 10.04 -61.16
CA LEU D 533 -7.81 11.34 -61.53
C LEU D 533 -8.42 11.72 -62.87
N VAL D 534 -8.89 12.97 -62.98
CA VAL D 534 -9.64 13.39 -64.15
C VAL D 534 -9.30 14.83 -64.48
N GLY D 535 -9.24 15.14 -65.77
CA GLY D 535 -9.05 16.51 -66.18
C GLY D 535 -10.33 17.27 -66.05
N SER D 536 -10.24 18.60 -66.19
CA SER D 536 -11.36 19.45 -65.80
C SER D 536 -12.62 19.17 -66.60
N GLY D 537 -12.64 19.56 -67.86
CA GLY D 537 -13.75 19.27 -68.74
C GLY D 537 -13.56 18.05 -69.61
N GLU D 538 -14.03 16.90 -69.14
CA GLU D 538 -13.68 15.62 -69.75
C GLU D 538 -14.77 14.60 -69.50
N THR D 539 -15.12 13.85 -70.54
CA THR D 539 -15.98 12.69 -70.43
C THR D 539 -15.16 11.46 -70.07
N VAL D 540 -15.54 10.74 -69.03
CA VAL D 540 -14.71 9.72 -68.44
C VAL D 540 -15.51 8.45 -68.23
N VAL D 541 -15.00 7.34 -68.76
CA VAL D 541 -15.63 6.03 -68.54
C VAL D 541 -15.18 5.46 -67.20
N VAL D 542 -16.13 5.21 -66.31
CA VAL D 542 -15.79 4.71 -65.00
C VAL D 542 -16.00 3.22 -64.89
N GLY D 543 -17.18 2.73 -65.23
CA GLY D 543 -17.52 1.35 -64.94
C GLY D 543 -18.46 0.78 -65.98
N GLY D 544 -18.32 -0.51 -66.24
CA GLY D 544 -19.02 -1.09 -67.37
C GLY D 544 -19.35 -2.55 -67.29
N LEU D 545 -20.52 -2.95 -67.82
CA LEU D 545 -20.93 -4.34 -67.81
C LEU D 545 -21.75 -4.60 -69.08
N LEU D 546 -21.53 -5.75 -69.73
CA LEU D 546 -22.31 -6.14 -70.90
C LEU D 546 -22.39 -7.64 -71.02
N ASP D 547 -23.59 -8.21 -71.11
CA ASP D 547 -23.76 -9.64 -70.90
C ASP D 547 -25.01 -10.19 -71.58
N LYS D 548 -24.88 -11.30 -72.28
CA LYS D 548 -25.99 -12.07 -72.81
C LYS D 548 -26.14 -13.41 -72.07
N THR D 549 -27.32 -14.02 -72.22
CA THR D 549 -27.62 -15.28 -71.52
C THR D 549 -28.68 -16.04 -72.29
N VAL D 550 -28.31 -17.20 -72.83
CA VAL D 550 -29.19 -17.99 -73.68
C VAL D 550 -29.42 -19.35 -73.03
N THR D 551 -30.60 -19.91 -73.28
CA THR D 551 -30.90 -21.25 -72.85
C THR D 551 -31.88 -21.87 -73.85
N ASP D 552 -31.79 -23.19 -74.00
CA ASP D 552 -32.57 -23.96 -74.96
C ASP D 552 -33.19 -25.16 -74.29
N THR D 553 -34.34 -25.59 -74.82
CA THR D 553 -35.03 -26.76 -74.29
C THR D 553 -35.66 -27.54 -75.44
N ALA D 554 -35.24 -28.80 -75.64
CA ALA D 554 -35.78 -29.62 -76.72
C ALA D 554 -36.16 -30.99 -76.19
N ASP D 555 -37.12 -31.62 -76.88
CA ASP D 555 -37.55 -32.98 -76.59
C ASP D 555 -38.32 -33.53 -77.78
N LYS D 556 -38.04 -34.78 -78.15
CA LYS D 556 -38.66 -35.39 -79.32
C LYS D 556 -38.68 -36.89 -79.15
N VAL D 557 -39.69 -37.52 -79.74
CA VAL D 557 -39.73 -38.98 -79.78
C VAL D 557 -38.50 -39.48 -80.51
N PRO D 558 -37.78 -40.46 -79.96
CA PRO D 558 -36.48 -40.84 -80.54
C PRO D 558 -36.65 -41.37 -81.96
N LEU D 559 -35.56 -41.25 -82.74
CA LEU D 559 -35.47 -41.72 -84.13
C LEU D 559 -36.31 -40.90 -85.06
N LEU D 560 -37.09 -39.97 -84.56
CA LEU D 560 -38.02 -39.24 -85.39
C LEU D 560 -37.61 -37.78 -85.41
N GLY D 561 -38.38 -36.97 -86.13
CA GLY D 561 -38.00 -35.57 -86.33
C GLY D 561 -36.68 -35.38 -87.07
N ASP D 562 -36.10 -36.45 -87.61
CA ASP D 562 -34.77 -36.33 -88.16
C ASP D 562 -34.77 -35.72 -89.55
N ILE D 563 -35.81 -35.93 -90.35
CA ILE D 563 -35.92 -35.22 -91.62
C ILE D 563 -36.39 -33.80 -91.35
N PRO D 564 -35.49 -32.82 -91.45
CA PRO D 564 -35.82 -31.47 -90.97
C PRO D 564 -37.10 -30.92 -91.58
N VAL D 565 -37.23 -31.00 -92.91
CA VAL D 565 -38.43 -30.47 -93.56
C VAL D 565 -39.65 -31.28 -93.17
N ILE D 566 -39.55 -32.60 -93.10
CA ILE D 566 -40.73 -33.39 -92.81
C ILE D 566 -40.85 -33.58 -91.31
N GLY D 567 -39.82 -34.17 -90.72
CA GLY D 567 -39.88 -34.61 -89.33
C GLY D 567 -40.10 -33.49 -88.33
N ALA D 568 -40.08 -32.24 -88.78
CA ALA D 568 -40.27 -31.10 -87.87
C ALA D 568 -41.56 -31.19 -87.08
N LEU D 569 -42.42 -32.15 -87.39
CA LEU D 569 -43.69 -32.31 -86.73
C LEU D 569 -43.62 -33.08 -85.41
N PHE D 570 -42.44 -33.47 -84.95
CA PHE D 570 -42.37 -34.19 -83.69
C PHE D 570 -41.54 -33.49 -82.64
N ARG D 571 -40.57 -32.67 -83.00
CA ARG D 571 -39.82 -31.87 -82.02
C ARG D 571 -40.78 -31.00 -81.22
N SER D 572 -40.26 -30.52 -80.09
CA SER D 572 -40.97 -29.52 -79.30
C SER D 572 -39.94 -28.61 -78.65
N ASP D 573 -39.98 -27.32 -78.99
CA ASP D 573 -38.87 -26.41 -78.83
C ASP D 573 -39.26 -25.26 -77.92
N SER D 574 -38.38 -24.92 -76.99
CA SER D 574 -38.53 -23.67 -76.26
C SER D 574 -37.17 -23.03 -76.10
N LYS D 575 -36.98 -21.86 -76.69
CA LYS D 575 -35.71 -21.15 -76.66
C LYS D 575 -35.95 -19.74 -76.17
N LYS D 576 -34.94 -19.19 -75.50
CA LYS D 576 -35.05 -17.83 -75.01
C LYS D 576 -33.65 -17.30 -74.73
N VAL D 577 -33.52 -15.99 -74.78
CA VAL D 577 -32.26 -15.30 -74.56
C VAL D 577 -32.49 -14.09 -73.68
N SER D 578 -31.40 -13.58 -73.10
CA SER D 578 -31.43 -12.30 -72.41
C SER D 578 -30.08 -11.61 -72.59
N LYS D 579 -30.12 -10.35 -72.98
CA LYS D 579 -28.92 -9.54 -73.17
C LYS D 579 -28.97 -8.35 -72.23
N ARG D 580 -27.79 -7.84 -71.84
CA ARG D 580 -27.71 -6.78 -70.84
C ARG D 580 -26.42 -6.02 -70.98
N ASN D 581 -26.43 -4.75 -70.62
CA ASN D 581 -25.25 -3.92 -70.71
C ASN D 581 -25.39 -2.77 -69.72
N LEU D 582 -24.27 -2.24 -69.23
CA LEU D 582 -24.33 -1.18 -68.22
C LEU D 582 -23.09 -0.32 -68.33
N MET D 583 -23.28 1.00 -68.34
CA MET D 583 -22.18 1.93 -68.54
C MET D 583 -22.24 3.12 -67.60
N LEU D 584 -21.06 3.50 -67.09
CA LEU D 584 -20.92 4.57 -66.11
C LEU D 584 -19.99 5.66 -66.64
N PHE D 585 -20.41 6.92 -66.54
CA PHE D 585 -19.59 8.05 -66.93
C PHE D 585 -19.70 9.18 -65.92
N ILE D 586 -18.57 9.86 -65.70
CA ILE D 586 -18.49 11.01 -64.81
C ILE D 586 -17.80 12.14 -65.55
N ARG D 587 -18.11 13.37 -65.14
CA ARG D 587 -17.39 14.53 -65.69
C ARG D 587 -17.49 15.71 -64.75
N PRO D 588 -16.39 16.22 -64.25
CA PRO D 588 -16.42 17.42 -63.44
C PRO D 588 -16.27 18.68 -64.29
N THR D 589 -16.26 19.85 -63.63
CA THR D 589 -15.83 21.12 -64.18
C THR D 589 -15.39 22.00 -63.03
N ILE D 590 -14.27 22.63 -63.20
CA ILE D 590 -13.84 23.59 -62.20
C ILE D 590 -14.55 24.92 -62.39
N ILE D 591 -14.74 25.65 -61.31
CA ILE D 591 -15.35 26.97 -61.36
C ILE D 591 -14.57 27.88 -60.42
N ARG D 592 -14.02 29.00 -60.92
CA ARG D 592 -13.17 29.83 -60.10
C ARG D 592 -13.93 30.97 -59.43
N ASP D 593 -14.74 31.68 -60.22
CA ASP D 593 -15.35 32.91 -59.71
C ASP D 593 -16.72 33.11 -60.38
N ARG D 594 -17.29 34.28 -60.10
CA ARG D 594 -18.62 34.64 -60.58
C ARG D 594 -18.79 34.40 -62.07
N ASP D 595 -17.88 34.94 -62.86
CA ASP D 595 -17.99 34.87 -64.30
C ASP D 595 -18.15 33.42 -64.74
N GLU D 596 -17.13 32.60 -64.49
CA GLU D 596 -17.22 31.17 -64.77
C GLU D 596 -18.49 30.56 -64.24
N TYR D 597 -19.05 31.12 -63.17
CA TYR D 597 -20.27 30.52 -62.62
C TYR D 597 -21.47 30.76 -63.53
N ARG D 598 -21.59 31.97 -64.09
CA ARG D 598 -22.80 32.29 -64.85
C ARG D 598 -23.01 31.31 -65.99
N GLN D 599 -21.98 31.03 -66.78
CA GLN D 599 -22.16 30.11 -67.90
C GLN D 599 -22.62 28.74 -67.42
N ALA D 600 -22.01 28.24 -66.34
CA ALA D 600 -22.34 26.89 -65.90
C ALA D 600 -23.78 26.81 -65.49
N SER D 601 -24.21 27.75 -64.65
CA SER D 601 -25.59 27.72 -64.21
C SER D 601 -26.55 27.95 -65.36
N SER D 602 -26.47 29.12 -65.99
CA SER D 602 -27.41 29.45 -67.05
C SER D 602 -27.50 28.31 -68.06
N GLY D 603 -26.38 27.97 -68.69
CA GLY D 603 -26.41 26.91 -69.68
C GLY D 603 -27.06 25.64 -69.17
N GLN D 604 -26.61 25.17 -68.01
CA GLN D 604 -27.16 23.94 -67.46
C GLN D 604 -28.68 24.04 -67.30
N TYR D 605 -29.14 25.16 -66.73
CA TYR D 605 -30.56 25.41 -66.57
C TYR D 605 -31.30 25.33 -67.88
N THR D 606 -30.68 25.87 -68.95
CA THR D 606 -31.24 25.71 -70.29
C THR D 606 -31.36 24.26 -70.66
N ALA D 607 -30.33 23.46 -70.38
CA ALA D 607 -30.42 22.02 -70.58
C ALA D 607 -31.66 21.47 -69.88
N PHE D 608 -32.03 22.02 -68.74
CA PHE D 608 -33.27 21.63 -68.09
C PHE D 608 -34.47 22.02 -68.94
N ASN D 609 -34.58 23.31 -69.26
CA ASN D 609 -35.75 23.81 -69.99
C ASN D 609 -35.92 23.12 -71.33
N ASN D 610 -34.83 22.61 -71.92
CA ASN D 610 -34.95 21.89 -73.17
C ASN D 610 -35.93 20.76 -73.09
N ALA D 611 -35.73 19.83 -72.16
CA ALA D 611 -36.66 18.72 -72.03
C ALA D 611 -37.96 19.17 -71.42
N GLN D 612 -37.91 20.10 -70.47
CA GLN D 612 -39.12 20.60 -69.83
C GLN D 612 -40.14 21.08 -70.86
N THR D 613 -39.78 22.14 -71.59
CA THR D 613 -40.65 22.72 -72.60
C THR D 613 -40.67 21.90 -73.90
N LYS D 614 -39.95 20.79 -73.90
CA LYS D 614 -39.85 19.94 -75.10
C LYS D 614 -41.16 19.40 -75.71
N GLN D 615 -42.08 18.94 -74.86
CA GLN D 615 -43.34 18.38 -75.34
C GLN D 615 -44.49 19.37 -75.16
N ARG D 616 -44.97 19.49 -73.92
CA ARG D 616 -46.07 20.39 -73.62
C ARG D 616 -45.67 21.85 -73.54
N GLY D 617 -46.28 22.69 -74.37
CA GLY D 617 -45.98 24.11 -74.40
C GLY D 617 -46.81 24.96 -73.46
N LYS D 618 -46.39 25.05 -72.21
CA LYS D 618 -47.10 25.84 -71.21
C LYS D 618 -46.28 27.05 -70.77
N GLU D 619 -46.96 28.06 -70.26
CA GLU D 619 -46.30 29.28 -69.81
C GLU D 619 -46.05 29.00 -68.34
N SER D 620 -44.86 29.36 -67.85
CA SER D 620 -44.53 29.09 -66.46
C SER D 620 -43.94 30.20 -65.59
N SER D 621 -44.76 30.68 -64.66
CA SER D 621 -44.39 31.68 -63.65
C SER D 621 -43.06 31.42 -62.97
N GLU D 622 -42.92 30.23 -62.40
CA GLU D 622 -41.68 29.92 -61.70
C GLU D 622 -40.51 29.91 -62.65
N ALA D 623 -40.52 29.00 -63.61
CA ALA D 623 -39.40 28.86 -64.52
C ALA D 623 -38.97 30.21 -65.08
N SER D 624 -39.89 30.88 -65.79
CA SER D 624 -39.56 32.17 -66.36
C SER D 624 -38.94 33.13 -65.36
N LEU D 625 -39.62 33.30 -64.21
CA LEU D 625 -39.11 34.23 -63.21
C LEU D 625 -37.68 33.86 -62.79
N SER D 626 -37.46 32.58 -62.53
CA SER D 626 -36.14 32.07 -62.17
C SER D 626 -35.11 32.44 -63.22
N ASN D 627 -35.50 32.32 -64.50
CA ASN D 627 -34.64 32.78 -65.59
C ASN D 627 -34.32 34.25 -65.44
N ASP D 628 -35.33 35.07 -65.15
CA ASP D 628 -35.07 36.47 -64.85
C ASP D 628 -34.00 36.62 -63.79
N LEU D 629 -33.96 35.70 -62.82
CA LEU D 629 -32.86 35.71 -61.86
C LEU D 629 -31.52 35.41 -62.52
N LEU D 630 -31.46 34.26 -63.21
CA LEU D 630 -30.19 33.83 -63.80
C LEU D 630 -29.66 34.86 -64.80
N HIS D 631 -30.53 35.66 -65.40
CA HIS D 631 -30.08 36.70 -66.31
C HIS D 631 -29.04 37.60 -65.68
N ILE D 632 -29.40 38.19 -64.55
CA ILE D 632 -28.48 39.09 -63.84
C ILE D 632 -27.21 38.36 -63.42
N GLN D 639 -34.80 46.42 -66.66
CA GLN D 639 -36.23 46.17 -66.64
C GLN D 639 -36.86 46.40 -68.00
N ALA D 640 -36.28 47.33 -68.76
CA ALA D 640 -36.78 47.65 -70.10
C ALA D 640 -36.50 46.52 -71.07
N PHE D 641 -35.29 45.98 -71.01
CA PHE D 641 -34.89 44.89 -71.90
C PHE D 641 -35.86 43.74 -71.73
N ARG D 642 -36.39 43.59 -70.53
CA ARG D 642 -37.35 42.52 -70.23
C ARG D 642 -38.66 42.75 -70.97
N GLN D 643 -38.89 43.99 -71.41
CA GLN D 643 -40.12 44.34 -72.13
C GLN D 643 -40.04 44.10 -73.61
N VAL D 644 -38.97 44.60 -74.20
CA VAL D 644 -38.77 44.50 -75.63
C VAL D 644 -38.51 43.06 -76.08
N SER D 645 -37.63 42.33 -75.38
CA SER D 645 -37.31 40.90 -75.72
C SER D 645 -38.58 40.05 -75.58
N ALA D 646 -39.32 40.30 -74.52
CA ALA D 646 -40.64 39.68 -74.34
C ALA D 646 -41.55 39.93 -75.56
N ALA D 647 -41.69 41.20 -75.94
CA ALA D 647 -42.58 41.54 -77.05
C ALA D 647 -42.17 40.84 -78.32
N ILE D 648 -40.86 40.86 -78.63
CA ILE D 648 -40.33 40.14 -79.81
C ILE D 648 -40.77 38.65 -79.73
N ASP D 649 -40.61 38.03 -78.56
CA ASP D 649 -41.03 36.64 -78.31
C ASP D 649 -42.49 36.44 -78.63
N ALA D 650 -43.34 37.32 -78.10
CA ALA D 650 -44.77 37.27 -78.42
C ALA D 650 -44.95 37.21 -79.91
N PHE D 651 -44.33 38.17 -80.60
CA PHE D 651 -44.53 38.28 -82.03
C PHE D 651 -44.24 36.97 -82.73
N ASN D 652 -43.16 36.31 -82.36
CA ASN D 652 -42.76 35.11 -83.09
C ASN D 652 -43.36 33.81 -82.50
N LEU D 653 -44.69 33.73 -82.60
CA LEU D 653 -45.47 32.56 -82.24
C LEU D 653 -46.34 32.16 -83.42
N SER E 28 44.31 88.87 56.62
CA SER E 28 44.70 88.68 55.24
C SER E 28 45.56 87.44 55.12
N ALA E 29 45.45 86.76 53.97
CA ALA E 29 46.12 85.49 53.75
C ALA E 29 47.53 85.70 53.17
N SER E 30 48.37 86.38 53.96
CA SER E 30 49.74 86.67 53.51
C SER E 30 50.70 85.63 54.07
N PHE E 31 50.81 84.51 53.38
CA PHE E 31 51.66 83.42 53.79
C PHE E 31 52.76 83.19 52.75
N LYS E 32 54.01 83.32 53.18
CA LYS E 32 55.16 83.14 52.30
C LYS E 32 56.01 81.97 52.77
N GLY E 33 56.11 80.95 51.91
CA GLY E 33 56.87 79.76 52.23
C GLY E 33 56.47 79.08 53.51
N THR E 34 55.29 79.37 54.02
CA THR E 34 54.86 78.85 55.31
C THR E 34 54.64 77.35 55.24
N ASP E 35 55.22 76.62 56.19
CA ASP E 35 55.07 75.16 56.22
C ASP E 35 53.63 74.78 56.52
N ILE E 36 53.20 73.67 55.90
CA ILE E 36 51.83 73.20 56.08
C ILE E 36 51.56 72.94 57.55
N GLN E 37 52.56 72.48 58.30
CA GLN E 37 52.38 72.25 59.73
C GLN E 37 52.11 73.56 60.46
N GLU E 38 53.04 74.51 60.37
CA GLU E 38 52.76 75.79 60.98
C GLU E 38 51.58 76.50 60.34
N PHE E 39 51.19 76.09 59.12
CA PHE E 39 49.96 76.58 58.52
C PHE E 39 48.75 76.15 59.36
N ILE E 40 48.63 74.85 59.63
CA ILE E 40 47.53 74.37 60.42
C ILE E 40 47.64 74.86 61.86
N ASN E 41 48.85 74.94 62.37
CA ASN E 41 49.07 75.25 63.77
C ASN E 41 48.93 76.73 64.04
N THR E 42 48.99 77.58 63.02
CA THR E 42 48.79 79.01 63.17
C THR E 42 47.40 79.45 62.72
N VAL E 43 47.03 79.11 61.48
CA VAL E 43 45.67 79.36 61.01
C VAL E 43 44.66 78.75 61.98
N SER E 44 44.95 77.56 62.49
CA SER E 44 44.13 76.99 63.56
C SER E 44 43.98 77.96 64.71
N LYS E 45 45.10 78.46 65.22
CA LYS E 45 45.08 79.44 66.30
C LYS E 45 44.09 80.56 66.00
N ASN E 46 44.22 81.15 64.80
CA ASN E 46 43.32 82.23 64.42
C ASN E 46 41.87 81.78 64.38
N LEU E 47 41.65 80.56 63.88
CA LEU E 47 40.30 80.04 63.78
C LEU E 47 39.74 79.67 65.14
N ASN E 48 40.62 79.24 66.06
CA ASN E 48 40.26 78.87 67.43
C ASN E 48 39.63 77.49 67.51
N LYS E 49 39.87 76.64 66.52
CA LYS E 49 39.35 75.30 66.47
C LYS E 49 40.43 74.24 66.62
N THR E 50 40.12 73.17 67.35
CA THR E 50 41.08 72.09 67.58
C THR E 50 41.36 71.39 66.25
N VAL E 51 42.52 70.75 66.13
CA VAL E 51 42.77 70.02 64.90
C VAL E 51 43.85 68.97 65.13
N ILE E 52 43.61 67.76 64.65
CA ILE E 52 44.61 66.70 64.73
C ILE E 52 45.19 66.45 63.34
N ILE E 53 46.49 66.64 63.22
CA ILE E 53 47.23 66.37 62.00
C ILE E 53 47.68 64.92 62.05
N ASP E 54 47.77 64.29 60.88
CA ASP E 54 48.35 62.94 60.81
C ASP E 54 49.77 63.01 60.25
N PRO E 55 50.57 61.96 60.46
CA PRO E 55 51.95 62.00 59.94
C PRO E 55 52.00 61.94 58.42
N SER E 56 53.22 61.87 57.88
CA SER E 56 53.44 61.77 56.45
C SER E 56 52.83 62.95 55.73
N VAL E 57 52.81 64.10 56.37
CA VAL E 57 52.28 65.34 55.82
C VAL E 57 53.44 66.33 55.82
N ARG E 58 54.12 66.46 54.68
CA ARG E 58 55.34 67.23 54.59
C ARG E 58 55.23 68.16 53.39
N GLY E 59 55.39 69.46 53.62
CA GLY E 59 55.31 70.40 52.53
C GLY E 59 55.08 71.81 53.03
N THR E 60 54.78 72.70 52.07
CA THR E 60 54.67 74.14 52.30
C THR E 60 53.87 74.77 51.18
N ILE E 61 53.44 76.00 51.40
CA ILE E 61 52.76 76.81 50.43
C ILE E 61 53.45 78.16 50.38
N THR E 62 52.95 79.01 49.50
CA THR E 62 53.33 80.42 49.49
C THR E 62 52.31 81.17 48.66
N VAL E 63 51.95 82.36 49.14
CA VAL E 63 50.88 83.08 48.47
C VAL E 63 50.88 84.52 48.94
N ARG E 64 50.58 85.45 48.04
CA ARG E 64 50.34 86.83 48.42
C ARG E 64 48.87 87.14 48.21
N SER E 65 48.25 87.73 49.24
CA SER E 65 46.85 88.11 49.17
C SER E 65 46.74 89.61 49.45
N TYR E 66 45.76 90.21 48.78
CA TYR E 66 45.51 91.64 48.90
C TYR E 66 44.27 91.98 49.69
N ASP E 67 43.24 91.15 49.63
CA ASP E 67 41.98 91.36 50.35
C ASP E 67 41.92 90.47 51.59
N MET E 68 41.07 90.88 52.53
CA MET E 68 41.00 90.26 53.86
C MET E 68 39.92 89.20 53.91
N LEU E 69 40.23 88.05 54.57
CA LEU E 69 39.40 86.86 54.51
C LEU E 69 39.32 86.27 55.92
N ASN E 70 38.47 86.81 56.79
CA ASN E 70 38.19 86.14 58.06
C ASN E 70 36.75 85.67 58.23
N GLU E 71 35.76 86.34 57.64
CA GLU E 71 34.41 86.09 58.09
C GLU E 71 33.97 84.65 57.81
N GLU E 72 33.78 84.31 56.54
CA GLU E 72 33.44 82.93 56.20
C GLU E 72 34.45 82.48 55.15
N GLN E 73 34.94 83.44 54.39
CA GLN E 73 35.86 83.13 53.32
C GLN E 73 37.20 82.68 53.89
N TYR E 74 37.43 82.91 55.17
CA TYR E 74 38.56 82.36 55.89
C TYR E 74 38.57 80.82 55.82
N TYR E 75 37.58 80.21 56.47
CA TYR E 75 37.46 78.75 56.45
C TYR E 75 37.28 78.25 55.01
N GLN E 76 36.55 79.01 54.20
CA GLN E 76 36.39 78.63 52.80
C GLN E 76 37.74 78.42 52.12
N PHE E 77 38.52 79.50 52.07
CA PHE E 77 39.78 79.46 51.34
C PHE E 77 40.78 78.54 52.02
N PHE E 78 40.72 78.42 53.35
CA PHE E 78 41.55 77.48 54.06
C PHE E 78 41.39 76.08 53.49
N LEU E 79 40.14 75.59 53.49
CA LEU E 79 39.87 74.29 52.92
C LEU E 79 40.23 74.22 51.44
N SER E 80 40.07 75.32 50.70
CA SER E 80 40.52 75.29 49.32
C SER E 80 42.02 75.03 49.21
N VAL E 81 42.82 75.64 50.09
CA VAL E 81 44.26 75.47 50.00
C VAL E 81 44.64 74.04 50.32
N LEU E 82 44.05 73.49 51.37
CA LEU E 82 44.25 72.08 51.63
C LEU E 82 43.84 71.24 50.42
N ASP E 83 42.84 71.69 49.68
CA ASP E 83 42.37 70.96 48.53
C ASP E 83 43.36 70.96 47.39
N VAL E 84 44.13 72.03 47.23
CA VAL E 84 45.05 72.12 46.11
C VAL E 84 46.09 71.00 46.19
N TYR E 85 46.75 70.89 47.33
CA TYR E 85 47.71 69.80 47.49
C TYR E 85 47.04 68.43 47.53
N GLY E 86 45.70 68.42 47.59
CA GLY E 86 45.01 67.16 47.71
C GLY E 86 45.03 66.56 49.10
N PHE E 87 45.80 67.11 50.03
CA PHE E 87 45.66 66.68 51.41
C PHE E 87 44.28 67.14 51.88
N ALA E 88 43.43 66.20 52.24
CA ALA E 88 42.04 66.52 52.44
C ALA E 88 41.71 66.45 53.93
N VAL E 89 40.65 67.14 54.30
CA VAL E 89 40.22 67.14 55.68
C VAL E 89 38.70 66.96 55.75
N ILE E 90 38.25 66.39 56.87
CA ILE E 90 36.85 66.20 57.21
C ILE E 90 36.59 66.86 58.54
N ASN E 91 35.52 67.65 58.63
CA ASN E 91 35.18 68.33 59.87
C ASN E 91 34.02 67.62 60.56
N MET E 92 34.00 67.73 61.88
CA MET E 92 33.00 67.03 62.67
C MET E 92 32.27 68.05 63.54
N ASN E 93 31.23 67.58 64.22
CA ASN E 93 30.32 68.45 64.94
C ASN E 93 30.81 68.70 66.36
N ASN E 94 31.02 67.63 67.13
CA ASN E 94 31.44 67.76 68.53
C ASN E 94 32.86 68.29 68.65
N GLY E 95 33.80 67.68 67.93
CA GLY E 95 35.13 68.22 67.80
C GLY E 95 35.31 68.79 66.40
N VAL E 96 36.48 69.37 66.18
CA VAL E 96 36.77 70.02 64.91
C VAL E 96 37.36 69.01 63.94
N LEU E 97 37.72 69.46 62.75
CA LEU E 97 38.14 68.62 61.65
C LEU E 97 39.44 67.89 61.95
N LYS E 98 39.89 67.10 60.97
CA LYS E 98 41.11 66.31 61.03
C LYS E 98 41.73 66.34 59.64
N VAL E 99 42.97 65.88 59.56
CA VAL E 99 43.71 65.81 58.31
C VAL E 99 44.01 64.35 58.02
N VAL E 100 43.64 63.90 56.83
CA VAL E 100 43.87 62.52 56.43
C VAL E 100 44.95 62.47 55.35
N ARG E 101 45.60 61.31 55.27
CA ARG E 101 46.54 61.00 54.21
C ARG E 101 45.99 59.95 53.25
N ALA E 102 44.82 59.36 53.54
CA ALA E 102 44.13 58.43 52.66
C ALA E 102 43.26 59.12 51.61
N LYS E 103 42.90 60.38 51.84
CA LYS E 103 42.20 61.22 50.88
C LYS E 103 40.86 60.67 50.45
N ASP E 104 40.35 59.61 51.07
CA ASP E 104 39.18 58.95 50.53
C ASP E 104 37.95 59.20 51.40
N ALA E 105 36.79 58.96 50.77
CA ALA E 105 35.54 58.86 51.50
C ALA E 105 35.52 57.66 52.45
N LYS E 106 36.41 56.70 52.25
CA LYS E 106 36.47 55.50 53.10
C LYS E 106 36.73 55.79 54.58
N THR E 107 36.95 57.05 54.92
CA THR E 107 37.21 57.44 56.30
C THR E 107 36.15 57.34 57.38
N SER E 108 35.03 56.71 57.04
CA SER E 108 33.93 56.54 57.98
C SER E 108 33.19 57.86 58.21
N ALA E 109 33.58 58.89 57.47
CA ALA E 109 32.97 60.21 57.59
C ALA E 109 32.71 60.67 56.16
N VAL E 110 31.44 60.90 55.85
CA VAL E 110 31.04 61.35 54.52
C VAL E 110 29.70 62.06 54.63
N PRO E 111 29.64 63.34 55.00
CA PRO E 111 28.33 63.99 55.10
C PRO E 111 27.71 64.08 53.73
N VAL E 112 26.52 63.54 53.59
CA VAL E 112 25.90 63.33 52.27
C VAL E 112 24.79 64.36 52.10
N ALA E 113 24.91 65.17 51.06
CA ALA E 113 23.86 66.12 50.73
C ALA E 113 22.59 65.40 50.26
N SER E 114 21.47 66.08 50.41
CA SER E 114 20.17 65.55 50.04
C SER E 114 19.50 66.39 48.96
N ALA E 115 20.30 67.01 48.09
CA ALA E 115 19.87 67.72 46.89
C ALA E 115 19.35 69.12 47.22
N ALA E 116 19.28 69.49 48.49
CA ALA E 116 19.02 70.86 48.85
C ALA E 116 20.27 71.62 49.27
N ALA E 117 21.23 70.94 49.89
CA ALA E 117 22.52 71.52 50.21
C ALA E 117 23.59 70.98 49.28
N PRO E 118 23.86 71.60 48.15
CA PRO E 118 25.03 71.20 47.34
C PRO E 118 26.35 71.55 48.00
N GLY E 119 26.36 72.35 49.06
CA GLY E 119 27.60 72.71 49.69
C GLY E 119 28.37 73.67 48.80
N GLU E 120 29.69 73.49 48.78
CA GLU E 120 30.58 74.31 47.97
C GLU E 120 31.85 73.52 47.74
N GLY E 121 32.57 73.89 46.69
CA GLY E 121 33.57 73.02 46.07
C GLY E 121 34.55 72.39 47.05
N ASP E 122 34.71 73.04 48.20
CA ASP E 122 35.77 72.65 49.10
C ASP E 122 35.48 71.31 49.77
N GLU E 123 34.25 71.07 50.16
CA GLU E 123 33.95 69.91 51.01
C GLU E 123 33.77 68.63 50.17
N VAL E 124 33.77 67.51 50.86
CA VAL E 124 33.60 66.19 50.25
C VAL E 124 32.29 65.61 50.75
N VAL E 125 31.41 65.25 49.80
CA VAL E 125 30.11 64.65 50.13
C VAL E 125 30.06 63.28 49.48
N THR E 126 28.92 62.61 49.56
CA THR E 126 28.67 61.38 48.81
C THR E 126 27.22 61.42 48.34
N ARG E 127 27.03 61.71 47.07
CA ARG E 127 25.70 61.94 46.54
C ARG E 127 25.23 60.72 45.77
N VAL E 128 23.92 60.71 45.51
CA VAL E 128 23.31 59.58 44.84
C VAL E 128 22.05 60.04 44.16
N VAL E 129 21.74 59.45 43.02
CA VAL E 129 20.47 59.77 42.39
C VAL E 129 19.90 58.53 41.71
N PRO E 130 18.60 58.28 41.81
CA PRO E 130 17.99 57.22 41.02
C PRO E 130 17.71 57.62 39.58
N LEU E 131 18.69 57.36 38.72
CA LEU E 131 18.56 57.62 37.28
C LEU E 131 17.47 56.76 36.66
N THR E 132 16.50 57.39 35.99
CA THR E 132 15.24 56.74 35.69
C THR E 132 15.02 56.36 34.23
N ASN E 133 15.89 56.75 33.31
CA ASN E 133 15.59 56.53 31.90
C ASN E 133 16.64 55.76 31.12
N VAL E 134 17.83 55.54 31.65
CA VAL E 134 18.98 55.14 30.85
C VAL E 134 19.71 54.02 31.58
N ALA E 135 20.31 53.14 30.80
CA ALA E 135 21.21 52.15 31.39
C ALA E 135 22.31 52.87 32.14
N ALA E 136 22.44 52.54 33.43
CA ALA E 136 23.46 53.13 34.28
C ALA E 136 24.81 52.40 34.20
N ARG E 137 25.02 51.55 33.20
CA ARG E 137 26.35 51.00 33.03
C ARG E 137 27.25 51.88 32.16
N ASP E 138 26.77 52.29 30.99
CA ASP E 138 27.71 52.81 30.01
C ASP E 138 28.22 54.20 30.36
N LEU E 139 27.41 55.03 31.03
CA LEU E 139 27.93 56.32 31.46
C LEU E 139 28.90 56.20 32.62
N ALA E 140 29.08 55.01 33.14
CA ALA E 140 29.94 54.74 34.27
C ALA E 140 31.41 54.71 33.86
N PRO E 141 31.79 54.11 32.73
CA PRO E 141 33.19 54.25 32.32
C PRO E 141 33.53 55.68 31.95
N LEU E 142 32.68 56.29 31.13
CA LEU E 142 32.97 57.69 30.75
C LEU E 142 33.02 58.61 31.95
N LEU E 143 32.28 58.31 33.01
CA LEU E 143 32.26 59.19 34.15
C LEU E 143 33.35 58.81 35.15
N ARG E 144 33.59 57.53 35.32
CA ARG E 144 34.74 57.10 36.07
C ARG E 144 36.04 57.56 35.44
N GLN E 145 36.03 57.90 34.15
CA GLN E 145 37.20 58.51 33.53
C GLN E 145 37.18 60.03 33.67
N LEU E 146 36.13 60.67 33.18
CA LEU E 146 36.06 62.13 33.22
C LEU E 146 36.34 62.60 34.64
N ASN E 147 35.83 61.88 35.62
CA ASN E 147 35.96 62.19 37.03
C ASN E 147 36.80 61.14 37.72
N ASP E 148 37.86 60.65 37.09
CA ASP E 148 38.70 59.73 37.83
C ASP E 148 39.65 60.60 38.62
N ASN E 149 39.23 60.96 39.81
CA ASN E 149 40.07 61.81 40.63
C ASN E 149 41.20 60.94 41.17
N ALA E 150 42.43 61.28 40.82
CA ALA E 150 43.54 60.44 41.19
C ALA E 150 44.05 60.71 42.60
N GLY E 151 43.26 61.41 43.41
CA GLY E 151 43.55 61.60 44.80
C GLY E 151 42.56 60.89 45.68
N ALA E 152 42.18 59.67 45.26
CA ALA E 152 41.14 58.85 45.92
C ALA E 152 39.75 59.48 45.75
N GLY E 153 39.48 59.97 44.55
CA GLY E 153 38.19 60.54 44.22
C GLY E 153 37.09 59.49 44.12
N SER E 154 35.92 59.96 43.69
CA SER E 154 34.69 59.17 43.69
C SER E 154 34.81 57.91 42.87
N VAL E 155 33.76 57.08 42.97
CA VAL E 155 33.57 55.89 42.17
C VAL E 155 32.11 55.89 41.67
N VAL E 156 31.80 54.91 40.85
CA VAL E 156 30.49 54.82 40.21
C VAL E 156 30.05 53.36 40.14
N HIS E 157 28.85 53.07 40.62
CA HIS E 157 28.38 51.70 40.60
C HIS E 157 26.91 51.61 40.22
N TYR E 158 26.57 50.42 39.73
CA TYR E 158 25.26 50.10 39.23
C TYR E 158 24.58 49.08 40.12
N GLU E 159 23.33 49.34 40.49
CA GLU E 159 22.47 48.35 41.12
C GLU E 159 21.21 48.18 40.27
N PRO E 160 20.61 46.98 40.22
CA PRO E 160 19.44 46.81 39.34
C PRO E 160 18.30 47.70 39.71
N SER E 161 18.38 48.40 40.83
CA SER E 161 17.48 49.48 41.14
C SER E 161 17.95 50.83 40.60
N ASN E 162 18.96 50.83 39.72
CA ASN E 162 19.42 52.03 39.01
C ASN E 162 19.85 53.14 39.93
N VAL E 163 20.32 52.77 41.11
CA VAL E 163 20.94 53.74 41.96
C VAL E 163 22.10 54.29 41.18
N LEU E 164 22.34 55.58 41.30
CA LEU E 164 23.51 56.20 40.72
C LEU E 164 24.13 57.05 41.79
N LEU E 165 25.29 56.60 42.29
CA LEU E 165 25.90 57.14 43.48
C LEU E 165 27.32 57.56 43.17
N MET E 166 27.82 58.52 43.94
CA MET E 166 29.21 58.91 43.85
C MET E 166 29.52 59.71 45.11
N THR E 167 30.80 59.94 45.35
CA THR E 167 31.18 60.83 46.43
C THR E 167 31.90 62.09 45.96
N GLY E 168 33.04 61.97 45.27
CA GLY E 168 33.66 63.10 44.61
C GLY E 168 33.96 64.27 45.53
N ARG E 169 33.70 65.47 45.05
CA ARG E 169 33.81 66.74 45.75
C ARG E 169 32.46 67.43 45.70
N ALA E 170 32.38 68.63 46.24
CA ALA E 170 31.10 69.32 46.20
C ALA E 170 30.93 70.18 44.96
N ALA E 171 32.04 70.60 44.35
CA ALA E 171 31.95 71.31 43.07
C ALA E 171 31.60 70.35 41.93
N VAL E 172 32.22 69.16 41.95
CA VAL E 172 31.88 68.10 41.01
C VAL E 172 30.38 67.88 40.95
N ILE E 173 29.71 68.01 42.10
CA ILE E 173 28.28 67.77 42.15
C ILE E 173 27.56 68.62 41.10
N LYS E 174 27.86 69.92 41.07
CA LYS E 174 27.26 70.82 40.09
C LYS E 174 27.41 70.30 38.67
N ARG E 175 28.64 70.01 38.26
CA ARG E 175 28.88 69.60 36.88
C ARG E 175 28.13 68.33 36.56
N LEU E 176 28.09 67.36 37.49
CA LEU E 176 27.50 66.07 37.12
C LEU E 176 25.99 66.04 37.19
N LEU E 177 25.40 66.60 38.26
CA LEU E 177 23.97 66.89 38.26
C LEU E 177 23.55 67.54 36.96
N THR E 178 24.27 68.58 36.57
CA THR E 178 23.95 69.22 35.30
C THR E 178 24.08 68.25 34.14
N ILE E 179 25.05 67.33 34.21
CA ILE E 179 25.23 66.39 33.13
C ILE E 179 23.97 65.55 32.97
N VAL E 180 23.62 64.79 34.02
CA VAL E 180 22.51 63.87 33.88
C VAL E 180 21.22 64.61 33.57
N GLU E 181 20.96 65.69 34.30
CA GLU E 181 19.77 66.49 34.05
C GLU E 181 19.67 66.97 32.62
N ARG E 182 20.79 67.20 31.95
CA ARG E 182 20.65 67.55 30.54
C ARG E 182 20.50 66.31 29.68
N VAL E 183 21.34 65.28 29.90
CA VAL E 183 21.35 64.13 29.02
C VAL E 183 20.11 63.25 29.23
N ASP E 184 19.57 63.19 30.44
CA ASP E 184 18.36 62.43 30.63
C ASP E 184 17.15 63.18 30.11
N ASN E 185 17.16 64.49 30.17
CA ASN E 185 16.06 65.30 29.68
C ASN E 185 16.08 65.41 28.16
N ALA E 186 16.89 64.59 27.49
CA ALA E 186 16.96 64.61 26.02
C ALA E 186 15.87 63.70 25.48
N GLY E 187 14.64 64.21 25.51
CA GLY E 187 13.53 63.73 24.71
C GLY E 187 13.27 62.23 24.73
N ASP E 188 13.14 61.67 25.92
CA ASP E 188 12.84 60.25 26.06
C ASP E 188 11.43 59.93 25.56
N ARG E 189 11.11 58.64 25.57
CA ARG E 189 9.93 58.10 24.90
C ARG E 189 8.67 58.92 25.17
N SER E 190 7.99 59.31 24.11
CA SER E 190 6.65 59.85 24.19
C SER E 190 5.84 59.33 23.02
N VAL E 191 4.53 59.24 23.22
CA VAL E 191 3.62 58.58 22.28
C VAL E 191 2.65 59.59 21.72
N VAL E 192 2.27 59.39 20.46
CA VAL E 192 1.25 60.22 19.82
C VAL E 192 0.76 59.45 18.60
N THR E 193 -0.45 59.77 18.14
CA THR E 193 -1.09 59.03 17.08
C THR E 193 -1.50 59.98 15.96
N VAL E 194 -2.04 59.40 14.90
CA VAL E 194 -2.66 60.19 13.84
C VAL E 194 -3.83 59.39 13.29
N PRO E 195 -4.99 59.98 13.20
CA PRO E 195 -6.08 59.27 12.50
C PRO E 195 -5.86 59.24 11.02
N LEU E 196 -6.81 58.73 10.28
CA LEU E 196 -6.66 58.65 8.83
C LEU E 196 -8.03 58.68 8.20
N SER E 197 -8.21 59.57 7.23
CA SER E 197 -9.48 59.75 6.54
C SER E 197 -9.99 58.50 5.83
N TRP E 198 -9.31 58.03 4.79
CA TRP E 198 -9.86 56.93 4.01
C TRP E 198 -8.91 55.81 3.67
N ALA E 199 -7.59 56.03 3.68
CA ALA E 199 -6.68 55.01 3.21
C ALA E 199 -6.60 53.80 4.15
N SER E 200 -6.04 52.72 3.63
CA SER E 200 -5.86 51.48 4.38
C SER E 200 -4.90 51.69 5.55
N ALA E 201 -5.17 51.00 6.65
CA ALA E 201 -4.31 51.12 7.83
C ALA E 201 -3.19 50.08 7.80
N ALA E 202 -3.53 48.81 8.06
CA ALA E 202 -2.51 47.77 8.15
C ALA E 202 -1.60 47.73 6.94
N GLU E 203 -2.05 48.28 5.82
CA GLU E 203 -1.27 48.25 4.61
C GLU E 203 -0.13 49.25 4.67
N VAL E 204 -0.36 50.40 5.27
CA VAL E 204 0.66 51.44 5.33
C VAL E 204 1.82 50.99 6.18
N VAL E 205 1.58 50.74 7.47
CA VAL E 205 2.66 50.27 8.33
C VAL E 205 3.25 48.97 7.77
N LYS E 206 2.38 48.06 7.35
CA LYS E 206 2.83 46.92 6.55
C LYS E 206 3.78 47.35 5.44
N LEU E 207 3.75 48.63 5.04
CA LEU E 207 4.69 49.15 4.04
C LEU E 207 5.53 50.32 4.55
N VAL E 208 5.77 50.45 5.85
CA VAL E 208 6.65 51.53 6.26
C VAL E 208 8.01 50.97 6.60
N THR E 209 8.02 49.81 7.28
CA THR E 209 9.26 49.16 7.66
C THR E 209 9.95 48.51 6.50
N GLU E 210 9.57 48.89 5.28
CA GLU E 210 10.27 48.49 4.07
C GLU E 210 10.92 49.69 3.38
N LEU E 211 10.34 50.87 3.57
CA LEU E 211 10.94 52.09 3.03
C LEU E 211 11.89 52.76 4.00
N ASN E 212 11.67 52.64 5.31
CA ASN E 212 12.58 53.22 6.31
C ASN E 212 12.92 52.17 7.35
N LYS E 213 13.72 51.18 6.99
CA LYS E 213 14.01 50.09 7.88
C LYS E 213 15.43 50.05 8.43
N ASP E 214 16.44 50.14 7.58
CA ASP E 214 17.80 49.89 8.04
C ASP E 214 18.77 50.36 6.96
N THR E 215 20.04 50.07 7.19
CA THR E 215 21.12 50.33 6.26
C THR E 215 22.21 49.32 6.52
N SER E 216 23.21 49.29 5.65
CA SER E 216 24.36 48.41 5.81
C SER E 216 24.99 48.52 7.18
N LYS E 217 24.84 49.67 7.83
CA LYS E 217 25.29 49.89 9.18
C LYS E 217 24.18 50.65 9.87
N SER E 218 23.81 50.20 11.08
CA SER E 218 22.73 50.81 11.83
C SER E 218 22.93 52.30 12.02
N ALA E 219 21.85 53.06 11.90
CA ALA E 219 21.90 54.50 12.09
C ALA E 219 22.43 54.71 13.50
N LEU E 220 21.98 53.84 14.40
CA LEU E 220 22.42 53.89 15.79
C LEU E 220 21.78 52.79 16.64
N PRO E 221 22.11 52.77 17.92
CA PRO E 221 21.54 51.77 18.83
C PRO E 221 20.02 51.86 18.82
N GLY E 222 19.35 50.91 19.46
CA GLY E 222 17.91 50.91 19.51
C GLY E 222 17.15 52.13 19.96
N SER E 223 17.81 53.13 20.54
CA SER E 223 17.09 54.31 20.97
C SER E 223 17.28 55.42 19.93
N MET E 224 16.52 56.50 20.12
CA MET E 224 16.46 57.61 19.16
C MET E 224 15.97 57.16 17.79
N VAL E 225 15.12 56.14 17.74
CA VAL E 225 14.50 55.66 16.51
C VAL E 225 13.19 55.00 16.89
N ALA E 226 12.19 55.21 16.07
CA ALA E 226 10.82 54.95 16.49
C ALA E 226 10.34 53.64 15.89
N ASN E 227 9.44 52.98 16.61
CA ASN E 227 8.75 51.81 16.11
C ASN E 227 7.27 52.14 15.86
N VAL E 228 6.65 51.34 14.99
CA VAL E 228 5.31 51.67 14.52
C VAL E 228 4.48 50.40 14.53
N VAL E 229 3.29 50.46 15.12
CA VAL E 229 2.25 49.47 15.00
C VAL E 229 0.93 50.18 14.77
N ALA E 230 -0.13 49.38 14.59
CA ALA E 230 -1.43 49.96 14.31
C ALA E 230 -2.48 48.92 14.62
N ASP E 231 -3.64 49.40 15.03
CA ASP E 231 -4.82 48.56 15.13
C ASP E 231 -5.65 48.76 13.88
N GLU E 232 -6.53 47.82 13.65
CA GLU E 232 -7.47 47.96 12.57
C GLU E 232 -8.79 48.52 13.04
N ARG E 233 -8.85 48.95 14.29
CA ARG E 233 -10.16 49.18 14.88
C ARG E 233 -10.62 50.60 14.65
N THR E 234 -9.78 51.59 14.94
CA THR E 234 -10.12 52.98 14.69
C THR E 234 -9.46 53.53 13.45
N ASN E 235 -8.69 52.72 12.73
CA ASN E 235 -8.10 53.15 11.46
C ASN E 235 -7.10 54.28 11.72
N ALA E 236 -6.36 54.19 12.80
CA ALA E 236 -5.23 55.08 13.03
C ALA E 236 -3.99 54.25 13.32
N VAL E 237 -2.86 54.94 13.38
CA VAL E 237 -1.55 54.29 13.46
C VAL E 237 -0.78 54.87 14.63
N LEU E 238 0.12 54.06 15.19
CA LEU E 238 0.80 54.36 16.45
C LEU E 238 2.27 54.67 16.18
N VAL E 239 2.82 55.69 16.85
CA VAL E 239 4.24 55.94 16.82
C VAL E 239 4.71 56.28 18.22
N SER E 240 6.00 56.05 18.46
CA SER E 240 6.60 56.40 19.75
C SER E 240 8.08 56.62 19.52
N GLY E 241 8.64 57.63 20.19
CA GLY E 241 10.03 57.98 19.88
C GLY E 241 10.34 59.40 20.34
N GLU E 242 11.27 60.00 19.62
CA GLU E 242 11.92 61.23 20.03
C GLU E 242 11.53 62.40 19.15
N PRO E 243 11.53 63.61 19.72
CA PRO E 243 10.97 64.76 19.02
C PRO E 243 11.71 65.18 17.78
N ASN E 244 12.78 64.53 17.40
CA ASN E 244 13.35 64.70 16.07
C ASN E 244 13.41 63.39 15.29
N SER E 245 12.72 62.36 15.76
CA SER E 245 12.54 61.10 15.01
C SER E 245 11.14 60.94 14.47
N ARG E 246 10.13 61.28 15.29
CA ARG E 246 8.76 61.01 14.89
C ARG E 246 8.36 61.91 13.74
N GLN E 247 8.89 63.13 13.71
CA GLN E 247 8.48 64.09 12.71
C GLN E 247 8.64 63.52 11.32
N ARG E 248 9.70 62.74 11.12
CA ARG E 248 9.86 62.03 9.87
C ARG E 248 8.68 61.11 9.60
N ILE E 249 8.27 60.32 10.59
CA ILE E 249 7.15 59.40 10.37
C ILE E 249 5.90 60.16 9.97
N ILE E 250 5.62 61.25 10.68
CA ILE E 250 4.46 62.04 10.29
C ILE E 250 4.64 62.61 8.90
N ALA E 251 5.89 62.85 8.50
CA ALA E 251 6.11 63.35 7.14
C ALA E 251 5.65 62.32 6.13
N MET E 252 6.12 61.08 6.27
CA MET E 252 5.72 60.08 5.31
C MET E 252 4.22 59.91 5.32
N ILE E 253 3.59 59.79 6.49
CA ILE E 253 2.15 59.55 6.43
C ILE E 253 1.44 60.75 5.80
N LYS E 254 1.94 61.99 6.00
CA LYS E 254 1.33 63.12 5.30
C LYS E 254 1.41 62.93 3.80
N GLN E 255 2.52 62.36 3.34
CA GLN E 255 2.70 62.13 1.91
C GLN E 255 1.89 60.91 1.45
N LEU E 256 1.92 59.85 2.24
CA LEU E 256 1.19 58.63 1.93
C LEU E 256 -0.30 58.90 1.92
N ASP E 257 -0.77 59.76 2.81
CA ASP E 257 -2.20 60.01 2.95
C ASP E 257 -2.65 60.96 1.85
N ARG E 258 -2.72 60.40 0.67
CA ARG E 258 -3.15 61.15 -0.51
C ARG E 258 -4.53 60.69 -0.94
N GLN E 259 -5.14 61.50 -1.81
CA GLN E 259 -6.47 61.21 -2.31
C GLN E 259 -6.36 60.58 -3.68
N GLN E 260 -7.28 59.68 -4.00
CA GLN E 260 -7.24 59.01 -5.31
C GLN E 260 -7.94 59.76 -6.42
N ALA E 261 -7.27 59.98 -7.54
CA ALA E 261 -7.91 60.65 -8.66
C ALA E 261 -9.17 59.87 -9.03
N VAL E 262 -8.97 58.57 -9.26
CA VAL E 262 -10.05 57.65 -9.60
C VAL E 262 -9.52 56.28 -9.20
N GLN E 263 -10.35 55.50 -8.49
CA GLN E 263 -9.93 54.17 -8.07
C GLN E 263 -9.93 53.28 -9.31
N GLY E 264 -8.77 52.76 -9.69
CA GLY E 264 -8.70 51.94 -10.86
C GLY E 264 -8.42 50.48 -10.54
N ASN E 265 -8.36 50.17 -9.26
CA ASN E 265 -8.16 48.79 -8.86
C ASN E 265 -9.20 47.86 -9.53
N THR E 266 -10.44 48.33 -9.65
CA THR E 266 -11.48 47.63 -10.39
C THR E 266 -12.33 48.62 -11.12
N LYS E 267 -12.61 48.36 -12.39
CA LYS E 267 -13.54 49.18 -13.15
C LYS E 267 -14.50 48.32 -13.95
N VAL E 268 -15.74 48.77 -14.04
CA VAL E 268 -16.86 48.00 -14.56
C VAL E 268 -17.22 48.50 -15.93
N ILE E 269 -17.17 47.63 -16.93
CA ILE E 269 -17.50 48.05 -18.26
C ILE E 269 -18.90 47.53 -18.59
N TYR E 270 -19.46 48.05 -19.69
CA TYR E 270 -20.78 47.67 -20.17
C TYR E 270 -20.61 47.34 -21.65
N LEU E 271 -20.86 46.09 -22.03
CA LEU E 271 -20.72 45.67 -23.40
C LEU E 271 -22.05 45.80 -24.14
N LYS E 272 -21.98 46.18 -25.43
CA LYS E 272 -23.19 46.64 -26.09
C LYS E 272 -23.87 45.58 -26.96
N TYR E 273 -23.13 44.85 -27.82
CA TYR E 273 -23.78 43.94 -28.76
C TYR E 273 -23.53 42.46 -28.56
N ALA E 274 -22.43 42.05 -27.95
CA ALA E 274 -22.20 40.65 -27.66
C ALA E 274 -22.64 40.33 -26.24
N LYS E 275 -23.01 39.08 -26.03
CA LYS E 275 -23.29 38.71 -24.65
C LYS E 275 -21.95 38.54 -23.91
N ALA E 276 -22.03 38.40 -22.60
CA ALA E 276 -20.82 38.29 -21.81
C ALA E 276 -20.54 36.87 -21.37
N ALA E 277 -21.51 35.99 -21.50
CA ALA E 277 -21.30 34.60 -21.12
C ALA E 277 -20.17 33.99 -21.93
N ASP E 278 -20.25 34.08 -23.26
CA ASP E 278 -19.17 33.56 -24.08
C ASP E 278 -17.86 34.26 -23.75
N LEU E 279 -17.92 35.58 -23.57
CA LEU E 279 -16.69 36.34 -23.41
C LEU E 279 -15.91 35.92 -22.17
N VAL E 280 -16.59 35.67 -21.05
CA VAL E 280 -15.84 35.25 -19.87
C VAL E 280 -14.92 34.07 -20.21
N GLU E 281 -15.46 33.06 -20.88
CA GLU E 281 -14.67 31.85 -21.04
C GLU E 281 -13.67 31.98 -22.18
N VAL E 282 -14.06 32.62 -23.29
CA VAL E 282 -13.09 32.92 -24.35
C VAL E 282 -11.91 33.67 -23.80
N LEU E 283 -12.18 34.71 -23.01
CA LEU E 283 -11.10 35.51 -22.43
C LEU E 283 -10.77 34.92 -21.07
N THR E 284 -9.75 34.08 -21.01
CA THR E 284 -9.22 33.70 -19.71
C THR E 284 -7.74 33.97 -19.52
N GLY E 285 -6.94 34.10 -20.58
CA GLY E 285 -5.52 34.09 -20.30
C GLY E 285 -4.57 35.08 -20.95
N ILE E 286 -4.80 36.40 -20.84
CA ILE E 286 -3.91 37.36 -21.48
C ILE E 286 -2.49 37.23 -20.96
N SER E 287 -2.31 37.51 -19.67
CA SER E 287 -0.99 37.82 -19.14
C SER E 287 -0.50 36.86 -18.07
N SER E 288 -1.37 36.02 -17.53
CA SER E 288 -0.95 34.95 -16.65
C SER E 288 0.01 34.00 -17.36
N LYS E 305 -1.06 38.75 -9.96
CA LYS E 305 -1.11 37.28 -9.93
C LYS E 305 -1.73 36.74 -11.19
N ASN E 306 -2.97 37.15 -11.42
CA ASN E 306 -3.77 36.66 -12.53
C ASN E 306 -4.81 37.73 -12.81
N ILE E 307 -5.59 37.48 -13.85
CA ILE E 307 -6.69 38.35 -14.20
C ILE E 307 -7.98 37.56 -13.99
N ILE E 308 -8.82 38.04 -13.09
CA ILE E 308 -10.07 37.38 -12.78
C ILE E 308 -11.18 38.16 -13.46
N ILE E 309 -11.76 37.60 -14.50
CA ILE E 309 -12.88 38.25 -15.14
C ILE E 309 -14.16 37.62 -14.64
N LYS E 310 -15.10 38.48 -14.26
CA LYS E 310 -16.42 38.06 -13.82
C LYS E 310 -17.46 38.72 -14.71
N ALA E 311 -18.51 37.99 -15.03
CA ALA E 311 -19.60 38.51 -15.86
C ALA E 311 -20.91 38.48 -15.09
N HIS E 312 -21.73 39.51 -15.26
CA HIS E 312 -22.90 39.56 -14.40
C HIS E 312 -24.05 38.72 -14.96
N GLY E 313 -24.47 39.02 -16.19
CA GLY E 313 -25.60 38.34 -16.80
C GLY E 313 -26.95 38.89 -16.46
N GLN E 314 -27.09 39.62 -15.36
CA GLN E 314 -28.40 40.11 -15.01
C GLN E 314 -28.60 41.58 -15.38
N THR E 315 -27.51 42.33 -15.53
CA THR E 315 -27.52 43.56 -16.29
C THR E 315 -26.76 43.42 -17.60
N ASN E 316 -26.22 42.24 -17.90
CA ASN E 316 -25.39 42.03 -19.09
C ASN E 316 -24.20 42.99 -19.09
N ALA E 317 -23.48 43.00 -17.98
CA ALA E 317 -22.23 43.74 -17.93
C ALA E 317 -21.20 42.89 -17.21
N LEU E 318 -19.93 43.13 -17.53
CA LEU E 318 -18.83 42.34 -17.04
C LEU E 318 -17.83 43.22 -16.30
N ILE E 319 -17.09 42.59 -15.40
CA ILE E 319 -16.08 43.27 -14.61
C ILE E 319 -14.67 42.86 -14.97
N VAL E 320 -13.71 43.60 -14.42
CA VAL E 320 -12.28 43.37 -14.64
C VAL E 320 -11.70 43.82 -13.31
N THR E 321 -11.28 42.86 -12.50
CA THR E 321 -10.60 43.13 -11.24
C THR E 321 -9.29 42.43 -11.45
N ALA E 322 -8.43 43.04 -12.25
CA ALA E 322 -7.18 42.41 -12.59
C ALA E 322 -6.21 43.55 -12.58
N ALA E 323 -5.11 43.40 -13.28
CA ALA E 323 -4.14 44.50 -13.32
C ALA E 323 -4.65 45.92 -13.51
N PRO E 324 -4.29 46.80 -12.58
CA PRO E 324 -4.73 48.21 -12.63
C PRO E 324 -3.81 49.11 -13.47
N ASP E 325 -2.99 48.51 -14.33
CA ASP E 325 -2.09 49.28 -15.17
C ASP E 325 -2.07 48.88 -16.63
N VAL E 326 -2.60 47.73 -16.99
CA VAL E 326 -2.47 47.39 -18.40
C VAL E 326 -3.86 47.14 -18.96
N MET E 327 -4.87 47.50 -18.17
CA MET E 327 -6.26 47.32 -18.56
C MET E 327 -6.46 47.83 -19.98
N ASN E 328 -5.62 48.78 -20.39
CA ASN E 328 -5.74 49.32 -21.73
C ASN E 328 -5.66 48.23 -22.79
N ASP E 329 -4.92 47.17 -22.51
CA ASP E 329 -4.89 46.02 -23.39
C ASP E 329 -6.20 45.25 -23.39
N LEU E 330 -7.12 45.60 -22.50
CA LEU E 330 -8.43 45.01 -22.49
C LEU E 330 -9.45 45.94 -23.09
N GLU E 331 -9.40 47.23 -22.73
CA GLU E 331 -10.28 48.16 -23.44
C GLU E 331 -10.11 48.09 -24.94
N ARG E 332 -8.87 47.97 -25.44
CA ARG E 332 -8.73 47.89 -26.89
C ARG E 332 -9.35 46.61 -27.42
N VAL E 333 -9.17 45.51 -26.71
CA VAL E 333 -9.64 44.27 -27.32
C VAL E 333 -11.15 44.17 -27.24
N ILE E 334 -11.76 44.54 -26.12
CA ILE E 334 -13.21 44.52 -26.09
C ILE E 334 -13.79 45.50 -27.09
N ALA E 335 -13.16 46.67 -27.25
CA ALA E 335 -13.62 47.62 -28.27
C ALA E 335 -13.54 47.01 -29.67
N GLN E 336 -12.52 46.18 -29.92
CA GLN E 336 -12.54 45.42 -31.15
C GLN E 336 -13.39 44.19 -31.08
N LEU E 337 -14.06 43.92 -29.97
CA LEU E 337 -14.90 42.75 -29.87
C LEU E 337 -16.40 43.05 -29.67
N ASP E 338 -16.81 44.32 -29.67
CA ASP E 338 -18.23 44.65 -29.56
C ASP E 338 -18.64 45.41 -30.82
N ILE E 339 -19.40 44.78 -31.72
CA ILE E 339 -19.62 45.33 -33.05
C ILE E 339 -20.95 44.81 -33.60
N ARG E 340 -21.77 45.73 -34.13
CA ARG E 340 -23.03 45.35 -34.76
C ARG E 340 -22.78 44.30 -35.83
N ARG E 341 -23.70 43.35 -35.97
CA ARG E 341 -23.48 42.30 -36.96
C ARG E 341 -24.57 42.24 -38.01
N PRO E 342 -24.22 42.24 -39.28
CA PRO E 342 -25.18 42.12 -40.37
C PRO E 342 -25.69 40.69 -40.52
N GLN E 343 -26.90 40.58 -41.02
CA GLN E 343 -27.57 39.31 -41.18
C GLN E 343 -28.07 39.15 -42.62
N VAL E 344 -28.21 37.90 -43.05
CA VAL E 344 -28.38 37.56 -44.45
C VAL E 344 -29.70 36.81 -44.63
N LEU E 345 -30.38 37.06 -45.75
CA LEU E 345 -31.64 36.44 -46.08
C LEU E 345 -31.41 35.33 -47.09
N VAL E 346 -31.78 34.11 -46.75
CA VAL E 346 -31.57 32.95 -47.60
C VAL E 346 -32.93 32.42 -48.03
N GLU E 347 -33.12 32.24 -49.32
CA GLU E 347 -34.25 31.54 -49.88
C GLU E 347 -33.80 30.55 -50.95
N ALA E 348 -34.36 29.36 -50.91
CA ALA E 348 -34.08 28.35 -51.92
C ALA E 348 -35.39 27.97 -52.58
N ILE E 349 -35.29 27.48 -53.81
CA ILE E 349 -36.46 27.14 -54.60
C ILE E 349 -36.21 25.77 -55.21
N ILE E 350 -37.27 25.01 -55.39
CA ILE E 350 -37.18 23.72 -56.06
C ILE E 350 -38.39 23.55 -56.94
N ALA E 351 -38.25 22.73 -57.97
CA ALA E 351 -39.38 22.43 -58.81
C ALA E 351 -39.04 21.25 -59.69
N GLU E 352 -40.05 20.46 -60.02
CA GLU E 352 -39.84 19.29 -60.84
C GLU E 352 -41.14 19.01 -61.59
N VAL E 353 -41.08 18.02 -62.47
CA VAL E 353 -42.26 17.54 -63.16
C VAL E 353 -42.14 16.03 -63.23
N GLN E 354 -43.28 15.36 -63.20
CA GLN E 354 -43.32 13.92 -63.31
C GLN E 354 -44.41 13.59 -64.30
N ASP E 355 -44.02 12.88 -65.36
CA ASP E 355 -44.91 12.61 -66.46
C ASP E 355 -44.72 11.18 -66.91
N ALA E 356 -45.78 10.58 -67.41
CA ALA E 356 -45.69 9.22 -67.90
C ALA E 356 -46.74 9.02 -68.99
N ASP E 357 -46.31 8.41 -70.08
CA ASP E 357 -47.21 8.08 -71.18
C ASP E 357 -47.29 6.57 -71.32
N GLY E 358 -48.41 6.11 -71.87
CA GLY E 358 -48.64 4.71 -72.02
C GLY E 358 -49.63 4.38 -73.11
N LEU E 359 -49.40 3.30 -73.84
CA LEU E 359 -50.29 2.91 -74.92
C LEU E 359 -50.38 1.40 -74.94
N ASN E 360 -51.42 0.87 -75.57
CA ASN E 360 -51.50 -0.57 -75.81
C ASN E 360 -52.48 -0.80 -76.95
N LEU E 361 -52.46 -2.03 -77.47
CA LEU E 361 -53.30 -2.42 -78.57
C LEU E 361 -53.19 -3.91 -78.82
N GLY E 362 -54.30 -4.55 -79.17
CA GLY E 362 -54.33 -5.97 -79.43
C GLY E 362 -55.72 -6.54 -79.70
N ILE E 363 -55.82 -7.61 -80.48
CA ILE E 363 -57.08 -8.25 -80.83
C ILE E 363 -57.06 -9.72 -80.40
N GLN E 364 -58.20 -10.39 -80.54
CA GLN E 364 -58.28 -11.82 -80.26
C GLN E 364 -59.42 -12.45 -81.05
N TRP E 365 -59.24 -13.73 -81.40
CA TRP E 365 -60.15 -14.47 -82.27
C TRP E 365 -60.60 -15.76 -81.61
N ALA E 366 -61.70 -16.30 -82.11
CA ALA E 366 -62.31 -17.48 -81.53
C ALA E 366 -63.24 -18.13 -82.53
N ASN E 367 -63.27 -19.46 -82.53
CA ASN E 367 -64.18 -20.18 -83.41
C ASN E 367 -64.34 -21.60 -82.89
N LYS E 368 -65.59 -22.07 -82.83
CA LYS E 368 -65.86 -23.41 -82.32
C LYS E 368 -65.06 -24.45 -83.09
N ASN E 369 -65.03 -24.34 -84.42
CA ASN E 369 -64.32 -25.30 -85.22
C ASN E 369 -62.86 -24.97 -85.43
N ALA E 370 -62.41 -23.79 -84.98
CA ALA E 370 -61.10 -23.29 -85.32
C ALA E 370 -60.32 -22.95 -84.06
N GLY E 371 -59.21 -22.25 -84.25
CA GLY E 371 -58.25 -22.06 -83.17
C GLY E 371 -58.66 -21.12 -82.07
N MET E 372 -57.68 -20.51 -81.42
CA MET E 372 -57.95 -19.62 -80.30
C MET E 372 -56.75 -18.72 -80.07
N THR E 373 -56.95 -17.41 -80.20
CA THR E 373 -55.87 -16.42 -80.11
C THR E 373 -56.08 -15.60 -78.83
N GLN E 374 -55.34 -15.93 -77.80
CA GLN E 374 -55.57 -15.35 -76.49
C GLN E 374 -54.45 -14.39 -76.13
N PHE E 375 -54.77 -13.37 -75.34
CA PHE E 375 -53.76 -12.47 -74.81
C PHE E 375 -54.16 -12.04 -73.41
N THR E 376 -53.36 -12.40 -72.40
CA THR E 376 -53.75 -12.13 -71.03
C THR E 376 -53.40 -10.72 -70.61
N ASN E 377 -52.34 -10.16 -71.18
CA ASN E 377 -51.97 -8.81 -70.81
C ASN E 377 -53.11 -7.84 -71.05
N SER E 378 -54.01 -8.17 -71.97
CA SER E 378 -55.06 -7.24 -72.38
C SER E 378 -56.04 -6.93 -71.25
N GLY E 379 -56.12 -7.79 -70.27
CA GLY E 379 -57.08 -7.62 -69.21
C GLY E 379 -58.27 -8.55 -69.30
N LEU E 380 -58.45 -9.22 -70.44
CA LEU E 380 -59.60 -10.09 -70.66
C LEU E 380 -59.26 -11.19 -71.65
N PRO E 381 -59.35 -12.44 -71.24
CA PRO E 381 -59.19 -13.53 -72.19
C PRO E 381 -60.41 -13.67 -73.11
N ILE E 382 -60.33 -14.61 -74.04
CA ILE E 382 -61.56 -15.03 -74.70
C ILE E 382 -62.41 -15.80 -73.70
N SER E 383 -61.77 -16.40 -72.69
CA SER E 383 -62.50 -17.13 -71.66
C SER E 383 -63.62 -16.27 -71.08
N THR E 384 -63.35 -14.99 -70.91
CA THR E 384 -64.40 -14.07 -70.51
C THR E 384 -65.57 -14.06 -71.48
N ALA E 385 -65.29 -14.28 -72.75
CA ALA E 385 -66.35 -14.20 -73.75
C ALA E 385 -67.10 -15.52 -73.88
N ILE E 386 -66.39 -16.59 -74.19
CA ILE E 386 -67.02 -17.88 -74.29
C ILE E 386 -67.78 -18.21 -73.01
N ALA E 387 -67.25 -17.80 -71.86
CA ALA E 387 -68.00 -17.95 -70.64
C ALA E 387 -69.01 -16.85 -70.42
N GLY E 388 -68.97 -15.77 -71.19
CA GLY E 388 -69.87 -14.67 -70.92
C GLY E 388 -71.19 -14.87 -71.63
N ALA E 389 -71.13 -15.43 -72.84
CA ALA E 389 -72.29 -15.48 -73.70
C ALA E 389 -73.04 -16.79 -73.56
N ASN E 390 -72.35 -17.92 -73.49
CA ASN E 390 -73.03 -19.18 -73.20
C ASN E 390 -73.65 -19.19 -71.81
N GLN E 391 -73.00 -18.56 -70.84
CA GLN E 391 -73.64 -18.38 -69.55
C GLN E 391 -74.74 -17.34 -69.59
N TYR E 392 -74.56 -16.29 -70.40
CA TYR E 392 -75.57 -15.27 -70.51
C TYR E 392 -76.84 -15.90 -71.08
N ASN E 393 -76.76 -16.30 -72.34
CA ASN E 393 -77.91 -16.86 -73.07
C ASN E 393 -78.33 -18.22 -72.54
N LYS E 394 -77.48 -18.89 -71.75
CA LYS E 394 -78.01 -20.01 -70.97
C LYS E 394 -78.93 -19.50 -69.87
N ASP E 395 -78.43 -18.63 -68.98
CA ASP E 395 -79.27 -18.02 -67.98
C ASP E 395 -80.25 -17.04 -68.55
N GLY E 396 -80.08 -16.62 -69.79
CA GLY E 396 -80.87 -15.54 -70.36
C GLY E 396 -80.22 -14.19 -70.14
N THR E 397 -79.63 -13.98 -68.98
CA THR E 397 -79.07 -12.67 -68.64
C THR E 397 -77.77 -12.86 -67.88
N ILE E 398 -77.24 -11.75 -67.37
CA ILE E 398 -75.97 -11.78 -66.65
C ILE E 398 -76.14 -12.59 -65.38
N SER E 399 -75.10 -13.35 -65.04
CA SER E 399 -74.97 -13.94 -63.72
C SER E 399 -73.61 -13.56 -63.17
N SER E 400 -73.59 -13.17 -61.88
CA SER E 400 -72.37 -12.65 -61.25
C SER E 400 -71.20 -13.64 -61.30
N SER E 401 -71.45 -14.90 -61.67
CA SER E 401 -70.37 -15.87 -61.84
C SER E 401 -69.34 -15.40 -62.86
N LEU E 402 -69.69 -14.47 -63.73
CA LEU E 402 -68.84 -14.07 -64.81
C LEU E 402 -67.62 -13.32 -64.27
N ALA E 403 -66.65 -13.12 -65.15
CA ALA E 403 -65.34 -12.63 -64.75
C ALA E 403 -65.47 -11.26 -64.10
N SER E 404 -65.19 -11.16 -62.81
CA SER E 404 -65.25 -9.87 -62.12
C SER E 404 -64.21 -8.88 -62.63
N ALA E 405 -63.35 -9.30 -63.55
CA ALA E 405 -62.34 -8.40 -64.09
C ALA E 405 -62.96 -7.19 -64.78
N LEU E 406 -64.17 -7.33 -65.30
CA LEU E 406 -64.84 -6.22 -65.96
C LEU E 406 -64.91 -4.99 -65.07
N GLY E 407 -64.99 -5.19 -63.74
CA GLY E 407 -65.02 -4.09 -62.80
C GLY E 407 -63.81 -3.20 -62.87
N SER E 408 -62.72 -3.69 -63.43
CA SER E 408 -61.50 -2.91 -63.46
C SER E 408 -61.11 -2.44 -64.87
N PHE E 409 -61.74 -3.00 -65.90
CA PHE E 409 -61.31 -2.74 -67.27
C PHE E 409 -61.43 -1.25 -67.59
N ASN E 410 -60.61 -0.81 -68.53
CA ASN E 410 -60.69 0.54 -69.07
C ASN E 410 -60.36 0.50 -70.55
N GLY E 411 -60.99 1.40 -71.31
CA GLY E 411 -60.79 1.44 -72.74
C GLY E 411 -62.02 1.07 -73.53
N ILE E 412 -61.81 0.57 -74.74
CA ILE E 412 -62.90 0.19 -75.62
C ILE E 412 -62.62 -1.21 -76.17
N ALA E 413 -63.70 -1.89 -76.54
CA ALA E 413 -63.63 -3.14 -77.27
C ALA E 413 -64.96 -3.32 -77.99
N ALA E 414 -64.91 -3.82 -79.21
CA ALA E 414 -66.05 -3.77 -80.12
C ALA E 414 -66.49 -5.18 -80.43
N GLY E 415 -67.76 -5.49 -80.15
CA GLY E 415 -68.27 -6.84 -80.32
C GLY E 415 -68.74 -7.07 -81.74
N PHE E 416 -68.30 -8.20 -82.32
CA PHE E 416 -68.71 -8.59 -83.64
C PHE E 416 -68.94 -10.09 -83.69
N TYR E 417 -69.92 -10.49 -84.48
CA TYR E 417 -70.24 -11.91 -84.67
C TYR E 417 -70.83 -12.12 -86.05
N GLN E 418 -70.21 -13.00 -86.85
CA GLN E 418 -70.76 -13.40 -88.15
C GLN E 418 -70.54 -14.91 -88.28
N GLY E 419 -71.53 -15.67 -87.82
CA GLY E 419 -71.44 -17.10 -87.86
C GLY E 419 -70.42 -17.61 -86.87
N ASN E 420 -69.36 -18.24 -87.37
CA ASN E 420 -68.48 -19.03 -86.54
C ASN E 420 -67.39 -18.23 -85.86
N TRP E 421 -67.09 -17.02 -86.34
CA TRP E 421 -65.91 -16.30 -85.88
C TRP E 421 -66.31 -15.23 -84.87
N ALA E 422 -65.29 -14.52 -84.39
CA ALA E 422 -65.43 -13.37 -83.49
C ALA E 422 -64.09 -12.66 -83.43
N MET E 423 -64.12 -11.44 -82.94
CA MET E 423 -62.86 -10.72 -82.74
C MET E 423 -63.13 -9.56 -81.80
N LEU E 424 -62.13 -9.24 -80.98
CA LEU E 424 -62.22 -8.16 -80.01
C LEU E 424 -61.00 -7.25 -80.17
N LEU E 425 -61.23 -6.00 -80.51
CA LEU E 425 -60.19 -4.97 -80.53
C LEU E 425 -60.03 -4.37 -79.14
N THR E 426 -58.80 -4.02 -78.79
CA THR E 426 -58.49 -3.55 -77.45
C THR E 426 -57.41 -2.49 -77.51
N ALA E 427 -57.66 -1.35 -76.90
CA ALA E 427 -56.68 -0.29 -76.87
C ALA E 427 -57.08 0.70 -75.80
N LEU E 428 -56.12 1.55 -75.44
CA LEU E 428 -56.35 2.62 -74.50
C LEU E 428 -55.14 3.52 -74.51
N SER E 429 -55.36 4.77 -74.13
CA SER E 429 -54.26 5.70 -73.92
C SER E 429 -54.42 6.29 -72.54
N SER E 430 -53.29 6.43 -71.85
CA SER E 430 -53.31 6.97 -70.51
C SER E 430 -52.05 7.80 -70.32
N SER E 431 -52.22 8.92 -69.59
CA SER E 431 -51.11 9.78 -69.30
C SER E 431 -51.35 10.41 -67.95
N THR E 432 -50.28 10.94 -67.38
CA THR E 432 -50.35 11.53 -66.05
C THR E 432 -49.26 12.56 -65.94
N LYS E 433 -49.56 13.68 -65.28
CA LYS E 433 -48.62 14.78 -65.16
C LYS E 433 -48.65 15.34 -63.74
N ASN E 434 -47.48 15.71 -63.23
CA ASN E 434 -47.32 16.13 -61.85
C ASN E 434 -46.28 17.22 -61.75
N ASP E 435 -46.56 18.23 -60.93
CA ASP E 435 -45.68 19.37 -60.70
C ASP E 435 -45.67 19.70 -59.22
N ILE E 436 -44.65 20.45 -58.82
CA ILE E 436 -44.43 20.87 -57.46
C ILE E 436 -43.62 22.16 -57.49
N LEU E 437 -43.55 22.83 -56.35
CA LEU E 437 -42.77 24.04 -56.24
C LEU E 437 -42.62 24.35 -54.77
N ALA E 438 -41.43 24.81 -54.38
CA ALA E 438 -41.19 25.07 -52.95
C ALA E 438 -40.22 26.21 -52.79
N THR E 439 -40.70 27.31 -52.19
CA THR E 439 -39.87 28.50 -51.99
C THR E 439 -39.95 28.90 -50.52
N PRO E 440 -39.03 28.41 -49.68
CA PRO E 440 -38.93 28.99 -48.34
C PRO E 440 -37.82 30.02 -48.19
N SER E 441 -37.98 30.91 -47.20
CA SER E 441 -37.05 32.02 -46.99
C SER E 441 -36.94 32.30 -45.51
N ILE E 442 -35.76 32.80 -45.10
CA ILE E 442 -35.50 33.00 -43.69
C ILE E 442 -34.38 34.00 -43.44
N VAL E 443 -34.23 34.47 -42.20
CA VAL E 443 -33.18 35.39 -41.77
C VAL E 443 -32.64 34.89 -40.46
N THR E 444 -31.40 35.25 -40.19
CA THR E 444 -30.72 34.87 -38.96
C THR E 444 -29.42 35.66 -38.90
N LEU E 445 -28.67 35.42 -37.84
CA LEU E 445 -27.35 36.02 -37.80
C LEU E 445 -26.39 35.05 -38.48
N ASP E 446 -25.11 35.41 -38.53
CA ASP E 446 -24.20 34.55 -39.28
C ASP E 446 -23.91 33.26 -38.51
N ASN E 447 -23.35 33.38 -37.32
CA ASN E 447 -22.75 32.22 -36.69
C ASN E 447 -23.81 31.25 -36.14
N MET E 448 -24.96 31.76 -35.68
CA MET E 448 -25.97 30.86 -35.13
C MET E 448 -26.81 30.27 -36.25
N GLN E 449 -27.10 28.99 -36.15
CA GLN E 449 -27.83 28.28 -37.19
C GLN E 449 -29.33 28.49 -37.00
N ALA E 450 -30.04 28.76 -38.06
CA ALA E 450 -31.49 28.67 -38.01
C ALA E 450 -31.95 27.44 -38.77
N THR E 451 -33.10 26.92 -38.39
CA THR E 451 -33.68 25.78 -39.08
C THR E 451 -35.18 25.98 -39.20
N PHE E 452 -35.77 25.30 -40.17
CA PHE E 452 -37.10 25.62 -40.61
C PHE E 452 -37.75 24.37 -41.21
N ASN E 453 -39.04 24.20 -40.98
CA ASN E 453 -39.69 23.04 -41.57
C ASN E 453 -41.20 23.19 -41.54
N VAL E 454 -41.84 22.56 -42.50
CA VAL E 454 -43.28 22.57 -42.65
C VAL E 454 -43.68 21.13 -42.93
N GLY E 455 -44.90 20.77 -42.55
CA GLY E 455 -45.41 19.46 -42.91
C GLY E 455 -45.87 18.67 -41.71
N GLN E 456 -46.52 17.56 -42.01
CA GLN E 456 -47.15 16.78 -40.97
C GLN E 456 -46.11 15.88 -40.29
N GLU E 457 -46.59 15.13 -39.30
CA GLU E 457 -45.72 14.26 -38.51
C GLU E 457 -46.42 12.95 -38.22
N VAL E 458 -45.70 11.84 -38.42
CA VAL E 458 -46.42 10.56 -38.40
C VAL E 458 -45.54 9.51 -37.73
N PRO E 459 -46.10 8.63 -36.94
CA PRO E 459 -45.28 7.67 -36.22
C PRO E 459 -45.15 6.29 -36.84
N VAL E 460 -43.93 5.80 -36.81
CA VAL E 460 -43.58 4.51 -37.34
C VAL E 460 -43.33 3.58 -36.14
N LEU E 461 -43.28 2.26 -36.41
CA LEU E 461 -43.11 1.29 -35.31
C LEU E 461 -41.66 0.82 -35.23
N THR E 462 -40.82 1.65 -34.67
CA THR E 462 -39.45 1.29 -34.36
C THR E 462 -39.26 1.35 -32.86
N THR E 475 -44.49 0.22 -29.23
CA THR E 475 -43.20 0.89 -29.27
C THR E 475 -42.94 1.61 -30.59
N VAL E 476 -42.97 2.95 -30.55
CA VAL E 476 -42.73 3.76 -31.74
C VAL E 476 -42.21 5.15 -31.39
N GLU E 477 -41.85 5.91 -32.41
CA GLU E 477 -41.33 7.27 -32.20
C GLU E 477 -41.98 8.28 -33.14
N ARG E 478 -41.58 9.54 -33.04
CA ARG E 478 -42.18 10.58 -33.89
C ARG E 478 -41.41 10.75 -35.20
N LYS E 479 -42.12 10.88 -36.32
CA LYS E 479 -41.43 11.04 -37.58
C LYS E 479 -42.09 12.19 -38.33
N THR E 480 -41.26 12.99 -39.00
CA THR E 480 -41.70 14.21 -39.67
C THR E 480 -41.53 14.04 -41.16
N VAL E 481 -42.46 14.61 -41.92
CA VAL E 481 -42.44 14.55 -43.37
C VAL E 481 -42.79 15.93 -43.91
N GLY E 482 -41.82 16.58 -44.51
CA GLY E 482 -42.11 17.88 -45.12
C GLY E 482 -40.97 18.54 -45.87
N ILE E 483 -40.60 19.76 -45.47
CA ILE E 483 -39.54 20.49 -46.13
C ILE E 483 -38.62 21.05 -45.06
N LYS E 484 -37.66 20.25 -44.60
CA LYS E 484 -36.76 20.62 -43.52
C LYS E 484 -35.54 21.31 -44.10
N LEU E 485 -35.61 22.62 -44.22
CA LEU E 485 -34.50 23.40 -44.77
C LEU E 485 -33.73 24.14 -43.69
N LYS E 486 -32.50 23.70 -43.45
CA LYS E 486 -31.64 24.32 -42.44
C LYS E 486 -30.31 24.74 -43.04
N VAL E 487 -29.73 25.83 -42.53
CA VAL E 487 -28.46 26.31 -43.03
C VAL E 487 -27.54 26.95 -42.00
N LYS E 488 -26.37 27.40 -42.48
CA LYS E 488 -25.38 28.04 -41.65
C LYS E 488 -24.68 29.11 -42.47
N PRO E 489 -24.97 30.37 -42.24
CA PRO E 489 -24.40 31.42 -43.09
C PRO E 489 -23.15 32.05 -42.52
N GLN E 490 -22.09 32.12 -43.32
CA GLN E 490 -20.85 32.76 -42.93
C GLN E 490 -20.53 33.85 -43.96
N ILE E 491 -20.46 35.10 -43.50
CA ILE E 491 -20.16 36.23 -44.38
C ILE E 491 -18.68 36.52 -44.28
N ASN E 492 -18.01 36.49 -45.43
CA ASN E 492 -16.55 36.50 -45.41
C ASN E 492 -16.00 37.83 -45.88
N GLU E 493 -16.01 38.00 -47.20
CA GLU E 493 -15.63 39.20 -47.90
C GLU E 493 -16.70 40.27 -47.66
N GLY E 494 -16.45 41.48 -48.17
CA GLY E 494 -17.49 42.45 -48.32
C GLY E 494 -18.79 41.85 -48.85
N ASP E 495 -18.71 41.12 -49.97
CA ASP E 495 -19.86 40.41 -50.51
C ASP E 495 -19.45 38.99 -50.90
N ALA E 496 -19.72 38.05 -50.02
CA ALA E 496 -19.70 36.62 -50.32
C ALA E 496 -20.25 35.90 -49.10
N VAL E 497 -20.72 34.68 -49.29
CA VAL E 497 -21.34 33.93 -48.21
C VAL E 497 -21.05 32.45 -48.35
N LEU E 498 -21.34 31.70 -47.28
CA LEU E 498 -21.01 30.29 -47.20
C LEU E 498 -22.20 29.59 -46.59
N LEU E 499 -22.65 28.53 -47.22
CA LEU E 499 -23.94 27.96 -46.90
C LEU E 499 -23.81 26.44 -46.87
N GLU E 500 -23.74 25.88 -45.65
CA GLU E 500 -23.75 24.43 -45.49
C GLU E 500 -25.18 23.99 -45.25
N ILE E 501 -25.90 23.93 -46.33
CA ILE E 501 -27.35 23.76 -46.29
C ILE E 501 -27.69 22.30 -46.45
N GLU E 502 -28.78 21.89 -45.82
CA GLU E 502 -29.32 20.58 -46.08
C GLU E 502 -30.82 20.56 -45.92
N GLN E 503 -31.50 19.75 -46.74
CA GLN E 503 -32.95 19.75 -46.70
C GLN E 503 -33.49 18.61 -47.53
N GLU E 504 -34.82 18.44 -47.41
CA GLU E 504 -35.50 17.39 -48.15
C GLU E 504 -36.95 17.78 -48.31
N VAL E 505 -37.52 17.41 -49.44
CA VAL E 505 -38.95 17.54 -49.62
C VAL E 505 -39.55 16.16 -49.62
N SER E 506 -40.21 15.81 -48.53
CA SER E 506 -40.70 14.47 -48.35
C SER E 506 -42.22 14.46 -48.35
N SER E 507 -42.78 13.36 -48.84
CA SER E 507 -44.20 13.15 -48.70
C SER E 507 -44.47 11.66 -48.56
N VAL E 508 -45.74 11.29 -48.50
CA VAL E 508 -46.14 9.89 -48.39
C VAL E 508 -47.20 9.66 -49.44
N ALA E 509 -47.04 8.59 -50.23
CA ALA E 509 -47.98 8.32 -51.31
C ALA E 509 -48.94 7.21 -50.92
N ASP E 510 -48.46 5.97 -51.00
CA ASP E 510 -49.19 4.82 -50.50
C ASP E 510 -50.46 4.59 -51.32
N SER E 511 -50.45 4.91 -52.62
CA SER E 511 -51.47 4.34 -53.50
C SER E 511 -51.57 2.85 -53.22
N ALA E 512 -50.44 2.13 -53.37
CA ALA E 512 -50.32 0.73 -53.00
C ALA E 512 -48.85 0.46 -52.78
N SER E 513 -48.50 -0.18 -51.67
CA SER E 513 -47.10 -0.33 -51.32
C SER E 513 -46.97 -1.56 -50.43
N SER E 514 -45.75 -1.85 -50.02
CA SER E 514 -45.46 -2.99 -49.17
C SER E 514 -45.68 -2.59 -47.71
N THR E 515 -46.86 -2.89 -47.19
CA THR E 515 -47.12 -2.91 -45.76
C THR E 515 -47.56 -4.30 -45.39
N SER E 516 -46.80 -4.95 -44.51
CA SER E 516 -47.04 -6.34 -44.19
C SER E 516 -47.80 -6.47 -42.87
N SER E 517 -48.62 -5.44 -42.59
CA SER E 517 -49.29 -5.30 -41.30
C SER E 517 -48.30 -4.98 -40.21
N ASP E 518 -47.21 -4.33 -40.62
CA ASP E 518 -46.12 -4.02 -39.71
C ASP E 518 -46.03 -2.52 -39.60
N LEU E 519 -45.43 -1.89 -40.61
CA LEU E 519 -45.11 -0.47 -40.64
C LEU E 519 -45.49 -0.03 -42.03
N GLY E 520 -46.46 0.86 -42.11
CA GLY E 520 -47.04 1.16 -43.42
C GLY E 520 -46.54 2.47 -43.96
N ALA E 521 -45.63 2.44 -44.93
CA ALA E 521 -44.93 3.68 -45.17
C ALA E 521 -44.07 3.59 -46.41
N THR E 522 -43.98 4.71 -47.11
CA THR E 522 -43.13 4.85 -48.28
C THR E 522 -42.14 5.98 -48.17
N PHE E 523 -42.57 7.13 -47.67
CA PHE E 523 -41.66 8.20 -47.32
C PHE E 523 -40.81 8.62 -48.50
N ASN E 524 -41.47 8.91 -49.63
CA ASN E 524 -40.77 9.47 -50.76
C ASN E 524 -39.99 10.71 -50.32
N THR E 525 -38.75 10.85 -50.77
CA THR E 525 -37.83 11.87 -50.24
C THR E 525 -36.77 12.21 -51.24
N ARG E 526 -36.30 13.46 -51.20
CA ARG E 526 -35.06 13.85 -51.82
C ARG E 526 -34.26 14.69 -50.84
N THR E 527 -32.97 14.42 -50.66
CA THR E 527 -32.19 14.99 -49.58
C THR E 527 -30.87 15.54 -50.11
N VAL E 528 -30.66 16.84 -49.93
CA VAL E 528 -29.44 17.51 -50.39
C VAL E 528 -28.64 18.03 -49.22
N ASN E 529 -27.33 18.07 -49.37
CA ASN E 529 -26.47 18.77 -48.42
C ASN E 529 -25.12 19.04 -49.07
N ASN E 530 -24.59 20.22 -48.83
CA ASN E 530 -23.32 20.62 -49.42
C ASN E 530 -22.93 21.97 -48.83
N ALA E 531 -21.86 22.53 -49.36
CA ALA E 531 -21.32 23.81 -48.94
C ALA E 531 -20.94 24.58 -50.20
N VAL E 532 -21.12 25.89 -50.19
CA VAL E 532 -20.92 26.67 -51.40
C VAL E 532 -20.52 28.10 -51.03
N LEU E 533 -19.72 28.72 -51.89
CA LEU E 533 -19.45 30.13 -51.83
C LEU E 533 -20.32 30.83 -52.84
N VAL E 534 -20.94 31.94 -52.44
CA VAL E 534 -21.92 32.60 -53.29
C VAL E 534 -21.81 34.11 -53.11
N GLY E 535 -22.01 34.84 -54.20
CA GLY E 535 -22.05 36.28 -54.10
C GLY E 535 -23.38 36.74 -53.56
N SER E 536 -23.46 38.01 -53.22
CA SER E 536 -24.60 38.48 -52.41
C SER E 536 -25.93 38.28 -53.10
N GLY E 537 -26.21 39.07 -54.14
CA GLY E 537 -27.42 38.91 -54.92
C GLY E 537 -27.22 38.12 -56.18
N GLU E 538 -27.47 36.81 -56.11
CA GLU E 538 -27.08 35.90 -57.19
C GLU E 538 -27.99 34.68 -57.19
N THR E 539 -28.42 34.28 -58.38
CA THR E 539 -29.11 33.02 -58.60
C THR E 539 -28.10 31.90 -58.82
N VAL E 540 -28.23 30.82 -58.07
CA VAL E 540 -27.18 29.82 -57.98
C VAL E 540 -27.79 28.43 -58.17
N VAL E 541 -27.25 27.67 -59.11
CA VAL E 541 -27.68 26.28 -59.31
C VAL E 541 -26.93 25.38 -58.33
N VAL E 542 -27.68 24.69 -57.49
CA VAL E 542 -27.07 23.83 -56.50
C VAL E 542 -27.09 22.38 -56.91
N GLY E 543 -28.25 21.84 -57.27
CA GLY E 543 -28.37 20.40 -57.45
C GLY E 543 -29.40 20.08 -58.51
N GLY E 544 -29.16 18.99 -59.23
CA GLY E 544 -29.96 18.74 -60.41
C GLY E 544 -30.10 17.29 -60.83
N LEU E 545 -31.29 16.91 -61.32
CA LEU E 545 -31.53 15.55 -61.77
C LEU E 545 -32.51 15.59 -62.94
N LEU E 546 -32.27 14.79 -63.98
CA LEU E 546 -33.19 14.70 -65.12
C LEU E 546 -33.11 13.34 -65.77
N ASP E 547 -34.24 12.65 -65.91
CA ASP E 547 -34.20 11.22 -66.22
C ASP E 547 -35.48 10.74 -66.90
N LYS E 548 -35.34 9.96 -67.97
CA LYS E 548 -36.42 9.24 -68.61
C LYS E 548 -36.29 7.73 -68.39
N THR E 549 -37.40 7.02 -68.61
CA THR E 549 -37.43 5.57 -68.38
C THR E 549 -38.51 4.94 -69.24
N VAL E 550 -38.10 4.12 -70.21
CA VAL E 550 -39.02 3.52 -71.17
C VAL E 550 -38.97 2.01 -71.06
N THR E 551 -40.11 1.39 -71.33
CA THR E 551 -40.16 -0.06 -71.39
C THR E 551 -41.22 -0.45 -72.43
N ASP E 552 -41.01 -1.61 -73.06
CA ASP E 552 -41.85 -2.13 -74.13
C ASP E 552 -42.20 -3.58 -73.87
N THR E 553 -43.36 -3.98 -74.38
CA THR E 553 -43.80 -5.37 -74.24
C THR E 553 -44.54 -5.80 -75.51
N ALA E 554 -44.01 -6.82 -76.20
CA ALA E 554 -44.63 -7.31 -77.42
C ALA E 554 -44.75 -8.83 -77.40
N ASP E 555 -45.73 -9.33 -78.15
CA ASP E 555 -45.95 -10.76 -78.32
C ASP E 555 -46.84 -10.99 -79.53
N LYS E 556 -46.48 -11.98 -80.35
CA LYS E 556 -47.21 -12.24 -81.59
C LYS E 556 -47.03 -13.69 -81.97
N VAL E 557 -48.05 -14.24 -82.63
CA VAL E 557 -47.92 -15.59 -83.19
C VAL E 557 -46.78 -15.60 -84.19
N PRO E 558 -45.87 -16.57 -84.12
CA PRO E 558 -44.65 -16.50 -84.95
C PRO E 558 -45.00 -16.53 -86.43
N LEU E 559 -44.08 -15.97 -87.23
CA LEU E 559 -44.17 -15.92 -88.69
C LEU E 559 -45.24 -14.98 -89.17
N LEU E 560 -46.03 -14.42 -88.28
CA LEU E 560 -47.17 -13.62 -88.66
C LEU E 560 -46.95 -12.19 -88.21
N GLY E 561 -47.90 -11.33 -88.49
CA GLY E 561 -47.73 -9.90 -88.21
C GLY E 561 -46.59 -9.25 -88.98
N ASP E 562 -45.99 -9.96 -89.94
CA ASP E 562 -44.79 -9.44 -90.56
C ASP E 562 -45.11 -8.40 -91.62
N ILE E 563 -46.24 -8.50 -92.31
CA ILE E 563 -46.64 -7.43 -93.22
C ILE E 563 -47.21 -6.28 -92.40
N PRO E 564 -46.47 -5.20 -92.25
CA PRO E 564 -46.86 -4.16 -91.27
C PRO E 564 -48.28 -3.67 -91.49
N VAL E 565 -48.62 -3.31 -92.73
CA VAL E 565 -49.98 -2.80 -92.99
C VAL E 565 -51.01 -3.89 -92.77
N ILE E 566 -50.75 -5.10 -93.20
CA ILE E 566 -51.76 -6.14 -93.10
C ILE E 566 -51.60 -6.85 -91.76
N GLY E 567 -50.42 -7.43 -91.55
CA GLY E 567 -50.19 -8.32 -90.41
C GLY E 567 -50.38 -7.66 -89.06
N ALA E 568 -50.57 -6.34 -89.02
CA ALA E 568 -50.74 -5.62 -87.75
C ALA E 568 -51.86 -6.20 -86.91
N LEU E 569 -52.63 -7.13 -87.43
CA LEU E 569 -53.75 -7.72 -86.74
C LEU E 569 -53.36 -8.88 -85.80
N PHE E 570 -52.10 -9.19 -85.65
CA PHE E 570 -51.74 -10.26 -84.76
C PHE E 570 -50.81 -9.85 -83.62
N ARG E 571 -50.02 -8.79 -83.78
CA ARG E 571 -49.22 -8.26 -82.67
C ARG E 571 -50.12 -7.89 -81.51
N SER E 572 -49.48 -7.75 -80.35
CA SER E 572 -50.15 -7.22 -79.17
C SER E 572 -49.13 -6.42 -78.37
N ASP E 573 -49.39 -5.12 -78.20
CA ASP E 573 -48.38 -4.14 -77.85
C ASP E 573 -48.75 -3.46 -76.55
N SER E 574 -47.77 -3.31 -75.68
CA SER E 574 -47.94 -2.43 -74.53
C SER E 574 -46.64 -1.66 -74.31
N LYS E 575 -46.71 -0.33 -74.45
CA LYS E 575 -45.54 0.51 -74.33
C LYS E 575 -45.85 1.62 -73.33
N LYS E 576 -44.82 2.06 -72.62
CA LYS E 576 -44.99 3.13 -71.66
C LYS E 576 -43.63 3.76 -71.37
N VAL E 577 -43.67 5.02 -70.97
CA VAL E 577 -42.48 5.80 -70.66
C VAL E 577 -42.70 6.58 -69.37
N SER E 578 -41.59 7.04 -68.79
CA SER E 578 -41.65 7.98 -67.68
C SER E 578 -40.44 8.91 -67.76
N LYS E 579 -40.70 10.20 -67.66
CA LYS E 579 -39.65 11.21 -67.67
C LYS E 579 -39.68 11.98 -66.37
N ARG E 580 -38.53 12.52 -65.97
CA ARG E 580 -38.39 13.18 -64.66
C ARG E 580 -37.24 14.15 -64.67
N ASN E 581 -37.35 15.20 -63.86
CA ASN E 581 -36.30 16.20 -63.79
C ASN E 581 -36.40 16.89 -62.45
N LEU E 582 -35.29 17.41 -61.93
CA LEU E 582 -35.29 18.03 -60.62
C LEU E 582 -34.19 19.07 -60.55
N MET E 583 -34.54 20.27 -60.05
CA MET E 583 -33.61 21.38 -60.03
C MET E 583 -33.65 22.15 -58.72
N LEU E 584 -32.45 22.53 -58.25
CA LEU E 584 -32.27 23.20 -56.98
C LEU E 584 -31.57 24.56 -57.18
N PHE E 585 -32.12 25.61 -56.58
CA PHE E 585 -31.51 26.93 -56.62
C PHE E 585 -31.59 27.62 -55.27
N ILE E 586 -30.52 28.35 -54.95
CA ILE E 586 -30.41 29.13 -53.73
C ILE E 586 -30.01 30.54 -54.07
N ARG E 587 -30.38 31.49 -53.21
CA ARG E 587 -29.90 32.86 -53.39
C ARG E 587 -29.99 33.63 -52.08
N PRO E 588 -28.88 34.11 -51.57
CA PRO E 588 -28.91 34.95 -50.38
C PRO E 588 -29.06 36.42 -50.73
N THR E 589 -29.07 37.27 -49.70
CA THR E 589 -28.89 38.71 -49.78
C THR E 589 -28.37 39.20 -48.46
N ILE E 590 -27.38 40.05 -48.52
CA ILE E 590 -26.89 40.66 -47.29
C ILE E 590 -27.78 41.84 -46.91
N ILE E 591 -27.86 42.12 -45.62
CA ILE E 591 -28.62 43.24 -45.11
C ILE E 591 -27.81 43.90 -44.00
N ARG E 592 -27.48 45.19 -44.14
CA ARG E 592 -26.61 45.82 -43.17
C ARG E 592 -27.37 46.52 -42.05
N ASP E 593 -28.38 47.32 -42.42
CA ASP E 593 -29.03 48.17 -41.44
C ASP E 593 -30.51 48.36 -41.82
N ARG E 594 -31.15 49.24 -41.08
CA ARG E 594 -32.59 49.52 -41.24
C ARG E 594 -32.98 49.77 -42.68
N ASP E 595 -32.28 50.70 -43.31
CA ASP E 595 -32.61 51.10 -44.66
C ASP E 595 -32.69 49.89 -45.58
N GLU E 596 -31.55 49.21 -45.76
CA GLU E 596 -31.52 47.97 -46.53
C GLU E 596 -32.60 47.00 -46.11
N TYR E 597 -33.03 47.06 -44.86
CA TYR E 597 -34.06 46.13 -44.42
C TYR E 597 -35.42 46.45 -45.03
N ARG E 598 -35.77 47.74 -45.10
CA ARG E 598 -37.12 48.10 -45.55
C ARG E 598 -37.42 47.55 -46.93
N GLN E 599 -36.50 47.72 -47.89
CA GLN E 599 -36.76 47.22 -49.23
C GLN E 599 -36.97 45.72 -49.23
N ALA E 600 -36.13 44.99 -48.48
CA ALA E 600 -36.22 43.54 -48.52
C ALA E 600 -37.57 43.08 -48.01
N SER E 601 -37.94 43.59 -46.83
CA SER E 601 -39.21 43.18 -46.27
C SER E 601 -40.38 43.62 -47.15
N SER E 602 -40.54 44.92 -47.31
CA SER E 602 -41.68 45.43 -48.07
C SER E 602 -41.81 44.71 -49.40
N GLY E 603 -40.78 44.81 -50.24
CA GLY E 603 -40.85 44.15 -51.54
C GLY E 603 -41.24 42.69 -51.46
N GLN E 604 -40.56 41.94 -50.60
CA GLN E 604 -40.87 40.52 -50.47
C GLN E 604 -42.33 40.30 -50.11
N TYR E 605 -42.81 41.06 -49.12
CA TYR E 605 -44.21 41.00 -48.72
C TYR E 605 -45.15 41.26 -49.88
N THR E 606 -44.79 42.22 -50.73
CA THR E 606 -45.54 42.43 -51.96
C THR E 606 -45.55 41.19 -52.82
N ALA E 607 -44.40 40.54 -52.98
CA ALA E 607 -44.36 39.26 -53.66
C ALA E 607 -45.38 38.30 -53.08
N PHE E 608 -45.62 38.36 -51.77
CA PHE E 608 -46.68 37.57 -51.17
C PHE E 608 -48.05 38.01 -51.67
N ASN E 609 -48.36 39.30 -51.49
CA ASN E 609 -49.68 39.81 -51.84
C ASN E 609 -49.99 39.60 -53.32
N ASN E 610 -48.97 39.52 -54.17
CA ASN E 610 -49.21 39.25 -55.59
C ASN E 610 -50.03 38.02 -55.80
N ALA E 611 -49.57 36.87 -55.30
CA ALA E 611 -50.32 35.65 -55.47
C ALA E 611 -51.55 35.63 -54.59
N GLN E 612 -51.44 36.18 -53.38
CA GLN E 612 -52.58 36.22 -52.47
C GLN E 612 -53.81 36.84 -53.12
N THR E 613 -53.70 38.12 -53.46
CA THR E 613 -54.79 38.86 -54.08
C THR E 613 -54.94 38.54 -55.57
N LYS E 614 -54.10 37.64 -56.07
CA LYS E 614 -54.11 37.27 -57.50
C LYS E 614 -55.44 36.77 -58.10
N GLN E 615 -56.14 35.90 -57.37
CA GLN E 615 -57.38 35.32 -57.87
C GLN E 615 -58.59 35.98 -57.21
N ARG E 616 -58.87 35.59 -55.97
CA ARG E 616 -60.00 36.14 -55.23
C ARG E 616 -59.75 37.54 -54.68
N GLY E 617 -60.60 38.49 -55.07
CA GLY E 617 -60.48 39.86 -54.62
C GLY E 617 -61.24 40.19 -53.35
N LYS E 618 -60.61 39.91 -52.20
CA LYS E 618 -61.23 40.17 -50.91
C LYS E 618 -60.50 41.29 -50.17
N GLU E 619 -61.20 41.94 -49.24
CA GLU E 619 -60.62 43.02 -48.46
C GLU E 619 -60.08 42.30 -47.22
N SER E 620 -58.88 42.66 -46.79
CA SER E 620 -58.29 42.00 -45.63
C SER E 620 -57.69 42.84 -44.50
N SER E 621 -58.39 42.82 -43.36
CA SER E 621 -57.98 43.46 -42.13
C SER E 621 -56.53 43.21 -41.74
N GLU E 622 -56.15 41.95 -41.66
CA GLU E 622 -54.79 41.63 -41.27
C GLU E 622 -53.80 42.14 -42.29
N ALA E 623 -53.87 41.62 -43.52
CA ALA E 623 -52.90 42.00 -44.53
C ALA E 623 -52.75 43.51 -44.61
N SER E 624 -53.84 44.21 -44.91
CA SER E 624 -53.76 45.65 -45.01
C SER E 624 -53.11 46.31 -43.81
N LEU E 625 -53.59 45.97 -42.61
CA LEU E 625 -53.03 46.56 -41.40
C LEU E 625 -51.53 46.33 -41.32
N SER E 626 -51.11 45.08 -41.57
CA SER E 626 -49.70 44.72 -41.58
C SER E 626 -48.91 45.58 -42.54
N ASN E 627 -49.50 45.84 -43.71
CA ASN E 627 -48.89 46.79 -44.65
C ASN E 627 -48.73 48.15 -44.03
N ASP E 628 -49.76 48.64 -43.34
CA ASP E 628 -49.62 49.87 -42.59
C ASP E 628 -48.41 49.83 -41.67
N LEU E 629 -48.09 48.66 -41.12
CA LEU E 629 -46.86 48.52 -40.35
C LEU E 629 -45.64 48.70 -41.23
N LEU E 630 -45.54 47.90 -42.29
CA LEU E 630 -44.36 47.91 -43.14
C LEU E 630 -44.13 49.29 -43.77
N HIS E 631 -45.17 50.09 -43.92
CA HIS E 631 -45.01 51.43 -44.45
C HIS E 631 -44.00 52.23 -43.66
N ILE E 632 -44.21 52.33 -42.35
CA ILE E 632 -43.31 53.07 -41.48
C ILE E 632 -41.91 52.47 -41.51
N GLN E 639 -50.83 59.74 -40.68
CA GLN E 639 -52.20 59.26 -40.59
C GLN E 639 -53.07 59.83 -41.69
N ALA E 640 -52.75 61.05 -42.12
CA ALA E 640 -53.48 61.71 -43.18
C ALA E 640 -53.24 61.05 -44.53
N PHE E 641 -51.98 60.74 -44.82
CA PHE E 641 -51.61 60.10 -46.08
C PHE E 641 -52.41 58.81 -46.22
N ARG E 642 -52.71 58.17 -45.10
CA ARG E 642 -53.47 56.93 -45.11
C ARG E 642 -54.92 57.16 -45.54
N GLN E 643 -55.35 58.41 -45.48
CA GLN E 643 -56.71 58.78 -45.87
C GLN E 643 -56.85 59.07 -47.34
N VAL E 644 -55.97 59.93 -47.83
CA VAL E 644 -56.00 60.35 -49.21
C VAL E 644 -55.66 59.21 -50.18
N SER E 645 -54.59 58.45 -49.89
CA SER E 645 -54.19 57.30 -50.76
C SER E 645 -55.29 56.25 -50.80
N ALA E 646 -55.87 55.99 -49.65
CA ALA E 646 -57.05 55.14 -49.55
C ALA E 646 -58.18 55.63 -50.47
N ALA E 647 -58.53 56.91 -50.35
CA ALA E 647 -59.64 57.45 -51.15
C ALA E 647 -59.36 57.30 -52.62
N ILE E 648 -58.15 57.66 -53.06
CA ILE E 648 -57.74 57.47 -54.47
C ILE E 648 -57.98 56.01 -54.88
N ASP E 649 -57.55 55.06 -54.04
CA ASP E 649 -57.75 53.62 -54.27
C ASP E 649 -59.22 53.30 -54.47
N ALA E 650 -60.07 53.78 -53.56
CA ALA E 650 -61.51 53.60 -53.70
C ALA E 650 -61.93 54.02 -55.08
N PHE E 651 -61.56 55.24 -55.44
CA PHE E 651 -62.01 55.81 -56.70
C PHE E 651 -61.70 54.88 -57.86
N ASN E 652 -60.50 54.32 -57.89
CA ASN E 652 -60.09 53.53 -59.05
C ASN E 652 -60.43 52.04 -58.90
N LEU E 653 -61.73 51.77 -58.86
CA LEU E 653 -62.30 50.42 -58.86
C LEU E 653 -63.30 50.32 -59.99
N SER F 28 42.63 70.31 79.43
CA SER F 28 42.80 70.68 78.05
C SER F 28 43.78 69.72 77.38
N ALA F 29 43.55 69.47 76.09
CA ALA F 29 44.32 68.48 75.35
C ALA F 29 45.56 69.11 74.72
N SER F 30 46.46 69.60 75.60
CA SER F 30 47.67 70.26 75.13
C SER F 30 48.84 69.28 75.16
N PHE F 31 48.95 68.50 74.09
CA PHE F 31 49.99 67.49 73.98
C PHE F 31 50.91 67.81 72.80
N LYS F 32 52.19 68.00 73.11
CA LYS F 32 53.18 68.33 72.10
C LYS F 32 54.23 67.24 72.00
N GLY F 33 54.31 66.60 70.83
CA GLY F 33 55.24 65.52 70.59
C GLY F 33 55.15 64.39 71.58
N THR F 34 54.05 64.29 72.30
CA THR F 34 53.91 63.29 73.35
C THR F 34 53.86 61.88 72.77
N ASP F 35 54.66 60.98 73.32
CA ASP F 35 54.69 59.61 72.83
C ASP F 35 53.38 58.90 73.14
N ILE F 36 52.98 58.03 72.21
CA ILE F 36 51.73 57.29 72.37
C ILE F 36 51.75 56.49 73.66
N GLN F 37 52.91 55.99 74.07
CA GLN F 37 53.00 55.26 75.33
C GLN F 37 52.71 56.17 76.52
N GLU F 38 53.49 57.23 76.67
CA GLU F 38 53.17 58.17 77.73
C GLU F 38 51.83 58.84 77.52
N PHE F 39 51.29 58.81 76.30
CA PHE F 39 49.92 59.26 76.08
C PHE F 39 48.94 58.38 76.83
N ILE F 40 49.02 57.07 76.62
CA ILE F 40 48.12 56.15 77.31
C ILE F 40 48.42 56.14 78.80
N ASN F 41 49.68 56.24 79.16
CA ASN F 41 50.10 56.09 80.54
C ASN F 41 49.83 57.35 81.35
N THR F 42 49.63 58.48 80.71
CA THR F 42 49.28 59.73 81.38
C THR F 42 47.80 60.05 81.30
N VAL F 43 47.26 60.10 80.07
CA VAL F 43 45.83 60.26 79.89
C VAL F 43 45.08 59.19 80.69
N SER F 44 45.58 57.95 80.68
CA SER F 44 45.02 56.93 81.56
C SER F 44 44.97 57.41 83.00
N LYS F 45 46.09 57.89 83.52
CA LYS F 45 46.13 58.42 84.87
C LYS F 45 44.99 59.40 85.12
N ASN F 46 44.84 60.37 84.21
CA ASN F 46 43.77 61.34 84.35
C ASN F 46 42.41 60.70 84.31
N LEU F 47 42.23 59.71 83.44
CA LEU F 47 40.95 59.03 83.31
C LEU F 47 40.68 58.13 84.51
N ASN F 48 41.75 57.56 85.11
CA ASN F 48 41.69 56.69 86.27
C ASN F 48 41.24 55.28 85.92
N LYS F 49 41.41 54.88 84.67
CA LYS F 49 41.04 53.57 84.19
C LYS F 49 42.25 52.72 83.83
N THR F 50 42.20 51.43 84.15
CA THR F 50 43.30 50.51 83.86
C THR F 50 43.42 50.36 82.34
N VAL F 51 44.62 50.03 81.87
CA VAL F 51 44.74 49.80 80.43
C VAL F 51 45.96 48.94 80.13
N ILE F 52 45.78 47.94 79.28
CA ILE F 52 46.90 47.10 78.86
C ILE F 52 47.25 47.45 77.41
N ILE F 53 48.49 47.88 77.21
CA ILE F 53 49.04 48.18 75.90
C ILE F 53 49.65 46.90 75.37
N ASP F 54 49.61 46.72 74.04
CA ASP F 54 50.32 45.60 73.43
C ASP F 54 51.60 46.09 72.77
N PRO F 55 52.57 45.18 72.48
CA PRO F 55 53.81 45.64 71.87
C PRO F 55 53.60 46.11 70.42
N SER F 56 54.72 46.43 69.76
CA SER F 56 54.70 46.87 68.38
C SER F 56 53.84 48.11 68.20
N VAL F 57 53.80 48.94 69.22
CA VAL F 57 53.05 50.18 69.23
C VAL F 57 54.07 51.29 69.45
N ARG F 58 54.51 51.91 68.36
CA ARG F 58 55.61 52.88 68.40
C ARG F 58 55.19 54.13 67.66
N GLY F 59 55.22 55.27 68.32
CA GLY F 59 54.86 56.50 67.66
C GLY F 59 54.55 57.60 68.66
N THR F 60 54.00 58.70 68.13
CA THR F 60 53.76 59.93 68.88
C THR F 60 52.71 60.76 68.16
N ILE F 61 52.18 61.74 68.88
CA ILE F 61 51.26 62.71 68.35
C ILE F 61 51.77 64.10 68.70
N THR F 62 51.03 65.10 68.26
CA THR F 62 51.23 66.46 68.72
C THR F 62 50.02 67.27 68.35
N VAL F 63 49.60 68.14 69.25
CA VAL F 63 48.35 68.86 69.03
C VAL F 63 48.27 70.03 69.99
N ARG F 64 47.71 71.14 69.52
CA ARG F 64 47.38 72.25 70.40
C ARG F 64 45.87 72.36 70.51
N SER F 65 45.37 72.45 71.74
CA SER F 65 43.94 72.59 71.98
C SER F 65 43.70 73.85 72.79
N TYR F 66 42.57 74.48 72.50
CA TYR F 66 42.18 75.71 73.16
C TYR F 66 41.06 75.55 74.17
N ASP F 67 40.13 74.63 73.93
CA ASP F 67 39.00 74.36 74.82
C ASP F 67 39.26 73.10 75.66
N MET F 68 38.54 73.02 76.77
CA MET F 68 38.77 71.99 77.78
C MET F 68 37.84 70.80 77.56
N LEU F 69 38.39 69.58 77.72
CA LEU F 69 37.70 68.34 77.34
C LEU F 69 37.93 67.30 78.43
N ASN F 70 37.19 67.37 79.54
CA ASN F 70 37.21 66.26 80.49
C ASN F 70 35.89 65.52 80.66
N GLU F 71 34.74 66.18 80.47
CA GLU F 71 33.52 65.57 80.95
C GLU F 71 33.21 64.26 80.23
N GLU F 72 32.85 64.34 78.96
CA GLU F 72 32.63 63.13 78.18
C GLU F 72 33.48 63.23 76.92
N GLN F 73 33.73 64.47 76.51
CA GLN F 73 34.48 64.70 75.30
C GLN F 73 35.94 64.32 75.50
N TYR F 74 36.34 64.13 76.75
CA TYR F 74 37.65 63.57 77.07
C TYR F 74 37.82 62.17 76.45
N TYR F 75 37.05 61.22 76.95
CA TYR F 75 37.08 59.86 76.41
C TYR F 75 36.73 59.86 74.93
N GLN F 76 35.79 60.71 74.52
CA GLN F 76 35.43 60.82 73.12
C GLN F 76 36.66 61.08 72.26
N PHE F 77 37.29 62.23 72.51
CA PHE F 77 38.40 62.65 71.67
C PHE F 77 39.61 61.75 71.85
N PHE F 78 39.78 61.17 73.04
CA PHE F 78 40.83 60.19 73.26
C PHE F 78 40.73 59.07 72.24
N LEU F 79 39.57 58.41 72.21
CA LEU F 79 39.36 57.34 71.25
C LEU F 79 39.47 57.84 69.81
N SER F 80 39.07 59.10 69.55
CA SER F 80 39.27 59.62 68.21
C SER F 80 40.75 59.67 67.84
N VAL F 81 41.61 60.07 68.77
CA VAL F 81 43.02 60.18 68.46
C VAL F 81 43.61 58.82 68.19
N LEU F 82 43.28 57.85 69.03
CA LEU F 82 43.68 56.49 68.74
C LEU F 82 43.18 56.05 67.36
N ASP F 83 42.02 56.56 66.96
CA ASP F 83 41.44 56.19 65.69
C ASP F 83 42.23 56.75 64.51
N VAL F 84 42.83 57.93 64.67
CA VAL F 84 43.53 58.54 63.56
C VAL F 84 44.68 57.66 63.10
N TYR F 85 45.54 57.28 64.03
CA TYR F 85 46.63 56.38 63.68
C TYR F 85 46.14 54.99 63.30
N GLY F 86 44.84 54.72 63.50
CA GLY F 86 44.33 53.40 63.24
C GLY F 86 44.66 52.38 64.30
N PHE F 87 45.51 52.70 65.28
CA PHE F 87 45.66 51.82 66.41
C PHE F 87 44.34 51.84 67.17
N ALA F 88 43.68 50.71 67.26
CA ALA F 88 42.31 50.70 67.74
C ALA F 88 42.25 50.06 69.12
N VAL F 89 41.20 50.40 69.83
CA VAL F 89 41.00 49.85 71.16
C VAL F 89 39.55 49.40 71.34
N ILE F 90 39.37 48.41 72.22
CA ILE F 90 38.08 47.90 72.63
C ILE F 90 37.97 48.00 74.14
N ASN F 91 36.86 48.53 74.62
CA ASN F 91 36.65 48.68 76.07
C ASN F 91 35.72 47.58 76.57
N MET F 92 35.90 47.22 77.84
CA MET F 92 35.15 46.14 78.43
C MET F 92 34.46 46.66 79.69
N ASN F 93 33.61 45.82 80.27
CA ASN F 93 32.74 46.22 81.36
C ASN F 93 33.44 46.06 82.70
N ASN F 94 33.89 44.85 83.01
CA ASN F 94 34.53 44.55 84.29
C ASN F 94 35.87 45.24 84.43
N GLY F 95 36.75 45.08 83.45
CA GLY F 95 37.96 45.85 83.36
C GLY F 95 37.84 46.88 82.24
N VAL F 96 38.87 47.71 82.12
CA VAL F 96 38.86 48.79 81.15
C VAL F 96 39.39 48.27 79.82
N LEU F 97 39.49 49.16 78.84
CA LEU F 97 39.81 48.83 77.46
C LEU F 97 41.23 48.26 77.33
N LYS F 98 41.59 47.96 76.08
CA LYS F 98 42.89 47.41 75.70
C LYS F 98 43.26 48.01 74.36
N VAL F 99 44.51 47.83 73.97
CA VAL F 99 45.03 48.32 72.70
C VAL F 99 45.44 47.12 71.87
N VAL F 100 44.92 47.05 70.64
CA VAL F 100 45.25 45.94 69.75
C VAL F 100 46.12 46.45 68.60
N ARG F 101 46.87 45.53 68.03
CA ARG F 101 47.66 45.75 66.84
C ARG F 101 47.08 45.02 65.63
N ALA F 102 46.05 44.17 65.83
CA ALA F 102 45.34 43.49 64.75
C ALA F 102 44.23 44.34 64.14
N LYS F 103 43.77 45.37 64.85
CA LYS F 103 42.82 46.35 64.35
C LYS F 103 41.49 45.77 63.90
N ASP F 104 41.23 44.50 64.15
CA ASP F 104 40.07 43.86 63.55
C ASP F 104 38.99 43.59 64.59
N ALA F 105 37.77 43.38 64.05
CA ALA F 105 36.69 42.84 64.85
C ALA F 105 36.96 41.39 65.30
N LYS F 106 37.92 40.73 64.66
CA LYS F 106 38.26 39.34 64.99
C LYS F 106 38.74 39.14 66.43
N THR F 107 38.85 40.24 67.18
CA THR F 107 39.30 40.18 68.57
C THR F 107 38.46 39.52 69.66
N SER F 108 37.37 38.87 69.24
CA SER F 108 36.47 38.21 70.18
C SER F 108 35.65 39.22 70.96
N ALA F 109 35.78 40.49 70.60
CA ALA F 109 35.05 41.56 71.27
C ALA F 109 34.50 42.44 70.14
N VAL F 110 33.17 42.54 70.09
CA VAL F 110 32.51 43.35 69.07
C VAL F 110 31.13 43.73 69.59
N PRO F 111 30.99 44.79 70.40
CA PRO F 111 29.64 45.13 70.89
C PRO F 111 28.79 45.57 69.72
N VAL F 112 27.66 44.91 69.53
CA VAL F 112 26.86 45.07 68.31
C VAL F 112 25.63 45.89 68.65
N ALA F 113 25.47 47.02 67.97
CA ALA F 113 24.27 47.83 68.14
C ALA F 113 23.04 47.10 67.60
N SER F 114 21.89 47.50 68.12
CA SER F 114 20.62 46.91 67.71
C SER F 114 19.68 47.95 67.12
N ALA F 115 20.23 48.95 66.44
CA ALA F 115 19.54 49.95 65.64
C ALA F 115 18.92 51.05 66.51
N ALA F 116 19.02 50.93 67.83
CA ALA F 116 18.67 52.04 68.70
C ALA F 116 19.88 52.80 69.21
N ALA F 117 20.99 52.12 69.42
CA ALA F 117 22.25 52.77 69.77
C ALA F 117 23.21 52.76 68.60
N PRO F 118 23.19 53.79 67.74
CA PRO F 118 24.26 53.89 66.72
C PRO F 118 25.61 54.21 67.29
N GLY F 119 25.70 54.58 68.57
CA GLY F 119 26.99 54.91 69.13
C GLY F 119 27.48 56.23 68.57
N GLU F 120 28.80 56.29 68.33
CA GLU F 120 29.42 57.48 67.77
C GLU F 120 30.72 57.05 67.12
N GLY F 121 31.21 57.86 66.20
CA GLY F 121 32.18 57.44 65.19
C GLY F 121 33.37 56.70 65.77
N ASP F 122 33.65 56.93 67.03
CA ASP F 122 34.89 56.44 67.60
C ASP F 122 34.89 54.94 67.77
N GLU F 123 33.77 54.36 68.19
CA GLU F 123 33.75 52.95 68.58
C GLU F 123 33.58 52.03 67.37
N VAL F 124 33.84 50.75 67.60
CA VAL F 124 33.72 49.71 66.58
C VAL F 124 32.58 48.79 66.98
N VAL F 125 31.61 48.62 66.08
CA VAL F 125 30.48 47.74 66.32
C VAL F 125 30.46 46.68 65.22
N THR F 126 29.43 45.83 65.20
CA THR F 126 29.22 44.92 64.09
C THR F 126 27.71 44.87 63.83
N ARG F 127 27.27 45.54 62.79
CA ARG F 127 25.85 45.70 62.53
C ARG F 127 25.40 44.77 61.43
N VAL F 128 24.08 44.62 61.34
CA VAL F 128 23.49 43.70 60.39
C VAL F 128 22.09 44.15 60.08
N VAL F 129 21.67 43.93 58.84
CA VAL F 129 20.28 44.24 58.53
C VAL F 129 19.75 43.22 57.51
N PRO F 130 18.53 42.74 57.67
CA PRO F 130 17.92 41.93 56.62
C PRO F 130 17.36 42.74 55.46
N LEU F 131 18.20 42.96 54.46
CA LEU F 131 17.79 43.67 53.25
C LEU F 131 16.72 42.90 52.49
N THR F 132 15.59 43.54 52.21
CA THR F 132 14.38 42.83 51.84
C THR F 132 13.96 42.94 50.38
N ASN F 133 14.61 43.76 49.57
CA ASN F 133 14.09 43.99 48.22
C ASN F 133 15.08 43.72 47.10
N VAL F 134 16.36 43.55 47.38
CA VAL F 134 17.40 43.64 46.36
C VAL F 134 18.36 42.49 46.53
N ALA F 135 18.94 42.03 45.42
CA ALA F 135 20.02 41.08 45.50
C ALA F 135 21.14 41.66 46.33
N ALA F 136 21.53 40.94 47.39
CA ALA F 136 22.61 41.36 48.27
C ALA F 136 23.99 40.96 47.77
N ARG F 137 24.13 40.55 46.51
CA ARG F 137 25.47 40.32 46.00
C ARG F 137 26.09 41.58 45.42
N ASP F 138 25.39 42.28 44.53
CA ASP F 138 26.07 43.25 43.71
C ASP F 138 26.47 44.51 44.48
N LEU F 139 25.69 44.90 45.48
CA LEU F 139 26.11 46.03 46.29
C LEU F 139 27.28 45.69 47.19
N ALA F 140 27.69 44.45 47.22
CA ALA F 140 28.74 43.96 48.09
C ALA F 140 30.12 44.32 47.51
N PRO F 141 30.37 44.21 46.21
CA PRO F 141 31.65 44.73 45.72
C PRO F 141 31.76 46.23 45.84
N LEU F 142 30.72 46.93 45.42
CA LEU F 142 30.78 48.41 45.53
C LEU F 142 30.93 48.85 46.98
N LEU F 143 30.41 48.08 47.92
CA LEU F 143 30.49 48.51 49.31
C LEU F 143 31.76 48.01 49.98
N ARG F 144 32.19 46.80 49.63
CA ARG F 144 33.49 46.33 50.04
C ARG F 144 34.59 47.20 49.47
N GLN F 145 34.33 47.96 48.41
CA GLN F 145 35.29 48.93 47.91
C GLN F 145 35.12 50.28 48.60
N LEU F 146 33.92 50.86 48.49
CA LEU F 146 33.70 52.19 49.08
C LEU F 146 34.16 52.19 50.51
N ASN F 147 33.92 51.10 51.22
CA ASN F 147 34.25 50.92 52.62
C ASN F 147 35.31 49.86 52.79
N ASP F 148 36.29 49.80 51.89
CA ASP F 148 37.35 48.84 52.15
C ASP F 148 38.31 49.54 53.09
N ASN F 149 38.06 49.39 54.37
CA ASN F 149 38.92 50.05 55.34
C ASN F 149 40.23 49.25 55.38
N ALA F 150 41.32 49.90 55.04
CA ALA F 150 42.58 49.17 54.95
C ALA F 150 43.27 49.03 56.28
N GLY F 151 42.57 49.26 57.39
CA GLY F 151 43.06 49.02 58.71
C GLY F 151 42.32 47.88 59.38
N ALA F 152 42.02 46.85 58.59
CA ALA F 152 41.22 45.68 59.03
C ALA F 152 39.75 46.09 59.26
N GLY F 153 39.23 46.91 58.36
CA GLY F 153 37.83 47.33 58.41
C GLY F 153 36.87 46.20 58.08
N SER F 154 35.60 46.59 57.98
CA SER F 154 34.49 45.64 57.85
C SER F 154 34.62 44.77 56.61
N VAL F 155 33.70 43.80 56.53
CA VAL F 155 33.51 42.94 55.37
C VAL F 155 32.01 42.87 55.08
N VAL F 156 31.67 42.19 53.99
CA VAL F 156 30.28 42.10 53.54
C VAL F 156 30.02 40.70 52.99
N HIS F 157 28.96 40.06 53.47
CA HIS F 157 28.65 38.72 53.02
C HIS F 157 27.17 38.52 52.80
N TYR F 158 26.89 37.53 51.95
CA TYR F 158 25.56 37.18 51.53
C TYR F 158 25.16 35.82 52.07
N GLU F 159 23.98 35.73 52.65
CA GLU F 159 23.36 34.45 52.96
C GLU F 159 22.00 34.36 52.27
N PRO F 160 21.53 33.17 51.85
CA PRO F 160 20.27 33.12 51.12
C PRO F 160 19.11 33.62 51.92
N SER F 161 19.30 33.91 53.20
CA SER F 161 18.33 34.65 53.98
C SER F 161 18.55 36.15 53.92
N ASN F 162 19.39 36.62 52.98
CA ASN F 162 19.58 38.05 52.71
C ASN F 162 20.03 38.83 53.91
N VAL F 163 20.73 38.18 54.82
CA VAL F 163 21.37 38.89 55.88
C VAL F 163 22.31 39.86 55.21
N LEU F 164 22.41 41.05 55.78
CA LEU F 164 23.39 42.02 55.32
C LEU F 164 24.08 42.55 56.56
N LEU F 165 25.35 42.15 56.72
CA LEU F 165 26.09 42.35 57.94
C LEU F 165 27.38 43.08 57.64
N MET F 166 27.88 43.80 58.64
CA MET F 166 29.18 44.42 58.54
C MET F 166 29.61 44.78 59.95
N THR F 167 30.88 45.12 60.10
CA THR F 167 31.33 45.64 61.39
C THR F 167 31.80 47.09 61.32
N GLY F 168 32.81 47.41 60.52
CA GLY F 168 33.18 48.79 60.24
C GLY F 168 33.49 49.60 61.48
N ARG F 169 33.01 50.84 61.50
CA ARG F 169 33.10 51.79 62.60
C ARG F 169 31.68 52.22 62.95
N ALA F 170 31.56 53.14 63.90
CA ALA F 170 30.22 53.57 64.28
C ALA F 170 29.74 54.74 63.45
N ALA F 171 30.67 55.53 62.90
CA ALA F 171 30.28 56.61 61.99
C ALA F 171 29.86 56.05 60.63
N VAL F 172 30.61 55.05 60.15
CA VAL F 172 30.24 54.34 58.93
C VAL F 172 28.79 53.89 58.97
N ILE F 173 28.32 53.52 60.17
CA ILE F 173 26.95 53.03 60.29
C ILE F 173 25.97 54.05 59.71
N LYS F 174 26.11 55.32 60.12
CA LYS F 174 25.25 56.38 59.62
C LYS F 174 25.21 56.41 58.09
N ARG F 175 26.38 56.49 57.46
CA ARG F 175 26.42 56.63 56.01
C ARG F 175 25.79 55.43 55.34
N LEU F 176 26.02 54.21 55.85
CA LEU F 176 25.52 53.05 55.11
C LEU F 176 24.06 52.75 55.34
N LEU F 177 23.61 52.79 56.61
CA LEU F 177 22.17 52.82 56.88
C LEU F 177 21.47 53.79 55.96
N THR F 178 21.98 55.01 55.90
CA THR F 178 21.37 55.98 54.99
C THR F 178 21.43 55.50 53.55
N ILE F 179 22.49 54.80 53.17
CA ILE F 179 22.59 54.32 51.80
C ILE F 179 21.43 53.39 51.50
N VAL F 180 21.35 52.27 52.24
CA VAL F 180 20.35 51.27 51.90
C VAL F 180 18.96 51.84 52.04
N GLU F 181 18.69 52.54 53.14
CA GLU F 181 17.38 53.17 53.34
C GLU F 181 17.00 54.09 52.21
N ARG F 182 17.96 54.73 51.53
CA ARG F 182 17.53 55.50 50.37
C ARG F 182 17.39 54.62 49.14
N VAL F 183 18.37 53.75 48.88
CA VAL F 183 18.35 52.98 47.64
C VAL F 183 17.28 51.89 47.66
N ASP F 184 16.98 51.32 48.83
CA ASP F 184 15.90 50.35 48.86
C ASP F 184 14.54 51.01 48.79
N ASN F 185 14.41 52.20 49.33
CA ASN F 185 13.16 52.95 49.30
C ASN F 185 12.92 53.57 47.93
N ALA F 186 13.69 53.17 46.92
CA ALA F 186 13.49 53.70 45.57
C ALA F 186 12.44 52.86 44.85
N GLY F 187 11.18 53.12 45.22
CA GLY F 187 10.01 52.75 44.43
C GLY F 187 9.94 51.32 43.94
N ASP F 188 10.08 50.36 44.84
CA ASP F 188 9.98 48.96 44.50
C ASP F 188 8.55 48.60 44.08
N ARG F 189 8.39 47.35 43.66
CA ARG F 189 7.18 46.87 42.99
C ARG F 189 5.90 47.32 43.69
N SER F 190 5.01 47.93 42.92
CA SER F 190 3.65 48.18 43.35
C SER F 190 2.72 47.96 42.18
N VAL F 191 1.48 47.59 42.47
CA VAL F 191 0.52 47.15 41.48
C VAL F 191 -0.66 48.11 41.44
N VAL F 192 -1.22 48.30 40.25
CA VAL F 192 -2.42 49.10 40.08
C VAL F 192 -3.02 48.72 38.73
N THR F 193 -4.32 48.97 38.57
CA THR F 193 -5.05 48.54 37.39
C THR F 193 -5.74 49.72 36.74
N VAL F 194 -6.38 49.47 35.62
CA VAL F 194 -7.26 50.45 34.99
C VAL F 194 -8.40 49.71 34.35
N PRO F 195 -9.63 50.08 34.60
CA PRO F 195 -10.72 49.48 33.84
C PRO F 195 -10.75 50.00 32.42
N LEU F 196 -11.76 49.61 31.66
CA LEU F 196 -11.84 50.05 30.29
C LEU F 196 -13.31 50.07 29.87
N SER F 197 -13.74 51.20 29.32
CA SER F 197 -15.12 51.38 28.90
C SER F 197 -15.59 50.38 27.85
N TRP F 198 -15.05 50.42 26.63
CA TRP F 198 -15.60 49.58 25.59
C TRP F 198 -14.59 48.81 24.74
N ALA F 199 -13.33 49.23 24.69
CA ALA F 199 -12.39 48.61 23.76
C ALA F 199 -12.02 47.18 24.19
N SER F 200 -11.43 46.47 23.24
CA SER F 200 -10.99 45.09 23.48
C SER F 200 -9.87 45.04 24.51
N ALA F 201 -9.86 43.98 25.31
CA ALA F 201 -8.84 43.83 26.35
C ALA F 201 -7.63 43.08 25.82
N ALA F 202 -7.76 41.76 25.63
CA ALA F 202 -6.63 40.93 25.22
C ALA F 202 -5.94 41.46 23.98
N GLU F 203 -6.64 42.29 23.20
CA GLU F 203 -6.07 42.80 21.97
C GLU F 203 -5.06 43.90 22.25
N VAL F 204 -5.33 44.71 23.27
CA VAL F 204 -4.43 45.82 23.57
C VAL F 204 -3.10 45.32 24.06
N VAL F 205 -3.09 44.61 25.20
CA VAL F 205 -1.83 44.06 25.69
C VAL F 205 -1.21 43.15 24.63
N LYS F 206 -2.01 42.30 24.01
CA LYS F 206 -1.58 41.60 22.80
C LYS F 206 -0.89 42.54 21.81
N LEU F 207 -1.14 43.86 21.92
CA LEU F 207 -0.44 44.84 21.06
C LEU F 207 0.33 45.89 21.88
N VAL F 208 0.77 45.60 23.09
CA VAL F 208 1.57 46.61 23.76
C VAL F 208 3.03 46.20 23.71
N THR F 209 3.29 44.91 23.91
CA THR F 209 4.64 44.39 23.88
C THR F 209 5.18 44.29 22.48
N GLU F 210 4.58 45.00 21.55
CA GLU F 210 5.10 45.16 20.20
C GLU F 210 5.48 46.61 19.93
N LEU F 211 4.81 47.54 20.59
CA LEU F 211 5.15 48.95 20.46
C LEU F 211 6.18 49.40 21.50
N ASN F 212 6.20 48.82 22.70
CA ASN F 212 7.19 49.16 23.72
C ASN F 212 7.81 47.88 24.26
N LYS F 213 8.66 47.24 23.47
CA LYS F 213 9.21 45.96 23.87
C LYS F 213 10.71 45.99 24.20
N ASP F 214 11.55 46.53 23.32
CA ASP F 214 12.98 46.38 23.50
C ASP F 214 13.69 47.35 22.55
N THR F 215 15.00 47.21 22.52
CA THR F 215 15.87 47.96 21.63
C THR F 215 17.10 47.12 21.37
N SER F 216 17.93 47.56 20.43
CA SER F 216 19.19 46.89 20.13
C SER F 216 20.03 46.63 21.37
N LYS F 217 19.84 47.44 22.40
CA LYS F 217 20.50 47.25 23.68
C LYS F 217 19.44 47.53 24.72
N SER F 218 19.35 46.65 25.71
CA SER F 218 18.33 46.77 26.75
C SER F 218 18.40 48.11 27.46
N ALA F 219 17.22 48.68 27.74
CA ALA F 219 17.14 49.95 28.44
C ALA F 219 17.87 49.75 29.75
N LEU F 220 17.69 48.57 30.33
CA LEU F 220 18.35 48.21 31.58
C LEU F 220 18.00 46.79 32.04
N PRO F 221 18.54 46.40 33.18
CA PRO F 221 18.25 45.07 33.72
C PRO F 221 16.75 44.89 33.92
N GLY F 222 16.32 43.69 34.24
CA GLY F 222 14.92 43.41 34.46
C GLY F 222 14.10 44.27 35.41
N SER F 223 14.72 45.10 36.23
CA SER F 223 13.97 45.93 37.13
C SER F 223 13.84 47.34 36.57
N MET F 224 13.00 48.15 37.22
CA MET F 224 12.65 49.48 36.75
C MET F 224 12.00 49.46 35.36
N VAL F 225 11.27 48.39 35.06
CA VAL F 225 10.52 48.25 33.81
C VAL F 225 9.37 47.29 34.08
N ALA F 226 8.23 47.59 33.52
CA ALA F 226 6.99 46.98 33.97
C ALA F 226 6.57 45.89 32.99
N ASN F 227 5.89 44.89 33.52
CA ASN F 227 5.27 43.87 32.71
C ASN F 227 3.74 43.99 32.78
N VAL F 228 3.08 43.46 31.76
CA VAL F 228 1.65 43.69 31.60
C VAL F 228 0.99 42.38 31.24
N VAL F 229 -0.08 42.03 31.96
CA VAL F 229 -1.01 40.97 31.61
C VAL F 229 -2.42 41.49 31.81
N ALA F 230 -3.39 40.63 31.47
CA ALA F 230 -4.78 41.05 31.58
C ALA F 230 -5.63 39.79 31.61
N ASP F 231 -6.76 39.91 32.30
CA ASP F 231 -7.79 38.89 32.22
C ASP F 231 -8.84 39.37 31.24
N GLU F 232 -9.64 38.43 30.80
CA GLU F 232 -10.76 38.77 29.95
C GLU F 232 -12.04 38.90 30.74
N ARG F 233 -11.93 38.85 32.06
CA ARG F 233 -13.13 38.64 32.85
C ARG F 233 -13.80 39.96 33.21
N THR F 234 -13.04 40.92 33.73
CA THR F 234 -13.57 42.23 34.05
C THR F 234 -13.20 43.27 33.02
N ASN F 235 -12.48 42.90 31.97
CA ASN F 235 -12.17 43.83 30.88
C ASN F 235 -11.27 44.96 31.41
N ALA F 236 -10.35 44.62 32.31
CA ALA F 236 -9.32 45.56 32.70
C ALA F 236 -7.95 44.91 32.52
N VAL F 237 -6.92 45.71 32.70
CA VAL F 237 -5.55 45.31 32.38
C VAL F 237 -4.66 45.58 33.59
N LEU F 238 -3.60 44.79 33.70
CA LEU F 238 -2.75 44.76 34.89
C LEU F 238 -1.39 45.38 34.58
N VAL F 239 -0.87 46.20 35.51
CA VAL F 239 0.50 46.68 35.40
C VAL F 239 1.16 46.60 36.77
N SER F 240 2.49 46.51 36.76
CA SER F 240 3.25 46.50 38.00
C SER F 240 4.63 47.04 37.70
N GLY F 241 5.19 47.84 38.62
CA GLY F 241 6.44 48.50 38.30
C GLY F 241 6.66 49.71 39.19
N GLU F 242 7.39 50.66 38.63
CA GLU F 242 7.93 51.77 39.39
C GLU F 242 7.28 53.08 39.05
N PRO F 243 7.24 54.01 40.01
CA PRO F 243 6.43 55.21 39.85
C PRO F 243 6.88 56.15 38.77
N ASN F 244 7.95 55.86 38.05
CA ASN F 244 8.27 56.57 36.82
C ASN F 244 8.35 55.64 35.62
N SER F 245 7.86 54.40 35.76
CA SER F 245 7.71 53.47 34.63
C SER F 245 6.26 53.26 34.24
N ARG F 246 5.39 53.14 35.23
CA ARG F 246 4.01 52.79 34.93
C ARG F 246 3.31 53.94 34.23
N GLN F 247 3.68 55.18 34.59
CA GLN F 247 2.99 56.34 34.06
C GLN F 247 2.99 56.31 32.56
N ARG F 248 4.07 55.82 31.96
CA ARG F 248 4.10 55.63 30.53
C ARG F 248 3.01 54.67 30.07
N ILE F 249 2.87 53.54 30.76
CA ILE F 249 1.85 52.58 30.36
C ILE F 249 0.46 53.19 30.41
N ILE F 250 0.18 53.91 31.49
CA ILE F 250 -1.11 54.57 31.56
C ILE F 250 -1.24 55.61 30.45
N ALA F 251 -0.12 56.18 30.02
CA ALA F 251 -0.18 57.15 28.93
C ALA F 251 -0.69 56.46 27.67
N MET F 252 -0.06 55.34 27.29
CA MET F 252 -0.50 54.68 26.09
C MET F 252 -1.95 54.27 26.21
N ILE F 253 -2.35 53.65 27.32
CA ILE F 253 -3.73 53.21 27.36
C ILE F 253 -4.69 54.41 27.29
N LYS F 254 -4.30 55.56 27.87
CA LYS F 254 -5.15 56.75 27.70
C LYS F 254 -5.31 57.10 26.23
N GLN F 255 -4.23 56.92 25.47
CA GLN F 255 -4.27 57.22 24.04
C GLN F 255 -4.99 56.12 23.27
N LEU F 256 -4.71 54.87 23.61
CA LEU F 256 -5.34 53.72 22.98
C LEU F 256 -6.83 53.73 23.22
N ASP F 257 -7.24 54.14 24.43
CA ASP F 257 -8.64 54.07 24.81
C ASP F 257 -9.38 55.25 24.20
N ARG F 258 -9.59 55.13 22.90
CA ARG F 258 -10.29 56.16 22.14
C ARG F 258 -11.67 55.64 21.75
N GLN F 259 -12.50 56.57 21.30
CA GLN F 259 -13.86 56.27 20.89
C GLN F 259 -13.91 56.16 19.38
N GLN F 260 -14.76 55.29 18.86
CA GLN F 260 -14.85 55.12 17.42
C GLN F 260 -15.83 56.08 16.74
N ALA F 261 -15.38 56.77 15.70
CA ALA F 261 -16.28 57.67 14.99
C ALA F 261 -17.47 56.86 14.51
N VAL F 262 -17.18 55.78 13.79
CA VAL F 262 -18.18 54.86 13.28
C VAL F 262 -17.45 53.54 13.10
N GLN F 263 -18.04 52.44 13.56
CA GLN F 263 -17.40 51.14 13.41
C GLN F 263 -17.51 50.74 11.95
N GLY F 264 -16.37 50.58 11.27
CA GLY F 264 -16.41 50.23 9.87
C GLY F 264 -15.92 48.83 9.61
N ASN F 265 -15.59 48.11 10.68
CA ASN F 265 -15.18 46.72 10.52
C ASN F 265 -16.20 45.92 9.70
N THR F 266 -17.48 46.19 9.90
CA THR F 266 -18.54 45.61 9.08
C THR F 266 -19.63 46.65 8.86
N LYS F 267 -20.08 46.79 7.63
CA LYS F 267 -21.21 47.65 7.34
C LYS F 267 -22.19 46.96 6.39
N VAL F 268 -23.46 47.21 6.62
CA VAL F 268 -24.56 46.47 5.99
C VAL F 268 -25.21 47.34 4.95
N ILE F 269 -25.23 46.89 3.70
CA ILE F 269 -25.83 47.67 2.66
C ILE F 269 -27.19 47.07 2.33
N TYR F 270 -27.99 47.83 1.57
CA TYR F 270 -29.32 47.42 1.14
C TYR F 270 -29.37 47.65 -0.36
N LEU F 271 -29.53 46.57 -1.13
CA LEU F 271 -29.57 46.68 -2.58
C LEU F 271 -31.02 46.83 -3.06
N LYS F 272 -31.21 47.63 -4.11
CA LYS F 272 -32.56 48.08 -4.42
C LYS F 272 -33.26 47.28 -5.52
N TYR F 273 -32.59 47.03 -6.67
CA TYR F 273 -33.28 46.39 -7.79
C TYR F 273 -32.83 44.99 -8.18
N ALA F 274 -31.60 44.60 -7.88
CA ALA F 274 -31.16 43.25 -8.16
C ALA F 274 -31.31 42.39 -6.92
N LYS F 275 -31.49 41.10 -7.13
CA LYS F 275 -31.49 40.24 -5.96
C LYS F 275 -30.04 40.05 -5.48
N ALA F 276 -29.87 39.47 -4.32
CA ALA F 276 -28.54 39.30 -3.77
C ALA F 276 -28.02 37.89 -3.91
N ALA F 277 -28.91 36.95 -4.23
CA ALA F 277 -28.46 35.58 -4.42
C ALA F 277 -27.43 35.48 -5.52
N ASP F 278 -27.74 36.01 -6.71
CA ASP F 278 -26.76 35.99 -7.77
C ASP F 278 -25.51 36.74 -7.38
N LEU F 279 -25.68 37.89 -6.72
CA LEU F 279 -24.54 38.75 -6.44
C LEU F 279 -23.52 38.07 -5.54
N VAL F 280 -23.96 37.33 -4.51
CA VAL F 280 -22.98 36.67 -3.66
C VAL F 280 -22.00 35.85 -4.51
N GLU F 281 -22.53 35.06 -5.45
CA GLU F 281 -21.65 34.12 -6.13
C GLU F 281 -20.87 34.80 -7.25
N VAL F 282 -21.51 35.71 -8.00
CA VAL F 282 -20.78 36.51 -8.97
C VAL F 282 -19.62 37.23 -8.32
N LEU F 283 -19.87 37.87 -7.19
CA LEU F 283 -18.81 38.59 -6.49
C LEU F 283 -18.20 37.63 -5.48
N THR F 284 -17.08 37.02 -5.86
CA THR F 284 -16.31 36.31 -4.85
C THR F 284 -14.85 36.74 -4.76
N GLY F 285 -14.27 37.37 -5.78
CA GLY F 285 -12.83 37.50 -5.69
C GLY F 285 -12.11 38.79 -6.04
N ILE F 286 -12.48 39.93 -5.44
CA ILE F 286 -11.83 41.20 -5.79
C ILE F 286 -10.34 41.13 -5.52
N SER F 287 -9.96 40.98 -4.25
CA SER F 287 -8.63 41.31 -3.80
C SER F 287 -7.86 40.15 -3.22
N SER F 288 -8.52 39.04 -2.92
CA SER F 288 -7.82 37.81 -2.54
C SER F 288 -6.90 37.35 -3.66
N LYS F 305 -7.25 39.04 5.03
CA LYS F 305 -7.12 37.65 4.54
C LYS F 305 -7.88 37.49 3.23
N ASN F 306 -9.17 37.73 3.33
CA ASN F 306 -10.09 37.51 2.22
C ASN F 306 -11.28 38.42 2.46
N ILE F 307 -12.19 38.42 1.51
CA ILE F 307 -13.43 39.16 1.63
C ILE F 307 -14.55 38.13 1.68
N ILE F 308 -15.29 38.13 2.78
CA ILE F 308 -16.38 37.20 2.98
C ILE F 308 -17.67 37.96 2.78
N ILE F 309 -18.35 37.71 1.67
CA ILE F 309 -19.64 38.33 1.45
C ILE F 309 -20.73 37.36 1.83
N LYS F 310 -21.68 37.86 2.61
CA LYS F 310 -22.84 37.11 3.03
C LYS F 310 -24.10 37.85 2.56
N ALA F 311 -25.09 37.10 2.12
CA ALA F 311 -26.36 37.68 1.67
C ALA F 311 -27.50 37.16 2.53
N HIS F 312 -28.46 38.03 2.82
CA HIS F 312 -29.46 37.60 3.79
C HIS F 312 -30.58 36.81 3.10
N GLY F 313 -31.24 37.43 2.12
CA GLY F 313 -32.37 36.82 1.44
C GLY F 313 -33.70 36.99 2.11
N GLN F 314 -33.73 37.26 3.41
CA GLN F 314 -35.02 37.38 4.07
C GLN F 314 -35.44 38.83 4.29
N THR F 315 -34.49 39.75 4.29
CA THR F 315 -34.78 41.16 4.03
C THR F 315 -34.24 41.60 2.69
N ASN F 316 -33.62 40.70 1.92
CA ASN F 316 -32.98 41.06 0.64
C ASN F 316 -31.93 42.14 0.85
N ALA F 317 -31.05 41.89 1.79
CA ALA F 317 -29.89 42.77 1.96
C ALA F 317 -28.67 41.91 2.20
N LEU F 318 -27.50 42.48 1.84
CA LEU F 318 -26.26 41.75 1.88
C LEU F 318 -25.25 42.48 2.76
N ILE F 319 -24.30 41.71 3.28
CA ILE F 319 -23.27 42.26 4.15
C ILE F 319 -21.89 42.24 3.48
N VAL F 320 -20.94 42.89 4.15
CA VAL F 320 -19.56 42.99 3.70
C VAL F 320 -18.81 43.05 5.03
N THR F 321 -18.16 41.95 5.38
CA THR F 321 -17.31 41.90 6.57
C THR F 321 -15.98 41.54 5.96
N ALA F 322 -15.36 42.53 5.34
CA ALA F 322 -14.11 42.28 4.65
C ALA F 322 -13.29 43.49 4.97
N ALA F 323 -12.31 43.78 4.12
CA ALA F 323 -11.50 44.96 4.37
C ALA F 323 -12.19 46.26 4.77
N PRO F 324 -11.79 46.81 5.91
CA PRO F 324 -12.39 48.06 6.42
C PRO F 324 -11.74 49.33 5.88
N ASP F 325 -11.02 49.22 4.76
CA ASP F 325 -10.37 50.37 4.15
C ASP F 325 -10.55 50.50 2.66
N VAL F 326 -10.99 49.47 1.97
CA VAL F 326 -11.06 49.66 0.53
C VAL F 326 -12.49 49.39 0.08
N MET F 327 -13.38 49.27 1.06
CA MET F 327 -14.79 49.01 0.80
C MET F 327 -15.29 49.93 -0.30
N ASN F 328 -14.65 51.08 -0.44
CA ASN F 328 -15.06 52.02 -1.47
C ASN F 328 -15.04 51.40 -2.85
N ASP F 329 -14.14 50.44 -3.06
CA ASP F 329 -14.13 49.67 -4.29
C ASP F 329 -15.32 48.75 -4.43
N LEU F 330 -16.10 48.61 -3.37
CA LEU F 330 -17.32 47.85 -3.41
C LEU F 330 -18.53 48.74 -3.51
N GLU F 331 -18.57 49.82 -2.72
CA GLU F 331 -19.65 50.76 -2.93
C GLU F 331 -19.73 51.24 -4.37
N ARG F 332 -18.59 51.52 -5.01
CA ARG F 332 -18.69 51.96 -6.39
C ARG F 332 -19.24 50.85 -7.28
N VAL F 333 -18.81 49.62 -7.04
CA VAL F 333 -19.23 48.61 -8.01
C VAL F 333 -20.69 48.23 -7.79
N ILE F 334 -21.14 48.09 -6.55
CA ILE F 334 -22.54 47.81 -6.36
C ILE F 334 -23.40 48.96 -6.86
N ALA F 335 -22.95 50.20 -6.65
CA ALA F 335 -23.68 51.34 -7.21
C ALA F 335 -23.77 51.28 -8.72
N GLN F 336 -22.73 50.77 -9.37
CA GLN F 336 -22.86 50.49 -10.78
C GLN F 336 -23.55 49.18 -11.07
N LEU F 337 -23.97 48.44 -10.07
CA LEU F 337 -24.64 47.18 -10.29
C LEU F 337 -26.11 47.14 -9.83
N ASP F 338 -26.66 48.23 -9.32
CA ASP F 338 -28.06 48.27 -8.94
C ASP F 338 -28.77 49.33 -9.77
N ILE F 339 -29.59 48.92 -10.74
CA ILE F 339 -30.10 49.85 -11.75
C ILE F 339 -31.44 49.34 -12.29
N ARG F 340 -32.44 50.23 -12.34
CA ARG F 340 -33.73 49.88 -12.92
C ARG F 340 -33.54 49.31 -14.32
N ARG F 341 -34.36 48.32 -14.68
CA ARG F 341 -34.19 47.73 -16.00
C ARG F 341 -35.43 47.85 -16.87
N PRO F 342 -35.30 48.35 -18.09
CA PRO F 342 -36.41 48.43 -19.02
C PRO F 342 -36.77 47.09 -19.62
N GLN F 343 -38.02 46.95 -19.98
CA GLN F 343 -38.56 45.71 -20.51
C GLN F 343 -39.27 45.96 -21.83
N VAL F 344 -39.34 44.94 -22.67
CA VAL F 344 -39.71 45.08 -24.08
C VAL F 344 -40.94 44.22 -24.36
N LEU F 345 -41.82 44.73 -25.23
CA LEU F 345 -43.04 44.05 -25.61
C LEU F 345 -42.86 43.41 -26.97
N VAL F 346 -43.02 42.09 -27.05
CA VAL F 346 -42.83 41.35 -28.29
C VAL F 346 -44.17 40.79 -28.72
N GLU F 347 -44.55 41.02 -29.95
CA GLU F 347 -45.67 40.37 -30.60
C GLU F 347 -45.29 39.89 -31.99
N ALA F 348 -45.70 38.68 -32.32
CA ALA F 348 -45.49 38.15 -33.66
C ALA F 348 -46.84 37.80 -34.25
N ILE F 349 -46.88 37.78 -35.57
CA ILE F 349 -48.12 37.54 -36.29
C ILE F 349 -47.82 36.54 -37.37
N ILE F 350 -48.80 35.69 -37.69
CA ILE F 350 -48.69 34.76 -38.80
C ILE F 350 -50.00 34.68 -39.53
N ALA F 351 -49.92 34.30 -40.80
CA ALA F 351 -51.15 34.12 -41.54
C ALA F 351 -50.82 33.40 -42.82
N GLU F 352 -51.78 32.61 -43.30
CA GLU F 352 -51.58 31.84 -44.51
C GLU F 352 -52.94 31.62 -45.15
N VAL F 353 -52.93 31.01 -46.34
CA VAL F 353 -54.14 30.60 -47.00
C VAL F 353 -53.85 29.25 -47.63
N GLN F 354 -54.89 28.44 -47.72
CA GLN F 354 -54.78 27.13 -48.33
C GLN F 354 -55.97 26.97 -49.25
N ASP F 355 -55.69 26.74 -50.52
CA ASP F 355 -56.72 26.72 -51.54
C ASP F 355 -56.43 25.59 -52.50
N ALA F 356 -57.49 25.02 -53.05
CA ALA F 356 -57.33 23.95 -54.00
C ALA F 356 -58.52 23.95 -54.96
N ASP F 357 -58.21 23.84 -56.24
CA ASP F 357 -59.24 23.76 -57.28
C ASP F 357 -59.16 22.40 -57.94
N GLY F 358 -60.30 21.97 -58.47
CA GLY F 358 -60.40 20.68 -59.10
C GLY F 358 -61.50 20.58 -60.12
N LEU F 359 -61.27 19.87 -61.21
CA LEU F 359 -62.29 19.73 -62.24
C LEU F 359 -62.20 18.33 -62.80
N ASN F 360 -63.26 17.88 -63.45
CA ASN F 360 -63.22 16.62 -64.18
C ASN F 360 -64.34 16.62 -65.20
N LEU F 361 -64.26 15.67 -66.13
CA LEU F 361 -65.24 15.53 -67.19
C LEU F 361 -64.99 14.27 -67.98
N GLY F 362 -66.06 13.61 -68.41
CA GLY F 362 -65.98 12.37 -69.16
C GLY F 362 -67.32 11.71 -69.45
N ILE F 363 -67.42 10.96 -70.55
CA ILE F 363 -68.64 10.29 -70.97
C ILE F 363 -68.36 8.78 -71.10
N GLN F 364 -69.44 8.02 -71.35
CA GLN F 364 -69.30 6.60 -71.59
C GLN F 364 -70.47 6.09 -72.41
N TRP F 365 -70.21 5.04 -73.22
CA TRP F 365 -71.17 4.51 -74.18
C TRP F 365 -71.33 3.02 -73.99
N ALA F 366 -72.44 2.50 -74.53
CA ALA F 366 -72.78 1.10 -74.34
C ALA F 366 -73.80 0.68 -75.39
N ASN F 367 -73.66 -0.55 -75.88
CA ASN F 367 -74.63 -1.07 -76.84
C ASN F 367 -74.52 -2.58 -76.85
N LYS F 368 -75.69 -3.25 -76.82
CA LYS F 368 -75.72 -4.71 -76.80
C LYS F 368 -74.95 -5.28 -77.99
N ASN F 369 -75.14 -4.71 -79.18
CA ASN F 369 -74.47 -5.20 -80.37
C ASN F 369 -73.12 -4.58 -80.60
N ALA F 370 -72.75 -3.58 -79.80
CA ALA F 370 -71.57 -2.77 -80.09
C ALA F 370 -70.63 -2.75 -78.90
N GLY F 371 -69.66 -1.85 -78.95
CA GLY F 371 -68.56 -1.88 -78.00
C GLY F 371 -68.90 -1.46 -76.59
N MET F 372 -67.89 -0.95 -75.89
CA MET F 372 -68.07 -0.56 -74.49
C MET F 372 -66.96 0.40 -74.10
N THR F 373 -67.33 1.64 -73.72
CA THR F 373 -66.37 2.69 -73.39
C THR F 373 -66.46 2.98 -71.90
N GLN F 374 -65.52 2.44 -71.14
CA GLN F 374 -65.58 2.49 -69.70
C GLN F 374 -64.54 3.45 -69.14
N PHE F 375 -64.83 4.06 -68.01
CA PHE F 375 -63.86 4.89 -67.32
C PHE F 375 -64.07 4.74 -65.82
N THR F 376 -63.08 4.20 -65.11
CA THR F 376 -63.26 3.91 -63.70
C THR F 376 -63.01 5.13 -62.85
N ASN F 377 -62.13 6.02 -63.29
CA ASN F 377 -61.86 7.21 -62.50
C ASN F 377 -63.14 7.99 -62.23
N SER F 378 -64.13 7.85 -63.09
CA SER F 378 -65.33 8.67 -63.01
C SER F 378 -66.14 8.42 -61.75
N GLY F 379 -65.96 7.27 -61.14
CA GLY F 379 -66.74 6.89 -59.99
C GLY F 379 -67.81 5.87 -60.26
N LEU F 380 -68.11 5.61 -61.55
CA LEU F 380 -69.16 4.68 -61.93
C LEU F 380 -68.87 4.06 -63.28
N PRO F 381 -68.73 2.75 -63.35
CA PRO F 381 -68.62 2.10 -64.65
C PRO F 381 -69.95 2.07 -65.39
N ILE F 382 -69.92 1.55 -66.61
CA ILE F 382 -71.18 1.16 -67.23
C ILE F 382 -71.75 -0.03 -66.48
N SER F 383 -70.89 -0.83 -65.84
CA SER F 383 -71.34 -1.97 -65.06
C SER F 383 -72.44 -1.57 -64.10
N THR F 384 -72.30 -0.39 -63.50
CA THR F 384 -73.37 0.13 -62.67
C THR F 384 -74.68 0.27 -63.43
N ALA F 385 -74.59 0.56 -64.72
CA ALA F 385 -75.81 0.79 -65.49
C ALA F 385 -76.41 -0.51 -65.99
N ILE F 386 -75.65 -1.27 -66.76
CA ILE F 386 -76.13 -2.54 -67.25
C ILE F 386 -76.61 -3.41 -66.09
N ALA F 387 -75.94 -3.33 -64.94
CA ALA F 387 -76.46 -4.02 -63.78
C ALA F 387 -77.53 -3.24 -63.05
N GLY F 388 -77.76 -1.98 -63.38
CA GLY F 388 -78.72 -1.20 -62.61
C GLY F 388 -80.11 -1.37 -63.20
N ALA F 389 -80.18 -1.46 -64.53
CA ALA F 389 -81.46 -1.41 -65.20
C ALA F 389 -82.02 -2.81 -65.46
N ASN F 390 -81.20 -3.75 -65.89
CA ASN F 390 -81.67 -5.13 -66.00
C ASN F 390 -82.03 -5.72 -64.65
N GLN F 391 -81.30 -5.36 -63.59
CA GLN F 391 -81.73 -5.73 -62.25
C GLN F 391 -82.94 -4.95 -61.80
N TYR F 392 -83.02 -3.68 -62.18
CA TYR F 392 -84.16 -2.87 -61.79
C TYR F 392 -85.43 -3.47 -62.39
N ASN F 393 -85.52 -3.39 -63.72
CA ASN F 393 -86.69 -3.85 -64.46
C ASN F 393 -86.86 -5.37 -64.42
N LYS F 394 -85.82 -6.11 -64.03
CA LYS F 394 -86.07 -7.50 -63.66
C LYS F 394 -86.85 -7.57 -62.34
N ASP F 395 -86.30 -6.97 -61.27
CA ASP F 395 -87.02 -6.91 -60.01
C ASP F 395 -88.20 -5.96 -60.08
N GLY F 396 -88.29 -5.12 -61.08
CA GLY F 396 -89.28 -4.05 -61.14
C GLY F 396 -88.77 -2.78 -60.52
N THR F 397 -88.02 -2.87 -59.44
CA THR F 397 -87.57 -1.70 -58.71
C THR F 397 -86.15 -1.90 -58.23
N ILE F 398 -85.67 -0.97 -57.41
CA ILE F 398 -84.29 -1.02 -56.92
C ILE F 398 -84.15 -2.24 -56.02
N SER F 399 -82.99 -2.88 -56.10
CA SER F 399 -82.57 -3.84 -55.11
C SER F 399 -81.18 -3.46 -54.61
N SER F 400 -80.99 -3.53 -53.28
CA SER F 400 -79.74 -3.07 -52.66
C SER F 400 -78.50 -3.76 -53.20
N SER F 401 -78.66 -4.83 -53.97
CA SER F 401 -77.53 -5.49 -54.60
C SER F 401 -76.74 -4.54 -55.51
N LEU F 402 -77.35 -3.44 -55.93
CA LEU F 402 -76.73 -2.56 -56.88
C LEU F 402 -75.55 -1.84 -56.26
N ALA F 403 -74.76 -1.20 -57.11
CA ALA F 403 -73.47 -0.65 -56.71
C ALA F 403 -73.64 0.37 -55.61
N SER F 404 -73.17 0.06 -54.40
CA SER F 404 -73.26 1.02 -53.30
C SER F 404 -72.45 2.28 -53.52
N ALA F 405 -71.70 2.35 -54.62
CA ALA F 405 -70.91 3.54 -54.92
C ALA F 405 -71.78 4.78 -55.04
N LEU F 406 -73.05 4.63 -55.44
CA LEU F 406 -73.95 5.76 -55.56
C LEU F 406 -74.01 6.58 -54.28
N GLY F 407 -73.82 5.93 -53.12
CA GLY F 407 -73.83 6.63 -51.85
C GLY F 407 -72.76 7.68 -51.73
N SER F 408 -71.73 7.60 -52.55
CA SER F 408 -70.63 8.55 -52.45
C SER F 408 -70.54 9.52 -53.63
N PHE F 409 -71.26 9.25 -54.70
CA PHE F 409 -71.11 10.03 -55.92
C PHE F 409 -71.45 11.50 -55.66
N ASN F 410 -70.86 12.37 -56.48
CA ASN F 410 -71.20 13.77 -56.48
C ASN F 410 -71.11 14.31 -57.90
N GLY F 411 -71.98 15.29 -58.20
CA GLY F 411 -72.03 15.85 -59.52
C GLY F 411 -73.31 15.57 -60.25
N ILE F 412 -73.26 15.55 -61.58
CA ILE F 412 -74.42 15.32 -62.40
C ILE F 412 -74.09 14.27 -63.44
N ALA F 413 -75.12 13.59 -63.90
CA ALA F 413 -75.03 12.69 -65.04
C ALA F 413 -76.43 12.53 -65.61
N ALA F 414 -76.54 12.51 -66.94
CA ALA F 414 -77.81 12.66 -67.62
C ALA F 414 -78.14 11.38 -68.37
N GLY F 415 -79.29 10.79 -68.07
CA GLY F 415 -79.67 9.51 -68.66
C GLY F 415 -80.34 9.70 -69.99
N PHE F 416 -79.88 8.95 -70.99
CA PHE F 416 -80.45 8.97 -72.31
C PHE F 416 -80.52 7.55 -72.88
N TYR F 417 -81.57 7.29 -73.65
CA TYR F 417 -81.74 5.99 -74.29
C TYR F 417 -82.53 6.15 -75.58
N GLN F 418 -81.95 5.72 -76.70
CA GLN F 418 -82.67 5.70 -77.98
C GLN F 418 -82.31 4.39 -78.68
N GLY F 419 -83.11 3.37 -78.41
CA GLY F 419 -82.84 2.07 -78.99
C GLY F 419 -81.63 1.43 -78.37
N ASN F 420 -80.60 1.20 -79.17
CA ASN F 420 -79.51 0.34 -78.80
C ASN F 420 -78.40 1.03 -78.01
N TRP F 421 -78.35 2.37 -78.05
CA TRP F 421 -77.20 3.06 -77.51
C TRP F 421 -77.54 3.65 -76.15
N ALA F 422 -76.55 4.32 -75.56
CA ALA F 422 -76.67 5.04 -74.29
C ALA F 422 -75.43 5.90 -74.14
N MET F 423 -75.50 6.87 -73.24
CA MET F 423 -74.33 7.67 -72.94
C MET F 423 -74.57 8.39 -71.62
N LEU F 424 -73.49 8.57 -70.86
CA LEU F 424 -73.53 9.23 -69.56
C LEU F 424 -72.48 10.31 -69.53
N LEU F 425 -72.90 11.55 -69.35
CA LEU F 425 -72.01 12.69 -69.13
C LEU F 425 -71.69 12.80 -67.64
N THR F 426 -70.47 13.21 -67.33
CA THR F 426 -69.99 13.24 -65.95
C THR F 426 -69.07 14.42 -65.76
N ALA F 427 -69.34 15.23 -64.75
CA ALA F 427 -68.50 16.36 -64.45
C ALA F 427 -68.82 16.85 -63.06
N LEU F 428 -67.92 17.66 -62.54
CA LEU F 428 -68.11 18.29 -61.24
C LEU F 428 -67.04 19.34 -61.07
N SER F 429 -67.33 20.33 -60.24
CA SER F 429 -66.33 21.30 -59.84
C SER F 429 -66.31 21.34 -58.34
N SER F 430 -65.11 21.44 -57.78
CA SER F 430 -64.96 21.47 -56.34
C SER F 430 -63.80 22.39 -56.00
N SER F 431 -63.97 23.14 -54.92
CA SER F 431 -62.94 24.03 -54.46
C SER F 431 -63.01 24.11 -52.95
N THR F 432 -61.93 24.59 -52.36
CA THR F 432 -61.84 24.66 -50.91
C THR F 432 -60.87 25.76 -50.55
N LYS F 433 -61.20 26.53 -49.50
CA LYS F 433 -60.37 27.66 -49.10
C LYS F 433 -60.23 27.68 -47.59
N ASN F 434 -59.04 28.05 -47.12
CA ASN F 434 -58.70 28.00 -45.72
C ASN F 434 -57.80 29.15 -45.35
N ASP F 435 -58.04 29.76 -44.18
CA ASP F 435 -57.28 30.88 -43.67
C ASP F 435 -57.06 30.68 -42.18
N ILE F 436 -56.08 31.42 -41.66
CA ILE F 436 -55.67 31.36 -40.27
C ILE F 436 -55.03 32.71 -39.93
N LEU F 437 -54.85 32.94 -38.64
CA LEU F 437 -54.22 34.16 -38.19
C LEU F 437 -53.85 33.97 -36.74
N ALA F 438 -52.68 34.45 -36.34
CA ALA F 438 -52.23 34.25 -34.97
C ALA F 438 -51.39 35.42 -34.50
N THR F 439 -51.88 36.16 -33.50
CA THR F 439 -51.18 37.33 -32.98
C THR F 439 -51.04 37.19 -31.48
N PRO F 440 -49.95 36.59 -30.98
CA PRO F 440 -49.69 36.70 -29.54
C PRO F 440 -48.71 37.78 -29.16
N SER F 441 -48.79 38.24 -27.90
CA SER F 441 -47.97 39.36 -27.41
C SER F 441 -47.64 39.12 -25.96
N ILE F 442 -46.48 39.65 -25.54
CA ILE F 442 -46.01 39.40 -24.19
C ILE F 442 -44.99 40.43 -23.73
N VAL F 443 -44.68 40.45 -22.43
CA VAL F 443 -43.70 41.34 -21.82
C VAL F 443 -42.88 40.52 -20.85
N THR F 444 -41.66 40.98 -20.61
CA THR F 444 -40.75 40.32 -19.70
C THR F 444 -39.56 41.24 -19.52
N LEU F 445 -38.61 40.79 -18.71
CA LEU F 445 -37.38 41.56 -18.61
C LEU F 445 -36.45 41.06 -19.69
N ASP F 446 -35.24 41.62 -19.77
CA ASP F 446 -34.38 41.24 -20.88
C ASP F 446 -33.83 39.83 -20.67
N ASN F 447 -33.09 39.64 -19.59
CA ASN F 447 -32.27 38.44 -19.49
C ASN F 447 -33.09 37.18 -19.22
N MET F 448 -34.19 37.30 -18.48
CA MET F 448 -34.98 36.11 -18.17
C MET F 448 -35.93 35.79 -19.33
N GLN F 449 -36.05 34.52 -19.67
CA GLN F 449 -36.86 34.11 -20.80
C GLN F 449 -38.30 33.98 -20.36
N ALA F 450 -39.23 34.48 -21.17
CA ALA F 450 -40.62 34.14 -20.98
C ALA F 450 -41.06 33.17 -22.08
N THR F 451 -42.05 32.38 -21.78
CA THR F 451 -42.60 31.46 -22.76
C THR F 451 -44.12 31.43 -22.63
N PHE F 452 -44.78 31.02 -23.70
CA PHE F 452 -46.20 31.25 -23.84
C PHE F 452 -46.78 30.19 -24.76
N ASN F 453 -48.00 29.73 -24.47
CA ASN F 453 -48.59 28.76 -25.35
C ASN F 453 -50.07 28.62 -25.09
N VAL F 454 -50.80 28.26 -26.15
CA VAL F 454 -52.23 28.07 -26.10
C VAL F 454 -52.51 26.77 -26.83
N GLY F 455 -53.59 26.10 -26.47
CA GLY F 455 -53.99 24.94 -27.22
C GLY F 455 -54.15 23.72 -26.34
N GLN F 456 -54.71 22.69 -26.95
CA GLN F 456 -55.05 21.49 -26.20
C GLN F 456 -53.82 20.61 -26.01
N GLU F 457 -54.03 19.49 -25.32
CA GLU F 457 -52.95 18.58 -25.00
C GLU F 457 -53.42 17.14 -25.13
N VAL F 458 -52.63 16.31 -25.79
CA VAL F 458 -53.18 14.99 -26.15
C VAL F 458 -52.08 13.94 -26.02
N PRO F 459 -52.39 12.76 -25.54
CA PRO F 459 -51.35 11.77 -25.32
C PRO F 459 -51.18 10.72 -26.41
N VAL F 460 -49.92 10.47 -26.70
CA VAL F 460 -49.51 9.52 -27.70
C VAL F 460 -48.95 8.30 -26.98
N LEU F 461 -48.80 7.18 -27.70
CA LEU F 461 -48.33 5.94 -27.06
C LEU F 461 -46.85 5.71 -27.33
N THR F 462 -46.03 6.42 -26.61
CA THR F 462 -44.59 6.22 -26.60
C THR F 462 -44.16 5.79 -25.22
N THR F 475 -48.53 2.63 -21.67
CA THR F 475 -47.35 3.48 -21.61
C THR F 475 -47.40 4.65 -22.60
N VAL F 476 -47.58 5.86 -22.07
CA VAL F 476 -47.64 7.05 -22.91
C VAL F 476 -47.23 8.31 -22.14
N GLU F 477 -47.15 9.43 -22.85
CA GLU F 477 -46.76 10.70 -22.22
C GLU F 477 -47.68 11.84 -22.66
N ARG F 478 -47.42 13.04 -22.15
CA ARG F 478 -48.27 14.19 -22.49
C ARG F 478 -47.75 14.92 -23.72
N LYS F 479 -48.66 15.30 -24.62
CA LYS F 479 -48.22 16.01 -25.82
C LYS F 479 -49.12 17.21 -26.02
N THR F 480 -48.51 18.32 -26.44
CA THR F 480 -49.21 19.60 -26.56
C THR F 480 -49.28 19.99 -28.03
N VAL F 481 -50.38 20.61 -28.41
CA VAL F 481 -50.60 21.04 -29.77
C VAL F 481 -51.19 22.45 -29.73
N GLY F 482 -50.42 23.43 -30.17
CA GLY F 482 -50.95 24.79 -30.22
C GLY F 482 -50.05 25.85 -30.81
N ILE F 483 -49.76 26.89 -30.04
CA ILE F 483 -48.92 27.98 -30.51
C ILE F 483 -47.90 28.29 -29.42
N LYS F 484 -46.80 27.55 -29.41
CA LYS F 484 -45.76 27.67 -28.39
C LYS F 484 -44.76 28.71 -28.81
N LEU F 485 -45.00 29.97 -28.44
CA LEU F 485 -44.11 31.05 -28.79
C LEU F 485 -43.25 31.50 -27.60
N LYS F 486 -41.95 31.22 -27.69
CA LYS F 486 -41.01 31.59 -26.64
C LYS F 486 -39.85 32.42 -27.19
N VAL F 487 -39.33 33.34 -26.39
CA VAL F 487 -38.22 34.17 -26.84
C VAL F 487 -37.22 34.57 -25.76
N LYS F 488 -36.22 35.34 -26.17
CA LYS F 488 -35.18 35.83 -25.29
C LYS F 488 -34.76 37.22 -25.74
N PRO F 489 -35.15 38.26 -25.05
CA PRO F 489 -34.86 39.61 -25.50
C PRO F 489 -33.61 40.21 -24.91
N GLN F 490 -32.73 40.73 -25.74
CA GLN F 490 -31.51 41.40 -25.30
C GLN F 490 -31.50 42.81 -25.89
N ILE F 491 -31.51 43.82 -25.02
CA ILE F 491 -31.50 45.21 -25.45
C ILE F 491 -30.06 45.70 -25.45
N ASN F 492 -29.60 46.18 -26.58
CA ASN F 492 -28.17 46.43 -26.74
C ASN F 492 -27.86 47.92 -26.75
N GLU F 493 -28.12 48.51 -27.91
CA GLU F 493 -28.01 49.93 -28.17
C GLU F 493 -29.13 50.65 -27.42
N GLY F 494 -29.12 51.99 -27.49
CA GLY F 494 -30.29 52.76 -27.16
C GLY F 494 -31.57 52.16 -27.71
N ASP F 495 -31.59 51.89 -29.02
CA ASP F 495 -32.73 51.22 -29.64
C ASP F 495 -32.23 50.12 -30.56
N ALA F 496 -32.24 48.89 -30.06
CA ALA F 496 -32.11 47.68 -30.86
C ALA F 496 -32.34 46.50 -29.93
N VAL F 497 -32.69 45.36 -30.50
CA VAL F 497 -33.03 44.20 -29.69
C VAL F 497 -32.60 42.93 -30.39
N LEU F 498 -32.62 41.83 -29.64
CA LEU F 498 -32.11 40.55 -30.12
C LEU F 498 -33.08 39.47 -29.67
N LEU F 499 -33.51 38.65 -30.59
CA LEU F 499 -34.65 37.79 -30.35
C LEU F 499 -34.35 36.40 -30.88
N GLU F 500 -34.00 35.48 -29.97
CA GLU F 500 -33.81 34.08 -30.35
C GLU F 500 -35.12 33.34 -30.11
N ILE F 501 -36.01 33.54 -31.05
CA ILE F 501 -37.40 33.12 -30.91
C ILE F 501 -37.59 31.76 -31.55
N GLU F 502 -38.50 30.99 -30.98
CA GLU F 502 -38.92 29.77 -31.64
C GLU F 502 -40.37 29.44 -31.31
N GLN F 503 -41.07 28.86 -32.29
CA GLN F 503 -42.48 28.61 -32.08
C GLN F 503 -43.03 27.74 -33.19
N GLU F 504 -44.27 27.32 -33.00
CA GLU F 504 -44.95 26.48 -33.98
C GLU F 504 -46.44 26.65 -33.82
N VAL F 505 -47.15 26.60 -34.93
CA VAL F 505 -48.60 26.54 -34.87
C VAL F 505 -49.01 25.16 -35.30
N SER F 506 -49.44 24.36 -34.35
CA SER F 506 -49.74 22.97 -34.61
C SER F 506 -51.21 22.71 -34.44
N SER F 507 -51.72 21.76 -35.23
CA SER F 507 -53.07 21.28 -35.00
C SER F 507 -53.13 19.80 -35.38
N VAL F 508 -54.32 19.23 -35.32
CA VAL F 508 -54.53 17.84 -35.67
C VAL F 508 -55.71 17.80 -36.60
N ALA F 509 -55.57 17.10 -37.74
CA ALA F 509 -56.64 17.06 -38.72
C ALA F 509 -57.38 15.74 -38.66
N ASP F 510 -56.78 14.70 -39.24
CA ASP F 510 -57.28 13.36 -39.11
C ASP F 510 -58.63 13.20 -39.81
N SER F 511 -58.88 13.94 -40.88
CA SER F 511 -59.96 13.55 -41.78
C SER F 511 -59.84 12.04 -42.05
N ALA F 512 -58.69 11.63 -42.59
CA ALA F 512 -58.33 10.23 -42.77
C ALA F 512 -56.82 10.15 -42.84
N SER F 513 -56.21 9.24 -42.08
CA SER F 513 -54.77 9.21 -41.97
C SER F 513 -54.35 7.80 -41.61
N SER F 514 -53.05 7.60 -41.49
CA SER F 514 -52.50 6.31 -41.14
C SER F 514 -52.50 6.14 -39.62
N THR F 515 -53.54 5.48 -39.12
CA THR F 515 -53.53 4.93 -37.77
C THR F 515 -53.76 3.44 -37.88
N SER F 516 -52.79 2.67 -37.40
CA SER F 516 -52.80 1.24 -37.57
C SER F 516 -53.31 0.55 -36.31
N SER F 517 -54.18 1.25 -35.58
CA SER F 517 -54.63 0.83 -34.26
C SER F 517 -53.51 0.93 -33.25
N ASP F 518 -52.58 1.84 -33.53
CA ASP F 518 -51.41 2.01 -32.69
C ASP F 518 -51.48 3.38 -32.06
N LEU F 519 -51.14 4.40 -32.84
CA LEU F 519 -50.99 5.78 -32.39
C LEU F 519 -51.65 6.61 -33.47
N GLY F 520 -52.73 7.29 -33.10
CA GLY F 520 -53.54 7.91 -34.14
C GLY F 520 -53.30 9.39 -34.22
N ALA F 521 -52.56 9.84 -35.24
CA ALA F 521 -52.07 11.20 -35.09
C ALA F 521 -51.43 11.68 -36.37
N THR F 522 -51.59 12.97 -36.62
CA THR F 522 -50.99 13.64 -37.75
C THR F 522 -50.12 14.83 -37.35
N PHE F 523 -50.59 15.64 -36.42
CA PHE F 523 -49.76 16.66 -35.82
C PHE F 523 -49.18 17.60 -36.86
N ASN F 524 -50.05 18.13 -37.72
CA ASN F 524 -49.62 19.17 -38.65
C ASN F 524 -48.93 20.29 -37.87
N THR F 525 -47.81 20.77 -38.39
CA THR F 525 -46.94 21.70 -37.64
C THR F 525 -46.11 22.53 -38.57
N ARG F 526 -45.79 23.76 -38.13
CA ARG F 526 -44.73 24.55 -38.70
C ARG F 526 -43.88 25.12 -37.58
N THR F 527 -42.55 25.02 -37.68
CA THR F 527 -41.67 25.31 -36.56
C THR F 527 -40.54 26.23 -37.01
N VAL F 528 -40.45 27.40 -36.40
CA VAL F 528 -39.41 28.38 -36.72
C VAL F 528 -38.49 28.59 -35.54
N ASN F 529 -37.23 28.92 -35.82
CA ASN F 529 -36.31 29.37 -34.79
C ASN F 529 -35.14 30.09 -35.45
N ASN F 530 -34.72 31.19 -34.87
CA ASN F 530 -33.62 31.97 -35.41
C ASN F 530 -33.29 33.08 -34.43
N ALA F 531 -32.40 33.97 -34.83
CA ALA F 531 -31.96 35.10 -34.04
C ALA F 531 -31.89 36.29 -34.97
N VAL F 532 -32.21 37.48 -34.47
CA VAL F 532 -32.32 38.65 -35.33
C VAL F 532 -32.03 39.90 -34.52
N LEU F 533 -31.47 40.91 -35.18
CA LEU F 533 -31.35 42.24 -34.64
C LEU F 533 -32.46 43.09 -35.22
N VAL F 534 -33.13 43.87 -34.38
CA VAL F 534 -34.30 44.60 -34.80
C VAL F 534 -34.35 45.95 -34.11
N GLY F 535 -34.81 46.97 -34.82
CA GLY F 535 -35.01 48.26 -34.21
C GLY F 535 -36.26 48.27 -33.38
N SER F 536 -36.44 49.32 -32.60
CA SER F 536 -37.47 49.29 -31.55
C SER F 536 -38.87 49.11 -32.09
N GLY F 537 -39.40 50.15 -32.74
CA GLY F 537 -40.70 50.07 -33.38
C GLY F 537 -40.63 49.79 -34.85
N GLU F 538 -40.71 48.51 -35.23
CA GLU F 538 -40.42 48.11 -36.61
C GLU F 538 -41.16 46.83 -36.95
N THR F 539 -41.74 46.79 -38.14
CA THR F 539 -42.30 45.59 -38.72
C THR F 539 -41.22 44.80 -39.44
N VAL F 540 -41.08 43.52 -39.13
CA VAL F 540 -39.94 42.75 -39.54
C VAL F 540 -40.39 41.42 -40.14
N VAL F 541 -39.93 41.13 -41.36
CA VAL F 541 -40.22 39.84 -41.98
C VAL F 541 -39.24 38.80 -41.50
N VAL F 542 -39.74 37.75 -40.89
CA VAL F 542 -38.88 36.72 -40.35
C VAL F 542 -38.79 35.51 -41.26
N GLY F 543 -39.92 34.94 -41.64
CA GLY F 543 -39.91 33.66 -42.33
C GLY F 543 -41.06 33.55 -43.30
N GLY F 544 -40.81 32.83 -44.38
CA GLY F 544 -41.77 32.85 -45.47
C GLY F 544 -41.81 31.64 -46.37
N LEU F 545 -43.00 31.25 -46.82
CA LEU F 545 -43.17 30.11 -47.71
C LEU F 545 -44.34 30.38 -48.65
N LEU F 546 -44.18 30.04 -49.94
CA LEU F 546 -45.27 30.19 -50.91
C LEU F 546 -45.15 29.16 -52.02
N ASP F 547 -46.18 28.38 -52.26
CA ASP F 547 -46.03 27.17 -53.07
C ASP F 547 -47.35 26.73 -53.73
N LYS F 548 -47.30 26.42 -55.01
CA LYS F 548 -48.39 25.78 -55.74
C LYS F 548 -48.05 24.33 -56.10
N THR F 549 -49.08 23.56 -56.43
CA THR F 549 -48.90 22.14 -56.74
C THR F 549 -50.04 21.66 -57.64
N VAL F 550 -49.70 21.31 -58.88
CA VAL F 550 -50.70 20.93 -59.88
C VAL F 550 -50.45 19.50 -60.32
N THR F 551 -51.54 18.82 -60.67
CA THR F 551 -51.44 17.50 -61.25
C THR F 551 -52.60 17.31 -62.22
N ASP F 552 -52.36 16.49 -63.25
CA ASP F 552 -53.30 16.24 -64.33
C ASP F 552 -53.43 14.75 -64.57
N THR F 553 -54.61 14.35 -65.05
CA THR F 553 -54.86 12.95 -65.37
C THR F 553 -55.74 12.86 -66.62
N ALA F 554 -55.22 12.24 -67.69
CA ALA F 554 -55.98 12.11 -68.93
C ALA F 554 -55.92 10.67 -69.44
N ASP F 555 -56.95 10.30 -70.20
CA ASP F 555 -57.02 8.99 -70.85
C ASP F 555 -58.07 9.05 -71.96
N LYS F 556 -57.75 8.47 -73.12
CA LYS F 556 -58.65 8.53 -74.26
C LYS F 556 -58.36 7.35 -75.17
N VAL F 557 -59.40 6.88 -75.86
CA VAL F 557 -59.21 5.85 -76.88
C VAL F 557 -58.26 6.39 -77.94
N PRO F 558 -57.26 5.62 -78.34
CA PRO F 558 -56.21 6.17 -79.22
C PRO F 558 -56.80 6.59 -80.55
N LEU F 559 -56.10 7.54 -81.21
CA LEU F 559 -56.44 8.08 -82.53
C LEU F 559 -57.69 8.92 -82.50
N LEU F 560 -58.37 8.99 -81.38
CA LEU F 560 -59.64 9.67 -81.31
C LEU F 560 -59.51 10.87 -80.39
N GLY F 561 -60.60 11.61 -80.23
CA GLY F 561 -60.55 12.86 -79.48
C GLY F 561 -59.64 13.92 -80.09
N ASP F 562 -59.13 13.70 -81.30
CA ASP F 562 -58.13 14.59 -81.83
C ASP F 562 -58.73 15.86 -82.40
N ILE F 563 -59.95 15.82 -82.94
CA ILE F 563 -60.62 17.05 -83.34
C ILE F 563 -61.18 17.72 -82.09
N PRO F 564 -60.56 18.80 -81.64
CA PRO F 564 -60.90 19.36 -80.32
C PRO F 564 -62.38 19.65 -80.18
N VAL F 565 -62.96 20.35 -81.16
CA VAL F 565 -64.39 20.68 -81.06
C VAL F 565 -65.25 19.43 -81.13
N ILE F 566 -64.91 18.49 -82.00
CA ILE F 566 -65.77 17.33 -82.16
C ILE F 566 -65.29 16.25 -81.20
N GLY F 567 -64.04 15.83 -81.35
CA GLY F 567 -63.52 14.66 -80.64
C GLY F 567 -63.54 14.78 -79.13
N ALA F 568 -63.89 15.95 -78.60
CA ALA F 568 -63.91 16.15 -77.15
C ALA F 568 -64.79 15.14 -76.45
N LEU F 569 -65.53 14.32 -77.18
CA LEU F 569 -66.44 13.35 -76.62
C LEU F 569 -65.77 12.03 -76.22
N PHE F 570 -64.46 11.91 -76.34
CA PHE F 570 -63.83 10.67 -75.95
C PHE F 570 -62.79 10.83 -74.86
N ARG F 571 -62.16 11.98 -74.71
CA ARG F 571 -61.25 12.24 -73.59
C ARG F 571 -61.98 12.02 -72.27
N SER F 572 -61.17 11.88 -71.23
CA SER F 572 -61.69 11.84 -69.86
C SER F 572 -60.66 12.49 -68.95
N ASP F 573 -61.03 13.57 -68.29
CA ASP F 573 -60.10 14.54 -67.74
C ASP F 573 -60.31 14.67 -66.24
N SER F 574 -59.22 14.67 -65.50
CA SER F 574 -59.29 15.06 -64.09
C SER F 574 -58.08 15.93 -63.77
N LYS F 575 -58.32 17.18 -63.41
CA LYS F 575 -57.25 18.11 -63.12
C LYS F 575 -57.52 18.75 -61.76
N LYS F 576 -56.45 19.09 -61.06
CA LYS F 576 -56.57 19.73 -59.77
C LYS F 576 -55.27 20.45 -59.43
N VAL F 577 -55.38 21.46 -58.60
CA VAL F 577 -54.26 22.28 -58.18
C VAL F 577 -54.35 22.52 -56.69
N SER F 578 -53.22 22.93 -56.09
CA SER F 578 -53.19 23.41 -54.73
C SER F 578 -52.14 24.50 -54.60
N LYS F 579 -52.52 25.62 -54.01
CA LYS F 579 -51.61 26.74 -53.78
C LYS F 579 -51.51 26.99 -52.29
N ARG F 580 -50.38 27.56 -51.86
CA ARG F 580 -50.09 27.74 -50.43
C ARG F 580 -49.08 28.83 -50.22
N ASN F 581 -49.17 29.51 -49.08
CA ASN F 581 -48.25 30.58 -48.77
C ASN F 581 -48.20 30.75 -47.27
N LEU F 582 -47.09 31.25 -46.73
CA LEU F 582 -46.94 31.37 -45.29
C LEU F 582 -45.98 32.50 -44.98
N MET F 583 -46.37 33.38 -44.04
CA MET F 583 -45.58 34.55 -43.73
C MET F 583 -45.48 34.81 -42.24
N LEU F 584 -44.29 35.20 -41.81
CA LEU F 584 -43.96 35.42 -40.40
C LEU F 584 -43.48 36.86 -40.19
N PHE F 585 -44.03 37.54 -39.18
CA PHE F 585 -43.60 38.87 -38.82
C PHE F 585 -43.52 39.04 -37.31
N ILE F 586 -42.51 39.79 -36.87
CA ILE F 586 -42.29 40.11 -35.48
C ILE F 586 -42.11 41.60 -35.32
N ARG F 587 -42.44 42.12 -34.15
CA ARG F 587 -42.16 43.53 -33.86
C ARG F 587 -42.11 43.77 -32.36
N PRO F 588 -41.00 44.23 -31.85
CA PRO F 588 -40.92 44.59 -30.44
C PRO F 588 -41.30 46.06 -30.21
N THR F 589 -41.24 46.48 -28.95
CA THR F 589 -41.25 47.87 -28.53
C THR F 589 -40.56 47.97 -27.19
N ILE F 590 -39.70 48.93 -27.05
CA ILE F 590 -39.09 49.17 -25.75
C ILE F 590 -40.03 49.96 -24.87
N ILE F 591 -39.93 49.77 -23.56
CA ILE F 591 -40.72 50.51 -22.59
C ILE F 591 -39.81 50.87 -21.43
N ARG F 592 -39.67 52.18 -21.12
CA ARG F 592 -38.71 52.58 -20.10
C ARG F 592 -39.36 52.72 -18.72
N ASP F 593 -40.50 53.40 -18.65
CA ASP F 593 -41.07 53.74 -17.36
C ASP F 593 -42.60 53.79 -17.48
N ARG F 594 -43.21 54.26 -16.39
CA ARG F 594 -44.67 54.32 -16.26
C ARG F 594 -45.33 54.97 -17.47
N ASP F 595 -44.86 56.18 -17.79
CA ASP F 595 -45.47 56.95 -18.86
C ASP F 595 -45.55 56.13 -20.13
N GLU F 596 -44.40 55.76 -20.68
CA GLU F 596 -44.35 54.88 -21.85
C GLU F 596 -45.22 53.66 -21.69
N TYR F 597 -45.44 53.22 -20.45
CA TYR F 597 -46.25 52.02 -20.27
C TYR F 597 -47.74 52.30 -20.56
N ARG F 598 -48.23 53.45 -20.12
CA ARG F 598 -49.67 53.71 -20.23
C ARG F 598 -50.14 53.62 -21.68
N GLN F 599 -49.42 54.27 -22.61
CA GLN F 599 -49.84 54.22 -24.00
C GLN F 599 -49.88 52.78 -24.52
N ALA F 600 -48.84 52.01 -24.20
CA ALA F 600 -48.76 50.66 -24.75
C ALA F 600 -49.94 49.84 -24.28
N SER F 601 -50.17 49.84 -22.97
CA SER F 601 -51.27 49.05 -22.45
C SER F 601 -52.61 49.56 -22.97
N SER F 602 -52.95 50.80 -22.61
CA SER F 602 -54.25 51.34 -23.00
C SER F 602 -54.53 51.10 -24.48
N GLY F 603 -53.67 51.65 -25.34
CA GLY F 603 -53.87 51.48 -26.77
C GLY F 603 -54.09 50.04 -27.17
N GLN F 604 -53.18 49.15 -26.74
CA GLN F 604 -53.29 47.74 -27.10
C GLN F 604 -54.64 47.18 -26.67
N TYR F 605 -55.03 47.46 -25.43
CA TYR F 605 -56.32 47.03 -24.91
C TYR F 605 -57.47 47.50 -25.78
N THR F 606 -57.38 48.74 -26.26
CA THR F 606 -58.34 49.24 -27.23
C THR F 606 -58.36 48.37 -28.47
N ALA F 607 -57.18 48.03 -28.99
CA ALA F 607 -57.11 47.08 -30.09
C ALA F 607 -57.90 45.82 -29.78
N PHE F 608 -57.91 45.39 -28.53
CA PHE F 608 -58.76 44.27 -28.13
C PHE F 608 -60.23 44.63 -28.28
N ASN F 609 -60.65 45.70 -27.61
CA ASN F 609 -62.06 46.07 -27.58
C ASN F 609 -62.60 46.33 -28.99
N ASN F 610 -61.73 46.71 -29.93
CA ASN F 610 -62.17 46.91 -31.30
C ASN F 610 -62.88 45.70 -31.85
N ALA F 611 -62.20 44.56 -31.86
CA ALA F 611 -62.82 43.35 -32.38
C ALA F 611 -63.88 42.82 -31.42
N GLN F 612 -63.63 42.94 -30.11
CA GLN F 612 -64.60 42.46 -29.13
C GLN F 612 -65.98 43.06 -29.37
N THR F 613 -66.07 44.38 -29.22
CA THR F 613 -67.33 45.09 -29.40
C THR F 613 -67.70 45.28 -30.88
N LYS F 614 -66.86 44.76 -31.77
CA LYS F 614 -67.07 44.90 -33.22
C LYS F 614 -68.40 44.42 -33.80
N GLN F 615 -68.87 43.24 -33.36
CA GLN F 615 -70.10 42.68 -33.88
C GLN F 615 -71.26 42.85 -32.89
N ARG F 616 -71.27 42.02 -31.86
CA ARG F 616 -72.31 42.09 -30.84
C ARG F 616 -72.14 43.23 -29.85
N GLY F 617 -73.15 44.10 -29.77
CA GLY F 617 -73.11 45.23 -28.86
C GLY F 617 -73.68 44.96 -27.49
N LYS F 618 -72.84 44.44 -26.60
CA LYS F 618 -73.26 44.13 -25.24
C LYS F 618 -72.54 45.03 -24.23
N GLU F 619 -73.15 45.19 -23.07
CA GLU F 619 -72.57 46.04 -22.02
C GLU F 619 -71.75 45.03 -21.20
N SER F 620 -70.54 45.42 -20.81
CA SER F 620 -69.69 44.51 -20.05
C SER F 620 -69.02 45.00 -18.76
N SER F 621 -69.50 44.48 -17.64
CA SER F 621 -68.96 44.72 -16.31
C SER F 621 -67.45 44.61 -16.20
N GLU F 622 -66.92 43.46 -16.64
CA GLU F 622 -65.48 43.28 -16.56
C GLU F 622 -64.75 44.27 -17.44
N ALA F 623 -64.97 44.19 -18.74
CA ALA F 623 -64.24 45.05 -19.66
C ALA F 623 -64.27 46.50 -19.21
N SER F 624 -65.48 47.07 -19.10
CA SER F 624 -65.58 48.45 -18.68
C SER F 624 -64.81 48.76 -17.41
N LEU F 625 -65.04 47.94 -16.36
CA LEU F 625 -64.36 48.18 -15.10
C LEU F 625 -62.85 48.19 -15.28
N SER F 626 -62.34 47.19 -16.01
CA SER F 626 -60.91 47.11 -16.32
C SER F 626 -60.40 48.37 -16.99
N ASN F 627 -61.21 48.91 -17.90
CA ASN F 627 -60.89 50.20 -18.51
C ASN F 627 -60.77 51.27 -17.45
N ASP F 628 -61.73 51.32 -16.51
CA ASP F 628 -61.61 52.23 -15.38
C ASP F 628 -60.26 52.08 -14.70
N LEU F 629 -59.73 50.86 -14.65
CA LEU F 629 -58.37 50.68 -14.14
C LEU F 629 -57.34 51.36 -15.03
N LEU F 630 -57.34 50.98 -16.31
CA LEU F 630 -56.33 51.49 -17.24
C LEU F 630 -56.36 53.01 -17.33
N HIS F 631 -57.52 53.62 -17.06
CA HIS F 631 -57.59 55.08 -17.08
C HIS F 631 -56.56 55.72 -16.18
N ILE F 632 -56.56 55.34 -14.91
CA ILE F 632 -55.62 55.87 -13.94
C ILE F 632 -54.18 55.55 -14.35
N GLN F 639 -63.61 60.49 -9.91
CA GLN F 639 -64.88 59.78 -9.83
C GLN F 639 -65.99 60.55 -10.54
N ALA F 640 -65.88 61.87 -10.54
CA ALA F 640 -66.88 62.72 -11.19
C ALA F 640 -66.79 62.61 -12.70
N PHE F 641 -65.57 62.63 -13.23
CA PHE F 641 -65.35 62.53 -14.67
C PHE F 641 -66.00 61.25 -15.18
N ARG F 642 -66.03 60.23 -14.33
CA ARG F 642 -66.63 58.95 -14.71
C ARG F 642 -68.14 59.08 -14.85
N GLN F 643 -68.70 60.14 -14.28
CA GLN F 643 -70.15 60.37 -14.35
C GLN F 643 -70.57 61.12 -15.59
N VAL F 644 -69.88 62.23 -15.84
CA VAL F 644 -70.20 63.09 -16.96
C VAL F 644 -69.90 62.42 -18.31
N SER F 645 -68.72 61.81 -18.45
CA SER F 645 -68.32 61.12 -19.71
C SER F 645 -69.29 59.96 -20.00
N ALA F 646 -69.64 59.24 -18.96
CA ALA F 646 -70.68 58.21 -19.03
C ALA F 646 -72.00 58.78 -19.57
N ALA F 647 -72.47 59.87 -18.97
CA ALA F 647 -73.76 60.46 -19.37
C ALA F 647 -73.71 60.87 -20.82
N ILE F 648 -72.64 61.54 -21.24
CA ILE F 648 -72.47 61.93 -22.65
C ILE F 648 -72.59 60.68 -23.55
N ASP F 649 -71.92 59.59 -23.16
CA ASP F 649 -72.00 58.29 -23.87
C ASP F 649 -73.43 57.82 -24.00
N ALA F 650 -74.16 57.82 -22.89
CA ALA F 650 -75.57 57.45 -22.92
C ALA F 650 -76.27 58.23 -23.99
N PHE F 651 -76.11 59.56 -23.92
CA PHE F 651 -76.83 60.43 -24.82
C PHE F 651 -76.61 60.02 -26.27
N ASN F 652 -75.38 59.72 -26.64
CA ASN F 652 -75.08 59.46 -28.05
C ASN F 652 -75.21 57.96 -28.41
N LEU F 653 -76.45 57.48 -28.33
CA LEU F 653 -76.84 56.13 -28.74
C LEU F 653 -78.00 56.26 -29.70
N SER G 28 47.00 45.08 93.93
CA SER G 28 46.88 45.92 92.76
C SER G 28 47.83 45.43 91.68
N ALA G 29 47.42 45.60 90.42
CA ALA G 29 48.16 45.06 89.28
C ALA G 29 49.20 46.07 88.79
N SER G 30 50.16 46.39 89.68
CA SER G 30 51.20 47.36 89.34
C SER G 30 52.45 46.63 88.88
N PHE G 31 52.49 46.30 87.59
CA PHE G 31 53.59 45.58 86.99
C PHE G 31 54.25 46.43 85.93
N LYS G 32 55.53 46.72 86.12
CA LYS G 32 56.30 47.54 85.19
C LYS G 32 57.43 46.75 84.58
N GLY G 33 57.39 46.57 83.26
CA GLY G 33 58.38 45.81 82.54
C GLY G 33 58.59 44.41 83.05
N THR G 34 57.65 43.88 83.81
CA THR G 34 57.81 42.58 84.43
C THR G 34 57.83 41.48 83.39
N ASP G 35 58.82 40.59 83.47
CA ASP G 35 58.91 39.48 82.53
C ASP G 35 57.77 38.51 82.70
N ILE G 36 57.32 37.94 81.57
CA ILE G 36 56.22 37.00 81.60
C ILE G 36 56.55 35.82 82.51
N GLN G 37 57.81 35.42 82.57
CA GLN G 37 58.20 34.33 83.46
C GLN G 37 58.00 34.71 84.92
N GLU G 38 58.68 35.77 85.35
CA GLU G 38 58.43 36.22 86.71
C GLU G 38 57.00 36.69 86.93
N PHE G 39 56.27 36.98 85.84
CA PHE G 39 54.85 37.25 85.96
C PHE G 39 54.11 36.01 86.46
N ILE G 40 54.31 34.88 85.78
CA ILE G 40 53.65 33.64 86.18
C ILE G 40 54.20 33.17 87.52
N ASN G 41 55.49 33.36 87.75
CA ASN G 41 56.14 32.82 88.91
C ASN G 41 55.88 33.65 90.15
N THR G 42 55.44 34.89 90.00
CA THR G 42 55.08 35.75 91.12
C THR G 42 53.57 35.83 91.32
N VAL G 43 52.83 36.20 90.27
CA VAL G 43 51.37 36.17 90.32
C VAL G 43 50.89 34.78 90.76
N SER G 44 51.54 33.74 90.26
CA SER G 44 51.26 32.39 90.76
C SER G 44 51.39 32.32 92.27
N LYS G 45 52.52 32.78 92.80
CA LYS G 45 52.73 32.83 94.23
C LYS G 45 51.54 33.44 94.95
N ASN G 46 51.13 34.63 94.48
CA ASN G 46 49.98 35.30 95.09
C ASN G 46 48.72 34.49 94.99
N LEU G 47 48.53 33.84 93.83
CA LEU G 47 47.34 33.04 93.62
C LEU G 47 47.38 31.75 94.43
N ASN G 48 48.59 31.20 94.66
CA ASN G 48 48.82 30.00 95.41
C ASN G 48 48.49 28.73 94.63
N LYS G 49 48.49 28.82 93.32
CA LYS G 49 48.19 27.70 92.44
C LYS G 49 49.43 27.25 91.65
N THR G 50 49.58 25.94 91.49
CA THR G 50 50.71 25.37 90.76
C THR G 50 50.59 25.78 89.28
N VAL G 51 51.72 25.83 88.58
CA VAL G 51 51.62 26.13 87.16
C VAL G 51 52.85 25.65 86.43
N ILE G 52 52.66 24.98 85.29
CA ILE G 52 53.78 24.55 84.47
C ILE G 52 53.84 25.42 83.22
N ILE G 53 54.96 26.10 83.05
CA ILE G 53 55.25 26.91 81.88
C ILE G 53 55.90 26.01 80.86
N ASP G 54 55.66 26.28 79.57
CA ASP G 54 56.38 25.59 78.51
C ASP G 54 57.47 26.49 77.92
N PRO G 55 58.45 25.90 77.22
CA PRO G 55 59.51 26.75 76.66
C PRO G 55 59.02 27.64 75.53
N SER G 56 59.96 28.36 74.91
CA SER G 56 59.65 29.23 73.78
C SER G 56 58.63 30.29 74.17
N VAL G 57 58.68 30.71 75.43
CA VAL G 57 57.80 31.73 75.97
C VAL G 57 58.71 32.84 76.45
N ARG G 58 58.88 33.88 75.62
CA ARG G 58 59.85 34.93 75.89
C ARG G 58 59.16 36.27 75.70
N GLY G 59 59.18 37.10 76.72
CA GLY G 59 58.57 38.41 76.61
C GLY G 59 58.31 39.02 77.96
N THR G 60 57.55 40.13 77.93
CA THR G 60 57.30 40.97 79.10
C THR G 60 56.05 41.80 78.86
N ILE G 61 55.54 42.39 79.94
CA ILE G 61 54.43 43.30 79.91
C ILE G 61 54.83 44.54 80.68
N THR G 62 53.92 45.50 80.73
CA THR G 62 54.04 46.63 81.62
C THR G 62 52.68 47.30 81.71
N VAL G 63 52.33 47.73 82.92
CA VAL G 63 50.99 48.26 83.11
C VAL G 63 50.93 49.00 84.43
N ARG G 64 50.18 50.10 84.47
CA ARG G 64 49.88 50.76 85.73
C ARG G 64 48.40 50.57 86.04
N SER G 65 48.10 50.15 87.27
CA SER G 65 46.74 49.95 87.71
C SER G 65 46.49 50.80 88.95
N TYR G 66 45.26 51.29 89.05
CA TYR G 66 44.85 52.14 90.14
C TYR G 66 43.94 51.45 91.15
N ASP G 67 43.10 50.52 90.70
CA ASP G 67 42.19 49.78 91.56
C ASP G 67 42.72 48.38 91.85
N MET G 68 42.22 47.80 92.93
CA MET G 68 42.74 46.54 93.46
C MET G 68 41.93 45.36 92.94
N LEU G 69 42.63 44.26 92.57
CA LEU G 69 42.04 43.13 91.86
C LEU G 69 42.58 41.84 92.46
N ASN G 70 42.02 41.39 93.59
CA ASN G 70 42.34 40.05 94.08
C ASN G 70 41.17 39.09 94.12
N GLU G 71 39.92 39.57 94.30
CA GLU G 71 38.88 38.63 94.69
C GLU G 71 38.61 37.61 93.57
N GLU G 72 38.04 38.07 92.47
CA GLU G 72 37.82 37.17 91.33
C GLU G 72 38.43 37.84 90.12
N GLN G 73 38.46 39.16 90.15
CA GLN G 73 38.97 39.92 89.03
C GLN G 73 40.47 39.75 88.90
N TYR G 74 41.11 39.21 89.94
CA TYR G 74 42.50 38.80 89.89
C TYR G 74 42.73 37.76 88.79
N TYR G 75 42.16 36.57 88.99
CA TYR G 75 42.26 35.51 88.00
C TYR G 75 41.67 35.95 86.66
N GLN G 76 40.58 36.71 86.71
CA GLN G 76 39.98 37.23 85.50
C GLN G 76 41.00 37.97 84.65
N PHE G 77 41.53 39.07 85.22
CA PHE G 77 42.43 39.92 84.48
C PHE G 77 43.74 39.23 84.17
N PHE G 78 44.18 38.33 85.04
CA PHE G 78 45.36 37.52 84.76
C PHE G 78 45.22 36.82 83.42
N LEU G 79 44.15 36.02 83.29
CA LEU G 79 43.91 35.32 82.04
C LEU G 79 43.72 36.30 80.88
N SER G 80 43.13 37.48 81.14
CA SER G 80 43.04 38.46 80.06
C SER G 80 44.42 38.88 79.56
N VAL G 81 45.37 39.07 80.48
CA VAL G 81 46.68 39.52 80.07
C VAL G 81 47.38 38.45 79.26
N LEU G 82 47.31 37.21 79.72
CA LEU G 82 47.81 36.13 78.90
C LEU G 82 47.13 36.11 77.53
N ASP G 83 45.88 36.52 77.48
CA ASP G 83 45.14 36.51 76.23
C ASP G 83 45.64 37.57 75.26
N VAL G 84 46.12 38.70 75.76
CA VAL G 84 46.54 39.77 74.87
C VAL G 84 47.70 39.30 74.00
N TYR G 85 48.74 38.78 74.62
CA TYR G 85 49.85 38.26 73.84
C TYR G 85 49.47 37.02 73.04
N GLY G 86 48.26 36.48 73.28
CA GLY G 86 47.88 35.26 72.62
C GLY G 86 48.50 34.01 73.20
N PHE G 87 49.45 34.12 74.11
CA PHE G 87 49.90 32.93 74.83
C PHE G 87 48.73 32.47 75.69
N ALA G 88 48.23 31.29 75.44
CA ALA G 88 46.98 30.88 76.04
C ALA G 88 47.23 29.82 77.09
N VAL G 89 46.28 29.70 78.00
CA VAL G 89 46.38 28.71 79.05
C VAL G 89 45.04 27.98 79.22
N ILE G 90 45.13 26.74 79.70
CA ILE G 90 43.99 25.91 80.04
C ILE G 90 44.14 25.47 81.49
N ASN G 91 43.06 25.60 82.26
CA ASN G 91 43.09 25.21 83.67
C ASN G 91 42.40 23.87 83.85
N MET G 92 42.83 23.14 84.87
CA MET G 92 42.32 21.80 85.11
C MET G 92 41.80 21.73 86.54
N ASN G 93 41.17 20.62 86.88
CA ASN G 93 40.45 20.48 88.13
C ASN G 93 41.39 19.97 89.24
N ASN G 94 42.02 18.83 89.02
CA ASN G 94 42.89 18.23 90.03
C ASN G 94 44.16 19.04 90.25
N GLY G 95 44.86 19.38 89.17
CA GLY G 95 45.94 20.33 89.23
C GLY G 95 45.52 21.64 88.59
N VAL G 96 46.41 22.62 88.66
CA VAL G 96 46.10 23.95 88.15
C VAL G 96 46.46 24.01 86.67
N LEU G 97 46.28 25.20 86.07
CA LEU G 97 46.41 25.41 84.64
C LEU G 97 47.83 25.18 84.15
N LYS G 98 48.01 25.38 82.84
CA LYS G 98 49.28 25.22 82.14
C LYS G 98 49.34 26.30 81.07
N VAL G 99 50.52 26.48 80.50
CA VAL G 99 50.76 27.45 79.45
C VAL G 99 51.16 26.71 78.19
N VAL G 100 50.46 26.96 77.09
CA VAL G 100 50.75 26.31 75.83
C VAL G 100 51.35 27.30 74.85
N ARG G 101 52.10 26.77 73.90
CA ARG G 101 52.64 27.53 72.78
C ARG G 101 51.94 27.16 71.47
N ALA G 102 51.07 26.14 71.46
CA ALA G 102 50.28 25.75 70.30
C ALA G 102 48.99 26.56 70.18
N LYS G 103 48.53 27.18 71.25
CA LYS G 103 47.41 28.11 71.27
C LYS G 103 46.09 27.50 70.80
N ASP G 104 46.04 26.20 70.60
CA ASP G 104 44.86 25.62 69.95
C ASP G 104 44.02 24.82 70.94
N ALA G 105 42.77 24.60 70.51
CA ALA G 105 41.90 23.65 71.18
C ALA G 105 42.42 22.21 71.04
N LYS G 106 43.32 21.97 70.09
CA LYS G 106 43.87 20.64 69.86
C LYS G 106 44.61 20.04 71.05
N THR G 107 44.72 20.81 72.13
CA THR G 107 45.41 20.36 73.34
C THR G 107 44.83 19.24 74.20
N SER G 108 43.78 18.60 73.71
CA SER G 108 43.14 17.51 74.45
C SER G 108 42.35 18.04 75.64
N ALA G 109 42.27 19.37 75.74
CA ALA G 109 41.54 20.01 76.83
C ALA G 109 40.70 21.10 76.19
N VAL G 110 39.39 20.99 76.33
CA VAL G 110 38.47 21.97 75.75
C VAL G 110 37.17 21.92 76.53
N PRO G 111 37.04 22.58 77.68
CA PRO G 111 35.77 22.51 78.42
C PRO G 111 34.69 23.18 77.60
N VAL G 112 33.62 22.44 77.32
CA VAL G 112 32.61 22.86 76.34
C VAL G 112 31.37 23.29 77.10
N ALA G 113 30.97 24.55 76.90
CA ALA G 113 29.73 25.03 77.48
C ALA G 113 28.52 24.34 76.87
N SER G 114 27.43 24.33 77.62
CA SER G 114 26.19 23.70 77.19
C SER G 114 25.05 24.70 77.13
N ALA G 115 25.36 25.96 76.81
CA ALA G 115 24.42 27.05 76.50
C ALA G 115 23.84 27.65 77.78
N ALA G 116 24.19 27.11 78.95
CA ALA G 116 23.85 27.79 80.18
C ALA G 116 25.03 28.51 80.80
N ALA G 117 26.24 28.01 80.62
CA ALA G 117 27.46 28.70 81.03
C ALA G 117 28.19 29.26 79.83
N PRO G 118 27.92 30.49 79.41
CA PRO G 118 28.76 31.12 78.38
C PRO G 118 30.15 31.44 78.86
N GLY G 119 30.42 31.37 80.16
CA GLY G 119 31.73 31.71 80.66
C GLY G 119 31.96 33.20 80.56
N GLU G 120 33.20 33.56 80.20
CA GLU G 120 33.58 34.96 80.05
C GLU G 120 34.79 35.00 79.13
N GLY G 121 35.02 36.15 78.52
CA GLY G 121 35.84 36.27 77.33
C GLY G 121 37.19 35.58 77.44
N ASP G 122 37.65 35.42 78.66
CA ASP G 122 39.02 34.98 78.87
C ASP G 122 39.22 33.53 78.48
N GLU G 123 38.26 32.66 78.79
CA GLU G 123 38.48 31.23 78.64
C GLU G 123 38.22 30.75 77.21
N VAL G 124 38.66 29.54 76.91
CA VAL G 124 38.49 28.91 75.62
C VAL G 124 37.55 27.72 75.79
N VAL G 125 36.47 27.71 75.01
CA VAL G 125 35.50 26.62 75.04
C VAL G 125 35.43 26.02 73.65
N THR G 126 34.51 25.07 73.44
CA THR G 126 34.21 24.57 72.10
C THR G 126 32.71 24.35 72.02
N ARG G 127 32.02 25.25 71.35
CA ARG G 127 30.57 25.25 71.34
C ARG G 127 30.05 24.69 70.04
N VAL G 128 28.76 24.35 70.05
CA VAL G 128 28.13 23.72 68.91
C VAL G 128 26.66 24.01 68.96
N VAL G 129 26.06 24.16 67.79
CA VAL G 129 24.61 24.31 67.77
C VAL G 129 24.04 23.63 66.53
N PRO G 130 22.93 22.92 66.63
CA PRO G 130 22.25 22.43 65.45
C PRO G 130 21.40 23.48 64.74
N LEU G 131 22.03 24.16 63.79
CA LEU G 131 21.34 25.17 62.97
C LEU G 131 20.24 24.53 62.11
N THR G 132 19.02 25.03 62.22
CA THR G 132 17.86 24.30 61.77
C THR G 132 17.19 24.82 60.51
N ASN G 133 17.59 25.97 59.98
CA ASN G 133 16.84 26.55 58.88
C ASN G 133 17.64 26.86 57.62
N VAL G 134 18.96 26.82 57.67
CA VAL G 134 19.79 27.43 56.64
C VAL G 134 20.90 26.46 56.27
N ALA G 135 21.31 26.51 55.01
CA ALA G 135 22.51 25.79 54.61
C ALA G 135 23.68 26.24 55.45
N ALA G 136 24.32 25.29 56.13
CA ALA G 136 25.48 25.56 56.96
C ALA G 136 26.79 25.59 56.20
N ARG G 137 26.76 25.66 54.86
CA ARG G 137 28.02 25.85 54.15
C ARG G 137 28.38 27.32 54.00
N ASP G 138 27.45 28.15 53.52
CA ASP G 138 27.87 29.45 53.03
C ASP G 138 28.24 30.41 54.16
N LEU G 139 27.61 30.31 55.31
CA LEU G 139 28.03 31.14 56.42
C LEU G 139 29.36 30.71 57.00
N ALA G 140 29.91 29.63 56.52
CA ALA G 140 31.15 29.07 57.02
C ALA G 140 32.36 29.82 56.46
N PRO G 141 32.39 30.21 55.19
CA PRO G 141 33.50 31.07 54.76
C PRO G 141 33.45 32.43 55.41
N LEU G 142 32.28 33.05 55.40
CA LEU G 142 32.18 34.38 56.04
C LEU G 142 32.53 34.33 57.51
N LEU G 143 32.27 33.20 58.18
CA LEU G 143 32.53 33.14 59.61
C LEU G 143 33.95 32.66 59.88
N ARG G 144 34.45 31.74 59.07
CA ARG G 144 35.85 31.39 59.13
C ARG G 144 36.73 32.58 58.79
N GLN G 145 36.20 33.60 58.11
CA GLN G 145 36.94 34.83 57.89
C GLN G 145 36.73 35.82 59.04
N LEU G 146 35.47 36.19 59.30
CA LEU G 146 35.21 37.17 60.34
C LEU G 146 35.90 36.76 61.62
N ASN G 147 35.90 35.47 61.91
CA ASN G 147 36.49 34.88 63.10
C ASN G 147 37.68 34.01 62.74
N ASP G 148 38.49 34.43 61.78
CA ASP G 148 39.69 33.66 61.54
C ASP G 148 40.70 34.13 62.55
N ASN G 149 40.70 33.52 63.70
CA ASN G 149 41.63 33.94 64.74
C ASN G 149 43.01 33.40 64.33
N ALA G 150 43.95 34.30 64.13
CA ALA G 150 45.25 33.88 63.63
C ALA G 150 46.17 33.41 64.73
N GLY G 151 45.63 33.13 65.91
CA GLY G 151 46.38 32.53 66.99
C GLY G 151 45.89 31.13 67.28
N ALA G 152 45.58 30.39 66.22
CA ALA G 152 45.01 29.04 66.29
C ALA G 152 43.57 29.08 66.83
N GLY G 153 42.80 30.06 66.35
CA GLY G 153 41.40 30.19 66.72
C GLY G 153 40.54 29.10 66.11
N SER G 154 39.23 29.28 66.32
CA SER G 154 38.23 28.27 65.98
C SER G 154 38.24 27.89 64.50
N VAL G 155 37.46 26.87 64.18
CA VAL G 155 37.17 26.44 62.82
C VAL G 155 35.66 26.21 62.71
N VAL G 156 35.22 25.89 61.49
CA VAL G 156 33.80 25.74 61.21
C VAL G 156 33.61 24.60 60.22
N HIS G 157 32.73 23.65 60.56
CA HIS G 157 32.51 22.52 59.68
C HIS G 157 31.04 22.16 59.58
N TYR G 158 30.75 21.48 58.48
CA TYR G 158 29.41 21.08 58.13
C TYR G 158 29.27 19.57 58.16
N GLU G 159 28.22 19.08 58.81
CA GLU G 159 27.82 17.68 58.71
C GLU G 159 26.38 17.62 58.20
N PRO G 160 25.99 16.58 57.43
CA PRO G 160 24.64 16.56 56.89
C PRO G 160 23.58 16.56 57.95
N SER G 161 23.94 16.41 59.21
CA SER G 161 23.05 16.67 60.32
C SER G 161 23.08 18.13 60.77
N ASN G 162 23.68 19.02 59.99
CA ASN G 162 23.66 20.46 60.23
C ASN G 162 24.20 20.85 61.57
N VAL G 163 25.13 20.05 62.08
CA VAL G 163 25.85 20.46 63.25
C VAL G 163 26.54 21.75 62.88
N LEU G 164 26.60 22.67 63.81
CA LEU G 164 27.37 23.89 63.63
C LEU G 164 28.19 24.06 64.89
N LEU G 165 29.51 23.87 64.74
CA LEU G 165 30.41 23.76 65.86
C LEU G 165 31.54 24.76 65.69
N MET G 166 32.12 25.16 66.82
CA MET G 166 33.30 25.99 66.80
C MET G 166 33.92 25.92 68.18
N THR G 167 35.14 26.40 68.30
CA THR G 167 35.74 26.52 69.62
C THR G 167 36.02 27.96 70.03
N GLY G 168 36.84 28.70 69.28
CA GLY G 168 36.99 30.13 69.48
C GLY G 168 37.41 30.50 70.89
N ARG G 169 36.80 31.56 71.41
CA ARG G 169 36.96 32.08 72.76
C ARG G 169 35.59 32.13 73.42
N ALA G 170 35.52 32.62 74.63
CA ALA G 170 34.22 32.67 75.30
C ALA G 170 33.48 33.95 75.02
N ALA G 171 34.20 35.02 74.70
CA ALA G 171 33.53 36.27 74.29
C ALA G 171 32.97 36.15 72.88
N VAL G 172 33.72 35.52 71.97
CA VAL G 172 33.24 35.21 70.64
C VAL G 172 31.88 34.54 70.68
N ILE G 173 31.67 33.70 71.70
CA ILE G 173 30.41 32.97 71.81
C ILE G 173 29.23 33.95 71.75
N LYS G 174 29.29 35.00 72.58
CA LYS G 174 28.23 36.01 72.59
C LYS G 174 27.94 36.55 71.20
N ARG G 175 28.97 37.03 70.51
CA ARG G 175 28.75 37.67 69.22
C ARG G 175 28.15 36.68 68.24
N LEU G 176 28.60 35.43 68.24
CA LEU G 176 28.14 34.52 67.19
C LEU G 176 26.77 33.90 67.47
N LEU G 177 26.54 33.44 68.71
CA LEU G 177 25.18 33.13 69.14
C LEU G 177 24.21 34.23 68.72
N THR G 178 24.57 35.46 69.05
CA THR G 178 23.71 36.56 68.64
C THR G 178 23.57 36.61 67.12
N ILE G 179 24.63 36.28 66.39
CA ILE G 179 24.54 36.32 64.94
C ILE G 179 23.48 35.36 64.46
N VAL G 180 23.65 34.07 64.74
CA VAL G 180 22.73 33.09 64.18
C VAL G 180 21.31 33.34 64.69
N GLU G 181 21.17 33.56 65.99
CA GLU G 181 19.85 33.86 66.55
C GLU G 181 19.17 35.03 65.88
N ARG G 182 19.92 36.01 65.37
CA ARG G 182 19.21 37.04 64.63
C ARG G 182 18.96 36.62 63.20
N VAL G 183 19.98 36.07 62.52
CA VAL G 183 19.85 35.78 61.10
C VAL G 183 18.94 34.58 60.85
N ASP G 184 18.90 33.61 61.76
CA ASP G 184 17.97 32.52 61.56
C ASP G 184 16.55 32.92 61.90
N ASN G 185 16.37 33.83 62.84
CA ASN G 185 15.05 34.30 63.22
C ASN G 185 14.51 35.31 62.23
N ALA G 186 15.14 35.42 61.05
CA ALA G 186 14.66 36.34 60.02
C ALA G 186 13.60 35.63 59.18
N GLY G 187 12.40 35.52 59.75
CA GLY G 187 11.17 35.25 59.02
C GLY G 187 11.18 34.09 58.06
N ASP G 188 11.58 32.92 58.54
CA ASP G 188 11.59 31.71 57.72
C ASP G 188 10.16 31.29 57.37
N ARG G 189 10.09 30.25 56.55
CA ARG G 189 8.84 29.83 55.90
C ARG G 189 7.66 29.79 56.85
N SER G 190 6.58 30.46 56.47
CA SER G 190 5.30 30.32 57.12
C SER G 190 4.21 30.35 56.06
N VAL G 191 3.10 29.69 56.36
CA VAL G 191 2.03 29.46 55.39
C VAL G 191 0.77 30.18 55.83
N VAL G 192 -0.01 30.65 54.87
CA VAL G 192 -1.31 31.25 55.14
C VAL G 192 -2.08 31.25 53.83
N THR G 193 -3.40 31.33 53.93
CA THR G 193 -4.27 31.21 52.76
C THR G 193 -5.20 32.40 52.68
N VAL G 194 -5.98 32.44 51.62
CA VAL G 194 -7.07 33.41 51.50
C VAL G 194 -8.21 32.75 50.77
N PRO G 195 -9.41 32.80 51.28
CA PRO G 195 -10.54 32.32 50.49
C PRO G 195 -10.87 33.27 49.37
N LEU G 196 -11.93 33.01 48.64
CA LEU G 196 -12.31 33.88 47.54
C LEU G 196 -13.80 33.79 47.34
N SER G 197 -14.46 34.94 47.29
CA SER G 197 -15.91 35.03 47.13
C SER G 197 -16.43 34.38 45.84
N TRP G 198 -16.11 34.92 44.67
CA TRP G 198 -16.73 34.40 43.47
C TRP G 198 -15.79 34.16 42.30
N ALA G 199 -14.61 34.78 42.24
CA ALA G 199 -13.78 34.67 41.05
C ALA G 199 -13.18 33.28 40.88
N SER G 200 -12.68 33.03 39.68
CA SER G 200 -12.04 31.76 39.35
C SER G 200 -10.77 31.55 40.16
N ALA G 201 -10.51 30.30 40.51
CA ALA G 201 -9.31 29.98 41.29
C ALA G 201 -8.12 29.67 40.38
N ALA G 202 -8.14 28.49 39.75
CA ALA G 202 -7.01 28.06 38.94
C ALA G 202 -6.60 29.09 37.89
N GLU G 203 -7.51 30.00 37.55
CA GLU G 203 -7.23 30.99 36.54
C GLU G 203 -6.32 32.08 37.08
N VAL G 204 -6.50 32.44 38.35
CA VAL G 204 -5.71 33.51 38.93
C VAL G 204 -4.26 33.10 39.04
N VAL G 205 -3.97 32.07 39.83
CA VAL G 205 -2.59 31.61 39.94
C VAL G 205 -2.05 31.23 38.57
N LYS G 206 -2.85 30.53 37.78
CA LYS G 206 -2.56 30.37 36.36
C LYS G 206 -2.16 31.69 35.70
N LEU G 207 -2.53 32.82 36.30
CA LEU G 207 -2.11 34.14 35.79
C LEU G 207 -1.35 34.97 36.83
N VAL G 208 -0.67 34.35 37.79
CA VAL G 208 0.11 35.19 38.68
C VAL G 208 1.57 35.09 38.32
N THR G 209 2.02 33.87 38.00
CA THR G 209 3.40 33.63 37.64
C THR G 209 3.70 34.11 36.24
N GLU G 210 2.86 34.98 35.70
CA GLU G 210 3.13 35.67 34.46
C GLU G 210 3.28 37.17 34.69
N LEU G 211 2.62 37.70 35.71
CA LEU G 211 2.78 39.10 36.07
C LEU G 211 3.91 39.33 37.07
N ASN G 212 4.20 38.39 37.96
CA ASN G 212 5.30 38.52 38.91
C ASN G 212 6.15 37.27 38.87
N LYS G 213 6.92 37.08 37.82
CA LYS G 213 7.68 35.86 37.66
C LYS G 213 9.20 36.03 37.80
N ASP G 214 9.81 36.96 37.08
CA ASP G 214 11.26 37.01 37.02
C ASP G 214 11.67 38.35 36.42
N THR G 215 12.97 38.46 36.18
CA THR G 215 13.58 39.60 35.52
C THR G 215 14.83 39.12 34.83
N SER G 216 15.44 39.99 34.03
CA SER G 216 16.70 39.68 33.36
C SER G 216 17.75 39.16 34.31
N LYS G 217 17.66 39.54 35.58
CA LYS G 217 18.54 39.04 36.62
C LYS G 217 17.65 38.75 37.81
N SER G 218 17.82 37.58 38.42
CA SER G 218 17.00 37.16 39.55
C SER G 218 17.03 38.18 40.68
N ALA G 219 15.86 38.41 41.28
CA ALA G 219 15.75 39.34 42.39
C ALA G 219 16.71 38.82 43.45
N LEU G 220 16.77 37.50 43.57
CA LEU G 220 17.67 36.86 44.52
C LEU G 220 17.58 35.34 44.47
N PRO G 221 18.34 34.67 45.32
CA PRO G 221 18.31 33.21 45.37
C PRO G 221 16.89 32.73 45.68
N GLY G 222 16.65 31.42 45.58
CA GLY G 222 15.36 30.87 45.85
C GLY G 222 14.63 31.19 47.13
N SER G 223 15.28 31.78 48.11
CA SER G 223 14.60 32.11 49.35
C SER G 223 14.21 33.58 49.35
N MET G 224 13.40 33.96 50.34
CA MET G 224 12.83 35.31 50.42
C MET G 224 11.95 35.65 49.22
N VAL G 225 11.32 34.63 48.63
CA VAL G 225 10.38 34.81 47.53
C VAL G 225 9.42 33.62 47.56
N ALA G 226 8.17 33.91 47.29
CA ALA G 226 7.11 32.98 47.61
C ALA G 226 6.66 32.24 46.37
N ASN G 227 6.20 31.01 46.58
CA ASN G 227 5.57 30.24 45.53
C ASN G 227 4.07 30.08 45.81
N VAL G 228 3.32 29.81 44.76
CA VAL G 228 1.86 29.84 44.87
C VAL G 228 1.31 28.62 44.14
N VAL G 229 0.43 27.88 44.79
CA VAL G 229 -0.42 26.87 44.19
C VAL G 229 -1.83 27.04 44.74
N ALA G 230 -2.73 26.19 44.23
CA ALA G 230 -4.12 26.31 44.63
C ALA G 230 -4.81 24.99 44.31
N ASP G 231 -5.80 24.67 45.13
CA ASP G 231 -6.71 23.58 44.81
C ASP G 231 -7.96 24.17 44.20
N GLU G 232 -8.71 23.33 43.54
CA GLU G 232 -9.98 23.74 43.00
C GLU G 232 -11.11 23.37 43.94
N ARG G 233 -10.79 22.91 45.13
CA ARG G 233 -11.80 22.23 45.92
C ARG G 233 -12.54 23.21 46.81
N THR G 234 -11.82 24.05 47.55
CA THR G 234 -12.44 25.07 48.39
C THR G 234 -12.38 26.45 47.77
N ASN G 235 -11.81 26.59 46.58
CA ASN G 235 -11.79 27.86 45.87
C ASN G 235 -10.95 28.88 46.67
N ALA G 236 -9.87 28.42 47.26
CA ALA G 236 -8.91 29.33 47.85
C ALA G 236 -7.52 29.01 47.29
N VAL G 237 -6.58 29.88 47.61
CA VAL G 237 -5.24 29.84 47.02
C VAL G 237 -4.19 29.84 48.12
N LEU G 238 -3.04 29.24 47.83
CA LEU G 238 -2.01 28.95 48.81
C LEU G 238 -0.80 29.87 48.59
N VAL G 239 -0.23 30.39 49.68
CA VAL G 239 1.03 31.10 49.60
C VAL G 239 1.92 30.67 50.76
N SER G 240 3.23 30.83 50.56
CA SER G 240 4.19 30.52 51.61
C SER G 240 5.43 31.36 51.37
N GLY G 241 6.03 31.87 52.44
CA GLY G 241 7.13 32.81 52.24
C GLY G 241 7.35 33.65 53.48
N GLU G 242 7.86 34.86 53.21
CA GLU G 242 8.39 35.71 54.26
C GLU G 242 7.54 36.93 54.50
N PRO G 243 7.55 37.46 55.73
CA PRO G 243 6.59 38.49 56.11
C PRO G 243 6.74 39.80 55.40
N ASN G 244 7.71 39.96 54.51
CA ASN G 244 7.72 41.08 53.59
C ASN G 244 7.70 40.65 52.13
N SER G 245 7.39 39.38 51.87
CA SER G 245 7.17 38.88 50.51
C SER G 245 5.71 38.57 50.23
N ARG G 246 5.03 37.96 51.21
CA ARG G 246 3.67 37.51 50.97
C ARG G 246 2.73 38.70 50.82
N GLN G 247 3.02 39.77 51.55
CA GLN G 247 2.12 40.92 51.57
C GLN G 247 1.86 41.41 50.17
N ARG G 248 2.88 41.34 49.32
CA ARG G 248 2.69 41.66 47.91
C ARG G 248 1.64 40.74 47.28
N ILE G 249 1.76 39.44 47.53
CA ILE G 249 0.81 38.50 46.91
C ILE G 249 -0.61 38.83 47.35
N ILE G 250 -0.79 39.07 48.64
CA ILE G 250 -2.11 39.45 49.10
C ILE G 250 -2.55 40.76 48.46
N ALA G 251 -1.59 41.63 48.14
CA ALA G 251 -1.96 42.88 47.49
C ALA G 251 -2.58 42.58 46.15
N MET G 252 -1.90 41.80 45.32
CA MET G 252 -2.46 41.51 44.02
C MET G 252 -3.81 40.85 44.15
N ILE G 253 -3.95 39.83 45.00
CA ILE G 253 -5.24 39.17 45.03
C ILE G 253 -6.32 40.14 45.52
N LYS G 254 -5.98 41.08 46.41
CA LYS G 254 -6.98 42.09 46.80
C LYS G 254 -7.42 42.89 45.59
N GLN G 255 -6.48 43.17 44.69
CA GLN G 255 -6.80 43.92 43.48
C GLN G 255 -7.51 43.04 42.46
N LEU G 256 -7.03 41.81 42.29
CA LEU G 256 -7.61 40.87 41.35
C LEU G 256 -9.03 40.53 41.77
N ASP G 257 -9.27 40.43 43.07
CA ASP G 257 -10.57 40.01 43.57
C ASP G 257 -11.54 41.19 43.51
N ARG G 258 -11.94 41.48 42.30
CA ARG G 258 -12.88 42.56 42.04
C ARG G 258 -14.24 41.99 41.66
N GLN G 259 -15.24 42.86 41.69
CA GLN G 259 -16.60 42.49 41.35
C GLN G 259 -16.89 42.90 39.92
N GLN G 260 -17.71 42.13 39.22
CA GLN G 260 -18.03 42.44 37.84
C GLN G 260 -19.22 43.39 37.67
N ALA G 261 -19.03 44.47 36.91
CA ALA G 261 -20.14 45.38 36.69
C ALA G 261 -21.30 44.60 36.09
N VAL G 262 -20.99 43.89 35.00
CA VAL G 262 -21.96 43.05 34.31
C VAL G 262 -21.13 42.02 33.58
N GLN G 263 -21.49 40.75 33.67
CA GLN G 263 -20.74 39.69 32.99
C GLN G 263 -21.05 39.80 31.50
N GLY G 264 -20.03 40.10 30.70
CA GLY G 264 -20.27 40.24 29.27
C GLY G 264 -19.67 39.11 28.47
N ASN G 265 -19.09 38.13 29.15
CA ASN G 265 -18.54 36.98 28.46
C ASN G 265 -19.58 36.35 27.53
N THR G 266 -20.85 36.31 27.96
CA THR G 266 -21.96 35.88 27.12
C THR G 266 -23.17 36.72 27.41
N LYS G 267 -23.84 37.19 26.38
CA LYS G 267 -25.10 37.89 26.55
C LYS G 267 -26.12 37.42 25.55
N VAL G 268 -27.38 37.35 26.00
CA VAL G 268 -28.46 36.69 25.28
C VAL G 268 -29.37 37.75 24.71
N ILE G 269 -29.55 37.75 23.40
CA ILE G 269 -30.41 38.72 22.79
C ILE G 269 -31.73 38.05 22.43
N TYR G 270 -32.73 38.88 22.09
CA TYR G 270 -34.05 38.42 21.70
C TYR G 270 -34.38 39.14 20.40
N LEU G 271 -34.55 38.38 19.32
CA LEU G 271 -34.85 38.97 18.03
C LEU G 271 -36.36 39.03 17.81
N LYS G 272 -36.83 40.09 17.14
CA LYS G 272 -38.25 40.39 17.18
C LYS G 272 -39.02 39.91 15.95
N TYR G 273 -38.53 40.18 14.72
CA TYR G 273 -39.34 39.85 13.53
C TYR G 273 -38.79 38.76 12.62
N ALA G 274 -37.50 38.51 12.60
CA ALA G 274 -36.95 37.43 11.81
C ALA G 274 -36.80 36.19 12.66
N LYS G 275 -36.84 35.02 12.02
CA LYS G 275 -36.54 33.85 12.80
C LYS G 275 -35.03 33.75 12.99
N ALA G 276 -34.60 32.84 13.83
CA ALA G 276 -33.19 32.73 14.13
C ALA G 276 -32.54 31.56 13.42
N ALA G 277 -33.34 30.64 12.88
CA ALA G 277 -32.77 29.52 12.16
C ALA G 277 -31.95 29.98 10.98
N ASP G 278 -32.52 30.82 10.11
CA ASP G 278 -31.73 31.33 9.01
C ASP G 278 -30.53 32.11 9.50
N LEU G 279 -30.72 32.91 10.55
CA LEU G 279 -29.66 33.81 10.98
C LEU G 279 -28.43 33.04 11.45
N VAL G 280 -28.60 31.94 12.19
CA VAL G 280 -27.41 31.20 12.61
C VAL G 280 -26.50 30.91 11.41
N GLU G 281 -27.09 30.39 10.33
CA GLU G 281 -26.23 29.91 9.26
C GLU G 281 -25.74 31.05 8.38
N VAL G 282 -26.60 32.04 8.08
CA VAL G 282 -26.16 33.24 7.38
C VAL G 282 -24.98 33.88 8.11
N LEU G 283 -25.11 34.04 9.41
CA LEU G 283 -24.04 34.65 10.21
C LEU G 283 -23.16 33.53 10.72
N THR G 284 -22.06 33.26 10.02
CA THR G 284 -21.04 32.40 10.59
C THR G 284 -19.65 33.03 10.67
N GLY G 285 -19.33 34.05 9.88
CA GLY G 285 -17.92 34.39 9.85
C GLY G 285 -17.43 35.82 9.91
N ILE G 286 -17.82 36.61 10.92
CA ILE G 286 -17.39 38.01 10.98
C ILE G 286 -15.88 38.11 11.03
N SER G 287 -15.28 37.60 12.10
CA SER G 287 -13.94 37.98 12.48
C SER G 287 -12.95 36.83 12.51
N SER G 288 -13.42 35.60 12.45
CA SER G 288 -12.53 34.45 12.29
C SER G 288 -11.76 34.55 10.97
N LYS G 305 -10.82 33.09 19.66
CA LYS G 305 -10.61 32.00 18.68
C LYS G 305 -11.56 32.16 17.51
N ASN G 306 -12.84 32.14 17.84
CA ASN G 306 -13.90 32.16 16.85
C ASN G 306 -15.13 32.71 17.54
N ILE G 307 -16.18 32.89 16.77
CA ILE G 307 -17.47 33.31 17.28
C ILE G 307 -18.43 32.16 17.10
N ILE G 308 -18.96 31.65 18.20
CA ILE G 308 -19.90 30.54 18.17
C ILE G 308 -21.27 31.11 18.40
N ILE G 309 -22.10 31.13 17.38
CA ILE G 309 -23.47 31.56 17.55
C ILE G 309 -24.37 30.35 17.69
N LYS G 310 -25.21 30.38 18.69
CA LYS G 310 -26.19 29.35 18.93
C LYS G 310 -27.59 29.98 18.93
N ALA G 311 -28.55 29.27 18.36
CA ALA G 311 -29.93 29.74 18.30
C ALA G 311 -30.84 28.77 19.05
N HIS G 312 -31.83 29.32 19.76
CA HIS G 312 -32.60 28.42 20.60
C HIS G 312 -33.72 27.74 19.81
N GLY G 313 -34.61 28.53 19.21
CA GLY G 313 -35.75 28.01 18.49
C GLY G 313 -36.96 27.70 19.33
N GLN G 314 -36.80 27.51 20.63
CA GLN G 314 -37.96 27.17 21.43
C GLN G 314 -38.51 28.36 22.21
N THR G 315 -37.69 29.38 22.44
CA THR G 315 -38.17 30.73 22.74
C THR G 315 -37.93 31.68 21.59
N ASN G 316 -37.34 31.21 20.49
CA ASN G 316 -36.99 32.09 19.36
C ASN G 316 -36.05 33.19 19.82
N ALA G 317 -34.98 32.80 20.50
CA ALA G 317 -33.94 33.74 20.84
C ALA G 317 -32.59 33.08 20.60
N LEU G 318 -31.58 33.92 20.33
CA LEU G 318 -30.27 33.45 19.96
C LEU G 318 -29.23 33.99 20.93
N ILE G 319 -28.11 33.27 21.01
CA ILE G 319 -27.02 33.65 21.89
C ILE G 319 -25.78 34.09 21.11
N VAL G 320 -24.82 34.63 21.86
CA VAL G 320 -23.55 35.12 21.32
C VAL G 320 -22.61 34.84 22.47
N THR G 321 -21.77 33.82 22.32
CA THR G 321 -20.74 33.51 23.30
C THR G 321 -19.50 33.61 22.45
N ALA G 322 -19.11 34.84 22.16
CA ALA G 322 -17.98 35.06 21.29
C ALA G 322 -17.26 36.21 21.92
N ALA G 323 -16.48 36.93 21.13
CA ALA G 323 -15.79 38.08 21.70
C ALA G 323 -16.55 39.02 22.63
N PRO G 324 -16.02 39.21 23.84
CA PRO G 324 -16.66 40.09 24.82
C PRO G 324 -16.27 41.56 24.70
N ASP G 325 -15.74 41.96 23.54
CA ASP G 325 -15.34 43.34 23.33
C ASP G 325 -15.79 43.94 22.02
N VAL G 326 -16.22 43.15 21.05
CA VAL G 326 -16.57 43.81 19.81
C VAL G 326 -18.00 43.47 19.46
N MET G 327 -18.69 42.86 20.42
CA MET G 327 -20.08 42.47 20.26
C MET G 327 -20.87 43.62 19.63
N ASN G 328 -20.40 44.85 19.84
CA ASN G 328 -21.08 45.99 19.28
C ASN G 328 -21.23 45.89 17.77
N ASP G 329 -20.27 45.23 17.13
CA ASP G 329 -20.37 44.94 15.71
C ASP G 329 -21.45 43.93 15.39
N LEU G 330 -22.04 43.32 16.41
CA LEU G 330 -23.14 42.41 16.23
C LEU G 330 -24.44 43.07 16.61
N GLU G 331 -24.48 43.78 17.74
CA GLU G 331 -25.68 44.54 18.01
C GLU G 331 -26.06 45.46 16.86
N ARG G 332 -25.09 46.13 16.24
CA ARG G 332 -25.48 46.99 15.14
C ARG G 332 -26.04 46.18 13.98
N VAL G 333 -25.43 45.03 13.70
CA VAL G 333 -25.87 44.36 12.49
C VAL G 333 -27.22 43.69 12.72
N ILE G 334 -27.43 43.05 13.88
CA ILE G 334 -28.75 42.49 14.11
C ILE G 334 -29.81 43.59 14.16
N ALA G 335 -29.48 44.74 14.76
CA ALA G 335 -30.41 45.85 14.75
C ALA G 335 -30.75 46.29 13.33
N GLN G 336 -29.78 46.23 12.42
CA GLN G 336 -30.12 46.43 11.02
C GLN G 336 -30.68 45.20 10.36
N LEU G 337 -30.85 44.10 11.08
CA LEU G 337 -31.40 42.90 10.48
C LEU G 337 -32.74 42.45 11.08
N ASP G 338 -33.33 43.19 12.01
CA ASP G 338 -34.64 42.85 12.54
C ASP G 338 -35.59 44.01 12.24
N ILE G 339 -36.51 43.83 11.29
CA ILE G 339 -37.31 44.94 10.76
C ILE G 339 -38.64 44.42 10.23
N ARG G 340 -39.74 45.10 10.62
CA ARG G 340 -41.05 44.74 10.10
C ARG G 340 -41.04 44.73 8.58
N ARG G 341 -41.78 43.80 7.99
CA ARG G 341 -41.78 43.73 6.53
C ARG G 341 -43.16 43.93 5.93
N PRO G 342 -43.29 44.82 4.97
CA PRO G 342 -44.55 45.05 4.26
C PRO G 342 -44.83 43.94 3.26
N GLN G 343 -46.11 43.72 3.02
CA GLN G 343 -46.59 42.67 2.15
C GLN G 343 -47.54 43.23 1.10
N VAL G 344 -47.62 42.57 -0.03
CA VAL G 344 -48.23 43.10 -1.24
C VAL G 344 -49.39 42.20 -1.67
N LEU G 345 -50.46 42.81 -2.19
CA LEU G 345 -51.64 42.11 -2.64
C LEU G 345 -51.62 42.01 -4.16
N VAL G 346 -51.64 40.80 -4.69
CA VAL G 346 -51.57 40.57 -6.12
C VAL G 346 -52.89 39.96 -6.57
N GLU G 347 -53.50 40.54 -7.58
CA GLU G 347 -54.63 39.96 -8.28
C GLU G 347 -54.44 40.07 -9.79
N ALA G 348 -54.75 38.98 -10.48
CA ALA G 348 -54.72 38.98 -11.93
C ALA G 348 -56.10 38.64 -12.45
N ILE G 349 -56.36 39.06 -13.67
CA ILE G 349 -57.67 38.87 -14.27
C ILE G 349 -57.44 38.36 -15.69
N ILE G 350 -58.35 37.54 -16.16
CA ILE G 350 -58.32 37.07 -17.55
C ILE G 350 -59.72 37.02 -18.09
N ALA G 351 -59.82 37.12 -19.41
CA ALA G 351 -61.13 36.99 -20.02
C ALA G 351 -60.94 36.82 -21.50
N GLU G 352 -61.86 36.08 -22.12
CA GLU G 352 -61.79 35.82 -23.53
C GLU G 352 -63.20 35.61 -24.05
N VAL G 353 -63.31 35.45 -25.37
CA VAL G 353 -64.57 35.10 -26.00
C VAL G 353 -64.24 34.11 -27.11
N GLN G 354 -65.17 33.20 -27.35
CA GLN G 354 -65.01 32.23 -28.41
C GLN G 354 -66.32 32.20 -29.16
N ASP G 355 -66.24 32.47 -30.46
CA ASP G 355 -67.41 32.62 -31.29
C ASP G 355 -67.16 31.95 -32.62
N ALA G 356 -68.23 31.44 -33.21
CA ALA G 356 -68.11 30.80 -34.51
C ALA G 356 -69.43 30.93 -35.25
N ASP G 357 -69.33 31.31 -36.51
CA ASP G 357 -70.50 31.41 -37.37
C ASP G 357 -70.39 30.39 -38.48
N GLY G 358 -71.54 29.99 -39.01
CA GLY G 358 -71.59 28.99 -40.05
C GLY G 358 -72.84 29.06 -40.89
N LEU G 359 -72.72 28.81 -42.18
CA LEU G 359 -73.88 28.87 -43.06
C LEU G 359 -73.72 27.77 -44.11
N ASN G 360 -74.81 27.40 -44.74
CA ASN G 360 -74.74 26.49 -45.88
C ASN G 360 -76.01 26.65 -46.69
N LEU G 361 -75.98 26.11 -47.91
CA LEU G 361 -77.10 26.18 -48.82
C LEU G 361 -76.84 25.32 -50.04
N GLY G 362 -77.90 24.67 -50.54
CA GLY G 362 -77.79 23.80 -51.70
C GLY G 362 -79.07 23.05 -52.04
N ILE G 363 -79.27 22.72 -53.33
CA ILE G 363 -80.46 22.03 -53.81
C ILE G 363 -80.04 20.73 -54.51
N GLN G 364 -81.04 19.93 -54.89
CA GLN G 364 -80.78 18.72 -55.65
C GLN G 364 -82.01 18.34 -56.46
N TRP G 365 -81.76 17.69 -57.62
CA TRP G 365 -82.80 17.37 -58.59
C TRP G 365 -82.76 15.89 -58.93
N ALA G 366 -83.87 15.40 -59.48
CA ALA G 366 -84.02 13.99 -59.79
C ALA G 366 -85.13 13.79 -60.79
N ASN G 367 -84.95 12.83 -61.69
CA ASN G 367 -86.00 12.52 -62.66
C ASN G 367 -85.72 11.15 -63.23
N LYS G 368 -86.78 10.33 -63.31
CA LYS G 368 -86.62 8.97 -63.82
C LYS G 368 -86.01 8.97 -65.21
N ASN G 369 -86.47 9.87 -66.09
CA ASN G 369 -85.96 9.93 -67.44
C ASN G 369 -84.75 10.81 -67.58
N ALA G 370 -84.37 11.53 -66.53
CA ALA G 370 -83.36 12.58 -66.65
C ALA G 370 -82.24 12.35 -65.65
N GLY G 371 -81.40 13.37 -65.48
CA GLY G 371 -80.17 13.20 -64.74
C GLY G 371 -80.30 13.05 -63.25
N MET G 372 -79.25 13.45 -62.53
CA MET G 372 -79.25 13.31 -61.07
C MET G 372 -78.21 14.25 -60.49
N THR G 373 -78.64 15.19 -59.66
CA THR G 373 -77.77 16.22 -59.08
C THR G 373 -77.64 15.96 -57.58
N GLN G 374 -76.53 15.37 -57.20
CA GLN G 374 -76.34 14.91 -55.83
C GLN G 374 -75.34 15.79 -55.10
N PHE G 375 -75.51 15.92 -53.79
CA PHE G 375 -74.54 16.61 -52.97
C PHE G 375 -74.46 15.93 -51.60
N THR G 376 -73.32 15.35 -51.26
CA THR G 376 -73.22 14.57 -50.04
C THR G 376 -72.96 15.46 -48.84
N ASN G 377 -72.29 16.58 -49.03
CA ASN G 377 -72.04 17.45 -47.90
C ASN G 377 -73.33 17.87 -47.21
N SER G 378 -74.43 17.85 -47.96
CA SER G 378 -75.69 18.39 -47.45
C SER G 378 -76.23 17.58 -46.27
N GLY G 379 -75.81 16.34 -46.14
CA GLY G 379 -76.33 15.47 -45.12
C GLY G 379 -77.31 14.44 -45.63
N LEU G 380 -77.79 14.59 -46.87
CA LEU G 380 -78.77 13.68 -47.43
C LEU G 380 -78.64 13.61 -48.95
N PRO G 381 -78.37 12.45 -49.50
CA PRO G 381 -78.41 12.31 -50.95
C PRO G 381 -79.84 12.32 -51.49
N ILE G 382 -79.95 12.24 -52.81
CA ILE G 382 -81.24 11.89 -53.38
C ILE G 382 -81.54 10.43 -53.05
N SER G 383 -80.49 9.62 -52.85
CA SER G 383 -80.67 8.22 -52.49
C SER G 383 -81.63 8.08 -51.32
N THR G 384 -81.52 8.99 -50.35
CA THR G 384 -82.49 9.02 -49.27
C THR G 384 -83.92 9.18 -49.78
N ALA G 385 -84.09 9.89 -50.87
CA ALA G 385 -85.43 10.17 -51.36
C ALA G 385 -85.96 9.04 -52.22
N ILE G 386 -85.24 8.72 -53.29
CA ILE G 386 -85.66 7.63 -54.15
C ILE G 386 -85.83 6.36 -53.34
N ALA G 387 -84.99 6.15 -52.33
CA ALA G 387 -85.21 5.03 -51.44
C ALA G 387 -86.23 5.31 -50.37
N GLY G 388 -86.66 6.56 -50.18
CA GLY G 388 -87.57 6.85 -49.08
C GLY G 388 -89.01 6.65 -49.52
N ALA G 389 -89.29 7.01 -50.78
CA ALA G 389 -90.66 7.07 -51.23
C ALA G 389 -91.10 5.78 -51.91
N ASN G 390 -90.25 5.19 -52.74
CA ASN G 390 -90.57 3.88 -53.29
C ASN G 390 -90.62 2.80 -52.21
N GLN G 391 -89.77 2.90 -51.19
CA GLN G 391 -89.92 2.02 -50.03
C GLN G 391 -91.12 2.39 -49.19
N TYR G 392 -91.41 3.68 -49.07
CA TYR G 392 -92.55 4.11 -48.28
C TYR G 392 -93.82 3.54 -48.91
N ASN G 393 -94.15 4.04 -50.10
CA ASN G 393 -95.37 3.68 -50.82
C ASN G 393 -95.34 2.23 -51.30
N LYS G 394 -94.18 1.59 -51.34
CA LYS G 394 -94.19 0.13 -51.46
C LYS G 394 -94.72 -0.50 -50.18
N ASP G 395 -94.08 -0.23 -49.05
CA ASP G 395 -94.57 -0.72 -47.77
C ASP G 395 -95.85 -0.02 -47.35
N GLY G 396 -96.21 1.09 -47.97
CA GLY G 396 -97.31 1.91 -47.51
C GLY G 396 -96.85 2.98 -46.54
N THR G 397 -95.92 2.63 -45.66
CA THR G 397 -95.50 3.56 -44.61
C THR G 397 -93.99 3.44 -44.41
N ILE G 398 -93.50 4.11 -43.37
CA ILE G 398 -92.07 4.12 -43.10
C ILE G 398 -91.63 2.72 -42.72
N SER G 399 -90.43 2.36 -43.16
CA SER G 399 -89.74 1.19 -42.65
C SER G 399 -88.35 1.62 -42.21
N SER G 400 -87.92 1.13 -41.03
CA SER G 400 -86.66 1.55 -40.43
C SER G 400 -85.45 1.31 -41.33
N SER G 401 -85.61 0.54 -42.42
CA SER G 401 -84.53 0.35 -43.37
C SER G 401 -84.03 1.68 -43.96
N LEU G 402 -84.81 2.73 -43.87
CA LEU G 402 -84.48 3.97 -44.51
C LEU G 402 -83.29 4.62 -43.81
N ALA G 403 -82.75 5.64 -44.45
CA ALA G 403 -81.49 6.23 -44.04
C ALA G 403 -81.59 6.77 -42.62
N SER G 404 -80.87 6.16 -41.68
CA SER G 404 -80.89 6.65 -40.30
C SER G 404 -80.29 8.03 -40.15
N ALA G 405 -79.75 8.59 -41.23
CA ALA G 405 -79.17 9.93 -41.16
C ALA G 405 -80.18 10.98 -40.72
N LEU G 406 -81.47 10.75 -41.00
CA LEU G 406 -82.50 11.69 -40.59
C LEU G 406 -82.44 12.00 -39.10
N GLY G 407 -81.99 11.04 -38.30
CA GLY G 407 -81.86 11.25 -36.86
C GLY G 407 -80.91 12.36 -36.50
N SER G 408 -80.04 12.74 -37.41
CA SER G 408 -79.06 13.77 -37.10
C SER G 408 -79.28 15.08 -37.84
N PHE G 409 -80.15 15.07 -38.85
CA PHE G 409 -80.28 16.24 -39.71
C PHE G 409 -80.76 17.45 -38.90
N ASN G 410 -80.42 18.63 -39.41
CA ASN G 410 -80.90 19.88 -38.86
C ASN G 410 -81.13 20.87 -39.98
N GLY G 411 -82.14 21.73 -39.80
CA GLY G 411 -82.48 22.70 -40.82
C GLY G 411 -83.84 22.46 -41.44
N ILE G 412 -84.00 22.91 -42.68
CA ILE G 412 -85.26 22.78 -43.39
C ILE G 412 -84.98 22.22 -44.78
N ALA G 413 -85.99 21.57 -45.33
CA ALA G 413 -85.99 21.14 -46.72
C ALA G 413 -87.43 20.96 -47.14
N ALA G 414 -87.76 21.37 -48.35
CA ALA G 414 -89.16 21.53 -48.78
C ALA G 414 -89.44 20.55 -49.91
N GLY G 415 -90.44 19.70 -49.71
CA GLY G 415 -90.77 18.66 -50.67
C GLY G 415 -91.68 19.18 -51.76
N PHE G 416 -91.31 18.89 -53.00
CA PHE G 416 -92.10 19.26 -54.16
C PHE G 416 -92.09 18.14 -55.19
N TYR G 417 -93.21 17.98 -55.87
CA TYR G 417 -93.34 16.97 -56.91
C TYR G 417 -94.36 17.43 -57.95
N GLN G 418 -93.93 17.51 -59.21
CA GLN G 418 -94.85 17.80 -60.32
C GLN G 418 -94.45 16.90 -61.48
N GLY G 419 -95.07 15.72 -61.50
CA GLY G 419 -94.77 14.77 -62.54
C GLY G 419 -93.40 14.17 -62.34
N ASN G 420 -92.50 14.40 -63.30
CA ASN G 420 -91.27 13.67 -63.40
C ASN G 420 -90.14 14.22 -62.54
N TRP G 421 -90.24 15.48 -62.11
CA TRP G 421 -89.11 16.13 -61.48
C TRP G 421 -89.28 16.16 -59.96
N ALA G 422 -88.28 16.74 -59.30
CA ALA G 422 -88.27 16.96 -57.86
C ALA G 422 -87.12 17.91 -57.54
N MET G 423 -87.17 18.48 -56.35
CA MET G 423 -86.06 19.32 -55.92
C MET G 423 -86.15 19.48 -54.41
N LEU G 424 -84.99 19.58 -53.77
CA LEU G 424 -84.88 19.74 -52.33
C LEU G 424 -83.97 20.92 -52.03
N LEU G 425 -84.52 21.93 -51.37
CA LEU G 425 -83.72 23.05 -50.85
C LEU G 425 -83.17 22.70 -49.48
N THR G 426 -81.97 23.18 -49.18
CA THR G 426 -81.28 22.82 -47.96
C THR G 426 -80.48 24.00 -47.46
N ALA G 427 -80.68 24.36 -46.19
CA ALA G 427 -79.92 25.46 -45.61
C ALA G 427 -80.06 25.37 -44.10
N LEU G 428 -79.19 26.10 -43.43
CA LEU G 428 -79.22 26.21 -41.98
C LEU G 428 -78.27 27.30 -41.57
N SER G 429 -78.53 27.88 -40.42
CA SER G 429 -77.59 28.80 -39.81
C SER G 429 -77.32 28.34 -38.40
N SER G 430 -76.08 28.44 -37.99
CA SER G 430 -75.68 28.00 -36.67
C SER G 430 -74.59 28.93 -36.16
N SER G 431 -74.66 29.23 -34.86
CA SER G 431 -73.68 30.07 -34.24
C SER G 431 -73.51 29.62 -32.82
N THR G 432 -72.41 30.04 -32.21
CA THR G 432 -72.07 29.63 -30.86
C THR G 432 -71.19 30.69 -30.24
N LYS G 433 -71.43 30.99 -28.95
CA LYS G 433 -70.68 32.04 -28.27
C LYS G 433 -70.29 31.56 -26.88
N ASN G 434 -69.09 31.95 -26.45
CA ASN G 434 -68.51 31.48 -25.21
C ASN G 434 -67.70 32.56 -24.56
N ASP G 435 -67.80 32.69 -23.23
CA ASP G 435 -67.11 33.68 -22.45
C ASP G 435 -66.61 33.03 -21.17
N ILE G 436 -65.66 33.69 -20.53
CA ILE G 436 -65.01 33.24 -19.31
C ILE G 436 -64.48 34.48 -18.58
N LEU G 437 -64.12 34.28 -17.33
CA LEU G 437 -63.56 35.37 -16.54
C LEU G 437 -62.93 34.77 -15.31
N ALA G 438 -61.78 35.27 -14.92
CA ALA G 438 -61.08 34.68 -13.76
C ALA G 438 -60.31 35.76 -13.02
N THR G 439 -60.71 36.01 -11.77
CA THR G 439 -60.07 37.03 -10.94
C THR G 439 -59.67 36.41 -9.61
N PRO G 440 -58.44 35.88 -9.50
CA PRO G 440 -57.96 35.52 -8.16
C PRO G 440 -57.06 36.56 -7.53
N SER G 441 -56.98 36.55 -6.19
CA SER G 441 -56.23 37.55 -5.43
C SER G 441 -55.63 36.90 -4.21
N ILE G 442 -54.48 37.43 -3.77
CA ILE G 442 -53.76 36.82 -2.67
C ILE G 442 -52.80 37.79 -1.99
N VAL G 443 -52.28 37.42 -0.82
CA VAL G 443 -51.33 38.21 -0.05
C VAL G 443 -50.27 37.25 0.46
N THR G 444 -49.09 37.80 0.69
CA THR G 444 -47.96 37.03 1.20
C THR G 444 -46.87 38.03 1.57
N LEU G 445 -45.75 37.49 2.04
CA LEU G 445 -44.63 38.38 2.26
C LEU G 445 -43.84 38.44 0.97
N ASP G 446 -42.73 39.20 0.96
CA ASP G 446 -42.03 39.37 -0.31
C ASP G 446 -41.29 38.09 -0.69
N ASN G 447 -40.36 37.67 0.14
CA ASN G 447 -39.40 36.67 -0.30
C ASN G 447 -40.01 35.27 -0.39
N MET G 448 -40.98 34.94 0.46
CA MET G 448 -41.56 33.60 0.41
C MET G 448 -42.65 33.55 -0.67
N GLN G 449 -42.67 32.47 -1.43
CA GLN G 449 -43.61 32.33 -2.53
C GLN G 449 -44.94 31.82 -2.00
N ALA G 450 -46.03 32.39 -2.47
CA ALA G 450 -47.32 31.77 -2.25
C ALA G 450 -47.83 31.19 -3.56
N THR G 451 -48.66 30.18 -3.46
CA THR G 451 -49.26 29.57 -4.63
C THR G 451 -50.71 29.24 -4.33
N PHE G 452 -51.50 29.13 -5.40
CA PHE G 452 -52.93 29.13 -5.28
C PHE G 452 -53.54 28.38 -6.45
N ASN G 453 -54.62 27.64 -6.20
CA ASN G 453 -55.23 26.93 -7.30
C ASN G 453 -56.63 26.48 -6.93
N VAL G 454 -57.48 26.38 -7.95
CA VAL G 454 -58.85 25.95 -7.82
C VAL G 454 -59.09 24.95 -8.93
N GLY G 455 -60.02 24.02 -8.71
CA GLY G 455 -60.40 23.13 -9.79
C GLY G 455 -60.26 21.67 -9.39
N GLN G 456 -60.78 20.83 -10.26
CA GLN G 456 -60.86 19.41 -9.96
C GLN G 456 -59.52 18.75 -10.26
N GLU G 457 -59.47 17.44 -10.00
CA GLU G 457 -58.26 16.66 -10.17
C GLU G 457 -58.58 15.31 -10.74
N VAL G 458 -57.81 14.90 -11.75
CA VAL G 458 -58.26 13.71 -12.50
C VAL G 458 -57.05 12.88 -12.89
N PRO G 459 -57.13 11.58 -12.84
CA PRO G 459 -55.95 10.75 -13.12
C PRO G 459 -55.85 10.19 -14.52
N VAL G 460 -54.63 10.27 -15.04
CA VAL G 460 -54.29 9.80 -16.35
C VAL G 460 -53.49 8.52 -16.19
N LEU G 461 -53.32 7.75 -17.29
CA LEU G 461 -52.61 6.46 -17.20
C LEU G 461 -51.18 6.61 -17.70
N THR G 462 -50.33 7.17 -16.87
CA THR G 462 -48.91 7.22 -17.11
C THR G 462 -48.20 6.42 -16.03
N THR G 475 -51.50 1.54 -13.38
CA THR G 475 -50.44 2.51 -13.16
C THR G 475 -50.79 3.91 -13.65
N VAL G 476 -51.01 4.83 -12.70
CA VAL G 476 -51.37 6.20 -13.03
C VAL G 476 -50.97 7.17 -11.92
N GLU G 477 -51.14 8.46 -12.17
CA GLU G 477 -50.81 9.49 -11.18
C GLU G 477 -51.91 10.54 -11.05
N ARG G 478 -51.72 11.52 -10.18
CA ARG G 478 -52.74 12.55 -9.99
C ARG G 478 -52.53 13.73 -10.92
N LYS G 479 -53.61 14.25 -11.50
CA LYS G 479 -53.46 15.38 -12.41
C LYS G 479 -54.52 16.40 -12.04
N THR G 480 -54.13 17.67 -12.10
CA THR G 480 -54.97 18.78 -11.68
C THR G 480 -55.34 19.64 -12.88
N VAL G 481 -56.56 20.15 -12.87
CA VAL G 481 -57.06 20.98 -13.95
C VAL G 481 -57.79 22.16 -13.33
N GLY G 482 -57.23 23.36 -13.47
CA GLY G 482 -57.92 24.52 -12.97
C GLY G 482 -57.25 25.86 -13.23
N ILE G 483 -56.97 26.63 -12.17
CA ILE G 483 -56.36 27.93 -12.31
C ILE G 483 -55.20 28.01 -11.32
N LYS G 484 -54.04 27.52 -11.70
CA LYS G 484 -52.87 27.46 -10.83
C LYS G 484 -52.07 28.73 -10.96
N LEU G 485 -52.40 29.72 -10.14
CA LEU G 485 -51.71 31.00 -10.17
C LEU G 485 -50.72 31.16 -9.02
N LYS G 486 -49.43 31.15 -9.34
CA LYS G 486 -48.38 31.29 -8.35
C LYS G 486 -47.43 32.44 -8.71
N VAL G 487 -46.89 33.10 -7.69
CA VAL G 487 -45.98 34.22 -7.93
C VAL G 487 -44.86 34.39 -6.90
N LYS G 488 -44.05 35.42 -7.12
CA LYS G 488 -42.93 35.74 -6.25
C LYS G 488 -42.77 37.25 -6.22
N PRO G 489 -43.14 37.90 -5.15
CA PRO G 489 -43.10 39.36 -5.12
C PRO G 489 -41.84 39.91 -4.49
N GLN G 490 -41.19 40.83 -5.18
CA GLN G 490 -40.00 41.51 -4.67
C GLN G 490 -40.25 43.01 -4.70
N ILE G 491 -40.24 43.65 -3.54
CA ILE G 491 -40.46 45.08 -3.43
C ILE G 491 -39.10 45.78 -3.41
N ASN G 492 -38.91 46.69 -4.35
CA ASN G 492 -37.56 47.21 -4.57
C ASN G 492 -37.43 48.65 -4.08
N GLU G 493 -37.95 49.56 -4.90
CA GLU G 493 -38.05 50.98 -4.64
C GLU G 493 -39.11 51.19 -3.55
N GLY G 494 -39.27 52.46 -3.14
CA GLY G 494 -40.44 52.86 -2.41
C GLY G 494 -41.72 52.28 -2.99
N ASP G 495 -41.94 52.46 -4.29
CA ASP G 495 -43.08 51.87 -4.98
C ASP G 495 -42.62 51.25 -6.29
N ALA G 496 -42.39 49.94 -6.27
CA ALA G 496 -42.25 49.12 -7.46
C ALA G 496 -42.20 47.67 -7.00
N VAL G 497 -42.50 46.75 -7.90
CA VAL G 497 -42.56 45.34 -7.53
C VAL G 497 -42.11 44.48 -8.70
N LEU G 498 -41.86 43.20 -8.40
CA LEU G 498 -41.30 42.27 -9.36
C LEU G 498 -42.05 40.96 -9.22
N LEU G 499 -42.53 40.44 -10.32
CA LEU G 499 -43.51 39.37 -10.28
C LEU G 499 -43.14 38.31 -11.32
N GLU G 500 -42.54 37.21 -10.84
CA GLU G 500 -42.26 36.08 -11.72
C GLU G 500 -43.40 35.10 -11.62
N ILE G 501 -44.46 35.45 -12.32
CA ILE G 501 -45.75 34.77 -12.17
C ILE G 501 -45.88 33.70 -13.22
N GLU G 502 -46.58 32.64 -12.89
CA GLU G 502 -46.97 31.67 -13.88
C GLU G 502 -48.29 31.01 -13.53
N GLN G 503 -49.07 30.68 -14.56
CA GLN G 503 -50.39 30.14 -14.30
C GLN G 503 -51.01 29.63 -15.57
N GLU G 504 -52.15 28.95 -15.40
CA GLU G 504 -52.88 28.41 -16.52
C GLU G 504 -54.33 28.25 -16.14
N VAL G 505 -55.21 28.46 -17.10
CA VAL G 505 -56.61 28.15 -16.91
C VAL G 505 -56.93 26.95 -17.76
N SER G 506 -57.09 25.81 -17.11
CA SER G 506 -57.26 24.55 -17.83
C SER G 506 -58.65 24.00 -17.59
N SER G 507 -59.16 23.32 -18.60
CA SER G 507 -60.38 22.55 -18.41
C SER G 507 -60.34 21.31 -19.29
N VAL G 508 -61.42 20.56 -19.30
CA VAL G 508 -61.53 19.35 -20.11
C VAL G 508 -62.85 19.44 -20.84
N ALA G 509 -62.81 19.22 -22.16
CA ALA G 509 -64.03 19.33 -22.96
C ALA G 509 -64.59 17.95 -23.29
N ASP G 510 -63.98 17.31 -24.28
CA ASP G 510 -64.29 15.91 -24.59
C ASP G 510 -65.71 15.78 -25.13
N SER G 511 -66.22 16.80 -25.82
CA SER G 511 -67.38 16.55 -26.68
C SER G 511 -67.13 15.29 -27.49
N ALA G 512 -66.05 15.28 -28.27
CA ALA G 512 -65.57 14.10 -28.98
C ALA G 512 -64.10 14.31 -29.25
N SER G 513 -63.27 13.32 -28.95
CA SER G 513 -61.83 13.50 -29.04
C SER G 513 -61.19 12.14 -29.26
N SER G 514 -59.88 12.13 -29.38
CA SER G 514 -59.13 10.92 -29.58
C SER G 514 -58.85 10.24 -28.25
N THR G 515 -59.70 9.28 -27.89
CA THR G 515 -59.41 8.31 -26.85
C THR G 515 -59.47 6.94 -27.46
N SER G 516 -58.34 6.22 -27.40
CA SER G 516 -58.23 4.96 -28.09
C SER G 516 -58.43 3.80 -27.12
N SER G 517 -59.24 4.05 -26.09
CA SER G 517 -59.41 3.14 -24.96
C SER G 517 -58.15 3.07 -24.14
N ASP G 518 -57.40 4.17 -24.15
CA ASP G 518 -56.13 4.24 -23.47
C ASP G 518 -56.25 5.28 -22.37
N LEU G 519 -56.16 6.56 -22.76
CA LEU G 519 -56.11 7.69 -21.86
C LEU G 519 -57.03 8.71 -22.49
N GLY G 520 -58.09 9.04 -21.78
CA GLY G 520 -59.15 9.83 -22.41
C GLY G 520 -59.09 11.27 -21.98
N ALA G 521 -58.61 12.16 -22.83
CA ALA G 521 -58.25 13.44 -22.26
C ALA G 521 -57.90 14.44 -23.35
N THR G 522 -58.24 15.68 -23.09
CA THR G 522 -57.93 16.80 -23.97
C THR G 522 -57.15 17.90 -23.27
N PHE G 523 -57.54 18.25 -22.06
CA PHE G 523 -56.75 19.13 -21.23
C PHE G 523 -56.47 20.46 -21.92
N ASN G 524 -57.53 21.10 -22.42
CA ASN G 524 -57.39 22.44 -22.95
C ASN G 524 -56.72 23.33 -21.91
N THR G 525 -55.77 24.14 -22.35
CA THR G 525 -54.90 24.89 -21.42
C THR G 525 -54.34 26.13 -22.07
N ARG G 526 -54.09 27.15 -21.26
CA ARG G 526 -53.24 28.26 -21.63
C ARG G 526 -52.29 28.55 -20.48
N THR G 527 -51.00 28.72 -20.76
CA THR G 527 -49.97 28.76 -19.72
C THR G 527 -49.05 29.95 -19.93
N VAL G 528 -48.99 30.85 -18.96
CA VAL G 528 -48.15 32.03 -19.02
C VAL G 528 -47.07 31.98 -17.96
N ASN G 529 -45.93 32.59 -18.25
CA ASN G 529 -44.91 32.83 -17.24
C ASN G 529 -43.95 33.90 -17.73
N ASN G 530 -43.57 34.79 -16.84
CA ASN G 530 -42.67 35.89 -17.20
C ASN G 530 -42.32 36.64 -15.92
N ALA G 531 -41.63 37.74 -16.08
CA ALA G 531 -41.18 38.60 -14.99
C ALA G 531 -41.42 40.03 -15.42
N VAL G 532 -41.79 40.89 -14.49
CA VAL G 532 -42.17 42.26 -14.85
C VAL G 532 -41.90 43.19 -13.67
N LEU G 533 -41.58 44.44 -13.99
CA LEU G 533 -41.53 45.51 -13.02
C LEU G 533 -42.81 46.30 -13.11
N VAL G 534 -43.41 46.63 -11.98
CA VAL G 534 -44.72 47.25 -11.96
C VAL G 534 -44.80 48.24 -10.83
N GLY G 535 -45.50 49.35 -11.06
CA GLY G 535 -45.73 50.31 -10.01
C GLY G 535 -46.82 49.82 -9.10
N SER G 536 -46.99 50.49 -7.97
CA SER G 536 -47.81 49.92 -6.89
C SER G 536 -49.25 49.71 -7.29
N GLY G 537 -50.01 50.80 -7.44
CA GLY G 537 -51.38 50.72 -7.91
C GLY G 537 -51.53 50.98 -9.39
N GLU G 538 -51.52 49.92 -10.20
CA GLU G 538 -51.41 50.05 -11.64
C GLU G 538 -52.05 48.87 -12.34
N THR G 539 -52.81 49.14 -13.38
CA THR G 539 -53.33 48.14 -14.28
C THR G 539 -52.30 47.83 -15.37
N VAL G 540 -51.96 46.56 -15.56
CA VAL G 540 -50.82 46.19 -16.36
C VAL G 540 -51.21 45.08 -17.34
N VAL G 541 -50.94 45.31 -18.62
CA VAL G 541 -51.18 44.29 -19.64
C VAL G 541 -50.01 43.33 -19.68
N VAL G 542 -50.27 42.06 -19.43
CA VAL G 542 -49.22 41.07 -19.42
C VAL G 542 -49.15 40.28 -20.70
N GLY G 543 -50.25 39.69 -21.14
CA GLY G 543 -50.21 38.74 -22.23
C GLY G 543 -51.48 38.78 -23.03
N GLY G 544 -51.35 38.53 -24.34
CA GLY G 544 -52.47 38.75 -25.21
C GLY G 544 -52.52 37.93 -26.47
N LEU G 545 -53.73 37.53 -26.90
CA LEU G 545 -53.89 36.74 -28.11
C LEU G 545 -55.23 37.12 -28.75
N LEU G 546 -55.26 37.27 -30.08
CA LEU G 546 -56.50 37.55 -30.80
C LEU G 546 -56.45 37.00 -32.21
N ASP G 547 -57.43 36.19 -32.60
CA ASP G 547 -57.27 35.37 -33.80
C ASP G 547 -58.62 34.97 -34.41
N LYS G 548 -58.75 35.12 -35.72
CA LYS G 548 -59.86 34.60 -36.50
C LYS G 548 -59.42 33.44 -37.39
N THR G 549 -60.40 32.67 -37.86
CA THR G 549 -60.11 31.48 -38.68
C THR G 549 -61.32 31.17 -39.55
N VAL G 550 -61.16 31.31 -40.86
CA VAL G 550 -62.26 31.14 -41.81
C VAL G 550 -61.93 30.00 -42.77
N THR G 551 -62.97 29.32 -43.21
CA THR G 551 -62.81 28.31 -44.24
C THR G 551 -64.10 28.27 -45.07
N ASP G 552 -63.95 27.90 -46.35
CA ASP G 552 -65.03 27.87 -47.33
C ASP G 552 -65.02 26.56 -48.07
N THR G 553 -66.20 26.15 -48.52
CA THR G 553 -66.34 24.92 -49.30
C THR G 553 -67.40 25.12 -50.38
N ALA G 554 -67.01 25.00 -51.66
CA ALA G 554 -67.94 25.17 -52.76
C ALA G 554 -67.79 24.03 -53.76
N ASP G 555 -68.90 23.77 -54.47
CA ASP G 555 -68.92 22.77 -55.55
C ASP G 555 -70.14 23.02 -56.42
N LYS G 556 -69.96 22.94 -57.74
CA LYS G 556 -71.03 23.23 -58.68
C LYS G 556 -70.78 22.49 -59.97
N VAL G 557 -71.86 22.13 -60.65
CA VAL G 557 -71.72 21.56 -62.00
C VAL G 557 -71.04 22.57 -62.90
N PRO G 558 -70.03 22.17 -63.66
CA PRO G 558 -69.22 23.16 -64.40
C PRO G 558 -70.08 23.89 -65.41
N LEU G 559 -69.62 25.11 -65.75
CA LEU G 559 -70.23 26.01 -66.74
C LEU G 559 -71.55 26.57 -66.26
N LEU G 560 -72.04 26.13 -65.11
CA LEU G 560 -73.35 26.52 -64.66
C LEU G 560 -73.21 27.34 -63.39
N GLY G 561 -74.33 27.78 -62.85
CA GLY G 561 -74.30 28.69 -61.70
C GLY G 561 -73.64 30.04 -61.99
N ASP G 562 -73.32 30.32 -63.24
CA ASP G 562 -72.53 31.50 -63.54
C ASP G 562 -73.36 32.77 -63.52
N ILE G 563 -74.64 32.71 -63.90
CA ILE G 563 -75.51 33.86 -63.75
C ILE G 563 -75.93 33.97 -62.28
N PRO G 564 -75.36 34.93 -61.55
CA PRO G 564 -75.53 34.93 -60.09
C PRO G 564 -76.99 34.90 -59.67
N VAL G 565 -77.81 35.78 -60.26
CA VAL G 565 -79.24 35.80 -59.88
C VAL G 565 -79.93 34.53 -60.30
N ILE G 566 -79.64 34.01 -61.48
CA ILE G 566 -80.37 32.84 -61.94
C ILE G 566 -79.63 31.60 -61.51
N GLY G 567 -78.38 31.49 -61.94
CA GLY G 567 -77.61 30.25 -61.77
C GLY G 567 -77.39 29.84 -60.33
N ALA G 568 -77.77 30.68 -59.38
CA ALA G 568 -77.57 30.37 -57.96
C ALA G 568 -78.20 29.04 -57.57
N LEU G 569 -78.96 28.41 -58.46
CA LEU G 569 -79.64 27.17 -58.19
C LEU G 569 -78.76 25.93 -58.37
N PHE G 570 -77.49 26.08 -58.69
CA PHE G 570 -76.65 24.90 -58.85
C PHE G 570 -75.47 24.85 -57.91
N ARG G 571 -74.96 25.98 -57.42
CA ARG G 571 -73.91 25.98 -56.41
C ARG G 571 -74.37 25.21 -55.17
N SER G 572 -73.39 24.86 -54.36
CA SER G 572 -73.66 24.27 -53.04
C SER G 572 -72.56 24.73 -52.09
N ASP G 573 -72.95 25.46 -51.05
CA ASP G 573 -72.05 26.31 -50.29
C ASP G 573 -72.02 25.88 -48.84
N SER G 574 -70.83 25.82 -48.27
CA SER G 574 -70.71 25.69 -46.83
C SER G 574 -69.57 26.58 -46.36
N LYS G 575 -69.89 27.58 -45.54
CA LYS G 575 -68.90 28.52 -45.06
C LYS G 575 -69.00 28.61 -43.54
N LYS G 576 -67.87 28.86 -42.89
CA LYS G 576 -67.86 28.98 -41.46
C LYS G 576 -66.60 29.76 -41.04
N VAL G 577 -66.69 30.39 -39.89
CA VAL G 577 -65.61 31.19 -39.33
C VAL G 577 -65.48 30.89 -37.85
N SER G 578 -64.32 31.25 -37.29
CA SER G 578 -64.12 31.24 -35.85
C SER G 578 -63.19 32.39 -35.47
N LYS G 579 -63.59 33.16 -34.47
CA LYS G 579 -62.80 34.27 -33.96
C LYS G 579 -62.47 34.02 -32.50
N ARG G 580 -61.35 34.58 -32.03
CA ARG G 580 -60.87 34.30 -30.68
C ARG G 580 -59.96 35.43 -30.20
N ASN G 581 -59.94 35.65 -28.90
CA ASN G 581 -59.11 36.69 -28.33
C ASN G 581 -58.82 36.33 -26.89
N LEU G 582 -57.70 36.80 -26.35
CA LEU G 582 -57.32 36.44 -24.98
C LEU G 582 -56.46 37.54 -24.39
N MET G 583 -56.78 37.97 -23.17
CA MET G 583 -56.10 39.08 -22.55
C MET G 583 -55.78 38.83 -21.08
N LEU G 584 -54.58 39.24 -20.68
CA LEU G 584 -54.05 39.04 -19.34
C LEU G 584 -53.71 40.36 -18.68
N PHE G 585 -54.15 40.55 -17.44
CA PHE G 585 -53.83 41.74 -16.66
C PHE G 585 -53.52 41.38 -15.22
N ILE G 586 -52.53 42.10 -14.66
CA ILE G 586 -52.13 41.96 -13.28
C ILE G 586 -52.10 43.32 -12.62
N ARG G 587 -52.28 43.34 -11.31
CA ARG G 587 -52.13 44.60 -10.56
C ARG G 587 -51.85 44.32 -9.10
N PRO G 588 -50.72 44.75 -8.59
CA PRO G 588 -50.46 44.62 -7.15
C PRO G 588 -50.96 45.83 -6.37
N THR G 589 -50.72 45.80 -5.05
CA THR G 589 -50.82 46.95 -4.17
C THR G 589 -49.94 46.70 -2.97
N ILE G 590 -49.19 47.68 -2.59
CA ILE G 590 -48.40 47.56 -1.38
C ILE G 590 -49.26 47.83 -0.16
N ILE G 591 -48.91 47.23 0.96
CA ILE G 591 -49.61 47.46 2.22
C ILE G 591 -48.56 47.54 3.32
N ARG G 592 -48.52 48.66 4.06
CA ARG G 592 -47.47 48.84 5.04
C ARG G 592 -47.88 48.39 6.44
N ASP G 593 -49.07 48.81 6.88
CA ASP G 593 -49.44 48.59 8.27
C ASP G 593 -50.97 48.42 8.36
N ARG G 594 -51.43 48.37 9.60
CA ARG G 594 -52.85 48.14 9.91
C ARG G 594 -53.77 49.04 9.12
N ASP G 595 -53.51 50.35 9.19
CA ASP G 595 -54.37 51.32 8.57
C ASP G 595 -54.57 50.99 7.10
N GLU G 596 -53.49 51.03 6.31
CA GLU G 596 -53.54 50.62 4.92
C GLU G 596 -54.22 49.29 4.72
N TYR G 597 -54.18 48.42 5.73
CA TYR G 597 -54.81 47.11 5.57
C TYR G 597 -56.33 47.22 5.57
N ARG G 598 -56.88 48.05 6.46
CA ARG G 598 -58.34 48.08 6.61
C ARG G 598 -59.03 48.41 5.30
N GLN G 599 -58.57 49.45 4.59
CA GLN G 599 -59.22 49.81 3.33
C GLN G 599 -59.16 48.65 2.34
N ALA G 600 -58.01 48.00 2.23
CA ALA G 600 -57.86 46.96 1.23
C ALA G 600 -58.84 45.83 1.49
N SER G 601 -58.85 45.35 2.74
CA SER G 601 -59.74 44.27 3.06
C SER G 601 -61.20 44.68 2.93
N SER G 602 -61.62 45.64 3.74
CA SER G 602 -63.01 46.05 3.73
C SER G 602 -63.51 46.29 2.32
N GLY G 603 -62.88 47.24 1.61
CA GLY G 603 -63.31 47.54 0.25
C GLY G 603 -63.41 46.31 -0.62
N GLN G 604 -62.35 45.49 -0.64
CA GLN G 604 -62.36 44.29 -1.48
C GLN G 604 -63.53 43.40 -1.13
N TYR G 605 -63.74 43.17 0.17
CA TYR G 605 -64.87 42.38 0.66
C TYR G 605 -66.18 42.91 0.15
N THR G 606 -66.32 44.23 0.15
CA THR G 606 -67.49 44.87 -0.47
C THR G 606 -67.61 44.49 -1.92
N ALA G 607 -66.51 44.54 -2.67
CA ALA G 607 -66.53 44.05 -4.04
C ALA G 607 -67.10 42.65 -4.12
N PHE G 608 -66.84 41.82 -3.10
CA PHE G 608 -67.48 40.51 -3.06
C PHE G 608 -68.99 40.63 -2.88
N ASN G 609 -69.40 41.33 -1.82
CA ASN G 609 -70.82 41.42 -1.51
C ASN G 609 -71.62 42.04 -2.64
N ASN G 610 -70.98 42.87 -3.47
CA ASN G 610 -71.66 43.45 -4.62
C ASN G 610 -72.31 42.40 -5.49
N ALA G 611 -71.52 41.46 -5.99
CA ALA G 611 -72.08 40.41 -6.83
C ALA G 611 -72.88 39.42 -6.02
N GLN G 612 -72.42 39.12 -4.80
CA GLN G 612 -73.15 38.19 -3.95
C GLN G 612 -74.61 38.59 -3.78
N THR G 613 -74.83 39.74 -3.16
CA THR G 613 -76.18 40.24 -2.92
C THR G 613 -76.81 40.86 -4.17
N LYS G 614 -76.07 40.83 -5.28
CA LYS G 614 -76.54 41.41 -6.54
C LYS G 614 -77.89 40.93 -7.10
N GLN G 615 -78.13 39.63 -7.07
CA GLN G 615 -79.37 39.07 -7.61
C GLN G 615 -80.34 38.70 -6.49
N ARG G 616 -80.09 37.58 -5.84
CA ARG G 616 -80.95 37.11 -4.75
C ARG G 616 -80.74 37.86 -3.44
N GLY G 617 -81.81 38.46 -2.94
CA GLY G 617 -81.76 39.21 -1.69
C GLY G 617 -82.04 38.40 -0.44
N LYS G 618 -81.01 37.75 0.08
CA LYS G 618 -81.15 36.93 1.27
C LYS G 618 -80.39 37.54 2.45
N GLU G 619 -80.80 37.19 3.67
CA GLU G 619 -80.15 37.70 4.87
C GLU G 619 -79.10 36.64 5.16
N SER G 620 -77.89 37.07 5.52
CA SER G 620 -76.83 36.11 5.80
C SER G 620 -76.00 36.24 7.08
N SER G 621 -76.22 35.29 7.99
CA SER G 621 -75.49 35.16 9.25
C SER G 621 -73.99 35.27 9.12
N GLU G 622 -73.41 34.46 8.24
CA GLU G 622 -71.97 34.50 8.09
C GLU G 622 -71.51 35.83 7.55
N ALA G 623 -71.94 36.17 6.33
CA ALA G 623 -71.48 37.41 5.71
C ALA G 623 -71.61 38.59 6.66
N SER G 624 -72.83 38.87 7.11
CA SER G 624 -73.03 39.99 8.01
C SER G 624 -72.10 39.97 9.20
N LEU G 625 -72.04 38.82 9.90
CA LEU G 625 -71.19 38.72 11.08
C LEU G 625 -69.74 39.05 10.73
N SER G 626 -69.25 38.47 9.64
CA SER G 626 -67.90 38.73 9.16
C SER G 626 -67.67 40.21 8.93
N ASN G 627 -68.67 40.88 8.37
CA ASN G 627 -68.61 42.34 8.26
C ASN G 627 -68.44 42.99 9.61
N ASP G 628 -69.22 42.55 10.60
CA ASP G 628 -69.02 43.02 11.96
C ASP G 628 -67.57 42.89 12.38
N LEU G 629 -66.89 41.83 11.92
CA LEU G 629 -65.46 41.72 12.17
C LEU G 629 -64.69 42.83 11.46
N LEU G 630 -64.86 42.91 10.15
CA LEU G 630 -64.09 43.88 9.36
C LEU G 630 -64.32 45.31 9.83
N HIS G 631 -65.47 45.59 10.44
CA HIS G 631 -65.71 46.92 10.95
C HIS G 631 -64.63 47.39 11.89
N ILE G 632 -64.37 46.59 12.93
CA ILE G 632 -63.34 46.92 13.90
C ILE G 632 -61.97 47.02 13.25
N GLN G 639 -71.02 48.45 20.26
CA GLN G 639 -72.16 47.56 20.22
C GLN G 639 -73.45 48.32 19.97
N ALA G 640 -73.51 49.56 20.44
CA ALA G 640 -74.69 50.41 20.26
C ALA G 640 -74.85 50.83 18.80
N PHE G 641 -73.75 51.24 18.19
CA PHE G 641 -73.76 51.67 16.80
C PHE G 641 -74.33 50.56 15.94
N ARG G 642 -74.11 49.32 16.35
CA ARG G 642 -74.60 48.15 15.62
C ARG G 642 -76.13 48.07 15.71
N GLN G 643 -76.70 48.76 16.68
CA GLN G 643 -78.16 48.76 16.87
C GLN G 643 -78.86 49.80 16.05
N VAL G 644 -78.36 51.02 16.14
CA VAL G 644 -78.97 52.15 15.45
C VAL G 644 -78.82 52.05 13.94
N SER G 645 -77.62 51.72 13.45
CA SER G 645 -77.37 51.58 11.97
C SER G 645 -78.23 50.45 11.40
N ALA G 646 -78.31 49.36 12.14
CA ALA G 646 -79.22 48.27 11.82
C ALA G 646 -80.67 48.75 11.68
N ALA G 647 -81.16 49.48 12.70
CA ALA G 647 -82.54 49.94 12.69
C ALA G 647 -82.81 50.82 11.49
N ILE G 648 -81.90 51.77 11.22
CA ILE G 648 -82.02 52.64 10.03
C ILE G 648 -82.15 51.76 8.77
N ASP G 649 -81.29 50.73 8.65
CA ASP G 649 -81.33 49.77 7.54
C ASP G 649 -82.71 49.13 7.41
N ALA G 650 -83.23 48.62 8.52
CA ALA G 650 -84.57 48.06 8.53
C ALA G 650 -85.53 49.03 7.92
N PHE G 651 -85.52 50.26 8.43
CA PHE G 651 -86.48 51.25 8.00
C PHE G 651 -86.46 51.40 6.48
N ASN G 652 -85.28 51.45 5.89
CA ASN G 652 -85.20 51.75 4.46
C ASN G 652 -85.21 50.46 3.59
N LEU G 653 -86.36 49.79 3.65
CA LEU G 653 -86.66 48.62 2.82
C LEU G 653 -87.97 48.86 2.11
N SER H 28 56.66 17.62 97.71
CA SER H 28 56.25 18.78 96.95
C SER H 28 57.06 18.86 95.66
N ALA H 29 56.42 19.37 94.62
CA ALA H 29 57.01 19.40 93.28
C ALA H 29 57.83 20.66 93.08
N SER H 30 58.87 20.82 93.88
CA SER H 30 59.72 22.02 93.81
C SER H 30 60.96 21.71 92.97
N PHE H 31 60.80 21.85 91.66
CA PHE H 31 61.88 21.57 90.72
C PHE H 31 62.25 22.84 89.95
N LYS H 32 63.50 23.26 90.09
CA LYS H 32 63.99 24.47 89.44
C LYS H 32 65.09 24.13 88.46
N GLY H 33 64.84 24.42 87.17
CA GLY H 33 65.78 24.13 86.12
C GLY H 33 66.24 22.69 86.06
N THR H 34 65.50 21.79 86.68
CA THR H 34 65.92 20.40 86.77
C THR H 34 65.88 19.73 85.39
N ASP H 35 66.97 19.05 85.04
CA ASP H 35 67.04 18.38 83.74
C ASP H 35 66.07 17.22 83.69
N ILE H 36 65.50 17.01 82.50
CA ILE H 36 64.53 15.93 82.31
C ILE H 36 65.15 14.59 82.68
N GLN H 37 66.44 14.42 82.44
CA GLN H 37 67.09 13.17 82.81
C GLN H 37 67.12 12.99 84.33
N GLU H 38 67.71 13.94 85.04
CA GLU H 38 67.66 13.85 86.49
C GLU H 38 66.24 13.97 87.02
N PHE H 39 65.31 14.48 86.21
CA PHE H 39 63.90 14.44 86.58
C PHE H 39 63.42 13.01 86.67
N ILE H 40 63.62 12.23 85.61
CA ILE H 40 63.20 10.84 85.62
C ILE H 40 64.02 10.03 86.62
N ASN H 41 65.29 10.35 86.75
CA ASN H 41 66.19 9.57 87.56
C ASN H 41 66.04 9.87 89.04
N THR H 42 65.43 10.99 89.39
CA THR H 42 65.17 11.34 90.78
C THR H 42 63.72 11.08 91.17
N VAL H 43 62.78 11.67 90.43
CA VAL H 43 61.38 11.37 90.64
C VAL H 43 61.14 9.85 90.60
N SER H 44 61.81 9.16 89.66
CA SER H 44 61.77 7.71 89.67
C SER H 44 62.17 7.15 91.03
N LYS H 45 63.32 7.59 91.55
CA LYS H 45 63.76 7.17 92.87
C LYS H 45 62.64 7.30 93.89
N ASN H 46 62.02 8.48 93.94
CA ASN H 46 60.93 8.70 94.89
C ASN H 46 59.77 7.77 94.63
N LEU H 47 59.46 7.52 93.36
CA LEU H 47 58.35 6.65 93.01
C LEU H 47 58.68 5.20 93.29
N ASN H 48 59.96 4.82 93.15
CA ASN H 48 60.47 3.48 93.39
C ASN H 48 60.16 2.52 92.25
N LYS H 49 59.93 3.06 91.06
CA LYS H 49 59.62 2.28 89.89
C LYS H 49 60.74 2.34 88.85
N THR H 50 61.02 1.20 88.20
CA THR H 50 62.07 1.13 87.18
C THR H 50 61.65 1.99 85.99
N VAL H 51 62.62 2.46 85.22
CA VAL H 51 62.26 3.21 84.03
C VAL H 51 63.40 3.22 83.04
N ILE H 52 63.09 2.97 81.77
CA ILE H 52 64.10 3.03 80.71
C ILE H 52 63.84 4.27 79.87
N ILE H 53 64.83 5.15 79.83
CA ILE H 53 64.81 6.35 79.01
C ILE H 53 65.39 5.99 77.65
N ASP H 54 64.90 6.63 76.59
CA ASP H 54 65.50 6.49 75.28
C ASP H 54 66.36 7.70 74.94
N PRO H 55 67.28 7.57 73.97
CA PRO H 55 68.13 8.71 73.63
C PRO H 55 67.35 9.84 72.96
N SER H 56 68.07 10.89 72.53
CA SER H 56 67.48 12.02 71.85
C SER H 56 66.43 12.69 72.71
N VAL H 57 66.63 12.65 74.02
CA VAL H 57 65.74 13.26 75.00
C VAL H 57 66.57 14.29 75.75
N ARG H 58 66.49 15.54 75.33
CA ARG H 58 67.36 16.60 75.85
C ARG H 58 66.50 17.78 76.24
N GLY H 59 66.59 18.21 77.48
CA GLY H 59 65.82 19.35 77.91
C GLY H 59 65.72 19.42 79.43
N THR H 60 64.84 20.32 79.89
CA THR H 60 64.69 20.64 81.31
C THR H 60 63.34 21.29 81.54
N ILE H 61 62.95 21.37 82.81
CA ILE H 61 61.76 22.04 83.24
C ILE H 61 62.13 22.99 84.36
N THR H 62 61.14 23.70 84.85
CA THR H 62 61.27 24.47 86.08
C THR H 62 59.89 24.82 86.56
N VAL H 63 59.69 24.75 87.87
CA VAL H 63 58.35 24.94 88.40
C VAL H 63 58.44 25.17 89.90
N ARG H 64 57.57 26.03 90.42
CA ARG H 64 57.41 26.16 91.86
C ARG H 64 56.05 25.63 92.26
N SER H 65 56.02 24.77 93.27
CA SER H 65 54.78 24.21 93.77
C SER H 65 54.65 24.53 95.24
N TYR H 66 53.40 24.73 95.66
CA TYR H 66 53.08 25.08 97.04
C TYR H 66 52.45 23.94 97.81
N ASP H 67 51.66 23.09 97.16
CA ASP H 67 51.00 21.96 97.79
C ASP H 67 51.73 20.66 97.49
N MET H 68 51.49 19.66 98.35
CA MET H 68 52.24 18.41 98.32
C MET H 68 51.50 17.35 97.49
N LEU H 69 52.26 16.59 96.68
CA LEU H 69 51.68 15.69 95.68
C LEU H 69 52.47 14.37 95.70
N ASN H 70 52.17 13.48 96.65
CA ASN H 70 52.73 12.13 96.57
C ASN H 70 51.69 11.03 96.39
N GLU H 71 50.46 11.20 96.89
CA GLU H 71 49.61 10.02 97.01
C GLU H 71 49.27 9.41 95.65
N GLU H 72 48.47 10.11 94.86
CA GLU H 72 48.18 9.64 93.52
C GLU H 72 48.48 10.78 92.55
N GLN H 73 48.36 12.00 93.07
CA GLN H 73 48.58 13.17 92.25
C GLN H 73 50.05 13.31 91.90
N TYR H 74 50.91 12.56 92.58
CA TYR H 74 52.30 12.44 92.22
C TYR H 74 52.46 11.89 90.80
N TYR H 75 52.09 10.63 90.62
CA TYR H 75 52.15 10.00 89.30
C TYR H 75 51.28 10.76 88.31
N GLN H 76 50.14 11.27 88.75
CA GLN H 76 49.29 12.05 87.89
C GLN H 76 50.05 13.21 87.26
N PHE H 77 50.53 14.11 88.12
CA PHE H 77 51.19 15.31 87.64
C PHE H 77 52.51 14.99 86.95
N PHE H 78 53.18 13.94 87.37
CA PHE H 78 54.39 13.49 86.68
C PHE H 78 54.11 13.27 85.21
N LEU H 79 53.13 12.40 84.93
CA LEU H 79 52.76 12.15 83.54
C LEU H 79 52.26 13.41 82.85
N SER H 80 51.60 14.31 83.58
CA SER H 80 51.21 15.57 82.96
C SER H 80 52.42 16.36 82.48
N VAL H 81 53.49 16.39 83.28
CA VAL H 81 54.65 17.18 82.91
C VAL H 81 55.32 16.58 81.70
N LEU H 82 55.47 15.26 81.68
CA LEU H 82 55.96 14.62 80.48
C LEU H 82 55.06 14.96 79.28
N ASP H 83 53.77 15.15 79.53
CA ASP H 83 52.84 15.44 78.47
C ASP H 83 53.04 16.82 77.89
N VAL H 84 53.46 17.79 78.71
CA VAL H 84 53.59 19.16 78.23
C VAL H 84 54.63 19.22 77.11
N TYR H 85 55.82 18.70 77.38
CA TYR H 85 56.84 18.67 76.34
C TYR H 85 56.47 17.74 75.19
N GLY H 86 55.40 16.95 75.36
CA GLY H 86 55.05 15.98 74.35
C GLY H 86 55.90 14.74 74.36
N PHE H 87 56.98 14.68 75.13
CA PHE H 87 57.67 13.43 75.31
C PHE H 87 56.73 12.51 76.07
N ALA H 88 56.34 11.41 75.47
CA ALA H 88 55.27 10.62 76.01
C ALA H 88 55.81 9.32 76.57
N VAL H 89 55.05 8.73 77.48
CA VAL H 89 55.45 7.48 78.09
C VAL H 89 54.25 6.51 78.14
N ILE H 90 54.57 5.22 78.11
CA ILE H 90 53.61 4.15 78.25
C ILE H 90 54.05 3.26 79.42
N ASN H 91 53.12 2.94 80.31
CA ASN H 91 53.43 2.10 81.46
C ASN H 91 52.94 0.68 81.23
N MET H 92 53.62 -0.27 81.86
CA MET H 92 53.32 -1.67 81.66
C MET H 92 53.06 -2.31 83.01
N ASN H 93 52.63 -3.57 82.98
CA ASN H 93 52.17 -4.25 84.17
C ASN H 93 53.32 -4.92 84.91
N ASN H 94 54.04 -5.80 84.21
CA ASN H 94 55.13 -6.55 84.83
C ASN H 94 56.31 -5.66 85.19
N GLY H 95 56.78 -4.86 84.23
CA GLY H 95 57.73 -3.82 84.50
C GLY H 95 57.06 -2.46 84.43
N VAL H 96 57.82 -1.42 84.74
CA VAL H 96 57.28 -0.07 84.80
C VAL H 96 57.37 0.55 83.41
N LEU H 97 56.96 1.81 83.31
CA LEU H 97 56.81 2.53 82.05
C LEU H 97 58.15 2.72 81.34
N LYS H 98 58.08 3.37 80.19
CA LYS H 98 59.22 3.69 79.34
C LYS H 98 58.97 5.06 78.74
N VAL H 99 60.01 5.63 78.13
CA VAL H 99 59.95 6.93 77.47
C VAL H 99 60.22 6.73 76.00
N VAL H 100 59.31 7.22 75.16
CA VAL H 100 59.46 7.10 73.72
C VAL H 100 59.75 8.46 73.11
N ARG H 101 60.39 8.42 71.94
CA ARG H 101 60.64 9.59 71.13
C ARG H 101 59.78 9.59 69.87
N ALA H 102 59.05 8.50 69.59
CA ALA H 102 58.11 8.40 68.47
C ALA H 102 56.74 8.97 68.80
N LYS H 103 56.41 9.10 70.09
CA LYS H 103 55.20 9.76 70.55
C LYS H 103 53.91 9.12 70.05
N ASP H 104 53.97 7.99 69.40
CA ASP H 104 52.78 7.47 68.73
C ASP H 104 52.21 6.26 69.44
N ALA H 105 50.93 5.99 69.13
CA ALA H 105 50.32 4.73 69.49
C ALA H 105 50.97 3.54 68.78
N LYS H 106 51.72 3.79 67.71
CA LYS H 106 52.38 2.73 66.94
C LYS H 106 53.37 1.90 67.76
N THR H 107 53.57 2.27 69.01
CA THR H 107 54.50 1.55 69.88
C THR H 107 54.22 0.13 70.35
N SER H 108 53.18 -0.49 69.78
CA SER H 108 52.81 -1.85 70.14
C SER H 108 52.17 -1.90 71.52
N ALA H 109 51.96 -0.73 72.11
CA ALA H 109 51.36 -0.64 73.44
C ALA H 109 50.30 0.45 73.33
N VAL H 110 49.05 0.08 73.58
CA VAL H 110 47.94 1.03 73.52
C VAL H 110 46.81 0.48 74.37
N PRO H 111 46.81 0.70 75.69
CA PRO H 111 45.69 0.16 76.49
C PRO H 111 44.41 0.87 76.10
N VAL H 112 43.41 0.11 75.70
CA VAL H 112 42.21 0.66 75.06
C VAL H 112 41.06 0.59 76.08
N ALA H 113 40.49 1.74 76.38
CA ALA H 113 39.32 1.78 77.25
C ALA H 113 38.12 1.14 76.57
N SER H 114 37.18 0.69 77.39
CA SER H 114 35.97 0.04 76.91
C SER H 114 34.72 0.80 77.35
N ALA H 115 34.82 2.13 77.47
CA ALA H 115 33.72 3.07 77.70
C ALA H 115 33.30 3.09 79.16
N ALA H 116 33.90 2.26 80.00
CA ALA H 116 33.70 2.40 81.43
C ALA H 116 34.88 3.07 82.12
N ALA H 117 36.09 2.86 81.63
CA ALA H 117 37.27 3.56 82.12
C ALA H 117 37.72 4.62 81.13
N PRO H 118 37.23 5.86 81.22
CA PRO H 118 37.81 6.93 80.40
C PRO H 118 39.22 7.30 80.81
N GLY H 119 39.71 6.83 81.95
CA GLY H 119 41.03 7.21 82.38
C GLY H 119 41.07 8.65 82.79
N GLU H 120 42.18 9.32 82.46
CA GLU H 120 42.36 10.73 82.77
C GLU H 120 43.39 11.29 81.80
N GLY H 121 43.36 12.60 81.63
CA GLY H 121 43.96 13.26 80.47
C GLY H 121 45.38 12.81 80.17
N ASP H 122 46.06 12.31 81.18
CA ASP H 122 47.48 12.07 81.05
C ASP H 122 47.79 10.91 80.15
N GLU H 123 47.00 9.84 80.22
CA GLU H 123 47.36 8.60 79.54
C GLU H 123 46.91 8.60 78.08
N VAL H 124 47.43 7.66 77.33
CA VAL H 124 47.12 7.49 75.91
C VAL H 124 46.37 6.18 75.75
N VAL H 125 45.18 6.24 75.14
CA VAL H 125 44.36 5.06 74.89
C VAL H 125 44.13 4.97 73.39
N THR H 126 43.31 4.01 72.96
CA THR H 126 42.85 3.95 71.58
C THR H 126 41.38 3.52 71.61
N ARG H 127 40.49 4.47 71.40
CA ARG H 127 39.08 4.22 71.56
C ARG H 127 38.41 4.05 70.21
N VAL H 128 37.19 3.53 70.25
CA VAL H 128 36.45 3.23 69.04
C VAL H 128 34.98 3.23 69.36
N VAL H 129 34.18 3.66 68.40
CA VAL H 129 32.74 3.57 68.61
C VAL H 129 32.05 3.27 67.28
N PRO H 130 31.06 2.38 67.25
CA PRO H 130 30.26 2.21 66.05
C PRO H 130 29.19 3.29 65.88
N LEU H 131 29.56 4.35 65.18
CA LEU H 131 28.63 5.44 64.87
C LEU H 131 27.49 4.96 63.97
N THR H 132 26.25 5.17 64.40
CA THR H 132 25.12 4.45 63.85
C THR H 132 24.19 5.25 62.95
N ASN H 133 24.36 6.56 62.83
CA ASN H 133 23.36 7.35 62.12
C ASN H 133 23.90 8.19 60.97
N VAL H 134 25.20 8.37 60.84
CA VAL H 134 25.77 9.43 60.01
C VAL H 134 26.91 8.85 59.20
N ALA H 135 27.09 9.40 58.01
CA ALA H 135 28.28 9.07 57.23
C ALA H 135 29.51 9.39 58.04
N ALA H 136 30.37 8.39 58.24
CA ALA H 136 31.61 8.55 58.97
C ALA H 136 32.76 9.07 58.12
N ARG H 137 32.50 9.58 56.92
CA ARG H 137 33.58 10.22 56.18
C ARG H 137 33.74 11.69 56.54
N ASP H 138 32.65 12.46 56.50
CA ASP H 138 32.82 13.90 56.47
C ASP H 138 33.27 14.47 57.82
N LEU H 139 32.85 13.86 58.93
CA LEU H 139 33.35 14.34 60.21
C LEU H 139 34.81 13.98 60.42
N ALA H 140 35.39 13.22 59.52
CA ALA H 140 36.75 12.74 59.63
C ALA H 140 37.75 13.83 59.25
N PRO H 141 37.52 14.65 58.22
CA PRO H 141 38.43 15.77 58.01
C PRO H 141 38.34 16.79 59.11
N LEU H 142 37.11 17.18 59.46
CA LEU H 142 36.98 18.16 60.54
C LEU H 142 37.57 17.68 61.84
N LEU H 143 37.56 16.36 62.07
CA LEU H 143 38.07 15.86 63.34
C LEU H 143 39.56 15.57 63.26
N ARG H 144 40.01 15.08 62.12
CA ARG H 144 41.44 14.97 61.88
C ARG H 144 42.10 16.33 61.89
N GLN H 145 41.35 17.41 61.70
CA GLN H 145 41.90 18.75 61.86
C GLN H 145 41.77 19.24 63.31
N LEU H 146 40.54 19.27 63.82
CA LEU H 146 40.34 19.78 65.17
C LEU H 146 41.28 19.09 66.13
N ASN H 147 41.49 17.80 65.93
CA ASN H 147 42.33 16.95 66.74
C ASN H 147 43.54 16.48 65.96
N ASP H 148 44.12 17.33 65.12
CA ASP H 148 45.34 16.90 64.48
C ASP H 148 46.45 17.16 65.46
N ASN H 149 46.71 16.20 66.32
CA ASN H 149 47.75 16.39 67.31
C ASN H 149 49.09 16.27 66.59
N ALA H 150 49.87 17.33 66.62
CA ALA H 150 51.11 17.33 65.85
C ALA H 150 52.25 16.68 66.58
N GLY H 151 51.96 15.92 67.63
CA GLY H 151 52.94 15.13 68.33
C GLY H 151 52.69 13.66 68.16
N ALA H 152 52.29 13.28 66.93
CA ALA H 152 51.90 11.91 66.57
C ALA H 152 50.58 11.51 67.25
N GLY H 153 49.63 12.45 67.25
CA GLY H 153 48.31 12.22 67.81
C GLY H 153 47.49 11.26 66.95
N SER H 154 46.22 11.14 67.36
CA SER H 154 45.31 10.14 66.80
C SER H 154 45.10 10.31 65.30
N VAL H 155 44.40 9.34 64.72
CA VAL H 155 43.94 9.36 63.34
C VAL H 155 42.47 8.92 63.33
N VAL H 156 41.87 8.98 62.15
CA VAL H 156 40.45 8.69 61.98
C VAL H 156 40.23 7.93 60.68
N HIS H 157 39.54 6.80 60.75
CA HIS H 157 39.31 6.01 59.56
C HIS H 157 37.90 5.46 59.50
N TYR H 158 37.50 5.16 58.28
CA TYR H 158 36.17 4.69 57.96
C TYR H 158 36.22 3.25 57.47
N GLU H 159 35.36 2.41 58.00
CA GLU H 159 35.12 1.08 57.45
C GLU H 159 33.63 0.94 57.12
N PRO H 160 33.24 0.19 56.09
CA PRO H 160 31.83 0.12 55.73
C PRO H 160 30.97 -0.42 56.83
N SER H 161 31.56 -0.92 57.90
CA SER H 161 30.85 -1.22 59.12
C SER H 161 30.79 -0.03 60.07
N ASN H 162 31.13 1.17 59.60
CA ASN H 162 30.99 2.41 60.36
C ASN H 162 31.70 2.41 61.67
N VAL H 163 32.78 1.66 61.74
CA VAL H 163 33.64 1.76 62.89
C VAL H 163 34.10 3.18 62.92
N LEU H 164 34.21 3.73 64.13
CA LEU H 164 34.79 5.05 64.30
C LEU H 164 35.78 4.93 65.43
N LEU H 165 37.06 5.02 65.07
CA LEU H 165 38.16 4.69 65.96
C LEU H 165 39.12 5.87 66.04
N MET H 166 39.83 5.95 67.16
CA MET H 166 40.88 6.92 67.31
C MET H 166 41.73 6.49 68.48
N THR H 167 42.89 7.10 68.63
CA THR H 167 43.69 6.86 69.82
C THR H 167 43.87 8.10 70.69
N GLY H 168 44.45 9.19 70.16
CA GLY H 168 44.47 10.46 70.86
C GLY H 168 45.07 10.40 72.24
N ARG H 169 44.44 11.09 73.19
CA ARG H 169 44.76 11.14 74.59
C ARG H 169 43.53 10.72 75.37
N ALA H 170 43.61 10.75 76.70
CA ALA H 170 42.45 10.34 77.47
C ALA H 170 41.52 11.51 77.77
N ALA H 171 42.05 12.73 77.78
CA ALA H 171 41.19 13.90 77.93
C ALA H 171 40.40 14.17 76.64
N VAL H 172 41.06 14.03 75.51
CA VAL H 172 40.39 14.13 74.21
C VAL H 172 39.15 13.25 74.17
N ILE H 173 39.22 12.10 74.82
CA ILE H 173 38.09 11.18 74.81
C ILE H 173 36.81 11.89 75.25
N LYS H 174 36.89 12.60 76.39
CA LYS H 174 35.74 13.35 76.90
C LYS H 174 35.15 14.27 75.84
N ARG H 175 35.98 15.12 75.26
CA ARG H 175 35.46 16.12 74.32
C ARG H 175 34.84 15.44 73.12
N LEU H 176 35.42 14.35 72.61
CA LEU H 176 34.89 13.80 71.37
C LEU H 176 33.69 12.90 71.56
N LEU H 177 33.72 12.01 72.56
CA LEU H 177 32.50 11.34 73.01
C LEU H 177 31.36 12.33 73.14
N THR H 178 31.61 13.42 73.85
CA THR H 178 30.56 14.44 73.97
C THR H 178 30.16 14.98 72.60
N ILE H 179 31.13 15.10 71.67
CA ILE H 179 30.79 15.62 70.37
C ILE H 179 29.77 14.71 69.70
N VAL H 180 30.15 13.45 69.47
CA VAL H 180 29.27 12.58 68.70
C VAL H 180 27.93 12.39 69.42
N GLU H 181 27.99 12.13 70.73
CA GLU H 181 26.76 11.99 71.51
C GLU H 181 25.85 13.18 71.39
N ARG H 182 26.38 14.39 71.19
CA ARG H 182 25.44 15.48 70.97
C ARG H 182 25.00 15.54 69.51
N VAL H 183 25.94 15.44 68.58
CA VAL H 183 25.61 15.63 67.17
C VAL H 183 24.81 14.45 66.61
N ASP H 184 25.03 13.24 67.10
CA ASP H 184 24.23 12.13 66.63
C ASP H 184 22.85 12.16 67.25
N ASN H 185 22.73 12.63 68.47
CA ASN H 185 21.45 12.72 69.16
C ASN H 185 20.63 13.90 68.66
N ALA H 186 21.03 14.51 67.55
CA ALA H 186 20.28 15.63 66.98
C ALA H 186 19.19 15.08 66.07
N GLY H 187 18.13 14.59 66.70
CA GLY H 187 16.83 14.37 66.08
C GLY H 187 16.81 13.63 64.76
N ASP H 188 17.42 12.45 64.73
CA ASP H 188 17.43 11.62 63.53
C ASP H 188 16.02 11.10 63.23
N ARG H 189 15.92 10.41 62.10
CA ARG H 189 14.65 10.03 61.49
C ARG H 189 13.66 9.47 62.50
N SER H 190 12.47 10.03 62.51
CA SER H 190 11.33 9.46 63.21
C SER H 190 10.08 9.68 62.37
N VAL H 191 9.12 8.78 62.53
CA VAL H 191 7.94 8.72 61.68
C VAL H 191 6.69 9.00 62.50
N VAL H 192 5.72 9.64 61.86
CA VAL H 192 4.42 9.88 62.49
C VAL H 192 3.44 10.21 61.37
N THR H 193 2.15 10.01 61.64
CA THR H 193 1.13 10.14 60.62
C THR H 193 0.07 11.12 61.09
N VAL H 194 -0.89 11.39 60.22
CA VAL H 194 -2.09 12.14 60.59
C VAL H 194 -3.25 11.59 59.80
N PRO H 195 -4.34 11.25 60.44
CA PRO H 195 -5.53 10.89 59.66
C PRO H 195 -6.15 12.10 59.01
N LEU H 196 -7.29 11.92 58.37
CA LEU H 196 -7.95 13.03 57.71
C LEU H 196 -9.44 12.76 57.67
N SER H 197 -10.22 13.74 58.11
CA SER H 197 -11.67 13.62 58.16
C SER H 197 -12.33 13.37 56.81
N TRP H 198 -12.28 14.32 55.88
CA TRP H 198 -13.02 14.15 54.65
C TRP H 198 -12.28 14.48 53.37
N ALA H 199 -11.21 15.28 53.40
CA ALA H 199 -10.59 15.73 52.17
C ALA H 199 -9.85 14.60 51.44
N SER H 200 -9.54 14.87 50.18
CA SER H 200 -8.83 13.93 49.33
C SER H 200 -7.42 13.66 49.86
N ALA H 201 -6.95 12.43 49.70
CA ALA H 201 -5.61 12.07 50.17
C ALA H 201 -4.57 12.30 49.07
N ALA H 202 -4.55 11.43 48.07
CA ALA H 202 -3.54 11.50 47.03
C ALA H 202 -3.44 12.88 46.39
N GLU H 203 -4.49 13.68 46.51
CA GLU H 203 -4.50 14.99 45.90
C GLU H 203 -3.66 15.96 46.69
N VAL H 204 -3.65 15.84 48.01
CA VAL H 204 -2.90 16.77 48.85
C VAL H 204 -1.42 16.60 48.63
N VAL H 205 -0.89 15.41 48.95
CA VAL H 205 0.54 15.19 48.73
C VAL H 205 0.88 15.40 47.25
N LYS H 206 0.04 14.88 46.36
CA LYS H 206 0.11 15.27 44.95
C LYS H 206 0.24 16.78 44.78
N LEU H 207 -0.16 17.56 45.80
CA LEU H 207 0.01 19.03 45.75
C LEU H 207 0.83 19.57 46.93
N VAL H 208 1.73 18.79 47.51
CA VAL H 208 2.55 19.39 48.55
C VAL H 208 3.93 19.67 48.00
N THR H 209 4.45 18.72 47.21
CA THR H 209 5.77 18.85 46.63
C THR H 209 5.77 19.83 45.48
N GLU H 210 4.76 20.67 45.39
CA GLU H 210 4.72 21.80 44.47
C GLU H 210 4.74 23.12 45.21
N LEU H 211 4.21 23.14 46.42
CA LEU H 211 4.25 24.34 47.24
C LEU H 211 5.51 24.41 48.11
N ASN H 212 6.05 23.28 48.56
CA ASN H 212 7.27 23.27 49.37
C ASN H 212 8.25 22.27 48.77
N LYS H 213 8.84 22.59 47.64
CA LYS H 213 9.70 21.65 46.95
C LYS H 213 11.18 22.01 46.96
N ASP H 214 11.55 23.23 46.58
CA ASP H 214 12.96 23.54 46.37
C ASP H 214 13.11 25.05 46.25
N THR H 215 14.32 25.45 45.92
CA THR H 215 14.67 26.84 45.65
C THR H 215 15.84 26.83 44.70
N SER H 216 16.19 28.02 44.20
CA SER H 216 17.35 28.18 43.33
C SER H 216 18.61 27.56 43.88
N LYS H 217 18.68 27.46 45.20
CA LYS H 217 19.78 26.78 45.88
C LYS H 217 19.14 25.96 46.98
N SER H 218 19.55 24.70 47.09
CA SER H 218 18.99 23.79 48.09
C SER H 218 19.08 24.35 49.49
N ALA H 219 18.02 24.15 50.27
CA ALA H 219 18.00 24.62 51.65
C ALA H 219 19.17 23.94 52.33
N LEU H 220 19.41 22.69 51.95
CA LEU H 220 20.53 21.92 52.49
C LEU H 220 20.60 20.52 51.91
N PRO H 221 21.58 19.74 52.36
CA PRO H 221 21.72 18.36 51.88
C PRO H 221 20.45 17.58 52.15
N GLY H 222 20.35 16.35 51.62
CA GLY H 222 19.20 15.53 51.81
C GLY H 222 18.66 15.27 53.20
N SER H 223 19.39 15.60 54.25
CA SER H 223 18.90 15.36 55.59
C SER H 223 18.35 16.66 56.17
N MET H 224 17.68 16.54 57.32
CA MET H 224 16.98 17.64 57.95
C MET H 224 15.88 18.22 57.06
N VAL H 225 15.27 17.38 56.23
CA VAL H 225 14.15 17.76 55.38
C VAL H 225 13.35 16.49 55.09
N ALA H 226 12.05 16.64 55.08
CA ALA H 226 11.18 15.48 55.18
C ALA H 226 10.61 15.14 53.82
N ASN H 227 10.34 13.86 53.61
CA ASN H 227 9.64 13.39 52.44
C ASN H 227 8.24 12.89 52.82
N VAL H 228 7.35 12.89 51.84
CA VAL H 228 5.94 12.63 52.11
C VAL H 228 5.42 11.66 51.06
N VAL H 229 4.75 10.59 51.50
CA VAL H 229 3.94 9.73 50.68
C VAL H 229 2.63 9.45 51.40
N ALA H 230 1.76 8.70 50.74
CA ALA H 230 0.46 8.43 51.32
C ALA H 230 -0.11 7.20 50.62
N ASP H 231 -0.91 6.46 51.37
CA ASP H 231 -1.72 5.41 50.78
C ASP H 231 -3.11 5.95 50.58
N GLU H 232 -3.86 5.26 49.75
CA GLU H 232 -5.25 5.61 49.56
C GLU H 232 -6.15 4.76 50.42
N ARG H 233 -5.57 3.98 51.32
CA ARG H 233 -6.35 2.90 51.92
C ARG H 233 -7.04 3.39 53.19
N THR H 234 -6.32 4.02 54.09
CA THR H 234 -6.90 4.58 55.30
C THR H 234 -7.10 6.07 55.23
N ASN H 235 -6.76 6.70 54.11
CA ASN H 235 -7.02 8.14 53.92
C ASN H 235 -6.18 8.94 54.93
N ALA H 236 -4.96 8.50 55.18
CA ALA H 236 -4.02 9.30 55.95
C ALA H 236 -2.73 9.44 55.15
N VAL H 237 -1.85 10.29 55.66
CA VAL H 237 -0.64 10.69 54.93
C VAL H 237 0.58 10.48 55.83
N LEU H 238 1.71 10.23 55.20
CA LEU H 238 2.93 9.80 55.89
C LEU H 238 3.96 10.93 55.87
N VAL H 239 4.65 11.13 57.00
CA VAL H 239 5.79 12.03 57.04
C VAL H 239 6.90 11.39 57.85
N SER H 240 8.13 11.82 57.56
CA SER H 240 9.29 11.35 58.32
C SER H 240 10.36 12.41 58.25
N GLY H 241 11.07 12.62 59.35
CA GLY H 241 12.01 13.74 59.39
C GLY H 241 12.34 14.15 60.81
N GLU H 242 12.64 15.42 60.95
CA GLU H 242 13.24 15.96 62.16
C GLU H 242 12.29 16.86 62.93
N PRO H 243 12.46 16.92 64.25
CA PRO H 243 11.47 17.57 65.09
C PRO H 243 11.34 19.06 64.90
N ASN H 244 12.11 19.68 64.02
CA ASN H 244 11.84 21.03 63.57
C ASN H 244 11.62 21.13 62.07
N SER H 245 11.43 19.99 61.40
CA SER H 245 11.03 19.96 59.99
C SER H 245 9.59 19.52 59.79
N ARG H 246 9.17 18.50 60.55
CA ARG H 246 7.85 17.94 60.33
C ARG H 246 6.77 18.92 60.74
N GLN H 247 7.05 19.71 61.78
CA GLN H 247 6.03 20.61 62.30
C GLN H 247 5.48 21.50 61.21
N ARG H 248 6.35 21.91 60.28
CA ARG H 248 5.89 22.64 59.12
C ARG H 248 4.86 21.84 58.33
N ILE H 249 5.17 20.56 58.07
CA ILE H 249 4.25 19.76 57.28
C ILE H 249 2.89 19.67 57.96
N ILE H 250 2.91 19.42 59.26
CA ILE H 250 1.64 19.38 59.98
C ILE H 250 0.96 20.73 59.93
N ALA H 251 1.74 21.81 59.83
CA ALA H 251 1.12 23.13 59.73
C ALA H 251 0.31 23.20 58.45
N MET H 252 0.93 22.88 57.31
CA MET H 252 0.20 22.96 56.08
C MET H 252 -1.02 22.07 56.11
N ILE H 253 -0.88 20.82 56.53
CA ILE H 253 -2.07 19.98 56.48
C ILE H 253 -3.16 20.54 57.41
N LYS H 254 -2.80 21.15 58.55
CA LYS H 254 -3.82 21.78 59.38
C LYS H 254 -4.55 22.85 58.61
N GLN H 255 -3.82 23.58 57.77
CA GLN H 255 -4.41 24.64 56.96
C GLN H 255 -5.18 24.06 55.78
N LEU H 256 -4.61 23.05 55.12
CA LEU H 256 -5.22 22.41 53.98
C LEU H 256 -6.50 21.71 54.41
N ASP H 257 -6.51 21.13 55.60
CA ASP H 257 -7.64 20.35 56.06
C ASP H 257 -8.73 21.29 56.55
N ARG H 258 -9.37 21.91 55.58
CA ARG H 258 -10.46 22.84 55.85
C ARG H 258 -11.78 22.21 55.44
N GLN H 259 -12.86 22.83 55.90
CA GLN H 259 -14.21 22.37 55.62
C GLN H 259 -14.79 23.20 54.48
N GLN H 260 -15.61 22.57 53.66
CA GLN H 260 -16.21 23.29 52.53
C GLN H 260 -17.49 24.02 52.85
N ALA H 261 -17.57 25.31 52.52
CA ALA H 261 -18.81 26.05 52.77
C ALA H 261 -19.94 25.32 52.07
N VAL H 262 -19.75 25.09 50.77
CA VAL H 262 -20.72 24.39 49.94
C VAL H 262 -19.89 23.83 48.79
N GLN H 263 -20.09 22.55 48.46
CA GLN H 263 -19.35 21.94 47.37
C GLN H 263 -19.91 22.50 46.06
N GLY H 264 -19.10 23.22 45.30
CA GLY H 264 -19.59 23.80 44.08
C GLY H 264 -19.00 23.13 42.85
N ASN H 265 -18.20 22.09 43.05
CA ASN H 265 -17.66 21.35 41.93
C ASN H 265 -18.76 20.92 40.96
N THR H 266 -19.91 20.52 41.50
CA THR H 266 -21.10 20.21 40.69
C THR H 266 -22.32 20.68 41.42
N LYS H 267 -23.21 21.37 40.71
CA LYS H 267 -24.49 21.74 41.27
C LYS H 267 -25.62 21.47 40.29
N VAL H 268 -26.76 21.04 40.82
CA VAL H 268 -27.86 20.49 40.05
C VAL H 268 -28.97 21.51 40.01
N ILE H 269 -29.38 21.93 38.82
CA ILE H 269 -30.44 22.89 38.70
C ILE H 269 -31.71 22.17 38.29
N TYR H 270 -32.84 22.88 38.39
CA TYR H 270 -34.15 22.37 38.02
C TYR H 270 -34.78 23.42 37.12
N LEU H 271 -35.03 23.05 35.87
CA LEU H 271 -35.61 23.99 34.92
C LEU H 271 -37.14 23.86 34.91
N LYS H 272 -37.83 24.99 34.74
CA LYS H 272 -39.25 25.00 35.05
C LYS H 272 -40.16 24.86 33.83
N TYR H 273 -39.93 25.60 32.74
CA TYR H 273 -40.87 25.58 31.61
C TYR H 273 -40.37 24.98 30.31
N ALA H 274 -39.08 24.97 30.05
CA ALA H 274 -38.54 24.33 28.85
C ALA H 274 -38.11 22.92 29.17
N LYS H 275 -38.12 22.06 28.16
CA LYS H 275 -37.57 20.76 28.42
C LYS H 275 -36.04 20.87 28.39
N ALA H 276 -35.36 19.80 28.78
CA ALA H 276 -33.92 19.84 28.85
C ALA H 276 -33.27 19.10 27.70
N ALA H 277 -34.04 18.31 26.96
CA ALA H 277 -33.48 17.61 25.82
C ALA H 277 -32.92 18.58 24.80
N ASP H 278 -33.72 19.56 24.38
CA ASP H 278 -33.21 20.55 23.44
C ASP H 278 -32.03 21.30 24.04
N LEU H 279 -32.13 21.65 25.32
CA LEU H 279 -31.13 22.50 25.92
C LEU H 279 -29.75 21.85 25.93
N VAL H 280 -29.67 20.55 26.23
CA VAL H 280 -28.35 19.93 26.22
C VAL H 280 -27.63 20.22 24.90
N GLU H 281 -28.33 20.02 23.78
CA GLU H 281 -27.61 20.08 22.51
C GLU H 281 -27.42 21.53 22.06
N VAL H 282 -28.43 22.38 22.25
CA VAL H 282 -28.25 23.81 21.99
C VAL H 282 -27.05 24.35 22.75
N LEU H 283 -26.98 24.03 24.03
CA LEU H 283 -25.86 24.51 24.85
C LEU H 283 -24.77 23.44 24.81
N THR H 284 -23.80 23.63 23.95
CA THR H 284 -22.60 22.82 24.05
C THR H 284 -21.30 23.60 24.19
N GLY H 285 -21.24 24.86 23.79
CA GLY H 285 -19.91 25.43 23.72
C GLY H 285 -19.58 26.82 24.23
N ILE H 286 -19.89 27.13 25.50
CA ILE H 286 -19.62 28.48 26.01
C ILE H 286 -18.15 28.81 25.92
N SER H 287 -17.33 28.08 26.66
CA SER H 287 -15.99 28.53 26.99
C SER H 287 -14.88 27.63 26.48
N SER H 288 -15.20 26.43 26.03
CA SER H 288 -14.22 25.58 25.36
C SER H 288 -13.70 26.25 24.09
N LYS H 305 -11.13 22.09 31.48
CA LYS H 305 -10.97 21.45 30.15
C LYS H 305 -12.12 21.84 29.24
N ASN H 306 -13.31 21.49 29.68
CA ASN H 306 -14.52 21.67 28.90
C ASN H 306 -15.67 21.72 29.89
N ILE H 307 -16.85 21.97 29.36
CA ILE H 307 -18.07 21.97 30.14
C ILE H 307 -18.91 20.81 29.67
N ILE H 308 -19.19 19.87 30.57
CA ILE H 308 -19.97 18.69 30.24
C ILE H 308 -21.34 18.90 30.82
N ILE H 309 -22.33 19.13 29.98
CA ILE H 309 -23.69 19.24 30.45
C ILE H 309 -24.40 17.93 30.24
N LYS H 310 -25.06 17.46 31.28
CA LYS H 310 -25.87 16.25 31.25
C LYS H 310 -27.30 16.61 31.63
N ALA H 311 -28.26 15.98 30.96
CA ALA H 311 -29.67 16.20 31.24
C ALA H 311 -30.33 14.91 31.68
N HIS H 312 -31.24 14.99 32.65
CA HIS H 312 -31.74 13.74 33.20
C HIS H 312 -32.89 13.20 32.35
N GLY H 313 -33.95 13.98 32.18
CA GLY H 313 -35.13 13.55 31.47
C GLY H 313 -36.13 12.77 32.27
N GLN H 314 -35.74 12.18 33.39
CA GLN H 314 -36.69 11.40 34.14
C GLN H 314 -37.24 12.14 35.35
N THR H 315 -36.51 13.14 35.84
CA THR H 315 -37.10 14.20 36.67
C THR H 315 -37.16 15.52 35.93
N ASN H 316 -36.73 15.56 34.66
CA ASN H 316 -36.67 16.81 33.90
C ASN H 316 -35.80 17.84 34.62
N ALA H 317 -34.61 17.43 34.98
CA ALA H 317 -33.64 18.36 35.51
C ALA H 317 -32.28 18.05 34.89
N LEU H 318 -31.43 19.09 34.84
CA LEU H 318 -30.16 19.01 34.16
C LEU H 318 -29.04 19.36 35.13
N ILE H 319 -27.85 18.85 34.82
CA ILE H 319 -26.67 19.09 35.65
C ILE H 319 -25.65 19.97 34.94
N VAL H 320 -24.65 20.38 35.71
CA VAL H 320 -23.56 21.22 35.24
C VAL H 320 -22.39 20.74 36.09
N THR H 321 -21.49 19.98 35.49
CA THR H 321 -20.28 19.54 36.16
C THR H 321 -19.21 20.14 35.26
N ALA H 322 -19.02 21.44 35.40
CA ALA H 322 -18.09 22.13 34.53
C ALA H 322 -17.42 23.10 35.46
N ALA H 323 -16.89 24.16 34.91
CA ALA H 323 -16.24 25.16 35.76
C ALA H 323 -16.93 25.57 37.05
N PRO H 324 -16.24 25.43 38.17
CA PRO H 324 -16.80 25.80 39.48
C PRO H 324 -16.61 27.27 39.86
N ASP H 325 -16.33 28.12 38.87
CA ASP H 325 -16.14 29.53 39.13
C ASP H 325 -16.87 30.47 38.19
N VAL H 326 -17.37 29.98 37.06
CA VAL H 326 -17.99 30.97 36.18
C VAL H 326 -19.42 30.52 35.90
N MET H 327 -19.86 29.52 36.66
CA MET H 327 -21.21 28.98 36.52
C MET H 327 -22.21 30.12 36.45
N ASN H 328 -21.86 31.25 37.05
CA ASN H 328 -22.76 32.40 37.02
C ASN H 328 -23.14 32.79 35.61
N ASP H 329 -22.24 32.56 34.65
CA ASP H 329 -22.55 32.77 33.25
C ASP H 329 -23.55 31.75 32.72
N LEU H 330 -23.86 30.74 33.51
CA LEU H 330 -24.88 29.78 33.14
C LEU H 330 -26.16 30.03 33.88
N GLU H 331 -26.07 30.29 35.19
CA GLU H 331 -27.30 30.70 35.87
C GLU H 331 -27.98 31.88 35.17
N ARG H 332 -27.20 32.88 34.72
CA ARG H 332 -27.87 33.99 34.06
C ARG H 332 -28.53 33.53 32.76
N VAL H 333 -27.84 32.68 32.01
CA VAL H 333 -28.41 32.38 30.71
C VAL H 333 -29.61 31.45 30.84
N ILE H 334 -29.55 30.44 31.70
CA ILE H 334 -30.73 29.63 31.87
C ILE H 334 -31.88 30.44 32.44
N ALA H 335 -31.59 31.35 33.36
CA ALA H 335 -32.65 32.22 33.87
C ALA H 335 -33.26 33.06 32.76
N GLN H 336 -32.47 33.47 31.78
CA GLN H 336 -33.06 34.08 30.60
C GLN H 336 -33.58 33.07 29.62
N LEU H 337 -33.48 31.79 29.90
CA LEU H 337 -33.99 30.78 28.98
C LEU H 337 -35.15 29.94 29.52
N ASP H 338 -35.64 30.21 30.72
CA ASP H 338 -36.80 29.49 31.24
C ASP H 338 -37.92 30.50 31.49
N ILE H 339 -38.96 30.49 30.65
CA ILE H 339 -39.95 31.57 30.66
C ILE H 339 -41.29 31.04 30.14
N ARG H 340 -42.37 31.35 30.88
CA ARG H 340 -43.71 30.98 30.42
C ARG H 340 -43.96 31.48 29.01
N ARG H 341 -44.68 30.71 28.20
CA ARG H 341 -44.90 31.15 26.84
C ARG H 341 -46.38 31.30 26.51
N PRO H 342 -46.78 32.43 25.96
CA PRO H 342 -48.16 32.65 25.54
C PRO H 342 -48.49 31.93 24.25
N GLN H 343 -49.75 31.60 24.09
CA GLN H 343 -50.23 30.83 22.96
C GLN H 343 -51.42 31.55 22.31
N VAL H 344 -51.60 31.31 21.02
CA VAL H 344 -52.48 32.11 20.18
C VAL H 344 -53.57 31.23 19.59
N LEU H 345 -54.79 31.79 19.46
CA LEU H 345 -55.93 31.09 18.93
C LEU H 345 -56.15 31.52 17.48
N VAL H 346 -56.11 30.58 16.56
CA VAL H 346 -56.27 30.86 15.14
C VAL H 346 -57.58 30.24 14.67
N GLU H 347 -58.40 31.02 14.01
CA GLU H 347 -59.56 30.53 13.29
C GLU H 347 -59.64 31.17 11.91
N ALA H 348 -59.94 30.36 10.91
CA ALA H 348 -60.15 30.86 9.56
C ALA H 348 -61.55 30.48 9.11
N ILE H 349 -62.06 31.24 8.17
CA ILE H 349 -63.43 31.06 7.70
C ILE H 349 -63.39 31.11 6.18
N ILE H 350 -64.26 30.35 5.54
CA ILE H 350 -64.41 30.39 4.11
C ILE H 350 -65.86 30.30 3.74
N ALA H 351 -66.21 30.82 2.57
CA ALA H 351 -67.56 30.69 2.12
C ALA H 351 -67.62 31.06 0.65
N GLU H 352 -68.54 30.45 -0.07
CA GLU H 352 -68.67 30.69 -1.49
C GLU H 352 -70.12 30.44 -1.88
N VAL H 353 -70.43 30.72 -3.14
CA VAL H 353 -71.72 30.40 -3.70
C VAL H 353 -71.48 29.91 -5.12
N GLN H 354 -72.33 29.01 -5.56
CA GLN H 354 -72.23 28.49 -6.92
C GLN H 354 -73.64 28.51 -7.48
N ASP H 355 -73.81 29.21 -8.58
CA ASP H 355 -75.12 29.43 -9.15
C ASP H 355 -75.02 29.31 -10.66
N ALA H 356 -76.11 28.86 -11.27
CA ALA H 356 -76.13 28.73 -12.71
C ALA H 356 -77.56 28.88 -13.20
N ASP H 357 -77.73 29.67 -14.23
CA ASP H 357 -79.04 29.87 -14.85
C ASP H 357 -78.99 29.32 -16.27
N GLY H 358 -80.16 28.93 -16.76
CA GLY H 358 -80.27 28.36 -18.08
C GLY H 358 -81.65 28.50 -18.69
N LEU H 359 -81.72 28.73 -19.99
CA LEU H 359 -83.01 28.89 -20.65
C LEU H 359 -82.89 28.26 -22.02
N ASN H 360 -84.04 27.96 -22.63
CA ASN H 360 -84.05 27.51 -24.01
C ASN H 360 -85.45 27.73 -24.56
N LEU H 361 -85.57 27.64 -25.88
CA LEU H 361 -86.83 27.82 -26.57
C LEU H 361 -86.69 27.49 -28.03
N GLY H 362 -87.72 26.89 -28.61
CA GLY H 362 -87.71 26.49 -30.01
C GLY H 362 -88.94 25.70 -30.45
N ILE H 363 -89.31 25.80 -31.74
CA ILE H 363 -90.47 25.12 -32.29
C ILE H 363 -90.04 24.24 -33.47
N GLN H 364 -90.98 23.46 -33.99
CA GLN H 364 -90.71 22.64 -35.16
C GLN H 364 -92.00 22.35 -35.90
N TRP H 365 -91.89 22.19 -37.23
CA TRP H 365 -93.04 22.04 -38.13
C TRP H 365 -92.88 20.82 -38.99
N ALA H 366 -94.00 20.37 -39.55
CA ALA H 366 -94.03 19.13 -40.31
C ALA H 366 -95.27 19.09 -41.19
N ASN H 367 -95.13 18.56 -42.40
CA ASN H 367 -96.28 18.43 -43.28
C ASN H 367 -95.95 17.39 -44.34
N LYS H 368 -96.90 16.49 -44.59
CA LYS H 368 -96.67 15.42 -45.58
C LYS H 368 -96.30 16.01 -46.93
N ASN H 369 -97.01 17.06 -47.35
CA ASN H 369 -96.75 17.66 -48.64
C ASN H 369 -95.70 18.74 -48.59
N ALA H 370 -95.23 19.11 -47.41
CA ALA H 370 -94.39 20.29 -47.25
C ALA H 370 -93.10 19.92 -46.54
N GLY H 371 -92.36 20.95 -46.12
CA GLY H 371 -91.01 20.76 -45.64
C GLY H 371 -90.87 20.08 -44.30
N MET H 372 -89.77 20.38 -43.61
CA MET H 372 -89.50 19.75 -42.32
C MET H 372 -88.49 20.60 -41.56
N THR H 373 -88.88 21.12 -40.40
CA THR H 373 -88.06 22.02 -39.59
C THR H 373 -87.64 21.29 -38.32
N GLN H 374 -86.42 20.80 -38.30
CA GLN H 374 -85.95 19.94 -37.23
C GLN H 374 -84.95 20.67 -36.35
N PHE H 375 -84.91 20.31 -35.07
CA PHE H 375 -83.89 20.83 -34.17
C PHE H 375 -83.52 19.75 -33.18
N THR H 376 -82.27 19.30 -33.20
CA THR H 376 -81.87 18.17 -32.37
C THR H 376 -81.53 18.61 -30.96
N ASN H 377 -81.03 19.84 -30.81
CA ASN H 377 -80.69 20.31 -29.48
C ASN H 377 -81.88 20.24 -28.55
N SER H 378 -83.08 20.29 -29.10
CA SER H 378 -84.29 20.39 -28.28
C SER H 378 -84.52 19.15 -27.43
N GLY H 379 -83.96 18.04 -27.81
CA GLY H 379 -84.19 16.79 -27.13
C GLY H 379 -85.11 15.85 -27.86
N LEU H 380 -85.81 16.32 -28.90
CA LEU H 380 -86.76 15.52 -29.63
C LEU H 380 -86.89 15.99 -31.06
N PRO H 381 -86.57 15.16 -32.03
CA PRO H 381 -86.84 15.51 -33.43
C PRO H 381 -88.33 15.46 -33.75
N ILE H 382 -88.65 15.83 -34.99
CA ILE H 382 -89.98 15.46 -35.48
C ILE H 382 -90.04 13.96 -35.67
N SER H 383 -88.89 13.33 -35.91
CA SER H 383 -88.83 11.88 -36.07
C SER H 383 -89.55 11.18 -34.93
N THR H 384 -89.39 11.71 -33.72
CA THR H 384 -90.16 11.20 -32.58
C THR H 384 -91.66 11.28 -32.82
N ALA H 385 -92.09 12.29 -33.56
CA ALA H 385 -93.53 12.47 -33.75
C ALA H 385 -94.06 11.64 -34.90
N ILE H 386 -93.51 11.84 -36.10
CA ILE H 386 -93.93 11.05 -37.23
C ILE H 386 -93.81 9.56 -36.93
N ALA H 387 -92.79 9.18 -36.16
CA ALA H 387 -92.73 7.80 -35.73
C ALA H 387 -93.57 7.52 -34.51
N GLY H 388 -94.11 8.53 -33.83
CA GLY H 388 -94.84 8.27 -32.61
C GLY H 388 -96.30 8.00 -32.91
N ALA H 389 -96.83 8.71 -33.91
CA ALA H 389 -98.27 8.68 -34.15
C ALA H 389 -98.64 7.65 -35.20
N ASN H 390 -97.90 7.53 -36.28
CA ASN H 390 -98.15 6.46 -37.23
C ASN H 390 -97.89 5.08 -36.61
N GLN H 391 -96.89 4.97 -35.73
CA GLN H 391 -96.74 3.73 -34.97
C GLN H 391 -97.82 3.58 -33.91
N TYR H 392 -98.22 4.69 -33.30
CA TYR H 392 -99.26 4.61 -32.28
C TYR H 392 -100.54 4.09 -32.92
N ASN H 393 -101.12 4.91 -33.80
CA ASN H 393 -102.39 4.60 -34.45
C ASN H 393 -102.29 3.43 -35.43
N LYS H 394 -101.07 3.06 -35.84
CA LYS H 394 -100.94 1.75 -36.48
C LYS H 394 -101.17 0.64 -35.46
N ASP H 395 -100.37 0.60 -34.38
CA ASP H 395 -100.58 -0.36 -33.32
C ASP H 395 -101.85 -0.09 -32.54
N GLY H 396 -102.43 1.09 -32.66
CA GLY H 396 -103.53 1.52 -31.80
C GLY H 396 -103.04 2.24 -30.58
N THR H 397 -101.94 1.78 -30.00
CA THR H 397 -101.46 2.35 -28.75
C THR H 397 -99.94 2.43 -28.78
N ILE H 398 -99.36 2.77 -27.63
CA ILE H 398 -97.90 2.94 -27.54
C ILE H 398 -97.25 1.58 -27.76
N SER H 399 -96.11 1.61 -28.44
CA SER H 399 -95.21 0.47 -28.47
C SER H 399 -93.82 0.95 -28.06
N SER H 400 -93.14 0.17 -27.21
CA SER H 400 -91.85 0.58 -26.65
C SER H 400 -90.80 0.86 -27.71
N SER H 401 -91.05 0.50 -28.97
CA SER H 401 -90.13 0.83 -30.05
C SER H 401 -89.89 2.34 -30.17
N LEU H 402 -90.78 3.15 -29.62
CA LEU H 402 -90.71 4.58 -29.78
C LEU H 402 -89.50 5.14 -29.04
N ALA H 403 -89.21 6.39 -29.34
CA ALA H 403 -87.96 7.01 -28.88
C ALA H 403 -87.88 7.00 -27.37
N SER H 404 -86.96 6.24 -26.80
CA SER H 404 -86.80 6.21 -25.36
C SER H 404 -86.33 7.54 -24.77
N ALA H 405 -86.06 8.53 -25.63
CA ALA H 405 -85.64 9.84 -25.15
C ALA H 405 -86.68 10.48 -24.25
N LEU H 406 -87.96 10.15 -24.44
CA LEU H 406 -89.01 10.71 -23.60
C LEU H 406 -88.74 10.50 -22.11
N GLY H 407 -88.04 9.41 -21.77
CA GLY H 407 -87.69 9.13 -20.38
C GLY H 407 -86.83 10.19 -19.75
N SER H 408 -86.18 11.01 -20.56
CA SER H 408 -85.28 12.02 -20.01
C SER H 408 -85.79 13.44 -20.20
N PHE H 409 -86.80 13.64 -21.03
CA PHE H 409 -87.23 14.98 -21.38
C PHE H 409 -87.69 15.75 -20.15
N ASN H 410 -87.58 17.07 -20.22
CA ASN H 410 -88.12 17.95 -19.20
C ASN H 410 -88.64 19.21 -19.85
N GLY H 411 -89.70 19.78 -19.26
CA GLY H 411 -90.31 20.96 -19.81
C GLY H 411 -91.72 20.72 -20.31
N ILE H 412 -92.14 21.53 -21.27
CA ILE H 412 -93.47 21.44 -21.83
C ILE H 412 -93.38 21.44 -23.35
N ALA H 413 -94.39 20.86 -23.98
CA ALA H 413 -94.57 20.94 -25.41
C ALA H 413 -96.04 20.67 -25.70
N ALA H 414 -96.61 21.40 -26.64
CA ALA H 414 -98.06 21.47 -26.81
C ALA H 414 -98.43 20.89 -28.17
N GLY H 415 -99.28 19.87 -28.17
CA GLY H 415 -99.63 19.18 -29.41
C GLY H 415 -100.76 19.88 -30.12
N PHE H 416 -100.58 20.10 -31.42
CA PHE H 416 -101.59 20.71 -32.25
C PHE H 416 -101.64 20.02 -33.61
N TYR H 417 -102.83 19.91 -34.17
CA TYR H 417 -103.01 19.32 -35.49
C TYR H 417 -104.23 19.92 -36.16
N GLN H 418 -104.04 20.50 -37.35
CA GLN H 418 -105.16 21.01 -38.16
C GLN H 418 -104.87 20.61 -39.61
N GLY H 419 -105.34 19.44 -39.99
CA GLY H 419 -105.10 18.96 -41.33
C GLY H 419 -103.66 18.57 -41.52
N ASN H 420 -102.97 19.27 -42.42
CA ASN H 420 -101.70 18.84 -42.93
C ASN H 420 -100.52 19.24 -42.06
N TRP H 421 -100.68 20.24 -41.19
CA TRP H 421 -99.55 20.83 -40.51
C TRP H 421 -99.46 20.30 -39.09
N ALA H 422 -98.44 20.78 -38.38
CA ALA H 422 -98.21 20.49 -36.96
C ALA H 422 -97.15 21.46 -36.46
N MET H 423 -97.05 21.57 -35.14
CA MET H 423 -95.99 22.39 -34.58
C MET H 423 -95.85 22.01 -33.10
N LEU H 424 -94.61 22.08 -32.62
CA LEU H 424 -94.28 21.75 -31.24
C LEU H 424 -93.48 22.88 -30.64
N LEU H 425 -94.01 23.51 -29.60
CA LEU H 425 -93.29 24.50 -28.81
C LEU H 425 -92.46 23.79 -27.72
N THR H 426 -91.30 24.35 -27.42
CA THR H 426 -90.37 23.72 -26.50
C THR H 426 -89.65 24.77 -25.70
N ALA H 427 -89.66 24.63 -24.38
CA ALA H 427 -88.95 25.58 -23.53
C ALA H 427 -88.82 24.96 -22.16
N LEU H 428 -87.94 25.55 -21.37
CA LEU H 428 -87.74 25.15 -19.98
C LEU H 428 -86.86 26.18 -19.32
N SER H 429 -87.00 26.27 -18.01
CA SER H 429 -86.08 27.08 -17.23
C SER H 429 -85.52 26.21 -16.13
N SER H 430 -84.25 26.38 -15.86
CA SER H 430 -83.58 25.59 -14.84
C SER H 430 -82.54 26.47 -14.15
N SER H 431 -82.42 26.28 -12.84
CA SER H 431 -81.45 27.02 -12.08
C SER H 431 -80.98 26.15 -10.94
N THR H 432 -79.86 26.52 -10.36
CA THR H 432 -79.26 25.73 -9.30
C THR H 432 -78.41 26.65 -8.45
N LYS H 433 -78.46 26.44 -7.13
CA LYS H 433 -77.74 27.30 -6.20
C LYS H 433 -77.06 26.46 -5.13
N ASN H 434 -75.85 26.87 -4.74
CA ASN H 434 -75.03 26.11 -3.83
C ASN H 434 -74.25 27.04 -2.93
N ASP H 435 -74.15 26.68 -1.65
CA ASP H 435 -73.44 27.44 -0.63
C ASP H 435 -72.66 26.49 0.25
N ILE H 436 -71.69 27.05 0.97
CA ILE H 436 -70.81 26.32 1.86
C ILE H 436 -70.32 27.30 2.92
N LEU H 437 -69.72 26.76 3.97
CA LEU H 437 -69.17 27.59 5.02
C LEU H 437 -68.27 26.71 5.86
N ALA H 438 -67.13 27.24 6.29
CA ALA H 438 -66.19 26.43 7.05
C ALA H 438 -65.43 27.29 8.04
N THR H 439 -65.64 27.03 9.34
CA THR H 439 -64.99 27.81 10.39
C THR H 439 -64.30 26.84 11.35
N PRO H 440 -63.02 26.52 11.12
CA PRO H 440 -62.27 25.82 12.17
C PRO H 440 -61.41 26.72 13.03
N SER H 441 -61.10 26.26 14.25
CA SER H 441 -60.36 27.06 15.22
C SER H 441 -59.48 26.14 16.05
N ILE H 442 -58.36 26.67 16.52
CA ILE H 442 -57.39 25.85 17.22
C ILE H 442 -56.45 26.68 18.09
N VAL H 443 -55.70 26.03 18.98
CA VAL H 443 -54.71 26.65 19.86
C VAL H 443 -53.48 25.78 19.86
N THR H 444 -52.36 26.40 20.14
CA THR H 444 -51.08 25.72 20.19
C THR H 444 -50.07 26.69 20.77
N LEU H 445 -48.83 26.23 20.88
CA LEU H 445 -47.80 27.17 21.28
C LEU H 445 -47.26 27.80 20.01
N ASP H 446 -46.26 28.68 20.15
CA ASP H 446 -45.81 29.40 18.97
C ASP H 446 -45.00 28.48 18.06
N ASN H 447 -43.90 27.95 18.57
CA ASN H 447 -42.91 27.35 17.69
C ASN H 447 -43.37 25.99 17.14
N MET H 448 -44.12 25.22 17.94
CA MET H 448 -44.55 23.91 17.46
C MET H 448 -45.79 24.03 16.58
N GLN H 449 -45.81 23.29 15.49
CA GLN H 449 -46.90 23.38 14.54
C GLN H 449 -48.05 22.50 15.00
N ALA H 450 -49.27 23.01 14.90
CA ALA H 450 -50.42 22.15 15.02
C ALA H 450 -51.07 21.97 13.66
N THR H 451 -51.75 20.85 13.48
CA THR H 451 -52.46 20.59 12.25
C THR H 451 -53.80 19.94 12.58
N PHE H 452 -54.73 20.06 11.64
CA PHE H 452 -56.12 19.78 11.91
C PHE H 452 -56.82 19.38 10.64
N ASN H 453 -57.75 18.43 10.73
CA ASN H 453 -58.46 18.06 9.52
C ASN H 453 -59.71 17.27 9.86
N VAL H 454 -60.69 17.38 8.97
CA VAL H 454 -61.96 16.71 9.11
C VAL H 454 -62.28 16.12 7.75
N GLY H 455 -63.03 15.04 7.72
CA GLY H 455 -63.48 14.50 6.44
C GLY H 455 -63.11 13.06 6.26
N GLN H 456 -63.67 12.48 5.22
CA GLN H 456 -63.53 11.06 4.99
C GLN H 456 -62.19 10.76 4.32
N GLU H 457 -61.95 9.48 4.08
CA GLU H 457 -60.69 9.03 3.50
C GLU H 457 -60.95 7.92 2.51
N VAL H 458 -60.32 8.01 1.33
CA VAL H 458 -60.75 7.10 0.27
C VAL H 458 -59.52 6.67 -0.54
N PRO H 459 -59.45 5.43 -0.95
CA PRO H 459 -58.25 4.97 -1.64
C PRO H 459 -58.32 4.95 -3.16
N VAL H 460 -57.23 5.40 -3.75
CA VAL H 460 -57.06 5.47 -5.18
C VAL H 460 -56.09 4.37 -5.59
N LEU H 461 -56.04 4.07 -6.89
CA LEU H 461 -55.17 2.97 -7.37
C LEU H 461 -53.87 3.51 -7.95
N THR H 462 -52.98 3.89 -7.08
CA THR H 462 -51.62 4.26 -7.44
C THR H 462 -50.65 3.28 -6.82
N THR H 475 -52.86 -2.70 -5.77
CA THR H 475 -51.89 -1.70 -5.33
C THR H 475 -52.49 -0.29 -5.22
N VAL H 476 -52.65 0.18 -3.99
CA VAL H 476 -53.21 1.51 -3.76
C VAL H 476 -52.76 2.09 -2.42
N GLU H 477 -53.11 3.34 -2.17
CA GLU H 477 -52.74 4.01 -0.92
C GLU H 477 -53.92 4.75 -0.30
N ARG H 478 -53.69 5.39 0.85
CA ARG H 478 -54.78 6.11 1.53
C ARG H 478 -54.87 7.55 1.06
N LYS H 479 -56.09 8.04 0.83
CA LYS H 479 -56.24 9.42 0.40
C LYS H 479 -57.33 10.06 1.23
N THR H 480 -57.11 11.33 1.59
CA THR H 480 -57.99 12.06 2.49
C THR H 480 -58.65 13.19 1.73
N VAL H 481 -59.90 13.46 2.06
CA VAL H 481 -60.67 14.51 1.43
C VAL H 481 -61.42 15.27 2.52
N GLY H 482 -61.04 16.51 2.76
CA GLY H 482 -61.77 17.31 3.72
C GLY H 482 -61.31 18.75 3.89
N ILE H 483 -60.94 19.14 5.11
CA ILE H 483 -60.52 20.50 5.38
C ILE H 483 -59.23 20.43 6.20
N LYS H 484 -58.10 20.29 5.53
CA LYS H 484 -56.80 20.14 6.17
C LYS H 484 -56.20 21.50 6.42
N LEU H 485 -56.49 22.08 7.58
CA LEU H 485 -55.97 23.39 7.93
C LEU H 485 -54.82 23.31 8.94
N LYS H 486 -53.62 23.63 8.48
CA LYS H 486 -52.43 23.60 9.33
C LYS H 486 -51.71 24.95 9.32
N VAL H 487 -51.08 25.31 10.43
CA VAL H 487 -50.36 26.58 10.50
C VAL H 487 -49.12 26.57 11.38
N LYS H 488 -48.48 27.73 11.47
CA LYS H 488 -47.27 27.93 12.25
C LYS H 488 -47.29 29.33 12.81
N PRO H 489 -47.56 29.51 14.08
CA PRO H 489 -47.68 30.85 14.64
C PRO H 489 -46.41 31.37 15.27
N GLN H 490 -45.98 32.56 14.90
CA GLN H 490 -44.81 33.22 15.48
C GLN H 490 -45.24 34.57 16.02
N ILE H 491 -45.10 34.77 17.32
CA ILE H 491 -45.47 36.02 17.97
C ILE H 491 -44.23 36.88 18.07
N ASN H 492 -44.29 38.09 17.52
CA ASN H 492 -43.08 38.87 17.35
C ASN H 492 -43.05 40.05 18.31
N GLU H 493 -43.80 41.08 17.95
CA GLU H 493 -44.02 42.28 18.71
C GLU H 493 -44.89 41.93 19.91
N GLY H 494 -45.12 42.94 20.79
CA GLY H 494 -46.19 42.86 21.74
C GLY H 494 -47.48 42.30 21.14
N ASP H 495 -47.93 42.88 20.02
CA ASP H 495 -49.10 42.36 19.31
C ASP H 495 -48.79 42.32 17.82
N ALA H 496 -48.41 41.15 17.34
CA ALA H 496 -48.40 40.82 15.92
C ALA H 496 -48.08 39.33 15.82
N VAL H 497 -48.43 38.74 14.69
CA VAL H 497 -48.27 37.29 14.52
C VAL H 497 -47.92 36.98 13.07
N LEU H 498 -47.47 35.74 12.86
CA LEU H 498 -46.98 35.30 11.56
C LEU H 498 -47.54 33.91 11.30
N LEU H 499 -48.13 33.72 10.15
CA LEU H 499 -48.95 32.56 9.92
C LEU H 499 -48.64 32.00 8.54
N GLU H 500 -47.84 30.92 8.49
CA GLU H 500 -47.59 30.23 7.24
C GLU H 500 -48.58 29.09 7.12
N ILE H 501 -49.77 29.46 6.72
CA ILE H 501 -50.92 28.57 6.77
C ILE H 501 -51.11 27.92 5.41
N GLU H 502 -51.61 26.70 5.43
CA GLU H 502 -52.04 26.08 4.19
C GLU H 502 -53.20 25.14 4.43
N GLN H 503 -54.11 25.05 3.46
CA GLN H 503 -55.28 24.23 3.65
C GLN H 503 -56.05 24.09 2.36
N GLU H 504 -57.05 23.21 2.41
CA GLU H 504 -57.90 22.96 1.26
C GLU H 504 -59.23 22.45 1.73
N VAL H 505 -60.28 22.82 1.02
CA VAL H 505 -61.57 22.22 1.25
C VAL H 505 -61.90 21.34 0.06
N SER H 506 -61.81 20.04 0.26
CA SER H 506 -61.95 19.11 -0.83
C SER H 506 -63.21 18.28 -0.65
N SER H 507 -63.80 17.90 -1.77
CA SER H 507 -64.87 16.93 -1.73
C SER H 507 -64.83 16.09 -3.00
N VAL H 508 -65.81 15.21 -3.15
CA VAL H 508 -65.91 14.36 -4.33
C VAL H 508 -67.33 14.45 -4.83
N ALA H 509 -67.50 14.71 -6.12
CA ALA H 509 -68.83 14.88 -6.68
C ALA H 509 -69.27 13.63 -7.43
N ASP H 510 -68.77 13.47 -8.65
CA ASP H 510 -68.95 12.24 -9.40
C ASP H 510 -70.42 12.06 -9.78
N SER H 511 -71.17 13.15 -10.00
CA SER H 511 -72.42 13.01 -10.73
C SER H 511 -72.17 12.16 -11.98
N ALA H 512 -71.23 12.61 -12.82
CA ALA H 512 -70.75 11.85 -13.97
C ALA H 512 -69.38 12.39 -14.31
N SER H 513 -68.40 11.50 -14.50
CA SER H 513 -67.03 11.94 -14.66
C SER H 513 -66.29 10.88 -15.45
N SER H 514 -65.02 11.13 -15.71
CA SER H 514 -64.18 10.21 -16.44
C SER H 514 -63.61 9.17 -15.48
N THR H 515 -64.27 8.02 -15.40
CA THR H 515 -63.69 6.82 -14.82
C THR H 515 -63.69 5.75 -15.88
N SER H 516 -62.49 5.25 -16.22
CA SER H 516 -62.34 4.34 -17.32
C SER H 516 -62.23 2.90 -16.83
N SER H 517 -62.88 2.64 -15.68
CA SER H 517 -62.75 1.39 -14.95
C SER H 517 -61.37 1.26 -14.36
N ASP H 518 -60.77 2.42 -14.07
CA ASP H 518 -59.41 2.46 -13.56
C ASP H 518 -59.47 3.03 -12.16
N LEU H 519 -59.60 4.35 -12.06
CA LEU H 519 -59.53 5.10 -10.82
C LEU H 519 -60.66 6.10 -10.92
N GLY H 520 -61.62 5.98 -10.02
CA GLY H 520 -62.85 6.74 -10.20
C GLY H 520 -62.89 7.93 -9.28
N ALA H 521 -62.66 9.14 -9.81
CA ALA H 521 -62.37 10.19 -8.86
C ALA H 521 -62.33 11.53 -9.54
N THR H 522 -62.77 12.54 -8.81
CA THR H 522 -62.74 13.92 -9.25
C THR H 522 -61.99 14.83 -8.30
N PHE H 523 -62.21 14.67 -7.00
CA PHE H 523 -61.40 15.34 -6.01
C PHE H 523 -61.39 16.85 -6.20
N ASN H 524 -62.59 17.44 -6.31
CA ASN H 524 -62.70 18.88 -6.32
C ASN H 524 -61.97 19.46 -5.12
N THR H 525 -61.20 20.52 -5.33
CA THR H 525 -60.29 21.05 -4.31
C THR H 525 -60.00 22.51 -4.52
N ARG H 526 -59.74 23.22 -3.43
CA ARG H 526 -59.10 24.52 -3.47
C ARG H 526 -58.01 24.56 -2.41
N THR H 527 -56.80 25.04 -2.77
CA THR H 527 -55.63 24.88 -1.91
C THR H 527 -54.91 26.21 -1.78
N VAL H 528 -54.79 26.71 -0.56
CA VAL H 528 -54.12 27.98 -0.29
C VAL H 528 -52.88 27.75 0.55
N ASN H 529 -51.89 28.61 0.36
CA ASN H 529 -50.73 28.65 1.27
C ASN H 529 -50.02 29.98 1.10
N ASN H 530 -49.59 30.56 2.19
CA ASN H 530 -48.91 31.85 2.17
C ASN H 530 -48.43 32.16 3.57
N ALA H 531 -47.89 33.36 3.75
CA ALA H 531 -47.39 33.85 5.02
C ALA H 531 -47.85 35.28 5.16
N VAL H 532 -48.17 35.70 6.38
CA VAL H 532 -48.75 37.01 6.59
C VAL H 532 -48.40 37.52 7.98
N LEU H 533 -48.29 38.84 8.11
CA LEU H 533 -48.19 39.50 9.38
C LEU H 533 -49.56 40.05 9.73
N VAL H 534 -49.99 39.86 10.97
CA VAL H 534 -51.36 40.20 11.37
C VAL H 534 -51.35 40.73 12.79
N GLY H 535 -52.20 41.71 13.06
CA GLY H 535 -52.36 42.19 14.40
C GLY H 535 -53.21 41.24 15.20
N SER H 536 -53.27 41.45 16.51
CA SER H 536 -53.82 40.42 17.40
C SER H 536 -55.28 40.11 17.11
N GLY H 537 -56.16 41.04 17.45
CA GLY H 537 -57.58 40.90 17.15
C GLY H 537 -58.01 41.63 15.90
N GLU H 538 -58.01 40.91 14.76
CA GLU H 538 -58.18 41.55 13.47
C GLU H 538 -58.77 40.59 12.47
N THR H 539 -59.74 41.07 11.69
CA THR H 539 -60.26 40.35 10.56
C THR H 539 -59.41 40.63 9.31
N VAL H 540 -58.96 39.57 8.65
CA VAL H 540 -57.93 39.69 7.63
C VAL H 540 -58.35 38.94 6.37
N VAL H 541 -58.33 39.64 5.24
CA VAL H 541 -58.62 38.99 3.95
C VAL H 541 -57.37 38.32 3.42
N VAL H 542 -57.44 37.02 3.22
CA VAL H 542 -56.29 36.28 2.76
C VAL H 542 -56.35 36.01 1.28
N GLY H 543 -57.44 35.42 0.79
CA GLY H 543 -57.46 34.93 -0.57
C GLY H 543 -58.85 35.02 -1.16
N GLY H 544 -58.91 35.24 -2.46
CA GLY H 544 -60.18 35.57 -3.06
C GLY H 544 -60.35 35.23 -4.52
N LEU H 545 -61.56 34.80 -4.92
CA LEU H 545 -61.84 34.46 -6.30
C LEU H 545 -63.30 34.80 -6.60
N LEU H 546 -63.57 35.38 -7.77
CA LEU H 546 -64.94 35.68 -8.19
C LEU H 546 -65.07 35.66 -9.69
N ASP H 547 -65.99 34.88 -10.24
CA ASP H 547 -65.95 34.56 -11.67
C ASP H 547 -67.32 34.17 -12.21
N LYS H 548 -67.69 34.73 -13.35
CA LYS H 548 -68.86 34.33 -14.13
C LYS H 548 -68.43 33.63 -15.44
N THR H 549 -69.39 32.91 -16.03
CA THR H 549 -69.10 32.16 -17.25
C THR H 549 -70.39 31.95 -18.04
N VAL H 550 -70.48 32.57 -19.21
CA VAL H 550 -71.69 32.53 -20.02
C VAL H 550 -71.40 31.88 -21.36
N THR H 551 -72.42 31.21 -21.90
CA THR H 551 -72.32 30.65 -23.23
C THR H 551 -73.71 30.68 -23.86
N ASP H 552 -73.73 30.81 -25.19
CA ASP H 552 -74.95 30.94 -25.98
C ASP H 552 -74.92 29.98 -27.15
N THR H 553 -76.11 29.55 -27.58
CA THR H 553 -76.23 28.67 -28.72
C THR H 553 -77.47 29.03 -29.53
N ALA H 554 -77.29 29.42 -30.80
CA ALA H 554 -78.41 29.79 -31.64
C ALA H 554 -78.32 29.11 -33.01
N ASP H 555 -79.47 28.93 -33.63
CA ASP H 555 -79.56 28.37 -34.98
C ASP H 555 -80.94 28.69 -35.55
N LYS H 556 -80.98 29.10 -36.82
CA LYS H 556 -82.22 29.50 -37.45
C LYS H 556 -82.10 29.32 -38.96
N VAL H 557 -83.24 29.02 -39.59
CA VAL H 557 -83.27 28.98 -41.05
C VAL H 557 -82.86 30.34 -41.60
N PRO H 558 -81.96 30.40 -42.57
CA PRO H 558 -81.41 31.71 -42.98
C PRO H 558 -82.51 32.58 -43.55
N LEU H 559 -82.26 33.90 -43.48
CA LEU H 559 -83.14 34.96 -43.99
C LEU H 559 -84.41 35.09 -43.19
N LEU H 560 -84.64 34.22 -42.24
CA LEU H 560 -85.89 34.19 -41.52
C LEU H 560 -85.63 34.55 -40.06
N GLY H 561 -86.68 34.58 -39.27
CA GLY H 561 -86.57 35.03 -37.89
C GLY H 561 -86.12 36.49 -37.74
N ASP H 562 -86.06 37.23 -38.84
CA ASP H 562 -85.48 38.55 -38.77
C ASP H 562 -86.44 39.58 -38.19
N ILE H 563 -87.75 39.43 -38.42
CA ILE H 563 -88.70 40.30 -37.75
C ILE H 563 -88.88 39.84 -36.31
N PRO H 564 -88.32 40.56 -35.35
CA PRO H 564 -88.24 40.03 -33.97
C PRO H 564 -89.60 39.62 -33.43
N VAL H 565 -90.59 40.48 -33.56
CA VAL H 565 -91.92 40.14 -33.03
C VAL H 565 -92.53 38.98 -33.81
N ILE H 566 -92.39 38.95 -35.12
CA ILE H 566 -93.05 37.92 -35.89
C ILE H 566 -92.09 36.74 -36.02
N GLY H 567 -90.93 37.00 -36.62
CA GLY H 567 -90.01 35.93 -37.00
C GLY H 567 -89.50 35.10 -35.84
N ALA H 568 -89.81 35.48 -34.61
CA ALA H 568 -89.34 34.74 -33.43
C ALA H 568 -89.73 33.28 -33.48
N LEU H 569 -90.54 32.87 -34.45
CA LEU H 569 -91.01 31.52 -34.56
C LEU H 569 -90.04 30.58 -35.29
N PHE H 570 -88.86 31.04 -35.68
CA PHE H 570 -87.94 30.15 -36.35
C PHE H 570 -86.61 29.98 -35.64
N ARG H 571 -86.17 30.94 -34.83
CA ARG H 571 -84.97 30.79 -34.02
C ARG H 571 -85.12 29.57 -33.10
N SER H 572 -83.97 29.13 -32.60
CA SER H 572 -83.95 28.10 -31.56
C SER H 572 -82.78 28.38 -30.65
N ASP H 573 -83.05 28.62 -29.36
CA ASP H 573 -82.15 29.31 -28.47
C ASP H 573 -81.82 28.42 -27.29
N SER H 574 -80.55 28.37 -26.93
CA SER H 574 -80.17 27.78 -25.64
C SER H 574 -79.08 28.64 -25.02
N LYS H 575 -79.37 29.22 -23.87
CA LYS H 575 -78.43 30.10 -23.20
C LYS H 575 -78.29 29.64 -21.75
N LYS H 576 -77.10 29.85 -21.20
CA LYS H 576 -76.85 29.47 -19.82
C LYS H 576 -75.65 30.25 -19.30
N VAL H 577 -75.62 30.44 -17.99
CA VAL H 577 -74.56 31.17 -17.31
C VAL H 577 -74.14 30.41 -16.07
N SER H 578 -72.96 30.76 -15.56
CA SER H 578 -72.51 30.28 -14.26
C SER H 578 -71.68 31.37 -13.60
N LYS H 579 -71.99 31.67 -12.35
CA LYS H 579 -71.25 32.65 -11.57
C LYS H 579 -70.65 31.98 -10.34
N ARG H 580 -69.55 32.53 -9.84
CA ARG H 580 -68.81 31.89 -8.75
C ARG H 580 -67.98 32.92 -8.01
N ASN H 581 -67.75 32.68 -6.72
CA ASN H 581 -66.97 33.60 -5.92
C ASN H 581 -66.40 32.82 -4.74
N LEU H 582 -65.26 33.26 -4.20
CA LEU H 582 -64.63 32.53 -3.11
C LEU H 582 -63.81 33.49 -2.27
N MET H 583 -63.97 33.41 -0.95
CA MET H 583 -63.33 34.34 -0.04
C MET H 583 -62.73 33.66 1.18
N LEU H 584 -61.54 34.12 1.55
CA LEU H 584 -60.78 33.55 2.65
C LEU H 584 -60.48 34.61 3.72
N PHE H 585 -60.73 34.28 4.98
CA PHE H 585 -60.42 35.17 6.09
C PHE H 585 -59.82 34.41 7.26
N ILE H 586 -58.86 35.05 7.91
CA ILE H 586 -58.19 34.51 9.09
C ILE H 586 -58.22 35.55 10.20
N ARG H 587 -58.17 35.08 11.43
CA ARG H 587 -58.04 36.02 12.57
C ARG H 587 -57.49 35.31 13.78
N PRO H 588 -56.35 35.72 14.29
CA PRO H 588 -55.83 35.16 15.53
C PRO H 588 -56.33 35.93 16.75
N THR H 589 -55.88 35.49 17.93
CA THR H 589 -55.96 36.23 19.18
C THR H 589 -54.86 35.73 20.09
N ILE H 590 -54.17 36.65 20.72
CA ILE H 590 -53.17 36.25 21.69
C ILE H 590 -53.86 35.94 23.02
N ILE H 591 -53.25 35.06 23.80
CA ILE H 591 -53.74 34.72 25.12
C ILE H 591 -52.54 34.60 26.05
N ARG H 592 -52.51 35.38 27.13
CA ARG H 592 -51.33 35.41 27.98
C ARG H 592 -51.45 34.44 29.15
N ASP H 593 -52.58 34.47 29.85
CA ASP H 593 -52.68 33.73 31.11
C ASP H 593 -54.14 33.28 31.31
N ARG H 594 -54.38 32.73 32.49
CA ARG H 594 -55.68 32.17 32.86
C ARG H 594 -56.82 33.12 32.56
N ASP H 595 -56.71 34.34 33.07
CA ASP H 595 -57.77 35.32 32.95
C ASP H 595 -58.18 35.47 31.49
N GLU H 596 -57.26 35.95 30.66
CA GLU H 596 -57.50 36.05 29.23
C GLU H 596 -58.05 34.76 28.65
N TYR H 597 -57.73 33.63 29.25
CA TYR H 597 -58.22 32.37 28.70
C TYR H 597 -59.72 32.21 28.92
N ARG H 598 -60.21 32.58 30.11
CA ARG H 598 -61.60 32.31 30.43
C ARG H 598 -62.55 32.95 29.42
N GLN H 599 -62.34 34.23 29.09
CA GLN H 599 -63.23 34.88 28.13
C GLN H 599 -63.21 34.16 26.79
N ALA H 600 -62.02 33.79 26.31
CA ALA H 600 -61.93 33.19 24.99
C ALA H 600 -62.71 31.90 24.94
N SER H 601 -62.45 31.02 25.92
CA SER H 601 -63.14 29.76 25.93
C SER H 601 -64.63 29.94 26.12
N SER H 602 -65.02 30.48 27.27
CA SER H 602 -66.43 30.62 27.58
C SER H 602 -67.19 31.25 26.42
N GLY H 603 -66.81 32.47 26.04
CA GLY H 603 -67.49 33.13 24.94
C GLY H 603 -67.60 32.27 23.70
N GLN H 604 -66.46 31.71 23.25
CA GLN H 604 -66.48 30.89 22.05
C GLN H 604 -67.46 29.74 22.18
N TYR H 605 -67.41 29.05 23.32
CA TYR H 605 -68.34 27.96 23.61
C TYR H 605 -69.78 28.41 23.49
N THR H 606 -70.07 29.61 23.98
CA THR H 606 -71.39 30.19 23.79
C THR H 606 -71.71 30.32 22.33
N ALA H 607 -70.77 30.82 21.53
CA ALA H 607 -70.96 30.83 20.08
C ALA H 607 -71.37 29.46 19.57
N PHE H 608 -70.85 28.41 20.17
CA PHE H 608 -71.31 27.06 19.82
C PHE H 608 -72.77 26.86 20.19
N ASN H 609 -73.08 27.07 21.48
CA ASN H 609 -74.43 26.80 21.97
C ASN H 609 -75.47 27.64 21.24
N ASN H 610 -75.08 28.79 20.69
CA ASN H 610 -76.02 29.60 19.93
C ASN H 610 -76.67 28.82 18.82
N ALA H 611 -75.87 28.25 17.92
CA ALA H 611 -76.43 27.48 16.83
C ALA H 611 -76.96 26.15 17.32
N GLN H 612 -76.28 25.54 18.28
CA GLN H 612 -76.73 24.26 18.82
C GLN H 612 -78.18 24.31 19.28
N THR H 613 -78.43 25.13 20.30
CA THR H 613 -79.77 25.28 20.86
C THR H 613 -80.66 26.18 20.00
N LYS H 614 -80.14 26.66 18.88
CA LYS H 614 -80.88 27.55 17.99
C LYS H 614 -82.24 27.07 17.45
N GLN H 615 -82.31 25.80 17.03
CA GLN H 615 -83.55 25.26 16.47
C GLN H 615 -84.27 24.38 17.48
N ARG H 616 -83.78 23.15 17.64
CA ARG H 616 -84.38 22.21 18.58
C ARG H 616 -84.04 22.49 20.05
N GLY H 617 -85.07 22.69 20.85
CA GLY H 617 -84.89 22.96 22.27
C GLY H 617 -84.86 21.74 23.16
N LYS H 618 -83.68 21.13 23.29
CA LYS H 618 -83.53 19.94 24.12
C LYS H 618 -82.65 20.24 25.33
N GLU H 619 -82.81 19.43 26.38
CA GLU H 619 -82.03 19.60 27.59
C GLU H 619 -80.82 18.70 27.36
N SER H 620 -79.64 19.18 27.71
CA SER H 620 -78.43 18.38 27.49
C SER H 620 -77.42 18.19 28.63
N SER H 621 -77.37 16.98 29.15
CA SER H 621 -76.43 16.55 30.18
C SER H 621 -75.00 16.95 29.92
N GLU H 622 -74.48 16.60 28.75
CA GLU H 622 -73.10 16.94 28.45
C GLU H 622 -72.90 18.43 28.39
N ALA H 623 -73.56 19.08 27.44
CA ALA H 623 -73.37 20.52 27.26
C ALA H 623 -73.47 21.26 28.58
N SER H 624 -74.62 21.16 29.23
CA SER H 624 -74.80 21.85 30.50
C SER H 624 -73.68 21.58 31.49
N LEU H 625 -73.37 20.29 31.71
CA LEU H 625 -72.33 19.94 32.66
C LEU H 625 -71.01 20.61 32.28
N SER H 626 -70.64 20.53 31.01
CA SER H 626 -69.43 21.17 30.50
C SER H 626 -69.42 22.65 30.81
N ASN H 627 -70.58 23.30 30.65
CA ASN H 627 -70.71 24.70 31.07
C ASN H 627 -70.39 24.86 32.54
N ASP H 628 -70.94 23.98 33.38
CA ASP H 628 -70.56 23.99 34.78
C ASP H 628 -69.05 23.97 34.95
N LEU H 629 -68.35 23.27 34.07
CA LEU H 629 -66.89 23.32 34.09
C LEU H 629 -66.38 24.71 33.75
N LEU H 630 -66.78 25.22 32.58
CA LEU H 630 -66.27 26.51 32.11
C LEU H 630 -66.59 27.63 33.09
N HIS H 631 -67.64 27.49 33.89
CA HIS H 631 -67.96 28.50 34.88
C HIS H 631 -66.79 28.79 35.79
N ILE H 632 -66.26 27.75 36.43
CA ILE H 632 -65.13 27.89 37.33
C ILE H 632 -63.90 28.44 36.61
N GLN H 639 -71.73 25.83 44.66
CA GLN H 639 -72.76 24.81 44.43
C GLN H 639 -74.16 25.39 44.63
N ALA H 640 -74.28 26.37 45.52
CA ALA H 640 -75.56 27.00 45.80
C ALA H 640 -76.01 27.87 44.63
N PHE H 641 -75.08 28.65 44.08
CA PHE H 641 -75.39 29.52 42.96
C PHE H 641 -75.97 28.68 41.82
N ARG H 642 -75.52 27.44 41.73
CA ARG H 642 -76.00 26.53 40.69
C ARG H 642 -77.46 26.16 40.90
N GLN H 643 -77.94 26.37 42.13
CA GLN H 643 -79.34 26.05 42.48
C GLN H 643 -80.29 27.18 42.17
N VAL H 644 -79.93 28.37 42.65
CA VAL H 644 -80.78 29.53 42.49
C VAL H 644 -80.88 29.99 41.04
N SER H 645 -79.75 30.06 40.32
CA SER H 645 -79.73 30.47 38.88
C SER H 645 -80.54 29.47 38.04
N ALA H 646 -80.36 28.20 38.35
CA ALA H 646 -81.18 27.14 37.75
C ALA H 646 -82.67 27.40 37.98
N ALA H 647 -83.06 27.64 39.23
CA ALA H 647 -84.48 27.83 39.55
C ALA H 647 -85.04 29.00 38.79
N ILE H 648 -84.31 30.14 38.78
CA ILE H 648 -84.72 31.32 38.02
C ILE H 648 -84.98 30.91 36.55
N ASP H 649 -84.04 30.16 35.96
CA ASP H 649 -84.15 29.64 34.58
C ASP H 649 -85.44 28.86 34.40
N ALA H 650 -85.70 27.92 35.31
CA ALA H 650 -86.95 27.16 35.26
C ALA H 650 -88.11 28.12 35.16
N PHE H 651 -88.14 29.07 36.08
CA PHE H 651 -89.28 29.97 36.16
C PHE H 651 -89.53 30.64 34.81
N ASN H 652 -88.49 31.09 34.14
CA ASN H 652 -88.69 31.86 32.91
C ASN H 652 -88.70 30.97 31.65
N LEU H 653 -89.73 30.12 31.59
CA LEU H 653 -90.02 29.28 30.43
C LEU H 653 -91.47 29.52 30.01
N SER I 28 70.00 -7.48 90.06
CA SER I 28 69.34 -6.22 89.84
C SER I 28 69.90 -5.57 88.58
N ALA I 29 69.04 -4.85 87.87
CA ALA I 29 69.38 -4.26 86.58
C ALA I 29 70.00 -2.88 86.75
N SER I 30 71.15 -2.84 87.44
CA SER I 30 71.82 -1.57 87.69
C SER I 30 72.93 -1.35 86.66
N PHE I 31 72.53 -0.80 85.52
CA PHE I 31 73.46 -0.55 84.43
C PHE I 31 73.54 0.95 84.14
N LYS I 32 74.74 1.50 84.27
CA LYS I 32 74.96 2.92 84.05
C LYS I 32 75.92 3.14 82.88
N GLY I 33 75.42 3.79 81.84
CA GLY I 33 76.19 4.04 80.64
C GLY I 33 76.80 2.81 80.02
N THR I 34 76.29 1.65 80.34
CA THR I 34 76.87 0.40 79.87
C THR I 34 76.69 0.26 78.37
N ASP I 35 77.77 -0.07 77.66
CA ASP I 35 77.69 -0.24 76.21
C ASP I 35 76.87 -1.46 75.86
N ILE I 36 76.13 -1.35 74.75
CA ILE I 36 75.29 -2.44 74.29
C ILE I 36 76.11 -3.70 74.08
N GLN I 37 77.35 -3.55 73.64
CA GLN I 37 78.21 -4.72 73.46
C GLN I 37 78.50 -5.41 74.79
N GLU I 38 79.10 -4.67 75.72
CA GLU I 38 79.30 -5.26 77.03
C GLU I 38 77.99 -5.58 77.74
N PHE I 39 76.88 -4.99 77.29
CA PHE I 39 75.57 -5.39 77.78
C PHE I 39 75.28 -6.83 77.40
N ILE I 40 75.39 -7.15 76.11
CA ILE I 40 75.14 -8.51 75.66
C ILE I 40 76.20 -9.45 76.20
N ASN I 41 77.43 -8.99 76.28
CA ASN I 41 78.55 -9.84 76.64
C ASN I 41 78.62 -10.08 78.13
N THR I 42 77.96 -9.27 78.93
CA THR I 42 77.89 -9.46 80.38
C THR I 42 76.58 -10.09 80.82
N VAL I 43 75.45 -9.46 80.45
CA VAL I 43 74.15 -10.05 80.70
C VAL I 43 74.09 -11.46 80.14
N SER I 44 74.66 -11.67 78.95
CA SER I 44 74.80 -13.03 78.43
C SER I 44 75.49 -13.94 79.44
N LYS I 45 76.65 -13.51 79.94
CA LYS I 45 77.35 -14.28 80.97
C LYS I 45 76.42 -14.70 82.09
N ASN I 46 75.68 -13.72 82.64
CA ASN I 46 74.75 -14.03 83.71
C ASN I 46 73.67 -15.02 83.27
N LEU I 47 73.18 -14.85 82.05
CA LEU I 47 72.14 -15.73 81.55
C LEU I 47 72.68 -17.10 81.23
N ASN I 48 73.96 -17.20 80.82
CA ASN I 48 74.65 -18.42 80.50
C ASN I 48 74.27 -18.98 79.12
N LYS I 49 73.78 -18.12 78.25
CA LYS I 49 73.36 -18.49 76.91
C LYS I 49 74.28 -17.88 75.85
N THR I 50 74.58 -18.67 74.81
CA THR I 50 75.43 -18.21 73.71
C THR I 50 74.72 -17.08 72.96
N VAL I 51 75.50 -16.20 72.32
CA VAL I 51 74.84 -15.18 71.54
C VAL I 51 75.79 -14.63 70.49
N ILE I 52 75.31 -14.48 69.26
CA ILE I 52 76.10 -13.90 68.19
C ILE I 52 75.56 -12.51 67.89
N ILE I 53 76.42 -11.51 68.05
CA ILE I 53 76.12 -10.12 67.73
C ILE I 53 76.49 -9.90 66.28
N ASP I 54 75.76 -9.01 65.60
CA ASP I 54 76.14 -8.61 64.26
C ASP I 54 76.79 -7.23 64.27
N PRO I 55 77.54 -6.86 63.22
CA PRO I 55 78.17 -5.54 63.23
C PRO I 55 77.16 -4.41 63.11
N SER I 56 77.68 -3.17 63.01
CA SER I 56 76.85 -1.98 62.86
C SER I 56 75.89 -1.84 64.03
N VAL I 57 76.31 -2.29 65.20
CA VAL I 57 75.54 -2.21 66.43
C VAL I 57 76.36 -1.37 67.38
N ARG I 58 76.05 -0.09 67.47
CA ARG I 58 76.87 0.86 68.23
C ARG I 58 75.96 1.67 69.12
N GLY I 59 76.22 1.67 70.42
CA GLY I 59 75.39 2.44 71.33
C GLY I 59 75.55 1.96 72.76
N THR I 60 74.66 2.49 73.62
CA THR I 60 74.73 2.29 75.06
C THR I 60 73.36 2.58 75.66
N ILE I 61 73.19 2.15 76.91
CA ILE I 61 72.01 2.41 77.70
C ILE I 61 72.46 2.97 79.04
N THR I 62 71.49 3.30 79.87
CA THR I 62 71.74 3.61 81.26
C THR I 62 70.42 3.53 82.01
N VAL I 63 70.46 2.98 83.20
CA VAL I 63 69.22 2.76 83.92
C VAL I 63 69.53 2.46 85.38
N ARG I 64 68.68 2.94 86.28
CA ARG I 64 68.75 2.54 87.67
C ARG I 64 67.54 1.68 88.01
N SER I 65 67.79 0.54 88.63
CA SER I 65 66.72 -0.36 89.03
C SER I 65 66.81 -0.60 90.53
N TYR I 66 65.64 -0.76 91.13
CA TYR I 66 65.52 -0.97 92.57
C TYR I 66 65.17 -2.39 92.95
N ASP I 67 64.39 -3.09 92.14
CA ASP I 67 63.97 -4.46 92.38
C ASP I 67 64.79 -5.43 91.54
N MET I 68 64.82 -6.69 92.00
CA MET I 68 65.69 -7.72 91.43
C MET I 68 64.95 -8.53 90.38
N LEU I 69 65.64 -8.83 89.25
CA LEU I 69 65.02 -9.42 88.06
C LEU I 69 65.94 -10.50 87.52
N ASN I 70 65.92 -11.71 88.11
CA ASN I 70 66.60 -12.84 87.48
C ASN I 70 65.69 -13.97 87.04
N GLU I 71 64.55 -14.19 87.70
CA GLU I 71 63.89 -15.46 87.49
C GLU I 71 63.39 -15.62 86.05
N GLU I 72 62.39 -14.83 85.66
CA GLU I 72 61.93 -14.87 84.28
C GLU I 72 61.93 -13.43 83.78
N GLN I 73 61.76 -12.51 84.71
CA GLN I 73 61.69 -11.11 84.35
C GLN I 73 63.05 -10.61 83.91
N TYR I 74 64.10 -11.39 84.17
CA TYR I 74 65.43 -11.14 83.62
C TYR I 74 65.39 -11.13 82.08
N TYR I 75 65.15 -12.30 81.51
CA TYR I 75 65.05 -12.42 80.06
C TYR I 75 63.95 -11.52 79.51
N GLN I 76 62.85 -11.40 80.25
CA GLN I 76 61.77 -10.52 79.83
C GLN I 76 62.28 -9.11 79.58
N PHE I 77 62.79 -8.50 80.65
CA PHE I 77 63.21 -7.10 80.56
C PHE I 77 64.42 -6.93 79.65
N PHE I 78 65.27 -7.94 79.58
CA PHE I 78 66.39 -7.92 78.64
C PHE I 78 65.88 -7.66 77.23
N LEU I 79 64.99 -8.54 76.77
CA LEU I 79 64.42 -8.36 75.44
C LEU I 79 63.67 -7.04 75.32
N SER I 80 63.03 -6.57 76.40
CA SER I 80 62.40 -5.27 76.32
C SER I 80 63.42 -4.17 76.03
N VAL I 81 64.59 -4.24 76.66
CA VAL I 81 65.57 -3.18 76.46
C VAL I 81 66.09 -3.20 75.05
N LEU I 82 66.39 -4.39 74.53
CA LEU I 82 66.73 -4.48 73.13
C LEU I 82 65.62 -3.92 72.25
N ASP I 83 64.38 -4.05 72.70
CA ASP I 83 63.25 -3.57 71.94
C ASP I 83 63.18 -2.06 71.88
N VAL I 84 63.62 -1.38 72.94
CA VAL I 84 63.52 0.08 72.98
C VAL I 84 64.33 0.69 71.84
N TYR I 85 65.60 0.31 71.76
CA TYR I 85 66.42 0.82 70.67
C TYR I 85 65.97 0.28 69.32
N GLY I 86 65.05 -0.68 69.31
CA GLY I 86 64.65 -1.29 68.07
C GLY I 86 65.62 -2.30 67.52
N PHE I 87 66.82 -2.43 68.09
CA PHE I 87 67.68 -3.54 67.72
C PHE I 87 67.00 -4.80 68.20
N ALA I 88 66.64 -5.68 67.29
CA ALA I 88 65.77 -6.78 67.64
C ALA I 88 66.55 -8.08 67.61
N VAL I 89 66.03 -9.06 68.33
CA VAL I 89 66.68 -10.36 68.39
C VAL I 89 65.62 -11.46 68.23
N ILE I 90 66.07 -12.60 67.70
CA ILE I 90 65.29 -13.81 67.55
C ILE I 90 66.02 -14.94 68.26
N ASN I 91 65.30 -15.71 69.06
CA ASN I 91 65.89 -16.83 69.80
C ASN I 91 65.54 -18.13 69.12
N MET I 92 66.43 -19.11 69.27
CA MET I 92 66.26 -20.39 68.61
C MET I 92 66.32 -21.49 69.66
N ASN I 93 66.04 -22.73 69.24
CA ASN I 93 65.86 -23.84 70.14
C ASN I 93 67.20 -24.51 70.44
N ASN I 94 67.89 -24.97 69.40
CA ASN I 94 69.15 -25.69 69.57
C ASN I 94 70.26 -24.78 70.08
N GLY I 95 70.46 -23.64 69.43
CA GLY I 95 71.32 -22.61 69.94
C GLY I 95 70.48 -21.44 70.45
N VAL I 96 71.17 -20.46 71.03
CA VAL I 96 70.49 -19.32 71.63
C VAL I 96 70.27 -18.25 70.56
N LEU I 97 69.70 -17.12 70.97
CA LEU I 97 69.26 -16.06 70.09
C LEU I 97 70.42 -15.41 69.35
N LYS I 98 70.08 -14.42 68.53
CA LYS I 98 71.01 -13.64 67.73
C LYS I 98 70.51 -12.21 67.70
N VAL I 99 71.35 -11.31 67.22
CA VAL I 99 71.04 -9.89 67.10
C VAL I 99 71.06 -9.52 65.62
N VAL I 100 69.98 -8.94 65.14
CA VAL I 100 69.89 -8.54 63.75
C VAL I 100 69.93 -7.01 63.64
N ARG I 101 70.35 -6.55 62.48
CA ARG I 101 70.32 -5.14 62.11
C ARG I 101 69.26 -4.87 61.05
N ALA I 102 68.62 -5.90 60.48
CA ALA I 102 67.54 -5.77 59.52
C ALA I 102 66.18 -5.59 60.19
N LYS I 103 66.06 -5.96 61.46
CA LYS I 103 64.87 -5.72 62.28
C LYS I 103 63.61 -6.35 61.74
N ASP I 104 63.69 -7.18 60.71
CA ASP I 104 62.46 -7.62 60.04
C ASP I 104 62.18 -9.09 60.34
N ALA I 105 60.90 -9.45 60.09
CA ALA I 105 60.51 -10.84 60.04
C ALA I 105 61.16 -11.58 58.88
N LYS I 106 61.69 -10.85 57.89
CA LYS I 106 62.33 -11.47 56.72
C LYS I 106 63.53 -12.35 57.05
N THR I 107 63.91 -12.40 58.33
CA THR I 107 65.04 -13.20 58.76
C THR I 107 65.01 -14.72 58.71
N SER I 108 63.97 -15.27 58.09
CA SER I 108 63.83 -16.72 57.96
C SER I 108 63.44 -17.35 59.29
N ALA I 109 63.20 -16.50 60.30
CA ALA I 109 62.82 -16.96 61.63
C ALA I 109 61.64 -16.10 62.05
N VAL I 110 60.51 -16.75 62.28
CA VAL I 110 59.30 -16.04 62.70
C VAL I 110 58.39 -17.02 63.43
N PRO I 111 58.60 -17.28 64.72
CA PRO I 111 57.70 -18.24 65.40
C PRO I 111 56.30 -17.66 65.45
N VAL I 112 55.35 -18.41 64.91
CA VAL I 112 54.00 -17.89 64.67
C VAL I 112 53.05 -18.48 65.71
N ALA I 113 52.42 -17.63 66.48
CA ALA I 113 51.41 -18.09 67.44
C ALA I 113 50.19 -18.64 66.71
N SER I 114 49.47 -19.50 67.42
CA SER I 114 48.27 -20.14 66.89
C SER I 114 47.05 -19.80 67.72
N ALA I 115 47.00 -18.60 68.29
CA ALA I 115 45.87 -18.00 68.97
C ALA I 115 45.70 -18.55 70.39
N ALA I 116 46.52 -19.51 70.79
CA ALA I 116 46.56 -19.90 72.19
C ALA I 116 47.75 -19.31 72.93
N ALA I 117 48.87 -19.13 72.26
CA ALA I 117 50.02 -18.44 72.83
C ALA I 117 50.17 -17.05 72.25
N PRO I 118 49.56 -16.03 72.83
CA PRO I 118 49.88 -14.66 72.39
C PRO I 118 51.27 -14.20 72.74
N GLY I 119 52.00 -14.95 73.56
CA GLY I 119 53.33 -14.53 73.94
C GLY I 119 53.27 -13.32 74.85
N GLU I 120 54.21 -12.40 74.65
CA GLU I 120 54.28 -11.17 75.43
C GLU I 120 55.05 -10.16 74.62
N GLY I 121 54.84 -8.89 74.94
CA GLY I 121 55.15 -7.78 74.04
C GLY I 121 56.54 -7.85 73.44
N ASP I 122 57.44 -8.54 74.11
CA ASP I 122 58.84 -8.48 73.74
C ASP I 122 59.12 -9.20 72.43
N GLU I 123 58.49 -10.35 72.21
CA GLU I 123 58.87 -11.20 71.09
C GLU I 123 58.18 -10.77 69.80
N VAL I 124 58.68 -11.30 68.68
CA VAL I 124 58.16 -11.02 67.36
C VAL I 124 57.54 -12.31 66.81
N VAL I 125 56.26 -12.23 66.42
CA VAL I 125 55.57 -13.39 65.86
C VAL I 125 55.08 -13.00 64.47
N THR I 126 54.32 -13.88 63.82
CA THR I 126 53.65 -13.54 62.58
C THR I 126 52.27 -14.19 62.61
N ARG I 127 51.25 -13.40 62.86
CA ARG I 127 49.92 -13.92 63.09
C ARG I 127 49.06 -13.73 61.86
N VAL I 128 47.93 -14.44 61.85
CA VAL I 128 47.04 -14.42 60.71
C VAL I 128 45.66 -14.78 61.17
N VAL I 129 44.66 -14.19 60.54
CA VAL I 129 43.30 -14.60 60.87
C VAL I 129 42.44 -14.53 59.61
N PRO I 130 41.56 -15.51 59.38
CA PRO I 130 40.59 -15.40 58.31
C PRO I 130 39.39 -14.53 58.66
N LEU I 131 39.50 -13.24 58.36
CA LEU I 131 38.42 -12.29 58.57
C LEU I 131 37.21 -12.62 57.70
N THR I 132 36.04 -12.78 58.32
CA THR I 132 34.93 -13.45 57.68
C THR I 132 33.77 -12.55 57.26
N ASN I 133 33.76 -11.28 57.60
CA ASN I 133 32.57 -10.47 57.34
C ASN I 133 32.80 -9.22 56.53
N VAL I 134 34.04 -8.79 56.32
CA VAL I 134 34.32 -7.43 55.87
C VAL I 134 35.36 -7.50 54.78
N ALA I 135 35.29 -6.54 53.85
CA ALA I 135 36.34 -6.38 52.87
C ALA I 135 37.66 -6.14 53.59
N ALA I 136 38.64 -7.00 53.31
CA ALA I 136 39.96 -6.89 53.90
C ALA I 136 40.89 -5.93 53.17
N ARG I 137 40.36 -5.09 52.28
CA ARG I 137 41.22 -4.06 51.70
C ARG I 137 41.26 -2.79 52.54
N ASP I 138 40.10 -2.25 52.92
CA ASP I 138 40.10 -0.88 53.39
C ASP I 138 40.69 -0.74 54.79
N LEU I 139 40.56 -1.75 55.65
CA LEU I 139 41.21 -1.66 56.94
C LEU I 139 42.72 -1.83 56.84
N ALA I 140 43.22 -2.12 55.67
CA ALA I 140 44.63 -2.36 55.43
C ALA I 140 45.41 -1.06 55.36
N PRO I 141 44.92 0.00 54.72
CA PRO I 141 45.64 1.27 54.83
C PRO I 141 45.61 1.83 56.23
N LEU I 142 44.42 1.85 56.84
CA LEU I 142 44.35 2.37 58.22
C LEU I 142 45.21 1.57 59.18
N LEU I 143 45.41 0.28 58.91
CA LEU I 143 46.18 -0.53 59.84
C LEU I 143 47.65 -0.52 59.49
N ARG I 144 47.96 -0.51 58.20
CA ARG I 144 49.32 -0.28 57.77
C ARG I 144 49.81 1.09 58.20
N GLN I 145 48.92 2.02 58.50
CA GLN I 145 49.33 3.30 59.07
C GLN I 145 49.39 3.24 60.59
N LEU I 146 48.28 2.89 61.24
CA LEU I 146 48.24 2.86 62.69
C LEU I 146 49.41 2.05 63.21
N ASN I 147 49.73 0.96 62.52
CA ASN I 147 50.79 0.04 62.88
C ASN I 147 51.90 0.08 61.85
N ASP I 148 52.23 1.25 61.32
CA ASP I 148 53.36 1.27 60.42
C ASP I 148 54.59 1.38 61.30
N ASN I 149 55.10 0.24 61.70
CA ASN I 149 56.26 0.25 62.57
C ASN I 149 57.46 0.61 61.69
N ALA I 150 58.11 1.72 62.01
CA ALA I 150 59.18 2.19 61.16
C ALA I 150 60.51 1.53 61.48
N GLY I 151 60.49 0.43 62.20
CA GLY I 151 61.66 -0.38 62.44
C GLY I 151 61.56 -1.72 61.77
N ALA I 152 61.00 -1.72 60.55
CA ALA I 152 60.72 -2.94 59.76
C ALA I 152 59.59 -3.75 60.41
N GLY I 153 58.55 -3.05 60.87
CA GLY I 153 57.38 -3.68 61.45
C GLY I 153 56.54 -4.41 60.41
N SER I 154 55.38 -4.88 60.88
CA SER I 154 54.51 -5.76 60.10
C SER I 154 54.04 -5.13 58.81
N VAL I 155 53.36 -5.95 58.01
CA VAL I 155 52.68 -5.54 56.80
C VAL I 155 51.29 -6.19 56.80
N VAL I 156 50.50 -5.83 55.79
CA VAL I 156 49.12 -6.29 55.70
C VAL I 156 48.77 -6.57 54.25
N HIS I 157 48.24 -7.77 53.99
CA HIS I 157 47.90 -8.12 52.62
C HIS I 157 46.56 -8.86 52.54
N TYR I 158 46.00 -8.78 51.34
CA TYR I 158 44.71 -9.34 51.02
C TYR I 158 44.85 -10.48 50.04
N GLU I 159 44.19 -11.60 50.33
CA GLU I 159 44.01 -12.68 49.38
C GLU I 159 42.52 -12.95 49.19
N PRO I 160 42.06 -13.36 48.01
CA PRO I 160 40.62 -13.53 47.82
C PRO I 160 40.03 -14.56 48.75
N SER I 161 40.85 -15.29 49.48
CA SER I 161 40.40 -16.10 50.58
C SER I 161 40.35 -15.34 51.91
N ASN I 162 40.48 -14.01 51.87
CA ASN I 162 40.31 -13.14 53.03
C ASN I 162 41.23 -13.47 54.16
N VAL I 163 42.39 -14.01 53.83
CA VAL I 163 43.41 -14.17 54.82
C VAL I 163 43.71 -12.77 55.33
N LEU I 164 43.95 -12.66 56.61
CA LEU I 164 44.39 -11.41 57.19
C LEU I 164 45.57 -11.74 58.07
N LEU I 165 46.77 -11.32 57.62
CA LEU I 165 48.02 -11.73 58.20
C LEU I 165 48.83 -10.51 58.58
N MET I 166 49.70 -10.70 59.56
CA MET I 166 50.65 -9.67 59.93
C MET I 166 51.73 -10.33 60.76
N THR I 167 52.82 -9.61 60.98
CA THR I 167 53.83 -10.10 61.90
C THR I 167 54.01 -9.23 63.14
N GLY I 168 54.36 -7.95 62.98
CA GLY I 168 54.35 -7.01 64.07
C GLY I 168 55.18 -7.43 65.27
N ARG I 169 54.64 -7.22 66.46
CA ARG I 169 55.19 -7.60 67.75
C ARG I 169 54.17 -8.47 68.46
N ALA I 170 54.46 -8.88 69.68
CA ALA I 170 53.51 -9.71 70.38
C ALA I 170 52.52 -8.90 71.20
N ALA I 171 52.89 -7.68 71.59
CA ALA I 171 51.93 -6.79 72.25
C ALA I 171 50.92 -6.23 71.26
N VAL I 172 51.38 -5.86 70.06
CA VAL I 172 50.50 -5.45 68.98
C VAL I 172 49.38 -6.46 68.78
N ILE I 173 49.69 -7.74 68.96
CA ILE I 173 48.69 -8.77 68.74
C ILE I 173 47.44 -8.48 69.55
N LYS I 174 47.62 -8.21 70.85
CA LYS I 174 46.49 -7.88 71.73
C LYS I 174 45.62 -6.76 71.16
N ARG I 175 46.24 -5.63 70.84
CA ARG I 175 45.46 -4.48 70.39
C ARG I 175 44.72 -4.81 69.11
N LEU I 176 45.34 -5.55 68.18
CA LEU I 176 44.68 -5.72 66.88
C LEU I 176 43.63 -6.82 66.88
N LEU I 177 43.93 -7.97 67.48
CA LEU I 177 42.90 -8.95 67.79
C LEU I 177 41.69 -8.28 68.40
N THR I 178 41.93 -7.47 69.43
CA THR I 178 40.81 -6.75 70.03
C THR I 178 40.12 -5.85 69.01
N ILE I 179 40.88 -5.26 68.09
CA ILE I 179 40.27 -4.38 67.09
C ILE I 179 39.27 -5.18 66.27
N VAL I 180 39.75 -6.20 65.55
CA VAL I 180 38.85 -6.89 64.64
C VAL I 180 37.70 -7.53 65.39
N GLU I 181 38.00 -8.21 66.50
CA GLU I 181 36.95 -8.82 67.31
C GLU I 181 35.90 -7.83 67.74
N ARG I 182 36.24 -6.56 67.94
CA ARG I 182 35.16 -5.63 68.23
C ARG I 182 34.48 -5.15 66.96
N VAL I 183 35.25 -4.77 65.95
CA VAL I 183 34.66 -4.17 64.76
C VAL I 183 33.92 -5.20 63.91
N ASP I 184 34.37 -6.44 63.89
CA ASP I 184 33.63 -7.45 63.15
C ASP I 184 32.38 -7.87 63.90
N ASN I 185 32.41 -7.88 65.22
CA ASN I 185 31.27 -8.25 66.03
C ASN I 185 30.24 -7.13 66.09
N ALA I 186 30.38 -6.12 65.23
CA ALA I 186 29.41 -5.01 65.20
C ALA I 186 28.25 -5.39 64.29
N GLY I 187 27.38 -6.25 64.82
CA GLY I 187 26.03 -6.46 64.32
C GLY I 187 25.88 -6.69 62.83
N ASP I 188 26.61 -7.67 62.31
CA ASP I 188 26.50 -8.02 60.90
C ASP I 188 25.14 -8.64 60.59
N ARG I 189 24.94 -8.91 59.31
CA ARG I 189 23.62 -9.26 58.76
C ARG I 189 22.89 -10.30 59.60
N SER I 190 21.66 -9.98 59.97
CA SER I 190 20.74 -10.94 60.54
C SER I 190 19.35 -10.67 59.98
N VAL I 191 18.54 -11.72 59.92
CA VAL I 191 17.25 -11.69 59.24
C VAL I 191 16.14 -11.91 60.25
N VAL I 192 15.00 -11.27 60.02
CA VAL I 192 13.81 -11.49 60.83
C VAL I 192 12.62 -10.98 60.02
N THR I 193 11.43 -11.46 60.36
CA THR I 193 10.23 -11.16 59.59
C THR I 193 9.16 -10.60 60.50
N VAL I 194 8.05 -10.22 59.90
CA VAL I 194 6.85 -9.86 60.66
C VAL I 194 5.64 -10.29 59.87
N PRO I 195 4.72 -11.00 60.46
CA PRO I 195 3.47 -11.28 59.74
C PRO I 195 2.61 -10.05 59.66
N LEU I 196 1.42 -10.19 59.13
CA LEU I 196 0.53 -9.04 59.01
C LEU I 196 -0.91 -9.53 59.05
N SER I 197 -1.71 -8.92 59.91
CA SER I 197 -3.11 -9.29 60.08
C SER I 197 -3.95 -9.17 58.81
N TRP I 198 -4.17 -7.96 58.29
CA TRP I 198 -5.09 -7.83 57.19
C TRP I 198 -4.63 -6.95 56.03
N ALA I 199 -3.67 -6.05 56.23
CA ALA I 199 -3.32 -5.11 55.18
C ALA I 199 -2.60 -5.78 54.01
N SER I 200 -2.54 -5.05 52.90
CA SER I 200 -1.86 -5.52 51.69
C SER I 200 -0.37 -5.69 51.92
N ALA I 201 0.20 -6.70 51.27
CA ALA I 201 1.63 -6.96 51.41
C ALA I 201 2.45 -6.20 50.36
N ALA I 202 2.39 -6.65 49.11
CA ALA I 202 3.21 -6.06 48.06
C ALA I 202 3.03 -4.56 47.96
N GLU I 203 1.93 -4.04 48.49
CA GLU I 203 1.65 -2.62 48.40
C GLU I 203 2.51 -1.84 49.38
N VAL I 204 2.74 -2.41 50.55
CA VAL I 204 3.51 -1.71 51.58
C VAL I 204 4.95 -1.54 51.15
N VAL I 205 5.66 -2.65 50.95
CA VAL I 205 7.04 -2.54 50.49
C VAL I 205 7.09 -1.77 49.16
N LYS I 206 6.19 -2.10 48.25
CA LYS I 206 5.97 -1.25 47.08
C LYS I 206 5.89 0.22 47.46
N LEU I 207 5.58 0.54 48.72
CA LEU I 207 5.57 1.94 49.20
C LEU I 207 6.52 2.18 50.38
N VAL I 208 7.58 1.40 50.53
CA VAL I 208 8.49 1.75 51.62
C VAL I 208 9.71 2.43 51.05
N THR I 209 10.20 1.91 49.91
CA THR I 209 11.38 2.45 49.27
C THR I 209 11.07 3.75 48.57
N GLU I 210 9.96 4.39 48.90
CA GLU I 210 9.64 5.73 48.46
C GLU I 210 9.62 6.71 49.62
N LEU I 211 9.31 6.22 50.82
CA LEU I 211 9.36 7.06 52.00
C LEU I 211 10.71 7.05 52.69
N ASN I 212 11.46 5.93 52.62
CA ASN I 212 12.80 5.86 53.22
C ASN I 212 13.77 5.30 52.20
N LYS I 213 14.12 6.08 51.20
CA LYS I 213 14.96 5.59 50.13
C LYS I 213 16.36 6.18 50.09
N ASP I 214 16.52 7.49 50.13
CA ASP I 214 17.82 8.10 49.89
C ASP I 214 17.76 9.56 50.31
N THR I 215 18.85 10.25 50.00
CA THR I 215 18.98 11.68 50.23
C THR I 215 19.97 12.21 49.20
N SER I 216 20.10 13.53 49.13
CA SER I 216 21.05 14.18 48.24
C SER I 216 22.45 13.62 48.39
N LYS I 217 22.77 13.08 49.56
CA LYS I 217 24.03 12.43 49.82
C LYS I 217 23.69 11.19 50.61
N SER I 218 24.26 10.05 50.21
CA SER I 218 23.99 8.77 50.86
C SER I 218 24.25 8.82 52.35
N ALA I 219 23.36 8.19 53.12
CA ALA I 219 23.52 8.14 54.57
C ALA I 219 24.87 7.49 54.81
N LEU I 220 25.19 6.50 53.98
CA LEU I 220 26.45 5.80 54.07
C LEU I 220 26.59 4.71 53.01
N PRO I 221 27.71 4.01 53.02
CA PRO I 221 27.94 2.92 52.07
C PRO I 221 26.82 1.88 52.19
N GLY I 222 26.79 0.93 51.27
CA GLY I 222 25.79 -0.10 51.27
C GLY I 222 25.53 -0.91 52.52
N SER I 223 26.39 -0.84 53.53
CA SER I 223 26.15 -1.60 54.74
C SER I 223 25.57 -0.69 55.82
N MET I 224 25.12 -1.31 56.92
CA MET I 224 24.41 -0.63 57.98
C MET I 224 23.12 0.02 57.50
N VAL I 225 22.48 -0.57 56.49
CA VAL I 225 21.19 -0.12 55.98
C VAL I 225 20.52 -1.33 55.35
N ALA I 226 19.21 -1.41 55.54
CA ALA I 226 18.51 -2.66 55.31
C ALA I 226 17.78 -2.60 54.00
N ASN I 227 17.63 -3.77 53.37
CA ASN I 227 16.79 -3.92 52.20
C ASN I 227 15.55 -4.75 52.53
N VAL I 228 14.51 -4.57 51.73
CA VAL I 228 13.21 -5.14 52.06
C VAL I 228 12.63 -5.77 50.79
N VAL I 229 12.19 -7.01 50.89
CA VAL I 229 11.35 -7.68 49.91
C VAL I 229 10.22 -8.40 50.63
N ALA I 230 9.34 -9.02 49.84
CA ALA I 230 8.20 -9.69 50.44
C ALA I 230 7.67 -10.68 49.42
N ASP I 231 7.10 -11.76 49.93
CA ASP I 231 6.33 -12.67 49.11
C ASP I 231 4.87 -12.33 49.28
N GLU I 232 4.08 -12.81 48.35
CA GLU I 232 2.64 -12.67 48.47
C GLU I 232 2.02 -13.90 49.06
N ARG I 233 2.82 -14.83 49.53
CA ARG I 233 2.29 -16.15 49.79
C ARG I 233 1.77 -16.26 51.21
N THR I 234 2.56 -15.86 52.20
CA THR I 234 2.14 -15.86 53.58
C THR I 234 1.74 -14.49 54.08
N ASN I 235 1.81 -13.46 53.24
CA ASN I 235 1.36 -12.12 53.62
C ASN I 235 2.26 -11.57 54.75
N ALA I 236 3.55 -11.85 54.67
CA ALA I 236 4.50 -11.23 55.56
C ALA I 236 5.61 -10.60 54.72
N VAL I 237 6.46 -9.84 55.39
CA VAL I 237 7.47 -9.03 54.73
C VAL I 237 8.84 -9.32 55.34
N LEU I 238 9.88 -9.14 54.54
CA LEU I 238 11.23 -9.56 54.87
C LEU I 238 12.11 -8.34 55.15
N VAL I 239 12.96 -8.42 56.18
CA VAL I 239 13.96 -7.40 56.41
C VAL I 239 15.27 -8.08 56.79
N SER I 240 16.37 -7.37 56.56
CA SER I 240 17.69 -7.89 56.94
C SER I 240 18.61 -6.69 57.13
N GLY I 241 19.46 -6.75 58.15
CA GLY I 241 20.25 -5.57 58.47
C GLY I 241 20.76 -5.62 59.89
N GLU I 242 20.94 -4.43 60.46
CA GLU I 242 21.67 -4.26 61.70
C GLU I 242 20.77 -3.85 62.85
N PRO I 243 21.15 -4.22 64.08
CA PRO I 243 20.25 -4.06 65.20
C PRO I 243 19.91 -2.65 65.58
N ASN I 244 20.44 -1.65 64.90
CA ASN I 244 19.94 -0.29 65.01
C ASN I 244 19.47 0.28 63.68
N SER I 245 19.30 -0.58 62.67
CA SER I 245 18.67 -0.19 61.41
C SER I 245 17.29 -0.78 61.23
N ARG I 246 17.11 -2.04 61.61
CA ARG I 246 15.85 -2.71 61.35
C ARG I 246 14.75 -2.13 62.21
N GLN I 247 15.10 -1.70 63.43
CA GLN I 247 14.10 -1.23 64.37
C GLN I 247 13.27 -0.13 63.75
N ARG I 248 13.91 0.71 62.93
CA ARG I 248 13.16 1.71 62.19
C ARG I 248 12.13 1.06 61.27
N ILE I 249 12.53 0.02 60.53
CA ILE I 249 11.59 -0.61 59.61
C ILE I 249 10.40 -1.16 60.37
N ILE I 250 10.66 -1.82 61.48
CA ILE I 250 9.55 -2.32 62.29
C ILE I 250 8.71 -1.17 62.80
N ALA I 251 9.34 -0.01 63.02
CA ALA I 251 8.56 1.14 63.47
C ALA I 251 7.54 1.52 62.42
N MET I 252 7.99 1.71 61.17
CA MET I 252 7.05 2.08 60.14
C MET I 252 5.97 1.05 60.00
N ILE I 253 6.32 -0.25 59.92
CA ILE I 253 5.25 -1.21 59.71
C ILE I 253 4.28 -1.19 60.90
N LYS I 254 4.76 -0.95 62.13
CA LYS I 254 3.82 -0.83 63.25
C LYS I 254 2.85 0.31 63.01
N GLN I 255 3.34 1.39 62.40
CA GLN I 255 2.49 2.54 62.12
C GLN I 255 1.61 2.27 60.90
N LEU I 256 2.18 1.67 59.86
CA LEU I 256 1.47 1.36 58.65
C LEU I 256 0.36 0.36 58.94
N ASP I 257 0.63 -0.60 59.83
CA ASP I 257 -0.31 -1.66 60.10
C ASP I 257 -1.41 -1.15 61.02
N ARG I 258 -2.28 -0.36 60.43
CA ARG I 258 -3.39 0.22 61.14
C ARG I 258 -4.70 -0.44 60.70
N GLN I 259 -5.73 -0.20 61.47
CA GLN I 259 -7.05 -0.76 61.19
C GLN I 259 -7.90 0.29 60.52
N GLN I 260 -8.78 -0.15 59.62
CA GLN I 260 -9.63 0.80 58.91
C GLN I 260 -10.93 1.15 59.63
N ALA I 261 -11.22 2.43 59.80
CA ALA I 261 -12.46 2.82 60.45
C ALA I 261 -13.61 2.20 59.67
N VAL I 262 -13.62 2.47 58.36
CA VAL I 262 -14.61 1.94 57.44
C VAL I 262 -13.95 1.94 56.08
N GLN I 263 -14.04 0.86 55.34
CA GLN I 263 -13.44 0.79 54.01
C GLN I 263 -14.28 1.65 53.08
N GLY I 264 -13.69 2.72 52.55
CA GLY I 264 -14.45 3.59 51.67
C GLY I 264 -14.00 3.49 50.23
N ASN I 265 -13.07 2.60 49.95
CA ASN I 265 -12.63 2.39 48.58
C ASN I 265 -13.82 2.13 47.66
N THR I 266 -14.82 1.37 48.14
CA THR I 266 -16.07 1.17 47.43
C THR I 266 -17.22 1.15 48.41
N LYS I 267 -18.28 1.87 48.10
CA LYS I 267 -19.49 1.80 48.91
C LYS I 267 -20.72 1.70 48.04
N VAL I 268 -21.69 0.93 48.51
CA VAL I 268 -22.84 0.49 47.72
C VAL I 268 -24.05 1.27 48.19
N ILE I 269 -24.70 1.99 47.29
CA ILE I 269 -25.87 2.74 47.66
C ILE I 269 -27.09 2.00 47.16
N TYR I 270 -28.27 2.43 47.65
CA TYR I 270 -29.55 1.85 47.27
C TYR I 270 -30.44 3.02 46.89
N LEU I 271 -30.87 3.08 45.63
CA LEU I 271 -31.71 4.17 45.16
C LEU I 271 -33.18 3.78 45.29
N LYS I 272 -34.03 4.77 45.62
CA LYS I 272 -35.36 4.44 46.08
C LYS I 272 -36.44 4.56 45.00
N TYR I 273 -36.49 5.67 44.24
CA TYR I 273 -37.60 5.86 43.30
C TYR I 273 -37.25 5.84 41.82
N ALA I 274 -36.04 6.14 41.43
CA ALA I 274 -35.64 6.05 40.03
C ALA I 274 -35.00 4.72 39.76
N LYS I 275 -35.09 4.26 38.51
CA LYS I 275 -34.34 3.06 38.21
C LYS I 275 -32.86 3.44 38.04
N ALA I 276 -32.02 2.43 37.94
CA ALA I 276 -30.59 2.69 37.85
C ALA I 276 -30.07 2.52 36.44
N ALA I 277 -30.85 1.90 35.56
CA ALA I 277 -30.42 1.73 34.19
C ALA I 277 -30.16 3.09 33.53
N ASP I 278 -31.13 3.99 33.59
CA ASP I 278 -30.90 5.32 33.02
C ASP I 278 -29.74 6.00 33.72
N LEU I 279 -29.66 5.86 35.04
CA LEU I 279 -28.68 6.62 35.79
C LEU I 279 -27.26 6.26 35.39
N VAL I 280 -26.96 4.97 35.20
CA VAL I 280 -25.60 4.62 34.79
C VAL I 280 -25.16 5.46 33.60
N GLU I 281 -26.00 5.54 32.58
CA GLU I 281 -25.53 6.15 31.35
C GLU I 281 -25.58 7.67 31.42
N VAL I 282 -26.65 8.23 32.03
CA VAL I 282 -26.68 9.67 32.28
C VAL I 282 -25.45 10.11 33.04
N LEU I 283 -25.11 9.40 34.10
CA LEU I 283 -23.94 9.74 34.91
C LEU I 283 -22.75 8.96 34.36
N THR I 284 -21.96 9.60 33.51
CA THR I 284 -20.68 9.01 33.16
C THR I 284 -19.48 9.90 33.42
N GLY I 285 -19.64 11.22 33.51
CA GLY I 285 -18.41 12.00 33.49
C GLY I 285 -18.18 13.15 34.43
N ILE I 286 -18.28 12.96 35.76
CA ILE I 286 -18.10 14.08 36.68
C ILE I 286 -16.71 14.67 36.55
N SER I 287 -15.69 13.87 36.87
CA SER I 287 -14.38 14.41 37.18
C SER I 287 -13.28 13.94 36.26
N SER I 288 -13.52 12.92 35.44
CA SER I 288 -12.59 12.53 34.40
C SER I 288 -12.38 13.68 33.41
N LYS I 305 -8.12 7.74 38.42
CA LYS I 305 -8.10 7.64 36.95
C LYS I 305 -9.43 8.11 36.38
N ASN I 306 -10.49 7.44 36.80
CA ASN I 306 -11.82 7.66 36.28
C ASN I 306 -12.78 7.19 37.35
N ILE I 307 -14.06 7.39 37.09
CA ILE I 307 -15.11 6.92 37.97
C ILE I 307 -15.89 5.85 37.19
N ILE I 308 -15.88 4.64 37.71
CA ILE I 308 -16.57 3.54 37.08
C ILE I 308 -17.84 3.29 37.87
N ILE I 309 -18.98 3.62 37.27
CA ILE I 309 -20.24 3.33 37.91
C ILE I 309 -20.81 2.06 37.32
N LYS I 310 -21.25 1.17 38.20
CA LYS I 310 -21.89 -0.07 37.82
C LYS I 310 -23.27 -0.13 38.47
N ALA I 311 -24.25 -0.64 37.74
CA ALA I 311 -25.61 -0.77 38.24
C ALA I 311 -26.01 -2.23 38.26
N HIS I 312 -26.75 -2.64 39.29
CA HIS I 312 -27.01 -4.06 39.39
C HIS I 312 -28.22 -4.48 38.56
N GLY I 313 -29.37 -3.88 38.81
CA GLY I 313 -30.61 -4.22 38.13
C GLY I 313 -31.36 -5.39 38.71
N GLN I 314 -30.71 -6.25 39.47
CA GLN I 314 -31.43 -7.39 40.00
C GLN I 314 -31.83 -7.21 41.45
N THR I 315 -31.16 -6.34 42.18
CA THR I 315 -31.70 -5.74 43.39
C THR I 315 -32.06 -4.28 43.19
N ASN I 316 -31.85 -3.73 42.00
CA ASN I 316 -32.08 -2.30 41.74
C ASN I 316 -31.23 -1.45 42.68
N ALA I 317 -29.94 -1.75 42.72
CA ALA I 317 -29.01 -0.91 43.44
C ALA I 317 -27.75 -0.74 42.59
N LEU I 318 -27.06 0.38 42.82
CA LEU I 318 -25.92 0.74 42.02
C LEU I 318 -24.69 0.92 42.91
N ILE I 319 -23.52 0.77 42.29
CA ILE I 319 -22.26 0.91 43.00
C ILE I 319 -21.48 2.13 42.55
N VAL I 320 -20.42 2.43 43.30
CA VAL I 320 -19.53 3.55 43.04
C VAL I 320 -18.19 3.01 43.52
N THR I 321 -17.32 2.67 42.58
CA THR I 321 -15.97 2.24 42.90
C THR I 321 -15.15 3.27 42.16
N ALA I 322 -15.09 4.46 42.74
CA ALA I 322 -14.41 5.55 42.08
C ALA I 322 -13.71 6.25 43.21
N ALA I 323 -13.40 7.52 43.01
CA ALA I 323 -12.74 8.24 44.09
C ALA I 323 -13.26 8.08 45.52
N PRO I 324 -12.36 7.69 46.42
CA PRO I 324 -12.73 7.47 47.83
C PRO I 324 -12.65 8.74 48.68
N ASP I 325 -12.64 9.91 48.06
CA ASP I 325 -12.58 11.16 48.78
C ASP I 325 -13.56 12.22 48.34
N VAL I 326 -14.19 12.08 47.18
CA VAL I 326 -15.06 13.18 46.80
C VAL I 326 -16.46 12.62 46.55
N MET I 327 -16.64 11.36 46.93
CA MET I 327 -17.92 10.68 46.77
C MET I 327 -19.05 11.58 47.24
N ASN I 328 -18.74 12.49 48.16
CA ASN I 328 -19.76 13.40 48.64
C ASN I 328 -20.41 14.19 47.53
N ASP I 329 -19.67 14.46 46.47
CA ASP I 329 -20.23 15.07 45.28
C ASP I 329 -21.18 14.15 44.53
N LEU I 330 -21.24 12.88 44.93
CA LEU I 330 -22.17 11.94 44.37
C LEU I 330 -23.34 11.72 45.29
N GLU I 331 -23.07 11.52 46.59
CA GLU I 331 -24.20 11.46 47.49
C GLU I 331 -25.11 12.67 47.37
N ARG I 332 -24.56 13.88 47.23
CA ARG I 332 -25.45 15.01 47.10
C ARG I 332 -26.26 14.94 45.81
N VAL I 333 -25.61 14.51 44.73
CA VAL I 333 -26.36 14.59 43.48
C VAL I 333 -27.40 13.48 43.41
N ILE I 334 -27.07 12.26 43.82
CA ILE I 334 -28.10 11.24 43.81
C ILE I 334 -29.22 11.61 44.77
N ALA I 335 -28.90 12.19 45.93
CA ALA I 335 -29.94 12.64 46.84
C ALA I 335 -30.84 13.68 46.18
N GLN I 336 -30.27 14.54 45.34
CA GLN I 336 -31.12 15.39 44.54
C GLN I 336 -31.68 14.72 43.32
N LEU I 337 -31.39 13.45 43.11
CA LEU I 337 -31.92 12.76 41.95
C LEU I 337 -32.86 11.59 42.27
N ASP I 338 -33.19 11.34 43.55
CA ASP I 338 -34.14 10.30 43.90
C ASP I 338 -35.31 10.95 44.64
N ILE I 339 -36.47 11.06 43.98
CA ILE I 339 -37.57 11.89 44.49
C ILE I 339 -38.90 11.36 43.97
N ARG I 340 -39.87 11.20 44.89
CA ARG I 340 -41.21 10.78 44.50
C ARG I 340 -41.75 11.69 43.40
N ARG I 341 -42.50 11.12 42.46
CA ARG I 341 -43.01 11.95 41.38
C ARG I 341 -44.53 11.96 41.31
N PRO I 342 -45.14 13.13 41.26
CA PRO I 342 -46.59 13.25 41.11
C PRO I 342 -47.04 12.96 39.70
N GLN I 343 -48.27 12.49 39.58
CA GLN I 343 -48.85 12.09 38.32
C GLN I 343 -50.20 12.78 38.10
N VAL I 344 -50.57 12.96 36.86
CA VAL I 344 -51.66 13.84 36.47
C VAL I 344 -52.73 13.04 35.73
N LEU I 345 -54.01 13.40 35.96
CA LEU I 345 -55.13 12.74 35.34
C LEU I 345 -55.64 13.59 34.20
N VAL I 346 -55.66 13.05 33.00
CA VAL I 346 -56.09 13.77 31.81
C VAL I 346 -57.37 13.12 31.29
N GLU I 347 -58.38 13.93 31.06
CA GLU I 347 -59.58 13.52 30.36
C GLU I 347 -59.98 14.57 29.33
N ALA I 348 -60.34 14.11 28.14
CA ALA I 348 -60.83 15.01 27.10
C ALA I 348 -62.23 14.57 26.72
N ILE I 349 -62.99 15.50 26.18
CA ILE I 349 -64.38 15.26 25.84
C ILE I 349 -64.60 15.83 24.44
N ILE I 350 -65.48 15.21 23.68
CA ILE I 350 -65.87 15.71 22.39
C ILE I 350 -67.35 15.50 22.19
N ALA I 351 -67.94 16.33 21.34
CA ALA I 351 -69.33 16.14 21.03
C ALA I 351 -69.68 16.97 19.82
N GLU I 352 -70.62 16.48 19.03
CA GLU I 352 -71.03 17.18 17.83
C GLU I 352 -72.47 16.82 17.54
N VAL I 353 -73.04 17.47 16.52
CA VAL I 353 -74.36 17.14 16.04
C VAL I 353 -74.30 17.22 14.52
N GLN I 354 -75.10 16.39 13.88
CA GLN I 354 -75.18 16.39 12.43
C GLN I 354 -76.65 16.35 12.07
N ASP I 355 -77.09 17.35 11.33
CA ASP I 355 -78.49 17.53 11.03
C ASP I 355 -78.64 17.95 9.59
N ALA I 356 -79.75 17.56 8.99
CA ALA I 356 -80.01 17.93 7.61
C ALA I 356 -81.51 17.98 7.39
N ASP I 357 -81.94 19.05 6.74
CA ASP I 357 -83.35 19.22 6.39
C ASP I 357 -83.48 19.20 4.88
N GLY I 358 -84.67 18.82 4.41
CA GLY I 358 -84.93 18.72 3.01
C GLY I 358 -86.40 18.82 2.65
N LEU I 359 -86.72 19.46 1.55
CA LEU I 359 -88.10 19.62 1.14
C LEU I 359 -88.15 19.52 -0.37
N ASN I 360 -89.34 19.25 -0.90
CA ASN I 360 -89.54 19.32 -2.34
C ASN I 360 -91.02 19.45 -2.61
N LEU I 361 -91.36 19.81 -3.85
CA LEU I 361 -92.73 20.00 -4.27
C LEU I 361 -92.79 20.21 -5.76
N GLY I 362 -93.83 19.68 -6.40
CA GLY I 362 -94.02 19.80 -7.83
C GLY I 362 -95.21 19.01 -8.38
N ILE I 363 -95.80 19.47 -9.48
CA ILE I 363 -96.95 18.85 -10.12
C ILE I 363 -96.61 18.49 -11.58
N GLN I 364 -97.54 17.79 -12.23
CA GLN I 364 -97.38 17.48 -13.64
C GLN I 364 -98.74 17.25 -14.27
N TRP I 365 -98.83 17.58 -15.58
CA TRP I 365 -100.09 17.56 -16.33
C TRP I 365 -99.93 16.73 -17.59
N ALA I 366 -101.08 16.31 -18.13
CA ALA I 366 -101.09 15.44 -19.29
C ALA I 366 -102.45 15.49 -19.96
N ASN I 367 -102.45 15.43 -21.29
CA ASN I 367 -103.72 15.41 -22.02
C ASN I 367 -103.45 14.88 -23.41
N LYS I 368 -104.31 13.96 -23.86
CA LYS I 368 -104.14 13.35 -25.18
C LYS I 368 -104.08 14.42 -26.26
N ASN I 369 -104.96 15.41 -26.19
CA ASN I 369 -105.00 16.46 -27.20
C ASN I 369 -104.09 17.62 -26.89
N ALA I 370 -103.47 17.64 -25.71
CA ALA I 370 -102.76 18.82 -25.23
C ALA I 370 -101.32 18.46 -24.86
N GLY I 371 -100.66 19.38 -24.18
CA GLY I 371 -99.23 19.27 -23.97
C GLY I 371 -98.79 18.21 -22.99
N MET I 372 -97.63 18.44 -22.38
CA MET I 372 -97.07 17.47 -21.44
C MET I 372 -96.05 18.17 -20.55
N THR I 373 -96.30 18.17 -19.24
CA THR I 373 -95.46 18.88 -18.26
C THR I 373 -94.76 17.84 -17.40
N GLN I 374 -93.50 17.58 -17.72
CA GLN I 374 -92.76 16.50 -17.09
C GLN I 374 -91.71 17.05 -16.13
N PHE I 375 -91.41 16.29 -15.08
CA PHE I 375 -90.33 16.64 -14.18
C PHE I 375 -89.67 15.36 -13.69
N THR I 376 -88.39 15.16 -14.04
CA THR I 376 -87.73 13.91 -13.72
C THR I 376 -87.21 13.90 -12.30
N ASN I 377 -86.84 15.06 -11.77
CA ASN I 377 -86.33 15.10 -10.40
C ASN I 377 -87.33 14.51 -9.43
N SER I 378 -88.61 14.54 -9.78
CA SER I 378 -89.66 14.16 -8.85
C SER I 378 -89.60 12.68 -8.49
N GLY I 379 -88.98 11.87 -9.31
CA GLY I 379 -88.95 10.45 -9.11
C GLY I 379 -89.86 9.67 -10.01
N LEU I 380 -90.78 10.34 -10.71
CA LEU I 380 -91.74 9.68 -11.58
C LEU I 380 -92.16 10.59 -12.72
N PRO I 381 -91.92 10.20 -13.95
CA PRO I 381 -92.46 10.96 -15.08
C PRO I 381 -93.96 10.77 -15.22
N ILE I 382 -94.54 11.48 -16.19
CA ILE I 382 -95.87 11.09 -16.63
C ILE I 382 -95.79 9.76 -17.34
N SER I 383 -94.63 9.44 -17.92
CA SER I 383 -94.44 8.16 -18.60
C SER I 383 -94.87 7.02 -17.71
N THR I 384 -94.56 7.11 -16.43
CA THR I 384 -95.07 6.13 -15.47
C THR I 384 -96.58 6.02 -15.49
N ALA I 385 -97.25 7.13 -15.75
CA ALA I 385 -98.70 7.13 -15.69
C ALA I 385 -99.32 6.66 -17.00
N ILE I 386 -99.01 7.35 -18.10
CA ILE I 386 -99.52 6.93 -19.38
C ILE I 386 -99.18 5.48 -19.66
N ALA I 387 -98.01 5.02 -19.20
CA ALA I 387 -97.71 3.61 -19.32
C ALA I 387 -98.30 2.80 -18.18
N GLY I 388 -98.83 3.42 -17.14
CA GLY I 388 -99.30 2.63 -16.02
C GLY I 388 -100.75 2.24 -16.23
N ALA I 389 -101.52 3.14 -16.82
CA ALA I 389 -102.96 2.95 -16.89
C ALA I 389 -103.39 2.29 -18.18
N ASN I 390 -102.83 2.68 -19.32
CA ASN I 390 -103.11 1.96 -20.55
C ASN I 390 -102.59 0.53 -20.51
N GLN I 391 -101.47 0.29 -19.86
CA GLN I 391 -101.03 -1.08 -19.62
C GLN I 391 -101.89 -1.76 -18.57
N TYR I 392 -102.31 -1.03 -17.55
CA TYR I 392 -103.15 -1.61 -16.52
C TYR I 392 -104.45 -2.10 -17.15
N ASN I 393 -105.25 -1.14 -17.60
CA ASN I 393 -106.58 -1.41 -18.16
C ASN I 393 -106.50 -2.15 -19.51
N LYS I 394 -105.34 -2.15 -20.16
CA LYS I 394 -105.17 -3.11 -21.24
C LYS I 394 -105.09 -4.53 -20.68
N ASP I 395 -104.12 -4.79 -19.79
CA ASP I 395 -104.03 -6.08 -19.14
C ASP I 395 -105.17 -6.31 -18.15
N GLY I 396 -105.89 -5.28 -17.78
CA GLY I 396 -106.87 -5.37 -16.70
C GLY I 396 -106.27 -5.03 -15.36
N THR I 397 -105.04 -5.47 -15.12
CA THR I 397 -104.42 -5.29 -13.81
C THR I 397 -102.96 -4.95 -13.99
N ILE I 398 -102.23 -4.92 -12.88
CA ILE I 398 -100.82 -4.55 -12.90
C ILE I 398 -100.05 -5.62 -13.66
N SER I 399 -99.06 -5.17 -14.43
CA SER I 399 -98.05 -6.06 -14.97
C SER I 399 -96.67 -5.52 -14.59
N SER I 400 -95.78 -6.42 -14.16
CA SER I 400 -94.47 -6.01 -13.65
C SER I 400 -93.65 -5.21 -14.65
N SER I 401 -94.06 -5.15 -15.92
CA SER I 401 -93.39 -4.32 -16.90
C SER I 401 -93.36 -2.85 -16.49
N LEU I 402 -94.23 -2.44 -15.57
CA LEU I 402 -94.34 -1.05 -15.23
C LEU I 402 -93.11 -0.57 -14.48
N ALA I 403 -93.02 0.73 -14.33
CA ALA I 403 -91.79 1.37 -13.83
C ALA I 403 -91.46 0.86 -12.44
N SER I 404 -90.36 0.10 -12.31
CA SER I 404 -89.96 -0.38 -10.99
C SER I 404 -89.56 0.73 -10.03
N ALA I 405 -89.56 1.98 -10.49
CA ALA I 405 -89.21 3.10 -9.63
C ALA I 405 -90.16 3.21 -8.43
N LEU I 406 -91.40 2.74 -8.58
CA LEU I 406 -92.35 2.79 -7.48
C LEU I 406 -91.80 2.14 -6.22
N GLY I 407 -90.93 1.13 -6.38
CA GLY I 407 -90.33 0.46 -5.24
C GLY I 407 -89.51 1.37 -4.37
N SER I 408 -89.10 2.51 -4.89
CA SER I 408 -88.25 3.41 -4.13
C SER I 408 -88.94 4.71 -3.72
N PHE I 409 -90.09 5.00 -4.30
CA PHE I 409 -90.73 6.30 -4.09
C PHE I 409 -91.06 6.50 -2.62
N ASN I 410 -91.12 7.77 -2.21
CA ASN I 410 -91.57 8.14 -0.89
C ASN I 410 -92.35 9.44 -0.98
N GLY I 411 -93.35 9.58 -0.10
CA GLY I 411 -94.18 10.75 -0.11
C GLY I 411 -95.62 10.47 -0.49
N ILE I 412 -96.29 11.47 -1.04
CA ILE I 412 -97.68 11.35 -1.43
C ILE I 412 -97.84 11.89 -2.84
N ALA I 413 -98.86 11.39 -3.51
CA ALA I 413 -99.30 11.92 -4.79
C ALA I 413 -100.75 11.53 -4.98
N ALA I 414 -101.56 12.43 -5.51
CA ALA I 414 -103.01 12.29 -5.48
C ALA I 414 -103.53 12.17 -6.91
N GLY I 415 -104.25 11.08 -7.18
CA GLY I 415 -104.72 10.80 -8.54
C GLY I 415 -106.04 11.50 -8.80
N PHE I 416 -106.10 12.18 -9.94
CA PHE I 416 -107.30 12.85 -10.37
C PHE I 416 -107.50 12.68 -11.88
N TYR I 417 -108.75 12.57 -12.29
CA TYR I 417 -109.08 12.43 -13.71
C TYR I 417 -110.46 13.02 -13.96
N GLN I 418 -110.54 13.99 -14.87
CA GLN I 418 -111.83 14.54 -15.31
C GLN I 418 -111.75 14.73 -16.82
N GLY I 419 -112.14 13.69 -17.55
CA GLY I 419 -112.08 13.74 -18.99
C GLY I 419 -110.65 13.69 -19.48
N ASN I 420 -110.21 14.77 -20.14
CA ASN I 420 -109.00 14.76 -20.91
C ASN I 420 -107.75 15.04 -20.10
N TRP I 421 -107.88 15.64 -18.91
CA TRP I 421 -106.72 16.13 -18.21
C TRP I 421 -106.34 15.17 -17.08
N ALA I 422 -105.28 15.55 -16.38
CA ALA I 422 -104.77 14.84 -15.21
C ALA I 422 -103.76 15.74 -14.52
N MET I 423 -103.45 15.41 -13.27
CA MET I 423 -102.42 16.16 -12.56
C MET I 423 -101.98 15.33 -11.36
N LEU I 424 -100.69 15.43 -11.03
CA LEU I 424 -100.10 14.72 -9.91
C LEU I 424 -99.34 15.69 -9.04
N LEU I 425 -99.76 15.82 -7.79
CA LEU I 425 -99.04 16.59 -6.78
C LEU I 425 -97.96 15.72 -6.14
N THR I 426 -96.84 16.32 -5.79
CA THR I 426 -95.69 15.57 -5.28
C THR I 426 -94.97 16.41 -4.25
N ALA I 427 -94.74 15.83 -3.07
CA ALA I 427 -94.02 16.53 -2.02
C ALA I 427 -93.59 15.51 -1.00
N LEU I 428 -92.66 15.93 -0.15
CA LEU I 428 -92.18 15.12 0.95
C LEU I 428 -91.33 16.01 1.83
N SER I 429 -91.25 15.62 3.10
CA SER I 429 -90.31 16.25 4.02
C SER I 429 -89.48 15.17 4.65
N SER I 430 -88.21 15.45 4.81
CA SER I 430 -87.29 14.49 5.38
C SER I 430 -86.26 15.24 6.21
N SER I 431 -85.90 14.64 7.34
CA SER I 431 -84.91 15.22 8.21
C SER I 431 -84.16 14.10 8.88
N THR I 432 -83.00 14.44 9.42
CA THR I 432 -82.13 13.46 10.05
C THR I 432 -81.27 14.16 11.07
N LYS I 433 -81.06 13.51 12.22
CA LYS I 433 -80.31 14.10 13.31
C LYS I 433 -79.36 13.08 13.91
N ASN I 434 -78.16 13.54 14.28
CA ASN I 434 -77.11 12.66 14.75
C ASN I 434 -76.30 13.34 15.82
N ASP I 435 -75.94 12.58 16.86
CA ASP I 435 -75.17 13.06 18.00
C ASP I 435 -74.14 12.01 18.38
N ILE I 436 -73.14 12.46 19.13
CA ILE I 436 -72.04 11.63 19.58
C ILE I 436 -71.49 12.26 20.86
N LEU I 437 -70.66 11.50 21.57
CA LEU I 437 -70.04 12.00 22.77
C LEU I 437 -68.92 11.05 23.13
N ALA I 438 -67.79 11.60 23.58
CA ALA I 438 -66.64 10.74 23.87
C ALA I 438 -65.85 11.33 25.03
N THR I 439 -65.79 10.61 26.14
CA THR I 439 -65.07 11.08 27.32
C THR I 439 -64.12 9.97 27.78
N PRO I 440 -62.86 9.97 27.30
CA PRO I 440 -61.87 9.09 27.93
C PRO I 440 -60.99 9.78 28.94
N SER I 441 -60.43 8.99 29.87
CA SER I 441 -59.63 9.52 30.98
C SER I 441 -58.52 8.53 31.30
N ILE I 442 -57.40 9.06 31.79
CA ILE I 442 -56.23 8.23 32.04
C ILE I 442 -55.27 8.86 33.04
N VAL I 443 -54.31 8.08 33.53
CA VAL I 443 -53.28 8.52 34.46
C VAL I 443 -51.96 7.92 34.00
N THR I 444 -50.89 8.60 34.35
CA THR I 444 -49.54 8.17 34.00
C THR I 444 -48.57 9.04 34.77
N LEU I 445 -47.28 8.78 34.56
CA LEU I 445 -46.32 9.69 35.14
C LEU I 445 -46.07 10.80 34.14
N ASP I 446 -45.19 11.74 34.47
CA ASP I 446 -45.03 12.88 33.57
C ASP I 446 -44.28 12.47 32.31
N ASN I 447 -43.06 12.01 32.47
CA ASN I 447 -42.17 11.92 31.31
C ASN I 447 -42.55 10.76 30.38
N MET I 448 -43.07 9.65 30.91
CA MET I 448 -43.40 8.53 30.05
C MET I 448 -44.78 8.74 29.43
N GLN I 449 -44.91 8.43 28.16
CA GLN I 449 -46.15 8.65 27.43
C GLN I 449 -47.10 7.48 27.67
N ALA I 450 -48.35 7.78 27.91
CA ALA I 450 -49.37 6.74 27.84
C ALA I 450 -50.21 6.93 26.60
N THR I 451 -50.77 5.84 26.10
CA THR I 451 -51.65 5.90 24.95
C THR I 451 -52.83 4.96 25.17
N PHE I 452 -53.91 5.24 24.46
CA PHE I 452 -55.19 4.65 24.78
C PHE I 452 -56.05 4.59 23.53
N ASN I 453 -56.83 3.53 23.38
CA ASN I 453 -57.68 3.47 22.22
C ASN I 453 -58.76 2.42 22.38
N VAL I 454 -59.88 2.65 21.73
CA VAL I 454 -61.02 1.77 21.76
C VAL I 454 -61.49 1.64 20.32
N GLY I 455 -62.11 0.51 19.99
CA GLY I 455 -62.71 0.38 18.67
C GLY I 455 -62.21 -0.84 17.93
N GLN I 456 -62.87 -1.10 16.82
CA GLN I 456 -62.60 -2.31 16.08
C GLN I 456 -61.37 -2.12 15.20
N GLU I 457 -61.02 -3.19 14.48
CA GLU I 457 -59.84 -3.19 13.63
C GLU I 457 -60.12 -3.94 12.34
N VAL I 458 -59.72 -3.34 11.22
CA VAL I 458 -60.21 -3.89 9.95
C VAL I 458 -59.11 -3.80 8.91
N PRO I 459 -58.95 -4.79 8.06
CA PRO I 459 -57.84 -4.78 7.11
C PRO I 459 -58.17 -4.29 5.71
N VAL I 460 -57.26 -3.49 5.21
CA VAL I 460 -57.34 -2.90 3.90
C VAL I 460 -56.34 -3.62 3.00
N LEU I 461 -56.47 -3.45 1.67
CA LEU I 461 -55.57 -4.15 0.74
C LEU I 461 -54.47 -3.22 0.25
N THR I 462 -53.48 -3.02 1.08
CA THR I 462 -52.26 -2.32 0.72
C THR I 462 -51.10 -3.28 0.82
N THR I 475 -52.38 -9.55 -0.11
CA THR I 475 -51.47 -8.59 0.54
C THR I 475 -52.20 -7.44 1.23
N VAL I 476 -52.21 -7.45 2.55
CA VAL I 476 -52.87 -6.39 3.32
C VAL I 476 -52.26 -6.23 4.70
N GLU I 477 -52.72 -5.23 5.44
CA GLU I 477 -52.22 -4.97 6.80
C GLU I 477 -53.35 -4.71 7.78
N ARG I 478 -53.02 -4.47 9.03
CA ARG I 478 -54.05 -4.22 10.05
C ARG I 478 -54.39 -2.74 10.16
N LYS I 479 -55.67 -2.42 10.28
CA LYS I 479 -56.05 -1.02 10.39
C LYS I 479 -57.05 -0.89 11.51
N THR I 480 -56.92 0.19 12.29
CA THR I 480 -57.72 0.41 13.48
C THR I 480 -58.63 1.61 13.26
N VAL I 481 -59.83 1.53 13.82
CA VAL I 481 -60.82 2.58 13.71
C VAL I 481 -61.45 2.79 15.08
N GLY I 482 -61.17 3.92 15.70
CA GLY I 482 -61.82 4.20 16.98
C GLY I 482 -61.51 5.55 17.60
N ILE I 483 -61.00 5.55 18.81
CA ILE I 483 -60.69 6.79 19.52
C ILE I 483 -59.30 6.67 20.10
N LYS I 484 -58.27 6.97 19.30
CA LYS I 484 -56.87 6.83 19.68
C LYS I 484 -56.40 8.10 20.34
N LEU I 485 -56.56 8.19 21.66
CA LEU I 485 -56.14 9.37 22.40
C LEU I 485 -54.84 9.15 23.16
N LYS I 486 -53.78 9.80 22.72
CA LYS I 486 -52.47 9.69 23.35
C LYS I 486 -51.92 11.05 23.73
N VAL I 487 -51.16 11.12 24.83
CA VAL I 487 -50.60 12.39 25.27
C VAL I 487 -49.23 12.30 25.93
N LYS I 488 -48.72 13.45 26.36
CA LYS I 488 -47.44 13.56 27.01
C LYS I 488 -47.52 14.67 28.04
N PRO I 489 -47.58 14.36 29.31
CA PRO I 489 -47.77 15.39 30.33
C PRO I 489 -46.47 15.86 30.95
N GLN I 490 -46.26 17.17 30.99
CA GLN I 490 -45.10 17.77 31.62
C GLN I 490 -45.59 18.77 32.66
N ILE I 491 -45.24 18.53 33.93
CA ILE I 491 -45.64 19.40 35.03
C ILE I 491 -44.50 20.37 35.29
N ASN I 492 -44.81 21.67 35.22
CA ASN I 492 -43.74 22.65 35.21
C ASN I 492 -43.69 23.42 36.51
N GLU I 493 -44.60 24.37 36.64
CA GLU I 493 -44.83 25.18 37.81
C GLU I 493 -45.44 24.30 38.90
N GLY I 494 -45.64 24.88 40.09
CA GLY I 494 -46.51 24.31 41.07
C GLY I 494 -47.80 23.79 40.47
N ASP I 495 -48.50 24.62 39.71
CA ASP I 495 -49.71 24.19 38.99
C ASP I 495 -49.65 24.72 37.57
N ALA I 496 -49.23 23.86 36.64
CA ALA I 496 -49.41 24.04 35.22
C ALA I 496 -48.96 22.75 34.54
N VAL I 497 -49.41 22.53 33.32
CA VAL I 497 -49.11 21.28 32.62
C VAL I 497 -48.98 21.54 31.13
N LEU I 498 -48.44 20.54 30.43
CA LEU I 498 -48.12 20.66 29.01
C LEU I 498 -48.55 19.37 28.33
N LEU I 499 -49.31 19.49 27.28
CA LEU I 499 -50.01 18.35 26.72
C LEU I 499 -49.88 18.36 25.21
N GLU I 500 -48.98 17.51 24.69
CA GLU I 500 -48.86 17.35 23.25
C GLU I 500 -49.72 16.17 22.83
N ILE I 501 -50.99 16.45 22.75
CA ILE I 501 -52.01 15.42 22.61
C ILE I 501 -52.35 15.25 21.14
N GLU I 502 -52.70 14.03 20.76
CA GLU I 502 -53.26 13.79 19.44
C GLU I 502 -54.24 12.64 19.46
N GLN I 503 -55.27 12.74 18.64
CA GLN I 503 -56.30 11.73 18.66
C GLN I 503 -57.25 11.90 17.51
N GLU I 504 -58.13 10.91 17.35
CA GLU I 504 -59.11 10.92 16.29
C GLU I 504 -60.28 10.06 16.70
N VAL I 505 -61.47 10.47 16.30
CA VAL I 505 -62.63 9.62 16.45
C VAL I 505 -63.04 9.16 15.07
N SER I 506 -62.77 7.90 14.78
CA SER I 506 -62.98 7.38 13.44
C SER I 506 -64.09 6.34 13.45
N SER I 507 -64.81 6.28 12.35
CA SER I 507 -65.74 5.18 12.16
C SER I 507 -65.82 4.84 10.68
N VAL I 508 -66.69 3.91 10.33
CA VAL I 508 -66.89 3.52 8.94
C VAL I 508 -68.38 3.53 8.68
N ALA I 509 -68.79 4.18 7.59
CA ALA I 509 -70.22 4.31 7.30
C ALA I 509 -70.63 3.33 6.21
N ASP I 510 -70.32 3.68 4.97
CA ASP I 510 -70.50 2.77 3.84
C ASP I 510 -71.98 2.48 3.60
N SER I 511 -72.87 3.44 3.89
CA SER I 511 -74.20 3.35 3.31
C SER I 511 -74.06 3.04 1.81
N ALA I 512 -73.35 3.89 1.08
CA ALA I 512 -72.98 3.66 -0.30
C ALA I 512 -71.76 4.51 -0.59
N SER I 513 -70.73 3.93 -1.20
CA SER I 513 -69.47 4.62 -1.36
C SER I 513 -68.75 4.03 -2.56
N SER I 514 -67.58 4.58 -2.86
CA SER I 514 -66.78 4.10 -3.96
C SER I 514 -65.93 2.92 -3.52
N THR I 515 -66.43 1.72 -3.78
CA THR I 515 -65.63 0.51 -3.75
C THR I 515 -65.68 -0.12 -5.12
N SER I 516 -64.51 -0.26 -5.75
CA SER I 516 -64.44 -0.69 -7.12
C SER I 516 -64.09 -2.17 -7.20
N SER I 517 -64.50 -2.92 -6.16
CA SER I 517 -64.09 -4.30 -5.96
C SER I 517 -62.62 -4.39 -5.62
N ASP I 518 -62.13 -3.33 -5.00
CA ASP I 518 -60.73 -3.23 -4.67
C ASP I 518 -60.60 -3.19 -3.17
N LEU I 519 -60.87 -2.02 -2.57
CA LEU I 519 -60.67 -1.74 -1.17
C LEU I 519 -61.92 -0.97 -0.76
N GLY I 520 -62.69 -1.56 0.14
CA GLY I 520 -64.01 -1.00 0.40
C GLY I 520 -64.03 -0.22 1.68
N ALA I 521 -64.04 1.11 1.60
CA ALA I 521 -63.71 1.80 2.83
C ALA I 521 -63.95 3.29 2.68
N THR I 522 -64.37 3.89 3.78
CA THR I 522 -64.58 5.33 3.87
C THR I 522 -63.79 5.98 4.99
N PHE I 523 -63.77 5.35 6.15
CA PHE I 523 -62.88 5.76 7.22
C PHE I 523 -63.09 7.23 7.59
N ASN I 524 -64.35 7.60 7.85
CA ASN I 524 -64.63 8.92 8.38
C ASN I 524 -63.78 9.18 9.61
N THR I 525 -63.18 10.36 9.71
CA THR I 525 -62.18 10.64 10.73
C THR I 525 -62.10 12.12 11.03
N ARG I 526 -61.75 12.45 12.27
CA ARG I 526 -61.28 13.77 12.63
C ARG I 526 -60.03 13.63 13.49
N THR I 527 -58.98 14.40 13.19
CA THR I 527 -57.66 14.16 13.80
C THR I 527 -57.09 15.47 14.31
N VAL I 528 -56.83 15.54 15.61
CA VAL I 528 -56.27 16.73 16.24
C VAL I 528 -54.89 16.45 16.79
N ASN I 529 -54.05 17.48 16.82
CA ASN I 529 -52.77 17.40 17.52
C ASN I 529 -52.25 18.80 17.76
N ASN I 530 -51.72 19.04 18.94
CA ASN I 530 -51.20 20.35 19.30
C ASN I 530 -50.54 20.25 20.67
N ALA I 531 -50.13 21.39 21.20
CA ALA I 531 -49.46 21.48 22.49
C ALA I 531 -50.07 22.69 23.20
N VAL I 532 -50.22 22.61 24.52
CA VAL I 532 -50.90 23.65 25.25
C VAL I 532 -50.38 23.70 26.68
N LEU I 533 -50.41 24.90 27.26
CA LEU I 533 -50.18 25.09 28.66
C LEU I 533 -51.52 25.24 29.36
N VAL I 534 -51.71 24.56 30.48
CA VAL I 534 -53.01 24.52 31.13
C VAL I 534 -52.82 24.51 32.63
N GLY I 535 -53.73 25.20 33.33
CA GLY I 535 -53.72 25.15 34.78
C GLY I 535 -54.30 23.86 35.27
N SER I 536 -54.15 23.59 36.56
CA SER I 536 -54.42 22.24 37.06
C SER I 536 -55.86 21.81 36.87
N GLY I 537 -56.79 22.40 37.63
CA GLY I 537 -58.19 22.13 37.46
C GLY I 537 -58.92 23.15 36.62
N GLU I 538 -59.03 22.88 35.31
CA GLU I 538 -59.49 23.90 34.36
C GLU I 538 -60.13 23.24 33.16
N THR I 539 -61.25 23.78 32.73
CA THR I 539 -61.88 23.42 31.48
C THR I 539 -61.29 24.24 30.33
N VAL I 540 -60.85 23.57 29.28
CA VAL I 540 -60.02 24.20 28.27
C VAL I 540 -60.57 23.87 26.88
N VAL I 541 -60.83 24.90 26.08
CA VAL I 541 -61.25 24.70 24.69
C VAL I 541 -60.03 24.47 23.81
N VAL I 542 -59.98 23.32 23.16
CA VAL I 542 -58.84 23.00 22.33
C VAL I 542 -59.12 23.24 20.86
N GLY I 543 -60.20 22.67 20.33
CA GLY I 543 -60.40 22.68 18.89
C GLY I 543 -61.87 22.73 18.55
N GLY I 544 -62.18 23.38 17.43
CA GLY I 544 -63.57 23.67 17.16
C GLY I 544 -63.93 23.82 15.69
N LEU I 545 -65.13 23.35 15.31
CA LEU I 545 -65.60 23.47 13.93
C LEU I 545 -67.12 23.63 13.96
N LEU I 546 -67.65 24.53 13.12
CA LEU I 546 -69.10 24.70 13.01
C LEU I 546 -69.48 25.19 11.62
N ASP I 547 -70.39 24.49 10.95
CA ASP I 547 -70.55 24.69 9.50
C ASP I 547 -71.94 24.29 9.02
N LYS I 548 -72.56 25.13 8.21
CA LYS I 548 -73.79 24.83 7.48
C LYS I 548 -73.51 24.71 5.97
N THR I 549 -74.46 24.08 5.27
CA THR I 549 -74.30 23.84 3.83
C THR I 549 -75.68 23.70 3.19
N VAL I 550 -76.03 24.65 2.34
CA VAL I 550 -77.35 24.70 1.72
C VAL I 550 -77.22 24.60 0.21
N THR I 551 -78.23 23.99 -0.41
CA THR I 551 -78.29 23.95 -1.86
C THR I 551 -79.77 23.95 -2.26
N ASP I 552 -80.03 24.52 -3.44
CA ASP I 552 -81.37 24.70 -3.98
C ASP I 552 -81.42 24.22 -5.42
N THR I 553 -82.60 23.77 -5.83
CA THR I 553 -82.82 23.31 -7.20
C THR I 553 -84.21 23.72 -7.66
N ALA I 554 -84.30 24.55 -8.71
CA ALA I 554 -85.58 24.99 -9.24
C ALA I 554 -85.64 24.84 -10.75
N ASP I 555 -86.86 24.69 -11.26
CA ASP I 555 -87.11 24.61 -12.69
C ASP I 555 -88.59 24.87 -12.95
N LYS I 556 -88.90 25.68 -13.97
CA LYS I 556 -90.27 26.05 -14.27
C LYS I 556 -90.38 26.41 -15.73
N VAL I 557 -91.56 26.16 -16.30
CA VAL I 557 -91.84 26.62 -17.65
C VAL I 557 -91.70 28.13 -17.71
N PRO I 558 -90.99 28.67 -18.70
CA PRO I 558 -90.67 30.11 -18.67
C PRO I 558 -91.94 30.93 -18.75
N LEU I 559 -91.84 32.18 -18.23
CA LEU I 559 -92.92 33.18 -18.21
C LEU I 559 -94.03 32.81 -17.29
N LEU I 560 -93.99 31.64 -16.69
CA LEU I 560 -95.10 31.16 -15.88
C LEU I 560 -94.64 31.03 -14.44
N GLY I 561 -95.53 30.61 -13.58
CA GLY I 561 -95.24 30.56 -12.14
C GLY I 561 -94.95 31.94 -11.53
N ASP I 562 -95.17 33.02 -12.28
CA ASP I 562 -94.73 34.32 -11.81
C ASP I 562 -95.70 34.90 -10.79
N ILE I 563 -97.01 34.62 -10.90
CA ILE I 563 -97.92 35.03 -9.85
C ILE I 563 -97.80 34.08 -8.67
N PRO I 564 -97.16 34.52 -7.59
CA PRO I 564 -96.79 33.58 -6.52
C PRO I 564 -97.98 32.78 -6.01
N VAL I 565 -99.08 33.46 -5.69
CA VAL I 565 -100.25 32.72 -5.17
C VAL I 565 -100.84 31.81 -6.23
N ILE I 566 -100.92 32.27 -7.48
CA ILE I 566 -101.58 31.45 -8.49
C ILE I 566 -100.53 30.58 -9.15
N GLY I 567 -99.52 31.21 -9.74
CA GLY I 567 -98.56 30.52 -10.59
C GLY I 567 -97.76 29.44 -9.89
N ALA I 568 -97.90 29.32 -8.57
CA ALA I 568 -97.16 28.32 -7.81
C ALA I 568 -97.37 26.91 -8.34
N LEU I 569 -98.29 26.72 -9.28
CA LEU I 569 -98.61 25.43 -9.83
C LEU I 569 -97.67 24.98 -10.95
N PHE I 570 -96.64 25.74 -11.28
CA PHE I 570 -95.75 25.31 -12.33
C PHE I 570 -94.31 25.13 -11.89
N ARG I 571 -93.85 25.83 -10.85
CA ARG I 571 -92.52 25.60 -10.30
C ARG I 571 -92.38 24.15 -9.88
N SER I 572 -91.11 23.75 -9.69
CA SER I 572 -90.79 22.45 -9.13
C SER I 572 -89.52 22.59 -8.31
N ASP I 573 -89.60 22.34 -7.01
CA ASP I 573 -88.65 22.82 -6.03
C ASP I 573 -88.02 21.65 -5.30
N SER I 574 -86.71 21.70 -5.14
CA SER I 574 -86.05 20.78 -4.21
C SER I 574 -84.97 21.54 -3.45
N LYS I 575 -85.13 21.64 -2.14
CA LYS I 575 -84.20 22.38 -1.31
C LYS I 575 -83.76 21.48 -0.16
N LYS I 576 -82.53 21.69 0.29
CA LYS I 576 -82.01 20.92 1.40
C LYS I 576 -80.84 21.67 2.02
N VAL I 577 -80.61 21.40 3.29
CA VAL I 577 -79.54 22.02 4.06
C VAL I 577 -78.83 20.97 4.88
N SER I 578 -77.62 21.31 5.34
CA SER I 578 -76.91 20.50 6.32
C SER I 578 -76.11 21.43 7.23
N LYS I 579 -76.23 21.22 8.54
CA LYS I 579 -75.50 22.00 9.52
C LYS I 579 -74.62 21.05 10.34
N ARG I 580 -73.52 21.58 10.88
CA ARG I 580 -72.54 20.74 11.57
C ARG I 580 -71.72 21.58 12.52
N ASN I 581 -71.26 20.96 13.60
CA ASN I 581 -70.45 21.66 14.59
C ASN I 581 -69.61 20.64 15.32
N LEU I 582 -68.45 21.05 15.85
CA LEU I 582 -67.56 20.12 16.52
C LEU I 582 -66.73 20.86 17.54
N MET I 583 -66.66 20.30 18.76
CA MET I 583 -65.98 20.96 19.85
C MET I 583 -65.11 20.02 20.67
N LEU I 584 -63.93 20.51 21.04
CA LEU I 584 -62.93 19.74 21.76
C LEU I 584 -62.59 20.42 23.10
N PHE I 585 -62.58 19.64 24.18
CA PHE I 585 -62.18 20.13 25.48
C PHE I 585 -61.31 19.13 26.22
N ILE I 586 -60.33 19.66 26.95
CA ILE I 586 -59.42 18.87 27.77
C ILE I 586 -59.38 19.45 29.16
N ARG I 587 -59.07 18.61 30.13
CA ARG I 587 -58.86 19.11 31.51
C ARG I 587 -58.03 18.13 32.31
N PRO I 588 -56.89 18.53 32.79
CA PRO I 588 -56.10 17.67 33.67
C PRO I 588 -56.46 17.88 35.14
N THR I 589 -55.77 17.15 36.01
CA THR I 589 -55.72 17.39 37.44
C THR I 589 -54.43 16.81 37.98
N ILE I 590 -53.77 17.56 38.80
CA ILE I 590 -52.57 17.04 39.45
C ILE I 590 -52.98 16.18 40.64
N ILE I 591 -52.14 15.20 40.97
CA ILE I 591 -52.36 14.35 42.13
C ILE I 591 -51.01 14.13 42.80
N ARG I 592 -50.90 14.49 44.09
CA ARG I 592 -49.60 14.42 44.74
C ARG I 592 -49.40 13.10 45.49
N ASP I 593 -50.39 12.70 46.28
CA ASP I 593 -50.19 11.57 47.18
C ASP I 593 -51.53 10.84 47.38
N ARG I 594 -51.49 9.88 48.30
CA ARG I 594 -52.64 9.02 48.58
C ARG I 594 -53.93 9.80 48.80
N ASP I 595 -53.87 10.78 49.70
CA ASP I 595 -55.05 11.54 50.05
C ASP I 595 -55.72 12.11 48.82
N GLU I 596 -55.01 13.00 48.11
CA GLU I 596 -55.51 13.53 46.85
C GLU I 596 -55.99 12.45 45.91
N TYR I 597 -55.44 11.25 46.01
CA TYR I 597 -55.86 10.19 45.11
C TYR I 597 -57.28 9.72 45.44
N ARG I 598 -57.60 9.56 46.72
CA ARG I 598 -58.88 8.97 47.08
C ARG I 598 -60.04 9.75 46.49
N GLN I 599 -60.04 11.08 46.63
CA GLN I 599 -61.15 11.85 46.08
C GLN I 599 -61.28 11.65 44.58
N ALA I 600 -60.15 11.67 43.87
CA ALA I 600 -60.22 11.60 42.42
C ALA I 600 -60.84 10.28 42.00
N SER I 601 -60.31 9.18 42.55
CA SER I 601 -60.85 7.89 42.18
C SER I 601 -62.29 7.73 42.60
N SER I 602 -62.54 7.78 43.90
CA SER I 602 -63.89 7.57 44.40
C SER I 602 -64.89 8.41 43.64
N GLY I 603 -64.73 9.73 43.70
CA GLY I 603 -65.66 10.60 43.00
C GLY I 603 -65.88 10.21 41.55
N GLN I 604 -64.77 10.05 40.80
CA GLN I 604 -64.90 9.69 39.39
C GLN I 604 -65.70 8.41 39.22
N TYR I 605 -65.38 7.40 40.02
CA TYR I 605 -66.11 6.13 40.00
C TYR I 605 -67.59 6.34 40.21
N THR I 606 -67.93 7.24 41.15
CA THR I 606 -69.33 7.62 41.33
C THR I 606 -69.92 8.18 40.06
N ALA I 607 -69.18 9.07 39.39
CA ALA I 607 -69.61 9.55 38.09
C ALA I 607 -69.94 8.40 37.16
N PHE I 608 -69.20 7.29 37.27
CA PHE I 608 -69.56 6.09 36.51
C PHE I 608 -70.89 5.53 36.95
N ASN I 609 -71.01 5.24 38.25
CA ASN I 609 -72.21 4.59 38.77
C ASN I 609 -73.45 5.43 38.52
N ASN I 610 -73.31 6.75 38.39
CA ASN I 610 -74.44 7.60 38.09
C ASN I 610 -75.18 7.15 36.85
N ALA I 611 -74.48 7.07 35.72
CA ALA I 611 -75.14 6.63 34.50
C ALA I 611 -75.42 5.14 34.53
N GLN I 612 -74.51 4.36 35.12
CA GLN I 612 -74.71 2.92 35.20
C GLN I 612 -76.06 2.57 35.82
N THR I 613 -76.22 2.93 37.09
CA THR I 613 -77.45 2.66 37.81
C THR I 613 -78.58 3.63 37.45
N LYS I 614 -78.30 4.54 36.53
CA LYS I 614 -79.28 5.54 36.11
C LYS I 614 -80.65 5.05 35.61
N GLN I 615 -80.65 4.01 34.77
CA GLN I 615 -81.89 3.49 34.20
C GLN I 615 -82.32 2.20 34.90
N ARG I 616 -81.67 1.10 34.54
CA ARG I 616 -81.99 -0.19 35.14
C ARG I 616 -81.45 -0.38 36.55
N GLY I 617 -82.33 -0.64 37.49
CA GLY I 617 -81.95 -0.84 38.88
C GLY I 617 -81.63 -2.27 39.26
N LYS I 618 -80.39 -2.68 39.01
CA LYS I 618 -79.94 -4.04 39.33
C LYS I 618 -78.92 -4.03 40.46
N GLU I 619 -78.80 -5.16 41.15
CA GLU I 619 -77.85 -5.28 42.25
C GLU I 619 -76.61 -5.83 41.56
N SER I 620 -75.44 -5.30 41.92
CA SER I 620 -74.21 -5.76 41.28
C SER I 620 -73.01 -6.15 42.15
N SER I 621 -72.72 -7.45 42.18
CA SER I 621 -71.58 -8.04 42.86
C SER I 621 -70.26 -7.33 42.60
N GLU I 622 -69.92 -7.17 41.33
CA GLU I 622 -68.66 -6.53 41.02
C GLU I 622 -68.65 -5.09 41.48
N ALA I 623 -69.54 -4.27 40.92
CA ALA I 623 -69.55 -2.85 41.24
C ALA I 623 -69.50 -2.63 42.75
N SER I 624 -70.51 -3.14 43.46
CA SER I 624 -70.54 -2.96 44.90
C SER I 624 -69.25 -3.36 45.58
N LEU I 625 -68.77 -4.58 45.28
CA LEU I 625 -67.54 -5.05 45.91
C LEU I 625 -66.39 -4.07 45.66
N SER I 626 -66.24 -3.66 44.40
CA SER I 626 -65.22 -2.68 44.03
C SER I 626 -65.32 -1.42 44.84
N ASN I 627 -66.56 -0.96 45.07
CA ASN I 627 -66.78 0.16 45.97
C ASN I 627 -66.24 -0.13 47.35
N ASP I 628 -66.53 -1.32 47.88
CA ASP I 628 -65.92 -1.72 49.14
C ASP I 628 -64.42 -1.55 49.11
N LEU I 629 -63.79 -1.77 47.95
CA LEU I 629 -62.36 -1.49 47.83
C LEU I 629 -62.09 0.00 47.96
N LEU I 630 -62.75 0.79 47.11
CA LEU I 630 -62.47 2.23 47.08
C LEU I 630 -62.74 2.89 48.43
N HIS I 631 -63.62 2.31 49.25
CA HIS I 631 -63.88 2.84 50.56
C HIS I 631 -62.62 3.00 51.38
N ILE I 632 -61.87 1.91 51.52
CA ILE I 632 -60.63 1.93 52.28
C ILE I 632 -59.62 2.89 51.65
N GLN I 639 -65.61 -3.60 59.08
CA GLN I 639 -66.53 -4.64 58.62
C GLN I 639 -67.93 -4.41 59.17
N ALA I 640 -68.01 -3.83 60.37
CA ALA I 640 -69.29 -3.56 61.00
C ALA I 640 -70.03 -2.44 60.29
N PHE I 641 -69.31 -1.38 59.95
CA PHE I 641 -69.89 -0.23 59.27
C PHE I 641 -70.56 -0.71 57.98
N ARG I 642 -70.00 -1.76 57.39
CA ARG I 642 -70.54 -2.32 56.15
C ARG I 642 -71.89 -2.99 56.40
N GLN I 643 -72.17 -3.29 57.65
CA GLN I 643 -73.44 -3.94 58.03
C GLN I 643 -74.55 -2.96 58.27
N VAL I 644 -74.26 -1.97 59.10
CA VAL I 644 -75.25 -0.97 59.48
C VAL I 644 -75.66 -0.08 58.30
N SER I 645 -74.67 0.42 57.54
CA SER I 645 -74.96 1.30 56.36
C SER I 645 -75.77 0.52 55.31
N ALA I 646 -75.39 -0.72 55.11
CA ALA I 646 -76.18 -1.63 54.28
C ALA I 646 -77.63 -1.73 54.75
N ALA I 647 -77.82 -2.01 56.04
CA ALA I 647 -79.17 -2.17 56.57
C ALA I 647 -79.99 -0.93 56.37
N ILE I 648 -79.42 0.24 56.68
CA ILE I 648 -80.09 1.53 56.45
C ILE I 648 -80.54 1.62 54.98
N ASP I 649 -79.63 1.27 54.06
CA ASP I 649 -79.91 1.25 52.60
C ASP I 649 -81.11 0.38 52.30
N ALA I 650 -81.11 -0.85 52.83
CA ALA I 650 -82.25 -1.75 52.66
C ALA I 650 -83.50 -1.03 53.04
N PHE I 651 -83.50 -0.47 54.24
CA PHE I 651 -84.70 0.14 54.78
C PHE I 651 -85.26 1.18 53.80
N ASN I 652 -84.40 2.00 53.22
CA ASN I 652 -84.90 3.10 52.40
C ASN I 652 -85.02 2.70 50.90
N LEU I 653 -85.94 1.77 50.66
CA LEU I 653 -86.32 1.33 49.32
C LEU I 653 -87.84 1.46 49.20
N SER J 28 84.67 -25.83 72.38
CA SER J 28 83.83 -24.69 72.70
C SER J 28 84.09 -23.57 71.71
N ALA J 29 83.04 -22.80 71.42
CA ALA J 29 83.10 -21.76 70.39
C ALA J 29 83.56 -20.44 70.98
N SER J 30 84.80 -20.44 71.51
CA SER J 30 85.35 -19.24 72.13
C SER J 30 86.23 -18.49 71.14
N PHE J 31 85.59 -17.65 70.32
CA PHE J 31 86.27 -16.90 69.29
C PHE J 31 86.13 -15.40 69.57
N LYS J 32 87.26 -14.73 69.75
CA LYS J 32 87.28 -13.30 70.04
C LYS J 32 87.99 -12.54 68.93
N GLY J 33 87.24 -11.66 68.26
CA GLY J 33 87.78 -10.88 67.16
C GLY J 33 88.41 -11.70 66.07
N THR J 34 88.09 -12.98 66.00
CA THR J 34 88.74 -13.88 65.04
C THR J 34 88.32 -13.53 63.61
N ASP J 35 89.30 -13.40 62.72
CA ASP J 35 88.99 -13.07 61.33
C ASP J 35 88.26 -14.21 60.65
N ILE J 36 87.35 -13.85 59.75
CA ILE J 36 86.56 -14.84 59.03
C ILE J 36 87.48 -15.80 58.28
N GLN J 37 88.61 -15.31 57.77
CA GLN J 37 89.55 -16.18 57.09
C GLN J 37 90.15 -17.21 58.03
N GLU J 38 90.80 -16.76 59.08
CA GLU J 38 91.29 -17.70 60.06
C GLU J 38 90.17 -18.47 60.75
N PHE J 39 88.94 -17.95 60.68
CA PHE J 39 87.78 -18.71 61.14
C PHE J 39 87.60 -19.97 60.30
N ILE J 40 87.53 -19.81 58.98
CA ILE J 40 87.37 -20.95 58.10
C ILE J 40 88.61 -21.82 58.13
N ASN J 41 89.78 -21.21 58.23
CA ASN J 41 91.02 -21.93 58.11
C ASN J 41 91.38 -22.66 59.39
N THR J 42 90.77 -22.31 60.51
CA THR J 42 90.97 -22.99 61.79
C THR J 42 89.83 -23.94 62.12
N VAL J 43 88.60 -23.41 62.14
CA VAL J 43 87.43 -24.27 62.31
C VAL J 43 87.45 -25.39 61.28
N SER J 44 87.83 -25.08 60.04
CA SER J 44 88.05 -26.14 59.05
C SER J 44 88.99 -27.20 59.57
N LYS J 45 90.16 -26.80 60.06
CA LYS J 45 91.11 -27.73 60.63
C LYS J 45 90.43 -28.66 61.63
N ASN J 46 89.69 -28.07 62.57
CA ASN J 46 89.00 -28.89 63.56
C ASN J 46 87.99 -29.82 62.93
N LEU J 47 87.28 -29.33 61.92
CA LEU J 47 86.28 -30.14 61.25
C LEU J 47 86.92 -31.22 60.39
N ASN J 48 88.11 -30.94 59.83
CA ASN J 48 88.87 -31.85 59.00
C ASN J 48 88.33 -31.96 57.58
N LYS J 49 87.60 -30.94 57.15
CA LYS J 49 87.01 -30.90 55.82
C LYS J 49 87.66 -29.82 54.95
N THR J 50 87.86 -30.14 53.66
CA THR J 50 88.46 -29.19 52.72
C THR J 50 87.50 -28.01 52.52
N VAL J 51 88.05 -26.86 52.16
CA VAL J 51 87.16 -25.75 51.89
C VAL J 51 87.84 -24.72 51.01
N ILE J 52 87.15 -24.24 49.98
CA ILE J 52 87.67 -23.20 49.11
C ILE J 52 86.93 -21.90 49.42
N ILE J 53 87.68 -20.89 49.83
CA ILE J 53 87.16 -19.55 50.07
C ILE J 53 87.26 -18.78 48.76
N ASP J 54 86.32 -17.87 48.54
CA ASP J 54 86.43 -16.96 47.41
C ASP J 54 86.90 -15.58 47.86
N PRO J 55 87.40 -14.74 46.93
CA PRO J 55 87.87 -13.42 47.34
C PRO J 55 86.73 -12.51 47.77
N SER J 56 87.07 -11.24 48.06
CA SER J 56 86.10 -10.24 48.45
C SER J 56 85.34 -10.67 49.69
N VAL J 57 86.00 -11.41 50.57
CA VAL J 57 85.45 -11.90 51.80
C VAL J 57 86.32 -11.31 52.92
N ARG J 58 85.88 -10.20 53.50
CA ARG J 58 86.70 -9.45 54.45
C ARG J 58 85.86 -9.16 55.67
N GLY J 59 86.34 -9.58 56.84
CA GLY J 59 85.59 -9.31 58.05
C GLY J 59 86.04 -10.21 59.19
N THR J 60 85.26 -10.18 60.27
CA THR J 60 85.59 -10.85 61.53
C THR J 60 84.33 -11.02 62.35
N ILE J 61 84.43 -11.87 63.37
CA ILE J 61 83.37 -12.10 64.32
C ILE J 61 83.97 -11.95 65.71
N THR J 62 83.13 -12.12 66.72
CA THR J 62 83.57 -12.26 68.09
C THR J 62 82.41 -12.80 68.90
N VAL J 63 82.72 -13.72 69.81
CA VAL J 63 81.66 -14.38 70.53
C VAL J 63 82.24 -15.11 71.73
N ARG J 64 81.50 -15.12 72.84
CA ARG J 64 81.85 -15.95 73.97
C ARG J 64 80.83 -17.07 74.11
N SER J 65 81.31 -18.30 74.24
CA SER J 65 80.45 -19.45 74.40
C SER J 65 80.81 -20.16 75.70
N TYR J 66 79.79 -20.72 76.33
CA TYR J 66 79.94 -21.42 77.59
C TYR J 66 79.83 -22.94 77.47
N ASP J 67 79.01 -23.43 76.55
CA ASP J 67 78.81 -24.85 76.33
C ASP J 67 79.59 -25.33 75.10
N MET J 68 79.84 -26.64 75.05
CA MET J 68 80.71 -27.24 74.06
C MET J 68 79.90 -27.75 72.87
N LEU J 69 80.42 -27.53 71.64
CA LEU J 69 79.68 -27.77 70.40
C LEU J 69 80.61 -28.42 69.40
N ASN J 70 80.83 -29.74 69.51
CA ASN J 70 81.52 -30.46 68.43
C ASN J 70 80.69 -31.51 67.71
N GLU J 71 79.71 -32.13 68.38
CA GLU J 71 79.17 -33.36 67.80
C GLU J 71 78.46 -33.09 66.47
N GLU J 72 77.33 -32.40 66.52
CA GLU J 72 76.65 -32.03 65.28
C GLU J 72 76.40 -30.54 65.34
N GLN J 73 76.28 -30.03 66.56
CA GLN J 73 75.99 -28.62 66.74
C GLN J 73 77.19 -27.78 66.35
N TYR J 74 78.34 -28.40 66.19
CA TYR J 74 79.52 -27.76 65.62
C TYR J 74 79.23 -27.24 64.22
N TYR J 75 79.03 -28.17 63.28
CA TYR J 75 78.70 -27.79 61.91
C TYR J 75 77.41 -26.96 61.86
N GLN J 76 76.45 -27.29 62.71
CA GLN J 76 75.22 -26.52 62.78
C GLN J 76 75.52 -25.04 63.00
N PHE J 77 76.13 -24.75 64.15
CA PHE J 77 76.36 -23.36 64.53
C PHE J 77 77.36 -22.69 63.61
N PHE J 78 78.32 -23.45 63.07
CA PHE J 78 79.24 -22.91 62.09
C PHE J 78 78.48 -22.28 60.94
N LEU J 79 77.63 -23.09 60.30
CA LEU J 79 76.82 -22.56 59.20
C LEU J 79 75.91 -21.43 59.65
N SER J 80 75.42 -21.48 60.89
CA SER J 80 74.64 -20.35 61.38
C SER J 80 75.45 -19.06 61.39
N VAL J 81 76.71 -19.14 61.81
CA VAL J 81 77.52 -17.94 61.90
C VAL J 81 77.78 -17.37 60.52
N LEU J 82 78.14 -18.24 59.58
CA LEU J 82 78.24 -17.80 58.20
C LEU J 82 76.94 -17.16 57.73
N ASP J 83 75.81 -17.65 58.24
CA ASP J 83 74.52 -17.14 57.84
C ASP J 83 74.28 -15.74 58.36
N VAL J 84 74.80 -15.39 59.53
CA VAL J 84 74.53 -14.08 60.10
C VAL J 84 75.06 -12.99 59.19
N TYR J 85 76.34 -13.08 58.82
CA TYR J 85 76.89 -12.10 57.90
C TYR J 85 76.29 -12.21 56.51
N GLY J 86 75.50 -13.26 56.27
CA GLY J 86 74.97 -13.46 54.94
C GLY J 86 75.94 -14.04 53.95
N PHE J 87 77.22 -14.15 54.29
CA PHE J 87 78.13 -14.90 53.44
C PHE J 87 77.70 -16.36 53.52
N ALA J 88 77.29 -16.91 52.39
CA ALA J 88 76.63 -18.19 52.40
C ALA J 88 77.54 -19.26 51.82
N VAL J 89 77.27 -20.49 52.19
CA VAL J 89 78.06 -21.61 51.69
C VAL J 89 77.13 -22.76 51.26
N ILE J 90 77.62 -23.54 50.31
CA ILE J 90 76.98 -24.74 49.81
C ILE J 90 77.94 -25.91 49.98
N ASN J 91 77.45 -27.02 50.52
CA ASN J 91 78.30 -28.19 50.73
C ASN J 91 77.99 -29.23 49.66
N MET J 92 79.01 -30.04 49.34
CA MET J 92 78.88 -31.02 48.29
C MET J 92 79.23 -32.39 48.85
N ASN J 93 79.04 -33.42 48.04
CA ASN J 93 79.14 -34.79 48.49
C ASN J 93 80.59 -35.29 48.36
N ASN J 94 81.13 -35.24 47.15
CA ASN J 94 82.48 -35.74 46.89
C ASN J 94 83.55 -34.89 47.57
N GLY J 95 83.50 -33.58 47.37
CA GLY J 95 84.31 -32.66 48.12
C GLY J 95 83.44 -31.89 49.12
N VAL J 96 84.10 -31.07 49.93
CA VAL J 96 83.40 -30.34 50.98
C VAL J 96 82.87 -29.03 50.40
N LEU J 97 82.26 -28.22 51.26
CA LEU J 97 81.55 -27.01 50.89
C LEU J 97 82.49 -25.96 50.30
N LYS J 98 81.89 -24.82 49.94
CA LYS J 98 82.58 -23.67 49.37
C LYS J 98 81.92 -22.43 49.93
N VAL J 99 82.56 -21.28 49.71
CA VAL J 99 82.06 -19.98 50.15
C VAL J 99 81.79 -19.14 48.93
N VAL J 100 80.58 -18.61 48.82
CA VAL J 100 80.22 -17.78 47.69
C VAL J 100 80.04 -16.33 48.14
N ARG J 101 80.22 -15.44 47.19
CA ARG J 101 79.95 -14.01 47.37
C ARG J 101 78.71 -13.57 46.61
N ALA J 102 78.11 -14.44 45.78
CA ALA J 102 76.86 -14.18 45.08
C ALA J 102 75.63 -14.47 45.92
N LYS J 103 75.77 -15.27 46.97
CA LYS J 103 74.73 -15.53 47.95
C LYS J 103 73.46 -16.14 47.37
N ASP J 104 73.47 -16.54 46.11
CA ASP J 104 72.21 -16.93 45.47
C ASP J 104 72.15 -18.44 45.24
N ALA J 105 70.90 -18.89 45.03
CA ALA J 105 70.68 -20.23 44.53
C ALA J 105 71.20 -20.41 43.10
N LYS J 106 71.46 -19.31 42.40
CA LYS J 106 71.96 -19.36 41.02
C LYS J 106 73.30 -20.08 40.86
N THR J 107 73.88 -20.51 41.98
CA THR J 107 75.17 -21.20 41.95
C THR J 107 75.31 -22.60 41.35
N SER J 108 74.25 -23.07 40.70
CA SER J 108 74.25 -24.38 40.07
C SER J 108 74.18 -25.48 41.12
N ALA J 109 74.02 -25.09 42.38
CA ALA J 109 73.92 -26.04 43.48
C ALA J 109 72.74 -25.59 44.33
N VAL J 110 71.74 -26.46 44.44
CA VAL J 110 70.55 -26.15 45.22
C VAL J 110 69.90 -27.46 45.65
N PRO J 111 70.34 -28.11 46.72
CA PRO J 111 69.70 -29.38 47.10
C PRO J 111 68.28 -29.11 47.52
N VAL J 112 67.34 -29.77 46.86
CA VAL J 112 65.91 -29.44 46.99
C VAL J 112 65.24 -30.51 47.83
N ALA J 113 64.64 -30.09 48.94
CA ALA J 113 63.88 -31.01 49.78
C ALA J 113 62.62 -31.49 49.05
N SER J 114 62.14 -32.65 49.47
CA SER J 114 60.95 -33.26 48.88
C SER J 114 59.86 -33.44 49.91
N ALA J 115 59.77 -32.53 50.89
CA ALA J 115 58.70 -32.41 51.87
C ALA J 115 58.84 -33.43 52.99
N ALA J 116 59.82 -34.31 52.93
CA ALA J 116 60.14 -35.15 54.06
C ALA J 116 61.36 -34.66 54.83
N ALA J 117 62.33 -34.06 54.15
CA ALA J 117 63.48 -33.44 54.79
C ALA J 117 63.36 -31.92 54.73
N PRO J 118 62.75 -31.28 55.72
CA PRO J 118 62.81 -29.81 55.78
C PRO J 118 64.19 -29.28 56.10
N GLY J 119 65.13 -30.11 56.51
CA GLY J 119 66.44 -29.63 56.86
C GLY J 119 66.39 -28.84 58.14
N GLU J 120 67.17 -27.77 58.19
CA GLU J 120 67.23 -26.89 59.35
C GLU J 120 67.73 -25.54 58.88
N GLY J 121 67.43 -24.51 59.66
CA GLY J 121 67.45 -23.14 59.20
C GLY J 121 68.72 -22.75 58.45
N ASP J 122 69.79 -23.46 58.72
CA ASP J 122 71.08 -23.04 58.23
C ASP J 122 71.22 -23.21 56.73
N GLU J 123 70.71 -24.30 56.18
CA GLU J 123 70.98 -24.64 54.79
C GLU J 123 70.04 -23.92 53.83
N VAL J 124 70.40 -23.93 52.56
CA VAL J 124 69.62 -23.31 51.49
C VAL J 124 69.08 -24.42 50.59
N VAL J 125 67.77 -24.44 50.41
CA VAL J 125 67.11 -25.42 49.54
C VAL J 125 66.37 -24.67 48.46
N THR J 126 65.62 -25.39 47.63
CA THR J 126 64.70 -24.76 46.68
C THR J 126 63.44 -25.62 46.64
N ARG J 127 62.40 -25.15 47.28
CA ARG J 127 61.19 -25.93 47.45
C ARG J 127 60.12 -25.48 46.49
N VAL J 128 59.10 -26.32 46.35
CA VAL J 128 58.03 -26.07 45.40
C VAL J 128 56.80 -26.80 45.87
N VAL J 129 55.64 -26.20 45.61
CA VAL J 129 54.42 -26.92 45.92
C VAL J 129 53.35 -26.58 44.88
N PRO J 130 52.57 -27.55 44.42
CA PRO J 130 51.42 -27.24 43.58
C PRO J 130 50.20 -26.77 44.37
N LEU J 131 50.11 -25.45 44.54
CA LEU J 131 48.98 -24.83 45.22
C LEU J 131 47.69 -25.05 44.43
N THR J 132 46.67 -25.60 45.08
CA THR J 132 45.54 -26.19 44.38
C THR J 132 44.24 -25.42 44.44
N ASN J 133 44.14 -24.36 45.23
CA ASN J 133 42.83 -23.73 45.43
C ASN J 133 42.77 -22.25 45.10
N VAL J 134 43.90 -21.57 44.93
CA VAL J 134 43.94 -20.11 44.97
C VAL J 134 44.79 -19.61 43.82
N ALA J 135 44.43 -18.44 43.31
CA ALA J 135 45.29 -17.77 42.35
C ALA J 135 46.67 -17.58 42.94
N ALA J 136 47.68 -18.09 42.26
CA ALA J 136 49.07 -17.98 42.69
C ALA J 136 49.73 -16.68 42.26
N ARG J 137 48.97 -15.69 41.80
CA ARG J 137 49.59 -14.40 41.54
C ARG J 137 49.62 -13.51 42.78
N ASP J 138 48.49 -13.33 43.46
CA ASP J 138 48.41 -12.23 44.40
C ASP J 138 49.21 -12.48 45.67
N LEU J 139 49.34 -13.73 46.11
CA LEU J 139 50.18 -13.98 47.26
C LEU J 139 51.66 -13.84 46.93
N ALA J 140 51.99 -13.63 45.68
CA ALA J 140 53.35 -13.54 45.21
C ALA J 140 53.95 -12.16 45.53
N PRO J 141 53.24 -11.05 45.38
CA PRO J 141 53.81 -9.79 45.86
C PRO J 141 53.96 -9.77 47.36
N LEU J 142 52.90 -10.16 48.08
CA LEU J 142 53.01 -10.15 49.55
C LEU J 142 54.10 -11.08 50.03
N LEU J 143 54.40 -12.15 49.30
CA LEU J 143 55.41 -13.08 49.77
C LEU J 143 56.79 -12.69 49.28
N ARG J 144 56.86 -12.19 48.05
CA ARG J 144 58.10 -11.60 47.59
C ARG J 144 58.50 -10.41 48.42
N GLN J 145 57.56 -9.79 49.14
CA GLN J 145 57.91 -8.73 50.09
C GLN J 145 58.24 -9.31 51.47
N LEU J 146 57.30 -10.05 52.06
CA LEU J 146 57.51 -10.58 53.40
C LEU J 146 58.84 -11.31 53.44
N ASN J 147 59.16 -12.02 52.39
CA ASN J 147 60.37 -12.81 52.25
C ASN J 147 61.28 -12.23 51.17
N ASP J 148 61.37 -10.92 51.07
CA ASP J 148 62.32 -10.39 50.12
C ASP J 148 63.65 -10.39 50.83
N ASN J 149 64.36 -11.49 50.73
CA ASN J 149 65.64 -11.58 51.39
C ASN J 149 66.62 -10.74 50.58
N ALA J 150 67.19 -9.72 51.21
CA ALA J 150 68.04 -8.81 50.46
C ALA J 150 69.46 -9.29 50.36
N GLY J 151 69.69 -10.57 50.64
CA GLY J 151 70.98 -11.19 50.43
C GLY J 151 70.92 -12.24 49.33
N ALA J 152 70.17 -11.90 48.27
CA ALA J 152 69.91 -12.80 47.13
C ALA J 152 69.00 -13.97 47.55
N GLY J 153 67.98 -13.65 48.35
CA GLY J 153 67.01 -14.64 48.80
C GLY J 153 66.10 -15.10 47.67
N SER J 154 65.10 -15.89 48.06
CA SER J 154 64.21 -16.59 47.14
C SER J 154 63.46 -15.64 46.22
N VAL J 155 62.77 -16.24 45.26
CA VAL J 155 61.84 -15.56 44.37
C VAL J 155 60.55 -16.39 44.30
N VAL J 156 59.56 -15.86 43.59
CA VAL J 156 58.25 -16.48 43.50
C VAL J 156 57.69 -16.31 42.09
N HIS J 157 57.27 -17.41 41.48
CA HIS J 157 56.75 -17.33 40.13
C HIS J 157 55.52 -18.20 39.94
N TYR J 158 54.76 -17.82 38.93
CA TYR J 158 53.51 -18.45 38.58
C TYR J 158 53.61 -19.14 37.25
N GLU J 159 53.15 -20.38 37.19
CA GLU J 159 52.93 -21.09 35.92
C GLU J 159 51.47 -21.52 35.84
N PRO J 160 50.87 -21.58 34.64
CA PRO J 160 49.45 -21.92 34.57
C PRO J 160 49.15 -23.28 35.12
N SER J 161 50.17 -24.06 35.44
CA SER J 161 49.99 -25.27 36.22
C SER J 161 50.09 -25.03 37.72
N ASN J 162 50.05 -23.76 38.15
CA ASN J 162 49.99 -23.39 39.57
C ASN J 162 51.12 -23.93 40.37
N VAL J 163 52.26 -24.11 39.74
CA VAL J 163 53.44 -24.43 40.48
C VAL J 163 53.66 -23.26 41.42
N LEU J 164 54.10 -23.56 42.62
CA LEU J 164 54.49 -22.52 43.56
C LEU J 164 55.83 -22.93 44.13
N LEU J 165 56.86 -22.18 43.72
CA LEU J 165 58.25 -22.55 43.95
C LEU J 165 58.95 -21.42 44.66
N MET J 166 60.00 -21.78 45.39
CA MET J 166 60.87 -20.79 46.00
C MET J 166 62.15 -21.51 46.40
N THR J 167 63.16 -20.72 46.73
CA THR J 167 64.37 -21.33 47.29
C THR J 167 64.65 -20.91 48.73
N GLY J 168 64.81 -19.62 49.00
CA GLY J 168 64.88 -19.13 50.37
C GLY J 168 65.94 -19.79 51.22
N ARG J 169 65.59 -20.08 52.46
CA ARG J 169 66.39 -20.79 53.44
C ARG J 169 65.62 -22.01 53.91
N ALA J 170 66.16 -22.76 54.85
CA ALA J 170 65.45 -23.93 55.31
C ALA J 170 64.51 -23.63 56.47
N ALA J 171 64.81 -22.58 57.22
CA ALA J 171 63.88 -22.14 58.28
C ALA J 171 62.65 -21.46 57.69
N VAL J 172 62.86 -20.64 56.66
CA VAL J 172 61.76 -20.03 55.91
C VAL J 172 60.75 -21.08 55.49
N ILE J 173 61.23 -22.27 55.15
CA ILE J 173 60.34 -23.32 54.68
C ILE J 173 59.22 -23.55 55.70
N LYS J 174 59.59 -23.71 56.97
CA LYS J 174 58.60 -23.90 58.03
C LYS J 174 57.52 -22.82 58.01
N ARG J 175 57.94 -21.56 58.05
CA ARG J 175 56.96 -20.48 58.15
C ARG J 175 56.06 -20.46 56.94
N LEU J 176 56.59 -20.72 55.73
CA LEU J 176 55.74 -20.55 54.56
C LEU J 176 54.84 -21.74 54.28
N LEU J 177 55.38 -22.97 54.37
CA LEU J 177 54.54 -24.15 54.43
C LEU J 177 53.38 -23.94 55.37
N THR J 178 53.69 -23.52 56.59
CA THR J 178 52.61 -23.24 57.53
C THR J 178 51.66 -22.17 57.01
N ILE J 179 52.18 -21.18 56.28
CA ILE J 179 51.31 -20.14 55.75
C ILE J 179 50.29 -20.76 54.83
N VAL J 180 50.75 -21.38 53.73
CA VAL J 180 49.80 -21.86 52.73
C VAL J 180 48.87 -22.89 53.33
N GLU J 181 49.44 -23.85 54.07
CA GLU J 181 48.62 -24.88 54.72
C GLU J 181 47.54 -24.29 55.61
N ARG J 182 47.77 -23.12 56.21
CA ARG J 182 46.65 -22.55 56.95
C ARG J 182 45.70 -21.79 56.03
N VAL J 183 46.25 -20.96 55.14
CA VAL J 183 45.40 -20.09 54.32
C VAL J 183 44.65 -20.88 53.25
N ASP J 184 45.24 -21.95 52.73
CA ASP J 184 44.51 -22.75 51.77
C ASP J 184 43.45 -23.61 52.45
N ASN J 185 43.71 -24.06 53.66
CA ASN J 185 42.77 -24.87 54.42
C ASN J 185 41.65 -24.04 55.00
N ALA J 186 41.52 -22.78 54.56
CA ALA J 186 40.43 -21.92 55.05
C ALA J 186 39.19 -22.16 54.20
N GLY J 187 38.53 -23.27 54.48
CA GLY J 187 37.15 -23.53 54.09
C GLY J 187 36.78 -23.26 52.66
N ASP J 188 37.51 -23.85 51.73
CA ASP J 188 37.22 -23.71 50.31
C ASP J 188 35.90 -24.41 49.96
N ARG J 189 35.51 -24.25 48.70
CA ARG J 189 34.18 -24.62 48.21
C ARG J 189 33.73 -25.99 48.70
N SER J 190 32.54 -26.04 49.30
CA SER J 190 31.86 -27.27 49.58
C SER J 190 30.37 -27.07 49.33
N VAL J 191 29.69 -28.15 48.98
CA VAL J 191 28.31 -28.12 48.52
C VAL J 191 27.42 -28.85 49.50
N VAL J 192 26.19 -28.38 49.65
CA VAL J 192 25.19 -29.06 50.46
C VAL J 192 23.83 -28.51 50.04
N THR J 193 22.77 -29.28 50.31
CA THR J 193 21.44 -28.93 49.85
C THR J 193 20.48 -28.91 51.02
N VAL J 194 19.24 -28.55 50.74
CA VAL J 194 18.16 -28.68 51.71
C VAL J 194 16.90 -29.01 50.96
N PRO J 195 16.18 -30.03 51.36
CA PRO J 195 14.86 -30.26 50.74
C PRO J 195 13.86 -29.23 51.21
N LEU J 196 12.62 -29.39 50.81
CA LEU J 196 11.59 -28.43 51.22
C LEU J 196 10.26 -29.14 51.24
N SER J 197 9.54 -29.01 52.35
CA SER J 197 8.25 -29.65 52.54
C SER J 197 7.20 -29.25 51.51
N TRP J 198 6.75 -28.00 51.51
CA TRP J 198 5.64 -27.64 50.64
C TRP J 198 5.81 -26.36 49.83
N ALA J 199 6.67 -25.43 50.23
CA ALA J 199 6.73 -24.14 49.56
C ALA J 199 7.30 -24.23 48.16
N SER J 200 7.10 -23.17 47.40
CA SER J 200 7.59 -23.07 46.03
C SER J 200 9.12 -23.07 46.00
N ALA J 201 9.68 -23.67 44.96
CA ALA J 201 11.15 -23.71 44.84
C ALA J 201 11.67 -22.51 44.05
N ALA J 202 11.46 -22.52 42.74
CA ALA J 202 12.01 -21.46 41.88
C ALA J 202 11.64 -20.07 42.36
N GLU J 203 10.59 -19.96 43.16
CA GLU J 203 10.14 -18.66 43.63
C GLU J 203 11.05 -18.14 44.72
N VAL J 204 11.55 -19.03 45.57
CA VAL J 204 12.40 -18.60 46.68
C VAL J 204 13.71 -18.06 46.18
N VAL J 205 14.50 -18.88 45.51
CA VAL J 205 15.76 -18.40 44.96
C VAL J 205 15.50 -17.23 44.01
N LYS J 206 14.50 -17.37 43.16
CA LYS J 206 13.98 -16.22 42.41
C LYS J 206 13.79 -14.99 43.31
N LEU J 207 13.67 -15.19 44.62
CA LEU J 207 13.57 -14.06 45.57
C LEU J 207 14.67 -14.09 46.64
N VAL J 208 15.84 -14.68 46.38
CA VAL J 208 16.87 -14.58 47.41
C VAL J 208 17.89 -13.55 46.98
N THR J 209 18.23 -13.55 45.69
CA THR J 209 19.21 -12.63 45.15
C THR J 209 18.64 -11.24 45.01
N GLU J 210 17.53 -10.95 45.68
CA GLU J 210 16.99 -9.61 45.81
C GLU J 210 17.05 -9.12 47.23
N LEU J 211 17.00 -10.02 48.20
CA LEU J 211 17.16 -9.65 49.59
C LEU J 211 18.60 -9.67 50.06
N ASN J 212 19.45 -10.54 49.52
CA ASN J 212 20.87 -10.59 49.88
C ASN J 212 21.72 -10.59 48.62
N LYS J 213 21.79 -9.47 47.94
CA LYS J 213 22.49 -9.41 46.68
C LYS J 213 23.79 -8.62 46.68
N ASP J 214 23.80 -7.38 47.19
CA ASP J 214 24.96 -6.53 47.03
C ASP J 214 24.80 -5.33 47.96
N THR J 215 25.73 -4.40 47.81
CA THR J 215 25.74 -3.13 48.51
C THR J 215 26.46 -2.13 47.65
N SER J 216 26.41 -0.85 48.05
CA SER J 216 27.12 0.20 47.35
C SER J 216 28.58 -0.12 47.12
N LYS J 217 29.16 -0.96 47.97
CA LYS J 217 30.51 -1.45 47.81
C LYS J 217 30.47 -2.93 48.14
N SER J 218 31.09 -3.74 47.29
CA SER J 218 31.07 -5.19 47.45
C SER J 218 31.57 -5.61 48.82
N ALA J 219 30.92 -6.60 49.41
CA ALA J 219 31.32 -7.12 50.71
C ALA J 219 32.76 -7.58 50.54
N LEU J 220 33.04 -8.15 49.38
CA LEU J 220 34.38 -8.62 49.05
C LEU J 220 34.47 -9.23 47.66
N PRO J 221 35.66 -9.70 47.29
CA PRO J 221 35.84 -10.34 45.98
C PRO J 221 34.89 -11.52 45.83
N GLY J 222 34.81 -12.10 44.63
CA GLY J 222 33.95 -13.21 44.40
C GLY J 222 34.00 -14.44 45.29
N SER J 223 35.01 -14.57 46.13
CA SER J 223 35.07 -15.74 47.01
C SER J 223 34.57 -15.37 48.40
N MET J 224 34.40 -16.39 49.23
CA MET J 224 33.80 -16.24 50.56
C MET J 224 32.38 -15.70 50.49
N VAL J 225 31.66 -16.01 49.42
CA VAL J 225 30.25 -15.63 49.27
C VAL J 225 29.62 -16.64 48.32
N ALA J 226 28.40 -17.01 48.62
CA ALA J 226 27.82 -18.21 48.04
C ALA J 226 26.86 -17.83 46.93
N ASN J 227 26.75 -18.72 45.95
CA ASN J 227 25.75 -18.60 44.90
C ASN J 227 24.69 -19.68 45.05
N VAL J 228 23.52 -19.42 44.49
CA VAL J 228 22.36 -20.29 44.74
C VAL J 228 21.66 -20.52 43.41
N VAL J 229 21.39 -21.79 43.10
CA VAL J 229 20.48 -22.21 42.05
C VAL J 229 19.59 -23.31 42.59
N ALA J 230 18.66 -23.76 41.74
CA ALA J 230 17.73 -24.79 42.17
C ALA J 230 17.15 -25.43 40.93
N ASP J 231 16.81 -26.71 41.08
CA ASP J 231 16.02 -27.40 40.07
C ASP J 231 14.58 -27.39 40.53
N GLU J 232 13.70 -27.65 39.59
CA GLU J 232 12.30 -27.80 39.91
C GLU J 232 11.93 -29.25 40.08
N ARG J 233 12.90 -30.14 40.08
CA ARG J 233 12.59 -31.54 39.90
C ARG J 233 12.33 -32.22 41.24
N THR J 234 13.23 -32.04 42.21
CA THR J 234 13.05 -32.60 43.54
C THR J 234 12.59 -31.57 44.54
N ASN J 235 12.39 -30.32 44.14
CA ASN J 235 11.87 -29.29 45.02
C ASN J 235 12.86 -29.02 46.15
N ALA J 236 14.14 -29.03 45.84
CA ALA J 236 15.15 -28.59 46.78
C ALA J 236 16.02 -27.54 46.10
N VAL J 237 16.89 -26.92 46.90
CA VAL J 237 17.66 -25.76 46.46
C VAL J 237 19.14 -26.01 46.76
N LEU J 238 20.00 -25.39 45.97
CA LEU J 238 21.43 -25.67 45.97
C LEU J 238 22.19 -24.49 46.56
N VAL J 239 23.20 -24.77 47.39
CA VAL J 239 24.11 -23.74 47.86
C VAL J 239 25.53 -24.28 47.80
N SER J 240 26.49 -23.36 47.71
CA SER J 240 27.90 -23.72 47.73
C SER J 240 28.69 -22.54 48.24
N GLY J 241 29.71 -22.80 49.05
CA GLY J 241 30.40 -21.68 49.69
C GLY J 241 31.15 -22.13 50.93
N GLU J 242 31.27 -21.20 51.86
CA GLU J 242 32.19 -21.34 52.98
C GLU J 242 31.45 -21.51 54.30
N PRO J 243 32.07 -22.20 55.25
CA PRO J 243 31.35 -22.61 56.47
C PRO J 243 30.93 -21.48 57.37
N ASN J 244 31.21 -20.23 57.03
CA ASN J 244 30.59 -19.10 57.69
C ASN J 244 29.83 -18.20 56.73
N SER J 245 29.59 -18.68 55.50
CA SER J 245 28.72 -17.99 54.54
C SER J 245 27.40 -18.71 54.33
N ARG J 246 27.45 -20.04 54.25
CA ARG J 246 26.25 -20.78 53.91
C ARG J 246 25.24 -20.73 55.05
N GLN J 247 25.75 -20.68 56.28
CA GLN J 247 24.86 -20.74 57.44
C GLN J 247 23.83 -19.65 57.36
N ARG J 248 24.21 -18.49 56.84
CA ARG J 248 23.24 -17.44 56.60
C ARG J 248 22.15 -17.91 55.64
N ILE J 249 22.55 -18.53 54.54
CA ILE J 249 21.54 -18.97 53.57
C ILE J 249 20.56 -19.93 54.21
N ILE J 250 21.08 -20.89 54.96
CA ILE J 250 20.19 -21.82 55.65
C ILE J 250 19.33 -21.07 56.65
N ALA J 251 19.83 -19.97 57.19
CA ALA J 251 19.02 -19.19 58.12
C ALA J 251 17.80 -18.66 57.40
N MET J 252 18.00 -17.98 56.26
CA MET J 252 16.87 -17.44 55.56
C MET J 252 15.90 -18.54 55.18
N ILE J 253 16.39 -19.64 54.61
CA ILE J 253 15.42 -20.63 54.18
C ILE J 253 14.66 -21.19 55.39
N LYS J 254 15.32 -21.31 56.56
CA LYS J 254 14.58 -21.74 57.74
C LYS J 254 13.45 -20.78 58.05
N GLN J 255 13.71 -19.49 57.84
CA GLN J 255 12.69 -18.47 58.09
C GLN J 255 11.65 -18.45 56.97
N LEU J 256 12.10 -18.54 55.73
CA LEU J 256 11.22 -18.54 54.57
C LEU J 256 10.32 -19.76 54.60
N ASP J 257 10.84 -20.89 55.05
CA ASP J 257 10.09 -22.14 55.03
C ASP J 257 9.12 -22.16 56.19
N ARG J 258 8.08 -21.38 56.03
CA ARG J 258 7.03 -21.28 57.03
C ARG J 258 5.77 -21.96 56.52
N GLN J 259 4.84 -22.18 57.46
CA GLN J 259 3.58 -22.83 57.14
C GLN J 259 2.51 -21.76 57.00
N GLN J 260 1.55 -22.01 56.12
CA GLN J 260 0.48 -21.03 55.90
C GLN J 260 -0.70 -21.18 56.85
N ALA J 261 -1.10 -20.10 57.51
CA ALA J 261 -2.26 -20.18 58.40
C ALA J 261 -3.44 -20.69 57.58
N VAL J 262 -3.70 -19.99 56.47
CA VAL J 262 -4.78 -20.33 55.55
C VAL J 262 -4.35 -19.74 54.22
N GLN J 263 -4.45 -20.52 53.14
CA GLN J 263 -4.07 -20.02 51.83
C GLN J 263 -5.15 -19.04 51.38
N GLY J 264 -4.79 -17.78 51.20
CA GLY J 264 -5.78 -16.81 50.80
C GLY J 264 -5.59 -16.33 49.38
N ASN J 265 -4.60 -16.89 48.69
CA ASN J 265 -4.39 -16.54 47.29
C ASN J 265 -5.69 -16.66 46.48
N THR J 266 -6.48 -17.69 46.77
CA THR J 266 -7.81 -17.85 46.18
C THR J 266 -8.76 -18.40 47.22
N LYS J 267 -9.94 -17.82 47.32
CA LYS J 267 -10.98 -18.36 48.19
C LYS J 267 -12.31 -18.37 47.48
N VAL J 268 -13.10 -19.40 47.75
CA VAL J 268 -14.30 -19.73 47.01
C VAL J 268 -15.50 -19.39 47.86
N ILE J 269 -16.37 -18.52 47.36
CA ILE J 269 -17.54 -18.15 48.11
C ILE J 269 -18.74 -18.87 47.53
N TYR J 270 -19.86 -18.85 48.27
CA TYR J 270 -21.11 -19.47 47.86
C TYR J 270 -22.18 -18.40 48.04
N LEU J 271 -22.81 -17.99 46.95
CA LEU J 271 -23.85 -16.97 47.00
C LEU J 271 -25.22 -17.61 47.16
N LYS J 272 -26.11 -16.96 47.92
CA LYS J 272 -27.30 -17.65 48.38
C LYS J 272 -28.55 -17.35 47.57
N TYR J 273 -28.86 -16.08 47.26
CA TYR J 273 -30.13 -15.77 46.59
C TYR J 273 -30.04 -15.22 45.18
N ALA J 274 -28.95 -14.59 44.79
CA ALA J 274 -28.80 -14.14 43.41
C ALA J 274 -28.04 -15.17 42.60
N LYS J 275 -28.29 -15.18 41.30
CA LYS J 275 -27.47 -16.05 40.50
C LYS J 275 -26.10 -15.40 40.30
N ALA J 276 -25.18 -16.15 39.75
CA ALA J 276 -23.82 -15.64 39.58
C ALA J 276 -23.53 -15.22 38.16
N ALA J 277 -24.37 -15.63 37.22
CA ALA J 277 -24.16 -15.23 35.84
C ALA J 277 -24.18 -13.72 35.69
N ASP J 278 -25.23 -13.06 36.18
CA ASP J 278 -25.25 -11.61 36.12
C ASP J 278 -24.08 -11.01 36.87
N LEU J 279 -23.77 -11.57 38.03
CA LEU J 279 -22.77 -10.96 38.89
C LEU J 279 -21.39 -10.93 38.23
N VAL J 280 -20.99 -12.00 37.54
CA VAL J 280 -19.69 -11.95 36.89
C VAL J 280 -19.55 -10.69 36.03
N GLU J 281 -20.56 -10.41 35.22
CA GLU J 281 -20.38 -9.34 34.24
C GLU J 281 -20.60 -7.98 34.88
N VAL J 282 -21.60 -7.84 35.77
CA VAL J 282 -21.75 -6.61 36.53
C VAL J 282 -20.47 -6.25 37.25
N LEU J 283 -19.88 -7.22 37.93
CA LEU J 283 -18.64 -6.98 38.67
C LEU J 283 -17.49 -7.31 37.73
N THR J 284 -16.93 -6.30 37.09
CA THR J 284 -15.66 -6.51 36.41
C THR J 284 -14.55 -5.56 36.83
N GLY J 285 -14.84 -4.40 37.40
CA GLY J 285 -13.74 -3.47 37.53
C GLY J 285 -13.49 -2.68 38.79
N ILE J 286 -13.34 -3.34 39.97
CA ILE J 286 -13.13 -2.59 41.21
C ILE J 286 -11.87 -1.76 41.13
N SER J 287 -10.72 -2.43 41.02
CA SER J 287 -9.45 -1.82 41.35
C SER J 287 -8.48 -1.76 40.19
N SER J 288 -8.74 -2.46 39.10
CA SER J 288 -7.95 -2.29 37.88
C SER J 288 -8.05 -0.87 37.37
N LYS J 305 -2.33 -7.34 39.33
CA LYS J 305 -2.55 -6.93 37.94
C LYS J 305 -4.00 -6.52 37.74
N ASN J 306 -4.89 -7.47 38.00
CA ASN J 306 -6.31 -7.31 37.77
C ASN J 306 -7.01 -8.28 38.70
N ILE J 307 -8.32 -8.22 38.67
CA ILE J 307 -9.15 -9.14 39.43
C ILE J 307 -9.92 -9.98 38.42
N ILE J 308 -9.69 -11.28 38.45
CA ILE J 308 -10.34 -12.20 37.54
C ILE J 308 -11.42 -12.92 38.32
N ILE J 309 -12.67 -12.60 38.03
CA ILE J 309 -13.77 -13.30 38.67
C ILE J 309 -14.28 -14.37 37.73
N LYS J 310 -14.43 -15.56 38.26
CA LYS J 310 -14.99 -16.69 37.53
C LYS J 310 -16.22 -17.19 38.27
N ALA J 311 -17.25 -17.59 37.53
CA ALA J 311 -18.48 -18.11 38.10
C ALA J 311 -18.71 -19.54 37.63
N HIS J 312 -19.20 -20.39 38.53
CA HIS J 312 -19.26 -21.80 38.13
C HIS J 312 -20.54 -22.09 37.35
N GLY J 313 -21.70 -21.81 37.93
CA GLY J 313 -22.97 -22.12 37.32
C GLY J 313 -23.47 -23.53 37.52
N GLN J 314 -22.61 -24.48 37.84
CA GLN J 314 -23.09 -25.83 37.99
C GLN J 314 -23.26 -26.23 39.44
N THR J 315 -22.59 -25.56 40.36
CA THR J 315 -22.98 -25.51 41.76
C THR J 315 -23.54 -24.15 42.15
N ASN J 316 -23.60 -23.20 41.22
CA ASN J 316 -24.02 -21.83 41.53
C ASN J 316 -23.14 -21.23 42.60
N ALA J 317 -21.84 -21.30 42.39
CA ALA J 317 -20.90 -20.61 43.25
C ALA J 317 -19.84 -19.95 42.38
N LEU J 318 -19.25 -18.88 42.92
CA LEU J 318 -18.31 -18.06 42.19
C LEU J 318 -16.98 -17.99 42.93
N ILE J 319 -15.92 -17.73 42.16
CA ILE J 319 -14.59 -17.63 42.72
C ILE J 319 -14.05 -16.21 42.66
N VAL J 320 -12.91 -16.02 43.33
CA VAL J 320 -12.21 -14.74 43.40
C VAL J 320 -10.76 -15.18 43.49
N THR J 321 -10.03 -15.01 42.40
CA THR J 321 -8.60 -15.29 42.37
C THR J 321 -8.05 -13.95 41.98
N ALA J 322 -8.04 -13.03 42.95
CA ALA J 322 -7.61 -11.68 42.65
C ALA J 322 -6.82 -11.31 43.86
N ALA J 323 -6.69 -10.02 44.12
CA ALA J 323 -5.95 -9.60 45.29
C ALA J 323 -6.18 -10.33 46.61
N PRO J 324 -5.11 -10.86 47.20
CA PRO J 324 -5.21 -11.60 48.47
C PRO J 324 -5.14 -10.72 49.72
N ASP J 325 -5.38 -9.42 49.55
CA ASP J 325 -5.35 -8.49 50.68
C ASP J 325 -6.51 -7.53 50.77
N VAL J 326 -7.29 -7.37 49.71
CA VAL J 326 -8.34 -6.37 49.86
C VAL J 326 -9.68 -7.04 49.60
N MET J 327 -9.65 -8.37 49.52
CA MET J 327 -10.84 -9.16 49.26
C MET J 327 -11.98 -8.67 50.15
N ASN J 328 -11.63 -8.09 51.30
CA ASN J 328 -12.64 -7.60 52.20
C ASN J 328 -13.57 -6.61 51.54
N ASP J 329 -13.04 -5.87 50.56
CA ASP J 329 -13.88 -4.99 49.76
C ASP J 329 -14.82 -5.74 48.84
N LEU J 330 -14.66 -7.06 48.75
CA LEU J 330 -15.56 -7.89 47.99
C LEU J 330 -16.52 -8.62 48.90
N GLU J 331 -16.01 -9.19 50.00
CA GLU J 331 -16.96 -9.75 50.95
C GLU J 331 -18.02 -8.75 51.39
N ARG J 332 -17.63 -7.50 51.63
CA ARG J 332 -18.67 -6.54 52.03
C ARG J 332 -19.66 -6.31 50.90
N VAL J 333 -19.17 -6.23 49.67
CA VAL J 333 -20.12 -5.86 48.63
C VAL J 333 -21.02 -7.02 48.28
N ILE J 334 -20.48 -8.24 48.18
CA ILE J 334 -21.38 -9.35 47.93
C ILE J 334 -22.36 -9.54 49.07
N ALA J 335 -21.90 -9.34 50.31
CA ALA J 335 -22.83 -9.42 51.44
C ALA J 335 -23.94 -8.38 51.33
N GLN J 336 -23.63 -7.21 50.79
CA GLN J 336 -24.69 -6.28 50.46
C GLN J 336 -25.37 -6.59 49.16
N LEU J 337 -24.97 -7.64 48.45
CA LEU J 337 -25.60 -7.97 47.20
C LEU J 337 -26.34 -9.33 47.18
N ASP J 338 -26.40 -10.04 48.30
CA ASP J 338 -27.16 -11.28 48.37
C ASP J 338 -28.25 -11.13 49.41
N ILE J 339 -29.52 -11.00 48.99
CA ILE J 339 -30.59 -10.60 49.88
C ILE J 339 -31.93 -11.15 49.37
N ARG J 340 -32.71 -11.77 50.27
CA ARG J 340 -34.04 -12.25 49.91
C ARG J 340 -34.86 -11.13 49.30
N ARG J 341 -35.68 -11.46 48.32
CA ARG J 341 -36.46 -10.40 47.68
C ARG J 341 -37.95 -10.63 47.79
N PRO J 342 -38.71 -9.64 48.24
CA PRO J 342 -40.16 -9.73 48.31
C PRO J 342 -40.81 -9.59 46.96
N GLN J 343 -41.97 -10.19 46.82
CA GLN J 343 -42.70 -10.21 45.57
C GLN J 343 -44.15 -9.74 45.79
N VAL J 344 -44.75 -9.21 44.74
CA VAL J 344 -45.98 -8.45 44.83
C VAL J 344 -47.07 -9.12 43.99
N LEU J 345 -48.30 -9.09 44.48
CA LEU J 345 -49.44 -9.67 43.80
C LEU J 345 -50.24 -8.58 43.11
N VAL J 346 -50.40 -8.67 41.80
CA VAL J 346 -51.09 -7.67 41.01
C VAL J 346 -52.36 -8.31 40.45
N GLU J 347 -53.48 -7.66 40.66
CA GLU J 347 -54.74 -7.99 40.00
C GLU J 347 -55.42 -6.74 39.47
N ALA J 348 -55.92 -6.82 38.25
CA ALA J 348 -56.68 -5.72 37.67
C ALA J 348 -58.07 -6.23 37.33
N ILE J 349 -59.00 -5.30 37.26
CA ILE J 349 -60.39 -5.65 37.02
C ILE J 349 -60.91 -4.68 35.97
N ILE J 350 -61.84 -5.16 35.14
CA ILE J 350 -62.49 -4.30 34.17
C ILE J 350 -63.95 -4.69 34.08
N ALA J 351 -64.77 -3.72 33.66
CA ALA J 351 -66.17 -4.04 33.47
C ALA J 351 -66.80 -2.91 32.70
N GLU J 352 -67.81 -3.25 31.91
CA GLU J 352 -68.50 -2.27 31.09
C GLU J 352 -69.91 -2.74 30.87
N VAL J 353 -70.71 -1.90 30.23
CA VAL J 353 -72.06 -2.25 29.81
C VAL J 353 -72.26 -1.66 28.43
N GLN J 354 -73.05 -2.33 27.63
CA GLN J 354 -73.38 -1.85 26.29
C GLN J 354 -74.87 -2.01 26.13
N ASP J 355 -75.55 -0.90 25.86
CA ASP J 355 -76.99 -0.88 25.81
C ASP J 355 -77.43 -0.02 24.65
N ALA J 356 -78.57 -0.37 24.08
CA ALA J 356 -79.11 0.40 22.98
C ALA J 356 -80.61 0.27 22.97
N ASP J 357 -81.28 1.41 22.80
CA ASP J 357 -82.73 1.45 22.71
C ASP J 357 -83.11 1.93 21.31
N GLY J 358 -84.30 1.53 20.89
CA GLY J 358 -84.79 1.88 19.58
C GLY J 358 -86.30 1.84 19.47
N LEU J 359 -86.87 2.77 18.72
CA LEU J 359 -88.32 2.80 18.56
C LEU J 359 -88.62 3.23 17.14
N ASN J 360 -89.83 2.96 16.68
CA ASN J 360 -90.28 3.47 15.40
C ASN J 360 -91.79 3.44 15.37
N LEU J 361 -92.36 4.14 14.40
CA LEU J 361 -93.80 4.23 14.24
C LEU J 361 -94.15 4.93 12.95
N GLY J 362 -95.22 4.48 12.29
CA GLY J 362 -95.66 5.05 11.03
C GLY J 362 -96.81 4.31 10.37
N ILE J 363 -97.64 5.01 9.59
CA ILE J 363 -98.80 4.45 8.92
C ILE J 363 -98.67 4.69 7.40
N GLN J 364 -99.61 4.10 6.64
CA GLN J 364 -99.65 4.33 5.21
C GLN J 364 -101.06 4.10 4.69
N TRP J 365 -101.41 4.83 3.62
CA TRP J 365 -102.77 4.86 3.07
C TRP J 365 -102.74 4.55 1.59
N ALA J 366 -103.90 4.17 1.07
CA ALA J 366 -104.01 3.74 -0.33
C ALA J 366 -105.45 3.79 -0.77
N ASN J 367 -105.69 4.20 -2.02
CA ASN J 367 -107.03 4.21 -2.56
C ASN J 367 -106.95 4.24 -4.07
N LYS J 368 -107.77 3.41 -4.71
CA LYS J 368 -107.74 3.33 -6.18
C LYS J 368 -108.00 4.69 -6.79
N ASN J 369 -108.97 5.44 -6.26
CA ASN J 369 -109.30 6.74 -6.81
C ASN J 369 -108.48 7.86 -6.20
N ALA J 370 -107.68 7.58 -5.17
CA ALA J 370 -107.05 8.62 -4.39
C ALA J 370 -105.54 8.41 -4.34
N GLY J 371 -104.88 9.15 -3.46
CA GLY J 371 -103.44 9.21 -3.47
C GLY J 371 -102.71 7.97 -3.01
N MET J 372 -101.50 8.17 -2.49
CA MET J 372 -100.68 7.05 -2.04
C MET J 372 -99.61 7.56 -1.09
N THR J 373 -99.63 7.07 0.16
CA THR J 373 -98.74 7.53 1.22
C THR J 373 -97.77 6.39 1.56
N GLN J 374 -96.56 6.48 1.03
CA GLN J 374 -95.61 5.39 1.12
C GLN J 374 -94.49 5.74 2.09
N PHE J 375 -93.93 4.74 2.74
CA PHE J 375 -92.75 4.93 3.58
C PHE J 375 -91.87 3.70 3.49
N THR J 376 -90.65 3.85 2.95
CA THR J 376 -89.80 2.70 2.71
C THR J 376 -89.05 2.29 3.96
N ASN J 377 -88.73 3.24 4.83
CA ASN J 377 -88.02 2.90 6.03
C ASN J 377 -88.76 1.84 6.84
N SER J 378 -90.08 1.79 6.67
CA SER J 378 -90.90 0.92 7.51
C SER J 378 -90.61 -0.55 7.31
N GLY J 379 -90.05 -0.91 6.18
CA GLY J 379 -89.81 -2.30 5.85
C GLY J 379 -90.77 -2.86 4.82
N LEU J 380 -91.86 -2.15 4.53
CA LEU J 380 -92.87 -2.62 3.61
C LEU J 380 -93.58 -1.47 2.93
N PRO J 381 -93.51 -1.37 1.63
CA PRO J 381 -94.33 -0.37 0.93
C PRO J 381 -95.80 -0.74 0.90
N ILE J 382 -96.61 0.14 0.32
CA ILE J 382 -97.94 -0.29 -0.06
C ILE J 382 -97.83 -1.27 -1.22
N SER J 383 -96.75 -1.16 -2.00
CA SER J 383 -96.53 -2.07 -3.11
C SER J 383 -96.67 -3.51 -2.68
N THR J 384 -96.15 -3.82 -1.48
CA THR J 384 -96.37 -5.13 -0.90
C THR J 384 -97.85 -5.48 -0.78
N ALA J 385 -98.68 -4.48 -0.54
CA ALA J 385 -100.09 -4.75 -0.32
C ALA J 385 -100.86 -4.85 -1.62
N ILE J 386 -100.81 -3.79 -2.42
CA ILE J 386 -101.48 -3.81 -3.70
C ILE J 386 -101.03 -5.00 -4.53
N ALA J 387 -99.76 -5.37 -4.41
CA ALA J 387 -99.31 -6.59 -5.05
C ALA J 387 -99.61 -7.83 -4.25
N GLY J 388 -100.01 -7.71 -2.99
CA GLY J 388 -100.20 -8.90 -2.19
C GLY J 388 -101.60 -9.44 -2.35
N ALA J 389 -102.57 -8.54 -2.48
CA ALA J 389 -103.97 -8.93 -2.45
C ALA J 389 -104.53 -9.18 -3.84
N ASN J 390 -104.21 -8.33 -4.80
CA ASN J 390 -104.61 -8.61 -6.17
C ASN J 390 -103.94 -9.86 -6.72
N GLN J 391 -102.69 -10.11 -6.34
CA GLN J 391 -102.06 -11.39 -6.67
C GLN J 391 -102.64 -12.52 -5.84
N TYR J 392 -102.97 -12.26 -4.58
CA TYR J 392 -103.54 -13.31 -3.75
C TYR J 392 -104.87 -13.76 -4.36
N ASN J 393 -105.85 -12.86 -4.32
CA ASN J 393 -107.20 -13.14 -4.80
C ASN J 393 -107.28 -13.35 -6.31
N LYS J 394 -106.24 -12.93 -7.05
CA LYS J 394 -106.15 -13.42 -8.42
C LYS J 394 -105.80 -14.90 -8.43
N ASP J 395 -104.68 -15.29 -7.82
CA ASP J 395 -104.34 -16.68 -7.69
C ASP J 395 -105.25 -17.43 -6.74
N GLY J 396 -106.02 -16.72 -5.93
CA GLY J 396 -106.78 -17.34 -4.86
C GLY J 396 -106.00 -17.39 -3.57
N THR J 397 -104.72 -17.67 -3.64
CA THR J 397 -103.90 -17.85 -2.44
C THR J 397 -102.54 -17.21 -2.66
N ILE J 398 -101.64 -17.45 -1.69
CA ILE J 398 -100.31 -16.86 -1.75
C ILE J 398 -99.56 -17.46 -2.94
N SER J 399 -98.77 -16.61 -3.60
CA SER J 399 -97.78 -17.07 -4.53
C SER J 399 -96.44 -16.47 -4.14
N SER J 400 -95.37 -17.29 -4.18
CA SER J 400 -94.06 -16.87 -3.72
C SER J 400 -93.51 -15.65 -4.43
N SER J 401 -94.14 -15.24 -5.54
CA SER J 401 -93.75 -14.01 -6.23
C SER J 401 -93.81 -12.79 -5.32
N LEU J 402 -94.56 -12.87 -4.22
CA LEU J 402 -94.78 -11.73 -3.37
C LEU J 402 -93.50 -11.34 -2.66
N ALA J 403 -93.53 -10.16 -2.05
CA ALA J 403 -92.33 -9.54 -1.51
C ALA J 403 -91.70 -10.44 -0.44
N SER J 404 -90.52 -10.98 -0.72
CA SER J 404 -89.84 -11.82 0.26
C SER J 404 -89.43 -11.06 1.51
N ALA J 405 -89.65 -9.74 1.54
CA ALA J 405 -89.30 -8.95 2.71
C ALA J 405 -90.03 -9.41 3.97
N LEU J 406 -91.21 -10.00 3.81
CA LEU J 406 -91.96 -10.50 4.95
C LEU J 406 -91.14 -11.44 5.81
N GLY J 407 -90.20 -12.17 5.20
CA GLY J 407 -89.34 -13.07 5.93
C GLY J 407 -88.49 -12.40 6.97
N SER J 408 -88.31 -11.09 6.86
CA SER J 408 -87.45 -10.38 7.79
C SER J 408 -88.21 -9.44 8.72
N PHE J 409 -89.48 -9.16 8.43
CA PHE J 409 -90.21 -8.15 9.17
C PHE J 409 -90.31 -8.53 10.64
N ASN J 410 -90.45 -7.50 11.48
CA ASN J 410 -90.71 -7.69 12.90
C ASN J 410 -91.63 -6.59 13.38
N GLY J 411 -92.48 -6.93 14.36
CA GLY J 411 -93.44 -5.99 14.89
C GLY J 411 -94.87 -6.37 14.59
N ILE J 412 -95.74 -5.36 14.53
CA ILE J 412 -97.16 -5.57 14.28
C ILE J 412 -97.61 -4.62 13.19
N ALA J 413 -98.67 -5.02 12.51
CA ALA J 413 -99.38 -4.17 11.58
C ALA J 413 -100.79 -4.72 11.42
N ALA J 414 -101.78 -3.84 11.35
CA ALA J 414 -103.17 -4.22 11.51
C ALA J 414 -103.91 -3.94 10.20
N GLY J 415 -104.53 -4.97 9.63
CA GLY J 415 -105.19 -4.85 8.34
C GLY J 415 -106.60 -4.33 8.50
N PHE J 416 -106.94 -3.32 7.70
CA PHE J 416 -108.27 -2.76 7.69
C PHE J 416 -108.69 -2.44 6.26
N TYR J 417 -109.97 -2.61 5.98
CA TYR J 417 -110.52 -2.31 4.66
C TYR J 417 -111.99 -1.92 4.80
N GLN J 418 -112.33 -0.71 4.32
CA GLN J 418 -113.74 -0.28 4.27
C GLN J 418 -113.94 0.43 2.93
N GLY J 419 -114.32 -0.35 1.93
CA GLY J 419 -114.51 0.20 0.61
C GLY J 419 -113.19 0.57 -0.01
N ASN J 420 -113.00 1.87 -0.29
CA ASN J 420 -111.95 2.32 -1.15
C ASN J 420 -110.61 2.53 -0.44
N TRP J 421 -110.61 2.64 0.88
CA TRP J 421 -109.42 3.06 1.58
C TRP J 421 -108.73 1.85 2.22
N ALA J 422 -107.61 2.14 2.89
CA ALA J 422 -106.84 1.16 3.66
C ALA J 422 -105.84 1.93 4.50
N MET J 423 -105.29 1.26 5.51
CA MET J 423 -104.24 1.87 6.30
C MET J 423 -103.52 0.77 7.06
N LEU J 424 -102.22 0.97 7.25
CA LEU J 424 -101.36 0.03 7.96
C LEU J 424 -100.59 0.77 9.03
N LEU J 425 -100.80 0.38 10.28
CA LEU J 425 -100.00 0.87 11.40
C LEU J 425 -98.75 0.02 11.56
N THR J 426 -97.66 0.65 11.96
CA THR J 426 -96.37 -0.01 12.04
C THR J 426 -95.58 0.51 13.21
N ALA J 427 -95.09 -0.38 14.06
CA ALA J 427 -94.28 0.03 15.19
C ALA J 427 -93.57 -1.19 15.72
N LEU J 428 -92.57 -0.93 16.55
CA LEU J 428 -91.82 -1.97 17.23
C LEU J 428 -90.93 -1.32 18.26
N SER J 429 -90.59 -2.09 19.27
CA SER J 429 -89.60 -1.67 20.24
C SER J 429 -88.56 -2.74 20.33
N SER J 430 -87.31 -2.31 20.44
CA SER J 430 -86.21 -3.24 20.51
C SER J 430 -85.14 -2.66 21.42
N SER J 431 -84.52 -3.55 22.21
CA SER J 431 -83.47 -3.13 23.11
C SER J 431 -82.49 -4.27 23.24
N THR J 432 -81.31 -3.94 23.72
CA THR J 432 -80.24 -4.93 23.84
C THR J 432 -79.31 -4.48 24.94
N LYS J 433 -78.83 -5.44 25.75
CA LYS J 433 -77.98 -5.14 26.88
C LYS J 433 -76.82 -6.13 26.94
N ASN J 434 -75.65 -5.62 27.31
CA ASN J 434 -74.43 -6.42 27.30
C ASN J 434 -73.54 -6.02 28.45
N ASP J 435 -72.92 -7.02 29.10
CA ASP J 435 -72.04 -6.83 30.23
C ASP J 435 -70.84 -7.75 30.08
N ILE J 436 -69.79 -7.44 30.82
CA ILE J 436 -68.53 -8.17 30.80
C ILE J 436 -67.85 -7.93 32.15
N LEU J 437 -66.83 -8.73 32.42
CA LEU J 437 -66.08 -8.58 33.65
C LEU J 437 -64.81 -9.39 33.51
N ALA J 438 -63.70 -8.84 33.99
CA ALA J 438 -62.42 -9.54 33.82
C ALA J 438 -61.50 -9.26 35.00
N THR J 439 -61.19 -10.29 35.77
CA THR J 439 -60.33 -10.15 36.94
C THR J 439 -59.19 -11.17 36.85
N PRO J 440 -58.05 -10.79 36.26
CA PRO J 440 -56.87 -11.64 36.41
C PRO J 440 -55.91 -11.20 37.49
N SER J 441 -55.11 -12.16 37.99
CA SER J 441 -54.20 -11.91 39.11
C SER J 441 -52.95 -12.75 38.93
N ILE J 442 -51.83 -12.23 39.44
CA ILE J 442 -50.56 -12.89 39.22
C ILE J 442 -49.51 -12.49 40.27
N VAL J 443 -48.39 -13.21 40.32
CA VAL J 443 -47.27 -12.95 41.22
C VAL J 443 -46.00 -13.11 40.42
N THR J 444 -44.96 -12.43 40.87
CA THR J 444 -43.66 -12.48 40.23
C THR J 444 -42.68 -11.77 41.15
N LEU J 445 -41.43 -11.71 40.72
CA LEU J 445 -40.49 -10.92 41.46
C LEU J 445 -40.55 -9.51 40.91
N ASP J 446 -39.74 -8.60 41.46
CA ASP J 446 -39.87 -7.22 41.04
C ASP J 446 -39.31 -7.03 39.64
N ASN J 447 -38.03 -7.30 39.46
CA ASN J 447 -37.35 -6.84 38.25
C ASN J 447 -37.74 -7.65 37.02
N MET J 448 -38.02 -8.94 37.17
CA MET J 448 -38.37 -9.74 36.00
C MET J 448 -39.85 -9.58 35.66
N GLN J 449 -40.15 -9.45 34.39
CA GLN J 449 -41.52 -9.20 33.95
C GLN J 449 -42.26 -10.52 33.85
N ALA J 450 -43.49 -10.56 34.33
CA ALA J 450 -44.36 -11.66 34.01
C ALA J 450 -45.43 -11.20 33.02
N THR J 451 -45.93 -12.13 32.24
CA THR J 451 -47.00 -11.83 31.30
C THR J 451 -48.00 -12.97 31.30
N PHE J 452 -49.21 -12.66 30.87
CA PHE J 452 -50.34 -13.54 31.09
C PHE J 452 -51.39 -13.30 30.03
N ASN J 453 -52.04 -14.36 29.59
CA ASN J 453 -53.08 -14.16 28.59
C ASN J 453 -53.97 -15.38 28.49
N VAL J 454 -55.23 -15.12 28.10
CA VAL J 454 -56.23 -16.15 27.93
C VAL J 454 -56.92 -15.85 26.61
N GLY J 455 -57.44 -16.89 25.97
CA GLY J 455 -58.24 -16.65 24.78
C GLY J 455 -57.73 -17.44 23.59
N GLN J 456 -58.53 -17.42 22.54
CA GLN J 456 -58.26 -18.24 21.39
C GLN J 456 -57.22 -17.55 20.49
N GLU J 457 -56.88 -18.23 19.40
CA GLU J 457 -55.86 -17.74 18.48
C GLU J 457 -56.28 -18.02 17.04
N VAL J 458 -56.15 -17.02 16.18
CA VAL J 458 -56.77 -17.17 14.86
C VAL J 458 -55.88 -16.55 13.81
N PRO J 459 -55.75 -17.15 12.65
CA PRO J 459 -54.83 -16.62 11.64
C PRO J 459 -55.45 -15.75 10.57
N VAL J 460 -54.74 -14.68 10.29
CA VAL J 460 -55.12 -13.70 9.30
C VAL J 460 -54.20 -13.88 8.10
N LEU J 461 -54.57 -13.29 6.95
CA LEU J 461 -53.76 -13.47 5.73
C LEU J 461 -52.88 -12.25 5.47
N THR J 462 -51.79 -12.19 6.21
CA THR J 462 -50.74 -11.21 5.99
C THR J 462 -49.48 -11.93 5.60
N THR J 475 -50.15 -17.62 2.59
CA THR J 475 -49.27 -16.81 3.43
C THR J 475 -50.01 -16.10 4.57
N VAL J 476 -49.79 -16.57 5.80
CA VAL J 476 -50.43 -15.96 6.97
C VAL J 476 -49.61 -16.20 8.24
N GLU J 477 -50.05 -15.60 9.34
CA GLU J 477 -49.36 -15.74 10.62
C GLU J 477 -50.34 -16.02 11.76
N ARG J 478 -49.82 -16.18 12.97
CA ARG J 478 -50.68 -16.47 14.11
C ARG J 478 -51.17 -15.20 14.81
N LYS J 479 -52.45 -15.16 15.17
CA LYS J 479 -52.96 -13.96 15.83
C LYS J 479 -53.77 -14.41 17.04
N THR J 480 -53.64 -13.66 18.13
CA THR J 480 -54.23 -14.00 19.41
C THR J 480 -55.30 -12.97 19.75
N VAL J 481 -56.38 -13.44 20.37
CA VAL J 481 -57.48 -12.60 20.77
C VAL J 481 -57.90 -12.98 22.18
N GLY J 482 -57.66 -12.10 23.14
CA GLY J 482 -58.10 -12.39 24.49
C GLY J 482 -57.86 -11.31 25.52
N ILE J 483 -57.14 -11.64 26.59
CA ILE J 483 -56.87 -10.68 27.65
C ILE J 483 -55.39 -10.76 27.98
N LYS J 484 -54.57 -10.03 27.23
CA LYS J 484 -53.11 -10.06 27.37
C LYS J 484 -52.68 -9.03 28.39
N LEU J 485 -52.63 -9.42 29.66
CA LEU J 485 -52.23 -8.51 30.72
C LEU J 485 -50.81 -8.76 31.20
N LYS J 486 -49.91 -7.82 30.90
CA LYS J 486 -48.51 -7.91 31.29
C LYS J 486 -48.07 -6.69 32.08
N VAL J 487 -47.15 -6.88 33.03
CA VAL J 487 -46.67 -5.76 33.83
C VAL J 487 -45.21 -5.84 34.26
N LYS J 488 -44.78 -4.84 35.00
CA LYS J 488 -43.42 -4.74 35.50
C LYS J 488 -43.45 -4.08 36.87
N PRO J 489 -43.26 -4.82 37.93
CA PRO J 489 -43.39 -4.25 39.27
C PRO J 489 -42.07 -3.80 39.87
N GLN J 490 -42.02 -2.57 40.36
CA GLN J 490 -40.84 -2.03 41.02
C GLN J 490 -41.25 -1.55 42.40
N ILE J 491 -40.68 -2.16 43.44
CA ILE J 491 -40.99 -1.79 44.83
C ILE J 491 -39.95 -0.79 45.29
N ASN J 492 -40.41 0.37 45.74
CA ASN J 492 -39.48 1.47 45.96
C ASN J 492 -39.29 1.74 47.44
N GLU J 493 -40.28 2.42 48.01
CA GLU J 493 -40.39 2.73 49.41
C GLU J 493 -40.71 1.43 50.17
N GLY J 494 -40.77 1.54 51.51
CA GLY J 494 -41.39 0.51 52.31
C GLY J 494 -42.68 0.02 51.70
N ASP J 495 -43.60 0.93 51.38
CA ASP J 495 -44.85 0.58 50.71
C ASP J 495 -45.11 1.55 49.58
N ALA J 496 -44.75 1.16 48.36
CA ALA J 496 -45.19 1.79 47.13
C ALA J 496 -44.71 0.90 45.99
N VAL J 497 -45.33 1.04 44.83
CA VAL J 497 -45.01 0.18 43.70
C VAL J 497 -45.17 0.95 42.40
N LEU J 498 -44.64 0.37 41.32
CA LEU J 498 -44.59 1.02 40.03
C LEU J 498 -44.96 -0.01 38.98
N LEU J 499 -45.90 0.33 38.12
CA LEU J 499 -46.55 -0.66 37.29
C LEU J 499 -46.68 -0.11 35.88
N GLU J 500 -45.79 -0.56 34.99
CA GLU J 500 -45.90 -0.19 33.57
C GLU J 500 -46.67 -1.29 32.86
N ILE J 501 -47.96 -1.22 33.04
CA ILE J 501 -48.86 -2.29 32.64
C ILE J 501 -49.42 -2.01 31.27
N GLU J 502 -49.69 -3.06 30.51
CA GLU J 502 -50.42 -2.92 29.28
C GLU J 502 -51.24 -4.16 28.98
N GLN J 503 -52.42 -3.96 28.39
CA GLN J 503 -53.30 -5.08 28.15
C GLN J 503 -54.44 -4.68 27.26
N GLU J 504 -55.21 -5.70 26.85
CA GLU J 504 -56.36 -5.49 26.00
C GLU J 504 -57.33 -6.62 26.20
N VAL J 505 -58.61 -6.31 26.12
CA VAL J 505 -59.62 -7.34 26.08
C VAL J 505 -60.21 -7.36 24.68
N SER J 506 -59.84 -8.38 23.92
CA SER J 506 -60.22 -8.44 22.52
C SER J 506 -61.16 -9.59 22.29
N SER J 507 -62.06 -9.39 21.32
CA SER J 507 -62.87 -10.50 20.85
C SER J 507 -63.16 -10.31 19.38
N VAL J 508 -63.98 -11.20 18.81
CA VAL J 508 -64.34 -11.13 17.42
C VAL J 508 -65.85 -11.28 17.36
N ALA J 509 -66.51 -10.38 16.64
CA ALA J 509 -67.97 -10.40 16.58
C ALA J 509 -68.45 -11.00 15.26
N ASP J 510 -68.40 -10.20 14.20
CA ASP J 510 -68.66 -10.68 12.86
C ASP J 510 -70.10 -11.11 12.69
N SER J 511 -71.04 -10.49 13.41
CA SER J 511 -72.44 -10.59 12.99
C SER J 511 -72.52 -10.36 11.49
N ALA J 512 -72.05 -9.18 11.05
CA ALA J 512 -71.90 -8.86 9.63
C ALA J 512 -70.85 -7.77 9.54
N SER J 513 -69.87 -7.92 8.65
CA SER J 513 -68.76 -7.01 8.60
C SER J 513 -68.18 -7.02 7.19
N SER J 514 -67.15 -6.23 6.98
CA SER J 514 -66.50 -6.14 5.70
C SER J 514 -65.46 -7.24 5.58
N THR J 515 -65.85 -8.34 4.95
CA THR J 515 -64.92 -9.34 4.45
C THR J 515 -65.12 -9.45 2.95
N SER J 516 -64.08 -9.16 2.19
CA SER J 516 -64.19 -9.09 0.74
C SER J 516 -63.68 -10.36 0.10
N SER J 517 -63.82 -11.48 0.84
CA SER J 517 -63.22 -12.76 0.47
C SER J 517 -61.72 -12.71 0.58
N ASP J 518 -61.25 -11.85 1.48
CA ASP J 518 -59.83 -11.63 1.66
C ASP J 518 -59.46 -12.10 3.05
N LEU J 519 -59.76 -11.27 4.05
CA LEU J 519 -59.36 -11.45 5.43
C LEU J 519 -60.61 -11.10 6.23
N GLY J 520 -61.13 -12.07 6.94
CA GLY J 520 -62.45 -11.87 7.53
C GLY J 520 -62.35 -11.61 9.01
N ALA J 521 -62.53 -10.35 9.43
CA ALA J 521 -62.08 -10.08 10.77
C ALA J 521 -62.51 -8.69 11.20
N THR J 522 -62.81 -8.58 12.49
CA THR J 522 -63.16 -7.31 13.12
C THR J 522 -62.28 -6.97 14.30
N PHE J 523 -61.98 -7.95 15.15
CA PHE J 523 -60.98 -7.78 16.18
C PHE J 523 -61.29 -6.59 17.08
N ASN J 524 -62.52 -6.55 17.59
CA ASN J 524 -62.86 -5.55 18.60
C ASN J 524 -61.85 -5.61 19.74
N THR J 525 -61.40 -4.44 20.19
CA THR J 525 -60.27 -4.36 21.13
C THR J 525 -60.32 -3.08 21.92
N ARG J 526 -59.79 -3.14 23.15
CA ARG J 526 -59.44 -1.97 23.91
C ARG J 526 -58.05 -2.18 24.51
N THR J 527 -57.15 -1.19 24.38
CA THR J 527 -55.74 -1.39 24.71
C THR J 527 -55.25 -0.27 25.59
N VAL J 528 -54.78 -0.59 26.79
CA VAL J 528 -54.27 0.37 27.74
C VAL J 528 -52.78 0.17 27.98
N ASN J 529 -52.07 1.24 28.28
CA ASN J 529 -50.70 1.15 28.77
C ASN J 529 -50.32 2.45 29.43
N ASN J 530 -49.63 2.35 30.55
CA ASN J 530 -49.22 3.54 31.30
C ASN J 530 -48.31 3.09 32.44
N ALA J 531 -47.95 4.02 33.30
CA ALA J 531 -47.11 3.79 34.45
C ALA J 531 -47.72 4.55 35.62
N VAL J 532 -47.62 3.99 36.81
CA VAL J 532 -48.30 4.58 37.96
C VAL J 532 -47.55 4.23 39.23
N LEU J 533 -47.61 5.13 40.21
CA LEU J 533 -47.17 4.87 41.55
C LEU J 533 -48.39 4.55 42.40
N VAL J 534 -48.30 3.51 43.22
CA VAL J 534 -49.46 3.01 43.96
C VAL J 534 -49.03 2.53 45.33
N GLY J 535 -49.87 2.76 46.32
CA GLY J 535 -49.61 2.23 47.64
C GLY J 535 -49.95 0.76 47.68
N SER J 536 -49.55 0.10 48.77
CA SER J 536 -49.57 -1.36 48.77
C SER J 536 -50.96 -1.94 48.60
N GLY J 537 -51.80 -1.81 49.62
CA GLY J 537 -53.18 -2.25 49.53
C GLY J 537 -54.15 -1.14 49.21
N GLU J 538 -54.45 -0.96 47.93
CA GLU J 538 -55.17 0.23 47.46
C GLU J 538 -55.92 -0.08 46.19
N THR J 539 -57.17 0.38 46.12
CA THR J 539 -57.96 0.37 44.91
C THR J 539 -57.66 1.62 44.08
N VAL J 540 -57.33 1.44 42.82
CA VAL J 540 -56.77 2.51 42.01
C VAL J 540 -57.50 2.59 40.68
N VAL J 541 -58.00 3.77 40.34
CA VAL J 541 -58.64 3.99 39.03
C VAL J 541 -57.56 4.29 38.00
N VAL J 542 -57.50 3.46 36.97
CA VAL J 542 -56.48 3.64 35.95
C VAL J 542 -57.03 4.32 34.72
N GLY J 543 -58.12 3.80 34.15
CA GLY J 543 -58.55 4.26 32.84
C GLY J 543 -60.06 4.17 32.71
N GLY J 544 -60.62 5.11 31.96
CA GLY J 544 -62.06 5.23 31.96
C GLY J 544 -62.69 5.81 30.71
N LEU J 545 -63.87 5.31 30.33
CA LEU J 545 -64.58 5.80 29.16
C LEU J 545 -66.08 5.69 29.42
N LEU J 546 -66.84 6.71 29.03
CA LEU J 546 -68.30 6.68 29.16
C LEU J 546 -68.97 7.52 28.10
N ASP J 547 -69.89 6.96 27.32
CA ASP J 547 -70.32 7.61 26.09
C ASP J 547 -71.71 7.17 25.65
N LYS J 548 -72.55 8.12 25.28
CA LYS J 548 -73.85 7.89 24.64
C LYS J 548 -73.82 8.33 23.17
N THR J 549 -74.79 7.83 22.41
CA THR J 549 -74.85 8.13 20.97
C THR J 549 -76.28 7.99 20.49
N VAL J 550 -76.89 9.09 20.09
CA VAL J 550 -78.29 9.13 19.69
C VAL J 550 -78.42 9.58 18.24
N THR J 551 -79.43 9.06 17.57
CA THR J 551 -79.73 9.50 16.22
C THR J 551 -81.25 9.40 16.02
N ASP J 552 -81.77 10.29 15.16
CA ASP J 552 -83.20 10.41 14.89
C ASP J 552 -83.44 10.45 13.40
N THR J 553 -84.62 9.97 12.98
CA THR J 553 -85.00 9.98 11.58
C THR J 553 -86.49 10.28 11.46
N ALA J 554 -86.85 11.39 10.81
CA ALA J 554 -88.25 11.76 10.63
C ALA J 554 -88.54 12.13 9.19
N ASP J 555 -89.80 11.96 8.81
CA ASP J 555 -90.29 12.34 7.48
C ASP J 555 -91.81 12.41 7.51
N LYS J 556 -92.37 13.45 6.90
CA LYS J 556 -93.80 13.67 6.92
C LYS J 556 -94.21 14.48 5.71
N VAL J 557 -95.43 14.25 5.24
CA VAL J 557 -95.98 15.08 4.18
C VAL J 557 -96.04 16.53 4.67
N PRO J 558 -95.56 17.49 3.87
CA PRO J 558 -95.43 18.86 4.38
C PRO J 558 -96.79 19.43 4.76
N LEU J 559 -96.74 20.42 5.68
CA LEU J 559 -97.90 21.16 6.18
C LEU J 559 -98.80 20.31 7.04
N LEU J 560 -98.52 19.02 7.16
CA LEU J 560 -99.40 18.12 7.85
C LEU J 560 -98.69 17.59 9.08
N GLY J 561 -99.38 16.74 9.83
CA GLY J 561 -98.84 16.27 11.10
C GLY J 561 -98.62 17.37 12.14
N ASP J 562 -99.08 18.59 11.87
CA ASP J 562 -98.73 19.70 12.73
C ASP J 562 -99.58 19.73 14.00
N ILE J 563 -100.83 19.28 13.94
CA ILE J 563 -101.61 19.15 15.17
C ILE J 563 -101.17 17.88 15.90
N PRO J 564 -100.42 18.02 16.98
CA PRO J 564 -99.76 16.85 17.59
C PRO J 564 -100.74 15.74 17.90
N VAL J 565 -101.85 16.07 18.57
CA VAL J 565 -102.82 15.02 18.92
C VAL J 565 -103.46 14.44 17.68
N ILE J 566 -103.81 15.27 16.71
CA ILE J 566 -104.53 14.76 15.55
C ILE J 566 -103.50 14.35 14.50
N GLY J 567 -102.69 15.31 14.06
CA GLY J 567 -101.82 15.12 12.91
C GLY J 567 -100.79 14.02 13.08
N ALA J 568 -100.69 13.44 14.26
CA ALA J 568 -99.72 12.37 14.52
C ALA J 568 -99.85 11.22 13.54
N LEU J 569 -100.89 11.22 12.71
CA LEU J 569 -101.14 10.16 11.77
C LEU J 569 -100.36 10.28 10.46
N PHE J 570 -99.50 11.27 10.31
CA PHE J 570 -98.76 11.38 9.07
C PHE J 570 -97.26 11.32 9.25
N ARG J 571 -96.71 11.68 10.42
CA ARG J 571 -95.29 11.51 10.69
C ARG J 571 -94.90 10.04 10.52
N SER J 572 -93.59 9.83 10.40
CA SER J 572 -93.02 8.49 10.42
C SER J 572 -91.66 8.56 11.07
N ASP J 573 -91.48 7.87 12.19
CA ASP J 573 -90.44 8.14 13.16
C ASP J 573 -89.58 6.91 13.34
N SER J 574 -88.26 7.12 13.36
CA SER J 574 -87.36 6.07 13.79
C SER J 574 -86.27 6.70 14.65
N LYS J 575 -86.21 6.31 15.92
CA LYS J 575 -85.25 6.86 16.85
C LYS J 575 -84.52 5.72 17.53
N LYS J 576 -83.26 5.97 17.88
CA LYS J 576 -82.47 4.96 18.56
C LYS J 576 -81.30 5.63 19.26
N VAL J 577 -80.82 4.99 20.32
CA VAL J 577 -79.72 5.48 21.12
C VAL J 577 -78.77 4.35 21.43
N SER J 578 -77.55 4.71 21.83
CA SER J 578 -76.59 3.75 22.36
C SER J 578 -75.76 4.43 23.45
N LYS J 579 -75.63 3.78 24.59
CA LYS J 579 -74.83 4.27 25.70
C LYS J 579 -73.73 3.27 26.00
N ARG J 580 -72.62 3.76 26.57
CA ARG J 580 -71.45 2.92 26.79
C ARG J 580 -70.58 3.50 27.88
N ASN J 581 -69.87 2.64 28.59
CA ASN J 581 -69.00 3.09 29.67
C ASN J 581 -67.93 2.03 29.88
N LEU J 582 -66.76 2.43 30.38
CA LEU J 582 -65.66 1.49 30.54
C LEU J 582 -64.77 1.96 31.67
N MET J 583 -64.42 1.04 32.58
CA MET J 583 -63.65 1.40 33.76
C MET J 583 -62.55 0.39 34.06
N LEU J 584 -61.39 0.91 34.45
CA LEU J 584 -60.20 0.13 34.72
C LEU J 584 -59.72 0.35 36.16
N PHE J 585 -59.43 -0.74 36.87
CA PHE J 585 -58.89 -0.66 38.21
C PHE J 585 -57.79 -1.69 38.43
N ILE J 586 -56.76 -1.28 39.17
CA ILE J 586 -55.65 -2.14 39.53
C ILE J 586 -55.43 -2.08 41.03
N ARG J 587 -54.87 -3.13 41.59
CA ARG J 587 -54.49 -3.10 43.01
C ARG J 587 -53.43 -4.15 43.29
N PRO J 588 -52.27 -3.74 43.75
CA PRO J 588 -51.25 -4.70 44.16
C PRO J 588 -51.38 -5.07 45.63
N THR J 589 -50.47 -5.94 46.10
CA THR J 589 -50.21 -6.20 47.50
C THR J 589 -48.79 -6.69 47.64
N ILE J 590 -48.08 -6.17 48.60
CA ILE J 590 -46.74 -6.68 48.86
C ILE J 590 -46.83 -7.95 49.70
N ILE J 591 -45.85 -8.83 49.54
CA ILE J 591 -45.76 -10.04 50.33
C ILE J 591 -44.31 -10.25 50.72
N ARG J 592 -44.01 -10.34 52.02
CA ARG J 592 -42.62 -10.40 52.45
C ARG J 592 -42.15 -11.85 52.64
N ASP J 593 -42.93 -12.66 53.34
CA ASP J 593 -42.46 -13.98 53.73
C ASP J 593 -43.65 -14.95 53.80
N ARG J 594 -43.35 -16.14 54.30
CA ARG J 594 -44.32 -17.22 54.38
C ARG J 594 -45.63 -16.79 55.01
N ASP J 595 -45.54 -16.20 56.20
CA ASP J 595 -46.72 -15.82 56.93
C ASP J 595 -47.65 -14.98 56.08
N GLU J 596 -47.19 -13.79 55.68
CA GLU J 596 -47.94 -12.95 54.76
C GLU J 596 -48.45 -13.70 53.56
N TYR J 597 -47.75 -14.76 53.15
CA TYR J 597 -48.20 -15.51 51.97
C TYR J 597 -49.47 -16.29 52.26
N ARG J 598 -49.54 -16.93 53.44
CA ARG J 598 -50.67 -17.83 53.70
C ARG J 598 -52.00 -17.10 53.58
N GLN J 599 -52.13 -15.91 54.19
CA GLN J 599 -53.40 -15.20 54.09
C GLN J 599 -53.76 -14.90 52.65
N ALA J 600 -52.78 -14.44 51.87
CA ALA J 600 -53.09 -14.02 50.51
C ALA J 600 -53.60 -15.20 49.71
N SER J 601 -52.87 -16.31 49.76
CA SER J 601 -53.30 -17.47 49.00
C SER J 601 -54.62 -18.01 49.51
N SER J 602 -54.65 -18.45 50.76
CA SER J 602 -55.86 -19.06 51.30
C SER J 602 -57.08 -18.18 51.03
N GLY J 603 -57.06 -16.95 51.53
CA GLY J 603 -58.19 -16.07 51.32
C GLY J 603 -58.60 -15.97 49.87
N GLN J 604 -57.63 -15.68 48.98
CA GLN J 604 -57.94 -15.54 47.57
C GLN J 604 -58.62 -16.80 47.03
N TYR J 605 -58.05 -17.96 47.36
CA TYR J 605 -58.62 -19.24 46.96
C TYR J 605 -60.06 -19.38 47.41
N THR J 606 -60.33 -18.93 48.64
CA THR J 606 -61.72 -18.88 49.12
C THR J 606 -62.57 -18.01 48.21
N ALA J 607 -62.07 -16.83 47.84
CA ALA J 607 -62.76 -16.03 46.85
C ALA J 607 -63.11 -16.83 45.61
N PHE J 608 -62.24 -17.76 45.23
CA PHE J 608 -62.58 -18.66 44.13
C PHE J 608 -63.74 -19.57 44.50
N ASN J 609 -63.60 -20.31 45.60
CA ASN J 609 -64.62 -21.29 45.98
C ASN J 609 -65.97 -20.64 46.20
N ASN J 610 -66.00 -19.34 46.54
CA ASN J 610 -67.27 -18.65 46.71
C ASN J 610 -68.14 -18.77 45.49
N ALA J 611 -67.64 -18.34 44.34
CA ALA J 611 -68.44 -18.43 43.12
C ALA J 611 -68.53 -19.86 42.64
N GLN J 612 -67.45 -20.63 42.79
CA GLN J 612 -67.47 -22.03 42.37
C GLN J 612 -68.64 -22.79 42.97
N THR J 613 -68.62 -22.93 44.29
CA THR J 613 -69.68 -23.63 45.01
C THR J 613 -70.95 -22.81 45.16
N LYS J 614 -70.95 -21.60 44.61
CA LYS J 614 -72.10 -20.69 44.70
C LYS J 614 -73.46 -21.21 44.21
N GLN J 615 -73.49 -21.89 43.06
CA GLN J 615 -74.73 -22.38 42.48
C GLN J 615 -74.89 -23.88 42.71
N ARG J 616 -74.17 -24.67 41.92
CA ARG J 616 -74.23 -26.12 42.02
C ARG J 616 -73.43 -26.68 43.20
N GLY J 617 -74.12 -27.41 44.08
CA GLY J 617 -73.49 -28.00 45.24
C GLY J 617 -72.94 -29.39 45.03
N LYS J 618 -71.72 -29.47 44.51
CA LYS J 618 -71.07 -30.76 44.26
C LYS J 618 -69.87 -30.97 45.18
N GLU J 619 -69.51 -32.23 45.39
CA GLU J 619 -68.38 -32.56 46.25
C GLU J 619 -67.22 -32.62 45.27
N SER J 620 -66.07 -32.06 45.66
CA SER J 620 -64.92 -32.05 44.76
C SER J 620 -63.55 -32.50 45.28
N SER J 621 -63.13 -33.66 44.80
CA SER J 621 -61.82 -34.24 45.08
C SER J 621 -60.65 -33.28 44.95
N GLU J 622 -60.56 -32.64 43.79
CA GLU J 622 -59.45 -31.72 43.59
C GLU J 622 -59.54 -30.54 44.54
N ALA J 623 -60.60 -29.75 44.43
CA ALA J 623 -60.72 -28.55 45.25
C ALA J 623 -60.44 -28.86 46.71
N SER J 624 -61.25 -29.75 47.30
CA SER J 624 -61.06 -30.08 48.70
C SER J 624 -59.62 -30.46 49.03
N LEU J 625 -59.06 -31.40 48.26
CA LEU J 625 -57.70 -31.84 48.52
C LEU J 625 -56.73 -30.67 48.50
N SER J 626 -56.85 -29.81 47.48
CA SER J 626 -56.03 -28.62 47.37
C SER J 626 -56.13 -27.74 48.60
N ASN J 627 -57.36 -27.61 49.12
CA ASN J 627 -57.56 -26.92 50.39
C ASN J 627 -56.76 -27.58 51.50
N ASP J 628 -56.81 -28.90 51.58
CA ASP J 628 -55.95 -29.61 52.52
C ASP J 628 -54.51 -29.17 52.39
N LEU J 629 -54.07 -28.89 51.17
CA LEU J 629 -52.73 -28.33 50.98
C LEU J 629 -52.61 -26.95 51.61
N LEU J 630 -53.49 -26.03 51.20
CA LEU J 630 -53.40 -24.66 51.67
C LEU J 630 -53.51 -24.56 53.19
N HIS J 631 -54.17 -25.53 53.82
CA HIS J 631 -54.26 -25.53 55.27
C HIS J 631 -52.90 -25.44 55.93
N ILE J 632 -52.02 -26.37 55.59
CA ILE J 632 -50.68 -26.41 56.14
C ILE J 632 -49.90 -25.14 55.80
N GLN J 639 -53.74 -34.70 60.99
CA GLN J 639 -54.60 -35.65 60.28
C GLN J 639 -55.90 -35.87 61.05
N ALA J 640 -55.84 -35.75 62.37
CA ALA J 640 -57.02 -35.95 63.21
C ALA J 640 -58.00 -34.79 63.04
N PHE J 641 -57.47 -33.57 63.04
CA PHE J 641 -58.30 -32.38 62.89
C PHE J 641 -59.11 -32.50 61.60
N ARG J 642 -58.54 -33.16 60.61
CA ARG J 642 -59.21 -33.35 59.33
C ARG J 642 -60.41 -34.28 59.47
N GLN J 643 -60.44 -35.04 60.55
CA GLN J 643 -61.54 -35.98 60.81
C GLN J 643 -62.70 -35.36 61.52
N VAL J 644 -62.40 -34.67 62.61
CA VAL J 644 -63.42 -34.05 63.44
C VAL J 644 -64.11 -32.88 62.73
N SER J 645 -63.35 -32.00 62.09
CA SER J 645 -63.92 -30.83 61.35
C SER J 645 -64.81 -31.32 60.20
N ALA J 646 -64.32 -32.34 59.51
CA ALA J 646 -65.13 -33.03 58.50
C ALA J 646 -66.46 -33.52 59.07
N ALA J 647 -66.39 -34.26 60.18
CA ALA J 647 -67.61 -34.84 60.77
C ALA J 647 -68.59 -33.75 61.14
N ILE J 648 -68.10 -32.68 61.78
CA ILE J 648 -68.95 -31.52 62.12
C ILE J 648 -69.66 -31.01 60.84
N ASP J 649 -68.88 -30.85 59.76
CA ASP J 649 -69.41 -30.43 58.44
C ASP J 649 -70.53 -31.33 57.98
N ALA J 650 -70.29 -32.65 58.02
CA ALA J 650 -71.32 -33.61 57.67
C ALA J 650 -72.58 -33.30 58.43
N PHE J 651 -72.44 -33.18 59.75
CA PHE J 651 -73.59 -33.01 60.60
C PHE J 651 -74.42 -31.82 60.14
N ASN J 652 -73.78 -30.71 59.81
CA ASN J 652 -74.53 -29.50 59.51
C ASN J 652 -74.86 -29.38 58.00
N LEU J 653 -75.70 -30.31 57.54
CA LEU J 653 -76.25 -30.31 56.19
C LEU J 653 -77.76 -30.41 56.30
N SER K 28 98.20 -34.05 47.62
CA SER K 28 97.29 -33.26 48.42
C SER K 28 97.24 -31.83 47.88
N ALA K 29 96.08 -31.20 48.01
CA ALA K 29 95.84 -29.89 47.43
C ALA K 29 96.24 -28.78 48.40
N SER K 30 97.54 -28.75 48.74
CA SER K 30 98.05 -27.76 49.68
C SER K 30 98.65 -26.58 48.93
N PHE K 31 97.78 -25.64 48.54
CA PHE K 31 98.19 -24.47 47.80
C PHE K 31 97.92 -23.20 48.60
N LYS K 32 98.97 -22.45 48.89
CA LYS K 32 98.88 -21.24 49.67
C LYS K 32 99.29 -20.03 48.83
N GLY K 33 98.35 -19.11 48.62
CA GLY K 33 98.58 -17.93 47.81
C GLY K 33 99.11 -18.21 46.43
N THR K 34 98.95 -19.42 45.94
CA THR K 34 99.52 -19.82 44.66
C THR K 34 98.83 -19.08 43.52
N ASP K 35 99.61 -18.49 42.62
CA ASP K 35 99.04 -17.77 41.49
C ASP K 35 98.35 -18.72 40.54
N ILE K 36 97.25 -18.23 39.93
CA ILE K 36 96.48 -19.04 39.00
C ILE K 36 97.36 -19.51 37.86
N GLN K 37 98.32 -18.70 37.44
CA GLN K 37 99.23 -19.10 36.37
C GLN K 37 100.09 -20.28 36.80
N GLU K 38 100.86 -20.10 37.87
CA GLU K 38 101.62 -21.23 38.38
C GLU K 38 100.73 -22.35 38.87
N PHE K 39 99.46 -22.08 39.14
CA PHE K 39 98.49 -23.13 39.42
C PHE K 39 98.31 -24.03 38.21
N ILE K 40 98.00 -23.45 37.05
CA ILE K 40 97.83 -24.23 35.84
C ILE K 40 99.16 -24.84 35.41
N ASN K 41 100.24 -24.10 35.59
CA ASN K 41 101.52 -24.53 35.07
C ASN K 41 102.18 -25.58 35.95
N THR K 42 101.73 -25.72 37.19
CA THR K 42 102.23 -26.75 38.10
C THR K 42 101.28 -27.94 38.20
N VAL K 43 100.01 -27.68 38.55
CA VAL K 43 99.00 -28.72 38.53
C VAL K 43 98.97 -29.41 37.17
N SER K 44 99.10 -28.64 36.10
CA SER K 44 99.26 -29.24 34.77
C SER K 44 100.40 -30.24 34.75
N LYS K 45 101.57 -29.82 35.21
CA LYS K 45 102.72 -30.72 35.31
C LYS K 45 102.33 -32.04 35.97
N ASN K 46 101.70 -31.95 37.14
CA ASN K 46 101.29 -33.15 37.84
C ASN K 46 100.31 -33.97 37.04
N LEU K 47 99.39 -33.30 36.36
CA LEU K 47 98.39 -34.00 35.57
C LEU K 47 98.99 -34.59 34.31
N ASN K 48 100.03 -33.94 33.76
CA ASN K 48 100.74 -34.37 32.56
C ASN K 48 99.98 -34.07 31.28
N LYS K 49 99.07 -33.11 31.33
CA LYS K 49 98.27 -32.72 30.19
C LYS K 49 98.62 -31.32 29.69
N THR K 50 98.64 -31.15 28.37
CA THR K 50 98.96 -29.85 27.77
C THR K 50 97.84 -28.85 28.12
N VAL K 51 98.18 -27.57 28.13
CA VAL K 51 97.13 -26.59 28.40
C VAL K 51 97.53 -25.23 27.87
N ILE K 52 96.62 -24.56 27.18
CA ILE K 52 96.86 -23.21 26.69
C ILE K 52 96.04 -22.23 27.52
N ILE K 53 96.72 -21.31 28.18
CA ILE K 53 96.11 -20.24 28.95
C ILE K 53 95.88 -19.08 28.01
N ASP K 54 94.82 -18.31 28.24
CA ASP K 54 94.62 -17.07 27.50
C ASP K 54 95.00 -15.86 28.37
N PRO K 55 95.24 -14.69 27.75
CA PRO K 55 95.61 -13.53 28.56
C PRO K 55 94.45 -13.02 29.42
N SER K 56 94.69 -11.90 30.10
CA SER K 56 93.69 -11.26 30.94
C SER K 56 93.21 -12.22 32.02
N VAL K 57 94.09 -13.09 32.49
CA VAL K 57 93.82 -14.04 33.53
C VAL K 57 94.79 -13.74 34.66
N ARG K 58 94.33 -12.98 35.65
CA ARG K 58 95.20 -12.47 36.70
C ARG K 58 94.56 -12.76 38.05
N GLY K 59 95.27 -13.46 38.91
CA GLY K 59 94.72 -13.75 40.22
C GLY K 59 95.45 -14.89 40.89
N THR K 60 94.87 -15.36 42.00
CA THR K 60 95.49 -16.36 42.88
C THR K 60 94.41 -17.01 43.73
N ILE K 61 94.78 -18.13 44.35
CA ILE K 61 93.94 -18.84 45.27
C ILE K 61 94.75 -19.08 46.54
N THR K 62 94.10 -19.71 47.50
CA THR K 62 94.80 -20.24 48.67
C THR K 62 93.87 -21.22 49.37
N VAL K 63 94.42 -22.31 49.83
CA VAL K 63 93.59 -23.36 50.38
C VAL K 63 94.45 -24.33 51.17
N ARG K 64 93.91 -24.85 52.28
CA ARG K 64 94.55 -25.95 52.99
C ARG K 64 93.71 -27.19 52.83
N SER K 65 94.35 -28.30 52.45
CA SER K 65 93.66 -29.57 52.29
C SER K 65 94.32 -30.60 53.18
N TYR K 66 93.49 -31.51 53.68
CA TYR K 66 93.93 -32.56 54.58
C TYR K 66 93.98 -33.93 53.93
N ASP K 67 93.08 -34.22 53.00
CA ASP K 67 93.01 -35.50 52.30
C ASP K 67 93.62 -35.39 50.91
N MET K 68 94.02 -36.53 50.36
CA MET K 68 94.76 -36.60 49.11
C MET K 68 93.83 -36.82 47.93
N LEU K 69 94.11 -36.11 46.81
CA LEU K 69 93.21 -36.03 45.67
C LEU K 69 94.03 -36.14 44.39
N ASN K 70 94.41 -37.35 43.99
CA ASN K 70 94.99 -37.53 42.66
C ASN K 70 94.18 -38.41 41.71
N GLU K 71 93.41 -39.38 42.22
CA GLU K 71 92.93 -40.40 41.30
C GLU K 71 91.98 -39.82 40.25
N GLU K 72 90.80 -39.39 40.68
CA GLU K 72 89.87 -38.76 39.74
C GLU K 72 89.46 -37.43 40.36
N GLN K 73 89.49 -37.40 41.69
CA GLN K 73 89.07 -36.21 42.41
C GLN K 73 90.08 -35.09 42.21
N TYR K 74 91.26 -35.41 41.70
CA TYR K 74 92.24 -34.43 41.27
C TYR K 74 91.66 -33.51 40.19
N TYR K 75 91.40 -34.09 39.01
CA TYR K 75 90.80 -33.34 37.91
C TYR K 75 89.44 -32.77 38.33
N GLN K 76 88.68 -33.52 39.10
CA GLN K 76 87.41 -33.05 39.58
C GLN K 76 87.55 -31.69 40.29
N PHE K 77 88.31 -31.72 41.39
CA PHE K 77 88.44 -30.52 42.21
C PHE K 77 89.19 -29.42 41.49
N PHE K 78 90.12 -29.78 40.61
CA PHE K 78 90.79 -28.79 39.78
C PHE K 78 89.77 -27.95 39.04
N LEU K 79 88.93 -28.62 38.24
CA LEU K 79 87.89 -27.90 37.51
C LEU K 79 86.94 -27.16 38.45
N SER K 80 86.68 -27.71 39.65
CA SER K 80 85.86 -26.96 40.59
C SER K 80 86.51 -25.64 40.97
N VAL K 81 87.83 -25.63 41.19
CA VAL K 81 88.49 -24.42 41.61
C VAL K 81 88.45 -23.38 40.50
N LEU K 82 88.72 -23.81 39.28
CA LEU K 82 88.55 -22.91 38.16
C LEU K 82 87.12 -22.38 38.10
N ASP K 83 86.16 -23.20 38.53
CA ASP K 83 84.77 -22.81 38.50
C ASP K 83 84.45 -21.73 39.51
N VAL K 84 85.12 -21.72 40.65
CA VAL K 84 84.80 -20.75 41.69
C VAL K 84 85.04 -19.34 41.17
N TYR K 85 86.23 -19.08 40.66
CA TYR K 85 86.51 -17.77 40.09
C TYR K 85 85.70 -17.50 38.83
N GLY K 86 85.01 -18.52 38.32
CA GLY K 86 84.28 -18.34 37.09
C GLY K 86 85.14 -18.38 35.85
N PHE K 87 86.46 -18.38 35.97
CA PHE K 87 87.29 -18.63 34.81
C PHE K 87 87.05 -20.07 34.40
N ALA K 88 86.53 -20.28 33.20
CA ALA K 88 86.03 -21.58 32.84
C ALA K 88 86.95 -22.21 31.81
N VAL K 89 86.90 -23.53 31.73
CA VAL K 89 87.72 -24.24 30.77
C VAL K 89 86.87 -25.32 30.08
N ILE K 90 87.28 -25.64 28.84
CA ILE K 90 86.70 -26.70 28.04
C ILE K 90 87.80 -27.66 27.64
N ASN K 91 87.56 -28.97 27.81
CA ASN K 91 88.56 -29.97 27.47
C ASN K 91 88.20 -30.63 26.15
N MET K 92 89.23 -31.09 25.44
CA MET K 92 89.04 -31.67 24.13
C MET K 92 89.64 -33.06 24.11
N ASN K 93 89.43 -33.77 23.01
CA ASN K 93 89.79 -35.17 22.92
C ASN K 93 91.23 -35.35 22.45
N ASN K 94 91.55 -34.79 21.29
CA ASN K 94 92.89 -34.95 20.71
C ASN K 94 93.95 -34.20 21.52
N GLY K 95 93.71 -32.93 21.82
CA GLY K 95 94.52 -32.20 22.74
C GLY K 95 93.76 -31.98 24.04
N VAL K 96 94.43 -31.38 25.01
CA VAL K 96 93.85 -31.17 26.33
C VAL K 96 93.07 -29.86 26.34
N LEU K 97 92.53 -29.51 27.50
CA LEU K 97 91.63 -28.39 27.66
C LEU K 97 92.33 -27.04 27.39
N LYS K 98 91.55 -25.97 27.55
CA LYS K 98 91.99 -24.60 27.36
C LYS K 98 91.29 -23.75 28.40
N VAL K 99 91.73 -22.51 28.53
CA VAL K 99 91.18 -21.55 29.47
C VAL K 99 90.60 -20.39 28.68
N VAL K 100 89.34 -20.07 28.90
CA VAL K 100 88.69 -18.98 28.21
C VAL K 100 88.43 -17.83 29.17
N ARG K 101 88.33 -16.64 28.59
CA ARG K 101 87.94 -15.44 29.30
C ARG K 101 86.54 -14.98 28.90
N ALA K 102 85.91 -15.60 27.89
CA ALA K 102 84.55 -15.33 27.48
C ALA K 102 83.51 -16.10 28.30
N LYS K 103 83.92 -17.18 28.96
CA LYS K 103 83.09 -17.93 29.91
C LYS K 103 81.83 -18.51 29.30
N ASP K 104 81.66 -18.45 27.98
CA ASP K 104 80.38 -18.81 27.40
C ASP K 104 80.46 -20.13 26.65
N ALA K 105 79.26 -20.69 26.44
CA ALA K 105 79.10 -21.81 25.51
C ALA K 105 79.39 -21.39 24.06
N LYS K 106 79.41 -20.09 23.78
CA LYS K 106 79.66 -19.59 22.43
C LYS K 106 81.03 -19.97 21.86
N THR K 107 81.85 -20.64 22.67
CA THR K 107 83.17 -21.06 22.25
C THR K 107 83.38 -22.12 21.17
N SER K 108 82.29 -22.51 20.52
CA SER K 108 82.34 -23.52 19.47
C SER K 108 82.58 -24.91 20.05
N ALA K 109 82.58 -24.99 21.38
CA ALA K 109 82.80 -26.26 22.06
C ALA K 109 81.72 -26.34 23.14
N VAL K 110 80.87 -27.36 23.05
CA VAL K 110 79.79 -27.54 24.03
C VAL K 110 79.39 -29.00 24.02
N PRO K 111 80.09 -29.89 24.73
CA PRO K 111 79.66 -31.31 24.69
C PRO K 111 78.31 -31.44 25.35
N VAL K 112 77.36 -31.99 24.62
CA VAL K 112 75.94 -31.97 25.02
C VAL K 112 75.57 -33.36 25.50
N ALA K 113 75.12 -33.45 26.74
CA ALA K 113 74.62 -34.71 27.27
C ALA K 113 73.32 -35.13 26.57
N SER K 114 73.05 -36.42 26.60
CA SER K 114 71.87 -36.99 25.97
C SER K 114 70.99 -37.69 26.99
N ALA K 115 70.97 -37.20 28.23
CA ALA K 115 70.07 -37.59 29.31
C ALA K 115 70.52 -38.90 29.97
N ALA K 116 71.58 -39.53 29.47
CA ALA K 116 72.18 -40.64 30.18
C ALA K 116 73.45 -40.23 30.92
N ALA K 117 74.21 -39.28 30.39
CA ALA K 117 75.37 -38.73 31.08
C ALA K 117 75.06 -37.33 31.59
N PRO K 118 74.56 -37.17 32.81
CA PRO K 118 74.46 -35.83 33.38
C PRO K 118 75.80 -35.21 33.71
N GLY K 119 76.87 -35.96 33.68
CA GLY K 119 78.17 -35.41 34.02
C GLY K 119 78.25 -35.12 35.50
N GLU K 120 78.89 -34.01 35.83
CA GLU K 120 79.04 -33.58 37.22
C GLU K 120 79.29 -32.09 37.21
N GLY K 121 79.02 -31.45 38.34
CA GLY K 121 78.79 -30.01 38.41
C GLY K 121 79.85 -29.19 37.71
N ASP K 122 81.03 -29.76 37.57
CA ASP K 122 82.17 -28.98 37.12
C ASP K 122 82.07 -28.61 35.67
N GLU K 123 81.60 -29.52 34.82
CA GLU K 123 81.67 -29.31 33.38
C GLU K 123 80.50 -28.48 32.86
N VAL K 124 80.64 -28.00 31.64
CA VAL K 124 79.63 -27.20 30.96
C VAL K 124 79.08 -28.00 29.79
N VAL K 125 77.75 -28.19 29.77
CA VAL K 125 77.09 -28.91 28.69
C VAL K 125 76.08 -27.98 28.05
N THR K 126 75.29 -28.49 27.10
CA THR K 126 74.17 -27.75 26.57
C THR K 126 73.01 -28.73 26.36
N ARG K 127 72.05 -28.70 27.25
CA ARG K 127 70.99 -29.68 27.26
C ARG K 127 69.73 -29.12 26.66
N VAL K 128 68.80 -30.03 26.36
CA VAL K 128 67.58 -29.65 25.70
C VAL K 128 66.53 -30.69 26.00
N VAL K 129 65.28 -30.26 26.12
CA VAL K 129 64.23 -31.23 26.30
C VAL K 129 62.97 -30.74 25.59
N PRO K 130 62.23 -31.62 24.89
CA PRO K 130 60.93 -31.25 24.37
C PRO K 130 59.82 -31.28 25.41
N LEU K 131 59.61 -30.14 26.06
CA LEU K 131 58.54 -29.99 27.03
C LEU K 131 57.17 -30.14 26.39
N THR K 132 56.34 -31.04 26.90
CA THR K 132 55.20 -31.54 26.16
C THR K 132 53.83 -31.07 26.67
N ASN K 133 53.75 -30.38 27.78
CA ASN K 133 52.44 -30.09 28.34
C ASN K 133 52.14 -28.61 28.59
N VAL K 134 53.13 -27.74 28.54
CA VAL K 134 53.02 -26.40 29.11
C VAL K 134 53.58 -25.40 28.12
N ALA K 135 53.01 -24.20 28.12
CA ALA K 135 53.61 -23.11 27.36
C ALA K 135 55.03 -22.90 27.83
N ALA K 136 55.98 -22.97 26.88
CA ALA K 136 57.39 -22.77 27.16
C ALA K 136 57.81 -21.32 27.16
N ARG K 137 56.87 -20.37 27.19
CA ARG K 137 57.28 -18.99 27.33
C ARG K 137 57.42 -18.58 28.79
N ASP K 138 56.41 -18.83 29.62
CA ASP K 138 56.36 -18.15 30.90
C ASP K 138 57.39 -18.68 31.89
N LEU K 139 57.73 -19.96 31.83
CA LEU K 139 58.78 -20.44 32.70
C LEU K 139 60.16 -19.96 32.27
N ALA K 140 60.24 -19.27 31.16
CA ALA K 140 61.48 -18.79 30.60
C ALA K 140 61.97 -17.53 31.32
N PRO K 141 61.11 -16.57 31.67
CA PRO K 141 61.61 -15.47 32.50
C PRO K 141 62.00 -15.93 33.88
N LEU K 142 61.14 -16.71 34.52
CA LEU K 142 61.49 -17.19 35.86
C LEU K 142 62.75 -18.03 35.85
N LEU K 143 63.04 -18.72 34.76
CA LEU K 143 64.22 -19.58 34.74
C LEU K 143 65.44 -18.81 34.26
N ARG K 144 65.26 -17.92 33.30
CA ARG K 144 66.31 -17.00 32.93
C ARG K 144 66.70 -16.11 34.09
N GLN K 145 65.83 -15.95 35.10
CA GLN K 145 66.21 -15.25 36.30
C GLN K 145 66.83 -16.18 37.34
N LEU K 146 66.10 -17.23 37.73
CA LEU K 146 66.60 -18.13 38.75
C LEU K 146 68.00 -18.59 38.38
N ASN K 147 68.21 -18.84 37.09
CA ASN K 147 69.47 -19.32 36.55
C ASN K 147 70.09 -18.26 35.66
N ASP K 148 70.01 -16.99 36.02
CA ASP K 148 70.73 -16.02 35.22
C ASP K 148 72.15 -16.04 35.72
N ASN K 149 72.95 -16.90 35.15
CA ASN K 149 74.34 -16.99 35.59
C ASN K 149 75.06 -15.77 35.02
N ALA K 150 75.59 -14.94 35.90
CA ALA K 150 76.19 -13.70 35.44
C ALA K 150 77.62 -13.87 35.00
N GLY K 151 78.05 -15.12 34.76
CA GLY K 151 79.34 -15.40 34.20
C GLY K 151 79.22 -15.99 32.81
N ALA K 152 78.27 -15.45 32.04
CA ALA K 152 77.92 -15.94 30.70
C ALA K 152 77.24 -17.32 30.77
N GLY K 153 76.35 -17.48 31.75
CA GLY K 153 75.59 -18.71 31.91
C GLY K 153 74.56 -18.90 30.81
N SER K 154 73.74 -19.94 31.01
CA SER K 154 72.80 -20.42 30.01
C SER K 154 71.80 -19.35 29.59
N VAL K 155 71.02 -19.70 28.57
CA VAL K 155 69.88 -18.93 28.09
C VAL K 155 68.71 -19.89 27.88
N VAL K 156 67.56 -19.33 27.53
CA VAL K 156 66.34 -20.10 27.38
C VAL K 156 65.53 -19.56 26.20
N HIS K 157 65.14 -20.45 25.29
CA HIS K 157 64.39 -20.00 24.12
C HIS K 157 63.27 -20.95 23.77
N TYR K 158 62.30 -20.38 23.07
CA TYR K 158 61.09 -21.05 22.67
C TYR K 158 61.04 -21.23 21.17
N GLU K 159 60.73 -22.43 20.72
CA GLU K 159 60.39 -22.69 19.32
C GLU K 159 58.99 -23.32 19.26
N PRO K 160 58.21 -23.06 18.21
CA PRO K 160 56.84 -23.59 18.18
C PRO K 160 56.81 -25.10 18.23
N SER K 161 57.94 -25.75 18.12
CA SER K 161 58.06 -27.16 18.42
C SER K 161 58.37 -27.43 19.89
N ASN K 162 58.26 -26.42 20.76
CA ASN K 162 58.39 -26.56 22.21
C ASN K 162 59.70 -27.15 22.63
N VAL K 163 60.73 -26.90 21.84
CA VAL K 163 62.06 -27.24 22.28
C VAL K 163 62.29 -26.45 23.54
N LEU K 164 62.96 -27.05 24.49
CA LEU K 164 63.37 -26.35 25.70
C LEU K 164 64.83 -26.69 25.90
N LEU K 165 65.69 -25.69 25.68
CA LEU K 165 67.12 -25.87 25.60
C LEU K 165 67.80 -24.95 26.58
N MET K 166 68.99 -25.35 27.01
CA MET K 166 69.83 -24.50 27.82
C MET K 166 71.23 -25.06 27.78
N THR K 167 72.19 -24.30 28.26
CA THR K 167 73.53 -24.84 28.41
C THR K 167 74.00 -24.89 29.86
N GLY K 168 74.06 -23.76 30.56
CA GLY K 168 74.30 -23.75 32.00
C GLY K 168 75.56 -24.46 32.42
N ARG K 169 75.46 -25.23 33.50
CA ARG K 169 76.50 -26.07 34.06
C ARG K 169 75.96 -27.50 34.14
N ALA K 170 76.74 -28.41 34.68
CA ALA K 170 76.27 -29.78 34.76
C ALA K 170 75.51 -30.05 36.06
N ALA K 171 75.80 -29.29 37.10
CA ALA K 171 75.02 -29.40 38.34
C ALA K 171 73.63 -28.78 38.18
N VAL K 172 73.57 -27.62 37.51
CA VAL K 172 72.30 -27.00 37.17
C VAL K 172 71.36 -28.00 36.51
N ILE K 173 71.92 -28.91 35.71
CA ILE K 173 71.09 -29.87 35.01
C ILE K 173 70.19 -30.61 36.00
N LYS K 174 70.79 -31.14 37.07
CA LYS K 174 70.02 -31.84 38.10
C LYS K 174 68.84 -31.02 38.60
N ARG K 175 69.10 -29.80 39.05
CA ARG K 175 68.04 -28.99 39.63
C ARG K 175 66.95 -28.73 38.63
N LEU K 176 67.29 -28.45 37.36
CA LEU K 176 66.23 -28.05 36.43
C LEU K 176 65.45 -29.21 35.85
N LEU K 177 66.14 -30.28 35.42
CA LEU K 177 65.46 -31.53 35.15
C LEU K 177 64.46 -31.87 36.23
N THR K 178 64.92 -31.83 37.47
CA THR K 178 64.00 -32.08 38.58
C THR K 178 62.85 -31.08 38.58
N ILE K 179 63.13 -29.82 38.21
CA ILE K 179 62.07 -28.83 38.20
C ILE K 179 60.97 -29.26 37.24
N VAL K 180 61.31 -29.38 35.95
CA VAL K 180 60.27 -29.65 34.98
C VAL K 180 59.59 -30.98 35.25
N GLU K 181 60.38 -32.01 35.53
CA GLU K 181 59.81 -33.32 35.85
C GLU K 181 58.84 -33.26 37.01
N ARG K 182 59.03 -32.35 37.96
CA ARG K 182 57.98 -32.27 38.98
C ARG K 182 56.82 -31.41 38.52
N VAL K 183 57.10 -30.24 37.93
CA VAL K 183 56.03 -29.30 37.59
C VAL K 183 55.21 -29.80 36.40
N ASP K 184 55.81 -30.52 35.47
CA ASP K 184 55.03 -31.05 34.37
C ASP K 184 54.22 -32.26 34.82
N ASN K 185 54.73 -33.04 35.75
CA ASN K 185 54.04 -34.21 36.26
C ASN K 185 52.93 -33.83 37.23
N ALA K 186 52.58 -32.53 37.29
CA ALA K 186 51.51 -32.08 38.18
C ALA K 186 50.18 -32.23 37.46
N GLY K 187 49.71 -33.47 37.40
CA GLY K 187 48.32 -33.80 37.11
C GLY K 187 47.68 -33.14 35.92
N ASP K 188 48.32 -33.25 34.76
CA ASP K 188 47.76 -32.68 33.54
C ASP K 188 46.50 -33.44 33.10
N ARG K 189 45.89 -32.93 32.04
CA ARG K 189 44.55 -33.34 31.63
C ARG K 189 44.35 -34.84 31.63
N SER K 190 43.30 -35.28 32.31
CA SER K 190 42.81 -36.65 32.20
C SER K 190 41.30 -36.62 32.22
N VAL K 191 40.70 -37.63 31.58
CA VAL K 191 39.26 -37.68 31.33
C VAL K 191 38.65 -38.84 32.07
N VAL K 192 37.42 -38.66 32.53
CA VAL K 192 36.65 -39.73 33.15
C VAL K 192 35.19 -39.31 33.12
N THR K 193 34.29 -40.29 33.22
CA THR K 193 32.87 -40.05 33.07
C THR K 193 32.11 -40.59 34.28
N VAL K 194 30.81 -40.37 34.29
CA VAL K 194 29.95 -41.00 35.27
C VAL K 194 28.61 -41.27 34.60
N PRO K 195 28.10 -42.48 34.68
CA PRO K 195 26.74 -42.69 34.19
C PRO K 195 25.72 -42.08 35.11
N LEU K 196 24.45 -42.30 34.84
CA LEU K 196 23.41 -41.73 35.68
C LEU K 196 22.19 -42.62 35.60
N SER K 197 21.66 -42.99 36.75
CA SER K 197 20.50 -43.87 36.85
C SER K 197 19.25 -43.33 36.17
N TRP K 198 18.67 -42.24 36.66
CA TRP K 198 17.39 -41.81 36.12
C TRP K 198 17.27 -40.33 35.82
N ALA K 199 18.06 -39.46 36.43
CA ALA K 199 17.86 -38.02 36.27
C ALA K 199 18.20 -37.54 34.86
N SER K 200 17.73 -36.33 34.57
CA SER K 200 17.98 -35.68 33.28
C SER K 200 19.46 -35.41 33.08
N ALA K 201 19.91 -35.52 31.83
CA ALA K 201 21.33 -35.27 31.52
C ALA K 201 21.57 -33.80 31.17
N ALA K 202 21.14 -33.39 29.98
CA ALA K 202 21.40 -32.04 29.51
C ALA K 202 20.96 -30.98 30.50
N GLU K 203 20.06 -31.32 31.41
CA GLU K 203 19.55 -30.36 32.35
C GLU K 203 20.56 -30.09 33.45
N VAL K 204 21.30 -31.12 33.86
CA VAL K 204 22.26 -30.97 34.94
C VAL K 204 23.40 -30.05 34.52
N VAL K 205 24.16 -30.46 33.49
CA VAL K 205 25.24 -29.61 33.02
C VAL K 205 24.68 -28.25 32.60
N LYS K 206 23.58 -28.26 31.88
CA LYS K 206 22.81 -27.03 31.66
C LYS K 206 22.63 -26.24 32.95
N LEU K 207 22.76 -26.89 34.12
CA LEU K 207 22.69 -26.18 35.41
C LEU K 207 23.95 -26.38 36.26
N VAL K 208 25.11 -26.64 35.67
CA VAL K 208 26.28 -26.72 36.54
C VAL K 208 27.09 -25.44 36.39
N THR K 209 27.21 -24.95 35.16
CA THR K 209 27.96 -23.74 34.87
C THR K 209 27.22 -22.51 35.31
N GLU K 210 26.22 -22.67 36.17
CA GLU K 210 25.55 -21.57 36.83
C GLU K 210 25.80 -21.57 38.32
N LEU K 211 26.03 -22.75 38.89
CA LEU K 211 26.37 -22.85 40.30
C LEU K 211 27.86 -22.78 40.56
N ASN K 212 28.70 -23.27 39.64
CA ASN K 212 30.15 -23.19 39.79
C ASN K 212 30.77 -22.62 38.53
N LYS K 213 30.59 -21.33 38.30
CA LYS K 213 31.06 -20.73 37.07
C LYS K 213 32.24 -19.78 37.21
N ASP K 214 32.18 -18.81 38.12
CA ASP K 214 33.19 -17.77 38.14
C ASP K 214 33.05 -17.00 39.46
N THR K 215 33.83 -15.93 39.54
CA THR K 215 33.80 -15.00 40.65
C THR K 215 34.25 -13.65 40.13
N SER K 216 34.11 -12.62 40.96
CA SER K 216 34.58 -11.28 40.62
C SER K 216 36.00 -11.25 40.12
N LYS K 217 36.81 -12.22 40.53
CA LYS K 217 38.15 -12.39 40.05
C LYS K 217 38.34 -13.87 39.83
N SER K 218 38.90 -14.23 38.68
CA SER K 218 39.08 -15.63 38.31
C SER K 218 39.86 -16.40 39.36
N ALA K 219 39.43 -17.63 39.62
CA ALA K 219 40.11 -18.47 40.58
C ALA K 219 41.55 -18.60 40.10
N LEU K 220 41.69 -18.68 38.78
CA LEU K 220 43.00 -18.78 38.15
C LEU K 220 42.92 -18.85 36.63
N PRO K 221 44.07 -18.96 35.98
CA PRO K 221 44.11 -19.08 34.52
C PRO K 221 43.29 -20.29 34.07
N GLY K 222 43.08 -20.43 32.76
CA GLY K 222 42.32 -21.52 32.23
C GLY K 222 42.68 -22.95 32.62
N SER K 223 43.82 -23.20 33.23
CA SER K 223 44.17 -24.55 33.61
C SER K 223 43.87 -24.76 35.09
N MET K 224 43.96 -26.02 35.51
CA MET K 224 43.59 -26.44 36.86
C MET K 224 42.12 -26.16 37.17
N VAL K 225 41.27 -26.20 36.15
CA VAL K 225 39.82 -26.05 36.30
C VAL K 225 39.17 -26.77 35.14
N ALA K 226 38.06 -27.42 35.42
CA ALA K 226 37.54 -28.43 34.52
C ALA K 226 36.37 -27.86 33.75
N ASN K 227 36.20 -28.37 32.53
CA ASN K 227 35.02 -28.08 31.73
C ASN K 227 34.15 -29.31 31.60
N VAL K 228 32.87 -29.08 31.30
CA VAL K 228 31.88 -30.16 31.36
C VAL K 228 30.99 -30.05 30.12
N VAL K 229 30.82 -31.15 29.42
CA VAL K 229 29.80 -31.35 28.40
C VAL K 229 29.15 -32.70 28.60
N ALA K 230 28.17 -32.98 27.76
CA ALA K 230 27.44 -34.23 27.91
C ALA K 230 26.73 -34.52 26.59
N ASP K 231 26.59 -35.80 26.30
CA ASP K 231 25.72 -36.23 25.22
C ASP K 231 24.39 -36.63 25.81
N GLU K 232 23.41 -36.70 24.95
CA GLU K 232 22.10 -37.18 25.36
C GLU K 232 21.93 -38.64 25.04
N ARG K 233 22.99 -39.30 24.60
CA ARG K 233 22.82 -40.59 23.97
C ARG K 233 22.88 -41.71 24.99
N THR K 234 23.90 -41.73 25.84
CA THR K 234 24.01 -42.72 26.89
C THR K 234 23.61 -42.19 28.24
N ASN K 235 23.20 -40.93 28.35
CA ASN K 235 22.72 -40.36 29.60
C ASN K 235 23.86 -40.33 30.63
N ALA K 236 25.05 -40.02 30.18
CA ALA K 236 26.15 -39.75 31.09
C ALA K 236 26.77 -38.41 30.74
N VAL K 237 27.67 -37.96 31.60
CA VAL K 237 28.22 -36.61 31.53
C VAL K 237 29.74 -36.69 31.54
N LEU K 238 30.38 -35.70 30.92
CA LEU K 238 31.82 -35.71 30.66
C LEU K 238 32.52 -34.69 31.54
N VAL K 239 33.68 -35.07 32.09
CA VAL K 239 34.53 -34.11 32.79
C VAL K 239 35.97 -34.36 32.38
N SER K 240 36.79 -33.31 32.51
CA SER K 240 38.21 -33.41 32.24
C SER K 240 38.93 -32.35 33.03
N GLY K 241 40.09 -32.69 33.58
CA GLY K 241 40.75 -31.76 34.50
C GLY K 241 41.75 -32.47 35.39
N GLU K 242 41.91 -31.90 36.57
CA GLU K 242 43.01 -32.25 37.46
C GLU K 242 42.54 -32.99 38.69
N PRO K 243 43.39 -33.85 39.25
CA PRO K 243 42.95 -34.75 40.31
C PRO K 243 42.55 -34.08 41.60
N ASN K 244 42.63 -32.77 41.71
CA ASN K 244 41.99 -32.06 42.81
C ASN K 244 40.98 -31.03 42.32
N SER K 245 40.59 -31.09 41.05
CA SER K 245 39.50 -30.28 40.51
C SER K 245 38.25 -31.09 40.21
N ARG K 246 38.44 -32.29 39.64
CA ARG K 246 37.30 -33.07 39.20
C ARG K 246 36.50 -33.58 40.39
N GLN K 247 37.20 -33.87 41.49
CA GLN K 247 36.55 -34.47 42.65
C GLN K 247 35.38 -33.61 43.10
N ARG K 248 35.53 -32.30 42.99
CA ARG K 248 34.42 -31.40 43.26
C ARG K 248 33.25 -31.70 42.34
N ILE K 249 33.52 -31.83 41.04
CA ILE K 249 32.42 -32.08 40.10
C ILE K 249 31.69 -33.36 40.46
N ILE K 250 32.44 -34.41 40.75
CA ILE K 250 31.79 -35.64 41.16
C ILE K 250 31.02 -35.45 42.45
N ALA K 251 31.49 -34.52 43.30
CA ALA K 251 30.75 -34.26 44.53
C ALA K 251 29.38 -33.73 44.20
N MET K 252 29.31 -32.68 43.37
CA MET K 252 28.01 -32.14 43.05
C MET K 252 27.14 -33.18 42.41
N ILE K 253 27.64 -33.92 41.42
CA ILE K 253 26.73 -34.87 40.78
C ILE K 253 26.27 -35.93 41.79
N LYS K 254 27.12 -36.31 42.75
CA LYS K 254 26.66 -37.24 43.78
C LYS K 254 25.49 -36.65 44.54
N GLN K 255 25.54 -35.34 44.78
CA GLN K 255 24.48 -34.66 45.50
C GLN K 255 23.26 -34.44 44.60
N LEU K 256 23.51 -34.03 43.36
CA LEU K 256 22.46 -33.78 42.40
C LEU K 256 21.71 -35.07 42.10
N ASP K 257 22.44 -36.19 42.03
CA ASP K 257 21.85 -37.45 41.65
C ASP K 257 21.09 -38.04 42.83
N ARG K 258 19.96 -37.44 43.08
CA ARG K 258 19.09 -37.86 44.17
C ARG K 258 17.85 -38.54 43.61
N GLN K 259 17.13 -39.21 44.50
CA GLN K 259 15.92 -39.92 44.12
C GLN K 259 14.72 -39.07 44.50
N GLN K 260 13.66 -39.16 43.70
CA GLN K 260 12.46 -38.37 43.98
C GLN K 260 11.48 -39.04 44.94
N ALA K 261 11.07 -38.33 45.99
CA ALA K 261 10.10 -38.89 46.92
C ALA K 261 8.87 -39.28 46.12
N VAL K 262 8.34 -38.31 45.38
CA VAL K 262 7.17 -38.50 44.53
C VAL K 262 7.29 -37.43 43.46
N GLN K 263 7.11 -37.79 42.19
CA GLN K 263 7.19 -36.82 41.12
C GLN K 263 5.95 -35.95 41.18
N GLY K 264 6.12 -34.65 41.42
CA GLY K 264 4.97 -33.79 41.53
C GLY K 264 4.87 -32.82 40.36
N ASN K 265 5.77 -32.96 39.40
CA ASN K 265 5.70 -32.12 38.21
C ASN K 265 4.31 -32.18 37.57
N THR K 266 3.70 -33.36 37.56
CA THR K 266 2.32 -33.53 37.12
C THR K 266 1.64 -34.56 37.98
N LYS K 267 0.43 -34.25 38.44
CA LYS K 267 -0.37 -35.22 39.16
C LYS K 267 -1.81 -35.22 38.66
N VAL K 268 -2.40 -36.40 38.62
CA VAL K 268 -3.67 -36.66 37.96
C VAL K 268 -4.74 -36.84 39.01
N ILE K 269 -5.77 -36.02 38.97
CA ILE K 269 -6.83 -36.13 39.94
C ILE K 269 -8.02 -36.81 39.27
N TYR K 270 -8.99 -37.22 40.10
CA TYR K 270 -10.21 -37.87 39.65
C TYR K 270 -11.36 -37.13 40.32
N LEU K 271 -12.21 -36.49 39.53
CA LEU K 271 -13.33 -35.74 40.09
C LEU K 271 -14.58 -36.62 40.15
N LYS K 272 -15.38 -36.42 41.19
CA LYS K 272 -16.39 -37.43 41.51
C LYS K 272 -17.79 -37.08 41.00
N TYR K 273 -18.29 -35.85 41.22
CA TYR K 273 -19.70 -35.55 40.87
C TYR K 273 -19.91 -34.54 39.75
N ALA K 274 -18.98 -33.65 39.48
CA ALA K 274 -19.12 -32.73 38.36
C ALA K 274 -18.41 -33.29 37.15
N LYS K 275 -18.86 -32.89 35.97
CA LYS K 275 -18.10 -33.29 34.81
C LYS K 275 -16.87 -32.39 34.70
N ALA K 276 -15.96 -32.72 33.81
CA ALA K 276 -14.73 -31.98 33.69
C ALA K 276 -14.73 -31.06 32.49
N ALA K 277 -15.68 -31.25 31.58
CA ALA K 277 -15.75 -30.38 30.41
C ALA K 277 -15.97 -28.94 30.82
N ASP K 278 -16.99 -28.67 31.64
CA ASP K 278 -17.19 -27.31 32.11
C ASP K 278 -15.98 -26.82 32.88
N LEU K 279 -15.42 -27.68 33.72
CA LEU K 279 -14.36 -27.24 34.62
C LEU K 279 -13.14 -26.75 33.85
N VAL K 280 -12.74 -27.43 32.78
CA VAL K 280 -11.57 -26.94 32.04
C VAL K 280 -11.74 -25.47 31.70
N GLU K 281 -12.90 -25.10 31.16
CA GLU K 281 -13.01 -23.75 30.62
C GLU K 281 -13.28 -22.74 31.73
N VAL K 282 -14.12 -23.10 32.72
CA VAL K 282 -14.29 -22.24 33.88
C VAL K 282 -12.96 -21.93 34.53
N LEU K 283 -12.15 -22.96 34.74
CA LEU K 283 -10.84 -22.77 35.36
C LEU K 283 -9.83 -22.56 34.25
N THR K 284 -9.51 -21.31 33.95
CA THR K 284 -8.37 -21.06 33.09
C THR K 284 -7.31 -20.13 33.69
N GLY K 285 -7.64 -19.31 34.69
CA GLY K 285 -6.64 -18.30 35.01
C GLY K 285 -6.28 -17.96 36.43
N ILE K 286 -5.86 -18.93 37.26
CA ILE K 286 -5.53 -18.64 38.65
C ILE K 286 -4.40 -17.62 38.74
N SER K 287 -3.23 -18.01 38.25
CA SER K 287 -1.99 -17.34 38.63
C SER K 287 -1.24 -16.72 37.47
N SER K 288 -1.60 -17.05 36.24
CA SER K 288 -1.06 -16.35 35.09
C SER K 288 -1.41 -14.86 35.12
N LYS K 305 5.28 -20.55 33.94
CA LYS K 305 4.77 -19.74 32.82
C LYS K 305 3.28 -19.54 32.95
N ASN K 306 2.58 -20.66 32.95
CA ASN K 306 1.12 -20.67 32.96
C ASN K 306 0.70 -22.01 33.55
N ILE K 307 -0.59 -22.16 33.71
CA ILE K 307 -1.18 -23.40 34.18
C ILE K 307 -1.98 -23.98 33.02
N ILE K 308 -1.61 -25.15 32.56
CA ILE K 308 -2.29 -25.81 31.46
C ILE K 308 -3.13 -26.91 32.05
N ILE K 309 -4.44 -26.73 32.06
CA ILE K 309 -5.32 -27.79 32.51
C ILE K 309 -5.86 -28.54 31.31
N LYS K 310 -5.78 -29.86 31.39
CA LYS K 310 -6.31 -30.75 30.38
C LYS K 310 -7.34 -31.68 31.03
N ALA K 311 -8.41 -31.96 30.31
CA ALA K 311 -9.45 -32.85 30.80
C ALA K 311 -9.59 -34.05 29.88
N HIS K 312 -9.83 -35.23 30.45
CA HIS K 312 -9.79 -36.40 29.59
C HIS K 312 -11.13 -36.63 28.90
N GLY K 313 -12.20 -36.77 29.69
CA GLY K 313 -13.52 -37.06 29.15
C GLY K 313 -13.81 -38.51 28.89
N GLN K 314 -12.80 -39.35 28.74
CA GLN K 314 -13.08 -40.73 28.45
C GLN K 314 -12.96 -41.63 29.67
N THR K 315 -12.22 -41.20 30.69
CA THR K 315 -12.38 -41.71 32.04
C THR K 315 -13.00 -40.68 32.96
N ASN K 316 -13.35 -39.49 32.44
CA ASN K 316 -13.86 -38.40 33.27
C ASN K 316 -12.88 -38.05 34.39
N ALA K 317 -11.65 -37.83 34.00
CA ALA K 317 -10.66 -37.32 34.94
C ALA K 317 -9.85 -36.24 34.25
N LEU K 318 -9.31 -35.32 35.07
CA LEU K 318 -8.61 -34.16 34.57
C LEU K 318 -7.19 -34.12 35.13
N ILE K 319 -6.32 -33.45 34.39
CA ILE K 319 -4.92 -33.31 34.79
C ILE K 319 -4.57 -31.88 35.18
N VAL K 320 -3.37 -31.74 35.74
CA VAL K 320 -2.84 -30.46 36.19
C VAL K 320 -1.34 -30.66 35.94
N THR K 321 -0.83 -30.01 34.90
CA THR K 321 0.60 -30.00 34.62
C THR K 321 0.91 -28.54 34.67
N ALA K 322 0.98 -28.01 35.88
CA ALA K 322 1.19 -26.59 36.06
C ALA K 322 2.13 -26.53 37.22
N ALA K 323 2.15 -25.39 37.90
CA ALA K 323 3.02 -25.29 39.05
C ALA K 323 3.10 -26.45 40.04
N PRO K 324 4.30 -26.95 40.26
CA PRO K 324 4.52 -28.09 41.19
C PRO K 324 4.69 -27.68 42.64
N ASP K 325 4.28 -26.46 43.00
CA ASP K 325 4.39 -25.99 44.36
C ASP K 325 3.17 -25.33 44.94
N VAL K 326 2.19 -24.95 44.11
CA VAL K 326 1.08 -24.26 44.73
C VAL K 326 -0.21 -25.01 44.40
N MET K 327 -0.03 -26.21 43.84
CA MET K 327 -1.15 -27.05 43.46
C MET K 327 -2.16 -27.10 44.60
N ASN K 328 -1.69 -26.90 45.82
CA ASN K 328 -2.59 -26.92 46.95
C ASN K 328 -3.72 -25.93 46.81
N ASP K 329 -3.47 -24.83 46.12
CA ASP K 329 -4.52 -23.88 45.79
C ASP K 329 -5.51 -24.43 44.77
N LEU K 330 -5.22 -25.58 44.20
CA LEU K 330 -6.13 -26.26 43.30
C LEU K 330 -6.82 -27.41 43.99
N GLU K 331 -6.08 -28.22 44.74
CA GLU K 331 -6.78 -29.22 45.53
C GLU K 331 -7.86 -28.62 46.41
N ARG K 332 -7.59 -27.48 47.05
CA ARG K 332 -8.63 -26.91 47.88
C ARG K 332 -9.84 -26.49 47.04
N VAL K 333 -9.56 -25.91 45.88
CA VAL K 333 -10.72 -25.36 45.16
C VAL K 333 -11.52 -26.48 44.52
N ILE K 334 -10.87 -27.49 43.93
CA ILE K 334 -11.66 -28.58 43.39
C ILE K 334 -12.39 -29.31 44.50
N ALA K 335 -11.78 -29.47 45.67
CA ALA K 335 -12.47 -30.08 46.80
C ALA K 335 -13.70 -29.27 47.19
N GLN K 336 -13.62 -27.95 47.08
CA GLN K 336 -14.84 -27.16 47.24
C GLN K 336 -15.67 -27.12 45.99
N LEU K 337 -15.29 -27.78 44.92
CA LEU K 337 -16.08 -27.78 43.71
C LEU K 337 -16.64 -29.15 43.30
N ASP K 338 -16.43 -30.19 44.09
CA ASP K 338 -17.01 -31.50 43.78
C ASP K 338 -17.93 -31.90 44.94
N ILE K 339 -19.24 -31.85 44.73
CA ILE K 339 -20.20 -31.97 45.84
C ILE K 339 -21.52 -32.53 45.32
N ARG K 340 -22.06 -33.54 46.02
CA ARG K 340 -23.37 -34.09 45.67
C ARG K 340 -24.40 -32.98 45.61
N ARG K 341 -25.34 -33.10 44.67
CA ARG K 341 -26.33 -32.03 44.55
C ARG K 341 -27.75 -32.54 44.75
N PRO K 342 -28.53 -31.90 45.61
CA PRO K 342 -29.92 -32.26 45.83
C PRO K 342 -30.81 -31.77 44.70
N GLN K 343 -31.89 -32.48 44.48
CA GLN K 343 -32.82 -32.21 43.41
C GLN K 343 -34.25 -32.10 43.95
N VAL K 344 -35.07 -31.34 43.25
CA VAL K 344 -36.36 -30.88 43.75
C VAL K 344 -37.49 -31.40 42.85
N LEU K 345 -38.62 -31.74 43.46
CA LEU K 345 -39.78 -32.25 42.75
C LEU K 345 -40.81 -31.14 42.61
N VAL K 346 -41.17 -30.81 41.38
CA VAL K 346 -42.12 -29.74 41.10
C VAL K 346 -43.37 -30.35 40.50
N GLU K 347 -44.51 -30.01 41.04
CA GLU K 347 -45.80 -30.31 40.46
C GLU K 347 -46.70 -29.09 40.52
N ALA K 348 -47.40 -28.82 39.42
CA ALA K 348 -48.37 -27.75 39.36
C ALA K 348 -49.73 -28.33 39.02
N ILE K 349 -50.76 -27.62 39.40
CA ILE K 349 -52.12 -28.09 39.21
C ILE K 349 -52.92 -26.93 38.66
N ILE K 350 -53.91 -27.24 37.82
CA ILE K 350 -54.82 -26.24 37.31
C ILE K 350 -56.22 -26.81 37.27
N ALA K 351 -57.21 -25.93 37.32
CA ALA K 351 -58.56 -26.39 37.20
C ALA K 351 -59.45 -25.18 36.97
N GLU K 352 -60.53 -25.40 36.22
CA GLU K 352 -61.45 -24.33 35.92
C GLU K 352 -62.83 -24.93 35.70
N VAL K 353 -63.82 -24.07 35.51
CA VAL K 353 -65.15 -24.48 35.15
C VAL K 353 -65.67 -23.50 34.11
N GLN K 354 -66.50 -23.99 33.22
CA GLN K 354 -67.10 -23.14 32.21
C GLN K 354 -68.56 -23.50 32.17
N ASP K 355 -69.40 -22.50 32.39
CA ASP K 355 -70.83 -22.70 32.53
C ASP K 355 -71.55 -21.59 31.81
N ALA K 356 -72.72 -21.91 31.30
CA ALA K 356 -73.52 -20.92 30.61
C ALA K 356 -74.99 -21.29 30.73
N ASP K 357 -75.80 -20.29 31.07
CA ASP K 357 -77.24 -20.47 31.16
C ASP K 357 -77.91 -19.62 30.11
N GLY K 358 -79.10 -20.05 29.71
CA GLY K 358 -79.84 -19.37 28.67
C GLY K 358 -81.33 -19.62 28.72
N LEU K 359 -82.13 -18.61 28.44
CA LEU K 359 -83.57 -18.76 28.48
C LEU K 359 -84.17 -17.94 27.35
N ASN K 360 -85.39 -18.24 26.98
CA ASN K 360 -86.12 -17.40 26.02
C ASN K 360 -87.60 -17.68 26.18
N LEU K 361 -88.40 -16.80 25.59
CA LEU K 361 -89.85 -16.91 25.65
C LEU K 361 -90.49 -15.88 24.74
N GLY K 362 -91.59 -16.25 24.09
CA GLY K 362 -92.30 -15.38 23.19
C GLY K 362 -93.46 -16.03 22.44
N ILE K 363 -94.48 -15.26 22.07
CA ILE K 363 -95.67 -15.75 21.38
C ILE K 363 -95.83 -14.99 20.04
N GLN K 364 -96.80 -15.43 19.25
CA GLN K 364 -97.12 -14.75 18.01
C GLN K 364 -98.56 -15.02 17.62
N TRP K 365 -99.17 -14.04 16.93
CA TRP K 365 -100.59 -14.06 16.59
C TRP K 365 -100.78 -13.84 15.10
N ALA K 366 -101.96 -14.21 14.62
CA ALA K 366 -102.26 -14.15 13.19
C ALA K 366 -103.75 -14.20 12.97
N ASN K 367 -104.23 -13.44 11.98
CA ASN K 367 -105.64 -13.47 11.66
C ASN K 367 -105.82 -12.92 10.26
N LYS K 368 -106.64 -13.61 9.45
CA LYS K 368 -106.85 -13.19 8.07
C LYS K 368 -107.37 -11.76 8.02
N ASN K 369 -108.32 -11.41 8.89
CA ASN K 369 -108.89 -10.08 8.90
C ASN K 369 -108.11 -9.11 9.77
N ALA K 370 -107.12 -9.58 10.53
CA ALA K 370 -106.48 -8.77 11.55
C ALA K 370 -104.98 -8.73 11.34
N GLY K 371 -104.27 -8.24 12.34
CA GLY K 371 -102.87 -7.92 12.19
C GLY K 371 -101.93 -9.11 12.09
N MET K 372 -100.69 -8.89 12.50
CA MET K 372 -99.67 -9.94 12.40
C MET K 372 -98.53 -9.61 13.35
N THR K 373 -98.28 -10.49 14.32
CA THR K 373 -97.27 -10.28 15.36
C THR K 373 -96.14 -11.27 15.15
N GLN K 374 -95.05 -10.80 14.55
CA GLN K 374 -93.98 -11.69 14.14
C GLN K 374 -92.76 -11.50 15.03
N PHE K 375 -91.98 -12.56 15.20
CA PHE K 375 -90.72 -12.46 15.91
C PHE K 375 -89.72 -13.42 15.27
N THR K 376 -88.64 -12.89 14.69
CA THR K 376 -87.72 -13.73 13.95
C THR K 376 -86.72 -14.40 14.86
N ASN K 377 -86.37 -13.76 15.98
CA ASN K 377 -85.42 -14.37 16.88
C ASN K 377 -85.89 -15.74 17.34
N SER K 378 -87.21 -15.97 17.32
CA SER K 378 -87.76 -17.19 17.89
C SER K 378 -87.33 -18.43 17.12
N GLY K 379 -86.94 -18.29 15.89
CA GLY K 379 -86.60 -19.42 15.05
C GLY K 379 -87.64 -19.75 14.02
N LEU K 380 -88.84 -19.18 14.13
CA LEU K 380 -89.93 -19.48 13.21
C LEU K 380 -90.89 -18.30 13.10
N PRO K 381 -91.05 -17.74 11.92
CA PRO K 381 -92.08 -16.72 11.72
C PRO K 381 -93.48 -17.32 11.74
N ILE K 382 -94.48 -16.44 11.62
CA ILE K 382 -95.79 -16.94 11.27
C ILE K 382 -95.76 -17.43 9.82
N SER K 383 -94.86 -16.88 9.02
CA SER K 383 -94.72 -17.30 7.62
C SER K 383 -94.61 -18.82 7.54
N THR K 384 -93.88 -19.42 8.47
CA THR K 384 -93.83 -20.87 8.55
C THR K 384 -95.21 -21.48 8.71
N ALA K 385 -96.10 -20.78 9.39
CA ALA K 385 -97.41 -21.35 9.67
C ALA K 385 -98.37 -21.12 8.52
N ILE K 386 -98.60 -19.86 8.15
CA ILE K 386 -99.47 -19.56 7.04
C ILE K 386 -99.03 -20.31 5.80
N ALA K 387 -97.71 -20.47 5.62
CA ALA K 387 -97.25 -21.30 4.53
C ALA K 387 -97.25 -22.78 4.86
N GLY K 388 -97.45 -23.16 6.12
CA GLY K 388 -97.35 -24.57 6.46
C GLY K 388 -98.69 -25.25 6.27
N ALA K 389 -99.76 -24.53 6.59
CA ALA K 389 -101.07 -25.14 6.65
C ALA K 389 -101.84 -24.99 5.34
N ASN K 390 -101.79 -23.83 4.71
CA ASN K 390 -102.39 -23.69 3.39
C ASN K 390 -101.67 -24.55 2.36
N GLN K 391 -100.35 -24.70 2.47
CA GLN K 391 -99.65 -25.67 1.64
C GLN K 391 -99.93 -27.10 2.05
N TYR K 392 -100.08 -27.33 3.34
CA TYR K 392 -100.38 -28.68 3.81
C TYR K 392 -101.72 -29.12 3.24
N ASN K 393 -102.77 -28.47 3.71
CA ASN K 393 -104.15 -28.79 3.33
C ASN K 393 -104.45 -28.48 1.87
N LYS K 394 -103.62 -27.66 1.22
CA LYS K 394 -103.71 -27.64 -0.25
C LYS K 394 -103.19 -28.95 -0.83
N ASP K 395 -101.95 -29.32 -0.53
CA ASP K 395 -101.42 -30.60 -0.97
C ASP K 395 -102.06 -31.76 -0.24
N GLY K 396 -102.77 -31.52 0.85
CA GLY K 396 -103.26 -32.59 1.71
C GLY K 396 -102.27 -32.94 2.80
N THR K 397 -100.98 -32.95 2.46
CA THR K 397 -99.96 -33.38 3.43
C THR K 397 -98.74 -32.49 3.29
N ILE K 398 -97.67 -32.88 3.99
CA ILE K 398 -96.45 -32.10 3.99
C ILE K 398 -95.85 -32.11 2.60
N SER K 399 -95.28 -30.97 2.20
CA SER K 399 -94.41 -30.91 1.04
C SER K 399 -93.11 -30.26 1.47
N SER K 400 -91.99 -30.83 1.01
CA SER K 400 -90.66 -30.38 1.44
C SER K 400 -90.39 -28.91 1.15
N SER K 401 -91.26 -28.25 0.35
CA SER K 401 -91.13 -26.82 0.11
C SER K 401 -91.18 -26.01 1.40
N LEU K 402 -91.71 -26.58 2.47
CA LEU K 402 -91.93 -25.85 3.70
C LEU K 402 -90.59 -25.52 4.36
N ALA K 403 -90.66 -24.64 5.35
CA ALA K 403 -89.46 -24.05 5.93
C ALA K 403 -88.57 -25.13 6.51
N SER K 404 -87.40 -25.34 5.92
CA SER K 404 -86.46 -26.34 6.45
C SER K 404 -85.93 -25.97 7.83
N ALA K 405 -86.30 -24.81 8.36
CA ALA K 405 -85.85 -24.41 9.69
C ALA K 405 -86.29 -25.40 10.76
N LEU K 406 -87.41 -26.09 10.55
CA LEU K 406 -87.89 -27.06 11.51
C LEU K 406 -86.83 -28.09 11.87
N GLY K 407 -85.93 -28.40 10.93
CA GLY K 407 -84.85 -29.33 11.18
C GLY K 407 -83.92 -28.91 12.28
N SER K 408 -83.93 -27.64 12.63
CA SER K 408 -83.01 -27.15 13.65
C SER K 408 -83.71 -26.73 14.94
N PHE K 409 -85.02 -26.59 14.92
CA PHE K 409 -85.74 -26.03 16.06
C PHE K 409 -85.54 -26.89 17.30
N ASN K 410 -85.66 -26.25 18.46
CA ASN K 410 -85.65 -26.95 19.73
C ASN K 410 -86.60 -26.26 20.69
N GLY K 411 -87.22 -27.05 21.57
CA GLY K 411 -88.18 -26.52 22.50
C GLY K 411 -89.59 -27.02 22.26
N ILE K 412 -90.56 -26.21 22.67
CA ILE K 412 -91.96 -26.56 22.54
C ILE K 412 -92.70 -25.40 21.92
N ALA K 413 -93.82 -25.71 21.26
CA ALA K 413 -94.76 -24.72 20.80
C ALA K 413 -96.10 -25.42 20.62
N ALA K 414 -97.19 -24.75 21.00
CA ALA K 414 -98.49 -25.39 21.15
C ALA K 414 -99.45 -24.81 20.14
N GLY K 415 -100.04 -25.68 19.32
CA GLY K 415 -100.92 -25.24 18.25
C GLY K 415 -102.34 -25.06 18.74
N PHE K 416 -102.92 -23.91 18.41
CA PHE K 416 -104.30 -23.61 18.75
C PHE K 416 -104.98 -22.90 17.60
N TYR K 417 -106.26 -23.18 17.42
CA TYR K 417 -107.07 -22.55 16.39
C TYR K 417 -108.52 -22.49 16.82
N GLN K 418 -109.08 -21.28 16.86
CA GLN K 418 -110.52 -21.10 17.13
C GLN K 418 -111.02 -20.02 16.18
N GLY K 419 -111.47 -20.46 15.01
CA GLY K 419 -111.95 -19.53 14.02
C GLY K 419 -110.81 -18.76 13.41
N ASN K 420 -110.82 -17.43 13.60
CA ASN K 420 -109.98 -16.53 12.84
C ASN K 420 -108.59 -16.36 13.41
N TRP K 421 -108.38 -16.70 14.69
CA TRP K 421 -107.13 -16.35 15.34
C TRP K 421 -106.21 -17.57 15.42
N ALA K 422 -105.04 -17.34 16.01
CA ALA K 422 -104.04 -18.37 16.28
C ALA K 422 -103.01 -17.78 17.23
N MET K 423 -102.23 -18.65 17.83
CA MET K 423 -101.14 -18.17 18.67
C MET K 423 -100.17 -19.33 18.89
N LEU K 424 -98.88 -18.98 18.99
CA LEU K 424 -97.81 -19.95 19.20
C LEU K 424 -96.96 -19.50 20.37
N LEU K 425 -96.91 -20.32 21.41
CA LEU K 425 -96.00 -20.11 22.53
C LEU K 425 -94.64 -20.73 22.22
N THR K 426 -93.58 -20.10 22.71
CA THR K 426 -92.23 -20.52 22.37
C THR K 426 -91.32 -20.29 23.56
N ALA K 427 -90.60 -21.34 23.96
CA ALA K 427 -89.66 -21.21 25.06
C ALA K 427 -88.72 -22.38 25.03
N LEU K 428 -87.64 -22.25 25.77
CA LEU K 428 -86.67 -23.32 25.93
C LEU K 428 -85.70 -22.92 27.02
N SER K 429 -85.11 -23.92 27.64
CA SER K 429 -84.02 -23.68 28.58
C SER K 429 -82.85 -24.53 28.14
N SER K 430 -81.67 -23.97 28.24
CA SER K 430 -80.46 -24.66 27.85
C SER K 430 -79.33 -24.25 28.78
N SER K 431 -78.50 -25.23 29.12
CA SER K 431 -77.36 -24.98 29.98
C SER K 431 -76.25 -25.89 29.56
N THR K 432 -75.04 -25.56 29.99
CA THR K 432 -73.87 -26.33 29.63
C THR K 432 -72.82 -26.14 30.69
N LYS K 433 -72.10 -27.21 31.03
CA LYS K 433 -71.10 -27.16 32.09
C LYS K 433 -69.86 -27.91 31.65
N ASN K 434 -68.70 -27.37 32.04
CA ASN K 434 -67.41 -27.90 31.60
C ASN K 434 -66.40 -27.77 32.71
N ASP K 435 -65.56 -28.80 32.88
CA ASP K 435 -64.53 -28.86 33.89
C ASP K 435 -63.27 -29.47 33.26
N ILE K 436 -62.15 -29.25 33.94
CA ILE K 436 -60.84 -29.70 33.52
C ILE K 436 -59.97 -29.82 34.77
N LEU K 437 -58.84 -30.48 34.62
CA LEU K 437 -57.91 -30.63 35.72
C LEU K 437 -56.60 -31.11 35.15
N ALA K 438 -55.49 -30.58 35.65
CA ALA K 438 -54.19 -30.96 35.09
C ALA K 438 -53.13 -30.93 36.18
N THR K 439 -52.56 -32.10 36.48
CA THR K 439 -51.54 -32.22 37.51
C THR K 439 -50.32 -32.93 36.94
N PRO K 440 -49.34 -32.18 36.39
CA PRO K 440 -48.07 -32.83 36.07
C PRO K 440 -47.00 -32.62 37.12
N SER K 441 -46.02 -33.54 37.15
CA SER K 441 -44.97 -33.54 38.17
C SER K 441 -43.68 -34.04 37.54
N ILE K 442 -42.55 -33.55 38.08
CA ILE K 442 -41.27 -33.87 37.50
C ILE K 442 -40.11 -33.67 38.47
N VAL K 443 -38.93 -34.17 38.14
CA VAL K 443 -37.71 -34.04 38.93
C VAL K 443 -36.58 -33.71 37.98
N THR K 444 -35.57 -33.04 38.52
CA THR K 444 -34.41 -32.65 37.76
C THR K 444 -33.37 -32.14 38.75
N LEU K 445 -32.22 -31.73 38.22
CA LEU K 445 -31.27 -31.09 39.10
C LEU K 445 -31.59 -29.60 39.11
N ASP K 446 -30.81 -28.82 39.84
CA ASP K 446 -31.17 -27.41 39.96
C ASP K 446 -30.88 -26.67 38.67
N ASN K 447 -29.63 -26.64 38.26
CA ASN K 447 -29.23 -25.69 37.23
C ASN K 447 -29.72 -26.09 35.84
N MET K 448 -29.82 -27.39 35.54
CA MET K 448 -30.27 -27.78 34.22
C MET K 448 -31.79 -27.76 34.14
N GLN K 449 -32.31 -27.27 33.04
CA GLN K 449 -33.75 -27.12 32.88
C GLN K 449 -34.35 -28.44 32.40
N ALA K 450 -35.46 -28.83 32.98
CA ALA K 450 -36.25 -29.90 32.38
C ALA K 450 -37.50 -29.32 31.77
N THR K 451 -38.03 -30.00 30.76
CA THR K 451 -39.25 -29.59 30.13
C THR K 451 -40.11 -30.82 29.83
N PHE K 452 -41.40 -30.58 29.68
CA PHE K 452 -42.36 -31.66 29.72
C PHE K 452 -43.60 -31.26 28.93
N ASN K 453 -44.20 -32.21 28.22
CA ASN K 453 -45.40 -31.86 27.48
C ASN K 453 -46.15 -33.10 27.06
N VAL K 454 -47.46 -32.95 26.94
CA VAL K 454 -48.36 -34.01 26.53
C VAL K 454 -49.28 -33.40 25.50
N GLY K 455 -49.79 -34.23 24.59
CA GLY K 455 -50.79 -33.74 23.66
C GLY K 455 -50.41 -33.98 22.22
N GLN K 456 -51.38 -33.75 21.35
CA GLN K 456 -51.20 -34.06 19.96
C GLN K 456 -50.42 -32.95 19.26
N GLU K 457 -50.19 -33.15 17.97
CA GLU K 457 -49.42 -32.20 17.17
C GLU K 457 -50.03 -32.05 15.79
N VAL K 458 -50.17 -30.81 15.34
CA VAL K 458 -50.99 -30.61 14.13
C VAL K 458 -50.37 -29.53 13.27
N PRO K 459 -50.37 -29.67 11.98
CA PRO K 459 -49.71 -28.68 11.13
C PRO K 459 -50.59 -27.61 10.52
N VAL K 460 -50.07 -26.40 10.57
CA VAL K 460 -50.72 -25.23 10.05
C VAL K 460 -50.01 -24.83 8.76
N LEU K 461 -50.63 -23.96 7.97
CA LEU K 461 -50.04 -23.57 6.67
C LEU K 461 -49.35 -22.21 6.77
N THR K 462 -48.18 -22.21 7.34
CA THR K 462 -47.30 -21.05 7.37
C THR K 462 -46.05 -21.37 6.60
N THR K 475 -46.55 -25.73 1.85
CA THR K 475 -45.64 -25.11 2.82
C THR K 475 -46.24 -24.97 4.21
N VAL K 476 -45.77 -25.77 5.16
CA VAL K 476 -46.26 -25.73 6.52
C VAL K 476 -45.23 -26.23 7.52
N GLU K 477 -45.54 -26.13 8.81
CA GLU K 477 -44.63 -26.58 9.86
C GLU K 477 -45.36 -27.40 10.93
N ARG K 478 -44.63 -27.86 11.94
CA ARG K 478 -45.24 -28.67 12.99
C ARG K 478 -45.75 -27.81 14.14
N LYS K 479 -46.95 -28.11 14.64
CA LYS K 479 -47.47 -27.33 15.74
C LYS K 479 -48.01 -28.28 16.80
N THR K 480 -47.78 -27.93 18.06
CA THR K 480 -48.11 -28.78 19.19
C THR K 480 -49.21 -28.13 20.00
N VAL K 481 -50.10 -28.96 20.54
CA VAL K 481 -51.22 -28.51 21.33
C VAL K 481 -51.34 -29.41 22.55
N GLY K 482 -51.04 -28.89 23.73
CA GLY K 482 -51.21 -29.68 24.92
C GLY K 482 -50.93 -29.00 26.24
N ILE K 483 -50.00 -29.54 27.03
CA ILE K 483 -49.68 -28.97 28.32
C ILE K 483 -48.16 -28.89 28.43
N LYS K 484 -47.57 -27.83 27.90
CA LYS K 484 -46.12 -27.65 27.85
C LYS K 484 -45.65 -26.97 29.12
N LEU K 485 -45.34 -27.76 30.14
CA LEU K 485 -44.87 -27.21 31.41
C LEU K 485 -43.37 -27.36 31.59
N LYS K 486 -42.65 -26.24 31.55
CA LYS K 486 -41.20 -26.23 31.71
C LYS K 486 -40.79 -25.28 32.84
N VAL K 487 -39.70 -25.63 33.53
CA VAL K 487 -39.22 -24.78 34.62
C VAL K 487 -37.71 -24.76 34.81
N LYS K 488 -37.28 -24.00 35.81
CA LYS K 488 -35.88 -23.84 36.15
C LYS K 488 -35.76 -23.70 37.66
N PRO K 489 -35.30 -24.72 38.36
CA PRO K 489 -35.27 -24.66 39.81
C PRO K 489 -33.93 -24.23 40.37
N GLN K 490 -33.93 -23.25 41.27
CA GLN K 490 -32.73 -22.78 41.93
C GLN K 490 -32.97 -22.88 43.44
N ILE K 491 -32.16 -23.69 44.12
CA ILE K 491 -32.26 -23.87 45.55
C ILE K 491 -31.29 -22.93 46.23
N ASN K 492 -31.79 -22.08 47.11
CA ASN K 492 -30.98 -20.99 47.61
C ASN K 492 -30.58 -21.20 49.06
N GLU K 493 -31.52 -20.93 49.94
CA GLU K 493 -31.44 -21.15 51.37
C GLU K 493 -31.45 -22.66 51.64
N GLY K 494 -31.30 -23.02 52.92
CA GLY K 494 -31.65 -24.34 53.35
C GLY K 494 -32.97 -24.83 52.77
N ASP K 495 -34.03 -24.03 52.92
CA ASP K 495 -35.33 -24.33 52.32
C ASP K 495 -35.88 -23.08 51.65
N ALA K 496 -35.68 -22.99 50.34
CA ALA K 496 -36.40 -22.07 49.48
C ALA K 496 -36.02 -22.40 48.05
N VAL K 497 -36.85 -21.99 47.10
CA VAL K 497 -36.62 -22.34 45.71
C VAL K 497 -37.08 -21.22 44.79
N LEU K 498 -36.69 -21.31 43.53
CA LEU K 498 -36.93 -20.25 42.55
C LEU K 498 -37.35 -20.92 41.26
N LEU K 499 -38.45 -20.47 40.70
CA LEU K 499 -39.12 -21.21 39.65
C LEU K 499 -39.54 -20.24 38.56
N GLU K 500 -38.78 -20.21 37.47
CA GLU K 500 -39.16 -19.41 36.31
C GLU K 500 -39.91 -20.31 35.34
N ILE K 501 -41.16 -20.53 35.68
CA ILE K 501 -41.98 -21.54 35.03
C ILE K 501 -42.79 -20.89 33.93
N GLU K 502 -43.05 -21.67 32.88
CA GLU K 502 -44.01 -21.24 31.88
C GLU K 502 -44.72 -22.43 31.26
N GLN K 503 -45.98 -22.24 30.91
CA GLN K 503 -46.74 -23.35 30.39
C GLN K 503 -48.07 -22.88 29.84
N GLU K 504 -48.77 -23.81 29.20
CA GLU K 504 -50.07 -23.52 28.61
C GLU K 504 -50.85 -24.80 28.50
N VAL K 505 -52.15 -24.70 28.69
CA VAL K 505 -53.03 -25.81 28.39
C VAL K 505 -53.83 -25.46 27.17
N SER K 506 -53.48 -26.08 26.06
CA SER K 506 -54.09 -25.72 24.78
C SER K 506 -54.92 -26.86 24.26
N SER K 507 -55.99 -26.51 23.54
CA SER K 507 -56.73 -27.52 22.81
C SER K 507 -57.28 -26.89 21.55
N VAL K 508 -58.07 -27.65 20.80
CA VAL K 508 -58.67 -27.18 19.57
C VAL K 508 -60.14 -27.55 19.64
N ALA K 509 -61.02 -26.59 19.38
CA ALA K 509 -62.45 -26.84 19.49
C ALA K 509 -63.07 -27.02 18.10
N ASP K 510 -63.31 -25.92 17.41
CA ASP K 510 -63.72 -25.96 16.02
C ASP K 510 -65.12 -26.55 15.89
N SER K 511 -65.99 -26.37 16.89
CA SER K 511 -67.42 -26.56 16.63
C SER K 511 -67.78 -25.84 15.33
N ALA K 512 -67.52 -24.53 15.29
CA ALA K 512 -67.65 -23.71 14.08
C ALA K 512 -66.78 -22.50 14.26
N SER K 513 -65.96 -22.18 13.27
CA SER K 513 -64.98 -21.13 13.43
C SER K 513 -64.66 -20.56 12.05
N SER K 514 -63.78 -19.57 12.02
CA SER K 514 -63.36 -18.95 10.79
C SER K 514 -62.23 -19.75 10.16
N THR K 515 -62.59 -20.62 9.23
CA THR K 515 -61.65 -21.21 8.28
C THR K 515 -62.09 -20.85 6.89
N SER K 516 -61.23 -20.14 6.16
CA SER K 516 -61.60 -19.61 4.87
C SER K 516 -61.06 -20.48 3.75
N SER K 517 -60.94 -21.78 4.05
CA SER K 517 -60.27 -22.74 3.18
C SER K 517 -58.79 -22.48 3.13
N ASP K 518 -58.28 -21.91 4.20
CA ASP K 518 -56.88 -21.53 4.28
C ASP K 518 -56.23 -22.36 5.36
N LEU K 519 -56.46 -21.98 6.63
CA LEU K 519 -55.80 -22.56 7.79
C LEU K 519 -56.92 -22.72 8.79
N GLY K 520 -57.21 -23.94 9.16
CA GLY K 520 -58.42 -24.18 9.94
C GLY K 520 -58.10 -24.42 11.39
N ALA K 521 -58.35 -23.43 12.25
CA ALA K 521 -57.71 -23.55 13.54
C ALA K 521 -58.22 -22.49 14.49
N THR K 522 -58.32 -22.88 15.75
CA THR K 522 -58.69 -21.99 16.83
C THR K 522 -57.66 -21.92 17.95
N PHE K 523 -57.13 -23.06 18.34
CA PHE K 523 -55.99 -23.09 19.25
C PHE K 523 -56.29 -22.34 20.55
N ASN K 524 -57.41 -22.69 21.18
CA ASN K 524 -57.69 -22.18 22.51
C ASN K 524 -56.49 -22.43 23.42
N THR K 525 -56.11 -21.43 24.20
CA THR K 525 -54.85 -21.48 24.97
C THR K 525 -54.92 -20.58 26.18
N ARG K 526 -54.19 -20.97 27.23
CA ARG K 526 -53.85 -20.08 28.31
C ARG K 526 -52.36 -20.24 28.63
N THR K 527 -51.62 -19.13 28.77
CA THR K 527 -50.17 -19.19 28.83
C THR K 527 -49.67 -18.35 29.99
N VAL K 528 -48.96 -18.99 30.92
CA VAL K 528 -48.41 -18.32 32.10
C VAL K 528 -46.89 -18.35 32.07
N ASN K 529 -46.28 -17.32 32.66
CA ASN K 529 -44.85 -17.35 32.91
C ASN K 529 -44.51 -16.31 33.95
N ASN K 530 -43.63 -16.65 34.86
CA ASN K 530 -43.24 -15.75 35.94
C ASN K 530 -42.11 -16.40 36.73
N ALA K 531 -41.72 -15.77 37.82
CA ALA K 531 -40.67 -16.22 38.69
C ALA K 531 -41.15 -16.02 40.12
N VAL K 532 -40.79 -16.92 41.03
CA VAL K 532 -41.33 -16.88 42.37
C VAL K 532 -40.34 -17.51 43.34
N LEU K 533 -40.35 -17.03 44.57
CA LEU K 533 -39.65 -17.66 45.68
C LEU K 533 -40.66 -18.45 46.48
N VAL K 534 -40.31 -19.67 46.84
CA VAL K 534 -41.27 -20.57 47.49
C VAL K 534 -40.55 -21.41 48.52
N GLY K 535 -41.23 -21.68 49.63
CA GLY K 535 -40.69 -22.57 50.62
C GLY K 535 -40.83 -24.01 50.17
N SER K 536 -40.19 -24.92 50.89
CA SER K 536 -40.03 -26.28 50.37
C SER K 536 -41.36 -26.99 50.16
N GLY K 537 -42.02 -27.36 51.26
CA GLY K 537 -43.34 -27.97 51.18
C GLY K 537 -44.46 -27.00 51.40
N GLU K 538 -45.01 -26.44 50.31
CA GLU K 538 -45.93 -25.32 50.39
C GLU K 538 -46.84 -25.30 49.19
N THR K 539 -48.13 -25.06 49.44
CA THR K 539 -49.10 -24.79 48.42
C THR K 539 -49.11 -23.29 48.06
N VAL K 540 -48.97 -22.98 46.79
CA VAL K 540 -48.69 -21.63 46.37
C VAL K 540 -49.63 -21.22 45.24
N VAL K 541 -50.34 -20.10 45.42
CA VAL K 541 -51.20 -19.56 44.36
C VAL K 541 -50.36 -18.75 43.38
N VAL K 542 -50.36 -19.16 42.13
CA VAL K 542 -49.58 -18.47 41.13
C VAL K 542 -50.40 -17.52 40.30
N GLY K 543 -51.49 -17.99 39.71
CA GLY K 543 -52.20 -17.20 38.72
C GLY K 543 -53.68 -17.49 38.74
N GLY K 544 -54.47 -16.47 38.45
CA GLY K 544 -55.90 -16.60 38.66
C GLY K 544 -56.79 -15.75 37.80
N LEU K 545 -57.95 -16.28 37.40
CA LEU K 545 -58.90 -15.54 36.58
C LEU K 545 -60.31 -15.99 36.95
N LEU K 546 -61.25 -15.05 37.05
CA LEU K 546 -62.65 -15.37 37.34
C LEU K 546 -63.58 -14.34 36.74
N ASP K 547 -64.54 -14.76 35.92
CA ASP K 547 -65.25 -13.80 35.06
C ASP K 547 -66.64 -14.30 34.66
N LYS K 548 -67.64 -13.44 34.77
CA LYS K 548 -68.97 -13.67 34.24
C LYS K 548 -69.26 -12.75 33.05
N THR K 549 -70.28 -13.12 32.27
CA THR K 549 -70.63 -12.36 31.06
C THR K 549 -72.09 -12.57 30.73
N VAL K 550 -72.88 -11.52 30.83
CA VAL K 550 -74.32 -11.58 30.63
C VAL K 550 -74.73 -10.70 29.47
N THR K 551 -75.79 -11.12 28.78
CA THR K 551 -76.36 -10.30 27.73
C THR K 551 -77.87 -10.59 27.68
N ASP K 552 -78.63 -9.58 27.27
CA ASP K 552 -80.09 -9.61 27.23
C ASP K 552 -80.58 -9.10 25.89
N THR K 553 -81.75 -9.61 25.48
CA THR K 553 -82.36 -9.18 24.23
C THR K 553 -83.88 -9.13 24.40
N ALA K 554 -84.47 -7.94 24.23
CA ALA K 554 -85.91 -7.77 24.38
C ALA K 554 -86.48 -6.99 23.21
N ASP K 555 -87.76 -7.23 22.94
CA ASP K 555 -88.51 -6.52 21.91
C ASP K 555 -90.00 -6.72 22.14
N LYS K 556 -90.77 -5.63 22.02
CA LYS K 556 -92.20 -5.69 22.29
C LYS K 556 -92.90 -4.59 21.51
N VAL K 557 -94.16 -4.87 21.13
CA VAL K 557 -94.97 -3.82 20.52
C VAL K 557 -95.11 -2.66 21.49
N PRO K 558 -94.89 -1.43 21.06
CA PRO K 558 -94.83 -0.31 22.00
C PRO K 558 -96.17 -0.13 22.72
N LEU K 559 -96.08 0.47 23.91
CA LEU K 559 -97.22 0.78 24.79
C LEU K 559 -97.85 -0.45 25.38
N LEU K 560 -97.41 -1.62 24.99
CA LEU K 560 -98.04 -2.84 25.42
C LEU K 560 -97.09 -3.64 26.28
N GLY K 561 -97.52 -4.79 26.74
CA GLY K 561 -96.72 -5.57 27.69
C GLY K 561 -96.46 -4.86 29.01
N ASP K 562 -97.10 -3.73 29.26
CA ASP K 562 -96.74 -2.93 30.41
C ASP K 562 -97.35 -3.48 31.70
N ILE K 563 -98.54 -4.09 31.63
CA ILE K 563 -99.07 -4.76 32.81
C ILE K 563 -98.38 -6.09 32.98
N PRO K 564 -97.47 -6.21 33.94
CA PRO K 564 -96.59 -7.39 34.00
C PRO K 564 -97.35 -8.69 34.00
N VAL K 565 -98.37 -8.81 34.87
CA VAL K 565 -99.14 -10.06 34.93
C VAL K 565 -99.92 -10.29 33.65
N ILE K 566 -100.52 -9.24 33.09
CA ILE K 566 -101.36 -9.45 31.91
C ILE K 566 -100.49 -9.29 30.68
N GLY K 567 -99.88 -8.11 30.53
CA GLY K 567 -99.19 -7.74 29.29
C GLY K 567 -98.04 -8.65 28.92
N ALA K 568 -97.66 -9.57 29.80
CA ALA K 568 -96.54 -10.49 29.53
C ALA K 568 -96.71 -11.24 28.24
N LEU K 569 -97.86 -11.13 27.58
CA LEU K 569 -98.15 -11.84 26.35
C LEU K 569 -97.62 -11.14 25.10
N PHE K 570 -96.92 -10.03 25.22
CA PHE K 570 -96.42 -9.38 24.03
C PHE K 570 -94.91 -9.25 23.99
N ARG K 571 -94.22 -9.22 25.13
CA ARG K 571 -92.76 -9.23 25.15
C ARG K 571 -92.24 -10.46 24.43
N SER K 572 -90.95 -10.38 24.09
CA SER K 572 -90.24 -11.55 23.56
C SER K 572 -88.79 -11.46 24.03
N ASP K 573 -88.36 -12.46 24.79
CA ASP K 573 -87.20 -12.36 25.67
C ASP K 573 -86.18 -13.40 25.29
N SER K 574 -84.92 -12.99 25.21
CA SER K 574 -83.83 -13.96 25.13
C SER K 574 -82.69 -13.48 26.02
N LYS K 575 -82.37 -14.26 27.06
CA LYS K 575 -81.33 -13.90 28.01
C LYS K 575 -80.37 -15.07 28.13
N LYS K 576 -79.11 -14.75 28.40
CA LYS K 576 -78.10 -15.77 28.57
C LYS K 576 -76.92 -15.18 29.34
N VAL K 577 -76.20 -16.06 30.01
CA VAL K 577 -75.04 -15.70 30.81
C VAL K 577 -73.93 -16.68 30.56
N SER K 578 -72.71 -16.27 30.94
CA SER K 578 -71.56 -17.18 30.96
C SER K 578 -70.65 -16.77 32.11
N LYS K 579 -70.26 -17.75 32.92
CA LYS K 579 -69.34 -17.53 34.03
C LYS K 579 -68.10 -18.38 33.82
N ARG K 580 -66.97 -17.93 34.39
CA ARG K 580 -65.69 -18.57 34.14
C ARG K 580 -64.72 -18.27 35.27
N ASN K 581 -63.80 -19.18 35.53
CA ASN K 581 -62.82 -18.99 36.59
C ASN K 581 -61.62 -19.85 36.28
N LEU K 582 -60.43 -19.45 36.74
CA LEU K 582 -59.22 -20.18 36.43
C LEU K 582 -58.21 -19.99 37.53
N MET K 583 -57.60 -21.08 38.01
CA MET K 583 -56.69 -21.02 39.13
C MET K 583 -55.44 -21.87 38.93
N LEU K 584 -54.31 -21.32 39.33
CA LEU K 584 -53.00 -21.93 39.16
C LEU K 584 -52.31 -22.13 40.51
N PHE K 585 -51.78 -23.34 40.75
CA PHE K 585 -51.03 -23.62 41.95
C PHE K 585 -49.80 -24.47 41.64
N ILE K 586 -48.71 -24.17 42.36
CA ILE K 586 -47.46 -24.89 42.26
C ILE K 586 -47.00 -25.31 43.64
N ARG K 587 -46.23 -26.38 43.71
CA ARG K 587 -45.63 -26.77 44.99
C ARG K 587 -44.41 -27.65 44.75
N PRO K 588 -43.25 -27.23 45.19
CA PRO K 588 -42.07 -28.09 45.10
C PRO K 588 -41.90 -28.96 46.34
N THR K 589 -40.83 -29.76 46.36
CA THR K 589 -40.31 -30.43 47.53
C THR K 589 -38.84 -30.70 47.31
N ILE K 590 -38.04 -30.41 48.29
CA ILE K 590 -36.63 -30.74 48.20
C ILE K 590 -36.42 -32.22 48.53
N ILE K 591 -35.39 -32.82 47.95
CA ILE K 591 -35.03 -34.20 48.23
C ILE K 591 -33.51 -34.26 48.34
N ARG K 592 -32.99 -34.74 49.49
CA ARG K 592 -31.55 -34.71 49.69
C ARG K 592 -30.88 -36.02 49.28
N ASP K 593 -31.44 -37.15 49.74
CA ASP K 593 -30.75 -38.41 49.57
C ASP K 593 -31.79 -39.54 49.41
N ARG K 594 -31.26 -40.76 49.41
CA ARG K 594 -32.08 -41.97 49.21
C ARG K 594 -33.31 -42.01 50.10
N ASP K 595 -33.08 -41.83 51.40
CA ASP K 595 -34.16 -41.94 52.37
C ASP K 595 -35.31 -41.02 51.98
N GLU K 596 -35.07 -39.71 51.99
CA GLU K 596 -36.06 -38.76 51.53
C GLU K 596 -36.67 -39.13 50.21
N TYR K 597 -35.93 -39.86 49.37
CA TYR K 597 -36.48 -40.21 48.07
C TYR K 597 -37.59 -41.26 48.19
N ARG K 598 -37.39 -42.26 49.05
CA ARG K 598 -38.33 -43.36 49.11
C ARG K 598 -39.74 -42.88 49.41
N GLN K 599 -39.90 -42.02 50.43
CA GLN K 599 -41.24 -41.54 50.75
C GLN K 599 -41.88 -40.83 49.56
N ALA K 600 -41.11 -39.98 48.89
CA ALA K 600 -41.69 -39.18 47.81
C ALA K 600 -42.19 -40.09 46.72
N SER K 601 -41.33 -41.00 46.27
CA SER K 601 -41.75 -41.89 45.20
C SER K 601 -42.89 -42.78 45.63
N SER K 602 -42.66 -43.62 46.64
CA SER K 602 -43.67 -44.58 47.06
C SER K 602 -45.02 -43.88 47.26
N GLY K 603 -45.06 -42.91 48.17
CA GLY K 603 -46.30 -42.21 48.42
C GLY K 603 -46.97 -41.70 47.16
N GLN K 604 -46.20 -40.97 46.34
CA GLN K 604 -46.77 -40.41 45.12
C GLN K 604 -47.37 -41.50 44.25
N TYR K 605 -46.62 -42.60 44.07
CA TYR K 605 -47.09 -43.74 43.30
C TYR K 605 -48.41 -44.27 43.84
N THR K 606 -48.53 -44.32 45.17
CA THR K 606 -49.79 -44.66 45.79
C THR K 606 -50.89 -43.70 45.37
N ALA K 607 -50.60 -42.40 45.39
CA ALA K 607 -51.55 -41.43 44.85
C ALA K 607 -52.00 -41.82 43.46
N PHE K 608 -51.10 -42.40 42.66
CA PHE K 608 -51.51 -42.92 41.35
C PHE K 608 -52.49 -44.08 41.51
N ASN K 609 -52.07 -45.12 42.24
CA ASN K 609 -52.88 -46.32 42.36
C ASN K 609 -54.25 -46.02 42.96
N ASN K 610 -54.37 -44.95 43.75
CA ASN K 610 -55.66 -44.58 44.29
C ASN K 610 -56.72 -44.43 43.23
N ALA K 611 -56.48 -43.55 42.26
CA ALA K 611 -57.45 -43.35 41.19
C ALA K 611 -57.45 -44.53 40.24
N GLN K 612 -56.28 -45.11 39.98
CA GLN K 612 -56.21 -46.27 39.08
C GLN K 612 -57.16 -47.38 39.50
N THR K 613 -56.90 -47.95 40.68
CA THR K 613 -57.72 -49.02 41.20
C THR K 613 -59.04 -48.53 41.79
N LYS K 614 -59.29 -47.23 41.71
CA LYS K 614 -60.50 -46.62 42.26
C LYS K 614 -61.85 -47.16 41.79
N GLN K 615 -61.99 -47.40 40.48
CA GLN K 615 -63.24 -47.87 39.91
C GLN K 615 -63.19 -49.36 39.60
N ARG K 616 -62.53 -49.70 38.49
CA ARG K 616 -62.39 -51.09 38.07
C ARG K 616 -61.36 -51.88 38.87
N GLY K 617 -61.80 -52.96 39.50
CA GLY K 617 -60.90 -53.79 40.29
C GLY K 617 -60.24 -54.92 39.53
N LYS K 618 -59.13 -54.61 38.88
CA LYS K 618 -58.38 -55.60 38.10
C LYS K 618 -57.03 -55.90 38.73
N GLU K 619 -56.48 -57.08 38.43
CA GLU K 619 -55.20 -57.48 38.97
C GLU K 619 -54.22 -57.01 37.90
N SER K 620 -53.10 -56.42 38.34
CA SER K 620 -52.12 -55.92 37.37
C SER K 620 -50.64 -56.27 37.53
N SER K 621 -50.17 -57.12 36.63
CA SER K 621 -48.77 -57.52 36.52
C SER K 621 -47.77 -56.39 36.60
N GLU K 622 -47.94 -55.39 35.76
CA GLU K 622 -47.01 -54.28 35.77
C GLU K 622 -47.07 -53.53 37.08
N ALA K 623 -48.21 -52.93 37.39
CA ALA K 623 -48.34 -52.13 38.59
C ALA K 623 -47.78 -52.86 39.80
N SER K 624 -48.36 -54.02 40.12
CA SER K 624 -47.90 -54.78 41.27
C SER K 624 -46.40 -55.00 41.27
N LEU K 625 -45.87 -55.50 40.15
CA LEU K 625 -44.44 -55.76 40.08
C LEU K 625 -43.64 -54.51 40.37
N SER K 626 -44.02 -53.40 39.75
CA SER K 626 -43.38 -52.11 39.98
C SER K 626 -43.38 -51.74 41.45
N ASN K 627 -44.51 -52.01 42.12
CA ASN K 627 -44.57 -51.83 43.56
C ASN K 627 -43.53 -52.67 44.26
N ASP K 628 -43.40 -53.94 43.86
CA ASP K 628 -42.31 -54.77 44.38
C ASP K 628 -40.97 -54.08 44.24
N LEU K 629 -40.79 -53.31 43.16
CA LEU K 629 -39.57 -52.51 43.04
C LEU K 629 -39.52 -51.43 44.11
N LEU K 630 -40.55 -50.59 44.16
CA LEU K 630 -40.54 -49.45 45.08
C LEU K 630 -40.41 -49.90 46.53
N HIS K 631 -40.82 -51.13 46.85
CA HIS K 631 -40.67 -51.64 48.20
C HIS K 631 -39.24 -51.54 48.69
N ILE K 632 -38.33 -52.14 47.92
CA ILE K 632 -36.92 -52.13 48.27
C ILE K 632 -36.37 -50.71 48.31
N GLN K 639 -38.12 -61.97 50.11
CA GLN K 639 -38.96 -62.76 49.22
C GLN K 639 -40.08 -63.44 50.00
N ALA K 640 -39.81 -63.78 51.26
CA ALA K 640 -40.80 -64.44 52.11
C ALA K 640 -41.92 -63.48 52.48
N PHE K 641 -41.55 -62.26 52.86
CA PHE K 641 -42.52 -61.25 53.25
C PHE K 641 -43.52 -61.06 52.12
N ARG K 642 -43.06 -61.25 50.88
CA ARG K 642 -43.91 -61.09 49.70
C ARG K 642 -44.95 -62.20 49.64
N GLN K 643 -44.70 -63.28 50.37
CA GLN K 643 -45.63 -64.43 50.40
C GLN K 643 -46.72 -64.28 51.42
N VAL K 644 -46.31 -63.97 52.64
CA VAL K 644 -47.24 -63.86 53.75
C VAL K 644 -48.18 -62.66 53.60
N SER K 645 -47.64 -61.48 53.24
CA SER K 645 -48.47 -60.25 53.05
C SER K 645 -49.47 -60.47 51.91
N ALA K 646 -49.00 -61.09 50.85
CA ALA K 646 -49.87 -61.53 49.75
C ALA K 646 -51.02 -62.40 50.25
N ALA K 647 -50.69 -63.46 51.01
CA ALA K 647 -51.70 -64.39 51.50
C ALA K 647 -52.73 -63.67 52.33
N ILE K 648 -52.28 -62.82 53.27
CA ILE K 648 -53.19 -62.01 54.10
C ILE K 648 -54.14 -61.22 53.19
N ASP K 649 -53.59 -60.58 52.14
CA ASP K 649 -54.38 -59.83 51.14
C ASP K 649 -55.44 -60.70 50.52
N ALA K 650 -55.05 -61.89 50.06
CA ALA K 650 -56.01 -62.84 49.50
C ALA K 650 -57.14 -63.01 50.47
N PHE K 651 -56.80 -63.34 51.71
CA PHE K 651 -57.80 -63.66 52.70
C PHE K 651 -58.84 -62.55 52.80
N ASN K 652 -58.40 -61.30 52.83
CA ASN K 652 -59.32 -60.20 53.07
C ASN K 652 -59.91 -59.63 51.76
N LEU K 653 -60.70 -60.48 51.09
CA LEU K 653 -61.47 -60.12 49.90
C LEU K 653 -62.92 -60.51 50.14
N SER L 28 108.17 -31.04 20.06
CA SER L 28 107.34 -30.73 21.19
C SER L 28 107.03 -29.25 21.22
N ALA L 29 105.84 -28.91 21.71
CA ALA L 29 105.35 -27.54 21.68
C ALA L 29 105.77 -26.78 22.93
N SER L 30 107.10 -26.65 23.10
CA SER L 30 107.64 -25.96 24.27
C SER L 30 107.96 -24.51 23.93
N PHE L 31 106.94 -23.66 24.02
CA PHE L 31 107.07 -22.25 23.70
C PHE L 31 106.80 -21.41 24.95
N LYS L 32 107.80 -20.63 25.35
CA LYS L 32 107.69 -19.78 26.53
C LYS L 32 107.82 -18.31 26.14
N GLY L 33 106.74 -17.56 26.38
CA GLY L 33 106.70 -16.15 26.04
C GLY L 33 107.01 -15.84 24.61
N THR L 34 106.91 -16.82 23.73
CA THR L 34 107.29 -16.65 22.34
C THR L 34 106.34 -15.70 21.63
N ASP L 35 106.88 -14.72 20.92
CA ASP L 35 106.04 -13.76 20.21
C ASP L 35 105.32 -14.44 19.06
N ILE L 36 104.09 -13.96 18.81
CA ILE L 36 103.28 -14.53 17.75
C ILE L 36 103.99 -14.41 16.41
N GLN L 37 104.77 -13.35 16.21
CA GLN L 37 105.52 -13.22 14.96
C GLN L 37 106.57 -14.31 14.84
N GLU L 38 107.49 -14.38 15.80
CA GLU L 38 108.45 -15.46 15.77
C GLU L 38 107.79 -16.83 15.92
N PHE L 39 106.56 -16.87 16.42
CA PHE L 39 105.78 -18.11 16.41
C PHE L 39 105.51 -18.55 14.98
N ILE L 40 104.94 -17.68 14.17
CA ILE L 40 104.66 -18.01 12.79
C ILE L 40 105.96 -18.21 12.00
N ASN L 41 106.96 -17.40 12.31
CA ASN L 41 108.17 -17.39 11.53
C ASN L 41 109.09 -18.56 11.89
N THR L 42 108.88 -19.19 13.02
CA THR L 42 109.64 -20.37 13.43
C THR L 42 108.86 -21.66 13.20
N VAL L 43 107.65 -21.75 13.78
CA VAL L 43 106.78 -22.88 13.51
C VAL L 43 106.60 -23.06 12.00
N SER L 44 106.46 -21.96 11.27
CA SER L 44 106.46 -22.03 9.81
C SER L 44 107.69 -22.77 9.29
N LYS L 45 108.87 -22.33 9.73
CA LYS L 45 110.11 -23.00 9.35
C LYS L 45 110.00 -24.51 9.53
N ASN L 46 109.57 -24.93 10.72
CA ASN L 46 109.43 -26.36 10.99
C ASN L 46 108.42 -27.01 10.06
N LEU L 47 107.33 -26.31 9.79
CA LEU L 47 106.30 -26.85 8.92
C LEU L 47 106.75 -26.87 7.47
N ASN L 48 107.59 -25.90 7.07
CA ASN L 48 108.13 -25.78 5.73
C ASN L 48 107.13 -25.18 4.74
N LYS L 49 106.14 -24.48 5.23
CA LYS L 49 105.12 -23.86 4.42
C LYS L 49 105.21 -22.33 4.43
N THR L 50 104.98 -21.72 3.27
CA THR L 50 105.04 -20.26 3.15
C THR L 50 103.90 -19.64 3.97
N VAL L 51 104.08 -18.40 4.41
CA VAL L 51 102.98 -17.78 5.13
C VAL L 51 103.12 -16.26 5.08
N ILE L 52 102.03 -15.56 4.80
CA ILE L 52 102.03 -14.11 4.81
C ILE L 52 101.25 -13.63 6.03
N ILE L 53 101.93 -12.89 6.89
CA ILE L 53 101.33 -12.27 8.05
C ILE L 53 100.81 -10.91 7.64
N ASP L 54 99.72 -10.46 8.26
CA ASP L 54 99.26 -9.10 8.06
C ASP L 54 99.63 -8.21 9.25
N PRO L 55 99.62 -6.87 9.07
CA PRO L 55 99.99 -6.02 10.20
C PRO L 55 98.94 -6.03 11.31
N SER L 56 99.16 -5.18 12.32
CA SER L 56 98.25 -5.06 13.45
C SER L 56 98.08 -6.39 14.16
N VAL L 57 99.12 -7.20 14.16
CA VAL L 57 99.14 -8.50 14.81
C VAL L 57 100.25 -8.42 15.85
N ARG L 58 99.88 -8.14 17.10
CA ARG L 58 100.86 -7.88 18.16
C ARG L 58 100.49 -8.72 19.36
N GLY L 59 101.41 -9.54 19.83
CA GLY L 59 101.13 -10.35 21.00
C GLY L 59 102.11 -11.51 21.12
N THR L 60 101.77 -12.42 22.04
CA THR L 60 102.65 -13.53 22.42
C THR L 60 101.81 -14.62 23.09
N ILE L 61 102.40 -15.79 23.22
CA ILE L 61 101.82 -16.91 23.92
C ILE L 61 102.86 -17.43 24.90
N THR L 62 102.47 -18.45 25.65
CA THR L 62 103.40 -19.22 26.45
C THR L 62 102.73 -20.52 26.84
N VAL L 63 103.49 -21.60 26.81
CA VAL L 63 102.89 -22.89 27.04
C VAL L 63 103.97 -23.91 27.31
N ARG L 64 103.70 -24.86 28.20
CA ARG L 64 104.57 -26.01 28.39
C ARG L 64 103.86 -27.25 27.90
N SER L 65 104.56 -28.03 27.07
CA SER L 65 104.01 -29.27 26.54
C SER L 65 104.92 -30.41 26.91
N TYR L 66 104.30 -31.56 27.15
CA TYR L 66 105.01 -32.76 27.53
C TYR L 66 105.12 -33.81 26.43
N ASP L 67 104.11 -33.91 25.58
CA ASP L 67 104.07 -34.87 24.48
C ASP L 67 104.41 -34.18 23.15
N MET L 68 104.84 -35.00 22.19
CA MET L 68 105.37 -34.50 20.92
C MET L 68 104.29 -34.46 19.86
N LEU L 69 104.29 -33.37 19.05
CA LEU L 69 103.19 -33.07 18.13
C LEU L 69 103.79 -32.59 16.81
N ASN L 70 104.24 -33.51 15.96
CA ASN L 70 104.60 -33.12 14.59
C ASN L 70 103.75 -33.74 13.49
N GLU L 71 103.19 -34.94 13.70
CA GLU L 71 102.69 -35.66 12.54
C GLU L 71 101.51 -34.92 11.89
N GLU L 72 100.37 -34.88 12.58
CA GLU L 72 99.24 -34.12 12.05
C GLU L 72 98.78 -33.19 13.16
N GLN L 73 99.04 -33.60 14.40
CA GLN L 73 98.61 -32.81 15.53
C GLN L 73 99.44 -31.54 15.64
N TYR L 74 100.54 -31.47 14.91
CA TYR L 74 101.30 -30.25 14.76
C TYR L 74 100.44 -29.13 14.15
N TYR L 75 100.06 -29.30 12.89
CA TYR L 75 99.21 -28.33 12.22
C TYR L 75 97.87 -28.18 12.96
N GLN L 76 97.36 -29.27 13.51
CA GLN L 76 96.12 -29.21 14.27
C GLN L 76 96.24 -28.18 15.39
N PHE L 77 97.17 -28.45 16.32
CA PHE L 77 97.30 -27.61 17.49
C PHE L 77 97.77 -26.21 17.13
N PHE L 78 98.57 -26.08 16.08
CA PHE L 78 98.97 -24.78 15.59
C PHE L 78 97.76 -23.90 15.34
N LEU L 79 96.87 -24.40 14.47
CA LEU L 79 95.65 -23.66 14.17
C LEU L 79 94.80 -23.46 15.42
N SER L 80 94.80 -24.42 16.35
CA SER L 80 94.08 -24.20 17.59
C SER L 80 94.62 -22.99 18.35
N VAL L 81 95.94 -22.83 18.39
CA VAL L 81 96.51 -21.74 19.14
C VAL L 81 96.17 -20.42 18.50
N LEU L 82 96.29 -20.34 17.18
CA LEU L 82 95.82 -19.16 16.49
C LEU L 82 94.35 -18.90 16.80
N ASP L 83 93.57 -19.96 17.01
CA ASP L 83 92.16 -19.82 17.29
C ASP L 83 91.90 -19.22 18.65
N VAL L 84 92.75 -19.49 19.63
CA VAL L 84 92.50 -19.01 20.99
C VAL L 84 92.48 -17.48 20.99
N TYR L 85 93.53 -16.86 20.47
CA TYR L 85 93.54 -15.41 20.39
C TYR L 85 92.51 -14.88 19.41
N GLY L 86 91.86 -15.76 18.66
CA GLY L 86 90.93 -15.31 17.66
C GLY L 86 91.55 -14.77 16.41
N PHE L 87 92.87 -14.58 16.36
CA PHE L 87 93.51 -14.28 15.10
C PHE L 87 93.38 -15.51 14.22
N ALA L 88 92.68 -15.38 13.11
CA ALA L 88 92.29 -16.55 12.35
C ALA L 88 93.08 -16.62 11.07
N VAL L 89 93.18 -17.82 10.52
CA VAL L 89 93.90 -18.02 9.28
C VAL L 89 93.08 -18.92 8.35
N ILE L 90 93.30 -18.73 7.05
CA ILE L 90 92.73 -19.52 5.99
C ILE L 90 93.85 -20.10 5.14
N ASN L 91 93.79 -21.40 4.85
CA ASN L 91 94.82 -22.04 4.05
C ASN L 91 94.33 -22.25 2.63
N MET L 92 95.27 -22.27 1.69
CA MET L 92 94.92 -22.39 0.29
C MET L 92 95.68 -23.56 -0.31
N ASN L 93 95.38 -23.89 -1.55
CA ASN L 93 95.86 -25.08 -2.19
C ASN L 93 97.22 -24.85 -2.85
N ASN L 94 97.27 -23.88 -3.76
CA ASN L 94 98.49 -23.59 -4.51
C ASN L 94 99.59 -23.01 -3.62
N GLY L 95 99.25 -21.97 -2.86
CA GLY L 95 100.12 -21.47 -1.82
C GLY L 95 99.57 -21.84 -0.46
N VAL L 96 100.32 -21.50 0.57
CA VAL L 96 99.95 -21.86 1.93
C VAL L 96 99.04 -20.78 2.51
N LEU L 97 98.66 -20.94 3.77
CA LEU L 97 97.69 -20.12 4.45
C LEU L 97 98.16 -18.67 4.60
N LYS L 98 97.31 -17.87 5.22
CA LYS L 98 97.54 -16.45 5.49
C LYS L 98 96.93 -16.14 6.84
N VAL L 99 97.25 -14.97 7.36
CA VAL L 99 96.75 -14.49 8.65
C VAL L 99 95.92 -13.25 8.40
N VAL L 100 94.68 -13.25 8.87
CA VAL L 100 93.79 -12.11 8.70
C VAL L 100 93.58 -11.42 10.04
N ARG L 101 93.23 -10.14 9.95
CA ARG L 101 92.83 -9.34 11.09
C ARG L 101 91.34 -9.01 11.06
N ALA L 102 90.63 -9.36 9.97
CA ALA L 102 89.18 -9.20 9.84
C ALA L 102 88.41 -10.36 10.44
N LYS L 103 89.05 -11.51 10.62
CA LYS L 103 88.49 -12.66 11.31
C LYS L 103 87.22 -13.21 10.68
N ASP L 104 86.83 -12.74 9.51
CA ASP L 104 85.50 -13.09 9.00
C ASP L 104 85.62 -14.05 7.82
N ALA L 105 84.47 -14.70 7.56
CA ALA L 105 84.29 -15.43 6.31
C ALA L 105 84.28 -14.51 5.09
N LYS L 106 84.09 -13.21 5.30
CA LYS L 106 84.05 -12.24 4.21
C LYS L 106 85.34 -12.17 3.39
N THR L 107 86.35 -12.93 3.79
CA THR L 107 87.63 -12.94 3.09
C THR L 107 87.77 -13.52 1.69
N SER L 108 86.63 -13.85 1.07
CA SER L 108 86.62 -14.40 -0.27
C SER L 108 87.11 -15.85 -0.26
N ALA L 109 87.36 -16.38 0.93
CA ALA L 109 87.83 -17.75 1.07
C ALA L 109 86.98 -18.37 2.17
N VAL L 110 86.24 -19.42 1.83
CA VAL L 110 85.38 -20.11 2.79
C VAL L 110 85.16 -21.53 2.29
N PRO L 111 86.06 -22.47 2.55
CA PRO L 111 85.81 -23.84 2.04
C PRO L 111 84.61 -24.42 2.77
N VAL L 112 83.63 -24.84 2.00
CA VAL L 112 82.30 -25.19 2.55
C VAL L 112 82.18 -26.71 2.53
N ALA L 113 81.97 -27.30 3.70
CA ALA L 113 81.71 -28.72 3.79
C ALA L 113 80.38 -29.09 3.13
N SER L 114 80.27 -30.34 2.73
CA SER L 114 79.07 -30.85 2.09
C SER L 114 78.46 -32.00 2.88
N ALA L 115 78.60 -31.97 4.20
CA ALA L 115 77.95 -32.86 5.16
C ALA L 115 78.65 -34.21 5.25
N ALA L 116 79.68 -34.44 4.43
CA ALA L 116 80.52 -35.61 4.61
C ALA L 116 81.84 -35.27 5.30
N ALA L 117 82.38 -34.08 5.06
CA ALA L 117 83.56 -33.60 5.76
C ALA L 117 83.19 -32.54 6.78
N PRO L 118 82.89 -32.90 8.01
CA PRO L 118 82.72 -31.87 9.05
C PRO L 118 84.02 -31.18 9.43
N GLY L 119 85.17 -31.68 8.99
CA GLY L 119 86.42 -31.06 9.35
C GLY L 119 86.71 -31.30 10.82
N GLU L 120 87.26 -30.27 11.46
CA GLU L 120 87.60 -30.32 12.87
C GLU L 120 87.68 -28.90 13.38
N GLY L 121 87.52 -28.74 14.69
CA GLY L 121 87.14 -27.47 15.30
C GLY L 121 87.96 -26.29 14.82
N ASP L 122 89.16 -26.57 14.35
CA ASP L 122 90.11 -25.51 14.09
C ASP L 122 89.72 -24.68 12.88
N GLU L 123 89.22 -25.31 11.82
CA GLU L 123 89.03 -24.62 10.56
C GLU L 123 87.69 -23.87 10.52
N VAL L 124 87.56 -22.99 9.55
CA VAL L 124 86.37 -22.18 9.34
C VAL L 124 85.72 -22.63 8.03
N VAL L 125 84.45 -23.01 8.10
CA VAL L 125 83.70 -23.43 6.91
C VAL L 125 82.49 -22.51 6.78
N THR L 126 81.62 -22.80 5.82
CA THR L 126 80.33 -22.12 5.72
C THR L 126 79.29 -23.16 5.31
N ARG L 127 78.49 -23.59 6.26
CA ARG L 127 77.58 -24.69 6.04
C ARG L 127 76.17 -24.19 5.83
N VAL L 128 75.32 -25.07 5.32
CA VAL L 128 73.96 -24.71 5.00
C VAL L 128 73.11 -25.96 5.03
N VAL L 129 71.86 -25.80 5.44
CA VAL L 129 70.97 -26.94 5.38
C VAL L 129 69.56 -26.47 5.04
N PRO L 130 68.84 -27.17 4.17
CA PRO L 130 67.43 -26.86 3.98
C PRO L 130 66.52 -27.43 5.05
N LEU L 131 66.29 -26.63 6.09
CA LEU L 131 65.38 -27.02 7.17
C LEU L 131 63.95 -27.16 6.68
N THR L 132 63.35 -28.32 6.93
CA THR L 132 62.16 -28.72 6.20
C THR L 132 60.85 -28.69 6.99
N ASN L 133 60.87 -28.45 8.29
CA ASN L 133 59.64 -28.59 9.07
C ASN L 133 59.24 -27.36 9.87
N VAL L 134 60.09 -26.36 10.02
CA VAL L 134 59.91 -25.34 11.05
C VAL L 134 60.18 -23.99 10.42
N ALA L 135 59.49 -22.97 10.93
CA ALA L 135 59.81 -21.60 10.56
C ALA L 135 61.27 -21.33 10.89
N ALA L 136 62.03 -20.91 9.88
CA ALA L 136 63.44 -20.59 10.04
C ALA L 136 63.68 -19.16 10.52
N ARG L 137 62.65 -18.46 11.00
CA ARG L 137 62.92 -17.16 11.59
C ARG L 137 63.25 -17.25 13.07
N ASP L 138 62.43 -17.95 13.86
CA ASP L 138 62.52 -17.76 15.30
C ASP L 138 63.76 -18.41 15.91
N LEU L 139 64.24 -19.51 15.35
CA LEU L 139 65.48 -20.08 15.85
C LEU L 139 66.69 -19.25 15.47
N ALA L 140 66.50 -18.22 14.68
CA ALA L 140 67.57 -17.37 14.19
C ALA L 140 68.01 -16.38 15.26
N PRO L 141 67.12 -15.76 16.02
CA PRO L 141 67.62 -14.94 17.13
C PRO L 141 68.30 -15.77 18.19
N LEU L 142 67.65 -16.86 18.61
CA LEU L 142 68.28 -17.70 19.63
C LEU L 142 69.61 -18.25 19.17
N LEU L 143 69.78 -18.46 17.87
CA LEU L 143 71.04 -19.05 17.42
C LEU L 143 72.06 -17.98 17.10
N ARG L 144 71.61 -16.85 16.56
CA ARG L 144 72.47 -15.70 16.43
C ARG L 144 72.95 -15.20 17.77
N GLN L 145 72.25 -15.55 18.86
CA GLN L 145 72.75 -15.24 20.20
C GLN L 145 73.64 -16.35 20.73
N LEU L 146 73.12 -17.58 20.81
CA LEU L 146 73.89 -18.68 21.35
C LEU L 146 75.24 -18.74 20.68
N ASN L 147 75.26 -18.49 19.38
CA ASN L 147 76.45 -18.54 18.55
C ASN L 147 76.79 -17.15 18.03
N ASP L 148 76.63 -16.12 18.85
CA ASP L 148 77.07 -14.82 18.38
C ASP L 148 78.56 -14.77 18.67
N ASN L 149 79.34 -15.23 17.72
CA ASN L 149 80.77 -15.23 17.93
C ASN L 149 81.25 -13.79 17.77
N ALA L 150 81.82 -13.22 18.83
CA ALA L 150 82.18 -11.83 18.78
C ALA L 150 83.53 -11.59 18.15
N GLY L 151 84.06 -12.57 17.42
CA GLY L 151 85.25 -12.43 16.64
C GLY L 151 84.97 -12.52 15.16
N ALA L 152 83.84 -11.93 14.75
CA ALA L 152 83.33 -11.99 13.37
C ALA L 152 82.84 -13.41 13.02
N GLY L 153 82.15 -14.03 13.98
CA GLY L 153 81.57 -15.35 13.77
C GLY L 153 80.40 -15.33 12.81
N SER L 154 79.76 -16.49 12.71
CA SER L 154 78.73 -16.76 11.71
C SER L 154 77.55 -15.80 11.83
N VAL L 155 76.65 -15.90 10.85
CA VAL L 155 75.37 -15.22 10.83
C VAL L 155 74.30 -16.24 10.42
N VAL L 156 73.05 -15.79 10.43
CA VAL L 156 71.92 -16.66 10.16
C VAL L 156 70.86 -15.90 9.37
N HIS L 157 70.44 -16.47 8.25
CA HIS L 157 69.45 -15.79 7.42
C HIS L 157 68.40 -16.75 6.88
N TYR L 158 67.27 -16.14 6.56
CA TYR L 158 66.09 -16.83 6.08
C TYR L 158 65.81 -16.49 4.64
N GLU L 159 65.57 -17.51 3.82
CA GLU L 159 65.02 -17.32 2.49
C GLU L 159 63.72 -18.11 2.36
N PRO L 160 62.74 -17.66 1.57
CA PRO L 160 61.47 -18.37 1.51
C PRO L 160 61.63 -19.78 1.02
N SER L 161 62.79 -20.16 0.55
CA SER L 161 63.11 -21.55 0.30
C SER L 161 63.70 -22.24 1.52
N ASN L 162 63.63 -21.62 2.71
CA ASN L 162 64.02 -22.23 3.97
C ASN L 162 65.44 -22.69 4.00
N VAL L 163 66.29 -22.02 3.23
CA VAL L 163 67.70 -22.25 3.36
C VAL L 163 68.05 -21.91 4.79
N LEU L 164 68.93 -22.69 5.37
CA LEU L 164 69.47 -22.37 6.69
C LEU L 164 70.97 -22.51 6.59
N LEU L 165 71.65 -21.36 6.64
CA LEU L 165 73.06 -21.25 6.34
C LEU L 165 73.78 -20.62 7.49
N MET L 166 75.07 -20.94 7.61
CA MET L 166 75.92 -20.29 8.57
C MET L 166 77.35 -20.57 8.16
N THR L 167 78.29 -19.84 8.77
CA THR L 167 79.70 -20.16 8.55
C THR L 167 80.40 -20.63 9.82
N GLY L 168 80.45 -19.81 10.88
CA GLY L 168 80.92 -20.26 12.17
C GLY L 168 82.31 -20.85 12.15
N ARG L 169 82.49 -21.94 12.88
CA ARG L 169 83.70 -22.74 12.97
C ARG L 169 83.35 -24.17 12.59
N ALA L 170 84.31 -25.07 12.67
CA ALA L 170 84.02 -26.45 12.30
C ALA L 170 83.53 -27.26 13.50
N ALA L 171 83.91 -26.87 14.71
CA ALA L 171 83.37 -27.53 15.89
C ALA L 171 81.92 -27.13 16.14
N VAL L 172 81.61 -25.85 15.95
CA VAL L 172 80.23 -25.37 16.00
C VAL L 172 79.31 -26.23 15.14
N ILE L 173 79.83 -26.70 14.01
CA ILE L 173 79.01 -27.49 13.11
C ILE L 173 78.39 -28.67 13.86
N LYS L 174 79.21 -29.42 14.59
CA LYS L 174 78.72 -30.55 15.38
C LYS L 174 77.56 -30.17 16.28
N ARG L 175 77.75 -29.14 17.10
CA ARG L 175 76.71 -28.78 18.07
C ARG L 175 75.44 -28.37 17.36
N LEU L 176 75.54 -27.64 16.25
CA LEU L 176 74.29 -27.12 15.66
C LEU L 176 73.56 -28.12 14.78
N LEU L 177 74.28 -28.85 13.93
CA LEU L 177 73.72 -30.03 13.29
C LEU L 177 72.98 -30.88 14.30
N THR L 178 73.63 -31.19 15.41
CA THR L 178 72.95 -31.96 16.45
C THR L 178 71.70 -31.22 16.95
N ILE L 179 71.76 -29.90 17.02
CA ILE L 179 70.61 -29.15 17.50
C ILE L 179 69.42 -29.41 16.59
N VAL L 180 69.55 -29.03 15.31
CA VAL L 180 68.39 -29.11 14.43
C VAL L 180 67.93 -30.55 14.29
N GLU L 181 68.88 -31.47 14.07
CA GLU L 181 68.53 -32.88 13.97
C GLU L 181 67.76 -33.39 15.17
N ARG L 182 68.00 -32.84 16.36
CA ARG L 182 67.14 -33.29 17.46
C ARG L 182 65.83 -32.54 17.48
N VAL L 183 65.86 -31.21 17.33
CA VAL L 183 64.65 -30.42 17.47
C VAL L 183 63.71 -30.61 16.29
N ASP L 184 64.22 -30.84 15.10
CA ASP L 184 63.34 -31.10 13.98
C ASP L 184 62.75 -32.50 14.05
N ASN L 185 63.50 -33.45 14.57
CA ASN L 185 63.05 -34.82 14.70
C ASN L 185 62.09 -34.99 15.86
N ALA L 186 61.60 -33.88 16.43
CA ALA L 186 60.66 -33.95 17.55
C ALA L 186 59.25 -34.06 16.98
N GLY L 187 58.92 -35.27 16.53
CA GLY L 187 57.56 -35.72 16.30
C GLY L 187 56.65 -34.80 15.52
N ASP L 188 57.08 -34.40 14.33
CA ASP L 188 56.27 -33.55 13.47
C ASP L 188 55.05 -34.32 12.95
N ARG L 189 54.21 -33.60 12.23
CA ARG L 189 52.87 -34.06 11.85
C ARG L 189 52.85 -35.48 11.33
N SER L 190 51.99 -36.30 11.91
CA SER L 190 51.66 -37.60 11.38
C SER L 190 50.18 -37.85 11.59
N VAL L 191 49.60 -38.66 10.70
CA VAL L 191 48.15 -38.86 10.63
C VAL L 191 47.82 -40.30 10.96
N VAL L 192 46.67 -40.49 11.59
CA VAL L 192 46.16 -41.84 11.87
C VAL L 192 44.67 -41.69 12.17
N THR L 193 43.93 -42.78 12.01
CA THR L 193 42.48 -42.74 12.13
C THR L 193 42.01 -43.78 13.13
N VAL L 194 40.72 -43.81 13.38
CA VAL L 194 40.11 -44.87 14.15
C VAL L 194 38.72 -45.11 13.60
N PRO L 195 38.38 -46.34 13.30
CA PRO L 195 36.99 -46.61 12.93
C PRO L 195 36.08 -46.52 14.12
N LEU L 196 34.81 -46.85 13.93
CA LEU L 196 33.86 -46.80 15.04
C LEU L 196 32.76 -47.80 14.79
N SER L 197 32.49 -48.62 15.79
CA SER L 197 31.48 -49.67 15.69
C SER L 197 30.07 -49.15 15.40
N TRP L 198 29.45 -48.41 16.33
CA TRP L 198 28.06 -48.04 16.13
C TRP L 198 27.71 -46.59 16.41
N ALA L 199 28.51 -45.86 17.18
CA ALA L 199 28.10 -44.52 17.58
C ALA L 199 28.13 -43.52 16.42
N SER L 200 27.49 -42.38 16.64
CA SER L 200 27.43 -41.31 15.66
C SER L 200 28.82 -40.73 15.40
N ALA L 201 29.06 -40.33 14.15
CA ALA L 201 30.37 -39.76 13.79
C ALA L 201 30.37 -38.24 13.97
N ALA L 202 29.69 -37.53 13.07
CA ALA L 202 29.71 -36.06 13.09
C ALA L 202 29.32 -35.50 14.44
N GLU L 203 28.64 -36.29 15.26
CA GLU L 203 28.19 -35.81 16.55
C GLU L 203 29.33 -35.76 17.53
N VAL L 204 30.25 -36.73 17.45
CA VAL L 204 31.36 -36.78 18.40
C VAL L 204 32.29 -35.61 18.20
N VAL L 205 32.90 -35.51 17.02
CA VAL L 205 33.78 -34.37 16.76
C VAL L 205 33.01 -33.06 16.93
N LYS L 206 31.81 -33.01 16.39
CA LYS L 206 30.87 -31.94 16.73
C LYS L 206 30.82 -31.67 18.24
N LEU L 207 31.22 -32.65 19.06
CA LEU L 207 31.30 -32.45 20.51
C LEU L 207 32.70 -32.71 21.09
N VAL L 208 33.76 -32.55 20.31
CA VAL L 208 35.06 -32.72 20.94
C VAL L 208 35.68 -31.36 21.18
N THR L 209 35.53 -30.45 20.20
CA THR L 209 36.07 -29.12 20.29
C THR L 209 35.28 -28.25 21.23
N GLU L 210 34.47 -28.87 22.08
CA GLU L 210 33.79 -28.19 23.17
C GLU L 210 34.29 -28.66 24.52
N LEU L 211 34.76 -29.90 24.59
CA LEU L 211 35.34 -30.42 25.82
C LEU L 211 36.83 -30.19 25.90
N ASN L 212 37.55 -30.17 24.77
CA ASN L 212 38.99 -29.91 24.78
C ASN L 212 39.32 -28.85 23.74
N LYS L 213 38.95 -27.61 24.02
CA LYS L 213 39.12 -26.55 23.05
C LYS L 213 40.20 -25.52 23.38
N ASP L 214 40.18 -24.95 24.58
CA ASP L 214 41.04 -23.83 24.87
C ASP L 214 41.05 -23.58 26.37
N THR L 215 41.69 -22.49 26.75
CA THR L 215 41.75 -22.01 28.12
C THR L 215 41.94 -20.51 28.07
N SER L 216 41.84 -19.87 29.23
CA SER L 216 42.07 -18.44 29.34
C SER L 216 43.37 -18.00 28.72
N LYS L 217 44.34 -18.89 28.65
CA LYS L 217 45.60 -18.66 28.00
C LYS L 217 45.92 -19.92 27.23
N SER L 218 46.31 -19.76 25.97
CA SER L 218 46.59 -20.90 25.09
C SER L 218 47.62 -21.83 25.70
N ALA L 219 47.39 -23.14 25.54
CA ALA L 219 48.32 -24.13 26.05
C ALA L 219 49.66 -23.83 25.38
N LEU L 220 49.58 -23.44 24.11
CA LEU L 220 50.77 -23.09 23.35
C LEU L 220 50.44 -22.66 21.93
N PRO L 221 51.46 -22.33 21.15
CA PRO L 221 51.26 -21.93 19.75
C PRO L 221 50.53 -23.04 19.00
N GLY L 222 50.12 -22.76 17.77
CA GLY L 222 49.42 -23.72 16.96
C GLY L 222 49.99 -25.11 16.75
N SER L 223 51.25 -25.35 17.10
CA SER L 223 51.81 -26.68 16.92
C SER L 223 51.81 -27.43 18.24
N MET L 224 52.11 -28.72 18.17
CA MET L 224 52.02 -29.64 19.31
C MET L 224 50.60 -29.73 19.87
N VAL L 225 49.59 -29.57 19.01
CA VAL L 225 48.19 -29.71 19.37
C VAL L 225 47.44 -30.09 18.11
N ALA L 226 46.48 -30.99 18.27
CA ALA L 226 45.94 -31.70 17.13
C ALA L 226 44.59 -31.11 16.76
N ASN L 227 44.28 -31.20 15.48
CA ASN L 227 42.95 -30.85 14.97
C ASN L 227 42.22 -32.09 14.51
N VAL L 228 40.89 -32.00 14.48
CA VAL L 228 40.07 -33.18 14.26
C VAL L 228 38.97 -32.81 13.26
N VAL L 229 38.81 -33.63 12.22
CA VAL L 229 37.66 -33.61 11.33
C VAL L 229 37.22 -35.05 11.09
N ALA L 230 36.14 -35.20 10.34
CA ALA L 230 35.61 -36.53 10.10
C ALA L 230 34.73 -36.46 8.86
N ASP L 231 34.68 -37.57 8.16
CA ASP L 231 33.70 -37.75 7.09
C ASP L 231 32.54 -38.54 7.65
N GLU L 232 31.43 -38.48 6.95
CA GLU L 232 30.30 -39.29 7.31
C GLU L 232 30.25 -40.56 6.50
N ARG L 233 31.29 -40.84 5.73
CA ARG L 233 31.16 -41.85 4.70
C ARG L 233 31.53 -43.22 5.24
N THR L 234 32.66 -43.35 5.89
CA THR L 234 33.07 -44.61 6.49
C THR L 234 32.86 -44.65 7.99
N ASN L 235 32.32 -43.58 8.58
CA ASN L 235 31.99 -43.58 10.00
C ASN L 235 33.28 -43.70 10.83
N ALA L 236 34.34 -43.06 10.38
CA ALA L 236 35.54 -42.94 11.19
C ALA L 236 35.91 -41.46 11.29
N VAL L 237 36.90 -41.19 12.14
CA VAL L 237 37.26 -39.83 12.49
C VAL L 237 38.77 -39.64 12.30
N LEU L 238 39.16 -38.41 12.02
CA LEU L 238 40.52 -38.09 11.59
C LEU L 238 41.25 -37.32 12.70
N VAL L 239 42.52 -37.66 12.94
CA VAL L 239 43.36 -36.87 13.82
C VAL L 239 44.73 -36.71 13.19
N SER L 240 45.43 -35.65 13.60
CA SER L 240 46.78 -35.41 13.14
C SER L 240 47.50 -34.58 14.18
N GLY L 241 48.78 -34.90 14.42
CA GLY L 241 49.46 -34.23 15.53
C GLY L 241 50.67 -35.01 15.97
N GLU L 242 50.97 -34.87 17.25
CA GLU L 242 52.24 -35.30 17.81
C GLU L 242 52.07 -36.49 18.75
N PRO L 243 53.10 -37.33 18.85
CA PRO L 243 52.95 -38.60 19.55
C PRO L 243 52.71 -38.49 21.04
N ASN L 244 52.65 -37.30 21.61
CA ASN L 244 52.13 -37.13 22.95
C ASN L 244 50.93 -36.18 23.00
N SER L 245 50.35 -35.87 21.85
CA SER L 245 49.09 -35.13 21.77
C SER L 245 47.92 -35.99 21.34
N ARG L 246 48.15 -36.87 20.35
CA ARG L 246 47.04 -37.63 19.81
C ARG L 246 46.53 -38.63 20.82
N GLN L 247 47.43 -39.17 21.64
CA GLN L 247 47.05 -40.22 22.57
C GLN L 247 45.90 -39.78 23.43
N ARG L 248 45.88 -38.51 23.79
CA ARG L 248 44.73 -37.96 24.50
C ARG L 248 43.46 -38.11 23.68
N ILE L 249 43.51 -37.75 22.39
CA ILE L 249 42.30 -37.85 21.57
C ILE L 249 41.80 -39.28 21.52
N ILE L 250 42.71 -40.23 21.32
CA ILE L 250 42.29 -41.62 21.32
C ILE L 250 41.74 -42.00 22.68
N ALA L 251 42.22 -41.36 23.75
CA ALA L 251 41.69 -41.66 25.07
C ALA L 251 40.22 -41.29 25.11
N MET L 252 39.89 -40.05 24.74
CA MET L 252 38.51 -39.66 24.80
C MET L 252 37.66 -40.55 23.92
N ILE L 253 38.07 -40.82 22.69
CA ILE L 253 37.18 -41.62 21.85
C ILE L 253 37.02 -43.03 22.46
N LYS L 254 38.07 -43.57 23.11
CA LYS L 254 37.90 -44.86 23.77
C LYS L 254 36.81 -44.78 24.83
N GLN L 255 36.76 -43.62 25.52
CA GLN L 255 35.75 -43.43 26.57
C GLN L 255 34.39 -43.12 25.95
N LEU L 256 34.37 -42.28 24.92
CA LEU L 256 33.15 -41.90 24.25
C LEU L 256 32.52 -43.11 23.59
N ASP L 257 33.35 -44.00 23.04
CA ASP L 257 32.85 -45.15 22.29
C ASP L 257 32.38 -46.21 23.26
N ARG L 258 31.25 -45.93 23.85
CA ARG L 258 30.63 -46.85 24.80
C ARG L 258 29.40 -47.49 24.18
N GLN L 259 28.93 -48.54 24.84
CA GLN L 259 27.77 -49.28 24.38
C GLN L 259 26.55 -48.83 25.18
N GLN L 260 25.39 -48.82 24.54
CA GLN L 260 24.18 -48.38 25.23
C GLN L 260 23.46 -49.49 25.99
N ALA L 261 23.15 -49.26 27.27
CA ALA L 261 22.43 -50.27 28.02
C ALA L 261 21.14 -50.57 27.30
N VAL L 262 20.38 -49.51 27.02
CA VAL L 262 19.11 -49.59 26.31
C VAL L 262 18.92 -48.21 25.69
N GLN L 263 18.57 -48.15 24.41
CA GLN L 263 18.35 -46.86 23.76
C GLN L 263 17.05 -46.30 24.28
N GLY L 264 17.10 -45.16 24.96
CA GLY L 264 15.89 -44.58 25.50
C GLY L 264 15.48 -43.31 24.79
N ASN L 265 16.22 -42.95 23.74
CA ASN L 265 15.84 -41.78 22.96
C ASN L 265 14.38 -41.86 22.51
N THR L 266 13.92 -43.05 22.15
CA THR L 266 12.52 -43.30 21.82
C THR L 266 12.11 -44.66 22.34
N LYS L 267 10.98 -44.73 23.01
CA LYS L 267 10.43 -46.01 23.42
C LYS L 267 8.94 -46.09 23.13
N VAL L 268 8.49 -47.27 22.73
CA VAL L 268 7.16 -47.49 22.18
C VAL L 268 6.32 -48.20 23.21
N ILE L 269 5.20 -47.60 23.59
CA ILE L 269 4.34 -48.21 24.56
C ILE L 269 3.15 -48.81 23.85
N TYR L 270 2.39 -49.64 24.58
CA TYR L 270 1.19 -50.29 24.07
C TYR L 270 0.10 -50.04 25.09
N LEU L 271 -0.94 -49.32 24.70
CA LEU L 271 -2.04 -49.00 25.61
C LEU L 271 -3.14 -50.05 25.50
N LYS L 272 -3.77 -50.37 26.63
CA LYS L 272 -4.59 -51.57 26.68
C LYS L 272 -6.09 -51.32 26.50
N TYR L 273 -6.69 -50.34 27.22
CA TYR L 273 -8.15 -50.18 27.15
C TYR L 273 -8.67 -48.91 26.51
N ALA L 274 -7.91 -47.83 26.48
CA ALA L 274 -8.34 -46.63 25.79
C ALA L 274 -7.79 -46.60 24.39
N LYS L 275 -8.48 -45.92 23.49
CA LYS L 275 -7.88 -45.76 22.19
C LYS L 275 -6.80 -44.67 22.28
N ALA L 276 -6.02 -44.53 21.22
CA ALA L 276 -4.93 -43.58 21.23
C ALA L 276 -5.25 -42.33 20.46
N ALA L 277 -6.30 -42.35 19.64
CA ALA L 277 -6.67 -41.17 18.90
C ALA L 277 -6.98 -40.01 19.84
N ASP L 278 -7.88 -40.23 20.80
CA ASP L 278 -8.16 -39.15 21.75
C ASP L 278 -6.90 -38.76 22.51
N LEU L 279 -6.10 -39.74 22.90
CA LEU L 279 -4.97 -39.45 23.76
C LEU L 279 -3.96 -38.54 23.09
N VAL L 280 -3.67 -38.74 21.80
CA VAL L 280 -2.72 -37.84 21.16
C VAL L 280 -3.10 -36.38 21.39
N GLU L 281 -4.37 -36.05 21.17
CA GLU L 281 -4.73 -34.65 21.18
C GLU L 281 -4.93 -34.13 22.60
N VAL L 282 -5.54 -34.94 23.49
CA VAL L 282 -5.61 -34.57 24.90
C VAL L 282 -4.23 -34.28 25.44
N LEU L 283 -3.28 -35.16 25.17
CA LEU L 283 -1.91 -34.98 25.65
C LEU L 283 -1.14 -34.24 24.58
N THR L 284 -1.03 -32.93 24.73
CA THR L 284 -0.08 -32.20 23.89
C THR L 284 0.94 -31.38 24.66
N GLY L 285 0.70 -31.01 25.92
CA GLY L 285 1.61 -30.02 26.46
C GLY L 285 2.17 -30.13 27.85
N ILE L 286 2.83 -31.24 28.21
CA ILE L 286 3.35 -31.38 29.58
C ILE L 286 4.35 -30.29 29.88
N SER L 287 5.47 -30.27 29.16
CA SER L 287 6.66 -29.58 29.60
C SER L 287 7.12 -28.48 28.67
N SER L 288 6.60 -28.42 27.46
CA SER L 288 6.85 -27.29 26.58
C SER L 288 6.35 -25.99 27.20
N LYS L 305 13.35 -29.71 23.25
CA LYS L 305 12.57 -28.65 22.57
C LYS L 305 11.10 -28.77 22.94
N ASN L 306 10.55 -29.93 22.63
CA ASN L 306 9.13 -30.19 22.80
C ASN L 306 8.98 -31.70 22.91
N ILE L 307 7.75 -32.11 23.14
CA ILE L 307 7.41 -33.52 23.20
C ILE L 307 6.48 -33.80 22.02
N ILE L 308 6.92 -34.66 21.12
CA ILE L 308 6.14 -35.00 19.95
C ILE L 308 5.55 -36.38 20.19
N ILE L 309 4.25 -36.44 20.40
CA ILE L 309 3.58 -37.71 20.55
C ILE L 309 2.95 -38.09 19.24
N LYS L 310 3.18 -39.32 18.82
CA LYS L 310 2.60 -39.89 17.62
C LYS L 310 1.81 -41.15 18.01
N ALA L 311 0.67 -41.34 17.37
CA ALA L 311 -0.16 -42.52 17.62
C ALA L 311 -0.31 -43.32 16.35
N HIS L 312 -0.31 -44.65 16.48
CA HIS L 312 -0.28 -45.43 15.25
C HIS L 312 -1.68 -45.63 14.70
N GLY L 313 -2.58 -46.22 15.49
CA GLY L 313 -3.92 -46.53 15.05
C GLY L 313 -4.09 -47.83 14.31
N GLN L 314 -3.03 -48.39 13.76
CA GLN L 314 -3.18 -49.61 13.01
C GLN L 314 -2.75 -50.84 13.81
N THR L 315 -1.91 -50.66 14.82
CA THR L 315 -1.77 -51.62 15.90
C THR L 315 -2.35 -51.08 17.20
N ASN L 316 -2.91 -49.88 17.19
CA ASN L 316 -3.41 -49.24 18.42
C ASN L 316 -2.30 -49.13 19.46
N ALA L 317 -1.17 -48.58 19.04
CA ALA L 317 -0.11 -48.26 19.97
C ALA L 317 0.44 -46.89 19.64
N LEU L 318 0.99 -46.23 20.65
CA LEU L 318 1.47 -44.87 20.53
C LEU L 318 2.94 -44.78 20.89
N ILE L 319 3.59 -43.75 20.36
CA ILE L 319 5.00 -43.53 20.61
C ILE L 319 5.25 -42.28 21.45
N VAL L 320 6.50 -42.13 21.87
CA VAL L 320 6.96 -41.02 22.69
C VAL L 320 8.40 -40.85 22.22
N THR L 321 8.65 -39.82 21.43
CA THR L 321 9.99 -39.48 21.00
C THR L 321 10.13 -38.08 21.54
N ALA L 322 10.35 -38.00 22.85
CA ALA L 322 10.42 -36.72 23.50
C ALA L 322 11.53 -36.88 24.49
N ALA L 323 11.52 -36.07 25.53
CA ALA L 323 12.57 -36.22 26.53
C ALA L 323 12.94 -37.61 27.00
N PRO L 324 14.23 -37.96 26.89
CA PRO L 324 14.72 -39.27 27.31
C PRO L 324 15.09 -39.36 28.78
N ASP L 325 14.61 -38.44 29.60
CA ASP L 325 14.90 -38.44 31.02
C ASP L 325 13.71 -38.23 31.94
N VAL L 326 12.58 -37.77 31.42
CA VAL L 326 11.52 -37.53 32.38
C VAL L 326 10.29 -38.34 31.94
N MET L 327 10.51 -39.23 30.97
CA MET L 327 9.45 -40.06 30.45
C MET L 327 8.66 -40.66 31.60
N ASN L 328 9.30 -40.82 32.75
CA ASN L 328 8.61 -41.38 33.90
C ASN L 328 7.37 -40.61 34.25
N ASP L 329 7.36 -39.30 33.98
CA ASP L 329 6.17 -38.50 34.15
C ASP L 329 5.09 -38.83 33.13
N LEU L 330 5.42 -39.65 32.15
CA LEU L 330 4.45 -40.12 31.18
C LEU L 330 4.03 -41.53 31.48
N GLU L 331 4.98 -42.41 31.78
CA GLU L 331 4.55 -43.73 32.23
C GLU L 331 3.57 -43.66 33.40
N ARG L 332 3.81 -42.77 34.37
CA ARG L 332 2.86 -42.71 35.47
C ARG L 332 1.49 -42.24 34.98
N VAL L 333 1.49 -41.25 34.09
CA VAL L 333 0.17 -40.70 33.76
C VAL L 333 -0.59 -41.66 32.86
N ILE L 334 0.06 -42.27 31.87
CA ILE L 334 -0.67 -43.24 31.07
C ILE L 334 -1.12 -44.41 31.92
N ALA L 335 -0.28 -44.85 32.87
CA ALA L 335 -0.71 -45.92 33.77
C ALA L 335 -1.94 -45.51 34.57
N GLN L 336 -2.04 -44.24 34.94
CA GLN L 336 -3.28 -43.78 35.52
C GLN L 336 -4.33 -43.45 34.48
N LEU L 337 -4.04 -43.64 33.20
CA LEU L 337 -5.04 -43.36 32.18
C LEU L 337 -5.49 -44.57 31.37
N ASP L 338 -5.03 -45.77 31.69
CA ASP L 338 -5.50 -46.97 31.00
C ASP L 338 -6.15 -47.89 32.03
N ILE L 339 -7.48 -48.01 32.02
CA ILE L 339 -8.20 -48.65 33.10
C ILE L 339 -9.53 -49.21 32.58
N ARG L 340 -9.81 -50.48 32.92
CA ARG L 340 -11.08 -51.10 32.56
C ARG L 340 -12.25 -50.23 33.02
N ARG L 341 -13.31 -50.17 32.23
CA ARG L 341 -14.42 -49.32 32.61
C ARG L 341 -15.72 -50.10 32.79
N PRO L 342 -16.40 -49.93 33.90
CA PRO L 342 -17.70 -50.57 34.13
C PRO L 342 -18.81 -49.89 33.37
N GLN L 343 -19.83 -50.66 33.04
CA GLN L 343 -20.95 -50.20 32.26
C GLN L 343 -22.27 -50.51 32.97
N VAL L 344 -23.28 -49.73 32.69
CA VAL L 344 -24.51 -49.69 33.47
C VAL L 344 -25.70 -50.05 32.59
N LEU L 345 -26.67 -50.78 33.16
CA LEU L 345 -27.86 -51.19 32.46
C LEU L 345 -29.02 -50.29 32.85
N VAL L 346 -29.63 -49.63 31.87
CA VAL L 346 -30.72 -48.70 32.11
C VAL L 346 -31.98 -49.28 31.48
N GLU L 347 -33.04 -49.34 32.26
CA GLU L 347 -34.38 -49.65 31.75
C GLU L 347 -35.40 -48.68 32.36
N ALA L 348 -36.28 -48.18 31.51
CA ALA L 348 -37.37 -47.34 31.97
C ALA L 348 -38.68 -47.99 31.60
N ILE L 349 -39.73 -47.64 32.34
CA ILE L 349 -41.03 -48.24 32.15
C ILE L 349 -42.04 -47.12 32.15
N ILE L 350 -43.11 -47.29 31.38
CA ILE L 350 -44.21 -46.34 31.38
C ILE L 350 -45.51 -47.08 31.30
N ALA L 351 -46.58 -46.45 31.79
CA ALA L 351 -47.87 -47.06 31.66
C ALA L 351 -48.92 -46.04 31.99
N GLU L 352 -50.07 -46.16 31.35
CA GLU L 352 -51.16 -45.22 31.56
C GLU L 352 -52.47 -45.95 31.31
N VAL L 353 -53.57 -45.24 31.56
CA VAL L 353 -54.89 -45.74 31.23
C VAL L 353 -55.68 -44.56 30.70
N GLN L 354 -56.60 -44.85 29.79
CA GLN L 354 -57.46 -43.83 29.22
C GLN L 354 -58.86 -44.39 29.23
N ASP L 355 -59.76 -43.68 29.91
CA ASP L 355 -61.10 -44.16 30.12
C ASP L 355 -62.07 -43.01 29.96
N ALA L 356 -63.26 -43.34 29.50
CA ALA L 356 -64.28 -42.31 29.32
C ALA L 356 -65.65 -42.95 29.47
N ASP L 357 -66.50 -42.28 30.24
CA ASP L 357 -67.86 -42.72 30.43
C ASP L 357 -68.81 -41.69 29.84
N GLY L 358 -69.99 -42.15 29.45
CA GLY L 358 -70.97 -41.29 28.83
C GLY L 358 -72.39 -41.80 28.97
N LEU L 359 -73.33 -40.90 29.17
CA LEU L 359 -74.72 -41.30 29.32
C LEU L 359 -75.59 -40.25 28.64
N ASN L 360 -76.82 -40.62 28.33
CA ASN L 360 -77.79 -39.64 27.84
C ASN L 360 -79.18 -40.20 28.05
N LEU L 361 -80.17 -39.33 27.92
CA LEU L 361 -81.56 -39.69 28.11
C LEU L 361 -82.47 -38.54 27.71
N GLY L 362 -83.61 -38.85 27.11
CA GLY L 362 -84.56 -37.85 26.67
C GLY L 362 -85.75 -38.41 25.89
N ILE L 363 -86.90 -37.73 25.94
CA ILE L 363 -88.11 -38.15 25.27
C ILE L 363 -88.59 -37.03 24.33
N GLN L 364 -89.63 -37.33 23.54
CA GLN L 364 -90.23 -36.32 22.69
C GLN L 364 -91.68 -36.69 22.39
N TRP L 365 -92.51 -35.66 22.19
CA TRP L 365 -93.95 -35.80 22.03
C TRP L 365 -94.42 -35.11 20.76
N ALA L 366 -95.60 -35.50 20.31
CA ALA L 366 -96.15 -35.01 19.05
C ALA L 366 -97.64 -35.22 19.00
N ASN L 367 -98.37 -34.28 18.43
CA ASN L 367 -99.82 -34.43 18.28
C ASN L 367 -100.28 -33.46 17.21
N LYS L 368 -101.13 -33.98 16.30
CA LYS L 368 -101.63 -33.14 15.22
C LYS L 368 -102.31 -31.90 15.74
N ASN L 369 -103.13 -32.04 16.79
CA ASN L 369 -103.84 -30.90 17.34
C ASN L 369 -103.05 -30.17 18.41
N ALA L 370 -101.90 -30.69 18.82
CA ALA L 370 -101.20 -30.19 19.99
C ALA L 370 -99.76 -29.82 19.62
N GLY L 371 -98.96 -29.59 20.66
CA GLY L 371 -97.65 -29.01 20.45
C GLY L 371 -96.61 -29.91 19.83
N MET L 372 -95.35 -29.64 20.13
CA MET L 372 -94.25 -30.41 19.54
C MET L 372 -93.01 -30.23 20.40
N THR L 373 -92.49 -31.33 20.96
CA THR L 373 -91.36 -31.32 21.88
C THR L 373 -90.17 -31.97 21.19
N GLN L 374 -89.27 -31.16 20.68
CA GLN L 374 -88.19 -31.63 19.86
C GLN L 374 -86.86 -31.56 20.60
N PHE L 375 -85.94 -32.47 20.28
CA PHE L 375 -84.60 -32.40 20.82
C PHE L 375 -83.62 -32.91 19.77
N THR L 376 -82.72 -32.03 19.29
CA THR L 376 -81.84 -32.40 18.20
C THR L 376 -80.63 -33.16 18.68
N ASN L 377 -80.18 -32.89 19.91
CA ASN L 377 -79.03 -33.60 20.41
C ASN L 377 -79.24 -35.11 20.38
N SER L 378 -80.51 -35.53 20.44
CA SER L 378 -80.81 -36.94 20.58
C SER L 378 -80.38 -37.77 19.39
N GLY L 379 -80.21 -37.14 18.24
CA GLY L 379 -79.89 -37.84 17.03
C GLY L 379 -81.05 -37.97 16.06
N LEU L 380 -82.28 -37.69 16.52
CA LEU L 380 -83.46 -37.84 15.69
C LEU L 380 -84.55 -36.87 16.13
N PRO L 381 -84.98 -35.99 15.26
CA PRO L 381 -86.13 -35.15 15.57
C PRO L 381 -87.44 -35.95 15.52
N ILE L 382 -88.54 -35.26 15.86
CA ILE L 382 -89.82 -35.83 15.49
C ILE L 382 -89.99 -35.78 13.99
N SER L 383 -89.30 -34.84 13.33
CA SER L 383 -89.36 -34.74 11.88
C SER L 383 -89.09 -36.09 11.23
N THR L 384 -88.13 -36.83 11.79
CA THR L 384 -87.91 -38.20 11.34
C THR L 384 -89.16 -39.05 11.43
N ALA L 385 -89.99 -38.79 12.41
CA ALA L 385 -91.16 -39.63 12.62
C ALA L 385 -92.33 -39.20 11.74
N ILE L 386 -92.76 -37.94 11.90
CA ILE L 386 -93.84 -37.43 11.09
C ILE L 386 -93.53 -37.62 9.60
N ALA L 387 -92.26 -37.49 9.23
CA ALA L 387 -91.89 -37.81 7.87
C ALA L 387 -91.67 -39.28 7.64
N GLY L 388 -91.60 -40.10 8.68
CA GLY L 388 -91.27 -41.50 8.47
C GLY L 388 -92.54 -42.29 8.21
N ALA L 389 -93.62 -41.92 8.90
CA ALA L 389 -94.82 -42.74 8.88
C ALA L 389 -95.80 -42.28 7.81
N ASN L 390 -96.01 -40.98 7.65
CA ASN L 390 -96.83 -40.50 6.54
C ASN L 390 -96.21 -40.82 5.19
N GLN L 391 -94.88 -40.77 5.09
CA GLN L 391 -94.22 -41.26 3.89
C GLN L 391 -94.27 -42.77 3.78
N TYR L 392 -94.16 -43.45 4.91
CA TYR L 392 -94.21 -44.91 4.89
C TYR L 392 -95.57 -45.35 4.37
N ASN L 393 -96.60 -45.09 5.16
CA ASN L 393 -97.97 -45.51 4.85
C ASN L 393 -98.55 -44.76 3.65
N LYS L 394 -97.94 -43.64 3.24
CA LYS L 394 -98.27 -43.14 1.91
C LYS L 394 -97.72 -44.06 0.83
N ASP L 395 -96.41 -44.29 0.83
CA ASP L 395 -95.81 -45.23 -0.11
C ASP L 395 -96.19 -46.67 0.22
N GLY L 396 -96.71 -46.93 1.40
CA GLY L 396 -96.93 -48.30 1.87
C GLY L 396 -95.74 -48.83 2.63
N THR L 397 -94.53 -48.51 2.17
CA THR L 397 -93.33 -49.06 2.78
C THR L 397 -92.25 -47.99 2.83
N ILE L 398 -91.04 -48.40 3.20
CA ILE L 398 -89.94 -47.47 3.35
C ILE L 398 -89.59 -46.91 1.98
N SER L 399 -89.24 -45.62 1.97
CA SER L 399 -88.59 -45.02 0.82
C SER L 399 -87.32 -44.34 1.29
N SER L 400 -86.22 -44.52 0.54
CA SER L 400 -84.91 -44.02 0.93
C SER L 400 -84.87 -42.51 1.18
N SER L 401 -85.93 -41.79 0.78
CA SER L 401 -86.00 -40.36 1.06
C SER L 401 -85.94 -40.06 2.55
N LEU L 402 -86.20 -41.04 3.39
CA LEU L 402 -86.29 -40.83 4.82
C LEU L 402 -84.92 -40.51 5.39
N ALA L 403 -84.91 -40.06 6.63
CA ALA L 403 -83.71 -39.50 7.24
C ALA L 403 -82.62 -40.54 7.29
N SER L 404 -81.54 -40.33 6.53
CA SER L 404 -80.42 -41.28 6.55
C SER L 404 -79.71 -41.33 7.89
N ALA L 405 -80.11 -40.49 8.84
CA ALA L 405 -79.50 -40.50 10.16
C ALA L 405 -79.63 -41.86 10.85
N LEU L 406 -80.68 -42.62 10.52
CA LEU L 406 -80.88 -43.92 11.13
C LEU L 406 -79.65 -44.81 10.96
N GLY L 407 -78.89 -44.62 9.88
CA GLY L 407 -77.68 -45.39 9.64
C GLY L 407 -76.64 -45.23 10.71
N SER L 408 -76.73 -44.16 11.49
CA SER L 408 -75.72 -43.90 12.50
C SER L 408 -76.23 -44.07 13.92
N PHE L 409 -77.54 -44.15 14.11
CA PHE L 409 -78.11 -44.15 15.45
C PHE L 409 -77.60 -45.34 16.26
N ASN L 410 -77.59 -45.17 17.58
CA ASN L 410 -77.28 -46.24 18.49
C ASN L 410 -78.13 -46.09 19.74
N GLY L 411 -78.50 -47.23 20.34
CA GLY L 411 -79.34 -47.22 21.52
C GLY L 411 -80.70 -47.83 21.28
N ILE L 412 -81.68 -47.40 22.06
CA ILE L 412 -83.03 -47.92 21.98
C ILE L 412 -84.00 -46.75 21.92
N ALA L 413 -85.16 -47.01 21.33
CA ALA L 413 -86.28 -46.10 21.36
C ALA L 413 -87.54 -46.91 21.11
N ALA L 414 -88.62 -46.61 21.82
CA ALA L 414 -89.78 -47.47 21.90
C ALA L 414 -90.98 -46.76 21.28
N GLY L 415 -91.59 -47.38 20.28
CA GLY L 415 -92.68 -46.75 19.54
C GLY L 415 -94.00 -46.99 20.24
N PHE L 416 -94.77 -45.92 20.42
CA PHE L 416 -96.08 -45.99 21.00
C PHE L 416 -97.04 -45.07 20.28
N TYR L 417 -98.29 -45.48 20.16
CA TYR L 417 -99.32 -44.68 19.52
C TYR L 417 -100.68 -45.01 20.13
N GLN L 418 -101.37 -44.01 20.66
CA GLN L 418 -102.74 -44.16 21.15
C GLN L 418 -103.53 -42.93 20.71
N GLY L 419 -104.11 -43.03 19.53
CA GLY L 419 -104.86 -41.91 19.01
C GLY L 419 -103.94 -40.79 18.60
N ASN L 420 -104.08 -39.64 19.24
CA ASN L 420 -103.49 -38.40 18.78
C ASN L 420 -102.05 -38.20 19.20
N TRP L 421 -101.59 -38.91 20.23
CA TRP L 421 -100.30 -38.59 20.82
C TRP L 421 -99.24 -39.59 20.34
N ALA L 422 -98.02 -39.39 20.83
CA ALA L 422 -96.88 -40.26 20.59
C ALA L 422 -95.77 -39.86 21.55
N MET L 423 -94.81 -40.75 21.71
CA MET L 423 -93.65 -40.40 22.53
C MET L 423 -92.53 -41.38 22.19
N LEU L 424 -91.30 -40.87 22.27
CA LEU L 424 -90.10 -41.66 21.98
C LEU L 424 -89.12 -41.49 23.12
N LEU L 425 -88.79 -42.60 23.79
CA LEU L 425 -87.74 -42.64 24.79
C LEU L 425 -86.39 -42.88 24.12
N THR L 426 -85.34 -42.27 24.66
CA THR L 426 -84.03 -42.32 24.05
C THR L 426 -82.97 -42.36 25.12
N ALA L 427 -82.06 -43.33 25.04
CA ALA L 427 -80.98 -43.43 25.98
C ALA L 427 -79.93 -44.35 25.42
N LEU L 428 -78.76 -44.29 26.02
CA LEU L 428 -77.65 -45.18 25.66
C LEU L 428 -76.57 -45.02 26.70
N SER L 429 -75.76 -46.04 26.84
CA SER L 429 -74.57 -45.96 27.66
C SER L 429 -73.40 -46.40 26.82
N SER L 430 -72.28 -45.71 26.99
CA SER L 430 -71.10 -46.01 26.23
C SER L 430 -69.89 -45.76 27.10
N SER L 431 -68.89 -46.64 26.96
CA SER L 431 -67.66 -46.50 27.71
C SER L 431 -66.53 -47.03 26.86
N THR L 432 -65.32 -46.66 27.24
CA THR L 432 -64.15 -47.04 26.49
C THR L 432 -62.96 -47.04 27.41
N LYS L 433 -62.08 -48.03 27.26
CA LYS L 433 -60.93 -48.19 28.14
C LYS L 433 -59.70 -48.51 27.32
N ASN L 434 -58.55 -47.95 27.72
CA ASN L 434 -57.32 -48.07 26.98
C ASN L 434 -56.15 -48.15 27.93
N ASP L 435 -55.18 -49.02 27.61
CA ASP L 435 -53.99 -49.24 28.40
C ASP L 435 -52.79 -49.37 27.47
N ILE L 436 -51.61 -49.22 28.04
CA ILE L 436 -50.34 -49.27 27.33
C ILE L 436 -49.27 -49.66 28.34
N LEU L 437 -48.11 -50.03 27.82
CA LEU L 437 -46.99 -50.38 28.67
C LEU L 437 -45.75 -50.40 27.82
N ALA L 438 -44.63 -49.90 28.35
CA ALA L 438 -43.41 -49.83 27.54
C ALA L 438 -42.20 -50.01 28.43
N THR L 439 -41.45 -51.09 28.22
CA THR L 439 -40.26 -51.38 29.01
C THR L 439 -39.10 -51.63 28.08
N PRO L 440 -38.32 -50.59 27.73
CA PRO L 440 -37.04 -50.86 27.05
C PRO L 440 -35.84 -50.85 27.97
N SER L 441 -34.78 -51.54 27.55
CA SER L 441 -33.58 -51.70 28.37
C SER L 441 -32.35 -51.73 27.45
N ILE L 442 -31.22 -51.27 28.00
CA ILE L 442 -30.02 -51.14 27.18
C ILE L 442 -28.75 -51.11 28.03
N VAL L 443 -27.59 -51.25 27.40
CA VAL L 443 -26.27 -51.19 28.04
C VAL L 443 -25.38 -50.37 27.14
N THR L 444 -24.37 -49.77 27.76
CA THR L 444 -23.40 -48.94 27.07
C THR L 444 -22.29 -48.64 28.05
N LEU L 445 -21.31 -47.88 27.57
CA LEU L 445 -20.30 -47.43 28.50
C LEU L 445 -20.78 -46.11 29.08
N ASP L 446 -19.98 -45.50 29.96
CA ASP L 446 -20.49 -44.31 30.62
C ASP L 446 -20.51 -43.12 29.66
N ASN L 447 -19.35 -42.75 29.14
CA ASN L 447 -19.25 -41.46 28.49
C ASN L 447 -19.92 -41.42 27.11
N MET L 448 -19.92 -42.55 26.39
CA MET L 448 -20.53 -42.54 25.07
C MET L 448 -22.03 -42.75 25.18
N GLN L 449 -22.80 -42.00 24.41
CA GLN L 449 -24.25 -42.06 24.49
C GLN L 449 -24.76 -43.22 23.64
N ALA L 450 -25.70 -43.96 24.16
CA ALA L 450 -26.45 -44.88 23.31
C ALA L 450 -27.85 -44.35 23.09
N THR L 451 -28.45 -44.72 21.98
CA THR L 451 -29.81 -44.33 21.69
C THR L 451 -30.56 -45.50 21.07
N PHE L 452 -31.87 -45.47 21.18
CA PHE L 452 -32.69 -46.64 20.92
C PHE L 452 -34.07 -46.21 20.48
N ASN L 453 -34.66 -46.95 19.56
CA ASN L 453 -36.01 -46.57 19.15
C ASN L 453 -36.67 -47.71 18.40
N VAL L 454 -37.99 -47.75 18.49
CA VAL L 454 -38.82 -48.74 17.83
C VAL L 454 -39.98 -47.99 17.21
N GLY L 455 -40.53 -48.53 16.13
CA GLY L 455 -41.72 -47.94 15.57
C GLY L 455 -41.56 -47.60 14.11
N GLN L 456 -42.68 -47.24 13.51
CA GLN L 456 -42.72 -47.04 12.08
C GLN L 456 -42.20 -45.64 11.74
N GLU L 457 -42.17 -45.33 10.45
CA GLU L 457 -41.66 -44.06 9.96
C GLU L 457 -42.52 -43.56 8.82
N VAL L 458 -42.87 -42.28 8.86
CA VAL L 458 -43.91 -41.83 7.91
C VAL L 458 -43.57 -40.42 7.45
N PRO L 459 -43.78 -40.11 6.20
CA PRO L 459 -43.39 -38.79 5.70
C PRO L 459 -44.48 -37.75 5.63
N VAL L 460 -44.11 -36.55 6.04
CA VAL L 460 -44.97 -35.40 6.07
C VAL L 460 -44.53 -34.47 4.94
N LEU L 461 -45.39 -33.50 4.59
CA LEU L 461 -45.07 -32.60 3.46
C LEU L 461 -44.55 -31.26 3.97
N THR L 462 -43.29 -31.27 4.36
CA THR L 462 -42.57 -30.05 4.70
C THR L 462 -41.44 -29.87 3.73
N THR L 475 -42.23 -32.35 -2.18
CA THR L 475 -41.23 -31.97 -1.18
C THR L 475 -41.61 -32.41 0.24
N VAL L 476 -40.89 -33.40 0.76
CA VAL L 476 -41.15 -33.90 2.11
C VAL L 476 -39.90 -34.53 2.71
N GLU L 477 -40.00 -34.94 3.98
CA GLU L 477 -38.89 -35.55 4.69
C GLU L 477 -39.31 -36.80 5.46
N ARG L 478 -38.37 -37.45 6.14
CA ARG L 478 -38.70 -38.66 6.89
C ARG L 478 -39.10 -38.34 8.32
N LYS L 479 -40.16 -39.00 8.82
CA LYS L 479 -40.58 -38.73 10.18
C LYS L 479 -40.81 -40.07 10.87
N THR L 480 -40.41 -40.14 12.15
CA THR L 480 -40.43 -41.37 12.92
C THR L 480 -41.46 -41.23 14.03
N VAL L 481 -42.14 -42.34 14.33
CA VAL L 481 -43.15 -42.36 15.37
C VAL L 481 -42.95 -43.65 16.17
N GLY L 482 -42.52 -43.51 17.42
CA GLY L 482 -42.39 -44.68 18.26
C GLY L 482 -41.97 -44.45 19.69
N ILE L 483 -40.86 -45.06 20.11
CA ILE L 483 -40.39 -44.92 21.48
C ILE L 483 -38.90 -44.63 21.42
N LYS L 484 -38.53 -43.37 21.25
CA LYS L 484 -37.15 -42.94 21.10
C LYS L 484 -36.56 -42.66 22.46
N LEU L 485 -35.97 -43.68 23.08
CA LEU L 485 -35.36 -43.53 24.40
C LEU L 485 -33.84 -43.48 24.33
N LYS L 486 -33.29 -42.30 24.62
CA LYS L 486 -31.84 -42.10 24.60
C LYS L 486 -31.35 -41.54 25.93
N VAL L 487 -30.14 -41.90 26.33
CA VAL L 487 -29.58 -41.42 27.59
C VAL L 487 -28.07 -41.20 27.59
N LYS L 488 -27.57 -40.77 28.74
CA LYS L 488 -26.16 -40.50 28.95
C LYS L 488 -25.79 -40.88 30.38
N PRO L 489 -25.11 -41.97 30.60
CA PRO L 489 -24.84 -42.41 31.96
C PRO L 489 -23.49 -41.98 32.48
N GLN L 490 -23.45 -41.37 33.66
CA GLN L 490 -22.22 -40.96 34.31
C GLN L 490 -22.18 -41.60 35.70
N ILE L 491 -21.17 -42.45 35.93
CA ILE L 491 -21.01 -43.13 37.20
C ILE L 491 -20.04 -42.32 38.05
N ASN L 492 -20.49 -41.92 39.24
CA ASN L 492 -19.74 -40.94 40.00
C ASN L 492 -19.07 -41.57 41.21
N GLU L 493 -19.88 -41.78 42.24
CA GLU L 493 -19.53 -42.45 43.46
C GLU L 493 -19.32 -43.93 43.17
N GLY L 494 -18.91 -44.70 44.21
CA GLY L 494 -19.02 -46.12 44.17
C GLY L 494 -20.36 -46.59 43.62
N ASP L 495 -21.46 -46.08 44.17
CA ASP L 495 -22.80 -46.38 43.64
C ASP L 495 -23.61 -45.09 43.54
N ALA L 496 -23.64 -44.52 42.35
CA ALA L 496 -24.60 -43.50 41.97
C ALA L 496 -24.44 -43.26 40.48
N VAL L 497 -25.45 -42.70 39.85
CA VAL L 497 -25.43 -42.50 38.40
C VAL L 497 -26.17 -41.24 38.03
N LEU L 498 -25.99 -40.82 36.77
CA LEU L 498 -26.51 -39.55 36.29
C LEU L 498 -27.07 -39.80 34.90
N LEU L 499 -28.30 -39.37 34.68
CA LEU L 499 -29.04 -39.82 33.52
C LEU L 499 -29.75 -38.62 32.91
N GLU L 500 -29.19 -38.08 31.82
CA GLU L 500 -29.86 -37.02 31.08
C GLU L 500 -30.65 -37.65 29.96
N ILE L 501 -31.79 -38.18 30.34
CA ILE L 501 -32.59 -39.04 29.47
C ILE L 501 -33.64 -38.21 28.78
N GLU L 502 -33.99 -38.60 27.56
CA GLU L 502 -35.14 -38.03 26.90
C GLU L 502 -35.80 -39.03 25.98
N GLN L 503 -37.13 -38.96 25.87
CA GLN L 503 -37.83 -39.93 25.08
C GLN L 503 -39.28 -39.53 24.91
N GLU L 504 -39.96 -40.29 24.04
CA GLU L 504 -41.37 -40.04 23.77
C GLU L 504 -42.00 -41.32 23.29
N VAL L 505 -43.25 -41.52 23.65
CA VAL L 505 -44.03 -42.59 23.08
C VAL L 505 -45.06 -41.99 22.17
N SER L 506 -44.85 -42.12 20.87
CA SER L 506 -45.69 -41.46 19.91
C SER L 506 -46.46 -42.48 19.11
N SER L 507 -47.67 -42.09 18.70
CA SER L 507 -48.40 -42.90 17.73
C SER L 507 -49.23 -41.98 16.86
N VAL L 508 -50.04 -42.57 15.99
CA VAL L 508 -50.90 -41.81 15.09
C VAL L 508 -52.28 -42.43 15.20
N ALA L 509 -53.30 -41.60 15.41
CA ALA L 509 -54.65 -42.11 15.58
C ALA L 509 -55.47 -41.91 14.31
N ASP L 510 -55.94 -40.70 14.10
CA ASP L 510 -56.58 -40.33 12.86
C ASP L 510 -57.90 -41.06 12.68
N SER L 511 -58.61 -41.39 13.77
CA SER L 511 -60.02 -41.72 13.63
C SER L 511 -60.68 -40.67 12.73
N ALA L 512 -60.60 -39.41 13.14
CA ALA L 512 -61.03 -38.26 12.33
C ALA L 512 -60.27 -37.05 12.84
N SER L 513 -59.68 -36.28 11.94
CA SER L 513 -58.82 -35.19 12.36
C SER L 513 -58.81 -34.14 11.25
N SER L 514 -58.06 -33.07 11.48
CA SER L 514 -57.94 -32.00 10.51
C SER L 514 -56.86 -32.33 9.51
N THR L 515 -57.27 -32.88 8.37
CA THR L 515 -56.43 -32.95 7.18
C THR L 515 -57.14 -32.21 6.07
N SER L 516 -56.51 -31.16 5.55
CA SER L 516 -57.16 -30.28 4.60
C SER L 516 -56.71 -30.63 3.19
N SER L 517 -56.39 -31.91 2.97
CA SER L 517 -55.77 -32.39 1.74
C SER L 517 -54.37 -31.87 1.61
N ASP L 518 -53.75 -31.62 2.75
CA ASP L 518 -52.42 -31.06 2.80
C ASP L 518 -51.49 -32.10 3.41
N LEU L 519 -51.54 -32.21 4.75
CA LEU L 519 -50.64 -33.03 5.54
C LEU L 519 -51.55 -33.71 6.55
N GLY L 520 -51.62 -35.02 6.47
CA GLY L 520 -52.64 -35.71 7.24
C GLY L 520 -52.05 -36.37 8.46
N ALA L 521 -52.26 -35.79 9.65
CA ALA L 521 -51.41 -36.24 10.73
C ALA L 521 -51.87 -35.67 12.05
N THR L 522 -51.70 -36.47 13.08
CA THR L 522 -52.00 -36.08 14.45
C THR L 522 -50.81 -36.23 15.38
N PHE L 523 -50.07 -37.32 15.27
CA PHE L 523 -48.81 -37.46 15.96
C PHE L 523 -48.96 -37.27 17.46
N ASN L 524 -49.91 -37.99 18.06
CA ASN L 524 -50.01 -38.02 19.51
C ASN L 524 -48.66 -38.36 20.13
N THR L 525 -48.27 -37.63 21.16
CA THR L 525 -46.91 -37.73 21.71
C THR L 525 -46.86 -37.32 23.15
N ARG L 526 -45.93 -37.92 23.90
CA ARG L 526 -45.51 -37.40 25.18
C ARG L 526 -44.00 -37.42 25.24
N THR L 527 -43.37 -36.31 25.69
CA THR L 527 -41.93 -36.12 25.55
C THR L 527 -41.34 -35.67 26.87
N VAL L 528 -40.41 -36.46 27.41
CA VAL L 528 -39.76 -36.16 28.67
C VAL L 528 -38.27 -35.91 28.47
N ASN L 529 -37.69 -35.07 29.30
CA ASN L 529 -36.25 -34.92 29.36
C ASN L 529 -35.86 -34.25 30.66
N ASN L 530 -34.81 -34.74 31.28
CA ASN L 530 -34.34 -34.20 32.56
C ASN L 530 -33.02 -34.88 32.91
N ALA L 531 -32.53 -34.61 34.10
CA ALA L 531 -31.31 -35.15 34.63
C ALA L 531 -31.55 -35.53 36.07
N VAL L 532 -30.94 -36.61 36.53
CA VAL L 532 -31.25 -37.12 37.86
C VAL L 532 -30.04 -37.86 38.41
N LEU L 533 -29.89 -37.84 39.73
CA LEU L 533 -28.95 -38.68 40.43
C LEU L 533 -29.71 -39.85 41.01
N VAL L 534 -29.16 -41.06 40.86
CA VAL L 534 -29.88 -42.26 41.25
C VAL L 534 -28.90 -43.27 41.81
N GLY L 535 -29.35 -44.01 42.82
CA GLY L 535 -28.54 -45.09 43.35
C GLY L 535 -28.59 -46.29 42.44
N SER L 536 -27.73 -47.27 42.69
CA SER L 536 -27.51 -48.32 41.69
C SER L 536 -28.76 -49.13 41.41
N GLY L 537 -29.18 -49.96 42.35
CA GLY L 537 -30.40 -50.72 42.22
C GLY L 537 -31.59 -50.09 42.91
N GLU L 538 -32.37 -49.29 42.16
CA GLU L 538 -33.39 -48.44 42.76
C GLU L 538 -34.49 -48.16 41.77
N THR L 539 -35.73 -48.25 42.24
CA THR L 539 -36.89 -47.81 41.49
C THR L 539 -37.13 -46.32 41.71
N VAL L 540 -37.26 -45.57 40.64
CA VAL L 540 -37.21 -44.12 40.70
C VAL L 540 -38.38 -43.52 39.91
N VAL L 541 -39.15 -42.66 40.57
CA VAL L 541 -40.24 -41.95 39.90
C VAL L 541 -39.68 -40.73 39.19
N VAL L 542 -39.86 -40.67 37.87
CA VAL L 542 -39.33 -39.56 37.11
C VAL L 542 -40.40 -38.55 36.79
N GLY L 543 -41.50 -38.97 36.20
CA GLY L 543 -42.46 -38.02 35.65
C GLY L 543 -43.87 -38.54 35.75
N GLY L 544 -44.81 -37.64 35.94
CA GLY L 544 -46.16 -38.07 36.26
C GLY L 544 -47.29 -37.14 35.87
N LEU L 545 -48.42 -37.70 35.45
CA LEU L 545 -49.58 -36.90 35.06
C LEU L 545 -50.85 -37.68 35.41
N LEU L 546 -51.85 -37.00 35.96
CA LEU L 546 -53.13 -37.63 36.27
C LEU L 546 -54.26 -36.63 36.20
N ASP L 547 -55.30 -36.90 35.41
CA ASP L 547 -56.25 -35.85 35.05
C ASP L 547 -57.62 -36.41 34.65
N LYS L 548 -58.68 -35.82 35.18
CA LYS L 548 -60.05 -36.08 34.77
C LYS L 548 -60.65 -34.86 34.03
N THR L 549 -61.73 -35.11 33.30
CA THR L 549 -62.36 -34.06 32.49
C THR L 549 -63.83 -34.40 32.28
N VAL L 550 -64.71 -33.58 32.86
CA VAL L 550 -66.15 -33.83 32.82
C VAL L 550 -66.85 -32.69 32.11
N THR L 551 -67.95 -33.02 31.44
CA THR L 551 -68.79 -32.01 30.84
C THR L 551 -70.23 -32.51 30.87
N ASP L 552 -71.17 -31.56 30.95
CA ASP L 552 -72.59 -31.82 31.07
C ASP L 552 -73.37 -30.99 30.07
N THR L 553 -74.52 -31.51 29.64
CA THR L 553 -75.38 -30.79 28.72
C THR L 553 -76.85 -31.05 29.07
N ALA L 554 -77.59 -30.01 29.43
CA ALA L 554 -79.00 -30.15 29.79
C ALA L 554 -79.85 -29.12 29.06
N ASP L 555 -81.12 -29.47 28.86
CA ASP L 555 -82.11 -28.58 28.26
C ASP L 555 -83.51 -29.10 28.58
N LYS L 556 -84.41 -28.19 28.95
CA LYS L 556 -85.75 -28.57 29.35
C LYS L 556 -86.70 -27.42 29.11
N VAL L 557 -87.95 -27.75 28.81
CA VAL L 557 -88.98 -26.71 28.71
C VAL L 557 -89.09 -26.00 30.05
N PRO L 558 -89.09 -24.67 30.07
CA PRO L 558 -89.01 -23.95 31.35
C PRO L 558 -90.21 -24.27 32.22
N LEU L 559 -89.99 -24.10 33.55
CA LEU L 559 -90.99 -24.30 34.60
C LEU L 559 -91.36 -25.74 34.78
N LEU L 560 -90.86 -26.62 33.93
CA LEU L 560 -91.27 -28.00 33.96
C LEU L 560 -90.09 -28.87 34.35
N GLY L 561 -90.31 -30.17 34.42
CA GLY L 561 -89.27 -31.08 34.91
C GLY L 561 -88.87 -30.83 36.37
N ASP L 562 -89.59 -29.96 37.08
CA ASP L 562 -89.13 -29.57 38.40
C ASP L 562 -89.46 -30.61 39.45
N ILE L 563 -90.55 -31.36 39.32
CA ILE L 563 -90.79 -32.47 40.23
C ILE L 563 -89.92 -33.65 39.81
N PRO L 564 -88.86 -33.93 40.56
CA PRO L 564 -87.85 -34.89 40.08
C PRO L 564 -88.45 -36.23 39.69
N VAL L 565 -89.27 -36.80 40.58
CA VAL L 565 -89.87 -38.11 40.26
C VAL L 565 -90.83 -38.00 39.09
N ILE L 566 -91.63 -36.96 39.02
CA ILE L 566 -92.62 -36.90 37.96
C ILE L 566 -92.02 -36.17 36.77
N GLY L 567 -91.58 -34.93 36.99
CA GLY L 567 -91.16 -34.06 35.90
C GLY L 567 -89.98 -34.57 35.10
N ALA L 568 -89.36 -35.66 35.53
CA ALA L 568 -88.20 -36.21 34.82
C ALA L 568 -88.50 -36.49 33.36
N LEU L 569 -89.74 -36.38 32.93
CA LEU L 569 -90.15 -36.66 31.58
C LEU L 569 -89.93 -35.50 30.61
N PHE L 570 -89.36 -34.39 31.04
CA PHE L 570 -89.15 -33.30 30.11
C PHE L 570 -87.69 -32.91 29.96
N ARG L 571 -86.83 -33.15 30.93
CA ARG L 571 -85.39 -32.92 30.79
C ARG L 571 -84.86 -33.72 29.61
N SER L 572 -83.67 -33.32 29.16
CA SER L 572 -82.93 -34.08 28.16
C SER L 572 -81.44 -33.93 28.46
N ASP L 573 -80.77 -35.03 28.75
CA ASP L 573 -79.50 -35.04 29.45
C ASP L 573 -78.44 -35.70 28.61
N SER L 574 -77.28 -35.08 28.55
CA SER L 574 -76.10 -35.77 28.00
C SER L 574 -74.89 -35.43 28.86
N LYS L 575 -74.32 -36.45 29.48
CA LYS L 575 -73.19 -36.27 30.38
C LYS L 575 -72.08 -37.23 29.96
N LYS L 576 -70.85 -36.80 30.18
CA LYS L 576 -69.71 -37.64 29.84
C LYS L 576 -68.49 -37.16 30.62
N VAL L 577 -67.57 -38.08 30.84
CA VAL L 577 -66.34 -37.81 31.59
C VAL L 577 -65.17 -38.45 30.86
N SER L 578 -63.97 -37.99 31.20
CA SER L 578 -62.74 -38.65 30.77
C SER L 578 -61.70 -38.51 31.87
N LYS L 579 -61.06 -39.62 32.21
CA LYS L 579 -60.01 -39.64 33.21
C LYS L 579 -58.72 -40.14 32.57
N ARG L 580 -57.56 -39.73 33.12
CA ARG L 580 -56.28 -40.02 32.52
C ARG L 580 -55.18 -39.95 33.55
N ASN L 581 -54.13 -40.74 33.36
CA ASN L 581 -53.01 -40.74 34.29
C ASN L 581 -51.79 -41.23 33.54
N LEU L 582 -50.60 -40.83 33.98
CA LEU L 582 -49.38 -41.20 33.28
C LEU L 582 -48.21 -41.21 34.26
N MET L 583 -47.41 -42.28 34.22
CA MET L 583 -46.34 -42.46 35.17
C MET L 583 -45.06 -42.95 34.53
N LEU L 584 -43.95 -42.39 34.97
CA LEU L 584 -42.62 -42.68 34.44
C LEU L 584 -41.70 -43.20 35.53
N PHE L 585 -40.99 -44.30 35.25
CA PHE L 585 -40.02 -44.86 36.16
C PHE L 585 -38.77 -45.33 35.43
N ILE L 586 -37.62 -45.11 36.08
CA ILE L 586 -36.32 -45.53 35.58
C ILE L 586 -35.60 -46.31 36.65
N ARG L 587 -34.70 -47.20 36.22
CA ARG L 587 -33.84 -47.88 37.20
C ARG L 587 -32.60 -48.41 36.52
N PRO L 588 -31.43 -47.98 36.94
CA PRO L 588 -30.19 -48.54 36.40
C PRO L 588 -29.71 -49.74 37.22
N THR L 589 -28.57 -50.30 36.82
CA THR L 589 -27.78 -51.23 37.60
C THR L 589 -26.35 -51.15 37.12
N ILE L 590 -25.43 -51.10 38.04
CA ILE L 590 -24.03 -51.12 37.67
C ILE L 590 -23.60 -52.56 37.41
N ILE L 591 -22.61 -52.74 36.54
CA ILE L 591 -22.05 -54.05 36.25
C ILE L 591 -20.54 -53.89 36.16
N ARG L 592 -19.78 -54.63 36.97
CA ARG L 592 -18.35 -54.43 37.01
C ARG L 592 -17.60 -55.39 36.09
N ASP L 593 -17.94 -56.68 36.16
CA ASP L 593 -17.15 -57.69 35.45
C ASP L 593 -18.06 -58.85 35.03
N ARG L 594 -17.40 -59.89 34.53
CA ARG L 594 -18.08 -61.07 34.00
C ARG L 594 -19.14 -61.61 34.95
N ASP L 595 -18.71 -61.86 36.19
CA ASP L 595 -19.59 -62.48 37.17
C ASP L 595 -20.89 -61.69 37.28
N GLU L 596 -20.81 -60.44 37.73
CA GLU L 596 -21.97 -59.57 37.78
C GLU L 596 -22.75 -59.57 36.49
N TYR L 597 -22.08 -59.83 35.36
CA TYR L 597 -22.80 -59.81 34.09
C TYR L 597 -23.74 -61.01 33.96
N ARG L 598 -23.27 -62.19 34.38
CA ARG L 598 -24.06 -63.39 34.14
C ARG L 598 -25.45 -63.28 34.75
N GLN L 599 -25.53 -62.86 36.02
CA GLN L 599 -26.85 -62.75 36.65
C GLN L 599 -27.75 -61.80 35.88
N ALA L 600 -27.21 -60.65 35.48
CA ALA L 600 -28.05 -59.65 34.84
C ALA L 600 -28.62 -60.20 33.56
N SER L 601 -27.76 -60.75 32.72
CA SER L 601 -28.24 -61.27 31.46
C SER L 601 -29.19 -62.45 31.66
N SER L 602 -28.69 -63.52 32.25
CA SER L 602 -29.49 -64.72 32.43
C SER L 602 -30.86 -64.38 33.02
N GLY L 603 -30.86 -63.79 34.22
CA GLY L 603 -32.11 -63.45 34.86
C GLY L 603 -33.04 -62.65 33.96
N GLN L 604 -32.52 -61.57 33.37
CA GLN L 604 -33.34 -60.73 32.51
C GLN L 604 -33.95 -61.55 31.38
N TYR L 605 -33.12 -62.37 30.73
CA TYR L 605 -33.58 -63.24 29.65
C TYR L 605 -34.71 -64.14 30.12
N THR L 606 -34.60 -64.65 31.34
CA THR L 606 -35.69 -65.40 31.95
C THR L 606 -36.94 -64.57 32.03
N ALA L 607 -36.81 -63.32 32.47
CA ALA L 607 -37.94 -62.40 32.45
C ALA L 607 -38.58 -62.36 31.07
N PHE L 608 -37.77 -62.48 30.02
CA PHE L 608 -38.33 -62.58 28.67
C PHE L 608 -39.12 -63.87 28.51
N ASN L 609 -38.47 -65.00 28.76
CA ASN L 609 -39.10 -66.30 28.53
C ASN L 609 -40.38 -66.46 29.35
N ASN L 610 -40.48 -65.75 30.49
CA ASN L 610 -41.70 -65.83 31.28
C ASN L 610 -42.92 -65.50 30.47
N ALA L 611 -42.95 -64.31 29.86
CA ALA L 611 -44.11 -63.93 29.06
C ALA L 611 -44.14 -64.70 27.76
N GLN L 612 -42.97 -64.94 27.16
CA GLN L 612 -42.92 -65.69 25.92
C GLN L 612 -43.64 -67.03 26.01
N THR L 613 -43.13 -67.91 26.86
CA THR L 613 -43.72 -69.23 27.05
C THR L 613 -44.97 -69.19 27.93
N LYS L 614 -45.37 -68.00 28.36
CA LYS L 614 -46.53 -67.83 29.23
C LYS L 614 -47.87 -68.40 28.75
N GLN L 615 -48.21 -68.20 27.48
CA GLN L 615 -49.48 -68.65 26.94
C GLN L 615 -49.30 -69.91 26.09
N ARG L 616 -48.80 -69.74 24.87
CA ARG L 616 -48.59 -70.86 23.96
C ARG L 616 -47.34 -71.67 24.28
N GLY L 617 -47.53 -72.96 24.53
CA GLY L 617 -46.42 -73.86 24.85
C GLY L 617 -45.78 -74.53 23.65
N LYS L 618 -44.83 -73.83 23.03
CA LYS L 618 -44.12 -74.35 21.88
C LYS L 618 -42.66 -74.61 22.20
N GLU L 619 -42.05 -75.51 21.43
CA GLU L 619 -40.64 -75.85 21.63
C GLU L 619 -39.92 -74.88 20.70
N SER L 620 -38.81 -74.30 21.18
CA SER L 620 -38.09 -73.33 20.36
C SER L 620 -36.57 -73.47 20.20
N SER L 621 -36.16 -73.86 18.99
CA SER L 621 -34.76 -73.96 18.58
C SER L 621 -33.90 -72.77 18.96
N GLU L 622 -34.34 -71.59 18.56
CA GLU L 622 -33.55 -70.41 18.86
C GLU L 622 -33.47 -70.17 20.36
N ALA L 623 -34.61 -69.92 20.99
CA ALA L 623 -34.62 -69.60 22.41
C ALA L 623 -33.78 -70.60 23.19
N SER L 624 -34.17 -71.88 23.14
CA SER L 624 -33.43 -72.89 23.87
C SER L 624 -31.93 -72.84 23.62
N LEU L 625 -31.54 -72.84 22.34
CA LEU L 625 -30.13 -72.82 22.01
C LEU L 625 -29.43 -71.62 22.64
N SER L 626 -30.05 -70.44 22.51
CA SER L 626 -29.53 -69.22 23.12
C SER L 626 -29.32 -69.38 24.61
N ASN L 627 -30.28 -70.05 25.27
CA ASN L 627 -30.11 -70.39 26.67
C ASN L 627 -28.88 -71.22 26.88
N ASP L 628 -28.67 -72.24 26.04
CA ASP L 628 -27.44 -73.00 26.10
C ASP L 628 -26.23 -72.08 26.05
N LEU L 629 -26.32 -70.98 25.32
CA LEU L 629 -25.25 -69.98 25.35
C LEU L 629 -25.12 -69.34 26.72
N LEU L 630 -26.23 -68.76 27.20
CA LEU L 630 -26.20 -68.03 28.46
C LEU L 630 -25.76 -68.91 29.62
N HIS L 631 -25.98 -70.22 29.51
CA HIS L 631 -25.53 -71.13 30.57
C HIS L 631 -24.06 -70.96 30.87
N ILE L 632 -23.23 -71.11 29.85
CA ILE L 632 -21.79 -70.97 30.01
C ILE L 632 -21.42 -69.58 30.51
N GLN L 639 -21.50 -80.90 28.28
CA GLN L 639 -22.38 -81.47 27.28
C GLN L 639 -23.27 -82.55 27.88
N ALA L 640 -22.75 -83.25 28.88
CA ALA L 640 -23.50 -84.31 29.54
C ALA L 640 -24.64 -83.75 30.38
N PHE L 641 -24.36 -82.68 31.12
CA PHE L 641 -25.36 -82.05 31.96
C PHE L 641 -26.55 -81.66 31.09
N ARG L 642 -26.29 -81.32 29.83
CA ARG L 642 -27.34 -80.93 28.90
C ARG L 642 -28.23 -82.11 28.56
N GLN L 643 -27.74 -83.32 28.82
CA GLN L 643 -28.51 -84.54 28.53
C GLN L 643 -29.42 -84.95 29.66
N VAL L 644 -28.85 -85.00 30.86
CA VAL L 644 -29.59 -85.43 32.03
C VAL L 644 -30.67 -84.43 32.44
N SER L 645 -30.34 -83.13 32.47
CA SER L 645 -31.33 -82.06 32.84
C SER L 645 -32.48 -82.05 31.81
N ALA L 646 -32.12 -82.18 30.56
CA ALA L 646 -33.12 -82.36 29.49
C ALA L 646 -34.05 -83.54 29.78
N ALA L 647 -33.47 -84.71 30.05
CA ALA L 647 -34.27 -85.92 30.28
C ALA L 647 -35.22 -85.71 31.44
N ILE L 648 -34.71 -85.17 32.56
CA ILE L 648 -35.56 -84.85 33.72
C ILE L 648 -36.75 -83.98 33.27
N ASP L 649 -36.46 -82.94 32.49
CA ASP L 649 -37.48 -82.03 31.92
C ASP L 649 -38.53 -82.81 31.16
N ALA L 650 -38.08 -83.69 30.25
CA ALA L 650 -39.01 -84.54 29.51
C ALA L 650 -39.94 -85.22 30.48
N PHE L 651 -39.34 -85.89 31.46
CA PHE L 651 -40.12 -86.70 32.38
C PHE L 651 -41.24 -85.87 32.99
N ASN L 652 -40.95 -84.65 33.42
CA ASN L 652 -41.96 -83.88 34.15
C ASN L 652 -42.82 -83.00 33.22
N LEU L 653 -43.60 -83.69 32.38
CA LEU L 653 -44.59 -83.09 31.50
C LEU L 653 -45.93 -83.77 31.76
N SER M 28 112.88 -17.16 -5.50
CA SER M 28 112.23 -17.41 -4.23
C SER M 28 111.76 -16.10 -3.63
N ALA M 29 110.63 -16.15 -2.92
CA ALA M 29 109.99 -14.96 -2.39
C ALA M 29 110.53 -14.61 -1.01
N SER M 30 111.84 -14.32 -0.95
CA SER M 30 112.49 -13.99 0.31
C SER M 30 112.58 -12.49 0.49
N PHE M 31 111.50 -11.90 1.00
CA PHE M 31 111.40 -10.47 1.21
C PHE M 31 111.25 -10.16 2.69
N LYS M 32 112.20 -9.41 3.23
CA LYS M 32 112.20 -9.05 4.64
C LYS M 32 112.08 -7.54 4.80
N GLY M 33 110.99 -7.11 5.43
CA GLY M 33 110.73 -5.70 5.64
C GLY M 33 110.75 -4.86 4.39
N THR M 34 110.61 -5.49 3.23
CA THR M 34 110.73 -4.79 1.96
C THR M 34 109.56 -3.83 1.77
N ASP M 35 109.86 -2.59 1.40
CA ASP M 35 108.82 -1.60 1.19
C ASP M 35 107.98 -1.95 -0.03
N ILE M 36 106.69 -1.64 0.06
CA ILE M 36 105.78 -1.94 -1.03
C ILE M 36 106.23 -1.26 -2.31
N GLN M 37 106.83 -0.08 -2.20
CA GLN M 37 107.34 0.61 -3.39
C GLN M 37 108.47 -0.18 -4.03
N GLU M 38 109.54 -0.41 -3.27
CA GLU M 38 110.60 -1.25 -3.82
C GLU M 38 110.15 -2.66 -4.09
N PHE M 39 109.03 -3.08 -3.50
CA PHE M 39 108.42 -4.36 -3.87
C PHE M 39 107.96 -4.33 -5.32
N ILE M 40 107.16 -3.34 -5.68
CA ILE M 40 106.69 -3.22 -7.05
C ILE M 40 107.84 -2.91 -7.99
N ASN M 41 108.77 -2.11 -7.54
CA ASN M 41 109.84 -1.62 -8.40
C ASN M 41 110.93 -2.67 -8.60
N THR M 42 110.99 -3.68 -7.75
CA THR M 42 111.95 -4.78 -7.90
C THR M 42 111.30 -6.03 -8.49
N VAL M 43 110.22 -6.51 -7.85
CA VAL M 43 109.46 -7.61 -8.41
C VAL M 43 109.05 -7.28 -9.85
N SER M 44 108.64 -6.04 -10.10
CA SER M 44 108.42 -5.62 -11.47
C SER M 44 109.61 -5.91 -12.36
N LYS M 45 110.79 -5.46 -11.94
CA LYS M 45 112.01 -5.73 -12.68
C LYS M 45 112.12 -7.21 -13.05
N ASN M 46 111.95 -8.07 -12.05
CA ASN M 46 112.02 -9.51 -12.31
C ASN M 46 110.95 -9.97 -13.29
N LEU M 47 109.75 -9.41 -13.16
CA LEU M 47 108.66 -9.79 -14.04
C LEU M 47 108.85 -9.23 -15.44
N ASN M 48 109.49 -8.06 -15.55
CA ASN M 48 109.78 -7.38 -16.80
C ASN M 48 108.57 -6.68 -17.39
N LYS M 49 107.60 -6.36 -16.55
CA LYS M 49 106.38 -5.68 -16.96
C LYS M 49 106.30 -4.26 -16.40
N THR M 50 105.81 -3.33 -17.22
CA THR M 50 105.67 -1.93 -16.81
C THR M 50 104.63 -1.85 -15.70
N VAL M 51 104.73 -0.81 -14.87
CA VAL M 51 103.70 -0.67 -13.84
C VAL M 51 103.66 0.77 -13.35
N ILE M 52 102.46 1.32 -13.23
CA ILE M 52 102.29 2.66 -12.69
C ILE M 52 101.68 2.56 -11.30
N ILE M 53 102.40 3.06 -10.31
CA ILE M 53 101.95 3.14 -8.93
C ILE M 53 101.21 4.45 -8.76
N ASP M 54 100.20 4.46 -7.89
CA ASP M 54 99.55 5.72 -7.53
C ASP M 54 100.01 6.19 -6.16
N PRO M 55 99.82 7.48 -5.84
CA PRO M 55 100.27 7.95 -4.53
C PRO M 55 99.45 7.38 -3.38
N SER M 56 99.74 7.85 -2.16
CA SER M 56 99.02 7.43 -0.96
C SER M 56 99.12 5.92 -0.77
N VAL M 57 100.24 5.35 -1.18
CA VAL M 57 100.52 3.93 -1.06
C VAL M 57 101.78 3.83 -0.20
N ARG M 58 101.60 3.61 1.09
CA ARG M 58 102.70 3.65 2.05
C ARG M 58 102.64 2.40 2.91
N GLY M 59 103.72 1.64 2.93
CA GLY M 59 103.75 0.45 3.75
C GLY M 59 104.85 -0.51 3.31
N THR M 60 104.80 -1.72 3.87
CA THR M 60 105.83 -2.73 3.72
C THR M 60 105.27 -4.10 4.05
N ILE M 61 106.01 -5.13 3.66
CA ILE M 61 105.68 -6.50 3.96
C ILE M 61 106.92 -7.14 4.57
N THR M 62 106.79 -8.40 4.93
CA THR M 62 107.93 -9.23 5.28
C THR M 62 107.48 -10.67 5.25
N VAL M 63 108.36 -11.54 4.74
CA VAL M 63 107.95 -12.93 4.55
C VAL M 63 109.18 -13.78 4.30
N ARG M 64 109.18 -14.99 4.82
CA ARG M 64 110.21 -15.97 4.46
C ARG M 64 109.56 -17.07 3.63
N SER M 65 110.19 -17.39 2.51
CA SER M 65 109.70 -18.44 1.63
C SER M 65 110.81 -19.47 1.45
N TYR M 66 110.37 -20.73 1.32
CA TYR M 66 111.27 -21.85 1.16
C TYR M 66 111.31 -22.42 -0.24
N ASP M 67 110.19 -22.39 -0.96
CA ASP M 67 110.07 -22.90 -2.32
C ASP M 67 110.10 -21.76 -3.33
N MET M 68 110.45 -22.10 -4.57
CA MET M 68 110.69 -21.12 -5.62
C MET M 68 109.45 -20.91 -6.46
N LEU M 69 109.18 -19.63 -6.81
CA LEU M 69 107.91 -19.21 -7.42
C LEU M 69 108.22 -18.22 -8.54
N ASN M 70 108.63 -18.70 -9.72
CA ASN M 70 108.70 -17.81 -10.88
C ASN M 70 107.75 -18.15 -12.02
N GLU M 71 107.38 -19.43 -12.20
CA GLU M 71 106.77 -19.78 -13.47
C GLU M 71 105.43 -19.08 -13.66
N GLU M 72 104.42 -19.46 -12.88
CA GLU M 72 103.13 -18.79 -12.95
C GLU M 72 102.77 -18.37 -11.53
N GLN M 73 103.28 -19.13 -10.58
CA GLN M 73 102.96 -18.87 -9.19
C GLN M 73 103.64 -17.59 -8.72
N TYR M 74 104.58 -17.10 -9.50
CA TYR M 74 105.17 -15.77 -9.28
C TYR M 74 104.08 -14.68 -9.33
N TYR M 75 103.52 -14.47 -10.52
CA TYR M 75 102.45 -13.50 -10.68
C TYR M 75 101.27 -13.83 -9.79
N GLN M 76 100.98 -15.12 -9.63
CA GLN M 76 99.90 -15.53 -8.75
C GLN M 76 100.07 -14.95 -7.35
N PHE M 77 101.17 -15.35 -6.71
CA PHE M 77 101.41 -14.95 -5.33
C PHE M 77 101.65 -13.46 -5.20
N PHE M 78 102.24 -12.84 -6.22
CA PHE M 78 102.39 -11.40 -6.24
C PHE M 78 101.05 -10.72 -6.03
N LEU M 79 100.09 -11.03 -6.91
CA LEU M 79 98.77 -10.45 -6.76
C LEU M 79 98.11 -10.84 -5.45
N SER M 80 98.40 -12.05 -4.93
CA SER M 80 97.87 -12.38 -3.61
C SER M 80 98.39 -11.44 -2.54
N VAL M 81 99.68 -11.09 -2.60
CA VAL M 81 100.24 -10.23 -1.57
C VAL M 81 99.63 -8.85 -1.64
N LEU M 82 99.52 -8.31 -2.85
CA LEU M 82 98.80 -7.06 -3.00
C LEU M 82 97.38 -7.17 -2.45
N ASP M 83 96.79 -8.36 -2.55
CA ASP M 83 95.44 -8.57 -2.08
C ASP M 83 95.34 -8.52 -0.57
N VAL M 84 96.38 -8.96 0.14
CA VAL M 84 96.31 -9.02 1.59
C VAL M 84 96.11 -7.63 2.16
N TYR M 85 96.98 -6.69 1.77
CA TYR M 85 96.80 -5.33 2.23
C TYR M 85 95.57 -4.66 1.65
N GLY M 86 94.90 -5.33 0.70
CA GLY M 86 93.76 -4.73 0.06
C GLY M 86 94.11 -3.69 -0.98
N PHE M 87 95.36 -3.28 -1.11
CA PHE M 87 95.74 -2.46 -2.23
C PHE M 87 95.60 -3.32 -3.48
N ALA M 88 94.72 -2.93 -4.38
CA ALA M 88 94.35 -3.82 -5.46
C ALA M 88 94.91 -3.31 -6.77
N VAL M 89 95.05 -4.22 -7.71
CA VAL M 89 95.56 -3.86 -9.02
C VAL M 89 94.70 -4.51 -10.12
N ILE M 90 94.68 -3.85 -11.28
CA ILE M 90 94.03 -4.32 -12.48
C ILE M 90 95.05 -4.37 -13.60
N ASN M 91 95.09 -5.48 -14.33
CA ASN M 91 96.04 -5.63 -15.43
C ASN M 91 95.34 -5.42 -16.75
N MET M 92 96.09 -4.95 -17.74
CA MET M 92 95.54 -4.64 -19.04
C MET M 92 96.32 -5.40 -20.11
N ASN M 93 95.84 -5.32 -21.34
CA ASN M 93 96.35 -6.13 -22.42
C ASN M 93 97.53 -5.45 -23.11
N ASN M 94 97.31 -4.23 -23.60
CA ASN M 94 98.35 -3.50 -24.34
C ASN M 94 99.50 -3.09 -23.43
N GLY M 95 99.18 -2.44 -22.31
CA GLY M 95 100.15 -2.18 -21.27
C GLY M 95 99.88 -3.09 -20.08
N VAL M 96 100.76 -3.00 -19.10
CA VAL M 96 100.67 -3.86 -17.93
C VAL M 96 99.76 -3.22 -16.89
N LEU M 97 99.62 -3.87 -15.74
CA LEU M 97 98.68 -3.50 -14.70
C LEU M 97 99.01 -2.13 -14.08
N LYS M 98 98.17 -1.75 -13.12
CA LYS M 98 98.29 -0.50 -12.38
C LYS M 98 97.89 -0.78 -10.95
N VAL M 99 98.15 0.18 -10.08
CA VAL M 99 97.83 0.10 -8.66
C VAL M 99 96.82 1.19 -8.34
N VAL M 100 95.70 0.82 -7.76
CA VAL M 100 94.67 1.78 -7.39
C VAL M 100 94.60 1.92 -5.88
N ARG M 101 94.10 3.08 -5.45
CA ARG M 101 93.82 3.36 -4.07
C ARG M 101 92.30 3.41 -3.81
N ALA M 102 91.47 3.35 -4.85
CA ALA M 102 90.01 3.31 -4.74
C ALA M 102 89.50 1.88 -4.51
N LYS M 103 90.28 0.87 -4.84
CA LYS M 103 89.99 -0.53 -4.55
C LYS M 103 88.70 -1.04 -5.19
N ASP M 104 88.06 -0.26 -6.05
CA ASP M 104 86.73 -0.63 -6.49
C ASP M 104 86.73 -1.09 -7.95
N ALA M 105 85.65 -1.81 -8.29
CA ALA M 105 85.34 -2.09 -9.69
C ALA M 105 85.02 -0.82 -10.48
N LYS M 106 84.72 0.28 -9.78
CA LYS M 106 84.39 1.54 -10.44
C LYS M 106 85.50 2.11 -11.33
N THR M 107 86.64 1.44 -11.35
CA THR M 107 87.77 1.89 -12.15
C THR M 107 87.73 1.86 -13.67
N SER M 108 86.56 1.57 -14.22
CA SER M 108 86.39 1.51 -15.67
C SER M 108 87.04 0.27 -16.25
N ALA M 109 87.54 -0.60 -15.37
CA ALA M 109 88.19 -1.83 -15.80
C ALA M 109 87.61 -2.93 -14.90
N VAL M 110 86.96 -3.91 -15.52
CA VAL M 110 86.36 -5.01 -14.79
C VAL M 110 86.23 -6.19 -15.73
N PRO M 111 87.27 -7.00 -15.95
CA PRO M 111 87.09 -8.14 -16.88
C PRO M 111 86.11 -9.12 -16.28
N VAL M 112 85.05 -9.42 -17.02
CA VAL M 112 83.90 -10.16 -16.49
C VAL M 112 83.95 -11.57 -17.04
N ALA M 113 84.01 -12.55 -16.15
CA ALA M 113 83.95 -13.94 -16.56
C ALA M 113 82.57 -14.28 -17.13
N SER M 114 82.54 -15.32 -17.96
CA SER M 114 81.32 -15.78 -18.60
C SER M 114 80.99 -17.21 -18.21
N ALA M 115 81.35 -17.61 -16.99
CA ALA M 115 80.99 -18.88 -16.35
C ALA M 115 81.85 -20.03 -16.85
N ALA M 116 82.74 -19.79 -17.80
CA ALA M 116 83.72 -20.79 -18.16
C ALA M 116 85.09 -20.49 -17.57
N ALA M 117 85.45 -19.22 -17.41
CA ALA M 117 86.66 -18.82 -16.73
C ALA M 117 86.35 -18.25 -15.37
N PRO M 118 86.31 -19.05 -14.31
CA PRO M 118 86.21 -18.49 -12.95
C PRO M 118 87.46 -17.75 -12.52
N GLY M 119 88.56 -17.87 -13.24
CA GLY M 119 89.77 -17.21 -12.83
C GLY M 119 90.34 -17.88 -11.59
N GLU M 120 90.88 -17.06 -10.69
CA GLU M 120 91.45 -17.53 -9.45
C GLU M 120 91.44 -16.38 -8.47
N GLY M 121 91.49 -16.70 -7.18
CA GLY M 121 91.08 -15.81 -6.12
C GLY M 121 91.67 -14.41 -6.22
N ASP M 122 92.79 -14.31 -6.90
CA ASP M 122 93.54 -13.07 -6.86
C ASP M 122 92.86 -11.96 -7.63
N GLU M 123 92.26 -12.27 -8.77
CA GLU M 123 91.78 -11.23 -9.67
C GLU M 123 90.38 -10.74 -9.28
N VAL M 124 89.99 -9.62 -9.84
CA VAL M 124 88.68 -9.01 -9.60
C VAL M 124 87.88 -9.08 -10.89
N VAL M 125 86.69 -9.67 -10.82
CA VAL M 125 85.80 -9.78 -11.98
C VAL M 125 84.49 -9.11 -11.62
N THR M 126 83.51 -9.18 -12.51
CA THR M 126 82.16 -8.73 -12.21
C THR M 126 81.19 -9.73 -12.85
N ARG M 127 80.62 -10.59 -12.03
CA ARG M 127 79.82 -11.69 -12.53
C ARG M 127 78.34 -11.39 -12.36
N VAL M 128 77.53 -12.19 -13.06
CA VAL M 128 76.10 -11.97 -13.06
C VAL M 128 75.42 -13.27 -13.39
N VAL M 129 74.25 -13.48 -12.81
CA VAL M 129 73.50 -14.67 -13.19
C VAL M 129 72.01 -14.35 -13.15
N PRO M 130 71.23 -14.82 -14.12
CA PRO M 130 69.78 -14.71 -14.02
C PRO M 130 69.14 -15.76 -13.13
N LEU M 131 69.00 -15.42 -11.85
CA LEU M 131 68.35 -16.30 -10.88
C LEU M 131 66.87 -16.51 -11.23
N THR M 132 66.46 -17.77 -11.34
CA THR M 132 65.22 -18.09 -12.02
C THR M 132 64.08 -18.56 -11.13
N ASN M 133 64.29 -18.78 -9.84
CA ASN M 133 63.25 -19.38 -9.03
C ASN M 133 62.84 -18.59 -7.80
N VAL M 134 63.58 -17.58 -7.39
CA VAL M 134 63.46 -17.00 -6.05
C VAL M 134 63.46 -15.49 -6.17
N ALA M 135 62.75 -14.86 -5.25
CA ALA M 135 62.85 -13.41 -5.13
C ALA M 135 64.29 -13.01 -4.90
N ALA M 136 64.82 -12.16 -5.76
CA ALA M 136 66.19 -11.68 -5.66
C ALA M 136 66.34 -10.47 -4.74
N ARG M 137 65.33 -10.17 -3.91
CA ARG M 137 65.54 -9.12 -2.92
C ARG M 137 66.13 -9.66 -1.62
N ASP M 138 65.55 -10.71 -1.05
CA ASP M 138 65.86 -11.03 0.33
C ASP M 138 67.25 -11.61 0.51
N LEU M 139 67.75 -12.37 -0.47
CA LEU M 139 69.11 -12.85 -0.36
C LEU M 139 70.14 -11.75 -0.55
N ALA M 140 69.69 -10.56 -0.88
CA ALA M 140 70.56 -9.43 -1.15
C ALA M 140 71.06 -8.79 0.15
N PRO M 141 70.25 -8.63 1.19
CA PRO M 141 70.83 -8.17 2.45
C PRO M 141 71.77 -9.19 3.05
N LEU M 142 71.33 -10.44 3.11
CA LEU M 142 72.23 -11.47 3.68
C LEU M 142 73.52 -11.60 2.90
N LEU M 143 73.49 -11.32 1.59
CA LEU M 143 74.70 -11.48 0.80
C LEU M 143 75.52 -10.21 0.79
N ARG M 144 74.86 -9.06 0.75
CA ARG M 144 75.55 -7.81 0.95
C ARG M 144 76.19 -7.74 2.32
N GLN M 145 75.73 -8.54 3.27
CA GLN M 145 76.41 -8.63 4.57
C GLN M 145 77.50 -9.69 4.56
N LEU M 146 77.14 -10.94 4.24
CA LEU M 146 78.12 -12.01 4.26
C LEU M 146 79.34 -11.61 3.45
N ASN M 147 79.11 -10.93 2.34
CA ASN M 147 80.14 -10.48 1.41
C ASN M 147 80.21 -8.97 1.40
N ASP M 148 80.07 -8.32 2.55
CA ASP M 148 80.28 -6.89 2.53
C ASP M 148 81.76 -6.67 2.64
N ASN M 149 82.44 -6.66 1.51
CA ASN M 149 83.87 -6.48 1.54
C ASN M 149 84.14 -5.01 1.86
N ALA M 150 84.81 -4.76 2.96
CA ALA M 150 85.00 -3.39 3.39
C ALA M 150 86.17 -2.72 2.73
N GLY M 151 86.68 -3.30 1.64
CA GLY M 151 87.71 -2.69 0.83
C GLY M 151 87.18 -2.32 -0.53
N ALA M 152 85.94 -1.82 -0.56
CA ALA M 152 85.22 -1.48 -1.80
C ALA M 152 84.84 -2.76 -2.58
N GLY M 153 84.40 -3.78 -1.85
CA GLY M 153 83.96 -5.03 -2.44
C GLY M 153 82.64 -4.87 -3.19
N SER M 154 82.13 -6.04 -3.63
CA SER M 154 80.98 -6.11 -4.53
C SER M 154 79.74 -5.47 -3.93
N VAL M 155 78.71 -5.37 -4.77
CA VAL M 155 77.37 -4.96 -4.39
C VAL M 155 76.38 -5.94 -5.02
N VAL M 156 75.10 -5.75 -4.69
CA VAL M 156 74.05 -6.65 -5.13
C VAL M 156 72.79 -5.85 -5.46
N HIS M 157 72.24 -6.07 -6.64
CA HIS M 157 71.06 -5.32 -7.05
C HIS M 157 70.05 -6.20 -7.76
N TYR M 158 68.82 -5.72 -7.71
CA TYR M 158 67.67 -6.41 -8.26
C TYR M 158 67.10 -5.64 -9.44
N GLU M 159 66.85 -6.33 -10.54
CA GLU M 159 66.07 -5.80 -11.65
C GLU M 159 64.87 -6.71 -11.89
N PRO M 160 63.71 -6.18 -12.35
CA PRO M 160 62.55 -7.04 -12.50
C PRO M 160 62.77 -8.15 -13.49
N SER M 161 63.88 -8.14 -14.21
CA SER M 161 64.32 -9.28 -14.97
C SER M 161 65.19 -10.24 -14.17
N ASN M 162 65.23 -10.08 -12.85
CA ASN M 162 65.90 -11.02 -11.94
C ASN M 162 67.36 -11.20 -12.24
N VAL M 163 67.97 -10.18 -12.81
CA VAL M 163 69.41 -10.20 -12.95
C VAL M 163 69.95 -10.31 -11.54
N LEU M 164 71.01 -11.08 -11.39
CA LEU M 164 71.72 -11.15 -10.12
C LEU M 164 73.19 -10.98 -10.44
N LEU M 165 73.72 -9.82 -10.06
CA LEU M 165 75.04 -9.39 -10.46
C LEU M 165 75.88 -9.07 -9.25
N MET M 166 77.19 -9.19 -9.41
CA MET M 166 78.12 -8.76 -8.39
C MET M 166 79.47 -8.64 -9.04
N THR M 167 80.41 -8.02 -8.32
CA THR M 167 81.78 -8.01 -8.80
C THR M 167 82.76 -8.75 -7.89
N GLY M 168 82.88 -8.35 -6.62
CA GLY M 168 83.62 -9.13 -5.63
C GLY M 168 85.05 -9.43 -6.04
N ARG M 169 85.47 -10.66 -5.77
CA ARG M 169 86.76 -11.22 -6.13
C ARG M 169 86.52 -12.47 -6.95
N ALA M 170 87.59 -13.17 -7.33
CA ALA M 170 87.39 -14.36 -8.13
C ALA M 170 87.22 -15.60 -7.28
N ALA M 171 87.74 -15.59 -6.06
CA ALA M 171 87.50 -16.70 -5.13
C ALA M 171 86.07 -16.67 -4.59
N VAL M 172 85.59 -15.46 -4.27
CA VAL M 172 84.19 -15.28 -3.88
C VAL M 172 83.24 -15.93 -4.87
N ILE M 173 83.61 -15.90 -6.15
CA ILE M 173 82.75 -16.46 -7.18
C ILE M 173 82.41 -17.91 -6.84
N LYS M 174 83.43 -18.71 -6.54
CA LYS M 174 83.21 -20.11 -6.16
C LYS M 174 82.17 -20.26 -5.05
N ARG M 175 82.39 -19.56 -3.94
CA ARG M 175 81.50 -19.73 -2.80
C ARG M 175 80.09 -19.33 -3.15
N LEU M 176 79.90 -18.25 -3.92
CA LEU M 176 78.53 -17.79 -4.14
C LEU M 176 77.78 -18.54 -5.22
N LEU M 177 78.43 -18.80 -6.37
CA LEU M 177 77.91 -19.77 -7.32
C LEU M 177 77.44 -21.02 -6.60
N THR M 178 78.31 -21.57 -5.77
CA THR M 178 77.91 -22.76 -5.01
C THR M 178 76.70 -22.46 -4.13
N ILE M 179 76.60 -21.25 -3.58
CA ILE M 179 75.48 -20.93 -2.74
C ILE M 179 74.19 -21.05 -3.54
N VAL M 180 74.06 -20.24 -4.59
CA VAL M 180 72.78 -20.21 -5.30
C VAL M 180 72.47 -21.58 -5.89
N GLU M 181 73.46 -22.19 -6.54
CA GLU M 181 73.27 -23.52 -7.11
C GLU M 181 72.79 -24.53 -6.10
N ARG M 182 73.16 -24.38 -4.83
CA ARG M 182 72.56 -25.32 -3.87
C ARG M 182 71.19 -24.86 -3.43
N VAL M 183 71.05 -23.58 -3.10
CA VAL M 183 69.80 -23.10 -2.52
C VAL M 183 68.69 -23.03 -3.56
N ASP M 184 69.01 -22.75 -4.82
CA ASP M 184 67.98 -22.75 -5.83
C ASP M 184 67.60 -24.17 -6.22
N ASN M 185 68.52 -25.10 -6.17
CA ASN M 185 68.26 -26.49 -6.51
C ASN M 185 67.55 -27.21 -5.38
N ALA M 186 67.04 -26.46 -4.39
CA ALA M 186 66.31 -27.07 -3.27
C ALA M 186 64.85 -27.22 -3.66
N GLY M 187 64.59 -28.24 -4.48
CA GLY M 187 63.27 -28.80 -4.70
C GLY M 187 62.14 -27.85 -4.98
N ASP M 188 62.32 -26.99 -5.98
CA ASP M 188 61.27 -26.05 -6.37
C ASP M 188 60.08 -26.78 -6.99
N ARG M 189 59.05 -26.02 -7.30
CA ARG M 189 57.72 -26.54 -7.65
C ARG M 189 57.79 -27.68 -8.64
N SER M 190 57.14 -28.79 -8.31
CA SER M 190 56.88 -29.86 -9.23
C SER M 190 55.49 -30.41 -8.96
N VAL M 191 54.87 -30.96 -10.01
CA VAL M 191 53.47 -31.36 -9.98
C VAL M 191 53.36 -32.86 -10.15
N VAL M 192 52.37 -33.46 -9.50
CA VAL M 192 52.07 -34.86 -9.68
C VAL M 192 50.65 -35.08 -9.17
N THR M 193 50.02 -36.16 -9.63
CA THR M 193 48.63 -36.42 -9.34
C THR M 193 48.47 -37.80 -8.73
N VAL M 194 47.25 -38.13 -8.36
CA VAL M 194 46.90 -39.48 -7.95
C VAL M 194 45.48 -39.76 -8.40
N PRO M 195 45.23 -40.84 -9.08
CA PRO M 195 43.83 -41.20 -9.36
C PRO M 195 43.13 -41.69 -8.12
N LEU M 196 41.91 -42.14 -8.26
CA LEU M 196 41.17 -42.63 -7.11
C LEU M 196 40.16 -43.65 -7.58
N SER M 197 40.17 -44.81 -6.92
CA SER M 197 39.26 -45.91 -7.27
C SER M 197 37.79 -45.57 -7.18
N TRP M 198 37.26 -45.32 -5.99
CA TRP M 198 35.82 -45.14 -5.87
C TRP M 198 35.36 -43.95 -5.05
N ALA M 199 36.18 -43.41 -4.15
CA ALA M 199 35.70 -42.37 -3.25
C ALA M 199 35.42 -41.05 -3.96
N SER M 200 34.69 -40.18 -3.27
CA SER M 200 34.34 -38.87 -3.78
C SER M 200 35.59 -38.01 -3.98
N ALA M 201 35.56 -37.17 -5.00
CA ALA M 201 36.70 -36.30 -5.28
C ALA M 201 36.56 -34.95 -4.57
N ALA M 202 35.66 -34.10 -5.07
CA ALA M 202 35.51 -32.76 -4.51
C ALA M 202 35.31 -32.76 -3.01
N GLU M 203 34.86 -33.89 -2.46
CA GLU M 203 34.59 -33.95 -1.05
C GLU M 203 35.87 -34.06 -0.25
N VAL M 204 36.86 -34.77 -0.78
CA VAL M 204 38.11 -34.95 -0.06
C VAL M 204 38.85 -33.64 0.08
N VAL M 205 39.25 -33.04 -1.04
CA VAL M 205 39.93 -31.76 -0.97
C VAL M 205 39.05 -30.74 -0.26
N LYS M 206 37.77 -30.71 -0.59
CA LYS M 206 36.79 -29.98 0.22
C LYS M 206 36.97 -30.27 1.71
N LEU M 207 37.61 -31.38 2.07
CA LEU M 207 37.91 -31.68 3.48
C LEU M 207 39.41 -31.88 3.74
N VAL M 208 40.31 -31.29 2.97
CA VAL M 208 41.70 -31.44 3.33
C VAL M 208 42.19 -30.15 3.97
N THR M 209 41.77 -29.02 3.41
CA THR M 209 42.16 -27.72 3.92
C THR M 209 41.44 -27.37 5.20
N GLU M 210 40.87 -28.37 5.86
CA GLU M 210 40.31 -28.23 7.19
C GLU M 210 41.08 -29.05 8.21
N LEU M 211 41.69 -30.14 7.76
CA LEU M 211 42.53 -30.94 8.64
C LEU M 211 43.99 -30.51 8.62
N ASN M 212 44.50 -29.98 7.51
CA ASN M 212 45.88 -29.49 7.43
C ASN M 212 45.89 -28.10 6.83
N LYS M 213 45.44 -27.11 7.57
CA LYS M 213 45.32 -25.78 7.04
C LYS M 213 46.30 -24.76 7.60
N ASP M 214 46.42 -24.64 8.92
CA ASP M 214 47.20 -23.55 9.49
C ASP M 214 47.43 -23.83 10.97
N THR M 215 47.99 -22.85 11.64
CA THR M 215 48.22 -22.87 13.07
C THR M 215 48.22 -21.44 13.55
N SER M 216 48.24 -21.25 14.87
CA SER M 216 48.32 -19.93 15.47
C SER M 216 49.44 -19.09 14.90
N LYS M 217 50.48 -19.73 14.40
CA LYS M 217 51.58 -19.07 13.73
C LYS M 217 51.91 -19.92 12.52
N SER M 218 52.05 -19.27 11.37
CA SER M 218 52.32 -19.98 10.11
C SER M 218 53.54 -20.88 10.21
N ALA M 219 53.43 -22.07 9.62
CA ALA M 219 54.54 -23.00 9.61
C ALA M 219 55.70 -22.27 8.95
N LEU M 220 55.36 -21.49 7.93
CA LEU M 220 56.36 -20.70 7.21
C LEU M 220 55.74 -19.87 6.09
N PRO M 221 56.57 -19.13 5.37
CA PRO M 221 56.09 -18.32 4.25
C PRO M 221 55.37 -19.20 3.23
N GLY M 222 54.73 -18.59 2.24
CA GLY M 222 54.02 -19.33 1.24
C GLY M 222 54.71 -20.44 0.47
N SER M 223 56.02 -20.57 0.56
CA SER M 223 56.70 -21.63 -0.16
C SER M 223 57.00 -22.78 0.79
N MET M 224 57.44 -23.90 0.21
CA MET M 224 57.65 -25.14 0.94
C MET M 224 56.37 -25.67 1.60
N VAL M 225 55.23 -25.40 0.98
CA VAL M 225 53.93 -25.89 1.43
C VAL M 225 53.02 -25.95 0.22
N ALA M 226 52.22 -26.99 0.15
CA ALA M 226 51.57 -27.35 -1.10
C ALA M 226 50.12 -26.90 -1.07
N ASN M 227 49.60 -26.60 -2.25
CA ASN M 227 48.19 -26.32 -2.43
C ASN M 227 47.53 -27.44 -3.23
N VAL M 228 46.22 -27.57 -3.06
CA VAL M 228 45.50 -28.73 -3.61
C VAL M 228 44.23 -28.23 -4.26
N VAL M 229 43.98 -28.65 -5.50
CA VAL M 229 42.71 -28.53 -6.18
C VAL M 229 42.41 -29.86 -6.86
N ALA M 230 41.24 -29.92 -7.50
CA ALA M 230 40.82 -31.15 -8.14
C ALA M 230 39.75 -30.82 -9.15
N ASP M 231 39.71 -31.61 -10.21
CA ASP M 231 38.59 -31.57 -11.13
C ASP M 231 37.65 -32.70 -10.77
N GLU M 232 36.44 -32.59 -11.26
CA GLU M 232 35.48 -33.65 -11.10
C GLU M 232 35.44 -34.56 -12.30
N ARG M 233 36.36 -34.37 -13.22
CA ARG M 233 36.17 -34.98 -14.54
C ARG M 233 36.78 -36.36 -14.59
N THR M 234 38.02 -36.52 -14.16
CA THR M 234 38.68 -37.82 -14.12
C THR M 234 38.72 -38.40 -12.72
N ASN M 235 38.18 -37.72 -11.72
CA ASN M 235 38.10 -38.25 -10.37
C ASN M 235 39.51 -38.43 -9.80
N ALA M 236 40.39 -37.50 -10.10
CA ALA M 236 41.69 -37.46 -9.45
C ALA M 236 41.91 -36.07 -8.87
N VAL M 237 42.98 -35.94 -8.10
CA VAL M 237 43.25 -34.74 -7.32
C VAL M 237 44.66 -34.26 -7.61
N LEU M 238 44.86 -32.95 -7.47
CA LEU M 238 46.08 -32.27 -7.90
C LEU M 238 46.88 -31.83 -6.69
N VAL M 239 48.21 -32.00 -6.74
CA VAL M 239 49.09 -31.43 -5.74
C VAL M 239 50.31 -30.84 -6.42
N SER M 240 50.93 -29.87 -5.73
CA SER M 240 52.15 -29.26 -6.25
C SER M 240 52.93 -28.73 -5.06
N GLY M 241 54.26 -28.88 -5.10
CA GLY M 241 55.04 -28.53 -3.92
C GLY M 241 56.40 -29.21 -3.94
N GLU M 242 56.89 -29.46 -2.74
CA GLU M 242 58.27 -29.84 -2.53
C GLU M 242 58.41 -31.28 -2.07
N PRO M 243 59.54 -31.92 -2.41
CA PRO M 243 59.66 -33.36 -2.20
C PRO M 243 59.66 -33.80 -0.77
N ASN M 244 59.56 -32.92 0.21
CA ASN M 244 59.25 -33.31 1.58
C ASN M 244 57.99 -32.64 2.10
N SER M 245 57.18 -32.06 1.22
CA SER M 245 55.84 -31.56 1.56
C SER M 245 54.73 -32.42 0.99
N ARG M 246 54.89 -32.85 -0.26
CA ARG M 246 53.80 -33.55 -0.92
C ARG M 246 53.59 -34.92 -0.29
N GLN M 247 54.68 -35.54 0.17
CA GLN M 247 54.59 -36.90 0.69
C GLN M 247 53.56 -36.98 1.78
N ARG M 248 53.44 -35.92 2.58
CA ARG M 248 52.38 -35.85 3.57
C ARG M 248 51.01 -35.94 2.91
N ILE M 249 50.80 -35.16 1.85
CA ILE M 249 49.50 -35.16 1.20
C ILE M 249 49.16 -36.56 0.69
N ILE M 250 50.13 -37.20 0.04
CA ILE M 250 49.87 -38.56 -0.41
C ILE M 250 49.62 -39.47 0.77
N ALA M 251 50.19 -39.16 1.93
CA ALA M 251 49.94 -39.99 3.10
C ALA M 251 48.46 -39.91 3.46
N MET M 252 47.93 -38.70 3.60
CA MET M 252 46.54 -38.59 3.96
C MET M 252 45.66 -39.27 2.93
N ILE M 253 45.89 -39.01 1.64
CA ILE M 253 44.98 -39.62 0.69
C ILE M 253 45.08 -41.16 0.75
N LYS M 254 46.29 -41.70 1.03
CA LYS M 254 46.37 -43.15 1.19
C LYS M 254 45.49 -43.61 2.33
N GLN M 255 45.42 -42.80 3.39
CA GLN M 255 44.59 -43.15 4.54
C GLN M 255 43.11 -42.88 4.25
N LEU M 256 42.82 -41.75 3.61
CA LEU M 256 41.46 -41.39 3.26
C LEU M 256 40.88 -42.39 2.29
N ASP M 257 41.70 -42.88 1.36
CA ASP M 257 41.22 -43.76 0.32
C ASP M 257 41.06 -45.17 0.88
N ARG M 258 40.01 -45.31 1.66
CA ARG M 258 39.68 -46.57 2.28
C ARG M 258 38.44 -47.17 1.62
N GLN M 259 38.22 -48.45 1.89
CA GLN M 259 37.08 -49.16 1.34
C GLN M 259 35.98 -49.22 2.38
N GLN M 260 34.73 -49.19 1.93
CA GLN M 260 33.62 -49.23 2.87
C GLN M 260 33.17 -50.64 3.25
N ALA M 261 33.07 -50.92 4.55
CA ALA M 261 32.61 -52.24 4.98
C ALA M 261 31.25 -52.48 4.34
N VAL M 262 30.33 -51.53 4.57
CA VAL M 262 28.98 -51.58 4.02
C VAL M 262 28.53 -50.13 3.98
N GLN M 263 27.96 -49.69 2.87
CA GLN M 263 27.49 -48.32 2.74
C GLN M 263 26.23 -48.20 3.59
N GLY M 264 26.27 -47.36 4.63
CA GLY M 264 25.11 -47.23 5.48
C GLY M 264 24.43 -45.88 5.33
N ASN M 265 24.93 -45.06 4.42
CA ASN M 265 24.31 -43.78 4.16
C ASN M 265 22.81 -43.94 3.89
N THR M 266 22.43 -45.00 3.16
CA THR M 266 21.03 -45.35 2.96
C THR M 266 20.88 -46.85 2.98
N LYS M 267 19.89 -47.34 3.70
CA LYS M 267 19.57 -48.76 3.69
C LYS M 267 18.08 -48.98 3.57
N VAL M 268 17.71 -50.02 2.82
CA VAL M 268 16.34 -50.25 2.38
C VAL M 268 15.78 -51.40 3.18
N ILE M 269 14.69 -51.18 3.88
CA ILE M 269 14.08 -52.23 4.66
C ILE M 269 12.85 -52.73 3.92
N TYR M 270 12.33 -53.88 4.38
CA TYR M 270 11.15 -54.51 3.81
C TYR M 270 10.23 -54.80 4.98
N LEU M 271 9.05 -54.19 5.00
CA LEU M 271 8.10 -54.39 6.08
C LEU M 271 7.14 -55.52 5.73
N LYS M 272 6.74 -56.30 6.74
CA LYS M 272 6.09 -57.57 6.44
C LYS M 272 4.57 -57.53 6.54
N TYR M 273 3.99 -56.97 7.62
CA TYR M 273 2.53 -57.06 7.81
C TYR M 273 1.76 -55.74 7.73
N ALA M 274 2.38 -54.61 8.01
CA ALA M 274 1.69 -53.33 7.86
C ALA M 274 1.99 -52.74 6.51
N LYS M 275 1.08 -51.91 6.02
CA LYS M 275 1.42 -51.22 4.80
C LYS M 275 2.37 -50.06 5.14
N ALA M 276 2.93 -49.44 4.12
CA ALA M 276 3.89 -48.38 4.36
C ALA M 276 3.31 -47.01 4.13
N ALA M 277 2.14 -46.93 3.50
CA ALA M 277 1.51 -45.64 3.29
C ALA M 277 1.23 -44.94 4.60
N ASP M 278 0.55 -45.63 5.53
CA ASP M 278 0.31 -45.02 6.83
C ASP M 278 1.62 -44.69 7.53
N LEU M 279 2.58 -45.61 7.43
CA LEU M 279 3.81 -45.44 8.20
C LEU M 279 4.58 -44.18 7.80
N VAL M 280 4.66 -43.88 6.50
CA VAL M 280 5.38 -42.67 6.12
C VAL M 280 4.86 -41.47 6.92
N GLU M 281 3.54 -41.30 6.97
CA GLU M 281 3.03 -40.07 7.54
C GLU M 281 3.02 -40.11 9.07
N VAL M 282 2.67 -41.27 9.66
CA VAL M 282 2.80 -41.42 11.10
C VAL M 282 4.22 -41.11 11.56
N LEU M 283 5.19 -41.68 10.87
CA LEU M 283 6.60 -41.44 11.22
C LEU M 283 7.08 -40.25 10.40
N THR M 284 7.06 -39.07 11.01
CA THR M 284 7.76 -37.95 10.38
C THR M 284 8.80 -37.28 11.27
N GLY M 285 8.73 -37.41 12.59
CA GLY M 285 9.59 -36.52 13.35
C GLY M 285 10.40 -37.01 14.54
N ILE M 286 11.23 -38.05 14.39
CA ILE M 286 12.00 -38.56 15.53
C ILE M 286 12.90 -37.48 16.10
N SER M 287 13.88 -37.04 15.31
CA SER M 287 15.03 -36.34 15.82
C SER M 287 15.19 -34.92 15.31
N SER M 288 14.47 -34.54 14.27
CA SER M 288 14.43 -33.15 13.84
C SER M 288 13.89 -32.25 14.95
N LYS M 305 20.50 -33.14 9.13
CA LYS M 305 19.50 -32.06 8.96
C LYS M 305 18.14 -32.55 9.44
N ASN M 306 17.67 -33.61 8.79
CA ASN M 306 16.35 -34.15 9.02
C ASN M 306 16.40 -35.61 8.60
N ILE M 307 15.29 -36.28 8.81
CA ILE M 307 15.13 -37.66 8.38
C ILE M 307 14.06 -37.67 7.30
N ILE M 308 14.43 -38.09 6.10
CA ILE M 308 13.51 -38.14 4.99
C ILE M 308 13.13 -39.58 4.79
N ILE M 309 11.90 -39.93 5.12
CA ILE M 309 11.42 -41.28 4.86
C ILE M 309 10.62 -41.29 3.59
N LYS M 310 10.93 -42.23 2.73
CA LYS M 310 10.21 -42.45 1.48
C LYS M 310 9.66 -43.87 1.47
N ALA M 311 8.45 -44.03 0.95
CA ALA M 311 7.82 -45.34 0.85
C ALA M 311 7.55 -45.68 -0.61
N HIS M 312 7.73 -46.95 -0.96
CA HIS M 312 7.64 -47.25 -2.39
C HIS M 312 6.19 -47.49 -2.82
N GLY M 313 5.52 -48.45 -2.18
CA GLY M 313 4.16 -48.82 -2.55
C GLY M 313 4.03 -49.79 -3.68
N GLN M 314 5.04 -49.93 -4.52
CA GLN M 314 4.90 -50.84 -5.64
C GLN M 314 5.60 -52.17 -5.41
N THR M 315 6.57 -52.20 -4.51
CA THR M 315 7.01 -53.43 -3.87
C THR M 315 6.60 -53.49 -2.41
N ASN M 316 5.92 -52.46 -1.91
CA ASN M 316 5.56 -52.38 -0.48
C ASN M 316 6.81 -52.44 0.39
N ALA M 317 7.78 -51.60 0.07
CA ALA M 317 8.94 -51.45 0.92
C ALA M 317 9.26 -49.97 1.05
N LEU M 318 9.90 -49.62 2.15
CA LEU M 318 10.18 -48.24 2.49
C LEU M 318 11.68 -48.04 2.68
N ILE M 319 12.10 -46.79 2.48
CA ILE M 319 13.50 -46.43 2.63
C ILE M 319 13.75 -45.52 3.84
N VAL M 320 15.02 -45.32 4.13
CA VAL M 320 15.48 -44.49 5.24
C VAL M 320 16.79 -43.93 4.70
N THR M 321 16.77 -42.66 4.32
CA THR M 321 17.97 -41.96 3.88
C THR M 321 18.04 -40.84 4.87
N ALA M 322 18.47 -41.17 6.08
CA ALA M 322 18.49 -40.19 7.14
C ALA M 322 19.77 -40.51 7.86
N ALA M 323 19.85 -40.12 9.12
CA ALA M 323 21.06 -40.41 9.87
C ALA M 323 21.67 -41.81 9.76
N PRO M 324 22.94 -41.85 9.38
CA PRO M 324 23.66 -43.13 9.22
C PRO M 324 24.28 -43.66 10.51
N ASP M 325 23.84 -43.17 11.66
CA ASP M 325 24.36 -43.60 12.94
C ASP M 325 23.34 -43.93 14.00
N VAL M 326 22.09 -43.52 13.82
CA VAL M 326 21.18 -43.81 14.92
C VAL M 326 20.00 -44.61 14.37
N MET M 327 20.15 -45.06 13.13
CA MET M 327 19.12 -45.84 12.46
C MET M 327 18.62 -46.92 13.39
N ASN M 328 19.46 -47.35 14.33
CA ASN M 328 19.05 -48.38 15.26
C ASN M 328 17.80 -47.99 16.02
N ASP M 329 17.60 -46.71 16.24
CA ASP M 329 16.37 -46.22 16.83
C ASP M 329 15.17 -46.36 15.90
N LEU M 330 15.42 -46.72 14.66
CA LEU M 330 14.37 -46.99 13.70
C LEU M 330 14.17 -48.47 13.51
N GLU M 331 15.25 -49.23 13.37
CA GLU M 331 15.06 -50.67 13.35
C GLU M 331 14.30 -51.18 14.57
N ARG M 332 14.59 -50.65 15.76
CA ARG M 332 13.84 -51.13 16.91
C ARG M 332 12.37 -50.75 16.80
N VAL M 333 12.10 -49.53 16.32
CA VAL M 333 10.69 -49.15 16.38
C VAL M 333 9.90 -49.85 15.28
N ILE M 334 10.44 -49.97 14.07
CA ILE M 334 9.71 -50.70 13.07
C ILE M 334 9.55 -52.15 13.47
N ALA M 335 10.57 -52.75 14.09
CA ALA M 335 10.44 -54.11 14.58
C ALA M 335 9.33 -54.22 15.62
N GLN M 336 9.14 -53.19 16.44
CA GLN M 336 7.97 -53.17 17.28
C GLN M 336 6.73 -52.70 16.57
N LEU M 337 6.81 -52.38 15.29
CA LEU M 337 5.63 -51.94 14.57
C LEU M 337 5.19 -52.86 13.43
N ASP M 338 5.84 -54.00 13.23
CA ASP M 338 5.41 -54.96 12.21
C ASP M 338 5.05 -56.27 12.91
N ILE M 339 3.76 -56.59 13.01
CA ILE M 339 3.31 -57.69 13.87
C ILE M 339 1.99 -58.25 13.33
N ARG M 340 1.92 -59.59 13.22
CA ARG M 340 0.69 -60.24 12.81
C ARG M 340 -0.47 -59.81 13.69
N ARG M 341 -1.66 -59.65 13.10
CA ARG M 341 -2.77 -59.19 13.90
C ARG M 341 -3.93 -60.18 13.92
N PRO M 342 -4.42 -60.54 15.10
CA PRO M 342 -5.58 -61.43 15.23
C PRO M 342 -6.88 -60.72 14.91
N GLN M 343 -7.84 -61.50 14.44
CA GLN M 343 -9.13 -60.99 14.02
C GLN M 343 -10.26 -61.75 14.72
N VAL M 344 -11.39 -61.10 14.86
CA VAL M 344 -12.46 -61.54 15.75
C VAL M 344 -13.74 -61.77 14.94
N LEU M 345 -14.50 -62.80 15.32
CA LEU M 345 -15.73 -63.16 14.66
C LEU M 345 -16.91 -62.66 15.48
N VAL M 346 -17.74 -61.81 14.90
CA VAL M 346 -18.88 -61.21 15.59
C VAL M 346 -20.15 -61.75 14.95
N GLU M 347 -21.06 -62.25 15.75
CA GLU M 347 -22.41 -62.59 15.34
C GLU M 347 -23.42 -62.08 16.37
N ALA M 348 -24.49 -61.49 15.87
CA ALA M 348 -25.58 -61.04 16.73
C ALA M 348 -26.85 -61.74 16.31
N ILE M 349 -27.78 -61.85 17.24
CA ILE M 349 -29.02 -62.56 17.00
C ILE M 349 -30.14 -61.70 17.53
N ILE M 350 -31.29 -61.77 16.88
CA ILE M 350 -32.48 -61.08 17.36
C ILE M 350 -33.68 -61.97 17.16
N ALA M 351 -34.71 -61.73 17.97
CA ALA M 351 -35.93 -62.47 17.79
C ALA M 351 -37.02 -61.80 18.58
N GLU M 352 -38.24 -61.91 18.09
CA GLU M 352 -39.38 -61.30 18.75
C GLU M 352 -40.62 -62.10 18.40
N VAL M 353 -41.74 -61.72 19.02
CA VAL M 353 -43.03 -62.29 18.69
C VAL M 353 -44.03 -61.15 18.72
N GLN M 354 -45.04 -61.27 17.89
CA GLN M 354 -46.10 -60.26 17.84
C GLN M 354 -47.40 -61.03 17.81
N ASP M 355 -48.25 -60.76 18.80
CA ASP M 355 -49.48 -61.51 18.98
C ASP M 355 -50.58 -60.55 19.35
N ALA M 356 -51.79 -60.89 18.96
CA ALA M 356 -52.93 -60.07 19.28
C ALA M 356 -54.18 -60.93 19.35
N ASP M 357 -54.95 -60.73 20.40
CA ASP M 357 -56.22 -61.43 20.59
C ASP M 357 -57.35 -60.44 20.53
N GLY M 358 -58.52 -60.94 20.14
CA GLY M 358 -59.68 -60.10 19.99
C GLY M 358 -60.99 -60.85 20.10
N LEU M 359 -61.99 -60.25 20.72
CA LEU M 359 -63.27 -60.91 20.88
C LEU M 359 -64.36 -59.85 20.74
N ASN M 360 -65.58 -60.29 20.47
CA ASN M 360 -66.72 -59.38 20.48
C ASN M 360 -67.98 -60.22 20.64
N LEU M 361 -69.08 -59.53 20.95
CA LEU M 361 -70.37 -60.17 21.15
C LEU M 361 -71.45 -59.13 21.31
N GLY M 362 -72.63 -59.40 20.78
CA GLY M 362 -73.76 -58.49 20.85
C GLY M 362 -74.98 -58.93 20.07
N ILE M 363 -76.18 -58.52 20.50
CA ILE M 363 -77.44 -58.89 19.86
C ILE M 363 -78.19 -57.61 19.47
N GLN M 364 -79.31 -57.79 18.74
CA GLN M 364 -80.16 -56.68 18.40
C GLN M 364 -81.59 -57.15 18.16
N TRP M 365 -82.55 -56.27 18.44
CA TRP M 365 -83.98 -56.59 18.42
C TRP M 365 -84.73 -55.61 17.55
N ALA M 366 -85.92 -56.01 17.14
CA ALA M 366 -86.72 -55.21 16.21
C ALA M 366 -88.17 -55.66 16.27
N ASN M 367 -89.09 -54.71 16.16
CA ASN M 367 -90.51 -55.05 16.14
C ASN M 367 -91.26 -53.87 15.56
N LYS M 368 -92.20 -54.17 14.64
CA LYS M 368 -92.96 -53.11 13.99
C LYS M 368 -93.68 -52.26 15.02
N ASN M 369 -94.29 -52.88 16.02
CA ASN M 369 -95.03 -52.15 17.04
C ASN M 369 -94.15 -51.71 18.20
N ALA M 370 -92.90 -52.13 18.25
CA ALA M 370 -92.07 -51.94 19.43
C ALA M 370 -90.77 -51.24 19.06
N GLY M 371 -89.84 -51.24 20.00
CA GLY M 371 -88.65 -50.41 19.88
C GLY M 371 -87.64 -50.85 18.84
N MET M 372 -86.38 -50.49 19.07
CA MET M 372 -85.32 -50.81 18.13
C MET M 372 -83.98 -50.73 18.85
N THR M 373 -83.25 -51.86 18.89
CA THR M 373 -81.99 -51.96 19.61
C THR M 373 -80.86 -52.13 18.59
N GLN M 374 -80.17 -51.05 18.31
CA GLN M 374 -79.19 -51.03 17.25
C GLN M 374 -77.77 -50.99 17.80
N PHE M 375 -76.82 -51.56 17.07
CA PHE M 375 -75.42 -51.45 17.44
C PHE M 375 -74.58 -51.39 16.17
N THR M 376 -73.90 -50.27 15.94
CA THR M 376 -73.17 -50.08 14.69
C THR M 376 -71.82 -50.75 14.72
N ASN M 377 -71.20 -50.84 15.89
CA ASN M 377 -69.91 -51.47 15.96
C ASN M 377 -69.95 -52.89 15.42
N SER M 378 -71.12 -53.52 15.46
CA SER M 378 -71.24 -54.93 15.12
C SER M 378 -70.92 -55.20 13.65
N GLY M 379 -71.03 -54.20 12.82
CA GLY M 379 -70.84 -54.37 11.39
C GLY M 379 -72.12 -54.37 10.59
N LEU M 380 -73.28 -54.47 11.26
CA LEU M 380 -74.56 -54.53 10.59
C LEU M 380 -75.67 -53.97 11.46
N PRO M 381 -76.33 -52.92 11.03
CA PRO M 381 -77.51 -52.45 11.76
C PRO M 381 -78.70 -53.40 11.59
N ILE M 382 -79.79 -53.07 12.28
CA ILE M 382 -81.06 -53.68 11.88
C ILE M 382 -81.47 -53.15 10.53
N SER M 383 -81.03 -51.94 10.18
CA SER M 383 -81.34 -51.36 8.89
C SER M 383 -81.02 -52.33 7.76
N THR M 384 -79.92 -53.06 7.90
CA THR M 384 -79.61 -54.12 6.96
C THR M 384 -80.72 -55.16 6.88
N ALA M 385 -81.40 -55.40 7.98
CA ALA M 385 -82.41 -56.44 8.00
C ALA M 385 -83.75 -55.93 7.50
N ILE M 386 -84.29 -54.91 8.15
CA ILE M 386 -85.54 -54.34 7.70
C ILE M 386 -85.46 -53.95 6.22
N ALA M 387 -84.31 -53.48 5.77
CA ALA M 387 -84.14 -53.25 4.36
C ALA M 387 -83.78 -54.49 3.58
N GLY M 388 -83.45 -55.60 4.24
CA GLY M 388 -83.01 -56.76 3.50
C GLY M 388 -84.20 -57.62 3.11
N ALA M 389 -85.18 -57.70 4.02
CA ALA M 389 -86.26 -58.65 3.85
C ALA M 389 -87.46 -58.03 3.14
N ASN M 390 -87.84 -56.81 3.49
CA ASN M 390 -88.89 -56.13 2.73
C ASN M 390 -88.47 -55.84 1.30
N GLN M 391 -87.19 -55.55 1.07
CA GLN M 391 -86.70 -55.47 -0.30
C GLN M 391 -86.59 -56.84 -0.94
N TYR M 392 -86.21 -57.84 -0.15
CA TYR M 392 -86.09 -59.18 -0.70
C TYR M 392 -87.46 -59.65 -1.19
N ASN M 393 -88.36 -59.85 -0.24
CA ASN M 393 -89.71 -60.36 -0.52
C ASN M 393 -90.57 -59.36 -1.29
N LYS M 394 -90.18 -58.08 -1.33
CA LYS M 394 -90.79 -57.21 -2.33
C LYS M 394 -90.32 -57.61 -3.73
N ASP M 395 -89.01 -57.60 -3.97
CA ASP M 395 -88.48 -58.05 -5.25
C ASP M 395 -88.62 -59.55 -5.42
N GLY M 396 -88.90 -60.29 -4.37
CA GLY M 396 -88.87 -61.75 -4.41
C GLY M 396 -87.52 -62.29 -4.04
N THR M 397 -86.45 -61.63 -4.48
CA THR M 397 -85.10 -62.15 -4.27
C THR M 397 -84.17 -61.00 -3.95
N ILE M 398 -82.88 -61.30 -3.90
CA ILE M 398 -81.88 -60.30 -3.55
C ILE M 398 -81.83 -59.25 -4.66
N SER M 399 -81.64 -58.00 -4.25
CA SER M 399 -81.28 -56.94 -5.17
C SER M 399 -80.02 -56.25 -4.63
N SER M 400 -79.07 -55.97 -5.53
CA SER M 400 -77.77 -55.43 -5.13
C SER M 400 -77.87 -54.12 -4.36
N SER M 401 -79.05 -53.49 -4.34
CA SER M 401 -79.25 -52.28 -3.56
C SER M 401 -78.97 -52.50 -2.07
N LEU M 402 -78.97 -53.74 -1.62
CA LEU M 402 -78.83 -54.04 -0.22
C LEU M 402 -77.43 -53.72 0.26
N ALA M 403 -77.27 -53.71 1.58
CA ALA M 403 -76.05 -53.20 2.20
C ALA M 403 -74.84 -54.00 1.73
N SER M 404 -73.95 -53.37 0.98
CA SER M 404 -72.74 -54.06 0.52
C SER M 404 -71.80 -54.44 1.66
N ALA M 405 -72.14 -54.07 2.90
CA ALA M 405 -71.31 -54.42 4.04
C ALA M 405 -71.17 -55.93 4.19
N LEU M 406 -72.16 -56.70 3.75
CA LEU M 406 -72.09 -58.14 3.85
C LEU M 406 -70.82 -58.70 3.23
N GLY M 407 -70.28 -58.02 2.20
CA GLY M 407 -69.05 -58.45 1.56
C GLY M 407 -67.87 -58.48 2.48
N SER M 408 -67.95 -57.79 3.61
CA SER M 408 -66.83 -57.72 4.52
C SER M 408 -67.06 -58.45 5.84
N PHE M 409 -68.29 -58.81 6.12
CA PHE M 409 -68.62 -59.37 7.43
C PHE M 409 -67.85 -60.66 7.68
N ASN M 410 -67.64 -60.94 8.97
CA ASN M 410 -67.05 -62.20 9.39
C ASN M 410 -67.69 -62.63 10.70
N GLY M 411 -67.81 -63.95 10.87
CA GLY M 411 -68.43 -64.48 12.06
C GLY M 411 -69.73 -65.21 11.78
N ILE M 412 -70.61 -65.24 12.78
CA ILE M 412 -71.88 -65.92 12.67
C ILE M 412 -72.98 -64.99 13.16
N ALA M 413 -74.18 -65.23 12.65
CA ALA M 413 -75.38 -64.59 13.15
C ALA M 413 -76.57 -65.46 12.77
N ALA M 414 -77.53 -65.60 13.66
CA ALA M 414 -78.56 -66.62 13.55
C ALA M 414 -79.91 -65.96 13.38
N GLY M 415 -80.61 -66.29 12.30
CA GLY M 415 -81.88 -65.66 11.99
C GLY M 415 -83.02 -66.33 12.69
N PHE M 416 -83.87 -65.54 13.34
CA PHE M 416 -85.05 -66.03 14.01
C PHE M 416 -86.21 -65.07 13.78
N TYR M 417 -87.41 -65.64 13.67
CA TYR M 417 -88.62 -64.86 13.50
C TYR M 417 -89.81 -65.60 14.10
N GLN M 418 -90.51 -64.97 15.04
CA GLN M 418 -91.75 -65.52 15.60
C GLN M 418 -92.73 -64.36 15.74
N GLY M 419 -93.50 -64.15 14.68
CA GLY M 419 -94.45 -63.06 14.68
C GLY M 419 -93.75 -61.72 14.60
N ASN M 420 -93.91 -60.91 15.65
CA ASN M 420 -93.57 -59.51 15.59
C ASN M 420 -92.10 -59.23 15.89
N TRP M 421 -91.39 -60.15 16.52
CA TRP M 421 -90.06 -59.85 17.03
C TRP M 421 -89.00 -60.42 16.10
N ALA M 422 -87.74 -60.20 16.48
CA ALA M 422 -86.57 -60.72 15.80
C ALA M 422 -85.37 -60.50 16.71
N MET M 423 -84.28 -61.20 16.42
CA MET M 423 -83.06 -60.96 17.17
C MET M 423 -81.90 -61.57 16.38
N LEU M 424 -80.74 -60.91 16.48
CA LEU M 424 -79.53 -61.34 15.79
C LEU M 424 -78.39 -61.41 16.79
N LEU M 425 -77.84 -62.60 16.96
CA LEU M 425 -76.62 -62.81 17.75
C LEU M 425 -75.40 -62.56 16.88
N THR M 426 -74.35 -62.03 17.48
CA THR M 426 -73.16 -61.62 16.74
C THR M 426 -71.93 -61.85 17.59
N ALA M 427 -70.95 -62.56 17.04
CA ALA M 427 -69.72 -62.79 17.76
C ALA M 427 -68.68 -63.28 16.78
N LEU M 428 -67.43 -63.23 17.22
CA LEU M 428 -66.31 -63.73 16.45
C LEU M 428 -65.10 -63.75 17.33
N SER M 429 -64.15 -64.62 16.99
CA SER M 429 -62.86 -64.62 17.64
C SER M 429 -61.81 -64.54 16.57
N SER M 430 -60.78 -63.77 16.83
CA SER M 430 -59.70 -63.59 15.88
C SER M 430 -58.39 -63.45 16.64
N SER M 431 -57.35 -64.03 16.08
CA SER M 431 -56.04 -63.96 16.67
C SER M 431 -55.02 -63.96 15.56
N THR M 432 -53.81 -63.55 15.91
CA THR M 432 -52.74 -63.44 14.93
C THR M 432 -51.42 -63.56 15.65
N LYS M 433 -50.46 -64.27 15.03
CA LYS M 433 -49.18 -64.52 15.66
C LYS M 433 -48.06 -64.33 14.63
N ASN M 434 -46.95 -63.76 15.08
CA ASN M 434 -45.85 -63.40 14.22
C ASN M 434 -44.53 -63.61 14.91
N ASP M 435 -43.54 -64.14 14.19
CA ASP M 435 -42.22 -64.40 14.69
C ASP M 435 -41.19 -64.00 13.65
N ILE M 436 -39.96 -63.85 14.09
CA ILE M 436 -38.83 -63.44 13.27
C ILE M 436 -37.56 -63.96 13.93
N LEU M 437 -36.47 -63.93 13.18
CA LEU M 437 -35.19 -64.36 13.71
C LEU M 437 -34.12 -63.88 12.77
N ALA M 438 -33.00 -63.40 13.31
CA ALA M 438 -31.96 -62.86 12.45
C ALA M 438 -30.59 -63.12 13.06
N THR M 439 -29.77 -63.91 12.39
CA THR M 439 -28.44 -64.26 12.86
C THR M 439 -27.42 -63.97 11.77
N PRO M 440 -26.85 -62.76 11.73
CA PRO M 440 -25.69 -62.55 10.86
C PRO M 440 -24.35 -62.65 11.57
N SER M 441 -23.29 -62.96 10.81
CA SER M 441 -21.97 -63.19 11.36
C SER M 441 -20.92 -62.70 10.37
N ILE M 442 -19.78 -62.27 10.91
CA ILE M 442 -18.76 -61.67 10.06
C ILE M 442 -17.38 -61.70 10.70
N VAL M 443 -16.32 -61.43 9.93
CA VAL M 443 -14.94 -61.37 10.39
C VAL M 443 -14.31 -60.15 9.76
N THR M 444 -13.30 -59.64 10.43
CA THR M 444 -12.56 -58.47 9.97
C THR M 444 -11.33 -58.34 10.85
N LEU M 445 -10.55 -57.31 10.57
CA LEU M 445 -9.45 -57.03 11.48
C LEU M 445 -9.99 -56.10 12.56
N ASP M 446 -9.11 -55.70 13.49
CA ASP M 446 -9.63 -54.90 14.60
C ASP M 446 -9.97 -53.50 14.14
N ASN M 447 -8.96 -52.77 13.67
CA ASN M 447 -9.12 -51.32 13.52
C ASN M 447 -10.02 -50.95 12.35
N MET M 448 -10.01 -51.73 11.27
CA MET M 448 -10.84 -51.39 10.12
C MET M 448 -12.27 -51.88 10.32
N GLN M 449 -13.23 -51.05 9.97
CA GLN M 449 -14.63 -51.37 10.19
C GLN M 449 -15.14 -52.23 9.05
N ALA M 450 -15.89 -53.27 9.37
CA ALA M 450 -16.65 -53.94 8.34
C ALA M 450 -18.13 -53.63 8.50
N THR M 451 -18.86 -53.69 7.41
CA THR M 451 -20.29 -53.46 7.44
C THR M 451 -20.98 -54.46 6.53
N PHE M 452 -22.25 -54.68 6.79
CA PHE M 452 -22.96 -55.82 6.23
C PHE M 452 -24.43 -55.51 6.15
N ASN M 453 -25.09 -55.96 5.09
CA ASN M 453 -26.52 -55.72 5.01
C ASN M 453 -27.16 -56.61 3.97
N VAL M 454 -28.44 -56.91 4.21
CA VAL M 454 -29.24 -57.74 3.34
C VAL M 454 -30.56 -57.03 3.16
N GLY M 455 -31.23 -57.26 2.04
CA GLY M 455 -32.56 -56.72 1.88
C GLY M 455 -32.69 -55.87 0.63
N GLN M 456 -33.93 -55.54 0.33
CA GLN M 456 -34.24 -54.85 -0.90
C GLN M 456 -33.96 -53.36 -0.77
N GLU M 457 -34.18 -52.63 -1.85
CA GLU M 457 -33.91 -51.21 -1.90
C GLU M 457 -35.00 -50.49 -2.68
N VAL M 458 -35.50 -49.39 -2.12
CA VAL M 458 -36.72 -48.82 -2.71
C VAL M 458 -36.63 -47.30 -2.67
N PRO M 459 -37.10 -46.62 -3.69
CA PRO M 459 -36.95 -45.17 -3.72
C PRO M 459 -38.15 -44.36 -3.28
N VAL M 460 -37.85 -43.34 -2.50
CA VAL M 460 -38.82 -42.43 -1.96
C VAL M 460 -38.70 -41.12 -2.72
N LEU M 461 -39.71 -40.25 -2.58
CA LEU M 461 -39.70 -38.97 -3.33
C LEU M 461 -39.25 -37.81 -2.44
N THR M 462 -37.96 -37.74 -2.23
CA THR M 462 -37.33 -36.62 -1.55
C THR M 462 -36.41 -35.91 -2.51
N THR M 475 -37.90 -36.32 -8.79
CA THR M 475 -36.82 -36.14 -7.84
C THR M 475 -36.89 -37.10 -6.65
N VAL M 476 -35.98 -38.07 -6.61
CA VAL M 476 -35.94 -39.04 -5.53
C VAL M 476 -34.54 -39.62 -5.33
N GLU M 477 -34.37 -40.44 -4.29
CA GLU M 477 -33.09 -41.06 -4.01
C GLU M 477 -33.23 -42.54 -3.69
N ARG M 478 -32.12 -43.22 -3.41
CA ARG M 478 -32.17 -44.66 -3.12
C ARG M 478 -32.36 -44.92 -1.64
N LYS M 479 -33.22 -45.89 -1.29
CA LYS M 479 -33.43 -46.17 0.12
C LYS M 479 -33.39 -47.69 0.29
N THR M 480 -32.78 -48.11 1.39
CA THR M 480 -32.53 -49.52 1.67
C THR M 480 -33.34 -49.95 2.86
N VAL M 481 -33.83 -51.19 2.82
CA VAL M 481 -34.64 -51.75 3.89
C VAL M 481 -34.16 -53.17 4.14
N GLY M 482 -33.55 -53.40 5.29
CA GLY M 482 -33.13 -54.74 5.62
C GLY M 482 -32.51 -54.95 6.98
N ILE M 483 -31.28 -55.47 7.02
CA ILE M 483 -30.60 -55.73 8.27
C ILE M 483 -29.18 -55.19 8.15
N LYS M 484 -29.01 -53.90 8.41
CA LYS M 484 -27.72 -53.22 8.27
C LYS M 484 -26.94 -53.32 9.55
N LEU M 485 -26.15 -54.38 9.68
CA LEU M 485 -25.35 -54.58 10.89
C LEU M 485 -23.88 -54.26 10.67
N LYS M 486 -23.42 -53.17 11.30
CA LYS M 486 -22.03 -52.74 11.19
C LYS M 486 -21.39 -52.60 12.56
N VAL M 487 -20.10 -52.86 12.65
CA VAL M 487 -19.39 -52.75 13.92
C VAL M 487 -17.93 -52.29 13.83
N LYS M 488 -17.30 -52.20 14.99
CA LYS M 488 -15.92 -51.79 15.11
C LYS M 488 -15.27 -52.55 16.25
N PRO M 489 -14.44 -53.52 15.97
CA PRO M 489 -13.89 -54.36 17.04
C PRO M 489 -12.53 -53.90 17.52
N GLN M 490 -12.36 -53.74 18.82
CA GLN M 490 -11.09 -53.37 19.43
C GLN M 490 -10.74 -54.43 20.47
N ILE M 491 -9.62 -55.13 20.26
CA ILE M 491 -9.17 -56.17 21.18
C ILE M 491 -8.17 -55.55 22.14
N ASN M 492 -8.46 -55.65 23.43
CA ASN M 492 -7.70 -54.88 24.40
C ASN M 492 -6.76 -55.76 25.21
N GLU M 493 -7.35 -56.44 26.18
CA GLU M 493 -6.72 -57.43 27.03
C GLU M 493 -6.40 -58.67 26.19
N GLY M 494 -5.73 -59.65 26.82
CA GLY M 494 -5.67 -60.97 26.28
C GLY M 494 -7.02 -61.45 25.76
N ASP M 495 -8.07 -61.35 26.58
CA ASP M 495 -9.43 -61.68 26.15
C ASP M 495 -10.38 -60.60 26.62
N ALA M 496 -10.70 -59.67 25.73
CA ALA M 496 -11.82 -58.74 25.87
C ALA M 496 -11.93 -57.99 24.55
N VAL M 497 -13.11 -57.43 24.30
CA VAL M 497 -13.35 -56.75 23.03
C VAL M 497 -14.29 -55.57 23.23
N LEU M 498 -14.37 -54.73 22.21
CA LEU M 498 -15.12 -53.49 22.28
C LEU M 498 -15.88 -53.32 20.97
N LEU M 499 -17.16 -53.08 21.07
CA LEU M 499 -18.03 -53.21 19.92
C LEU M 499 -18.98 -52.01 19.88
N GLU M 500 -18.68 -51.05 19.01
CA GLU M 500 -19.58 -49.93 18.79
C GLU M 500 -20.48 -50.26 17.61
N ILE M 501 -21.47 -51.07 17.90
CA ILE M 501 -22.28 -51.70 16.88
C ILE M 501 -23.54 -50.87 16.67
N GLU M 502 -24.04 -50.88 15.45
CA GLU M 502 -25.34 -50.33 15.17
C GLU M 502 -26.03 -51.04 14.03
N GLN M 503 -27.35 -51.16 14.12
CA GLN M 503 -28.06 -51.91 13.12
C GLN M 503 -29.56 -51.74 13.27
N GLU M 504 -30.28 -52.25 12.28
CA GLU M 504 -31.73 -52.17 12.29
C GLU M 504 -32.29 -53.30 11.45
N VAL M 505 -33.42 -53.82 11.86
CA VAL M 505 -34.16 -54.75 11.04
C VAL M 505 -35.39 -54.05 10.53
N SER M 506 -35.38 -53.69 9.26
CA SER M 506 -36.46 -52.89 8.70
C SER M 506 -37.23 -53.69 7.69
N SER M 507 -38.52 -53.39 7.60
CA SER M 507 -39.32 -53.93 6.50
C SER M 507 -40.38 -52.93 6.12
N VAL M 508 -41.26 -53.31 5.19
CA VAL M 508 -42.33 -52.45 4.75
C VAL M 508 -43.60 -53.29 4.78
N ALA M 509 -44.65 -52.77 5.40
CA ALA M 509 -45.89 -53.53 5.54
C ALA M 509 -46.92 -53.06 4.53
N ASP M 510 -47.58 -51.94 4.83
CA ASP M 510 -48.45 -51.28 3.88
C ASP M 510 -49.69 -52.13 3.62
N SER M 511 -50.15 -52.91 4.59
CA SER M 511 -51.53 -53.42 4.50
C SER M 511 -52.45 -52.26 4.13
N ALA M 512 -52.44 -51.21 4.97
CA ALA M 512 -53.13 -49.95 4.68
C ALA M 512 -52.45 -48.88 5.51
N SER M 513 -52.11 -47.75 4.88
CA SER M 513 -51.32 -46.74 5.56
C SER M 513 -51.62 -45.40 4.93
N SER M 514 -50.98 -44.36 5.44
CA SER M 514 -51.16 -43.02 4.92
C SER M 514 -50.23 -42.80 3.74
N THR M 515 -50.76 -42.98 2.54
CA THR M 515 -50.13 -42.49 1.31
C THR M 515 -51.11 -41.56 0.64
N SER M 516 -50.70 -40.31 0.47
CA SER M 516 -51.60 -39.28 -0.01
C SER M 516 -51.36 -39.03 -1.49
N SER M 517 -50.93 -40.09 -2.19
CA SER M 517 -50.50 -40.00 -3.58
C SER M 517 -49.19 -39.23 -3.68
N ASP M 518 -48.42 -39.30 -2.60
CA ASP M 518 -47.17 -38.57 -2.52
C ASP M 518 -46.05 -39.58 -2.43
N LEU M 519 -45.85 -40.15 -1.24
CA LEU M 519 -44.75 -41.02 -0.91
C LEU M 519 -45.37 -42.15 -0.12
N GLY M 520 -45.30 -43.35 -0.66
CA GLY M 520 -46.09 -44.43 -0.08
C GLY M 520 -45.23 -45.36 0.75
N ALA M 521 -45.31 -45.26 2.07
CA ALA M 521 -44.23 -45.90 2.80
C ALA M 521 -44.52 -45.90 4.29
N THR M 522 -44.08 -46.97 4.93
CA THR M 522 -44.19 -47.12 6.37
C THR M 522 -42.85 -47.38 7.05
N PHE M 523 -42.03 -48.23 6.45
CA PHE M 523 -40.65 -48.37 6.89
C PHE M 523 -40.57 -48.73 8.36
N ASN M 524 -41.31 -49.78 8.75
CA ASN M 524 -41.16 -50.31 10.10
C ASN M 524 -39.69 -50.60 10.39
N THR M 525 -39.22 -50.23 11.56
CA THR M 525 -37.78 -50.27 11.87
C THR M 525 -37.54 -50.38 13.35
N ARG M 526 -36.42 -51.02 13.71
CA ARG M 526 -35.86 -50.92 15.04
C ARG M 526 -34.36 -50.69 14.92
N THR M 527 -33.81 -49.72 15.65
CA THR M 527 -32.44 -49.26 15.42
C THR M 527 -31.69 -49.20 16.74
N VAL M 528 -30.60 -49.96 16.85
CA VAL M 528 -29.77 -49.99 18.05
C VAL M 528 -28.39 -49.44 17.76
N ASN M 529 -27.78 -48.84 18.78
CA ASN M 529 -26.36 -48.47 18.71
C ASN M 529 -25.84 -48.25 20.11
N ASN M 530 -24.65 -48.72 20.38
CA ASN M 530 -24.04 -48.58 21.70
C ASN M 530 -22.62 -49.12 21.63
N ALA M 531 -21.97 -49.19 22.77
CA ALA M 531 -20.60 -49.65 22.91
C ALA M 531 -20.56 -50.55 24.13
N VAL M 532 -19.76 -51.60 24.11
CA VAL M 532 -19.76 -52.58 25.17
C VAL M 532 -18.41 -53.26 25.27
N LEU M 533 -18.03 -53.66 26.48
CA LEU M 533 -16.90 -54.51 26.72
C LEU M 533 -17.40 -55.92 26.91
N VAL M 534 -16.76 -56.89 26.27
CA VAL M 534 -17.24 -58.25 26.26
C VAL M 534 -16.07 -59.22 26.31
N GLY M 535 -16.26 -60.32 27.03
CA GLY M 535 -15.25 -61.36 27.03
C GLY M 535 -15.33 -62.16 25.75
N SER M 536 -14.32 -63.01 25.52
CA SER M 536 -14.15 -63.61 24.20
C SER M 536 -15.33 -64.46 23.79
N GLY M 537 -15.48 -65.63 24.40
CA GLY M 537 -16.61 -66.49 24.15
C GLY M 537 -17.73 -66.35 25.15
N GLU M 538 -18.70 -65.49 24.85
CA GLU M 538 -19.70 -65.08 25.84
C GLU M 538 -20.98 -64.67 25.15
N THR M 539 -22.11 -65.12 25.69
CA THR M 539 -23.43 -64.66 25.30
C THR M 539 -23.79 -63.40 26.07
N VAL M 540 -24.19 -62.36 25.37
CA VAL M 540 -24.29 -61.03 25.95
C VAL M 540 -25.64 -60.41 25.58
N VAL M 541 -26.39 -59.98 26.58
CA VAL M 541 -27.66 -59.27 26.35
C VAL M 541 -27.37 -57.80 26.08
N VAL M 542 -27.77 -57.34 24.91
CA VAL M 542 -27.52 -55.96 24.54
C VAL M 542 -28.73 -55.09 24.74
N GLY M 543 -29.87 -55.46 24.17
CA GLY M 543 -31.01 -54.56 24.14
C GLY M 543 -32.31 -55.32 24.19
N GLY M 544 -33.32 -54.70 24.81
CA GLY M 544 -34.53 -55.45 25.10
C GLY M 544 -35.79 -54.64 25.22
N LEU M 545 -36.92 -55.20 24.75
CA LEU M 545 -38.21 -54.53 24.83
C LEU M 545 -39.29 -55.59 25.02
N LEU M 546 -40.27 -55.32 25.89
CA LEU M 546 -41.40 -56.23 26.09
C LEU M 546 -42.64 -55.47 26.53
N ASP M 547 -43.74 -55.62 25.82
CA ASP M 547 -44.86 -54.68 25.98
C ASP M 547 -46.20 -55.31 25.58
N LYS M 548 -47.22 -55.12 26.40
CA LYS M 548 -48.60 -55.45 26.09
C LYS M 548 -49.44 -54.18 25.92
N THR M 549 -50.60 -54.35 25.28
CA THR M 549 -51.48 -53.20 25.00
C THR M 549 -52.92 -53.69 24.85
N VAL M 550 -53.77 -53.28 25.78
CA VAL M 550 -55.16 -53.75 25.83
C VAL M 550 -56.10 -52.57 25.67
N THR M 551 -57.25 -52.84 25.06
CA THR M 551 -58.30 -51.83 24.97
C THR M 551 -59.64 -52.56 24.98
N ASP M 552 -60.66 -51.86 25.52
CA ASP M 552 -62.00 -52.39 25.70
C ASP M 552 -63.03 -51.40 25.18
N THR M 553 -64.16 -51.94 24.73
CA THR M 553 -65.25 -51.11 24.23
C THR M 553 -66.59 -51.72 24.64
N ALA M 554 -67.38 -50.99 25.43
CA ALA M 554 -68.68 -51.49 25.87
C ALA M 554 -69.75 -50.43 25.68
N ASP M 555 -70.99 -50.91 25.53
CA ASP M 555 -72.17 -50.05 25.41
C ASP M 555 -73.42 -50.87 25.68
N LYS M 556 -74.34 -50.32 26.46
CA LYS M 556 -75.55 -51.04 26.85
C LYS M 556 -76.64 -50.04 27.15
N VAL M 557 -77.89 -50.46 26.91
CA VAL M 557 -79.03 -49.65 27.32
C VAL M 557 -78.99 -49.46 28.82
N PRO M 558 -79.15 -48.24 29.33
CA PRO M 558 -78.92 -48.00 30.76
C PRO M 558 -79.91 -48.79 31.60
N LEU M 559 -79.50 -49.06 32.86
CA LEU M 559 -80.28 -49.77 33.87
C LEU M 559 -80.44 -51.23 33.55
N LEU M 560 -79.99 -51.67 32.39
CA LEU M 560 -80.22 -53.03 31.96
C LEU M 560 -78.90 -53.76 31.87
N GLY M 561 -78.94 -55.02 31.49
CA GLY M 561 -77.74 -55.85 31.49
C GLY M 561 -77.13 -56.05 32.88
N ASP M 562 -77.81 -55.62 33.93
CA ASP M 562 -77.19 -55.63 35.24
C ASP M 562 -77.20 -57.02 35.88
N ILE M 563 -78.21 -57.84 35.60
CA ILE M 563 -78.16 -59.21 36.07
C ILE M 563 -77.24 -60.01 35.15
N PRO M 564 -76.05 -60.34 35.61
CA PRO M 564 -75.03 -60.90 34.70
C PRO M 564 -75.52 -62.11 33.93
N VAL M 565 -76.12 -63.08 34.64
CA VAL M 565 -76.59 -64.28 33.94
C VAL M 565 -77.74 -63.95 33.01
N ILE M 566 -78.66 -63.10 33.42
CA ILE M 566 -79.82 -62.84 32.59
C ILE M 566 -79.51 -61.66 31.67
N GLY M 567 -79.20 -60.52 32.28
CA GLY M 567 -79.08 -59.26 31.54
C GLY M 567 -78.01 -59.26 30.47
N ALA M 568 -77.19 -60.31 30.40
CA ALA M 568 -76.11 -60.38 29.41
C ALA M 568 -76.63 -60.20 27.99
N LEU M 569 -77.93 -60.15 27.79
CA LEU M 569 -78.53 -60.02 26.48
C LEU M 569 -78.62 -58.58 25.98
N PHE M 570 -78.11 -57.61 26.71
CA PHE M 570 -78.18 -56.24 26.23
C PHE M 570 -76.82 -55.57 26.05
N ARG M 571 -75.79 -55.99 26.78
CA ARG M 571 -74.44 -55.48 26.55
C ARG M 571 -74.03 -55.73 25.10
N SER M 572 -72.99 -55.00 24.70
CA SER M 572 -72.34 -55.24 23.41
C SER M 572 -70.85 -54.94 23.57
N ASP M 573 -70.02 -55.95 23.36
CA ASP M 573 -68.66 -55.98 23.85
C ASP M 573 -67.69 -56.12 22.70
N SER M 574 -66.63 -55.33 22.74
CA SER M 574 -65.50 -55.57 21.84
C SER M 574 -64.21 -55.36 22.61
N LYS M 575 -63.42 -56.42 22.76
CA LYS M 575 -62.18 -56.36 23.51
C LYS M 575 -61.06 -56.91 22.64
N LYS M 576 -59.86 -56.39 22.85
CA LYS M 576 -58.70 -56.85 22.10
C LYS M 576 -57.44 -56.46 22.86
N VAL M 577 -56.38 -57.23 22.62
CA VAL M 577 -55.10 -57.03 23.26
C VAL M 577 -54.00 -57.18 22.21
N SER M 578 -52.81 -56.67 22.56
CA SER M 578 -51.61 -56.92 21.78
C SER M 578 -50.42 -56.99 22.72
N LYS M 579 -49.61 -58.01 22.56
CA LYS M 579 -48.40 -58.20 23.35
C LYS M 579 -47.20 -58.22 22.43
N ARG M 580 -46.03 -57.83 22.95
CA ARG M 580 -44.83 -57.69 22.13
C ARG M 580 -43.59 -57.79 22.98
N ASN M 581 -42.50 -58.26 22.39
CA ASN M 581 -41.25 -58.41 23.12
C ASN M 581 -40.12 -58.39 22.11
N LEU M 582 -38.93 -57.96 22.52
CA LEU M 582 -37.81 -57.85 21.60
C LEU M 582 -36.51 -58.01 22.36
N MET M 583 -35.60 -58.85 21.83
CA MET M 583 -34.37 -59.16 22.53
C MET M 583 -33.17 -59.18 21.60
N LEU M 584 -32.06 -58.62 22.08
CA LEU M 584 -30.83 -58.47 21.33
C LEU M 584 -29.67 -59.18 22.04
N PHE M 585 -28.91 -59.98 21.30
CA PHE M 585 -27.74 -60.64 21.83
C PHE M 585 -26.58 -60.61 20.83
N ILE M 586 -25.37 -60.44 21.37
CA ILE M 586 -24.15 -60.43 20.59
C ILE M 586 -23.16 -61.39 21.22
N ARG M 587 -22.25 -61.91 20.40
CA ARG M 587 -21.17 -62.74 20.95
C ARG M 587 -19.99 -62.78 19.98
N PRO M 588 -18.84 -62.32 20.39
CA PRO M 588 -17.65 -62.44 19.55
C PRO M 588 -16.91 -63.75 19.80
N THR M 589 -15.79 -63.94 19.09
CA THR M 589 -14.76 -64.94 19.39
C THR M 589 -13.47 -64.45 18.81
N ILE M 590 -12.42 -64.56 19.57
CA ILE M 590 -11.11 -64.22 19.04
C ILE M 590 -10.55 -65.39 18.23
N ILE M 591 -9.72 -65.09 17.25
CA ILE M 591 -9.07 -66.11 16.44
C ILE M 591 -7.62 -65.67 16.23
N ARG M 592 -6.65 -66.51 16.62
CA ARG M 592 -5.27 -66.09 16.56
C ARG M 592 -4.59 -66.54 15.26
N ASP M 593 -4.76 -67.81 14.91
CA ASP M 593 -3.98 -68.35 13.80
C ASP M 593 -4.81 -69.44 13.09
N ARG M 594 -4.14 -70.11 12.18
CA ARG M 594 -4.76 -71.15 11.34
C ARG M 594 -5.55 -72.15 12.14
N ASP M 595 -4.90 -72.74 13.14
CA ASP M 595 -5.51 -73.78 13.93
C ASP M 595 -6.86 -73.33 14.47
N GLU M 596 -6.85 -72.30 15.33
CA GLU M 596 -8.08 -71.72 15.83
C GLU M 596 -9.06 -71.40 14.73
N TYR M 597 -8.57 -71.13 13.52
CA TYR M 597 -9.50 -70.81 12.44
C TYR M 597 -10.29 -72.03 11.99
N ARG M 598 -9.63 -73.19 11.88
CA ARG M 598 -10.31 -74.36 11.32
C ARG M 598 -11.57 -74.71 12.09
N GLN M 599 -11.49 -74.76 13.43
CA GLN M 599 -12.68 -75.11 14.20
C GLN M 599 -13.80 -74.11 13.95
N ALA M 600 -13.48 -72.82 13.93
CA ALA M 600 -14.53 -71.82 13.81
C ALA M 600 -15.25 -71.99 12.48
N SER M 601 -14.48 -72.05 11.40
CA SER M 601 -15.10 -72.19 10.11
C SER M 601 -15.85 -73.50 9.98
N SER M 602 -15.14 -74.61 10.08
CA SER M 602 -15.77 -75.91 9.89
C SER M 602 -17.03 -76.04 10.73
N GLY M 603 -16.89 -75.91 12.05
CA GLY M 603 -18.06 -76.03 12.91
C GLY M 603 -19.21 -75.13 12.48
N GLN M 604 -18.92 -73.84 12.27
CA GLN M 604 -19.98 -72.92 11.87
C GLN M 604 -20.66 -73.39 10.61
N TYR M 605 -19.87 -73.78 9.61
CA TYR M 605 -20.40 -74.31 8.36
C TYR M 605 -21.32 -75.48 8.59
N THR M 606 -20.94 -76.36 9.52
CA THR M 606 -21.83 -77.44 9.93
C THR M 606 -23.13 -76.90 10.46
N ALA M 607 -23.08 -75.89 11.32
CA ALA M 607 -24.29 -75.22 11.76
C ALA M 607 -25.16 -74.83 10.57
N PHE M 608 -24.53 -74.43 9.47
CA PHE M 608 -25.29 -74.16 8.26
C PHE M 608 -25.95 -75.42 7.71
N ASN M 609 -25.13 -76.45 7.47
CA ASN M 609 -25.64 -77.67 6.85
C ASN M 609 -26.73 -78.32 7.71
N ASN M 610 -26.72 -78.08 9.02
CA ASN M 610 -27.77 -78.62 9.87
C ASN M 610 -29.14 -78.25 9.39
N ALA M 611 -29.41 -76.95 9.27
CA ALA M 611 -30.72 -76.53 8.80
C ALA M 611 -30.89 -76.80 7.32
N GLN M 612 -29.83 -76.62 6.55
CA GLN M 612 -29.89 -76.86 5.11
C GLN M 612 -30.43 -78.25 4.80
N THR M 613 -29.68 -79.27 5.20
CA THR M 613 -30.07 -80.66 4.96
C THR M 613 -31.15 -81.14 5.94
N LYS M 614 -31.60 -80.26 6.81
CA LYS M 614 -32.61 -80.60 7.82
C LYS M 614 -33.94 -81.19 7.32
N GLN M 615 -34.51 -80.62 6.27
CA GLN M 615 -35.79 -81.08 5.74
C GLN M 615 -35.61 -81.92 4.48
N ARG M 616 -35.36 -81.25 3.36
CA ARG M 616 -35.17 -81.94 2.09
C ARG M 616 -33.79 -82.59 1.95
N GLY M 617 -33.79 -83.90 1.72
CA GLY M 617 -32.55 -84.65 1.56
C GLY M 617 -32.04 -84.74 0.14
N LYS M 618 -31.30 -83.72 -0.28
CA LYS M 618 -30.75 -83.70 -1.64
C LYS M 618 -29.23 -83.80 -1.61
N GLU M 619 -28.65 -84.25 -2.71
CA GLU M 619 -27.21 -84.40 -2.82
C GLU M 619 -26.77 -83.07 -3.42
N SER M 620 -25.69 -82.50 -2.88
CA SER M 620 -25.22 -81.21 -3.38
C SER M 620 -23.75 -81.02 -3.75
N SER M 621 -23.51 -80.89 -5.05
CA SER M 621 -22.21 -80.60 -5.64
C SER M 621 -21.43 -79.50 -4.96
N GLU M 622 -22.07 -78.33 -4.85
CA GLU M 622 -21.38 -77.22 -4.23
C GLU M 622 -21.08 -77.49 -2.77
N ALA M 623 -22.10 -77.68 -1.96
CA ALA M 623 -21.91 -77.87 -0.54
C ALA M 623 -20.84 -78.92 -0.27
N SER M 624 -21.07 -80.15 -0.75
CA SER M 624 -20.11 -81.21 -0.52
C SER M 624 -18.70 -80.82 -0.92
N LEU M 625 -18.55 -80.31 -2.14
CA LEU M 625 -17.21 -79.94 -2.61
C LEU M 625 -16.57 -78.93 -1.67
N SER M 626 -17.33 -77.90 -1.28
CA SER M 626 -16.86 -76.90 -0.34
C SER M 626 -16.39 -77.51 0.95
N ASN M 627 -17.13 -78.52 1.43
CA ASN M 627 -16.68 -79.28 2.59
C ASN M 627 -15.34 -79.93 2.33
N ASP M 628 -15.17 -80.55 1.16
CA ASP M 628 -13.86 -81.05 0.79
C ASP M 628 -12.79 -79.98 0.95
N LEU M 629 -13.12 -78.73 0.67
CA LEU M 629 -12.19 -77.64 0.95
C LEU M 629 -11.92 -77.49 2.43
N LEU M 630 -12.98 -77.30 3.21
CA LEU M 630 -12.83 -77.05 4.64
C LEU M 630 -12.10 -78.19 5.34
N HIS M 631 -12.17 -79.41 4.80
CA HIS M 631 -11.46 -80.52 5.38
C HIS M 631 -9.98 -80.23 5.55
N ILE M 632 -9.33 -79.86 4.45
CA ILE M 632 -7.91 -79.55 4.48
C ILE M 632 -7.62 -78.38 5.40
N GLN M 639 -6.75 -88.09 -0.77
CA GLN M 639 -7.73 -88.42 -1.80
C GLN M 639 -8.36 -89.78 -1.53
N ALA M 640 -7.61 -90.68 -0.92
CA ALA M 640 -8.09 -92.01 -0.61
C ALA M 640 -9.14 -91.98 0.50
N PHE M 641 -8.86 -91.20 1.54
CA PHE M 641 -9.77 -91.07 2.66
C PHE M 641 -11.14 -90.61 2.15
N ARG M 642 -11.12 -89.83 1.08
CA ARG M 642 -12.36 -89.33 0.48
C ARG M 642 -13.16 -90.46 -0.16
N GLN M 643 -12.50 -91.58 -0.41
CA GLN M 643 -13.14 -92.73 -1.03
C GLN M 643 -13.80 -93.65 -0.03
N VAL M 644 -13.03 -94.02 0.99
CA VAL M 644 -13.49 -94.94 2.00
C VAL M 644 -14.61 -94.34 2.86
N SER M 645 -14.43 -93.09 3.33
CA SER M 645 -15.46 -92.40 4.17
C SER M 645 -16.76 -92.24 3.37
N ALA M 646 -16.61 -91.87 2.11
CA ALA M 646 -17.74 -91.83 1.19
C ALA M 646 -18.47 -93.18 1.13
N ALA M 647 -17.72 -94.26 0.90
CA ALA M 647 -18.33 -95.58 0.76
C ALA M 647 -19.08 -95.95 2.01
N ILE M 648 -18.46 -95.75 3.18
CA ILE M 648 -19.12 -96.01 4.47
C ILE M 648 -20.46 -95.24 4.53
N ASP M 649 -20.43 -93.95 4.14
CA ASP M 649 -21.64 -93.10 4.07
C ASP M 649 -22.70 -93.74 3.20
N ALA M 650 -22.32 -94.16 1.99
CA ALA M 650 -23.26 -94.85 1.11
C ALA M 650 -23.91 -95.97 1.86
N PHE M 651 -23.09 -96.82 2.46
CA PHE M 651 -23.60 -98.01 3.10
C PHE M 651 -24.69 -97.65 4.10
N ASN M 652 -24.47 -96.63 4.91
CA ASN M 652 -25.42 -96.33 5.98
C ASN M 652 -26.53 -95.35 5.53
N LEU M 653 -27.35 -95.83 4.62
CA LEU M 653 -28.54 -95.15 4.13
C LEU M 653 -29.73 -96.09 4.27
N SER N 28 111.53 5.16 -24.49
CA SER N 28 111.12 4.38 -23.33
C SER N 28 110.62 5.32 -22.25
N ALA N 29 109.64 4.84 -21.49
CA ALA N 29 108.96 5.65 -20.48
C ALA N 29 109.69 5.59 -19.14
N SER N 30 110.94 6.07 -19.15
CA SER N 30 111.76 6.04 -17.93
C SER N 30 111.69 7.40 -17.22
N PHE N 31 110.66 7.57 -16.42
CA PHE N 31 110.43 8.81 -15.70
C PHE N 31 110.50 8.57 -14.19
N LYS N 32 111.43 9.24 -13.54
CA LYS N 32 111.62 9.09 -12.10
C LYS N 32 111.36 10.41 -11.40
N GLY N 33 110.35 10.41 -10.53
CA GLY N 33 109.96 11.61 -9.80
C GLY N 33 109.67 12.80 -10.65
N THR N 34 109.42 12.59 -11.94
CA THR N 34 109.23 13.69 -12.87
C THR N 34 107.95 14.45 -12.57
N ASP N 35 108.03 15.77 -12.48
CA ASP N 35 106.86 16.58 -12.20
C ASP N 35 105.88 16.53 -13.36
N ILE N 36 104.59 16.56 -13.01
CA ILE N 36 103.54 16.51 -14.02
C ILE N 36 103.69 17.65 -15.02
N GLN N 37 104.16 18.81 -14.56
CA GLN N 37 104.37 19.93 -15.47
C GLN N 37 105.47 19.62 -16.48
N GLU N 38 106.67 19.32 -15.98
CA GLU N 38 107.72 18.92 -16.91
C GLU N 38 107.38 17.62 -17.62
N PHE N 39 106.44 16.84 -17.10
CA PHE N 39 105.93 15.68 -17.83
C PHE N 39 105.23 16.12 -19.11
N ILE N 40 104.27 17.04 -19.00
CA ILE N 40 103.56 17.53 -20.16
C ILE N 40 104.50 18.34 -21.06
N ASN N 41 105.40 19.09 -20.45
CA ASN N 41 106.23 20.00 -21.20
C ASN N 41 107.39 19.29 -21.89
N THR N 42 107.71 18.08 -21.48
CA THR N 42 108.75 17.27 -22.12
C THR N 42 108.16 16.21 -23.05
N VAL N 43 107.27 15.36 -22.51
CA VAL N 43 106.57 14.41 -23.33
C VAL N 43 105.88 15.12 -24.50
N SER N 44 105.30 16.29 -24.23
CA SER N 44 104.78 17.12 -25.32
C SER N 44 105.84 17.36 -26.39
N LYS N 45 107.02 17.83 -25.97
CA LYS N 45 108.13 18.03 -26.90
C LYS N 45 108.33 16.81 -27.79
N ASN N 46 108.43 15.64 -27.15
CA ASN N 46 108.63 14.41 -27.92
C ASN N 46 107.48 14.15 -28.87
N LEU N 47 106.26 14.41 -28.41
CA LEU N 47 105.08 14.17 -29.23
C LEU N 47 104.97 15.19 -30.34
N ASN N 48 105.44 16.43 -30.09
CA ASN N 48 105.43 17.53 -31.05
C ASN N 48 104.07 18.18 -31.20
N LYS N 49 103.21 18.02 -30.19
CA LYS N 49 101.88 18.58 -30.18
C LYS N 49 101.73 19.69 -29.15
N THR N 50 100.99 20.74 -29.51
CA THR N 50 100.76 21.88 -28.61
C THR N 50 99.92 21.40 -27.42
N VAL N 51 100.04 22.09 -26.29
CA VAL N 51 99.20 21.70 -25.17
C VAL N 51 99.07 22.85 -24.19
N ILE N 52 97.86 23.12 -23.74
CA ILE N 52 97.62 24.15 -22.73
C ILE N 52 97.28 23.47 -21.41
N ILE N 53 98.08 23.73 -20.40
CA ILE N 53 97.87 23.24 -19.05
C ILE N 53 97.02 24.27 -18.33
N ASP N 54 96.18 23.83 -17.41
CA ASP N 54 95.46 24.75 -16.53
C ASP N 54 96.09 24.80 -15.15
N PRO N 55 95.80 25.85 -14.36
CA PRO N 55 96.41 25.91 -13.03
C PRO N 55 95.86 24.85 -12.08
N SER N 56 96.29 24.92 -10.81
CA SER N 56 95.84 24.00 -9.79
C SER N 56 96.15 22.57 -10.16
N VAL N 57 97.25 22.37 -10.87
CA VAL N 57 97.71 21.07 -11.32
C VAL N 57 99.10 20.89 -10.70
N ARG N 58 99.17 20.20 -9.57
CA ARG N 58 100.40 20.10 -8.79
C ARG N 58 100.63 18.65 -8.45
N GLY N 59 101.79 18.12 -8.83
CA GLY N 59 102.09 16.75 -8.51
C GLY N 59 103.21 16.20 -9.37
N THR N 60 103.39 14.88 -9.30
CA THR N 60 104.50 14.17 -9.93
C THR N 60 104.15 12.70 -10.05
N ILE N 61 104.94 12.01 -10.87
CA ILE N 61 104.83 10.58 -11.05
C ILE N 61 106.22 9.99 -10.86
N THR N 62 106.30 8.67 -10.97
CA THR N 62 107.57 7.99 -11.07
C THR N 62 107.30 6.58 -11.58
N VAL N 63 108.17 6.10 -12.47
CA VAL N 63 107.91 4.83 -13.09
C VAL N 63 109.16 4.33 -13.78
N ARG N 64 109.39 3.02 -13.74
CA ARG N 64 110.45 2.41 -14.54
C ARG N 64 109.81 1.57 -15.63
N SER N 65 110.27 1.76 -16.86
CA SER N 65 109.78 1.01 -17.99
C SER N 65 110.94 0.30 -18.67
N TYR N 66 110.64 -0.88 -19.18
CA TYR N 66 111.63 -1.71 -19.85
C TYR N 66 111.48 -1.76 -21.36
N ASP N 67 110.26 -1.68 -21.88
CA ASP N 67 109.98 -1.70 -23.30
C ASP N 67 109.71 -0.30 -23.83
N MET N 68 109.88 -0.14 -25.15
CA MET N 68 109.83 1.17 -25.79
C MET N 68 108.44 1.45 -26.34
N LEU N 69 107.97 2.70 -26.18
CA LEU N 69 106.58 3.08 -26.44
C LEU N 69 106.57 4.43 -27.15
N ASN N 70 106.82 4.45 -28.46
CA ASN N 70 106.59 5.68 -29.22
C ASN N 70 105.52 5.59 -30.28
N GLU N 71 105.27 4.41 -30.87
CA GLU N 71 104.50 4.41 -32.11
C GLU N 71 103.06 4.90 -31.87
N GLU N 72 102.27 4.11 -31.17
CA GLU N 72 100.91 4.54 -30.84
C GLU N 72 100.75 4.38 -29.34
N GLN N 73 101.50 3.44 -28.78
CA GLN N 73 101.40 3.16 -27.37
C GLN N 73 101.98 4.29 -26.56
N TYR N 74 102.72 5.18 -27.20
CA TYR N 74 103.17 6.42 -26.60
C TYR N 74 101.98 7.27 -26.12
N TYR N 75 101.20 7.77 -27.08
CA TYR N 75 100.02 8.55 -26.75
C TYR N 75 99.04 7.73 -25.91
N GLN N 76 98.93 6.44 -26.19
CA GLN N 76 98.07 5.58 -25.40
C GLN N 76 98.42 5.67 -23.92
N PHE N 77 99.65 5.27 -23.59
CA PHE N 77 100.06 5.20 -22.20
C PHE N 77 100.14 6.58 -21.58
N PHE N 78 100.48 7.60 -22.36
CA PHE N 78 100.45 8.96 -21.87
C PHE N 78 99.10 9.29 -21.28
N LEU N 79 98.05 9.14 -22.09
CA LEU N 79 96.71 9.41 -21.59
C LEU N 79 96.35 8.48 -20.44
N SER N 80 96.84 7.24 -20.43
CA SER N 80 96.60 6.39 -19.28
C SER N 80 97.17 6.99 -18.00
N VAL N 81 98.38 7.56 -18.08
CA VAL N 81 99.00 8.09 -16.88
C VAL N 81 98.24 9.28 -16.37
N LEU N 82 97.86 10.18 -17.28
CA LEU N 82 96.98 11.26 -16.89
C LEU N 82 95.71 10.73 -16.25
N ASP N 83 95.24 9.57 -16.70
CA ASP N 83 94.02 8.99 -16.19
C ASP N 83 94.19 8.49 -14.76
N VAL N 84 95.37 8.03 -14.39
CA VAL N 84 95.55 7.46 -13.06
C VAL N 84 95.29 8.53 -12.00
N TYR N 85 95.97 9.67 -12.12
CA TYR N 85 95.71 10.75 -11.18
C TYR N 85 94.32 11.34 -11.34
N GLY N 86 93.59 10.93 -12.38
CA GLY N 86 92.30 11.52 -12.62
C GLY N 86 92.34 12.89 -13.25
N PHE N 87 93.50 13.53 -13.36
CA PHE N 87 93.58 14.73 -14.16
C PHE N 87 93.33 14.34 -15.60
N ALA N 88 92.27 14.85 -16.20
CA ALA N 88 91.82 14.34 -17.47
C ALA N 88 92.09 15.35 -18.56
N VAL N 89 92.18 14.86 -19.78
CA VAL N 89 92.42 15.72 -20.92
C VAL N 89 91.46 15.36 -22.06
N ILE N 90 91.18 16.35 -22.89
CA ILE N 90 90.39 16.22 -24.11
C ILE N 90 91.20 16.72 -25.28
N ASN N 91 91.25 15.96 -26.36
CA ASN N 91 92.02 16.35 -27.54
C ASN N 91 91.08 16.87 -28.61
N MET N 92 91.60 17.78 -29.44
CA MET N 92 90.80 18.41 -30.46
C MET N 92 91.46 18.21 -31.82
N ASN N 93 90.77 18.62 -32.87
CA ASN N 93 91.19 18.32 -34.22
C ASN N 93 92.15 19.39 -34.76
N ASN N 94 91.71 20.64 -34.75
CA ASN N 94 92.51 21.74 -35.28
C ASN N 94 93.75 22.02 -34.42
N GLY N 95 93.54 22.18 -33.12
CA GLY N 95 94.64 22.22 -32.18
C GLY N 95 94.69 20.94 -31.37
N VAL N 96 95.70 20.83 -30.52
CA VAL N 96 95.92 19.62 -29.75
C VAL N 96 95.12 19.71 -28.45
N LEU N 97 95.26 18.69 -27.60
CA LEU N 97 94.47 18.52 -26.40
C LEU N 97 94.73 19.63 -25.38
N LYS N 98 94.04 19.52 -24.25
CA LYS N 98 94.13 20.44 -23.13
C LYS N 98 94.01 19.63 -21.86
N VAL N 99 94.30 20.26 -20.73
CA VAL N 99 94.23 19.64 -19.41
C VAL N 99 93.18 20.38 -18.61
N VAL N 100 92.22 19.64 -18.07
CA VAL N 100 91.17 20.24 -17.27
C VAL N 100 91.33 19.84 -15.80
N ARG N 101 90.79 20.68 -14.94
CA ARG N 101 90.70 20.42 -13.51
C ARG N 101 89.26 20.12 -13.07
N ALA N 102 88.27 20.27 -13.97
CA ALA N 102 86.88 19.94 -13.71
C ALA N 102 86.57 18.47 -13.96
N LYS N 103 87.41 17.78 -14.73
CA LYS N 103 87.34 16.34 -14.93
C LYS N 103 86.03 15.87 -15.55
N ASP N 104 85.16 16.77 -15.99
CA ASP N 104 83.83 16.35 -16.39
C ASP N 104 83.64 16.42 -17.90
N ALA N 105 82.61 15.70 -18.34
CA ALA N 105 82.10 15.86 -19.69
C ALA N 105 81.50 17.25 -19.94
N LYS N 106 81.20 17.98 -18.87
CA LYS N 106 80.60 19.31 -18.97
C LYS N 106 81.48 20.32 -19.72
N THR N 107 82.68 19.90 -20.11
CA THR N 107 83.60 20.78 -20.83
C THR N 107 83.30 21.27 -22.24
N SER N 108 82.10 21.00 -22.71
CA SER N 108 81.69 21.40 -24.05
C SER N 108 82.38 20.55 -25.12
N ALA N 109 83.12 19.55 -24.67
CA ALA N 109 83.83 18.65 -25.58
C ALA N 109 83.54 17.24 -25.09
N VAL N 110 82.91 16.43 -25.94
CA VAL N 110 82.57 15.06 -25.59
C VAL N 110 82.42 14.27 -26.88
N PRO N 111 83.50 13.77 -27.49
CA PRO N 111 83.31 13.01 -28.74
C PRO N 111 82.55 11.73 -28.43
N VAL N 112 81.44 11.53 -29.11
CA VAL N 112 80.48 10.47 -28.75
C VAL N 112 80.61 9.35 -29.78
N ALA N 113 80.93 8.16 -29.31
CA ALA N 113 80.96 7.00 -30.19
C ALA N 113 79.55 6.65 -30.68
N SER N 114 79.51 5.96 -31.82
CA SER N 114 78.26 5.55 -32.42
C SER N 114 78.17 4.04 -32.55
N ALA N 115 78.78 3.31 -31.61
CA ALA N 115 78.67 1.86 -31.44
C ALA N 115 79.56 1.11 -32.41
N ALA N 116 80.25 1.81 -33.32
CA ALA N 116 81.27 1.17 -34.12
C ALA N 116 82.68 1.49 -33.62
N ALA N 117 82.90 2.67 -33.06
CA ALA N 117 84.16 3.01 -32.43
C ALA N 117 84.01 3.02 -30.91
N PRO N 118 84.25 1.90 -30.24
CA PRO N 118 84.31 1.96 -28.76
C PRO N 118 85.53 2.69 -28.24
N GLY N 119 86.50 3.01 -29.08
CA GLY N 119 87.68 3.69 -28.60
C GLY N 119 88.52 2.75 -27.76
N GLU N 120 89.09 3.30 -26.70
CA GLU N 120 89.92 2.53 -25.78
C GLU N 120 89.95 3.26 -24.45
N GLY N 121 90.26 2.53 -23.40
CA GLY N 121 89.93 2.93 -22.03
C GLY N 121 90.32 4.35 -21.69
N ASP N 122 91.29 4.87 -22.42
CA ASP N 122 91.90 6.13 -22.02
C ASP N 122 90.96 7.30 -22.25
N GLU N 123 90.22 7.31 -23.36
CA GLU N 123 89.48 8.49 -23.74
C GLU N 123 88.11 8.56 -23.04
N VAL N 124 87.50 9.73 -23.11
CA VAL N 124 86.20 9.99 -22.52
C VAL N 124 85.19 10.23 -23.64
N VAL N 125 84.12 9.45 -23.65
CA VAL N 125 83.07 9.59 -24.66
C VAL N 125 81.76 9.89 -23.93
N THR N 126 80.66 9.95 -24.68
CA THR N 126 79.33 10.02 -24.06
C THR N 126 78.40 9.15 -24.90
N ARG N 127 78.08 7.99 -24.39
CA ARG N 127 77.34 7.01 -25.16
C ARG N 127 75.89 6.98 -24.72
N VAL N 128 75.06 6.34 -25.56
CA VAL N 128 73.64 6.30 -25.32
C VAL N 128 73.07 5.09 -26.02
N VAL N 129 72.05 4.50 -25.41
CA VAL N 129 71.40 3.40 -26.11
C VAL N 129 69.90 3.44 -25.79
N PRO N 130 69.03 3.20 -26.76
CA PRO N 130 67.62 3.02 -26.47
C PRO N 130 67.27 1.64 -25.95
N LEU N 131 67.31 1.49 -24.63
CA LEU N 131 66.93 0.24 -23.97
C LEU N 131 65.46 -0.09 -24.20
N THR N 132 65.18 -1.28 -24.71
CA THR N 132 63.89 -1.56 -25.31
C THR N 132 62.98 -2.49 -24.51
N ASN N 133 63.43 -3.09 -23.43
CA ASN N 133 62.61 -4.11 -22.78
C ASN N 133 62.33 -3.86 -21.30
N VAL N 134 63.01 -2.94 -20.65
CA VAL N 134 63.05 -2.89 -19.19
C VAL N 134 62.86 -1.45 -18.75
N ALA N 135 62.24 -1.29 -17.58
CA ALA N 135 62.18 0.02 -16.97
C ALA N 135 63.59 0.55 -16.76
N ALA N 136 63.86 1.72 -17.32
CA ALA N 136 65.16 2.36 -17.21
C ALA N 136 65.32 3.18 -15.94
N ARG N 137 64.44 3.02 -14.95
CA ARG N 137 64.69 3.69 -13.68
C ARG N 137 65.55 2.85 -12.75
N ASP N 138 65.20 1.58 -12.54
CA ASP N 138 65.77 0.87 -11.40
C ASP N 138 67.23 0.51 -11.61
N LEU N 139 67.65 0.23 -12.84
CA LEU N 139 69.06 -0.02 -13.07
C LEU N 139 69.90 1.23 -12.96
N ALA N 140 69.27 2.38 -12.80
CA ALA N 140 69.94 3.66 -12.74
C ALA N 140 70.57 3.88 -11.37
N PRO N 141 69.94 3.54 -10.25
CA PRO N 141 70.67 3.63 -8.98
C PRO N 141 71.81 2.65 -8.90
N LEU N 142 71.53 1.39 -9.26
CA LEU N 142 72.62 0.40 -9.21
C LEU N 142 73.77 0.78 -10.13
N LEU N 143 73.49 1.46 -11.22
CA LEU N 143 74.56 1.79 -12.16
C LEU N 143 75.22 3.12 -11.80
N ARG N 144 74.43 4.07 -11.35
CA ARG N 144 74.99 5.28 -10.79
C ARG N 144 75.83 4.99 -9.57
N GLN N 145 75.64 3.84 -8.93
CA GLN N 145 76.53 3.44 -7.84
C GLN N 145 77.73 2.64 -8.37
N LEU N 146 77.47 1.54 -9.07
CA LEU N 146 78.55 0.71 -9.55
C LEU N 146 79.56 1.56 -10.29
N ASN N 147 79.06 2.53 -11.05
CA ASN N 147 79.86 3.43 -11.87
C ASN N 147 79.77 4.86 -11.34
N ASP N 148 79.75 5.03 -10.02
CA ASP N 148 79.77 6.39 -9.55
C ASP N 148 81.23 6.80 -9.54
N ASN N 149 81.68 7.33 -10.66
CA ASN N 149 83.07 7.72 -10.74
C ASN N 149 83.21 9.02 -9.95
N ALA N 150 84.04 8.99 -8.90
CA ALA N 150 84.12 10.14 -8.03
C ALA N 150 85.09 11.18 -8.54
N GLY N 151 85.47 11.11 -9.82
CA GLY N 151 86.27 12.12 -10.47
C GLY N 151 85.48 12.83 -11.53
N ALA N 152 84.20 13.10 -11.24
CA ALA N 152 83.24 13.70 -12.17
C ALA N 152 82.89 12.73 -13.31
N GLY N 153 82.70 11.47 -12.95
CA GLY N 153 82.32 10.44 -13.90
C GLY N 153 80.88 10.61 -14.39
N SER N 154 80.45 9.60 -15.16
CA SER N 154 79.18 9.65 -15.88
C SER N 154 77.99 9.82 -14.95
N VAL N 155 76.82 10.02 -15.56
CA VAL N 155 75.53 10.05 -14.91
C VAL N 155 74.57 9.18 -15.73
N VAL N 156 73.36 9.03 -15.20
CA VAL N 156 72.35 8.17 -15.82
C VAL N 156 70.98 8.81 -15.68
N HIS N 157 70.27 8.92 -16.80
CA HIS N 157 68.96 9.55 -16.76
C HIS N 157 67.95 8.81 -17.63
N TYR N 158 66.69 9.02 -17.26
CA TYR N 158 65.55 8.38 -17.88
C TYR N 158 64.71 9.40 -18.63
N GLU N 159 64.35 9.08 -19.87
CA GLU N 159 63.34 9.82 -20.60
C GLU N 159 62.23 8.87 -21.02
N PRO N 160 60.97 9.32 -21.11
CA PRO N 160 59.89 8.37 -21.44
C PRO N 160 60.08 7.72 -22.78
N SER N 161 61.04 8.17 -23.57
CA SER N 161 61.48 7.44 -24.74
C SER N 161 62.58 6.43 -24.45
N ASN N 162 62.82 6.13 -23.16
CA ASN N 162 63.74 5.07 -22.74
C ASN N 162 65.14 5.26 -23.27
N VAL N 163 65.52 6.49 -23.50
CA VAL N 163 66.90 6.76 -23.80
C VAL N 163 67.68 6.27 -22.60
N LEU N 164 68.83 5.70 -22.86
CA LEU N 164 69.75 5.32 -21.80
C LEU N 164 71.12 5.83 -22.20
N LEU N 165 71.58 6.85 -21.49
CA LEU N 165 72.74 7.62 -21.86
C LEU N 165 73.73 7.65 -20.72
N MET N 166 74.99 7.82 -21.07
CA MET N 166 76.03 8.01 -20.06
C MET N 166 77.24 8.58 -20.78
N THR N 167 78.20 9.07 -20.01
CA THR N 167 79.46 9.48 -20.61
C THR N 167 80.65 8.64 -20.14
N GLY N 168 80.95 8.61 -18.85
CA GLY N 168 81.92 7.67 -18.30
C GLY N 168 83.29 7.78 -18.95
N ARG N 169 83.89 6.62 -19.21
CA ARG N 169 85.16 6.44 -19.88
C ARG N 169 84.93 5.53 -21.07
N ALA N 170 85.99 5.19 -21.79
CA ALA N 170 85.81 4.32 -22.94
C ALA N 170 85.93 2.86 -22.59
N ALA N 171 86.65 2.54 -21.52
CA ALA N 171 86.69 1.15 -21.03
C ALA N 171 85.38 0.76 -20.35
N VAL N 172 84.83 1.68 -19.56
CA VAL N 172 83.50 1.49 -18.97
C VAL N 172 82.49 1.06 -20.02
N ILE N 173 82.62 1.59 -21.23
CA ILE N 173 81.67 1.28 -22.29
C ILE N 173 81.56 -0.25 -22.45
N LYS N 174 82.71 -0.92 -22.58
CA LYS N 174 82.72 -2.37 -22.72
C LYS N 174 81.91 -3.06 -21.62
N ARG N 175 82.23 -2.76 -20.36
CA ARG N 175 81.57 -3.46 -19.27
C ARG N 175 80.08 -3.21 -19.29
N LEU N 176 79.64 -1.98 -19.59
CA LEU N 176 78.21 -1.71 -19.46
C LEU N 176 77.38 -2.16 -20.64
N LEU N 177 77.85 -1.90 -21.87
CA LEU N 177 77.30 -2.57 -23.04
C LEU N 177 77.11 -4.05 -22.78
N THR N 178 78.17 -4.70 -22.31
CA THR N 178 78.04 -6.11 -21.99
C THR N 178 76.97 -6.34 -20.93
N ILE N 179 76.82 -5.42 -19.97
CA ILE N 179 75.82 -5.61 -18.95
C ILE N 179 74.45 -5.67 -19.58
N VAL N 180 74.03 -4.58 -20.23
CA VAL N 180 72.67 -4.53 -20.74
C VAL N 180 72.43 -5.64 -21.74
N GLU N 181 73.35 -5.82 -22.68
CA GLU N 181 73.22 -6.89 -23.67
C GLU N 181 73.05 -8.24 -23.05
N ARG N 182 73.61 -8.49 -21.86
CA ARG N 182 73.30 -9.77 -21.25
C ARG N 182 71.98 -9.73 -20.51
N VAL N 183 71.75 -8.68 -19.72
CA VAL N 183 70.56 -8.65 -18.87
C VAL N 183 69.29 -8.42 -19.68
N ASP N 184 69.37 -7.68 -20.78
CA ASP N 184 68.19 -7.50 -21.60
C ASP N 184 67.90 -8.76 -22.42
N ASN N 185 68.94 -9.47 -22.83
CA ASN N 185 68.78 -10.69 -23.60
C ASN N 185 68.36 -11.86 -22.73
N ALA N 186 67.94 -11.59 -21.49
CA ALA N 186 67.49 -12.65 -20.59
C ALA N 186 66.00 -12.91 -20.85
N GLY N 187 65.73 -13.61 -21.94
CA GLY N 187 64.47 -14.30 -22.19
C GLY N 187 63.21 -13.50 -21.96
N ASP N 188 63.11 -12.34 -22.60
CA ASP N 188 61.91 -11.52 -22.51
C ASP N 188 60.73 -12.18 -23.20
N ARG N 189 59.58 -11.55 -23.08
CA ARG N 189 58.28 -12.13 -23.45
C ARG N 189 58.31 -12.84 -24.79
N SER N 190 57.86 -14.08 -24.80
CA SER N 190 57.58 -14.81 -26.01
C SER N 190 56.33 -15.64 -25.81
N VAL N 191 55.61 -15.90 -26.89
CA VAL N 191 54.29 -16.52 -26.85
C VAL N 191 54.33 -17.86 -27.54
N VAL N 192 53.54 -18.80 -27.04
CA VAL N 192 53.38 -20.11 -27.68
C VAL N 192 52.10 -20.73 -27.13
N THR N 193 51.54 -21.66 -27.87
CA THR N 193 50.25 -22.24 -27.52
C THR N 193 50.35 -23.75 -27.45
N VAL N 194 49.26 -24.39 -27.08
CA VAL N 194 49.14 -25.83 -27.15
C VAL N 194 47.71 -26.17 -27.50
N PRO N 195 47.49 -27.00 -28.50
CA PRO N 195 46.12 -27.47 -28.72
C PRO N 195 45.70 -28.46 -27.67
N LEU N 196 44.53 -29.03 -27.82
CA LEU N 196 44.06 -30.00 -26.85
C LEU N 196 43.11 -30.97 -27.53
N SER N 197 43.36 -32.26 -27.34
CA SER N 197 42.56 -33.31 -27.96
C SER N 197 41.08 -33.27 -27.58
N TRP N 198 40.73 -33.53 -26.32
CA TRP N 198 39.33 -33.66 -25.98
C TRP N 198 38.87 -32.92 -24.74
N ALA N 199 39.76 -32.58 -23.81
CA ALA N 199 39.32 -32.02 -22.54
C ALA N 199 38.77 -30.59 -22.69
N SER N 200 38.08 -30.16 -21.65
CA SER N 200 37.50 -28.81 -21.61
C SER N 200 38.58 -27.75 -21.62
N ALA N 201 38.28 -26.63 -22.27
CA ALA N 201 39.26 -25.53 -22.34
C ALA N 201 39.07 -24.56 -21.18
N ALA N 202 38.01 -23.75 -21.23
CA ALA N 202 37.81 -22.72 -20.21
C ALA N 202 37.86 -23.27 -18.80
N GLU N 203 37.65 -24.57 -18.64
CA GLU N 203 37.63 -25.17 -17.33
C GLU N 203 39.03 -25.32 -16.78
N VAL N 204 39.99 -25.62 -17.64
CA VAL N 204 41.36 -25.83 -17.19
C VAL N 204 41.96 -24.53 -16.67
N VAL N 205 42.08 -23.53 -17.54
CA VAL N 205 42.61 -22.25 -17.09
C VAL N 205 41.74 -21.70 -15.95
N LYS N 206 40.43 -21.78 -16.11
CA LYS N 206 39.53 -21.55 -14.97
C LYS N 206 39.99 -22.29 -13.72
N LEU N 207 40.81 -23.33 -13.87
CA LEU N 207 41.38 -24.05 -12.71
C LEU N 207 42.91 -24.06 -12.71
N VAL N 208 43.59 -23.10 -13.33
CA VAL N 208 45.04 -23.12 -13.20
C VAL N 208 45.47 -22.07 -12.20
N THR N 209 44.83 -20.90 -12.26
CA THR N 209 45.15 -19.81 -11.36
C THR N 209 44.63 -20.04 -9.97
N GLU N 210 44.28 -21.29 -9.65
CA GLU N 210 43.95 -21.70 -8.30
C GLU N 210 44.98 -22.68 -7.75
N LEU N 211 45.62 -23.44 -8.62
CA LEU N 211 46.69 -24.32 -8.21
C LEU N 211 48.06 -23.67 -8.23
N ASN N 212 48.31 -22.72 -9.14
CA ASN N 212 49.59 -22.01 -9.19
C ASN N 212 49.33 -20.52 -9.24
N LYS N 213 48.90 -19.93 -8.14
CA LYS N 213 48.53 -18.53 -8.14
C LYS N 213 49.48 -17.62 -7.37
N ASP N 214 49.80 -17.94 -6.12
CA ASP N 214 50.52 -16.99 -5.29
C ASP N 214 51.03 -17.73 -4.05
N THR N 215 51.59 -16.94 -3.14
CA THR N 215 52.06 -17.40 -1.85
C THR N 215 51.98 -16.25 -0.88
N SER N 216 52.19 -16.52 0.40
CA SER N 216 52.22 -15.49 1.42
C SER N 216 53.12 -14.33 1.07
N LYS N 217 54.13 -14.58 0.26
CA LYS N 217 55.01 -13.55 -0.26
C LYS N 217 55.23 -13.87 -1.72
N SER N 218 55.10 -12.85 -2.57
CA SER N 218 55.22 -13.03 -4.01
C SER N 218 56.54 -13.69 -4.40
N ALA N 219 56.48 -14.60 -5.36
CA ALA N 219 57.68 -15.29 -5.83
C ALA N 219 58.61 -14.18 -6.31
N LEU N 220 58.02 -13.17 -6.94
CA LEU N 220 58.78 -12.02 -7.43
C LEU N 220 57.88 -10.98 -8.10
N PRO N 221 58.49 -9.91 -8.59
CA PRO N 221 57.73 -8.86 -9.28
C PRO N 221 56.96 -9.45 -10.46
N GLY N 222 56.09 -8.66 -11.07
CA GLY N 222 55.32 -9.12 -12.19
C GLY N 222 55.99 -9.78 -13.38
N SER N 223 57.31 -9.69 -13.49
CA SER N 223 57.97 -10.32 -14.63
C SER N 223 58.57 -11.66 -14.19
N MET N 224 59.03 -12.42 -15.19
CA MET N 224 59.50 -13.78 -14.98
C MET N 224 58.42 -14.71 -14.42
N VAL N 225 57.16 -14.44 -14.76
CA VAL N 225 56.03 -15.28 -14.37
C VAL N 225 54.94 -15.06 -15.41
N ALA N 226 54.26 -16.13 -15.76
CA ALA N 226 53.46 -16.16 -16.97
C ALA N 226 52.00 -16.00 -16.60
N ASN N 227 51.25 -15.40 -17.53
CA ASN N 227 49.80 -15.33 -17.43
C ASN N 227 49.15 -16.21 -18.50
N VAL N 228 47.92 -16.60 -18.24
CA VAL N 228 47.27 -17.61 -19.08
C VAL N 228 45.84 -17.14 -19.35
N VAL N 229 45.45 -17.15 -20.62
CA VAL N 229 44.07 -17.03 -21.06
C VAL N 229 43.81 -18.07 -22.14
N ALA N 230 42.57 -18.10 -22.61
CA ALA N 230 42.20 -19.10 -23.60
C ALA N 230 40.94 -18.63 -24.29
N ASP N 231 40.81 -19.02 -25.55
CA ASP N 231 39.56 -18.86 -26.26
C ASP N 231 38.82 -20.18 -26.23
N GLU N 232 37.54 -20.11 -26.50
CA GLU N 232 36.76 -21.31 -26.62
C GLU N 232 36.63 -21.75 -28.05
N ARG N 233 37.35 -21.10 -28.96
CA ARG N 233 37.02 -21.24 -30.36
C ARG N 233 37.76 -22.41 -30.98
N THR N 234 39.07 -22.49 -30.79
CA THR N 234 39.87 -23.59 -31.29
C THR N 234 40.21 -24.60 -30.22
N ASN N 235 39.77 -24.39 -28.99
CA ASN N 235 39.99 -25.36 -27.91
C ASN N 235 41.49 -25.49 -27.61
N ALA N 236 42.20 -24.37 -27.67
CA ALA N 236 43.57 -24.34 -27.20
C ALA N 236 43.72 -23.21 -26.19
N VAL N 237 44.88 -23.17 -25.55
CA VAL N 237 45.13 -22.29 -24.42
C VAL N 237 46.41 -21.49 -24.68
N LEU N 238 46.47 -20.30 -24.11
CA LEU N 238 47.51 -19.33 -24.40
C LEU N 238 48.45 -19.18 -23.21
N VAL N 239 49.77 -19.11 -23.47
CA VAL N 239 50.73 -18.77 -22.44
C VAL N 239 51.73 -17.78 -23.00
N SER N 240 52.35 -17.02 -22.10
CA SER N 240 53.38 -16.08 -22.49
C SER N 240 54.29 -15.85 -21.29
N GLY N 241 55.60 -15.75 -21.54
CA GLY N 241 56.51 -15.70 -20.41
C GLY N 241 57.93 -16.09 -20.83
N GLU N 242 58.64 -16.65 -19.87
CA GLU N 242 60.08 -16.84 -19.97
C GLU N 242 60.46 -18.30 -20.09
N PRO N 243 61.57 -18.59 -20.75
CA PRO N 243 61.90 -19.96 -21.11
C PRO N 243 62.18 -20.87 -19.94
N ASN N 244 62.16 -20.39 -18.71
CA ASN N 244 62.13 -21.27 -17.54
C ASN N 244 60.90 -21.06 -16.67
N SER N 245 59.89 -20.35 -17.19
CA SER N 245 58.59 -20.23 -16.53
C SER N 245 57.50 -21.02 -17.23
N ARG N 246 57.50 -20.97 -18.57
CA ARG N 246 56.41 -21.58 -19.31
C ARG N 246 56.46 -23.09 -19.20
N GLN N 247 57.68 -23.64 -19.12
CA GLN N 247 57.84 -25.08 -19.12
C GLN N 247 57.01 -25.71 -18.02
N ARG N 248 56.92 -25.02 -16.89
CA ARG N 248 56.04 -25.48 -15.83
C ARG N 248 54.59 -25.56 -16.31
N ILE N 249 54.12 -24.51 -16.97
CA ILE N 249 52.73 -24.52 -17.43
C ILE N 249 52.49 -25.69 -18.37
N ILE N 250 53.39 -25.91 -19.31
CA ILE N 250 53.24 -27.05 -20.18
C ILE N 250 53.28 -28.34 -19.40
N ALA N 251 54.02 -28.35 -18.28
CA ALA N 251 54.05 -29.55 -17.46
C ALA N 251 52.66 -29.85 -16.93
N MET N 252 52.03 -28.87 -16.30
CA MET N 252 50.70 -29.12 -15.77
C MET N 252 49.76 -29.54 -16.87
N ILE N 253 49.72 -28.84 -17.99
CA ILE N 253 48.75 -29.24 -18.99
C ILE N 253 49.05 -30.65 -19.50
N LYS N 254 50.33 -31.05 -19.59
CA LYS N 254 50.61 -32.43 -19.96
C LYS N 254 50.00 -33.40 -18.98
N GLN N 255 50.01 -33.02 -17.70
CA GLN N 255 49.43 -33.87 -16.65
C GLN N 255 47.91 -33.78 -16.66
N LEU N 256 47.38 -32.57 -16.81
CA LEU N 256 45.96 -32.33 -16.84
C LEU N 256 45.33 -33.02 -18.03
N ASP N 257 46.05 -33.03 -19.16
CA ASP N 257 45.50 -33.57 -20.39
C ASP N 257 45.60 -35.08 -20.36
N ARG N 258 44.71 -35.66 -19.57
CA ARG N 258 44.65 -37.10 -19.41
C ARG N 258 43.40 -37.63 -20.10
N GLN N 259 43.38 -38.95 -20.28
CA GLN N 259 42.25 -39.62 -20.92
C GLN N 259 41.36 -40.21 -19.84
N GLN N 260 40.06 -40.25 -20.11
CA GLN N 260 39.12 -40.79 -19.12
C GLN N 260 38.92 -42.30 -19.23
N ALA N 261 39.07 -43.02 -18.12
CA ALA N 261 38.85 -44.45 -18.15
C ALA N 261 37.43 -44.70 -18.66
N VAL N 262 36.47 -44.06 -18.01
CA VAL N 262 35.06 -44.14 -18.36
C VAL N 262 34.44 -42.86 -17.83
N GLN N 263 33.65 -42.17 -18.64
CA GLN N 263 33.00 -40.94 -18.19
C GLN N 263 31.90 -41.33 -17.22
N GLY N 264 32.01 -40.90 -15.96
CA GLY N 264 31.01 -41.27 -15.00
C GLY N 264 30.16 -40.09 -14.56
N ASN N 265 30.40 -38.93 -15.17
CA ASN N 265 29.60 -37.77 -14.87
C ASN N 265 28.10 -38.08 -15.01
N THR N 266 27.73 -38.87 -16.02
CA THR N 266 26.37 -39.36 -16.17
C THR N 266 26.41 -40.78 -16.68
N LYS N 267 25.61 -41.65 -16.07
CA LYS N 267 25.47 -43.01 -16.57
C LYS N 267 24.02 -43.43 -16.58
N VAL N 268 23.65 -44.20 -17.60
CA VAL N 268 22.26 -44.51 -17.93
C VAL N 268 21.98 -45.93 -17.55
N ILE N 269 20.99 -46.14 -16.69
CA ILE N 269 20.66 -47.48 -16.27
C ILE N 269 19.39 -47.91 -17.01
N TYR N 270 19.10 -49.21 -16.93
CA TYR N 270 17.92 -49.80 -17.55
C TYR N 270 17.25 -50.63 -16.47
N LEU N 271 16.03 -50.27 -16.09
CA LEU N 271 15.32 -50.99 -15.04
C LEU N 271 14.43 -52.07 -15.67
N LYS N 272 14.31 -53.20 -14.97
CA LYS N 272 13.78 -54.38 -15.64
C LYS N 272 12.29 -54.65 -15.35
N TYR N 273 11.84 -54.59 -14.08
CA TYR N 273 10.47 -54.98 -13.77
C TYR N 273 9.54 -53.87 -13.27
N ALA N 274 10.05 -52.81 -12.68
CA ALA N 274 9.21 -51.70 -12.28
C ALA N 274 9.21 -50.62 -13.35
N LYS N 275 8.13 -49.86 -13.40
CA LYS N 275 8.18 -48.75 -14.31
C LYS N 275 9.03 -47.63 -13.69
N ALA N 276 9.33 -46.61 -14.46
CA ALA N 276 10.19 -45.55 -13.98
C ALA N 276 9.42 -44.31 -13.62
N ALA N 277 8.16 -44.22 -14.04
CA ALA N 277 7.36 -43.05 -13.70
C ALA N 277 7.22 -42.92 -12.19
N ASP N 278 6.79 -43.98 -11.50
CA ASP N 278 6.71 -43.88 -10.05
C ASP N 278 8.07 -43.61 -9.44
N LEU N 279 9.11 -44.25 -9.97
CA LEU N 279 10.42 -44.16 -9.34
C LEU N 279 10.95 -42.73 -9.35
N VAL N 280 10.78 -41.99 -10.45
CA VAL N 280 11.28 -40.62 -10.45
C VAL N 280 10.77 -39.87 -9.22
N GLU N 281 9.46 -39.97 -8.95
CA GLU N 281 8.91 -39.10 -7.92
C GLU N 281 9.17 -39.65 -6.52
N VAL N 282 9.07 -40.99 -6.35
CA VAL N 282 9.46 -41.60 -5.09
C VAL N 282 10.87 -41.22 -4.72
N LEU N 283 11.79 -41.35 -5.68
CA LEU N 283 13.19 -41.01 -5.43
C LEU N 283 13.39 -39.55 -5.82
N THR N 284 13.33 -38.67 -4.83
CA THR N 284 13.77 -37.31 -5.07
C THR N 284 14.86 -36.81 -4.13
N GLY N 285 15.03 -37.39 -2.95
CA GLY N 285 15.91 -36.68 -2.03
C GLY N 285 16.95 -37.40 -1.20
N ILE N 286 17.86 -38.17 -1.81
CA ILE N 286 18.87 -38.90 -1.03
C ILE N 286 19.72 -37.95 -0.22
N SER N 287 20.48 -37.09 -0.91
CA SER N 287 21.62 -36.43 -0.31
C SER N 287 21.53 -34.92 -0.29
N SER N 288 20.60 -34.35 -1.02
CA SER N 288 20.33 -32.92 -0.92
C SER N 288 19.88 -32.55 0.49
N LYS N 305 25.47 -30.26 -5.99
CA LYS N 305 24.33 -29.39 -5.63
C LYS N 305 23.14 -30.23 -5.20
N ASN N 306 22.70 -31.06 -6.14
CA ASN N 306 21.51 -31.87 -5.96
C ASN N 306 21.65 -33.06 -6.89
N ILE N 307 20.68 -33.95 -6.81
CA ILE N 307 20.61 -35.10 -7.68
C ILE N 307 19.38 -34.92 -8.56
N ILE N 308 19.59 -34.84 -9.86
CA ILE N 308 18.51 -34.66 -10.80
C ILE N 308 18.27 -35.99 -11.47
N ILE N 309 17.16 -36.64 -11.15
CA ILE N 309 16.82 -37.88 -11.81
C ILE N 309 15.81 -37.59 -12.90
N LYS N 310 16.08 -38.12 -14.08
CA LYS N 310 15.20 -38.01 -15.23
C LYS N 310 14.81 -39.42 -15.68
N ALA N 311 13.57 -39.59 -16.09
CA ALA N 311 13.09 -40.88 -16.58
C ALA N 311 12.61 -40.75 -18.01
N HIS N 312 12.88 -41.76 -18.83
CA HIS N 312 12.59 -41.57 -20.24
C HIS N 312 11.12 -41.89 -20.55
N GLY N 313 10.68 -43.11 -20.23
CA GLY N 313 9.34 -43.56 -20.54
C GLY N 313 9.13 -44.10 -21.93
N GLN N 314 10.00 -43.76 -22.89
CA GLN N 314 9.77 -44.25 -24.22
C GLN N 314 10.65 -45.44 -24.58
N THR N 315 11.76 -45.61 -23.87
CA THR N 315 12.44 -46.90 -23.78
C THR N 315 12.30 -47.51 -22.39
N ASN N 316 11.59 -46.85 -21.48
CA ASN N 316 11.48 -47.32 -20.09
C ASN N 316 12.86 -47.46 -19.46
N ALA N 317 13.64 -46.41 -19.56
CA ALA N 317 14.91 -46.36 -18.86
C ALA N 317 15.07 -44.99 -18.25
N LEU N 318 15.85 -44.93 -17.16
CA LEU N 318 16.01 -43.72 -16.39
C LEU N 318 17.48 -43.34 -16.30
N ILE N 319 17.72 -42.05 -16.09
CA ILE N 319 19.07 -41.52 -15.99
C ILE N 319 19.40 -41.06 -14.57
N VAL N 320 20.69 -40.76 -14.37
CA VAL N 320 21.21 -40.29 -13.10
C VAL N 320 22.34 -39.36 -13.56
N THR N 321 22.11 -38.06 -13.45
CA THR N 321 23.14 -37.07 -13.73
C THR N 321 23.24 -36.36 -12.41
N ALA N 322 23.91 -37.00 -11.47
CA ALA N 322 24.00 -36.45 -10.14
C ALA N 322 25.40 -36.77 -9.74
N ALA N 323 25.65 -36.82 -8.44
CA ALA N 323 26.99 -37.15 -7.99
C ALA N 323 27.74 -38.29 -8.67
N PRO N 324 28.92 -37.99 -9.19
CA PRO N 324 29.73 -39.00 -9.88
C PRO N 324 30.64 -39.83 -8.96
N ASP N 325 30.33 -39.83 -7.66
CA ASP N 325 31.12 -40.59 -6.70
C ASP N 325 30.33 -41.42 -5.72
N VAL N 326 29.03 -41.19 -5.58
CA VAL N 326 28.36 -41.99 -4.57
C VAL N 326 27.21 -42.74 -5.23
N MET N 327 27.20 -42.71 -6.56
CA MET N 327 26.17 -43.37 -7.34
C MET N 327 25.96 -44.79 -6.81
N ASN N 328 27.00 -45.35 -6.19
CA ASN N 328 26.88 -46.70 -5.65
C ASN N 328 25.73 -46.81 -4.67
N ASP N 329 25.42 -45.72 -3.98
CA ASP N 329 24.26 -45.68 -3.11
C ASP N 329 22.94 -45.70 -3.89
N LEU N 330 23.02 -45.57 -5.20
CA LEU N 330 21.86 -45.67 -6.04
C LEU N 330 21.80 -47.02 -6.73
N GLU N 331 22.94 -47.48 -7.27
CA GLU N 331 22.92 -48.84 -7.78
C GLU N 331 22.43 -49.84 -6.76
N ARG N 332 22.86 -49.71 -5.49
CA ARG N 332 22.37 -50.68 -4.53
C ARG N 332 20.87 -50.54 -4.32
N VAL N 333 20.38 -49.31 -4.28
CA VAL N 333 18.97 -49.20 -3.93
C VAL N 333 18.09 -49.61 -5.11
N ILE N 334 18.43 -49.22 -6.33
CA ILE N 334 17.63 -49.68 -7.44
C ILE N 334 17.71 -51.19 -7.57
N ALA N 335 18.88 -51.77 -7.33
CA ALA N 335 19.00 -53.23 -7.35
C ALA N 335 18.10 -53.88 -6.31
N GLN N 336 17.94 -53.23 -5.16
CA GLN N 336 16.93 -53.70 -4.23
C GLN N 336 15.54 -53.23 -4.57
N LEU N 337 15.36 -52.48 -5.65
CA LEU N 337 14.04 -52.03 -6.03
C LEU N 337 13.52 -52.57 -7.36
N ASP N 338 14.26 -53.45 -8.04
CA ASP N 338 13.77 -54.05 -9.27
C ASP N 338 13.69 -55.57 -9.07
N ILE N 339 12.48 -56.12 -8.94
CA ILE N 339 12.32 -57.49 -8.49
C ILE N 339 11.00 -58.06 -9.03
N ARG N 340 11.08 -59.27 -9.61
CA ARG N 340 9.87 -59.95 -10.08
C ARG N 340 8.84 -60.03 -8.98
N ARG N 341 7.56 -59.89 -9.32
CA ARG N 341 6.55 -59.94 -8.28
C ARG N 341 5.54 -61.06 -8.49
N PRO N 342 5.29 -61.86 -7.47
CA PRO N 342 4.30 -62.93 -7.54
C PRO N 342 2.88 -62.39 -7.43
N GLN N 343 1.95 -63.11 -8.03
CA GLN N 343 0.57 -62.71 -8.08
C GLN N 343 -0.33 -63.85 -7.58
N VAL N 344 -1.50 -63.49 -7.09
CA VAL N 344 -2.34 -64.37 -6.30
C VAL N 344 -3.70 -64.53 -6.98
N LEU N 345 -4.26 -65.74 -6.92
CA LEU N 345 -5.54 -66.05 -7.51
C LEU N 345 -6.61 -66.07 -6.43
N VAL N 346 -7.62 -65.23 -6.57
CA VAL N 346 -8.69 -65.11 -5.59
C VAL N 346 -9.99 -65.60 -6.23
N GLU N 347 -10.67 -66.49 -5.55
CA GLU N 347 -12.02 -66.90 -5.90
C GLU N 347 -12.89 -66.94 -4.64
N ALA N 348 -14.10 -66.40 -4.76
CA ALA N 348 -15.07 -66.47 -3.67
C ALA N 348 -16.30 -67.20 -4.18
N ILE N 349 -17.04 -67.76 -3.25
CA ILE N 349 -18.21 -68.55 -3.58
C ILE N 349 -19.32 -68.13 -2.65
N ILE N 350 -20.55 -68.17 -3.13
CA ILE N 350 -21.72 -67.89 -2.31
C ILE N 350 -22.82 -68.85 -2.67
N ALA N 351 -23.73 -69.08 -1.72
CA ALA N 351 -24.86 -69.91 -2.01
C ALA N 351 -25.87 -69.75 -0.91
N GLU N 352 -27.14 -69.88 -1.26
CA GLU N 352 -28.20 -69.74 -0.30
C GLU N 352 -29.38 -70.57 -0.76
N VAL N 353 -30.42 -70.63 0.08
CA VAL N 353 -31.67 -71.26 -0.28
C VAL N 353 -32.78 -70.39 0.28
N GLN N 354 -33.90 -70.38 -0.41
CA GLN N 354 -35.05 -69.62 0.02
C GLN N 354 -36.25 -70.53 -0.13
N ASP N 355 -36.94 -70.76 0.98
CA ASP N 355 -38.02 -71.73 1.01
C ASP N 355 -39.16 -71.16 1.83
N ALA N 356 -40.37 -71.55 1.49
CA ALA N 356 -41.52 -71.08 2.23
C ALA N 356 -42.62 -72.12 2.12
N ASP N 357 -43.23 -72.42 3.26
CA ASP N 357 -44.35 -73.35 3.32
C ASP N 357 -45.59 -72.59 3.75
N GLY N 358 -46.75 -73.12 3.36
CA GLY N 358 -48.00 -72.49 3.65
C GLY N 358 -49.18 -73.45 3.64
N LEU N 359 -50.12 -73.28 4.54
CA LEU N 359 -51.28 -74.15 4.60
C LEU N 359 -52.49 -73.32 4.98
N ASN N 360 -53.67 -73.84 4.71
CA ASN N 360 -54.89 -73.20 5.19
C ASN N 360 -56.00 -74.23 5.18
N LEU N 361 -57.10 -73.90 5.85
CA LEU N 361 -58.25 -74.77 5.95
C LEU N 361 -59.40 -74.04 6.61
N GLY N 362 -60.63 -74.31 6.15
CA GLY N 362 -61.82 -73.69 6.68
C GLY N 362 -63.10 -74.04 5.92
N ILE N 363 -64.25 -74.01 6.62
CA ILE N 363 -65.54 -74.34 6.05
C ILE N 363 -66.50 -73.16 6.23
N GLN N 364 -67.69 -73.27 5.63
CA GLN N 364 -68.72 -72.27 5.81
C GLN N 364 -70.09 -72.87 5.58
N TRP N 365 -71.10 -72.31 6.29
CA TRP N 365 -72.46 -72.84 6.31
C TRP N 365 -73.46 -71.76 5.95
N ALA N 366 -74.64 -72.19 5.56
CA ALA N 366 -75.68 -71.28 5.09
C ALA N 366 -77.03 -71.95 5.15
N ASN N 367 -78.06 -71.20 5.51
CA ASN N 367 -79.42 -71.74 5.52
C ASN N 367 -80.39 -70.58 5.49
N LYS N 368 -81.42 -70.71 4.64
CA LYS N 368 -82.41 -69.64 4.52
C LYS N 368 -83.04 -69.32 5.86
N ASN N 369 -83.39 -70.34 6.64
CA ASN N 369 -84.02 -70.13 7.92
C ASN N 369 -83.02 -69.97 9.06
N ALA N 370 -81.74 -70.17 8.81
CA ALA N 370 -80.74 -70.26 9.86
C ALA N 370 -79.63 -69.26 9.63
N GLY N 371 -78.55 -69.42 10.38
CA GLY N 371 -77.50 -68.42 10.43
C GLY N 371 -76.64 -68.30 9.20
N MET N 372 -75.42 -67.83 9.40
CA MET N 372 -74.49 -67.62 8.28
C MET N 372 -73.08 -67.57 8.81
N THR N 373 -72.22 -68.49 8.37
CA THR N 373 -70.85 -68.63 8.85
C THR N 373 -69.91 -68.25 7.72
N GLN N 374 -69.40 -67.03 7.77
CA GLN N 374 -68.62 -66.48 6.68
C GLN N 374 -67.15 -66.39 7.04
N PHE N 375 -66.27 -66.51 6.04
CA PHE N 375 -64.86 -66.30 6.26
C PHE N 375 -64.26 -65.67 5.01
N THR N 376 -63.74 -64.44 5.12
CA THR N 376 -63.28 -63.72 3.95
C THR N 376 -61.87 -64.12 3.58
N ASN N 377 -61.06 -64.49 4.57
CA ASN N 377 -59.71 -64.88 4.24
C ASN N 377 -59.66 -66.02 3.23
N SER N 378 -60.74 -66.81 3.18
CA SER N 378 -60.74 -68.01 2.37
C SER N 378 -60.64 -67.71 0.88
N GLY N 379 -61.01 -66.52 0.48
CA GLY N 379 -61.05 -66.17 -0.92
C GLY N 379 -62.43 -66.11 -1.51
N LEU N 380 -63.44 -66.62 -0.79
CA LEU N 380 -64.80 -66.67 -1.29
C LEU N 380 -65.80 -66.64 -0.15
N PRO N 381 -66.66 -65.64 -0.09
CA PRO N 381 -67.74 -65.65 0.90
C PRO N 381 -68.83 -66.66 0.53
N ILE N 382 -69.82 -66.78 1.40
CA ILE N 382 -71.04 -67.43 0.98
C ILE N 382 -71.74 -66.55 -0.04
N SER N 383 -71.50 -65.23 0.03
CA SER N 383 -72.10 -64.31 -0.92
C SER N 383 -71.87 -64.77 -2.34
N THR N 384 -70.68 -65.29 -2.62
CA THR N 384 -70.42 -65.90 -3.91
C THR N 384 -71.39 -67.02 -4.23
N ALA N 385 -71.84 -67.74 -3.21
CA ALA N 385 -72.71 -68.89 -3.46
C ALA N 385 -74.16 -68.47 -3.59
N ILE N 386 -74.70 -67.83 -2.55
CA ILE N 386 -76.07 -67.37 -2.61
C ILE N 386 -76.29 -66.50 -3.84
N ALA N 387 -75.28 -65.72 -4.23
CA ALA N 387 -75.39 -64.98 -5.47
C ALA N 387 -75.03 -65.82 -6.68
N GLY N 388 -74.45 -67.00 -6.51
CA GLY N 388 -74.01 -67.75 -7.67
C GLY N 388 -75.14 -68.62 -8.20
N ALA N 389 -75.94 -69.15 -7.28
CA ALA N 389 -76.92 -70.16 -7.65
C ALA N 389 -78.28 -69.55 -7.93
N ASN N 390 -78.74 -68.60 -7.13
CA ASN N 390 -79.97 -67.90 -7.46
C ASN N 390 -79.84 -67.09 -8.73
N GLN N 391 -78.67 -66.51 -8.98
CA GLN N 391 -78.42 -65.89 -10.28
C GLN N 391 -78.26 -66.91 -11.38
N TYR N 392 -77.63 -68.05 -11.07
CA TYR N 392 -77.46 -69.08 -12.07
C TYR N 392 -78.83 -69.56 -12.53
N ASN N 393 -79.53 -70.24 -11.61
CA ASN N 393 -80.84 -70.84 -11.90
C ASN N 393 -81.92 -69.81 -12.15
N LYS N 394 -81.69 -68.54 -11.77
CA LYS N 394 -82.56 -67.50 -12.32
C LYS N 394 -82.29 -67.31 -13.81
N ASP N 395 -81.05 -66.99 -14.18
CA ASP N 395 -80.70 -66.89 -15.58
C ASP N 395 -80.69 -68.24 -16.28
N GLY N 396 -80.70 -69.33 -15.54
CA GLY N 396 -80.51 -70.65 -16.10
C GLY N 396 -79.05 -71.06 -16.12
N THR N 397 -78.16 -70.12 -16.41
CA THR N 397 -76.75 -70.44 -16.56
C THR N 397 -75.91 -69.32 -15.96
N ILE N 398 -74.60 -69.40 -16.17
CA ILE N 398 -73.69 -68.42 -15.61
C ILE N 398 -73.95 -67.07 -16.25
N SER N 399 -73.85 -66.02 -15.44
CA SER N 399 -73.76 -64.67 -15.95
C SER N 399 -72.53 -64.01 -15.36
N SER N 400 -71.78 -63.27 -16.19
CA SER N 400 -70.51 -62.69 -15.77
C SER N 400 -70.63 -61.75 -14.58
N SER N 401 -71.85 -61.37 -14.20
CA SER N 401 -72.06 -60.56 -13.00
C SER N 401 -71.50 -61.23 -11.75
N LEU N 402 -71.28 -62.52 -11.78
CA LEU N 402 -70.88 -63.25 -10.61
C LEU N 402 -69.45 -62.88 -10.21
N ALA N 403 -69.08 -63.30 -9.01
CA ALA N 403 -67.84 -62.84 -8.39
C ALA N 403 -66.64 -63.20 -9.25
N SER N 404 -65.97 -62.21 -9.82
CA SER N 404 -64.79 -62.49 -10.64
C SER N 404 -63.64 -63.08 -9.84
N ALA N 405 -63.79 -63.20 -8.52
CA ALA N 405 -62.75 -63.79 -7.69
C ALA N 405 -62.40 -65.21 -8.10
N LEU N 406 -63.36 -65.93 -8.68
CA LEU N 406 -63.11 -67.29 -9.12
C LEU N 406 -61.91 -67.37 -10.05
N GLY N 407 -61.64 -66.31 -10.80
CA GLY N 407 -60.49 -66.28 -11.70
C GLY N 407 -59.17 -66.43 -10.99
N SER N 408 -59.14 -66.18 -9.70
CA SER N 408 -57.88 -66.24 -8.96
C SER N 408 -57.81 -67.40 -7.98
N PHE N 409 -58.93 -68.05 -7.70
CA PHE N 409 -58.96 -69.06 -6.65
C PHE N 409 -58.02 -70.20 -6.98
N ASN N 410 -57.56 -70.88 -5.92
CA ASN N 410 -56.76 -72.08 -6.05
C ASN N 410 -57.11 -73.03 -4.92
N GLY N 411 -57.05 -74.34 -5.22
CA GLY N 411 -57.40 -75.34 -4.24
C GLY N 411 -58.63 -76.13 -4.61
N ILE N 412 -59.32 -76.65 -3.60
CA ILE N 412 -60.51 -77.45 -3.81
C ILE N 412 -61.61 -76.95 -2.88
N ALA N 413 -62.84 -77.20 -3.29
CA ALA N 413 -64.00 -76.97 -2.46
C ALA N 413 -65.12 -77.85 -3.00
N ALA N 414 -65.90 -78.45 -2.11
CA ALA N 414 -66.81 -79.54 -2.46
C ALA N 414 -68.23 -79.09 -2.22
N GLY N 415 -69.06 -79.15 -3.26
CA GLY N 415 -70.43 -78.67 -3.17
C GLY N 415 -71.36 -79.74 -2.63
N PHE N 416 -72.16 -79.36 -1.64
CA PHE N 416 -73.15 -80.25 -1.07
C PHE N 416 -74.44 -79.49 -0.79
N TYR N 417 -75.55 -80.17 -0.96
CA TYR N 417 -76.87 -79.59 -0.69
C TYR N 417 -77.84 -80.69 -0.28
N GLN N 418 -78.44 -80.54 0.91
CA GLN N 418 -79.50 -81.45 1.37
C GLN N 418 -80.57 -80.60 2.03
N GLY N 419 -81.52 -80.17 1.22
CA GLY N 419 -82.57 -79.32 1.73
C GLY N 419 -82.07 -77.94 2.06
N ASN N 420 -82.14 -77.57 3.33
CA ASN N 420 -81.97 -76.20 3.75
C ASN N 420 -80.52 -75.79 3.95
N TRP N 421 -79.61 -76.75 4.12
CA TRP N 421 -78.26 -76.40 4.55
C TRP N 421 -77.31 -76.44 3.35
N ALA N 422 -76.05 -76.15 3.64
CA ALA N 422 -74.94 -76.20 2.69
C ALA N 422 -73.64 -76.10 3.47
N MET N 423 -72.56 -76.48 2.83
CA MET N 423 -71.26 -76.30 3.45
C MET N 423 -70.19 -76.39 2.37
N LEU N 424 -69.12 -75.63 2.57
CA LEU N 424 -67.99 -75.57 1.63
C LEU N 424 -66.71 -75.79 2.40
N LEU N 425 -65.99 -76.86 2.06
CA LEU N 425 -64.64 -77.11 2.57
C LEU N 425 -63.63 -76.38 1.72
N THR N 426 -62.56 -75.90 2.35
CA THR N 426 -61.57 -75.09 1.67
C THR N 426 -60.19 -75.37 2.23
N ALA N 427 -59.25 -75.68 1.35
CA ALA N 427 -57.88 -75.93 1.79
C ALA N 427 -56.98 -75.87 0.59
N LEU N 428 -55.69 -75.77 0.86
CA LEU N 428 -54.67 -75.77 -0.17
C LEU N 428 -53.32 -75.89 0.50
N SER N 429 -52.37 -76.42 -0.24
CA SER N 429 -50.98 -76.42 0.22
C SER N 429 -50.15 -75.79 -0.87
N SER N 430 -49.18 -75.00 -0.47
CA SER N 430 -48.31 -74.32 -1.41
C SER N 430 -46.92 -74.24 -0.81
N SER N 431 -45.92 -74.41 -1.67
CA SER N 431 -44.55 -74.31 -1.24
C SER N 431 -43.74 -73.78 -2.39
N THR N 432 -42.54 -73.30 -2.06
CA THR N 432 -41.67 -72.68 -3.05
C THR N 432 -40.25 -72.82 -2.58
N LYS N 433 -39.34 -73.11 -3.51
CA LYS N 433 -37.94 -73.33 -3.18
C LYS N 433 -37.05 -72.61 -4.19
N ASN N 434 -35.95 -72.05 -3.69
CA ASN N 434 -35.06 -71.24 -4.50
C ASN N 434 -33.62 -71.44 -4.07
N ASP N 435 -32.72 -71.51 -5.06
CA ASP N 435 -31.30 -71.72 -4.83
C ASP N 435 -30.53 -70.81 -5.79
N ILE N 436 -29.25 -70.61 -5.46
CA ILE N 436 -28.35 -69.76 -6.21
C ILE N 436 -26.93 -70.26 -5.93
N LEU N 437 -25.99 -69.79 -6.73
CA LEU N 437 -24.60 -70.14 -6.55
C LEU N 437 -23.78 -69.19 -7.37
N ALA N 438 -22.64 -68.75 -6.84
CA ALA N 438 -21.82 -67.77 -7.56
C ALA N 438 -20.35 -67.99 -7.24
N THR N 439 -19.57 -68.36 -8.25
CA THR N 439 -18.15 -68.61 -8.08
C THR N 439 -17.37 -67.80 -9.11
N PRO N 440 -16.96 -66.58 -8.77
CA PRO N 440 -16.00 -65.89 -9.63
C PRO N 440 -14.56 -66.00 -9.17
N SER N 441 -13.61 -65.85 -10.12
CA SER N 441 -12.19 -66.02 -9.85
C SER N 441 -11.40 -65.06 -10.71
N ILE N 442 -10.24 -64.64 -10.19
CA ILE N 442 -9.46 -63.63 -10.87
C ILE N 442 -7.99 -63.64 -10.45
N VAL N 443 -7.13 -62.94 -11.18
CA VAL N 443 -5.70 -62.81 -10.91
C VAL N 443 -5.33 -61.36 -11.12
N THR N 444 -4.28 -60.95 -10.43
CA THR N 444 -3.78 -59.58 -10.53
C THR N 444 -2.45 -59.56 -9.79
N LEU N 445 -1.84 -58.37 -9.77
CA LEU N 445 -0.65 -58.24 -8.96
C LEU N 445 -1.09 -57.83 -7.57
N ASP N 446 -0.13 -57.63 -6.66
CA ASP N 446 -0.55 -57.37 -5.29
C ASP N 446 -1.12 -55.96 -5.16
N ASN N 447 -0.31 -54.96 -5.45
CA ASN N 447 -0.64 -53.61 -5.05
C ASN N 447 -1.78 -53.01 -5.89
N MET N 448 -1.85 -53.37 -7.18
CA MET N 448 -2.90 -52.79 -8.02
C MET N 448 -4.21 -53.55 -7.83
N GLN N 449 -5.30 -52.84 -7.75
CA GLN N 449 -6.60 -53.45 -7.50
C GLN N 449 -7.19 -53.94 -8.81
N ALA N 450 -7.75 -55.13 -8.81
CA ALA N 450 -8.59 -55.54 -9.91
C ALA N 450 -10.04 -55.55 -9.48
N THR N 451 -10.93 -55.36 -10.42
CA THR N 451 -12.36 -55.40 -10.14
C THR N 451 -13.07 -56.14 -11.27
N PHE N 452 -14.25 -56.65 -10.96
CA PHE N 452 -14.90 -57.62 -11.80
C PHE N 452 -16.39 -57.55 -11.60
N ASN N 453 -17.17 -57.73 -12.67
CA ASN N 453 -18.60 -57.72 -12.49
C ASN N 453 -19.30 -58.31 -13.68
N VAL N 454 -20.47 -58.87 -13.44
CA VAL N 454 -21.30 -59.48 -14.45
C VAL N 454 -22.72 -58.99 -14.19
N GLY N 455 -23.53 -58.92 -15.24
CA GLY N 455 -24.93 -58.60 -15.04
C GLY N 455 -25.36 -57.42 -15.87
N GLN N 456 -26.67 -57.22 -15.87
CA GLN N 456 -27.25 -56.22 -16.74
C GLN N 456 -27.13 -54.83 -16.10
N GLU N 457 -27.63 -53.83 -16.82
CA GLU N 457 -27.53 -52.45 -16.38
C GLU N 457 -28.82 -51.71 -16.71
N VAL N 458 -29.33 -50.95 -15.74
CA VAL N 458 -30.70 -50.44 -15.94
C VAL N 458 -30.78 -49.03 -15.36
N PRO N 459 -31.48 -48.14 -16.00
CA PRO N 459 -31.52 -46.75 -15.52
C PRO N 459 -32.71 -46.37 -14.67
N VAL N 460 -32.41 -45.64 -13.63
CA VAL N 460 -33.38 -45.15 -12.68
C VAL N 460 -33.53 -43.65 -12.92
N LEU N 461 -34.60 -43.05 -12.36
CA LEU N 461 -34.87 -41.62 -12.60
C LEU N 461 -34.42 -40.78 -11.40
N THR N 462 -33.13 -40.57 -11.33
CA THR N 462 -32.53 -39.65 -10.37
C THR N 462 -31.87 -38.52 -11.12
N THR N 475 -34.35 -37.02 -16.90
CA THR N 475 -33.14 -36.98 -16.07
C THR N 475 -32.90 -38.29 -15.31
N VAL N 476 -31.89 -39.04 -15.74
CA VAL N 476 -31.55 -40.31 -15.09
C VAL N 476 -30.09 -40.67 -15.28
N GLU N 477 -29.66 -41.75 -14.64
CA GLU N 477 -28.27 -42.21 -14.75
C GLU N 477 -28.18 -43.71 -14.97
N ARG N 478 -26.97 -44.24 -15.09
CA ARG N 478 -26.80 -45.67 -15.34
C ARG N 478 -26.71 -46.47 -14.04
N LYS N 479 -27.38 -47.62 -13.96
CA LYS N 479 -27.31 -48.40 -12.75
C LYS N 479 -27.06 -49.84 -13.13
N THR N 480 -26.22 -50.51 -12.34
CA THR N 480 -25.78 -51.86 -12.63
C THR N 480 -26.32 -52.81 -11.58
N VAL N 481 -26.66 -54.02 -12.01
CA VAL N 481 -27.20 -55.04 -11.14
C VAL N 481 -26.52 -56.36 -11.47
N GLY N 482 -25.70 -56.86 -10.56
CA GLY N 482 -25.09 -58.15 -10.79
C GLY N 482 -24.21 -58.69 -9.68
N ILE N 483 -22.95 -58.98 -9.97
CA ILE N 483 -22.04 -59.53 -8.99
C ILE N 483 -20.73 -58.74 -9.07
N LYS N 484 -20.67 -57.61 -8.39
CA LYS N 484 -19.51 -56.72 -8.43
C LYS N 484 -18.53 -57.12 -7.36
N LEU N 485 -17.60 -58.01 -7.72
CA LEU N 485 -16.59 -58.48 -6.78
C LEU N 485 -15.23 -57.84 -7.02
N LYS N 486 -14.80 -56.98 -6.11
CA LYS N 486 -13.52 -56.31 -6.21
C LYS N 486 -12.67 -56.53 -4.96
N VAL N 487 -11.35 -56.59 -5.14
CA VAL N 487 -10.46 -56.80 -4.00
C VAL N 487 -9.12 -56.09 -4.09
N LYS N 488 -8.30 -56.31 -3.06
CA LYS N 488 -6.97 -55.73 -2.96
C LYS N 488 -6.06 -56.71 -2.25
N PRO N 489 -5.18 -57.38 -2.95
CA PRO N 489 -4.36 -58.42 -2.33
C PRO N 489 -3.00 -57.92 -1.88
N GLN N 490 -2.64 -58.20 -0.64
CA GLN N 490 -1.33 -57.85 -0.10
C GLN N 490 -0.69 -59.12 0.44
N ILE N 491 0.45 -59.50 -0.14
CA ILE N 491 1.17 -60.69 0.29
C ILE N 491 2.23 -60.28 1.28
N ASN N 492 2.19 -60.88 2.47
CA ASN N 492 3.00 -60.36 3.56
C ASN N 492 4.15 -61.30 3.88
N GLU N 493 3.82 -62.36 4.60
CA GLU N 493 4.70 -63.45 4.95
C GLU N 493 5.02 -64.25 3.70
N GLY N 494 5.90 -65.26 3.84
CA GLY N 494 6.01 -66.29 2.86
C GLY N 494 4.66 -66.78 2.36
N ASP N 495 3.76 -67.14 3.27
CA ASP N 495 2.40 -67.54 2.91
C ASP N 495 1.42 -66.85 3.86
N ALA N 496 0.85 -65.74 3.40
CA ALA N 496 -0.33 -65.14 4.00
C ALA N 496 -0.75 -64.00 3.07
N VAL N 497 -2.01 -63.59 3.17
CA VAL N 497 -2.54 -62.58 2.28
C VAL N 497 -3.56 -61.72 2.99
N LEU N 498 -3.92 -60.60 2.37
CA LEU N 498 -4.79 -59.60 2.96
C LEU N 498 -5.77 -59.15 1.91
N LEU N 499 -7.03 -59.16 2.24
CA LEU N 499 -8.06 -59.04 1.22
C LEU N 499 -9.14 -58.08 1.73
N GLU N 500 -9.11 -56.84 1.24
CA GLU N 500 -10.16 -55.89 1.55
C GLU N 500 -11.19 -55.94 0.44
N ILE N 501 -12.01 -56.95 0.54
CA ILE N 501 -12.92 -57.32 -0.54
C ILE N 501 -14.28 -56.71 -0.29
N GLU N 502 -14.97 -56.38 -1.37
CA GLU N 502 -16.36 -56.00 -1.26
C GLU N 502 -17.14 -56.39 -2.50
N GLN N 503 -18.41 -56.75 -2.31
CA GLN N 503 -19.19 -57.23 -3.42
C GLN N 503 -20.64 -57.36 -3.05
N GLU N 504 -21.46 -57.64 -4.07
CA GLU N 504 -22.88 -57.80 -3.86
C GLU N 504 -23.44 -58.64 -4.98
N VAL N 505 -24.42 -59.47 -4.65
CA VAL N 505 -25.16 -60.17 -5.67
C VAL N 505 -26.55 -59.57 -5.73
N SER N 506 -26.80 -58.79 -6.78
CA SER N 506 -28.03 -58.04 -6.88
C SER N 506 -28.87 -58.58 -8.03
N SER N 507 -30.18 -58.49 -7.85
CA SER N 507 -31.07 -58.74 -8.96
C SER N 507 -32.31 -57.87 -8.83
N VAL N 508 -33.27 -58.05 -9.72
CA VAL N 508 -34.51 -57.29 -9.70
C VAL N 508 -35.64 -58.30 -9.82
N ALA N 509 -36.63 -58.20 -8.94
CA ALA N 509 -37.72 -59.16 -8.95
C ALA N 509 -38.97 -58.55 -9.59
N ASP N 510 -39.67 -57.73 -8.83
CA ASP N 510 -40.77 -56.95 -9.35
C ASP N 510 -41.93 -57.85 -9.77
N SER N 511 -42.13 -58.99 -9.10
CA SER N 511 -43.42 -59.66 -9.20
C SER N 511 -44.52 -58.61 -9.02
N ALA N 512 -44.50 -57.93 -7.87
CA ALA N 512 -45.37 -56.79 -7.60
C ALA N 512 -44.69 -55.96 -6.52
N SER N 513 -44.60 -54.65 -6.73
CA SER N 513 -43.83 -53.81 -5.83
C SER N 513 -44.39 -52.40 -5.90
N SER N 514 -43.80 -51.51 -5.12
CA SER N 514 -44.22 -50.12 -5.09
C SER N 514 -43.53 -49.36 -6.22
N THR N 515 -44.23 -49.21 -7.33
CA THR N 515 -43.89 -48.23 -8.36
C THR N 515 -45.06 -47.31 -8.53
N SER N 516 -44.83 -46.02 -8.27
CA SER N 516 -45.92 -45.06 -8.25
C SER N 516 -45.97 -44.28 -9.55
N SER N 517 -45.55 -44.95 -10.63
CA SER N 517 -45.35 -44.31 -11.94
C SER N 517 -44.19 -43.36 -11.91
N ASP N 518 -43.24 -43.66 -11.03
CA ASP N 518 -42.09 -42.80 -10.82
C ASP N 518 -40.85 -43.57 -11.24
N LEU N 519 -40.40 -44.47 -10.37
CA LEU N 519 -39.15 -45.20 -10.51
C LEU N 519 -39.50 -46.62 -10.11
N GLY N 520 -39.39 -47.53 -11.05
CA GLY N 520 -39.94 -48.87 -10.82
C GLY N 520 -38.85 -49.85 -10.49
N ALA N 521 -38.71 -50.23 -9.22
CA ALA N 521 -37.46 -50.89 -8.90
C ALA N 521 -37.49 -51.44 -7.50
N THR N 522 -36.83 -52.58 -7.34
CA THR N 522 -36.67 -53.23 -6.05
C THR N 522 -35.21 -53.47 -5.68
N PHE N 523 -34.40 -53.91 -6.63
CA PHE N 523 -32.97 -53.96 -6.43
C PHE N 523 -32.59 -54.79 -5.21
N ASN N 524 -33.13 -56.01 -5.13
CA ASN N 524 -32.69 -56.93 -4.11
C ASN N 524 -31.18 -57.06 -4.12
N THR N 525 -30.55 -57.03 -2.95
CA THR N 525 -29.09 -56.93 -2.85
C THR N 525 -28.59 -57.49 -1.55
N ARG N 526 -27.37 -58.03 -1.57
CA ARG N 526 -26.60 -58.28 -0.38
C ARG N 526 -25.19 -57.77 -0.59
N THR N 527 -24.64 -57.04 0.38
CA THR N 527 -23.39 -56.30 0.17
C THR N 527 -22.44 -56.56 1.33
N VAL N 528 -21.27 -57.11 1.03
CA VAL N 528 -20.25 -57.41 2.03
C VAL N 528 -19.01 -56.57 1.81
N ASN N 529 -18.31 -56.26 2.89
CA ASN N 529 -16.98 -55.66 2.79
C ASN N 529 -16.25 -55.84 4.11
N ASN N 530 -14.98 -56.17 4.04
CA ASN N 530 -14.19 -56.39 5.25
C ASN N 530 -12.74 -56.61 4.82
N ALA N 531 -11.90 -56.95 5.78
CA ALA N 531 -10.49 -57.21 5.58
C ALA N 531 -10.14 -58.44 6.38
N VAL N 532 -9.24 -59.27 5.88
CA VAL N 532 -8.95 -60.54 6.52
C VAL N 532 -7.51 -60.96 6.20
N LEU N 533 -6.91 -61.68 7.14
CA LEU N 533 -5.65 -62.36 6.91
C LEU N 533 -5.94 -63.82 6.63
N VAL N 534 -5.30 -64.38 5.62
CA VAL N 534 -5.63 -65.74 5.18
C VAL N 534 -4.37 -66.44 4.73
N GLY N 535 -4.29 -67.73 5.01
CA GLY N 535 -3.19 -68.52 4.52
C GLY N 535 -3.37 -68.85 3.06
N SER N 536 -2.34 -69.38 2.43
CA SER N 536 -2.33 -69.45 0.97
C SER N 536 -3.44 -70.30 0.40
N GLY N 537 -3.35 -71.62 0.58
CA GLY N 537 -4.40 -72.52 0.16
C GLY N 537 -5.34 -72.92 1.27
N GLU N 538 -6.46 -72.18 1.41
CA GLU N 538 -7.31 -72.31 2.59
C GLU N 538 -8.73 -71.92 2.25
N THR N 539 -9.68 -72.72 2.73
CA THR N 539 -11.09 -72.38 2.69
C THR N 539 -11.46 -71.53 3.90
N VAL N 540 -12.09 -70.39 3.67
CA VAL N 540 -12.26 -69.39 4.70
C VAL N 540 -13.70 -68.92 4.74
N VAL N 541 -14.33 -68.98 5.92
CA VAL N 541 -15.69 -68.47 6.10
C VAL N 541 -15.63 -66.96 6.34
N VAL N 542 -16.27 -66.20 5.48
CA VAL N 542 -16.25 -64.77 5.61
C VAL N 542 -17.50 -64.23 6.26
N GLY N 543 -18.67 -64.58 5.73
CA GLY N 543 -19.90 -63.92 6.15
C GLY N 543 -21.07 -64.87 6.08
N GLY N 544 -22.02 -64.67 6.99
CA GLY N 544 -23.07 -65.67 7.13
C GLY N 544 -24.38 -65.18 7.68
N LEU N 545 -25.50 -65.72 7.17
CA LEU N 545 -26.82 -65.35 7.64
C LEU N 545 -27.73 -66.58 7.56
N LEU N 546 -28.57 -66.79 8.58
CA LEU N 546 -29.53 -67.89 8.56
C LEU N 546 -30.76 -67.55 9.39
N ASP N 547 -31.95 -67.64 8.81
CA ASP N 547 -33.12 -67.02 9.42
C ASP N 547 -34.43 -67.69 8.99
N LYS N 548 -35.30 -67.97 9.93
CA LYS N 548 -36.67 -68.40 9.69
C LYS N 548 -37.67 -67.31 10.08
N THR N 549 -38.90 -67.44 9.57
CA THR N 549 -39.95 -66.43 9.83
C THR N 549 -41.31 -67.08 9.68
N VAL N 550 -42.05 -67.17 10.79
CA VAL N 550 -43.33 -67.84 10.82
C VAL N 550 -44.42 -66.86 11.22
N THR N 551 -45.61 -67.10 10.69
CA THR N 551 -46.77 -66.32 11.10
C THR N 551 -48.01 -67.21 11.00
N ASP N 552 -48.99 -66.93 11.86
CA ASP N 552 -50.22 -67.71 12.00
C ASP N 552 -51.42 -66.79 11.99
N THR N 553 -52.54 -67.33 11.51
CA THR N 553 -53.78 -66.57 11.48
C THR N 553 -54.96 -67.50 11.80
N ALA N 554 -55.69 -67.24 12.89
CA ALA N 554 -56.82 -68.07 13.27
C ALA N 554 -58.03 -67.21 13.59
N ASP N 555 -59.21 -67.80 13.43
CA ASP N 555 -60.49 -67.17 13.77
C ASP N 555 -61.56 -68.23 13.86
N LYS N 556 -62.40 -68.14 14.88
CA LYS N 556 -63.43 -69.15 15.13
C LYS N 556 -64.57 -68.52 15.90
N VAL N 557 -65.78 -69.02 15.67
CA VAL N 557 -66.92 -68.61 16.47
C VAL N 557 -66.65 -68.95 17.93
N PRO N 558 -66.86 -68.02 18.85
CA PRO N 558 -66.44 -68.24 20.25
C PRO N 558 -67.17 -69.43 20.84
N LEU N 559 -66.51 -70.04 21.86
CA LEU N 559 -67.01 -71.17 22.63
C LEU N 559 -67.07 -72.44 21.82
N LEU N 560 -66.76 -72.38 20.54
CA LEU N 560 -66.91 -73.52 19.68
C LEU N 560 -65.54 -73.94 19.17
N GLY N 561 -65.51 -74.98 18.37
CA GLY N 561 -64.23 -75.56 17.93
C GLY N 561 -63.37 -76.11 19.07
N ASP N 562 -63.92 -76.19 20.28
CA ASP N 562 -63.08 -76.53 21.41
C ASP N 562 -62.82 -78.03 21.51
N ILE N 563 -63.76 -78.87 21.08
CA ILE N 563 -63.47 -80.30 20.99
C ILE N 563 -62.64 -80.56 19.75
N PRO N 564 -61.35 -80.82 19.92
CA PRO N 564 -60.44 -80.85 18.77
C PRO N 564 -60.91 -81.79 17.67
N VAL N 565 -61.26 -83.03 18.03
CA VAL N 565 -61.71 -83.99 17.01
C VAL N 565 -63.02 -83.55 16.40
N ILE N 566 -63.96 -83.06 17.20
CA ILE N 566 -65.26 -82.73 16.66
C ILE N 566 -65.25 -81.29 16.21
N GLY N 567 -64.98 -80.38 17.14
CA GLY N 567 -65.13 -78.95 16.90
C GLY N 567 -64.26 -78.40 15.79
N ALA N 568 -63.35 -79.21 15.24
CA ALA N 568 -62.45 -78.76 14.17
C ALA N 568 -63.22 -78.19 12.99
N LEU N 569 -64.54 -78.30 12.97
CA LEU N 569 -65.36 -77.83 11.88
C LEU N 569 -65.70 -76.34 11.95
N PHE N 570 -65.20 -75.60 12.93
CA PHE N 570 -65.50 -74.20 12.98
C PHE N 570 -64.29 -73.28 12.90
N ARG N 571 -63.10 -73.74 13.29
CA ARG N 571 -61.88 -72.96 13.11
C ARG N 571 -61.69 -72.63 11.64
N SER N 572 -60.83 -71.64 11.41
CA SER N 572 -60.38 -71.32 10.06
C SER N 572 -58.94 -70.84 10.14
N ASP N 573 -58.04 -71.56 9.47
CA ASP N 573 -56.61 -71.53 9.77
C ASP N 573 -55.85 -71.10 8.53
N SER N 574 -54.89 -70.21 8.73
CA SER N 574 -53.92 -69.93 7.68
C SER N 574 -52.55 -69.78 8.32
N LYS N 575 -51.62 -70.67 7.98
CA LYS N 575 -50.29 -70.66 8.56
C LYS N 575 -49.27 -70.69 7.43
N LYS N 576 -48.13 -70.07 7.67
CA LYS N 576 -47.07 -70.05 6.67
C LYS N 576 -45.74 -69.73 7.36
N VAL N 577 -44.68 -70.18 6.74
CA VAL N 577 -43.32 -69.99 7.25
C VAL N 577 -42.41 -69.59 6.11
N SER N 578 -41.25 -69.04 6.48
CA SER N 578 -40.17 -68.79 5.52
C SER N 578 -38.84 -68.97 6.23
N LYS N 579 -37.96 -69.74 5.62
CA LYS N 579 -36.62 -69.97 6.13
C LYS N 579 -35.59 -69.48 5.13
N ARG N 580 -34.41 -69.10 5.62
CA ARG N 580 -33.39 -68.48 4.77
C ARG N 580 -32.02 -68.65 5.38
N ASN N 581 -31.00 -68.71 4.54
CA ASN N 581 -29.64 -68.87 5.01
C ASN N 581 -28.70 -68.33 3.95
N LEU N 582 -27.51 -67.86 4.34
CA LEU N 582 -26.59 -67.26 3.40
C LEU N 582 -25.17 -67.43 3.89
N MET N 583 -24.27 -67.88 3.01
CA MET N 583 -22.91 -68.20 3.39
C MET N 583 -21.89 -67.69 2.38
N LEU N 584 -20.80 -67.16 2.91
CA LEU N 584 -19.74 -66.56 2.12
C LEU N 584 -18.40 -67.26 2.38
N PHE N 585 -17.68 -67.61 1.31
CA PHE N 585 -16.36 -68.20 1.43
C PHE N 585 -15.41 -67.64 0.39
N ILE N 586 -14.16 -67.47 0.81
CA ILE N 586 -13.09 -66.98 -0.05
C ILE N 586 -11.90 -67.91 0.07
N ARG N 587 -11.09 -67.96 -0.99
CA ARG N 587 -9.84 -68.73 -0.91
C ARG N 587 -8.85 -68.24 -1.95
N PRO N 588 -7.70 -67.76 -1.54
CA PRO N 588 -6.66 -67.39 -2.51
C PRO N 588 -5.74 -68.56 -2.83
N THR N 589 -4.75 -68.30 -3.68
CA THR N 589 -3.59 -69.15 -3.90
C THR N 589 -2.47 -68.27 -4.41
N ILE N 590 -1.30 -68.47 -3.87
CA ILE N 590 -0.14 -67.75 -4.38
C ILE N 590 0.39 -68.46 -5.61
N ILE N 591 1.01 -67.71 -6.52
CA ILE N 591 1.63 -68.26 -7.70
C ILE N 591 2.95 -67.54 -7.92
N ARG N 592 4.07 -68.28 -7.96
CA ARG N 592 5.37 -67.63 -8.03
C ARG N 592 5.86 -67.49 -9.47
N ASP N 593 5.79 -68.58 -10.25
CA ASP N 593 6.42 -68.58 -11.55
C ASP N 593 5.63 -69.48 -12.51
N ARG N 594 6.21 -69.68 -13.68
CA ARG N 594 5.57 -70.45 -14.75
C ARG N 594 5.04 -71.79 -14.29
N ASP N 595 5.93 -72.56 -13.65
CA ASP N 595 5.58 -73.90 -13.22
C ASP N 595 4.30 -73.89 -12.40
N GLU N 596 4.33 -73.24 -11.24
CA GLU N 596 3.15 -73.07 -10.42
C GLU N 596 1.96 -72.57 -11.21
N TYR N 597 2.21 -71.84 -12.29
CA TYR N 597 1.08 -71.32 -13.07
C TYR N 597 0.37 -72.43 -13.83
N ARG N 598 1.13 -73.35 -14.42
CA ARG N 598 0.52 -74.36 -15.28
C ARG N 598 -0.55 -75.16 -14.55
N GLN N 599 -0.23 -75.64 -13.35
CA GLN N 599 -1.23 -76.43 -12.61
C GLN N 599 -2.49 -75.61 -12.36
N ALA N 600 -2.33 -74.36 -11.94
CA ALA N 600 -3.49 -73.57 -11.58
C ALA N 600 -4.40 -73.39 -12.77
N SER N 601 -3.81 -72.96 -13.89
CA SER N 601 -4.64 -72.75 -15.06
C SER N 601 -5.24 -74.05 -15.56
N SER N 602 -4.38 -74.99 -15.97
CA SER N 602 -4.88 -76.24 -16.53
C SER N 602 -5.97 -76.84 -15.66
N GLY N 603 -5.62 -77.16 -14.40
CA GLY N 603 -6.60 -77.75 -13.51
C GLY N 603 -7.91 -76.98 -13.45
N GLN N 604 -7.81 -75.67 -13.22
CA GLN N 604 -9.01 -74.85 -13.13
C GLN N 604 -9.86 -74.97 -14.39
N TYR N 605 -9.20 -74.86 -15.55
CA TYR N 605 -9.88 -75.01 -16.83
C TYR N 605 -10.60 -76.33 -16.94
N THR N 606 -9.96 -77.39 -16.44
CA THR N 606 -10.63 -78.69 -16.34
C THR N 606 -11.88 -78.59 -15.51
N ALA N 607 -11.80 -77.94 -14.35
CA ALA N 607 -12.99 -77.67 -13.56
C ALA N 607 -14.08 -77.05 -14.41
N PHE N 608 -13.71 -76.20 -15.37
CA PHE N 608 -14.69 -75.67 -16.31
C PHE N 608 -15.27 -76.77 -17.18
N ASN N 609 -14.40 -77.49 -17.88
CA ASN N 609 -14.86 -78.50 -18.83
C ASN N 609 -15.70 -79.57 -18.14
N ASN N 610 -15.50 -79.79 -16.84
CA ASN N 610 -16.31 -80.76 -16.13
C ASN N 610 -17.79 -80.49 -16.28
N ALA N 611 -18.22 -79.30 -15.89
CA ALA N 611 -19.64 -78.96 -16.02
C ALA N 611 -20.02 -78.73 -17.47
N GLN N 612 -19.12 -78.13 -18.25
CA GLN N 612 -19.40 -77.88 -19.66
C GLN N 612 -19.83 -79.15 -20.38
N THR N 613 -18.90 -80.10 -20.46
CA THR N 613 -19.16 -81.37 -21.14
C THR N 613 -20.00 -82.33 -20.30
N LYS N 614 -20.40 -81.89 -19.11
CA LYS N 614 -21.17 -82.71 -18.19
C LYS N 614 -22.49 -83.32 -18.70
N GLN N 615 -23.29 -82.53 -19.41
CA GLN N 615 -24.58 -82.98 -19.91
C GLN N 615 -24.52 -83.31 -21.40
N ARG N 616 -24.54 -82.27 -22.22
CA ARG N 616 -24.48 -82.44 -23.67
C ARG N 616 -23.09 -82.76 -24.20
N GLY N 617 -22.97 -83.90 -24.88
CA GLY N 617 -21.69 -84.32 -25.44
C GLY N 617 -21.43 -83.84 -26.85
N LYS N 618 -20.90 -82.62 -26.97
CA LYS N 618 -20.58 -82.05 -28.26
C LYS N 618 -19.08 -81.89 -28.45
N GLU N 619 -18.66 -81.83 -29.71
CA GLU N 619 -17.24 -81.69 -30.03
C GLU N 619 -17.07 -80.18 -30.14
N SER N 620 -15.98 -79.65 -29.58
CA SER N 620 -15.76 -78.21 -29.63
C SER N 620 -14.41 -77.66 -30.07
N SER N 621 -14.41 -77.06 -31.26
CA SER N 621 -13.26 -76.38 -31.85
C SER N 621 -12.53 -75.45 -30.90
N GLU N 622 -13.26 -74.52 -30.31
CA GLU N 622 -12.61 -73.59 -29.41
C GLU N 622 -12.04 -74.28 -28.19
N ALA N 623 -12.89 -74.90 -27.40
CA ALA N 623 -12.43 -75.53 -26.17
C ALA N 623 -11.22 -76.42 -26.43
N SER N 624 -11.39 -77.43 -27.28
CA SER N 624 -10.28 -78.32 -27.58
C SER N 624 -9.01 -77.59 -27.96
N LEU N 625 -9.12 -76.67 -28.93
CA LEU N 625 -7.95 -75.94 -29.38
C LEU N 625 -7.27 -75.22 -28.22
N SER N 626 -8.08 -74.54 -27.41
CA SER N 626 -7.57 -73.84 -26.23
C SER N 626 -6.82 -74.77 -25.31
N ASN N 627 -7.35 -76.00 -25.14
CA ASN N 627 -6.63 -77.02 -24.40
C ASN N 627 -5.28 -77.30 -25.02
N ASP N 628 -5.23 -77.44 -26.35
CA ASP N 628 -3.96 -77.56 -27.03
C ASP N 628 -3.01 -76.44 -26.63
N LEU N 629 -3.54 -75.25 -26.38
CA LEU N 629 -2.71 -74.17 -25.86
C LEU N 629 -2.19 -74.50 -24.46
N LEU N 630 -3.14 -74.77 -23.55
CA LEU N 630 -2.77 -75.00 -22.15
C LEU N 630 -1.80 -76.17 -22.00
N HIS N 631 -1.83 -77.12 -22.94
CA HIS N 631 -0.89 -78.23 -22.88
C HIS N 631 0.54 -77.77 -22.78
N ILE N 632 0.96 -76.94 -23.75
CA ILE N 632 2.32 -76.43 -23.78
C ILE N 632 2.62 -75.60 -22.53
N GLN N 639 3.55 -82.33 -31.85
CA GLN N 639 2.47 -82.45 -32.82
C GLN N 639 2.05 -83.91 -32.99
N ALA N 640 3.00 -84.82 -32.83
CA ALA N 640 2.73 -86.24 -32.97
C ALA N 640 1.89 -86.76 -31.81
N PHE N 641 2.24 -86.35 -30.60
CA PHE N 641 1.53 -86.77 -29.40
C PHE N 641 0.05 -86.41 -29.56
N ARG N 642 -0.21 -85.32 -30.26
CA ARG N 642 -1.57 -84.86 -30.49
C ARG N 642 -2.34 -85.81 -31.40
N GLN N 643 -1.60 -86.65 -32.12
CA GLN N 643 -2.20 -87.62 -33.04
C GLN N 643 -2.57 -88.92 -32.37
N VAL N 644 -1.59 -89.47 -31.65
CA VAL N 644 -1.77 -90.75 -30.98
C VAL N 644 -2.79 -90.68 -29.84
N SER N 645 -2.68 -89.66 -28.98
CA SER N 645 -3.62 -89.47 -27.83
C SER N 645 -5.05 -89.27 -28.36
N ALA N 646 -5.16 -88.47 -29.40
CA ALA N 646 -6.43 -88.32 -30.12
C ALA N 646 -6.99 -89.67 -30.58
N ALA N 647 -6.17 -90.46 -31.27
CA ALA N 647 -6.63 -91.74 -31.80
C ALA N 647 -7.11 -92.65 -30.69
N ILE N 648 -6.33 -92.74 -29.60
CA ILE N 648 -6.73 -93.54 -28.43
C ILE N 648 -8.12 -93.07 -27.94
N ASP N 649 -8.31 -91.75 -27.84
CA ASP N 649 -9.61 -91.14 -27.46
C ASP N 649 -10.72 -91.61 -28.36
N ALA N 650 -10.51 -91.52 -29.69
CA ALA N 650 -11.48 -92.02 -30.64
C ALA N 650 -11.86 -93.42 -30.28
N PHE N 651 -10.86 -94.28 -30.13
CA PHE N 651 -11.11 -95.68 -29.90
C PHE N 651 -12.05 -95.88 -28.72
N ASN N 652 -11.83 -95.16 -27.63
CA ASN N 652 -12.60 -95.42 -26.42
C ASN N 652 -13.88 -94.54 -26.35
N LEU N 653 -14.79 -94.82 -27.29
CA LEU N 653 -16.12 -94.23 -27.33
C LEU N 653 -17.13 -95.35 -27.41
N SER O 28 104.36 32.14 -33.85
CA SER O 28 104.25 30.96 -33.02
C SER O 28 103.82 31.36 -31.61
N ALA O 29 103.06 30.49 -30.97
CA ALA O 29 102.47 30.79 -29.67
C ALA O 29 103.42 30.40 -28.53
N SER O 30 104.58 31.05 -28.50
CA SER O 30 105.60 30.76 -27.49
C SER O 30 105.49 31.75 -26.35
N PHE O 31 104.60 31.47 -25.41
CA PHE O 31 104.35 32.33 -24.27
C PHE O 31 104.71 31.60 -22.98
N LYS O 32 105.65 32.15 -22.24
CA LYS O 32 106.09 31.56 -20.98
C LYS O 32 105.80 32.49 -19.82
N GLY O 33 104.96 32.02 -18.90
CA GLY O 33 104.57 32.81 -17.74
C GLY O 33 104.00 34.16 -18.06
N THR O 34 103.56 34.36 -19.30
CA THR O 34 103.09 35.67 -19.74
C THR O 34 101.80 36.04 -19.03
N ASP O 35 101.74 37.25 -18.49
CA ASP O 35 100.53 37.69 -17.79
C ASP O 35 99.39 37.88 -18.77
N ILE O 36 98.18 37.57 -18.28
CA ILE O 36 96.99 37.69 -19.11
C ILE O 36 96.84 39.12 -19.63
N GLN O 37 97.23 40.10 -18.85
CA GLN O 37 97.17 41.49 -19.30
C GLN O 37 98.10 41.73 -20.47
N GLU O 38 99.40 41.49 -20.28
CA GLU O 38 100.30 41.61 -21.40
C GLU O 38 100.00 40.61 -22.49
N PHE O 39 99.26 39.54 -22.19
CA PHE O 39 98.78 38.64 -23.21
C PHE O 39 97.83 39.37 -24.16
N ILE O 40 96.80 40.00 -23.60
CA ILE O 40 95.85 40.73 -24.42
C ILE O 40 96.51 41.94 -25.06
N ASN O 41 97.41 42.59 -24.35
CA ASN O 41 98.00 43.83 -24.80
C ASN O 41 99.08 43.61 -25.82
N THR O 42 99.62 42.40 -25.92
CA THR O 42 100.61 42.05 -26.94
C THR O 42 100.01 41.29 -28.10
N VAL O 43 99.33 40.17 -27.80
CA VAL O 43 98.61 39.44 -28.83
C VAL O 43 97.65 40.39 -29.57
N SER O 44 96.99 41.28 -28.83
CA SER O 44 96.22 42.33 -29.48
C SER O 44 97.04 43.09 -30.50
N LYS O 45 98.20 43.58 -30.08
CA LYS O 45 99.10 44.28 -31.00
C LYS O 45 99.30 43.49 -32.29
N ASN O 46 99.64 42.22 -32.14
CA ASN O 46 99.85 41.37 -33.32
C ASN O 46 98.59 41.25 -34.16
N LEU O 47 97.44 41.13 -33.49
CA LEU O 47 96.18 40.98 -34.20
C LEU O 47 95.76 42.30 -34.85
N ASN O 48 96.11 43.43 -34.22
CA ASN O 48 95.82 44.77 -34.70
C ASN O 48 94.38 45.18 -34.44
N LYS O 49 93.74 44.56 -33.47
CA LYS O 49 92.37 44.85 -33.10
C LYS O 49 92.27 45.49 -31.72
N THR O 50 91.36 46.46 -31.59
CA THR O 50 91.17 47.16 -30.32
C THR O 50 90.60 46.18 -29.30
N VAL O 51 90.82 46.44 -28.02
CA VAL O 51 90.24 45.55 -27.02
C VAL O 51 90.14 46.26 -25.68
N ILE O 52 88.99 46.16 -25.03
CA ILE O 52 88.82 46.72 -23.69
C ILE O 52 88.78 45.58 -22.68
N ILE O 53 89.72 45.62 -21.75
CA ILE O 53 89.79 44.67 -20.65
C ILE O 53 88.97 45.23 -19.50
N ASP O 54 88.35 44.35 -18.72
CA ASP O 54 87.68 44.79 -17.49
C ASP O 54 88.53 44.47 -16.27
N PRO O 55 88.27 45.11 -15.12
CA PRO O 55 89.08 44.83 -13.94
C PRO O 55 88.83 43.43 -13.38
N SER O 56 89.46 43.14 -12.24
CA SER O 56 89.30 41.86 -11.57
C SER O 56 89.71 40.72 -12.48
N VAL O 57 90.68 40.96 -13.34
CA VAL O 57 91.21 39.98 -14.27
C VAL O 57 92.69 39.85 -13.93
N ARG O 58 93.04 38.83 -13.14
CA ARG O 58 94.39 38.69 -12.60
C ARG O 58 94.84 37.27 -12.84
N GLY O 59 95.97 37.10 -13.52
CA GLY O 59 96.48 35.77 -13.76
C GLY O 59 97.49 35.76 -14.90
N THR O 60 97.83 34.54 -15.32
CA THR O 60 98.91 34.30 -16.29
C THR O 60 98.72 32.91 -16.90
N ILE O 61 99.42 32.68 -17.99
CA ILE O 61 99.46 31.42 -18.67
C ILE O 61 100.92 31.05 -18.88
N THR O 62 101.14 29.88 -19.47
CA THR O 62 102.44 29.49 -19.96
C THR O 62 102.26 28.32 -20.91
N VAL O 63 103.01 28.33 -22.00
CA VAL O 63 102.79 27.32 -23.01
C VAL O 63 103.96 27.31 -23.97
N ARG O 64 104.35 26.13 -24.44
CA ARG O 64 105.32 26.01 -25.52
C ARG O 64 104.60 25.50 -26.76
N SER O 65 104.82 26.18 -27.89
CA SER O 65 104.23 25.78 -29.15
C SER O 65 105.34 25.57 -30.16
N TYR O 66 105.10 24.59 -31.04
CA TYR O 66 106.05 24.21 -32.06
C TYR O 66 105.66 24.67 -33.47
N ASP O 67 104.37 24.71 -33.77
CA ASP O 67 103.85 25.13 -35.06
C ASP O 67 103.33 26.56 -35.01
N MET O 68 103.26 27.18 -36.19
CA MET O 68 102.94 28.60 -36.30
C MET O 68 101.46 28.81 -36.55
N LEU O 69 100.87 29.84 -35.88
CA LEU O 69 99.43 30.04 -35.82
C LEU O 69 99.14 31.53 -35.99
N ASN O 70 99.15 32.04 -37.22
CA ASN O 70 98.66 33.40 -37.45
C ASN O 70 97.43 33.50 -38.34
N GLU O 71 97.23 32.57 -39.29
CA GLU O 71 96.27 32.86 -40.33
C GLU O 71 94.85 32.99 -39.78
N GLU O 72 94.28 31.87 -39.32
CA GLU O 72 92.96 31.93 -38.69
C GLU O 72 93.08 31.25 -37.34
N GLN O 73 94.01 30.31 -37.27
CA GLN O 73 94.19 29.54 -36.05
C GLN O 73 94.76 30.42 -34.95
N TYR O 74 95.27 31.59 -35.31
CA TYR O 74 95.67 32.60 -34.36
C TYR O 74 94.49 33.03 -33.46
N TYR O 75 93.50 33.68 -34.08
CA TYR O 75 92.30 34.09 -33.35
C TYR O 75 91.60 32.87 -32.76
N GLN O 76 91.59 31.75 -33.48
CA GLN O 76 90.99 30.54 -32.96
C GLN O 76 91.57 30.18 -31.59
N PHE O 77 92.87 29.90 -31.59
CA PHE O 77 93.53 29.44 -30.38
C PHE O 77 93.55 30.52 -29.30
N PHE O 78 93.63 31.78 -29.71
CA PHE O 78 93.52 32.88 -28.75
C PHE O 78 92.26 32.75 -27.92
N LEU O 79 91.11 32.71 -28.60
CA LEU O 79 89.85 32.54 -27.89
C LEU O 79 89.80 31.24 -27.11
N SER O 80 90.44 30.17 -27.62
CA SER O 80 90.49 28.95 -26.82
C SER O 80 91.20 29.16 -25.51
N VAL O 81 92.31 29.92 -25.51
CA VAL O 81 93.06 30.11 -24.28
C VAL O 81 92.25 30.92 -23.29
N LEU O 82 91.63 31.99 -23.76
CA LEU O 82 90.71 32.70 -22.89
C LEU O 82 89.63 31.78 -22.35
N ASP O 83 89.24 30.77 -23.14
CA ASP O 83 88.20 29.86 -22.73
C ASP O 83 88.66 28.94 -21.60
N VAL O 84 89.92 28.57 -21.58
CA VAL O 84 90.41 27.64 -20.57
C VAL O 84 90.20 28.21 -19.18
N TYR O 85 90.71 29.43 -18.95
CA TYR O 85 90.49 30.07 -17.67
C TYR O 85 89.04 30.42 -17.43
N GLY O 86 88.20 30.28 -18.45
CA GLY O 86 86.82 30.69 -18.32
C GLY O 86 86.59 32.16 -18.40
N PHE O 87 87.63 33.00 -18.41
CA PHE O 87 87.43 34.40 -18.71
C PHE O 87 87.00 34.48 -20.17
N ALA O 88 85.79 34.98 -20.40
CA ALA O 88 85.20 34.86 -21.72
C ALA O 88 85.16 36.22 -22.39
N VAL O 89 85.08 36.20 -23.70
CA VAL O 89 85.03 37.43 -24.47
C VAL O 89 83.95 37.32 -25.54
N ILE O 90 83.40 38.47 -25.92
CA ILE O 90 82.43 38.62 -26.99
C ILE O 90 82.98 39.63 -27.99
N ASN O 91 82.94 39.30 -29.27
CA ASN O 91 83.43 40.20 -30.31
C ASN O 91 82.27 40.88 -31.00
N MET O 92 82.53 42.09 -31.50
CA MET O 92 81.50 42.90 -32.12
C MET O 92 81.95 43.28 -33.52
N ASN O 93 81.04 43.90 -34.27
CA ASN O 93 81.25 44.16 -35.67
C ASN O 93 81.97 45.49 -35.89
N ASN O 94 81.40 46.58 -35.38
CA ASN O 94 81.97 47.92 -35.56
C ASN O 94 83.28 48.09 -34.81
N GLY O 95 83.30 47.75 -33.53
CA GLY O 95 84.52 47.66 -32.77
C GLY O 95 84.86 46.19 -32.50
N VAL O 96 86.00 45.99 -31.87
CA VAL O 96 86.48 44.64 -31.63
C VAL O 96 85.93 44.14 -30.30
N LEU O 97 86.31 42.94 -29.90
CA LEU O 97 85.77 42.23 -28.76
C LEU O 97 86.07 42.95 -27.44
N LYS O 98 85.60 42.35 -26.36
CA LYS O 98 85.77 42.83 -25.00
C LYS O 98 85.97 41.62 -24.10
N VAL O 99 86.37 41.88 -22.87
CA VAL O 99 86.60 40.84 -21.86
C VAL O 99 85.63 41.06 -20.73
N VAL O 100 84.85 40.04 -20.39
CA VAL O 100 83.89 40.13 -19.30
C VAL O 100 84.35 39.30 -18.11
N ARG O 101 83.87 39.68 -16.95
CA ARG O 101 84.06 38.95 -15.72
C ARG O 101 82.76 38.28 -15.24
N ALA O 102 81.62 38.55 -15.90
CA ALA O 102 80.34 37.91 -15.62
C ALA O 102 80.17 36.59 -16.35
N LYS O 103 80.94 36.36 -17.40
CA LYS O 103 81.00 35.08 -18.11
C LYS O 103 79.67 34.63 -18.71
N ASP O 104 78.65 35.47 -18.69
CA ASP O 104 77.32 34.99 -19.04
C ASP O 104 76.88 35.54 -20.39
N ALA O 105 75.87 34.85 -20.94
CA ALA O 105 75.13 35.37 -22.08
C ALA O 105 74.34 36.64 -21.72
N LYS O 106 74.13 36.89 -20.44
CA LYS O 106 73.39 38.06 -19.98
C LYS O 106 73.99 39.40 -20.40
N THR O 107 75.15 39.35 -21.05
CA THR O 107 75.82 40.57 -21.50
C THR O 107 75.24 41.45 -22.59
N SER O 108 74.01 41.15 -23.00
CA SER O 108 73.33 41.92 -24.04
C SER O 108 73.92 41.62 -25.41
N ALA O 109 74.84 40.65 -25.45
CA ALA O 109 75.48 40.26 -26.71
C ALA O 109 75.45 38.74 -26.72
N VAL O 110 74.79 38.18 -27.73
CA VAL O 110 74.69 36.73 -27.87
C VAL O 110 74.41 36.41 -29.33
N PRO O 111 75.41 36.35 -30.20
CA PRO O 111 75.10 36.03 -31.61
C PRO O 111 74.57 34.62 -31.70
N VAL O 112 73.38 34.47 -32.26
CA VAL O 112 72.64 33.21 -32.21
C VAL O 112 72.71 32.55 -33.59
N ALA O 113 73.24 31.34 -33.63
CA ALA O 113 73.26 30.57 -34.86
C ALA O 113 71.84 30.18 -35.27
N SER O 114 71.69 29.92 -36.56
CA SER O 114 70.41 29.53 -37.14
C SER O 114 70.48 28.17 -37.79
N ALA O 115 71.31 27.28 -37.26
CA ALA O 115 71.42 25.86 -37.61
C ALA O 115 72.21 25.65 -38.90
N ALA O 116 72.64 26.72 -39.55
CA ALA O 116 73.58 26.59 -40.64
C ALA O 116 75.01 26.94 -40.24
N ALA O 117 75.18 27.88 -39.32
CA ALA O 117 76.48 28.20 -38.75
C ALA O 117 76.59 27.67 -37.33
N PRO O 118 77.07 26.44 -37.13
CA PRO O 118 77.38 26.00 -35.77
C PRO O 118 78.57 26.71 -35.15
N GLY O 119 79.33 27.46 -35.93
CA GLY O 119 80.49 28.12 -35.38
C GLY O 119 81.57 27.11 -35.04
N GLU O 120 82.25 27.35 -33.93
CA GLU O 120 83.31 26.46 -33.46
C GLU O 120 83.47 26.70 -31.98
N GLY O 121 84.04 25.71 -31.29
CA GLY O 121 83.90 25.55 -29.86
C GLY O 121 84.18 26.82 -29.06
N ASP O 122 84.95 27.71 -29.66
CA ASP O 122 85.45 28.84 -28.91
C ASP O 122 84.37 29.84 -28.59
N GLU O 123 83.45 30.10 -29.52
CA GLU O 123 82.51 31.20 -29.36
C GLU O 123 81.30 30.80 -28.53
N VAL O 124 80.55 31.80 -28.09
CA VAL O 124 79.34 31.61 -27.30
C VAL O 124 78.15 32.05 -28.13
N VAL O 125 77.17 31.15 -28.30
CA VAL O 125 75.96 31.45 -29.05
C VAL O 125 74.78 31.25 -28.13
N THR O 126 73.56 31.37 -28.66
CA THR O 126 72.37 31.00 -27.91
C THR O 126 71.40 30.33 -28.89
N ARG O 127 71.31 29.02 -28.81
CA ARG O 127 70.57 28.24 -29.79
C ARG O 127 69.23 27.83 -29.22
N VAL O 128 68.36 27.38 -30.13
CA VAL O 128 67.02 27.02 -29.75
C VAL O 128 66.48 26.04 -30.78
N VAL O 129 65.65 25.12 -30.30
CA VAL O 129 65.02 24.23 -31.27
C VAL O 129 63.60 23.89 -30.79
N PRO O 130 62.62 23.85 -31.68
CA PRO O 130 61.30 23.35 -31.30
C PRO O 130 61.22 21.83 -31.28
N LEU O 131 61.50 21.26 -30.12
CA LEU O 131 61.39 19.82 -29.92
C LEU O 131 59.95 19.33 -30.07
N THR O 132 59.73 18.36 -30.95
CA THR O 132 58.41 18.09 -31.46
C THR O 132 57.75 16.81 -30.96
N ASN O 133 58.45 15.96 -30.22
CA ASN O 133 57.88 14.65 -29.89
C ASN O 133 57.83 14.33 -28.40
N VAL O 134 58.49 15.07 -27.55
CA VAL O 134 58.78 14.63 -26.19
C VAL O 134 58.49 15.77 -25.24
N ALA O 135 58.07 15.41 -24.02
CA ALA O 135 57.97 16.40 -22.97
C ALA O 135 59.32 17.07 -22.76
N ALA O 136 59.35 18.39 -22.88
CA ALA O 136 60.56 19.17 -22.70
C ALA O 136 60.84 19.51 -21.25
N ARG O 137 60.17 18.87 -20.28
CA ARG O 137 60.55 19.10 -18.90
C ARG O 137 61.65 18.16 -18.44
N ASP O 138 61.49 16.85 -18.67
CA ASP O 138 62.33 15.90 -17.94
C ASP O 138 63.76 15.89 -18.44
N LEU O 139 64.00 16.12 -19.73
CA LEU O 139 65.37 16.20 -20.19
C LEU O 139 66.06 17.47 -19.74
N ALA O 140 65.34 18.36 -19.10
CA ALA O 140 65.85 19.64 -18.65
C ALA O 140 66.67 19.50 -17.38
N PRO O 141 66.28 18.69 -16.40
CA PRO O 141 67.20 18.47 -15.27
C PRO O 141 68.45 17.73 -15.70
N LEU O 142 68.26 16.64 -16.44
CA LEU O 142 69.45 15.89 -16.88
C LEU O 142 70.38 16.74 -17.74
N LEU O 143 69.84 17.71 -18.47
CA LEU O 143 70.69 18.50 -19.33
C LEU O 143 71.23 19.72 -18.61
N ARG O 144 70.42 20.32 -17.75
CA ARG O 144 70.93 21.34 -16.86
C ARG O 144 72.00 20.80 -15.94
N GLN O 145 72.06 19.48 -15.72
CA GLN O 145 73.16 18.88 -14.98
C GLN O 145 74.33 18.54 -15.89
N LEU O 146 74.09 17.72 -16.91
CA LEU O 146 75.16 17.30 -17.80
C LEU O 146 75.92 18.52 -18.29
N ASN O 147 75.20 19.58 -18.58
CA ASN O 147 75.73 20.83 -19.09
C ASN O 147 75.57 21.95 -18.09
N ASP O 148 75.74 21.66 -16.80
CA ASP O 148 75.69 22.77 -15.86
C ASP O 148 77.07 23.38 -15.88
N ASN O 149 77.26 24.33 -16.78
CA ASN O 149 78.56 24.96 -16.87
C ASN O 149 78.68 25.90 -15.68
N ALA O 150 79.67 25.67 -14.83
CA ALA O 150 79.77 26.46 -13.62
C ALA O 150 80.51 27.76 -13.83
N GLY O 151 80.67 28.18 -15.07
CA GLY O 151 81.21 29.47 -15.39
C GLY O 151 80.18 30.37 -16.02
N ALA O 152 78.95 30.29 -15.50
CA ALA O 152 77.78 31.01 -16.04
C ALA O 152 77.35 30.43 -17.40
N GLY O 153 77.38 29.11 -17.51
CA GLY O 153 76.96 28.42 -18.72
C GLY O 153 75.45 28.50 -18.94
N SER O 154 75.02 27.76 -19.95
CA SER O 154 73.65 27.83 -20.46
C SER O 154 72.62 27.47 -19.40
N VAL O 155 71.35 27.66 -19.76
CA VAL O 155 70.20 27.24 -19.00
C VAL O 155 69.21 26.56 -19.95
N VAL O 156 68.14 26.04 -19.39
CA VAL O 156 67.16 25.28 -20.14
C VAL O 156 65.76 25.59 -19.62
N HIS O 157 64.85 25.95 -20.54
CA HIS O 157 63.51 26.29 -20.12
C HIS O 157 62.46 25.73 -21.07
N TYR O 158 61.27 25.59 -20.50
CA TYR O 158 60.12 25.03 -21.18
C TYR O 158 59.06 26.08 -21.40
N GLU O 159 58.53 26.15 -22.62
CA GLU O 159 57.33 26.91 -22.91
C GLU O 159 56.28 25.97 -23.52
N PRO O 160 54.97 26.20 -23.28
CA PRO O 160 53.99 25.26 -23.81
C PRO O 160 54.01 25.15 -25.30
N SER O 161 54.76 25.99 -25.98
CA SER O 161 55.07 25.80 -27.37
C SER O 161 56.32 24.94 -27.60
N ASN O 162 56.82 24.27 -26.56
CA ASN O 162 57.92 23.32 -26.66
C ASN O 162 59.17 23.89 -27.24
N VAL O 163 59.36 25.19 -27.04
CA VAL O 163 60.63 25.78 -27.38
C VAL O 163 61.65 25.04 -26.56
N LEU O 164 62.81 24.79 -27.14
CA LEU O 164 63.92 24.24 -26.40
C LEU O 164 65.13 25.08 -26.75
N LEU O 165 65.59 25.87 -25.77
CA LEU O 165 66.56 26.91 -25.97
C LEU O 165 67.72 26.70 -25.02
N MET O 166 68.89 27.20 -25.43
CA MET O 166 70.04 27.21 -24.56
C MET O 166 71.04 28.18 -25.16
N THR O 167 72.05 28.53 -24.39
CA THR O 167 73.14 29.33 -24.94
C THR O 167 74.48 28.60 -24.94
N GLY O 168 74.99 28.18 -23.79
CA GLY O 168 76.15 27.30 -23.74
C GLY O 168 77.36 27.84 -24.47
N ARG O 169 78.05 26.97 -25.19
CA ARG O 169 79.20 27.25 -26.03
C ARG O 169 78.88 26.77 -27.43
N ALA O 170 79.83 26.89 -28.35
CA ALA O 170 79.56 26.46 -29.70
C ALA O 170 79.91 24.99 -29.92
N ALA O 171 80.83 24.46 -29.13
CA ALA O 171 81.12 23.02 -29.19
C ALA O 171 80.00 22.21 -28.55
N VAL O 172 79.47 22.68 -27.42
CA VAL O 172 78.31 22.08 -26.79
C VAL O 172 77.19 21.87 -27.80
N ILE O 173 77.05 22.80 -28.74
CA ILE O 173 75.98 22.70 -29.72
C ILE O 173 76.02 21.35 -30.41
N LYS O 174 77.20 20.96 -30.91
CA LYS O 174 77.36 19.66 -31.57
C LYS O 174 76.84 18.51 -30.72
N ARG O 175 77.32 18.41 -29.48
CA ARG O 175 76.96 17.28 -28.64
C ARG O 175 75.46 17.27 -28.40
N LEU O 176 74.84 18.43 -28.17
CA LEU O 176 73.43 18.40 -27.78
C LEU O 176 72.46 18.24 -28.95
N LEU O 177 72.69 18.98 -30.04
CA LEU O 177 72.03 18.66 -31.30
C LEU O 177 72.06 17.18 -31.58
N THR O 178 73.25 16.60 -31.50
CA THR O 178 73.34 15.16 -31.70
C THR O 178 72.50 14.40 -30.68
N ILE O 179 72.42 14.90 -29.45
CA ILE O 179 71.64 14.21 -28.45
C ILE O 179 70.19 14.13 -28.89
N VAL O 180 69.55 15.29 -29.06
CA VAL O 180 68.12 15.28 -29.34
C VAL O 180 67.84 14.56 -30.65
N GLU O 181 68.61 14.87 -31.69
CA GLU O 181 68.44 14.20 -32.97
C GLU O 181 68.53 12.70 -32.86
N ARG O 182 69.31 12.17 -31.92
CA ARG O 182 69.26 10.71 -31.80
C ARG O 182 68.09 10.27 -30.94
N VAL O 183 67.88 10.93 -29.80
CA VAL O 183 66.85 10.47 -28.86
C VAL O 183 65.45 10.75 -29.38
N ASP O 184 65.25 11.82 -30.13
CA ASP O 184 63.93 12.05 -30.70
C ASP O 184 63.66 11.13 -31.88
N ASN O 185 64.69 10.78 -32.63
CA ASN O 185 64.55 9.90 -33.77
C ASN O 185 64.42 8.45 -33.34
N ALA O 186 64.19 8.20 -32.05
CA ALA O 186 64.03 6.84 -31.55
C ALA O 186 62.56 6.43 -31.70
N GLY O 187 62.20 6.11 -32.93
CA GLY O 187 61.00 5.35 -33.27
C GLY O 187 59.71 5.79 -32.62
N ASP O 188 59.37 7.06 -32.78
CA ASP O 188 58.12 7.59 -32.25
C ASP O 188 56.92 7.00 -33.00
N ARG O 189 55.73 7.36 -32.52
CA ARG O 189 54.47 6.72 -32.92
C ARG O 189 54.35 6.53 -34.42
N SER O 190 54.06 5.31 -34.83
CA SER O 190 53.66 5.01 -36.18
C SER O 190 52.57 3.95 -36.14
N VAL O 191 51.71 3.97 -37.16
CA VAL O 191 50.50 3.15 -37.19
C VAL O 191 50.59 2.15 -38.32
N VAL O 192 50.01 0.98 -38.11
CA VAL O 192 49.90 -0.03 -39.15
C VAL O 192 48.81 -1.01 -38.71
N THR O 193 48.24 -1.73 -39.67
CA THR O 193 47.11 -2.60 -39.42
C THR O 193 47.39 -4.00 -39.91
N VAL O 194 46.46 -4.91 -39.67
CA VAL O 194 46.52 -6.24 -40.25
C VAL O 194 45.10 -6.68 -40.53
N PRO O 195 44.80 -7.13 -41.72
CA PRO O 195 43.48 -7.72 -41.94
C PRO O 195 43.37 -9.07 -41.27
N LEU O 196 42.26 -9.75 -41.49
CA LEU O 196 42.07 -11.06 -40.89
C LEU O 196 41.14 -11.88 -41.75
N SER O 197 41.58 -13.09 -42.08
CA SER O 197 40.81 -13.98 -42.94
C SER O 197 39.42 -14.34 -42.40
N TRP O 198 39.33 -15.06 -41.29
CA TRP O 198 38.02 -15.53 -40.87
C TRP O 198 37.71 -15.35 -39.39
N ALA O 199 38.70 -15.21 -38.51
CA ALA O 199 38.42 -15.19 -37.08
C ALA O 199 37.69 -13.93 -36.64
N SER O 200 37.13 -13.99 -35.44
CA SER O 200 36.41 -12.87 -34.84
C SER O 200 37.35 -11.69 -34.59
N ALA O 201 36.81 -10.48 -34.75
CA ALA O 201 37.63 -9.28 -34.54
C ALA O 201 37.53 -8.81 -33.08
N ALA O 202 36.40 -8.23 -32.71
CA ALA O 202 36.24 -7.66 -31.37
C ALA O 202 36.59 -8.65 -30.27
N GLU O 203 36.57 -9.94 -30.58
CA GLU O 203 36.85 -10.94 -29.58
C GLU O 203 38.32 -11.02 -29.29
N VAL O 204 39.15 -10.84 -30.31
CA VAL O 204 40.60 -10.96 -30.12
C VAL O 204 41.12 -9.84 -29.25
N VAL O 205 40.96 -8.59 -29.70
CA VAL O 205 41.41 -7.48 -28.89
C VAL O 205 40.70 -7.50 -27.53
N LYS O 206 39.40 -7.74 -27.55
CA LYS O 206 38.69 -8.07 -26.31
C LYS O 206 39.44 -9.10 -25.47
N LEU O 207 40.34 -9.88 -26.08
CA LEU O 207 41.17 -10.84 -25.34
C LEU O 207 42.67 -10.59 -25.53
N VAL O 208 43.12 -9.37 -25.82
CA VAL O 208 44.55 -9.20 -25.89
C VAL O 208 45.03 -8.49 -24.63
N THR O 209 44.25 -7.50 -24.19
CA THR O 209 44.58 -6.74 -23.00
C THR O 209 44.34 -7.53 -21.74
N GLU O 210 44.21 -8.84 -21.86
CA GLU O 210 44.16 -9.74 -20.72
C GLU O 210 45.38 -10.66 -20.68
N LEU O 211 45.95 -10.95 -21.84
CA LEU O 211 47.16 -11.73 -21.91
C LEU O 211 48.43 -10.89 -21.85
N ASN O 212 48.40 -9.65 -22.37
CA ASN O 212 49.56 -8.77 -22.32
C ASN O 212 49.12 -7.41 -21.80
N LYS O 213 48.83 -7.31 -20.51
CA LYS O 213 48.30 -6.09 -19.96
C LYS O 213 49.24 -5.35 -19.02
N ASP O 214 49.82 -6.01 -18.02
CA ASP O 214 50.55 -5.29 -16.99
C ASP O 214 51.35 -6.31 -16.18
N THR O 215 51.95 -5.81 -15.11
CA THR O 215 52.69 -6.60 -14.14
C THR O 215 52.63 -5.87 -12.82
N SER O 216 53.10 -6.52 -11.76
CA SER O 216 53.18 -5.91 -10.44
C SER O 216 53.86 -4.56 -10.46
N LYS O 217 54.74 -4.35 -11.42
CA LYS O 217 55.40 -3.07 -11.62
C LYS O 217 55.39 -2.83 -13.12
N SER O 218 55.00 -1.62 -13.52
CA SER O 218 54.91 -1.27 -14.93
C SER O 218 56.20 -1.52 -15.67
N ALA O 219 56.09 -2.05 -16.89
CA ALA O 219 57.26 -2.31 -17.71
C ALA O 219 57.95 -0.98 -17.87
N LEU O 220 57.15 0.08 -18.00
CA LEU O 220 57.68 1.43 -18.14
C LEU O 220 56.57 2.47 -18.27
N PRO O 221 56.96 3.74 -18.41
CA PRO O 221 55.97 4.81 -18.57
C PRO O 221 55.08 4.54 -19.78
N GLY O 222 54.03 5.33 -19.96
CA GLY O 222 53.13 5.15 -21.07
C GLY O 222 53.67 5.07 -22.48
N SER O 223 54.93 5.41 -22.73
CA SER O 223 55.45 5.32 -24.07
C SER O 223 56.27 4.05 -24.23
N MET O 224 56.64 3.76 -25.48
CA MET O 224 57.31 2.51 -25.84
C MET O 224 56.45 1.29 -25.53
N VAL O 225 55.13 1.44 -25.60
CA VAL O 225 54.19 0.34 -25.41
C VAL O 225 52.92 0.70 -26.17
N ALA O 226 52.32 -0.30 -26.80
CA ALA O 226 51.34 -0.03 -27.83
C ALA O 226 49.95 -0.26 -27.27
N ASN O 227 48.99 0.48 -27.81
CA ASN O 227 47.59 0.26 -27.52
C ASN O 227 46.88 -0.30 -28.75
N VAL O 228 45.74 -0.95 -28.52
CA VAL O 228 45.09 -1.71 -29.58
C VAL O 228 43.59 -1.43 -29.50
N VAL O 229 42.99 -1.07 -30.63
CA VAL O 229 41.55 -1.04 -30.83
C VAL O 229 41.24 -1.68 -32.17
N ALA O 230 39.94 -1.76 -32.47
CA ALA O 230 39.54 -2.41 -33.71
C ALA O 230 38.12 -1.95 -34.03
N ASP O 231 37.83 -1.89 -35.31
CA ASP O 231 36.46 -1.72 -35.76
C ASP O 231 35.92 -3.08 -36.13
N GLU O 232 34.60 -3.14 -36.20
CA GLU O 232 33.96 -4.34 -36.65
C GLU O 232 33.63 -4.28 -38.13
N ARG O 233 34.10 -3.25 -38.81
CA ARG O 233 33.56 -2.97 -40.12
C ARG O 233 34.33 -3.70 -41.21
N THR O 234 35.64 -3.61 -41.21
CA THR O 234 36.47 -4.33 -42.17
C THR O 234 37.11 -5.57 -41.59
N ASN O 235 36.86 -5.87 -40.32
CA ASN O 235 37.37 -7.10 -39.71
C ASN O 235 38.90 -7.06 -39.66
N ALA O 236 39.45 -5.89 -39.38
CA ALA O 236 40.88 -5.79 -39.10
C ALA O 236 41.06 -5.07 -37.77
N VAL O 237 42.30 -5.05 -37.31
CA VAL O 237 42.63 -4.58 -35.97
C VAL O 237 43.75 -3.54 -36.07
N LEU O 238 43.76 -2.61 -35.11
CA LEU O 238 44.62 -1.43 -35.15
C LEU O 238 45.73 -1.55 -34.11
N VAL O 239 46.96 -1.17 -34.48
CA VAL O 239 48.04 -1.05 -33.52
C VAL O 239 48.81 0.24 -33.79
N SER O 240 49.47 0.73 -32.75
CA SER O 240 50.30 1.91 -32.89
C SER O 240 51.37 1.86 -31.81
N GLY O 241 52.60 2.26 -32.16
CA GLY O 241 53.69 2.08 -31.20
C GLY O 241 55.03 2.11 -31.89
N GLU O 242 55.96 1.38 -31.29
CA GLU O 242 57.37 1.49 -31.62
C GLU O 242 57.89 0.24 -32.31
N PRO O 243 58.91 0.39 -33.17
CA PRO O 243 59.33 -0.70 -34.03
C PRO O 243 59.92 -1.89 -33.31
N ASN O 244 60.04 -1.87 -31.99
CA ASN O 244 60.32 -3.09 -31.24
C ASN O 244 59.24 -3.39 -30.22
N SER O 245 58.09 -2.73 -30.31
CA SER O 245 56.91 -3.08 -29.51
C SER O 245 55.81 -3.74 -30.31
N ARG O 246 55.57 -3.24 -31.53
CA ARG O 246 54.45 -3.75 -32.30
C ARG O 246 54.71 -5.17 -32.76
N GLN O 247 55.97 -5.49 -33.03
CA GLN O 247 56.30 -6.81 -33.57
C GLN O 247 55.76 -7.89 -32.69
N ARG O 248 55.78 -7.66 -31.38
CA ARG O 248 55.15 -8.60 -30.46
C ARG O 248 53.67 -8.75 -30.77
N ILE O 249 52.96 -7.64 -30.95
CA ILE O 249 51.52 -7.73 -31.22
C ILE O 249 51.26 -8.53 -32.47
N ILE O 250 52.02 -8.26 -33.52
CA ILE O 250 51.84 -9.04 -34.74
C ILE O 250 52.18 -10.50 -34.48
N ALA O 251 53.08 -10.76 -33.54
CA ALA O 251 53.40 -12.15 -33.22
C ALA O 251 52.17 -12.84 -32.69
N MET O 252 51.54 -12.26 -31.67
CA MET O 252 50.37 -12.90 -31.11
C MET O 252 49.30 -13.08 -32.17
N ILE O 253 49.00 -12.04 -32.94
CA ILE O 253 47.92 -12.23 -33.89
C ILE O 253 48.29 -13.32 -34.92
N LYS O 254 49.57 -13.44 -35.29
CA LYS O 254 49.95 -14.53 -36.18
C LYS O 254 49.62 -15.87 -35.54
N GLN O 255 49.82 -15.96 -34.22
CA GLN O 255 49.53 -17.19 -33.50
C GLN O 255 48.03 -17.37 -33.30
N LEU O 256 47.35 -16.29 -32.93
CA LEU O 256 45.91 -16.31 -32.71
C LEU O 256 45.18 -16.64 -33.98
N ASP O 257 45.68 -16.14 -35.11
CA ASP O 257 45.00 -16.31 -36.39
C ASP O 257 45.28 -17.71 -36.92
N ARG O 258 44.63 -18.66 -36.30
CA ARG O 258 44.76 -20.06 -36.67
C ARG O 258 43.48 -20.53 -37.35
N GLN O 259 43.58 -21.69 -37.99
CA GLN O 259 42.45 -22.28 -38.69
C GLN O 259 41.84 -23.34 -37.81
N GLN O 260 40.52 -23.51 -37.91
CA GLN O 260 39.84 -24.51 -37.09
C GLN O 260 39.79 -25.90 -37.71
N ALA O 261 40.21 -26.92 -36.96
CA ALA O 261 40.16 -28.28 -37.49
C ALA O 261 38.72 -28.56 -37.88
N VAL O 262 37.81 -28.36 -36.94
CA VAL O 262 36.39 -28.55 -37.13
C VAL O 262 35.72 -27.66 -36.10
N GLN O 263 34.72 -26.89 -36.50
CA GLN O 263 34.02 -26.02 -35.56
C GLN O 263 33.15 -26.89 -34.68
N GLY O 264 33.44 -26.91 -33.38
CA GLY O 264 32.66 -27.74 -32.49
C GLY O 264 31.77 -26.94 -31.57
N ASN O 265 31.76 -25.63 -31.74
CA ASN O 265 30.88 -24.79 -30.93
C ASN O 265 29.43 -25.29 -31.00
N THR O 266 29.00 -25.74 -32.18
CA THR O 266 27.70 -26.37 -32.35
C THR O 266 27.81 -27.51 -33.33
N LYS O 267 27.24 -28.66 -32.99
CA LYS O 267 27.18 -29.77 -33.93
C LYS O 267 25.80 -30.40 -33.92
N VAL O 268 25.36 -30.82 -35.11
CA VAL O 268 23.98 -31.22 -35.36
C VAL O 268 23.94 -32.72 -35.49
N ILE O 269 23.14 -33.38 -34.66
CA ILE O 269 23.05 -34.81 -34.72
C ILE O 269 21.73 -35.18 -35.40
N TYR O 270 21.61 -36.46 -35.78
CA TYR O 270 20.42 -36.99 -36.42
C TYR O 270 20.04 -38.25 -35.64
N LEU O 271 18.88 -38.25 -35.01
CA LEU O 271 18.43 -39.39 -34.23
C LEU O 271 17.60 -40.32 -35.10
N LYS O 272 17.72 -41.63 -34.86
CA LYS O 272 17.23 -42.59 -35.83
C LYS O 272 15.86 -43.18 -35.49
N TYR O 273 15.63 -43.64 -34.24
CA TYR O 273 14.37 -44.34 -33.93
C TYR O 273 13.43 -43.64 -32.96
N ALA O 274 13.90 -42.78 -32.09
CA ALA O 274 13.03 -42.03 -31.21
C ALA O 274 12.71 -40.68 -31.81
N LYS O 275 11.56 -40.14 -31.45
CA LYS O 275 11.31 -38.78 -31.90
C LYS O 275 12.12 -37.83 -31.02
N ALA O 276 12.17 -36.56 -31.40
CA ALA O 276 12.97 -35.60 -30.67
C ALA O 276 12.13 -34.71 -29.79
N ALA O 277 10.81 -34.69 -30.00
CA ALA O 277 9.95 -33.87 -29.17
C ALA O 277 10.06 -34.29 -27.71
N ASP O 278 9.88 -35.57 -27.41
CA ASP O 278 10.03 -36.00 -26.02
C ASP O 278 11.43 -35.71 -25.53
N LEU O 279 12.44 -35.95 -26.36
CA LEU O 279 13.82 -35.86 -25.90
C LEU O 279 14.17 -34.45 -25.46
N VAL O 280 13.72 -33.42 -26.18
CA VAL O 280 14.05 -32.06 -25.74
C VAL O 280 13.68 -31.87 -24.27
N GLU O 281 12.47 -32.27 -23.91
CA GLU O 281 11.99 -31.92 -22.58
C GLU O 281 12.54 -32.87 -21.52
N VAL O 282 12.63 -34.18 -21.83
CA VAL O 282 13.30 -35.11 -20.93
C VAL O 282 14.71 -34.65 -20.62
N LEU O 283 15.45 -34.28 -21.65
CA LEU O 283 16.82 -33.81 -21.46
C LEU O 283 16.78 -32.30 -21.31
N THR O 284 16.79 -31.84 -20.08
CA THR O 284 17.02 -30.42 -19.87
C THR O 284 18.19 -30.09 -18.94
N GLY O 285 18.62 -31.01 -18.08
CA GLY O 285 19.56 -30.51 -17.07
C GLY O 285 20.80 -31.28 -16.68
N ILE O 286 21.68 -31.63 -17.64
CA ILE O 286 22.88 -32.40 -17.30
C ILE O 286 23.74 -31.65 -16.31
N SER O 287 24.27 -30.50 -16.72
CA SER O 287 25.41 -29.90 -16.06
C SER O 287 25.14 -28.53 -15.49
N SER O 288 24.04 -27.89 -15.85
CA SER O 288 23.62 -26.65 -15.19
C SER O 288 23.39 -26.87 -13.71
N LYS O 305 27.48 -21.60 -19.51
CA LYS O 305 26.33 -21.11 -18.74
C LYS O 305 25.34 -22.23 -18.52
N ASN O 306 24.84 -22.77 -19.62
CA ASN O 306 23.80 -23.76 -19.61
C ASN O 306 23.91 -24.52 -20.92
N ILE O 307 23.09 -25.54 -21.06
CA ILE O 307 23.01 -26.32 -22.28
C ILE O 307 21.63 -26.06 -22.87
N ILE O 308 21.61 -25.51 -24.07
CA ILE O 308 20.36 -25.20 -24.76
C ILE O 308 20.17 -26.25 -25.82
N ILE O 309 19.22 -27.14 -25.63
CA ILE O 309 18.92 -28.11 -26.66
C ILE O 309 17.71 -27.64 -27.44
N LYS O 310 17.84 -27.69 -28.76
CA LYS O 310 16.77 -27.36 -29.66
C LYS O 310 16.48 -28.57 -30.56
N ALA O 311 15.21 -28.80 -30.85
CA ALA O 311 14.81 -29.90 -31.71
C ALA O 311 14.08 -29.36 -32.94
N HIS O 312 14.32 -29.99 -34.10
CA HIS O 312 13.78 -29.37 -35.30
C HIS O 312 12.33 -29.82 -35.52
N GLY O 313 12.09 -31.12 -35.62
CA GLY O 313 10.78 -31.66 -35.91
C GLY O 313 10.41 -31.72 -37.37
N GLN O 314 11.05 -30.94 -38.23
CA GLN O 314 10.66 -30.97 -39.62
C GLN O 314 11.60 -31.80 -40.48
N THR O 315 12.83 -32.01 -40.02
CA THR O 315 13.65 -33.11 -40.48
C THR O 315 13.82 -34.17 -39.41
N ASN O 316 13.20 -34.00 -38.24
CA ASN O 316 13.39 -34.92 -37.11
C ASN O 316 14.87 -35.04 -36.75
N ALA O 317 15.49 -33.90 -36.54
CA ALA O 317 16.85 -33.88 -36.03
C ALA O 317 16.94 -32.79 -34.97
N LEU O 318 17.89 -32.98 -34.04
CA LEU O 318 18.03 -32.09 -32.91
C LEU O 318 19.44 -31.51 -32.87
N ILE O 319 19.56 -30.36 -32.23
CA ILE O 319 20.84 -29.68 -32.10
C ILE O 319 21.35 -29.68 -30.67
N VAL O 320 22.61 -29.25 -30.52
CA VAL O 320 23.28 -29.15 -29.24
C VAL O 320 24.20 -27.95 -29.45
N THR O 321 23.84 -26.83 -28.86
CA THR O 321 24.67 -25.64 -28.88
C THR O 321 24.92 -25.41 -27.41
N ALA O 322 25.80 -26.23 -26.86
CA ALA O 322 26.06 -26.15 -25.43
C ALA O 322 27.54 -26.34 -25.35
N ALA O 323 28.01 -26.79 -24.19
CA ALA O 323 29.44 -27.02 -24.05
C ALA O 323 30.18 -27.71 -25.18
N PRO O 324 31.22 -27.06 -25.69
CA PRO O 324 32.02 -27.62 -26.80
C PRO O 324 33.15 -28.55 -26.34
N ASP O 325 33.08 -29.04 -25.11
CA ASP O 325 34.10 -29.93 -24.59
C ASP O 325 33.59 -31.17 -23.90
N VAL O 326 32.32 -31.22 -23.54
CA VAL O 326 31.92 -32.43 -22.81
C VAL O 326 30.78 -33.09 -23.56
N MET O 327 30.54 -32.61 -24.78
CA MET O 327 29.48 -33.14 -25.62
C MET O 327 29.52 -34.66 -25.62
N ASN O 328 30.71 -35.21 -25.37
CA ASN O 328 30.84 -36.66 -25.34
C ASN O 328 29.91 -37.30 -24.35
N ASP O 329 29.60 -36.59 -23.27
CA ASP O 329 28.60 -37.04 -22.32
C ASP O 329 27.19 -37.00 -22.89
N LEU O 330 27.02 -36.43 -24.07
CA LEU O 330 25.75 -36.43 -24.75
C LEU O 330 25.74 -37.44 -25.86
N GLU O 331 26.80 -37.50 -26.67
CA GLU O 331 26.85 -38.58 -27.63
C GLU O 331 26.68 -39.96 -26.99
N ARG O 332 27.29 -40.19 -25.83
CA ARG O 332 27.10 -41.49 -25.22
C ARG O 332 25.65 -41.69 -24.82
N VAL O 333 25.02 -40.65 -24.27
CA VAL O 333 23.70 -40.92 -23.73
C VAL O 333 22.69 -41.04 -24.87
N ILE O 334 22.77 -40.19 -25.90
CA ILE O 334 21.84 -40.38 -27.00
C ILE O 334 22.07 -41.72 -27.68
N ALA O 335 23.34 -42.14 -27.81
CA ALA O 335 23.61 -43.45 -28.37
C ALA O 335 22.99 -44.57 -27.53
N GLN O 336 22.95 -44.39 -26.21
CA GLN O 336 22.18 -45.31 -25.42
C GLN O 336 20.71 -44.99 -25.40
N LEU O 337 20.26 -43.97 -26.10
CA LEU O 337 18.85 -43.65 -26.12
C LEU O 337 18.18 -43.77 -27.49
N ASP O 338 18.89 -44.23 -28.51
CA ASP O 338 18.27 -44.46 -29.82
C ASP O 338 18.42 -45.94 -30.18
N ILE O 339 17.32 -46.70 -30.12
CA ILE O 339 17.38 -48.16 -30.18
C ILE O 339 16.08 -48.72 -30.74
N ARG O 340 16.18 -49.63 -31.72
CA ARG O 340 15.01 -50.30 -32.26
C ARG O 340 14.19 -50.92 -31.15
N ARG O 341 12.87 -50.90 -31.27
CA ARG O 341 12.06 -51.46 -30.21
C ARG O 341 11.17 -52.60 -30.69
N PRO O 342 11.20 -53.74 -30.01
CA PRO O 342 10.34 -54.86 -30.34
C PRO O 342 8.91 -54.64 -29.87
N GLN O 343 7.99 -55.27 -30.58
CA GLN O 343 6.57 -55.12 -30.33
C GLN O 343 5.91 -56.49 -30.17
N VAL O 344 4.82 -56.52 -29.44
CA VAL O 344 4.23 -57.76 -28.95
C VAL O 344 2.81 -57.90 -29.47
N LEU O 345 2.40 -59.14 -29.78
CA LEU O 345 1.08 -59.45 -30.29
C LEU O 345 0.23 -60.01 -29.18
N VAL O 346 -0.89 -59.36 -28.89
CA VAL O 346 -1.78 -59.77 -27.80
C VAL O 346 -3.10 -60.22 -28.42
N GLU O 347 -3.54 -61.39 -28.04
CA GLU O 347 -4.88 -61.88 -28.35
C GLU O 347 -5.52 -62.49 -27.10
N ALA O 348 -6.77 -62.17 -26.88
CA ALA O 348 -7.53 -62.76 -25.79
C ALA O 348 -8.74 -63.47 -26.37
N ILE O 349 -9.24 -64.45 -25.62
CA ILE O 349 -10.35 -65.26 -26.08
C ILE O 349 -11.32 -65.37 -24.94
N ILE O 350 -12.60 -65.45 -25.26
CA ILE O 350 -13.63 -65.68 -24.26
C ILE O 350 -14.66 -66.63 -24.80
N ALA O 351 -15.36 -67.32 -23.90
CA ALA O 351 -16.42 -68.18 -24.35
C ALA O 351 -17.24 -68.59 -23.15
N GLU O 352 -18.52 -68.80 -23.38
CA GLU O 352 -19.42 -69.18 -22.30
C GLU O 352 -20.56 -69.99 -22.90
N VAL O 353 -21.42 -70.50 -22.02
CA VAL O 353 -22.63 -71.19 -22.44
C VAL O 353 -23.72 -70.75 -21.47
N GLN O 354 -24.94 -70.69 -21.98
CA GLN O 354 -26.08 -70.34 -21.16
C GLN O 354 -27.17 -71.34 -21.49
N ASP O 355 -27.63 -72.05 -20.48
CA ASP O 355 -28.56 -73.14 -20.66
C ASP O 355 -29.61 -73.09 -19.56
N ALA O 356 -30.81 -73.53 -19.89
CA ALA O 356 -31.86 -73.56 -18.90
C ALA O 356 -32.83 -74.66 -19.25
N ASP O 357 -33.20 -75.43 -18.23
CA ASP O 357 -34.18 -76.50 -18.39
C ASP O 357 -35.41 -76.17 -17.56
N GLY O 358 -36.54 -76.71 -17.99
CA GLY O 358 -37.79 -76.45 -17.33
C GLY O 358 -38.83 -77.53 -17.56
N LEU O 359 -39.62 -77.84 -16.54
CA LEU O 359 -40.64 -78.87 -16.67
C LEU O 359 -41.86 -78.43 -15.88
N ASN O 360 -42.99 -79.02 -16.18
CA ASN O 360 -44.19 -78.80 -15.36
C ASN O 360 -45.16 -79.94 -15.62
N LEU O 361 -46.15 -80.04 -14.75
CA LEU O 361 -47.16 -81.08 -14.83
C LEU O 361 -48.26 -80.83 -13.83
N GLY O 362 -49.50 -81.14 -14.21
CA GLY O 362 -50.65 -80.94 -13.35
C GLY O 362 -51.99 -81.22 -14.02
N ILE O 363 -52.99 -81.64 -13.24
CA ILE O 363 -54.33 -81.97 -13.74
C ILE O 363 -55.37 -81.09 -13.02
N GLN O 364 -56.62 -81.20 -13.48
CA GLN O 364 -57.71 -80.51 -12.83
C GLN O 364 -59.03 -81.22 -13.10
N TRP O 365 -59.95 -81.12 -12.12
CA TRP O 365 -61.22 -81.85 -12.13
C TRP O 365 -62.39 -80.89 -11.96
N ALA O 366 -63.57 -81.36 -12.33
CA ALA O 366 -64.76 -80.54 -12.32
C ALA O 366 -66.00 -81.41 -12.35
N ASN O 367 -67.04 -81.01 -11.62
CA ASN O 367 -68.29 -81.75 -11.65
C ASN O 367 -69.38 -80.83 -11.14
N LYS O 368 -70.52 -80.84 -11.85
CA LYS O 368 -71.64 -79.97 -11.46
C LYS O 368 -72.06 -80.25 -10.02
N ASN O 369 -72.15 -81.52 -9.64
CA ASN O 369 -72.57 -81.87 -8.30
C ASN O 369 -71.43 -81.94 -7.31
N ALA O 370 -70.18 -81.82 -7.77
CA ALA O 370 -69.03 -82.10 -6.94
C ALA O 370 -68.08 -80.90 -6.92
N GLY O 371 -66.89 -81.12 -6.41
CA GLY O 371 -65.97 -80.03 -6.12
C GLY O 371 -65.36 -79.35 -7.31
N MET O 372 -64.18 -78.77 -7.11
CA MET O 372 -63.49 -78.05 -8.18
C MET O 372 -62.02 -77.93 -7.82
N THR O 373 -61.14 -78.50 -8.68
CA THR O 373 -59.71 -78.55 -8.44
C THR O 373 -59.03 -77.65 -9.46
N GLN O 374 -58.66 -76.45 -9.04
CA GLN O 374 -58.15 -75.44 -9.93
C GLN O 374 -56.65 -75.23 -9.74
N PHE O 375 -55.96 -74.86 -10.80
CA PHE O 375 -54.56 -74.49 -10.70
C PHE O 375 -54.26 -73.38 -11.69
N THR O 376 -53.89 -72.19 -11.20
CA THR O 376 -53.72 -71.05 -12.07
C THR O 376 -52.35 -71.05 -12.72
N ASN O 377 -51.34 -71.59 -12.05
CA ASN O 377 -50.03 -71.61 -12.65
C ASN O 377 -50.04 -72.31 -14.00
N SER O 378 -50.99 -73.21 -14.21
CA SER O 378 -51.00 -74.04 -15.40
C SER O 378 -51.20 -73.25 -16.68
N GLY O 379 -51.76 -72.06 -16.57
CA GLY O 379 -52.07 -71.26 -17.73
C GLY O 379 -53.55 -71.25 -18.09
N LEU O 380 -54.34 -72.14 -17.49
CA LEU O 380 -55.75 -72.24 -17.81
C LEU O 380 -56.54 -72.77 -16.63
N PRO O 381 -57.48 -72.01 -16.11
CA PRO O 381 -58.38 -72.55 -15.08
C PRO O 381 -59.37 -73.55 -15.65
N ILE O 382 -60.18 -74.12 -14.77
CA ILE O 382 -61.38 -74.78 -15.26
C ILE O 382 -62.34 -73.74 -15.80
N SER O 383 -62.26 -72.51 -15.29
CA SER O 383 -63.11 -71.43 -15.76
C SER O 383 -63.07 -71.33 -17.28
N THR O 384 -61.89 -71.53 -17.85
CA THR O 384 -61.78 -71.60 -19.30
C THR O 384 -62.66 -72.69 -19.89
N ALA O 385 -62.84 -73.77 -19.15
CA ALA O 385 -63.60 -74.89 -19.69
C ALA O 385 -65.09 -74.71 -19.49
N ILE O 386 -65.51 -74.58 -18.24
CA ILE O 386 -66.91 -74.35 -17.97
C ILE O 386 -67.44 -73.17 -18.76
N ALA O 387 -66.62 -72.14 -18.95
CA ALA O 387 -67.01 -71.06 -19.82
C ALA O 387 -66.77 -71.36 -21.28
N GLY O 388 -66.04 -72.41 -21.62
CA GLY O 388 -65.73 -72.63 -23.02
C GLY O 388 -66.82 -73.45 -23.70
N ALA O 389 -67.38 -74.40 -22.94
CA ALA O 389 -68.28 -75.36 -23.54
C ALA O 389 -69.74 -74.94 -23.42
N ASN O 390 -70.16 -74.41 -22.27
CA ASN O 390 -71.50 -73.86 -22.18
C ASN O 390 -71.68 -72.64 -23.08
N GLN O 391 -70.64 -71.83 -23.24
CA GLN O 391 -70.70 -70.77 -24.24
C GLN O 391 -70.61 -71.31 -25.65
N TYR O 392 -69.81 -72.36 -25.84
CA TYR O 392 -69.69 -72.94 -27.18
C TYR O 392 -71.05 -73.48 -27.61
N ASN O 393 -71.50 -74.53 -26.93
CA ASN O 393 -72.75 -75.20 -27.26
C ASN O 393 -73.98 -74.35 -26.99
N LYS O 394 -73.85 -73.27 -26.20
CA LYS O 394 -74.91 -72.28 -26.22
C LYS O 394 -74.93 -71.54 -27.56
N ASP O 395 -73.81 -70.91 -27.93
CA ASP O 395 -73.71 -70.28 -29.24
C ASP O 395 -73.66 -71.29 -30.37
N GLY O 396 -73.43 -72.55 -30.08
CA GLY O 396 -73.17 -73.55 -31.12
C GLY O 396 -71.70 -73.66 -31.44
N THR O 397 -71.00 -72.54 -31.48
CA THR O 397 -69.60 -72.55 -31.89
C THR O 397 -68.81 -71.57 -31.03
N ILE O 398 -67.55 -71.36 -31.40
CA ILE O 398 -66.68 -70.48 -30.63
C ILE O 398 -67.21 -69.07 -30.71
N SER O 399 -67.08 -68.35 -29.60
CA SER O 399 -67.26 -66.91 -29.58
C SER O 399 -66.02 -66.29 -28.93
N SER O 400 -65.52 -65.21 -29.53
CA SER O 400 -64.27 -64.58 -29.08
C SER O 400 -64.30 -64.15 -27.62
N SER O 401 -65.47 -64.14 -26.99
CA SER O 401 -65.57 -63.83 -25.57
C SER O 401 -64.72 -64.78 -24.71
N LEU O 402 -64.37 -65.93 -25.25
CA LEU O 402 -63.69 -66.94 -24.47
C LEU O 402 -62.26 -66.49 -24.13
N ALA O 403 -61.64 -67.21 -23.22
CA ALA O 403 -60.38 -66.80 -22.62
C ALA O 403 -59.32 -66.63 -23.70
N SER O 404 -58.88 -65.41 -23.94
CA SER O 404 -57.82 -65.19 -24.93
C SER O 404 -56.49 -65.80 -24.54
N ALA O 405 -56.41 -66.40 -23.35
CA ALA O 405 -55.17 -67.04 -22.91
C ALA O 405 -54.73 -68.15 -23.86
N LEU O 406 -55.69 -68.79 -24.54
CA LEU O 406 -55.36 -69.85 -25.48
C LEU O 406 -54.32 -69.41 -26.50
N GLY O 407 -54.32 -68.12 -26.86
CA GLY O 407 -53.36 -67.59 -27.80
C GLY O 407 -51.93 -67.74 -27.35
N SER O 408 -51.71 -67.96 -26.08
CA SER O 408 -50.35 -68.04 -25.56
C SER O 408 -49.97 -69.44 -25.09
N PHE O 409 -50.94 -70.33 -24.93
CA PHE O 409 -50.68 -71.62 -24.32
C PHE O 409 -49.67 -72.41 -25.15
N ASN O 410 -48.97 -73.31 -24.47
CA ASN O 410 -48.06 -74.25 -25.13
C ASN O 410 -48.11 -75.57 -24.38
N GLY O 411 -47.94 -76.66 -25.14
CA GLY O 411 -47.99 -77.98 -24.56
C GLY O 411 -49.17 -78.80 -25.05
N ILE O 412 -49.61 -79.74 -24.22
CA ILE O 412 -50.71 -80.62 -24.56
C ILE O 412 -51.70 -80.65 -23.39
N ALA O 413 -52.94 -80.96 -23.72
CA ALA O 413 -53.96 -81.23 -22.74
C ALA O 413 -55.05 -82.06 -23.42
N ALA O 414 -55.58 -83.04 -22.72
CA ALA O 414 -56.40 -84.08 -23.34
C ALA O 414 -57.81 -83.99 -22.79
N GLY O 415 -58.78 -83.83 -23.67
CA GLY O 415 -60.17 -83.66 -23.25
C GLY O 415 -60.86 -84.98 -23.04
N PHE O 416 -61.53 -85.11 -21.89
CA PHE O 416 -62.28 -86.29 -21.56
C PHE O 416 -63.58 -85.91 -20.88
N TYR O 417 -64.63 -86.67 -21.15
CA TYR O 417 -65.94 -86.45 -20.54
C TYR O 417 -66.69 -87.77 -20.43
N GLN O 418 -67.08 -88.15 -19.23
CA GLN O 418 -67.94 -89.32 -19.01
C GLN O 418 -68.98 -88.93 -17.96
N GLY O 419 -70.10 -88.42 -18.43
CA GLY O 419 -71.15 -88.00 -17.53
C GLY O 419 -70.75 -86.75 -16.79
N ASN O 420 -70.64 -86.86 -15.47
CA ASN O 420 -70.57 -85.71 -14.61
C ASN O 420 -69.17 -85.14 -14.43
N TRP O 421 -68.13 -85.93 -14.74
CA TRP O 421 -66.78 -85.54 -14.38
C TRP O 421 -66.05 -84.99 -15.61
N ALA O 422 -64.80 -84.60 -15.38
CA ALA O 422 -63.87 -84.15 -16.41
C ALA O 422 -62.48 -84.09 -15.80
N MET O 423 -61.48 -84.03 -16.67
CA MET O 423 -60.12 -83.87 -16.17
C MET O 423 -59.26 -83.40 -17.33
N LEU O 424 -58.26 -82.57 -17.00
CA LEU O 424 -57.34 -82.02 -17.98
C LEU O 424 -55.91 -82.26 -17.50
N LEU O 425 -55.15 -83.00 -18.28
CA LEU O 425 -53.72 -83.18 -18.05
C LEU O 425 -52.94 -82.05 -18.70
N THR O 426 -51.85 -81.64 -18.07
CA THR O 426 -51.10 -80.47 -18.52
C THR O 426 -49.62 -80.71 -18.26
N ALA O 427 -48.81 -80.53 -19.30
CA ALA O 427 -47.37 -80.67 -19.15
C ALA O 427 -46.70 -80.04 -20.34
N LEU O 428 -45.41 -79.82 -20.20
CA LEU O 428 -44.58 -79.31 -21.27
C LEU O 428 -43.13 -79.42 -20.85
N SER O 429 -42.26 -79.49 -21.84
CA SER O 429 -40.84 -79.41 -21.59
C SER O 429 -40.27 -78.32 -22.46
N SER O 430 -39.35 -77.55 -21.91
CA SER O 430 -38.74 -76.47 -22.64
C SER O 430 -37.28 -76.35 -22.22
N SER O 431 -36.44 -76.06 -23.19
CA SER O 431 -35.03 -75.88 -22.92
C SER O 431 -34.50 -74.84 -23.88
N THR O 432 -33.33 -74.31 -23.54
CA THR O 432 -32.72 -73.26 -24.34
C THR O 432 -31.23 -73.30 -24.12
N LYS O 433 -30.46 -73.09 -25.20
CA LYS O 433 -29.02 -73.17 -25.13
C LYS O 433 -28.39 -72.01 -25.91
N ASN O 434 -27.30 -71.47 -25.38
CA ASN O 434 -26.66 -70.29 -25.93
C ASN O 434 -25.17 -70.39 -25.78
N ASP O 435 -24.44 -69.97 -26.81
CA ASP O 435 -22.99 -69.98 -26.85
C ASP O 435 -22.50 -68.69 -27.49
N ILE O 436 -21.22 -68.40 -27.27
CA ILE O 436 -20.57 -67.20 -27.76
C ILE O 436 -19.08 -67.51 -27.85
N LEU O 437 -18.34 -66.64 -28.53
CA LEU O 437 -16.91 -66.80 -28.66
C LEU O 437 -16.35 -65.50 -29.17
N ALA O 438 -15.20 -65.09 -28.64
CA ALA O 438 -14.64 -63.79 -29.05
C ALA O 438 -13.13 -63.85 -29.01
N THR O 439 -12.50 -63.71 -30.17
CA THR O 439 -11.04 -63.76 -30.27
C THR O 439 -10.56 -62.53 -31.02
N PRO O 440 -10.23 -61.44 -30.31
CA PRO O 440 -9.51 -60.35 -30.97
C PRO O 440 -8.02 -60.36 -30.76
N SER O 441 -7.28 -59.73 -31.69
CA SER O 441 -5.82 -59.75 -31.66
C SER O 441 -5.30 -58.43 -32.20
N ILE O 442 -4.13 -58.02 -31.71
CA ILE O 442 -3.60 -56.72 -32.07
C ILE O 442 -2.09 -56.63 -31.85
N VAL O 443 -1.46 -55.58 -32.37
CA VAL O 443 -0.03 -55.31 -32.24
C VAL O 443 0.13 -53.84 -31.95
N THR O 444 1.23 -53.51 -31.29
CA THR O 444 1.54 -52.14 -30.94
C THR O 444 2.97 -52.12 -30.40
N LEU O 445 3.42 -50.93 -30.03
CA LEU O 445 4.71 -50.89 -29.37
C LEU O 445 4.46 -51.07 -27.89
N ASP O 446 5.53 -51.04 -27.09
CA ASP O 446 5.33 -51.33 -25.66
C ASP O 446 4.64 -50.17 -24.97
N ASN O 447 5.27 -49.00 -24.98
CA ASN O 447 4.84 -47.95 -24.07
C ASN O 447 3.52 -47.30 -24.51
N MET O 448 3.27 -47.20 -25.81
CA MET O 448 2.03 -46.56 -26.25
C MET O 448 0.88 -47.55 -26.21
N GLN O 449 -0.27 -47.10 -25.73
CA GLN O 449 -1.42 -47.97 -25.58
C GLN O 449 -2.17 -48.08 -26.90
N ALA O 450 -2.58 -49.28 -27.27
CA ALA O 450 -3.54 -49.43 -28.33
C ALA O 450 -4.89 -49.83 -27.76
N THR O 451 -5.94 -49.49 -28.47
CA THR O 451 -7.28 -49.87 -28.05
C THR O 451 -8.08 -50.27 -29.28
N PHE O 452 -9.12 -51.05 -29.04
CA PHE O 452 -9.79 -51.77 -30.10
C PHE O 452 -11.23 -52.04 -29.71
N ASN O 453 -12.13 -51.98 -30.67
CA ASN O 453 -13.52 -52.26 -30.33
C ASN O 453 -14.34 -52.51 -31.57
N VAL O 454 -15.37 -53.32 -31.41
CA VAL O 454 -16.29 -53.68 -32.47
C VAL O 454 -17.69 -53.56 -31.89
N GLY O 455 -18.67 -53.28 -32.73
CA GLY O 455 -20.03 -53.29 -32.26
C GLY O 455 -20.74 -51.98 -32.56
N GLN O 456 -22.04 -52.02 -32.34
CA GLN O 456 -22.88 -50.90 -32.70
C GLN O 456 -22.82 -49.82 -31.62
N GLU O 457 -23.54 -48.73 -31.87
CA GLU O 457 -23.54 -47.58 -30.96
C GLU O 457 -24.94 -47.00 -30.85
N VAL O 458 -25.36 -46.74 -29.62
CA VAL O 458 -26.79 -46.43 -29.46
C VAL O 458 -26.94 -45.33 -28.40
N PRO O 459 -27.84 -44.41 -28.59
CA PRO O 459 -27.95 -43.30 -27.64
C PRO O 459 -29.03 -43.43 -26.57
N VAL O 460 -28.64 -43.06 -25.37
CA VAL O 460 -29.48 -43.10 -24.20
C VAL O 460 -29.86 -41.67 -23.86
N LEU O 461 -30.87 -41.49 -23.01
CA LEU O 461 -31.34 -40.13 -22.67
C LEU O 461 -30.79 -39.68 -21.32
N THR O 462 -29.55 -39.28 -21.32
CA THR O 462 -28.91 -38.66 -20.17
C THR O 462 -28.52 -37.24 -20.53
N THR O 475 -32.11 -34.30 -25.03
CA THR O 475 -30.79 -34.35 -24.40
C THR O 475 -30.27 -35.77 -24.20
N VAL O 476 -29.26 -36.15 -24.98
CA VAL O 476 -28.67 -37.49 -24.89
C VAL O 476 -27.23 -37.52 -25.37
N GLU O 477 -26.57 -38.66 -25.22
CA GLU O 477 -25.19 -38.81 -25.65
C GLU O 477 -24.96 -40.11 -26.42
N ARG O 478 -23.73 -40.35 -26.86
CA ARG O 478 -23.44 -41.56 -27.63
C ARG O 478 -23.03 -42.72 -26.73
N LYS O 479 -23.54 -43.92 -26.99
CA LYS O 479 -23.18 -45.05 -26.16
C LYS O 479 -22.83 -46.21 -27.08
N THR O 480 -21.79 -46.96 -26.68
CA THR O 480 -21.24 -48.03 -27.50
C THR O 480 -21.49 -49.36 -26.81
N VAL O 481 -21.75 -50.39 -27.60
CA VAL O 481 -22.02 -51.72 -27.10
C VAL O 481 -21.25 -52.71 -27.97
N GLY O 482 -20.24 -53.34 -27.40
CA GLY O 482 -19.52 -54.35 -28.16
C GLY O 482 -18.42 -55.08 -27.43
N ILE O 483 -17.19 -55.03 -27.96
CA ILE O 483 -16.08 -55.72 -27.36
C ILE O 483 -14.90 -54.74 -27.30
N LYS O 484 -14.85 -53.93 -26.26
CA LYS O 484 -13.84 -52.89 -26.11
C LYS O 484 -12.64 -53.45 -25.39
N LEU O 485 -11.69 -54.00 -26.15
CA LEU O 485 -10.48 -54.58 -25.56
C LEU O 485 -9.27 -53.68 -25.73
N LYS O 486 -8.80 -53.12 -24.61
CA LYS O 486 -7.63 -52.24 -24.62
C LYS O 486 -6.57 -52.72 -23.65
N VAL O 487 -5.31 -52.50 -23.98
CA VAL O 487 -4.22 -52.93 -23.10
C VAL O 487 -2.99 -52.02 -23.09
N LYS O 488 -2.00 -52.42 -22.31
CA LYS O 488 -0.75 -51.70 -22.17
C LYS O 488 0.38 -52.69 -21.98
N PRO O 489 1.20 -52.92 -22.98
CA PRO O 489 2.22 -53.95 -22.87
C PRO O 489 3.57 -53.42 -22.44
N GLN O 490 4.18 -54.03 -21.43
CA GLN O 490 5.50 -53.68 -20.96
C GLN O 490 6.37 -54.92 -21.00
N ILE O 491 7.44 -54.88 -21.80
CA ILE O 491 8.36 -56.01 -21.93
C ILE O 491 9.52 -55.79 -20.98
N ASN O 492 9.75 -56.75 -20.10
CA ASN O 492 10.66 -56.50 -18.99
C ASN O 492 11.95 -57.28 -19.17
N GLU O 493 11.88 -58.56 -18.86
CA GLU O 493 12.92 -59.54 -19.03
C GLU O 493 13.12 -59.80 -20.52
N GLY O 494 14.12 -60.63 -20.86
CA GLY O 494 14.19 -61.24 -22.16
C GLY O 494 12.83 -61.75 -22.63
N ASP O 495 12.16 -62.55 -21.82
CA ASP O 495 10.80 -63.02 -22.13
C ASP O 495 9.93 -62.87 -20.89
N ALA O 496 9.17 -61.80 -20.84
CA ALA O 496 8.04 -61.64 -19.93
C ALA O 496 7.34 -60.34 -20.33
N VAL O 497 6.08 -60.22 -19.94
CA VAL O 497 5.28 -59.06 -20.34
C VAL O 497 4.30 -58.69 -19.24
N LEU O 498 3.72 -57.50 -19.38
CA LEU O 498 2.85 -56.93 -18.36
C LEU O 498 1.66 -56.31 -19.05
N LEU O 499 0.48 -56.66 -18.61
CA LEU O 499 -0.72 -56.37 -19.37
C LEU O 499 -1.79 -55.85 -18.43
N GLU O 500 -1.99 -54.52 -18.45
CA GLU O 500 -3.08 -53.92 -17.69
C GLU O 500 -4.27 -53.78 -18.61
N ILE O 501 -4.95 -54.89 -18.79
CA ILE O 501 -5.97 -55.01 -19.81
C ILE O 501 -7.33 -54.75 -19.20
N GLU O 502 -8.23 -54.21 -20.00
CA GLU O 502 -9.62 -54.13 -19.59
C GLU O 502 -10.54 -54.21 -20.79
N GLN O 503 -11.70 -54.82 -20.59
CA GLN O 503 -12.60 -55.01 -21.71
C GLN O 503 -13.94 -55.51 -21.24
N GLU O 504 -14.89 -55.55 -22.17
CA GLU O 504 -16.23 -56.02 -21.89
C GLU O 504 -16.86 -56.52 -23.16
N VAL O 505 -17.67 -57.55 -23.04
CA VAL O 505 -18.49 -57.98 -24.15
C VAL O 505 -19.92 -57.63 -23.82
N SER O 506 -20.43 -56.61 -24.49
CA SER O 506 -21.75 -56.09 -24.16
C SER O 506 -22.69 -56.33 -25.32
N SER O 507 -23.97 -56.53 -24.97
CA SER O 507 -25.00 -56.54 -25.98
C SER O 507 -26.28 -55.99 -25.40
N VAL O 508 -27.35 -56.02 -26.18
CA VAL O 508 -28.65 -55.54 -25.73
C VAL O 508 -29.66 -56.61 -26.08
N ALA O 509 -30.49 -57.00 -25.11
CA ALA O 509 -31.45 -58.07 -25.34
C ALA O 509 -32.85 -57.51 -25.57
N ASP O 510 -33.51 -57.13 -24.48
CA ASP O 510 -34.76 -56.41 -24.55
C ASP O 510 -35.86 -57.30 -25.13
N SER O 511 -35.81 -58.61 -24.90
CA SER O 511 -37.01 -59.41 -25.08
C SER O 511 -38.18 -58.70 -24.41
N ALA O 512 -38.04 -58.45 -23.10
CA ALA O 512 -38.98 -57.65 -22.34
C ALA O 512 -38.23 -57.13 -21.12
N SER O 513 -38.33 -55.83 -20.84
CA SER O 513 -37.52 -55.23 -19.80
C SER O 513 -38.24 -54.00 -19.29
N SER O 514 -37.64 -53.35 -18.32
CA SER O 514 -38.21 -52.14 -17.73
C SER O 514 -37.80 -50.93 -18.57
N THR O 515 -38.71 -50.53 -19.47
CA THR O 515 -38.66 -49.22 -20.10
C THR O 515 -39.95 -48.51 -19.78
N SER O 516 -39.84 -47.36 -19.11
CA SER O 516 -41.01 -46.67 -18.61
C SER O 516 -41.37 -45.52 -19.53
N SER O 517 -41.06 -45.69 -20.82
CA SER O 517 -41.16 -44.63 -21.82
C SER O 517 -40.13 -43.56 -21.57
N ASP O 518 -39.02 -43.97 -20.97
CA ASP O 518 -37.96 -43.06 -20.61
C ASP O 518 -36.75 -43.41 -21.42
N LEU O 519 -36.04 -44.46 -21.00
CA LEU O 519 -34.75 -44.88 -21.55
C LEU O 519 -34.86 -46.38 -21.64
N GLY O 520 -34.80 -46.89 -22.87
CA GLY O 520 -35.14 -48.29 -23.06
C GLY O 520 -33.91 -49.13 -23.26
N ALA O 521 -33.51 -49.88 -22.24
CA ALA O 521 -32.15 -50.40 -22.32
C ALA O 521 -31.88 -51.39 -21.23
N THR O 522 -31.07 -52.38 -21.57
CA THR O 522 -30.62 -53.40 -20.63
C THR O 522 -29.11 -53.50 -20.54
N PHE O 523 -28.42 -53.45 -21.68
CA PHE O 523 -26.98 -53.31 -21.69
C PHE O 523 -26.31 -54.43 -20.90
N ASN O 524 -26.68 -55.67 -21.21
CA ASN O 524 -25.97 -56.81 -20.65
C ASN O 524 -24.47 -56.66 -20.89
N THR O 525 -23.67 -56.93 -19.87
CA THR O 525 -22.23 -56.62 -19.91
C THR O 525 -21.46 -57.49 -18.97
N ARG O 526 -20.21 -57.78 -19.33
CA ARG O 526 -19.22 -58.29 -18.41
C ARG O 526 -17.92 -57.50 -18.58
N THR O 527 -17.30 -57.06 -17.48
CA THR O 527 -16.21 -56.10 -17.55
C THR O 527 -15.05 -56.57 -16.69
N VAL O 528 -13.89 -56.77 -17.31
CA VAL O 528 -12.69 -57.23 -16.61
C VAL O 528 -11.61 -56.16 -16.66
N ASN O 529 -10.78 -56.12 -15.63
CA ASN O 529 -9.56 -55.31 -15.66
C ASN O 529 -8.62 -55.80 -14.59
N ASN O 530 -7.34 -55.87 -14.91
CA ASN O 530 -6.33 -56.34 -13.97
C ASN O 530 -4.96 -56.15 -14.63
N ALA O 531 -3.94 -56.66 -13.96
CA ALA O 531 -2.56 -56.58 -14.40
C ALA O 531 -1.93 -57.94 -14.15
N VAL O 532 -1.04 -58.38 -15.02
CA VAL O 532 -0.49 -59.72 -14.93
C VAL O 532 0.90 -59.76 -15.54
N LEU O 533 1.74 -60.64 -15.01
CA LEU O 533 3.00 -60.98 -15.61
C LEU O 533 2.84 -62.28 -16.36
N VAL O 534 3.36 -62.35 -17.58
CA VAL O 534 3.12 -63.50 -18.44
C VAL O 534 4.37 -63.78 -19.26
N GLY O 535 4.64 -65.06 -19.49
CA GLY O 535 5.73 -65.44 -20.35
C GLY O 535 5.34 -65.27 -21.80
N SER O 536 6.31 -65.37 -22.69
CA SER O 536 6.08 -64.93 -24.07
C SER O 536 4.99 -65.72 -24.77
N GLY O 537 5.27 -66.97 -25.10
CA GLY O 537 4.27 -67.84 -25.68
C GLY O 537 3.59 -68.75 -24.70
N GLU O 538 2.44 -68.32 -24.16
CA GLU O 538 1.81 -68.98 -23.02
C GLU O 538 0.32 -68.74 -23.03
N THR O 539 -0.44 -69.80 -22.77
CA THR O 539 -1.85 -69.72 -22.52
C THR O 539 -2.12 -69.41 -21.05
N VAL O 540 -2.90 -68.39 -20.77
CA VAL O 540 -3.01 -67.84 -19.43
C VAL O 540 -4.47 -67.67 -19.05
N VAL O 541 -4.87 -68.24 -17.91
CA VAL O 541 -6.23 -68.06 -17.40
C VAL O 541 -6.31 -66.74 -16.63
N VAL O 542 -7.17 -65.85 -17.08
CA VAL O 542 -7.30 -64.56 -16.44
C VAL O 542 -8.48 -64.50 -15.51
N GLY O 543 -9.67 -64.84 -15.98
CA GLY O 543 -10.87 -64.59 -15.22
C GLY O 543 -11.93 -65.63 -15.48
N GLY O 544 -12.72 -65.94 -14.46
CA GLY O 544 -13.60 -67.08 -14.57
C GLY O 544 -14.86 -67.04 -13.72
N LEU O 545 -15.97 -67.57 -14.26
CA LEU O 545 -17.24 -67.61 -13.54
C LEU O 545 -17.99 -68.86 -13.95
N LEU O 546 -18.61 -69.55 -12.99
CA LEU O 546 -19.42 -70.73 -13.29
C LEU O 546 -20.52 -70.91 -12.26
N ASP O 547 -21.77 -70.99 -12.69
CA ASP O 547 -22.90 -70.82 -11.76
C ASP O 547 -24.17 -71.52 -12.25
N LYS O 548 -24.83 -72.25 -11.38
CA LYS O 548 -26.16 -72.79 -11.60
C LYS O 548 -27.20 -72.10 -10.72
N THR O 549 -28.47 -72.25 -11.09
CA THR O 549 -29.57 -71.59 -10.37
C THR O 549 -30.85 -72.36 -10.57
N VAL O 550 -31.37 -72.94 -9.51
CA VAL O 550 -32.54 -73.81 -9.57
C VAL O 550 -33.67 -73.22 -8.71
N THR O 551 -34.89 -73.46 -9.14
CA THR O 551 -36.04 -73.07 -8.35
C THR O 551 -37.16 -74.08 -8.62
N ASP O 552 -38.01 -74.27 -7.61
CA ASP O 552 -39.10 -75.25 -7.62
C ASP O 552 -40.38 -74.61 -7.16
N THR O 553 -41.50 -75.13 -7.66
CA THR O 553 -42.82 -74.64 -7.27
C THR O 553 -43.79 -75.80 -7.18
N ALA O 554 -44.35 -76.06 -5.99
CA ALA O 554 -45.30 -77.15 -5.81
C ALA O 554 -46.53 -76.67 -5.05
N ASP O 555 -47.64 -77.36 -5.28
CA ASP O 555 -48.90 -77.11 -4.59
C ASP O 555 -49.82 -78.32 -4.77
N LYS O 556 -50.48 -78.72 -3.67
CA LYS O 556 -51.32 -79.90 -3.70
C LYS O 556 -52.38 -79.78 -2.63
N VAL O 557 -53.54 -80.38 -2.89
CA VAL O 557 -54.57 -80.47 -1.86
C VAL O 557 -54.02 -81.23 -0.66
N PRO O 558 -54.18 -80.72 0.56
CA PRO O 558 -53.50 -81.33 1.71
C PRO O 558 -53.97 -82.76 1.92
N LEU O 559 -53.09 -83.55 2.56
CA LEU O 559 -53.31 -84.95 2.92
C LEU O 559 -53.34 -85.86 1.72
N LEU O 560 -53.28 -85.31 0.52
CA LEU O 560 -53.43 -86.10 -0.67
C LEU O 560 -52.13 -86.08 -1.45
N GLY O 561 -52.11 -86.76 -2.58
CA GLY O 561 -50.87 -86.92 -3.33
C GLY O 561 -49.77 -87.67 -2.59
N ASP O 562 -50.08 -88.26 -1.43
CA ASP O 562 -49.04 -88.82 -0.61
C ASP O 562 -48.59 -90.19 -1.10
N ILE O 563 -49.49 -90.98 -1.70
CA ILE O 563 -49.05 -92.22 -2.32
C ILE O 563 -48.42 -91.90 -3.67
N PRO O 564 -47.10 -91.98 -3.76
CA PRO O 564 -46.40 -91.46 -4.94
C PRO O 564 -46.94 -92.03 -6.24
N VAL O 565 -47.07 -93.36 -6.32
CA VAL O 565 -47.57 -93.97 -7.55
C VAL O 565 -49.02 -93.59 -7.80
N ILE O 566 -49.85 -93.56 -6.78
CA ILE O 566 -51.26 -93.31 -7.01
C ILE O 566 -51.49 -91.81 -6.91
N GLY O 567 -51.17 -91.25 -5.74
CA GLY O 567 -51.53 -89.86 -5.43
C GLY O 567 -50.93 -88.82 -6.36
N ALA O 568 -50.05 -89.23 -7.26
CA ALA O 568 -49.40 -88.30 -8.19
C ALA O 568 -50.41 -87.49 -8.98
N LEU O 569 -51.69 -87.82 -8.89
CA LEU O 569 -52.74 -87.16 -9.63
C LEU O 569 -53.24 -85.85 -8.98
N PHE O 570 -52.67 -85.42 -7.88
CA PHE O 570 -53.12 -84.20 -7.28
C PHE O 570 -52.05 -83.12 -7.16
N ARG O 571 -50.78 -83.47 -7.10
CA ARG O 571 -49.69 -82.48 -7.13
C ARG O 571 -49.80 -81.64 -8.40
N SER O 572 -49.11 -80.50 -8.35
CA SER O 572 -48.95 -79.66 -9.53
C SER O 572 -47.58 -79.00 -9.45
N ASP O 573 -46.73 -79.29 -10.44
CA ASP O 573 -45.29 -79.12 -10.32
C ASP O 573 -44.79 -78.17 -11.39
N SER O 574 -43.94 -77.24 -11.00
CA SER O 574 -43.19 -76.47 -11.99
C SER O 574 -41.76 -76.31 -11.50
N LYS O 575 -40.81 -76.86 -12.24
CA LYS O 575 -39.41 -76.82 -11.87
C LYS O 575 -38.60 -76.29 -13.05
N LYS O 576 -37.51 -75.60 -12.73
CA LYS O 576 -36.66 -75.06 -13.76
C LYS O 576 -35.27 -74.78 -13.17
N VAL O 577 -34.28 -74.81 -14.03
CA VAL O 577 -32.90 -74.57 -13.66
C VAL O 577 -32.24 -73.65 -14.67
N SER O 578 -31.11 -73.07 -14.26
CA SER O 578 -30.25 -72.33 -15.18
C SER O 578 -28.80 -72.51 -14.76
N LYS O 579 -27.95 -72.86 -15.70
CA LYS O 579 -26.53 -73.03 -15.46
C LYS O 579 -25.75 -72.05 -16.33
N ARG O 580 -24.56 -71.66 -15.88
CA ARG O 580 -23.78 -70.62 -16.56
C ARG O 580 -22.31 -70.77 -16.22
N ASN O 581 -21.45 -70.35 -17.14
CA ASN O 581 -20.02 -70.43 -16.92
C ASN O 581 -19.35 -69.40 -17.81
N LEU O 582 -18.17 -68.91 -17.41
CA LEU O 582 -17.50 -67.87 -18.18
C LEU O 582 -16.01 -67.97 -17.95
N MET O 583 -15.23 -67.92 -19.04
CA MET O 583 -13.80 -68.11 -18.96
C MET O 583 -13.03 -67.13 -19.83
N LEU O 584 -11.93 -66.62 -19.28
CA LEU O 584 -11.10 -65.62 -19.91
C LEU O 584 -9.66 -66.12 -20.08
N PHE O 585 -9.10 -65.97 -21.29
CA PHE O 585 -7.72 -66.33 -21.54
C PHE O 585 -7.03 -65.29 -22.41
N ILE O 586 -5.76 -65.05 -22.11
CA ILE O 586 -4.91 -64.13 -22.85
C ILE O 586 -3.63 -64.84 -23.23
N ARG O 587 -3.01 -64.39 -24.31
CA ARG O 587 -1.68 -64.90 -24.66
C ARG O 587 -0.95 -63.92 -25.57
N PRO O 588 0.19 -63.43 -25.15
CA PRO O 588 0.99 -62.58 -26.03
C PRO O 588 1.98 -63.39 -26.85
N THR O 589 2.78 -62.69 -27.66
CA THR O 589 3.98 -63.21 -28.30
C THR O 589 4.89 -62.03 -28.60
N ILE O 590 6.15 -62.19 -28.30
CA ILE O 590 7.10 -61.16 -28.65
C ILE O 590 7.50 -61.31 -30.12
N ILE O 591 7.86 -60.19 -30.74
CA ILE O 591 8.33 -60.19 -32.12
C ILE O 591 9.50 -59.23 -32.20
N ARG O 592 10.67 -59.71 -32.66
CA ARG O 592 11.86 -58.87 -32.64
C ARG O 592 12.08 -58.16 -33.97
N ASP O 593 12.01 -58.91 -35.06
CA ASP O 593 12.40 -58.36 -36.35
C ASP O 593 11.56 -59.00 -37.47
N ARG O 594 11.95 -58.68 -38.69
CA ARG O 594 11.24 -59.13 -39.90
C ARG O 594 10.96 -60.62 -39.88
N ASP O 595 12.02 -61.41 -39.68
CA ASP O 595 11.92 -62.84 -39.74
C ASP O 595 10.80 -63.33 -38.82
N GLU O 596 10.96 -63.12 -37.51
CA GLU O 596 9.92 -63.45 -36.56
C GLU O 596 8.57 -62.92 -36.97
N TYR O 597 8.53 -61.83 -37.72
CA TYR O 597 7.24 -61.28 -38.12
C TYR O 597 6.54 -62.17 -39.15
N ARG O 598 7.30 -62.69 -40.11
CA ARG O 598 6.66 -63.43 -41.22
C ARG O 598 5.84 -64.59 -40.70
N GLN O 599 6.40 -65.41 -39.79
CA GLN O 599 5.65 -66.55 -39.29
C GLN O 599 4.37 -66.10 -38.60
N ALA O 600 4.45 -65.06 -37.79
CA ALA O 600 3.28 -64.66 -37.02
C ALA O 600 2.17 -64.24 -37.96
N SER O 601 2.50 -63.35 -38.90
CA SER O 601 1.48 -62.89 -39.82
C SER O 601 0.95 -64.03 -40.69
N SER O 602 1.82 -64.62 -41.49
CA SER O 602 1.40 -65.66 -42.41
C SER O 602 0.55 -66.70 -41.69
N GLY O 603 1.14 -67.36 -40.69
CA GLY O 603 0.41 -68.38 -39.97
C GLY O 603 -0.96 -67.91 -39.48
N GLN O 604 -0.98 -66.76 -38.79
CA GLN O 604 -2.24 -66.25 -38.27
C GLN O 604 -3.26 -66.07 -39.39
N TYR O 605 -2.82 -65.46 -40.49
CA TYR O 605 -3.68 -65.28 -41.66
C TYR O 605 -4.26 -66.58 -42.14
N THR O 606 -3.42 -67.63 -42.15
CA THR O 606 -3.92 -68.97 -42.45
C THR O 606 -5.00 -69.38 -41.50
N ALA O 607 -4.80 -69.16 -40.20
CA ALA O 607 -5.87 -69.38 -39.24
C ALA O 607 -7.16 -68.70 -39.67
N PHE O 608 -7.05 -67.53 -40.28
CA PHE O 608 -8.24 -66.88 -40.85
C PHE O 608 -8.83 -67.70 -41.98
N ASN O 609 -8.00 -67.99 -42.99
CA ASN O 609 -8.49 -68.67 -44.19
C ASN O 609 -9.08 -70.04 -43.85
N ASN O 610 -8.63 -70.65 -42.75
CA ASN O 610 -9.19 -71.93 -42.35
C ASN O 610 -10.70 -71.88 -42.21
N ALA O 611 -11.21 -70.98 -41.37
CA ALA O 611 -12.64 -70.88 -41.20
C ALA O 611 -13.28 -70.23 -42.41
N GLN O 612 -12.61 -69.25 -43.01
CA GLN O 612 -13.16 -68.59 -44.19
C GLN O 612 -13.54 -69.58 -45.28
N THR O 613 -12.54 -70.28 -45.81
CA THR O 613 -12.76 -71.27 -46.86
C THR O 613 -13.32 -72.58 -46.33
N LYS O 614 -13.56 -72.64 -45.02
CA LYS O 614 -14.07 -73.86 -44.37
C LYS O 614 -15.37 -74.47 -44.92
N GLN O 615 -16.37 -73.63 -45.20
CA GLN O 615 -17.67 -74.10 -45.67
C GLN O 615 -17.81 -73.89 -47.17
N ARG O 616 -18.10 -72.65 -47.56
CA ARG O 616 -18.27 -72.30 -48.96
C ARG O 616 -16.96 -72.17 -49.73
N GLY O 617 -16.83 -72.97 -50.78
CA GLY O 617 -15.63 -72.96 -51.61
C GLY O 617 -15.66 -71.98 -52.77
N LYS O 618 -15.30 -70.73 -52.49
CA LYS O 618 -15.29 -69.69 -53.52
C LYS O 618 -13.87 -69.24 -53.82
N GLU O 619 -13.67 -68.67 -55.01
CA GLU O 619 -12.35 -68.19 -55.42
C GLU O 619 -12.39 -66.72 -54.99
N SER O 620 -11.29 -66.25 -54.41
CA SER O 620 -11.26 -64.87 -53.95
C SER O 620 -10.07 -63.97 -54.32
N SER O 621 -10.34 -63.01 -55.20
CA SER O 621 -9.40 -61.98 -55.63
C SER O 621 -8.63 -61.32 -54.51
N GLU O 622 -9.36 -60.79 -53.53
CA GLU O 622 -8.68 -60.12 -52.44
C GLU O 622 -7.83 -61.09 -51.65
N ALA O 623 -8.45 -62.08 -51.02
CA ALA O 623 -7.73 -63.01 -50.18
C ALA O 623 -6.48 -63.53 -50.88
N SER O 624 -6.67 -64.19 -52.01
CA SER O 624 -5.53 -64.73 -52.74
C SER O 624 -4.44 -63.71 -52.98
N LEU O 625 -4.82 -62.55 -53.53
CA LEU O 625 -3.83 -61.51 -53.82
C LEU O 625 -3.06 -61.14 -52.56
N SER O 626 -3.79 -60.91 -51.46
CA SER O 626 -3.18 -60.59 -50.19
C SER O 626 -2.17 -61.64 -49.77
N ASN O 627 -2.52 -62.92 -49.99
CA ASN O 627 -1.56 -63.99 -49.76
C ASN O 627 -0.31 -63.80 -50.60
N ASP O 628 -0.49 -63.48 -51.88
CA ASP O 628 0.66 -63.13 -52.70
C ASP O 628 1.53 -62.08 -52.03
N LEU O 629 0.91 -61.15 -51.31
CA LEU O 629 1.69 -60.19 -50.53
C LEU O 629 2.46 -60.89 -49.41
N LEU O 630 1.74 -61.61 -48.57
CA LEU O 630 2.36 -62.23 -47.40
C LEU O 630 3.46 -63.21 -47.80
N HIS O 631 3.39 -63.77 -49.01
CA HIS O 631 4.45 -64.65 -49.47
C HIS O 631 5.81 -64.01 -49.39
N ILE O 632 5.95 -62.86 -50.02
CA ILE O 632 7.21 -62.12 -50.02
C ILE O 632 7.63 -61.74 -48.60
N GLN O 639 7.75 -64.62 -59.77
CA GLN O 639 6.53 -64.59 -60.58
C GLN O 639 6.26 -65.95 -61.22
N ALA O 640 7.33 -66.68 -61.52
CA ALA O 640 7.21 -67.99 -62.14
C ALA O 640 6.65 -69.01 -61.15
N PHE O 641 7.16 -68.99 -59.93
CA PHE O 641 6.71 -69.91 -58.89
C PHE O 641 5.20 -69.77 -58.72
N ARG O 642 4.69 -68.56 -58.95
CA ARG O 642 3.26 -68.29 -58.83
C ARG O 642 2.48 -68.99 -59.93
N GLN O 643 3.18 -69.40 -60.99
CA GLN O 643 2.54 -70.08 -62.11
C GLN O 643 2.45 -71.57 -61.92
N VAL O 644 3.59 -72.17 -61.57
CA VAL O 644 3.68 -73.61 -61.41
C VAL O 644 2.87 -74.11 -60.20
N SER O 645 3.00 -73.43 -59.05
CA SER O 645 2.25 -73.83 -57.81
C SER O 645 0.75 -73.70 -58.06
N ALA O 646 0.36 -72.62 -58.72
CA ALA O 646 -1.03 -72.45 -59.17
C ALA O 646 -1.49 -73.64 -60.02
N ALA O 647 -0.71 -73.99 -61.04
CA ALA O 647 -1.11 -75.07 -61.96
C ALA O 647 -1.28 -76.36 -61.19
N ILE O 648 -0.32 -76.70 -60.32
CA ILE O 648 -0.42 -77.90 -59.47
C ILE O 648 -1.75 -77.87 -58.70
N ASP O 649 -2.07 -76.71 -58.10
CA ASP O 649 -3.35 -76.51 -57.37
C ASP O 649 -4.54 -76.82 -58.25
N ALA O 650 -4.55 -76.25 -59.46
CA ALA O 650 -5.62 -76.55 -60.41
C ALA O 650 -5.77 -78.04 -60.54
N PHE O 651 -4.65 -78.71 -60.83
CA PHE O 651 -4.70 -80.12 -61.10
C PHE O 651 -5.39 -80.88 -59.98
N ASN O 652 -5.07 -80.55 -58.74
CA ASN O 652 -5.59 -81.32 -57.61
C ASN O 652 -6.93 -80.76 -57.07
N LEU O 653 -7.95 -80.85 -57.93
CA LEU O 653 -9.33 -80.51 -57.61
C LEU O 653 -10.20 -81.69 -57.97
N ILE P 39 -38.11 20.79 -95.66
CA ILE P 39 -38.15 19.34 -95.49
C ILE P 39 -38.37 18.64 -96.82
N SER P 40 -38.57 19.43 -97.87
CA SER P 40 -38.80 18.88 -99.20
C SER P 40 -37.62 19.18 -100.13
N SER P 41 -37.14 20.42 -100.09
CA SER P 41 -36.01 20.83 -100.91
C SER P 41 -34.79 21.25 -100.10
N GLN P 42 -34.93 21.23 -98.78
CA GLN P 42 -33.85 21.61 -97.90
C GLN P 42 -32.85 20.55 -97.43
N ALA P 43 -33.33 19.36 -97.00
CA ALA P 43 -32.51 18.24 -96.60
C ALA P 43 -31.69 17.68 -97.77
N GLN P 44 -32.26 17.60 -98.99
CA GLN P 44 -31.55 17.17 -100.19
C GLN P 44 -30.37 18.05 -100.52
N LEU P 45 -30.58 19.38 -100.49
CA LEU P 45 -29.53 20.35 -100.67
C LEU P 45 -28.47 20.26 -99.59
N GLU P 46 -28.86 20.17 -98.29
CA GLU P 46 -27.91 20.08 -97.20
C GLU P 46 -27.05 18.83 -97.28
N GLN P 47 -27.62 17.65 -97.58
CA GLN P 47 -26.88 16.40 -97.74
C GLN P 47 -25.87 16.42 -98.88
N LEU P 48 -26.26 16.93 -100.06
CA LEU P 48 -25.36 17.09 -101.20
C LEU P 48 -24.28 18.13 -100.99
N SER P 49 -24.63 19.28 -100.38
CA SER P 49 -23.68 20.32 -100.01
C SER P 49 -22.66 19.85 -99.00
N SER P 50 -23.10 19.06 -97.99
CA SER P 50 -22.24 18.44 -97.00
C SER P 50 -21.20 17.50 -97.57
N VAL P 51 -21.59 16.56 -98.48
CA VAL P 51 -20.63 15.67 -99.13
C VAL P 51 -19.70 16.41 -100.06
N ALA P 52 -20.19 17.40 -100.84
CA ALA P 52 -19.33 18.21 -101.68
C ALA P 52 -18.32 19.05 -100.90
N ALA P 53 -18.73 19.72 -99.79
CA ALA P 53 -17.85 20.46 -98.90
C ALA P 53 -16.80 19.59 -98.22
N GLY P 54 -17.19 18.40 -97.72
CA GLY P 54 -16.26 17.49 -97.08
C GLY P 54 -15.24 16.90 -98.02
N THR P 55 -15.65 16.56 -99.26
CA THR P 55 -14.77 16.08 -100.33
C THR P 55 -13.77 17.11 -100.79
N ARG P 56 -14.19 18.37 -100.93
CA ARG P 56 -13.28 19.48 -101.14
C ARG P 56 -12.31 19.72 -100.00
N TYR P 57 -12.78 19.49 -98.77
CA TYR P 57 -11.94 19.63 -97.59
C TYR P 57 -10.84 18.57 -97.72
N LEU P 58 -11.26 17.31 -97.88
CA LEU P 58 -10.33 16.22 -98.04
C LEU P 58 -9.28 16.43 -99.12
N LYS P 59 -9.70 16.92 -100.32
CA LYS P 59 -8.76 17.24 -101.38
C LYS P 59 -7.76 18.31 -100.99
N ASN P 60 -8.23 19.41 -100.42
CA ASN P 60 -7.43 20.59 -100.17
C ASN P 60 -6.56 20.46 -98.91
N LYS P 61 -7.06 19.83 -97.83
CA LYS P 61 -6.44 19.88 -96.51
C LYS P 61 -5.98 18.53 -96.00
N CYS P 62 -6.38 17.41 -96.63
CA CYS P 62 -6.08 16.08 -96.11
C CYS P 62 -5.34 15.24 -97.13
N ASN P 63 -4.72 15.91 -98.11
CA ASN P 63 -3.84 15.32 -99.11
C ASN P 63 -4.49 14.32 -100.07
N ARG P 64 -5.83 14.37 -100.22
CA ARG P 64 -6.57 13.53 -101.16
C ARG P 64 -6.49 14.08 -102.56
N SER P 65 -5.30 13.94 -103.17
CA SER P 65 -4.96 14.42 -104.51
C SER P 65 -5.52 13.52 -105.59
N ASP P 66 -6.20 12.45 -105.17
CA ASP P 66 -6.85 11.55 -106.10
C ASP P 66 -8.24 12.10 -106.46
N LEU P 67 -8.76 13.01 -105.63
CA LEU P 67 -10.05 13.61 -105.86
C LEU P 67 -9.98 14.67 -106.94
N PRO P 68 -11.02 14.84 -107.75
CA PRO P 68 -10.96 15.76 -108.86
C PRO P 68 -11.21 17.17 -108.39
N ALA P 69 -11.15 18.15 -109.31
CA ALA P 69 -11.40 19.55 -109.07
C ALA P 69 -12.78 19.85 -108.50
N ASP P 70 -12.95 21.05 -107.89
CA ASP P 70 -14.14 21.48 -107.18
C ASP P 70 -15.42 21.37 -108.03
N GLU P 71 -15.37 21.79 -109.32
CA GLU P 71 -16.47 21.69 -110.27
C GLU P 71 -16.94 20.25 -110.48
N THR P 72 -15.98 19.30 -110.61
CA THR P 72 -16.21 17.87 -110.77
C THR P 72 -16.82 17.27 -109.53
N ILE P 73 -16.38 17.69 -108.33
CA ILE P 73 -16.98 17.31 -107.06
C ILE P 73 -18.42 17.78 -106.98
N TYR P 74 -18.71 19.03 -107.40
CA TYR P 74 -20.05 19.55 -107.50
C TYR P 74 -20.94 18.79 -108.46
N ARG P 75 -20.46 18.44 -109.66
CA ARG P 75 -21.15 17.57 -110.60
C ARG P 75 -21.42 16.18 -110.08
N ALA P 76 -20.46 15.57 -109.36
CA ALA P 76 -20.65 14.29 -108.73
C ALA P 76 -21.74 14.28 -107.65
N ALA P 77 -21.80 15.32 -106.80
CA ALA P 77 -22.87 15.51 -105.82
C ALA P 77 -24.26 15.67 -106.46
N VAL P 78 -24.37 16.41 -107.58
CA VAL P 78 -25.58 16.48 -108.40
C VAL P 78 -25.99 15.13 -108.94
N ASN P 79 -25.03 14.34 -109.43
CA ASN P 79 -25.23 12.98 -109.92
C ASN P 79 -25.75 12.02 -108.85
N VAL P 80 -25.29 12.12 -107.58
CA VAL P 80 -25.87 11.37 -106.45
C VAL P 80 -27.34 11.67 -106.27
N GLY P 81 -27.74 12.96 -106.35
CA GLY P 81 -29.14 13.38 -106.28
C GLY P 81 -29.98 12.88 -107.43
N LYS P 82 -29.46 12.93 -108.66
CA LYS P 82 -30.11 12.39 -109.86
C LYS P 82 -30.35 10.90 -109.82
N ALA P 83 -29.39 10.10 -109.33
CA ALA P 83 -29.51 8.66 -109.13
C ALA P 83 -30.60 8.27 -108.13
N ARG P 84 -30.85 9.13 -107.12
CA ARG P 84 -31.89 8.91 -106.14
C ARG P 84 -33.24 9.39 -106.63
N GLY P 85 -33.32 10.00 -107.84
CA GLY P 85 -34.56 10.46 -108.42
C GLY P 85 -35.01 11.78 -107.89
N TRP P 86 -34.12 12.49 -107.19
CA TRP P 86 -34.37 13.80 -106.63
C TRP P 86 -34.65 14.83 -107.69
N GLY P 87 -35.54 15.79 -107.34
CA GLY P 87 -35.80 16.97 -108.16
C GLY P 87 -34.52 17.68 -108.52
N ASN P 88 -34.43 18.29 -109.72
CA ASN P 88 -33.20 18.93 -110.16
C ASN P 88 -32.67 19.99 -109.19
N ILE P 89 -31.45 19.76 -108.68
CA ILE P 89 -30.84 20.61 -107.69
C ILE P 89 -30.00 21.58 -108.49
N ASP P 90 -30.22 22.89 -108.29
CA ASP P 90 -29.42 23.92 -108.91
C ASP P 90 -27.95 23.80 -108.45
N VAL P 91 -27.03 23.74 -109.44
CA VAL P 91 -25.59 23.63 -109.26
C VAL P 91 -24.99 24.82 -108.51
N ALA P 92 -25.44 26.05 -108.85
CA ALA P 92 -24.96 27.26 -108.22
C ALA P 92 -25.47 27.39 -106.79
N THR P 93 -26.75 27.02 -106.52
CA THR P 93 -27.29 26.90 -105.15
C THR P 93 -26.54 25.89 -104.32
N LEU P 94 -26.20 24.73 -104.91
CA LEU P 94 -25.33 23.73 -104.29
C LEU P 94 -23.95 24.29 -104.00
N SER P 95 -23.32 25.00 -104.95
CA SER P 95 -22.02 25.63 -104.78
C SER P 95 -22.01 26.59 -103.59
N GLN P 96 -22.97 27.54 -103.51
CA GLN P 96 -23.08 28.52 -102.43
C GLN P 96 -23.25 27.91 -101.04
N ASN P 97 -24.10 26.89 -100.96
CA ASN P 97 -24.32 26.18 -99.71
C ASN P 97 -23.03 25.47 -99.32
N SER P 98 -22.50 24.67 -100.24
CA SER P 98 -21.27 23.95 -100.02
C SER P 98 -20.11 24.81 -99.56
N ASP P 99 -20.04 26.04 -100.04
CA ASP P 99 -18.99 26.97 -99.64
C ASP P 99 -19.18 27.23 -98.15
N ARG P 100 -20.39 27.63 -97.78
CA ARG P 100 -20.71 27.90 -96.40
C ARG P 100 -20.34 26.74 -95.48
N LEU P 101 -20.67 25.48 -95.85
CA LEU P 101 -20.28 24.30 -95.09
C LEU P 101 -18.78 24.07 -95.04
N TYR P 102 -18.04 24.32 -96.14
CA TYR P 102 -16.59 24.26 -96.17
C TYR P 102 -15.93 25.23 -95.18
N GLN P 103 -16.45 26.47 -95.07
CA GLN P 103 -16.02 27.44 -94.06
C GLN P 103 -16.25 26.94 -92.64
N GLN P 104 -17.41 26.29 -92.37
CA GLN P 104 -17.67 25.66 -91.08
C GLN P 104 -16.71 24.55 -90.72
N LEU P 105 -16.35 23.68 -91.67
CA LEU P 105 -15.32 22.66 -91.49
C LEU P 105 -13.94 23.27 -91.21
N LEU P 106 -13.58 24.32 -91.95
CA LEU P 106 -12.34 25.04 -91.75
C LEU P 106 -12.22 25.79 -90.41
N GLN P 107 -13.27 26.48 -89.97
CA GLN P 107 -13.21 27.25 -88.74
C GLN P 107 -13.41 26.42 -87.50
N ASP P 108 -13.91 25.19 -87.65
CA ASP P 108 -14.14 24.31 -86.51
C ASP P 108 -12.88 24.16 -85.66
N SER P 109 -13.06 24.11 -84.34
CA SER P 109 -11.95 23.97 -83.42
C SER P 109 -11.55 22.51 -83.24
N THR P 110 -11.72 21.72 -84.31
CA THR P 110 -11.38 20.30 -84.27
C THR P 110 -10.00 20.05 -84.87
N PRO P 111 -9.16 19.23 -84.13
CA PRO P 111 -7.84 19.01 -84.74
C PRO P 111 -7.96 18.49 -86.18
N GLU P 112 -7.03 18.90 -87.03
CA GLU P 112 -7.04 18.47 -88.43
C GLU P 112 -7.01 16.95 -88.54
N ALA P 113 -6.03 16.33 -87.89
CA ALA P 113 -5.89 14.89 -87.92
C ALA P 113 -7.23 14.20 -87.69
N THR P 114 -7.98 14.68 -86.71
CA THR P 114 -9.29 14.12 -86.39
C THR P 114 -10.29 14.35 -87.52
N GLN P 115 -10.27 15.56 -88.06
CA GLN P 115 -11.17 15.92 -89.16
C GLN P 115 -10.93 15.05 -90.38
N CYS P 116 -9.67 14.94 -90.79
CA CYS P 116 -9.31 14.15 -91.94
C CYS P 116 -9.69 12.69 -91.81
N SER P 117 -9.42 12.07 -90.64
CA SER P 117 -9.82 10.69 -90.32
C SER P 117 -11.32 10.51 -90.33
N GLN P 118 -12.03 11.43 -89.70
CA GLN P 118 -13.49 11.37 -89.65
C GLN P 118 -14.10 11.43 -91.05
N PHE P 119 -13.72 12.45 -91.80
CA PHE P 119 -14.24 12.62 -93.16
C PHE P 119 -13.87 11.45 -94.05
N ASN P 120 -12.57 11.17 -94.14
CA ASN P 120 -12.09 10.06 -94.96
C ASN P 120 -12.91 8.80 -94.78
N ARG P 121 -13.53 8.65 -93.61
CA ARG P 121 -14.36 7.50 -93.31
C ARG P 121 -15.84 7.79 -93.54
N GLN P 122 -16.16 9.09 -93.65
CA GLN P 122 -17.53 9.51 -93.88
C GLN P 122 -17.82 9.69 -95.36
N LEU P 123 -16.85 10.24 -96.09
CA LEU P 123 -17.00 10.46 -97.52
C LEU P 123 -16.48 9.28 -98.32
N ALA P 124 -16.46 8.11 -97.69
CA ALA P 124 -15.98 6.89 -98.34
C ALA P 124 -16.93 6.46 -99.46
N PRO P 125 -18.22 6.15 -99.07
CA PRO P 125 -19.11 5.74 -100.17
C PRO P 125 -19.14 6.76 -101.30
N PHE P 126 -19.35 8.04 -100.95
CA PHE P 126 -19.39 9.10 -101.93
C PHE P 126 -18.24 8.98 -102.93
N ILE P 127 -17.01 8.94 -102.43
CA ILE P 127 -15.83 8.82 -103.27
C ILE P 127 -16.02 7.73 -104.32
N ALA P 128 -16.52 6.57 -103.90
CA ALA P 128 -16.75 5.45 -104.80
C ALA P 128 -17.68 5.85 -105.94
N SER P 129 -18.74 6.57 -105.60
CA SER P 129 -19.72 7.02 -106.60
C SER P 129 -19.21 7.97 -107.66
N LEU P 130 -18.27 8.86 -107.25
CA LEU P 130 -17.65 9.88 -108.06
C LEU P 130 -16.53 9.35 -108.97
N ARG P 131 -16.01 8.16 -108.64
CA ARG P 131 -15.10 7.36 -109.45
C ARG P 131 -15.83 6.24 -110.23
N ILE Q 39 -11.95 -44.62 -94.38
CA ILE Q 39 -12.54 -45.52 -93.41
C ILE Q 39 -12.77 -46.90 -94.01
N SER Q 40 -12.50 -47.03 -95.30
CA SER Q 40 -12.69 -48.29 -96.01
C SER Q 40 -11.36 -48.90 -96.41
N SER Q 41 -10.47 -48.07 -96.95
CA SER Q 41 -9.15 -48.53 -97.38
C SER Q 41 -8.01 -47.87 -96.61
N GLN Q 42 -8.36 -46.96 -95.72
CA GLN Q 42 -7.38 -46.25 -94.91
C GLN Q 42 -6.92 -46.85 -93.58
N ALA Q 43 -7.87 -47.32 -92.74
CA ALA Q 43 -7.58 -47.98 -91.48
C ALA Q 43 -6.84 -49.32 -91.66
N GLN Q 44 -7.20 -50.12 -92.70
CA GLN Q 44 -6.51 -51.36 -93.04
C GLN Q 44 -5.05 -51.14 -93.37
N LEU Q 45 -4.77 -50.14 -94.23
CA LEU Q 45 -3.42 -49.74 -94.56
C LEU Q 45 -2.66 -49.24 -93.34
N GLU Q 46 -3.25 -48.35 -92.52
CA GLU Q 46 -2.60 -47.82 -91.34
C GLU Q 46 -2.24 -48.91 -90.33
N GLN Q 47 -3.15 -49.86 -90.04
CA GLN Q 47 -2.90 -50.97 -89.14
C GLN Q 47 -1.78 -51.90 -89.59
N LEU Q 48 -1.76 -52.28 -90.88
CA LEU Q 48 -0.70 -53.10 -91.45
C LEU Q 48 0.64 -52.38 -91.54
N SER Q 49 0.64 -51.10 -91.93
CA SER Q 49 1.83 -50.25 -91.94
C SER Q 49 2.42 -50.06 -90.57
N SER Q 50 1.57 -49.86 -89.53
CA SER Q 50 1.98 -49.76 -88.14
C SER Q 50 2.68 -50.99 -87.61
N VAL Q 51 2.13 -52.21 -87.83
CA VAL Q 51 2.79 -53.44 -87.40
C VAL Q 51 4.07 -53.71 -88.18
N ALA Q 52 4.11 -53.46 -89.51
CA ALA Q 52 5.32 -53.60 -90.27
C ALA Q 52 6.43 -52.63 -89.87
N ALA Q 53 6.11 -51.33 -89.63
CA ALA Q 53 7.05 -50.34 -89.12
C ALA Q 53 7.59 -50.67 -87.73
N GLY Q 54 6.71 -51.10 -86.80
CA GLY Q 54 7.13 -51.46 -85.46
C GLY Q 54 8.01 -52.70 -85.40
N THR Q 55 7.71 -53.71 -86.23
CA THR Q 55 8.52 -54.92 -86.38
C THR Q 55 9.87 -54.66 -86.96
N ARG Q 56 9.98 -53.80 -87.97
CA ARG Q 56 11.24 -53.30 -88.46
C ARG Q 56 12.04 -52.51 -87.43
N TYR Q 57 11.33 -51.75 -86.60
CA TYR Q 57 11.96 -50.99 -85.54
C TYR Q 57 12.60 -52.00 -84.59
N LEU Q 58 11.79 -52.94 -84.10
CA LEU Q 58 12.27 -53.98 -83.22
C LEU Q 58 13.48 -54.73 -83.74
N LYS Q 59 13.46 -55.13 -85.02
CA LYS Q 59 14.61 -55.79 -85.63
C LYS Q 59 15.86 -54.93 -85.64
N ASN Q 60 15.74 -53.67 -86.07
CA ASN Q 60 16.86 -52.79 -86.30
C ASN Q 60 17.41 -52.16 -85.02
N LYS Q 61 16.54 -51.79 -84.05
CA LYS Q 61 16.92 -50.95 -82.93
C LYS Q 61 16.77 -51.63 -81.58
N CYS Q 62 16.10 -52.80 -81.50
CA CYS Q 62 15.80 -53.43 -80.21
C CYS Q 62 16.34 -54.84 -80.17
N ASN Q 63 17.31 -55.15 -81.05
CA ASN Q 63 18.07 -56.39 -81.07
C ASN Q 63 17.26 -57.65 -81.39
N ARG Q 64 16.07 -57.51 -82.01
CA ARG Q 64 15.24 -58.62 -82.44
C ARG Q 64 15.74 -59.22 -83.74
N SER Q 65 16.88 -59.91 -83.67
CA SER Q 65 17.58 -60.54 -84.78
C SER Q 65 16.92 -61.85 -85.20
N ASP Q 66 15.84 -62.20 -84.52
CA ASP Q 66 15.06 -63.37 -84.86
C ASP Q 66 14.04 -63.01 -85.95
N LEU Q 67 13.77 -61.71 -86.11
CA LEU Q 67 12.84 -61.23 -87.10
C LEU Q 67 13.46 -61.23 -88.48
N PRO Q 68 12.70 -61.49 -89.53
CA PRO Q 68 13.27 -61.61 -90.86
C PRO Q 68 13.48 -60.24 -91.47
N ALA Q 69 14.04 -60.19 -92.69
CA ALA Q 69 14.28 -58.99 -93.44
C ALA Q 69 13.03 -58.15 -93.73
N ASP Q 70 13.21 -56.86 -94.08
CA ASP Q 70 12.16 -55.89 -94.27
C ASP Q 70 11.09 -56.34 -95.27
N GLU Q 71 11.49 -56.92 -96.42
CA GLU Q 71 10.60 -57.48 -97.44
C GLU Q 71 9.68 -58.57 -96.89
N THR Q 72 10.24 -59.48 -96.07
CA THR Q 72 9.53 -60.57 -95.40
C THR Q 72 8.55 -60.05 -94.37
N ILE Q 73 8.92 -59.00 -93.61
CA ILE Q 73 8.02 -58.31 -92.70
C ILE Q 73 6.85 -57.68 -93.45
N TYR Q 74 7.11 -57.04 -94.61
CA TYR Q 74 6.09 -56.51 -95.49
C TYR Q 74 5.15 -57.58 -96.02
N ARG Q 75 5.66 -58.72 -96.50
CA ARG Q 75 4.86 -59.88 -96.90
C ARG Q 75 4.02 -60.46 -95.78
N ALA Q 76 4.57 -60.57 -94.55
CA ALA Q 76 3.82 -61.00 -93.40
C ALA Q 76 2.65 -60.09 -93.03
N ALA Q 77 2.83 -58.76 -93.08
CA ALA Q 77 1.76 -57.79 -92.87
C ALA Q 77 0.65 -57.89 -93.93
N VAL Q 78 1.00 -58.10 -95.22
CA VAL Q 78 0.05 -58.42 -96.29
C VAL Q 78 -0.74 -59.69 -96.00
N ASN Q 79 -0.06 -60.75 -95.52
CA ASN Q 79 -0.67 -62.00 -95.12
C ASN Q 79 -1.66 -61.88 -93.98
N VAL Q 80 -1.42 -61.00 -92.97
CA VAL Q 80 -2.39 -60.67 -91.92
C VAL Q 80 -3.67 -60.09 -92.51
N GLY Q 81 -3.55 -59.18 -93.50
CA GLY Q 81 -4.70 -58.61 -94.20
C GLY Q 81 -5.47 -59.60 -95.03
N LYS Q 82 -4.76 -60.50 -95.74
CA LYS Q 82 -5.37 -61.60 -96.50
C LYS Q 82 -6.14 -62.59 -95.66
N ALA Q 83 -5.62 -62.99 -94.48
CA ALA Q 83 -6.29 -63.85 -93.51
C ALA Q 83 -7.59 -63.27 -92.97
N ARG Q 84 -7.67 -61.93 -92.86
CA ARG Q 84 -8.86 -61.24 -92.42
C ARG Q 84 -9.84 -61.02 -93.55
N GLY Q 85 -9.50 -61.40 -94.80
CA GLY Q 85 -10.38 -61.27 -95.94
C GLY Q 85 -10.41 -59.90 -96.52
N TRP Q 86 -9.43 -59.06 -96.13
CA TRP Q 86 -9.28 -57.70 -96.60
C TRP Q 86 -9.00 -57.65 -98.08
N GLY Q 87 -9.51 -56.59 -98.74
CA GLY Q 87 -9.19 -56.27 -100.12
C GLY Q 87 -7.70 -56.22 -100.34
N ASN Q 88 -7.21 -56.62 -101.52
CA ASN Q 88 -5.77 -56.66 -101.77
C ASN Q 88 -5.06 -55.33 -101.54
N ILE Q 89 -4.10 -55.34 -100.60
CA ILE Q 89 -3.40 -54.16 -100.17
C ILE Q 89 -2.14 -54.15 -101.02
N ASP Q 90 -1.90 -53.05 -101.76
CA ASP Q 90 -0.69 -52.88 -102.52
C ASP Q 90 0.54 -52.88 -101.59
N VAL Q 91 1.52 -53.75 -101.92
CA VAL Q 91 2.77 -53.93 -101.20
C VAL Q 91 3.63 -52.67 -101.16
N ALA Q 92 3.72 -51.95 -102.31
CA ALA Q 92 4.50 -50.75 -102.43
C ALA Q 92 3.85 -49.59 -101.68
N THR Q 93 2.50 -49.46 -101.73
CA THR Q 93 1.73 -48.52 -100.88
C THR Q 93 1.93 -48.80 -99.40
N LEU Q 94 1.91 -50.08 -98.99
CA LEU Q 94 2.24 -50.50 -97.64
C LEU Q 94 3.67 -50.13 -97.27
N SER Q 95 4.65 -50.38 -98.14
CA SER Q 95 6.05 -50.01 -97.93
C SER Q 95 6.22 -48.52 -97.66
N GLN Q 96 5.67 -47.64 -98.52
CA GLN Q 96 5.75 -46.18 -98.39
C GLN Q 96 5.14 -45.64 -97.09
N ASN Q 97 3.98 -46.17 -96.74
CA ASN Q 97 3.32 -45.78 -95.50
C ASN Q 97 4.19 -46.22 -94.32
N SER Q 98 4.53 -47.52 -94.29
CA SER Q 98 5.37 -48.08 -93.26
C SER Q 98 6.67 -47.34 -93.03
N ASP Q 99 7.25 -46.80 -94.09
CA ASP Q 99 8.49 -46.04 -93.98
C ASP Q 99 8.17 -44.80 -93.14
N ARG Q 100 7.15 -44.07 -93.58
CA ARG Q 100 6.72 -42.88 -92.86
C ARG Q 100 6.50 -43.13 -91.38
N LEU Q 101 5.79 -44.22 -91.00
CA LEU Q 101 5.60 -44.60 -89.60
C LEU Q 101 6.88 -44.97 -88.89
N TYR Q 102 7.83 -45.68 -89.55
CA TYR Q 102 9.14 -45.97 -89.01
C TYR Q 102 9.94 -44.72 -88.66
N GLN Q 103 9.90 -43.66 -89.51
CA GLN Q 103 10.48 -42.36 -89.22
C GLN Q 103 9.87 -41.71 -87.99
N GLN Q 104 8.52 -41.79 -87.83
CA GLN Q 104 7.84 -41.32 -86.63
C GLN Q 104 8.26 -42.01 -85.36
N LEU Q 105 8.43 -43.34 -85.38
CA LEU Q 105 8.98 -44.11 -84.26
C LEU Q 105 10.41 -43.70 -83.94
N LEU Q 106 11.25 -43.53 -84.96
CA LEU Q 106 12.61 -43.07 -84.79
C LEU Q 106 12.79 -41.65 -84.26
N GLN Q 107 12.00 -40.68 -84.73
CA GLN Q 107 12.14 -39.31 -84.29
C GLN Q 107 11.44 -39.01 -82.98
N ASP Q 108 10.57 -39.90 -82.54
CA ASP Q 108 9.85 -39.71 -81.28
C ASP Q 108 10.81 -39.43 -80.13
N SER Q 109 10.42 -38.54 -79.23
CA SER Q 109 11.24 -38.19 -78.08
C SER Q 109 11.04 -39.17 -76.93
N THR Q 110 10.77 -40.43 -77.27
CA THR Q 110 10.57 -41.46 -76.28
C THR Q 110 11.84 -42.28 -76.05
N PRO Q 111 12.19 -42.49 -74.72
CA PRO Q 111 13.42 -43.29 -74.54
C PRO Q 111 13.36 -44.61 -75.29
N GLU Q 112 14.49 -45.06 -75.81
CA GLU Q 112 14.55 -46.32 -76.55
C GLU Q 112 14.05 -47.48 -75.70
N ALA Q 113 14.62 -47.64 -74.51
CA ALA Q 113 14.22 -48.71 -73.60
C ALA Q 113 12.70 -48.83 -73.53
N THR Q 114 12.03 -47.68 -73.39
CA THR Q 114 10.57 -47.66 -73.29
C THR Q 114 9.93 -48.10 -74.60
N GLN Q 115 10.47 -47.62 -75.71
CA GLN Q 115 9.95 -47.96 -77.03
C GLN Q 115 10.06 -49.46 -77.29
N CYS Q 116 11.24 -50.01 -77.06
CA CYS Q 116 11.47 -51.43 -77.27
C CYS Q 116 10.57 -52.32 -76.43
N SER Q 117 10.39 -52.00 -75.12
CA SER Q 117 9.48 -52.70 -74.22
C SER Q 117 8.04 -52.60 -74.65
N GLN Q 118 7.63 -51.39 -75.04
CA GLN Q 118 6.25 -51.16 -75.48
C GLN Q 118 5.94 -51.98 -76.73
N PHE Q 119 6.78 -51.83 -77.75
CA PHE Q 119 6.59 -52.55 -79.01
C PHE Q 119 6.64 -54.06 -78.79
N ASN Q 120 7.75 -54.54 -78.22
CA ASN Q 120 7.92 -55.95 -77.96
C ASN Q 120 6.67 -56.60 -77.37
N ARG Q 121 5.87 -55.80 -76.67
CA ARG Q 121 4.64 -56.28 -76.07
C ARG Q 121 3.43 -55.99 -76.96
N GLN Q 122 3.62 -55.10 -77.92
CA GLN Q 122 2.55 -54.73 -78.83
C GLN Q 122 2.59 -55.57 -80.10
N LEU Q 123 3.80 -55.83 -80.60
CA LEU Q 123 3.97 -56.63 -81.81
C LEU Q 123 4.15 -58.11 -81.48
N ALA Q 124 3.64 -58.51 -80.31
CA ALA Q 124 3.74 -59.90 -79.87
C ALA Q 124 2.89 -60.82 -80.74
N PRO Q 125 1.52 -60.55 -80.75
CA PRO Q 125 0.74 -61.46 -81.61
C PRO Q 125 1.27 -61.50 -83.04
N PHE Q 126 1.49 -60.32 -83.63
CA PHE Q 126 1.99 -60.24 -84.99
C PHE Q 126 3.17 -61.20 -85.21
N ILE Q 127 4.20 -61.07 -84.38
CA ILE Q 127 5.37 -61.93 -84.48
C ILE Q 127 4.97 -63.39 -84.64
N ALA Q 128 4.02 -63.84 -83.82
CA ALA Q 128 3.55 -65.22 -83.87
C ALA Q 128 3.03 -65.57 -85.25
N SER Q 129 2.26 -64.65 -85.84
CA SER Q 129 1.69 -64.86 -87.17
C SER Q 129 2.67 -64.99 -88.31
N LEU Q 130 3.79 -64.22 -88.21
CA LEU Q 130 4.86 -64.16 -89.18
C LEU Q 130 5.84 -65.33 -89.10
N ARG Q 131 5.84 -66.04 -87.96
CA ARG Q 131 6.51 -67.31 -87.72
C ARG Q 131 5.56 -68.53 -87.88
N ILE R 39 -22.49 -11.05 -101.99
CA ILE R 39 -22.80 -12.32 -101.35
C ILE R 39 -22.98 -13.44 -102.38
N SER R 40 -22.91 -13.06 -103.65
CA SER R 40 -23.07 -14.02 -104.74
C SER R 40 -21.76 -14.22 -105.49
N SER R 41 -21.08 -13.12 -105.79
CA SER R 41 -19.81 -13.17 -106.51
C SER R 41 -18.64 -12.64 -105.69
N GLN R 42 -18.93 -12.15 -104.50
CA GLN R 42 -17.92 -11.61 -103.62
C GLN R 42 -17.18 -12.53 -102.65
N ALA R 43 -17.91 -13.42 -101.93
CA ALA R 43 -17.33 -14.41 -101.05
C ALA R 43 -16.49 -15.45 -101.78
N GLN R 44 -16.92 -15.91 -102.99
CA GLN R 44 -16.16 -16.82 -103.83
C GLN R 44 -14.81 -16.26 -104.23
N LEU R 45 -14.80 -14.99 -104.69
CA LEU R 45 -13.57 -14.28 -105.01
C LEU R 45 -12.69 -14.10 -103.80
N GLU R 46 -13.23 -13.66 -102.64
CA GLU R 46 -12.45 -13.46 -101.44
C GLU R 46 -11.80 -14.75 -100.94
N GLN R 47 -12.54 -15.88 -100.90
CA GLN R 47 -12.01 -17.18 -100.51
C GLN R 47 -10.88 -17.70 -101.40
N LEU R 48 -11.04 -17.60 -102.73
CA LEU R 48 -10.00 -17.99 -103.67
C LEU R 48 -8.79 -17.07 -103.65
N SER R 49 -9.00 -15.75 -103.55
CA SER R 49 -7.94 -14.76 -103.40
C SER R 49 -7.15 -14.95 -102.12
N SER R 50 -7.83 -15.26 -101.00
CA SER R 50 -7.21 -15.57 -99.72
C SER R 50 -6.28 -16.78 -99.75
N VAL R 51 -6.72 -17.92 -100.34
CA VAL R 51 -5.86 -19.09 -100.46
C VAL R 51 -4.71 -18.86 -101.42
N ALA R 52 -4.92 -18.17 -102.57
CA ALA R 52 -3.85 -17.82 -103.47
C ALA R 52 -2.81 -16.89 -102.86
N ALA R 53 -3.23 -15.82 -102.14
CA ALA R 53 -2.34 -14.92 -101.42
C ALA R 53 -1.54 -15.60 -100.32
N GLY R 54 -2.19 -16.47 -99.51
CA GLY R 54 -1.51 -17.19 -98.45
C GLY R 54 -0.50 -18.20 -98.94
N THR R 55 -0.81 -18.91 -100.05
CA THR R 55 0.10 -19.84 -100.72
C THR R 55 1.30 -19.16 -101.32
N ARG R 56 1.12 -18.00 -101.95
CA ARG R 56 2.23 -17.16 -102.37
C ARG R 56 3.07 -16.64 -101.23
N TYR R 57 2.44 -16.35 -100.11
CA TYR R 57 3.15 -15.90 -98.91
C TYR R 57 4.06 -17.06 -98.48
N LEU R 58 3.46 -18.23 -98.27
CA LEU R 58 4.20 -19.41 -97.89
C LEU R 58 5.38 -19.72 -98.79
N LYS R 59 5.19 -19.66 -100.12
CA LYS R 59 6.29 -19.86 -101.06
C LYS R 59 7.41 -18.84 -100.89
N ASN R 60 7.06 -17.55 -100.82
CA ASN R 60 8.03 -16.47 -100.85
C ASN R 60 8.70 -16.23 -99.50
N LYS R 61 7.97 -16.37 -98.37
CA LYS R 61 8.44 -15.92 -97.07
C LYS R 61 8.60 -17.03 -96.05
N CYS R 62 8.09 -18.25 -96.32
CA CYS R 62 8.10 -19.33 -95.32
C CYS R 62 8.79 -20.55 -95.86
N ASN R 63 9.63 -20.38 -96.89
CA ASN R 63 10.51 -21.38 -97.46
C ASN R 63 9.81 -22.58 -98.11
N ARG R 64 8.53 -22.43 -98.50
CA ARG R 64 7.79 -23.46 -99.20
C ARG R 64 8.11 -23.48 -100.68
N SER R 65 9.33 -23.95 -101.00
CA SER R 65 9.90 -24.05 -102.33
C SER R 65 9.32 -25.21 -103.12
N ASP R 66 8.44 -25.96 -102.49
CA ASP R 66 7.74 -27.06 -103.14
C ASP R 66 6.52 -26.52 -103.90
N LEU R 67 6.08 -25.32 -103.54
CA LEU R 67 4.95 -24.69 -104.17
C LEU R 67 5.32 -24.11 -105.52
N PRO R 68 4.43 -24.12 -106.50
CA PRO R 68 4.77 -23.69 -107.83
C PRO R 68 4.70 -22.17 -107.93
N ALA R 69 5.04 -21.62 -109.11
CA ALA R 69 5.02 -20.21 -109.40
C ALA R 69 3.65 -19.55 -109.22
N ASP R 70 3.61 -18.21 -109.09
CA ASP R 70 2.43 -17.42 -108.78
C ASP R 70 1.27 -17.67 -109.75
N GLU R 71 1.54 -17.76 -111.07
CA GLU R 71 0.56 -18.07 -112.11
C GLU R 71 -0.12 -19.43 -111.88
N THR R 72 0.67 -20.45 -111.52
CA THR R 72 0.22 -21.81 -111.22
C THR R 72 -0.62 -21.85 -109.98
N ILE R 73 -0.26 -21.07 -108.94
CA ILE R 73 -1.06 -20.89 -107.74
C ILE R 73 -2.40 -20.26 -108.05
N TYR R 74 -2.42 -19.23 -108.93
CA TYR R 74 -3.64 -18.62 -109.43
C TYR R 74 -4.53 -19.58 -110.21
N ARG R 75 -3.97 -20.38 -111.12
CA ARG R 75 -4.68 -21.44 -111.81
C ARG R 75 -5.24 -22.51 -110.90
N ALA R 76 -4.50 -22.94 -109.87
CA ALA R 76 -4.98 -23.86 -108.87
C ALA R 76 -6.17 -23.34 -108.06
N ALA R 77 -6.16 -22.07 -107.64
CA ALA R 77 -7.28 -21.41 -106.97
C ALA R 77 -8.53 -21.34 -107.86
N VAL R 78 -8.38 -21.04 -109.17
CA VAL R 78 -9.46 -21.13 -110.15
C VAL R 78 -10.04 -22.53 -110.27
N ASN R 79 -9.16 -23.56 -110.28
CA ASN R 79 -9.55 -24.97 -110.30
C ASN R 79 -10.35 -25.41 -109.07
N VAL R 80 -10.03 -24.90 -107.86
CA VAL R 80 -10.84 -25.11 -106.67
C VAL R 80 -12.26 -24.59 -106.84
N GLY R 81 -12.42 -23.39 -107.44
CA GLY R 81 -13.73 -22.82 -107.75
C GLY R 81 -14.51 -23.59 -108.78
N LYS R 82 -13.83 -24.06 -109.85
CA LYS R 82 -14.42 -24.91 -110.88
C LYS R 82 -14.92 -26.25 -110.37
N ALA R 83 -14.17 -26.92 -109.48
CA ALA R 83 -14.55 -28.16 -108.83
C ALA R 83 -15.80 -28.04 -107.96
N ARG R 84 -16.02 -26.85 -107.36
CA ARG R 84 -17.19 -26.57 -106.56
C ARG R 84 -18.38 -26.14 -107.41
N GLY R 85 -18.20 -26.01 -108.74
CA GLY R 85 -19.27 -25.65 -109.66
C GLY R 85 -19.56 -24.19 -109.69
N TRP R 86 -18.64 -23.38 -109.14
CA TRP R 86 -18.73 -21.95 -109.10
C TRP R 86 -18.70 -21.33 -110.49
N GLY R 87 -19.44 -20.21 -110.65
CA GLY R 87 -19.40 -19.40 -111.85
C GLY R 87 -17.98 -19.03 -112.21
N ASN R 88 -17.66 -18.91 -113.50
CA ASN R 88 -16.29 -18.62 -113.92
C ASN R 88 -15.72 -17.35 -113.30
N ILE R 89 -14.61 -17.51 -112.54
CA ILE R 89 -13.98 -16.45 -111.80
C ILE R 89 -12.91 -15.94 -112.74
N ASP R 90 -12.92 -14.62 -113.05
CA ASP R 90 -11.88 -14.00 -113.83
C ASP R 90 -10.53 -14.11 -113.11
N VAL R 91 -9.51 -14.64 -113.85
CA VAL R 91 -8.15 -14.85 -113.39
C VAL R 91 -7.46 -13.54 -113.01
N ALA R 92 -7.64 -12.47 -113.81
CA ALA R 92 -7.04 -11.18 -113.58
C ALA R 92 -7.69 -10.48 -112.38
N THR R 93 -9.03 -10.57 -112.23
CA THR R 93 -9.75 -10.13 -111.01
C THR R 93 -9.27 -10.85 -109.77
N LEU R 94 -9.09 -12.18 -109.86
CA LEU R 94 -8.47 -12.97 -108.80
C LEU R 94 -7.06 -12.52 -108.48
N SER R 95 -6.20 -12.27 -109.49
CA SER R 95 -4.85 -11.78 -109.33
C SER R 95 -4.81 -10.46 -108.56
N GLN R 96 -5.60 -9.44 -108.97
CA GLN R 96 -5.67 -8.13 -108.32
C GLN R 96 -6.11 -8.18 -106.86
N ASN R 97 -7.12 -8.98 -106.59
CA ASN R 97 -7.61 -9.17 -105.23
C ASN R 97 -6.51 -9.83 -104.40
N SER R 98 -6.02 -10.97 -104.88
CA SER R 98 -4.95 -11.70 -104.22
C SER R 98 -3.72 -10.87 -103.90
N ASP R 99 -3.40 -9.91 -104.75
CA ASP R 99 -2.26 -9.04 -104.51
C ASP R 99 -2.58 -8.23 -103.27
N ARG R 100 -3.73 -7.58 -103.27
CA ARG R 100 -4.17 -6.80 -102.14
C ARG R 100 -4.11 -7.58 -100.84
N LEU R 101 -4.61 -8.83 -100.80
CA LEU R 101 -4.52 -9.69 -99.62
C LEU R 101 -3.09 -10.06 -99.25
N TYR R 102 -2.20 -10.33 -100.21
CA TYR R 102 -0.78 -10.56 -99.98
C TYR R 102 -0.08 -9.38 -99.29
N GLN R 103 -0.40 -8.12 -99.70
CA GLN R 103 0.06 -6.92 -99.02
C GLN R 103 -0.41 -6.84 -97.57
N GLN R 104 -1.68 -7.21 -97.31
CA GLN R 104 -2.21 -7.28 -95.94
C GLN R 104 -1.50 -8.29 -95.07
N LEU R 105 -1.18 -9.48 -95.58
CA LEU R 105 -0.36 -10.48 -94.89
C LEU R 105 1.05 -9.97 -94.61
N LEU R 106 1.68 -9.32 -95.59
CA LEU R 106 2.98 -8.72 -95.43
C LEU R 106 3.08 -7.56 -94.44
N GLN R 107 2.11 -6.64 -94.44
CA GLN R 107 2.16 -5.50 -93.56
C GLN R 107 1.67 -5.79 -92.15
N ASP R 108 0.99 -6.92 -91.95
CA ASP R 108 0.48 -7.28 -90.64
C ASP R 108 1.59 -7.26 -89.59
N SER R 109 1.24 -6.81 -88.39
CA SER R 109 2.21 -6.73 -87.30
C SER R 109 2.31 -8.07 -86.57
N THR R 110 2.15 -9.16 -87.31
CA THR R 110 2.23 -10.50 -86.74
C THR R 110 3.61 -11.11 -86.97
N PRO R 111 4.20 -11.70 -85.87
CA PRO R 111 5.53 -12.29 -86.13
C PRO R 111 5.50 -13.27 -87.30
N GLU R 112 6.58 -13.31 -88.07
CA GLU R 112 6.66 -14.21 -89.21
C GLU R 112 6.44 -15.66 -88.79
N ALA R 113 7.21 -16.11 -87.81
CA ALA R 113 7.11 -17.48 -87.32
C ALA R 113 5.65 -17.87 -87.11
N THR R 114 4.89 -16.97 -86.49
CA THR R 114 3.48 -17.23 -86.23
C THR R 114 2.68 -17.31 -87.53
N GLN R 115 2.95 -16.39 -88.44
CA GLN R 115 2.26 -16.35 -89.71
C GLN R 115 2.50 -17.63 -90.51
N CYS R 116 3.76 -18.01 -90.64
CA CYS R 116 4.12 -19.22 -91.38
C CYS R 116 3.48 -20.48 -90.81
N SER R 117 3.49 -20.66 -89.47
CA SER R 117 2.83 -21.77 -88.77
C SER R 117 1.34 -21.76 -88.98
N GLN R 118 0.73 -20.60 -88.85
CA GLN R 118 -0.72 -20.46 -89.02
C GLN R 118 -1.14 -20.84 -90.43
N PHE R 119 -0.52 -20.22 -91.42
CA PHE R 119 -0.82 -20.49 -92.82
C PHE R 119 -0.55 -21.94 -93.17
N ASN R 120 0.68 -22.39 -92.94
CA ASN R 120 1.06 -23.77 -93.24
C ASN R 120 0.00 -24.77 -92.78
N ARG R 121 -0.75 -24.41 -91.75
CA ARG R 121 -1.79 -25.27 -91.22
C ARG R 121 -3.16 -24.90 -91.80
N GLN R 122 -3.24 -23.71 -92.39
CA GLN R 122 -4.49 -23.25 -92.98
C GLN R 122 -4.57 -23.59 -94.46
N LEU R 123 -3.44 -23.46 -95.16
CA LEU R 123 -3.38 -23.75 -96.58
C LEU R 123 -2.98 -25.20 -96.82
N ALA R 124 -3.23 -26.05 -95.84
CA ALA R 124 -2.90 -27.46 -95.95
C ALA R 124 -3.77 -28.16 -96.99
N PRO R 125 -5.13 -28.15 -96.75
CA PRO R 125 -5.94 -28.83 -97.77
C PRO R 125 -5.66 -28.28 -99.17
N PHE R 126 -5.68 -26.97 -99.31
CA PHE R 126 -5.42 -26.33 -100.60
C PHE R 126 -4.21 -26.95 -101.28
N ILE R 127 -3.07 -26.94 -100.59
CA ILE R 127 -1.85 -27.50 -101.13
C ILE R 127 -2.09 -28.86 -101.77
N ALA R 128 -2.81 -29.72 -101.06
CA ALA R 128 -3.13 -31.05 -101.55
C ALA R 128 -3.84 -31.00 -102.89
N SER R 129 -4.79 -30.07 -103.01
CA SER R 129 -5.56 -29.91 -104.26
C SER R 129 -4.76 -29.48 -105.47
N LEU R 130 -3.75 -28.62 -105.24
CA LEU R 130 -2.87 -28.04 -106.23
C LEU R 130 -1.77 -28.99 -106.71
N ARG R 131 -1.49 -30.03 -105.90
CA ARG R 131 -0.65 -31.17 -106.23
C ARG R 131 -1.46 -32.41 -106.69
N ILE S 39 -56.00 45.40 -76.40
CA ILE S 39 -55.84 44.01 -76.78
C ILE S 39 -56.20 43.77 -78.24
N SER S 40 -56.68 44.83 -78.90
CA SER S 40 -57.05 44.73 -80.30
C SER S 40 -56.10 45.52 -81.19
N SER S 41 -55.76 46.73 -80.75
CA SER S 41 -54.85 47.60 -81.50
C SER S 41 -53.57 47.91 -80.74
N GLN S 42 -53.48 47.42 -79.51
CA GLN S 42 -52.31 47.65 -78.68
C GLN S 42 -51.13 46.68 -78.75
N ALA S 43 -51.40 45.35 -78.73
CA ALA S 43 -50.38 44.33 -78.88
C ALA S 43 -49.72 44.34 -80.25
N GLN S 44 -50.48 44.59 -81.35
CA GLN S 44 -49.93 44.73 -82.69
C GLN S 44 -48.93 45.85 -82.80
N LEU S 45 -49.29 47.03 -82.27
CA LEU S 45 -48.40 48.17 -82.21
C LEU S 45 -47.18 47.90 -81.36
N GLU S 46 -47.33 47.31 -80.16
CA GLU S 46 -46.20 47.01 -79.29
C GLU S 46 -45.22 46.03 -79.92
N GLN S 47 -45.70 44.94 -80.56
CA GLN S 47 -44.85 43.97 -81.26
C GLN S 47 -44.07 44.56 -82.42
N LEU S 48 -44.70 45.38 -83.28
CA LEU S 48 -44.04 46.05 -84.38
C LEU S 48 -43.07 47.12 -83.93
N SER S 49 -43.44 47.92 -82.91
CA SER S 49 -42.58 48.92 -82.29
C SER S 49 -41.35 48.31 -81.66
N SER S 50 -41.51 47.16 -80.96
CA SER S 50 -40.42 46.40 -80.37
C SER S 50 -39.40 45.89 -81.37
N VAL S 51 -39.82 45.28 -82.49
CA VAL S 51 -38.89 44.84 -83.52
C VAL S 51 -38.22 46.01 -84.24
N ALA S 52 -38.96 47.10 -84.54
CA ALA S 52 -38.35 48.28 -85.12
C ALA S 52 -37.33 48.96 -84.21
N ALA S 53 -37.61 49.13 -82.90
CA ALA S 53 -36.70 49.66 -81.92
C ALA S 53 -35.44 48.80 -81.72
N GLY S 54 -35.60 47.47 -81.65
CA GLY S 54 -34.48 46.56 -81.50
C GLY S 54 -33.57 46.51 -82.70
N THR S 55 -34.14 46.55 -83.92
CA THR S 55 -33.41 46.63 -85.19
C THR S 55 -32.63 47.91 -85.35
N ARG S 56 -33.21 49.06 -84.97
CA ARG S 56 -32.49 50.30 -84.87
C ARG S 56 -31.37 50.30 -83.84
N TYR S 57 -31.60 49.59 -82.74
CA TYR S 57 -30.58 49.46 -81.70
C TYR S 57 -29.41 48.70 -82.33
N LEU S 58 -29.69 47.52 -82.88
CA LEU S 58 -28.69 46.72 -83.54
C LEU S 58 -27.88 47.47 -84.59
N LYS S 59 -28.54 48.26 -85.46
CA LYS S 59 -27.85 49.08 -86.44
C LYS S 59 -26.92 50.11 -85.81
N ASN S 60 -27.43 50.86 -84.82
CA ASN S 60 -26.72 51.99 -84.25
C ASN S 60 -25.65 51.60 -83.24
N LYS S 61 -25.89 50.55 -82.41
CA LYS S 61 -25.07 50.26 -81.25
C LYS S 61 -24.36 48.92 -81.32
N CYS S 62 -24.73 48.03 -82.27
CA CYS S 62 -24.19 46.67 -82.29
C CYS S 62 -23.54 46.37 -83.63
N ASN S 63 -23.18 47.42 -84.38
CA ASN S 63 -22.42 47.37 -85.62
C ASN S 63 -23.11 46.66 -86.78
N ARG S 64 -24.44 46.53 -86.76
CA ARG S 64 -25.22 45.95 -87.83
C ARG S 64 -25.45 46.95 -88.95
N SER S 65 -24.38 47.25 -89.70
CA SER S 65 -24.33 48.19 -90.80
C SER S 65 -24.96 47.64 -92.07
N ASP S 66 -25.42 46.40 -91.99
CA ASP S 66 -26.12 45.76 -93.09
C ASP S 66 -27.60 46.15 -93.07
N LEU S 67 -28.06 46.63 -91.91
CA LEU S 67 -29.44 47.04 -91.74
C LEU S 67 -29.68 48.39 -92.37
N PRO S 68 -30.85 48.66 -92.93
CA PRO S 68 -31.11 49.89 -93.63
C PRO S 68 -31.44 51.00 -92.65
N ALA S 69 -31.65 52.23 -93.16
CA ALA S 69 -32.01 53.40 -92.40
C ALA S 69 -33.30 53.25 -91.60
N ASP S 70 -33.51 54.12 -90.58
CA ASP S 70 -34.60 54.06 -89.64
C ASP S 70 -35.98 54.03 -90.30
N GLU S 71 -36.20 54.87 -91.34
CA GLU S 71 -37.43 54.92 -92.14
C GLU S 71 -37.75 53.57 -92.79
N THR S 72 -36.73 52.92 -93.37
CA THR S 72 -36.80 51.61 -94.02
C THR S 72 -37.13 50.52 -93.02
N ILE S 73 -36.53 50.58 -91.81
CA ILE S 73 -36.86 49.69 -90.70
C ILE S 73 -38.31 49.85 -90.28
N TYR S 74 -38.81 51.10 -90.18
CA TYR S 74 -40.21 51.39 -89.92
C TYR S 74 -41.15 50.86 -90.99
N ARG S 75 -40.83 51.03 -92.29
CA ARG S 75 -41.58 50.44 -93.38
C ARG S 75 -41.59 48.92 -93.38
N ALA S 76 -40.46 48.27 -93.05
CA ALA S 76 -40.39 46.84 -92.91
C ALA S 76 -41.27 46.28 -91.79
N ALA S 77 -41.31 46.94 -90.62
CA ALA S 77 -42.20 46.60 -89.51
C ALA S 77 -43.68 46.72 -89.89
N VAL S 78 -44.07 47.77 -90.63
CA VAL S 78 -45.41 47.92 -91.22
C VAL S 78 -45.75 46.77 -92.17
N ASN S 79 -44.79 46.38 -93.02
CA ASN S 79 -44.92 45.25 -93.95
C ASN S 79 -45.13 43.91 -93.25
N VAL S 80 -44.48 43.65 -92.09
CA VAL S 80 -44.76 42.48 -91.24
C VAL S 80 -46.20 42.44 -90.79
N GLY S 81 -46.76 43.59 -90.37
CA GLY S 81 -48.16 43.71 -89.98
C GLY S 81 -49.14 43.50 -91.12
N LYS S 82 -48.83 44.06 -92.31
CA LYS S 82 -49.61 43.87 -93.52
C LYS S 82 -49.66 42.42 -94.00
N ALA S 83 -48.54 41.68 -93.95
CA ALA S 83 -48.45 40.26 -94.28
C ALA S 83 -49.31 39.38 -93.37
N ARG S 84 -49.48 39.78 -92.11
CA ARG S 84 -50.30 39.07 -91.15
C ARG S 84 -51.77 39.45 -91.27
N GLY S 85 -52.12 40.41 -92.15
CA GLY S 85 -53.50 40.83 -92.38
C GLY S 85 -54.00 41.78 -91.36
N TRP S 86 -53.09 42.35 -90.56
CA TRP S 86 -53.39 43.33 -89.53
C TRP S 86 -53.96 44.60 -90.11
N GLY S 87 -54.88 45.23 -89.33
CA GLY S 87 -55.42 46.54 -89.62
C GLY S 87 -54.31 47.54 -89.86
N ASN S 88 -54.51 48.52 -90.75
CA ASN S 88 -53.45 49.48 -91.07
C ASN S 88 -52.90 50.21 -89.85
N ILE S 89 -51.59 50.03 -89.60
CA ILE S 89 -50.91 50.59 -88.45
C ILE S 89 -50.35 51.90 -88.93
N ASP S 90 -50.68 53.01 -88.26
CA ASP S 90 -50.13 54.31 -88.54
C ASP S 90 -48.59 54.29 -88.33
N VAL S 91 -47.85 54.73 -89.38
CA VAL S 91 -46.41 54.81 -89.42
C VAL S 91 -45.83 55.75 -88.37
N ALA S 92 -46.47 56.93 -88.18
CA ALA S 92 -46.04 57.93 -87.22
C ALA S 92 -46.31 57.47 -85.78
N THR S 93 -47.48 56.82 -85.52
CA THR S 93 -47.76 56.14 -84.24
C THR S 93 -46.76 55.05 -83.93
N LEU S 94 -46.39 54.24 -84.94
CA LEU S 94 -45.32 53.25 -84.83
C LEU S 94 -43.98 53.90 -84.52
N SER S 95 -43.61 54.98 -85.21
CA SER S 95 -42.38 55.74 -84.96
C SER S 95 -42.28 56.23 -83.52
N GLN S 96 -43.32 56.91 -82.98
CA GLN S 96 -43.37 57.43 -81.63
C GLN S 96 -43.22 56.35 -80.55
N ASN S 97 -43.92 55.25 -80.74
CA ASN S 97 -43.83 54.12 -79.83
C ASN S 97 -42.42 53.55 -79.87
N SER S 98 -41.97 53.21 -81.07
CA SER S 98 -40.63 52.69 -81.27
C SER S 98 -39.52 53.52 -80.67
N ASP S 99 -39.69 54.84 -80.67
CA ASP S 99 -38.70 55.73 -80.09
C ASP S 99 -38.66 55.43 -78.60
N ARG S 100 -39.83 55.49 -77.97
CA ARG S 100 -39.95 55.19 -76.56
C ARG S 100 -39.29 53.87 -76.18
N LEU S 101 -39.53 52.78 -76.93
CA LEU S 101 -38.87 51.50 -76.70
C LEU S 101 -37.37 51.53 -76.92
N TYR S 102 -36.86 52.25 -77.93
CA TYR S 102 -35.44 52.46 -78.15
C TYR S 102 -34.74 53.13 -76.96
N GLN S 103 -35.38 54.16 -76.35
CA GLN S 103 -34.90 54.76 -75.11
C GLN S 103 -34.82 53.78 -73.96
N GLN S 104 -35.83 52.90 -73.80
CA GLN S 104 -35.80 51.83 -72.81
C GLN S 104 -34.66 50.84 -72.99
N LEU S 105 -34.38 50.42 -74.23
CA LEU S 105 -33.21 49.60 -74.56
C LEU S 105 -31.90 50.29 -74.24
N LEU S 106 -31.78 51.59 -74.58
CA LEU S 106 -30.62 52.39 -74.27
C LEU S 106 -30.37 52.65 -72.80
N GLN S 107 -31.40 52.95 -72.01
CA GLN S 107 -31.22 53.25 -70.60
C GLN S 107 -31.11 52.02 -69.72
N ASP S 108 -31.47 50.86 -70.25
CA ASP S 108 -31.40 49.61 -69.49
C ASP S 108 -30.01 49.40 -68.91
N SER S 109 -29.96 48.87 -67.69
CA SER S 109 -28.69 48.62 -67.02
C SER S 109 -28.11 47.27 -67.43
N THR S 110 -28.35 46.89 -68.68
CA THR S 110 -27.86 45.62 -69.20
C THR S 110 -26.58 45.82 -70.01
N PRO S 111 -25.54 44.96 -69.72
CA PRO S 111 -24.32 45.18 -70.53
C PRO S 111 -24.62 45.18 -72.03
N GLU S 112 -23.90 46.01 -72.78
CA GLU S 112 -24.09 46.09 -74.22
C GLU S 112 -23.91 44.72 -74.88
N ALA S 113 -22.77 44.10 -74.63
CA ALA S 113 -22.47 42.79 -75.20
C ALA S 113 -23.66 41.85 -75.08
N THR S 114 -24.28 41.84 -73.90
CA THR S 114 -25.44 40.98 -73.66
C THR S 114 -26.64 41.42 -74.51
N GLN S 115 -26.87 42.72 -74.56
CA GLN S 115 -27.98 43.27 -75.33
C GLN S 115 -27.84 42.93 -76.81
N CYS S 116 -26.66 43.19 -77.37
CA CYS S 116 -26.40 42.91 -78.78
C CYS S 116 -26.59 41.45 -79.14
N SER S 117 -26.05 40.51 -78.31
CA SER S 117 -26.23 39.07 -78.47
C SER S 117 -27.67 38.65 -78.37
N GLN S 118 -28.38 39.16 -77.37
CA GLN S 118 -29.78 38.84 -77.17
C GLN S 118 -30.62 39.27 -78.37
N PHE S 119 -30.51 40.54 -78.75
CA PHE S 119 -31.27 41.07 -79.87
C PHE S 119 -30.91 40.35 -81.16
N ASN S 120 -29.62 40.35 -81.51
CA ASN S 120 -29.16 39.69 -82.72
C ASN S 120 -29.80 38.32 -82.92
N ARG S 121 -30.18 37.68 -81.82
CA ARG S 121 -30.80 36.36 -81.86
C ARG S 121 -32.32 36.47 -81.79
N GLN S 122 -32.81 37.64 -81.39
CA GLN S 122 -34.24 37.88 -81.29
C GLN S 122 -34.80 38.50 -82.56
N LEU S 123 -34.04 39.42 -83.14
CA LEU S 123 -34.45 40.09 -84.36
C LEU S 123 -33.95 39.36 -85.60
N ALA S 124 -33.68 38.06 -85.45
CA ALA S 124 -33.19 37.25 -86.55
C ALA S 124 -34.25 37.07 -87.62
N PRO S 125 -35.41 36.43 -87.21
CA PRO S 125 -36.42 36.27 -88.28
C PRO S 125 -36.75 37.61 -88.95
N PHE S 126 -37.05 38.62 -88.14
CA PHE S 126 -37.38 39.94 -88.66
C PHE S 126 -36.42 40.36 -89.77
N ILE S 127 -35.13 40.36 -89.45
CA ILE S 127 -34.10 40.73 -90.42
C ILE S 127 -34.33 40.06 -91.77
N ALA S 128 -34.61 38.76 -91.73
CA ALA S 128 -34.86 38.00 -92.94
C ALA S 128 -36.02 38.59 -93.74
N SER S 129 -37.08 38.97 -93.04
CA SER S 129 -38.26 39.55 -93.69
C SER S 129 -38.04 40.88 -94.38
N LEU S 130 -37.17 41.71 -93.79
CA LEU S 130 -36.82 43.05 -94.24
C LEU S 130 -35.82 43.06 -95.40
N ARG S 131 -35.11 41.94 -95.59
CA ARG S 131 -34.27 41.63 -96.75
C ARG S 131 -34.98 40.75 -97.79
N ILE T 39 -73.11 58.53 -47.58
CA ILE T 39 -72.85 57.39 -48.45
C ILE T 39 -73.42 57.62 -49.84
N SER T 40 -74.12 58.73 -50.01
CA SER T 40 -74.73 59.07 -51.30
C SER T 40 -74.03 60.26 -51.94
N SER T 41 -73.77 61.29 -51.14
CA SER T 41 -73.10 62.49 -51.63
C SER T 41 -71.75 62.74 -50.96
N GLN T 42 -71.40 61.88 -50.02
CA GLN T 42 -70.14 62.01 -49.30
C GLN T 42 -68.89 61.34 -49.85
N ALA T 43 -68.99 60.06 -50.29
CA ALA T 43 -67.91 59.33 -50.90
C ALA T 43 -67.48 59.92 -52.25
N GLN T 44 -68.44 60.40 -53.09
CA GLN T 44 -68.15 61.08 -54.34
C GLN T 44 -67.33 62.33 -54.16
N LEU T 45 -67.73 63.18 -53.20
CA LEU T 45 -66.98 64.36 -52.83
C LEU T 45 -65.60 64.02 -52.30
N GLU T 46 -65.48 63.05 -51.37
CA GLU T 46 -64.19 62.67 -50.81
C GLU T 46 -63.22 62.14 -51.87
N GLN T 47 -63.68 61.26 -52.79
CA GLN T 47 -62.85 60.76 -53.88
C GLN T 47 -62.35 61.82 -54.84
N LEU T 48 -63.21 62.76 -55.26
CA LEU T 48 -62.83 63.87 -56.12
C LEU T 48 -61.93 64.88 -55.43
N SER T 49 -62.21 65.20 -54.15
CA SER T 49 -61.38 66.07 -53.33
C SER T 49 -60.00 65.49 -53.09
N SER T 50 -59.90 64.16 -52.86
CA SER T 50 -58.65 63.44 -52.70
C SER T 50 -57.76 63.49 -53.93
N VAL T 51 -58.29 63.23 -55.15
CA VAL T 51 -57.51 63.33 -56.38
C VAL T 51 -57.11 64.76 -56.69
N ALA T 52 -58.01 65.76 -56.48
CA ALA T 52 -57.66 67.15 -56.66
C ALA T 52 -56.58 67.65 -55.70
N ALA T 53 -56.65 67.31 -54.38
CA ALA T 53 -55.64 67.61 -53.40
C ALA T 53 -54.30 66.97 -53.67
N GLY T 54 -54.28 65.68 -54.07
CA GLY T 54 -53.05 64.98 -54.39
C GLY T 54 -52.36 65.50 -55.63
N THR T 55 -53.13 65.86 -56.67
CA THR T 55 -52.64 66.50 -57.90
C THR T 55 -52.05 67.86 -57.68
N ARG T 56 -52.68 68.69 -56.84
CA ARG T 56 -52.11 69.93 -56.38
C ARG T 56 -50.84 69.76 -55.56
N TYR T 57 -50.79 68.70 -54.78
CA TYR T 57 -49.60 68.40 -53.99
C TYR T 57 -48.47 68.11 -54.98
N LEU T 58 -48.71 67.16 -55.88
CA LEU T 58 -47.74 66.82 -56.90
C LEU T 58 -47.22 68.01 -57.69
N LYS T 59 -48.11 68.91 -58.14
CA LYS T 59 -47.69 70.13 -58.82
C LYS T 59 -46.80 71.02 -57.98
N ASN T 60 -47.21 71.28 -56.73
CA ASN T 60 -46.55 72.26 -55.88
C ASN T 60 -45.28 71.73 -55.21
N LYS T 61 -45.26 70.45 -54.80
CA LYS T 61 -44.22 69.91 -53.93
C LYS T 61 -43.39 68.81 -54.57
N CYS T 62 -43.79 68.25 -55.72
CA CYS T 62 -43.12 67.10 -56.29
C CYS T 62 -42.68 67.38 -57.71
N ASN T 63 -42.59 68.68 -58.07
CA ASN T 63 -42.04 69.18 -59.32
C ASN T 63 -42.83 68.80 -60.58
N ARG T 64 -44.11 68.45 -60.44
CA ARG T 64 -44.99 68.15 -61.55
C ARG T 64 -45.53 69.41 -62.20
N SER T 65 -44.63 70.13 -62.91
CA SER T 65 -44.89 71.39 -63.59
C SER T 65 -45.64 71.20 -64.89
N ASP T 66 -45.95 69.94 -65.21
CA ASP T 66 -46.74 69.62 -66.39
C ASP T 66 -48.23 69.71 -66.04
N LEU T 67 -48.55 69.69 -64.74
CA LEU T 67 -49.91 69.77 -64.28
C LEU T 67 -50.41 71.21 -64.33
N PRO T 68 -51.68 71.43 -64.63
CA PRO T 68 -52.19 72.78 -64.80
C PRO T 68 -52.48 73.41 -63.45
N ALA T 69 -52.92 74.68 -63.45
CA ALA T 69 -53.28 75.44 -62.28
C ALA T 69 -54.39 74.82 -61.44
N ASP T 70 -54.52 75.23 -60.16
CA ASP T 70 -55.42 74.68 -59.18
C ASP T 70 -56.88 74.65 -59.64
N GLU T 71 -57.37 75.74 -60.28
CA GLU T 71 -58.71 75.84 -60.85
C GLU T 71 -58.98 74.76 -61.91
N THR T 72 -58.00 74.53 -62.80
CA THR T 72 -58.03 73.52 -63.86
C THR T 72 -58.06 72.13 -63.30
N ILE T 73 -57.27 71.86 -62.22
CA ILE T 73 -57.30 70.62 -61.48
C ILE T 73 -58.67 70.37 -60.86
N TYR T 74 -59.29 71.41 -60.27
CA TYR T 74 -60.65 71.35 -59.76
C TYR T 74 -61.69 71.06 -60.83
N ARG T 75 -61.62 71.73 -62.00
CA ARG T 75 -62.46 71.42 -63.14
C ARG T 75 -62.29 70.01 -63.69
N ALA T 76 -61.06 69.50 -63.76
CA ALA T 76 -60.80 68.13 -64.15
C ALA T 76 -61.40 67.09 -63.21
N ALA T 77 -61.32 67.28 -61.88
CA ALA T 77 -61.96 66.44 -60.89
C ALA T 77 -63.49 66.43 -61.01
N VAL T 78 -64.12 67.60 -61.27
CA VAL T 78 -65.55 67.71 -61.61
C VAL T 78 -65.91 66.92 -62.86
N ASN T 79 -65.07 67.00 -63.90
CA ASN T 79 -65.22 66.25 -65.15
C ASN T 79 -65.15 64.73 -64.96
N VAL T 80 -64.29 64.21 -64.06
CA VAL T 80 -64.28 62.80 -63.67
C VAL T 80 -65.62 62.35 -63.11
N GLY T 81 -66.22 63.18 -62.23
CA GLY T 81 -67.55 62.92 -61.66
C GLY T 81 -68.66 62.96 -62.68
N LYS T 82 -68.63 63.93 -63.61
CA LYS T 82 -69.58 64.04 -64.71
C LYS T 82 -69.55 62.85 -65.67
N ALA T 83 -68.35 62.34 -66.03
CA ALA T 83 -68.15 61.16 -66.86
C ALA T 83 -68.73 59.89 -66.23
N ARG T 84 -68.73 59.79 -64.89
CA ARG T 84 -69.30 58.67 -64.17
C ARG T 84 -70.80 58.82 -63.97
N GLY T 85 -71.40 59.95 -64.39
CA GLY T 85 -72.83 60.17 -64.30
C GLY T 85 -73.27 60.62 -62.95
N TRP T 86 -72.30 61.04 -62.11
CA TRP T 86 -72.54 61.53 -60.77
C TRP T 86 -73.35 62.80 -60.77
N GLY T 87 -74.18 62.95 -59.72
CA GLY T 87 -74.91 64.19 -59.46
C GLY T 87 -73.98 65.38 -59.44
N ASN T 88 -74.44 66.56 -59.89
CA ASN T 88 -73.57 67.73 -59.96
C ASN T 88 -72.91 68.09 -58.63
N ILE T 89 -71.57 68.06 -58.61
CA ILE T 89 -70.78 68.30 -57.43
C ILE T 89 -70.46 69.77 -57.47
N ASP T 90 -70.80 70.51 -56.40
CA ASP T 90 -70.45 71.91 -56.26
C ASP T 90 -68.92 72.07 -56.25
N VAL T 91 -68.42 72.96 -57.15
CA VAL T 91 -67.01 73.29 -57.33
C VAL T 91 -66.39 73.90 -56.08
N ALA T 92 -67.13 74.81 -55.39
CA ALA T 92 -66.65 75.49 -54.21
C ALA T 92 -66.62 74.52 -53.01
N THR T 93 -67.63 73.64 -52.87
CA THR T 93 -67.62 72.53 -51.89
C THR T 93 -66.46 71.58 -52.12
N LEU T 94 -66.18 71.23 -53.39
CA LEU T 94 -65.00 70.47 -53.77
C LEU T 94 -63.71 71.19 -53.41
N SER T 95 -63.59 72.49 -53.70
CA SER T 95 -62.43 73.32 -53.35
C SER T 95 -62.15 73.29 -51.84
N GLN T 96 -63.15 73.56 -50.98
CA GLN T 96 -63.03 73.57 -49.52
C GLN T 96 -62.58 72.23 -48.93
N ASN T 97 -63.17 71.16 -49.44
CA ASN T 97 -62.80 69.81 -49.00
C ASN T 97 -61.36 69.55 -49.42
N SER T 98 -61.07 69.72 -50.71
CA SER T 98 -59.74 69.53 -51.24
C SER T 98 -58.64 70.28 -50.52
N ASP T 99 -58.96 71.47 -50.02
CA ASP T 99 -58.01 72.27 -49.28
C ASP T 99 -57.68 71.49 -48.01
N ARG T 100 -58.72 71.13 -47.26
CA ARG T 100 -58.56 70.35 -46.06
C ARG T 100 -57.70 69.11 -46.26
N LEU T 101 -57.93 68.32 -47.33
CA LEU T 101 -57.10 67.17 -47.65
C LEU T 101 -55.67 67.52 -48.02
N TYR T 102 -55.43 68.62 -48.75
CA TYR T 102 -54.11 69.13 -49.05
C TYR T 102 -53.30 69.47 -47.79
N GLN T 103 -53.93 70.10 -46.78
CA GLN T 103 -53.33 70.32 -45.47
C GLN T 103 -52.94 69.03 -44.77
N GLN T 104 -53.79 67.99 -44.83
CA GLN T 104 -53.48 66.67 -44.30
C GLN T 104 -52.29 66.01 -44.96
N LEU T 105 -52.16 66.10 -46.29
CA LEU T 105 -50.97 65.64 -47.02
C LEU T 105 -49.72 66.41 -46.63
N LEU T 106 -49.81 67.73 -46.49
CA LEU T 106 -48.72 68.56 -46.05
C LEU T 106 -48.25 68.34 -44.63
N GLN T 107 -49.16 68.18 -43.66
CA GLN T 107 -48.78 68.01 -42.28
C GLN T 107 -48.38 66.59 -41.92
N ASP T 108 -48.69 65.63 -42.78
CA ASP T 108 -48.35 64.23 -42.54
C ASP T 108 -46.86 64.07 -42.24
N SER T 109 -46.54 63.18 -41.31
CA SER T 109 -45.15 62.93 -40.94
C SER T 109 -44.50 61.92 -41.87
N THR T 110 -44.91 61.95 -43.14
CA THR T 110 -44.36 61.04 -44.14
C THR T 110 -43.27 61.72 -44.96
N PRO T 111 -42.10 61.00 -45.13
CA PRO T 111 -41.08 61.70 -45.94
C PRO T 111 -41.62 62.15 -47.29
N GLU T 112 -41.15 63.29 -47.77
CA GLU T 112 -41.59 63.83 -49.05
C GLU T 112 -41.37 62.82 -50.18
N ALA T 113 -40.13 62.35 -50.30
CA ALA T 113 -39.78 61.39 -51.34
C ALA T 113 -40.82 60.27 -51.43
N THR T 114 -41.23 59.75 -50.28
CA THR T 114 -42.22 58.68 -50.23
C THR T 114 -43.58 59.17 -50.70
N GLN T 115 -43.97 60.37 -50.26
CA GLN T 115 -45.25 60.95 -50.65
C GLN T 115 -45.33 61.16 -52.15
N CYS T 116 -44.30 61.79 -52.71
CA CYS T 116 -44.25 62.05 -54.14
C CYS T 116 -44.32 60.78 -54.99
N SER T 117 -43.56 59.73 -54.62
CA SER T 117 -43.58 58.43 -55.28
C SER T 117 -44.93 57.75 -55.17
N GLN T 118 -45.51 57.78 -53.97
CA GLN T 118 -46.82 57.17 -53.74
C GLN T 118 -47.89 57.83 -54.60
N PHE T 119 -47.99 59.15 -54.50
CA PHE T 119 -48.98 59.91 -55.26
C PHE T 119 -48.77 59.74 -56.76
N ASN T 120 -47.57 60.06 -57.23
CA ASN T 120 -47.24 59.95 -58.64
C ASN T 120 -47.74 58.63 -59.24
N ARG T 121 -47.85 57.61 -58.41
CA ARG T 121 -48.32 56.31 -58.86
C ARG T 121 -49.81 56.13 -58.58
N GLN T 122 -50.35 56.98 -57.73
CA GLN T 122 -51.77 56.92 -57.36
C GLN T 122 -52.60 57.84 -58.25
N LEU T 123 -52.06 59.02 -58.55
CA LEU T 123 -52.76 59.99 -59.39
C LEU T 123 -52.38 59.82 -60.86
N ALA T 124 -51.94 58.61 -61.21
CA ALA T 124 -51.55 58.32 -62.59
C ALA T 124 -52.76 58.34 -63.52
N PRO T 125 -53.75 57.41 -63.24
CA PRO T 125 -54.89 57.46 -64.17
C PRO T 125 -55.49 58.87 -64.26
N PHE T 126 -55.76 59.47 -63.11
CA PHE T 126 -56.33 60.81 -63.07
C PHE T 126 -55.62 61.74 -64.06
N ILE T 127 -54.30 61.85 -63.92
CA ILE T 127 -53.51 62.70 -64.79
C ILE T 127 -53.89 62.50 -66.26
N ALA T 128 -54.00 61.24 -66.66
CA ALA T 128 -54.36 60.90 -68.04
C ALA T 128 -55.69 61.52 -68.42
N SER T 129 -56.66 61.46 -67.51
CA SER T 129 -58.00 62.02 -67.76
C SER T 129 -58.06 63.52 -67.94
N LEU T 130 -57.20 64.25 -67.20
CA LEU T 130 -57.09 65.68 -67.17
C LEU T 130 -56.31 66.26 -68.36
N ARG T 131 -55.51 65.42 -69.02
CA ARG T 131 -54.85 65.66 -70.29
C ARG T 131 -55.62 65.08 -71.50
N ILE U 39 -86.45 57.95 -14.10
CA ILE U 39 -86.21 57.24 -15.35
C ILE U 39 -87.04 57.82 -16.49
N SER U 40 -87.88 58.80 -16.17
CA SER U 40 -88.72 59.45 -17.16
C SER U 40 -88.29 60.89 -17.39
N SER U 41 -88.02 61.60 -16.31
CA SER U 41 -87.59 63.00 -16.40
C SER U 41 -86.19 63.23 -15.86
N GLN U 42 -85.58 62.17 -15.33
CA GLN U 42 -84.25 62.26 -14.77
C GLN U 42 -83.04 62.04 -15.68
N ALA U 43 -83.06 60.99 -16.53
CA ALA U 43 -82.01 60.71 -17.50
C ALA U 43 -81.91 61.79 -18.58
N GLN U 44 -83.05 62.35 -19.07
CA GLN U 44 -83.05 63.46 -20.02
C GLN U 44 -82.36 64.69 -19.48
N LEU U 45 -82.68 65.07 -18.24
CA LEU U 45 -82.03 66.17 -17.56
C LEU U 45 -80.56 65.91 -17.35
N GLU U 46 -80.16 64.72 -16.86
CA GLU U 46 -78.76 64.39 -16.63
C GLU U 46 -77.93 64.43 -17.92
N GLN U 47 -78.42 63.86 -19.04
CA GLN U 47 -77.75 63.89 -20.33
C GLN U 47 -77.54 65.30 -20.89
N LEU U 48 -78.57 66.17 -20.84
CA LEU U 48 -78.48 67.55 -21.27
C LEU U 48 -77.59 68.39 -20.37
N SER U 49 -77.68 68.22 -19.04
CA SER U 49 -76.83 68.87 -18.06
C SER U 49 -75.37 68.49 -18.22
N SER U 50 -75.09 67.20 -18.48
CA SER U 50 -73.75 66.70 -18.76
C SER U 50 -73.10 67.31 -19.97
N VAL U 51 -73.79 67.39 -21.13
CA VAL U 51 -73.24 68.04 -22.33
C VAL U 51 -73.07 69.54 -22.14
N ALA U 52 -74.03 70.24 -21.49
CA ALA U 52 -73.88 71.64 -21.19
C ALA U 52 -72.72 71.96 -20.24
N ALA U 53 -72.53 71.18 -19.15
CA ALA U 53 -71.40 71.30 -18.24
C ALA U 53 -70.06 71.03 -18.88
N GLY U 54 -69.96 69.97 -19.72
CA GLY U 54 -68.73 69.64 -20.41
C GLY U 54 -68.33 70.67 -21.45
N THR U 55 -69.31 71.22 -22.20
CA THR U 55 -69.11 72.31 -23.16
C THR U 55 -68.65 73.59 -22.52
N ARG U 56 -69.23 73.96 -21.37
CA ARG U 56 -68.73 75.05 -20.57
C ARG U 56 -67.33 74.84 -20.03
N TYR U 57 -67.03 73.59 -19.69
CA TYR U 57 -65.69 73.24 -19.21
C TYR U 57 -64.72 73.51 -20.35
N LEU U 58 -65.00 72.90 -21.51
CA LEU U 58 -64.18 73.10 -22.69
C LEU U 58 -63.94 74.54 -23.05
N LYS U 59 -64.99 75.39 -23.03
CA LYS U 59 -64.85 76.81 -23.27
C LYS U 59 -63.93 77.50 -22.28
N ASN U 60 -64.16 77.26 -20.98
CA ASN U 60 -63.48 77.97 -19.92
C ASN U 60 -62.07 77.47 -19.63
N LYS U 61 -61.82 76.14 -19.72
CA LYS U 61 -60.60 75.54 -19.24
C LYS U 61 -59.76 74.88 -20.32
N CYS U 62 -60.29 74.69 -21.54
CA CYS U 62 -59.59 73.93 -22.57
C CYS U 62 -59.44 74.75 -23.83
N ASN U 63 -59.55 76.09 -23.70
CA ASN U 63 -59.29 77.07 -24.74
C ASN U 63 -60.23 77.02 -25.94
N ARG U 64 -61.42 76.42 -25.80
CA ARG U 64 -62.44 76.38 -26.83
C ARG U 64 -63.21 77.68 -26.91
N SER U 65 -62.55 78.73 -27.42
CA SER U 65 -63.06 80.09 -27.55
C SER U 65 -64.00 80.22 -28.74
N ASP U 66 -64.20 79.13 -29.45
CA ASP U 66 -65.14 79.09 -30.56
C ASP U 66 -66.55 78.81 -30.03
N LEU U 67 -66.64 78.29 -28.81
CA LEU U 67 -67.90 77.98 -28.19
C LEU U 67 -68.57 79.23 -27.67
N PRO U 68 -69.89 79.33 -27.70
CA PRO U 68 -70.57 80.55 -27.31
C PRO U 68 -70.70 80.62 -25.80
N ALA U 69 -71.28 81.72 -25.28
CA ALA U 69 -71.52 81.96 -23.88
C ALA U 69 -72.39 80.91 -23.21
N ASP U 70 -72.35 80.84 -21.86
CA ASP U 70 -73.00 79.84 -21.04
C ASP U 70 -74.50 79.72 -21.31
N GLU U 71 -75.22 80.86 -21.45
CA GLU U 71 -76.64 80.93 -21.78
C GLU U 71 -76.96 80.25 -23.11
N THR U 72 -76.12 80.50 -24.14
CA THR U 72 -76.22 79.93 -25.48
C THR U 72 -75.98 78.44 -25.46
N ILE U 73 -75.00 77.97 -24.66
CA ILE U 73 -74.76 76.54 -24.43
C ILE U 73 -75.96 75.88 -23.79
N TYR U 74 -76.59 76.53 -22.79
CA TYR U 74 -77.82 76.07 -22.17
C TYR U 74 -78.99 75.99 -23.14
N ARG U 75 -79.20 77.01 -23.99
CA ARG U 75 -80.19 76.98 -25.06
C ARG U 75 -79.95 75.89 -26.10
N ALA U 76 -78.68 75.66 -26.50
CA ALA U 76 -78.34 74.57 -27.38
C ALA U 76 -78.65 73.19 -26.82
N ALA U 77 -78.37 72.93 -25.52
CA ALA U 77 -78.74 71.70 -24.84
C ALA U 77 -80.25 71.47 -24.78
N VAL U 78 -81.05 72.53 -24.52
CA VAL U 78 -82.51 72.51 -24.63
C VAL U 78 -82.98 72.15 -26.03
N ASN U 79 -82.35 72.71 -27.07
CA ASN U 79 -82.62 72.42 -28.46
C ASN U 79 -82.35 70.97 -28.85
N VAL U 80 -81.29 70.33 -28.31
CA VAL U 80 -81.05 68.88 -28.47
C VAL U 80 -82.21 68.06 -27.95
N GLY U 81 -82.75 68.42 -26.76
CA GLY U 81 -83.92 67.76 -26.18
C GLY U 81 -85.18 67.95 -26.98
N LYS U 82 -85.43 69.17 -27.49
CA LYS U 82 -86.56 69.48 -28.36
C LYS U 82 -86.55 68.73 -29.68
N ALA U 83 -85.38 68.57 -30.33
CA ALA U 83 -85.19 67.80 -31.55
C ALA U 83 -85.50 66.32 -31.37
N ARG U 84 -85.26 65.77 -30.17
CA ARG U 84 -85.56 64.40 -29.84
C ARG U 84 -87.02 64.20 -29.42
N GLY U 85 -87.81 65.29 -29.34
CA GLY U 85 -89.22 65.23 -29.00
C GLY U 85 -89.46 65.10 -27.53
N TRP U 86 -88.42 65.37 -26.72
CA TRP U 86 -88.49 65.32 -25.28
C TRP U 86 -89.43 66.37 -24.72
N GLY U 87 -90.09 66.01 -23.59
CA GLY U 87 -90.90 66.93 -22.82
C GLY U 87 -90.13 68.18 -22.47
N ASN U 88 -90.78 69.35 -22.40
CA ASN U 88 -90.08 70.60 -22.15
C ASN U 88 -89.25 70.59 -20.87
N ILE U 89 -87.93 70.79 -21.02
CA ILE U 89 -86.98 70.75 -19.94
C ILE U 89 -86.85 72.17 -19.48
N ASP U 90 -87.09 72.43 -18.18
CA ASP U 90 -86.89 73.73 -17.59
C ASP U 90 -85.40 74.14 -17.70
N VAL U 91 -85.17 75.36 -18.26
CA VAL U 91 -83.87 75.96 -18.47
C VAL U 91 -83.12 76.20 -17.17
N ALA U 92 -83.83 76.69 -16.12
CA ALA U 92 -83.24 76.99 -14.83
C ALA U 92 -82.89 75.69 -14.08
N THR U 93 -83.76 74.65 -14.16
CA THR U 93 -83.45 73.30 -13.66
C THR U 93 -82.24 72.70 -14.35
N LEU U 94 -82.14 72.85 -15.68
CA LEU U 94 -80.96 72.48 -16.45
C LEU U 94 -79.72 73.24 -15.99
N SER U 95 -79.81 74.56 -15.81
CA SER U 95 -78.71 75.40 -15.32
C SER U 95 -78.17 74.91 -13.97
N GLN U 96 -79.04 74.70 -12.96
CA GLN U 96 -78.68 74.23 -11.63
C GLN U 96 -77.97 72.86 -11.62
N ASN U 97 -78.51 71.94 -12.40
CA ASN U 97 -77.92 70.61 -12.54
C ASN U 97 -76.55 70.76 -13.18
N SER U 98 -76.51 71.40 -14.35
CA SER U 98 -75.27 71.64 -15.07
C SER U 98 -74.17 72.27 -14.26
N ASP U 99 -74.54 73.15 -13.32
CA ASP U 99 -73.57 73.79 -12.46
C ASP U 99 -72.93 72.69 -11.60
N ARG U 100 -73.79 71.92 -10.94
CA ARG U 100 -73.34 70.83 -10.11
C ARG U 100 -72.38 69.90 -10.85
N LEU U 101 -72.70 69.49 -12.10
CA LEU U 101 -71.81 68.68 -12.92
C LEU U 101 -70.52 69.37 -13.29
N TYR U 102 -70.54 70.68 -13.60
CA TYR U 102 -69.34 71.48 -13.84
C TYR U 102 -68.38 71.49 -12.66
N GLN U 103 -68.90 71.62 -11.41
CA GLN U 103 -68.11 71.49 -10.19
C GLN U 103 -67.46 70.11 -10.05
N GLN U 104 -68.19 69.02 -10.40
CA GLN U 104 -67.63 67.69 -10.42
C GLN U 104 -66.50 67.50 -11.40
N LEU U 105 -66.61 68.05 -12.63
CA LEU U 105 -65.53 68.09 -13.60
C LEU U 105 -64.33 68.87 -13.11
N LEU U 106 -64.55 70.03 -12.50
CA LEU U 106 -63.50 70.83 -11.91
C LEU U 106 -62.77 70.22 -10.73
N GLN U 107 -63.48 69.59 -9.79
CA GLN U 107 -62.84 69.02 -8.61
C GLN U 107 -62.24 67.66 -8.85
N ASP U 108 -62.57 67.02 -9.97
CA ASP U 108 -62.03 65.71 -10.28
C ASP U 108 -60.51 65.70 -10.24
N SER U 109 -59.93 64.60 -9.75
CA SER U 109 -58.48 64.48 -9.65
C SER U 109 -57.88 63.99 -10.96
N THR U 110 -58.50 64.37 -12.06
CA THR U 110 -58.03 63.97 -13.39
C THR U 110 -57.19 65.07 -14.03
N PRO U 111 -55.99 64.66 -14.59
CA PRO U 111 -55.20 65.74 -15.20
C PRO U 111 -56.01 66.53 -16.22
N GLU U 112 -55.76 67.83 -16.30
CA GLU U 112 -56.48 68.69 -17.24
C GLU U 112 -56.34 68.19 -18.68
N ALA U 113 -55.09 68.00 -19.10
CA ALA U 113 -54.81 67.52 -20.46
C ALA U 113 -55.71 66.35 -20.82
N THR U 114 -55.86 65.41 -19.90
CA THR U 114 -56.69 64.23 -20.13
C THR U 114 -58.17 64.61 -20.23
N GLN U 115 -58.61 65.50 -19.34
CA GLN U 115 -59.99 65.95 -19.33
C GLN U 115 -60.35 66.65 -20.64
N CYS U 116 -59.51 67.60 -21.06
CA CYS U 116 -59.74 68.34 -22.28
C CYS U 116 -59.81 67.45 -23.52
N SER U 117 -58.87 66.47 -23.65
CA SER U 117 -58.86 65.47 -24.73
C SER U 117 -60.08 64.60 -24.71
N GLN U 118 -60.44 64.12 -23.53
CA GLN U 118 -61.62 63.25 -23.38
C GLN U 118 -62.89 63.97 -23.81
N PHE U 119 -63.12 65.14 -23.22
CA PHE U 119 -64.31 65.93 -23.54
C PHE U 119 -64.34 66.32 -25.01
N ASN U 120 -63.28 66.99 -25.46
CA ASN U 120 -63.19 67.42 -26.85
C ASN U 120 -63.63 66.33 -27.82
N ARG U 121 -63.48 65.08 -27.41
CA ARG U 121 -63.85 63.94 -28.25
C ARG U 121 -65.24 63.43 -27.88
N GLN U 122 -65.73 63.85 -26.72
CA GLN U 122 -67.04 63.43 -26.25
C GLN U 122 -68.11 64.43 -26.63
N LEU U 123 -67.78 65.72 -26.54
CA LEU U 123 -68.72 66.79 -26.89
C LEU U 123 -68.57 67.18 -28.35
N ALA U 124 -68.07 66.27 -29.16
CA ALA U 124 -67.88 66.53 -30.58
C ALA U 124 -69.22 66.66 -31.30
N PRO U 125 -70.04 65.54 -31.26
CA PRO U 125 -71.32 65.71 -31.97
C PRO U 125 -72.09 66.94 -31.47
N PHE U 126 -72.23 67.06 -30.15
CA PHE U 126 -72.93 68.19 -29.56
C PHE U 126 -72.52 69.50 -30.22
N ILE U 127 -71.22 69.79 -30.21
CA ILE U 127 -70.69 71.01 -30.80
C ILE U 127 -71.29 71.25 -32.18
N ALA U 128 -71.31 70.21 -33.01
CA ALA U 128 -71.86 70.31 -34.35
C ALA U 128 -73.31 70.79 -34.33
N SER U 129 -74.09 70.25 -33.40
CA SER U 129 -75.51 70.62 -33.27
C SER U 129 -75.77 72.07 -32.88
N LEU U 130 -74.89 72.62 -32.03
CA LEU U 130 -74.94 73.97 -31.50
C LEU U 130 -74.45 75.04 -32.48
N ARG U 131 -73.69 74.62 -33.50
CA ARG U 131 -73.28 75.39 -34.66
C ARG U 131 -74.18 75.13 -35.89
N ILE V 39 -93.78 43.66 18.14
CA ILE V 39 -93.68 43.46 16.70
C ILE V 39 -94.74 44.26 15.96
N SER V 40 -95.62 44.90 16.71
CA SER V 40 -96.70 45.70 16.13
C SER V 40 -96.49 47.19 16.37
N SER V 41 -96.12 47.54 17.60
CA SER V 41 -95.88 48.92 17.97
C SER V 41 -94.45 49.19 18.40
N GLN V 42 -93.64 48.14 18.43
CA GLN V 42 -92.24 48.26 18.82
C GLN V 42 -91.18 48.57 17.76
N ALA V 43 -91.22 47.88 16.60
CA ALA V 43 -90.34 48.12 15.48
C ALA V 43 -90.54 49.52 14.86
N GLN V 44 -91.80 50.01 14.75
CA GLN V 44 -92.11 51.35 14.27
C GLN V 44 -91.48 52.42 15.13
N LEU V 45 -91.63 52.30 16.46
CA LEU V 45 -91.00 53.19 17.41
C LEU V 45 -89.49 53.13 17.34
N GLU V 46 -88.88 51.93 17.30
CA GLU V 46 -87.44 51.79 17.23
C GLU V 46 -86.85 52.40 15.96
N GLN V 47 -87.46 52.18 14.78
CA GLN V 47 -87.02 52.76 13.52
C GLN V 47 -87.08 54.28 13.49
N LEU V 48 -88.18 54.89 13.97
CA LEU V 48 -88.31 56.34 14.06
C LEU V 48 -87.39 56.96 15.09
N SER V 49 -87.24 56.33 16.27
CA SER V 49 -86.32 56.74 17.32
C SER V 49 -84.87 56.70 16.86
N SER V 50 -84.49 55.64 16.12
CA SER V 50 -83.16 55.49 15.51
C SER V 50 -82.80 56.59 14.54
N VAL V 51 -83.70 56.94 13.58
CA VAL V 51 -83.43 58.04 12.65
C VAL V 51 -83.41 59.39 13.35
N ALA V 52 -84.31 59.65 14.31
CA ALA V 52 -84.29 60.88 15.08
C ALA V 52 -83.02 61.03 15.94
N ALA V 53 -82.57 59.97 16.65
CA ALA V 53 -81.32 59.97 17.39
C ALA V 53 -80.09 60.16 16.54
N GLY V 54 -80.01 59.49 15.37
CA GLY V 54 -78.88 59.63 14.47
C GLY V 54 -78.78 61.00 13.83
N THR V 55 -79.93 61.60 13.46
CA THR V 55 -80.02 62.97 12.94
C THR V 55 -79.63 64.02 13.94
N ARG V 56 -80.03 63.87 15.21
CA ARG V 56 -79.54 64.69 16.29
C ARG V 56 -78.05 64.54 16.54
N TYR V 57 -77.55 63.33 16.37
CA TYR V 57 -76.13 63.06 16.53
C TYR V 57 -75.40 63.86 15.45
N LEU V 58 -75.80 63.65 14.20
CA LEU V 58 -75.22 64.37 13.07
C LEU V 58 -75.22 65.88 13.25
N LYS V 59 -76.34 66.47 13.70
CA LYS V 59 -76.40 67.90 13.97
C LYS V 59 -75.41 68.35 15.04
N ASN V 60 -75.38 67.64 16.17
CA ASN V 60 -74.63 68.07 17.33
C ASN V 60 -73.15 67.74 17.25
N LYS V 61 -72.76 66.59 16.66
CA LYS V 61 -71.41 66.07 16.74
C LYS V 61 -70.69 65.97 15.40
N CYS V 62 -71.41 66.11 14.26
CA CYS V 62 -70.81 65.89 12.95
C CYS V 62 -70.96 67.11 12.07
N ASN V 63 -71.21 68.27 12.69
CA ASN V 63 -71.25 69.59 12.05
C ASN V 63 -72.37 69.79 11.04
N ARG V 64 -73.44 68.99 11.09
CA ARG V 64 -74.61 69.13 10.23
C ARG V 64 -75.53 70.21 10.73
N SER V 65 -75.08 71.48 10.57
CA SER V 65 -75.77 72.69 10.99
C SER V 65 -76.90 73.07 10.06
N ASP V 66 -77.10 72.25 9.03
CA ASP V 66 -78.19 72.44 8.09
C ASP V 66 -79.46 71.76 8.65
N LEU V 67 -79.27 70.85 9.60
CA LEU V 67 -80.37 70.14 10.21
C LEU V 67 -81.08 71.01 11.23
N PRO V 68 -82.38 70.88 11.38
CA PRO V 68 -83.13 71.75 12.26
C PRO V 68 -83.01 71.29 13.70
N ALA V 69 -83.62 72.03 14.65
CA ALA V 69 -83.63 71.74 16.05
C ALA V 69 -84.25 70.38 16.41
N ASP V 70 -83.97 69.87 17.62
CA ASP V 70 -84.36 68.54 18.09
C ASP V 70 -85.85 68.28 17.97
N GLU V 71 -86.72 69.26 18.35
CA GLU V 71 -88.17 69.20 18.23
C GLU V 71 -88.63 68.97 16.79
N THR V 72 -88.01 69.69 15.83
CA THR V 72 -88.27 69.60 14.40
C THR V 72 -87.86 68.27 13.84
N ILE V 73 -86.71 67.72 14.30
CA ILE V 73 -86.27 66.36 13.97
C ILE V 73 -87.26 65.32 14.47
N TYR V 74 -87.78 65.48 15.70
CA TYR V 74 -88.83 64.64 16.24
C TYR V 74 -90.12 64.70 15.45
N ARG V 75 -90.60 65.90 15.06
CA ARG V 75 -91.74 66.07 14.18
C ARG V 75 -91.55 65.46 12.80
N ALA V 76 -90.36 65.58 12.20
CA ALA V 76 -90.05 64.93 10.94
C ALA V 76 -90.09 63.41 11.00
N ALA V 77 -89.57 62.78 12.06
CA ALA V 77 -89.66 61.35 12.30
C ALA V 77 -91.10 60.86 12.45
N VAL V 78 -91.97 61.61 13.17
CA VAL V 78 -93.41 61.38 13.23
C VAL V 78 -94.08 61.45 11.85
N ASN V 79 -93.70 62.44 11.03
CA ASN V 79 -94.17 62.59 9.66
C ASN V 79 -93.80 61.43 8.75
N VAL V 80 -92.59 60.83 8.89
CA VAL V 80 -92.22 59.59 8.19
C VAL V 80 -93.17 58.45 8.51
N GLY V 81 -93.54 58.29 9.80
CA GLY V 81 -94.51 57.29 10.24
C GLY V 81 -95.90 57.51 9.72
N LYS V 82 -96.37 58.78 9.72
CA LYS V 82 -97.66 59.17 9.15
C LYS V 82 -97.78 58.92 7.67
N ALA V 83 -96.74 59.20 6.86
CA ALA V 83 -96.66 58.94 5.44
C ALA V 83 -96.77 57.45 5.10
N ARG V 84 -96.27 56.58 5.99
CA ARG V 84 -96.34 55.14 5.82
C ARG V 84 -97.66 54.58 6.32
N GLY V 85 -98.56 55.42 6.88
CA GLY V 85 -99.87 55.01 7.33
C GLY V 85 -99.85 54.35 8.67
N TRP V 86 -98.73 54.49 9.40
CA TRP V 86 -98.54 53.95 10.72
C TRP V 86 -99.48 54.56 11.73
N GLY V 87 -99.90 53.74 12.72
CA GLY V 87 -100.66 54.19 13.86
C GLY V 87 -99.99 55.36 14.54
N ASN V 88 -100.76 56.30 15.11
CA ASN V 88 -100.18 57.50 15.72
C ASN V 88 -99.15 57.19 16.80
N ILE V 89 -97.90 57.65 16.57
CA ILE V 89 -96.79 57.39 17.44
C ILE V 89 -96.74 58.58 18.37
N ASP V 90 -96.79 58.34 19.70
CA ASP V 90 -96.64 59.36 20.69
C ASP V 90 -95.26 60.03 20.57
N VAL V 91 -95.28 61.39 20.46
CA VAL V 91 -94.10 62.24 20.33
C VAL V 91 -93.18 62.15 21.54
N ALA V 92 -93.74 62.12 22.77
CA ALA V 92 -92.98 62.06 23.99
C ALA V 92 -92.37 60.67 24.18
N THR V 93 -93.11 59.58 23.84
CA THR V 93 -92.55 58.21 23.76
C THR V 93 -91.42 58.09 22.78
N LEU V 94 -91.57 58.71 21.59
CA LEU V 94 -90.50 58.83 20.60
C LEU V 94 -89.31 59.58 21.14
N SER V 95 -89.51 60.73 21.82
CA SER V 95 -88.46 61.52 22.44
C SER V 95 -87.65 60.71 23.44
N GLN V 96 -88.30 60.01 24.40
CA GLN V 96 -87.65 59.20 25.42
C GLN V 96 -86.80 58.04 24.86
N ASN V 97 -87.36 57.37 23.85
CA ASN V 97 -86.65 56.28 23.19
C ASN V 97 -85.42 56.87 22.47
N SER V 98 -85.67 57.87 21.63
CA SER V 98 -84.61 58.54 20.90
C SER V 98 -83.46 59.04 21.75
N ASP V 99 -83.77 59.47 22.98
CA ASP V 99 -82.74 59.94 23.90
C ASP V 99 -81.86 58.74 24.21
N ARG V 100 -82.49 57.65 24.66
CA ARG V 100 -81.78 56.43 24.96
C ARG V 100 -80.85 55.98 23.82
N LEU V 101 -81.33 55.98 22.56
CA LEU V 101 -80.51 55.66 21.41
C LEU V 101 -79.38 56.65 21.16
N TYR V 102 -79.61 57.95 21.35
CA TYR V 102 -78.58 58.98 21.28
C TYR V 102 -77.43 58.75 22.27
N GLN V 103 -77.74 58.35 23.53
CA GLN V 103 -76.75 57.95 24.51
C GLN V 103 -75.93 56.75 24.06
N GLN V 104 -76.57 55.74 23.45
CA GLN V 104 -75.88 54.60 22.86
C GLN V 104 -74.92 54.95 21.76
N LEU V 105 -75.30 55.87 20.84
CA LEU V 105 -74.41 56.41 19.82
C LEU V 105 -73.23 57.18 20.42
N LEU V 106 -73.48 58.01 21.44
CA LEU V 106 -72.46 58.72 22.14
C LEU V 106 -71.47 57.88 22.93
N GLN V 107 -71.93 56.85 23.65
CA GLN V 107 -71.04 56.03 24.46
C GLN V 107 -70.32 54.97 23.67
N ASP V 108 -70.77 54.69 22.45
CA ASP V 108 -70.15 53.67 21.62
C ASP V 108 -68.64 53.91 21.48
N SER V 109 -67.87 52.83 21.47
CA SER V 109 -66.42 52.93 21.35
C SER V 109 -66.00 53.02 19.88
N THR V 110 -66.84 53.66 19.07
CA THR V 110 -66.55 53.81 17.65
C THR V 110 -65.97 55.19 17.35
N PRO V 111 -64.84 55.20 16.55
CA PRO V 111 -64.30 56.55 16.28
C PRO V 111 -65.37 57.49 15.72
N GLU V 112 -65.28 58.77 16.08
CA GLU V 112 -66.24 59.75 15.61
C GLU V 112 -66.29 59.80 14.09
N ALA V 113 -65.12 59.98 13.48
CA ALA V 113 -65.02 60.06 12.02
C ALA V 113 -65.83 58.93 11.37
N THR V 114 -65.70 57.73 11.89
CA THR V 114 -66.42 56.58 11.35
C THR V 114 -67.92 56.72 11.58
N GLN V 115 -68.31 57.16 12.77
CA GLN V 115 -69.72 57.34 13.09
C GLN V 115 -70.37 58.36 12.18
N CYS V 116 -69.73 59.53 12.05
CA CYS V 116 -70.25 60.59 11.21
C CYS V 116 -70.42 60.18 9.75
N SER V 117 -69.42 59.49 9.16
CA SER V 117 -69.46 58.94 7.81
C SER V 117 -70.56 57.91 7.64
N GLN V 118 -70.66 57.00 8.61
CA GLN V 118 -71.68 55.95 8.57
C GLN V 118 -73.09 56.54 8.59
N PHE V 119 -73.35 57.39 9.58
CA PHE V 119 -74.65 58.02 9.72
C PHE V 119 -74.98 58.88 8.50
N ASN V 120 -74.10 59.83 8.19
CA ASN V 120 -74.30 60.72 7.07
C ASN V 120 -74.76 59.97 5.81
N ARG V 121 -74.39 58.70 5.72
CA ARG V 121 -74.77 57.87 4.58
C ARG V 121 -76.01 57.03 4.90
N GLN V 122 -76.34 56.94 6.18
CA GLN V 122 -77.50 56.16 6.63
C GLN V 122 -78.73 57.05 6.75
N LEU V 123 -78.53 58.26 7.27
CA LEU V 123 -79.63 59.20 7.45
C LEU V 123 -79.79 60.10 6.22
N ALA V 124 -79.33 59.62 5.08
CA ALA V 124 -79.42 60.37 3.84
C ALA V 124 -80.86 60.51 3.38
N PRO V 125 -81.53 59.32 3.11
CA PRO V 125 -82.93 59.51 2.67
C PRO V 125 -83.73 60.34 3.66
N PHE V 126 -83.65 59.98 4.94
CA PHE V 126 -84.38 60.71 5.97
C PHE V 126 -84.24 62.21 5.80
N ILE V 127 -83.00 62.68 5.76
CA ILE V 127 -82.72 64.11 5.60
C ILE V 127 -83.57 64.71 4.48
N ALA V 128 -83.62 64.02 3.34
CA ALA V 128 -84.39 64.48 2.20
C ALA V 128 -85.86 64.67 2.56
N SER V 129 -86.41 63.72 3.31
CA SER V 129 -87.82 63.78 3.74
C SER V 129 -88.18 64.94 4.64
N LEU V 130 -87.23 65.32 5.53
CA LEU V 130 -87.35 66.36 6.52
C LEU V 130 -87.16 67.77 5.94
N ARG V 131 -86.54 67.86 4.75
CA ARG V 131 -86.43 69.04 3.92
C ARG V 131 -87.49 69.07 2.78
N ILE W 39 -93.81 18.25 43.63
CA ILE W 39 -93.92 18.58 42.21
C ILE W 39 -95.19 19.39 41.93
N SER W 40 -96.00 19.58 42.97
CA SER W 40 -97.25 20.33 42.84
C SER W 40 -97.17 21.65 43.59
N SER W 41 -96.65 21.61 44.81
CA SER W 41 -96.51 22.81 45.63
C SER W 41 -95.06 23.16 45.95
N GLN W 42 -94.14 22.31 45.51
CA GLN W 42 -92.72 22.52 45.74
C GLN W 42 -91.91 23.35 44.75
N ALA W 43 -92.07 23.11 43.43
CA ALA W 43 -91.42 23.87 42.38
C ALA W 43 -91.88 25.33 42.34
N GLN W 44 -93.19 25.61 42.56
CA GLN W 44 -93.73 26.96 42.64
C GLN W 44 -93.09 27.77 43.76
N LEU W 45 -93.01 27.18 44.96
CA LEU W 45 -92.33 27.79 46.08
C LEU W 45 -90.86 28.01 45.82
N GLU W 46 -90.13 27.01 45.28
CA GLU W 46 -88.71 27.15 45.00
C GLU W 46 -88.42 28.25 43.98
N GLN W 47 -89.19 28.34 42.87
CA GLN W 47 -89.05 29.38 41.87
C GLN W 47 -89.29 30.80 42.40
N LEU W 48 -90.36 31.01 43.20
CA LEU W 48 -90.63 32.28 43.82
C LEU W 48 -89.64 32.67 44.90
N SER W 49 -89.22 31.70 45.74
CA SER W 49 -88.18 31.89 46.74
C SER W 49 -86.84 32.25 46.14
N SER W 50 -86.46 31.59 45.02
CA SER W 50 -85.26 31.89 44.25
C SER W 50 -85.20 33.30 43.71
N VAL W 51 -86.27 33.79 43.05
CA VAL W 51 -86.30 35.17 42.56
C VAL W 51 -86.32 36.19 43.69
N ALA W 52 -87.08 35.95 44.79
CA ALA W 52 -87.06 36.82 45.94
C ALA W 52 -85.70 36.89 46.64
N ALA W 53 -85.01 35.75 46.85
CA ALA W 53 -83.66 35.69 47.41
C ALA W 53 -82.62 36.38 46.54
N GLY W 54 -82.66 36.17 45.21
CA GLY W 54 -81.73 36.80 44.30
C GLY W 54 -81.91 38.30 44.19
N THR W 55 -83.16 38.79 44.21
CA THR W 55 -83.50 40.22 44.23
C THR W 55 -83.07 40.91 45.48
N ARG W 56 -83.23 40.28 46.65
CA ARG W 56 -82.66 40.74 47.89
C ARG W 56 -81.14 40.77 47.90
N TYR W 57 -80.53 39.79 47.24
CA TYR W 57 -79.08 39.74 47.13
C TYR W 57 -78.65 40.97 46.33
N LEU W 58 -79.23 41.14 45.14
CA LEU W 58 -78.95 42.28 44.31
C LEU W 58 -79.09 43.62 45.01
N LYS W 59 -80.18 43.81 45.77
CA LYS W 59 -80.36 45.03 46.55
C LYS W 59 -79.27 45.25 47.58
N ASN W 60 -78.96 44.22 48.37
CA ASN W 60 -78.07 44.33 49.51
C ASN W 60 -76.60 44.32 49.14
N LYS W 61 -76.18 43.52 48.13
CA LYS W 61 -74.78 43.24 47.86
C LYS W 61 -74.30 43.73 46.50
N CYS W 62 -75.21 44.13 45.59
CA CYS W 62 -74.82 44.48 44.22
C CYS W 62 -75.27 45.87 43.86
N ASN W 63 -75.54 46.70 44.90
CA ASN W 63 -75.84 48.12 44.78
C ASN W 63 -77.13 48.47 44.04
N ARG W 64 -78.08 47.52 43.93
CA ARG W 64 -79.38 47.74 43.33
C ARG W 64 -80.33 48.43 44.29
N SER W 65 -80.06 49.72 44.55
CA SER W 65 -80.81 50.59 45.45
C SER W 65 -82.12 51.05 44.87
N ASP W 66 -82.39 50.63 43.64
CA ASP W 66 -83.64 50.94 42.97
C ASP W 66 -84.71 49.90 43.39
N LEU W 67 -84.26 48.76 43.91
CA LEU W 67 -85.14 47.71 44.35
C LEU W 67 -85.77 48.04 45.68
N PRO W 68 -87.01 47.65 45.94
CA PRO W 68 -87.69 48.04 47.16
C PRO W 68 -87.27 47.13 48.31
N ALA W 69 -87.78 47.39 49.52
CA ALA W 69 -87.53 46.63 50.72
C ALA W 69 -87.92 45.16 50.62
N ASP W 70 -87.37 44.32 51.52
CA ASP W 70 -87.52 42.87 51.52
C ASP W 70 -88.97 42.41 51.49
N GLU W 71 -89.86 43.04 52.29
CA GLU W 71 -91.29 42.77 52.33
C GLU W 71 -91.96 42.97 50.97
N THR W 72 -91.62 44.07 50.27
CA THR W 72 -92.10 44.44 48.95
C THR W 72 -91.64 43.46 47.90
N ILE W 73 -90.37 42.99 47.99
CA ILE W 73 -89.83 41.93 47.15
C ILE W 73 -90.59 40.64 47.33
N TYR W 74 -90.91 40.27 48.60
CA TYR W 74 -91.75 39.13 48.91
C TYR W 74 -93.16 39.23 48.36
N ARG W 75 -93.82 40.39 48.49
CA ARG W 75 -95.11 40.66 47.86
C ARG W 75 -95.09 40.59 46.35
N ALA W 76 -94.05 41.12 45.70
CA ALA W 76 -93.88 41.01 44.27
C ALA W 76 -93.73 39.57 43.76
N ALA W 77 -92.97 38.71 44.47
CA ALA W 77 -92.84 37.29 44.17
C ALA W 77 -94.17 36.54 44.30
N VAL W 78 -94.99 36.85 45.34
CA VAL W 78 -96.37 36.37 45.48
C VAL W 78 -97.25 36.78 44.31
N ASN W 79 -97.14 38.04 43.87
CA ASN W 79 -97.85 38.58 42.71
C ASN W 79 -97.51 37.88 41.40
N VAL W 80 -96.24 37.48 41.17
CA VAL W 80 -95.85 36.64 40.04
C VAL W 80 -96.58 35.32 40.03
N GLY W 81 -96.70 34.66 41.20
CA GLY W 81 -97.46 33.41 41.36
C GLY W 81 -98.94 33.58 41.12
N LYS W 82 -99.54 34.65 41.64
CA LYS W 82 -100.95 35.00 41.41
C LYS W 82 -101.30 35.26 39.96
N ALA W 83 -100.44 35.97 39.21
CA ALA W 83 -100.58 36.22 37.77
C ALA W 83 -100.57 34.94 36.93
N ARG W 84 -99.83 33.91 37.38
CA ARG W 84 -99.76 32.63 36.72
C ARG W 84 -100.90 31.72 37.11
N GLY W 85 -101.77 32.15 38.05
CA GLY W 85 -102.94 31.39 38.48
C GLY W 85 -102.61 30.33 39.47
N TRP W 86 -101.40 30.40 40.06
CA TRP W 86 -100.93 29.49 41.07
C TRP W 86 -101.76 29.54 42.33
N GLY W 87 -101.89 28.37 42.99
CA GLY W 87 -102.50 28.27 44.31
C GLY W 87 -101.87 29.23 45.28
N ASN W 88 -102.64 29.78 46.24
CA ASN W 88 -102.11 30.77 47.17
C ASN W 88 -100.88 30.29 47.93
N ILE W 89 -99.75 31.00 47.75
CA ILE W 89 -98.48 30.66 48.33
C ILE W 89 -98.42 31.45 49.61
N ASP W 90 -98.21 30.76 50.75
CA ASP W 90 -98.02 31.40 52.03
C ASP W 90 -96.77 32.30 52.00
N VAL W 91 -96.96 33.59 52.39
CA VAL W 91 -95.93 34.62 52.44
C VAL W 91 -94.81 34.27 53.41
N ALA W 92 -95.15 33.74 54.61
CA ALA W 92 -94.19 33.38 55.62
C ALA W 92 -93.40 32.14 55.22
N THR W 93 -94.05 31.13 54.60
CA THR W 93 -93.37 29.97 53.97
C THR W 93 -92.41 30.41 52.88
N LEU W 94 -92.82 31.36 52.02
CA LEU W 94 -91.96 31.98 51.03
C LEU W 94 -90.79 32.70 51.67
N SER W 95 -91.01 33.49 52.73
CA SER W 95 -89.96 34.19 53.46
C SER W 95 -88.90 33.23 54.00
N GLN W 96 -89.29 32.15 54.71
CA GLN W 96 -88.39 31.15 55.28
C GLN W 96 -87.54 30.43 54.24
N ASN W 97 -88.17 30.05 53.14
CA ASN W 97 -87.45 29.41 52.04
C ASN W 97 -86.44 30.40 51.46
N SER W 98 -86.94 31.56 51.06
CA SER W 98 -86.11 32.62 50.51
C SER W 98 -84.90 32.98 51.35
N ASP W 99 -85.04 32.91 52.67
CA ASP W 99 -83.94 33.21 53.57
C ASP W 99 -82.88 32.13 53.32
N ARG W 100 -83.29 30.87 53.41
CA ARG W 100 -82.40 29.76 53.17
C ARG W 100 -81.64 29.89 51.85
N LEU W 101 -82.32 30.24 50.74
CA LEU W 101 -81.68 30.48 49.45
C LEU W 101 -80.73 31.67 49.45
N TYR W 102 -81.08 32.77 50.13
CA TYR W 102 -80.20 33.92 50.31
C TYR W 102 -78.88 33.58 51.02
N GLN W 103 -78.92 32.72 52.07
CA GLN W 103 -77.74 32.17 52.71
C GLN W 103 -76.87 31.36 51.77
N GLN W 104 -77.49 30.53 50.90
CA GLN W 104 -76.78 29.79 49.87
C GLN W 104 -76.06 30.67 48.86
N LEU W 105 -76.70 31.76 48.39
CA LEU W 105 -76.06 32.76 47.54
C LEU W 105 -74.91 33.46 48.23
N LEU W 106 -75.07 33.84 49.51
CA LEU W 106 -74.03 34.43 50.30
C LEU W 106 -72.83 33.55 50.61
N GLN W 107 -73.04 32.28 50.96
CA GLN W 107 -71.94 31.40 51.30
C GLN W 107 -71.24 30.79 50.09
N ASP W 108 -71.86 30.88 48.92
CA ASP W 108 -71.27 30.34 47.70
C ASP W 108 -69.85 30.87 47.50
N SER W 109 -68.97 30.01 47.00
CA SER W 109 -67.58 30.38 46.75
C SER W 109 -67.43 31.04 45.39
N THR W 110 -68.46 31.75 44.96
CA THR W 110 -68.45 32.43 43.67
C THR W 110 -68.07 33.91 43.83
N PRO W 111 -67.12 34.38 42.96
CA PRO W 111 -66.79 35.81 43.14
C PRO W 111 -68.04 36.68 43.09
N GLU W 112 -68.05 37.76 43.88
CA GLU W 112 -69.19 38.67 43.91
C GLU W 112 -69.49 39.23 42.53
N ALA W 113 -68.47 39.81 41.90
CA ALA W 113 -68.63 40.38 40.56
C ALA W 113 -69.41 39.44 39.64
N THR W 114 -69.04 38.16 39.68
CA THR W 114 -69.71 37.16 38.85
C THR W 114 -71.16 36.97 39.27
N GLN W 115 -71.38 36.90 40.58
CA GLN W 115 -72.73 36.71 41.12
C GLN W 115 -73.64 37.86 40.73
N CYS W 116 -73.18 39.08 40.95
CA CYS W 116 -73.96 40.27 40.62
C CYS W 116 -74.32 40.35 39.14
N SER W 117 -73.35 40.09 38.23
CA SER W 117 -73.57 40.03 36.78
C SER W 117 -74.54 38.96 36.39
N GLN W 118 -74.38 37.77 36.95
CA GLN W 118 -75.25 36.64 36.66
C GLN W 118 -76.69 36.94 37.06
N PHE W 119 -76.88 37.33 38.31
CA PHE W 119 -78.21 37.65 38.82
C PHE W 119 -78.84 38.81 38.04
N ASN W 120 -78.14 39.94 38.01
CA ASN W 120 -78.63 41.12 37.30
C ASN W 120 -79.21 40.77 35.93
N ARG W 121 -78.72 39.69 35.34
CA ARG W 121 -79.19 39.25 34.04
C ARG W 121 -80.24 38.15 34.17
N GLN W 122 -80.34 37.57 35.36
CA GLN W 122 -81.31 36.51 35.62
C GLN W 122 -82.59 37.07 36.21
N LEU W 123 -82.46 38.05 37.10
CA LEU W 123 -83.60 38.67 37.74
C LEU W 123 -84.08 39.89 36.95
N ALA W 124 -83.76 39.92 35.66
CA ALA W 124 -84.15 41.02 34.79
C ALA W 124 -85.66 41.06 34.60
N PRO W 125 -86.22 39.94 33.99
CA PRO W 125 -87.68 40.02 33.81
C PRO W 125 -88.40 40.33 35.12
N PHE W 126 -88.06 39.57 36.17
CA PHE W 126 -88.69 39.76 37.48
C PHE W 126 -88.75 41.24 37.85
N ILE W 127 -87.59 41.90 37.83
CA ILE W 127 -87.52 43.32 38.17
C ILE W 127 -88.61 44.11 37.45
N ALA W 128 -88.78 43.85 36.15
CA ALA W 128 -89.78 44.54 35.36
C ALA W 128 -91.17 44.34 35.93
N SER W 129 -91.48 43.11 36.35
CA SER W 129 -92.78 42.79 36.93
C SER W 129 -93.11 43.48 38.24
N LEU W 130 -92.08 43.69 39.08
CA LEU W 130 -92.16 44.30 40.39
C LEU W 130 -92.24 45.82 40.35
N ARG W 131 -91.84 46.42 39.20
CA ARG W 131 -92.01 47.82 38.85
C ARG W 131 -93.24 48.05 37.93
N ILE X 39 -86.49 -14.01 57.96
CA ILE X 39 -86.89 -13.24 56.78
C ILE X 39 -88.27 -12.62 56.97
N SER X 40 -88.91 -12.93 58.08
CA SER X 40 -90.23 -12.40 58.39
C SER X 40 -90.18 -11.42 59.55
N SER X 41 -89.46 -11.78 60.60
CA SER X 41 -89.32 -10.94 61.78
C SER X 41 -87.89 -10.48 62.03
N GLN X 42 -86.97 -10.95 61.21
CA GLN X 42 -85.57 -10.60 61.33
C GLN X 42 -85.04 -9.36 60.62
N ALA X 43 -85.38 -9.16 59.34
CA ALA X 43 -85.02 -7.98 58.57
C ALA X 43 -85.66 -6.70 59.11
N GLN X 44 -86.93 -6.74 59.57
CA GLN X 44 -87.60 -5.61 60.21
C GLN X 44 -86.89 -5.13 61.44
N LEU X 45 -86.52 -6.08 62.34
CA LEU X 45 -85.74 -5.79 63.52
C LEU X 45 -84.37 -5.24 63.19
N GLU X 46 -83.63 -5.85 62.24
CA GLU X 46 -82.31 -5.39 61.85
C GLU X 46 -82.34 -3.97 61.28
N GLN X 47 -83.28 -3.63 60.38
CA GLN X 47 -83.43 -2.31 59.82
C GLN X 47 -83.74 -1.23 60.85
N LEU X 48 -84.68 -1.48 61.79
CA LEU X 48 -84.99 -0.56 62.86
C LEU X 48 -83.88 -0.40 63.88
N SER X 49 -83.21 -1.51 64.25
CA SER X 49 -82.05 -1.51 65.13
C SER X 49 -80.89 -0.74 64.55
N SER X 50 -80.64 -0.90 63.22
CA SER X 50 -79.61 -0.17 62.49
C SER X 50 -79.81 1.34 62.49
N VAL X 51 -81.03 1.84 62.19
CA VAL X 51 -81.31 3.27 62.24
C VAL X 51 -81.25 3.83 63.66
N ALA X 52 -81.78 3.10 64.68
CA ALA X 52 -81.66 3.51 66.04
C ALA X 52 -80.23 3.57 66.57
N ALA X 53 -79.38 2.56 66.27
CA ALA X 53 -77.96 2.55 66.59
C ALA X 53 -77.17 3.66 65.92
N GLY X 54 -77.41 3.91 64.62
CA GLY X 54 -76.73 4.96 63.89
C GLY X 54 -77.09 6.36 64.36
N THR X 55 -78.38 6.60 64.70
CA THR X 55 -78.87 7.85 65.28
C THR X 55 -78.32 8.13 66.64
N ARG X 56 -78.21 7.12 67.51
CA ARG X 56 -77.49 7.22 68.75
C ARG X 56 -76.01 7.50 68.60
N TYR X 57 -75.41 6.93 67.56
CA TYR X 57 -74.01 7.16 67.26
C TYR X 57 -73.87 8.65 66.94
N LEU X 58 -74.65 9.11 65.95
CA LEU X 58 -74.64 10.50 65.56
C LEU X 58 -74.82 11.47 66.72
N LYS X 59 -75.79 11.21 67.63
CA LYS X 59 -75.97 12.04 68.80
C LYS X 59 -74.76 12.07 69.71
N ASN X 60 -74.19 10.91 70.03
CA ASN X 60 -73.15 10.76 71.01
C ASN X 60 -71.76 11.13 70.49
N LYS X 61 -71.45 10.81 69.23
CA LYS X 61 -70.08 10.88 68.71
C LYS X 61 -69.91 11.88 67.58
N CYS X 62 -70.99 12.41 66.99
CA CYS X 62 -70.89 13.25 65.80
C CYS X 62 -71.54 14.60 66.04
N ASN X 63 -71.73 14.97 67.32
CA ASN X 63 -72.21 16.27 67.76
C ASN X 63 -73.64 16.62 67.36
N ARG X 64 -74.48 15.62 67.03
CA ARG X 64 -75.88 15.81 66.70
C ARG X 64 -76.72 15.95 67.95
N SER X 65 -76.58 17.10 68.63
CA SER X 65 -77.24 17.47 69.87
C SER X 65 -78.68 17.88 69.65
N ASP X 66 -79.11 17.86 68.39
CA ASP X 66 -80.49 18.16 68.03
C ASP X 66 -81.33 16.88 68.17
N LEU X 67 -80.67 15.72 68.18
CA LEU X 67 -81.34 14.45 68.31
C LEU X 67 -81.76 14.19 69.73
N PRO X 68 -82.89 13.54 69.98
CA PRO X 68 -83.38 13.35 71.32
C PRO X 68 -82.67 12.21 72.00
N ALA X 69 -83.01 11.95 73.28
CA ALA X 69 -82.47 10.87 74.08
C ALA X 69 -82.69 9.48 73.49
N ASP X 70 -81.90 8.48 73.97
CA ASP X 70 -81.87 7.12 73.45
C ASP X 70 -83.25 6.46 73.42
N GLU X 71 -84.06 6.62 74.50
CA GLU X 71 -85.43 6.11 74.61
C GLU X 71 -86.34 6.65 73.50
N THR X 72 -86.24 7.96 73.22
CA THR X 72 -86.97 8.67 72.19
C THR X 72 -86.59 8.20 70.80
N ILE X 73 -85.28 7.96 70.57
CA ILE X 73 -84.78 7.36 69.34
C ILE X 73 -85.34 5.96 69.14
N TYR X 74 -85.39 5.14 70.21
CA TYR X 74 -86.02 3.83 70.18
C TYR X 74 -87.50 3.88 69.87
N ARG X 75 -88.27 4.80 70.49
CA ARG X 75 -89.66 5.04 70.16
C ARG X 75 -89.89 5.49 68.74
N ALA X 76 -89.04 6.38 68.20
CA ALA X 76 -89.11 6.79 66.82
C ALA X 76 -88.89 5.67 65.82
N ALA X 77 -87.92 4.77 66.06
CA ALA X 77 -87.69 3.57 65.25
C ALA X 77 -88.88 2.61 65.27
N VAL X 78 -89.54 2.40 66.43
CA VAL X 78 -90.80 1.67 66.55
C VAL X 78 -91.91 2.29 65.72
N ASN X 79 -92.03 3.63 65.75
CA ASN X 79 -92.98 4.40 64.97
C ASN X 79 -92.78 4.26 63.46
N VAL X 80 -91.53 4.19 62.96
CA VAL X 80 -91.25 3.87 61.55
C VAL X 80 -91.81 2.52 61.15
N GLY X 81 -91.65 1.49 62.02
CA GLY X 81 -92.22 0.17 61.80
C GLY X 81 -93.73 0.14 61.81
N LYS X 82 -94.36 0.86 62.75
CA LYS X 82 -95.82 1.01 62.83
C LYS X 82 -96.44 1.68 61.61
N ALA X 83 -95.81 2.75 61.07
CA ALA X 83 -96.22 3.44 59.86
C ALA X 83 -96.20 2.56 58.62
N ARG X 84 -95.27 1.58 58.58
CA ARG X 84 -95.17 0.63 57.49
C ARG X 84 -96.12 -0.54 57.66
N GLY X 85 -96.87 -0.61 58.79
CA GLY X 85 -97.83 -1.66 59.04
C GLY X 85 -97.22 -2.92 59.53
N TRP X 86 -95.95 -2.85 59.97
CA TRP X 86 -95.20 -3.96 60.50
C TRP X 86 -95.81 -4.48 61.79
N GLY X 87 -95.70 -5.81 61.99
CA GLY X 87 -96.06 -6.45 63.24
C GLY X 87 -95.39 -5.80 64.41
N ASN X 88 -96.04 -5.74 65.59
CA ASN X 88 -95.48 -5.06 66.75
C ASN X 88 -94.09 -5.55 67.14
N ILE X 89 -93.10 -4.63 67.10
CA ILE X 89 -91.71 -4.94 67.36
C ILE X 89 -91.53 -4.64 68.82
N ASP X 90 -91.06 -5.62 69.60
CA ASP X 90 -90.72 -5.44 70.99
C ASP X 90 -89.60 -4.38 71.14
N VAL X 91 -89.87 -3.36 71.99
CA VAL X 91 -88.98 -2.25 72.30
C VAL X 91 -87.68 -2.71 72.94
N ALA X 92 -87.75 -3.68 73.89
CA ALA X 92 -86.60 -4.18 74.59
C ALA X 92 -85.74 -5.06 73.67
N THR X 93 -86.36 -5.89 72.80
CA THR X 93 -85.67 -6.63 71.73
C THR X 93 -84.97 -5.70 70.75
N LEU X 94 -85.64 -4.60 70.35
CA LEU X 94 -85.04 -3.54 69.57
C LEU X 94 -83.86 -2.88 70.27
N SER X 95 -83.99 -2.56 71.57
CA SER X 95 -82.92 -1.97 72.39
C SER X 95 -81.67 -2.87 72.40
N GLN X 96 -81.81 -4.17 72.72
CA GLN X 96 -80.72 -5.14 72.77
C GLN X 96 -79.97 -5.31 71.45
N ASN X 97 -80.73 -5.39 70.37
CA ASN X 97 -80.14 -5.49 69.04
C ASN X 97 -79.38 -4.21 68.73
N SER X 98 -80.07 -3.07 68.86
CA SER X 98 -79.47 -1.77 68.63
C SER X 98 -78.19 -1.52 69.40
N ASP X 99 -78.10 -2.06 70.61
CA ASP X 99 -76.89 -1.91 71.41
C ASP X 99 -75.77 -2.63 70.68
N ARG X 100 -76.02 -3.89 70.35
CA ARG X 100 -75.05 -4.68 69.61
C ARG X 100 -74.55 -3.98 68.36
N LEU X 101 -75.44 -3.40 67.53
CA LEU X 101 -75.06 -2.63 66.35
C LEU X 101 -74.28 -1.37 66.68
N TYR X 102 -74.63 -0.63 67.75
CA TYR X 102 -73.87 0.51 68.23
C TYR X 102 -72.42 0.16 68.60
N GLN X 103 -72.19 -0.99 69.27
CA GLN X 103 -70.85 -1.51 69.53
C GLN X 103 -70.07 -1.79 68.26
N GLN X 104 -70.73 -2.37 67.22
CA GLN X 104 -70.11 -2.58 65.92
C GLN X 104 -69.69 -1.31 65.22
N LEU X 105 -70.52 -0.24 65.26
CA LEU X 105 -70.16 1.08 64.77
C LEU X 105 -69.00 1.68 65.52
N LEU X 106 -68.99 1.58 66.86
CA LEU X 106 -67.90 2.04 67.69
C LEU X 106 -66.56 1.32 67.50
N GLN X 107 -66.57 -0.02 67.39
CA GLN X 107 -65.33 -0.76 67.26
C GLN X 107 -64.77 -0.79 65.85
N ASP X 108 -65.59 -0.41 64.86
CA ASP X 108 -65.16 -0.40 63.48
C ASP X 108 -63.87 0.41 63.30
N SER X 109 -62.99 -0.08 62.43
CA SER X 109 -61.71 0.59 62.17
C SER X 109 -61.88 1.69 61.13
N THR X 110 -63.05 2.33 61.12
CA THR X 110 -63.33 3.40 60.17
C THR X 110 -63.12 4.76 60.81
N PRO X 111 -62.38 5.67 60.07
CA PRO X 111 -62.19 6.98 60.71
C PRO X 111 -63.53 7.60 61.13
N GLU X 112 -63.53 8.32 62.25
CA GLU X 112 -64.74 8.95 62.74
C GLU X 112 -65.34 9.90 61.70
N ALA X 113 -64.52 10.81 61.21
CA ALA X 113 -64.97 11.78 60.21
C ALA X 113 -65.78 11.09 59.11
N THR X 114 -65.27 9.96 58.63
CA THR X 114 -65.94 9.20 57.58
C THR X 114 -67.26 8.63 58.07
N GLN X 115 -67.25 8.08 59.28
CA GLN X 115 -68.45 7.49 59.87
C GLN X 115 -69.56 8.54 60.03
N CYS X 116 -69.20 9.67 60.63
CA CYS X 116 -70.15 10.75 60.84
C CYS X 116 -70.78 11.27 59.56
N SER X 117 -69.96 11.50 58.50
CA SER X 117 -70.40 11.91 57.17
C SER X 117 -71.30 10.88 56.52
N GLN X 118 -70.90 9.62 56.60
CA GLN X 118 -71.67 8.53 56.01
C GLN X 118 -73.05 8.43 56.67
N PHE X 119 -73.07 8.33 57.99
CA PHE X 119 -74.32 8.22 58.73
C PHE X 119 -75.19 9.45 58.51
N ASN X 120 -74.66 10.62 58.80
CA ASN X 120 -75.39 11.87 58.64
C ASN X 120 -76.15 11.92 57.31
N ARG X 121 -75.64 11.20 56.32
CA ARG X 121 -76.28 11.16 55.00
C ARG X 121 -77.16 9.93 54.85
N GLN X 122 -76.98 8.97 55.75
CA GLN X 122 -77.76 7.74 55.72
C GLN X 122 -78.99 7.83 56.62
N LEU X 123 -78.81 8.46 57.78
CA LEU X 123 -79.90 8.62 58.74
C LEU X 123 -80.64 9.94 58.51
N ALA X 124 -80.55 10.45 57.28
CA ALA X 124 -81.21 11.71 56.93
C ALA X 124 -82.72 11.56 56.94
N PRO X 125 -83.24 10.63 56.03
CA PRO X 125 -84.71 10.51 56.07
C PRO X 125 -85.22 10.22 57.48
N PHE X 126 -84.63 9.22 58.13
CA PHE X 126 -85.04 8.85 59.48
C PHE X 126 -85.22 10.08 60.36
N ILE X 127 -84.17 10.88 60.46
CA ILE X 127 -84.21 12.09 61.28
C ILE X 127 -85.49 12.89 61.03
N ALA X 128 -85.83 13.06 59.75
CA ALA X 128 -87.03 13.80 59.38
C ALA X 128 -88.28 13.18 60.01
N SER X 129 -88.35 11.85 59.98
CA SER X 129 -89.50 11.13 60.55
C SER X 129 -89.68 11.27 62.05
N LEU X 130 -88.56 11.35 62.78
CA LEU X 130 -88.48 11.46 64.23
C LEU X 130 -88.74 12.87 64.76
N ARG X 131 -88.61 13.88 63.86
CA ARG X 131 -89.02 15.25 64.06
C ARG X 131 -90.40 15.57 63.45
N ILE Y 39 -73.14 -47.48 58.58
CA ILE Y 39 -73.82 -46.43 57.83
C ILE Y 39 -75.21 -46.16 58.39
N SER Y 40 -75.61 -46.95 59.38
CA SER Y 40 -76.92 -46.79 60.00
C SER Y 40 -76.79 -46.27 61.43
N SER Y 41 -75.86 -46.84 62.19
CA SER Y 41 -75.63 -46.43 63.58
C SER Y 41 -74.24 -45.86 63.80
N GLN Y 42 -73.42 -45.85 62.76
CA GLN Y 42 -72.06 -45.33 62.84
C GLN Y 42 -71.81 -43.85 62.58
N ALA Y 43 -72.40 -43.29 61.50
CA ALA Y 43 -72.30 -41.88 61.18
C ALA Y 43 -72.99 -40.98 62.22
N GLN Y 44 -74.15 -41.40 62.78
CA GLN Y 44 -74.83 -40.69 63.86
C GLN Y 44 -73.98 -40.55 65.10
N LEU Y 45 -73.36 -41.66 65.53
CA LEU Y 45 -72.43 -41.67 66.64
C LEU Y 45 -71.21 -40.81 66.37
N GLU Y 46 -70.58 -40.93 65.18
CA GLU Y 46 -69.40 -40.14 64.85
C GLU Y 46 -69.68 -38.64 64.84
N GLN Y 47 -70.81 -38.19 64.24
CA GLN Y 47 -71.21 -36.79 64.23
C GLN Y 47 -71.47 -36.20 65.60
N LEU Y 48 -72.19 -36.92 66.48
CA LEU Y 48 -72.43 -36.49 67.85
C LEU Y 48 -71.18 -36.50 68.71
N SER Y 49 -70.33 -37.54 68.57
CA SER Y 49 -69.04 -37.64 69.25
C SER Y 49 -68.10 -36.53 68.86
N SER Y 50 -68.05 -36.18 67.55
CA SER Y 50 -67.26 -35.08 67.02
C SER Y 50 -67.64 -33.73 67.59
N VAL Y 51 -68.94 -33.36 67.64
CA VAL Y 51 -69.38 -32.11 68.25
C VAL Y 51 -69.15 -32.07 69.75
N ALA Y 52 -69.40 -33.19 70.48
CA ALA Y 52 -69.10 -33.25 71.89
C ALA Y 52 -67.61 -33.13 72.22
N ALA Y 53 -66.72 -33.82 71.47
CA ALA Y 53 -65.27 -33.70 71.61
C ALA Y 53 -64.75 -32.31 71.30
N GLY Y 54 -65.23 -31.67 70.22
CA GLY Y 54 -64.81 -30.33 69.85
C GLY Y 54 -65.25 -29.26 70.83
N THR Y 55 -66.48 -29.39 71.38
CA THR Y 55 -67.01 -28.51 72.43
C THR Y 55 -66.26 -28.62 73.73
N ARG Y 56 -65.89 -29.84 74.15
CA ARG Y 56 -64.99 -30.05 75.25
C ARG Y 56 -63.60 -29.48 75.04
N TYR Y 57 -63.12 -29.55 73.80
CA TYR Y 57 -61.82 -28.99 73.45
C TYR Y 57 -61.92 -27.48 73.67
N LEU Y 58 -62.91 -26.86 73.03
CA LEU Y 58 -63.13 -25.44 73.18
C LEU Y 58 -63.23 -24.96 74.61
N LYS Y 59 -63.99 -25.68 75.47
CA LYS Y 59 -64.06 -25.35 76.88
C LYS Y 59 -62.72 -25.42 77.59
N ASN Y 60 -61.98 -26.52 77.39
CA ASN Y 60 -60.78 -26.81 78.13
C ASN Y 60 -59.55 -26.05 77.63
N LYS Y 61 -59.42 -25.86 76.30
CA LYS Y 61 -58.18 -25.39 75.69
C LYS Y 61 -58.31 -24.05 74.98
N CYS Y 62 -59.54 -23.53 74.75
CA CYS Y 62 -59.74 -22.33 73.96
C CYS Y 62 -60.51 -21.28 74.74
N ASN Y 63 -60.52 -21.42 76.08
CA ASN Y 63 -61.05 -20.45 77.02
C ASN Y 63 -62.57 -20.23 76.95
N ARG Y 64 -63.32 -21.18 76.38
CA ARG Y 64 -64.77 -21.13 76.31
C ARG Y 64 -65.40 -21.58 77.61
N SER Y 65 -65.27 -20.71 78.64
CA SER Y 65 -65.76 -20.92 79.99
C SER Y 65 -67.26 -20.70 80.11
N ASP Y 66 -67.89 -20.37 78.99
CA ASP Y 66 -69.33 -20.20 78.93
C ASP Y 66 -69.98 -21.58 78.68
N LEU Y 67 -69.19 -22.54 78.19
CA LEU Y 67 -69.68 -23.87 77.93
C LEU Y 67 -69.83 -24.67 79.21
N PRO Y 68 -70.80 -25.55 79.31
CA PRO Y 68 -71.04 -26.26 80.55
C PRO Y 68 -70.09 -27.44 80.68
N ALA Y 69 -70.18 -28.18 81.80
CA ALA Y 69 -69.38 -29.34 82.09
C ALA Y 69 -69.53 -30.48 81.07
N ASP Y 70 -68.57 -31.42 81.05
CA ASP Y 70 -68.48 -32.49 80.07
C ASP Y 70 -69.74 -33.33 79.97
N GLU Y 71 -70.37 -33.70 81.12
CA GLU Y 71 -71.63 -34.43 81.19
C GLU Y 71 -72.77 -33.71 80.47
N THR Y 72 -72.87 -32.38 80.67
CA THR Y 72 -73.86 -31.50 80.06
C THR Y 72 -73.66 -31.39 78.58
N ILE Y 73 -72.40 -31.31 78.12
CA ILE Y 73 -72.04 -31.36 76.70
C ILE Y 73 -72.46 -32.68 76.06
N TYR Y 74 -72.23 -33.81 76.75
CA TYR Y 74 -72.70 -35.12 76.34
C TYR Y 74 -74.21 -35.21 76.24
N ARG Y 75 -74.96 -34.72 77.23
CA ARG Y 75 -76.42 -34.62 77.18
C ARG Y 75 -76.94 -33.75 76.06
N ALA Y 76 -76.30 -32.60 75.78
CA ALA Y 76 -76.64 -31.75 74.67
C ALA Y 76 -76.46 -32.42 73.31
N ALA Y 77 -75.36 -33.17 73.09
CA ALA Y 77 -75.14 -33.95 71.89
C ALA Y 77 -76.19 -35.05 71.68
N VAL Y 78 -76.61 -35.75 72.75
CA VAL Y 78 -77.74 -36.68 72.75
C VAL Y 78 -79.03 -36.01 72.34
N ASN Y 79 -79.30 -34.80 72.87
CA ASN Y 79 -80.46 -33.99 72.55
C ASN Y 79 -80.51 -33.56 71.08
N VAL Y 80 -79.36 -33.24 70.44
CA VAL Y 80 -79.27 -33.01 68.99
C VAL Y 80 -79.75 -34.22 68.19
N GLY Y 81 -79.32 -35.43 68.59
CA GLY Y 81 -79.76 -36.68 67.97
C GLY Y 81 -81.23 -36.97 68.15
N LYS Y 82 -81.77 -36.73 69.36
CA LYS Y 82 -83.20 -36.87 69.66
C LYS Y 82 -84.09 -35.93 68.85
N ALA Y 83 -83.70 -34.66 68.67
CA ALA Y 83 -84.38 -33.67 67.85
C ALA Y 83 -84.46 -34.06 66.38
N ARG Y 84 -83.45 -34.79 65.87
CA ARG Y 84 -83.43 -35.27 64.51
C ARG Y 84 -84.19 -36.58 64.35
N GLY Y 85 -84.72 -37.15 65.46
CA GLY Y 85 -85.51 -38.37 65.41
C GLY Y 85 -84.68 -39.61 65.34
N TRP Y 86 -83.37 -39.47 65.62
CA TRP Y 86 -82.42 -40.56 65.62
C TRP Y 86 -82.73 -41.58 66.69
N GLY Y 87 -82.43 -42.87 66.38
CA GLY Y 87 -82.50 -43.95 67.34
C GLY Y 87 -81.72 -43.63 68.59
N ASN Y 88 -82.15 -44.09 69.76
CA ASN Y 88 -81.49 -43.76 71.02
C ASN Y 88 -80.01 -44.11 71.04
N ILE Y 89 -79.16 -43.08 71.22
CA ILE Y 89 -77.73 -43.22 71.19
C ILE Y 89 -77.33 -43.41 72.64
N ASP Y 90 -76.60 -44.51 72.93
CA ASP Y 90 -76.07 -44.76 74.25
C ASP Y 90 -75.08 -43.65 74.64
N VAL Y 91 -75.32 -43.04 75.84
CA VAL Y 91 -74.52 -41.97 76.41
C VAL Y 91 -73.09 -42.39 76.68
N ALA Y 92 -72.88 -43.62 77.22
CA ALA Y 92 -71.57 -44.13 77.54
C ALA Y 92 -70.79 -44.48 76.28
N THR Y 93 -71.45 -45.06 75.24
CA THR Y 93 -70.87 -45.25 73.90
C THR Y 93 -70.45 -43.94 73.27
N LEU Y 94 -71.30 -42.90 73.38
CA LEU Y 94 -70.97 -41.55 72.97
C LEU Y 94 -69.79 -40.99 73.72
N SER Y 95 -69.72 -41.15 75.05
CA SER Y 95 -68.61 -40.71 75.89
C SER Y 95 -67.29 -41.33 75.44
N GLN Y 96 -67.22 -42.67 75.27
CA GLN Y 96 -66.02 -43.39 74.85
C GLN Y 96 -65.48 -42.96 73.47
N ASN Y 97 -66.41 -42.80 72.53
CA ASN Y 97 -66.05 -42.34 71.20
C ASN Y 97 -65.50 -40.91 71.29
N SER Y 98 -66.29 -40.02 71.90
CA SER Y 98 -65.90 -38.64 72.10
C SER Y 98 -64.54 -38.45 72.74
N ASP Y 99 -64.18 -39.35 73.66
CA ASP Y 99 -62.88 -39.28 74.31
C ASP Y 99 -61.83 -39.50 73.24
N ARG Y 100 -61.98 -40.61 72.50
CA ARG Y 100 -61.06 -40.92 71.42
C ARG Y 100 -60.87 -39.75 70.46
N LEU Y 101 -61.95 -39.09 70.02
CA LEU Y 101 -61.87 -37.91 69.16
C LEU Y 101 -61.19 -36.72 69.84
N TYR Y 102 -61.44 -36.47 71.13
CA TYR Y 102 -60.75 -35.45 71.91
C TYR Y 102 -59.23 -35.64 71.95
N GLN Y 103 -58.76 -36.91 72.12
CA GLN Y 103 -57.34 -37.24 72.01
C GLN Y 103 -56.76 -36.94 70.65
N GLN Y 104 -57.50 -37.22 69.56
CA GLN Y 104 -57.11 -36.87 68.20
C GLN Y 104 -56.96 -35.38 67.97
N LEU Y 105 -57.89 -34.55 68.49
CA LEU Y 105 -57.78 -33.10 68.48
C LEU Y 105 -56.58 -32.60 69.26
N LEU Y 106 -56.33 -33.16 70.45
CA LEU Y 106 -55.17 -32.83 71.26
C LEU Y 106 -53.82 -33.21 70.67
N GLN Y 107 -53.68 -34.41 70.08
CA GLN Y 107 -52.41 -34.83 69.54
C GLN Y 107 -52.11 -34.28 68.16
N ASP Y 108 -53.11 -33.73 67.49
CA ASP Y 108 -52.93 -33.17 66.16
C ASP Y 108 -51.79 -32.15 66.15
N SER Y 109 -51.03 -32.15 65.06
CA SER Y 109 -49.90 -31.22 64.92
C SER Y 109 -50.36 -29.88 64.38
N THR Y 110 -51.59 -29.48 64.74
CA THR Y 110 -52.15 -28.22 64.29
C THR Y 110 -51.99 -27.13 65.35
N PRO Y 111 -51.50 -25.91 64.91
CA PRO Y 111 -51.36 -24.90 65.97
C PRO Y 111 -52.66 -24.70 66.72
N GLU Y 112 -52.57 -24.42 68.02
CA GLU Y 112 -53.74 -24.21 68.85
C GLU Y 112 -54.61 -23.09 68.31
N ALA Y 113 -54.01 -21.92 68.10
CA ALA Y 113 -54.72 -20.77 67.56
C ALA Y 113 -55.62 -21.16 66.39
N THR Y 114 -55.07 -21.96 65.48
CA THR Y 114 -55.82 -22.41 64.31
C THR Y 114 -56.97 -23.34 64.71
N GLN Y 115 -56.68 -24.25 65.63
CA GLN Y 115 -57.69 -25.20 66.09
C GLN Y 115 -58.86 -24.48 66.75
N CYS Y 116 -58.55 -23.58 67.68
CA CYS Y 116 -59.57 -22.82 68.38
C CYS Y 116 -60.46 -22.00 67.45
N SER Y 117 -59.86 -21.29 66.46
CA SER Y 117 -60.58 -20.53 65.44
C SER Y 117 -61.44 -21.41 64.57
N GLN Y 118 -60.88 -22.54 64.13
CA GLN Y 118 -61.62 -23.48 63.29
C GLN Y 118 -62.84 -24.03 64.01
N PHE Y 119 -62.62 -24.57 65.20
CA PHE Y 119 -63.70 -25.14 65.99
C PHE Y 119 -64.75 -24.08 66.34
N ASN Y 120 -64.31 -23.00 66.97
CA ASN Y 120 -65.21 -21.92 67.36
C ASN Y 120 -66.17 -21.55 66.25
N ARG Y 121 -65.77 -21.78 65.00
CA ARG Y 121 -66.60 -21.47 63.85
C ARG Y 121 -67.34 -22.71 63.37
N GLN Y 122 -66.90 -23.88 63.82
CA GLN Y 122 -67.52 -25.15 63.44
C GLN Y 122 -68.59 -25.57 64.44
N LEU Y 123 -68.29 -25.36 65.72
CA LEU Y 123 -69.22 -25.72 66.79
C LEU Y 123 -70.14 -24.56 67.14
N ALA Y 124 -70.31 -23.64 66.20
CA ALA Y 124 -71.16 -22.48 66.41
C ALA Y 124 -72.63 -22.88 66.53
N PRO Y 125 -73.18 -23.51 65.42
CA PRO Y 125 -74.60 -23.88 65.58
C PRO Y 125 -74.83 -24.72 66.84
N PHE Y 126 -74.02 -25.76 67.01
CA PHE Y 126 -74.15 -26.64 68.16
C PHE Y 126 -74.32 -25.84 69.45
N ILE Y 127 -73.37 -24.96 69.72
CA ILE Y 127 -73.41 -24.12 70.91
C ILE Y 127 -74.80 -23.52 71.12
N ALA Y 128 -75.37 -22.98 70.04
CA ALA Y 128 -76.69 -22.38 70.11
C ALA Y 128 -77.73 -23.38 70.61
N SER Y 129 -77.65 -24.60 70.11
CA SER Y 129 -78.59 -25.66 70.51
C SER Y 129 -78.53 -26.08 71.97
N LEU Y 130 -77.32 -26.07 72.54
CA LEU Y 130 -77.01 -26.45 73.90
C LEU Y 130 -77.35 -25.36 74.93
N ARG Y 131 -77.48 -24.11 74.47
CA ARG Y 131 -78.00 -22.98 75.20
C ARG Y 131 -79.50 -22.70 74.91
N ILE Z 39 -56.00 -76.29 45.55
CA ILE Z 39 -56.91 -75.18 45.31
C ILE Z 39 -58.21 -75.35 46.09
N SER Z 40 -58.34 -76.48 46.78
CA SER Z 40 -59.54 -76.77 47.57
C SER Z 40 -59.23 -76.75 49.06
N SER Z 41 -58.12 -77.38 49.43
CA SER Z 41 -57.71 -77.44 50.83
C SER Z 41 -56.38 -76.75 51.09
N GLN Z 42 -55.76 -76.25 50.03
CA GLN Z 42 -54.48 -75.57 50.15
C GLN Z 42 -54.44 -74.06 50.40
N ALA Z 43 -55.27 -73.27 49.68
CA ALA Z 43 -55.40 -71.84 49.88
C ALA Z 43 -55.99 -71.48 51.25
N GLN Z 44 -56.99 -72.26 51.75
CA GLN Z 44 -57.56 -72.07 53.08
C GLN Z 44 -56.54 -72.23 54.18
N LEU Z 45 -55.72 -73.30 54.10
CA LEU Z 45 -54.61 -73.53 55.02
C LEU Z 45 -53.57 -72.43 54.94
N GLU Z 46 -53.14 -72.03 53.72
CA GLU Z 46 -52.15 -70.99 53.56
C GLU Z 46 -52.60 -69.64 54.12
N GLN Z 47 -53.85 -69.21 53.86
CA GLN Z 47 -54.41 -67.98 54.41
C GLN Z 47 -54.49 -67.95 55.93
N LEU Z 48 -54.96 -69.04 56.56
CA LEU Z 48 -55.02 -69.14 58.01
C LEU Z 48 -53.64 -69.24 58.66
N SER Z 49 -52.72 -70.01 58.06
CA SER Z 49 -51.33 -70.11 58.50
C SER Z 49 -50.60 -68.79 58.42
N SER Z 50 -50.82 -68.01 57.33
CA SER Z 50 -50.28 -66.68 57.15
C SER Z 50 -50.70 -65.69 58.21
N VAL Z 51 -52.01 -65.59 58.54
CA VAL Z 51 -52.48 -64.70 59.61
C VAL Z 51 -52.00 -65.15 60.98
N ALA Z 52 -51.99 -66.46 61.28
CA ALA Z 52 -51.46 -66.96 62.53
C ALA Z 52 -49.95 -66.70 62.70
N ALA Z 53 -49.13 -66.93 61.66
CA ALA Z 53 -47.71 -66.62 61.66
C ALA Z 53 -47.40 -65.14 61.81
N GLY Z 54 -48.13 -64.27 61.09
CA GLY Z 54 -47.95 -62.83 61.19
C GLY Z 54 -48.34 -62.25 62.55
N THR Z 55 -49.43 -62.76 63.15
CA THR Z 55 -49.88 -62.40 64.50
C THR Z 55 -48.91 -62.81 65.57
N ARG Z 56 -48.34 -64.02 65.47
CA ARG Z 56 -47.24 -64.43 66.33
C ARG Z 56 -45.98 -63.60 66.16
N TYR Z 57 -45.73 -63.17 64.93
CA TYR Z 57 -44.58 -62.31 64.66
C TYR Z 57 -44.81 -61.00 65.41
N LEU Z 58 -45.96 -60.37 65.16
CA LEU Z 58 -46.32 -59.14 65.84
C LEU Z 58 -46.22 -59.22 67.35
N LYS Z 59 -46.73 -60.30 67.98
CA LYS Z 59 -46.61 -60.49 69.41
C LYS Z 59 -45.17 -60.56 69.88
N ASN Z 60 -44.35 -61.39 69.21
CA ASN Z 60 -43.01 -61.70 69.65
C ASN Z 60 -41.99 -60.61 69.32
N LYS Z 61 -42.11 -59.97 68.14
CA LYS Z 61 -41.06 -59.11 67.60
C LYS Z 61 -41.46 -57.66 67.45
N CYS Z 62 -42.76 -57.31 67.56
CA CYS Z 62 -43.23 -55.96 67.29
C CYS Z 62 -43.97 -55.39 68.48
N ASN Z 63 -43.74 -55.97 69.67
CA ASN Z 63 -44.22 -55.48 70.96
C ASN Z 63 -45.73 -55.52 71.14
N ARG Z 64 -46.46 -56.32 70.36
CA ARG Z 64 -47.89 -56.50 70.48
C ARG Z 64 -48.24 -57.47 71.60
N SER Z 65 -48.04 -57.00 72.85
CA SER Z 65 -48.26 -57.74 74.09
C SER Z 65 -49.74 -57.83 74.44
N ASP Z 66 -50.58 -57.25 73.60
CA ASP Z 66 -52.02 -57.32 73.78
C ASP Z 66 -52.54 -58.62 73.13
N LEU Z 67 -51.74 -59.21 72.24
CA LEU Z 67 -52.10 -60.42 71.57
C LEU Z 67 -51.92 -61.62 72.47
N PRO Z 68 -52.76 -62.64 72.38
CA PRO Z 68 -52.71 -63.77 73.29
C PRO Z 68 -51.62 -64.73 72.87
N ALA Z 69 -51.42 -65.81 73.66
CA ALA Z 69 -50.46 -66.86 73.41
C ALA Z 69 -50.65 -67.58 72.07
N ASP Z 70 -49.60 -68.28 71.60
CA ASP Z 70 -49.54 -68.92 70.30
C ASP Z 70 -50.70 -69.88 70.04
N GLU Z 71 -51.08 -70.72 71.05
CA GLU Z 71 -52.21 -71.64 71.00
C GLU Z 71 -53.54 -70.92 70.73
N THR Z 72 -53.76 -69.78 71.41
CA THR Z 72 -54.93 -68.92 71.27
C THR Z 72 -55.00 -68.28 69.92
N ILE Z 73 -53.85 -67.84 69.37
CA ILE Z 73 -53.73 -67.34 68.00
C ILE Z 73 -54.10 -68.42 66.99
N TYR Z 74 -53.63 -69.66 67.20
CA TYR Z 74 -54.00 -70.81 66.39
C TYR Z 74 -55.48 -71.13 66.43
N ARG Z 75 -56.10 -71.13 67.63
CA ARG Z 75 -57.55 -71.27 67.79
C ARG Z 75 -58.36 -70.17 67.12
N ALA Z 76 -57.91 -68.90 67.21
CA ALA Z 76 -58.54 -67.80 66.52
C ALA Z 76 -58.52 -67.92 65.01
N ALA Z 77 -57.38 -68.35 64.40
CA ALA Z 77 -57.28 -68.63 62.97
C ALA Z 77 -58.21 -69.76 62.51
N VAL Z 78 -58.36 -70.84 63.30
CA VAL Z 78 -59.36 -71.89 63.10
C VAL Z 78 -60.78 -71.35 63.11
N ASN Z 79 -61.09 -70.46 64.07
CA ASN Z 79 -62.37 -69.79 64.19
C ASN Z 79 -62.72 -68.91 63.00
N VAL Z 80 -61.75 -68.21 62.38
CA VAL Z 80 -61.94 -67.48 61.13
C VAL Z 80 -62.38 -68.40 60.00
N GLY Z 81 -61.76 -69.59 59.89
CA GLY Z 81 -62.15 -70.62 58.92
C GLY Z 81 -63.52 -71.19 59.15
N LYS Z 82 -63.88 -71.48 60.42
CA LYS Z 82 -65.20 -71.94 60.81
C LYS Z 82 -66.33 -70.96 60.51
N ALA Z 83 -66.12 -69.65 60.76
CA ALA Z 83 -67.05 -68.58 60.43
C ALA Z 83 -67.33 -68.45 58.94
N ARG Z 84 -66.34 -68.78 58.09
CA ARG Z 84 -66.49 -68.76 56.65
C ARG Z 84 -67.11 -70.05 56.12
N GLY Z 85 -67.38 -71.04 56.99
CA GLY Z 85 -68.01 -72.29 56.61
C GLY Z 85 -67.06 -73.26 56.00
N TRP Z 86 -65.75 -73.02 56.14
CA TRP Z 86 -64.69 -73.85 55.65
C TRP Z 86 -64.70 -75.22 56.31
N GLY Z 87 -64.31 -76.24 55.52
CA GLY Z 87 -64.07 -77.59 56.02
C GLY Z 87 -63.14 -77.58 57.20
N ASN Z 88 -63.32 -78.49 58.18
CA ASN Z 88 -62.49 -78.48 59.37
C ASN Z 88 -60.99 -78.57 59.10
N ILE Z 89 -60.26 -77.53 59.53
CA ILE Z 89 -58.84 -77.40 59.29
C ILE Z 89 -58.19 -78.00 60.51
N ASP Z 90 -57.30 -79.01 60.30
CA ASP Z 90 -56.52 -79.59 61.37
C ASP Z 90 -55.62 -78.52 62.02
N VAL Z 91 -55.72 -78.41 63.37
CA VAL Z 91 -54.96 -77.48 64.20
C VAL Z 91 -53.46 -77.72 64.13
N ALA Z 92 -53.03 -79.00 64.16
CA ALA Z 92 -51.63 -79.36 64.11
C ALA Z 92 -51.04 -79.13 62.73
N THR Z 93 -51.79 -79.42 61.64
CA THR Z 93 -51.43 -79.04 60.25
C THR Z 93 -51.30 -77.54 60.10
N LEU Z 94 -52.23 -76.76 60.67
CA LEU Z 94 -52.13 -75.31 60.74
C LEU Z 94 -50.90 -74.85 61.51
N SER Z 95 -50.60 -75.44 62.67
CA SER Z 95 -49.41 -75.13 63.47
C SER Z 95 -48.13 -75.32 62.68
N GLN Z 96 -47.93 -76.49 62.03
CA GLN Z 96 -46.74 -76.81 61.23
C GLN Z 96 -46.51 -75.86 60.05
N ASN Z 97 -47.59 -75.55 59.35
CA ASN Z 97 -47.52 -74.61 58.24
C ASN Z 97 -47.14 -73.23 58.78
N SER Z 98 -47.91 -72.75 59.76
CA SER Z 98 -47.65 -71.47 60.39
C SER Z 98 -46.24 -71.29 60.90
N ASP Z 99 -45.62 -72.36 61.38
CA ASP Z 99 -44.26 -72.30 61.86
C ASP Z 99 -43.38 -71.96 60.66
N ARG Z 100 -43.51 -72.75 59.60
CA ARG Z 100 -42.77 -72.52 58.38
C ARG Z 100 -42.88 -71.09 57.88
N LEU Z 101 -44.09 -70.50 57.85
CA LEU Z 101 -44.30 -69.10 57.47
C LEU Z 101 -43.66 -68.12 58.44
N TYR Z 102 -43.71 -68.37 59.76
CA TYR Z 102 -43.03 -67.57 60.77
C TYR Z 102 -41.52 -67.50 60.56
N GLN Z 103 -40.87 -68.64 60.20
CA GLN Z 103 -39.46 -68.69 59.82
C GLN Z 103 -39.16 -67.83 58.59
N GLN Z 104 -40.05 -67.87 57.57
CA GLN Z 104 -39.93 -67.00 56.41
C GLN Z 104 -39.99 -65.53 56.71
N LEU Z 105 -40.91 -65.10 57.60
CA LEU Z 105 -40.98 -63.72 58.09
C LEU Z 105 -39.74 -63.33 58.86
N LEU Z 106 -39.22 -64.21 59.73
CA LEU Z 106 -37.99 -63.99 60.45
C LEU Z 106 -36.72 -63.90 59.62
N GLN Z 107 -36.55 -64.77 58.63
CA GLN Z 107 -35.34 -64.78 57.83
C GLN Z 107 -35.34 -63.75 56.72
N ASP Z 108 -36.51 -63.18 56.41
CA ASP Z 108 -36.62 -62.17 55.35
C ASP Z 108 -35.63 -61.03 55.58
N SER Z 109 -35.07 -60.53 54.48
CA SER Z 109 -34.10 -59.44 54.56
C SER Z 109 -34.80 -58.09 54.60
N THR Z 110 -35.98 -58.06 55.21
CA THR Z 110 -36.75 -56.83 55.32
C THR Z 110 -36.55 -56.16 56.67
N PRO Z 111 -36.29 -54.80 56.64
CA PRO Z 111 -36.10 -54.19 57.98
C PRO Z 111 -37.27 -54.50 58.91
N GLU Z 112 -36.97 -54.66 60.19
CA GLU Z 112 -38.01 -54.95 61.19
C GLU Z 112 -39.09 -53.87 61.18
N ALA Z 113 -38.67 -52.62 61.33
CA ALA Z 113 -39.60 -51.49 61.35
C ALA Z 113 -40.63 -51.61 60.22
N THR Z 114 -40.16 -51.95 59.03
CA THR Z 114 -41.03 -52.10 57.88
C THR Z 114 -41.98 -53.28 58.04
N GLN Z 115 -41.43 -54.39 58.53
CA GLN Z 115 -42.22 -55.60 58.73
C GLN Z 115 -43.35 -55.35 59.75
N CYS Z 116 -42.99 -54.78 60.89
CA CYS Z 116 -43.97 -54.49 61.93
C CYS Z 116 -45.08 -53.57 61.47
N SER Z 117 -44.75 -52.48 60.75
CA SER Z 117 -45.72 -51.54 60.15
C SER Z 117 -46.60 -52.21 59.14
N GLN Z 118 -46.00 -53.01 58.26
CA GLN Z 118 -46.75 -53.72 57.22
C GLN Z 118 -47.76 -54.68 57.83
N PHE Z 119 -47.28 -55.56 58.71
CA PHE Z 119 -48.14 -56.53 59.37
C PHE Z 119 -49.23 -55.85 60.19
N ASN Z 120 -48.81 -54.99 61.12
CA ASN Z 120 -49.75 -54.27 61.98
C ASN Z 120 -50.93 -53.72 61.19
N ARG Z 121 -50.72 -53.44 59.91
CA ARG Z 121 -51.77 -52.90 59.05
C ARG Z 121 -52.44 -54.02 58.24
N GLN Z 122 -51.78 -55.17 58.19
CA GLN Z 122 -52.31 -56.32 57.45
C GLN Z 122 -53.13 -57.23 58.36
N LEU Z 123 -52.64 -57.43 59.57
CA LEU Z 123 -53.33 -58.28 60.55
C LEU Z 123 -54.30 -57.48 61.40
N ALA Z 124 -54.74 -56.35 60.87
CA ALA Z 124 -55.68 -55.48 61.60
C ALA Z 124 -57.04 -56.14 61.73
N PRO Z 125 -57.70 -56.44 60.54
CA PRO Z 125 -59.01 -57.08 60.72
C PRO Z 125 -58.93 -58.33 61.61
N PHE Z 126 -57.99 -59.22 61.29
CA PHE Z 126 -57.80 -60.44 62.06
C PHE Z 126 -57.85 -60.16 63.56
N ILE Z 127 -56.98 -59.27 64.02
CA ILE Z 127 -56.91 -58.91 65.43
C ILE Z 127 -58.31 -58.66 66.00
N ALA Z 128 -59.12 -57.90 65.27
CA ALA Z 128 -60.47 -57.59 65.70
C ALA Z 128 -61.28 -58.85 65.93
N SER Z 129 -61.14 -59.81 65.01
CA SER Z 129 -61.87 -61.08 65.10
C SER Z 129 -61.52 -61.95 66.30
N LEU Z 130 -60.23 -61.94 66.69
CA LEU Z 130 -59.66 -62.70 67.77
C LEU Z 130 -59.93 -62.11 69.15
N ARG Z 131 -60.30 -60.80 69.20
CA ARG Z 131 -60.81 -60.09 70.35
C ARG Z 131 -62.36 -60.00 70.35
N ILE AA 39 -38.10 -95.61 20.98
CA ILE AA 39 -39.16 -94.66 21.26
C ILE AA 39 -40.28 -95.31 22.07
N SER AA 40 -40.16 -96.62 22.32
CA SER AA 40 -41.16 -97.35 23.07
C SER AA 40 -40.59 -97.79 24.43
N SER AA 41 -39.37 -98.31 24.42
CA SER AA 41 -38.74 -98.78 25.64
C SER AA 41 -37.46 -97.99 25.98
N GLN AA 42 -37.10 -97.07 25.10
CA GLN AA 42 -35.91 -96.26 25.30
C GLN AA 42 -36.01 -94.95 26.09
N ALA AA 43 -37.04 -94.11 25.80
CA ALA AA 43 -37.30 -92.88 26.53
C ALA AA 43 -37.68 -93.11 27.98
N GLN AA 44 -38.48 -94.17 28.29
CA GLN AA 44 -38.82 -94.56 29.65
C GLN AA 44 -37.62 -94.90 30.49
N LEU AA 45 -36.71 -95.72 29.93
CA LEU AA 45 -35.46 -96.06 30.56
C LEU AA 45 -34.58 -94.84 30.76
N GLU AA 46 -34.41 -93.98 29.73
CA GLU AA 46 -33.58 -92.79 29.85
C GLU AA 46 -34.08 -91.82 30.91
N GLN AA 47 -35.41 -91.55 30.97
CA GLN AA 47 -36.01 -90.69 31.99
C GLN AA 47 -35.83 -91.19 33.41
N LEU AA 48 -36.06 -92.50 33.66
CA LEU AA 48 -35.85 -93.10 34.96
C LEU AA 48 -34.39 -93.17 35.37
N SER AA 49 -33.49 -93.53 34.43
CA SER AA 49 -32.05 -93.53 34.64
C SER AA 49 -31.51 -92.16 34.95
N SER AA 50 -32.00 -91.11 34.26
CA SER AA 50 -31.65 -89.72 34.51
C SER AA 50 -32.00 -89.23 35.90
N VAL AA 51 -33.23 -89.48 36.39
CA VAL AA 51 -33.62 -89.10 37.75
C VAL AA 51 -32.86 -89.90 38.80
N ALA AA 52 -32.65 -91.22 38.61
CA ALA AA 52 -31.85 -92.01 39.52
C ALA AA 52 -30.39 -91.58 39.59
N ALA AA 53 -29.72 -91.29 38.45
CA ALA AA 53 -28.37 -90.77 38.39
C ALA AA 53 -28.22 -89.41 39.04
N GLY AA 54 -29.17 -88.47 38.78
CA GLY AA 54 -29.13 -87.15 39.37
C GLY AA 54 -29.35 -87.14 40.87
N THR AA 55 -30.25 -88.00 41.37
CA THR AA 55 -30.50 -88.20 42.81
C THR AA 55 -29.33 -88.78 43.53
N ARG AA 56 -28.64 -89.77 42.94
CA ARG AA 56 -27.37 -90.26 43.45
C ARG AA 56 -26.26 -89.22 43.45
N TYR AA 57 -26.27 -88.35 42.44
CA TYR AA 57 -25.30 -87.26 42.36
C TYR AA 57 -25.55 -86.36 43.57
N LEU AA 58 -26.79 -85.88 43.70
CA LEU AA 58 -27.17 -85.05 44.81
C LEU AA 58 -26.82 -85.61 46.17
N LYS AA 59 -27.09 -86.91 46.42
CA LYS AA 59 -26.70 -87.55 47.66
C LYS AA 59 -25.19 -87.55 47.89
N ASN AA 60 -24.41 -87.94 46.88
CA ASN AA 60 -22.98 -88.14 47.02
C ASN AA 60 -22.17 -86.86 46.98
N LYS AA 61 -22.56 -85.87 46.14
CA LYS AA 61 -21.73 -84.72 45.83
C LYS AA 61 -22.32 -83.38 46.26
N CYS AA 62 -23.62 -83.34 46.65
CA CYS AA 62 -24.28 -82.06 46.94
C CYS AA 62 -24.87 -82.07 48.33
N ASN AA 63 -24.36 -82.98 49.20
CA ASN AA 63 -24.67 -83.05 50.62
C ASN AA 63 -26.12 -83.40 50.96
N ARG AA 64 -26.87 -84.01 50.02
CA ARG AA 64 -28.23 -84.46 50.24
C ARG AA 64 -28.27 -85.79 50.98
N SER AA 65 -27.91 -85.75 52.27
CA SER AA 65 -27.83 -86.89 53.17
C SER AA 65 -29.21 -87.35 53.64
N ASP AA 66 -30.24 -86.65 53.18
CA ASP AA 66 -31.61 -87.03 53.48
C ASP AA 66 -32.08 -88.10 52.47
N LEU AA 67 -31.38 -88.21 51.35
CA LEU AA 67 -31.71 -89.17 50.32
C LEU AA 67 -31.24 -90.56 50.71
N PRO AA 68 -31.95 -91.61 50.35
CA PRO AA 68 -31.61 -92.94 50.78
C PRO AA 68 -30.50 -93.51 49.91
N ALA AA 69 -30.06 -94.75 50.21
CA ALA AA 69 -29.03 -95.46 49.49
C ALA AA 69 -29.36 -95.71 48.02
N ASP AA 70 -28.33 -96.01 47.20
CA ASP AA 70 -28.42 -96.16 45.76
C ASP AA 70 -29.49 -97.16 45.31
N GLU AA 71 -29.59 -98.34 45.98
CA GLU AA 71 -30.60 -99.36 45.74
C GLU AA 71 -32.02 -98.83 45.91
N THR AA 72 -32.26 -98.04 46.97
CA THR AA 72 -33.54 -97.40 47.31
C THR AA 72 -33.90 -96.36 46.29
N ILE AA 73 -32.92 -95.57 45.81
CA ILE AA 73 -33.10 -94.62 44.71
C ILE AA 73 -33.50 -95.33 43.42
N TYR AA 74 -32.86 -96.47 43.11
CA TYR AA 74 -33.23 -97.32 41.99
C TYR AA 74 -34.63 -97.88 42.10
N ARG AA 75 -35.05 -98.40 43.27
CA ARG AA 75 -36.41 -98.83 43.53
C ARG AA 75 -37.44 -97.72 43.41
N ALA AA 76 -37.13 -96.50 43.90
CA ALA AA 76 -38.00 -95.36 43.74
C ALA AA 76 -38.22 -94.95 42.29
N ALA AA 77 -37.17 -94.95 41.45
CA ALA AA 77 -37.27 -94.71 40.01
C ALA AA 77 -38.14 -95.74 39.28
N VAL AA 78 -38.02 -97.04 39.64
CA VAL AA 78 -38.91 -98.11 39.18
C VAL AA 78 -40.36 -97.86 39.56
N ASN AA 79 -40.60 -97.42 40.81
CA ASN AA 79 -41.91 -97.06 41.32
C ASN AA 79 -42.57 -95.90 40.58
N VAL AA 80 -41.80 -94.86 40.14
CA VAL AA 80 -42.28 -93.80 39.27
C VAL AA 80 -42.80 -94.35 37.95
N GLY AA 81 -42.08 -95.30 37.34
CA GLY AA 81 -42.50 -95.98 36.11
C GLY AA 81 -43.74 -96.83 36.28
N LYS AA 82 -43.84 -97.58 37.39
CA LYS AA 82 -45.01 -98.37 37.74
C LYS AA 82 -46.27 -97.55 37.95
N ALA AA 83 -46.18 -96.39 38.63
CA ALA AA 83 -47.27 -95.44 38.83
C ALA AA 83 -47.82 -94.87 37.53
N ARG AA 84 -46.96 -94.71 36.51
CA ARG AA 84 -47.35 -94.23 35.20
C ARG AA 84 -47.90 -95.34 34.32
N GLY AA 85 -47.89 -96.61 34.79
CA GLY AA 85 -48.43 -97.74 34.07
C GLY AA 85 -47.49 -98.27 33.03
N TRP AA 86 -46.21 -97.86 33.11
CA TRP AA 86 -45.16 -98.30 32.21
C TRP AA 86 -44.90 -99.77 32.33
N GLY AA 87 -44.53 -100.39 31.18
CA GLY AA 87 -44.06 -101.76 31.13
C GLY AA 87 -42.94 -102.00 32.11
N ASN AA 88 -42.85 -103.21 32.71
CA ASN AA 88 -41.83 -103.48 33.72
C ASN AA 88 -40.41 -103.20 33.26
N ILE AA 89 -39.73 -102.27 33.95
CA ILE AA 89 -38.40 -101.82 33.60
C ILE AA 89 -37.48 -102.68 34.43
N ASP AA 90 -36.54 -103.38 33.78
CA ASP AA 90 -35.53 -104.15 34.46
C ASP AA 90 -34.65 -103.24 35.34
N VAL AA 91 -34.53 -103.61 36.64
CA VAL AA 91 -33.77 -102.90 37.66
C VAL AA 91 -32.28 -102.84 37.33
N ALA AA 92 -31.71 -103.97 36.84
CA ALA AA 92 -30.30 -104.05 36.51
C ALA AA 92 -29.99 -103.25 35.24
N THR AA 93 -30.87 -103.28 34.22
CA THR AA 93 -30.80 -102.40 33.04
C THR AA 93 -30.87 -100.94 33.41
N LEU AA 94 -31.77 -100.57 34.34
CA LEU AA 94 -31.84 -99.24 34.92
C LEU AA 94 -30.55 -98.86 35.64
N SER AA 95 -29.99 -99.76 36.47
CA SER AA 95 -28.73 -99.55 37.19
C SER AA 95 -27.58 -99.23 36.23
N GLN AA 96 -27.36 -100.06 35.18
CA GLN AA 96 -26.31 -99.88 34.19
C GLN AA 96 -26.39 -98.55 33.42
N ASN AA 97 -27.60 -98.21 33.01
CA ASN AA 97 -27.83 -96.95 32.32
C ASN AA 97 -27.53 -95.79 33.27
N SER AA 98 -28.17 -95.82 34.44
CA SER AA 98 -27.96 -94.81 35.46
C SER AA 98 -26.52 -94.57 35.84
N ASP AA 99 -25.71 -95.62 35.81
CA ASP AA 99 -24.29 -95.50 36.11
C ASP AA 99 -23.67 -94.63 35.03
N ARG AA 100 -23.90 -95.02 33.77
CA ARG AA 100 -23.41 -94.27 32.64
C ARG AA 100 -23.76 -92.78 32.72
N LEU AA 101 -25.03 -92.44 33.04
CA LEU AA 101 -25.45 -91.05 33.22
C LEU AA 101 -24.79 -90.36 34.41
N TYR AA 102 -24.58 -91.05 35.54
CA TYR AA 102 -23.83 -90.54 36.68
C TYR AA 102 -22.39 -90.15 36.33
N GLN AA 103 -21.69 -90.98 35.51
CA GLN AA 103 -20.38 -90.65 34.98
C GLN AA 103 -20.39 -89.39 34.11
N GLN AA 104 -21.42 -89.22 33.27
CA GLN AA 104 -21.61 -88.00 32.48
C GLN AA 104 -21.80 -86.75 33.31
N LEU AA 105 -22.59 -86.82 34.40
CA LEU AA 105 -22.73 -85.73 35.36
C LEU AA 105 -21.43 -85.41 36.07
N LEU AA 106 -20.67 -86.43 36.49
CA LEU AA 106 -19.37 -86.27 37.10
C LEU AA 106 -18.29 -85.69 36.21
N GLN AA 107 -18.19 -86.13 34.95
CA GLN AA 107 -17.15 -85.65 34.07
C GLN AA 107 -17.46 -84.32 33.41
N ASP AA 108 -18.72 -83.89 33.47
CA ASP AA 108 -19.12 -82.62 32.87
C ASP AA 108 -18.24 -81.48 33.38
N SER AA 109 -17.93 -80.53 32.49
CA SER AA 109 -17.10 -79.39 32.83
C SER AA 109 -17.94 -78.27 33.45
N THR AA 110 -19.00 -78.66 34.16
CA THR AA 110 -19.88 -77.69 34.80
C THR AA 110 -19.53 -77.50 36.27
N PRO AA 111 -19.44 -76.18 36.70
CA PRO AA 111 -19.10 -76.05 38.14
C PRO AA 111 -20.05 -76.84 39.03
N GLU AA 112 -19.52 -77.38 40.12
CA GLU AA 112 -20.33 -78.16 41.05
C GLU AA 112 -21.51 -77.35 41.57
N ALA AA 113 -21.23 -76.17 42.11
CA ALA AA 113 -22.26 -75.29 42.64
C ALA AA 113 -23.45 -75.20 41.68
N THR AA 114 -23.15 -75.02 40.40
CA THR AA 114 -24.18 -74.91 39.39
C THR AA 114 -24.93 -76.22 39.22
N GLN AA 115 -24.20 -77.33 39.20
CA GLN AA 115 -24.80 -78.64 39.04
C GLN AA 115 -25.74 -78.96 40.19
N CYS AA 116 -25.27 -78.75 41.42
CA CYS AA 116 -26.08 -79.01 42.60
C CYS AA 116 -27.36 -78.20 42.64
N SER AA 117 -27.28 -76.88 42.34
CA SER AA 117 -28.44 -75.98 42.23
C SER AA 117 -29.41 -76.40 41.16
N GLN AA 118 -28.87 -76.74 39.99
CA GLN AA 118 -29.70 -77.16 38.86
C GLN AA 118 -30.47 -78.42 39.20
N PHE AA 119 -29.75 -79.46 39.64
CA PHE AA 119 -30.36 -80.73 40.00
C PHE AA 119 -31.37 -80.56 41.13
N ASN AA 120 -30.90 -80.02 42.25
CA ASN AA 120 -31.76 -79.81 43.41
C ASN AA 120 -33.12 -79.23 43.02
N ARG AA 121 -33.15 -78.49 41.91
CA ARG AA 121 -34.40 -77.89 41.44
C ARG AA 121 -35.05 -78.75 40.37
N GLN AA 122 -34.29 -79.69 39.82
CA GLN AA 122 -34.80 -80.59 38.78
C GLN AA 122 -35.33 -81.89 39.39
N LEU AA 123 -34.63 -82.39 40.39
CA LEU AA 123 -35.04 -83.63 41.05
C LEU AA 123 -35.94 -83.35 42.25
N ALA AA 124 -36.59 -82.19 42.23
CA ALA AA 124 -37.49 -81.80 43.32
C ALA AA 124 -38.71 -82.70 43.36
N PRO AA 125 -39.53 -82.68 42.23
CA PRO AA 125 -40.71 -83.55 42.32
C PRO AA 125 -40.32 -84.99 42.67
N PHE AA 126 -39.36 -85.54 41.95
CA PHE AA 126 -38.90 -86.90 42.20
C PHE AA 126 -38.72 -87.17 43.69
N ILE AA 127 -37.90 -86.35 44.33
CA ILE AA 127 -37.64 -86.49 45.76
C ILE AA 127 -38.93 -86.69 46.54
N ALA AA 128 -39.94 -85.87 46.24
CA ALA AA 128 -41.23 -85.97 46.91
C ALA AA 128 -41.83 -87.35 46.75
N SER AA 129 -41.74 -87.90 45.54
CA SER AA 129 -42.29 -89.23 45.25
C SER AA 129 -41.64 -90.38 46.01
N LEU AA 130 -40.32 -90.28 46.22
CA LEU AA 130 -39.47 -91.26 46.88
C LEU AA 130 -39.58 -91.23 48.40
N ARG AA 131 -40.08 -90.11 48.95
CA ARG AA 131 -40.48 -89.92 50.34
C ARG AA 131 -42.00 -90.10 50.56
N ILE BA 39 -22.53 -102.00 -10.91
CA ILE BA 39 -23.63 -101.40 -10.18
C ILE BA 39 -24.51 -102.47 -9.54
N SER BA 40 -24.19 -103.74 -9.81
CA SER BA 40 -24.95 -104.84 -9.25
C SER BA 40 -24.13 -105.63 -8.23
N SER BA 41 -22.87 -105.90 -8.57
CA SER BA 41 -21.98 -106.63 -7.69
C SER BA 41 -20.77 -105.82 -7.24
N GLN BA 42 -20.68 -104.60 -7.75
CA GLN BA 42 -19.57 -103.71 -7.42
C GLN BA 42 -19.69 -102.79 -6.21
N ALA BA 43 -20.84 -102.09 -6.04
CA ALA BA 43 -21.11 -101.24 -4.89
C ALA BA 43 -21.22 -102.03 -3.59
N GLN BA 44 -21.82 -103.25 -3.60
CA GLN BA 44 -21.88 -104.13 -2.43
C GLN BA 44 -20.52 -104.53 -1.93
N LEU BA 45 -19.62 -104.95 -2.85
CA LEU BA 45 -18.25 -105.25 -2.54
C LEU BA 45 -17.50 -104.05 -2.01
N GLU BA 46 -17.61 -102.87 -2.67
CA GLU BA 46 -16.92 -101.67 -2.23
C GLU BA 46 -17.35 -101.22 -0.83
N GLN BA 47 -18.66 -101.21 -0.52
CA GLN BA 47 -19.17 -100.87 0.80
C GLN BA 47 -18.70 -101.79 1.91
N LEU BA 48 -18.72 -103.12 1.70
CA LEU BA 48 -18.23 -104.09 2.66
C LEU BA 48 -16.73 -104.05 2.83
N SER BA 49 -15.97 -103.90 1.72
CA SER BA 49 -14.51 -103.73 1.74
C SER BA 49 -14.09 -102.48 2.48
N SER BA 50 -14.82 -101.35 2.27
CA SER BA 50 -14.59 -100.09 2.97
C SER BA 50 -14.75 -100.18 4.47
N VAL BA 51 -15.85 -100.79 4.98
CA VAL BA 51 -16.03 -100.98 6.43
C VAL BA 51 -15.02 -101.94 7.02
N ALA BA 52 -14.70 -103.07 6.33
CA ALA BA 52 -13.67 -103.96 6.79
C ALA BA 52 -12.27 -103.34 6.84
N ALA BA 53 -11.85 -102.58 5.80
CA ALA BA 53 -10.60 -101.83 5.79
C ALA BA 53 -10.50 -100.77 6.87
N GLY BA 54 -11.58 -99.98 7.08
CA GLY BA 54 -11.60 -98.96 8.10
C GLY BA 54 -11.55 -99.50 9.52
N THR BA 55 -12.26 -100.62 9.78
CA THR BA 55 -12.23 -101.34 11.06
C THR BA 55 -10.89 -101.93 11.37
N ARG BA 56 -10.20 -102.52 10.39
CA ARG BA 56 -8.82 -102.93 10.53
C ARG BA 56 -7.86 -101.78 10.78
N TYR BA 57 -8.14 -100.64 10.16
CA TYR BA 57 -7.33 -99.44 10.37
C TYR BA 57 -7.47 -99.06 11.84
N LEU BA 58 -8.72 -98.88 12.28
CA LEU BA 58 -9.00 -98.55 13.66
C LEU BA 58 -8.35 -99.47 14.67
N LYS BA 59 -8.42 -100.80 14.45
CA LYS BA 59 -7.75 -101.76 15.32
C LYS BA 59 -6.25 -101.57 15.37
N ASN BA 60 -5.61 -101.46 14.20
CA ASN BA 60 -4.16 -101.46 14.08
C ASN BA 60 -3.52 -100.11 14.41
N LYS BA 61 -4.17 -98.98 14.05
CA LYS BA 61 -3.53 -97.67 14.08
C LYS BA 61 -4.20 -96.70 15.03
N CYS BA 62 -5.40 -96.99 15.56
CA CYS BA 62 -6.16 -96.04 16.38
C CYS BA 62 -6.48 -96.61 17.72
N ASN BA 63 -5.74 -97.67 18.14
CA ASN BA 63 -5.80 -98.28 19.46
C ASN BA 63 -7.11 -98.95 19.82
N ARG BA 64 -7.94 -99.32 18.82
CA ARG BA 64 -9.18 -100.05 19.02
C ARG BA 64 -8.93 -101.53 19.21
N SER BA 65 -8.37 -101.88 20.38
CA SER BA 65 -8.00 -103.23 20.79
C SER BA 65 -9.20 -104.05 21.22
N ASP BA 66 -10.38 -103.42 21.16
CA ASP BA 66 -11.63 -104.11 21.47
C ASP BA 66 -12.13 -104.83 20.21
N LEU BA 67 -11.63 -104.42 19.04
CA LEU BA 67 -12.02 -105.02 17.79
C LEU BA 67 -11.33 -106.35 17.58
N PRO BA 68 -11.97 -107.32 16.95
CA PRO BA 68 -11.40 -108.64 16.82
C PRO BA 68 -10.40 -108.69 15.68
N ALA BA 69 -9.76 -109.84 15.47
CA ALA BA 69 -8.80 -110.09 14.41
C ALA BA 69 -9.34 -109.87 13.00
N ASP BA 70 -8.44 -109.70 12.01
CA ASP BA 70 -8.76 -109.35 10.65
C ASP BA 70 -9.76 -110.30 9.99
N GLU BA 71 -9.61 -111.64 10.19
CA GLU BA 71 -10.52 -112.67 9.71
C GLU BA 71 -11.95 -112.48 10.22
N THR BA 72 -12.09 -112.16 11.53
CA THR BA 72 -13.35 -111.90 12.21
C THR BA 72 -14.01 -110.65 11.70
N ILE BA 73 -13.22 -109.59 11.43
CA ILE BA 73 -13.70 -108.37 10.78
C ILE BA 73 -14.23 -108.65 9.39
N TYR BA 74 -13.52 -109.49 8.59
CA TYR BA 74 -13.97 -109.95 7.30
C TYR BA 74 -15.26 -110.75 7.36
N ARG BA 75 -15.41 -111.70 8.30
CA ARG BA 75 -16.65 -112.42 8.55
C ARG BA 75 -17.81 -111.53 8.97
N ALA BA 76 -17.56 -110.52 9.83
CA ALA BA 76 -18.57 -109.55 10.20
C ALA BA 76 -19.09 -108.71 9.03
N ALA BA 77 -18.20 -108.25 8.13
CA ALA BA 77 -18.58 -107.55 6.90
C ALA BA 77 -19.42 -108.40 5.96
N VAL BA 78 -19.09 -109.71 5.79
CA VAL BA 78 -19.92 -110.68 5.08
C VAL BA 78 -21.30 -110.83 5.71
N ASN BA 79 -21.38 -110.89 7.04
CA ASN BA 79 -22.61 -110.96 7.80
C ASN BA 79 -23.51 -109.74 7.61
N VAL BA 80 -22.95 -108.51 7.50
CA VAL BA 80 -23.71 -107.31 7.14
C VAL BA 80 -24.38 -107.46 5.78
N GLY BA 81 -23.66 -108.00 4.78
CA GLY BA 81 -24.20 -108.28 3.45
C GLY BA 81 -25.28 -109.33 3.44
N LYS BA 82 -25.11 -110.42 4.20
CA LYS BA 82 -26.10 -111.47 4.38
C LYS BA 82 -27.40 -111.00 5.02
N ALA BA 83 -27.33 -110.14 6.06
CA ALA BA 83 -28.47 -109.53 6.72
C ALA BA 83 -29.30 -108.64 5.79
N ARG BA 84 -28.65 -108.01 4.80
CA ARG BA 84 -29.32 -107.18 3.82
C ARG BA 84 -29.87 -108.00 2.66
N GLY BA 85 -29.64 -109.32 2.64
CA GLY BA 85 -30.16 -110.21 1.62
C GLY BA 85 -29.35 -110.18 0.36
N TRP BA 86 -28.13 -109.62 0.43
CA TRP BA 86 -27.21 -109.54 -0.68
C TRP BA 86 -26.76 -110.90 -1.14
N GLY BA 87 -26.52 -111.01 -2.47
CA GLY BA 87 -25.91 -112.19 -3.07
C GLY BA 87 -24.62 -112.54 -2.39
N ASN BA 88 -24.28 -113.84 -2.28
CA ASN BA 88 -23.08 -114.27 -1.57
C ASN BA 88 -21.80 -113.61 -2.06
N ILE BA 89 -21.12 -112.88 -1.17
CA ILE BA 89 -19.94 -112.12 -1.48
C ILE BA 89 -18.80 -113.03 -1.13
N ASP BA 90 -17.90 -113.31 -2.10
CA ASP BA 90 -16.71 -114.08 -1.87
C ASP BA 90 -15.81 -113.39 -0.83
N VAL BA 91 -15.43 -114.16 0.23
CA VAL BA 91 -14.59 -113.72 1.33
C VAL BA 91 -13.20 -113.30 0.88
N ALA BA 92 -12.58 -114.07 -0.05
CA ALA BA 92 -11.26 -113.80 -0.57
C ALA BA 92 -11.26 -112.57 -1.48
N THR BA 93 -12.30 -112.40 -2.34
CA THR BA 93 -12.53 -111.16 -3.12
C THR BA 93 -12.70 -109.95 -2.22
N LEU BA 94 -13.47 -110.09 -1.12
CA LEU BA 94 -13.59 -109.07 -0.09
C LEU BA 94 -12.27 -108.75 0.56
N SER BA 95 -11.47 -109.76 0.94
CA SER BA 95 -10.14 -109.60 1.52
C SER BA 95 -9.22 -108.79 0.62
N GLN BA 96 -9.08 -109.15 -0.68
CA GLN BA 96 -8.24 -108.47 -1.66
C GLN BA 96 -8.60 -107.00 -1.87
N ASN BA 97 -9.90 -106.74 -1.98
CA ASN BA 97 -10.39 -105.38 -2.13
C ASN BA 97 -10.06 -104.59 -0.87
N SER BA 98 -10.49 -105.11 0.28
CA SER BA 98 -10.23 -104.50 1.56
C SER BA 98 -8.78 -104.16 1.82
N ASP BA 99 -7.87 -104.98 1.32
CA ASP BA 99 -6.44 -104.73 1.48
C ASP BA 99 -6.14 -103.45 0.72
N ARG BA 100 -6.52 -103.42 -0.55
CA ARG BA 100 -6.32 -102.26 -1.38
C ARG BA 100 -6.84 -100.98 -0.72
N LEU BA 101 -8.05 -100.97 -0.15
CA LEU BA 101 -8.59 -99.84 0.57
C LEU BA 101 -7.82 -99.49 1.82
N TYR BA 102 -7.34 -100.49 2.60
CA TYR BA 102 -6.47 -100.28 3.75
C TYR BA 102 -5.17 -99.55 3.40
N GLN BA 103 -4.53 -99.91 2.27
CA GLN BA 103 -3.38 -99.20 1.73
C GLN BA 103 -3.69 -97.74 1.40
N GLN BA 104 -4.86 -97.47 0.80
CA GLN BA 104 -5.31 -96.11 0.54
C GLN BA 104 -5.50 -95.27 1.79
N LEU BA 105 -6.09 -95.84 2.86
CA LEU BA 105 -6.19 -95.19 4.16
C LEU BA 105 -4.83 -94.91 4.78
N LEU BA 106 -3.90 -95.88 4.71
CA LEU BA 106 -2.55 -95.71 5.17
C LEU BA 106 -1.70 -94.69 4.43
N GLN BA 107 -1.77 -94.64 3.10
CA GLN BA 107 -0.95 -93.72 2.33
C GLN BA 107 -1.53 -92.32 2.25
N ASP BA 108 -2.80 -92.15 2.62
CA ASP BA 108 -3.44 -90.85 2.57
C ASP BA 108 -2.64 -89.82 3.34
N SER BA 109 -2.59 -88.59 2.83
CA SER BA 109 -1.85 -87.51 3.48
C SER BA 109 -2.70 -86.84 4.55
N THR BA 110 -3.56 -87.60 5.19
CA THR BA 110 -4.43 -87.08 6.23
C THR BA 110 -3.86 -87.35 7.62
N PRO BA 111 -3.85 -86.27 8.49
CA PRO BA 111 -3.29 -86.57 9.82
C PRO BA 111 -3.97 -87.78 10.47
N GLU BA 112 -3.21 -88.56 11.22
CA GLU BA 112 -3.75 -89.74 11.89
C GLU BA 112 -4.92 -89.36 12.80
N ALA BA 113 -4.68 -88.41 13.70
CA ALA BA 113 -5.70 -87.97 14.63
C ALA BA 113 -7.04 -87.75 13.92
N THR BA 114 -6.98 -87.09 12.76
CA THR BA 114 -8.19 -86.81 11.98
C THR BA 114 -8.79 -88.10 11.44
N GLN BA 115 -7.95 -88.99 10.94
CA GLN BA 115 -8.41 -90.25 10.39
C GLN BA 115 -9.11 -91.10 11.45
N CYS BA 116 -8.45 -91.25 12.60
CA CYS BA 116 -9.01 -92.03 13.69
C CYS BA 116 -10.36 -91.51 14.18
N SER BA 117 -10.48 -90.17 14.37
CA SER BA 117 -11.74 -89.50 14.74
C SER BA 117 -12.82 -89.69 13.70
N GLN BA 118 -12.46 -89.51 12.43
CA GLN BA 118 -13.41 -89.65 11.34
C GLN BA 118 -13.95 -91.07 11.28
N PHE BA 119 -13.06 -92.05 11.22
CA PHE BA 119 -13.45 -93.46 11.16
C PHE BA 119 -14.25 -93.86 12.39
N ASN BA 120 -13.68 -93.66 13.56
CA ASN BA 120 -14.34 -94.00 14.82
C ASN BA 120 -15.80 -93.57 14.83
N ARG BA 121 -16.11 -92.52 14.07
CA ARG BA 121 -17.47 -92.01 14.01
C ARG BA 121 -18.20 -92.54 12.78
N GLN BA 122 -17.44 -93.11 11.84
CA GLN BA 122 -18.01 -93.66 10.61
C GLN BA 122 -18.28 -95.15 10.76
N LEU BA 123 -17.36 -95.86 11.42
CA LEU BA 123 -17.50 -97.29 11.64
C LEU BA 123 -18.21 -97.59 12.94
N ALA BA 124 -19.00 -96.63 13.43
CA ALA BA 124 -19.73 -96.79 14.67
C ALA BA 124 -20.81 -97.84 14.55
N PRO BA 125 -21.81 -97.57 13.60
CA PRO BA 125 -22.84 -98.62 13.50
C PRO BA 125 -22.24 -100.00 13.26
N PHE BA 126 -21.35 -100.10 12.28
CA PHE BA 126 -20.71 -101.37 11.95
C PHE BA 126 -20.24 -102.09 13.21
N ILE BA 127 -19.43 -101.41 14.01
CA ILE BA 127 -18.91 -101.99 15.24
C ILE BA 127 -20.01 -102.66 16.05
N ALA BA 128 -21.15 -101.97 16.19
CA ALA BA 128 -22.28 -102.50 16.92
C ALA BA 128 -22.74 -103.84 16.34
N SER BA 129 -22.80 -103.92 15.02
CA SER BA 129 -23.23 -105.14 14.33
C SER BA 129 -22.33 -106.35 14.52
N LEU BA 130 -21.01 -106.10 14.60
CA LEU BA 130 -19.96 -107.09 14.76
C LEU BA 130 -19.80 -107.60 16.20
N ARG BA 131 -20.34 -106.84 17.17
CA ARG BA 131 -20.51 -107.22 18.56
C ARG BA 131 -21.94 -107.71 18.88
N ILE CA 39 -11.97 -94.42 -44.43
CA ILE CA 39 -13.00 -94.30 -43.41
C ILE CA 39 -13.63 -95.66 -43.10
N SER CA 40 -13.21 -96.68 -43.84
CA SER CA 40 -13.73 -98.02 -43.65
C SER CA 40 -12.66 -98.95 -43.08
N SER CA 41 -11.46 -98.88 -43.64
CA SER CA 41 -10.35 -99.70 -43.19
C SER CA 41 -9.19 -98.90 -42.62
N GLN CA 42 -9.32 -97.57 -42.66
CA GLN CA 42 -8.29 -96.68 -42.17
C GLN CA 42 -8.30 -96.27 -40.69
N ALA CA 43 -9.47 -95.87 -40.16
CA ALA CA 43 -9.65 -95.52 -38.76
C ALA CA 43 -9.44 -96.71 -37.82
N GLN CA 44 -9.89 -97.94 -38.19
CA GLN CA 44 -9.65 -99.16 -37.44
C GLN CA 44 -8.19 -99.46 -37.28
N LEU CA 45 -7.42 -99.39 -38.38
CA LEU CA 45 -5.98 -99.55 -38.36
C LEU CA 45 -5.30 -98.48 -37.53
N GLU CA 46 -5.66 -97.19 -37.70
CA GLU CA 46 -5.05 -96.12 -36.94
C GLU CA 46 -5.29 -96.25 -35.43
N GLN CA 47 -6.51 -96.57 -34.99
CA GLN CA 47 -6.84 -96.79 -33.59
C GLN CA 47 -6.07 -97.94 -32.94
N LEU CA 48 -5.98 -99.10 -33.62
CA LEU CA 48 -5.22 -100.24 -33.14
C LEU CA 48 -3.72 -100.01 -33.14
N SER CA 49 -3.18 -99.36 -34.20
CA SER CA 49 -1.78 -98.97 -34.28
C SER CA 49 -1.39 -97.99 -33.21
N SER CA 50 -2.27 -97.00 -32.90
CA SER CA 50 -2.08 -96.03 -31.83
C SER CA 50 -1.97 -96.66 -30.45
N VAL CA 51 -2.88 -97.59 -30.08
CA VAL CA 51 -2.79 -98.27 -28.79
C VAL CA 51 -1.59 -99.20 -28.71
N ALA CA 52 -1.26 -99.94 -29.79
CA ALA CA 52 -0.07 -100.76 -29.81
C ALA CA 52 1.23 -99.97 -29.69
N ALA CA 53 1.38 -98.83 -30.42
CA ALA CA 53 2.51 -97.93 -30.31
C ALA CA 53 2.67 -97.29 -28.95
N GLY CA 54 1.56 -96.83 -28.34
CA GLY CA 54 1.59 -96.23 -27.02
C GLY CA 54 1.94 -97.20 -25.92
N THR CA 55 1.43 -98.45 -26.00
CA THR CA 55 1.75 -99.55 -25.08
C THR CA 55 3.18 -99.97 -25.15
N ARG CA 56 3.76 -100.06 -26.36
CA ARG CA 56 5.18 -100.25 -26.54
C ARG CA 56 6.03 -99.11 -26.00
N TYR CA 57 5.51 -97.89 -26.13
CA TYR CA 57 6.21 -96.73 -25.60
C TYR CA 57 6.27 -96.90 -24.08
N LEU CA 58 5.10 -97.09 -23.46
CA LEU CA 58 5.02 -97.30 -22.04
C LEU CA 58 5.94 -98.39 -21.51
N LYS CA 59 5.99 -99.56 -22.19
CA LYS CA 59 6.91 -100.62 -21.80
C LYS CA 59 8.36 -100.21 -21.88
N ASN CA 60 8.78 -99.59 -22.98
CA ASN CA 60 10.17 -99.32 -23.26
C ASN CA 60 10.69 -98.07 -22.54
N LYS CA 61 9.87 -97.01 -22.40
CA LYS CA 61 10.35 -95.70 -21.97
C LYS CA 61 9.74 -95.24 -20.65
N CYS CA 62 8.68 -95.90 -20.13
CA CYS CA 62 7.97 -95.42 -18.95
C CYS CA 62 7.94 -96.47 -17.87
N ASN CA 63 8.87 -97.46 -17.95
CA ASN CA 63 9.11 -98.48 -16.95
C ASN CA 63 7.97 -99.45 -16.71
N ARG CA 64 7.03 -99.59 -17.67
CA ARG CA 64 5.94 -100.54 -17.60
C ARG CA 64 6.39 -101.94 -17.99
N SER CA 65 7.17 -102.57 -17.09
CA SER CA 65 7.75 -103.88 -17.25
C SER CA 65 6.74 -105.00 -17.01
N ASP CA 66 5.51 -104.60 -16.69
CA ASP CA 66 4.43 -105.55 -16.53
C ASP CA 66 3.80 -105.87 -17.88
N LEU CA 67 4.05 -105.01 -18.88
CA LEU CA 67 3.53 -105.20 -20.20
C LEU CA 67 4.32 -106.25 -20.96
N PRO CA 68 3.71 -107.04 -21.83
CA PRO CA 68 4.39 -108.12 -22.49
C PRO CA 68 5.18 -107.60 -23.67
N ALA CA 69 5.91 -108.49 -24.37
CA ALA CA 69 6.70 -108.20 -25.54
C ALA CA 69 5.90 -107.60 -26.71
N ASP CA 70 6.59 -106.96 -27.66
CA ASP CA 70 6.01 -106.22 -28.76
C ASP CA 70 5.03 -107.05 -29.59
N GLU CA 71 5.36 -108.33 -29.91
CA GLU CA 71 4.52 -109.27 -30.63
C GLU CA 71 3.19 -109.52 -29.91
N THR CA 72 3.23 -109.69 -28.57
CA THR CA 72 2.09 -109.89 -27.69
C THR CA 72 1.20 -108.67 -27.65
N ILE CA 73 1.81 -107.47 -27.60
CA ILE CA 73 1.09 -106.20 -27.71
C ILE CA 73 0.37 -106.08 -29.04
N TYR CA 74 1.02 -106.46 -30.15
CA TYR CA 74 0.42 -106.52 -31.47
C TYR CA 74 -0.75 -107.49 -31.55
N ARG CA 75 -0.61 -108.72 -31.00
CA ARG CA 75 -1.69 -109.68 -30.89
C ARG CA 75 -2.86 -109.19 -30.05
N ALA CA 76 -2.60 -108.51 -28.92
CA ALA CA 76 -3.64 -107.92 -28.11
C ALA CA 76 -4.44 -106.83 -28.82
N ALA CA 77 -3.78 -105.94 -29.60
CA ALA CA 77 -4.44 -104.94 -30.43
C ALA CA 77 -5.32 -105.56 -31.51
N VAL CA 78 -4.87 -106.65 -32.17
CA VAL CA 78 -5.69 -107.46 -33.08
C VAL CA 78 -6.92 -108.04 -32.41
N ASN CA 79 -6.76 -108.56 -31.18
CA ASN CA 79 -7.84 -109.09 -30.36
C ASN CA 79 -8.89 -108.04 -29.98
N VAL CA 80 -8.51 -106.77 -29.71
CA VAL CA 80 -9.45 -105.68 -29.53
C VAL CA 80 -10.32 -105.46 -30.75
N GLY CA 81 -9.71 -105.51 -31.96
CA GLY CA 81 -10.44 -105.40 -33.23
C GLY CA 81 -11.38 -106.55 -33.49
N LYS CA 82 -10.94 -107.79 -33.20
CA LYS CA 82 -11.77 -108.99 -33.31
C LYS CA 82 -12.99 -108.99 -32.39
N ALA CA 83 -12.84 -108.54 -31.12
CA ALA CA 83 -13.92 -108.39 -30.16
C ALA CA 83 -14.99 -107.40 -30.60
N ARG CA 84 -14.60 -106.36 -31.35
CA ARG CA 84 -15.51 -105.37 -31.89
C ARG CA 84 -16.16 -105.83 -33.19
N GLY CA 85 -15.77 -107.01 -33.72
CA GLY CA 85 -16.35 -107.57 -34.94
C GLY CA 85 -15.78 -106.98 -36.17
N TRP CA 86 -14.64 -106.27 -36.05
CA TRP CA 86 -13.93 -105.66 -37.15
C TRP CA 86 -13.40 -106.69 -38.13
N GLY CA 87 -13.39 -106.30 -39.42
CA GLY CA 87 -12.75 -107.07 -40.47
C GLY CA 87 -11.34 -107.43 -40.12
N ASN CA 88 -10.84 -108.60 -40.54
CA ASN CA 88 -9.50 -109.04 -40.17
C ASN CA 88 -8.40 -108.04 -40.54
N ILE CA 89 -7.68 -107.56 -39.52
CA ILE CA 89 -6.65 -106.55 -39.67
C ILE CA 89 -5.38 -107.32 -39.82
N ASP CA 90 -4.63 -107.09 -40.92
CA ASP CA 90 -3.33 -107.67 -41.12
C ASP CA 90 -2.35 -107.24 -40.02
N VAL CA 91 -1.71 -108.25 -39.36
CA VAL CA 91 -0.76 -108.07 -38.28
C VAL CA 91 0.48 -107.31 -38.71
N ALA CA 92 1.01 -107.59 -39.92
CA ALA CA 92 2.19 -106.94 -40.45
C ALA CA 92 1.89 -105.50 -40.85
N THR CA 93 0.71 -105.22 -41.45
CA THR CA 93 0.21 -103.85 -41.70
C THR CA 93 0.05 -103.07 -40.42
N LEU CA 94 -0.51 -103.69 -39.36
CA LEU CA 94 -0.57 -103.12 -38.03
C LEU CA 94 0.81 -102.82 -37.47
N SER CA 95 1.78 -103.75 -37.57
CA SER CA 95 3.15 -103.57 -37.13
C SER CA 95 3.81 -102.36 -37.78
N GLN CA 96 3.76 -102.23 -39.12
CA GLN CA 96 4.34 -101.12 -39.88
C GLN CA 96 3.77 -99.75 -39.51
N ASN CA 97 2.45 -99.70 -39.36
CA ASN CA 97 1.79 -98.48 -38.95
C ASN CA 97 2.23 -98.12 -37.53
N SER CA 98 2.07 -99.07 -36.62
CA SER CA 98 2.47 -98.89 -35.24
C SER CA 98 3.89 -98.42 -35.04
N ASP CA 99 4.80 -98.86 -35.91
CA ASP CA 99 6.18 -98.44 -35.84
C ASP CA 99 6.22 -96.94 -36.11
N ARG CA 100 5.62 -96.55 -37.23
CA ARG CA 100 5.53 -95.15 -37.60
C ARG CA 100 5.00 -94.28 -36.47
N LEU CA 101 3.90 -94.68 -35.80
CA LEU CA 101 3.36 -93.97 -34.66
C LEU CA 101 4.28 -93.95 -33.46
N TYR CA 102 5.00 -95.04 -33.15
CA TYR CA 102 6.02 -95.09 -32.12
C TYR CA 102 7.14 -94.08 -32.33
N GLN CA 103 7.62 -93.92 -33.59
CA GLN CA 103 8.59 -92.89 -33.95
C GLN CA 103 8.06 -91.48 -33.70
N GLN CA 104 6.77 -91.22 -34.02
CA GLN CA 104 6.13 -89.95 -33.72
C GLN CA 104 6.05 -89.63 -32.24
N LEU CA 105 5.72 -90.62 -31.38
CA LEU CA 105 5.77 -90.48 -29.94
C LEU CA 105 7.17 -90.21 -29.42
N LEU CA 106 8.18 -90.92 -29.95
CA LEU CA 106 9.57 -90.69 -29.60
C LEU CA 106 10.16 -89.35 -30.02
N GLN CA 107 9.86 -88.87 -31.23
CA GLN CA 107 10.42 -87.61 -31.70
C GLN CA 107 9.68 -86.39 -31.20
N ASP CA 108 8.48 -86.57 -30.66
CA ASP CA 108 7.69 -85.46 -30.15
C ASP CA 108 8.49 -84.63 -29.15
N SER CA 109 8.30 -83.31 -29.20
CA SER CA 109 9.00 -82.41 -28.30
C SER CA 109 8.27 -82.29 -26.96
N THR CA 110 7.63 -83.37 -26.54
CA THR CA 110 6.89 -83.39 -25.29
C THR CA 110 7.72 -84.02 -24.17
N PRO CA 111 7.75 -83.31 -22.97
CA PRO CA 111 8.57 -83.95 -21.92
C PRO CA 111 8.14 -85.39 -21.67
N GLU CA 112 9.11 -86.25 -21.35
CA GLU CA 112 8.83 -87.66 -21.09
C GLU CA 112 7.80 -87.82 -19.98
N ALA CA 113 8.08 -87.21 -18.84
CA ALA CA 113 7.18 -87.28 -17.69
C ALA CA 113 5.73 -87.07 -18.12
N THR CA 114 5.50 -86.06 -18.95
CA THR CA 114 4.16 -85.74 -19.43
C THR CA 114 3.62 -86.85 -20.33
N GLN CA 115 4.48 -87.36 -21.22
CA GLN CA 115 4.08 -88.42 -22.13
C GLN CA 115 3.67 -89.67 -21.37
N CYS CA 116 4.53 -90.10 -20.43
CA CYS CA 116 4.25 -91.29 -19.64
C CYS CA 116 2.96 -91.19 -18.84
N SER CA 117 2.71 -90.05 -18.17
CA SER CA 117 1.47 -89.77 -17.45
C SER CA 117 0.26 -89.77 -18.34
N GLN CA 118 0.38 -89.10 -19.49
CA GLN CA 118 -0.73 -89.04 -20.45
C GLN CA 118 -1.11 -90.42 -20.96
N PHE CA 119 -0.12 -91.15 -21.46
CA PHE CA 119 -0.35 -92.49 -21.98
C PHE CA 119 -0.89 -93.42 -20.90
N ASN CA 120 -0.14 -93.55 -19.81
CA ASN CA 120 -0.53 -94.40 -18.70
C ASN CA 120 -2.01 -94.25 -18.36
N ARG CA 121 -2.58 -93.08 -18.63
CA ARG CA 121 -3.98 -92.80 -18.36
C ARG CA 121 -4.83 -93.01 -19.61
N GLN CA 122 -4.18 -93.08 -20.76
CA GLN CA 122 -4.88 -93.27 -22.02
C GLN CA 122 -4.94 -94.75 -22.40
N LEU CA 123 -3.85 -95.46 -22.15
CA LEU CA 123 -3.79 -96.88 -22.47
C LEU CA 123 -4.22 -97.73 -21.27
N ALA CA 124 -5.02 -97.14 -20.39
CA ALA CA 124 -5.51 -97.84 -19.20
C ALA CA 124 -6.47 -98.96 -19.59
N PRO CA 125 -7.63 -98.55 -20.25
CA PRO CA 125 -8.53 -99.66 -20.59
C PRO CA 125 -7.82 -100.76 -21.38
N PHE CA 126 -7.12 -100.36 -22.43
CA PHE CA 126 -6.39 -101.31 -23.27
C PHE CA 126 -5.64 -102.33 -22.42
N ILE CA 127 -4.78 -101.84 -21.53
CA ILE CA 127 -4.00 -102.70 -20.66
C ILE CA 127 -4.87 -103.79 -20.03
N ALA CA 128 -6.03 -103.39 -19.52
CA ALA CA 128 -6.95 -104.33 -18.90
C ALA CA 128 -7.35 -105.44 -19.87
N SER CA 129 -7.62 -105.06 -21.11
CA SER CA 129 -8.01 -106.03 -22.15
C SER CA 129 -6.96 -107.07 -22.50
N LEU CA 130 -5.68 -106.64 -22.50
CA LEU CA 130 -4.51 -107.43 -22.83
C LEU CA 130 -4.05 -108.37 -21.71
N ARG CA 131 -4.50 -108.09 -20.47
CA ARG CA 131 -4.39 -108.93 -19.30
C ARG CA 131 -5.67 -109.75 -19.02
N ILE DA 39 -8.16 -74.13 -73.98
CA ILE DA 39 -9.00 -74.56 -72.87
C ILE DA 39 -9.41 -76.02 -73.00
N SER DA 40 -9.01 -76.64 -74.11
CA SER DA 40 -9.33 -78.04 -74.35
C SER DA 40 -8.07 -78.91 -74.29
N SER DA 41 -7.00 -78.45 -74.92
CA SER DA 41 -5.74 -79.18 -74.93
C SER DA 41 -4.60 -78.42 -74.26
N GLN DA 42 -4.90 -77.20 -73.80
CA GLN DA 42 -3.90 -76.38 -73.13
C GLN DA 42 -3.72 -76.50 -71.62
N ALA DA 43 -4.83 -76.52 -70.84
CA ALA DA 43 -4.80 -76.71 -69.40
C ALA DA 43 -4.29 -78.09 -69.00
N GLN DA 44 -4.66 -79.17 -69.74
CA GLN DA 44 -4.15 -80.52 -69.51
C GLN DA 44 -2.65 -80.61 -69.64
N LEU DA 45 -2.10 -80.02 -70.72
CA LEU DA 45 -0.68 -79.94 -70.92
C LEU DA 45 0.02 -79.12 -69.85
N GLU DA 46 -0.51 -77.93 -69.49
CA GLU DA 46 0.09 -77.09 -68.48
C GLU DA 46 0.12 -77.76 -67.11
N GLN DA 47 -0.96 -78.43 -66.66
CA GLN DA 47 -1.01 -79.16 -65.41
C GLN DA 47 -0.02 -80.32 -65.33
N LEU DA 48 0.09 -81.14 -66.38
CA LEU DA 48 1.05 -82.23 -66.44
C LEU DA 48 2.49 -81.75 -66.54
N SER DA 49 2.76 -80.71 -67.34
CA SER DA 49 4.07 -80.07 -67.44
C SER DA 49 4.52 -79.47 -66.14
N SER DA 50 3.60 -78.81 -65.40
CA SER DA 50 3.85 -78.25 -64.08
C SER DA 50 4.27 -79.28 -63.04
N VAL DA 51 3.54 -80.42 -62.91
CA VAL DA 51 3.93 -81.49 -61.99
C VAL DA 51 5.23 -82.16 -62.40
N ALA DA 52 5.46 -82.42 -63.70
CA ALA DA 52 6.71 -82.97 -64.16
C ALA DA 52 7.91 -82.05 -63.92
N ALA DA 53 7.80 -80.72 -64.20
CA ALA DA 53 8.83 -79.74 -63.90
C ALA DA 53 9.13 -79.59 -62.42
N GLY DA 54 8.10 -79.55 -61.56
CA GLY DA 54 8.28 -79.45 -60.13
C GLY DA 54 8.92 -80.66 -59.51
N THR DA 55 8.56 -81.88 -59.97
CA THR DA 55 9.16 -83.15 -59.56
C THR DA 55 10.60 -83.28 -59.95
N ARG DA 56 10.96 -82.85 -61.16
CA ARG DA 56 12.34 -82.72 -61.57
C ARG DA 56 13.14 -81.71 -60.75
N TYR DA 57 12.47 -80.62 -60.36
CA TYR DA 57 13.10 -79.60 -59.54
C TYR DA 57 13.44 -80.27 -58.20
N LEU DA 58 12.43 -80.86 -57.57
CA LEU DA 58 12.61 -81.56 -56.31
C LEU DA 58 13.74 -82.59 -56.34
N LYS DA 59 13.80 -83.43 -57.39
CA LYS DA 59 14.89 -84.39 -57.53
C LYS DA 59 16.25 -83.74 -57.62
N ASN DA 60 16.40 -82.71 -58.47
CA ASN DA 60 17.68 -82.12 -58.79
C ASN DA 60 18.17 -81.13 -57.73
N LYS DA 61 17.26 -80.34 -57.11
CA LYS DA 61 17.65 -79.20 -56.29
C LYS DA 61 17.22 -79.32 -54.84
N CYS DA 62 16.36 -80.29 -54.48
CA CYS DA 62 15.81 -80.37 -53.12
C CYS DA 62 16.09 -81.72 -52.51
N ASN DA 63 17.09 -82.44 -53.05
CA ASN DA 63 17.62 -83.69 -52.52
C ASN DA 63 16.66 -84.87 -52.52
N ARG DA 64 15.59 -84.83 -53.34
CA ARG DA 64 14.64 -85.92 -53.50
C ARG DA 64 15.18 -86.99 -54.42
N SER DA 65 16.18 -87.75 -53.91
CA SER DA 65 16.88 -88.82 -54.60
C SER DA 65 16.06 -90.10 -54.66
N ASP DA 66 14.86 -90.05 -54.09
CA ASP DA 66 13.94 -91.16 -54.14
C ASP DA 66 13.13 -91.11 -55.45
N LEU DA 67 13.11 -89.93 -56.08
CA LEU DA 67 12.40 -89.73 -57.32
C LEU DA 67 13.16 -90.31 -58.50
N PRO DA 68 12.50 -90.85 -59.51
CA PRO DA 68 13.19 -91.51 -60.59
C PRO DA 68 13.70 -90.49 -61.60
N ALA DA 69 14.40 -90.95 -62.65
CA ALA DA 69 14.93 -90.15 -63.71
C ALA DA 69 13.88 -89.34 -64.47
N ASP DA 70 14.33 -88.29 -65.21
CA ASP DA 70 13.49 -87.34 -65.89
C ASP DA 70 12.49 -87.98 -66.85
N GLU DA 71 12.91 -88.99 -67.64
CA GLU DA 71 12.07 -89.77 -68.55
C GLU DA 71 10.92 -90.47 -67.82
N THR DA 72 11.21 -91.07 -66.65
CA THR DA 72 10.26 -91.76 -65.78
C THR DA 72 9.26 -90.80 -65.19
N ILE DA 73 9.71 -89.59 -64.78
CA ILE DA 73 8.85 -88.52 -64.33
C ILE DA 73 7.90 -88.06 -65.43
N TYR DA 74 8.40 -87.93 -66.68
CA TYR DA 74 7.58 -87.64 -67.84
C TYR DA 74 6.55 -88.71 -68.14
N ARG DA 75 6.92 -90.01 -68.09
CA ARG DA 75 5.99 -91.12 -68.20
C ARG DA 75 4.93 -91.15 -67.12
N ALA DA 76 5.30 -90.87 -65.86
CA ALA DA 76 4.35 -90.78 -64.77
C ALA DA 76 3.32 -89.66 -64.94
N ALA DA 77 3.73 -88.46 -65.41
CA ALA DA 77 2.82 -87.36 -65.74
C ALA DA 77 1.84 -87.71 -66.86
N VAL DA 78 2.31 -88.41 -67.92
CA VAL DA 78 1.44 -89.00 -68.96
C VAL DA 78 0.43 -89.97 -68.40
N ASN DA 79 0.85 -90.85 -67.48
CA ASN DA 79 -0.01 -91.80 -66.79
C ASN DA 79 -1.09 -91.14 -65.94
N VAL DA 80 -0.81 -90.00 -65.27
CA VAL DA 80 -1.84 -89.20 -64.58
C VAL DA 80 -2.92 -88.73 -65.54
N GLY DA 81 -2.53 -88.26 -66.74
CA GLY DA 81 -3.47 -87.85 -67.78
C GLY DA 81 -4.29 -88.99 -68.34
N LYS DA 82 -3.68 -90.15 -68.57
CA LYS DA 82 -4.37 -91.37 -69.01
C LYS DA 82 -5.39 -91.90 -68.02
N ALA DA 83 -5.09 -91.89 -66.70
CA ALA DA 83 -6.00 -92.26 -65.63
C ALA DA 83 -7.24 -91.38 -65.55
N ARG DA 84 -7.10 -90.09 -65.92
CA ARG DA 84 -8.20 -89.15 -65.95
C ARG DA 84 -9.01 -89.24 -67.24
N GLY DA 85 -8.58 -90.09 -68.20
CA GLY DA 85 -9.28 -90.29 -69.45
C GLY DA 85 -9.00 -89.22 -70.46
N TRP DA 86 -7.96 -88.41 -70.21
CA TRP DA 86 -7.52 -87.36 -71.10
C TRP DA 86 -7.05 -87.87 -72.43
N GLY DA 87 -7.30 -87.07 -73.49
CA GLY DA 87 -6.76 -87.32 -74.82
C GLY DA 87 -5.29 -87.53 -74.79
N ASN DA 88 -4.73 -88.39 -75.66
CA ASN DA 88 -3.30 -88.69 -75.63
C ASN DA 88 -2.41 -87.45 -75.75
N ILE DA 89 -1.59 -87.23 -74.71
CA ILE DA 89 -0.73 -86.07 -74.60
C ILE DA 89 0.59 -86.52 -75.17
N ASP DA 90 1.10 -85.80 -76.19
CA ASP DA 90 2.41 -86.05 -76.75
C ASP DA 90 3.50 -85.86 -75.68
N VAL DA 91 4.36 -86.90 -75.51
CA VAL DA 91 5.46 -86.96 -74.57
C VAL DA 91 6.50 -85.87 -74.83
N ALA DA 92 6.85 -85.64 -76.11
CA ALA DA 92 7.84 -84.65 -76.50
C ALA DA 92 7.31 -83.24 -76.31
N THR DA 93 6.02 -82.98 -76.64
CA THR DA 93 5.32 -81.71 -76.30
C THR DA 93 5.29 -81.45 -74.82
N LEU DA 94 5.00 -82.48 -74.01
CA LEU DA 94 5.10 -82.42 -72.56
C LEU DA 94 6.51 -82.11 -72.09
N SER DA 95 7.54 -82.77 -72.64
CA SER DA 95 8.95 -82.52 -72.33
C SER DA 95 9.34 -81.07 -72.56
N GLN DA 96 9.04 -80.49 -73.75
CA GLN DA 96 9.35 -79.11 -74.12
C GLN DA 96 8.70 -78.07 -73.21
N ASN DA 97 7.43 -78.29 -72.90
CA ASN DA 97 6.70 -77.41 -71.99
C ASN DA 97 7.34 -77.49 -70.61
N SER DA 98 7.45 -78.71 -70.08
CA SER DA 98 8.06 -78.95 -68.79
C SER DA 98 9.42 -78.34 -68.61
N ASP DA 99 10.21 -78.29 -69.68
CA ASP DA 99 11.53 -77.70 -69.62
C ASP DA 99 11.34 -76.22 -69.33
N ARG DA 100 10.52 -75.57 -70.16
CA ARG DA 100 10.21 -74.16 -69.98
C ARG DA 100 9.78 -73.84 -68.55
N LEU DA 101 8.86 -74.62 -67.96
CA LEU DA 101 8.44 -74.44 -66.57
C LEU DA 101 9.55 -74.68 -65.57
N TYR DA 102 10.43 -75.68 -65.77
CA TYR DA 102 11.61 -75.90 -64.95
C TYR DA 102 12.56 -74.70 -64.91
N GLN DA 103 12.80 -74.04 -66.07
CA GLN DA 103 13.56 -72.80 -66.14
C GLN DA 103 12.92 -71.67 -65.34
N GLN DA 104 11.57 -71.54 -65.39
CA GLN DA 104 10.85 -70.59 -64.57
C GLN DA 104 10.98 -70.80 -63.08
N LEU DA 105 10.93 -72.07 -62.61
CA LEU DA 105 11.20 -72.43 -61.22
C LEU DA 105 12.63 -72.11 -60.82
N LEU DA 106 13.61 -72.41 -61.68
CA LEU DA 106 15.00 -72.08 -61.44
C LEU DA 106 15.34 -70.61 -61.41
N GLN DA 107 14.79 -69.79 -62.32
CA GLN DA 107 15.11 -68.37 -62.36
C GLN DA 107 14.32 -67.54 -61.36
N ASP DA 108 13.27 -68.11 -60.79
CA ASP DA 108 12.45 -67.38 -59.82
C ASP DA 108 13.30 -66.83 -58.69
N SER DA 109 12.96 -65.63 -58.23
CA SER DA 109 13.70 -64.98 -57.15
C SER DA 109 13.19 -65.45 -55.79
N THR DA 110 12.76 -66.70 -55.73
CA THR DA 110 12.26 -67.27 -54.48
C THR DA 110 13.34 -68.09 -53.78
N PRO DA 111 13.49 -67.84 -52.41
CA PRO DA 111 14.54 -68.65 -51.77
C PRO DA 111 14.34 -70.15 -52.02
N GLU DA 112 15.44 -70.88 -52.14
CA GLU DA 112 15.37 -72.32 -52.38
C GLU DA 112 14.57 -73.02 -51.29
N ALA DA 113 14.96 -72.81 -50.05
CA ALA DA 113 14.29 -73.42 -48.91
C ALA DA 113 12.77 -73.32 -49.05
N THR DA 114 12.29 -72.14 -49.43
CA THR DA 114 10.86 -71.91 -49.60
C THR DA 114 10.31 -72.73 -50.77
N GLN DA 115 11.05 -72.74 -51.88
CA GLN DA 115 10.64 -73.48 -53.07
C GLN DA 115 10.52 -74.97 -52.77
N CYS DA 116 11.56 -75.53 -52.16
CA CYS DA 116 11.57 -76.94 -51.83
C CYS DA 116 10.43 -77.36 -50.90
N SER DA 117 10.16 -76.57 -49.83
CA SER DA 117 9.04 -76.77 -48.92
C SER DA 117 7.70 -76.66 -49.61
N GLN DA 118 7.54 -75.64 -50.43
CA GLN DA 118 6.29 -75.44 -51.17
C GLN DA 118 5.99 -76.61 -52.09
N PHE DA 119 6.96 -76.94 -52.94
CA PHE DA 119 6.80 -78.04 -53.88
C PHE DA 119 6.57 -79.37 -53.17
N ASN DA 120 7.50 -79.72 -52.28
CA ASN DA 120 7.41 -80.97 -51.52
C ASN DA 120 6.00 -81.20 -50.98
N ARG DA 121 5.27 -80.11 -50.74
CA ARG DA 121 3.91 -80.19 -50.22
C ARG DA 121 2.89 -80.10 -51.35
N GLN DA 122 3.33 -79.66 -52.52
CA GLN DA 122 2.46 -79.52 -53.68
C GLN DA 122 2.50 -80.77 -54.55
N LEU DA 123 3.70 -81.33 -54.71
CA LEU DA 123 3.88 -82.53 -55.53
C LEU DA 123 3.76 -83.80 -54.68
N ALA DA 124 3.06 -83.69 -53.55
CA ALA DA 124 2.86 -84.81 -52.66
C ALA DA 124 1.98 -85.88 -53.30
N PRO DA 125 0.69 -85.48 -53.63
CA PRO DA 125 -0.13 -86.54 -54.25
C PRO DA 125 0.56 -87.16 -55.46
N PHE DA 126 1.03 -86.32 -56.37
CA PHE DA 126 1.71 -86.79 -57.57
C PHE DA 126 2.71 -87.90 -57.24
N ILE DA 127 3.64 -87.60 -56.35
CA ILE DA 127 4.65 -88.56 -55.94
C ILE DA 127 4.04 -89.92 -55.66
N ALA DA 128 2.94 -89.93 -54.91
CA ALA DA 128 2.26 -91.17 -54.56
C ALA DA 128 1.84 -91.93 -55.82
N SER DA 129 1.31 -91.20 -56.80
CA SER DA 129 0.87 -91.82 -58.06
C SER DA 129 1.96 -92.47 -58.89
N LEU DA 130 3.16 -91.87 -58.88
CA LEU DA 130 4.34 -92.27 -59.61
C LEU DA 130 5.09 -93.44 -58.97
N ARG DA 131 4.83 -93.68 -57.67
CA ARG DA 131 5.25 -94.85 -56.91
C ARG DA 131 4.12 -95.92 -56.79
N VAL EA 97 87.59 100.85 4.47
CA VAL EA 97 86.41 100.33 5.13
C VAL EA 97 86.49 100.57 6.63
N SER EA 98 85.50 100.08 7.36
CA SER EA 98 85.48 100.24 8.81
C SER EA 98 86.52 99.36 9.47
N SER EA 99 87.15 99.87 10.52
CA SER EA 99 88.18 99.15 11.26
C SER EA 99 87.64 98.49 12.52
N LEU EA 100 86.37 98.68 12.84
CA LEU EA 100 85.79 98.08 14.03
C LEU EA 100 85.51 96.60 13.81
N LYS EA 101 85.80 95.79 14.82
CA LYS EA 101 85.60 94.34 14.75
C LYS EA 101 84.16 94.00 15.15
N LEU EA 102 83.24 94.41 14.28
CA LEU EA 102 81.82 94.16 14.46
C LEU EA 102 81.26 93.44 13.24
N ARG EA 103 80.39 92.46 13.49
CA ARG EA 103 79.77 91.66 12.44
C ARG EA 103 78.27 91.94 12.44
N LEU EA 104 77.74 92.37 11.30
CA LEU EA 104 76.33 92.66 11.17
C LEU EA 104 75.56 91.36 10.95
N ALA EA 105 74.62 91.06 11.84
CA ALA EA 105 73.84 89.83 11.75
C ALA EA 105 72.47 90.03 11.13
N GLY EA 106 71.91 91.24 11.19
CA GLY EA 106 70.60 91.49 10.61
C GLY EA 106 70.41 92.96 10.36
N LEU EA 107 69.67 93.28 9.30
CA LEU EA 107 69.40 94.66 8.94
C LEU EA 107 68.03 94.81 8.28
N LEU EA 108 67.00 94.95 9.10
CA LEU EA 108 65.64 95.09 8.60
C LEU EA 108 65.29 96.55 8.34
N ALA EA 109 64.22 96.77 7.60
CA ALA EA 109 63.78 98.13 7.28
C ALA EA 109 63.24 98.85 8.50
N SER EA 110 63.14 100.17 8.42
CA SER EA 110 62.65 100.98 9.53
C SER EA 110 61.19 100.66 9.83
N SER EA 111 60.91 100.34 11.09
CA SER EA 111 59.56 100.01 11.51
C SER EA 111 58.67 101.23 11.40
N ASN EA 112 57.39 101.04 11.72
CA ASN EA 112 56.41 102.12 11.63
C ASN EA 112 56.51 103.09 12.80
N PRO EA 113 56.46 102.63 14.06
CA PRO EA 113 56.46 103.60 15.17
C PRO EA 113 57.83 104.14 15.54
N ALA EA 114 58.91 103.58 14.99
CA ALA EA 114 60.26 104.03 15.27
C ALA EA 114 60.88 104.66 14.04
N ARG EA 115 62.13 105.11 14.17
CA ARG EA 115 62.86 105.72 13.07
C ARG EA 115 63.70 104.70 12.31
N SER EA 116 64.34 103.77 13.03
CA SER EA 116 65.15 102.74 12.40
C SER EA 116 65.43 101.65 13.44
N ILE EA 117 65.70 100.45 12.95
CA ILE EA 117 66.00 99.31 13.83
C ILE EA 117 67.03 98.41 13.16
N ALA EA 118 68.10 98.12 13.88
CA ALA EA 118 69.17 97.27 13.36
C ALA EA 118 69.76 96.40 14.47
N ILE EA 119 69.95 95.12 14.17
CA ILE EA 119 70.51 94.18 15.12
C ILE EA 119 72.01 94.05 14.95
N ILE EA 120 72.76 94.30 16.03
CA ILE EA 120 74.20 94.20 15.99
C ILE EA 120 74.73 93.23 17.04
N GLU EA 121 75.60 92.33 16.62
CA GLU EA 121 76.18 91.33 17.52
C GLU EA 121 77.65 91.68 17.78
N LYS EA 122 78.04 91.66 19.04
CA LYS EA 122 79.42 91.95 19.42
C LYS EA 122 79.79 91.08 20.62
N GLY EA 123 80.91 90.36 20.48
CA GLY EA 123 81.35 89.47 21.54
C GLY EA 123 80.46 88.27 21.75
N ASN EA 124 79.97 87.66 20.66
CA ASN EA 124 79.10 86.50 20.65
C ASN EA 124 77.74 86.74 21.30
N GLN EA 125 77.43 87.98 21.67
CA GLN EA 125 76.16 88.31 22.29
C GLN EA 125 75.37 89.22 21.37
N GLN EA 126 74.12 88.86 21.10
CA GLN EA 126 73.26 89.64 20.23
C GLN EA 126 72.47 90.67 21.04
N VAL EA 127 72.34 91.87 20.48
CA VAL EA 127 71.62 92.95 21.12
C VAL EA 127 70.98 93.82 20.04
N SER EA 128 69.82 94.38 20.36
CA SER EA 128 69.09 95.24 19.43
C SER EA 128 69.42 96.69 19.73
N LEU EA 129 69.68 97.47 18.68
CA LEU EA 129 70.01 98.87 18.81
C LEU EA 129 69.23 99.68 17.80
N SER EA 130 69.08 100.98 18.08
CA SER EA 130 68.36 101.91 17.22
C SER EA 130 69.28 103.04 16.81
N THR EA 131 68.73 104.02 16.10
CA THR EA 131 69.48 105.19 15.64
C THR EA 131 69.47 106.24 16.74
N GLY EA 132 70.64 106.48 17.35
CA GLY EA 132 70.79 107.45 18.41
C GLY EA 132 71.27 106.87 19.72
N ASP EA 133 71.06 105.57 19.96
CA ASP EA 133 71.51 104.95 21.20
C ASP EA 133 73.02 104.73 21.17
N PRO EA 134 73.69 104.89 22.30
CA PRO EA 134 75.13 104.70 22.35
C PRO EA 134 75.52 103.22 22.32
N LEU EA 135 76.75 102.97 21.91
CA LEU EA 135 77.26 101.61 21.86
C LEU EA 135 77.74 101.17 23.24
N PRO EA 136 77.24 100.05 23.77
CA PRO EA 136 77.69 99.61 25.09
C PRO EA 136 79.16 99.23 25.14
N GLY EA 137 79.76 98.85 24.02
CA GLY EA 137 81.15 98.45 24.01
C GLY EA 137 82.13 99.59 23.89
N TYR EA 138 82.00 100.39 22.84
CA TYR EA 138 82.89 101.50 22.58
C TYR EA 138 82.11 102.81 22.62
N ASP EA 139 82.85 103.92 22.75
CA ASP EA 139 82.26 105.25 22.79
C ASP EA 139 82.00 105.77 21.37
N ALA EA 140 81.12 105.07 20.66
CA ALA EA 140 80.75 105.40 19.30
C ALA EA 140 79.26 105.71 19.22
N ARG EA 141 78.91 106.61 18.32
CA ARG EA 141 77.53 107.03 18.11
C ARG EA 141 77.10 106.66 16.71
N ILE EA 142 75.94 106.01 16.60
CA ILE EA 142 75.40 105.60 15.31
C ILE EA 142 74.67 106.79 14.70
N ALA EA 143 75.26 107.39 13.66
CA ALA EA 143 74.63 108.53 13.01
C ALA EA 143 73.34 108.12 12.32
N ALA EA 144 73.42 107.18 11.37
CA ALA EA 144 72.25 106.70 10.65
C ALA EA 144 72.45 105.23 10.31
N ILE EA 145 71.35 104.59 9.90
CA ILE EA 145 71.36 103.18 9.51
C ILE EA 145 70.75 103.10 8.12
N LEU EA 146 71.60 103.04 7.11
CA LEU EA 146 71.14 102.95 5.73
C LEU EA 146 70.84 101.49 5.36
N PRO EA 147 69.95 101.27 4.40
CA PRO EA 147 69.64 99.89 4.00
C PRO EA 147 70.81 99.15 3.37
N ASP EA 148 71.83 99.87 2.87
CA ASP EA 148 72.96 99.23 2.21
C ASP EA 148 74.27 99.38 2.96
N ARG EA 149 74.33 100.20 4.01
CA ARG EA 149 75.57 100.37 4.77
C ARG EA 149 75.22 100.96 6.13
N ILE EA 150 76.21 100.96 7.02
CA ILE EA 150 76.06 101.48 8.38
C ILE EA 150 77.02 102.65 8.54
N ILE EA 151 76.52 103.76 9.09
CA ILE EA 151 77.30 104.96 9.31
C ILE EA 151 77.43 105.15 10.82
N VAL EA 152 78.66 105.02 11.31
CA VAL EA 152 78.92 105.19 12.75
C VAL EA 152 80.06 106.17 12.98
N ASN EA 153 79.78 107.22 13.73
CA ASN EA 153 80.79 108.24 14.04
C ASN EA 153 81.78 107.77 15.10
N TYR EA 154 82.78 107.02 14.66
CA TYR EA 154 83.81 106.51 15.57
C TYR EA 154 84.99 107.48 15.59
N GLN EA 155 85.25 108.07 16.76
CA GLN EA 155 86.33 109.03 16.94
C GLN EA 155 86.20 110.21 15.98
N GLY EA 156 84.96 110.65 15.76
CA GLY EA 156 84.71 111.76 14.86
C GLY EA 156 84.98 111.47 13.40
N ARG EA 157 84.94 110.21 13.00
CA ARG EA 157 85.16 109.82 11.62
C ARG EA 157 84.03 108.90 11.15
N LYS EA 158 83.72 108.98 9.86
CA LYS EA 158 82.66 108.17 9.27
C LYS EA 158 83.26 106.90 8.69
N GLU EA 159 82.70 105.75 9.09
CA GLU EA 159 83.15 104.45 8.63
C GLU EA 159 81.98 103.69 8.02
N ALA EA 160 82.23 103.04 6.88
CA ALA EA 160 81.22 102.26 6.18
C ALA EA 160 81.35 100.80 6.56
N ILE EA 161 80.24 100.19 6.97
CA ILE EA 161 80.20 98.78 7.35
C ILE EA 161 79.40 98.01 6.31
N LEU EA 162 80.07 97.10 5.61
CA LEU EA 162 79.43 96.30 4.57
C LEU EA 162 78.88 95.01 5.16
N LEU EA 163 78.05 94.33 4.37
CA LEU EA 163 77.45 93.08 4.80
C LEU EA 163 78.51 91.99 4.93
N PHE EA 164 78.27 91.08 5.87
CA PHE EA 164 79.19 89.97 6.11
C PHE EA 164 79.00 88.87 5.06
N VAL FA 97 116.33 60.61 -25.76
CA VAL FA 97 114.94 60.88 -25.40
C VAL FA 97 114.86 62.06 -24.44
N SER FA 98 113.65 62.38 -23.99
CA SER FA 98 113.47 63.49 -23.07
C SER FA 98 114.00 63.13 -21.69
N SER FA 99 114.59 64.13 -21.02
CA SER FA 99 115.15 63.95 -19.69
C SER FA 99 114.21 64.43 -18.58
N LEU FA 100 113.06 65.00 -18.94
CA LEU FA 100 112.11 65.48 -17.93
C LEU FA 100 111.36 64.32 -17.31
N LYS FA 101 111.16 64.39 -15.99
CA LYS FA 101 110.47 63.34 -15.25
C LYS FA 101 108.97 63.60 -15.28
N LEU FA 102 108.40 63.44 -16.48
CA LEU FA 102 106.98 63.63 -16.71
C LEU FA 102 106.40 62.37 -17.35
N ARG FA 103 105.21 61.98 -16.91
CA ARG FA 103 104.52 60.80 -17.40
C ARG FA 103 103.24 61.24 -18.10
N LEU FA 104 103.10 60.85 -19.37
CA LEU FA 104 101.93 61.19 -20.15
C LEU FA 104 100.79 60.24 -19.80
N ALA FA 105 99.67 60.79 -19.33
CA ALA FA 105 98.52 59.98 -18.94
C ALA FA 105 97.44 59.91 -20.00
N GLY FA 106 97.36 60.90 -20.88
CA GLY FA 106 96.34 60.90 -21.93
C GLY FA 106 96.74 61.81 -23.06
N LEU FA 107 96.35 61.42 -24.28
CA LEU FA 107 96.67 62.20 -25.47
C LEU FA 107 95.56 62.07 -26.51
N LEU FA 108 94.54 62.90 -26.39
CA LEU FA 108 93.42 62.88 -27.33
C LEU FA 108 93.68 63.80 -28.52
N ALA FA 109 92.89 63.62 -29.57
CA ALA FA 109 93.03 64.43 -30.78
C ALA FA 109 92.60 65.87 -30.53
N SER FA 110 93.00 66.77 -31.43
CA SER FA 110 92.67 68.18 -31.31
C SER FA 110 91.16 68.40 -31.42
N SER FA 111 90.59 69.07 -30.44
CA SER FA 111 89.16 69.34 -30.43
C SER FA 111 88.80 70.28 -31.57
N ASN FA 112 87.51 70.57 -31.70
CA ASN FA 112 87.02 71.44 -32.77
C ASN FA 112 87.27 72.92 -32.48
N PRO FA 113 86.86 73.46 -31.33
CA PRO FA 113 87.03 74.91 -31.12
C PRO FA 113 88.43 75.32 -30.68
N ALA FA 114 89.30 74.37 -30.36
CA ALA FA 114 90.66 74.67 -29.92
C ALA FA 114 91.65 74.17 -30.96
N ARG FA 115 92.94 74.38 -30.68
CA ARG FA 115 94.01 73.94 -31.56
C ARG FA 115 94.54 72.56 -31.18
N SER FA 116 94.67 72.29 -29.89
CA SER FA 116 95.14 71.00 -29.40
C SER FA 116 94.83 70.90 -27.92
N ILE FA 117 94.72 69.66 -27.44
CA ILE FA 117 94.44 69.40 -26.03
C ILE FA 117 95.17 68.14 -25.59
N ALA FA 118 95.93 68.25 -24.51
CA ALA FA 118 96.68 67.12 -23.97
C ALA FA 118 96.74 67.16 -22.45
N ILE FA 119 96.48 66.02 -21.83
CA ILE FA 119 96.50 65.92 -20.37
C ILE FA 119 97.87 65.46 -19.87
N ILE FA 120 98.46 66.25 -18.98
CA ILE FA 120 99.77 65.93 -18.43
C ILE FA 120 99.72 65.88 -16.90
N GLU FA 121 100.27 64.80 -16.34
CA GLU FA 121 100.29 64.63 -14.89
C GLU FA 121 101.72 64.80 -14.38
N LYS FA 122 101.87 65.59 -13.33
CA LYS FA 122 103.17 65.84 -12.73
C LYS FA 122 103.01 65.98 -11.23
N GLY FA 123 103.79 65.19 -10.48
CA GLY FA 123 103.71 65.22 -9.03
C GLY FA 123 102.41 64.65 -8.48
N ASN FA 124 101.92 63.56 -9.07
CA ASN FA 124 100.70 62.85 -8.69
C ASN FA 124 99.44 63.69 -8.87
N GLN FA 125 99.54 64.88 -9.46
CA GLN FA 125 98.40 65.75 -9.68
C GLN FA 125 98.16 65.89 -11.18
N GLN FA 126 96.91 65.66 -11.60
CA GLN FA 126 96.55 65.74 -13.01
C GLN FA 126 96.07 67.15 -13.34
N VAL FA 127 96.48 67.65 -14.51
CA VAL FA 127 96.11 68.98 -14.97
C VAL FA 127 96.01 68.95 -16.49
N SER FA 128 95.10 69.75 -17.03
CA SER FA 128 94.89 69.85 -18.46
C SER FA 128 95.67 71.04 -19.01
N LEU FA 129 96.36 70.82 -20.13
CA LEU FA 129 97.16 71.86 -20.77
C LEU FA 129 96.90 71.86 -22.26
N SER FA 130 97.19 73.00 -22.89
CA SER FA 130 97.00 73.18 -24.32
C SER FA 130 98.33 73.56 -24.95
N THR FA 131 98.29 73.87 -26.26
CA THR FA 131 99.48 74.26 -27.00
C THR FA 131 99.68 75.76 -26.86
N GLY FA 132 100.74 76.16 -26.15
CA GLY FA 132 101.06 77.55 -25.92
C GLY FA 132 101.07 77.96 -24.47
N ASP FA 133 100.37 77.23 -23.60
CA ASP FA 133 100.36 77.57 -22.18
C ASP FA 133 101.67 77.15 -21.52
N PRO FA 134 102.16 77.94 -20.56
CA PRO FA 134 103.41 77.60 -19.89
C PRO FA 134 103.22 76.47 -18.88
N LEU FA 135 104.33 75.81 -18.58
CA LEU FA 135 104.31 74.72 -17.61
C LEU FA 135 104.36 75.29 -16.19
N PRO FA 136 103.42 74.92 -15.32
CA PRO FA 136 103.46 75.44 -13.95
C PRO FA 136 104.66 74.97 -13.15
N GLY FA 137 105.26 73.83 -13.50
CA GLY FA 137 106.38 73.32 -12.75
C GLY FA 137 107.72 73.90 -13.17
N TYR FA 138 108.06 73.75 -14.44
CA TYR FA 138 109.32 74.24 -14.99
C TYR FA 138 109.08 75.32 -16.03
N ASP FA 139 110.14 76.07 -16.33
CA ASP FA 139 110.07 77.14 -17.32
C ASP FA 139 110.25 76.58 -18.74
N ALA FA 140 109.30 75.74 -19.13
CA ALA FA 140 109.31 75.10 -20.43
C ALA FA 140 108.06 75.51 -21.21
N ARG FA 141 108.21 75.59 -22.54
CA ARG FA 141 107.13 75.97 -23.44
C ARG FA 141 106.83 74.81 -24.37
N ILE FA 142 105.55 74.46 -24.47
CA ILE FA 142 105.12 73.37 -25.35
C ILE FA 142 104.97 73.91 -26.76
N ALA FA 143 105.90 73.54 -27.64
CA ALA FA 143 105.85 73.99 -29.02
C ALA FA 143 104.62 73.44 -29.74
N ALA FA 144 104.51 72.11 -29.80
CA ALA FA 144 103.38 71.47 -30.46
C ALA FA 144 103.08 70.16 -29.74
N ILE FA 145 101.91 69.60 -30.05
CA ILE FA 145 101.46 68.34 -29.47
C ILE FA 145 101.10 67.42 -30.64
N LEU FA 146 102.02 66.54 -31.01
CA LEU FA 146 101.78 65.61 -32.09
C LEU FA 146 101.04 64.37 -31.59
N PRO FA 147 100.30 63.71 -32.47
CA PRO FA 147 99.58 62.49 -32.04
C PRO FA 147 100.49 61.35 -31.61
N ASP FA 148 101.76 61.36 -32.02
CA ASP FA 148 102.67 60.27 -31.70
C ASP FA 148 103.82 60.68 -30.78
N ARG FA 149 104.00 61.97 -30.51
CA ARG FA 149 105.07 62.41 -29.63
C ARG FA 149 104.75 63.82 -29.13
N ILE FA 150 105.51 64.27 -28.14
CA ILE FA 150 105.34 65.59 -27.55
C ILE FA 150 106.62 66.38 -27.79
N ILE FA 151 106.47 67.61 -28.25
CA ILE FA 151 107.59 68.50 -28.53
C ILE FA 151 107.54 69.65 -27.52
N VAL FA 152 108.54 69.71 -26.65
CA VAL FA 152 108.61 70.75 -25.63
C VAL FA 152 109.98 71.42 -25.64
N ASN FA 153 109.97 72.73 -25.84
CA ASN FA 153 111.21 73.51 -25.87
C ASN FA 153 111.79 73.74 -24.48
N TYR FA 154 112.51 72.74 -23.97
CA TYR FA 154 113.12 72.84 -22.65
C TYR FA 154 114.55 73.35 -22.78
N GLN FA 155 114.82 74.53 -22.21
CA GLN FA 155 116.13 75.17 -22.27
C GLN FA 155 116.59 75.37 -23.71
N GLY FA 156 115.65 75.72 -24.58
CA GLY FA 156 115.97 75.93 -25.98
C GLY FA 156 116.34 74.70 -26.75
N ARG FA 157 115.92 73.53 -26.29
CA ARG FA 157 116.19 72.26 -26.96
C ARG FA 157 114.91 71.47 -27.14
N LYS FA 158 114.85 70.70 -28.22
CA LYS FA 158 113.69 69.90 -28.54
C LYS FA 158 113.86 68.49 -27.96
N GLU FA 159 112.87 68.05 -27.20
CA GLU FA 159 112.89 66.73 -26.58
C GLU FA 159 111.63 65.96 -26.98
N ALA FA 160 111.81 64.68 -27.30
CA ALA FA 160 110.71 63.81 -27.69
C ALA FA 160 110.24 63.01 -26.50
N ILE FA 161 108.94 63.03 -26.25
CA ILE FA 161 108.33 62.30 -25.15
C ILE FA 161 107.48 61.17 -25.70
N LEU FA 162 107.87 59.94 -25.41
CA LEU FA 162 107.16 58.77 -25.90
C LEU FA 162 106.09 58.34 -24.91
N LEU FA 163 105.21 57.44 -25.36
CA LEU FA 163 104.14 56.95 -24.52
C LEU FA 163 104.69 56.09 -23.38
N PHE FA 164 103.99 56.12 -22.26
CA PHE FA 164 104.39 55.35 -21.08
C PHE FA 164 103.99 53.89 -21.23
N VAL GA 97 102.33 84.59 -15.36
CA VAL GA 97 101.01 84.49 -14.77
C VAL GA 97 100.95 85.24 -13.44
N SER GA 98 99.82 85.17 -12.77
CA SER GA 98 99.65 85.85 -11.49
C SER GA 98 100.44 85.14 -10.41
N SER GA 99 101.02 85.93 -9.49
CA SER GA 99 101.81 85.41 -8.39
C SER GA 99 101.03 85.32 -7.09
N LEU GA 100 99.77 85.76 -7.08
CA LEU GA 100 98.96 85.71 -5.86
C LEU GA 100 98.46 84.29 -5.62
N LYS GA 101 98.50 83.88 -4.36
CA LYS GA 101 98.06 82.54 -3.96
C LYS GA 101 96.55 82.54 -3.73
N LEU GA 102 95.82 82.70 -4.83
CA LEU GA 102 94.36 82.70 -4.81
C LEU GA 102 93.84 81.67 -5.79
N ARG GA 103 92.78 80.95 -5.37
CA ARG GA 103 92.17 79.91 -6.19
C ARG GA 103 90.75 80.34 -6.53
N LEU GA 104 90.45 80.38 -7.82
CA LEU GA 104 89.12 80.77 -8.29
C LEU GA 104 88.18 79.57 -8.18
N ALA GA 105 87.10 79.74 -7.41
CA ALA GA 105 86.14 78.66 -7.20
C ALA GA 105 84.91 78.77 -8.08
N GLY GA 106 84.55 79.98 -8.53
CA GLY GA 106 83.39 80.16 -9.38
C GLY GA 106 83.48 81.46 -10.15
N LEU GA 107 82.94 81.44 -11.36
CA LEU GA 107 82.95 82.63 -12.21
C LEU GA 107 81.71 82.68 -13.10
N LEU GA 108 80.63 83.23 -12.57
CA LEU GA 108 79.38 83.34 -13.31
C LEU GA 108 79.33 84.64 -14.11
N ALA GA 109 78.39 84.70 -15.05
CA ALA GA 109 78.23 85.88 -15.90
C ALA GA 109 77.69 87.06 -15.09
N SER GA 110 77.83 88.26 -15.65
CA SER GA 110 77.35 89.47 -14.98
C SER GA 110 75.84 89.45 -14.84
N SER GA 111 75.36 89.64 -13.61
CA SER GA 111 73.93 89.65 -13.34
C SER GA 111 73.27 90.85 -14.02
N ASN GA 112 71.96 90.94 -13.88
CA ASN GA 112 71.19 92.02 -14.50
C ASN GA 112 71.32 93.33 -13.72
N PRO GA 113 71.05 93.37 -12.41
CA PRO GA 113 71.09 94.66 -11.72
C PRO GA 113 72.47 95.13 -11.33
N ALA GA 114 73.50 94.30 -11.47
CA ALA GA 114 74.86 94.66 -11.11
C ALA GA 114 75.72 94.71 -12.38
N ARG GA 115 77.00 95.03 -12.18
CA ARG GA 115 77.95 95.10 -13.30
C ARG GA 115 78.68 93.79 -13.50
N SER GA 116 79.08 93.12 -12.42
CA SER GA 116 79.76 91.85 -12.48
C SER GA 116 79.72 91.19 -11.12
N ILE GA 117 79.85 89.86 -11.11
CA ILE GA 117 79.83 89.10 -9.87
C ILE GA 117 80.76 87.90 -10.00
N ALA GA 118 81.69 87.77 -9.05
CA ALA GA 118 82.65 86.68 -9.06
C ALA GA 118 82.95 86.19 -7.64
N ILE GA 119 82.94 84.88 -7.44
CA ILE GA 119 83.21 84.30 -6.14
C ILE GA 119 84.69 83.93 -6.00
N ILE GA 120 85.33 84.47 -4.97
CA ILE GA 120 86.75 84.20 -4.72
C ILE GA 120 86.96 83.62 -3.32
N GLU GA 121 87.72 82.53 -3.25
CA GLU GA 121 88.01 81.88 -1.98
C GLU GA 121 89.47 82.10 -1.61
N LYS GA 122 89.71 82.50 -0.37
CA LYS GA 122 91.06 82.75 0.12
C LYS GA 122 91.14 82.34 1.58
N GLY GA 123 92.11 81.49 1.89
CA GLY GA 123 92.27 81.01 3.25
C GLY GA 123 91.17 80.07 3.70
N ASN GA 124 90.71 79.18 2.82
CA ASN GA 124 89.67 78.19 3.06
C ASN GA 124 88.31 78.82 3.34
N GLN GA 125 88.16 80.13 3.22
CA GLN GA 125 86.91 80.83 3.46
C GLN GA 125 86.40 81.41 2.15
N GLN GA 126 85.14 81.13 1.82
CA GLN GA 126 84.53 81.64 0.60
C GLN GA 126 83.85 82.97 0.86
N VAL GA 127 83.99 83.90 -0.09
CA VAL GA 127 83.39 85.22 0.01
C VAL GA 127 83.05 85.70 -1.39
N SER GA 128 81.96 86.46 -1.50
CA SER GA 128 81.50 87.01 -2.76
C SER GA 128 82.04 88.43 -2.93
N LEU GA 129 82.54 88.73 -4.12
CA LEU GA 129 83.10 90.03 -4.42
C LEU GA 129 82.59 90.50 -5.78
N SER GA 130 82.63 91.81 -5.98
CA SER GA 130 82.19 92.44 -7.22
C SER GA 130 83.34 93.24 -7.82
N THR GA 131 83.04 93.96 -8.90
CA THR GA 131 84.03 94.77 -9.60
C THR GA 131 84.08 96.16 -8.94
N GLY GA 132 85.18 96.46 -8.27
CA GLY GA 132 85.37 97.72 -7.59
C GLY GA 132 85.58 97.60 -6.09
N ASP GA 133 85.14 96.52 -5.47
CA ASP GA 133 85.32 96.34 -4.05
C ASP GA 133 86.76 95.94 -3.74
N PRO GA 134 87.31 96.43 -2.62
CA PRO GA 134 88.69 96.10 -2.27
C PRO GA 134 88.81 94.69 -1.72
N LEU GA 135 90.03 94.16 -1.80
CA LEU GA 135 90.30 92.83 -1.30
C LEU GA 135 90.53 92.86 0.20
N PRO GA 136 89.79 92.07 0.98
CA PRO GA 136 90.00 92.09 2.44
C PRO GA 136 91.36 91.59 2.87
N GLY GA 137 92.03 90.76 2.07
CA GLY GA 137 93.31 90.22 2.44
C GLY GA 137 94.49 91.12 2.10
N TYR GA 138 94.62 91.49 0.83
CA TYR GA 138 95.71 92.33 0.37
C TYR GA 138 95.17 93.64 -0.18
N ASP GA 139 96.06 94.62 -0.32
CA ASP GA 139 95.71 95.94 -0.83
C ASP GA 139 95.71 95.94 -2.36
N ALA GA 140 94.81 95.13 -2.92
CA ALA GA 140 94.67 94.98 -4.36
C ALA GA 140 93.27 95.41 -4.80
N ARG GA 141 93.18 95.97 -6.01
CA ARG GA 141 91.93 96.44 -6.58
C ARG GA 141 91.60 95.63 -7.82
N ILE GA 142 90.37 95.13 -7.90
CA ILE GA 142 89.93 94.34 -9.04
C ILE GA 142 89.49 95.30 -10.14
N ALA GA 143 90.30 95.41 -11.19
CA ALA GA 143 89.96 96.31 -12.31
C ALA GA 143 88.69 95.82 -13.02
N ALA GA 144 88.73 94.61 -13.55
CA ALA GA 144 87.59 94.03 -14.25
C ALA GA 144 87.57 92.54 -14.03
N ILE GA 145 86.44 91.92 -14.38
CA ILE GA 145 86.24 90.48 -14.25
C ILE GA 145 85.80 89.97 -15.62
N LEU GA 146 86.75 89.44 -16.40
CA LEU GA 146 86.44 88.91 -17.71
C LEU GA 146 85.94 87.47 -17.60
N PRO GA 147 85.15 87.02 -18.57
CA PRO GA 147 84.66 85.63 -18.53
C PRO GA 147 85.75 84.58 -18.66
N ASP GA 148 86.92 84.94 -19.17
CA ASP GA 148 88.01 83.99 -19.38
C ASP GA 148 89.23 84.25 -18.52
N ARG GA 149 89.30 85.37 -17.81
CA ARG GA 149 90.45 85.66 -16.97
C ARG GA 149 90.05 86.75 -15.96
N ILE GA 150 90.91 86.95 -14.97
CA ILE GA 150 90.69 87.94 -13.92
C ILE GA 150 91.82 88.97 -14.01
N ILE GA 151 91.45 90.25 -13.97
CA ILE GA 151 92.39 91.35 -14.04
C ILE GA 151 92.38 92.06 -12.69
N VAL GA 152 93.49 91.98 -11.98
CA VAL GA 152 93.61 92.61 -10.67
C VAL GA 152 94.87 93.47 -10.58
N ASN GA 153 94.68 94.76 -10.30
CA ASN GA 153 95.80 95.69 -10.19
C ASN GA 153 96.57 95.52 -8.88
N TYR GA 154 97.48 94.55 -8.86
CA TYR GA 154 98.29 94.29 -7.68
C TYR GA 154 99.60 95.05 -7.78
N GLN GA 155 99.81 96.00 -6.86
CA GLN GA 155 101.02 96.82 -6.83
C GLN GA 155 101.21 97.58 -8.14
N GLY GA 156 100.10 98.05 -8.71
CA GLY GA 156 100.15 98.78 -9.96
C GLY GA 156 100.53 97.95 -11.17
N ARG GA 157 100.33 96.64 -11.11
CA ARG GA 157 100.63 95.75 -12.23
C ARG GA 157 99.43 94.87 -12.53
N LYS GA 158 99.29 94.51 -13.81
CA LYS GA 158 98.19 93.67 -14.26
C LYS GA 158 98.62 92.21 -14.25
N GLU GA 159 97.83 91.37 -13.59
CA GLU GA 159 98.11 89.94 -13.50
C GLU GA 159 96.90 89.16 -14.00
N ALA GA 160 97.17 88.12 -14.78
CA ALA GA 160 96.13 87.26 -15.34
C ALA GA 160 95.97 86.02 -14.47
N ILE GA 161 94.73 85.75 -14.07
CA ILE GA 161 94.41 84.58 -13.25
C ILE GA 161 93.62 83.59 -14.08
N LEU GA 162 94.20 82.41 -14.30
CA LEU GA 162 93.56 81.38 -15.09
C LEU GA 162 92.72 80.47 -14.20
N LEU GA 163 91.90 79.64 -14.85
CA LEU GA 163 91.04 78.72 -14.12
C LEU GA 163 91.88 77.63 -13.44
N PHE GA 164 91.37 77.14 -12.31
CA PHE GA 164 92.06 76.11 -11.55
C PHE GA 164 91.81 74.73 -12.17
N VAL HA 97 74.65 106.61 30.47
CA VAL HA 97 73.66 105.70 31.03
C VAL HA 97 73.98 105.42 32.49
N SER HA 98 73.18 104.55 33.10
CA SER HA 98 73.39 104.20 34.50
C SER HA 98 74.63 103.34 34.66
N SER HA 99 75.36 103.56 35.76
CA SER HA 99 76.58 102.82 36.05
C SER HA 99 76.35 101.68 37.04
N LEU HA 100 75.13 101.53 37.56
CA LEU HA 100 74.84 100.46 38.51
C LEU HA 100 74.70 99.13 37.80
N LYS HA 101 75.25 98.08 38.41
CA LYS HA 101 75.22 96.73 37.83
C LYS HA 101 73.91 96.04 38.25
N LEU HA 102 72.82 96.55 37.70
CA LEU HA 102 71.49 96.02 37.95
C LEU HA 102 70.82 95.68 36.62
N ARG HA 103 70.12 94.54 36.60
CA ARG HA 103 69.42 94.06 35.41
C ARG HA 103 67.93 94.05 35.69
N LEU HA 104 67.17 94.76 34.86
CA LEU HA 104 65.72 94.82 35.00
C LEU HA 104 65.09 93.56 34.41
N ALA HA 105 64.36 92.82 35.24
CA ALA HA 105 63.73 91.59 34.81
C ALA HA 105 62.26 91.75 34.46
N GLY HA 106 61.58 92.74 35.02
CA GLY HA 106 60.17 92.95 34.73
C GLY HA 106 59.76 94.38 35.06
N LEU HA 107 58.83 94.90 34.28
CA LEU HA 107 58.34 96.26 34.49
C LEU HA 107 56.87 96.39 34.09
N LEU HA 108 55.98 96.04 35.02
CA LEU HA 108 54.55 96.12 34.77
C LEU HA 108 53.99 97.50 35.09
N ALA HA 109 52.79 97.79 34.62
CA ALA HA 109 52.14 99.07 34.87
C ALA HA 109 51.75 99.23 36.33
N SER HA 110 51.48 100.46 36.74
CA SER HA 110 51.09 100.74 38.11
C SER HA 110 49.75 100.09 38.45
N SER HA 111 49.74 99.31 39.53
CA SER HA 111 48.52 98.64 39.96
C SER HA 111 47.48 99.66 40.40
N ASN HA 112 46.30 99.15 40.78
CA ASN HA 112 45.20 100.01 41.21
C ASN HA 112 45.39 100.53 42.64
N PRO HA 113 45.62 99.67 43.64
CA PRO HA 113 45.69 100.17 45.02
C PRO HA 113 47.03 100.79 45.38
N ALA HA 114 48.06 100.65 44.55
CA ALA HA 114 49.38 101.19 44.82
C ALA HA 114 49.70 102.31 43.83
N ARG HA 115 50.88 102.88 43.97
CA ARG HA 115 51.34 103.94 43.09
C ARG HA 115 52.15 103.40 41.92
N SER HA 116 53.02 102.42 42.17
CA SER HA 116 53.83 101.81 41.12
C SER HA 116 54.39 100.49 41.66
N ILE HA 117 54.72 99.60 40.73
CA ILE HA 117 55.29 98.30 41.09
C ILE HA 117 56.29 97.87 40.02
N ALA HA 118 57.50 97.54 40.46
CA ALA HA 118 58.56 97.11 39.55
C ALA HA 118 59.42 96.03 40.18
N ILE HA 119 59.70 94.98 39.41
CA ILE HA 119 60.53 93.88 39.90
C ILE HA 119 61.99 94.07 39.51
N ILE HA 120 62.87 94.06 40.51
CA ILE HA 120 64.30 94.24 40.27
C ILE HA 120 65.10 93.07 40.82
N GLU HA 121 65.99 92.53 40.00
CA GLU HA 121 66.83 91.41 40.41
C GLU HA 121 68.26 91.88 40.59
N LYS HA 122 68.87 91.49 41.72
CA LYS HA 122 70.24 91.88 42.02
C LYS HA 122 70.92 90.72 42.75
N GLY HA 123 72.07 90.30 42.23
CA GLY HA 123 72.79 89.19 42.85
C GLY HA 123 72.09 87.85 42.70
N ASN HA 124 71.50 87.59 41.53
CA ASN HA 124 70.78 86.36 41.20
C ASN HA 124 69.53 86.14 42.05
N GLN HA 125 69.15 87.09 42.89
CA GLN HA 125 67.97 86.98 43.73
C GLN HA 125 66.94 88.00 43.29
N GLN HA 126 65.71 87.54 43.06
CA GLN HA 126 64.62 88.42 42.64
C GLN HA 126 63.88 88.95 43.86
N VAL HA 127 63.51 90.23 43.78
CA VAL HA 127 62.78 90.88 44.87
C VAL HA 127 61.88 91.95 44.26
N SER HA 128 60.72 92.15 44.88
CA SER HA 128 59.75 93.15 44.43
C SER HA 128 59.96 94.44 45.20
N LEU HA 129 59.94 95.56 44.48
CA LEU HA 129 60.12 96.88 45.07
C LEU HA 129 59.08 97.84 44.51
N SER HA 130 58.83 98.91 45.26
CA SER HA 130 57.87 99.94 44.89
C SER HA 130 58.59 101.30 44.81
N THR HA 131 57.80 102.34 44.59
CA THR HA 131 58.32 103.70 44.50
C THR HA 131 58.37 104.29 45.90
N GLY HA 132 59.59 104.51 46.41
CA GLY HA 132 59.81 105.07 47.73
C GLY HA 132 60.57 104.16 48.67
N ASP HA 133 60.56 102.86 48.44
CA ASP HA 133 61.28 101.93 49.30
C ASP HA 133 62.78 102.00 49.02
N PRO HA 134 63.61 101.87 50.05
CA PRO HA 134 65.06 101.93 49.86
C PRO HA 134 65.59 100.63 49.25
N LEU HA 135 66.76 100.76 48.63
CA LEU HA 135 67.41 99.60 48.03
C LEU HA 135 68.16 98.80 49.09
N PRO HA 136 67.90 97.51 49.23
CA PRO HA 136 68.62 96.71 50.24
C PRO HA 136 70.12 96.60 49.97
N GLY HA 137 70.55 96.74 48.73
CA GLY HA 137 71.96 96.60 48.41
C GLY HA 137 72.77 97.87 48.60
N TYR HA 138 72.36 98.94 47.92
CA TYR HA 138 73.06 100.22 48.00
C TYR HA 138 72.15 101.28 48.60
N ASP HA 139 72.76 102.38 49.03
CA ASP HA 139 72.03 103.51 49.63
C ASP HA 139 71.48 104.42 48.53
N ALA HA 140 70.58 103.86 47.73
CA ALA HA 140 69.94 104.57 46.63
C ALA HA 140 68.44 104.63 46.84
N ARG HA 141 67.84 105.72 46.38
CA ARG HA 141 66.40 105.94 46.51
C ARG HA 141 65.78 105.99 45.12
N ILE HA 142 64.70 105.24 44.92
CA ILE HA 142 64.00 105.21 43.64
C ILE HA 142 63.04 106.39 43.59
N ALA HA 143 63.37 107.40 42.79
CA ALA HA 143 62.52 108.57 42.66
C ALA HA 143 61.18 108.21 42.03
N ALA HA 144 61.22 107.67 40.81
CA ALA HA 144 60.00 107.28 40.10
C ALA HA 144 60.31 106.08 39.23
N ILE HA 145 59.24 105.43 38.75
CA ILE HA 145 59.35 104.26 37.88
C ILE HA 145 58.53 104.56 36.64
N LEU HA 146 59.19 105.00 35.57
CA LEU HA 146 58.51 105.30 34.32
C LEU HA 146 58.33 104.03 33.50
N PRO HA 147 57.32 104.01 32.62
CA PRO HA 147 57.11 102.81 31.79
C PRO HA 147 58.23 102.55 30.80
N ASP HA 148 59.06 103.55 30.48
CA ASP HA 148 60.14 103.38 29.51
C ASP HA 148 61.54 103.50 30.10
N ARG HA 149 61.68 103.90 31.36
CA ARG HA 149 62.99 104.02 31.98
C ARG HA 149 62.81 104.03 33.50
N ILE HA 150 63.93 103.90 34.20
CA ILE HA 150 63.96 103.88 35.66
C ILE HA 150 64.79 105.08 36.12
N ILE HA 151 64.25 105.82 37.09
CA ILE HA 151 64.92 106.99 37.64
C ILE HA 151 65.28 106.67 39.09
N VAL HA 152 66.57 106.60 39.36
CA VAL HA 152 67.06 106.30 40.70
C VAL HA 152 68.10 107.32 41.15
N ASN HA 153 67.84 107.99 42.27
CA ASN HA 153 68.75 109.00 42.79
C ASN HA 153 69.96 108.37 43.48
N TYR HA 154 70.96 108.00 42.69
CA TYR HA 154 72.17 107.39 43.22
C TYR HA 154 73.21 108.49 43.45
N GLN HA 155 73.60 108.68 44.72
CA GLN HA 155 74.58 109.69 45.12
C GLN HA 155 74.15 111.08 44.68
N GLY HA 156 72.85 111.35 44.76
CA GLY HA 156 72.33 112.64 44.38
C GLY HA 156 72.36 112.92 42.89
N ARG HA 157 72.41 111.88 42.06
CA ARG HA 157 72.44 112.03 40.61
C ARG HA 157 71.36 111.15 39.98
N LYS HA 158 70.81 111.62 38.86
CA LYS HA 158 69.78 110.89 38.14
C LYS HA 158 70.41 110.01 37.07
N GLU HA 159 70.06 108.72 37.09
CA GLU HA 159 70.58 107.76 36.13
C GLU HA 159 69.43 107.05 35.44
N ALA HA 160 69.55 106.89 34.13
CA ALA HA 160 68.53 106.23 33.31
C ALA HA 160 68.90 104.77 33.10
N ILE HA 161 67.95 103.89 33.40
CA ILE HA 161 68.15 102.46 33.24
C ILE HA 161 67.28 101.95 32.09
N LEU HA 162 67.93 101.47 31.04
CA LEU HA 162 67.22 100.97 29.87
C LEU HA 162 66.93 99.49 30.01
N LEU HA 163 66.06 98.99 29.12
CA LEU HA 163 65.69 97.58 29.14
C LEU HA 163 66.87 96.70 28.74
N PHE HA 164 66.90 95.50 29.30
CA PHE HA 164 67.97 94.56 29.00
C PHE HA 164 67.74 93.86 27.66
N VAL IA 97 65.76 100.82 58.08
CA VAL IA 97 65.00 99.62 58.39
C VAL IA 97 65.58 98.91 59.61
N SER IA 98 65.01 97.76 59.96
CA SER IA 98 65.49 96.99 61.09
C SER IA 98 66.84 96.36 60.78
N SER IA 99 67.71 96.31 61.78
CA SER IA 99 69.03 95.72 61.64
C SER IA 99 69.12 94.30 62.18
N LEU IA 100 68.02 93.78 62.74
CA LEU IA 100 68.03 92.42 63.27
C LEU IA 100 67.92 91.41 62.15
N LYS IA 101 68.69 90.33 62.26
CA LYS IA 101 68.72 89.27 61.25
C LYS IA 101 67.59 88.27 61.53
N LEU IA 102 66.37 88.75 61.34
CA LEU IA 102 65.17 87.93 61.53
C LEU IA 102 64.32 87.95 60.26
N ARG IA 103 63.78 86.79 59.91
CA ARG IA 103 62.95 86.64 58.72
C ARG IA 103 61.53 86.29 59.15
N LEU IA 104 60.57 87.09 58.72
CA LEU IA 104 59.17 86.86 59.06
C LEU IA 104 58.60 85.79 58.12
N ALA IA 105 58.10 84.70 58.70
CA ALA IA 105 57.55 83.59 57.93
C ALA IA 105 56.04 83.61 57.84
N GLY IA 106 55.36 84.23 58.80
CA GLY IA 106 53.91 84.28 58.78
C GLY IA 106 53.40 85.42 59.64
N LEU IA 107 52.29 86.01 59.22
CA LEU IA 107 51.69 87.12 59.96
C LEU IA 107 50.17 87.11 59.81
N LEU IA 108 49.49 86.34 60.66
CA LEU IA 108 48.04 86.24 60.61
C LEU IA 108 47.39 87.32 61.49
N ALA IA 109 46.10 87.54 61.30
CA ALA IA 109 45.36 88.53 62.05
C ALA IA 109 45.21 88.10 63.52
N SER IA 110 44.87 89.07 64.37
CA SER IA 110 44.68 88.79 65.79
C SER IA 110 43.51 87.84 66.02
N SER IA 111 43.76 86.76 66.74
CA SER IA 111 42.73 85.78 67.03
C SER IA 111 41.67 86.40 67.94
N ASN IA 112 40.64 85.60 68.25
CA ASN IA 112 39.53 86.06 69.08
C ASN IA 112 39.90 86.08 70.56
N PRO IA 113 40.39 84.98 71.15
CA PRO IA 113 40.64 85.00 72.60
C PRO IA 113 41.94 85.66 73.01
N ALA IA 114 42.82 86.00 72.07
CA ALA IA 114 44.10 86.63 72.36
C ALA IA 114 44.11 88.05 71.81
N ARG IA 115 45.23 88.73 72.01
CA ARG IA 115 45.40 90.09 71.52
C ARG IA 115 46.06 90.13 70.15
N SER IA 116 47.07 89.29 69.92
CA SER IA 116 47.75 89.22 68.64
C SER IA 116 48.55 87.92 68.59
N ILE IA 117 48.82 87.46 67.38
CA ILE IA 117 49.58 86.24 67.16
C ILE IA 117 50.43 86.37 65.91
N ALA IA 118 51.73 86.12 66.05
CA ALA IA 118 52.66 86.21 64.93
C ALA IA 118 53.74 85.14 65.02
N ILE IA 119 54.01 84.48 63.90
CA ILE IA 119 55.03 83.43 63.84
C ILE IA 119 56.36 84.00 63.39
N ILE IA 120 57.40 83.80 64.20
CA ILE IA 120 58.74 84.29 63.88
C ILE IA 120 59.75 83.14 63.88
N GLU IA 121 60.55 83.08 62.82
CA GLU IA 121 61.57 82.04 62.68
C GLU IA 121 62.95 82.66 62.86
N LYS IA 122 63.78 82.03 63.69
CA LYS IA 122 65.13 82.51 63.94
C LYS IA 122 66.05 81.31 64.12
N GLY IA 123 67.13 81.28 63.35
CA GLY IA 123 68.07 80.17 63.43
C GLY IA 123 67.52 78.87 62.90
N ASN IA 124 66.76 78.92 61.79
CA ASN IA 124 66.15 77.78 61.11
C ASN IA 124 65.11 77.07 61.97
N GLN IA 125 64.77 77.60 63.14
CA GLN IA 125 63.77 77.00 64.01
C GLN IA 125 62.55 77.93 64.11
N GLN IA 126 61.37 77.37 63.87
CA GLN IA 126 60.13 78.13 63.92
C GLN IA 126 59.55 78.09 65.32
N VAL IA 127 59.03 79.24 65.77
CA VAL IA 127 58.42 79.36 67.10
C VAL IA 127 57.31 80.39 67.02
N SER IA 128 56.26 80.18 67.81
CA SER IA 128 55.12 81.08 67.86
C SER IA 128 55.30 82.06 69.03
N LEU IA 129 55.04 83.33 68.76
CA LEU IA 129 55.16 84.38 69.77
C LEU IA 129 53.93 85.28 69.72
N SER IA 130 53.69 85.97 70.83
CA SER IA 130 52.57 86.89 70.97
C SER IA 130 53.10 88.29 71.30
N THR IA 131 52.17 89.20 71.57
CA THR IA 131 52.50 90.58 71.92
C THR IA 131 52.72 90.66 73.43
N GLY IA 132 53.97 90.89 73.83
CA GLY IA 132 54.34 90.99 75.23
C GLY IA 132 55.36 89.96 75.68
N ASP IA 133 55.46 88.83 74.99
CA ASP IA 133 56.42 87.80 75.37
C ASP IA 133 57.83 88.21 74.96
N PRO IA 134 58.83 87.89 75.77
CA PRO IA 134 60.21 88.25 75.44
C PRO IA 134 60.78 87.35 74.35
N LEU IA 135 61.81 87.88 73.68
CA LEU IA 135 62.47 87.12 72.62
C LEU IA 135 63.48 86.15 73.23
N PRO IA 136 63.40 84.86 72.92
CA PRO IA 136 64.36 83.90 73.48
C PRO IA 136 65.80 84.14 73.02
N GLY IA 137 66.00 84.77 71.88
CA GLY IA 137 67.34 84.98 71.35
C GLY IA 137 68.01 86.23 71.91
N TYR IA 138 67.38 87.38 71.72
CA TYR IA 138 67.92 88.66 72.16
C TYR IA 138 67.02 89.28 73.21
N ASP IA 139 67.56 90.25 73.94
CA ASP IA 139 66.81 90.96 74.98
C ASP IA 139 65.98 92.09 74.37
N ALA IA 140 65.03 91.70 73.53
CA ALA IA 140 64.14 92.62 72.85
C ALA IA 140 62.69 92.35 73.24
N ARG IA 141 61.90 93.41 73.28
CA ARG IA 141 60.49 93.33 73.64
C ARG IA 141 59.64 93.75 72.45
N ILE IA 142 58.64 92.94 72.11
CA ILE IA 142 57.74 93.22 71.00
C ILE IA 142 56.65 94.17 71.50
N ALA IA 143 56.73 95.43 71.08
CA ALA IA 143 55.73 96.42 71.50
C ALA IA 143 54.35 96.08 70.94
N ALA IA 144 54.25 95.99 69.61
CA ALA IA 144 52.99 95.67 68.96
C ALA IA 144 53.27 94.90 67.68
N ILE IA 145 52.22 94.30 67.12
CA ILE IA 145 52.31 93.53 65.89
C ILE IA 145 51.27 94.09 64.95
N LEU IA 146 51.68 94.97 64.04
CA LEU IA 146 50.77 95.56 63.07
C LEU IA 146 50.60 94.63 61.86
N PRO IA 147 49.47 94.74 61.17
CA PRO IA 147 49.26 93.89 59.98
C PRO IA 147 50.23 94.16 58.84
N ASP IA 148 50.86 95.34 58.82
CA ASP IA 148 51.77 95.70 57.73
C ASP IA 148 53.23 95.84 58.15
N ARG IA 149 53.53 95.81 59.45
CA ARG IA 149 54.90 95.92 59.91
C ARG IA 149 54.99 95.39 61.33
N ILE IA 150 56.22 95.21 61.81
CA ILE IA 150 56.50 94.72 63.15
C ILE IA 150 57.25 95.80 63.91
N ILE IA 151 56.80 96.07 65.14
CA ILE IA 151 57.41 97.08 66.00
C ILE IA 151 58.04 96.35 67.18
N VAL IA 152 59.37 96.40 67.25
CA VAL IA 152 60.11 95.75 68.33
C VAL IA 152 61.08 96.72 68.98
N ASN IA 153 60.93 96.91 70.29
CA ASN IA 153 61.79 97.82 71.04
C ASN IA 153 63.17 97.21 71.31
N TYR IA 154 64.06 97.31 70.33
CA TYR IA 154 65.40 96.78 70.45
C TYR IA 154 66.33 97.88 70.95
N GLN IA 155 66.91 97.68 72.14
CA GLN IA 155 67.82 98.65 72.75
C GLN IA 155 67.16 100.02 72.90
N GLY IA 156 65.87 100.02 73.24
CA GLY IA 156 65.14 101.26 73.40
C GLY IA 156 64.89 102.02 72.12
N ARG IA 157 64.91 101.36 70.98
CA ARG IA 157 64.68 102.00 69.69
C ARG IA 157 63.62 101.21 68.92
N LYS IA 158 62.85 101.93 68.11
CA LYS IA 158 61.80 101.33 67.30
C LYS IA 158 62.33 100.99 65.92
N GLU IA 159 62.15 99.73 65.51
CA GLU IA 159 62.61 99.25 64.22
C GLU IA 159 61.44 98.65 63.46
N ALA IA 160 61.35 98.97 62.16
CA ALA IA 160 60.30 98.46 61.30
C ALA IA 160 60.79 97.25 60.53
N ILE IA 161 60.02 96.16 60.60
CA ILE IA 161 60.35 94.93 59.91
C ILE IA 161 59.37 94.70 58.77
N LEU IA 162 59.88 94.73 57.54
CA LEU IA 162 59.04 94.55 56.37
C LEU IA 162 58.95 93.07 55.99
N LEU IA 163 58.02 92.77 55.08
CA LEU IA 163 57.82 91.40 54.63
C LEU IA 163 59.01 90.93 53.81
N PHE IA 164 59.28 89.63 53.89
CA PHE IA 164 60.39 89.04 53.15
C PHE IA 164 60.01 88.81 51.68
N VAL JA 97 62.47 84.50 82.61
CA VAL JA 97 61.92 83.16 82.55
C VAL JA 97 62.78 82.18 83.34
N SER JA 98 62.41 80.91 83.31
CA SER JA 98 63.18 79.89 84.04
C SER JA 98 64.51 79.63 83.35
N SER JA 99 65.55 79.40 84.16
CA SER JA 99 66.89 79.13 83.66
C SER JA 99 67.21 77.64 83.64
N LEU JA 100 66.31 76.77 84.09
CA LEU JA 100 66.56 75.34 84.09
C LEU JA 100 66.39 74.77 82.69
N LYS JA 101 67.28 73.86 82.32
CA LYS JA 101 67.26 73.24 81.00
C LYS JA 101 66.32 72.03 81.03
N LEU JA 102 65.03 72.32 81.16
CA LEU JA 102 63.99 71.31 81.19
C LEU JA 102 62.95 71.62 80.12
N ARG JA 103 62.49 70.58 79.44
CA ARG JA 103 61.50 70.70 78.39
C ARG JA 103 60.23 69.99 78.81
N LEU JA 104 59.11 70.71 78.82
CA LEU JA 104 57.82 70.14 79.21
C LEU JA 104 57.24 69.38 78.04
N ALA JA 105 56.98 68.09 78.24
CA ALA JA 105 56.44 67.23 77.19
C ALA JA 105 54.94 67.03 77.28
N GLY JA 106 54.35 67.15 78.47
CA GLY JA 106 52.93 66.96 78.64
C GLY JA 106 52.44 67.63 79.91
N LEU JA 107 51.21 68.14 79.87
CA LEU JA 107 50.63 68.80 81.02
C LEU JA 107 49.11 68.59 81.06
N LEU JA 108 48.70 67.47 81.64
CA LEU JA 108 47.27 67.15 81.75
C LEU JA 108 46.66 67.75 83.01
N ALA JA 109 45.33 67.79 83.06
CA ALA JA 109 44.63 68.33 84.22
C ALA JA 109 44.77 67.41 85.43
N SER JA 110 44.48 67.94 86.61
CA SER JA 110 44.57 67.18 87.84
C SER JA 110 43.57 66.02 87.86
N SER JA 111 44.07 64.82 88.10
CA SER JA 111 43.22 63.63 88.13
C SER JA 111 42.27 63.72 89.31
N ASN JA 112 41.41 62.70 89.43
CA ASN JA 112 40.41 62.66 90.50
C ASN JA 112 41.02 62.24 91.84
N PRO JA 113 41.73 61.10 91.93
CA PRO JA 113 42.22 60.65 93.24
C PRO JA 113 43.48 61.35 93.70
N ALA JA 114 44.14 62.13 92.84
CA ALA JA 114 45.36 62.83 93.20
C ALA JA 114 45.12 64.34 93.20
N ARG JA 115 46.17 65.09 93.50
CA ARG JA 115 46.10 66.55 93.52
C ARG JA 115 46.51 67.16 92.19
N SER JA 116 47.54 66.62 91.56
CA SER JA 116 48.02 67.11 90.27
C SER JA 116 48.93 66.07 89.67
N ILE JA 117 49.04 66.10 88.34
CA ILE JA 117 49.90 65.17 87.60
C ILE JA 117 50.51 65.87 86.40
N ALA JA 118 51.82 65.81 86.29
CA ALA JA 118 52.53 66.44 85.17
C ALA JA 118 53.73 65.61 84.75
N ILE JA 119 53.87 65.42 83.44
CA ILE JA 119 54.99 64.64 82.89
C ILE JA 119 56.15 65.54 82.51
N ILE JA 120 57.32 65.25 83.06
CA ILE JA 120 58.52 66.04 82.79
C ILE JA 120 59.65 65.16 82.25
N GLU JA 121 60.26 65.59 81.15
CA GLU JA 121 61.35 64.85 80.54
C GLU JA 121 62.65 65.60 80.76
N LYS JA 122 63.68 64.88 81.20
CA LYS JA 122 64.99 65.46 81.45
C LYS JA 122 66.07 64.45 81.07
N GLY JA 123 66.99 64.87 80.23
CA GLY JA 123 68.05 63.98 79.79
C GLY JA 123 67.58 62.86 78.88
N ASN JA 124 66.65 63.15 77.97
CA ASN JA 124 66.07 62.23 77.00
C ASN JA 124 65.28 61.10 77.66
N GLN JA 125 65.07 61.13 78.97
CA GLN JA 125 64.32 60.12 79.68
C GLN JA 125 63.04 60.73 80.24
N GLN JA 126 61.91 60.10 79.97
CA GLN JA 126 60.62 60.59 80.44
C GLN JA 126 60.28 59.96 81.79
N VAL JA 127 59.72 60.79 82.67
CA VAL JA 127 59.34 60.34 84.01
C VAL JA 127 58.12 61.13 84.44
N SER JA 128 57.25 60.48 85.22
CA SER JA 128 56.03 61.10 85.74
C SER JA 128 56.29 61.64 87.14
N LEU JA 129 55.84 62.87 87.39
CA LEU JA 129 56.01 63.51 88.68
C LEU JA 129 54.69 64.16 89.11
N SER JA 130 54.58 64.38 90.42
CA SER JA 130 53.39 64.99 91.01
C SER JA 130 53.80 66.25 91.77
N THR JA 131 52.83 66.85 92.46
CA THR JA 131 53.06 68.06 93.24
C THR JA 131 53.52 67.66 94.64
N GLY JA 132 54.79 67.95 94.95
CA GLY JA 132 55.37 67.63 96.23
C GLY JA 132 56.56 66.69 96.15
N ASP JA 133 56.67 65.89 95.10
CA ASP JA 133 57.80 64.98 94.97
C ASP JA 133 59.06 65.74 94.56
N PRO JA 134 60.22 65.33 95.08
CA PRO JA 134 61.47 66.01 94.74
C PRO JA 134 61.95 65.65 93.34
N LEU JA 135 62.78 66.53 92.79
CA LEU JA 135 63.34 66.30 91.47
C LEU JA 135 64.54 65.37 91.56
N PRO JA 136 64.56 64.28 90.80
CA PRO JA 136 65.72 63.36 90.87
C PRO JA 136 67.01 63.99 90.36
N GLY JA 137 66.94 64.99 89.50
CA GLY JA 137 68.14 65.60 88.95
C GLY JA 137 68.74 66.67 89.82
N TYR JA 138 67.96 67.70 90.15
CA TYR JA 138 68.41 68.82 90.96
C TYR JA 138 67.62 68.88 92.26
N ASP JA 139 68.17 69.63 93.22
CA ASP JA 139 67.54 69.80 94.52
C ASP JA 139 66.48 70.91 94.47
N ALA JA 140 65.46 70.66 93.66
CA ALA JA 140 64.37 71.60 93.47
C ALA JA 140 63.05 70.97 93.90
N ARG JA 141 62.15 71.80 94.41
CA ARG JA 141 60.84 71.36 94.89
C ARG JA 141 59.76 72.02 94.04
N ILE JA 142 58.82 71.21 93.56
CA ILE JA 142 57.72 71.71 92.74
C ILE JA 142 56.63 72.23 93.67
N ALA JA 143 56.48 73.55 93.73
CA ALA JA 143 55.46 74.15 94.58
C ALA JA 143 54.06 73.79 94.11
N ALA JA 144 53.74 74.15 92.87
CA ALA JA 144 52.43 73.86 92.30
C ALA JA 144 52.59 73.63 90.80
N ILE JA 145 51.53 73.09 90.19
CA ILE JA 145 51.50 72.81 88.76
C ILE JA 145 50.24 73.48 88.21
N LEU JA 146 50.40 74.67 87.64
CA LEU JA 146 49.28 75.39 87.07
C LEU JA 146 49.02 74.93 85.64
N PRO JA 147 47.78 75.06 85.16
CA PRO JA 147 47.47 74.64 83.79
C PRO JA 147 48.19 75.45 82.72
N ASP JA 148 48.67 76.65 83.05
CA ASP JA 148 49.33 77.51 82.07
C ASP JA 148 50.81 77.74 82.34
N ARG JA 149 51.33 77.32 83.48
CA ARG JA 149 52.74 77.50 83.80
C ARG JA 149 53.13 76.55 84.91
N ILE JA 150 54.44 76.43 85.14
CA ILE JA 150 54.99 75.56 86.17
C ILE JA 150 55.73 76.41 87.18
N ILE JA 151 55.47 76.18 88.46
CA ILE JA 151 56.10 76.92 89.55
C ILE JA 151 57.00 75.96 90.30
N VAL JA 152 58.30 76.20 90.23
CA VAL JA 152 59.28 75.36 90.91
C VAL JA 152 60.24 76.20 91.75
N ASN JA 153 60.29 75.90 93.05
CA ASN JA 153 61.16 76.62 93.96
C ASN JA 153 62.62 76.21 93.83
N TYR JA 154 63.31 76.79 92.85
CA TYR JA 154 64.71 76.47 92.62
C TYR JA 154 65.58 77.48 93.36
N GLN JA 155 66.37 77.00 94.32
CA GLN JA 155 67.25 77.84 95.14
C GLN JA 155 66.46 78.94 95.85
N GLY JA 156 65.26 78.61 96.31
CA GLY JA 156 64.44 79.57 97.00
C GLY JA 156 63.88 80.67 96.13
N ARG JA 157 63.79 80.45 94.82
CA ARG JA 157 63.26 81.44 93.90
C ARG JA 157 62.19 80.80 93.01
N LYS JA 158 61.21 81.61 92.62
CA LYS JA 158 60.11 81.15 91.78
C LYS JA 158 60.44 81.39 90.32
N GLU JA 159 60.34 80.35 89.50
CA GLU JA 159 60.62 80.42 88.08
C GLU JA 159 59.42 79.92 87.29
N ALA JA 160 59.08 80.64 86.22
CA ALA JA 160 57.96 80.29 85.36
C ALA JA 160 58.46 79.52 84.16
N ILE JA 161 57.84 78.36 83.91
CA ILE JA 161 58.18 77.51 82.79
C ILE JA 161 57.05 77.53 81.77
N LEU JA 162 57.34 78.06 80.59
CA LEU JA 162 56.35 78.15 79.53
C LEU JA 162 56.36 76.90 78.65
N LEU JA 163 55.33 76.77 77.83
CA LEU JA 163 55.22 75.62 76.93
C LEU JA 163 56.30 75.67 75.87
N PHE JA 164 56.73 74.50 75.43
CA PHE JA 164 57.75 74.37 74.40
C PHE JA 164 57.17 74.61 73.01
N VAL KA 97 65.29 60.48 99.68
CA VAL KA 97 64.89 59.16 99.20
C VAL KA 97 65.99 58.14 99.48
N SER KA 98 65.77 56.91 99.03
CA SER KA 98 66.75 55.85 99.24
C SER KA 98 67.98 56.07 98.37
N SER KA 99 69.15 55.75 98.91
CA SER KA 99 70.41 55.90 98.19
C SER KA 99 70.91 54.60 97.58
N LEU KA 100 70.20 53.49 97.80
CA LEU KA 100 70.61 52.21 97.26
C LEU KA 100 70.27 52.13 95.77
N LYS KA 101 71.19 51.57 94.99
CA LYS KA 101 71.01 51.43 93.55
C LYS KA 101 70.24 50.14 93.24
N LEU KA 102 68.97 50.15 93.63
CA LEU KA 102 68.07 49.03 93.41
C LEU KA 102 66.84 49.51 92.65
N ARG KA 103 66.39 48.69 91.70
CA ARG KA 103 65.23 49.00 90.88
C ARG KA 103 64.14 47.97 91.18
N LEU KA 104 62.96 48.46 91.57
CA LEU KA 104 61.84 47.58 91.88
C LEU KA 104 61.15 47.17 90.59
N ALA KA 105 61.09 45.86 90.33
CA ALA KA 105 60.48 45.34 89.11
C ALA KA 105 59.04 44.87 89.31
N GLY KA 106 58.68 44.48 90.52
CA GLY KA 106 57.32 44.00 90.77
C GLY KA 106 56.98 44.10 92.24
N LEU KA 107 55.73 44.37 92.54
CA LEU KA 107 55.26 44.49 93.91
C LEU KA 107 53.81 44.04 94.05
N LEU KA 108 53.63 42.73 94.23
CA LEU KA 108 52.29 42.16 94.37
C LEU KA 108 51.84 42.16 95.83
N ALA KA 109 50.55 41.97 96.05
CA ALA KA 109 49.99 41.95 97.40
C ALA KA 109 50.45 40.71 98.17
N SER KA 110 50.29 40.76 99.49
CA SER KA 110 50.69 39.64 100.34
C SER KA 110 49.85 38.40 100.05
N SER KA 111 50.52 37.29 99.77
CA SER KA 111 49.83 36.04 99.48
C SER KA 111 49.08 35.54 100.71
N ASN KA 112 48.38 34.42 100.55
CA ASN KA 112 47.60 33.85 101.64
C ASN KA 112 48.47 33.10 102.65
N PRO KA 113 49.32 32.14 102.23
CA PRO KA 113 50.06 31.37 103.24
C PRO KA 113 51.29 32.08 103.77
N ALA KA 114 51.71 33.19 103.19
CA ALA KA 114 52.89 33.93 103.61
C ALA KA 114 52.47 35.27 104.20
N ARG KA 115 53.46 36.05 104.63
CA ARG KA 115 53.22 37.37 105.18
C ARG KA 115 53.32 38.47 104.12
N SER KA 116 54.29 38.37 103.23
CA SER KA 116 54.47 39.33 102.15
C SER KA 116 55.39 38.73 101.11
N ILE KA 117 55.27 39.23 99.87
CA ILE KA 117 56.10 38.77 98.77
C ILE KA 117 56.40 39.93 97.83
N ALA KA 118 57.68 40.14 97.55
CA ALA KA 118 58.10 41.22 96.66
C ALA KA 118 59.30 40.80 95.82
N ILE KA 119 59.25 41.09 94.53
CA ILE KA 119 60.33 40.75 93.61
C ILE KA 119 61.30 41.92 93.46
N ILE KA 120 62.57 41.65 93.72
CA ILE KA 120 63.61 42.68 93.61
C ILE KA 120 64.72 42.25 92.67
N GLU KA 121 65.08 43.12 91.74
CA GLU KA 121 66.13 42.84 90.77
C GLU KA 121 67.36 43.67 91.10
N LYS KA 122 68.52 43.02 91.12
CA LYS KA 122 69.78 43.71 91.41
C LYS KA 122 70.88 43.08 90.57
N GLY KA 123 71.61 43.91 89.82
CA GLY KA 123 72.67 43.42 88.97
C GLY KA 123 72.18 42.61 87.78
N ASN KA 124 71.09 43.04 87.16
CA ASN KA 124 70.45 42.42 86.00
C ASN KA 124 69.93 41.02 86.29
N GLN KA 125 69.94 40.56 87.53
CA GLN KA 125 69.44 39.25 87.91
C GLN KA 125 68.21 39.42 88.80
N GLN KA 126 67.14 38.73 88.45
CA GLN KA 126 65.90 38.80 89.22
C GLN KA 126 65.86 37.71 90.28
N VAL KA 127 65.37 38.07 91.46
CA VAL KA 127 65.28 37.13 92.58
C VAL KA 127 64.06 37.51 93.41
N SER KA 128 63.42 36.50 93.99
CA SER KA 128 62.25 36.69 94.84
C SER KA 128 62.68 36.75 96.30
N LEU KA 129 62.14 37.72 97.03
CA LEU KA 129 62.45 37.91 98.44
C LEU KA 129 61.17 38.13 99.23
N SER KA 130 61.24 37.87 100.53
CA SER KA 130 60.11 38.02 101.43
C SER KA 130 60.50 39.00 102.55
N THR KA 131 59.59 39.16 103.51
CA THR KA 131 59.80 40.05 104.65
C THR KA 131 60.54 39.28 105.74
N GLY KA 132 61.80 39.66 105.98
CA GLY KA 132 62.63 39.02 106.98
C GLY KA 132 63.88 38.39 106.44
N ASP KA 133 63.92 38.03 105.15
CA ASP KA 133 65.10 37.43 104.57
C ASP KA 133 66.17 38.47 104.33
N PRO KA 134 67.44 38.11 104.52
CA PRO KA 134 68.52 39.08 104.31
C PRO KA 134 68.81 39.30 102.83
N LEU KA 135 69.42 40.44 102.54
CA LEU KA 135 69.76 40.78 101.17
C LEU KA 135 71.07 40.09 100.78
N PRO KA 136 71.09 39.34 99.68
CA PRO KA 136 72.33 38.67 99.27
C PRO KA 136 73.44 39.64 98.87
N GLY KA 137 73.11 40.85 98.45
CA GLY KA 137 74.12 41.80 98.02
C GLY KA 137 74.73 42.60 99.15
N TYR KA 138 73.90 43.30 99.92
CA TYR KA 138 74.35 44.13 101.01
C TYR KA 138 73.79 43.62 102.33
N ASP KA 139 74.40 44.07 103.42
CA ASP KA 139 73.99 43.67 104.76
C ASP KA 139 72.82 44.54 105.25
N ALA KA 140 71.70 44.42 104.53
CA ALA KA 140 70.49 45.17 104.82
C ALA KA 140 69.35 44.22 105.14
N ARG KA 141 68.46 44.66 106.03
CA ARG KA 141 67.32 43.87 106.46
C ARG KA 141 66.03 44.58 106.04
N ILE KA 142 65.13 43.84 105.41
CA ILE KA 142 63.85 44.39 104.96
C ILE KA 142 62.88 44.37 106.14
N ALA KA 143 62.60 45.55 106.70
CA ALA KA 143 61.68 45.63 107.83
C ALA KA 143 60.26 45.22 107.41
N ALA KA 144 59.70 45.93 106.44
CA ALA KA 144 58.35 45.63 105.96
C ALA KA 144 58.28 45.97 104.47
N ILE KA 145 57.21 45.49 103.84
CA ILE KA 145 56.96 45.71 102.41
C ILE KA 145 55.57 46.31 102.29
N LEU KA 146 55.49 47.62 102.19
CA LEU KA 146 54.20 48.30 102.05
C LEU KA 146 53.76 48.31 100.59
N PRO KA 147 52.45 48.39 100.35
CA PRO KA 147 51.96 48.42 98.96
C PRO KA 147 52.39 49.65 98.19
N ASP KA 148 52.78 50.73 98.86
CA ASP KA 148 53.15 51.97 98.20
C ASP KA 148 54.62 52.34 98.35
N ARG KA 149 55.37 51.65 99.21
CA ARG KA 149 56.79 51.95 99.39
C ARG KA 149 57.46 50.75 100.02
N ILE KA 150 58.79 50.79 100.04
CA ILE KA 150 59.62 49.72 100.60
C ILE KA 150 60.41 50.30 101.77
N ILE KA 151 60.41 49.60 102.89
CA ILE KA 151 61.11 50.02 104.10
C ILE KA 151 62.24 49.03 104.33
N VAL KA 152 63.48 49.51 104.21
CA VAL KA 152 64.65 48.66 104.41
C VAL KA 152 65.63 49.30 105.38
N ASN KA 153 65.93 48.59 106.47
CA ASN KA 153 66.86 49.11 107.48
C ASN KA 153 68.31 49.01 107.03
N TYR KA 154 68.75 50.00 106.25
CA TYR KA 154 70.12 50.03 105.76
C TYR KA 154 70.98 50.85 106.71
N GLN KA 155 71.96 50.20 107.33
CA GLN KA 155 72.87 50.85 108.28
C GLN KA 155 72.10 51.50 109.44
N GLY KA 156 71.04 50.83 109.88
CA GLY KA 156 70.22 51.34 110.97
C GLY KA 156 69.41 52.56 110.63
N ARG KA 157 69.13 52.79 109.35
CA ARG KA 157 68.33 53.93 108.91
C ARG KA 157 67.21 53.46 107.99
N LYS KA 158 66.10 54.17 108.04
CA LYS KA 158 64.93 53.85 107.23
C LYS KA 158 64.98 54.64 105.92
N GLU KA 159 64.86 53.93 104.80
CA GLU KA 159 64.89 54.52 103.48
C GLU KA 159 63.63 54.13 102.72
N ALA KA 160 63.04 55.10 102.03
CA ALA KA 160 61.83 54.89 101.24
C ALA KA 160 62.21 54.66 99.78
N ILE KA 161 61.68 53.57 99.21
CA ILE KA 161 61.94 53.23 97.82
C ILE KA 161 60.66 53.40 97.02
N LEU KA 162 60.67 54.34 96.08
CA LEU KA 162 59.51 54.62 95.26
C LEU KA 162 59.52 53.77 93.99
N LEU KA 163 58.39 53.75 93.30
CA LEU KA 163 58.27 52.97 92.07
C LEU KA 163 59.13 53.57 90.97
N PHE KA 164 59.61 52.71 90.09
CA PHE KA 164 60.46 53.12 88.97
C PHE KA 164 59.62 53.71 87.85
N VAL LA 97 73.73 33.00 106.49
CA VAL LA 97 73.41 31.88 105.61
C VAL LA 97 74.65 31.03 105.37
N SER LA 98 74.51 30.00 104.53
CA SER LA 98 75.62 29.13 104.23
C SER LA 98 76.65 29.84 103.35
N SER LA 99 77.92 29.56 103.60
CA SER LA 99 79.03 30.15 102.85
C SER LA 99 79.55 29.24 101.76
N LEU LA 100 79.03 28.02 101.63
CA LEU LA 100 79.49 27.09 100.61
C LEU LA 100 78.91 27.47 99.25
N LYS LA 101 79.75 27.38 98.22
CA LYS LA 101 79.34 27.72 96.86
C LYS LA 101 78.69 26.49 96.20
N LEU LA 102 77.51 26.16 96.71
CA LEU LA 102 76.73 25.03 96.19
C LEU LA 102 75.34 25.52 95.83
N ARG LA 103 74.83 25.02 94.69
CA ARG LA 103 73.51 25.39 94.18
C ARG LA 103 72.62 24.16 94.21
N LEU LA 104 71.49 24.27 94.89
CA LEU LA 104 70.54 23.16 94.99
C LEU LA 104 69.69 23.11 93.72
N ALA LA 105 69.74 21.98 93.02
CA ALA LA 105 69.00 21.81 91.78
C ALA LA 105 67.69 21.06 91.96
N GLY LA 106 67.57 20.22 92.97
CA GLY LA 106 66.35 19.47 93.20
C GLY LA 106 66.27 18.99 94.62
N LEU LA 107 65.04 18.93 95.15
CA LEU LA 107 64.81 18.50 96.52
C LEU LA 107 63.47 17.77 96.65
N LEU LA 108 63.47 16.47 96.36
CA LEU LA 108 62.26 15.68 96.45
C LEU LA 108 62.07 15.11 97.85
N ALA LA 109 60.86 14.62 98.13
CA ALA LA 109 60.55 14.05 99.44
C ALA LA 109 61.26 12.72 99.64
N SER LA 110 61.34 12.29 100.89
CA SER LA 110 62.00 11.03 101.22
C SER LA 110 61.27 9.84 100.61
N SER LA 111 62.01 9.02 99.87
CA SER LA 111 61.43 7.86 99.22
C SER LA 111 60.98 6.85 100.28
N ASN LA 112 60.40 5.75 99.80
CA ASN LA 112 59.87 4.71 100.68
C ASN LA 112 60.99 3.82 101.25
N PRO LA 113 61.86 3.22 100.42
CA PRO LA 113 62.85 2.29 100.97
C PRO LA 113 64.07 2.97 101.58
N ALA LA 114 64.24 4.27 101.39
CA ALA LA 114 65.37 5.01 101.93
C ALA LA 114 64.91 5.99 103.00
N ARG LA 115 65.86 6.72 103.57
CA ARG LA 115 65.57 7.71 104.59
C ARG LA 115 65.36 9.10 104.00
N SER LA 116 66.17 9.48 103.01
CA SER LA 116 66.04 10.78 102.35
C SER LA 116 66.84 10.73 101.05
N ILE LA 117 66.45 11.60 100.12
CA ILE LA 117 67.12 11.68 98.83
C ILE LA 117 67.13 13.13 98.35
N ALA LA 118 68.30 13.64 98.02
CA ALA LA 118 68.45 15.01 97.54
C ALA LA 118 69.53 15.12 96.47
N ILE LA 119 69.21 15.82 95.39
CA ILE LA 119 70.15 16.00 94.29
C ILE LA 119 70.94 17.30 94.45
N ILE LA 120 72.27 17.18 94.45
CA ILE LA 120 73.14 18.35 94.61
C ILE LA 120 74.12 18.45 93.45
N GLU LA 121 74.21 19.64 92.86
CA GLU LA 121 75.11 19.89 91.74
C GLU LA 121 76.27 20.75 92.20
N LYS LA 122 77.49 20.35 91.85
CA LYS LA 122 78.69 21.09 92.21
C LYS LA 122 79.70 20.98 91.09
N GLY LA 123 80.17 22.13 90.62
CA GLY LA 123 81.13 22.15 89.52
C GLY LA 123 80.54 21.73 88.19
N ASN LA 124 79.31 22.15 87.90
CA ASN LA 124 78.58 21.87 86.67
C ASN LA 124 78.27 20.39 86.49
N GLN LA 125 78.55 19.54 87.48
CA GLN LA 125 78.28 18.11 87.41
C GLN LA 125 77.21 17.75 88.43
N GLN LA 126 76.18 17.06 87.99
CA GLN LA 126 75.08 16.64 88.85
C GLN LA 126 75.37 15.27 89.45
N VAL LA 127 75.05 15.11 90.74
CA VAL LA 127 75.25 13.85 91.44
C VAL LA 127 74.16 13.72 92.49
N SER LA 128 73.75 12.46 92.74
CA SER LA 128 72.73 12.16 93.72
C SER LA 128 73.39 11.79 95.05
N LEU LA 129 72.86 12.34 96.14
CA LEU LA 129 73.39 12.09 97.47
C LEU LA 129 72.24 11.80 98.43
N SER LA 130 72.56 11.12 99.52
CA SER LA 130 71.60 10.77 100.55
C SER LA 130 72.04 11.36 101.89
N THR LA 131 71.30 11.02 102.94
CA THR LA 131 71.61 11.49 104.30
C THR LA 131 72.60 10.54 104.94
N GLY LA 132 73.83 11.01 105.14
CA GLY LA 132 74.89 10.23 105.74
C GLY LA 132 76.10 10.04 104.86
N ASP LA 133 75.95 10.15 103.55
CA ASP LA 133 77.08 9.99 102.65
C ASP LA 133 77.97 11.22 102.68
N PRO LA 134 79.29 11.05 102.58
CA PRO LA 134 80.19 12.19 102.61
C PRO LA 134 80.18 12.95 101.28
N LEU LA 135 80.61 14.21 101.37
CA LEU LA 135 80.67 15.06 100.18
C LEU LA 135 81.96 14.77 99.41
N PRO LA 136 81.88 14.46 98.12
CA PRO LA 136 83.11 14.20 97.35
C PRO LA 136 84.02 15.40 97.21
N GLY LA 137 83.47 16.62 97.30
CA GLY LA 137 84.28 17.81 97.13
C GLY LA 137 84.97 18.27 98.39
N TYR LA 138 84.20 18.52 99.45
CA TYR LA 138 84.74 18.99 100.72
C TYR LA 138 84.48 17.97 101.81
N ASP LA 139 85.20 18.11 102.92
CA ASP LA 139 85.08 17.22 104.07
C ASP LA 139 83.91 17.65 104.96
N ALA LA 140 82.72 17.60 104.38
CA ALA LA 140 81.49 17.99 105.06
C ALA LA 140 80.55 16.79 105.15
N ARG LA 141 79.76 16.75 106.24
CA ARG LA 141 78.81 15.68 106.48
C ARG LA 141 77.41 16.26 106.50
N ILE LA 142 76.50 15.64 105.75
CA ILE LA 142 75.11 16.08 105.69
C ILE LA 142 74.37 15.49 106.88
N ALA LA 143 74.04 16.34 107.86
CA ALA LA 143 73.32 15.88 109.04
C ALA LA 143 71.92 15.40 108.67
N ALA LA 144 71.11 16.29 108.10
CA ALA LA 144 69.75 15.95 107.70
C ALA LA 144 69.39 16.76 106.46
N ILE LA 145 68.29 16.35 105.82
CA ILE LA 145 67.78 17.01 104.61
C ILE LA 145 66.32 17.35 104.89
N LEU LA 146 66.07 18.59 105.28
CA LEU LA 146 64.71 19.05 105.55
C LEU LA 146 64.03 19.48 104.25
N PRO LA 147 62.70 19.41 104.21
CA PRO LA 147 61.98 19.84 102.99
C PRO LA 147 62.12 21.31 102.67
N ASP LA 148 62.49 22.14 103.66
CA ASP LA 148 62.59 23.57 103.44
C ASP LA 148 64.01 24.12 103.55
N ARG LA 149 64.98 23.32 104.00
CA ARG LA 149 66.36 23.78 104.11
C ARG LA 149 67.27 22.56 104.19
N ILE LA 150 68.58 22.82 104.05
CA ILE LA 150 69.59 21.78 104.09
C ILE LA 150 70.51 22.06 105.29
N ILE LA 151 70.77 21.02 106.07
CA ILE LA 151 71.62 21.12 107.25
C ILE LA 151 72.89 20.31 106.98
N VAL LA 152 74.01 21.00 106.89
CA VAL LA 152 75.30 20.35 106.63
C VAL LA 152 76.34 20.79 107.66
N ASN LA 153 76.90 19.81 108.36
CA ASN LA 153 77.92 20.09 109.38
C ASN LA 153 79.28 20.41 108.76
N TYR LA 154 79.46 21.65 108.34
CA TYR LA 154 80.72 22.08 107.74
C TYR LA 154 81.62 22.67 108.81
N GLN LA 155 82.77 22.03 109.05
CA GLN LA 155 83.73 22.46 110.05
C GLN LA 155 83.11 22.52 111.44
N GLY LA 156 82.22 21.57 111.73
CA GLY LA 156 81.56 21.54 113.02
C GLY LA 156 80.55 22.64 113.25
N ARG LA 157 80.03 23.25 112.17
CA ARG LA 157 79.04 24.31 112.28
C ARG LA 157 77.85 24.00 111.39
N LYS LA 158 76.68 24.46 111.82
CA LYS LA 158 75.44 24.23 111.08
C LYS LA 158 75.17 25.42 110.16
N GLU LA 159 74.95 25.12 108.89
CA GLU LA 159 74.68 26.13 107.88
C GLU LA 159 73.36 25.82 107.17
N ALA LA 160 72.56 26.85 106.96
CA ALA LA 160 71.27 26.71 106.29
C ALA LA 160 71.41 27.07 104.82
N ILE LA 161 70.94 26.17 103.96
CA ILE LA 161 70.98 26.37 102.52
C ILE LA 161 69.58 26.58 101.99
N LEU LA 162 69.32 27.77 101.47
CA LEU LA 162 68.00 28.12 100.94
C LEU LA 162 67.91 27.77 99.46
N LEU LA 163 66.68 27.79 98.95
CA LEU LA 163 66.44 27.47 97.54
C LEU LA 163 67.03 28.55 96.64
N PHE LA 164 67.45 28.13 95.45
CA PHE LA 164 68.04 29.04 94.49
C PHE LA 164 66.96 29.82 93.75
N VAL MA 97 86.39 6.64 101.76
CA VAL MA 97 86.08 5.86 100.58
C VAL MA 97 87.34 5.36 99.91
N SER MA 98 87.18 4.67 98.78
CA SER MA 98 88.33 4.15 98.05
C SER MA 98 89.10 5.28 97.37
N SER MA 99 90.43 5.16 97.35
CA SER MA 99 91.29 6.15 96.75
C SER MA 99 91.74 5.77 95.33
N LEU MA 100 91.34 4.60 94.84
CA LEU MA 100 91.73 4.16 93.51
C LEU MA 100 90.89 4.88 92.46
N LYS MA 101 91.54 5.28 91.37
CA LYS MA 101 90.87 6.00 90.29
C LYS MA 101 90.26 4.99 89.30
N LEU MA 102 89.24 4.30 89.79
CA LEU MA 102 88.51 3.30 89.01
C LEU MA 102 87.03 3.64 89.00
N ARG MA 103 86.41 3.48 87.84
CA ARG MA 103 84.99 3.77 87.65
C ARG MA 103 84.27 2.47 87.33
N LEU MA 104 83.25 2.14 88.14
CA LEU MA 104 82.47 0.93 87.93
C LEU MA 104 81.44 1.18 86.84
N ALA MA 105 81.49 0.38 85.79
CA ALA MA 105 80.58 0.51 84.66
C ALA MA 105 79.42 -0.46 84.70
N GLY MA 106 79.57 -1.61 85.35
CA GLY MA 106 78.51 -2.59 85.43
C GLY MA 106 78.72 -3.52 86.59
N LEU MA 107 77.61 -3.97 87.19
CA LEU MA 107 77.67 -4.88 88.32
C LEU MA 107 76.47 -5.81 88.34
N LEU MA 108 76.58 -6.92 87.60
CA LEU MA 108 75.50 -7.90 87.53
C LEU MA 108 75.61 -8.93 88.65
N ALA MA 109 74.54 -9.68 88.87
CA ALA MA 109 74.52 -10.70 89.91
C ALA MA 109 75.41 -11.88 89.53
N SER MA 110 75.75 -12.70 90.52
CA SER MA 110 76.60 -13.86 90.30
C SER MA 110 75.92 -14.88 89.38
N SER MA 111 76.61 -15.26 88.31
CA SER MA 111 76.08 -16.21 87.35
C SER MA 111 75.93 -17.57 88.02
N ASN MA 112 75.41 -18.54 87.25
CA ASN MA 112 75.17 -19.88 87.76
C ASN MA 112 76.45 -20.70 87.81
N PRO MA 113 77.24 -20.83 86.73
CA PRO MA 113 78.41 -21.71 86.79
C PRO MA 113 79.63 -21.09 87.45
N ALA MA 114 79.61 -19.78 87.73
CA ALA MA 114 80.72 -19.10 88.36
C ALA MA 114 80.33 -18.64 89.77
N ARG MA 115 81.28 -17.99 90.44
CA ARG MA 115 81.06 -17.47 91.78
C ARG MA 115 80.58 -16.01 91.76
N SER MA 116 81.16 -15.20 90.90
CA SER MA 116 80.78 -13.80 90.77
C SER MA 116 81.34 -13.26 89.46
N ILE MA 117 80.70 -12.21 88.96
CA ILE MA 117 81.12 -11.57 87.72
C ILE MA 117 80.88 -10.06 87.80
N ALA MA 118 81.92 -9.29 87.54
CA ALA MA 118 81.82 -7.84 87.58
C ALA MA 118 82.68 -7.18 86.50
N ILE MA 119 82.10 -6.21 85.79
CA ILE MA 119 82.82 -5.51 84.73
C ILE MA 119 83.46 -4.24 85.26
N ILE MA 120 84.78 -4.12 85.07
CA ILE MA 120 85.52 -2.95 85.53
C ILE MA 120 86.27 -2.29 84.38
N GLU MA 121 86.11 -0.97 84.26
CA GLU MA 121 86.78 -0.21 83.21
C GLU MA 121 87.89 0.63 83.81
N LYS MA 122 89.07 0.58 83.20
CA LYS MA 122 90.21 1.35 83.66
C LYS MA 122 91.02 1.81 82.46
N GLY MA 123 91.28 3.11 82.39
CA GLY MA 123 92.02 3.66 81.27
C GLY MA 123 91.28 3.63 79.96
N ASN MA 124 89.97 3.91 79.99
CA ASN MA 124 89.07 3.95 78.83
C ASN MA 124 88.91 2.59 78.17
N GLN MA 125 89.46 1.52 78.74
CA GLN MA 125 89.35 0.17 78.19
C GLN MA 125 88.52 -0.69 79.12
N GLN MA 126 87.51 -1.36 78.59
CA GLN MA 126 86.65 -2.22 79.37
C GLN MA 126 87.18 -3.64 79.38
N VAL MA 127 87.10 -4.29 80.55
CA VAL MA 127 87.57 -5.66 80.72
C VAL MA 127 86.70 -6.33 81.76
N SER MA 128 86.48 -7.64 81.59
CA SER MA 128 85.68 -8.44 82.51
C SER MA 128 86.60 -9.12 83.53
N LEU MA 129 86.21 -9.07 84.79
CA LEU MA 129 86.98 -9.67 85.87
C LEU MA 129 86.05 -10.45 86.78
N SER MA 130 86.63 -11.40 87.52
CA SER MA 130 85.91 -12.24 88.45
C SER MA 130 86.50 -12.08 89.86
N THR MA 131 85.99 -12.88 90.79
CA THR MA 131 86.47 -12.85 92.18
C THR MA 131 87.66 -13.78 92.30
N GLY MA 132 88.85 -13.21 92.53
CA GLY MA 132 90.08 -13.96 92.67
C GLY MA 132 91.13 -13.62 91.64
N ASP MA 133 90.75 -13.10 90.48
CA ASP MA 133 91.71 -12.75 89.46
C ASP MA 133 92.45 -11.46 89.84
N PRO MA 134 93.74 -11.37 89.53
CA PRO MA 134 94.50 -10.17 89.86
C PRO MA 134 94.19 -9.01 88.91
N LEU MA 135 94.45 -7.81 89.40
CA LEU MA 135 94.22 -6.61 88.60
C LEU MA 135 95.38 -6.39 87.63
N PRO MA 136 95.12 -6.25 86.34
CA PRO MA 136 96.22 -6.02 85.39
C PRO MA 136 96.94 -4.70 85.59
N GLY MA 137 96.28 -3.70 86.18
CA GLY MA 137 96.90 -2.41 86.36
C GLY MA 137 97.75 -2.30 87.61
N TYR MA 138 97.15 -2.55 88.77
CA TYR MA 138 97.83 -2.47 90.05
C TYR MA 138 97.88 -3.84 90.72
N ASP MA 139 98.77 -3.95 91.71
CA ASP MA 139 98.94 -5.19 92.46
C ASP MA 139 97.90 -5.29 93.58
N ALA MA 140 96.63 -5.34 93.17
CA ALA MA 140 95.51 -5.43 94.08
C ALA MA 140 94.74 -6.71 93.84
N ARG MA 141 94.16 -7.26 94.91
CA ARG MA 141 93.39 -8.49 94.86
C ARG MA 141 91.96 -8.21 95.27
N ILE MA 142 91.02 -8.69 94.45
CA ILE MA 142 89.59 -8.48 94.72
C ILE MA 142 89.14 -9.56 95.70
N ALA MA 143 88.89 -9.17 96.94
CA ALA MA 143 88.44 -10.13 97.95
C ALA MA 143 87.06 -10.68 97.61
N ALA MA 144 86.07 -9.79 97.49
CA ALA MA 144 84.71 -10.20 97.15
C ALA MA 144 84.05 -9.11 96.34
N ILE MA 145 82.91 -9.45 95.74
CA ILE MA 145 82.13 -8.52 94.93
C ILE MA 145 80.71 -8.54 95.47
N LEU MA 146 80.38 -7.56 96.31
CA LEU MA 146 79.05 -7.46 96.88
C LEU MA 146 78.11 -6.74 95.92
N PRO MA 147 76.81 -7.02 96.02
CA PRO MA 147 75.85 -6.33 95.13
C PRO MA 147 75.76 -4.83 95.36
N ASP MA 148 76.19 -4.34 96.52
CA ASP MA 148 76.10 -2.92 96.84
C ASP MA 148 77.43 -2.22 96.96
N ARG MA 149 78.54 -2.94 96.97
CA ARG MA 149 79.86 -2.32 97.08
C ARG MA 149 80.92 -3.32 96.60
N ILE MA 150 82.13 -2.81 96.42
CA ILE MA 150 83.27 -3.61 95.96
C ILE MA 150 84.32 -3.61 97.05
N ILE MA 151 84.84 -4.79 97.37
CA ILE MA 151 85.86 -4.97 98.41
C ILE MA 151 87.14 -5.40 97.71
N VAL MA 152 88.15 -4.54 97.74
CA VAL MA 152 89.44 -4.84 97.12
C VAL MA 152 90.58 -4.61 98.10
N ASN MA 153 91.37 -5.65 98.34
CA ASN MA 153 92.50 -5.57 99.25
C ASN MA 153 93.69 -4.83 98.63
N TYR MA 154 93.66 -3.50 98.69
CA TYR MA 154 94.73 -2.69 98.13
C TYR MA 154 95.72 -2.36 99.24
N GLN MA 155 96.96 -2.83 99.08
CA GLN MA 155 98.04 -2.62 100.05
C GLN MA 155 97.64 -3.14 101.43
N GLY MA 156 96.93 -4.27 101.47
CA GLY MA 156 96.51 -4.85 102.72
C GLY MA 156 95.43 -4.07 103.45
N ARG MA 157 94.67 -3.25 102.74
CA ARG MA 157 93.60 -2.46 103.34
C ARG MA 157 92.32 -2.65 102.54
N LYS MA 158 91.19 -2.58 103.25
CA LYS MA 158 89.88 -2.74 102.63
C LYS MA 158 89.32 -1.38 102.24
N GLU MA 159 88.92 -1.25 100.97
CA GLU MA 159 88.37 -0.02 100.45
C GLU MA 159 87.00 -0.29 99.83
N ALA MA 160 86.05 0.59 100.11
CA ALA MA 160 84.69 0.48 99.59
C ALA MA 160 84.54 1.33 98.34
N ILE MA 161 84.04 0.71 97.27
CA ILE MA 161 83.82 1.39 96.01
C ILE MA 161 82.32 1.54 95.76
N LEU MA 162 81.85 2.77 95.74
CA LEU MA 162 80.44 3.05 95.53
C LEU MA 162 80.12 3.21 94.05
N LEU MA 163 78.83 3.20 93.73
CA LEU MA 163 78.39 3.35 92.35
C LEU MA 163 78.70 4.75 91.83
N PHE MA 164 78.96 4.84 90.54
CA PHE MA 164 79.26 6.12 89.90
C PHE MA 164 77.98 6.91 89.64
N VAL NA 97 101.04 -13.99 86.42
CA VAL NA 97 100.61 -14.37 85.08
C VAL NA 97 101.80 -14.38 84.13
N SER NA 98 101.53 -14.66 82.86
CA SER NA 98 102.59 -14.69 81.86
C SER NA 98 103.09 -13.29 81.55
N SER NA 99 104.40 -13.17 81.34
CA SER NA 99 105.03 -11.90 81.04
C SER NA 99 105.27 -11.69 79.55
N LEU NA 100 104.94 -12.67 78.72
CA LEU NA 100 105.15 -12.54 77.27
C LEU NA 100 104.06 -11.67 76.66
N LYS NA 101 104.47 -10.81 75.73
CA LYS NA 101 103.55 -9.89 75.06
C LYS NA 101 102.90 -10.60 73.86
N LEU NA 102 102.06 -11.57 74.18
CA LEU NA 102 101.33 -12.35 73.17
C LEU NA 102 99.85 -12.28 73.47
N ARG NA 103 99.05 -12.14 72.40
CA ARG NA 103 97.60 -12.05 72.50
C ARG NA 103 96.99 -13.26 71.81
N LEU NA 104 96.18 -14.01 72.56
CA LEU NA 104 95.52 -15.20 72.02
C LEU NA 104 94.29 -14.78 71.22
N ALA NA 105 94.27 -15.14 69.94
CA ALA NA 105 93.16 -14.77 69.07
C ALA NA 105 92.14 -15.89 68.88
N GLY NA 106 92.54 -17.14 69.05
CA GLY NA 106 91.63 -18.26 68.89
C GLY NA 106 92.14 -19.49 69.60
N LEU NA 107 91.22 -20.29 70.11
CA LEU NA 107 91.57 -21.52 70.82
C LEU NA 107 90.50 -22.59 70.63
N LEU NA 108 90.62 -23.33 69.54
CA LEU NA 108 89.66 -24.40 69.24
C LEU NA 108 90.09 -25.72 69.88
N ALA NA 109 89.16 -26.67 69.94
CA ALA NA 109 89.44 -27.97 70.52
C ALA NA 109 90.38 -28.78 69.65
N SER NA 110 90.98 -29.82 70.22
CA SER NA 110 91.91 -30.67 69.49
C SER NA 110 91.21 -31.40 68.35
N SER NA 111 91.75 -31.27 67.14
CA SER NA 111 91.18 -31.92 65.97
C SER NA 111 91.30 -33.43 66.11
N ASN NA 112 90.77 -34.15 65.12
CA ASN NA 112 90.78 -35.61 65.11
C ASN NA 112 92.15 -36.17 64.72
N PRO NA 113 92.74 -35.78 63.59
CA PRO NA 113 94.00 -36.40 63.18
C PRO NA 113 95.24 -35.85 63.88
N ALA NA 114 95.11 -34.75 64.61
CA ALA NA 114 96.23 -34.14 65.32
C ALA NA 114 96.04 -34.27 66.82
N ARG NA 115 97.00 -33.73 67.57
CA ARG NA 115 96.94 -33.76 69.03
C ARG NA 115 96.31 -32.49 69.60
N SER NA 116 96.63 -31.33 69.02
CA SER NA 116 96.07 -30.07 69.47
C SER NA 116 96.34 -29.02 68.39
N ILE NA 117 95.50 -27.99 68.38
CA ILE NA 117 95.64 -26.89 67.42
C ILE NA 117 95.23 -25.58 68.07
N ALA NA 118 96.11 -24.59 68.00
CA ALA NA 118 95.85 -23.28 68.58
C ALA NA 118 96.43 -22.16 67.71
N ILE NA 119 95.63 -21.12 67.48
CA ILE NA 119 96.06 -19.99 66.68
C ILE NA 119 96.64 -18.89 67.55
N ILE NA 120 97.88 -18.49 67.27
CA ILE NA 120 98.55 -17.44 68.03
C ILE NA 120 99.01 -16.30 67.12
N GLU NA 121 98.68 -15.07 67.51
CA GLU NA 121 99.06 -13.90 66.73
C GLU NA 121 100.15 -13.13 67.47
N LYS NA 122 101.20 -12.76 66.75
CA LYS NA 122 102.31 -12.02 67.33
C LYS NA 122 102.85 -11.05 66.29
N GLY NA 123 102.94 -9.78 66.67
CA GLY NA 123 103.41 -8.75 65.75
C GLY NA 123 102.46 -8.46 64.61
N ASN NA 124 101.15 -8.44 64.89
CA ASN NA 124 100.07 -8.16 63.95
C ASN NA 124 99.97 -9.22 62.85
N GLN NA 125 100.72 -10.31 62.93
CA GLN NA 125 100.68 -11.38 61.94
C GLN NA 125 100.14 -12.65 62.59
N GLN NA 126 99.14 -13.24 61.96
CA GLN NA 126 98.51 -14.46 62.48
C GLN NA 126 99.21 -15.68 61.90
N VAL NA 127 99.40 -16.69 62.75
CA VAL NA 127 100.06 -17.94 62.36
C VAL NA 127 99.46 -19.07 63.18
N SER NA 128 99.38 -20.25 62.57
CA SER NA 128 98.84 -21.44 63.22
C SER NA 128 99.99 -22.26 63.80
N LEU NA 129 99.82 -22.72 65.04
CA LEU NA 129 100.82 -23.51 65.72
C LEU NA 129 100.16 -24.71 66.39
N SER NA 130 100.97 -25.73 66.65
CA SER NA 130 100.51 -26.95 67.30
C SER NA 130 101.32 -27.18 68.58
N THR NA 131 101.08 -28.33 69.22
CA THR NA 131 101.76 -28.70 70.45
C THR NA 131 103.06 -29.40 70.09
N GLY NA 132 104.19 -28.75 70.36
CA GLY NA 132 105.51 -29.28 70.08
C GLY NA 132 106.33 -28.44 69.13
N ASP NA 133 105.69 -27.63 68.29
CA ASP NA 133 106.43 -26.77 67.36
C ASP NA 133 107.06 -25.60 68.09
N PRO NA 134 108.26 -25.19 67.68
CA PRO NA 134 108.92 -24.05 68.36
C PRO NA 134 108.31 -22.73 67.94
N LEU NA 135 108.52 -21.74 68.79
CA LEU NA 135 108.01 -20.39 68.52
C LEU NA 135 108.96 -19.66 67.57
N PRO NA 136 108.47 -19.13 66.46
CA PRO NA 136 109.36 -18.40 65.53
C PRO NA 136 109.94 -17.13 66.11
N GLY NA 137 109.28 -16.53 67.10
CA GLY NA 137 109.76 -15.28 67.66
C GLY NA 137 110.79 -15.46 68.76
N TYR NA 138 110.43 -16.21 69.80
CA TYR NA 138 111.30 -16.45 70.95
C TYR NA 138 111.63 -17.92 71.06
N ASP NA 139 112.67 -18.22 71.82
CA ASP NA 139 113.11 -19.60 72.05
C ASP NA 139 112.30 -20.25 73.18
N ALA NA 140 110.99 -20.38 72.92
CA ALA NA 140 110.07 -20.97 73.86
C ALA NA 140 109.42 -22.20 73.26
N ARG NA 141 109.11 -23.18 74.12
CA ARG NA 141 108.49 -24.42 73.71
C ARG NA 141 107.12 -24.54 74.36
N ILE NA 142 106.12 -24.86 73.54
CA ILE NA 142 104.75 -25.00 74.02
C ILE NA 142 104.59 -26.41 74.59
N ALA NA 143 104.52 -26.53 75.91
CA ALA NA 143 104.35 -27.83 76.55
C ALA NA 143 103.01 -28.46 76.18
N ALA NA 144 101.92 -27.77 76.52
CA ALA NA 144 100.59 -28.27 76.22
C ALA NA 144 99.67 -27.09 75.95
N ILE NA 145 98.49 -27.38 75.40
CA ILE NA 145 97.48 -26.38 75.06
C ILE NA 145 96.19 -26.82 75.74
N LEU NA 146 95.89 -26.27 76.91
CA LEU NA 146 94.68 -26.61 77.62
C LEU NA 146 93.51 -25.77 77.11
N PRO NA 147 92.28 -26.28 77.24
CA PRO NA 147 91.11 -25.51 76.79
C PRO NA 147 90.89 -24.21 77.56
N ASP NA 148 91.45 -24.08 78.76
CA ASP NA 148 91.24 -22.89 79.58
C ASP NA 148 92.50 -22.06 79.80
N ARG NA 149 93.67 -22.55 79.41
CA ARG NA 149 94.90 -21.78 79.59
C ARG NA 149 95.96 -22.36 78.65
N ILE NA 150 97.06 -21.63 78.53
CA ILE NA 150 98.19 -22.01 77.68
C ILE NA 150 99.41 -22.21 78.57
N ILE NA 151 100.11 -23.32 78.38
CA ILE NA 151 101.30 -23.66 79.15
C ILE NA 151 102.49 -23.61 78.19
N VAL NA 152 103.38 -22.64 78.43
CA VAL NA 152 104.57 -22.49 77.60
C VAL NA 152 105.84 -22.42 78.45
N ASN NA 153 106.76 -23.33 78.19
CA ASN NA 153 108.02 -23.38 78.94
C ASN NA 153 108.99 -22.28 78.50
N TYR NA 154 108.80 -21.08 79.03
CA TYR NA 154 109.67 -19.95 78.70
C TYR NA 154 110.80 -19.86 79.72
N GLN NA 155 112.03 -20.03 79.25
CA GLN NA 155 113.22 -19.99 80.11
C GLN NA 155 113.14 -21.01 81.24
N GLY NA 156 112.58 -22.18 80.93
CA GLY NA 156 112.44 -23.22 81.93
C GLY NA 156 111.43 -22.94 83.01
N ARG NA 157 110.46 -22.06 82.75
CA ARG NA 157 109.43 -21.72 83.72
C ARG NA 157 108.06 -21.84 83.06
N LYS NA 158 107.06 -22.21 83.87
CA LYS NA 158 105.70 -22.37 83.40
C LYS NA 158 104.92 -21.07 83.59
N GLU NA 159 104.30 -20.59 82.52
CA GLU NA 159 103.53 -19.36 82.55
C GLU NA 159 102.12 -19.64 82.04
N ALA NA 160 101.12 -19.08 82.72
CA ALA NA 160 99.72 -19.24 82.36
C ALA NA 160 99.27 -18.04 81.54
N ILE NA 161 98.66 -18.33 80.38
CA ILE NA 161 98.15 -17.31 79.49
C ILE NA 161 96.63 -17.35 79.50
N LEU NA 162 96.01 -16.28 79.98
CA LEU NA 162 94.56 -16.19 80.05
C LEU NA 162 93.99 -15.59 78.77
N LEU NA 163 92.67 -15.71 78.63
CA LEU NA 163 91.99 -15.17 77.46
C LEU NA 163 92.04 -13.64 77.46
N PHE NA 164 92.06 -13.08 76.26
CA PHE NA 164 92.10 -11.63 76.11
C PHE NA 164 90.71 -11.02 76.30
N VAL OA 97 115.21 -25.10 62.95
CA VAL OA 97 114.61 -25.06 61.63
C VAL OA 97 115.61 -24.54 60.61
N SER OA 98 115.16 -24.40 59.36
CA SER OA 98 116.03 -23.92 58.30
C SER OA 98 116.30 -22.43 58.47
N SER OA 99 117.53 -22.03 58.15
CA SER OA 99 117.95 -20.64 58.26
C SER OA 99 117.91 -19.90 56.93
N LEU OA 100 117.56 -20.58 55.85
CA LEU OA 100 117.49 -19.94 54.53
C LEU OA 100 116.23 -19.11 54.41
N LYS OA 101 116.36 -17.93 53.81
CA LYS OA 101 115.24 -17.01 53.63
C LYS OA 101 114.49 -17.36 52.34
N LEU OA 102 113.83 -18.52 52.39
CA LEU OA 102 113.05 -19.02 51.26
C LEU OA 102 111.63 -19.31 51.73
N ARG OA 103 110.66 -18.95 50.89
CA ARG OA 103 109.25 -19.15 51.19
C ARG OA 103 108.67 -20.14 50.19
N LEU OA 104 108.09 -21.23 50.70
CA LEU OA 104 107.50 -22.25 49.84
C LEU OA 104 106.12 -21.80 49.41
N ALA OA 105 105.91 -21.71 48.09
CA ALA OA 105 104.64 -21.26 47.54
C ALA OA 105 103.74 -22.41 47.09
N GLY OA 106 104.31 -23.55 46.75
CA GLY OA 106 103.51 -24.69 46.30
C GLY OA 106 104.28 -25.98 46.44
N LEU OA 107 103.56 -27.05 46.75
CA LEU OA 107 104.17 -28.36 46.92
C LEU OA 107 103.23 -29.47 46.49
N LEU OA 108 103.24 -29.77 45.19
CA LEU OA 108 102.38 -30.82 44.64
C LEU OA 108 103.06 -32.18 44.70
N ALA OA 109 102.28 -33.24 44.53
CA ALA OA 109 102.80 -34.60 44.56
C ALA OA 109 103.67 -34.88 43.35
N SER OA 110 104.47 -35.95 43.43
CA SER OA 110 105.36 -36.32 42.34
C SER OA 110 104.57 -36.73 41.10
N SER OA 111 104.88 -36.11 39.98
CA SER OA 111 104.19 -36.41 38.73
C SER OA 111 104.50 -37.83 38.28
N ASN OA 112 103.91 -38.24 37.17
CA ASN OA 112 104.09 -39.59 36.64
C ASN OA 112 105.43 -39.74 35.91
N PRO OA 113 105.77 -38.89 34.93
CA PRO OA 113 107.01 -39.13 34.18
C PRO OA 113 108.27 -38.63 34.89
N ALA OA 114 108.14 -37.89 35.98
CA ALA OA 114 109.28 -37.37 36.71
C ALA OA 114 109.36 -38.03 38.09
N ARG OA 115 110.37 -37.64 38.86
CA ARG OA 115 110.56 -38.16 40.20
C ARG OA 115 109.90 -37.29 41.27
N SER OA 116 109.98 -35.97 41.12
CA SER OA 116 109.35 -35.04 42.05
C SER OA 116 109.30 -33.67 41.40
N ILE OA 117 108.37 -32.84 41.87
CA ILE OA 117 108.20 -31.48 41.35
C ILE OA 117 107.76 -30.56 42.47
N ALA OA 118 108.50 -29.47 42.66
CA ALA OA 118 108.18 -28.50 43.70
C ALA OA 118 108.47 -27.08 43.24
N ILE OA 119 107.54 -26.17 43.50
CA ILE OA 119 107.69 -24.78 43.11
C ILE OA 119 108.28 -23.95 44.25
N ILE OA 120 109.39 -23.28 43.99
CA ILE OA 120 110.04 -22.45 44.99
C ILE OA 120 110.20 -21.01 44.50
N GLU OA 121 109.81 -20.06 45.35
CA GLU OA 121 109.91 -18.65 45.01
C GLU OA 121 111.01 -18.01 45.84
N LYS OA 122 111.88 -17.24 45.18
CA LYS OA 122 112.98 -16.56 45.86
C LYS OA 122 113.21 -15.22 45.19
N GLY OA 123 113.21 -14.15 45.98
CA GLY OA 123 113.39 -12.82 45.45
C GLY OA 123 112.24 -12.32 44.61
N ASN OA 124 111.00 -12.61 45.04
CA ASN OA 124 109.75 -12.23 44.38
C ASN OA 124 109.59 -12.85 43.00
N GLN OA 125 110.47 -13.76 42.59
CA GLN OA 125 110.38 -14.42 41.30
C GLN OA 125 110.11 -15.90 41.51
N GLN OA 126 109.09 -16.42 40.81
CA GLN OA 126 108.71 -17.81 40.94
C GLN OA 126 109.45 -18.64 39.87
N VAL OA 127 109.90 -19.83 40.27
CA VAL OA 127 110.62 -20.73 39.39
C VAL OA 127 110.30 -22.16 39.81
N SER OA 128 110.26 -23.05 38.83
CA SER OA 128 109.99 -24.47 39.07
C SER OA 128 111.30 -25.24 39.17
N LEU OA 129 111.40 -26.10 40.16
CA LEU OA 129 112.60 -26.90 40.39
C LEU OA 129 112.20 -28.35 40.66
N SER OA 130 113.16 -29.25 40.44
CA SER OA 130 112.96 -30.68 40.64
C SER OA 130 113.99 -31.19 41.65
N THR OA 131 114.00 -32.50 41.85
CA THR OA 131 114.92 -33.14 42.77
C THR OA 131 116.22 -33.45 42.04
N GLY OA 132 117.29 -32.75 42.40
CA GLY OA 132 118.60 -32.92 41.79
C GLY OA 132 119.14 -31.68 41.12
N ASP OA 133 118.28 -30.74 40.72
CA ASP OA 133 118.74 -29.53 40.07
C ASP OA 133 119.35 -28.57 41.10
N PRO OA 134 120.39 -27.85 40.74
CA PRO OA 134 121.02 -26.91 41.68
C PRO OA 134 120.20 -25.65 41.84
N LEU OA 135 120.44 -24.98 42.97
CA LEU OA 135 119.73 -23.74 43.27
C LEU OA 135 120.41 -22.58 42.55
N PRO OA 136 119.68 -21.79 41.75
CA PRO OA 136 120.31 -20.66 41.05
C PRO OA 136 120.83 -19.58 41.99
N GLY OA 137 120.28 -19.46 43.20
CA GLY OA 137 120.70 -18.42 44.11
C GLY OA 137 121.91 -18.79 44.94
N TYR OA 138 121.83 -19.89 45.68
CA TYR OA 138 122.91 -20.35 46.55
C TYR OA 138 123.42 -21.70 46.08
N ASP OA 139 124.61 -22.06 46.56
CA ASP OA 139 125.24 -23.34 46.22
C ASP OA 139 124.71 -24.46 47.12
N ALA OA 140 123.41 -24.71 46.98
CA ALA OA 140 122.72 -25.74 47.75
C ALA OA 140 122.13 -26.78 46.83
N ARG OA 141 122.09 -28.02 47.32
CA ARG OA 141 121.57 -29.15 46.55
C ARG OA 141 120.34 -29.71 47.26
N ILE OA 142 119.26 -29.91 46.52
CA ILE OA 142 118.01 -30.43 47.06
C ILE OA 142 118.13 -31.96 47.09
N ALA OA 143 118.29 -32.52 48.30
CA ALA OA 143 118.40 -33.97 48.44
C ALA OA 143 117.10 -34.65 48.03
N ALA OA 144 116.01 -34.32 48.71
CA ALA OA 144 114.70 -34.90 48.42
C ALA OA 144 113.63 -33.87 48.70
N ILE OA 145 112.42 -34.17 48.22
CA ILE OA 145 111.25 -33.30 48.40
C ILE OA 145 110.15 -34.16 49.01
N LEU OA 146 110.01 -34.09 50.32
CA LEU OA 146 108.98 -34.85 51.00
C LEU OA 146 107.64 -34.10 50.98
N PRO OA 147 106.52 -34.83 51.06
CA PRO OA 147 105.21 -34.16 51.05
C PRO OA 147 104.97 -33.26 52.26
N ASP OA 148 105.71 -33.45 53.35
CA ASP OA 148 105.51 -32.67 54.56
C ASP OA 148 106.67 -31.75 54.92
N ARG OA 149 107.81 -31.87 54.25
CA ARG OA 149 108.96 -31.02 54.54
C ARG OA 149 109.90 -31.06 53.34
N ILE OA 150 110.87 -30.15 53.37
CA ILE OA 150 111.88 -30.03 52.31
C ILE OA 150 113.24 -30.30 52.92
N ILE OA 151 114.02 -31.15 52.25
CA ILE OA 151 115.36 -31.52 52.70
C ILE OA 151 116.36 -30.94 51.70
N VAL OA 152 117.16 -29.98 52.16
CA VAL OA 152 118.15 -29.35 51.31
C VAL OA 152 119.53 -29.36 51.97
N ASN OA 153 120.50 -29.96 51.30
CA ASN OA 153 121.86 -30.03 51.82
C ASN OA 153 122.61 -28.70 51.70
N TYR OA 154 122.38 -27.81 52.64
CA TYR OA 154 123.03 -26.51 52.64
C TYR OA 154 124.30 -26.58 53.49
N GLN OA 155 125.45 -26.37 52.85
CA GLN OA 155 126.76 -26.42 53.52
C GLN OA 155 126.98 -27.76 54.20
N GLY OA 156 126.53 -28.83 53.56
CA GLY OA 156 126.68 -30.16 54.13
C GLY OA 156 125.85 -30.44 55.35
N ARG OA 157 124.74 -29.70 55.54
CA ARG OA 157 123.86 -29.90 56.68
C ARG OA 157 122.43 -30.02 56.19
N LYS OA 158 121.64 -30.80 56.93
CA LYS OA 158 120.24 -31.02 56.58
C LYS OA 158 119.36 -30.02 57.32
N GLU OA 159 118.51 -29.31 56.58
CA GLU OA 159 117.61 -28.31 57.13
C GLU OA 159 116.18 -28.64 56.73
N ALA OA 160 115.26 -28.51 57.68
CA ALA OA 160 113.85 -28.79 57.46
C ALA OA 160 113.12 -27.48 57.18
N ILE OA 161 112.36 -27.46 56.09
CA ILE OA 161 111.59 -26.29 55.69
C ILE OA 161 110.11 -26.59 55.85
N LEU OA 162 109.46 -25.87 56.77
CA LEU OA 162 108.05 -26.06 57.03
C LEU OA 162 107.20 -25.17 56.13
N LEU OA 163 105.90 -25.45 56.11
CA LEU OA 163 104.97 -24.68 55.30
C LEU OA 163 104.83 -23.25 55.85
N PHE OA 164 104.58 -22.32 54.94
CA PHE OA 164 104.42 -20.92 55.31
C PHE OA 164 103.03 -20.66 55.87
N VAL PA 97 126.38 -25.11 35.48
CA VAL PA 97 125.57 -24.72 34.34
C VAL PA 97 126.32 -23.72 33.46
N SER PA 98 125.65 -23.25 32.41
CA SER PA 98 126.26 -22.29 31.51
C SER PA 98 126.38 -20.93 32.17
N SER PA 99 127.48 -20.23 31.88
CA SER PA 99 127.75 -18.92 32.44
C SER PA 99 127.39 -17.79 31.48
N LEU PA 100 126.94 -18.10 30.26
CA LEU PA 100 126.58 -17.09 29.30
C LEU PA 100 125.22 -16.48 29.64
N LYS PA 101 125.12 -15.16 29.50
CA LYS PA 101 123.88 -14.44 29.80
C LYS PA 101 122.97 -14.46 28.57
N LEU PA 102 122.48 -15.66 28.26
CA LEU PA 102 121.57 -15.87 27.14
C LEU PA 102 120.30 -16.53 27.63
N ARG PA 103 119.16 -16.09 27.09
CA ARG PA 103 117.85 -16.62 27.47
C ARG PA 103 117.23 -17.29 26.24
N LEU PA 104 116.88 -18.56 26.40
CA LEU PA 104 116.28 -19.32 25.30
C LEU PA 104 114.79 -18.99 25.23
N ALA PA 105 114.35 -18.49 24.07
CA ALA PA 105 112.96 -18.11 23.87
C ALA PA 105 112.14 -19.16 23.14
N GLY PA 106 112.78 -20.01 22.34
CA GLY PA 106 112.06 -21.03 21.62
C GLY PA 106 112.99 -22.15 21.19
N LEU PA 107 112.45 -23.37 21.17
CA LEU PA 107 113.24 -24.53 20.78
C LEU PA 107 112.37 -25.58 20.08
N LEU PA 108 112.19 -25.41 18.77
CA LEU PA 108 111.38 -26.33 17.99
C LEU PA 108 112.22 -27.50 17.47
N ALA PA 109 111.54 -28.54 17.02
CA ALA PA 109 112.22 -29.73 16.50
C ALA PA 109 112.90 -29.43 15.16
N SER PA 110 113.82 -30.30 14.77
CA SER PA 110 114.55 -30.13 13.52
C SER PA 110 113.61 -30.22 12.32
N SER PA 111 113.64 -29.20 11.46
CA SER PA 111 112.80 -29.18 10.28
C SER PA 111 113.20 -30.28 9.32
N ASN PA 112 112.47 -30.39 8.21
CA ASN PA 112 112.72 -31.41 7.22
C ASN PA 112 113.92 -31.08 6.32
N PRO PA 113 113.99 -29.91 5.69
CA PRO PA 113 115.10 -29.65 4.76
C PRO PA 113 116.40 -29.23 5.44
N ALA PA 114 116.37 -28.94 6.73
CA ALA PA 114 117.55 -28.52 7.47
C ALA PA 114 117.94 -29.58 8.49
N ARG PA 115 119.01 -29.30 9.23
CA ARG PA 115 119.50 -30.22 10.27
C ARG PA 115 118.92 -29.88 11.63
N SER PA 116 118.81 -28.60 11.97
CA SER PA 116 118.26 -28.17 13.24
C SER PA 116 117.94 -26.68 13.13
N ILE PA 117 117.00 -26.24 13.98
CA ILE PA 117 116.59 -24.84 14.02
C ILE PA 117 116.24 -24.44 15.44
N ALA PA 118 116.87 -23.36 15.92
CA ALA PA 118 116.62 -22.88 17.28
C ALA PA 118 116.66 -21.36 17.33
N ILE PA 119 115.69 -20.77 18.00
CA ILE PA 119 115.61 -19.32 18.14
C ILE PA 119 116.28 -18.85 19.42
N ILE PA 120 117.24 -17.95 19.29
CA ILE PA 120 117.96 -17.41 20.45
C ILE PA 120 117.86 -15.89 20.50
N GLU PA 121 117.51 -15.37 21.67
CA GLU PA 121 117.39 -13.93 21.86
C GLU PA 121 118.53 -13.43 22.74
N LYS PA 122 119.17 -12.35 22.29
CA LYS PA 122 120.28 -11.76 23.03
C LYS PA 122 120.24 -10.25 22.88
N GLY PA 123 120.25 -9.54 24.01
CA GLY PA 123 120.18 -8.10 23.97
C GLY PA 123 118.85 -7.55 23.51
N ASN PA 124 117.75 -8.17 23.95
CA ASN PA 124 116.37 -7.81 23.63
C ASN PA 124 116.05 -7.94 22.14
N GLN PA 125 116.95 -8.48 21.33
CA GLN PA 125 116.71 -8.67 19.91
C GLN PA 125 116.67 -10.16 19.59
N GLN PA 126 115.61 -10.57 18.89
CA GLN PA 126 115.43 -11.97 18.53
C GLN PA 126 116.06 -12.25 17.18
N VAL PA 127 116.70 -13.41 17.06
CA VAL PA 127 117.36 -13.81 15.83
C VAL PA 127 117.29 -15.34 15.73
N SER PA 128 117.19 -15.83 14.50
CA SER PA 128 117.13 -17.27 14.24
C SER PA 128 118.52 -17.79 13.90
N LEU PA 129 118.89 -18.91 14.51
CA LEU PA 129 120.19 -19.53 14.28
C LEU PA 129 120.02 -21.02 14.05
N SER PA 130 121.02 -21.61 13.41
CA SER PA 130 121.04 -23.04 13.09
C SER PA 130 122.28 -23.68 13.73
N THR PA 131 122.47 -24.96 13.43
CA THR PA 131 123.62 -25.71 13.94
C THR PA 131 124.79 -25.52 13.00
N GLY PA 132 125.82 -24.82 13.46
CA GLY PA 132 127.01 -24.54 12.69
C GLY PA 132 127.28 -23.07 12.45
N ASP PA 133 126.26 -22.22 12.52
CA ASP PA 133 126.45 -20.79 12.31
C ASP PA 133 127.12 -20.17 13.54
N PRO PA 134 127.99 -19.19 13.33
CA PRO PA 134 128.66 -18.55 14.47
C PRO PA 134 127.73 -17.57 15.18
N LEU PA 135 128.08 -17.30 16.43
CA LEU PA 135 127.30 -16.36 17.24
C LEU PA 135 127.70 -14.93 16.92
N PRO PA 136 126.76 -14.06 16.56
CA PRO PA 136 127.12 -12.67 16.24
C PRO PA 136 127.66 -11.90 17.44
N GLY PA 137 127.32 -12.30 18.67
CA GLY PA 137 127.77 -11.58 19.84
C GLY PA 137 129.13 -11.99 20.32
N TYR PA 138 129.30 -13.28 20.63
CA TYR PA 138 130.56 -13.81 21.14
C TYR PA 138 131.14 -14.82 20.15
N ASP PA 139 132.43 -15.11 20.33
CA ASP PA 139 133.14 -16.07 19.47
C ASP PA 139 132.90 -17.50 19.96
N ALA PA 140 131.64 -17.91 19.90
CA ALA PA 140 131.22 -19.23 20.32
C ALA PA 140 130.61 -19.99 19.15
N ARG PA 141 130.79 -21.30 19.15
CA ARG PA 141 130.28 -22.18 18.10
C ARG PA 141 129.27 -23.15 18.70
N ILE PA 142 128.11 -23.25 18.06
CA ILE PA 142 127.05 -24.15 18.53
C ILE PA 142 127.35 -25.54 18.00
N ALA PA 143 127.77 -26.45 18.88
CA ALA PA 143 128.07 -27.82 18.47
C ALA PA 143 126.81 -28.53 18.00
N ALA PA 144 125.81 -28.64 18.88
CA ALA PA 144 124.56 -29.30 18.54
C ALA PA 144 123.43 -28.63 19.30
N ILE PA 145 122.20 -28.94 18.90
CA ILE PA 145 121.00 -28.39 19.52
C ILE PA 145 120.12 -29.58 19.89
N LEU PA 146 120.19 -30.00 21.15
CA LEU PA 146 119.39 -31.11 21.63
C LEU PA 146 117.99 -30.64 22.03
N PRO PA 147 117.00 -31.53 21.98
CA PRO PA 147 115.64 -31.12 22.37
C PRO PA 147 115.50 -30.74 23.84
N ASP PA 148 116.43 -31.17 24.69
CA ASP PA 148 116.35 -30.89 26.12
C ASP PA 148 117.45 -29.98 26.64
N ARG PA 149 118.46 -29.66 25.85
CA ARG PA 149 119.52 -28.78 26.29
C ARG PA 149 120.26 -28.25 25.06
N ILE PA 150 121.10 -27.25 25.30
CA ILE PA 150 121.88 -26.61 24.25
C ILE PA 150 123.36 -26.83 24.55
N ILE PA 151 124.11 -27.25 23.54
CA ILE PA 151 125.54 -27.52 23.66
C ILE PA 151 126.28 -26.47 22.83
N VAL PA 152 127.03 -25.61 23.50
CA VAL PA 152 127.78 -24.56 22.83
C VAL PA 152 129.24 -24.56 23.28
N ASN PA 153 130.14 -24.72 22.32
CA ASN PA 153 131.58 -24.74 22.62
C ASN PA 153 132.13 -23.35 22.89
N TYR PA 154 131.96 -22.88 24.13
CA TYR PA 154 132.45 -21.56 24.52
C TYR PA 154 133.84 -21.70 25.13
N GLN PA 155 134.83 -21.10 24.47
CA GLN PA 155 136.23 -21.14 24.93
C GLN PA 155 136.72 -22.58 25.05
N GLY PA 156 136.30 -23.44 24.11
CA GLY PA 156 136.70 -24.82 24.14
C GLY PA 156 136.12 -25.65 25.27
N ARG PA 157 134.99 -25.21 25.83
CA ARG PA 157 134.34 -25.93 26.92
C ARG PA 157 132.87 -26.12 26.59
N LYS PA 158 132.31 -27.23 27.08
CA LYS PA 158 130.92 -27.55 26.85
C LYS PA 158 130.06 -27.03 28.01
N GLU PA 159 129.02 -26.27 27.67
CA GLU PA 159 128.12 -25.69 28.66
C GLU PA 159 126.69 -26.10 28.33
N ALA PA 160 125.94 -26.47 29.36
CA ALA PA 160 124.55 -26.88 29.23
C ALA PA 160 123.64 -25.70 29.52
N ILE PA 161 122.71 -25.44 28.61
CA ILE PA 161 121.74 -24.35 28.76
C ILE PA 161 120.36 -24.94 28.97
N LEU PA 162 119.79 -24.69 30.15
CA LEU PA 162 118.48 -25.21 30.49
C LEU PA 162 117.40 -24.21 30.09
N LEU PA 163 116.15 -24.69 30.12
CA LEU PA 163 115.01 -23.85 29.77
C LEU PA 163 114.81 -22.75 30.80
N PHE PA 164 114.30 -21.62 30.33
CA PHE PA 164 114.04 -20.48 31.20
C PHE PA 164 112.74 -20.66 31.98
N VAL QA 97 132.64 -13.86 8.78
CA VAL QA 97 131.60 -13.25 7.96
C VAL QA 97 132.07 -11.91 7.42
N SER QA 98 131.19 -11.22 6.70
CA SER QA 98 131.52 -9.92 6.14
C SER QA 98 131.59 -8.87 7.24
N SER QA 99 132.54 -7.94 7.09
CA SER QA 99 132.74 -6.87 8.06
C SER QA 99 132.09 -5.56 7.62
N LEU QA 100 131.49 -5.51 6.45
CA LEU QA 100 130.84 -4.30 5.96
C LEU QA 100 129.51 -4.09 6.65
N LYS QA 101 129.22 -2.84 7.02
CA LYS QA 101 127.97 -2.49 7.71
C LYS QA 101 126.88 -2.23 6.67
N LEU QA 102 126.48 -3.32 6.01
CA LEU QA 102 125.43 -3.28 5.00
C LEU QA 102 124.34 -4.29 5.36
N ARG QA 103 123.09 -3.89 5.17
CA ARG QA 103 121.94 -4.72 5.46
C ARG QA 103 121.20 -5.03 4.17
N LEU QA 104 121.03 -6.32 3.88
CA LEU QA 104 120.34 -6.74 2.68
C LEU QA 104 118.84 -6.66 2.89
N ALA QA 105 118.15 -5.88 2.07
CA ALA QA 105 116.71 -5.69 2.18
C ALA QA 105 115.91 -6.56 1.23
N GLY QA 106 116.49 -6.96 0.10
CA GLY QA 106 115.78 -7.79 -0.86
C GLY QA 106 116.75 -8.51 -1.77
N LEU QA 107 116.37 -9.72 -2.18
CA LEU QA 107 117.20 -10.53 -3.05
C LEU QA 107 116.35 -11.40 -3.97
N LEU QA 108 115.94 -10.83 -5.09
CA LEU QA 108 115.12 -11.55 -6.06
C LEU QA 108 115.99 -12.31 -7.07
N ALA QA 109 115.37 -13.24 -7.78
CA ALA QA 109 116.08 -14.04 -8.78
C ALA QA 109 116.48 -13.18 -9.98
N SER QA 110 117.42 -13.70 -10.77
CA SER QA 110 117.90 -12.99 -11.96
C SER QA 110 116.79 -12.82 -12.99
N SER QA 111 116.56 -11.59 -13.41
CA SER QA 111 115.52 -11.29 -14.39
C SER QA 111 115.89 -11.93 -15.73
N ASN QA 112 114.99 -11.76 -16.70
CA ASN QA 112 115.18 -12.33 -18.03
C ASN QA 112 116.17 -11.52 -18.87
N PRO QA 113 115.98 -10.19 -19.04
CA PRO QA 113 116.89 -9.45 -19.93
C PRO QA 113 118.22 -9.08 -19.30
N ALA QA 114 118.39 -9.26 -18.00
CA ALA QA 114 119.62 -8.92 -17.30
C ALA QA 114 120.30 -10.19 -16.79
N ARG QA 115 121.44 -10.00 -16.13
CA ARG QA 115 122.20 -11.11 -15.57
C ARG QA 115 121.82 -11.37 -14.11
N SER QA 116 121.63 -10.32 -13.33
CA SER QA 116 121.25 -10.45 -11.93
C SER QA 116 120.74 -9.10 -11.44
N ILE QA 117 119.93 -9.13 -10.40
CA ILE QA 117 119.37 -7.93 -9.80
C ILE QA 117 119.23 -8.10 -8.29
N ALA QA 118 119.79 -7.17 -7.54
CA ALA QA 118 119.72 -7.23 -6.08
C ALA QA 118 119.60 -5.83 -5.49
N ILE QA 119 118.69 -5.69 -4.53
CA ILE QA 119 118.47 -4.40 -3.87
C ILE QA 119 119.28 -4.29 -2.59
N ILE QA 120 120.10 -3.25 -2.49
CA ILE QA 120 120.93 -3.03 -1.32
C ILE QA 120 120.67 -1.66 -0.70
N GLU QA 121 120.47 -1.64 0.61
CA GLU QA 121 120.21 -0.40 1.32
C GLU QA 121 121.42 -0.04 2.17
N LYS QA 122 121.85 1.22 2.09
CA LYS QA 122 122.99 1.69 2.85
C LYS QA 122 122.75 3.13 3.26
N GLY QA 123 122.87 3.41 4.56
CA GLY QA 123 122.63 4.74 5.07
C GLY QA 123 121.18 5.18 5.00
N ASN QA 124 120.25 4.27 5.30
CA ASN QA 124 118.80 4.48 5.30
C ASN QA 124 118.25 4.82 3.92
N GLN QA 125 119.05 4.74 2.87
CA GLN QA 125 118.61 5.02 1.51
C GLN QA 125 118.68 3.74 0.69
N GLN QA 126 117.57 3.42 0.02
CA GLN QA 126 117.49 2.22 -0.80
C GLN QA 126 117.91 2.53 -2.24
N VAL QA 127 118.66 1.61 -2.85
CA VAL QA 127 119.14 1.77 -4.22
C VAL QA 127 119.24 0.39 -4.84
N SER QA 128 118.97 0.33 -6.15
CA SER QA 128 119.04 -0.91 -6.90
C SER QA 128 120.41 -1.04 -7.57
N LEU QA 129 121.01 -2.23 -7.47
CA LEU QA 129 122.31 -2.49 -8.05
C LEU QA 129 122.29 -3.82 -8.78
N SER QA 130 123.21 -3.98 -9.71
CA SER QA 130 123.34 -5.18 -10.52
C SER QA 130 124.74 -5.79 -10.32
N THR QA 131 125.03 -6.84 -11.08
CA THR QA 131 126.33 -7.51 -11.01
C THR QA 131 127.29 -6.81 -11.96
N GLY QA 132 128.29 -6.15 -11.39
CA GLY QA 132 129.30 -5.43 -12.15
C GLY QA 132 129.35 -3.94 -11.87
N ASP QA 133 128.26 -3.35 -11.37
CA ASP QA 133 128.25 -1.93 -11.07
C ASP QA 133 129.03 -1.65 -9.78
N PRO QA 134 129.74 -0.54 -9.72
CA PRO QA 134 130.52 -0.21 -8.52
C PRO QA 134 129.62 0.29 -7.39
N LEU QA 135 130.13 0.17 -6.18
CA LEU QA 135 129.40 0.62 -5.00
C LEU QA 135 129.57 2.13 -4.82
N PRO QA 136 128.49 2.90 -4.73
CA PRO QA 136 128.63 4.35 -4.55
C PRO QA 136 129.27 4.74 -3.22
N GLY QA 137 129.19 3.89 -2.20
CA GLY QA 137 129.75 4.23 -0.91
C GLY QA 137 131.22 3.91 -0.77
N TYR QA 138 131.59 2.65 -0.99
CA TYR QA 138 132.96 2.20 -0.86
C TYR QA 138 133.48 1.71 -2.21
N ASP QA 139 134.80 1.59 -2.30
CA ASP QA 139 135.46 1.12 -3.52
C ASP QA 139 135.48 -0.40 -3.57
N ALA QA 140 134.28 -0.98 -3.62
CA ALA QA 140 134.10 -2.42 -3.66
C ALA QA 140 133.39 -2.82 -4.95
N ARG QA 141 133.72 -4.00 -5.45
CA ARG QA 141 133.15 -4.54 -6.67
C ARG QA 141 132.37 -5.81 -6.36
N ILE QA 142 131.15 -5.89 -6.84
CA ILE QA 142 130.29 -7.05 -6.62
C ILE QA 142 130.65 -8.11 -7.66
N ALA QA 143 131.32 -9.18 -7.22
CA ALA QA 143 131.70 -10.24 -8.13
C ALA QA 143 130.47 -10.96 -8.67
N ALA QA 144 129.67 -11.54 -7.78
CA ALA QA 144 128.46 -12.24 -8.19
C ALA QA 144 127.40 -12.07 -7.11
N ILE QA 145 126.16 -12.43 -7.45
CA ILE QA 145 125.03 -12.35 -6.54
C ILE QA 145 124.37 -13.72 -6.52
N LEU QA 146 124.71 -14.53 -5.51
CA LEU QA 146 124.13 -15.85 -5.38
C LEU QA 146 122.78 -15.79 -4.68
N PRO QA 147 121.91 -16.76 -4.93
CA PRO QA 147 120.59 -16.75 -4.26
C PRO QA 147 120.67 -16.94 -2.76
N ASP QA 148 121.77 -17.46 -2.23
CA ASP QA 148 121.91 -17.71 -0.80
C ASP QA 148 122.95 -16.86 -0.11
N ARG QA 149 123.77 -16.12 -0.85
CA ARG QA 149 124.79 -15.27 -0.24
C ARG QA 149 125.24 -14.23 -1.27
N ILE QA 150 125.99 -13.24 -0.79
CA ILE QA 150 126.50 -12.16 -1.62
C ILE QA 150 128.03 -12.22 -1.60
N ILE QA 151 128.63 -12.14 -2.77
CA ILE QA 151 130.08 -12.18 -2.93
C ILE QA 151 130.54 -10.81 -3.41
N VAL QA 152 131.28 -10.11 -2.55
CA VAL QA 152 131.79 -8.79 -2.88
C VAL QA 152 133.29 -8.69 -2.64
N ASN QA 153 134.03 -8.36 -3.69
CA ASN QA 153 135.48 -8.23 -3.59
C ASN QA 153 135.91 -6.95 -2.89
N TYR QA 154 135.90 -6.97 -1.57
CA TYR QA 154 136.29 -5.80 -0.77
C TYR QA 154 137.77 -5.90 -0.43
N GLN QA 155 138.57 -4.95 -0.93
CA GLN QA 155 140.00 -4.91 -0.70
C GLN QA 155 140.69 -6.20 -1.16
N GLY QA 156 140.21 -6.74 -2.29
CA GLY QA 156 140.76 -7.96 -2.82
C GLY QA 156 140.49 -9.20 -2.01
N ARG QA 157 139.44 -9.19 -1.19
CA ARG QA 157 139.06 -10.33 -0.37
C ARG QA 157 137.59 -10.65 -0.57
N LYS QA 158 137.26 -11.94 -0.46
CA LYS QA 158 135.89 -12.40 -0.63
C LYS QA 158 135.19 -12.45 0.73
N GLU QA 159 134.02 -11.81 0.83
CA GLU QA 159 133.25 -11.77 2.05
C GLU QA 159 131.83 -12.28 1.77
N ALA QA 160 131.33 -13.10 2.68
CA ALA QA 160 129.99 -13.66 2.56
C ALA QA 160 129.01 -12.83 3.38
N ILE QA 161 127.91 -12.43 2.74
CA ILE QA 161 126.88 -11.65 3.39
C ILE QA 161 125.62 -12.50 3.54
N LEU QA 162 125.25 -12.77 4.78
CA LEU QA 162 124.08 -13.58 5.07
C LEU QA 162 122.82 -12.72 5.18
N LEU QA 163 121.67 -13.38 5.19
CA LEU QA 163 120.39 -12.67 5.29
C LEU QA 163 120.24 -12.05 6.67
N PHE QA 164 119.54 -10.92 6.71
CA PHE QA 164 119.30 -10.21 7.97
C PHE QA 164 118.19 -10.87 8.76
N VAL RA 97 132.89 6.70 -12.41
CA VAL RA 97 131.67 7.36 -12.83
C VAL RA 97 131.87 8.88 -12.88
N SER RA 98 130.80 9.60 -13.20
CA SER RA 98 130.88 11.05 -13.28
C SER RA 98 131.02 11.66 -11.90
N SER RA 99 131.81 12.73 -11.81
CA SER RA 99 132.04 13.42 -10.55
C SER RA 99 131.19 14.67 -10.39
N LEU RA 100 130.39 15.01 -11.40
CA LEU RA 100 129.54 16.20 -11.33
C LEU RA 100 128.32 15.93 -10.47
N LYS RA 101 127.96 16.91 -9.64
CA LYS RA 101 126.81 16.79 -8.74
C LYS RA 101 125.54 17.19 -9.47
N LEU RA 102 125.15 16.35 -10.43
CA LEU RA 102 123.95 16.54 -11.22
C LEU RA 102 123.07 15.31 -11.13
N ARG RA 103 121.76 15.53 -11.01
CA ARG RA 103 120.78 14.46 -10.90
C ARG RA 103 119.88 14.50 -12.13
N LEU RA 104 119.82 13.38 -12.84
CA LEU RA 104 118.99 13.27 -14.04
C LEU RA 104 117.54 13.01 -13.62
N ALA RA 105 116.64 13.91 -14.04
CA ALA RA 105 115.23 13.80 -13.69
C ALA RA 105 114.38 13.19 -14.80
N GLY RA 106 114.81 13.30 -16.05
CA GLY RA 106 114.05 12.75 -17.15
C GLY RA 106 114.93 12.54 -18.36
N LEU RA 107 114.63 11.51 -19.13
CA LEU RA 107 115.39 11.20 -20.34
C LEU RA 107 114.51 10.56 -21.40
N LEU RA 108 113.84 11.40 -22.19
CA LEU RA 108 112.96 10.92 -23.24
C LEU RA 108 113.72 10.71 -24.55
N ALA RA 109 113.11 9.99 -25.48
CA ALA RA 109 113.74 9.71 -26.78
C ALA RA 109 113.82 10.98 -27.62
N SER RA 110 114.67 10.93 -28.65
CA SER RA 110 114.85 12.07 -29.54
C SER RA 110 113.57 12.39 -30.31
N SER RA 111 113.13 13.63 -30.22
CA SER RA 111 111.91 14.07 -30.90
C SER RA 111 112.11 14.00 -32.41
N ASN RA 112 111.06 14.32 -33.15
CA ASN RA 112 111.08 14.29 -34.60
C ASN RA 112 111.82 15.49 -35.21
N PRO RA 113 111.45 16.75 -34.86
CA PRO RA 113 112.10 17.89 -35.52
C PRO RA 113 113.47 18.25 -34.96
N ALA RA 114 113.87 17.67 -33.83
CA ALA RA 114 115.15 17.95 -33.22
C ALA RA 114 116.05 16.71 -33.28
N ARG RA 115 117.26 16.86 -32.74
CA ARG RA 115 118.22 15.77 -32.70
C ARG RA 115 118.14 14.96 -31.42
N SER RA 116 117.96 15.64 -30.28
CA SER RA 116 117.84 14.98 -28.99
C SER RA 116 117.27 15.97 -27.99
N ILE RA 117 116.65 15.44 -26.94
CA ILE RA 117 116.06 16.27 -25.89
C ILE RA 117 116.19 15.56 -24.54
N ALA RA 118 116.77 16.26 -23.57
CA ALA RA 118 116.96 15.71 -22.23
C ALA RA 118 116.77 16.77 -21.16
N ILE RA 119 116.02 16.43 -20.12
CA ILE RA 119 115.77 17.34 -19.02
C ILE RA 119 116.77 17.15 -17.89
N ILE RA 120 117.46 18.23 -17.53
CA ILE RA 120 118.46 18.17 -16.46
C ILE RA 120 118.14 19.19 -15.36
N GLU RA 121 118.16 18.72 -14.11
CA GLU RA 121 117.89 19.58 -12.98
C GLU RA 121 119.17 19.83 -12.20
N LYS RA 122 119.43 21.09 -11.87
CA LYS RA 122 120.62 21.46 -11.12
C LYS RA 122 120.28 22.61 -10.20
N GLY RA 123 120.59 22.45 -8.91
CA GLY RA 123 120.29 23.48 -7.93
C GLY RA 123 118.81 23.65 -7.67
N ASN RA 124 118.05 22.55 -7.61
CA ASN RA 124 116.61 22.50 -7.36
C ASN RA 124 115.80 23.18 -8.45
N GLN RA 125 116.41 23.62 -9.55
CA GLN RA 125 115.72 24.26 -10.65
C GLN RA 125 115.79 23.37 -11.88
N GLN RA 126 114.63 23.11 -12.49
CA GLN RA 126 114.56 22.26 -13.68
C GLN RA 126 114.69 23.12 -14.94
N VAL RA 127 115.43 22.60 -15.92
CA VAL RA 127 115.65 23.30 -17.18
C VAL RA 127 115.80 22.25 -18.27
N SER RA 128 115.33 22.59 -19.47
CA SER RA 128 115.42 21.71 -20.63
C SER RA 128 116.66 22.05 -21.44
N LEU RA 129 117.39 21.02 -21.86
CA LEU RA 129 118.60 21.19 -22.64
C LEU RA 129 118.60 20.21 -23.80
N SER RA 130 119.38 20.54 -24.83
CA SER RA 130 119.51 19.71 -26.02
C SER RA 130 120.98 19.33 -26.22
N THR RA 131 121.26 18.67 -27.34
CA THR RA 131 122.62 18.24 -27.68
C THR RA 131 123.32 19.38 -28.41
N GLY RA 132 124.32 19.97 -27.76
CA GLY RA 132 125.09 21.06 -28.31
C GLY RA 132 125.01 22.36 -27.52
N ASP RA 133 123.96 22.55 -26.73
CA ASP RA 133 123.84 23.75 -25.93
C ASP RA 133 124.79 23.70 -24.72
N PRO RA 134 125.36 24.84 -24.35
CA PRO RA 134 126.29 24.85 -23.20
C PRO RA 134 125.54 24.78 -21.88
N LEU RA 135 126.26 24.35 -20.86
CA LEU RA 135 125.70 24.24 -19.53
C LEU RA 135 125.72 25.60 -18.84
N PRO RA 136 124.57 26.09 -18.34
CA PRO RA 136 124.58 27.40 -17.67
C PRO RA 136 125.38 27.42 -16.38
N GLY RA 137 125.58 26.28 -15.73
CA GLY RA 137 126.30 26.24 -14.47
C GLY RA 137 127.81 26.15 -14.64
N TYR RA 138 128.27 25.12 -15.33
CA TYR RA 138 129.69 24.89 -15.54
C TYR RA 138 130.03 24.97 -17.02
N ASP RA 139 131.32 25.13 -17.31
CA ASP RA 139 131.82 25.23 -18.68
C ASP RA 139 132.00 23.84 -19.28
N ALA RA 140 130.89 23.11 -19.39
CA ALA RA 140 130.87 21.76 -19.93
C ALA RA 140 130.01 21.71 -21.19
N ARG RA 141 130.39 20.84 -22.12
CA ARG RA 141 129.68 20.67 -23.37
C ARG RA 141 129.12 19.26 -23.45
N ILE RA 142 127.85 19.14 -23.79
CA ILE RA 142 127.18 17.84 -23.90
C ILE RA 142 127.49 17.28 -25.28
N ALA RA 143 128.34 16.26 -25.34
CA ALA RA 143 128.69 15.64 -26.62
C ALA RA 143 127.48 14.96 -27.24
N ALA RA 144 126.90 13.99 -26.53
CA ALA RA 144 125.74 13.27 -27.02
C ALA RA 144 124.87 12.88 -25.83
N ILE RA 145 123.64 12.45 -26.13
CA ILE RA 145 122.67 12.03 -25.13
C ILE RA 145 122.20 10.64 -25.54
N LEU RA 146 122.79 9.61 -24.93
CA LEU RA 146 122.40 8.24 -25.23
C LEU RA 146 121.19 7.83 -24.39
N PRO RA 147 120.41 6.87 -24.88
CA PRO RA 147 119.23 6.43 -24.11
C PRO RA 147 119.58 5.75 -22.79
N ASP RA 148 120.82 5.28 -22.62
CA ASP RA 148 121.20 4.59 -21.40
C ASP RA 148 122.26 5.31 -20.58
N ARG RA 149 122.85 6.38 -21.09
CA ARG RA 149 123.85 7.14 -20.35
C ARG RA 149 123.98 8.52 -20.97
N ILE RA 150 124.68 9.40 -20.26
CA ILE RA 150 124.92 10.78 -20.68
C ILE RA 150 126.42 10.96 -20.87
N ILE RA 151 126.81 11.55 -21.99
CA ILE RA 151 128.20 11.80 -22.32
C ILE RA 151 128.42 13.31 -22.31
N VAL RA 152 129.21 13.80 -21.37
CA VAL RA 152 129.49 15.23 -21.25
C VAL RA 152 130.99 15.48 -21.16
N ASN RA 153 131.50 16.27 -22.10
CA ASN RA 153 132.92 16.60 -22.13
C ASN RA 153 133.31 17.62 -21.08
N TYR RA 154 133.52 17.15 -19.85
CA TYR RA 154 133.90 18.03 -18.74
C TYR RA 154 135.42 18.07 -18.63
N GLN RA 155 135.99 19.25 -18.84
CA GLN RA 155 137.45 19.46 -18.79
C GLN RA 155 138.18 18.54 -19.76
N GLY RA 156 137.59 18.34 -20.93
CA GLY RA 156 138.18 17.49 -21.94
C GLY RA 156 138.20 16.01 -21.60
N ARG RA 157 137.30 15.58 -20.72
CA ARG RA 157 137.21 14.17 -20.34
C ARG RA 157 135.77 13.69 -20.46
N LYS RA 158 135.62 12.41 -20.78
CA LYS RA 158 134.30 11.80 -20.95
C LYS RA 158 133.86 11.18 -19.63
N GLU RA 159 132.66 11.54 -19.18
CA GLU RA 159 132.10 11.03 -17.94
C GLU RA 159 130.73 10.41 -18.22
N ALA RA 160 130.48 9.26 -17.61
CA ALA RA 160 129.22 8.55 -17.76
C ALA RA 160 128.30 8.87 -16.60
N ILE RA 161 127.07 9.27 -16.92
CA ILE RA 161 126.07 9.60 -15.91
C ILE RA 161 124.98 8.55 -15.94
N LEU RA 162 124.84 7.82 -14.84
CA LEU RA 162 123.84 6.77 -14.74
C LEU RA 162 122.54 7.32 -14.18
N LEU RA 163 121.49 6.51 -14.27
CA LEU RA 163 120.18 6.91 -13.77
C LEU RA 163 120.19 6.99 -12.25
N PHE RA 164 119.37 7.90 -11.72
CA PHE RA 164 119.27 8.09 -10.27
C PHE RA 164 118.39 7.01 -9.65
N VAL SA 97 127.13 33.08 -24.63
CA VAL SA 97 125.78 33.63 -24.63
C VAL SA 97 125.80 35.08 -24.17
N SER SA 98 124.61 35.67 -24.06
CA SER SA 98 124.50 37.06 -23.62
C SER SA 98 124.81 37.18 -22.14
N SER SA 99 125.47 38.26 -21.76
CA SER SA 99 125.82 38.52 -20.37
C SER SA 99 124.87 39.47 -19.67
N LEU SA 100 123.88 40.00 -20.39
CA LEU SA 100 122.92 40.92 -19.79
C LEU SA 100 121.90 40.17 -18.94
N LYS SA 101 121.58 40.73 -17.78
CA LYS SA 101 120.63 40.11 -16.86
C LYS SA 101 119.20 40.52 -17.24
N LEU SA 102 118.77 40.00 -18.39
CA LEU SA 102 117.43 40.25 -18.91
C LEU SA 102 116.73 38.92 -19.16
N ARG SA 103 115.45 38.87 -18.82
CA ARG SA 103 114.63 37.68 -19.00
C ARG SA 103 113.54 37.97 -20.01
N LEU SA 104 113.48 37.17 -21.08
CA LEU SA 104 112.48 37.34 -22.12
C LEU SA 104 111.17 36.72 -21.66
N ALA SA 105 110.11 37.53 -21.61
CA ALA SA 105 108.80 37.07 -21.16
C ALA SA 105 107.85 36.73 -22.30
N GLY SA 106 108.05 37.34 -23.47
CA GLY SA 106 107.18 37.07 -24.61
C GLY SA 106 107.85 37.46 -25.91
N LEU SA 107 107.55 36.71 -26.96
CA LEU SA 107 108.13 36.96 -28.28
C LEU SA 107 107.16 36.59 -29.38
N LEU SA 108 106.28 37.51 -29.72
CA LEU SA 108 105.29 37.28 -30.78
C LEU SA 108 105.85 37.66 -32.15
N ALA SA 109 105.16 37.21 -33.20
CA ALA SA 109 105.59 37.50 -34.57
C ALA SA 109 105.39 38.98 -34.90
N SER SA 110 106.04 39.44 -35.96
CA SER SA 110 105.93 40.82 -36.39
C SER SA 110 104.50 41.16 -36.84
N SER SA 111 103.95 42.20 -36.25
CA SER SA 111 102.60 42.63 -36.58
C SER SA 111 102.54 43.12 -38.03
N ASN SA 112 101.34 43.50 -38.46
CA ASN SA 112 101.13 43.96 -39.84
C ASN SA 112 101.60 45.40 -40.03
N PRO SA 113 101.15 46.37 -39.22
CA PRO SA 113 101.54 47.76 -39.49
C PRO SA 113 102.93 48.14 -39.00
N ALA SA 114 103.58 47.29 -38.22
CA ALA SA 114 104.90 47.56 -37.69
C ALA SA 114 105.93 46.60 -38.30
N ARG SA 115 107.18 46.75 -37.89
CA ARG SA 115 108.26 45.89 -38.37
C ARG SA 115 108.49 44.69 -37.46
N SER SA 116 108.43 44.90 -36.15
CA SER SA 116 108.61 43.83 -35.18
C SER SA 116 108.11 44.32 -33.83
N ILE SA 117 107.74 43.36 -32.98
CA ILE SA 117 107.25 43.66 -31.64
C ILE SA 117 107.69 42.57 -30.67
N ALA SA 118 108.33 42.98 -29.58
CA ALA SA 118 108.81 42.04 -28.58
C ALA SA 118 108.69 42.63 -27.17
N ILE SA 119 108.18 41.84 -26.25
CA ILE SA 119 108.00 42.27 -24.87
C ILE SA 119 109.20 41.86 -24.01
N ILE SA 120 109.81 42.84 -23.36
CA ILE SA 120 110.97 42.60 -22.51
C ILE SA 120 110.74 43.11 -21.09
N GLU SA 121 111.02 42.26 -20.11
CA GLU SA 121 110.85 42.62 -18.71
C GLU SA 121 112.20 42.80 -18.06
N LYS SA 122 112.37 43.90 -17.33
CA LYS SA 122 113.62 44.20 -16.64
C LYS SA 122 113.31 44.88 -15.32
N GLY SA 123 113.85 44.34 -14.24
CA GLY SA 123 113.59 44.90 -12.92
C GLY SA 123 112.17 44.73 -12.43
N ASN SA 124 111.58 43.57 -12.70
CA ASN SA 124 110.21 43.18 -12.31
C ASN SA 124 109.15 44.05 -12.97
N GLN SA 125 109.52 44.92 -13.90
CA GLN SA 125 108.57 45.78 -14.61
C GLN SA 125 108.53 45.39 -16.09
N GLN SA 126 107.33 45.17 -16.60
CA GLN SA 126 107.16 44.78 -17.99
C GLN SA 126 106.96 46.01 -18.86
N VAL SA 127 107.59 46.00 -20.04
CA VAL SA 127 107.50 47.10 -20.98
C VAL SA 127 107.58 46.54 -22.40
N SER SA 128 106.88 47.18 -23.33
CA SER SA 128 106.86 46.78 -24.72
C SER SA 128 107.90 47.59 -25.50
N LEU SA 129 108.67 46.90 -26.34
CA LEU SA 129 109.71 47.53 -27.14
C LEU SA 129 109.63 47.03 -28.58
N SER SA 130 110.18 47.81 -29.50
CA SER SA 130 110.20 47.48 -30.91
C SER SA 130 111.64 47.45 -31.40
N THR SA 131 111.81 47.26 -32.71
CA THR SA 131 113.12 47.21 -33.34
C THR SA 131 113.55 48.63 -33.69
N GLY SA 132 114.57 49.13 -32.99
CA GLY SA 132 115.09 50.47 -33.19
C GLY SA 132 115.01 51.37 -31.99
N ASP SA 133 114.09 51.10 -31.06
CA ASP SA 133 113.98 51.92 -29.86
C ASP SA 133 115.10 51.62 -28.88
N PRO SA 134 115.61 52.64 -28.19
CA PRO SA 134 116.70 52.42 -27.24
C PRO SA 134 116.20 51.78 -25.95
N LEU SA 135 117.14 51.14 -25.25
CA LEU SA 135 116.82 50.49 -23.99
C LEU SA 135 116.79 51.51 -22.86
N PRO SA 136 115.72 51.61 -22.10
CA PRO SA 136 115.67 52.59 -20.99
C PRO SA 136 116.68 52.31 -19.89
N GLY SA 137 117.11 51.06 -19.73
CA GLY SA 137 118.04 50.72 -18.67
C GLY SA 137 119.49 50.94 -19.03
N TYR SA 138 119.95 50.32 -20.09
CA TYR SA 138 121.33 50.41 -20.54
C TYR SA 138 121.39 51.06 -21.91
N ASP SA 139 122.60 51.52 -22.27
CA ASP SA 139 122.83 52.16 -23.57
C ASP SA 139 123.08 51.11 -24.65
N ALA SA 140 122.05 50.30 -24.89
CA ALA SA 140 122.10 49.23 -25.88
C ALA SA 140 121.05 49.47 -26.95
N ARG SA 141 121.37 49.04 -28.17
CA ARG SA 141 120.48 49.19 -29.32
C ARG SA 141 120.10 47.81 -29.84
N ILE SA 142 118.79 47.61 -30.03
CA ILE SA 142 118.29 46.32 -30.53
C ILE SA 142 118.40 46.34 -32.06
N ALA SA 143 119.35 45.56 -32.58
CA ALA SA 143 119.54 45.49 -34.03
C ALA SA 143 118.33 44.86 -34.70
N ALA SA 144 118.01 43.62 -34.33
CA ALA SA 144 116.87 42.92 -34.91
C ALA SA 144 116.27 42.00 -33.86
N ILE SA 145 115.07 41.51 -34.15
CA ILE SA 145 114.34 40.61 -33.25
C ILE SA 145 113.97 39.38 -34.08
N LEU SA 146 114.77 38.32 -33.97
CA LEU SA 146 114.51 37.09 -34.68
C LEU SA 146 113.51 36.22 -33.92
N PRO SA 147 112.77 35.37 -34.63
CA PRO SA 147 111.81 34.49 -33.94
C PRO SA 147 112.46 33.48 -33.00
N ASP SA 148 113.75 33.20 -33.17
CA ASP SA 148 114.42 32.20 -32.34
C ASP SA 148 115.50 32.78 -31.43
N ARG SA 149 115.86 34.05 -31.59
CA ARG SA 149 116.89 34.65 -30.74
C ARG SA 149 116.74 36.17 -30.83
N ILE SA 150 117.45 36.85 -29.94
CA ILE SA 150 117.45 38.31 -29.86
C ILE SA 150 118.86 38.81 -30.14
N ILE SA 151 118.97 39.80 -31.02
CA ILE SA 151 120.26 40.39 -31.38
C ILE SA 151 120.28 41.82 -30.86
N VAL SA 152 121.16 42.07 -29.90
CA VAL SA 152 121.29 43.40 -29.31
C VAL SA 152 122.74 43.86 -29.31
N ASN SA 153 123.00 45.00 -29.95
CA ASN SA 153 124.34 45.56 -30.03
C ASN SA 153 124.77 46.21 -28.71
N TYR SA 154 125.26 45.39 -27.79
CA TYR SA 154 125.71 45.88 -26.49
C TYR SA 154 127.21 46.14 -26.56
N GLN SA 155 127.60 47.41 -26.39
CA GLN SA 155 129.00 47.83 -26.42
C GLN SA 155 129.66 47.44 -27.74
N GLY SA 156 128.90 47.55 -28.84
CA GLY SA 156 129.42 47.21 -30.14
C GLY SA 156 129.65 45.73 -30.36
N ARG SA 157 128.98 44.87 -29.61
CA ARG SA 157 129.13 43.43 -29.74
C ARG SA 157 127.76 42.79 -29.87
N LYS SA 158 127.70 41.69 -30.62
CA LYS SA 158 126.46 40.95 -30.83
C LYS SA 158 126.32 39.85 -29.80
N GLU SA 159 125.18 39.82 -29.10
CA GLU SA 159 124.90 38.83 -28.07
C GLU SA 159 123.59 38.13 -28.39
N ALA SA 160 123.59 36.81 -28.23
CA ALA SA 160 122.41 35.99 -28.48
C ALA SA 160 121.67 35.73 -27.18
N ILE SA 161 120.37 36.00 -27.18
CA ILE SA 161 119.52 35.81 -26.02
C ILE SA 161 118.57 34.65 -26.28
N LEU SA 162 118.71 33.57 -25.53
CA LEU SA 162 117.88 32.39 -25.70
C LEU SA 162 116.63 32.49 -24.83
N LEU SA 163 115.68 31.60 -25.08
CA LEU SA 163 114.44 31.57 -24.32
C LEU SA 163 114.70 31.12 -22.88
N PHE SA 164 113.88 31.65 -21.98
CA PHE SA 164 114.01 31.31 -20.55
C PHE SA 164 113.38 29.95 -20.26
#